data_6VMK
#
_entry.id   6VMK
#
_cell.length_a   263.704
_cell.length_b   301.454
_cell.length_c   458.842
_cell.angle_alpha   90.000
_cell.angle_beta   90.000
_cell.angle_gamma   90.000
#
_symmetry.space_group_name_H-M   'I 2 2 2'
#
loop_
_entity.id
_entity.type
_entity.pdbx_description
1 polymer 'Complement factor D'
2 polymer 'Fab Y49R light chain'
3 polymer 'Fab Y49R heavy chain'
4 non-polymer GLYCEROL
5 non-polymer 'SULFATE ION'
6 water water
#
loop_
_entity_poly.entity_id
_entity_poly.type
_entity_poly.pdbx_seq_one_letter_code
_entity_poly.pdbx_strand_id
1 'polypeptide(L)'
;ILGGREAEAHARPYMASVQLNGAHLCGGVLVAEQWVLSAAHCLEDAADGKVQVLLGAHSLSQPEPSKRLYDVLRAVPHPD
SQPDTIDHDLLLLQLSEKATLGPAVRPLPWQRVDRDVAPGTLCDVAGWGIVNHAGRRPDSLQHVLLPVLDRATCNRRTHH
DGAITERLMCAESNRRDSCKGDSGGPLVCGGVLEGVVTSGSRVCGNRKKPGIYTRVASYAAWIDSVLA
;
W,C,F,I,N,Q,T,X,a,d,g,j,m,p,s,v
2 'polypeptide(L)'
;DIQMTQSPSSLSASVGDRVTITCKASQNVDTDVAWFQQKPGKAPKGLIRSASSRYSGVPSRFSGSGSGTDFTLTISSLQP
EDFATYYCQQYNNYPLTFGQGTKVEIKRTVAAPSVFIFPPSDEQLKSGTASVVCLLNNFYPREAKVQWKVDNALQSGNSQ
ESVTEQDSKDSTYSLSSTLTLSKADYEKHKVYACEVTHQGLSSPVTKSFNRGEC
;
L,A,D,G,J,O,R,U,Y,b,e,h,k,n,q,t
3 'polypeptide(L)'
;EVQLVQSGAEVKKPGASVKVSCKASGYTFTSYYMYWVRQAPGQGLEWIGEINPTSGGTNFNEKFKSRATLTVDTSTSTAY
LELSSLRSEDTAVYYCAREGGFAYWGQGTLVTVSSASTKGPSVFPLAPSSKSTSGGTAALGCLVKDYFPEPVTVSWNSGA
LTSGVHTFPAVLQSSGLYSLSSVVTVPSSSLGTQTYICNVNHKPSNTKVDKKVEPKSCDKTHT
;
M,B,E,H,K,P,S,V,Z,c,f,i,l,o,r,u
#
loop_
_chem_comp.id
_chem_comp.type
_chem_comp.name
_chem_comp.formula
GOL non-polymer GLYCEROL 'C3 H8 O3'
SO4 non-polymer 'SULFATE ION' 'O4 S -2'
#
# COMPACT_ATOMS: atom_id res chain seq x y z
N ILE A 1 -49.69 4.29 50.79
CA ILE A 1 -50.59 4.74 51.83
C ILE A 1 -51.44 5.90 51.32
N LEU A 2 -52.67 5.59 50.92
CA LEU A 2 -53.60 6.58 50.41
C LEU A 2 -54.34 7.25 51.56
N GLY A 3 -54.51 8.56 51.46
CA GLY A 3 -55.28 9.30 52.44
C GLY A 3 -54.57 9.60 53.75
N GLY A 4 -53.27 9.37 53.83
CA GLY A 4 -52.54 9.62 55.05
C GLY A 4 -51.56 10.78 54.94
N ARG A 5 -50.51 10.75 55.75
CA ARG A 5 -49.49 11.78 55.72
C ARG A 5 -48.18 11.18 56.19
N GLU A 6 -47.12 11.96 56.05
CA GLU A 6 -45.78 11.50 56.42
C GLU A 6 -45.69 11.25 57.92
N ALA A 7 -45.08 10.12 58.28
CA ALA A 7 -44.95 9.74 59.67
C ALA A 7 -43.79 10.49 60.33
N GLU A 8 -43.79 10.48 61.67
CA GLU A 8 -42.64 10.98 62.40
C GLU A 8 -41.47 10.03 62.20
N ALA A 9 -40.32 10.58 61.83
CA ALA A 9 -39.16 9.75 61.50
C ALA A 9 -38.79 8.85 62.67
N HIS A 10 -38.68 7.55 62.38
CA HIS A 10 -38.21 6.55 63.33
C HIS A 10 -39.15 6.36 64.51
N ALA A 11 -40.39 6.87 64.42
CA ALA A 11 -41.37 6.64 65.46
C ALA A 11 -41.95 5.22 65.43
N ARG A 12 -41.75 4.50 64.33
CA ARG A 12 -42.13 3.10 64.21
C ARG A 12 -40.86 2.32 63.90
N PRO A 13 -40.07 2.00 64.92
CA PRO A 13 -38.75 1.38 64.68
C PRO A 13 -38.81 -0.04 64.15
N TYR A 14 -40.00 -0.64 64.07
CA TYR A 14 -40.15 -1.97 63.50
C TYR A 14 -40.28 -1.94 61.98
N MET A 15 -40.58 -0.77 61.42
CA MET A 15 -40.84 -0.65 60.00
C MET A 15 -39.60 -1.00 59.19
N ALA A 16 -39.78 -1.83 58.17
CA ALA A 16 -38.70 -2.26 57.30
C ALA A 16 -39.09 -2.04 55.85
N SER A 17 -38.08 -1.98 54.98
CA SER A 17 -38.27 -1.85 53.55
C SER A 17 -37.58 -3.03 52.88
N VAL A 18 -38.37 -3.97 52.36
CA VAL A 18 -37.82 -5.09 51.60
C VAL A 18 -37.46 -4.58 50.22
N GLN A 19 -36.20 -4.78 49.83
CA GLN A 19 -35.65 -4.19 48.62
C GLN A 19 -35.34 -5.28 47.61
N LEU A 20 -35.59 -4.97 46.33
CA LEU A 20 -35.30 -5.86 45.22
C LEU A 20 -34.44 -5.11 44.22
N ASN A 21 -33.17 -5.52 44.11
CA ASN A 21 -32.19 -4.86 43.24
C ASN A 21 -32.02 -3.40 43.62
N GLY A 22 -31.97 -3.13 44.93
CA GLY A 22 -31.70 -1.79 45.40
C GLY A 22 -32.84 -0.81 45.27
N ALA A 23 -34.07 -1.30 45.11
CA ALA A 23 -35.24 -0.44 45.07
C ALA A 23 -36.28 -0.99 46.03
N HIS A 24 -37.09 -0.08 46.59
CA HIS A 24 -38.16 -0.51 47.48
C HIS A 24 -39.15 -1.37 46.71
N LEU A 25 -39.52 -2.50 47.30
CA LEU A 25 -40.47 -3.44 46.71
C LEU A 25 -41.68 -3.65 47.58
N CYS A 26 -41.49 -3.84 48.88
CA CYS A 26 -42.57 -4.14 49.80
C CYS A 26 -42.24 -3.62 51.18
N GLY A 27 -43.27 -3.45 51.99
CA GLY A 27 -43.08 -3.19 53.40
C GLY A 27 -42.66 -4.44 54.13
N GLY A 28 -42.37 -4.27 55.41
CA GLY A 28 -41.93 -5.38 56.24
C GLY A 28 -41.81 -4.94 57.68
N VAL A 29 -41.96 -5.88 58.62
CA VAL A 29 -41.90 -5.57 60.04
C VAL A 29 -40.89 -6.49 60.69
N LEU A 30 -39.98 -5.90 61.47
CA LEU A 30 -38.99 -6.68 62.22
C LEU A 30 -39.68 -7.37 63.39
N VAL A 31 -39.73 -8.70 63.36
CA VAL A 31 -40.37 -9.47 64.42
C VAL A 31 -39.36 -10.15 65.33
N ALA A 32 -38.06 -10.11 65.00
CA ALA A 32 -37.01 -10.66 65.85
C ALA A 32 -35.71 -9.98 65.47
N GLU A 33 -34.67 -10.24 66.25
CA GLU A 33 -33.39 -9.59 66.01
C GLU A 33 -32.85 -9.88 64.61
N GLN A 34 -33.21 -11.02 64.03
CA GLN A 34 -32.66 -11.41 62.74
C GLN A 34 -33.75 -11.79 61.73
N TRP A 35 -35.01 -11.49 62.00
CA TRP A 35 -36.10 -11.91 61.13
C TRP A 35 -37.05 -10.76 60.85
N VAL A 36 -37.45 -10.64 59.58
CA VAL A 36 -38.42 -9.66 59.13
C VAL A 36 -39.58 -10.39 58.48
N LEU A 37 -40.80 -10.04 58.87
CA LEU A 37 -42.01 -10.64 58.32
C LEU A 37 -42.56 -9.75 57.22
N SER A 38 -42.94 -10.37 56.10
CA SER A 38 -43.45 -9.62 54.95
C SER A 38 -44.49 -10.47 54.23
N ALA A 39 -44.82 -10.10 53.01
CA ALA A 39 -45.83 -10.79 52.21
C ALA A 39 -45.17 -11.70 51.18
N ALA A 40 -45.70 -12.91 51.06
CA ALA A 40 -45.07 -13.91 50.19
C ALA A 40 -45.17 -13.53 48.72
N HIS A 41 -46.25 -12.84 48.31
CA HIS A 41 -46.40 -12.52 46.90
C HIS A 41 -45.42 -11.45 46.43
N CYS A 42 -44.74 -10.77 47.36
CA CYS A 42 -43.72 -9.81 46.98
C CYS A 42 -42.60 -10.45 46.17
N LEU A 43 -42.33 -11.73 46.42
CA LEU A 43 -41.19 -12.42 45.84
C LEU A 43 -41.57 -13.40 44.74
N GLU A 44 -42.84 -13.40 44.31
CA GLU A 44 -43.25 -14.30 43.23
C GLU A 44 -42.52 -13.99 41.93
N ASP A 45 -42.54 -12.73 41.51
CA ASP A 45 -41.91 -12.30 40.27
C ASP A 45 -40.47 -11.84 40.45
N ALA A 46 -39.91 -11.96 41.66
CA ALA A 46 -38.59 -11.39 41.92
C ALA A 46 -37.48 -12.09 41.15
N ALA A 47 -37.67 -13.36 40.81
CA ALA A 47 -36.68 -14.15 40.05
C ALA A 47 -35.36 -14.11 40.83
N ASP A 48 -34.22 -13.95 40.15
CA ASP A 48 -32.92 -13.92 40.81
C ASP A 48 -32.55 -12.55 41.34
N GLY A 49 -33.53 -11.67 41.55
CA GLY A 49 -33.22 -10.34 42.06
C GLY A 49 -32.62 -10.40 43.45
N LYS A 50 -31.77 -9.43 43.74
CA LYS A 50 -31.11 -9.35 45.04
C LYS A 50 -32.10 -8.84 46.08
N VAL A 51 -32.40 -9.67 47.09
CA VAL A 51 -33.34 -9.32 48.14
C VAL A 51 -32.56 -8.77 49.33
N GLN A 52 -32.90 -7.55 49.74
CA GLN A 52 -32.27 -6.90 50.88
C GLN A 52 -33.35 -6.23 51.72
N VAL A 53 -33.02 -5.98 52.99
CA VAL A 53 -33.93 -5.31 53.91
C VAL A 53 -33.26 -4.05 54.43
N LEU A 54 -33.96 -2.93 54.36
CA LEU A 54 -33.47 -1.65 54.86
C LEU A 54 -34.14 -1.35 56.19
N LEU A 55 -33.35 -1.30 57.25
CA LEU A 55 -33.84 -1.08 58.60
C LEU A 55 -33.48 0.32 59.08
N GLY A 56 -34.25 0.80 60.06
CA GLY A 56 -34.00 2.11 60.65
C GLY A 56 -34.13 3.26 59.68
N ALA A 57 -35.01 3.13 58.68
CA ALA A 57 -35.13 4.11 57.63
C ALA A 57 -36.42 4.89 57.76
N HIS A 58 -36.37 6.14 57.32
CA HIS A 58 -37.54 6.98 57.10
C HIS A 58 -37.62 7.44 55.66
N SER A 59 -36.56 8.08 55.16
CA SER A 59 -36.42 8.36 53.75
C SER A 59 -35.62 7.26 53.09
N LEU A 60 -36.08 6.81 51.92
CA LEU A 60 -35.37 5.75 51.21
C LEU A 60 -34.06 6.22 50.60
N SER A 61 -33.91 7.52 50.37
CA SER A 61 -32.76 8.07 49.64
C SER A 61 -31.85 8.93 50.50
N GLN A 62 -32.41 9.75 51.39
CA GLN A 62 -31.59 10.67 52.16
C GLN A 62 -30.72 9.91 53.17
N PRO A 63 -29.57 10.46 53.55
CA PRO A 63 -28.72 9.80 54.54
C PRO A 63 -29.26 9.98 55.95
N GLU A 64 -29.26 8.87 56.70
CA GLU A 64 -29.74 8.84 58.08
C GLU A 64 -28.84 7.93 58.89
N PRO A 65 -28.43 8.37 60.09
CA PRO A 65 -27.47 7.58 60.88
C PRO A 65 -27.96 6.19 61.23
N SER A 66 -29.26 5.99 61.40
CA SER A 66 -29.80 4.70 61.81
C SER A 66 -30.10 3.76 60.65
N LYS A 67 -30.09 4.26 59.41
CA LYS A 67 -30.31 3.40 58.26
C LYS A 67 -29.20 2.38 58.14
N ARG A 68 -29.58 1.11 57.94
CA ARG A 68 -28.62 0.08 57.61
C ARG A 68 -29.30 -0.92 56.67
N LEU A 69 -28.61 -1.26 55.59
CA LEU A 69 -29.12 -2.18 54.59
C LEU A 69 -28.54 -3.56 54.85
N TYR A 70 -29.42 -4.55 55.04
CA TYR A 70 -29.02 -5.90 55.39
C TYR A 70 -29.21 -6.83 54.20
N ASP A 71 -28.24 -7.72 54.01
CA ASP A 71 -28.44 -8.81 53.07
C ASP A 71 -29.36 -9.86 53.68
N VAL A 72 -30.03 -10.61 52.81
CA VAL A 72 -30.95 -11.66 53.23
C VAL A 72 -30.22 -13.00 53.10
N LEU A 73 -30.13 -13.71 54.22
CA LEU A 73 -29.48 -15.01 54.25
C LEU A 73 -30.39 -16.15 53.83
N ARG A 74 -31.71 -15.95 53.93
CA ARG A 74 -32.66 -17.04 53.85
C ARG A 74 -34.07 -16.48 53.72
N ALA A 75 -34.82 -16.92 52.71
CA ALA A 75 -36.18 -16.45 52.48
C ALA A 75 -37.14 -17.62 52.64
N VAL A 76 -38.10 -17.47 53.54
CA VAL A 76 -39.03 -18.56 53.86
C VAL A 76 -40.46 -18.12 53.58
N PRO A 77 -40.95 -18.30 52.36
CA PRO A 77 -42.38 -18.10 52.11
C PRO A 77 -43.18 -19.21 52.77
N HIS A 78 -44.42 -18.88 53.13
CA HIS A 78 -45.29 -19.89 53.71
C HIS A 78 -45.48 -21.03 52.70
N PRO A 79 -45.32 -22.29 53.11
CA PRO A 79 -45.29 -23.38 52.13
C PRO A 79 -46.59 -23.56 51.37
N ASP A 80 -47.71 -23.01 51.83
CA ASP A 80 -48.99 -23.15 51.17
C ASP A 80 -49.41 -21.90 50.41
N SER A 81 -48.50 -20.96 50.20
CA SER A 81 -48.79 -19.77 49.40
C SER A 81 -48.50 -20.05 47.93
N GLN A 82 -49.33 -19.48 47.07
CA GLN A 82 -49.20 -19.66 45.63
C GLN A 82 -49.70 -18.40 44.95
N PRO A 83 -49.31 -18.17 43.69
CA PRO A 83 -49.73 -16.92 43.02
C PRO A 83 -51.23 -16.81 42.82
N ASP A 84 -51.96 -17.92 42.76
CA ASP A 84 -53.38 -17.90 42.42
C ASP A 84 -54.27 -17.38 43.54
N THR A 85 -53.81 -17.41 44.79
CA THR A 85 -54.62 -17.08 45.95
C THR A 85 -54.00 -15.96 46.75
N ILE A 86 -54.76 -15.48 47.73
CA ILE A 86 -54.24 -14.56 48.74
C ILE A 86 -54.02 -15.25 50.08
N ASP A 87 -54.33 -16.53 50.18
CA ASP A 87 -54.17 -17.26 51.43
C ASP A 87 -52.69 -17.45 51.75
N HIS A 88 -52.38 -17.45 53.05
CA HIS A 88 -51.04 -17.76 53.56
C HIS A 88 -49.98 -16.83 52.97
N ASP A 89 -50.33 -15.55 52.77
CA ASP A 89 -49.46 -14.60 52.10
C ASP A 89 -48.45 -13.98 53.08
N LEU A 90 -47.64 -14.85 53.69
CA LEU A 90 -46.65 -14.43 54.66
C LEU A 90 -45.26 -14.83 54.20
N LEU A 91 -44.28 -14.00 54.56
CA LEU A 91 -42.88 -14.22 54.18
C LEU A 91 -41.99 -13.85 55.36
N LEU A 92 -41.07 -14.75 55.70
CA LEU A 92 -40.09 -14.52 56.76
C LEU A 92 -38.71 -14.46 56.15
N LEU A 93 -38.02 -13.33 56.35
CA LEU A 93 -36.69 -13.11 55.81
C LEU A 93 -35.67 -13.10 56.94
N GLN A 94 -34.63 -13.92 56.82
CA GLN A 94 -33.55 -13.97 57.81
C GLN A 94 -32.42 -13.07 57.36
N LEU A 95 -32.00 -12.15 58.22
CA LEU A 95 -30.97 -11.20 57.87
C LEU A 95 -29.59 -11.85 57.95
N SER A 96 -28.63 -11.24 57.23
CA SER A 96 -27.27 -11.77 57.19
C SER A 96 -26.63 -11.80 58.58
N GLU A 97 -27.04 -10.89 59.45
CA GLU A 97 -26.60 -10.89 60.84
C GLU A 97 -27.68 -10.21 61.66
N LYS A 98 -27.60 -10.36 62.98
CA LYS A 98 -28.58 -9.75 63.86
C LYS A 98 -28.55 -8.23 63.70
N ALA A 99 -29.74 -7.63 63.62
CA ALA A 99 -29.85 -6.20 63.42
C ALA A 99 -29.31 -5.45 64.64
N THR A 100 -28.79 -4.25 64.39
CA THR A 100 -28.26 -3.41 65.46
C THR A 100 -29.42 -2.64 66.06
N LEU A 101 -29.95 -3.15 67.18
CA LEU A 101 -31.12 -2.54 67.80
C LEU A 101 -30.77 -1.20 68.42
N GLY A 102 -31.75 -0.30 68.42
CA GLY A 102 -31.57 1.02 68.98
C GLY A 102 -32.91 1.75 69.06
N PRO A 103 -32.86 3.06 69.31
CA PRO A 103 -34.11 3.83 69.36
C PRO A 103 -34.83 3.89 68.03
N ALA A 104 -34.18 3.55 66.93
CA ALA A 104 -34.80 3.56 65.60
C ALA A 104 -34.99 2.17 65.02
N VAL A 105 -34.45 1.13 65.64
CA VAL A 105 -34.55 -0.24 65.15
C VAL A 105 -34.92 -1.11 66.34
N ARG A 106 -36.17 -1.59 66.37
CA ARG A 106 -36.66 -2.38 67.49
C ARG A 106 -37.72 -3.33 66.98
N PRO A 107 -37.68 -4.60 67.35
CA PRO A 107 -38.72 -5.53 66.91
C PRO A 107 -40.07 -5.20 67.54
N LEU A 108 -41.13 -5.44 66.77
CA LEU A 108 -42.50 -5.25 67.24
C LEU A 108 -43.09 -6.58 67.62
N PRO A 109 -43.60 -6.74 68.84
CA PRO A 109 -44.26 -8.00 69.20
C PRO A 109 -45.54 -8.19 68.40
N TRP A 110 -45.73 -9.41 67.92
CA TRP A 110 -46.88 -9.73 67.09
C TRP A 110 -47.94 -10.45 67.91
N GLN A 111 -49.18 -10.36 67.45
CA GLN A 111 -50.32 -10.88 68.19
C GLN A 111 -50.31 -12.40 68.16
N ARG A 112 -50.27 -13.02 69.34
CA ARG A 112 -50.26 -14.47 69.45
C ARG A 112 -51.64 -15.04 69.78
N VAL A 113 -52.59 -14.20 70.18
CA VAL A 113 -53.93 -14.64 70.56
C VAL A 113 -54.84 -14.49 69.34
N ASP A 114 -55.55 -15.57 69.01
CA ASP A 114 -56.34 -15.63 67.77
C ASP A 114 -57.77 -15.13 68.03
N ARG A 115 -57.88 -13.82 68.17
CA ARG A 115 -59.18 -13.15 68.27
C ARG A 115 -59.30 -12.14 67.14
N ASP A 116 -60.51 -11.98 66.62
CA ASP A 116 -60.75 -10.95 65.62
C ASP A 116 -60.80 -9.58 66.28
N VAL A 117 -60.22 -8.59 65.61
CA VAL A 117 -60.35 -7.21 66.06
C VAL A 117 -61.78 -6.74 65.83
N ALA A 118 -62.36 -6.12 66.84
CA ALA A 118 -63.74 -5.67 66.72
C ALA A 118 -63.88 -4.69 65.57
N PRO A 119 -64.98 -4.74 64.83
CA PRO A 119 -65.16 -3.82 63.70
C PRO A 119 -65.08 -2.37 64.14
N GLY A 120 -64.75 -1.50 63.19
CA GLY A 120 -64.62 -0.08 63.43
C GLY A 120 -63.37 0.34 64.17
N THR A 121 -62.64 -0.60 64.77
CA THR A 121 -61.41 -0.27 65.47
C THR A 121 -60.42 0.39 64.51
N LEU A 122 -59.87 1.52 64.94
CA LEU A 122 -58.87 2.22 64.14
C LEU A 122 -57.51 1.57 64.36
N CYS A 123 -56.86 1.15 63.27
CA CYS A 123 -55.55 0.55 63.32
C CYS A 123 -54.59 1.34 62.44
N ASP A 124 -53.30 1.24 62.77
CA ASP A 124 -52.26 2.03 62.11
C ASP A 124 -51.50 1.16 61.12
N VAL A 125 -51.34 1.67 59.89
CA VAL A 125 -50.60 0.98 58.84
C VAL A 125 -49.68 1.99 58.16
N ALA A 126 -48.45 1.57 57.85
CA ALA A 126 -47.45 2.44 57.27
C ALA A 126 -46.72 1.74 56.12
N GLY A 127 -46.20 2.53 55.20
CA GLY A 127 -45.48 1.97 54.07
C GLY A 127 -44.98 3.07 53.15
N TRP A 128 -44.20 2.65 52.16
CA TRP A 128 -43.68 3.53 51.13
C TRP A 128 -44.39 3.32 49.79
N GLY A 129 -45.63 2.83 49.83
CA GLY A 129 -46.37 2.56 48.63
C GLY A 129 -47.10 3.79 48.12
N ILE A 130 -47.87 3.58 47.04
CA ILE A 130 -48.66 4.60 46.34
C ILE A 130 -49.36 5.54 47.31
N VAL A 131 -49.34 6.84 47.02
CA VAL A 131 -50.00 7.84 47.85
C VAL A 131 -51.01 8.68 47.10
N ASN A 132 -51.25 8.40 45.82
CA ASN A 132 -52.29 9.11 45.10
C ASN A 132 -52.75 8.25 43.93
N HIS A 133 -53.95 8.57 43.43
CA HIS A 133 -54.55 7.76 42.37
C HIS A 133 -53.69 7.70 41.12
N ALA A 134 -52.72 8.60 40.98
CA ALA A 134 -51.82 8.59 39.83
C ALA A 134 -50.78 7.49 39.90
N GLY A 135 -50.70 6.76 41.01
CA GLY A 135 -49.82 5.62 41.12
C GLY A 135 -48.37 5.92 41.45
N ARG A 136 -48.08 7.10 41.97
CA ARG A 136 -46.71 7.51 42.25
C ARG A 136 -46.33 7.19 43.70
N ARG A 137 -45.02 7.17 43.95
CA ARG A 137 -44.50 6.65 45.21
C ARG A 137 -43.78 7.74 46.00
N PRO A 138 -43.86 7.69 47.35
CA PRO A 138 -43.19 8.71 48.17
C PRO A 138 -41.81 8.28 48.64
N ASP A 139 -40.96 9.24 49.00
CA ASP A 139 -39.61 8.92 49.45
C ASP A 139 -39.58 8.62 50.95
N SER A 140 -40.39 9.32 51.73
CA SER A 140 -40.44 9.16 53.18
C SER A 140 -41.66 8.36 53.59
N LEU A 141 -41.56 7.72 54.75
CA LEU A 141 -42.61 6.81 55.22
C LEU A 141 -43.92 7.55 55.45
N GLN A 142 -45.01 6.98 54.92
CA GLN A 142 -46.36 7.48 55.13
C GLN A 142 -47.11 6.51 56.04
N HIS A 143 -48.19 7.01 56.63
CA HIS A 143 -49.03 6.19 57.49
C HIS A 143 -50.45 6.72 57.46
N VAL A 144 -51.39 5.90 57.93
CA VAL A 144 -52.80 6.29 57.98
C VAL A 144 -53.50 5.41 59.01
N LEU A 145 -54.64 5.88 59.50
CA LEU A 145 -55.47 5.14 60.44
C LEU A 145 -56.67 4.58 59.71
N LEU A 146 -56.90 3.27 59.84
CA LEU A 146 -57.96 2.59 59.12
C LEU A 146 -58.89 1.89 60.09
N PRO A 147 -60.21 1.99 59.90
CA PRO A 147 -61.14 1.21 60.71
C PRO A 147 -61.31 -0.20 60.17
N VAL A 148 -61.34 -1.16 61.09
CA VAL A 148 -61.48 -2.57 60.70
C VAL A 148 -62.90 -2.83 60.24
N LEU A 149 -63.03 -3.63 59.18
CA LEU A 149 -64.30 -4.00 58.59
C LEU A 149 -64.55 -5.49 58.82
N ASP A 150 -65.75 -5.83 59.28
CA ASP A 150 -66.00 -7.22 59.65
C ASP A 150 -65.98 -8.14 58.43
N ARG A 151 -65.69 -9.41 58.70
CA ARG A 151 -65.41 -10.37 57.63
C ARG A 151 -66.66 -10.65 56.79
N ALA A 152 -67.83 -10.73 57.41
CA ALA A 152 -69.04 -11.05 56.67
C ALA A 152 -69.38 -9.94 55.67
N THR A 153 -69.29 -8.68 56.11
CA THR A 153 -69.48 -7.57 55.18
C THR A 153 -68.45 -7.61 54.07
N CYS A 154 -67.20 -7.87 54.42
CA CYS A 154 -66.13 -7.92 53.44
C CYS A 154 -66.32 -9.05 52.43
N ASN A 155 -67.09 -10.09 52.78
CA ASN A 155 -67.31 -11.23 51.91
C ASN A 155 -68.53 -11.07 51.01
N ARG A 156 -69.25 -9.96 51.09
CA ARG A 156 -70.39 -9.74 50.21
C ARG A 156 -69.96 -9.79 48.75
N ARG A 157 -70.93 -10.09 47.88
CA ARG A 157 -70.61 -10.22 46.46
C ARG A 157 -70.12 -8.91 45.87
N THR A 158 -70.52 -7.76 46.45
CA THR A 158 -70.00 -6.48 45.98
C THR A 158 -68.54 -6.29 46.36
N HIS A 159 -68.11 -6.89 47.46
CA HIS A 159 -66.75 -6.68 47.94
C HIS A 159 -65.84 -7.82 47.48
N HIS A 160 -65.42 -8.70 48.39
CA HIS A 160 -64.46 -9.74 48.04
C HIS A 160 -65.08 -11.12 47.90
N ASP A 161 -66.41 -11.23 48.00
CA ASP A 161 -67.15 -12.37 47.48
C ASP A 161 -66.68 -13.70 48.09
N GLY A 162 -66.63 -13.75 49.42
CA GLY A 162 -66.29 -14.97 50.11
C GLY A 162 -64.82 -15.35 50.10
N ALA A 163 -63.93 -14.43 49.69
CA ALA A 163 -62.51 -14.73 49.64
C ALA A 163 -61.79 -14.50 50.97
N ILE A 164 -62.48 -13.95 51.96
CA ILE A 164 -61.86 -13.60 53.24
C ILE A 164 -62.09 -14.75 54.21
N THR A 165 -61.04 -15.54 54.45
CA THR A 165 -61.13 -16.65 55.36
C THR A 165 -60.98 -16.18 56.80
N GLU A 166 -60.95 -17.13 57.74
CA GLU A 166 -60.76 -16.80 59.15
C GLU A 166 -59.35 -16.30 59.43
N ARG A 167 -58.42 -16.54 58.52
CA ARG A 167 -57.03 -16.12 58.68
C ARG A 167 -56.75 -14.81 57.96
N LEU A 168 -57.80 -14.08 57.58
CA LEU A 168 -57.68 -12.78 56.92
C LEU A 168 -58.62 -11.79 57.60
N MET A 169 -58.35 -10.51 57.37
CA MET A 169 -59.17 -9.44 57.94
C MET A 169 -59.17 -8.26 56.98
N CYS A 170 -60.19 -7.41 57.12
CA CYS A 170 -60.38 -6.29 56.21
C CYS A 170 -60.40 -4.97 56.96
N ALA A 171 -60.06 -3.91 56.23
CA ALA A 171 -60.23 -2.54 56.70
C ALA A 171 -60.86 -1.72 55.58
N GLU A 172 -61.61 -0.69 55.96
CA GLU A 172 -62.27 0.17 54.99
C GLU A 172 -61.25 0.79 54.04
N SER A 173 -61.73 1.16 52.85
CA SER A 173 -60.83 1.67 51.83
C SER A 173 -61.38 2.94 51.17
N ASN A 174 -62.17 3.72 51.88
CA ASN A 174 -62.77 4.93 51.31
C ASN A 174 -61.81 6.09 51.51
N ARG A 175 -61.10 6.48 50.44
CA ARG A 175 -60.15 7.59 50.44
C ARG A 175 -58.93 7.33 51.33
N ARG A 176 -59.05 6.40 52.27
CA ARG A 176 -57.93 5.94 53.09
C ARG A 176 -57.74 4.46 52.86
N ASP A 177 -56.51 4.06 52.51
CA ASP A 177 -56.28 2.67 52.15
C ASP A 177 -54.78 2.39 52.14
N SER A 178 -54.45 1.10 52.12
CA SER A 178 -53.11 0.64 51.80
C SER A 178 -53.06 0.21 50.34
N CYS A 179 -51.96 0.52 49.68
CA CYS A 179 -51.87 0.37 48.23
C CYS A 179 -50.69 -0.53 47.87
N LYS A 180 -50.47 -0.70 46.57
CA LYS A 180 -49.31 -1.44 46.09
C LYS A 180 -48.04 -0.78 46.63
N GLY A 181 -47.08 -1.62 47.04
CA GLY A 181 -45.90 -1.15 47.70
C GLY A 181 -46.02 -1.05 49.21
N ASP A 182 -47.25 -1.13 49.74
CA ASP A 182 -47.46 -1.27 51.17
C ASP A 182 -47.58 -2.72 51.61
N SER A 183 -47.58 -3.65 50.66
CA SER A 183 -47.68 -5.07 50.97
C SER A 183 -46.53 -5.49 51.89
N GLY A 184 -46.79 -6.50 52.72
CA GLY A 184 -45.84 -6.95 53.70
C GLY A 184 -45.67 -6.04 54.89
N GLY A 185 -46.28 -4.86 54.88
CA GLY A 185 -46.17 -3.92 55.97
C GLY A 185 -47.11 -4.25 57.10
N PRO A 186 -46.98 -3.49 58.19
CA PRO A 186 -47.74 -3.80 59.40
C PRO A 186 -49.08 -3.10 59.48
N LEU A 187 -50.07 -3.84 59.96
CA LEU A 187 -51.35 -3.30 60.39
C LEU A 187 -51.38 -3.44 61.91
N VAL A 188 -51.08 -2.35 62.60
CA VAL A 188 -50.95 -2.37 64.06
C VAL A 188 -52.28 -1.98 64.68
N CYS A 189 -52.79 -2.83 65.57
CA CYS A 189 -53.96 -2.53 66.39
C CYS A 189 -53.57 -2.71 67.85
N GLY A 190 -53.81 -1.67 68.64
CA GLY A 190 -53.45 -1.73 70.05
C GLY A 190 -51.96 -1.86 70.30
N GLY A 191 -51.15 -1.21 69.45
CA GLY A 191 -49.71 -1.26 69.59
C GLY A 191 -49.09 -2.62 69.35
N VAL A 192 -49.83 -3.56 68.77
CA VAL A 192 -49.35 -4.90 68.50
C VAL A 192 -49.65 -5.25 67.05
N LEU A 193 -48.71 -5.96 66.41
CA LEU A 193 -48.91 -6.41 65.03
C LEU A 193 -50.09 -7.36 64.94
N GLU A 194 -51.18 -6.92 64.29
CA GLU A 194 -52.35 -7.75 64.08
C GLU A 194 -52.40 -8.37 62.69
N GLY A 195 -52.11 -7.58 61.65
CA GLY A 195 -52.18 -8.08 60.29
C GLY A 195 -50.98 -7.62 59.47
N VAL A 196 -50.74 -8.37 58.40
CA VAL A 196 -49.72 -8.03 57.42
C VAL A 196 -50.41 -7.67 56.12
N VAL A 197 -50.04 -6.52 55.56
CA VAL A 197 -50.68 -6.05 54.33
C VAL A 197 -50.42 -7.05 53.22
N THR A 198 -51.48 -7.46 52.52
CA THR A 198 -51.28 -8.25 51.31
C THR A 198 -51.47 -7.36 50.08
N SER A 199 -52.71 -7.07 49.71
CA SER A 199 -53.01 -6.22 48.54
C SER A 199 -52.33 -6.85 47.32
N GLY A 200 -51.53 -6.12 46.57
CA GLY A 200 -50.81 -6.68 45.44
C GLY A 200 -51.55 -6.55 44.13
N SER A 201 -52.65 -7.28 43.97
CA SER A 201 -53.43 -7.27 42.74
C SER A 201 -54.70 -6.43 42.87
N ARG A 202 -54.73 -5.47 43.79
CA ARG A 202 -55.91 -4.68 44.07
C ARG A 202 -55.59 -3.20 43.95
N VAL A 203 -56.43 -2.47 43.23
CA VAL A 203 -56.35 -1.01 43.21
C VAL A 203 -56.95 -0.47 44.49
N CYS A 204 -56.33 0.57 45.05
CA CYS A 204 -56.72 1.05 46.36
C CYS A 204 -57.61 2.29 46.26
N GLY A 205 -58.22 2.63 47.40
CA GLY A 205 -59.05 3.82 47.50
C GLY A 205 -60.49 3.64 47.09
N ASN A 206 -60.87 2.47 46.59
CA ASN A 206 -62.26 2.20 46.21
C ASN A 206 -62.97 1.56 47.40
N ARG A 207 -63.95 2.27 47.96
CA ARG A 207 -64.70 1.75 49.11
C ARG A 207 -65.35 0.42 48.80
N LYS A 208 -65.54 0.11 47.52
CA LYS A 208 -66.18 -1.14 47.12
C LYS A 208 -65.27 -2.35 47.34
N LYS A 209 -63.96 -2.14 47.40
CA LYS A 209 -62.99 -3.23 47.53
C LYS A 209 -62.08 -2.93 48.72
N PRO A 210 -62.44 -3.41 49.91
CA PRO A 210 -61.66 -3.08 51.10
C PRO A 210 -60.27 -3.70 51.05
N GLY A 211 -59.37 -3.14 51.86
CA GLY A 211 -58.05 -3.70 51.99
C GLY A 211 -58.05 -4.98 52.79
N ILE A 212 -57.17 -5.91 52.40
CA ILE A 212 -57.08 -7.23 53.02
C ILE A 212 -55.75 -7.32 53.75
N TYR A 213 -55.76 -8.04 54.87
CA TYR A 213 -54.58 -8.16 55.73
C TYR A 213 -54.55 -9.56 56.33
N THR A 214 -53.38 -10.21 56.26
CA THR A 214 -53.22 -11.55 56.80
C THR A 214 -53.05 -11.49 58.31
N ARG A 215 -53.94 -12.18 59.03
CA ARG A 215 -53.90 -12.17 60.49
C ARG A 215 -52.71 -12.99 60.99
N VAL A 216 -51.78 -12.33 61.69
CA VAL A 216 -50.56 -13.02 62.09
C VAL A 216 -50.84 -14.10 63.14
N ALA A 217 -51.85 -13.91 63.98
CA ALA A 217 -52.13 -14.88 65.03
C ALA A 217 -52.48 -16.24 64.45
N SER A 218 -53.12 -16.28 63.28
CA SER A 218 -53.50 -17.54 62.67
C SER A 218 -52.31 -18.36 62.22
N TYR A 219 -51.13 -17.75 62.12
CA TYR A 219 -49.92 -18.44 61.68
C TYR A 219 -48.86 -18.45 62.77
N ALA A 220 -49.30 -18.48 64.03
CA ALA A 220 -48.36 -18.38 65.15
C ALA A 220 -47.43 -19.59 65.21
N ALA A 221 -47.97 -20.79 65.02
CA ALA A 221 -47.15 -21.99 65.11
C ALA A 221 -46.07 -22.01 64.05
N TRP A 222 -46.41 -21.56 62.83
CA TRP A 222 -45.42 -21.53 61.76
C TRP A 222 -44.33 -20.50 62.04
N ILE A 223 -44.72 -19.29 62.42
CA ILE A 223 -43.74 -18.25 62.73
C ILE A 223 -42.79 -18.72 63.81
N ASP A 224 -43.33 -19.32 64.87
CA ASP A 224 -42.49 -19.85 65.93
C ASP A 224 -41.57 -20.95 65.39
N SER A 225 -42.09 -21.82 64.54
CA SER A 225 -41.28 -22.94 64.04
C SER A 225 -40.10 -22.44 63.21
N VAL A 226 -40.31 -21.38 62.43
CA VAL A 226 -39.23 -20.83 61.62
C VAL A 226 -38.25 -20.05 62.48
N LEU A 227 -38.75 -19.27 63.44
CA LEU A 227 -37.88 -18.44 64.28
C LEU A 227 -37.17 -19.24 65.35
N ALA A 228 -37.62 -20.45 65.65
CA ALA A 228 -36.98 -21.27 66.67
C ALA A 228 -35.56 -21.64 66.28
N ASP B 1 -85.23 2.49 44.81
CA ASP B 1 -85.33 1.16 44.22
C ASP B 1 -84.90 1.15 42.77
N ILE B 2 -83.97 0.25 42.43
CA ILE B 2 -83.47 0.11 41.08
C ILE B 2 -84.27 -0.98 40.37
N GLN B 3 -84.81 -0.65 39.21
CA GLN B 3 -85.62 -1.58 38.43
C GLN B 3 -84.75 -2.42 37.51
N MET B 4 -84.99 -3.72 37.49
CA MET B 4 -84.34 -4.64 36.58
C MET B 4 -85.40 -5.13 35.59
N THR B 5 -85.32 -4.65 34.35
CA THR B 5 -86.30 -4.96 33.31
C THR B 5 -85.74 -6.06 32.42
N GLN B 6 -86.21 -7.29 32.63
CA GLN B 6 -85.70 -8.46 31.92
C GLN B 6 -86.50 -8.69 30.64
N SER B 7 -85.79 -8.92 29.54
CA SER B 7 -86.41 -9.18 28.25
C SER B 7 -85.71 -10.37 27.58
N PRO B 8 -86.46 -11.25 26.92
CA PRO B 8 -87.92 -11.19 26.80
C PRO B 8 -88.62 -11.99 27.89
N SER B 9 -89.95 -11.90 27.95
CA SER B 9 -90.71 -12.63 28.97
C SER B 9 -90.58 -14.13 28.75
N SER B 10 -90.73 -14.57 27.49
CA SER B 10 -90.55 -15.97 27.13
C SER B 10 -89.75 -16.02 25.84
N LEU B 11 -89.28 -17.23 25.50
CA LEU B 11 -88.37 -17.39 24.39
C LEU B 11 -88.36 -18.85 23.97
N SER B 12 -88.50 -19.11 22.68
CA SER B 12 -88.56 -20.47 22.15
C SER B 12 -87.37 -20.71 21.23
N ALA B 13 -86.68 -21.83 21.46
CA ALA B 13 -85.50 -22.17 20.68
C ALA B 13 -85.35 -23.69 20.62
N SER B 14 -84.44 -24.14 19.77
CA SER B 14 -84.15 -25.55 19.60
C SER B 14 -82.87 -25.91 20.35
N VAL B 15 -82.64 -27.21 20.51
CA VAL B 15 -81.39 -27.68 21.09
C VAL B 15 -80.25 -27.29 20.16
N GLY B 16 -79.15 -26.82 20.76
CA GLY B 16 -78.00 -26.38 20.01
C GLY B 16 -78.04 -24.94 19.56
N ASP B 17 -79.16 -24.25 19.75
CA ASP B 17 -79.24 -22.84 19.38
C ASP B 17 -78.46 -21.96 20.34
N ARG B 18 -78.00 -20.82 19.83
CA ARG B 18 -77.46 -19.77 20.67
C ARG B 18 -78.59 -18.83 21.06
N VAL B 19 -78.74 -18.59 22.36
CA VAL B 19 -79.88 -17.87 22.89
C VAL B 19 -79.40 -16.73 23.79
N THR B 20 -80.12 -15.61 23.76
CA THR B 20 -79.74 -14.40 24.48
C THR B 20 -80.88 -13.95 25.38
N ILE B 21 -80.55 -13.60 26.62
CA ILE B 21 -81.49 -13.03 27.58
C ILE B 21 -80.92 -11.71 28.09
N THR B 22 -81.80 -10.74 28.28
CA THR B 22 -81.39 -9.35 28.50
C THR B 22 -81.97 -8.82 29.81
N CYS B 23 -81.24 -7.90 30.44
CA CYS B 23 -81.66 -7.28 31.70
C CYS B 23 -81.17 -5.84 31.71
N LYS B 24 -82.10 -4.90 31.85
CA LYS B 24 -81.78 -3.47 31.78
C LYS B 24 -82.06 -2.83 33.13
N ALA B 25 -81.03 -2.23 33.73
CA ALA B 25 -81.18 -1.57 35.01
C ALA B 25 -81.53 -0.10 34.82
N SER B 26 -82.37 0.42 35.73
CA SER B 26 -82.84 1.78 35.63
C SER B 26 -81.76 2.81 35.95
N GLN B 27 -80.61 2.37 36.47
CA GLN B 27 -79.46 3.24 36.68
C GLN B 27 -78.24 2.35 36.87
N ASN B 28 -77.07 2.97 36.89
CA ASN B 28 -75.82 2.22 36.94
C ASN B 28 -75.78 1.31 38.15
N VAL B 29 -75.36 0.06 37.94
CA VAL B 29 -75.20 -0.90 39.00
C VAL B 29 -73.83 -1.54 38.88
N ASP B 30 -72.93 -0.88 38.15
CA ASP B 30 -71.58 -1.37 37.87
C ASP B 30 -71.65 -2.77 37.27
N THR B 31 -71.00 -3.74 37.92
CA THR B 31 -71.07 -5.13 37.50
C THR B 31 -71.70 -6.00 38.58
N ASP B 32 -72.51 -5.40 39.47
CA ASP B 32 -73.13 -6.12 40.57
C ASP B 32 -74.45 -6.76 40.12
N VAL B 33 -74.32 -7.68 39.16
CA VAL B 33 -75.47 -8.37 38.59
C VAL B 33 -75.20 -9.86 38.65
N ALA B 34 -76.22 -10.63 39.04
CA ALA B 34 -76.14 -12.08 39.10
C ALA B 34 -77.27 -12.69 38.30
N TRP B 35 -77.02 -13.88 37.77
CA TRP B 35 -78.01 -14.62 36.98
C TRP B 35 -78.32 -15.94 37.67
N PHE B 36 -79.62 -16.28 37.72
CA PHE B 36 -80.10 -17.50 38.35
C PHE B 36 -80.91 -18.32 37.36
N GLN B 37 -80.86 -19.64 37.53
CA GLN B 37 -81.67 -20.59 36.77
C GLN B 37 -82.64 -21.30 37.71
N GLN B 38 -83.87 -21.47 37.28
CA GLN B 38 -84.89 -22.11 38.10
C GLN B 38 -85.78 -23.00 37.25
N LYS B 39 -85.88 -24.25 37.63
CA LYS B 39 -86.75 -25.27 37.08
C LYS B 39 -87.95 -25.47 38.00
N PRO B 40 -89.10 -25.92 37.47
CA PRO B 40 -90.33 -25.94 38.26
C PRO B 40 -90.20 -26.77 39.53
N GLY B 41 -90.68 -26.22 40.64
CA GLY B 41 -90.71 -26.90 41.91
C GLY B 41 -89.39 -27.00 42.63
N LYS B 42 -88.32 -26.43 42.09
CA LYS B 42 -87.00 -26.50 42.70
C LYS B 42 -86.49 -25.10 43.02
N ALA B 43 -85.48 -25.06 43.87
CA ALA B 43 -84.92 -23.78 44.31
C ALA B 43 -84.09 -23.16 43.19
N PRO B 44 -84.03 -21.82 43.14
CA PRO B 44 -83.18 -21.17 42.15
C PRO B 44 -81.72 -21.55 42.35
N LYS B 45 -81.00 -21.63 41.23
CA LYS B 45 -79.62 -22.07 41.20
C LYS B 45 -78.76 -20.96 40.61
N GLY B 46 -77.63 -20.67 41.25
CA GLY B 46 -76.77 -19.61 40.77
C GLY B 46 -76.02 -20.01 39.51
N LEU B 47 -75.93 -19.06 38.58
CA LEU B 47 -75.17 -19.26 37.35
C LEU B 47 -73.98 -18.30 37.26
N ILE B 48 -74.23 -17.00 37.34
CA ILE B 48 -73.22 -15.97 37.15
C ILE B 48 -73.33 -14.98 38.30
N ARG B 49 -72.19 -14.44 38.71
CA ARG B 49 -72.12 -13.29 39.59
C ARG B 49 -71.13 -12.30 39.01
N SER B 50 -71.14 -11.08 39.54
CA SER B 50 -70.22 -10.03 39.10
C SER B 50 -70.30 -9.82 37.59
N ALA B 51 -71.53 -9.94 37.06
CA ALA B 51 -71.86 -9.79 35.66
C ALA B 51 -71.35 -10.93 34.78
N SER B 52 -70.14 -11.42 35.04
CA SER B 52 -69.53 -12.37 34.10
C SER B 52 -68.87 -13.59 34.72
N SER B 53 -68.78 -13.70 36.04
CA SER B 53 -68.04 -14.80 36.66
C SER B 53 -68.99 -15.97 36.89
N ARG B 54 -68.71 -17.09 36.22
CA ARG B 54 -69.46 -18.32 36.46
C ARG B 54 -69.12 -18.90 37.82
N TYR B 55 -70.09 -19.60 38.41
CA TYR B 55 -69.85 -20.38 39.60
C TYR B 55 -69.26 -21.73 39.23
N SER B 56 -68.74 -22.43 40.24
CA SER B 56 -68.19 -23.76 40.01
C SER B 56 -69.28 -24.72 39.53
N GLY B 57 -68.94 -25.53 38.55
CA GLY B 57 -69.88 -26.51 38.03
C GLY B 57 -70.86 -26.00 37.01
N VAL B 58 -70.83 -24.72 36.68
CA VAL B 58 -71.69 -24.16 35.64
C VAL B 58 -71.03 -24.39 34.30
N PRO B 59 -71.70 -25.05 33.36
CA PRO B 59 -71.09 -25.34 32.05
C PRO B 59 -70.66 -24.07 31.32
N SER B 60 -69.58 -24.19 30.56
CA SER B 60 -68.98 -23.04 29.90
C SER B 60 -69.95 -22.35 28.93
N ARG B 61 -70.98 -23.06 28.47
CA ARG B 61 -71.92 -22.47 27.51
C ARG B 61 -72.68 -21.29 28.11
N PHE B 62 -72.76 -21.19 29.43
CA PHE B 62 -73.36 -20.02 30.06
C PHE B 62 -72.32 -18.92 30.19
N SER B 63 -72.68 -17.70 29.81
CA SER B 63 -71.77 -16.57 29.90
C SER B 63 -72.57 -15.31 30.18
N GLY B 64 -71.97 -14.40 30.92
CA GLY B 64 -72.60 -13.13 31.27
C GLY B 64 -71.77 -11.96 30.77
N SER B 65 -72.46 -10.92 30.31
CA SER B 65 -71.81 -9.73 29.80
C SER B 65 -72.52 -8.51 30.33
N GLY B 66 -71.79 -7.39 30.36
CA GLY B 66 -72.41 -6.14 30.72
C GLY B 66 -71.74 -5.40 31.86
N SER B 67 -71.84 -4.08 31.84
CA SER B 67 -71.40 -3.23 32.93
C SER B 67 -72.09 -1.89 32.78
N GLY B 68 -72.66 -1.41 33.89
CA GLY B 68 -73.43 -0.19 33.84
C GLY B 68 -74.92 -0.44 33.98
N THR B 69 -75.63 -0.51 32.86
CA THR B 69 -77.09 -0.66 32.86
C THR B 69 -77.60 -1.84 32.07
N ASP B 70 -76.85 -2.35 31.08
CA ASP B 70 -77.36 -3.35 30.15
C ASP B 70 -76.52 -4.61 30.27
N PHE B 71 -77.19 -5.72 30.59
CA PHE B 71 -76.53 -6.99 30.88
C PHE B 71 -77.19 -8.10 30.07
N THR B 72 -76.41 -9.13 29.74
CA THR B 72 -76.85 -10.16 28.83
C THR B 72 -76.39 -11.52 29.30
N LEU B 73 -77.34 -12.45 29.45
CA LEU B 73 -77.03 -13.86 29.68
C LEU B 73 -77.05 -14.57 28.34
N THR B 74 -76.00 -15.34 28.05
CA THR B 74 -75.86 -16.03 26.78
C THR B 74 -75.70 -17.51 27.02
N ILE B 75 -76.45 -18.32 26.28
CA ILE B 75 -76.28 -19.76 26.24
C ILE B 75 -75.85 -20.11 24.82
N SER B 76 -74.60 -20.55 24.68
CA SER B 76 -74.04 -20.72 23.34
C SER B 76 -74.69 -21.87 22.60
N SER B 77 -74.84 -23.02 23.25
CA SER B 77 -75.43 -24.21 22.63
C SER B 77 -76.47 -24.77 23.60
N LEU B 78 -77.73 -24.42 23.39
CA LEU B 78 -78.80 -24.81 24.29
C LEU B 78 -78.92 -26.33 24.39
N GLN B 79 -78.80 -26.86 25.60
CA GLN B 79 -78.91 -28.27 25.90
C GLN B 79 -80.30 -28.59 26.46
N PRO B 80 -80.71 -29.87 26.43
CA PRO B 80 -82.07 -30.19 26.90
C PRO B 80 -82.33 -29.78 28.33
N GLU B 81 -81.36 -29.94 29.22
CA GLU B 81 -81.54 -29.56 30.62
C GLU B 81 -81.44 -28.05 30.84
N ASP B 82 -81.21 -27.27 29.79
CA ASP B 82 -81.11 -25.83 29.93
C ASP B 82 -82.46 -25.14 29.79
N PHE B 83 -83.49 -25.82 29.29
CA PHE B 83 -84.80 -25.22 29.15
C PHE B 83 -85.42 -25.04 30.52
N ALA B 84 -85.57 -23.78 30.93
CA ALA B 84 -86.06 -23.44 32.25
C ALA B 84 -86.33 -21.94 32.33
N THR B 85 -86.36 -21.40 33.53
CA THR B 85 -86.58 -19.98 33.75
C THR B 85 -85.33 -19.35 34.34
N TYR B 86 -85.00 -18.15 33.87
CA TYR B 86 -83.78 -17.46 34.24
C TYR B 86 -84.11 -16.08 34.78
N TYR B 87 -83.45 -15.70 35.88
CA TYR B 87 -83.68 -14.43 36.55
C TYR B 87 -82.38 -13.66 36.66
N CYS B 88 -82.42 -12.36 36.42
CA CYS B 88 -81.31 -11.47 36.73
C CYS B 88 -81.56 -10.79 38.06
N GLN B 89 -80.48 -10.47 38.76
CA GLN B 89 -80.56 -9.85 40.08
C GLN B 89 -79.53 -8.74 40.17
N GLN B 90 -79.93 -7.63 40.78
CA GLN B 90 -79.04 -6.51 41.07
C GLN B 90 -78.74 -6.51 42.56
N TYR B 91 -77.46 -6.44 42.93
CA TYR B 91 -77.07 -6.35 44.33
C TYR B 91 -76.16 -5.16 44.56
N ASN B 92 -76.27 -4.15 43.71
CA ASN B 92 -75.47 -2.93 43.85
C ASN B 92 -76.05 -1.95 44.86
N ASN B 93 -77.35 -2.04 45.14
CA ASN B 93 -78.04 -1.02 45.92
C ASN B 93 -79.22 -1.66 46.63
N TYR B 94 -79.44 -1.24 47.90
CA TYR B 94 -80.58 -1.76 48.65
C TYR B 94 -81.87 -1.05 48.22
N PRO B 95 -82.96 -1.80 48.02
CA PRO B 95 -83.02 -3.25 48.17
C PRO B 95 -82.55 -3.99 46.93
N LEU B 96 -82.04 -5.20 47.12
CA LEU B 96 -81.75 -6.07 45.99
C LEU B 96 -83.04 -6.33 45.22
N THR B 97 -82.95 -6.32 43.90
CA THR B 97 -84.12 -6.48 43.05
C THR B 97 -83.84 -7.52 41.98
N PHE B 98 -84.89 -8.24 41.59
CA PHE B 98 -84.83 -9.23 40.54
C PHE B 98 -85.54 -8.72 39.29
N GLY B 99 -85.30 -9.41 38.19
CA GLY B 99 -86.10 -9.22 37.00
C GLY B 99 -87.29 -10.15 37.02
N GLN B 100 -88.29 -9.83 36.19
CA GLN B 100 -89.53 -10.61 36.20
C GLN B 100 -89.33 -12.03 35.69
N GLY B 101 -88.23 -12.29 34.98
CA GLY B 101 -87.89 -13.63 34.58
C GLY B 101 -88.01 -13.83 33.07
N THR B 102 -87.38 -14.91 32.60
CA THR B 102 -87.43 -15.30 31.20
C THR B 102 -87.58 -16.82 31.14
N LYS B 103 -88.64 -17.27 30.48
CA LYS B 103 -88.88 -18.71 30.30
C LYS B 103 -88.36 -19.14 28.94
N VAL B 104 -87.58 -20.22 28.93
CA VAL B 104 -86.99 -20.75 27.71
C VAL B 104 -87.66 -22.07 27.39
N GLU B 105 -88.45 -22.09 26.31
CA GLU B 105 -89.23 -23.24 25.89
C GLU B 105 -88.61 -23.89 24.67
N ILE B 106 -89.02 -25.13 24.43
CA ILE B 106 -88.55 -25.89 23.28
C ILE B 106 -89.41 -25.57 22.07
N LYS B 107 -88.77 -25.27 20.94
CA LYS B 107 -89.49 -25.01 19.71
C LYS B 107 -89.97 -26.32 19.10
N ARG B 108 -91.15 -26.26 18.46
CA ARG B 108 -91.82 -27.47 18.02
C ARG B 108 -92.68 -27.14 16.81
N THR B 109 -93.07 -28.18 16.07
CA THR B 109 -94.06 -28.04 15.02
C THR B 109 -95.43 -27.76 15.64
N VAL B 110 -96.22 -26.95 14.93
CA VAL B 110 -97.54 -26.58 15.44
C VAL B 110 -98.45 -27.80 15.46
N ALA B 111 -99.14 -27.99 16.58
CA ALA B 111 -100.04 -29.12 16.76
C ALA B 111 -101.35 -28.63 17.38
N ALA B 112 -102.47 -29.09 16.82
CA ALA B 112 -103.79 -28.68 17.27
C ALA B 112 -104.21 -29.50 18.49
N PRO B 113 -104.99 -28.89 19.40
CA PRO B 113 -105.40 -29.62 20.60
C PRO B 113 -106.57 -30.55 20.34
N SER B 114 -106.56 -31.70 21.02
CA SER B 114 -107.70 -32.60 21.04
C SER B 114 -108.67 -32.10 22.11
N VAL B 115 -109.81 -31.59 21.69
CA VAL B 115 -110.75 -30.94 22.58
C VAL B 115 -111.77 -31.97 23.08
N PHE B 116 -111.99 -31.97 24.39
CA PHE B 116 -113.01 -32.78 25.03
C PHE B 116 -113.82 -31.91 25.99
N ILE B 117 -114.97 -32.42 26.41
CA ILE B 117 -115.82 -31.72 27.36
C ILE B 117 -116.49 -32.76 28.25
N PHE B 118 -116.61 -32.43 29.54
CA PHE B 118 -117.13 -33.35 30.53
C PHE B 118 -118.27 -32.70 31.30
N PRO B 119 -119.44 -33.33 31.38
CA PRO B 119 -120.53 -32.80 32.19
C PRO B 119 -120.27 -33.06 33.66
N PRO B 120 -120.92 -32.32 34.56
CA PRO B 120 -120.79 -32.61 35.99
C PRO B 120 -121.43 -33.94 36.34
N SER B 121 -120.69 -34.76 37.09
CA SER B 121 -121.17 -36.07 37.47
C SER B 121 -122.38 -35.96 38.39
N ASP B 122 -123.16 -37.04 38.44
CA ASP B 122 -124.35 -37.06 39.28
C ASP B 122 -123.99 -37.07 40.77
N GLU B 123 -122.87 -37.70 41.13
CA GLU B 123 -122.44 -37.70 42.53
C GLU B 123 -122.12 -36.29 43.00
N GLN B 124 -121.57 -35.46 42.13
CA GLN B 124 -121.30 -34.07 42.49
C GLN B 124 -122.59 -33.26 42.58
N LEU B 125 -123.54 -33.52 41.68
CA LEU B 125 -124.81 -32.79 41.67
C LEU B 125 -125.65 -33.05 42.92
N LYS B 126 -125.33 -34.07 43.71
CA LYS B 126 -126.06 -34.29 44.96
C LYS B 126 -125.80 -33.18 45.97
N SER B 127 -124.68 -32.46 45.83
CA SER B 127 -124.46 -31.24 46.60
C SER B 127 -124.86 -30.04 45.74
N GLY B 128 -124.57 -28.84 46.23
CA GLY B 128 -125.04 -27.63 45.58
C GLY B 128 -124.15 -27.06 44.50
N THR B 129 -123.17 -27.82 44.01
CA THR B 129 -122.21 -27.29 43.04
C THR B 129 -122.15 -28.20 41.82
N ALA B 130 -121.79 -27.61 40.68
CA ALA B 130 -121.65 -28.34 39.42
C ALA B 130 -120.50 -27.72 38.62
N SER B 131 -119.56 -28.57 38.18
CA SER B 131 -118.38 -28.13 37.47
C SER B 131 -118.31 -28.78 36.09
N VAL B 132 -118.14 -27.95 35.06
CA VAL B 132 -118.03 -28.41 33.68
C VAL B 132 -116.59 -28.18 33.22
N VAL B 133 -115.95 -29.24 32.75
CA VAL B 133 -114.53 -29.22 32.41
C VAL B 133 -114.37 -29.26 30.89
N CYS B 134 -113.47 -28.44 30.38
CA CYS B 134 -113.10 -28.43 28.96
C CYS B 134 -111.61 -28.69 28.86
N LEU B 135 -111.23 -29.75 28.15
CA LEU B 135 -109.86 -30.21 28.08
C LEU B 135 -109.26 -29.92 26.72
N LEU B 136 -108.04 -29.39 26.70
CA LEU B 136 -107.26 -29.18 25.48
C LEU B 136 -105.98 -30.00 25.63
N ASN B 137 -105.88 -31.10 24.90
CA ASN B 137 -104.83 -32.09 25.11
C ASN B 137 -103.77 -32.00 24.01
N ASN B 138 -102.51 -31.95 24.42
CA ASN B 138 -101.35 -32.06 23.55
C ASN B 138 -101.39 -31.09 22.37
N PHE B 139 -100.90 -29.87 22.58
CA PHE B 139 -100.91 -28.85 21.53
C PHE B 139 -99.67 -27.99 21.66
N TYR B 140 -99.45 -27.15 20.64
CA TYR B 140 -98.33 -26.21 20.60
C TYR B 140 -98.64 -25.15 19.56
N PRO B 141 -98.33 -23.87 19.82
CA PRO B 141 -97.72 -23.34 21.04
C PRO B 141 -98.72 -23.19 22.18
N ARG B 142 -98.30 -22.53 23.26
CA ARG B 142 -99.16 -22.46 24.45
C ARG B 142 -100.34 -21.51 24.27
N GLU B 143 -100.18 -20.45 23.47
CA GLU B 143 -101.22 -19.45 23.30
C GLU B 143 -102.53 -20.08 22.83
N ALA B 144 -103.52 -20.10 23.71
CA ALA B 144 -104.83 -20.65 23.39
C ALA B 144 -105.89 -19.78 24.05
N LYS B 145 -107.12 -19.89 23.53
CA LYS B 145 -108.25 -19.09 24.00
C LYS B 145 -109.47 -19.98 24.10
N VAL B 146 -110.06 -20.05 25.29
CA VAL B 146 -111.22 -20.88 25.55
C VAL B 146 -112.37 -20.00 26.03
N GLN B 147 -113.51 -20.09 25.36
CA GLN B 147 -114.71 -19.35 25.72
C GLN B 147 -115.85 -20.32 25.96
N TRP B 148 -116.56 -20.13 27.07
CA TRP B 148 -117.72 -20.94 27.39
C TRP B 148 -118.98 -20.30 26.85
N LYS B 149 -119.88 -21.13 26.33
CA LYS B 149 -121.16 -20.67 25.76
C LYS B 149 -122.27 -21.55 26.31
N VAL B 150 -123.13 -20.97 27.15
CA VAL B 150 -124.27 -21.66 27.75
C VAL B 150 -125.51 -21.19 27.02
N ASP B 151 -126.13 -22.09 26.25
CA ASP B 151 -127.27 -21.74 25.40
C ASP B 151 -126.92 -20.57 24.48
N ASN B 152 -125.71 -20.63 23.92
CA ASN B 152 -125.17 -19.60 23.03
C ASN B 152 -125.07 -18.24 23.73
N ALA B 153 -124.76 -18.25 25.03
CA ALA B 153 -124.54 -17.04 25.80
C ALA B 153 -123.11 -17.05 26.33
N LEU B 154 -122.36 -15.98 26.03
CA LEU B 154 -120.95 -15.92 26.38
C LEU B 154 -120.78 -15.68 27.87
N GLN B 155 -120.02 -16.55 28.53
CA GLN B 155 -119.75 -16.45 29.96
C GLN B 155 -118.43 -15.70 30.19
N SER B 156 -118.27 -15.22 31.43
CA SER B 156 -117.05 -14.53 31.83
C SER B 156 -117.04 -14.39 33.34
N GLY B 157 -115.84 -14.53 33.93
CA GLY B 157 -115.68 -14.35 35.36
C GLY B 157 -116.07 -15.53 36.22
N ASN B 158 -116.48 -16.65 35.62
CA ASN B 158 -116.88 -17.84 36.37
C ASN B 158 -116.14 -19.08 35.90
N SER B 159 -114.95 -18.93 35.33
CA SER B 159 -114.18 -20.06 34.84
C SER B 159 -112.70 -19.81 35.06
N GLN B 160 -112.00 -20.84 35.53
CA GLN B 160 -110.55 -20.80 35.71
C GLN B 160 -109.91 -21.88 34.86
N GLU B 161 -108.71 -21.60 34.36
CA GLU B 161 -107.97 -22.57 33.57
C GLU B 161 -106.62 -22.86 34.23
N SER B 162 -106.05 -23.99 33.84
CA SER B 162 -104.77 -24.43 34.38
C SER B 162 -104.02 -25.15 33.28
N VAL B 163 -102.74 -24.79 33.10
CA VAL B 163 -101.92 -25.35 32.03
C VAL B 163 -100.84 -26.22 32.64
N THR B 164 -100.47 -27.27 31.91
CA THR B 164 -99.37 -28.13 32.32
C THR B 164 -98.05 -27.61 31.75
N GLU B 165 -96.97 -27.99 32.40
CA GLU B 165 -95.66 -27.69 31.86
C GLU B 165 -95.43 -28.47 30.57
N GLN B 166 -94.47 -28.00 29.77
CA GLN B 166 -94.18 -28.62 28.49
C GLN B 166 -93.77 -30.08 28.68
N ASP B 167 -94.39 -30.97 27.90
CA ASP B 167 -94.18 -32.40 28.08
C ASP B 167 -92.75 -32.78 27.71
N SER B 168 -92.20 -33.72 28.49
CA SER B 168 -90.80 -34.09 28.31
C SER B 168 -90.55 -34.87 27.02
N LYS B 169 -91.57 -35.51 26.46
CA LYS B 169 -91.41 -36.37 25.31
C LYS B 169 -91.80 -35.72 23.99
N ASP B 170 -93.00 -35.15 23.90
CA ASP B 170 -93.47 -34.54 22.67
C ASP B 170 -93.52 -33.02 22.72
N SER B 171 -93.06 -32.40 23.83
CA SER B 171 -92.93 -30.95 23.95
C SER B 171 -94.24 -30.22 23.69
N THR B 172 -95.35 -30.81 24.14
CA THR B 172 -96.67 -30.23 23.96
C THR B 172 -97.23 -29.76 25.29
N TYR B 173 -98.30 -28.97 25.21
CA TYR B 173 -98.98 -28.44 26.38
C TYR B 173 -100.35 -29.07 26.51
N SER B 174 -100.96 -28.87 27.68
CA SER B 174 -102.33 -29.29 27.93
C SER B 174 -102.99 -28.30 28.86
N LEU B 175 -104.21 -27.91 28.52
CA LEU B 175 -104.94 -26.90 29.28
C LEU B 175 -106.29 -27.47 29.73
N SER B 176 -106.73 -27.04 30.91
CA SER B 176 -108.03 -27.47 31.45
C SER B 176 -108.74 -26.25 32.01
N SER B 177 -109.77 -25.78 31.31
CA SER B 177 -110.62 -24.70 31.79
C SER B 177 -111.84 -25.30 32.47
N THR B 178 -112.12 -24.85 33.69
CA THR B 178 -113.20 -25.39 34.51
C THR B 178 -114.27 -24.32 34.73
N LEU B 179 -115.51 -24.65 34.39
CA LEU B 179 -116.64 -23.76 34.57
C LEU B 179 -117.42 -24.18 35.80
N THR B 180 -117.54 -23.27 36.78
CA THR B 180 -118.17 -23.55 38.06
C THR B 180 -119.51 -22.84 38.15
N LEU B 181 -120.55 -23.60 38.45
CA LEU B 181 -121.91 -23.06 38.62
C LEU B 181 -122.62 -23.80 39.74
N SER B 182 -123.59 -23.12 40.35
CA SER B 182 -124.42 -23.77 41.35
C SER B 182 -125.38 -24.76 40.68
N LYS B 183 -125.94 -25.65 41.50
CA LYS B 183 -126.87 -26.65 40.97
C LYS B 183 -128.15 -26.00 40.44
N ALA B 184 -128.51 -24.83 40.98
CA ALA B 184 -129.71 -24.14 40.50
C ALA B 184 -129.48 -23.52 39.13
N ASP B 185 -128.37 -22.79 38.97
CA ASP B 185 -128.08 -22.17 37.68
C ASP B 185 -127.78 -23.20 36.60
N TYR B 186 -127.31 -24.39 37.01
CA TYR B 186 -126.95 -25.41 36.02
C TYR B 186 -128.19 -25.95 35.32
N GLU B 187 -129.25 -26.22 36.07
CA GLU B 187 -130.45 -26.83 35.52
C GLU B 187 -131.41 -25.82 34.91
N LYS B 188 -131.04 -24.54 34.85
CA LYS B 188 -131.82 -23.54 34.14
C LYS B 188 -131.57 -23.56 32.64
N HIS B 189 -130.52 -24.23 32.18
CA HIS B 189 -130.11 -24.21 30.79
C HIS B 189 -129.83 -25.63 30.32
N LYS B 190 -129.64 -25.78 29.01
CA LYS B 190 -129.56 -27.10 28.39
C LYS B 190 -128.30 -27.32 27.57
N VAL B 191 -127.86 -26.32 26.81
CA VAL B 191 -126.72 -26.48 25.90
C VAL B 191 -125.49 -25.84 26.54
N TYR B 192 -124.47 -26.66 26.79
CA TYR B 192 -123.19 -26.20 27.33
C TYR B 192 -122.10 -26.49 26.30
N ALA B 193 -121.22 -25.51 26.09
CA ALA B 193 -120.18 -25.65 25.08
C ALA B 193 -118.98 -24.79 25.45
N CYS B 194 -117.81 -25.21 24.98
CA CYS B 194 -116.59 -24.41 25.07
C CYS B 194 -115.99 -24.27 23.68
N GLU B 195 -115.71 -23.03 23.29
CA GLU B 195 -115.18 -22.74 21.96
C GLU B 195 -113.67 -22.53 22.08
N VAL B 196 -112.90 -23.34 21.34
CA VAL B 196 -111.45 -23.35 21.42
C VAL B 196 -110.89 -22.67 20.18
N THR B 197 -110.17 -21.58 20.38
CA THR B 197 -109.46 -20.89 19.32
C THR B 197 -107.96 -21.13 19.49
N HIS B 198 -107.31 -21.62 18.43
CA HIS B 198 -105.89 -21.92 18.49
C HIS B 198 -105.29 -21.67 17.11
N GLN B 199 -103.96 -21.47 17.10
CA GLN B 199 -103.27 -21.22 15.84
C GLN B 199 -103.30 -22.44 14.93
N GLY B 200 -103.20 -23.63 15.50
CA GLY B 200 -103.19 -24.85 14.71
C GLY B 200 -104.53 -25.26 14.14
N LEU B 201 -105.59 -24.52 14.42
CA LEU B 201 -106.93 -24.80 13.91
C LEU B 201 -107.33 -23.74 12.91
N SER B 202 -107.80 -24.16 11.74
CA SER B 202 -108.16 -23.21 10.70
C SER B 202 -109.40 -22.41 11.08
N SER B 203 -110.33 -23.01 11.82
CA SER B 203 -111.51 -22.34 12.34
C SER B 203 -111.80 -22.85 13.73
N PRO B 204 -112.33 -22.01 14.62
CA PRO B 204 -112.56 -22.42 16.01
C PRO B 204 -113.39 -23.69 16.12
N VAL B 205 -112.89 -24.64 16.92
CA VAL B 205 -113.53 -25.93 17.15
C VAL B 205 -114.33 -25.84 18.44
N THR B 206 -115.56 -26.35 18.42
CA THR B 206 -116.46 -26.32 19.55
C THR B 206 -116.89 -27.73 19.92
N LYS B 207 -116.85 -28.03 21.22
CA LYS B 207 -117.35 -29.28 21.77
C LYS B 207 -118.45 -28.97 22.77
N SER B 208 -119.56 -29.69 22.68
CA SER B 208 -120.75 -29.38 23.47
C SER B 208 -121.43 -30.65 23.94
N PHE B 209 -122.42 -30.46 24.82
CA PHE B 209 -123.28 -31.54 25.26
C PHE B 209 -124.63 -30.95 25.68
N ASN B 210 -125.65 -31.79 25.65
CA ASN B 210 -126.98 -31.40 26.11
C ASN B 210 -127.23 -31.99 27.50
N ARG B 211 -127.82 -31.18 28.37
CA ARG B 211 -128.04 -31.56 29.76
C ARG B 211 -129.04 -32.71 29.82
N GLY B 212 -128.53 -33.92 30.01
CA GLY B 212 -129.38 -35.09 30.09
C GLY B 212 -128.79 -36.33 29.44
N GLU B 213 -128.28 -36.19 28.23
CA GLU B 213 -127.73 -37.32 27.49
C GLU B 213 -126.51 -37.92 28.19
N GLU C 1 -69.36 -31.43 52.50
CA GLU C 1 -70.45 -30.94 51.67
C GLU C 1 -71.25 -29.86 52.39
N VAL C 2 -71.41 -28.72 51.73
CA VAL C 2 -72.15 -27.59 52.27
C VAL C 2 -73.61 -27.71 51.88
N GLN C 3 -74.51 -27.41 52.82
CA GLN C 3 -75.93 -27.39 52.51
C GLN C 3 -76.66 -26.50 53.50
N LEU C 4 -77.73 -25.86 53.01
CA LEU C 4 -78.63 -25.07 53.82
C LEU C 4 -79.99 -25.77 53.80
N VAL C 5 -80.40 -26.32 54.93
CA VAL C 5 -81.67 -27.02 55.04
C VAL C 5 -82.63 -26.13 55.84
N GLN C 6 -83.87 -26.04 55.36
CA GLN C 6 -84.88 -25.18 55.96
C GLN C 6 -85.97 -26.01 56.63
N SER C 7 -86.71 -25.36 57.51
CA SER C 7 -87.80 -26.03 58.22
C SER C 7 -88.94 -26.35 57.26
N GLY C 8 -89.84 -27.22 57.73
CA GLY C 8 -90.92 -27.72 56.91
C GLY C 8 -91.97 -26.67 56.62
N ALA C 9 -92.94 -27.07 55.79
CA ALA C 9 -94.00 -26.17 55.38
C ALA C 9 -94.88 -25.77 56.57
N GLU C 10 -95.45 -24.58 56.48
CA GLU C 10 -96.29 -24.02 57.54
C GLU C 10 -97.59 -23.48 56.94
N VAL C 11 -98.67 -23.63 57.70
CA VAL C 11 -99.97 -23.07 57.33
C VAL C 11 -100.43 -22.19 58.48
N LYS C 12 -100.82 -20.95 58.18
CA LYS C 12 -101.17 -19.98 59.20
C LYS C 12 -102.40 -19.18 58.77
N LYS C 13 -103.08 -18.54 59.80
CA LYS C 13 -104.29 -17.72 59.72
C LYS C 13 -103.93 -16.27 59.42
N PRO C 14 -104.78 -15.56 58.67
CA PRO C 14 -104.47 -14.18 58.27
C PRO C 14 -104.36 -13.21 59.43
N GLY C 15 -103.36 -13.42 60.30
CA GLY C 15 -103.11 -12.52 61.40
C GLY C 15 -101.96 -13.02 62.26
N ALA C 16 -101.69 -14.31 62.16
CA ALA C 16 -100.68 -14.95 62.99
C ALA C 16 -99.28 -14.59 62.48
N SER C 17 -98.27 -15.13 63.16
CA SER C 17 -96.89 -14.98 62.74
C SER C 17 -96.32 -16.37 62.43
N VAL C 18 -95.18 -16.37 61.73
CA VAL C 18 -94.51 -17.60 61.33
C VAL C 18 -93.01 -17.40 61.47
N LYS C 19 -92.32 -18.47 61.86
CA LYS C 19 -90.88 -18.43 62.08
C LYS C 19 -90.25 -19.61 61.33
N VAL C 20 -89.49 -19.29 60.27
CA VAL C 20 -88.82 -20.29 59.45
C VAL C 20 -87.34 -20.33 59.81
N SER C 21 -86.78 -21.53 59.89
CA SER C 21 -85.38 -21.72 60.22
C SER C 21 -84.59 -22.11 58.99
N CYS C 22 -83.28 -21.93 59.08
CA CYS C 22 -82.36 -22.22 57.98
C CYS C 22 -81.01 -22.58 58.59
N LYS C 23 -80.77 -23.86 58.78
CA LYS C 23 -79.54 -24.34 59.41
C LYS C 23 -78.47 -24.56 58.36
N ALA C 24 -77.34 -23.88 58.53
CA ALA C 24 -76.20 -24.02 57.63
C ALA C 24 -75.22 -25.06 58.18
N SER C 25 -74.51 -25.70 57.26
CA SER C 25 -73.49 -26.67 57.64
C SER C 25 -72.50 -26.79 56.50
N GLY C 26 -71.24 -27.04 56.85
CA GLY C 26 -70.17 -27.21 55.88
C GLY C 26 -69.31 -26.00 55.67
N TYR C 27 -69.63 -24.87 56.29
CA TYR C 27 -68.82 -23.67 56.18
C TYR C 27 -68.95 -22.86 57.46
N THR C 28 -68.00 -21.95 57.67
CA THR C 28 -68.01 -21.09 58.84
C THR C 28 -69.20 -20.14 58.77
N PHE C 29 -70.17 -20.34 59.65
CA PHE C 29 -71.45 -19.63 59.55
C PHE C 29 -71.27 -18.12 59.70
N THR C 30 -70.37 -17.70 60.57
CA THR C 30 -70.22 -16.28 60.90
C THR C 30 -69.46 -15.49 59.84
N SER C 31 -68.98 -16.13 58.78
CA SER C 31 -68.16 -15.45 57.78
C SER C 31 -68.97 -14.87 56.62
N TYR C 32 -70.27 -15.12 56.57
CA TYR C 32 -71.09 -14.70 55.44
C TYR C 32 -72.43 -14.18 55.93
N TYR C 33 -72.93 -13.13 55.29
CA TYR C 33 -74.31 -12.72 55.47
C TYR C 33 -75.25 -13.83 55.01
N MET C 34 -76.48 -13.79 55.52
CA MET C 34 -77.56 -14.66 55.08
C MET C 34 -78.71 -13.77 54.62
N TYR C 35 -79.14 -13.93 53.39
CA TYR C 35 -80.26 -13.16 52.90
C TYR C 35 -81.43 -14.07 52.57
N TRP C 36 -82.64 -13.49 52.62
CA TRP C 36 -83.88 -14.23 52.48
C TRP C 36 -84.63 -13.75 51.26
N VAL C 37 -85.13 -14.69 50.47
CA VAL C 37 -85.88 -14.41 49.25
C VAL C 37 -87.24 -15.09 49.35
N ARG C 38 -88.25 -14.45 48.78
CA ARG C 38 -89.62 -14.94 48.76
C ARG C 38 -90.11 -15.04 47.33
N GLN C 39 -90.91 -16.06 47.03
CA GLN C 39 -91.46 -16.26 45.69
C GLN C 39 -92.91 -16.69 45.80
N ALA C 40 -93.83 -15.81 45.39
CA ALA C 40 -95.23 -16.15 45.34
C ALA C 40 -95.46 -17.25 44.31
N PRO C 41 -96.55 -18.01 44.44
CA PRO C 41 -96.81 -19.10 43.47
C PRO C 41 -96.95 -18.56 42.05
N GLY C 42 -96.17 -19.14 41.14
CA GLY C 42 -96.19 -18.70 39.75
C GLY C 42 -95.84 -17.23 39.57
N GLN C 43 -94.87 -16.74 40.32
CA GLN C 43 -94.51 -15.32 40.31
C GLN C 43 -93.01 -15.18 40.41
N GLY C 44 -92.54 -13.93 40.50
CA GLY C 44 -91.13 -13.64 40.50
C GLY C 44 -90.52 -13.74 41.88
N LEU C 45 -89.23 -13.39 41.94
CA LEU C 45 -88.48 -13.42 43.19
C LEU C 45 -88.50 -12.03 43.84
N GLU C 46 -88.39 -12.02 45.17
CA GLU C 46 -88.50 -10.79 45.95
C GLU C 46 -87.53 -10.86 47.12
N TRP C 47 -86.80 -9.78 47.35
CA TRP C 47 -85.77 -9.72 48.39
C TRP C 47 -86.40 -9.21 49.68
N ILE C 48 -86.24 -9.99 50.75
CA ILE C 48 -86.80 -9.62 52.05
C ILE C 48 -85.75 -8.88 52.87
N GLY C 49 -84.59 -9.49 53.05
CA GLY C 49 -83.54 -8.85 53.84
C GLY C 49 -82.38 -9.79 54.07
N GLU C 50 -81.41 -9.29 54.84
CA GLU C 50 -80.19 -10.02 55.13
C GLU C 50 -79.79 -9.77 56.57
N ILE C 51 -78.97 -10.66 57.11
CA ILE C 51 -78.52 -10.56 58.49
C ILE C 51 -77.03 -10.87 58.56
N ASN C 52 -76.31 -10.07 59.34
CA ASN C 52 -74.91 -10.33 59.67
C ASN C 52 -74.87 -11.27 60.86
N PRO C 53 -74.40 -12.51 60.70
CA PRO C 53 -74.57 -13.49 61.77
C PRO C 53 -73.74 -13.23 63.00
N THR C 54 -72.68 -12.42 62.92
CA THR C 54 -71.85 -12.18 64.09
C THR C 54 -72.44 -11.08 64.96
N SER C 55 -72.95 -10.02 64.34
CA SER C 55 -73.46 -8.86 65.05
C SER C 55 -74.97 -8.83 65.19
N GLY C 56 -75.68 -9.68 64.45
CA GLY C 56 -77.12 -9.63 64.42
C GLY C 56 -77.69 -8.46 63.64
N GLY C 57 -76.85 -7.60 63.07
CA GLY C 57 -77.37 -6.49 62.29
C GLY C 57 -78.09 -6.95 61.04
N THR C 58 -79.07 -6.17 60.62
CA THR C 58 -79.91 -6.53 59.49
C THR C 58 -80.09 -5.35 58.54
N ASN C 59 -80.36 -5.69 57.29
CA ASN C 59 -80.79 -4.72 56.28
C ASN C 59 -82.05 -5.27 55.64
N PHE C 60 -83.11 -4.47 55.61
CA PHE C 60 -84.42 -4.93 55.18
C PHE C 60 -84.89 -4.16 53.95
N ASN C 61 -85.64 -4.86 53.10
CA ASN C 61 -86.55 -4.20 52.19
C ASN C 61 -87.59 -3.45 53.00
N GLU C 62 -87.81 -2.18 52.66
CA GLU C 62 -88.75 -1.36 53.44
C GLU C 62 -90.14 -1.99 53.49
N LYS C 63 -90.48 -2.81 52.49
CA LYS C 63 -91.78 -3.47 52.47
C LYS C 63 -91.97 -4.39 53.66
N PHE C 64 -90.88 -4.93 54.21
CA PHE C 64 -90.95 -5.90 55.30
C PHE C 64 -90.36 -5.40 56.61
N LYS C 65 -89.86 -4.16 56.67
CA LYS C 65 -89.10 -3.74 57.83
C LYS C 65 -89.97 -3.70 59.10
N SER C 66 -91.25 -3.38 58.96
CA SER C 66 -92.10 -3.17 60.13
C SER C 66 -92.55 -4.47 60.78
N ARG C 67 -92.65 -5.56 60.00
CA ARG C 67 -93.27 -6.79 60.48
C ARG C 67 -92.40 -8.03 60.27
N ALA C 68 -91.12 -7.87 59.98
CA ALA C 68 -90.21 -9.00 59.82
C ALA C 68 -89.08 -8.91 60.83
N THR C 69 -88.57 -10.08 61.24
CA THR C 69 -87.49 -10.14 62.22
C THR C 69 -86.53 -11.25 61.81
N LEU C 70 -85.26 -10.89 61.63
CA LEU C 70 -84.21 -11.85 61.33
C LEU C 70 -83.32 -12.02 62.54
N THR C 71 -83.14 -13.25 62.98
CA THR C 71 -82.28 -13.58 64.09
C THR C 71 -81.31 -14.68 63.68
N VAL C 72 -80.44 -15.06 64.60
CA VAL C 72 -79.37 -16.01 64.30
C VAL C 72 -78.94 -16.65 65.61
N ASP C 73 -78.71 -17.96 65.57
CA ASP C 73 -78.13 -18.70 66.70
C ASP C 73 -76.79 -19.22 66.23
N THR C 74 -75.73 -18.46 66.52
CA THR C 74 -74.40 -18.81 66.05
C THR C 74 -73.94 -20.16 66.56
N SER C 75 -74.44 -20.60 67.72
CA SER C 75 -74.00 -21.86 68.28
C SER C 75 -74.51 -23.05 67.46
N THR C 76 -75.66 -22.91 66.80
CA THR C 76 -76.22 -23.98 65.99
C THR C 76 -76.15 -23.68 64.49
N SER C 77 -75.48 -22.60 64.10
CA SER C 77 -75.33 -22.21 62.69
C SER C 77 -76.68 -22.12 62.00
N THR C 78 -77.66 -21.55 62.70
CA THR C 78 -79.03 -21.49 62.22
C THR C 78 -79.48 -20.05 62.09
N ALA C 79 -80.20 -19.76 61.01
CA ALA C 79 -80.76 -18.45 60.75
C ALA C 79 -82.28 -18.55 60.74
N TYR C 80 -82.94 -17.56 61.34
CA TYR C 80 -84.38 -17.57 61.49
C TYR C 80 -84.98 -16.32 60.84
N LEU C 81 -86.11 -16.52 60.16
CA LEU C 81 -86.93 -15.42 59.65
C LEU C 81 -88.30 -15.52 60.29
N GLU C 82 -88.72 -14.46 60.98
CA GLU C 82 -90.05 -14.37 61.56
C GLU C 82 -90.84 -13.29 60.82
N LEU C 83 -91.99 -13.69 60.28
CA LEU C 83 -92.90 -12.77 59.61
C LEU C 83 -94.21 -12.72 60.38
N SER C 84 -94.57 -11.54 60.88
CA SER C 84 -95.80 -11.35 61.63
C SER C 84 -96.78 -10.51 60.82
N SER C 85 -97.99 -10.39 61.35
CA SER C 85 -99.10 -9.68 60.68
C SER C 85 -99.37 -10.27 59.30
N LEU C 86 -99.43 -11.61 59.24
CA LEU C 86 -99.53 -12.31 57.98
C LEU C 86 -100.83 -11.98 57.26
N ARG C 87 -100.76 -11.94 55.93
CA ARG C 87 -101.90 -11.79 55.06
C ARG C 87 -101.79 -12.77 53.92
N SER C 88 -102.88 -12.93 53.16
CA SER C 88 -102.90 -13.93 52.10
C SER C 88 -101.84 -13.65 51.04
N GLU C 89 -101.44 -12.40 50.87
CA GLU C 89 -100.40 -12.05 49.90
C GLU C 89 -99.03 -12.55 50.32
N ASP C 90 -98.88 -13.04 51.55
CA ASP C 90 -97.63 -13.63 52.01
C ASP C 90 -97.51 -15.12 51.71
N THR C 91 -98.53 -15.71 51.09
CA THR C 91 -98.47 -17.12 50.71
C THR C 91 -97.42 -17.27 49.61
N ALA C 92 -96.31 -17.94 49.93
CA ALA C 92 -95.19 -18.01 49.01
C ALA C 92 -94.18 -19.02 49.56
N VAL C 93 -93.16 -19.29 48.75
CA VAL C 93 -92.03 -20.11 49.17
C VAL C 93 -90.91 -19.19 49.63
N TYR C 94 -90.34 -19.49 50.79
CA TYR C 94 -89.32 -18.65 51.41
C TYR C 94 -87.97 -19.36 51.35
N TYR C 95 -86.97 -18.66 50.84
CA TYR C 95 -85.63 -19.20 50.67
C TYR C 95 -84.64 -18.42 51.51
N CYS C 96 -83.64 -19.12 52.05
CA CYS C 96 -82.45 -18.50 52.58
C CYS C 96 -81.30 -18.77 51.63
N ALA C 97 -80.39 -17.80 51.52
CA ALA C 97 -79.23 -17.93 50.66
C ALA C 97 -78.04 -17.25 51.31
N ARG C 98 -76.85 -17.73 50.98
CA ARG C 98 -75.62 -17.18 51.52
C ARG C 98 -75.12 -16.04 50.61
N GLU C 99 -74.77 -14.92 51.23
CA GLU C 99 -74.22 -13.77 50.51
C GLU C 99 -72.71 -13.95 50.39
N GLY C 100 -72.24 -14.14 49.17
CA GLY C 100 -70.81 -14.27 48.95
C GLY C 100 -70.39 -15.72 48.81
N GLY C 101 -69.27 -15.93 48.10
CA GLY C 101 -68.83 -17.28 47.83
C GLY C 101 -69.77 -17.97 46.87
N PHE C 102 -69.64 -19.30 46.81
CA PHE C 102 -70.54 -20.09 45.98
C PHE C 102 -71.98 -19.87 46.43
N ALA C 103 -72.87 -19.68 45.45
CA ALA C 103 -74.24 -19.26 45.72
C ALA C 103 -75.06 -20.45 46.21
N TYR C 104 -74.90 -20.74 47.50
CA TYR C 104 -75.70 -21.77 48.15
C TYR C 104 -77.09 -21.24 48.47
N TRP C 105 -78.10 -22.09 48.26
CA TRP C 105 -79.49 -21.77 48.56
C TRP C 105 -80.11 -22.90 49.35
N GLY C 106 -81.05 -22.56 50.22
CA GLY C 106 -81.86 -23.56 50.88
C GLY C 106 -82.85 -24.19 49.92
N GLN C 107 -83.45 -25.29 50.36
CA GLN C 107 -84.42 -25.98 49.52
C GLN C 107 -85.77 -25.26 49.48
N GLY C 108 -86.02 -24.36 50.41
CA GLY C 108 -87.25 -23.59 50.42
C GLY C 108 -88.20 -24.04 51.52
N THR C 109 -89.05 -23.12 51.96
CA THR C 109 -90.10 -23.40 52.93
C THR C 109 -91.38 -22.79 52.42
N LEU C 110 -92.43 -23.60 52.32
CA LEU C 110 -93.72 -23.13 51.85
C LEU C 110 -94.55 -22.62 53.03
N VAL C 111 -95.01 -21.38 52.93
CA VAL C 111 -95.85 -20.76 53.95
C VAL C 111 -97.16 -20.35 53.30
N THR C 112 -98.25 -20.96 53.77
CA THR C 112 -99.59 -20.70 53.25
C THR C 112 -100.36 -19.87 54.28
N VAL C 113 -100.96 -18.78 53.82
CA VAL C 113 -101.75 -17.90 54.70
C VAL C 113 -103.15 -17.80 54.11
N SER C 114 -104.11 -18.45 54.77
CA SER C 114 -105.48 -18.46 54.31
C SER C 114 -106.41 -18.55 55.51
N SER C 115 -107.67 -18.14 55.30
CA SER C 115 -108.66 -18.23 56.35
C SER C 115 -109.25 -19.63 56.50
N ALA C 116 -109.07 -20.48 55.49
CA ALA C 116 -109.70 -21.80 55.49
C ALA C 116 -109.03 -22.72 56.51
N SER C 117 -109.71 -23.83 56.81
CA SER C 117 -109.21 -24.87 57.68
C SER C 117 -108.93 -26.13 56.87
N THR C 118 -108.17 -27.05 57.48
CA THR C 118 -107.70 -28.25 56.81
C THR C 118 -108.86 -29.14 56.38
N LYS C 119 -109.19 -29.11 55.09
CA LYS C 119 -110.35 -29.80 54.53
C LYS C 119 -109.90 -30.93 53.60
N GLY C 120 -110.77 -31.93 53.45
CA GLY C 120 -110.53 -33.05 52.58
C GLY C 120 -111.14 -32.84 51.21
N PRO C 121 -110.58 -33.50 50.20
CA PRO C 121 -111.05 -33.30 48.82
C PRO C 121 -112.27 -34.15 48.49
N SER C 122 -113.02 -33.68 47.50
CA SER C 122 -114.15 -34.40 46.94
C SER C 122 -113.78 -34.87 45.54
N VAL C 123 -113.77 -36.19 45.34
CA VAL C 123 -113.32 -36.80 44.09
C VAL C 123 -114.54 -37.14 43.25
N PHE C 124 -114.63 -36.54 42.06
CA PHE C 124 -115.72 -36.76 41.14
C PHE C 124 -115.20 -37.30 39.82
N PRO C 125 -115.91 -38.24 39.19
CA PRO C 125 -115.42 -38.81 37.93
C PRO C 125 -115.78 -37.94 36.73
N LEU C 126 -114.88 -37.94 35.75
CA LEU C 126 -115.10 -37.32 34.45
C LEU C 126 -115.27 -38.46 33.46
N ALA C 127 -116.52 -38.76 33.12
CA ALA C 127 -116.84 -39.94 32.31
C ALA C 127 -116.55 -39.67 30.83
N PRO C 128 -116.03 -40.66 30.12
CA PRO C 128 -115.79 -40.48 28.67
C PRO C 128 -117.10 -40.26 27.92
N SER C 129 -117.01 -39.47 26.85
CA SER C 129 -118.20 -39.11 26.09
C SER C 129 -118.73 -40.29 25.29
N SER C 130 -117.94 -40.76 24.32
CA SER C 130 -118.32 -41.88 23.46
C SER C 130 -119.65 -41.63 22.73
N GLY C 135 -114.87 -42.84 18.97
CA GLY C 135 -114.28 -43.06 17.66
C GLY C 135 -112.97 -43.81 17.71
N GLY C 136 -111.87 -43.08 17.87
CA GLY C 136 -110.55 -43.68 17.91
C GLY C 136 -109.87 -43.52 19.26
N THR C 137 -109.76 -42.29 19.74
CA THR C 137 -109.14 -41.99 21.03
C THR C 137 -110.08 -41.11 21.84
N ALA C 138 -110.31 -41.49 23.09
CA ALA C 138 -111.19 -40.74 24.00
C ALA C 138 -110.44 -40.42 25.29
N ALA C 139 -111.02 -39.53 26.07
CA ALA C 139 -110.39 -39.03 27.29
C ALA C 139 -111.33 -39.19 28.48
N LEU C 140 -110.74 -39.44 29.64
CA LEU C 140 -111.47 -39.53 30.90
C LEU C 140 -110.55 -39.08 32.02
N GLY C 141 -111.15 -38.80 33.18
CA GLY C 141 -110.33 -38.34 34.29
C GLY C 141 -111.13 -38.20 35.57
N CYS C 142 -110.46 -37.61 36.57
CA CYS C 142 -111.02 -37.39 37.89
C CYS C 142 -110.94 -35.91 38.25
N LEU C 143 -112.00 -35.38 38.83
CA LEU C 143 -112.05 -34.00 39.29
C LEU C 143 -111.88 -33.98 40.81
N VAL C 144 -110.72 -33.53 41.27
CA VAL C 144 -110.42 -33.41 42.69
C VAL C 144 -110.72 -31.97 43.09
N LYS C 145 -111.81 -31.77 43.84
CA LYS C 145 -112.32 -30.44 44.11
C LYS C 145 -112.42 -30.18 45.60
N ASP C 146 -112.22 -28.92 45.98
CA ASP C 146 -112.48 -28.41 47.33
C ASP C 146 -111.68 -29.12 48.40
N TYR C 147 -110.38 -28.80 48.49
CA TYR C 147 -109.54 -29.30 49.57
C TYR C 147 -108.64 -28.16 50.05
N PHE C 148 -107.96 -28.42 51.16
CA PHE C 148 -107.00 -27.48 51.74
C PHE C 148 -106.24 -28.17 52.86
N PRO C 149 -104.91 -28.00 52.92
CA PRO C 149 -104.15 -27.26 51.92
C PRO C 149 -103.56 -28.17 50.86
N GLU C 150 -102.63 -27.64 50.07
CA GLU C 150 -101.87 -28.45 49.16
C GLU C 150 -100.92 -29.37 49.94
N PRO C 151 -100.46 -30.47 49.32
CA PRO C 151 -100.72 -30.94 47.96
C PRO C 151 -101.71 -32.09 47.87
N VAL C 152 -102.00 -32.49 46.64
CA VAL C 152 -102.82 -33.67 46.34
C VAL C 152 -102.08 -34.48 45.29
N THR C 153 -101.81 -35.75 45.62
CA THR C 153 -101.17 -36.67 44.69
C THR C 153 -102.23 -37.55 44.04
N VAL C 154 -102.10 -37.76 42.73
CA VAL C 154 -103.06 -38.55 41.97
C VAL C 154 -102.28 -39.54 41.10
N SER C 155 -102.65 -40.82 41.21
CA SER C 155 -102.15 -41.87 40.33
C SER C 155 -103.34 -42.64 39.78
N TRP C 156 -103.08 -43.43 38.73
CA TRP C 156 -104.11 -44.21 38.07
C TRP C 156 -103.76 -45.69 38.16
N ASN C 157 -104.71 -46.49 38.67
CA ASN C 157 -104.54 -47.93 38.83
C ASN C 157 -103.29 -48.25 39.64
N SER C 158 -103.16 -47.57 40.78
CA SER C 158 -102.03 -47.76 41.69
C SER C 158 -100.69 -47.48 41.01
N GLY C 159 -100.69 -46.66 39.96
CA GLY C 159 -99.48 -46.31 39.26
C GLY C 159 -99.14 -47.19 38.07
N ALA C 160 -100.03 -48.10 37.67
CA ALA C 160 -99.76 -48.94 36.51
C ALA C 160 -99.96 -48.18 35.20
N LEU C 161 -100.97 -47.31 35.15
CA LEU C 161 -101.24 -46.47 33.99
C LEU C 161 -100.53 -45.14 34.17
N THR C 162 -99.52 -44.87 33.33
CA THR C 162 -98.74 -43.65 33.42
C THR C 162 -98.76 -42.82 32.14
N SER C 163 -98.64 -43.46 30.97
CA SER C 163 -98.62 -42.71 29.73
C SER C 163 -99.99 -42.13 29.42
N GLY C 164 -99.99 -40.97 28.77
CA GLY C 164 -101.22 -40.26 28.46
C GLY C 164 -101.82 -39.49 29.60
N VAL C 165 -101.32 -39.65 30.82
CA VAL C 165 -101.87 -38.97 31.99
C VAL C 165 -101.38 -37.52 32.00
N HIS C 166 -102.28 -36.60 32.37
CA HIS C 166 -101.95 -35.18 32.51
C HIS C 166 -102.65 -34.66 33.76
N THR C 167 -101.94 -34.69 34.89
CA THR C 167 -102.46 -34.11 36.14
C THR C 167 -102.09 -32.64 36.19
N PHE C 168 -103.11 -31.79 36.31
CA PHE C 168 -102.96 -30.35 36.20
C PHE C 168 -102.57 -29.71 37.53
N PRO C 169 -101.96 -28.53 37.49
CA PRO C 169 -101.73 -27.78 38.73
C PRO C 169 -103.04 -27.36 39.36
N ALA C 170 -103.03 -27.24 40.68
CA ALA C 170 -104.21 -26.79 41.40
C ALA C 170 -104.44 -25.30 41.16
N VAL C 171 -105.70 -24.88 41.33
CA VAL C 171 -106.08 -23.48 41.24
C VAL C 171 -106.77 -23.09 42.53
N LEU C 172 -106.61 -21.83 42.92
CA LEU C 172 -107.19 -21.32 44.16
C LEU C 172 -108.53 -20.68 43.84
N GLN C 173 -109.61 -21.33 44.26
CA GLN C 173 -110.96 -20.85 44.01
C GLN C 173 -111.27 -19.66 44.89
N SER C 174 -112.41 -19.01 44.61
CA SER C 174 -112.84 -17.87 45.41
C SER C 174 -113.14 -18.28 46.84
N SER C 175 -113.54 -19.54 47.05
CA SER C 175 -113.81 -20.06 48.39
C SER C 175 -112.53 -20.31 49.20
N GLY C 176 -111.36 -20.04 48.65
CA GLY C 176 -110.12 -20.31 49.33
C GLY C 176 -109.69 -21.77 49.32
N LEU C 177 -110.36 -22.60 48.53
CA LEU C 177 -110.04 -24.02 48.44
C LEU C 177 -109.47 -24.35 47.07
N TYR C 178 -108.60 -25.36 47.03
CA TYR C 178 -107.91 -25.73 45.81
C TYR C 178 -108.70 -26.78 45.03
N SER C 179 -108.64 -26.68 43.71
CA SER C 179 -109.30 -27.60 42.80
C SER C 179 -108.32 -28.05 41.73
N LEU C 180 -108.36 -29.34 41.40
CA LEU C 180 -107.39 -29.94 40.50
C LEU C 180 -108.10 -30.97 39.64
N SER C 181 -107.65 -31.09 38.39
CA SER C 181 -108.17 -32.08 37.46
C SER C 181 -107.03 -32.97 36.98
N SER C 182 -107.36 -34.23 36.68
CA SER C 182 -106.37 -35.21 36.22
C SER C 182 -107.02 -36.05 35.13
N VAL C 183 -106.46 -36.02 33.92
CA VAL C 183 -107.04 -36.67 32.76
C VAL C 183 -106.06 -37.67 32.17
N VAL C 184 -106.58 -38.54 31.32
CA VAL C 184 -105.77 -39.54 30.62
C VAL C 184 -106.49 -39.93 29.34
N THR C 185 -105.73 -40.17 28.28
CA THR C 185 -106.26 -40.56 26.99
C THR C 185 -106.04 -42.06 26.78
N VAL C 186 -107.09 -42.74 26.32
CA VAL C 186 -107.07 -44.19 26.12
C VAL C 186 -107.82 -44.52 24.84
N PRO C 187 -107.54 -45.69 24.25
CA PRO C 187 -108.30 -46.10 23.06
C PRO C 187 -109.77 -46.31 23.38
N SER C 188 -110.63 -45.95 22.42
CA SER C 188 -112.07 -46.10 22.61
C SER C 188 -112.46 -47.57 22.73
N SER C 189 -111.69 -48.47 22.11
CA SER C 189 -112.03 -49.88 22.15
C SER C 189 -111.84 -50.50 23.53
N SER C 190 -111.06 -49.87 24.40
CA SER C 190 -110.80 -50.40 25.74
C SER C 190 -111.85 -49.97 26.76
N LEU C 191 -112.88 -49.24 26.35
CA LEU C 191 -113.95 -48.85 27.25
C LEU C 191 -114.88 -50.05 27.48
N GLY C 192 -115.02 -50.44 28.74
CA GLY C 192 -115.74 -51.64 29.12
C GLY C 192 -114.84 -52.82 29.39
N THR C 193 -113.67 -52.88 28.75
CA THR C 193 -112.71 -53.94 28.98
C THR C 193 -111.73 -53.60 30.10
N GLN C 194 -111.24 -52.36 30.12
CA GLN C 194 -110.26 -51.92 31.10
C GLN C 194 -110.93 -51.17 32.24
N THR C 195 -110.40 -51.35 33.45
CA THR C 195 -110.85 -50.63 34.63
C THR C 195 -109.91 -49.46 34.88
N TYR C 196 -110.49 -48.27 35.10
CA TYR C 196 -109.73 -47.04 35.30
C TYR C 196 -110.11 -46.44 36.65
N ILE C 197 -109.17 -46.45 37.59
CA ILE C 197 -109.40 -45.95 38.94
C ILE C 197 -108.27 -45.00 39.30
N CYS C 198 -108.63 -43.79 39.73
CA CYS C 198 -107.65 -42.79 40.15
C CYS C 198 -107.49 -42.83 41.66
N ASN C 199 -106.25 -42.78 42.11
CA ASN C 199 -105.91 -42.91 43.53
C ASN C 199 -105.52 -41.53 44.05
N VAL C 200 -106.49 -40.81 44.59
CA VAL C 200 -106.25 -39.50 45.18
C VAL C 200 -105.79 -39.67 46.62
N ASN C 201 -104.81 -38.86 47.02
CA ASN C 201 -104.26 -38.93 48.37
C ASN C 201 -104.02 -37.51 48.87
N HIS C 202 -104.59 -37.19 50.04
CA HIS C 202 -104.41 -35.90 50.68
C HIS C 202 -103.87 -36.17 52.09
N LYS C 203 -102.55 -36.14 52.22
CA LYS C 203 -101.93 -36.40 53.51
C LYS C 203 -102.35 -35.43 54.62
N PRO C 204 -102.56 -34.13 54.38
CA PRO C 204 -102.97 -33.25 55.48
C PRO C 204 -104.24 -33.70 56.19
N SER C 205 -105.21 -34.25 55.45
CA SER C 205 -106.46 -34.73 56.04
C SER C 205 -106.49 -36.24 56.18
N ASN C 206 -105.38 -36.93 55.90
CA ASN C 206 -105.29 -38.39 55.99
C ASN C 206 -106.39 -39.05 55.16
N THR C 207 -106.63 -38.53 53.97
CA THR C 207 -107.68 -39.02 53.09
C THR C 207 -107.08 -39.83 51.96
N LYS C 208 -107.66 -41.00 51.69
CA LYS C 208 -107.27 -41.83 50.54
C LYS C 208 -108.54 -42.32 49.87
N VAL C 209 -108.80 -41.83 48.66
CA VAL C 209 -110.03 -42.14 47.93
C VAL C 209 -109.66 -42.81 46.62
N ASP C 210 -110.32 -43.92 46.31
CA ASP C 210 -110.20 -44.61 45.03
C ASP C 210 -111.53 -44.48 44.31
N LYS C 211 -111.54 -43.76 43.20
CA LYS C 211 -112.75 -43.52 42.42
C LYS C 211 -112.67 -44.27 41.10
N LYS C 212 -113.73 -45.02 40.78
CA LYS C 212 -113.81 -45.79 39.55
C LYS C 212 -114.50 -44.94 38.48
N VAL C 213 -113.87 -44.85 37.32
CA VAL C 213 -114.35 -43.99 36.23
C VAL C 213 -114.85 -44.89 35.10
N GLU C 214 -116.15 -44.85 34.88
CA GLU C 214 -116.82 -45.64 33.86
C GLU C 214 -117.62 -44.73 32.93
N PRO C 215 -117.94 -45.19 31.72
CA PRO C 215 -118.94 -44.48 30.92
C PRO C 215 -120.33 -44.69 31.51
N LYS C 216 -121.11 -43.61 31.56
CA LYS C 216 -122.42 -43.66 32.21
C LYS C 216 -123.46 -44.26 31.28
N SER C 217 -124.52 -44.80 31.89
CA SER C 217 -125.61 -45.40 31.14
C SER C 217 -126.95 -44.74 31.52
N ILE D 1 -14.08 -47.89 -50.27
CA ILE D 1 -14.04 -48.98 -51.23
C ILE D 1 -13.23 -50.14 -50.67
N LEU D 2 -13.92 -51.23 -50.35
CA LEU D 2 -13.28 -52.41 -49.80
C LEU D 2 -12.91 -53.37 -50.92
N GLY D 3 -11.70 -53.92 -50.86
CA GLY D 3 -11.26 -54.92 -51.80
C GLY D 3 -10.79 -54.40 -53.13
N GLY D 4 -10.55 -53.09 -53.26
CA GLY D 4 -10.07 -52.49 -54.47
C GLY D 4 -8.64 -52.02 -54.36
N ARG D 5 -8.26 -51.10 -55.23
CA ARG D 5 -6.94 -50.50 -55.23
C ARG D 5 -7.08 -49.04 -55.66
N GLU D 6 -5.98 -48.30 -55.58
CA GLU D 6 -6.01 -46.90 -55.96
C GLU D 6 -6.31 -46.75 -57.44
N ALA D 7 -7.18 -45.81 -57.76
CA ALA D 7 -7.55 -45.57 -59.15
C ALA D 7 -6.49 -44.75 -59.87
N GLU D 8 -6.53 -44.79 -61.19
CA GLU D 8 -5.68 -43.92 -61.99
C GLU D 8 -6.14 -42.47 -61.81
N ALA D 9 -5.20 -41.60 -61.46
CA ALA D 9 -5.55 -40.23 -61.10
C ALA D 9 -6.28 -39.54 -62.24
N HIS D 10 -7.46 -39.00 -61.94
CA HIS D 10 -8.23 -38.20 -62.87
C HIS D 10 -8.75 -39.03 -64.05
N ALA D 11 -8.71 -40.36 -63.94
CA ALA D 11 -9.30 -41.21 -64.98
C ALA D 11 -10.82 -41.20 -64.95
N ARG D 12 -11.41 -40.81 -63.83
CA ARG D 12 -12.85 -40.65 -63.69
C ARG D 12 -13.14 -39.19 -63.41
N PRO D 13 -13.23 -38.34 -64.44
CA PRO D 13 -13.36 -36.90 -64.24
C PRO D 13 -14.72 -36.46 -63.72
N TYR D 14 -15.64 -37.39 -63.52
CA TYR D 14 -16.93 -37.09 -62.92
C TYR D 14 -16.93 -37.23 -61.41
N MET D 15 -15.88 -37.83 -60.85
CA MET D 15 -15.85 -38.14 -59.43
C MET D 15 -15.77 -36.87 -58.59
N ALA D 16 -16.66 -36.76 -57.62
CA ALA D 16 -16.74 -35.59 -56.75
C ALA D 16 -16.59 -36.01 -55.29
N SER D 17 -16.12 -35.08 -54.47
CA SER D 17 -16.03 -35.27 -53.03
C SER D 17 -16.91 -34.21 -52.36
N VAL D 18 -18.03 -34.65 -51.77
CA VAL D 18 -18.90 -33.75 -51.03
C VAL D 18 -18.30 -33.53 -49.65
N GLN D 19 -17.96 -32.29 -49.34
CA GLN D 19 -17.22 -31.96 -48.13
C GLN D 19 -18.14 -31.28 -47.13
N LEU D 20 -17.97 -31.64 -45.85
CA LEU D 20 -18.67 -31.00 -44.75
C LEU D 20 -17.64 -30.43 -43.79
N ASN D 21 -17.62 -29.11 -43.68
CA ASN D 21 -16.67 -28.39 -42.81
C ASN D 21 -15.23 -28.74 -43.15
N GLY D 22 -14.92 -28.80 -44.45
CA GLY D 22 -13.57 -29.04 -44.90
C GLY D 22 -13.10 -30.47 -44.77
N ALA D 23 -14.01 -31.41 -44.57
CA ALA D 23 -13.65 -32.83 -44.49
C ALA D 23 -14.52 -33.61 -45.47
N HIS D 24 -13.94 -34.67 -46.03
CA HIS D 24 -14.70 -35.51 -46.94
C HIS D 24 -15.86 -36.17 -46.20
N LEU D 25 -17.06 -36.06 -46.77
CA LEU D 25 -18.26 -36.61 -46.16
C LEU D 25 -18.83 -37.74 -47.01
N CYS D 26 -19.13 -37.48 -48.27
CA CYS D 26 -19.72 -38.46 -49.17
C CYS D 26 -19.10 -38.29 -50.55
N GLY D 27 -19.20 -39.34 -51.34
CA GLY D 27 -18.89 -39.23 -52.74
C GLY D 27 -19.99 -38.52 -53.51
N GLY D 28 -19.64 -38.08 -54.72
CA GLY D 28 -20.60 -37.44 -55.59
C GLY D 28 -20.19 -37.67 -57.03
N VAL D 29 -21.12 -37.35 -57.93
CA VAL D 29 -20.88 -37.48 -59.36
C VAL D 29 -21.39 -36.21 -60.04
N LEU D 30 -20.55 -35.60 -60.86
CA LEU D 30 -20.94 -34.43 -61.64
C LEU D 30 -21.86 -34.86 -62.78
N VAL D 31 -23.12 -34.44 -62.73
CA VAL D 31 -24.10 -34.80 -63.75
C VAL D 31 -24.43 -33.62 -64.66
N ALA D 32 -23.87 -32.45 -64.40
CA ALA D 32 -24.11 -31.27 -65.22
C ALA D 32 -23.01 -30.27 -64.91
N GLU D 33 -22.98 -29.19 -65.69
CA GLU D 33 -21.94 -28.17 -65.50
C GLU D 33 -22.00 -27.57 -64.11
N GLN D 34 -23.18 -27.53 -63.49
CA GLN D 34 -23.37 -26.84 -62.23
C GLN D 34 -24.12 -27.70 -61.20
N TRP D 35 -24.17 -29.01 -61.42
CA TRP D 35 -24.94 -29.89 -60.53
C TRP D 35 -24.16 -31.17 -60.26
N VAL D 36 -24.12 -31.58 -58.99
CA VAL D 36 -23.50 -32.82 -58.55
C VAL D 36 -24.55 -33.67 -57.87
N LEU D 37 -24.64 -34.94 -58.28
CA LEU D 37 -25.60 -35.87 -57.70
C LEU D 37 -24.94 -36.66 -56.58
N SER D 38 -25.68 -36.87 -55.50
CA SER D 38 -25.15 -37.55 -54.32
C SER D 38 -26.31 -38.16 -53.54
N ALA D 39 -26.02 -38.65 -52.34
CA ALA D 39 -27.00 -39.33 -51.51
C ALA D 39 -27.63 -38.35 -50.52
N ALA D 40 -28.94 -38.50 -50.31
CA ALA D 40 -29.66 -37.56 -49.45
C ALA D 40 -29.34 -37.77 -47.97
N HIS D 41 -29.00 -39.00 -47.56
CA HIS D 41 -28.73 -39.26 -46.16
C HIS D 41 -27.41 -38.63 -45.71
N CYS D 42 -26.59 -38.15 -46.63
CA CYS D 42 -25.33 -37.52 -46.25
C CYS D 42 -25.56 -36.21 -45.49
N LEU D 43 -26.70 -35.56 -45.71
CA LEU D 43 -26.97 -34.25 -45.14
C LEU D 43 -28.04 -34.28 -44.06
N GLU D 44 -28.41 -35.46 -43.55
CA GLU D 44 -29.39 -35.54 -42.49
C GLU D 44 -28.85 -34.95 -41.19
N ASP D 45 -27.65 -35.38 -40.79
CA ASP D 45 -27.02 -34.92 -39.56
C ASP D 45 -26.11 -33.72 -39.77
N ALA D 46 -26.05 -33.18 -40.99
CA ALA D 46 -25.04 -32.17 -41.31
C ALA D 46 -25.31 -30.85 -40.57
N ALA D 47 -26.56 -30.57 -40.25
CA ALA D 47 -26.96 -29.35 -39.51
C ALA D 47 -26.45 -28.14 -40.30
N ASP D 48 -25.85 -27.14 -39.62
CA ASP D 48 -25.38 -25.92 -40.24
C ASP D 48 -23.96 -26.03 -40.78
N GLY D 49 -23.47 -27.25 -40.96
CA GLY D 49 -22.13 -27.42 -41.49
C GLY D 49 -22.02 -26.88 -42.91
N LYS D 50 -20.80 -26.41 -43.24
CA LYS D 50 -20.54 -25.84 -44.56
C LYS D 50 -20.41 -26.96 -45.58
N VAL D 51 -21.31 -26.99 -46.56
CA VAL D 51 -21.31 -28.01 -47.60
C VAL D 51 -20.57 -27.47 -48.82
N GLN D 52 -19.57 -28.22 -49.27
CA GLN D 52 -18.77 -27.86 -50.43
C GLN D 52 -18.53 -29.12 -51.26
N VAL D 53 -18.16 -28.92 -52.53
CA VAL D 53 -17.88 -30.01 -53.45
C VAL D 53 -16.48 -29.81 -54.04
N LEU D 54 -15.66 -30.85 -53.97
CA LEU D 54 -14.30 -30.81 -54.49
C LEU D 54 -14.26 -31.59 -55.80
N LEU D 55 -13.98 -30.89 -56.90
CA LEU D 55 -13.93 -31.48 -58.22
C LEU D 55 -12.50 -31.59 -58.69
N GLY D 56 -12.30 -32.47 -59.68
CA GLY D 56 -10.98 -32.66 -60.26
C GLY D 56 -9.94 -33.13 -59.27
N ALA D 57 -10.32 -33.93 -58.30
CA ALA D 57 -9.40 -34.36 -57.25
C ALA D 57 -9.10 -35.84 -57.36
N HIS D 58 -7.87 -36.19 -56.99
CA HIS D 58 -7.47 -37.58 -56.77
C HIS D 58 -7.04 -37.78 -55.32
N SER D 59 -6.07 -36.99 -54.85
CA SER D 59 -5.74 -36.95 -53.43
C SER D 59 -6.53 -35.84 -52.76
N LEU D 60 -7.12 -36.14 -51.61
CA LEU D 60 -7.87 -35.12 -50.88
C LEU D 60 -6.96 -34.04 -50.30
N SER D 61 -5.70 -34.37 -50.03
CA SER D 61 -4.78 -33.47 -49.34
C SER D 61 -3.68 -32.90 -50.22
N GLN D 62 -3.09 -33.71 -51.10
CA GLN D 62 -1.98 -33.24 -51.92
C GLN D 62 -2.45 -32.17 -52.91
N PRO D 63 -1.57 -31.26 -53.30
CA PRO D 63 -1.96 -30.23 -54.28
C PRO D 63 -2.00 -30.81 -55.69
N GLU D 64 -3.02 -30.39 -56.45
CA GLU D 64 -3.21 -30.85 -57.81
C GLU D 64 -3.79 -29.71 -58.63
N PRO D 65 -3.29 -29.51 -59.86
CA PRO D 65 -3.73 -28.33 -60.63
C PRO D 65 -5.20 -28.34 -60.99
N SER D 66 -5.81 -29.53 -61.12
CA SER D 66 -7.21 -29.61 -61.50
C SER D 66 -8.16 -29.50 -60.32
N LYS D 67 -7.67 -29.69 -59.09
CA LYS D 67 -8.52 -29.62 -57.92
C LYS D 67 -9.12 -28.22 -57.77
N ARG D 68 -10.42 -28.18 -57.53
CA ARG D 68 -11.09 -26.93 -57.21
C ARG D 68 -12.24 -27.21 -56.26
N LEU D 69 -12.36 -26.37 -55.23
CA LEU D 69 -13.36 -26.52 -54.18
C LEU D 69 -14.47 -25.50 -54.42
N TYR D 70 -15.66 -25.99 -54.75
CA TYR D 70 -16.80 -25.14 -55.07
C TYR D 70 -17.73 -25.02 -53.86
N ASP D 71 -18.23 -23.82 -53.62
CA ASP D 71 -19.29 -23.65 -52.65
C ASP D 71 -20.62 -24.12 -53.23
N VAL D 72 -21.54 -24.48 -52.35
CA VAL D 72 -22.84 -25.00 -52.75
C VAL D 72 -23.88 -23.90 -52.56
N LEU D 73 -24.51 -23.51 -53.66
CA LEU D 73 -25.51 -22.45 -53.66
C LEU D 73 -26.88 -22.95 -53.20
N ARG D 74 -27.14 -24.24 -53.36
CA ARG D 74 -28.50 -24.76 -53.25
C ARG D 74 -28.46 -26.28 -53.17
N ALA D 75 -29.05 -26.85 -52.12
CA ALA D 75 -29.06 -28.30 -51.91
C ALA D 75 -30.49 -28.81 -52.01
N VAL D 76 -30.71 -29.78 -52.87
CA VAL D 76 -32.05 -30.30 -53.14
C VAL D 76 -32.09 -31.81 -52.87
N PRO D 77 -32.41 -32.24 -51.65
CA PRO D 77 -32.69 -33.65 -51.43
C PRO D 77 -34.00 -34.02 -52.07
N HIS D 78 -34.13 -35.29 -52.45
CA HIS D 78 -35.39 -35.77 -52.99
C HIS D 78 -36.49 -35.55 -51.95
N PRO D 79 -37.63 -34.97 -52.33
CA PRO D 79 -38.61 -34.56 -51.32
C PRO D 79 -39.21 -35.70 -50.53
N ASP D 80 -39.11 -36.95 -51.00
CA ASP D 80 -39.70 -38.09 -50.32
C ASP D 80 -38.68 -38.91 -49.54
N SER D 81 -37.44 -38.45 -49.44
CA SER D 81 -36.45 -39.13 -48.61
C SER D 81 -36.66 -38.76 -47.15
N GLN D 82 -36.27 -39.67 -46.27
CA GLN D 82 -36.38 -39.47 -44.83
C GLN D 82 -35.36 -40.37 -44.14
N PRO D 83 -34.99 -40.07 -42.90
CA PRO D 83 -33.94 -40.87 -42.24
C PRO D 83 -34.35 -42.31 -41.98
N ASP D 84 -35.65 -42.61 -41.89
CA ASP D 84 -36.10 -43.94 -41.53
C ASP D 84 -35.96 -44.95 -42.66
N THR D 85 -35.85 -44.50 -43.91
CA THR D 85 -35.84 -45.39 -45.06
C THR D 85 -34.56 -45.19 -45.88
N ILE D 86 -34.33 -46.11 -46.81
CA ILE D 86 -33.31 -45.96 -47.83
C ILE D 86 -33.92 -45.59 -49.18
N ASP D 87 -35.20 -45.25 -49.20
CA ASP D 87 -35.88 -44.92 -50.45
C ASP D 87 -35.62 -43.49 -50.84
N HIS D 88 -35.50 -43.25 -52.16
CA HIS D 88 -35.37 -41.91 -52.72
C HIS D 88 -34.15 -41.19 -52.18
N ASP D 89 -33.08 -41.95 -51.92
CA ASP D 89 -31.88 -41.43 -51.26
C ASP D 89 -30.95 -40.72 -52.26
N LEU D 90 -31.50 -39.68 -52.89
CA LEU D 90 -30.76 -38.90 -53.88
C LEU D 90 -30.71 -37.44 -53.46
N LEU D 91 -29.59 -36.79 -53.75
CA LEU D 91 -29.36 -35.40 -53.40
C LEU D 91 -28.74 -34.69 -54.59
N LEU D 92 -29.24 -33.50 -54.90
CA LEU D 92 -28.73 -32.69 -56.00
C LEU D 92 -28.19 -31.38 -55.45
N LEU D 93 -26.92 -31.10 -55.72
CA LEU D 93 -26.24 -29.91 -55.24
C LEU D 93 -25.92 -29.00 -56.41
N GLN D 94 -26.33 -27.73 -56.31
CA GLN D 94 -26.03 -26.72 -57.32
C GLN D 94 -24.78 -25.96 -56.91
N LEU D 95 -23.74 -26.01 -57.74
CA LEU D 95 -22.49 -25.35 -57.42
C LEU D 95 -22.63 -23.83 -57.51
N SER D 96 -21.71 -23.14 -56.81
CA SER D 96 -21.74 -21.68 -56.78
C SER D 96 -21.56 -21.08 -58.18
N GLU D 97 -20.83 -21.77 -59.05
CA GLU D 97 -20.68 -21.37 -60.44
C GLU D 97 -20.47 -22.61 -61.26
N LYS D 98 -20.54 -22.46 -62.58
CA LYS D 98 -20.33 -23.60 -63.47
C LYS D 98 -18.91 -24.16 -63.29
N ALA D 99 -18.82 -25.48 -63.28
CA ALA D 99 -17.53 -26.13 -63.10
C ALA D 99 -16.63 -25.88 -64.31
N THR D 100 -15.35 -25.64 -64.04
CA THR D 100 -14.36 -25.43 -65.10
C THR D 100 -14.03 -26.77 -65.70
N LEU D 101 -14.62 -27.07 -66.86
CA LEU D 101 -14.46 -28.37 -67.48
C LEU D 101 -13.07 -28.52 -68.08
N GLY D 102 -12.58 -29.76 -68.04
CA GLY D 102 -11.29 -30.10 -68.59
C GLY D 102 -11.08 -31.60 -68.62
N PRO D 103 -9.85 -32.05 -68.89
CA PRO D 103 -9.59 -33.49 -68.91
C PRO D 103 -9.70 -34.17 -67.55
N ALA D 104 -9.79 -33.43 -66.45
CA ALA D 104 -9.98 -34.01 -65.14
C ALA D 104 -11.30 -33.64 -64.49
N VAL D 105 -12.11 -32.82 -65.14
CA VAL D 105 -13.43 -32.45 -64.64
C VAL D 105 -14.40 -32.54 -65.82
N ARG D 106 -15.31 -33.50 -65.76
CA ARG D 106 -16.23 -33.70 -66.87
C ARG D 106 -17.48 -34.42 -66.38
N PRO D 107 -18.67 -33.98 -66.78
CA PRO D 107 -19.89 -34.63 -66.32
C PRO D 107 -20.03 -36.03 -66.93
N LEU D 108 -20.64 -36.93 -66.15
CA LEU D 108 -20.91 -38.29 -66.57
C LEU D 108 -22.38 -38.43 -66.95
N PRO D 109 -22.69 -38.92 -68.14
CA PRO D 109 -24.10 -39.17 -68.50
C PRO D 109 -24.68 -40.27 -67.63
N TRP D 110 -25.91 -40.04 -67.16
CA TRP D 110 -26.60 -40.99 -66.29
C TRP D 110 -27.67 -41.74 -67.06
N GLN D 111 -27.89 -42.99 -66.66
CA GLN D 111 -28.79 -43.88 -67.39
C GLN D 111 -30.22 -43.35 -67.33
N ARG D 112 -30.79 -43.12 -68.51
CA ARG D 112 -32.15 -42.61 -68.62
C ARG D 112 -33.17 -43.70 -68.89
N VAL D 113 -32.74 -44.89 -69.31
CA VAL D 113 -33.63 -45.99 -69.63
C VAL D 113 -33.83 -46.86 -68.40
N ASP D 114 -35.09 -47.13 -68.07
CA ASP D 114 -35.44 -47.83 -66.83
C ASP D 114 -35.42 -49.34 -67.04
N ARG D 115 -34.22 -49.88 -67.24
CA ARG D 115 -34.00 -51.31 -67.35
C ARG D 115 -33.05 -51.77 -66.25
N ASP D 116 -33.33 -52.95 -65.71
CA ASP D 116 -32.41 -53.54 -64.74
C ASP D 116 -31.16 -54.05 -65.43
N VAL D 117 -30.01 -53.79 -64.80
CA VAL D 117 -28.76 -54.38 -65.27
C VAL D 117 -28.81 -55.89 -65.04
N ALA D 118 -28.32 -56.65 -66.01
CA ALA D 118 -28.33 -58.10 -65.89
C ALA D 118 -27.49 -58.53 -64.68
N PRO D 119 -27.96 -59.52 -63.92
CA PRO D 119 -27.17 -59.98 -62.76
C PRO D 119 -25.82 -60.51 -63.19
N GLY D 120 -24.85 -60.37 -62.29
CA GLY D 120 -23.47 -60.77 -62.57
C GLY D 120 -22.65 -59.75 -63.33
N THR D 121 -23.27 -58.78 -63.97
CA THR D 121 -22.55 -57.74 -64.69
C THR D 121 -21.60 -57.01 -63.75
N LEU D 122 -20.35 -56.81 -64.19
CA LEU D 122 -19.38 -56.07 -63.41
C LEU D 122 -19.56 -54.57 -63.63
N CYS D 123 -19.69 -53.83 -62.54
CA CYS D 123 -19.77 -52.37 -62.58
C CYS D 123 -18.68 -51.79 -61.69
N ASP D 124 -18.31 -50.55 -62.00
CA ASP D 124 -17.18 -49.87 -61.37
C ASP D 124 -17.71 -48.82 -60.39
N VAL D 125 -17.25 -48.91 -59.13
CA VAL D 125 -17.62 -47.96 -58.10
C VAL D 125 -16.35 -47.42 -57.44
N ALA D 126 -16.34 -46.12 -57.16
CA ALA D 126 -15.16 -45.45 -56.61
C ALA D 126 -15.57 -44.58 -55.43
N GLY D 127 -14.60 -44.24 -54.59
CA GLY D 127 -14.87 -43.40 -53.45
C GLY D 127 -13.66 -43.28 -52.55
N TRP D 128 -13.76 -42.33 -51.62
CA TRP D 128 -12.72 -42.09 -50.62
C TRP D 128 -13.09 -42.67 -49.26
N GLY D 129 -13.94 -43.70 -49.23
CA GLY D 129 -14.40 -44.26 -47.98
C GLY D 129 -13.55 -45.42 -47.51
N ILE D 130 -13.99 -46.00 -46.38
CA ILE D 130 -13.35 -47.13 -45.70
C ILE D 130 -12.74 -48.13 -46.68
N VAL D 131 -11.50 -48.54 -46.44
CA VAL D 131 -10.81 -49.51 -47.28
C VAL D 131 -10.43 -50.78 -46.53
N ASN D 132 -10.69 -50.86 -45.23
CA ASN D 132 -10.40 -52.07 -44.48
C ASN D 132 -11.37 -52.16 -43.30
N HIS D 133 -11.49 -53.37 -42.74
CA HIS D 133 -12.46 -53.60 -41.68
C HIS D 133 -12.18 -52.76 -40.45
N ALA D 134 -10.97 -52.20 -40.32
CA ALA D 134 -10.65 -51.37 -39.17
C ALA D 134 -11.38 -50.04 -39.20
N GLY D 135 -11.93 -49.65 -40.35
CA GLY D 135 -12.72 -48.42 -40.45
C GLY D 135 -11.95 -47.17 -40.78
N ARG D 136 -10.74 -47.30 -41.33
CA ARG D 136 -9.91 -46.15 -41.65
C ARG D 136 -10.05 -45.77 -43.12
N ARG D 137 -9.70 -44.50 -43.43
CA ARG D 137 -10.03 -43.93 -44.72
C ARG D 137 -8.77 -43.62 -45.54
N PRO D 138 -8.87 -43.66 -46.88
CA PRO D 138 -7.70 -43.39 -47.72
C PRO D 138 -7.65 -41.94 -48.17
N ASP D 139 -6.45 -41.47 -48.50
CA ASP D 139 -6.28 -40.12 -49.01
C ASP D 139 -6.62 -40.03 -50.49
N SER D 140 -6.18 -41.01 -51.27
CA SER D 140 -6.37 -41.02 -52.71
C SER D 140 -7.53 -41.93 -53.10
N LEU D 141 -8.16 -41.59 -54.23
CA LEU D 141 -9.37 -42.27 -54.66
C LEU D 141 -9.12 -43.76 -54.90
N GLN D 142 -10.03 -44.60 -54.39
CA GLN D 142 -10.00 -46.03 -54.60
C GLN D 142 -11.15 -46.44 -55.51
N HIS D 143 -11.04 -47.63 -56.10
CA HIS D 143 -12.10 -48.17 -56.93
C HIS D 143 -12.07 -49.69 -56.90
N VAL D 144 -13.20 -50.29 -57.26
CA VAL D 144 -13.34 -51.75 -57.31
C VAL D 144 -14.44 -52.10 -58.30
N LEU D 145 -14.36 -53.31 -58.84
CA LEU D 145 -15.37 -53.85 -59.73
C LEU D 145 -16.29 -54.78 -58.95
N LEU D 146 -17.60 -54.53 -59.04
CA LEU D 146 -18.58 -55.30 -58.30
C LEU D 146 -19.59 -55.95 -59.23
N PRO D 147 -19.90 -57.24 -59.04
CA PRO D 147 -20.95 -57.88 -59.84
C PRO D 147 -22.33 -57.55 -59.29
N VAL D 148 -23.24 -57.19 -60.20
CA VAL D 148 -24.61 -56.87 -59.80
C VAL D 148 -25.31 -58.12 -59.26
N LEU D 149 -26.09 -57.94 -58.21
CA LEU D 149 -26.90 -59.01 -57.62
C LEU D 149 -28.37 -58.75 -57.93
N ASP D 150 -29.09 -59.82 -58.26
CA ASP D 150 -30.49 -59.65 -58.63
C ASP D 150 -31.34 -59.28 -57.41
N ARG D 151 -32.49 -58.67 -57.69
CA ARG D 151 -33.30 -58.08 -56.63
C ARG D 151 -33.98 -59.15 -55.78
N ALA D 152 -34.41 -60.26 -56.39
CA ALA D 152 -35.07 -61.31 -55.62
C ALA D 152 -34.12 -61.94 -54.62
N THR D 153 -32.91 -62.29 -55.06
CA THR D 153 -31.91 -62.81 -54.13
C THR D 153 -31.61 -61.80 -53.03
N CYS D 154 -31.47 -60.54 -53.40
CA CYS D 154 -31.17 -59.50 -52.42
C CYS D 154 -32.30 -59.32 -51.42
N ASN D 155 -33.54 -59.61 -51.82
CA ASN D 155 -34.70 -59.43 -50.95
C ASN D 155 -34.94 -60.61 -50.02
N ARG D 156 -34.09 -61.64 -50.04
CA ARG D 156 -34.26 -62.78 -49.16
C ARG D 156 -34.14 -62.36 -47.70
N ARG D 157 -34.69 -63.19 -46.81
CA ARG D 157 -34.65 -62.88 -45.37
C ARG D 157 -33.23 -62.87 -44.83
N THR D 158 -32.33 -63.64 -45.45
CA THR D 158 -30.93 -63.60 -45.02
C THR D 158 -30.28 -62.27 -45.39
N HIS D 159 -30.73 -61.64 -46.47
CA HIS D 159 -30.08 -60.44 -46.96
C HIS D 159 -30.83 -59.19 -46.49
N HIS D 160 -31.55 -58.51 -47.39
CA HIS D 160 -32.20 -57.26 -47.06
C HIS D 160 -33.71 -57.38 -46.90
N ASP D 161 -34.27 -58.59 -46.99
CA ASP D 161 -35.61 -58.89 -46.47
C ASP D 161 -36.69 -57.98 -47.07
N GLY D 162 -36.75 -57.96 -48.40
CA GLY D 162 -37.78 -57.20 -49.08
C GLY D 162 -37.63 -55.70 -49.04
N ALA D 163 -36.48 -55.18 -48.62
CA ALA D 163 -36.29 -53.74 -48.57
C ALA D 163 -35.83 -53.15 -49.91
N ILE D 164 -35.54 -54.00 -50.90
CA ILE D 164 -35.02 -53.55 -52.18
C ILE D 164 -36.20 -53.38 -53.14
N THR D 165 -36.58 -52.13 -53.39
CA THR D 165 -37.69 -51.83 -54.28
C THR D 165 -37.22 -51.82 -55.73
N GLU D 166 -38.16 -51.59 -56.65
CA GLU D 166 -37.83 -51.53 -58.07
C GLU D 166 -36.89 -50.37 -58.39
N ARG D 167 -36.82 -49.37 -57.52
CA ARG D 167 -35.98 -48.21 -57.72
C ARG D 167 -34.60 -48.37 -57.06
N LEU D 168 -34.26 -49.59 -56.64
CA LEU D 168 -32.96 -49.89 -56.05
C LEU D 168 -32.37 -51.10 -56.74
N MET D 169 -31.06 -51.29 -56.53
CA MET D 169 -30.35 -52.44 -57.08
C MET D 169 -29.22 -52.81 -56.14
N CYS D 170 -28.77 -54.06 -56.25
CA CYS D 170 -27.78 -54.61 -55.34
C CYS D 170 -26.53 -55.06 -56.09
N ALA D 171 -25.44 -55.16 -55.34
CA ALA D 171 -24.20 -55.76 -55.81
C ALA D 171 -23.62 -56.61 -54.69
N GLU D 172 -22.89 -57.66 -55.07
CA GLU D 172 -22.27 -58.55 -54.10
C GLU D 172 -21.34 -57.77 -53.18
N SER D 173 -21.13 -58.30 -51.99
CA SER D 173 -20.30 -57.64 -50.98
C SER D 173 -19.27 -58.58 -50.36
N ASN D 174 -18.92 -59.66 -51.07
CA ASN D 174 -17.96 -60.64 -50.54
C ASN D 174 -16.55 -60.11 -50.76
N ARG D 175 -15.97 -59.53 -49.71
CA ARG D 175 -14.60 -59.01 -49.69
C ARG D 175 -14.43 -57.79 -50.60
N ARG D 176 -15.32 -57.60 -51.56
CA ARG D 176 -15.35 -56.41 -52.40
C ARG D 176 -16.68 -55.70 -52.18
N ASP D 177 -16.63 -54.40 -51.89
CA ASP D 177 -17.83 -53.69 -51.50
C ASP D 177 -17.59 -52.18 -51.54
N SER D 178 -18.69 -51.45 -51.43
CA SER D 178 -18.67 -50.02 -51.14
C SER D 178 -19.02 -49.81 -49.68
N CYS D 179 -18.41 -48.80 -49.05
CA CYS D 179 -18.47 -48.66 -47.60
C CYS D 179 -18.92 -47.26 -47.22
N LYS D 180 -18.95 -47.00 -45.91
CA LYS D 180 -19.22 -45.67 -45.40
C LYS D 180 -18.21 -44.68 -45.97
N GLY D 181 -18.70 -43.54 -46.43
CA GLY D 181 -17.87 -42.58 -47.12
C GLY D 181 -17.88 -42.72 -48.62
N ASP D 182 -18.31 -43.86 -49.14
CA ASP D 182 -18.56 -44.04 -50.57
C ASP D 182 -19.98 -43.67 -50.96
N SER D 183 -20.85 -43.39 -49.99
CA SER D 183 -22.23 -43.02 -50.29
C SER D 183 -22.26 -41.81 -51.20
N GLY D 184 -23.26 -41.78 -52.08
CA GLY D 184 -23.37 -40.73 -53.07
C GLY D 184 -22.43 -40.86 -54.25
N GLY D 185 -21.53 -41.84 -54.24
CA GLY D 185 -20.63 -42.06 -55.35
C GLY D 185 -21.28 -42.85 -56.45
N PRO D 186 -20.56 -42.95 -57.57
CA PRO D 186 -21.15 -43.57 -58.78
C PRO D 186 -20.94 -45.08 -58.85
N LEU D 187 -21.99 -45.76 -59.27
CA LEU D 187 -21.91 -47.15 -59.74
C LEU D 187 -22.07 -47.11 -61.26
N VAL D 188 -20.97 -47.32 -61.97
CA VAL D 188 -20.92 -47.16 -63.41
C VAL D 188 -20.97 -48.53 -64.06
N CYS D 189 -22.01 -48.76 -64.88
CA CYS D 189 -22.15 -49.97 -65.67
C CYS D 189 -22.15 -49.58 -67.15
N GLY D 190 -21.15 -50.06 -67.87
CA GLY D 190 -21.03 -49.75 -69.29
C GLY D 190 -20.75 -48.28 -69.57
N GLY D 191 -19.84 -47.69 -68.80
CA GLY D 191 -19.48 -46.30 -68.96
C GLY D 191 -20.59 -45.32 -68.71
N VAL D 192 -21.73 -45.77 -68.16
CA VAL D 192 -22.85 -44.90 -67.86
C VAL D 192 -23.18 -45.00 -66.37
N LEU D 193 -23.63 -43.90 -65.78
CA LEU D 193 -24.03 -43.90 -64.38
C LEU D 193 -25.33 -44.69 -64.22
N GLU D 194 -25.26 -45.81 -63.51
CA GLU D 194 -26.45 -46.64 -63.27
C GLU D 194 -27.01 -46.46 -61.86
N GLY D 195 -26.15 -46.48 -60.85
CA GLY D 195 -26.59 -46.40 -59.48
C GLY D 195 -25.80 -45.39 -58.68
N VAL D 196 -26.41 -44.93 -57.59
CA VAL D 196 -25.77 -44.03 -56.64
C VAL D 196 -25.65 -44.78 -55.31
N VAL D 197 -24.42 -44.84 -54.80
CA VAL D 197 -24.20 -45.57 -53.55
C VAL D 197 -25.01 -44.95 -52.43
N THR D 198 -25.79 -45.78 -51.73
CA THR D 198 -26.50 -45.30 -50.55
C THR D 198 -25.78 -45.72 -49.27
N SER D 199 -25.75 -47.03 -49.00
CA SER D 199 -25.05 -47.52 -47.82
C SER D 199 -25.44 -46.81 -46.54
N GLY D 200 -24.40 -46.39 -45.81
CA GLY D 200 -24.56 -45.46 -44.74
C GLY D 200 -24.73 -46.10 -43.37
N SER D 201 -25.75 -46.93 -43.19
CA SER D 201 -25.99 -47.62 -41.94
C SER D 201 -25.56 -49.08 -41.97
N ARG D 202 -24.80 -49.48 -42.99
CA ARG D 202 -24.46 -50.89 -43.19
C ARG D 202 -22.96 -51.09 -43.12
N VAL D 203 -22.53 -52.10 -42.37
CA VAL D 203 -21.12 -52.46 -42.36
C VAL D 203 -20.82 -53.24 -43.63
N CYS D 204 -19.69 -52.94 -44.26
CA CYS D 204 -19.41 -53.46 -45.59
C CYS D 204 -18.49 -54.68 -45.54
N GLY D 205 -18.48 -55.42 -46.64
CA GLY D 205 -17.63 -56.58 -46.78
C GLY D 205 -18.24 -57.90 -46.34
N ASN D 206 -19.47 -57.88 -45.82
CA ASN D 206 -20.16 -59.10 -45.42
C ASN D 206 -21.00 -59.57 -46.60
N ARG D 207 -20.66 -60.75 -47.15
CA ARG D 207 -21.42 -61.29 -48.27
C ARG D 207 -22.89 -61.47 -47.93
N LYS D 208 -23.22 -61.55 -46.65
CA LYS D 208 -24.59 -61.75 -46.21
C LYS D 208 -25.45 -60.50 -46.40
N LYS D 209 -24.85 -59.32 -46.45
CA LYS D 209 -25.57 -58.06 -46.58
C LYS D 209 -25.03 -57.31 -47.79
N PRO D 210 -25.63 -57.48 -48.95
CA PRO D 210 -25.09 -56.89 -50.18
C PRO D 210 -25.19 -55.37 -50.17
N GLY D 211 -24.42 -54.75 -51.06
CA GLY D 211 -24.50 -53.32 -51.21
C GLY D 211 -25.74 -52.89 -51.96
N ILE D 212 -26.27 -51.74 -51.55
CA ILE D 212 -27.48 -51.17 -52.14
C ILE D 212 -27.11 -49.91 -52.90
N TYR D 213 -27.80 -49.67 -54.01
CA TYR D 213 -27.52 -48.54 -54.88
C TYR D 213 -28.83 -48.03 -55.45
N THR D 214 -28.97 -46.71 -55.53
CA THR D 214 -30.19 -46.11 -56.04
C THR D 214 -30.13 -46.02 -57.56
N ARG D 215 -31.17 -46.54 -58.21
CA ARG D 215 -31.23 -46.56 -59.67
C ARG D 215 -31.62 -45.18 -60.16
N VAL D 216 -30.70 -44.48 -60.82
CA VAL D 216 -30.97 -43.12 -61.25
C VAL D 216 -32.07 -43.07 -62.30
N ALA D 217 -32.18 -44.13 -63.11
CA ALA D 217 -33.21 -44.14 -64.15
C ALA D 217 -34.61 -44.02 -63.55
N SER D 218 -34.81 -44.57 -62.35
CA SER D 218 -36.12 -44.49 -61.71
C SER D 218 -36.49 -43.08 -61.29
N TYR D 219 -35.51 -42.17 -61.23
CA TYR D 219 -35.75 -40.79 -60.80
C TYR D 219 -35.44 -39.80 -61.93
N ALA D 220 -35.51 -40.25 -63.18
CA ALA D 220 -35.13 -39.41 -64.31
C ALA D 220 -35.99 -38.15 -64.36
N ALA D 221 -37.29 -38.28 -64.11
CA ALA D 221 -38.18 -37.13 -64.18
C ALA D 221 -37.76 -36.06 -63.16
N TRP D 222 -37.45 -36.47 -61.94
CA TRP D 222 -37.09 -35.51 -60.90
C TRP D 222 -35.75 -34.84 -61.21
N ILE D 223 -34.76 -35.63 -61.64
CA ILE D 223 -33.46 -35.05 -61.98
C ILE D 223 -33.62 -33.99 -63.06
N ASP D 224 -34.41 -34.29 -64.09
CA ASP D 224 -34.63 -33.32 -65.15
C ASP D 224 -35.34 -32.08 -64.62
N SER D 225 -36.31 -32.26 -63.71
CA SER D 225 -37.06 -31.12 -63.19
C SER D 225 -36.16 -30.18 -62.41
N VAL D 226 -35.20 -30.73 -61.66
CA VAL D 226 -34.31 -29.90 -60.86
C VAL D 226 -33.26 -29.24 -61.74
N LEU D 227 -32.76 -29.95 -62.74
CA LEU D 227 -31.69 -29.44 -63.58
C LEU D 227 -32.19 -28.51 -64.69
N ALA D 228 -33.49 -28.45 -64.92
CA ALA D 228 -34.06 -27.59 -65.96
C ALA D 228 -33.89 -26.12 -65.60
N ASP E 1 -27.44 -80.97 -43.46
CA ASP E 1 -28.73 -80.52 -42.96
C ASP E 1 -28.64 -80.09 -41.50
N ILE E 2 -29.07 -78.86 -41.22
CA ILE E 2 -29.03 -78.31 -39.88
C ILE E 2 -30.31 -78.75 -39.16
N GLN E 3 -30.15 -79.38 -38.01
CA GLN E 3 -31.27 -79.89 -37.24
C GLN E 3 -31.76 -78.82 -36.29
N MET E 4 -33.08 -78.59 -36.28
CA MET E 4 -33.72 -77.68 -35.33
C MET E 4 -34.52 -78.52 -34.35
N THR E 5 -34.05 -78.58 -33.10
CA THR E 5 -34.69 -79.35 -32.05
C THR E 5 -35.51 -78.40 -31.17
N GLN E 6 -36.82 -78.47 -31.30
CA GLN E 6 -37.72 -77.58 -30.58
C GLN E 6 -38.19 -78.23 -29.29
N SER E 7 -38.23 -77.44 -28.21
CA SER E 7 -38.63 -77.92 -26.90
C SER E 7 -39.49 -76.86 -26.22
N PRO E 8 -40.53 -77.28 -25.48
CA PRO E 8 -40.94 -78.67 -25.33
C PRO E 8 -41.93 -79.11 -26.40
N SER E 9 -42.30 -80.39 -26.41
CA SER E 9 -43.24 -80.89 -27.40
C SER E 9 -44.61 -80.23 -27.22
N SER E 10 -45.11 -80.22 -25.98
CA SER E 10 -46.31 -79.49 -25.62
C SER E 10 -46.04 -78.76 -24.31
N LEU E 11 -47.02 -77.94 -23.91
CA LEU E 11 -46.84 -77.05 -22.77
C LEU E 11 -48.19 -76.51 -22.35
N SER E 12 -48.51 -76.65 -21.06
CA SER E 12 -49.81 -76.25 -20.52
C SER E 12 -49.64 -75.00 -19.67
N ALA E 13 -50.42 -73.97 -19.98
CA ALA E 13 -50.34 -72.71 -19.26
C ALA E 13 -51.71 -72.08 -19.19
N SER E 14 -51.83 -71.05 -18.36
CA SER E 14 -53.09 -70.32 -18.18
C SER E 14 -53.03 -68.98 -18.90
N VAL E 15 -54.21 -68.38 -19.09
CA VAL E 15 -54.27 -67.05 -19.67
C VAL E 15 -53.55 -66.06 -18.75
N GLY E 16 -52.72 -65.20 -19.35
CA GLY E 16 -51.97 -64.21 -18.62
C GLY E 16 -50.58 -64.64 -18.21
N ASP E 17 -50.23 -65.91 -18.37
CA ASP E 17 -48.92 -66.40 -17.98
C ASP E 17 -47.86 -66.03 -19.01
N ARG E 18 -46.63 -65.89 -18.53
CA ARG E 18 -45.48 -65.79 -19.41
C ARG E 18 -44.97 -67.19 -19.70
N VAL E 19 -44.74 -67.49 -20.98
CA VAL E 19 -44.38 -68.83 -21.41
C VAL E 19 -43.24 -68.75 -22.41
N THR E 20 -42.40 -69.79 -22.41
CA THR E 20 -41.16 -69.82 -23.17
C THR E 20 -41.13 -71.06 -24.05
N ILE E 21 -40.78 -70.88 -25.32
CA ILE E 21 -40.61 -71.97 -26.28
C ILE E 21 -39.18 -71.92 -26.82
N THR E 22 -38.51 -73.07 -26.83
CA THR E 22 -37.09 -73.17 -27.09
C THR E 22 -36.83 -73.90 -28.40
N CYS E 23 -35.83 -73.45 -29.14
CA CYS E 23 -35.41 -74.08 -30.39
C CYS E 23 -33.89 -74.08 -30.44
N LYS E 24 -33.29 -75.26 -30.48
CA LYS E 24 -31.83 -75.41 -30.45
C LYS E 24 -31.35 -75.94 -31.78
N ALA E 25 -30.47 -75.18 -32.44
CA ALA E 25 -29.90 -75.58 -33.71
C ALA E 25 -28.66 -76.43 -33.48
N SER E 26 -28.46 -77.42 -34.35
CA SER E 26 -27.32 -78.32 -34.26
C SER E 26 -26.03 -77.67 -34.74
N GLN E 27 -26.06 -76.38 -35.04
CA GLN E 27 -24.98 -75.68 -35.74
C GLN E 27 -25.33 -74.21 -35.77
N ASN E 28 -24.30 -73.37 -35.83
CA ASN E 28 -24.53 -71.93 -35.89
C ASN E 28 -25.41 -71.57 -37.08
N VAL E 29 -26.37 -70.68 -36.84
CA VAL E 29 -27.28 -70.21 -37.88
C VAL E 29 -27.43 -68.71 -37.76
N ASP E 30 -26.46 -68.07 -37.11
CA ASP E 30 -26.46 -66.63 -36.87
C ASP E 30 -27.78 -66.20 -36.24
N THR E 31 -28.51 -65.30 -36.92
CA THR E 31 -29.85 -64.89 -36.48
C THR E 31 -30.90 -65.23 -37.52
N ASP E 32 -30.62 -66.19 -38.40
CA ASP E 32 -31.55 -66.57 -39.46
C ASP E 32 -32.57 -67.58 -38.92
N VAL E 33 -33.44 -67.10 -38.04
CA VAL E 33 -34.43 -67.93 -37.39
C VAL E 33 -35.77 -67.21 -37.44
N ALA E 34 -36.82 -67.94 -37.81
CA ALA E 34 -38.17 -67.39 -37.90
C ALA E 34 -39.11 -68.23 -37.04
N TRP E 35 -40.14 -67.57 -36.52
CA TRP E 35 -41.13 -68.23 -35.67
C TRP E 35 -42.51 -68.14 -36.32
N PHE E 36 -43.23 -69.26 -36.28
CA PHE E 36 -44.53 -69.36 -36.91
C PHE E 36 -45.58 -69.83 -35.92
N GLN E 37 -46.80 -69.33 -36.07
CA GLN E 37 -47.96 -69.77 -35.31
C GLN E 37 -48.93 -70.46 -36.25
N GLN E 38 -49.42 -71.62 -35.86
CA GLN E 38 -50.38 -72.38 -36.66
C GLN E 38 -51.55 -72.81 -35.78
N LYS E 39 -52.76 -72.58 -36.27
CA LYS E 39 -53.98 -73.04 -35.64
C LYS E 39 -54.60 -74.15 -36.48
N PRO E 40 -55.42 -75.03 -35.89
CA PRO E 40 -55.88 -76.22 -36.60
C PRO E 40 -56.60 -75.89 -37.90
N GLY E 41 -56.19 -76.57 -38.98
CA GLY E 41 -56.84 -76.43 -40.26
C GLY E 41 -56.52 -75.16 -41.02
N LYS E 42 -55.56 -74.37 -40.57
CA LYS E 42 -55.22 -73.12 -41.22
C LYS E 42 -53.72 -73.06 -41.49
N ALA E 43 -53.33 -72.16 -42.38
CA ALA E 43 -51.94 -72.04 -42.78
C ALA E 43 -51.10 -71.44 -41.66
N PRO E 44 -49.80 -71.71 -41.66
CA PRO E 44 -48.93 -71.07 -40.67
C PRO E 44 -48.92 -69.56 -40.85
N LYS E 45 -48.80 -68.85 -39.73
CA LYS E 45 -48.75 -67.40 -39.70
C LYS E 45 -47.35 -66.97 -39.29
N GLY E 46 -46.85 -65.91 -39.92
CA GLY E 46 -45.54 -65.40 -39.57
C GLY E 46 -45.59 -64.57 -38.30
N LEU E 47 -44.65 -64.82 -37.39
CA LEU E 47 -44.54 -64.06 -36.16
C LEU E 47 -43.24 -63.29 -36.08
N ILE E 48 -42.10 -63.97 -36.14
CA ILE E 48 -40.78 -63.37 -35.96
C ILE E 48 -39.91 -63.78 -37.13
N ARG E 49 -39.02 -62.87 -37.52
CA ARG E 49 -37.95 -63.18 -38.45
C ARG E 49 -36.67 -62.55 -37.91
N SER E 50 -35.53 -62.96 -38.46
CA SER E 50 -34.24 -62.44 -38.04
C SER E 50 -34.07 -62.57 -36.52
N ALA E 51 -34.59 -63.67 -35.98
CA ALA E 51 -34.53 -64.02 -34.56
C ALA E 51 -35.42 -63.15 -33.67
N SER E 52 -35.52 -61.85 -33.97
CA SER E 52 -36.16 -60.93 -33.05
C SER E 52 -37.10 -59.92 -33.69
N SER E 53 -37.20 -59.85 -35.01
CA SER E 53 -38.00 -58.82 -35.68
C SER E 53 -39.44 -59.32 -35.83
N ARG E 54 -40.36 -58.71 -35.10
CA ARG E 54 -41.78 -58.99 -35.26
C ARG E 54 -42.29 -58.49 -36.62
N TYR E 55 -43.24 -59.22 -37.18
CA TYR E 55 -43.92 -58.76 -38.39
C TYR E 55 -45.01 -57.75 -38.02
N SER E 56 -45.48 -57.04 -39.04
CA SER E 56 -46.55 -56.06 -38.82
C SER E 56 -47.81 -56.75 -38.34
N GLY E 57 -48.46 -56.15 -37.34
CA GLY E 57 -49.67 -56.71 -36.79
C GLY E 57 -49.48 -57.79 -35.76
N VAL E 58 -48.25 -58.24 -35.54
CA VAL E 58 -47.97 -59.20 -34.47
C VAL E 58 -48.00 -58.46 -33.14
N PRO E 59 -48.82 -58.88 -32.18
CA PRO E 59 -48.88 -58.19 -30.89
C PRO E 59 -47.52 -58.16 -30.19
N SER E 60 -47.30 -57.10 -29.42
CA SER E 60 -46.01 -56.90 -28.77
C SER E 60 -45.66 -58.02 -27.79
N ARG E 61 -46.66 -58.74 -27.28
CA ARG E 61 -46.39 -59.80 -26.31
C ARG E 61 -45.52 -60.91 -26.89
N PHE E 62 -45.47 -61.05 -28.21
CA PHE E 62 -44.57 -62.00 -28.86
C PHE E 62 -43.20 -61.37 -29.02
N SER E 63 -42.16 -62.11 -28.65
CA SER E 63 -40.79 -61.62 -28.76
C SER E 63 -39.86 -62.79 -29.03
N GLY E 64 -38.82 -62.53 -29.79
CA GLY E 64 -37.85 -63.55 -30.16
C GLY E 64 -36.46 -63.16 -29.70
N SER E 65 -35.70 -64.15 -29.23
CA SER E 65 -34.34 -63.91 -28.76
C SER E 65 -33.44 -65.02 -29.28
N GLY E 66 -32.15 -64.72 -29.35
CA GLY E 66 -31.15 -65.72 -29.70
C GLY E 66 -30.26 -65.34 -30.86
N SER E 67 -29.04 -65.87 -30.84
CA SER E 67 -28.11 -65.76 -31.95
C SER E 67 -27.09 -66.88 -31.83
N GLY E 68 -26.93 -67.66 -32.89
CA GLY E 68 -26.03 -68.79 -32.85
C GLY E 68 -26.74 -70.12 -32.91
N THR E 69 -27.04 -70.71 -31.75
CA THR E 69 -27.62 -72.04 -31.69
C THR E 69 -28.93 -72.13 -30.92
N ASP E 70 -29.15 -71.27 -29.93
CA ASP E 70 -30.26 -71.41 -29.01
C ASP E 70 -31.18 -70.20 -29.12
N PHE E 71 -32.44 -70.43 -29.47
CA PHE E 71 -33.39 -69.38 -29.75
C PHE E 71 -34.67 -69.59 -28.95
N THR E 72 -35.27 -68.49 -28.52
CA THR E 72 -36.39 -68.53 -27.58
C THR E 72 -37.49 -67.62 -28.08
N LEU E 73 -38.68 -68.18 -28.30
CA LEU E 73 -39.89 -67.40 -28.52
C LEU E 73 -40.59 -67.21 -27.17
N THR E 74 -40.97 -65.97 -26.88
CA THR E 74 -41.55 -65.65 -25.58
C THR E 74 -42.89 -64.97 -25.78
N ILE E 75 -43.88 -65.37 -24.96
CA ILE E 75 -45.19 -64.74 -24.93
C ILE E 75 -45.37 -64.19 -23.52
N SER E 76 -45.37 -62.86 -23.39
CA SER E 76 -45.31 -62.23 -22.08
C SER E 76 -46.60 -62.44 -21.30
N SER E 77 -47.75 -62.21 -21.94
CA SER E 77 -49.06 -62.39 -21.30
C SER E 77 -49.94 -63.19 -22.22
N LEU E 78 -50.04 -64.50 -21.94
CA LEU E 78 -50.74 -65.42 -22.83
C LEU E 78 -52.22 -65.06 -22.94
N GLN E 79 -52.67 -64.81 -24.16
CA GLN E 79 -54.05 -64.47 -24.46
C GLN E 79 -54.78 -65.68 -25.02
N PRO E 80 -56.12 -65.68 -24.98
CA PRO E 80 -56.86 -66.89 -25.40
C PRO E 80 -56.58 -67.30 -26.84
N GLU E 81 -56.48 -66.34 -27.75
CA GLU E 81 -56.22 -66.64 -29.15
C GLU E 81 -54.77 -67.01 -29.43
N ASP E 82 -53.97 -67.23 -28.38
CA ASP E 82 -52.57 -67.60 -28.53
C ASP E 82 -52.33 -69.08 -28.32
N PHE E 83 -53.30 -69.81 -27.80
CA PHE E 83 -53.16 -71.25 -27.63
C PHE E 83 -53.20 -71.92 -28.99
N ALA E 84 -52.04 -72.34 -29.46
CA ALA E 84 -51.91 -72.93 -30.79
C ALA E 84 -50.61 -73.74 -30.83
N THR E 85 -50.11 -74.00 -32.03
CA THR E 85 -48.86 -74.69 -32.22
C THR E 85 -47.86 -73.72 -32.84
N TYR E 86 -46.62 -73.76 -32.36
CA TYR E 86 -45.59 -72.84 -32.79
C TYR E 86 -44.41 -73.63 -33.36
N TYR E 87 -43.87 -73.13 -34.47
CA TYR E 87 -42.76 -73.78 -35.16
C TYR E 87 -41.62 -72.80 -35.32
N CYS E 88 -40.40 -73.25 -35.04
CA CYS E 88 -39.23 -72.49 -35.43
C CYS E 88 -38.73 -72.94 -36.79
N GLN E 89 -38.00 -72.05 -37.44
CA GLN E 89 -37.48 -72.32 -38.79
C GLN E 89 -36.10 -71.73 -38.90
N GLN E 90 -35.22 -72.44 -39.61
CA GLN E 90 -33.87 -71.97 -39.90
C GLN E 90 -33.75 -71.72 -41.40
N TYR E 91 -33.30 -70.52 -41.77
CA TYR E 91 -33.10 -70.19 -43.17
C TYR E 91 -31.68 -69.70 -43.41
N ASN E 92 -30.73 -70.17 -42.59
CA ASN E 92 -29.33 -69.81 -42.77
C ASN E 92 -28.64 -70.71 -43.79
N ASN E 93 -29.12 -71.94 -43.98
CA ASN E 93 -28.40 -72.95 -44.75
C ASN E 93 -29.41 -73.86 -45.43
N TYR E 94 -29.13 -74.21 -46.70
CA TYR E 94 -29.99 -75.12 -47.45
C TYR E 94 -29.73 -76.56 -47.02
N PRO E 95 -30.79 -77.35 -46.80
CA PRO E 95 -32.18 -76.93 -46.96
C PRO E 95 -32.72 -76.25 -45.73
N LEU E 96 -33.71 -75.39 -45.91
CA LEU E 96 -34.41 -74.80 -44.77
C LEU E 96 -35.06 -75.91 -43.96
N THR E 97 -35.02 -75.78 -42.64
CA THR E 97 -35.53 -76.81 -41.75
C THR E 97 -36.41 -76.19 -40.68
N PHE E 98 -37.40 -76.96 -40.24
CA PHE E 98 -38.30 -76.54 -39.17
C PHE E 98 -38.05 -77.37 -37.92
N GLY E 99 -38.60 -76.90 -36.82
CA GLY E 99 -38.70 -77.72 -35.64
C GLY E 99 -39.94 -78.57 -35.66
N GLN E 100 -39.97 -79.59 -34.80
CA GLN E 100 -41.11 -80.50 -34.79
C GLN E 100 -42.38 -79.83 -34.26
N GLY E 101 -42.25 -78.70 -33.57
CA GLY E 101 -43.42 -77.97 -33.13
C GLY E 101 -43.57 -77.92 -31.61
N THR E 102 -44.42 -77.01 -31.14
CA THR E 102 -44.73 -76.87 -29.73
C THR E 102 -46.19 -76.48 -29.61
N LYS E 103 -46.97 -77.28 -28.89
CA LYS E 103 -48.39 -77.04 -28.72
C LYS E 103 -48.64 -76.39 -27.36
N VAL E 104 -49.30 -75.23 -27.38
CA VAL E 104 -49.62 -74.50 -26.16
C VAL E 104 -51.09 -74.72 -25.87
N GLU E 105 -51.39 -75.44 -24.80
CA GLU E 105 -52.76 -75.78 -24.42
C GLU E 105 -53.11 -75.12 -23.10
N ILE E 106 -54.42 -75.03 -22.84
CA ILE E 106 -54.93 -74.35 -21.66
C ILE E 106 -54.93 -75.30 -20.47
N LYS E 107 -54.46 -74.82 -19.33
CA LYS E 107 -54.44 -75.62 -18.12
C LYS E 107 -55.79 -75.56 -17.44
N ARG E 108 -56.20 -76.68 -16.85
CA ARG E 108 -57.44 -76.74 -16.08
C ARG E 108 -57.29 -77.79 -14.99
N THR E 109 -58.29 -77.86 -14.12
CA THR E 109 -58.29 -78.88 -13.08
C THR E 109 -58.58 -80.24 -13.67
N VAL E 110 -58.02 -81.28 -13.02
CA VAL E 110 -58.15 -82.64 -13.53
C VAL E 110 -59.62 -83.04 -13.59
N ALA E 111 -59.99 -83.79 -14.63
CA ALA E 111 -61.35 -84.26 -14.82
C ALA E 111 -61.33 -85.68 -15.36
N ALA E 112 -62.20 -86.53 -14.81
CA ALA E 112 -62.28 -87.92 -15.21
C ALA E 112 -63.17 -88.07 -16.45
N PRO E 113 -62.88 -89.06 -17.30
CA PRO E 113 -63.67 -89.24 -18.52
C PRO E 113 -64.97 -89.97 -18.28
N SER E 114 -66.01 -89.56 -19.00
CA SER E 114 -67.29 -90.26 -19.01
C SER E 114 -67.24 -91.33 -20.10
N VAL E 115 -67.16 -92.59 -19.68
CA VAL E 115 -66.90 -93.70 -20.59
C VAL E 115 -68.22 -94.28 -21.07
N PHE E 116 -68.32 -94.51 -22.39
CA PHE E 116 -69.46 -95.16 -23.01
C PHE E 116 -68.96 -96.26 -23.94
N ILE E 117 -69.91 -96.96 -24.57
CA ILE E 117 -69.60 -97.94 -25.60
C ILE E 117 -70.83 -98.11 -26.46
N PHE E 118 -70.62 -98.39 -27.75
CA PHE E 118 -71.70 -98.50 -28.70
C PHE E 118 -71.55 -99.79 -29.50
N PRO E 119 -72.59 -100.62 -29.58
CA PRO E 119 -72.49 -101.87 -30.34
C PRO E 119 -72.58 -101.60 -31.83
N PRO E 120 -72.15 -102.56 -32.67
CA PRO E 120 -72.32 -102.40 -34.11
C PRO E 120 -73.77 -102.56 -34.51
N SER E 121 -74.27 -101.60 -35.29
CA SER E 121 -75.68 -101.59 -35.68
C SER E 121 -76.00 -102.81 -36.55
N ASP E 122 -77.31 -103.12 -36.64
CA ASP E 122 -77.74 -104.26 -37.44
C ASP E 122 -77.56 -103.99 -38.93
N GLU E 123 -77.67 -102.74 -39.36
CA GLU E 123 -77.50 -102.42 -40.78
C GLU E 123 -76.07 -102.69 -41.24
N GLN E 124 -75.09 -102.35 -40.40
CA GLN E 124 -73.70 -102.61 -40.74
C GLN E 124 -73.40 -104.11 -40.74
N LEU E 125 -73.99 -104.85 -39.81
CA LEU E 125 -73.77 -106.28 -39.71
C LEU E 125 -74.31 -107.05 -40.92
N LYS E 126 -75.14 -106.42 -41.75
CA LYS E 126 -75.58 -107.08 -42.97
C LYS E 126 -74.43 -107.25 -43.97
N SER E 127 -73.34 -106.50 -43.80
CA SER E 127 -72.11 -106.72 -44.53
C SER E 127 -71.15 -107.52 -43.65
N GLY E 128 -69.91 -107.68 -44.10
CA GLY E 128 -68.97 -108.55 -43.40
C GLY E 128 -68.04 -107.85 -42.44
N THR E 129 -68.48 -106.72 -41.87
CA THR E 129 -67.65 -105.96 -40.96
C THR E 129 -68.51 -105.47 -39.78
N ALA E 130 -67.85 -105.27 -38.64
CA ALA E 130 -68.50 -104.76 -37.44
C ALA E 130 -67.50 -103.93 -36.66
N SER E 131 -67.95 -102.79 -36.16
CA SER E 131 -67.08 -101.83 -35.46
C SER E 131 -67.64 -101.52 -34.08
N VAL E 132 -66.77 -101.57 -33.07
CA VAL E 132 -67.12 -101.27 -31.69
C VAL E 132 -66.44 -99.97 -31.30
N VAL E 133 -67.21 -99.04 -30.72
CA VAL E 133 -66.72 -97.72 -30.36
C VAL E 133 -66.67 -97.60 -28.85
N CYS E 134 -65.56 -97.06 -28.33
CA CYS E 134 -65.37 -96.82 -26.90
C CYS E 134 -65.06 -95.35 -26.70
N LEU E 135 -66.03 -94.61 -26.16
CA LEU E 135 -65.95 -93.15 -26.09
C LEU E 135 -65.51 -92.70 -24.71
N LEU E 136 -64.51 -91.82 -24.66
CA LEU E 136 -64.07 -91.16 -23.44
C LEU E 136 -64.41 -89.68 -23.58
N ASN E 137 -65.40 -89.23 -22.83
CA ASN E 137 -65.97 -87.90 -23.03
C ASN E 137 -65.49 -86.93 -21.96
N ASN E 138 -65.00 -85.77 -22.41
CA ASN E 138 -64.66 -84.63 -21.55
C ASN E 138 -63.75 -85.01 -20.39
N PHE E 139 -62.44 -84.97 -20.61
CA PHE E 139 -61.45 -85.29 -19.57
C PHE E 139 -60.23 -84.41 -19.76
N TYR E 140 -59.35 -84.44 -18.76
CA TYR E 140 -58.12 -83.65 -18.77
C TYR E 140 -57.16 -84.22 -17.73
N PRO E 141 -55.86 -84.32 -18.03
CA PRO E 141 -55.20 -83.97 -19.31
C PRO E 141 -55.38 -85.04 -20.39
N ARG E 142 -54.58 -84.94 -21.46
CA ARG E 142 -54.79 -85.83 -22.61
C ARG E 142 -54.33 -87.25 -22.32
N GLU E 143 -53.23 -87.41 -21.59
CA GLU E 143 -52.63 -88.72 -21.35
C GLU E 143 -53.63 -89.73 -20.82
N ALA E 144 -53.99 -90.70 -21.65
CA ALA E 144 -54.95 -91.73 -21.31
C ALA E 144 -54.49 -93.06 -21.88
N LYS E 145 -55.22 -94.12 -21.58
CA LYS E 145 -54.88 -95.46 -22.05
C LYS E 145 -56.16 -96.29 -22.11
N VAL E 146 -56.47 -96.82 -23.29
CA VAL E 146 -57.67 -97.62 -23.50
C VAL E 146 -57.24 -99.01 -23.94
N GLN E 147 -57.82 -100.04 -23.30
CA GLN E 147 -57.54 -101.43 -23.62
C GLN E 147 -58.85 -102.17 -23.83
N TRP E 148 -58.93 -102.93 -24.91
CA TRP E 148 -60.11 -103.73 -25.21
C TRP E 148 -59.96 -105.14 -24.63
N LYS E 149 -61.09 -105.70 -24.20
CA LYS E 149 -61.11 -107.05 -23.63
C LYS E 149 -62.32 -107.79 -24.19
N VAL E 150 -62.07 -108.80 -25.01
CA VAL E 150 -63.10 -109.63 -25.62
C VAL E 150 -63.09 -110.96 -24.90
N ASP E 151 -64.10 -111.20 -24.07
CA ASP E 151 -64.16 -112.37 -23.20
C ASP E 151 -62.88 -112.48 -22.37
N ASN E 152 -62.48 -111.34 -21.80
CA ASN E 152 -61.27 -111.24 -20.96
C ASN E 152 -60.02 -111.64 -21.72
N ALA E 153 -59.98 -111.37 -23.03
CA ALA E 153 -58.80 -111.60 -23.85
C ALA E 153 -58.28 -110.25 -24.34
N LEU E 154 -57.04 -109.94 -23.98
CA LEU E 154 -56.47 -108.64 -24.30
C LEU E 154 -56.21 -108.53 -25.80
N GLN E 155 -56.80 -107.52 -26.43
CA GLN E 155 -56.64 -107.27 -27.85
C GLN E 155 -55.49 -106.30 -28.10
N SER E 156 -55.01 -106.28 -29.34
CA SER E 156 -53.96 -105.37 -29.76
C SER E 156 -53.84 -105.40 -31.28
N GLY E 157 -53.57 -104.24 -31.87
CA GLY E 157 -53.35 -104.15 -33.29
C GLY E 157 -54.59 -104.02 -34.15
N ASN E 158 -55.78 -104.16 -33.58
CA ASN E 158 -57.03 -104.06 -34.33
C ASN E 158 -57.91 -102.92 -33.82
N SER E 159 -57.28 -101.88 -33.27
CA SER E 159 -58.01 -100.72 -32.77
C SER E 159 -57.17 -99.47 -32.99
N GLN E 160 -57.83 -98.36 -33.28
CA GLN E 160 -57.19 -97.07 -33.52
C GLN E 160 -57.85 -96.01 -32.66
N GLU E 161 -57.06 -95.01 -32.28
CA GLU E 161 -57.54 -93.91 -31.46
C GLU E 161 -57.78 -92.66 -32.30
N SER E 162 -58.54 -91.74 -31.73
CA SER E 162 -58.77 -90.44 -32.35
C SER E 162 -59.20 -89.47 -31.26
N VAL E 163 -58.41 -88.43 -31.02
CA VAL E 163 -58.65 -87.48 -29.94
C VAL E 163 -59.15 -86.18 -30.54
N THR E 164 -60.09 -85.54 -29.85
CA THR E 164 -60.57 -84.23 -30.27
C THR E 164 -59.63 -83.14 -29.77
N GLU E 165 -59.69 -82.00 -30.43
CA GLU E 165 -58.96 -80.84 -29.95
C GLU E 165 -59.62 -80.33 -28.67
N GLN E 166 -58.84 -79.56 -27.89
CA GLN E 166 -59.31 -79.07 -26.61
C GLN E 166 -60.55 -78.21 -26.79
N ASP E 167 -61.58 -78.50 -26.00
CA ASP E 167 -62.86 -77.82 -26.14
C ASP E 167 -62.71 -76.32 -25.84
N SER E 168 -63.42 -75.50 -26.62
CA SER E 168 -63.31 -74.05 -26.46
C SER E 168 -64.05 -73.54 -25.22
N LYS E 169 -64.87 -74.38 -24.59
CA LYS E 169 -65.64 -73.96 -23.42
C LYS E 169 -65.09 -74.51 -22.12
N ASP E 170 -65.03 -75.84 -21.98
CA ASP E 170 -64.54 -76.46 -20.75
C ASP E 170 -63.10 -76.94 -20.84
N SER E 171 -62.45 -76.79 -22.00
CA SER E 171 -61.03 -77.09 -22.16
C SER E 171 -60.71 -78.55 -21.84
N THR E 172 -61.56 -79.46 -22.32
CA THR E 172 -61.37 -80.89 -22.11
C THR E 172 -61.16 -81.59 -23.44
N TYR E 173 -60.77 -82.86 -23.36
CA TYR E 173 -60.53 -83.70 -24.52
C TYR E 173 -61.58 -84.80 -24.61
N SER E 174 -61.66 -85.41 -25.78
CA SER E 174 -62.53 -86.55 -26.00
C SER E 174 -61.85 -87.53 -26.96
N LEU E 175 -61.80 -88.79 -26.57
CA LEU E 175 -61.10 -89.83 -27.33
C LEU E 175 -62.09 -90.91 -27.74
N SER E 176 -61.87 -91.47 -28.93
CA SER E 176 -62.72 -92.55 -29.45
C SER E 176 -61.82 -93.67 -29.98
N SER E 177 -61.77 -94.78 -29.25
CA SER E 177 -61.10 -95.98 -29.72
C SER E 177 -62.09 -96.84 -30.50
N THR E 178 -61.72 -97.22 -31.71
CA THR E 178 -62.59 -97.99 -32.60
C THR E 178 -62.02 -99.39 -32.77
N LEU E 179 -62.83 -100.41 -32.48
CA LEU E 179 -62.46 -101.82 -32.60
C LEU E 179 -63.15 -102.39 -33.83
N THR E 180 -62.36 -102.76 -34.84
CA THR E 180 -62.88 -103.28 -36.09
C THR E 180 -62.68 -104.79 -36.16
N LEU E 181 -63.76 -105.51 -36.45
CA LEU E 181 -63.73 -106.97 -36.57
C LEU E 181 -64.67 -107.40 -37.68
N SER E 182 -64.28 -108.46 -38.39
CA SER E 182 -65.16 -109.07 -39.37
C SER E 182 -66.37 -109.67 -38.69
N LYS E 183 -67.44 -109.87 -39.45
CA LYS E 183 -68.67 -110.41 -38.88
C LYS E 183 -68.49 -111.82 -38.34
N ALA E 184 -67.52 -112.56 -38.86
CA ALA E 184 -67.28 -113.92 -38.39
C ALA E 184 -66.61 -113.93 -37.02
N ASP E 185 -65.55 -113.14 -36.86
CA ASP E 185 -64.87 -113.04 -35.56
C ASP E 185 -65.72 -112.35 -34.51
N TYR E 186 -66.77 -111.63 -34.92
CA TYR E 186 -67.61 -110.91 -33.97
C TYR E 186 -68.51 -111.86 -33.20
N GLU E 187 -69.20 -112.76 -33.90
CA GLU E 187 -70.17 -113.65 -33.28
C GLU E 187 -69.54 -114.89 -32.66
N LYS E 188 -68.21 -115.00 -32.66
CA LYS E 188 -67.54 -116.07 -31.92
C LYS E 188 -67.49 -115.81 -30.42
N HIS E 189 -67.67 -114.56 -30.01
CA HIS E 189 -67.52 -114.15 -28.62
C HIS E 189 -68.76 -113.40 -28.17
N LYS E 190 -68.84 -113.16 -26.86
CA LYS E 190 -70.05 -112.62 -26.26
C LYS E 190 -69.81 -111.36 -25.42
N VAL E 191 -68.72 -111.30 -24.67
CA VAL E 191 -68.46 -110.19 -23.75
C VAL E 191 -67.42 -109.27 -24.38
N TYR E 192 -67.82 -108.03 -24.65
CA TYR E 192 -66.93 -107.01 -25.20
C TYR E 192 -66.83 -105.85 -24.22
N ALA E 193 -65.61 -105.35 -24.01
CA ALA E 193 -65.39 -104.29 -23.04
C ALA E 193 -64.13 -103.50 -23.40
N CYS E 194 -64.07 -102.27 -22.92
CA CYS E 194 -62.87 -101.44 -23.01
C CYS E 194 -62.54 -100.90 -21.63
N GLU E 195 -61.29 -101.05 -21.23
CA GLU E 195 -60.82 -100.60 -19.92
C GLU E 195 -60.11 -99.26 -20.08
N VAL E 196 -60.53 -98.28 -19.29
CA VAL E 196 -60.05 -96.91 -19.39
C VAL E 196 -59.19 -96.60 -18.17
N THR E 197 -57.92 -96.27 -18.41
CA THR E 197 -57.00 -95.86 -17.36
C THR E 197 -56.66 -94.38 -17.54
N HIS E 198 -56.84 -93.60 -16.48
CA HIS E 198 -56.63 -92.16 -16.55
C HIS E 198 -56.09 -91.66 -15.22
N GLN E 199 -55.51 -90.46 -15.26
CA GLN E 199 -54.99 -89.85 -14.04
C GLN E 199 -56.11 -89.39 -13.11
N GLY E 200 -57.23 -88.96 -13.67
CA GLY E 200 -58.36 -88.50 -12.88
C GLY E 200 -59.21 -89.57 -12.25
N LEU E 201 -58.87 -90.84 -12.44
CA LEU E 201 -59.61 -91.95 -11.88
C LEU E 201 -58.76 -92.67 -10.85
N SER E 202 -59.39 -93.08 -9.74
CA SER E 202 -58.67 -93.80 -8.70
C SER E 202 -58.37 -95.24 -9.13
N SER E 203 -59.30 -95.88 -9.83
CA SER E 203 -59.13 -97.23 -10.36
C SER E 203 -59.74 -97.28 -11.76
N PRO E 204 -59.17 -98.09 -12.65
CA PRO E 204 -59.63 -98.11 -14.04
C PRO E 204 -61.10 -98.50 -14.15
N VAL E 205 -61.86 -97.70 -14.89
CA VAL E 205 -63.29 -97.91 -15.11
C VAL E 205 -63.47 -98.71 -16.40
N THR E 206 -64.41 -99.65 -16.38
CA THR E 206 -64.70 -100.49 -17.53
C THR E 206 -66.19 -100.47 -17.82
N LYS E 207 -66.53 -100.36 -19.11
CA LYS E 207 -67.91 -100.43 -19.58
C LYS E 207 -68.01 -101.55 -20.62
N SER E 208 -69.12 -102.29 -20.60
CA SER E 208 -69.23 -103.48 -21.43
C SER E 208 -70.68 -103.69 -21.86
N PHE E 209 -70.85 -104.65 -22.77
CA PHE E 209 -72.15 -105.10 -23.21
C PHE E 209 -72.05 -106.56 -23.62
N ASN E 210 -73.16 -107.28 -23.47
CA ASN E 210 -73.25 -108.67 -23.93
C ASN E 210 -73.85 -108.69 -25.32
N ARG E 211 -73.26 -109.49 -26.21
CA ARG E 211 -73.72 -109.58 -27.59
C ARG E 211 -75.12 -110.16 -27.65
N GLY E 212 -76.13 -109.30 -27.82
CA GLY E 212 -77.50 -109.75 -27.88
C GLY E 212 -78.47 -108.83 -27.18
N GLU E 213 -78.15 -108.46 -25.93
CA GLU E 213 -79.01 -107.59 -25.14
C GLU E 213 -79.21 -106.23 -25.79
N GLU F 1 -54.49 -55.09 -51.55
CA GLU F 1 -54.21 -56.15 -50.58
C GLU F 1 -53.43 -57.29 -51.22
N VAL F 2 -52.37 -57.73 -50.55
CA VAL F 2 -51.54 -58.83 -51.02
C VAL F 2 -52.17 -60.14 -50.61
N GLN F 3 -52.19 -61.10 -51.54
CA GLN F 3 -52.70 -62.43 -51.23
C GLN F 3 -52.13 -63.43 -52.22
N LEU F 4 -51.91 -64.66 -51.74
CA LEU F 4 -51.45 -65.78 -52.54
C LEU F 4 -52.51 -66.86 -52.48
N VAL F 5 -53.25 -67.04 -53.57
CA VAL F 5 -54.30 -68.05 -53.62
C VAL F 5 -53.79 -69.25 -54.41
N GLN F 6 -54.05 -70.44 -53.89
CA GLN F 6 -53.57 -71.69 -54.47
C GLN F 6 -54.73 -72.45 -55.12
N SER F 7 -54.36 -73.39 -55.98
CA SER F 7 -55.36 -74.20 -56.67
C SER F 7 -56.05 -75.14 -55.70
N GLY F 8 -57.11 -75.78 -56.18
CA GLY F 8 -57.91 -76.66 -55.35
C GLY F 8 -57.19 -77.95 -55.00
N ALA F 9 -57.83 -78.74 -54.14
CA ALA F 9 -57.27 -80.00 -53.72
C ALA F 9 -57.23 -80.99 -54.89
N GLU F 10 -56.33 -81.96 -54.77
CA GLU F 10 -56.11 -82.94 -55.83
C GLU F 10 -55.99 -84.33 -55.23
N VAL F 11 -56.49 -85.32 -55.94
CA VAL F 11 -56.37 -86.74 -55.58
C VAL F 11 -55.67 -87.45 -56.74
N LYS F 12 -54.65 -88.23 -56.42
CA LYS F 12 -53.81 -88.84 -57.45
C LYS F 12 -53.42 -90.26 -57.03
N LYS F 13 -53.12 -91.08 -58.04
CA LYS F 13 -52.72 -92.48 -57.96
C LYS F 13 -51.20 -92.60 -57.80
N PRO F 14 -50.73 -93.58 -57.00
CA PRO F 14 -49.29 -93.76 -56.83
C PRO F 14 -48.56 -93.93 -58.14
N GLY F 15 -47.75 -92.93 -58.50
CA GLY F 15 -46.98 -92.97 -59.73
C GLY F 15 -47.28 -91.79 -60.64
N ALA F 16 -48.35 -91.07 -60.34
CA ALA F 16 -48.79 -89.95 -61.17
C ALA F 16 -48.02 -88.69 -60.80
N SER F 17 -48.29 -87.61 -61.55
CA SER F 17 -47.78 -86.29 -61.25
C SER F 17 -48.93 -85.39 -60.83
N VAL F 18 -48.59 -84.30 -60.16
CA VAL F 18 -49.54 -83.29 -59.74
C VAL F 18 -48.88 -81.93 -59.88
N LYS F 19 -49.65 -80.94 -60.33
CA LYS F 19 -49.12 -79.60 -60.57
C LYS F 19 -50.01 -78.59 -59.87
N VAL F 20 -49.50 -78.00 -58.79
CA VAL F 20 -50.23 -77.03 -57.98
C VAL F 20 -49.79 -75.64 -58.37
N SER F 21 -50.74 -74.71 -58.41
CA SER F 21 -50.48 -73.32 -58.79
C SER F 21 -50.57 -72.42 -57.56
N CYS F 22 -49.92 -71.25 -57.67
CA CYS F 22 -49.90 -70.27 -56.59
C CYS F 22 -49.85 -68.89 -57.24
N LYS F 23 -51.01 -68.25 -57.37
CA LYS F 23 -51.09 -66.94 -58.00
C LYS F 23 -50.94 -65.85 -56.95
N ALA F 24 -50.02 -64.91 -57.22
CA ALA F 24 -49.77 -63.78 -56.35
C ALA F 24 -50.41 -62.52 -56.92
N SER F 25 -50.77 -61.61 -56.01
CA SER F 25 -51.36 -60.34 -56.40
C SER F 25 -51.15 -59.36 -55.25
N GLY F 26 -50.92 -58.09 -55.61
CA GLY F 26 -50.73 -57.04 -54.63
C GLY F 26 -49.29 -56.63 -54.41
N TYR F 27 -48.34 -57.30 -55.04
CA TYR F 27 -46.94 -56.92 -54.93
C TYR F 27 -46.22 -57.32 -56.20
N THR F 28 -45.07 -56.68 -56.45
CA THR F 28 -44.29 -56.96 -57.64
C THR F 28 -43.75 -58.39 -57.57
N PHE F 29 -44.30 -59.27 -58.40
CA PHE F 29 -44.03 -60.69 -58.29
C PHE F 29 -42.54 -60.99 -58.49
N THR F 30 -41.91 -60.33 -59.45
CA THR F 30 -40.52 -60.62 -59.79
C THR F 30 -39.52 -60.15 -58.75
N SER F 31 -39.96 -59.49 -57.67
CA SER F 31 -39.04 -58.94 -56.68
C SER F 31 -38.76 -59.89 -55.53
N TYR F 32 -39.41 -61.05 -55.48
CA TYR F 32 -39.28 -61.94 -54.34
C TYR F 32 -39.21 -63.39 -54.80
N TYR F 33 -38.34 -64.17 -54.16
CA TYR F 33 -38.37 -65.62 -54.31
C TYR F 33 -39.71 -66.17 -53.84
N MET F 34 -40.03 -67.38 -54.28
CA MET F 34 -41.21 -68.13 -53.85
C MET F 34 -40.76 -69.50 -53.40
N TYR F 35 -41.05 -69.85 -52.15
CA TYR F 35 -40.66 -71.16 -51.65
C TYR F 35 -41.89 -71.96 -51.24
N TRP F 36 -41.75 -73.28 -51.29
CA TRP F 36 -42.84 -74.22 -51.11
C TRP F 36 -42.60 -75.07 -49.87
N VAL F 37 -43.61 -75.18 -49.03
CA VAL F 37 -43.56 -75.97 -47.81
C VAL F 37 -44.64 -77.04 -47.89
N ARG F 38 -44.37 -78.20 -47.28
CA ARG F 38 -45.26 -79.34 -47.27
C ARG F 38 -45.52 -79.75 -45.83
N GLN F 39 -46.74 -80.20 -45.55
CA GLN F 39 -47.11 -80.63 -44.19
C GLN F 39 -48.03 -81.84 -44.27
N ALA F 40 -47.51 -83.00 -43.88
CA ALA F 40 -48.33 -84.20 -43.83
C ALA F 40 -49.40 -84.05 -42.73
N PRO F 41 -50.51 -84.79 -42.84
CA PRO F 41 -51.58 -84.63 -41.84
C PRO F 41 -51.08 -84.90 -40.43
N GLY F 42 -51.31 -83.92 -39.55
CA GLY F 42 -50.86 -84.06 -38.17
C GLY F 42 -49.38 -84.26 -38.02
N GLN F 43 -48.58 -83.52 -38.78
CA GLN F 43 -47.14 -83.70 -38.81
C GLN F 43 -46.47 -82.33 -38.92
N GLY F 44 -45.14 -82.34 -38.97
CA GLY F 44 -44.38 -81.11 -39.05
C GLY F 44 -44.27 -80.57 -40.46
N LEU F 45 -43.57 -79.44 -40.56
CA LEU F 45 -43.40 -78.77 -41.84
C LEU F 45 -42.12 -79.25 -42.52
N GLU F 46 -42.12 -79.21 -43.84
CA GLU F 46 -40.99 -79.69 -44.64
C GLU F 46 -40.76 -78.74 -45.79
N TRP F 47 -39.51 -78.36 -46.01
CA TRP F 47 -39.15 -77.41 -47.05
C TRP F 47 -38.86 -78.17 -48.35
N ILE F 48 -39.56 -77.80 -49.42
CA ILE F 48 -39.38 -78.46 -50.71
C ILE F 48 -38.33 -77.71 -51.51
N GLY F 49 -38.54 -76.42 -51.71
CA GLY F 49 -37.59 -75.62 -52.47
C GLY F 49 -38.12 -74.23 -52.72
N GLU F 50 -37.35 -73.47 -53.50
CA GLU F 50 -37.66 -72.08 -53.81
C GLU F 50 -37.34 -71.81 -55.27
N ILE F 51 -37.86 -70.70 -55.78
CA ILE F 51 -37.67 -70.33 -57.19
C ILE F 51 -37.44 -68.83 -57.29
N ASN F 52 -36.52 -68.45 -58.18
CA ASN F 52 -36.30 -67.05 -58.54
C ASN F 52 -37.19 -66.73 -59.72
N PRO F 53 -38.23 -65.89 -59.57
CA PRO F 53 -39.20 -65.72 -60.66
C PRO F 53 -38.66 -64.98 -61.87
N THR F 54 -37.62 -64.16 -61.71
CA THR F 54 -37.10 -63.43 -62.87
C THR F 54 -36.29 -64.34 -63.78
N SER F 55 -35.55 -65.29 -63.20
CA SER F 55 -34.67 -66.16 -63.97
C SER F 55 -35.16 -67.59 -64.07
N GLY F 56 -36.16 -67.98 -63.30
CA GLY F 56 -36.56 -69.37 -63.24
C GLY F 56 -35.61 -70.27 -62.48
N GLY F 57 -34.57 -69.71 -61.86
CA GLY F 57 -33.65 -70.53 -61.09
C GLY F 57 -34.30 -71.10 -59.85
N THR F 58 -33.79 -72.25 -59.41
CA THR F 58 -34.40 -72.97 -58.30
C THR F 58 -33.32 -73.46 -57.34
N ASN F 59 -33.74 -73.68 -56.10
CA ASN F 59 -32.92 -74.34 -55.09
C ASN F 59 -33.81 -75.36 -54.39
N PHE F 60 -33.40 -76.61 -54.40
CA PHE F 60 -34.24 -77.70 -53.91
C PHE F 60 -33.64 -78.35 -52.67
N ASN F 61 -34.53 -78.82 -51.81
CA ASN F 61 -34.17 -79.89 -50.87
C ASN F 61 -33.78 -81.11 -51.67
N GLU F 62 -32.61 -81.68 -51.35
CA GLU F 62 -32.13 -82.85 -52.09
C GLU F 62 -33.14 -83.99 -52.10
N LYS F 63 -34.05 -84.02 -51.12
CA LYS F 63 -35.07 -85.06 -51.08
C LYS F 63 -36.02 -84.98 -52.27
N PHE F 64 -36.15 -83.80 -52.90
CA PHE F 64 -37.12 -83.61 -53.97
C PHE F 64 -36.49 -83.18 -55.29
N LYS F 65 -35.17 -83.04 -55.36
CA LYS F 65 -34.55 -82.49 -56.56
C LYS F 65 -34.80 -83.36 -57.80
N SER F 66 -34.93 -84.68 -57.60
CA SER F 66 -35.01 -85.60 -58.74
C SER F 66 -36.39 -85.64 -59.39
N ARG F 67 -37.44 -85.24 -58.67
CA ARG F 67 -38.80 -85.43 -59.17
C ARG F 67 -39.69 -84.21 -59.00
N ALA F 68 -39.16 -83.08 -58.54
CA ALA F 68 -39.92 -81.86 -58.39
C ALA F 68 -39.45 -80.83 -59.39
N THR F 69 -40.41 -80.04 -59.91
CA THR F 69 -40.11 -78.99 -60.87
C THR F 69 -40.87 -77.74 -60.47
N LEU F 70 -40.15 -76.65 -60.27
CA LEU F 70 -40.74 -75.35 -59.98
C LEU F 70 -40.65 -74.47 -61.21
N THR F 71 -41.78 -73.92 -61.62
CA THR F 71 -41.86 -73.03 -62.77
C THR F 71 -42.62 -71.77 -62.37
N VAL F 72 -42.68 -70.82 -63.30
CA VAL F 72 -43.22 -69.49 -63.00
C VAL F 72 -43.70 -68.88 -64.31
N ASP F 73 -44.86 -68.23 -64.25
CA ASP F 73 -45.39 -67.45 -65.38
C ASP F 73 -45.41 -65.99 -64.91
N THR F 74 -44.37 -65.24 -65.27
CA THR F 74 -44.26 -63.85 -64.83
C THR F 74 -45.45 -63.02 -65.29
N SER F 75 -45.98 -63.30 -66.49
CA SER F 75 -47.07 -62.49 -67.03
C SER F 75 -48.35 -62.63 -66.22
N THR F 76 -48.47 -63.67 -65.41
CA THR F 76 -49.66 -63.90 -64.60
C THR F 76 -49.36 -63.96 -63.11
N SER F 77 -48.13 -63.68 -62.71
CA SER F 77 -47.74 -63.67 -61.29
C SER F 77 -48.11 -64.99 -60.61
N THR F 78 -47.86 -66.10 -61.30
CA THR F 78 -48.26 -67.42 -60.82
C THR F 78 -47.04 -68.32 -60.74
N ALA F 79 -46.93 -69.05 -59.64
CA ALA F 79 -45.88 -70.04 -59.43
C ALA F 79 -46.48 -71.43 -59.37
N TYR F 80 -45.79 -72.39 -59.97
CA TYR F 80 -46.27 -73.75 -60.07
C TYR F 80 -45.28 -74.70 -59.42
N LEU F 81 -45.80 -75.72 -58.74
CA LEU F 81 -45.01 -76.84 -58.22
C LEU F 81 -45.54 -78.13 -58.82
N GLU F 82 -44.69 -78.86 -59.52
CA GLU F 82 -45.02 -80.19 -60.03
C GLU F 82 -44.25 -81.24 -59.24
N LEU F 83 -44.96 -82.25 -58.75
CA LEU F 83 -44.38 -83.37 -58.03
C LEU F 83 -44.73 -84.65 -58.76
N SER F 84 -43.72 -85.29 -59.38
CA SER F 84 -43.93 -86.53 -60.10
C SER F 84 -43.42 -87.71 -59.28
N SER F 85 -43.68 -88.91 -59.79
CA SER F 85 -43.37 -90.17 -59.08
C SER F 85 -44.01 -90.17 -57.70
N LEU F 86 -45.31 -89.88 -57.65
CA LEU F 86 -46.01 -89.72 -56.39
C LEU F 86 -46.08 -91.02 -55.60
N ARG F 87 -45.99 -90.90 -54.28
CA ARG F 87 -46.16 -92.01 -53.36
C ARG F 87 -47.06 -91.59 -52.22
N SER F 88 -47.53 -92.57 -51.45
CA SER F 88 -48.48 -92.29 -50.38
C SER F 88 -47.87 -91.36 -49.32
N GLU F 89 -46.54 -91.35 -49.20
CA GLU F 89 -45.90 -90.43 -48.27
C GLU F 89 -46.00 -88.98 -48.71
N ASP F 90 -46.37 -88.72 -49.96
CA ASP F 90 -46.54 -87.36 -50.45
C ASP F 90 -47.90 -86.78 -50.10
N THR F 91 -48.79 -87.57 -49.51
CA THR F 91 -50.10 -87.09 -49.08
C THR F 91 -49.93 -86.01 -48.03
N ALA F 92 -50.18 -84.75 -48.38
CA ALA F 92 -49.90 -83.64 -47.48
C ALA F 92 -50.56 -82.38 -48.03
N VAL F 93 -50.45 -81.30 -47.26
CA VAL F 93 -50.89 -79.97 -47.69
C VAL F 93 -49.65 -79.21 -48.17
N TYR F 94 -49.78 -78.57 -49.32
CA TYR F 94 -48.66 -77.90 -49.98
C TYR F 94 -48.89 -76.40 -49.96
N TYR F 95 -47.97 -75.67 -49.34
CA TYR F 95 -48.06 -74.23 -49.20
C TYR F 95 -47.01 -73.54 -50.05
N CYS F 96 -47.37 -72.38 -50.60
CA CYS F 96 -46.40 -71.44 -51.15
C CYS F 96 -46.27 -70.26 -50.21
N ALA F 97 -45.07 -69.69 -50.14
CA ALA F 97 -44.81 -68.56 -49.26
C ALA F 97 -43.77 -67.66 -49.89
N ARG F 98 -43.93 -66.36 -49.68
CA ARG F 98 -42.98 -65.39 -50.21
C ARG F 98 -41.71 -65.34 -49.37
N GLU F 99 -40.56 -65.33 -50.04
CA GLU F 99 -39.27 -65.24 -49.36
C GLU F 99 -38.87 -63.78 -49.29
N GLY F 100 -39.04 -63.18 -48.13
CA GLY F 100 -38.64 -61.79 -47.98
C GLY F 100 -39.85 -60.89 -47.81
N GLY F 101 -39.66 -59.81 -47.06
CA GLY F 101 -40.78 -58.95 -46.76
C GLY F 101 -41.72 -59.62 -45.78
N PHE F 102 -42.94 -59.08 -45.71
CA PHE F 102 -43.95 -59.66 -44.84
C PHE F 102 -44.22 -61.11 -45.26
N ALA F 103 -44.32 -61.99 -44.25
CA ALA F 103 -44.37 -63.43 -44.47
C ALA F 103 -45.75 -63.83 -44.95
N TYR F 104 -46.02 -63.55 -46.22
CA TYR F 104 -47.28 -63.96 -46.83
C TYR F 104 -47.24 -65.44 -47.17
N TRP F 105 -48.34 -66.13 -46.87
CA TRP F 105 -48.48 -67.55 -47.16
C TRP F 105 -49.78 -67.79 -47.93
N GLY F 106 -49.78 -68.84 -48.74
CA GLY F 106 -50.99 -69.31 -49.37
C GLY F 106 -51.89 -70.00 -48.35
N GLN F 107 -53.07 -70.39 -48.83
CA GLN F 107 -54.03 -71.08 -47.97
C GLN F 107 -53.80 -72.58 -47.91
N GLY F 108 -53.00 -73.11 -48.84
CA GLY F 108 -52.70 -74.53 -48.85
C GLY F 108 -53.45 -75.27 -49.92
N THR F 109 -52.81 -76.32 -50.45
CA THR F 109 -53.44 -77.23 -51.40
C THR F 109 -53.25 -78.65 -50.88
N LEU F 110 -54.35 -79.34 -50.63
CA LEU F 110 -54.29 -80.73 -50.22
C LEU F 110 -54.06 -81.61 -51.43
N VAL F 111 -53.07 -82.50 -51.33
CA VAL F 111 -52.76 -83.47 -52.39
C VAL F 111 -52.76 -84.84 -51.73
N THR F 112 -53.70 -85.70 -52.14
CA THR F 112 -53.87 -87.03 -51.58
C THR F 112 -53.37 -88.05 -52.60
N VAL F 113 -52.46 -88.92 -52.17
CA VAL F 113 -51.88 -89.96 -53.03
C VAL F 113 -52.17 -91.30 -52.38
N SER F 114 -53.10 -92.06 -52.96
CA SER F 114 -53.51 -93.35 -52.40
C SER F 114 -53.88 -94.29 -53.52
N SER F 115 -53.81 -95.59 -53.22
CA SER F 115 -54.16 -96.60 -54.21
C SER F 115 -55.67 -96.68 -54.44
N ALA F 116 -56.47 -96.27 -53.45
CA ALA F 116 -57.91 -96.43 -53.51
C ALA F 116 -58.51 -95.44 -54.53
N SER F 117 -59.83 -95.52 -54.69
CA SER F 117 -60.56 -94.68 -55.61
C SER F 117 -61.77 -94.07 -54.89
N THR F 118 -62.23 -92.94 -55.43
CA THR F 118 -63.26 -92.12 -54.78
C THR F 118 -64.51 -92.92 -54.44
N LYS F 119 -64.70 -93.21 -53.17
CA LYS F 119 -65.81 -93.99 -52.66
C LYS F 119 -66.72 -93.11 -51.80
N GLY F 120 -67.96 -93.56 -51.62
CA GLY F 120 -68.89 -92.89 -50.75
C GLY F 120 -68.88 -93.47 -49.35
N PRO F 121 -69.37 -92.69 -48.37
CA PRO F 121 -69.35 -93.15 -46.98
C PRO F 121 -70.58 -93.94 -46.58
N SER F 122 -70.38 -94.87 -45.66
CA SER F 122 -71.44 -95.68 -45.09
C SER F 122 -71.77 -95.15 -43.70
N VAL F 123 -73.03 -94.76 -43.49
CA VAL F 123 -73.47 -94.13 -42.26
C VAL F 123 -74.22 -95.15 -41.42
N PHE F 124 -73.73 -95.40 -40.20
CA PHE F 124 -74.32 -96.35 -39.27
C PHE F 124 -74.66 -95.66 -37.95
N PRO F 125 -75.71 -96.09 -37.27
CA PRO F 125 -76.07 -95.48 -35.99
C PRO F 125 -75.27 -96.03 -34.82
N LEU F 126 -75.11 -95.19 -33.81
CA LEU F 126 -74.52 -95.57 -32.52
C LEU F 126 -75.63 -95.37 -31.48
N ALA F 127 -76.48 -96.38 -31.34
CA ALA F 127 -77.69 -96.23 -30.54
C ALA F 127 -77.34 -96.07 -29.06
N PRO F 128 -78.10 -95.28 -28.31
CA PRO F 128 -77.82 -95.11 -26.88
C PRO F 128 -78.15 -96.38 -26.10
N SER F 129 -77.35 -96.65 -25.08
CA SER F 129 -77.55 -97.85 -24.27
C SER F 129 -78.82 -97.72 -23.42
N SER F 130 -78.86 -96.73 -22.55
CA SER F 130 -80.03 -96.44 -21.71
C SER F 130 -80.46 -97.65 -20.89
N GLY F 135 -79.36 -93.68 -17.28
CA GLY F 135 -79.36 -93.17 -15.93
C GLY F 135 -79.65 -91.69 -15.85
N GLY F 136 -78.61 -90.88 -16.03
CA GLY F 136 -78.76 -89.43 -16.01
C GLY F 136 -78.39 -88.80 -17.33
N THR F 137 -77.24 -89.16 -17.88
CA THR F 137 -76.76 -88.63 -19.16
C THR F 137 -76.37 -89.80 -20.05
N ALA F 138 -76.81 -89.76 -21.30
CA ALA F 138 -76.51 -90.79 -22.27
C ALA F 138 -75.92 -90.17 -23.52
N ALA F 139 -75.17 -90.98 -24.27
CA ALA F 139 -74.51 -90.55 -25.50
C ALA F 139 -75.02 -91.34 -26.69
N LEU F 140 -74.98 -90.72 -27.86
CA LEU F 140 -75.38 -91.35 -29.11
C LEU F 140 -74.65 -90.65 -30.24
N GLY F 141 -74.68 -91.26 -31.43
CA GLY F 141 -74.02 -90.65 -32.56
C GLY F 141 -74.11 -91.51 -33.79
N CYS F 142 -73.33 -91.10 -34.80
CA CYS F 142 -73.27 -91.77 -36.09
C CYS F 142 -71.81 -92.15 -36.39
N LEU F 143 -71.62 -93.33 -36.96
CA LEU F 143 -70.30 -93.82 -37.34
C LEU F 143 -70.19 -93.76 -38.86
N VAL F 144 -69.36 -92.85 -39.36
CA VAL F 144 -69.12 -92.72 -40.79
C VAL F 144 -67.88 -93.54 -41.12
N LYS F 145 -68.06 -94.63 -41.86
CA LYS F 145 -66.99 -95.58 -42.11
C LYS F 145 -66.78 -95.80 -43.60
N ASP F 146 -65.52 -96.05 -43.97
CA ASP F 146 -65.11 -96.45 -45.31
C ASP F 146 -65.52 -95.45 -46.38
N TYR F 147 -64.76 -94.36 -46.49
CA TYR F 147 -64.93 -93.39 -47.56
C TYR F 147 -63.56 -92.95 -48.05
N PHE F 148 -63.57 -92.25 -49.18
CA PHE F 148 -62.34 -91.71 -49.77
C PHE F 148 -62.69 -90.71 -50.87
N PRO F 149 -62.04 -89.55 -50.90
CA PRO F 149 -61.07 -89.14 -49.90
C PRO F 149 -61.69 -88.27 -48.81
N GLU F 150 -60.84 -87.51 -48.12
CA GLU F 150 -61.32 -86.50 -47.20
C GLU F 150 -61.80 -85.28 -47.99
N PRO F 151 -62.66 -84.44 -47.38
CA PRO F 151 -63.18 -84.49 -46.01
C PRO F 151 -64.60 -85.05 -45.90
N VAL F 152 -65.14 -85.02 -44.69
CA VAL F 152 -66.53 -85.37 -44.41
C VAL F 152 -67.06 -84.40 -43.36
N THR F 153 -68.16 -83.74 -43.67
CA THR F 153 -68.79 -82.78 -42.77
C THR F 153 -70.05 -83.40 -42.19
N VAL F 154 -70.21 -83.31 -40.87
CA VAL F 154 -71.33 -83.91 -40.15
C VAL F 154 -71.95 -82.85 -39.25
N SER F 155 -73.24 -82.63 -39.40
CA SER F 155 -74.02 -81.77 -38.52
C SER F 155 -75.19 -82.57 -37.95
N TRP F 156 -75.85 -82.02 -36.94
CA TRP F 156 -76.95 -82.68 -36.26
C TRP F 156 -78.20 -81.81 -36.34
N ASN F 157 -79.27 -82.36 -36.91
CA ASN F 157 -80.56 -81.67 -37.03
C ASN F 157 -80.42 -80.36 -37.80
N SER F 158 -79.69 -80.42 -38.91
CA SER F 158 -79.47 -79.29 -39.82
C SER F 158 -78.83 -78.09 -39.12
N GLY F 159 -78.09 -78.32 -38.03
CA GLY F 159 -77.41 -77.25 -37.33
C GLY F 159 -78.08 -76.77 -36.06
N ALA F 160 -79.17 -77.40 -35.63
CA ALA F 160 -79.86 -76.96 -34.43
C ALA F 160 -79.15 -77.44 -33.16
N LEU F 161 -78.79 -78.72 -33.12
CA LEU F 161 -78.10 -79.32 -31.98
C LEU F 161 -76.60 -79.12 -32.15
N THR F 162 -76.01 -78.26 -31.32
CA THR F 162 -74.60 -77.95 -31.39
C THR F 162 -73.84 -78.30 -30.12
N SER F 163 -74.40 -78.02 -28.95
CA SER F 163 -73.70 -78.27 -27.70
C SER F 163 -73.68 -79.76 -27.39
N GLY F 164 -72.55 -80.22 -26.85
CA GLY F 164 -72.35 -81.62 -26.55
C GLY F 164 -71.82 -82.46 -27.70
N VAL F 165 -71.69 -81.87 -28.89
CA VAL F 165 -71.26 -82.62 -30.07
C VAL F 165 -69.75 -82.73 -30.09
N HIS F 166 -69.26 -83.92 -30.45
CA HIS F 166 -67.82 -84.19 -30.55
C HIS F 166 -67.56 -84.99 -31.83
N THR F 167 -67.35 -84.27 -32.93
CA THR F 167 -67.03 -84.90 -34.22
C THR F 167 -65.53 -85.17 -34.27
N PHE F 168 -65.15 -86.43 -34.29
CA PHE F 168 -63.75 -86.82 -34.15
C PHE F 168 -62.99 -86.68 -35.47
N PRO F 169 -61.67 -86.55 -35.40
CA PRO F 169 -60.86 -86.61 -36.62
C PRO F 169 -60.92 -87.99 -37.26
N ALA F 170 -60.77 -88.01 -38.58
CA ALA F 170 -60.75 -89.25 -39.32
C ALA F 170 -59.43 -89.98 -39.13
N VAL F 171 -59.46 -91.30 -39.27
CA VAL F 171 -58.27 -92.13 -39.20
C VAL F 171 -58.09 -92.85 -40.52
N LEU F 172 -56.85 -93.15 -40.86
CA LEU F 172 -56.52 -93.85 -42.10
C LEU F 172 -56.39 -95.34 -41.79
N GLN F 173 -57.42 -96.10 -42.14
CA GLN F 173 -57.41 -97.53 -41.92
C GLN F 173 -56.41 -98.21 -42.86
N SER F 174 -56.08 -99.46 -42.54
CA SER F 174 -55.17 -100.23 -43.36
C SER F 174 -55.72 -100.47 -44.77
N SER F 175 -57.05 -100.44 -44.92
CA SER F 175 -57.68 -100.57 -46.22
C SER F 175 -57.56 -99.32 -47.06
N GLY F 176 -56.89 -98.27 -46.59
CA GLY F 176 -56.77 -97.06 -47.36
C GLY F 176 -58.01 -96.20 -47.38
N LEU F 177 -58.94 -96.45 -46.46
CA LEU F 177 -60.18 -95.70 -46.36
C LEU F 177 -60.27 -95.04 -45.00
N TYR F 178 -60.94 -93.90 -44.94
CA TYR F 178 -61.03 -93.10 -43.74
C TYR F 178 -62.27 -93.46 -42.93
N SER F 179 -62.12 -93.47 -41.61
CA SER F 179 -63.21 -93.78 -40.68
C SER F 179 -63.31 -92.68 -39.64
N LEU F 180 -64.54 -92.32 -39.29
CA LEU F 180 -64.79 -91.15 -38.45
C LEU F 180 -66.02 -91.40 -37.59
N SER F 181 -65.99 -90.89 -36.36
CA SER F 181 -67.11 -90.98 -35.44
C SER F 181 -67.56 -89.59 -35.02
N SER F 182 -68.86 -89.47 -34.73
CA SER F 182 -69.45 -88.20 -34.30
C SER F 182 -70.46 -88.49 -33.21
N VAL F 183 -70.21 -88.00 -32.00
CA VAL F 183 -71.04 -88.30 -30.84
C VAL F 183 -71.64 -87.01 -30.28
N VAL F 184 -72.67 -87.19 -29.47
CA VAL F 184 -73.32 -86.09 -28.77
C VAL F 184 -73.96 -86.64 -27.50
N THR F 185 -73.94 -85.84 -26.43
CA THR F 185 -74.49 -86.22 -25.15
C THR F 185 -75.81 -85.48 -24.91
N VAL F 186 -76.80 -86.22 -24.43
CA VAL F 186 -78.14 -85.69 -24.16
C VAL F 186 -78.67 -86.33 -22.89
N PRO F 187 -79.61 -85.66 -22.22
CA PRO F 187 -80.24 -86.27 -21.04
C PRO F 187 -80.97 -87.55 -21.37
N SER F 188 -80.98 -88.48 -20.42
CA SER F 188 -81.65 -89.76 -20.61
C SER F 188 -83.16 -89.62 -20.63
N SER F 189 -83.70 -88.51 -20.14
CA SER F 189 -85.15 -88.30 -20.12
C SER F 189 -85.69 -87.79 -21.45
N SER F 190 -84.84 -87.48 -22.41
CA SER F 190 -85.26 -87.01 -23.73
C SER F 190 -85.11 -88.06 -24.81
N LEU F 191 -84.80 -89.30 -24.45
CA LEU F 191 -84.71 -90.39 -25.42
C LEU F 191 -86.12 -90.86 -25.78
N GLY F 192 -86.48 -90.71 -27.06
CA GLY F 192 -87.80 -91.02 -27.54
C GLY F 192 -88.67 -89.80 -27.77
N THR F 193 -88.40 -88.71 -27.04
CA THR F 193 -89.14 -87.47 -27.21
C THR F 193 -88.52 -86.58 -28.29
N GLN F 194 -87.20 -86.52 -28.34
CA GLN F 194 -86.48 -85.66 -29.27
C GLN F 194 -86.00 -86.47 -30.48
N THR F 195 -85.93 -85.81 -31.63
CA THR F 195 -85.43 -86.41 -32.86
C THR F 195 -83.98 -86.00 -33.07
N TYR F 196 -83.14 -86.99 -33.39
CA TYR F 196 -81.71 -86.78 -33.57
C TYR F 196 -81.31 -87.34 -34.93
N ILE F 197 -80.97 -86.45 -35.85
CA ILE F 197 -80.63 -86.81 -37.23
C ILE F 197 -79.28 -86.21 -37.57
N CYS F 198 -78.31 -87.06 -37.88
CA CYS F 198 -76.98 -86.62 -38.30
C CYS F 198 -76.96 -86.42 -39.80
N ASN F 199 -76.38 -85.32 -40.25
CA ASN F 199 -76.35 -84.95 -41.67
C ASN F 199 -74.93 -85.12 -42.18
N VAL F 200 -74.67 -86.25 -42.83
CA VAL F 200 -73.37 -86.55 -43.42
C VAL F 200 -73.35 -86.03 -44.85
N ASN F 201 -72.23 -85.42 -45.24
CA ASN F 201 -72.07 -84.86 -46.58
C ASN F 201 -70.66 -85.18 -47.08
N HIS F 202 -70.59 -85.76 -48.28
CA HIS F 202 -69.31 -86.11 -48.91
C HIS F 202 -69.32 -85.52 -50.32
N LYS F 203 -68.76 -84.31 -50.46
CA LYS F 203 -68.73 -83.65 -51.75
C LYS F 203 -67.99 -84.43 -52.85
N PRO F 204 -66.84 -85.07 -52.60
CA PRO F 204 -66.16 -85.76 -53.70
C PRO F 204 -67.00 -86.84 -54.38
N SER F 205 -67.94 -87.47 -53.67
CA SER F 205 -68.80 -88.48 -54.27
C SER F 205 -70.24 -88.03 -54.38
N ASN F 206 -70.54 -86.78 -54.02
CA ASN F 206 -71.89 -86.22 -54.10
C ASN F 206 -72.89 -87.09 -53.35
N THR F 207 -72.51 -87.52 -52.15
CA THR F 207 -73.34 -88.36 -51.30
C THR F 207 -73.86 -87.52 -50.13
N LYS F 208 -75.18 -87.42 -50.01
CA LYS F 208 -75.83 -86.74 -48.90
C LYS F 208 -76.75 -87.74 -48.20
N VAL F 209 -76.42 -88.10 -46.97
CA VAL F 209 -77.15 -89.12 -46.22
C VAL F 209 -77.67 -88.48 -44.92
N ASP F 210 -78.98 -88.51 -44.73
CA ASP F 210 -79.61 -88.12 -43.48
C ASP F 210 -80.02 -89.38 -42.73
N LYS F 211 -79.44 -89.58 -41.55
CA LYS F 211 -79.64 -90.80 -40.78
C LYS F 211 -80.28 -90.47 -39.44
N LYS F 212 -81.35 -91.20 -39.11
CA LYS F 212 -82.08 -91.01 -37.87
C LYS F 212 -81.53 -91.97 -36.81
N VAL F 213 -81.30 -91.44 -35.61
CA VAL F 213 -80.67 -92.20 -34.52
C VAL F 213 -81.68 -92.34 -33.39
N GLU F 214 -82.11 -93.58 -33.15
CA GLU F 214 -83.08 -93.91 -32.13
C GLU F 214 -82.51 -94.97 -31.18
N PRO F 215 -83.07 -95.10 -29.98
CA PRO F 215 -82.69 -96.24 -29.13
C PRO F 215 -83.28 -97.53 -29.66
N LYS F 216 -82.51 -98.61 -29.54
CA LYS F 216 -82.93 -99.90 -30.08
C LYS F 216 -83.95 -100.57 -29.17
N SER F 217 -84.85 -101.34 -29.78
CA SER F 217 -85.87 -102.06 -29.03
C SER F 217 -85.78 -103.56 -29.30
N ILE G 1 33.92 41.47 -19.98
CA ILE G 1 33.86 41.07 -18.59
C ILE G 1 32.65 40.15 -18.35
N LEU G 2 32.93 38.89 -18.06
CA LEU G 2 31.89 37.88 -17.87
C LEU G 2 31.57 37.75 -16.39
N GLY G 3 30.29 37.73 -16.06
CA GLY G 3 29.86 37.55 -14.70
C GLY G 3 29.99 38.76 -13.80
N GLY G 4 30.18 39.95 -14.37
CA GLY G 4 30.31 41.17 -13.62
C GLY G 4 29.07 42.04 -13.72
N ARG G 5 29.26 43.32 -13.45
CA ARG G 5 28.18 44.29 -13.51
C ARG G 5 28.75 45.62 -13.94
N GLU G 6 27.86 46.56 -14.25
CA GLU G 6 28.29 47.89 -14.67
C GLU G 6 28.99 48.58 -13.52
N ALA G 7 30.18 49.12 -13.78
CA ALA G 7 30.96 49.78 -12.75
C ALA G 7 30.32 51.13 -12.40
N GLU G 8 30.74 51.66 -11.25
CA GLU G 8 30.42 53.04 -10.93
C GLU G 8 31.12 53.96 -11.94
N ALA G 9 30.38 54.93 -12.46
CA ALA G 9 30.89 55.76 -13.54
C ALA G 9 32.09 56.59 -13.07
N HIS G 10 33.22 56.43 -13.76
CA HIS G 10 34.45 57.18 -13.52
C HIS G 10 35.05 56.89 -12.14
N ALA G 11 34.66 55.77 -11.52
CA ALA G 11 35.26 55.35 -10.26
C ALA G 11 36.63 54.72 -10.46
N ARG G 12 36.99 54.36 -11.69
CA ARG G 12 38.32 53.85 -12.02
C ARG G 12 38.94 54.84 -13.01
N PRO G 13 39.48 55.96 -12.50
CA PRO G 13 39.93 57.03 -13.40
C PRO G 13 41.11 56.66 -14.27
N TYR G 14 41.69 55.49 -14.07
CA TYR G 14 42.81 55.02 -14.88
C TYR G 14 42.38 54.24 -16.12
N MET G 15 41.09 53.94 -16.23
CA MET G 15 40.62 53.04 -17.29
C MET G 15 40.65 53.74 -18.64
N ALA G 16 41.40 53.18 -19.57
CA ALA G 16 41.48 53.68 -20.93
C ALA G 16 40.84 52.68 -21.89
N SER G 17 40.37 53.20 -23.03
CA SER G 17 39.84 52.38 -24.11
C SER G 17 40.70 52.63 -25.34
N VAL G 18 41.57 51.68 -25.67
CA VAL G 18 42.34 51.77 -26.90
C VAL G 18 41.39 51.55 -28.06
N GLN G 19 41.39 52.48 -29.00
CA GLN G 19 40.41 52.47 -30.09
C GLN G 19 41.11 52.38 -31.43
N LEU G 20 40.45 51.69 -32.36
CA LEU G 20 40.95 51.51 -33.72
C LEU G 20 39.85 51.94 -34.68
N ASN G 21 40.14 52.98 -35.47
CA ASN G 21 39.16 53.54 -36.41
C ASN G 21 37.87 53.91 -35.70
N GLY G 22 37.99 54.48 -34.52
CA GLY G 22 36.85 55.02 -33.80
C GLY G 22 36.00 54.01 -33.06
N ALA G 23 36.43 52.76 -32.99
CA ALA G 23 35.70 51.73 -32.28
C ALA G 23 36.59 51.13 -31.20
N HIS G 24 35.97 50.66 -30.12
CA HIS G 24 36.73 50.06 -29.02
C HIS G 24 37.43 48.81 -29.50
N LEU G 25 38.72 48.71 -29.20
CA LEU G 25 39.53 47.55 -29.58
C LEU G 25 40.06 46.80 -28.37
N CYS G 26 40.60 47.50 -27.39
CA CYS G 26 41.23 46.88 -26.24
C CYS G 26 41.12 47.80 -25.04
N GLY G 27 41.47 47.26 -23.88
CA GLY G 27 41.56 48.08 -22.69
C GLY G 27 42.94 48.68 -22.54
N GLY G 28 43.04 49.62 -21.61
CA GLY G 28 44.31 50.25 -21.32
C GLY G 28 44.27 50.91 -19.96
N VAL G 29 45.41 50.95 -19.29
CA VAL G 29 45.56 51.62 -18.00
C VAL G 29 46.50 52.80 -18.19
N LEU G 30 46.10 53.96 -17.67
CA LEU G 30 46.94 55.15 -17.69
C LEU G 30 48.00 55.02 -16.61
N VAL G 31 49.27 54.95 -17.01
CA VAL G 31 50.35 54.75 -16.06
C VAL G 31 51.22 55.99 -15.87
N ALA G 32 51.12 56.97 -16.76
CA ALA G 32 51.82 58.24 -16.62
C ALA G 32 50.91 59.34 -17.18
N GLU G 33 51.37 60.58 -17.10
CA GLU G 33 50.60 61.68 -17.67
C GLU G 33 50.43 61.54 -19.17
N GLN G 34 51.33 60.81 -19.84
CA GLN G 34 51.30 60.73 -21.30
C GLN G 34 51.52 59.30 -21.82
N TRP G 35 51.28 58.29 -20.99
CA TRP G 35 51.53 56.91 -21.40
C TRP G 35 50.42 55.99 -20.91
N VAL G 36 49.86 55.22 -21.84
CA VAL G 36 48.85 54.21 -21.52
C VAL G 36 49.46 52.83 -21.75
N LEU G 37 49.24 51.94 -20.80
CA LEU G 37 49.75 50.57 -20.88
C LEU G 37 48.63 49.65 -21.38
N SER G 38 48.96 48.79 -22.34
CA SER G 38 47.98 47.89 -22.93
C SER G 38 48.70 46.61 -23.35
N ALA G 39 48.02 45.81 -24.17
CA ALA G 39 48.56 44.54 -24.63
C ALA G 39 49.10 44.67 -26.05
N ALA G 40 50.20 43.96 -26.33
CA ALA G 40 50.86 44.10 -27.63
C ALA G 40 50.03 43.50 -28.76
N HIS G 41 49.40 42.35 -28.53
CA HIS G 41 48.67 41.68 -29.59
C HIS G 41 47.43 42.44 -30.04
N CYS G 42 47.04 43.50 -29.33
CA CYS G 42 45.91 44.31 -29.77
C CYS G 42 46.16 44.98 -31.11
N LEU G 43 47.42 45.18 -31.47
CA LEU G 43 47.79 45.92 -32.68
C LEU G 43 48.40 45.03 -33.76
N GLU G 44 48.36 43.70 -33.58
CA GLU G 44 48.93 42.81 -34.58
C GLU G 44 48.19 42.91 -35.90
N ASP G 45 46.86 42.95 -35.85
CA ASP G 45 46.02 43.04 -37.05
C ASP G 45 45.51 44.45 -37.32
N ALA G 46 46.02 45.45 -36.61
CA ALA G 46 45.48 46.80 -36.75
C ALA G 46 45.87 47.42 -38.08
N ALA G 47 47.07 47.12 -38.57
CA ALA G 47 47.55 47.58 -39.89
C ALA G 47 47.52 49.10 -39.89
N ASP G 48 47.02 49.73 -40.96
CA ASP G 48 47.01 51.18 -41.10
C ASP G 48 45.87 51.85 -40.35
N GLY G 49 45.19 51.12 -39.47
CA GLY G 49 44.11 51.73 -38.71
C GLY G 49 44.61 52.82 -37.78
N LYS G 50 43.78 53.84 -37.60
CA LYS G 50 44.11 54.96 -36.74
C LYS G 50 43.91 54.56 -35.28
N VAL G 51 44.98 54.67 -34.49
CA VAL G 51 44.98 54.24 -33.10
C VAL G 51 44.81 55.46 -32.20
N GLN G 52 43.78 55.44 -31.35
CA GLN G 52 43.51 56.52 -30.41
C GLN G 52 43.19 55.92 -29.04
N VAL G 53 43.29 56.76 -28.01
CA VAL G 53 43.00 56.36 -26.63
C VAL G 53 41.91 57.26 -26.08
N LEU G 54 40.94 56.66 -25.40
CA LEU G 54 39.78 57.37 -24.86
C LEU G 54 39.87 57.38 -23.34
N LEU G 55 40.04 58.55 -22.75
CA LEU G 55 40.20 58.71 -21.31
C LEU G 55 38.98 59.34 -20.68
N GLY G 56 38.84 59.10 -19.38
CA GLY G 56 37.70 59.63 -18.63
C GLY G 56 36.36 59.10 -19.11
N ALA G 57 36.34 57.90 -19.67
CA ALA G 57 35.14 57.35 -20.29
C ALA G 57 34.48 56.32 -19.38
N HIS G 58 33.15 56.34 -19.37
CA HIS G 58 32.35 55.26 -18.80
C HIS G 58 31.47 54.62 -19.85
N SER G 59 30.71 55.42 -20.60
CA SER G 59 30.00 54.97 -21.78
C SER G 59 30.83 55.27 -23.03
N LEU G 60 30.85 54.32 -23.96
CA LEU G 60 31.61 54.50 -25.19
C LEU G 60 30.91 55.42 -26.18
N SER G 61 29.59 55.60 -26.05
CA SER G 61 28.81 56.38 -27.00
C SER G 61 28.20 57.64 -26.42
N GLN G 62 27.66 57.57 -25.20
CA GLN G 62 26.98 58.70 -24.61
C GLN G 62 27.96 59.84 -24.33
N PRO G 63 27.50 61.08 -24.36
CA PRO G 63 28.40 62.22 -24.12
C PRO G 63 28.65 62.43 -22.63
N GLU G 64 29.92 62.48 -22.26
CA GLU G 64 30.33 62.71 -20.88
C GLU G 64 31.35 63.84 -20.83
N PRO G 65 31.24 64.76 -19.88
CA PRO G 65 32.19 65.88 -19.82
C PRO G 65 33.64 65.42 -19.71
N SER G 66 33.90 64.37 -18.93
CA SER G 66 35.26 63.92 -18.71
C SER G 66 35.83 63.16 -19.90
N LYS G 67 34.99 62.73 -20.85
CA LYS G 67 35.47 61.98 -22.01
C LYS G 67 36.32 62.88 -22.90
N ARG G 68 37.53 62.43 -23.21
CA ARG G 68 38.37 63.10 -24.18
C ARG G 68 39.14 62.04 -24.95
N LEU G 69 39.20 62.21 -26.28
CA LEU G 69 39.87 61.28 -27.16
C LEU G 69 41.23 61.84 -27.55
N TYR G 70 42.28 61.06 -27.33
CA TYR G 70 43.65 61.47 -27.60
C TYR G 70 44.23 60.69 -28.78
N ASP G 71 45.02 61.37 -29.61
CA ASP G 71 45.76 60.70 -30.66
C ASP G 71 47.04 60.12 -30.08
N VAL G 72 47.55 59.08 -30.74
CA VAL G 72 48.72 58.34 -30.27
C VAL G 72 49.93 58.78 -31.09
N LEU G 73 50.90 59.37 -30.39
CA LEU G 73 52.09 59.87 -31.07
C LEU G 73 53.10 58.76 -31.38
N ARG G 74 53.09 57.69 -30.58
CA ARG G 74 54.14 56.69 -30.65
C ARG G 74 53.68 55.43 -29.93
N ALA G 75 53.85 54.28 -30.58
CA ALA G 75 53.42 52.99 -30.02
C ALA G 75 54.63 52.08 -29.89
N VAL G 76 54.86 51.58 -28.68
CA VAL G 76 56.03 50.78 -28.35
C VAL G 76 55.58 49.43 -27.81
N PRO G 77 55.55 48.40 -28.64
CA PRO G 77 55.35 47.05 -28.13
C PRO G 77 56.65 46.53 -27.53
N HIS G 78 56.51 45.64 -26.55
CA HIS G 78 57.69 44.99 -25.98
C HIS G 78 58.46 44.29 -27.10
N PRO G 79 59.78 44.49 -27.18
CA PRO G 79 60.52 43.99 -28.36
C PRO G 79 60.54 42.48 -28.48
N ASP G 80 60.25 41.74 -27.40
CA ASP G 80 60.28 40.29 -27.44
C ASP G 80 58.90 39.66 -27.65
N SER G 81 57.90 40.47 -28.00
CA SER G 81 56.56 39.94 -28.27
C SER G 81 56.46 39.53 -29.73
N GLN G 82 55.72 38.46 -29.97
CA GLN G 82 55.50 37.94 -31.31
C GLN G 82 54.11 37.33 -31.37
N PRO G 83 53.52 37.20 -32.56
CA PRO G 83 52.15 36.68 -32.65
C PRO G 83 52.00 35.24 -32.21
N ASP G 84 53.09 34.46 -32.16
CA ASP G 84 52.99 33.05 -31.83
C ASP G 84 52.84 32.79 -30.34
N THR G 85 53.19 33.74 -29.49
CA THR G 85 53.25 33.53 -28.04
C THR G 85 52.34 34.51 -27.32
N ILE G 86 52.10 34.22 -26.04
CA ILE G 86 51.47 35.15 -25.13
C ILE G 86 52.48 35.87 -24.25
N ASP G 87 53.78 35.61 -24.47
CA ASP G 87 54.82 36.18 -23.63
C ASP G 87 55.05 37.64 -24.01
N HIS G 88 55.37 38.44 -22.99
CA HIS G 88 55.76 39.85 -23.19
C HIS G 88 54.65 40.63 -23.88
N ASP G 89 53.40 40.29 -23.59
CA ASP G 89 52.26 40.89 -24.28
C ASP G 89 51.91 42.26 -23.69
N LEU G 90 52.91 43.14 -23.69
CA LEU G 90 52.77 44.49 -23.17
C LEU G 90 52.98 45.51 -24.27
N LEU G 91 52.19 46.59 -24.21
CA LEU G 91 52.23 47.66 -25.20
C LEU G 91 52.15 49.00 -24.48
N LEU G 92 53.02 49.93 -24.86
CA LEU G 92 53.03 51.28 -24.31
C LEU G 92 52.69 52.27 -25.40
N LEU G 93 51.71 53.15 -25.11
CA LEU G 93 51.20 54.12 -26.07
C LEU G 93 51.43 55.52 -25.53
N GLN G 94 52.16 56.34 -26.29
CA GLN G 94 52.38 57.73 -25.93
C GLN G 94 51.30 58.59 -26.55
N LEU G 95 50.65 59.41 -25.71
CA LEU G 95 49.57 60.24 -26.19
C LEU G 95 50.12 61.44 -26.97
N SER G 96 49.22 62.11 -27.70
CA SER G 96 49.63 63.30 -28.44
C SER G 96 50.04 64.43 -27.52
N GLU G 97 49.53 64.43 -26.29
CA GLU G 97 49.91 65.41 -25.28
C GLU G 97 49.58 64.82 -23.92
N LYS G 98 50.04 65.49 -22.86
CA LYS G 98 49.75 65.03 -21.52
C LYS G 98 48.24 65.06 -21.27
N ALA G 99 47.74 64.04 -20.59
CA ALA G 99 46.32 63.92 -20.35
C ALA G 99 45.86 64.97 -19.35
N THR G 100 44.68 65.55 -19.60
CA THR G 100 44.07 66.49 -18.68
C THR G 100 43.56 65.73 -17.46
N LEU G 101 44.35 65.77 -16.38
CA LEU G 101 43.99 65.02 -15.18
C LEU G 101 42.81 65.66 -14.47
N GLY G 102 42.12 64.85 -13.68
CA GLY G 102 40.97 65.29 -12.93
C GLY G 102 40.42 64.17 -12.08
N PRO G 103 39.21 64.35 -11.56
CA PRO G 103 38.58 63.29 -10.75
C PRO G 103 38.19 62.06 -11.56
N ALA G 104 38.25 62.13 -12.90
CA ALA G 104 37.91 61.00 -13.74
C ALA G 104 39.07 60.54 -14.62
N VAL G 105 40.20 61.25 -14.62
CA VAL G 105 41.40 60.84 -15.34
C VAL G 105 42.57 60.99 -14.37
N ARG G 106 43.17 59.87 -13.99
CA ARG G 106 44.28 59.87 -13.05
C ARG G 106 45.04 58.56 -13.20
N PRO G 107 46.37 58.62 -13.32
CA PRO G 107 47.15 57.38 -13.52
C PRO G 107 47.06 56.47 -12.31
N LEU G 108 47.25 55.18 -12.57
CA LEU G 108 47.24 54.15 -11.55
C LEU G 108 48.65 53.66 -11.29
N PRO G 109 49.15 53.74 -10.05
CA PRO G 109 50.49 53.20 -9.77
C PRO G 109 50.52 51.71 -10.02
N TRP G 110 51.63 51.23 -10.57
CA TRP G 110 51.79 49.82 -10.90
C TRP G 110 52.80 49.16 -9.99
N GLN G 111 52.57 47.88 -9.71
CA GLN G 111 53.38 47.13 -8.76
C GLN G 111 54.82 47.01 -9.26
N ARG G 112 55.76 47.43 -8.42
CA ARG G 112 57.18 47.32 -8.73
C ARG G 112 57.86 46.18 -7.97
N VAL G 113 57.20 45.63 -6.96
CA VAL G 113 57.75 44.54 -6.17
C VAL G 113 57.41 43.22 -6.85
N ASP G 114 58.45 42.50 -7.28
CA ASP G 114 58.29 41.27 -8.06
C ASP G 114 57.93 40.13 -7.10
N ARG G 115 56.65 40.06 -6.74
CA ARG G 115 56.14 39.04 -5.84
C ARG G 115 54.76 38.58 -6.30
N ASP G 116 54.54 37.26 -6.27
CA ASP G 116 53.27 36.70 -6.69
C ASP G 116 52.16 37.05 -5.69
N VAL G 117 50.99 37.35 -6.23
CA VAL G 117 49.81 37.57 -5.39
C VAL G 117 49.38 36.25 -4.77
N ALA G 118 49.04 36.28 -3.48
CA ALA G 118 48.66 35.07 -2.78
C ALA G 118 47.41 34.46 -3.43
N PRO G 119 47.46 33.19 -3.82
CA PRO G 119 46.28 32.53 -4.39
C PRO G 119 45.07 32.67 -3.47
N GLY G 120 43.92 32.93 -4.07
CA GLY G 120 42.69 33.19 -3.34
C GLY G 120 42.32 34.66 -3.23
N THR G 121 43.28 35.55 -3.44
CA THR G 121 43.01 36.98 -3.37
C THR G 121 42.06 37.41 -4.48
N LEU G 122 41.01 38.14 -4.09
CA LEU G 122 40.10 38.72 -5.07
C LEU G 122 40.72 39.99 -5.65
N CYS G 123 40.79 40.07 -6.97
CA CYS G 123 41.30 41.24 -7.67
C CYS G 123 40.26 41.74 -8.65
N ASP G 124 40.36 43.03 -8.98
CA ASP G 124 39.38 43.70 -9.83
C ASP G 124 39.90 43.79 -11.25
N VAL G 125 39.01 43.56 -12.21
CA VAL G 125 39.32 43.69 -13.63
C VAL G 125 38.12 44.36 -14.31
N ALA G 126 38.41 45.31 -15.21
CA ALA G 126 37.37 46.06 -15.89
C ALA G 126 37.66 46.11 -17.38
N GLY G 127 36.62 46.40 -18.16
CA GLY G 127 36.78 46.51 -19.60
C GLY G 127 35.45 46.63 -20.27
N TRP G 128 35.51 46.84 -21.59
CA TRP G 128 34.33 46.91 -22.45
C TRP G 128 34.22 45.69 -23.35
N GLY G 129 34.69 44.54 -22.87
CA GLY G 129 34.70 43.33 -23.67
C GLY G 129 33.41 42.53 -23.51
N ILE G 130 33.39 41.40 -24.21
CA ILE G 130 32.30 40.43 -24.21
C ILE G 130 31.72 40.23 -22.82
N VAL G 131 30.39 40.30 -22.69
CA VAL G 131 29.71 40.11 -21.41
C VAL G 131 28.83 38.88 -21.37
N ASN G 132 28.81 38.07 -22.42
CA ASN G 132 28.00 36.86 -22.42
C ASN G 132 28.54 35.89 -23.45
N HIS G 133 28.15 34.62 -23.30
CA HIS G 133 28.60 33.59 -24.23
C HIS G 133 28.12 33.85 -25.66
N ALA G 134 27.08 34.68 -25.83
CA ALA G 134 26.68 35.08 -27.18
C ALA G 134 27.74 35.91 -27.87
N GLY G 135 28.70 36.46 -27.12
CA GLY G 135 29.80 37.19 -27.72
C GLY G 135 29.55 38.64 -27.99
N ARG G 136 28.54 39.24 -27.36
CA ARG G 136 28.19 40.63 -27.60
C ARG G 136 28.82 41.53 -26.55
N ARG G 137 28.94 42.81 -26.90
CA ARG G 137 29.73 43.77 -26.15
C ARG G 137 28.87 44.84 -25.49
N PRO G 138 29.34 45.44 -24.39
CA PRO G 138 28.54 46.46 -23.70
C PRO G 138 28.92 47.87 -24.08
N ASP G 139 28.05 48.83 -23.77
CA ASP G 139 28.33 50.23 -24.00
C ASP G 139 29.01 50.90 -22.81
N SER G 140 28.64 50.49 -21.60
CA SER G 140 29.23 51.03 -20.37
C SER G 140 30.27 50.08 -19.82
N LEU G 141 31.21 50.63 -19.06
CA LEU G 141 32.30 49.84 -18.49
C LEU G 141 31.76 48.80 -17.51
N GLN G 142 32.27 47.58 -17.61
CA GLN G 142 31.93 46.48 -16.72
C GLN G 142 33.15 46.11 -15.89
N HIS G 143 32.89 45.46 -14.75
CA HIS G 143 33.98 45.02 -13.89
C HIS G 143 33.53 43.79 -13.10
N VAL G 144 34.51 43.03 -12.60
CA VAL G 144 34.23 41.82 -11.84
C VAL G 144 35.44 41.54 -10.94
N LEU G 145 35.19 40.82 -9.85
CA LEU G 145 36.25 40.40 -8.94
C LEU G 145 36.62 38.95 -9.21
N LEU G 146 37.93 38.68 -9.31
CA LEU G 146 38.42 37.36 -9.66
C LEU G 146 39.44 36.90 -8.62
N PRO G 147 39.33 35.66 -8.13
CA PRO G 147 40.35 35.12 -7.23
C PRO G 147 41.58 34.65 -7.99
N VAL G 148 42.76 35.04 -7.52
CA VAL G 148 44.00 34.64 -8.16
C VAL G 148 44.18 33.13 -8.04
N LEU G 149 44.66 32.51 -9.12
CA LEU G 149 44.89 31.08 -9.18
C LEU G 149 46.39 30.80 -9.15
N ASP G 150 46.78 29.74 -8.45
CA ASP G 150 48.19 29.40 -8.34
C ASP G 150 48.72 28.89 -9.67
N ARG G 151 50.03 29.09 -9.89
CA ARG G 151 50.60 28.83 -11.20
C ARG G 151 50.65 27.35 -11.52
N ALA G 152 50.83 26.49 -10.51
CA ALA G 152 50.91 25.06 -10.77
C ALA G 152 49.58 24.52 -11.28
N THR G 153 48.48 24.93 -10.65
CA THR G 153 47.17 24.54 -11.16
C THR G 153 46.95 25.06 -12.58
N CYS G 154 47.41 26.28 -12.84
CA CYS G 154 47.19 26.88 -14.14
C CYS G 154 47.97 26.19 -15.25
N ASN G 155 49.06 25.51 -14.92
CA ASN G 155 49.91 24.86 -15.91
C ASN G 155 49.55 23.40 -16.15
N ARG G 156 48.45 22.92 -15.59
CA ARG G 156 48.05 21.53 -15.80
C ARG G 156 47.70 21.29 -17.26
N ARG G 157 47.75 20.01 -17.66
CA ARG G 157 47.46 19.65 -19.04
C ARG G 157 46.03 19.99 -19.42
N THR G 158 45.09 19.89 -18.48
CA THR G 158 43.72 20.32 -18.74
C THR G 158 43.61 21.82 -18.88
N HIS G 159 44.55 22.57 -18.32
CA HIS G 159 44.48 24.02 -18.32
C HIS G 159 45.38 24.61 -19.41
N HIS G 160 46.45 25.30 -19.03
CA HIS G 160 47.30 25.96 -20.00
C HIS G 160 48.60 25.21 -20.28
N ASP G 161 48.80 24.05 -19.65
CA ASP G 161 49.78 23.07 -20.11
C ASP G 161 51.19 23.63 -20.13
N GLY G 162 51.57 24.29 -19.03
CA GLY G 162 52.94 24.76 -18.87
C GLY G 162 53.27 26.04 -19.61
N ALA G 163 52.27 26.82 -20.02
CA ALA G 163 52.51 28.06 -20.73
C ALA G 163 52.53 29.28 -19.81
N ILE G 164 52.29 29.11 -18.52
CA ILE G 164 52.27 30.22 -17.57
C ILE G 164 53.67 30.35 -16.98
N THR G 165 54.44 31.29 -17.50
CA THR G 165 55.78 31.55 -16.99
C THR G 165 55.69 32.28 -15.65
N GLU G 166 56.86 32.55 -15.06
CA GLU G 166 56.90 33.32 -13.83
C GLU G 166 56.50 34.77 -14.06
N ARG G 167 56.49 35.22 -15.31
CA ARG G 167 56.10 36.58 -15.65
C ARG G 167 54.61 36.69 -15.98
N LEU G 168 53.86 35.61 -15.78
CA LEU G 168 52.43 35.60 -15.98
C LEU G 168 51.73 35.15 -14.70
N MET G 169 50.45 35.46 -14.61
CA MET G 169 49.63 35.04 -13.48
C MET G 169 48.25 34.69 -13.99
N CYS G 170 47.51 33.92 -13.18
CA CYS G 170 46.21 33.42 -13.57
C CYS G 170 45.16 33.81 -12.55
N ALA G 171 43.91 33.84 -13.00
CA ALA G 171 42.76 34.03 -12.14
C ALA G 171 41.67 33.07 -12.57
N GLU G 172 40.82 32.67 -11.62
CA GLU G 172 39.76 31.72 -11.91
C GLU G 172 38.86 32.26 -13.01
N SER G 173 38.14 31.35 -13.67
CA SER G 173 37.29 31.72 -14.80
C SER G 173 35.99 30.96 -14.80
N ASN G 174 35.48 30.59 -13.61
CA ASN G 174 34.24 29.84 -13.50
C ASN G 174 33.08 30.84 -13.43
N ARG G 175 32.45 31.08 -14.58
CA ARG G 175 31.31 32.00 -14.70
C ARG G 175 31.70 33.46 -14.47
N ARG G 176 32.93 33.70 -14.00
CA ARG G 176 33.48 35.04 -13.83
C ARG G 176 34.82 35.08 -14.53
N ASP G 177 34.99 35.97 -15.51
CA ASP G 177 36.20 35.97 -16.31
C ASP G 177 36.33 37.28 -17.07
N SER G 178 37.53 37.53 -17.57
CA SER G 178 37.78 38.56 -18.56
C SER G 178 37.78 37.93 -19.94
N CYS G 179 37.22 38.64 -20.91
CA CYS G 179 36.95 38.08 -22.23
C CYS G 179 37.69 38.88 -23.31
N LYS G 180 37.41 38.53 -24.57
CA LYS G 180 37.94 39.30 -25.68
C LYS G 180 37.40 40.73 -25.61
N GLY G 181 38.26 41.69 -25.94
CA GLY G 181 37.94 43.08 -25.72
C GLY G 181 38.38 43.62 -24.38
N ASP G 182 38.63 42.75 -23.41
CA ASP G 182 39.21 43.14 -22.14
C ASP G 182 40.74 43.13 -22.17
N SER G 183 41.34 42.65 -23.26
CA SER G 183 42.79 42.61 -23.40
C SER G 183 43.38 43.98 -23.17
N GLY G 184 44.57 44.01 -22.58
CA GLY G 184 45.20 45.26 -22.22
C GLY G 184 44.56 45.99 -21.06
N GLY G 185 43.50 45.43 -20.47
CA GLY G 185 42.86 46.05 -19.34
C GLY G 185 43.63 45.79 -18.06
N PRO G 186 43.22 46.43 -16.96
CA PRO G 186 43.97 46.31 -15.71
C PRO G 186 43.49 45.15 -14.84
N LEU G 187 44.44 44.57 -14.13
CA LEU G 187 44.17 43.60 -13.07
C LEU G 187 44.69 44.23 -11.78
N VAL G 188 43.78 44.75 -10.96
CA VAL G 188 44.12 45.53 -9.78
C VAL G 188 43.89 44.67 -8.54
N CYS G 189 44.96 44.50 -7.75
CA CYS G 189 44.90 43.79 -6.47
C CYS G 189 45.29 44.77 -5.38
N GLY G 190 44.33 45.15 -4.55
CA GLY G 190 44.62 46.07 -3.46
C GLY G 190 45.04 47.45 -3.92
N GLY G 191 44.33 48.00 -4.91
CA GLY G 191 44.59 49.35 -5.36
C GLY G 191 45.88 49.56 -6.11
N VAL G 192 46.52 48.49 -6.60
CA VAL G 192 47.76 48.60 -7.36
C VAL G 192 47.65 47.71 -8.59
N LEU G 193 48.13 48.22 -9.72
CA LEU G 193 48.08 47.46 -10.97
C LEU G 193 49.03 46.28 -10.89
N GLU G 194 48.49 45.08 -10.79
CA GLU G 194 49.29 43.86 -10.72
C GLU G 194 49.48 43.19 -12.07
N GLY G 195 48.43 43.14 -12.89
CA GLY G 195 48.49 42.43 -14.14
C GLY G 195 47.79 43.18 -15.25
N VAL G 196 48.16 42.83 -16.48
CA VAL G 196 47.53 43.35 -17.69
C VAL G 196 46.85 42.19 -18.39
N VAL G 197 45.55 42.34 -18.66
CA VAL G 197 44.81 41.29 -19.35
C VAL G 197 45.43 41.03 -20.71
N THR G 198 45.76 39.77 -20.98
CA THR G 198 46.20 39.40 -22.32
C THR G 198 45.05 38.78 -23.08
N SER G 199 44.69 37.54 -22.77
CA SER G 199 43.57 36.84 -23.43
C SER G 199 43.85 36.81 -24.93
N GLY G 200 42.93 37.28 -25.78
CA GLY G 200 43.19 37.35 -27.20
C GLY G 200 42.64 36.17 -27.98
N SER G 201 43.23 35.00 -27.78
CA SER G 201 42.85 33.78 -28.51
C SER G 201 42.12 32.79 -27.61
N ARG G 202 41.68 33.20 -26.43
CA ARG G 202 41.09 32.32 -25.45
C ARG G 202 39.61 32.63 -25.27
N VAL G 203 38.78 31.59 -25.30
CA VAL G 203 37.36 31.74 -25.00
C VAL G 203 37.19 31.79 -23.49
N CYS G 204 36.34 32.69 -23.02
CA CYS G 204 36.19 32.93 -21.59
C CYS G 204 34.99 32.16 -21.04
N GLY G 205 34.94 32.08 -19.71
CA GLY G 205 33.84 31.44 -19.02
C GLY G 205 34.07 29.99 -18.67
N ASN G 206 35.02 29.31 -19.32
CA ASN G 206 35.30 27.92 -19.05
C ASN G 206 36.25 27.81 -17.87
N ARG G 207 35.82 27.11 -16.82
CA ARG G 207 36.62 27.02 -15.60
C ARG G 207 37.94 26.31 -15.83
N LYS G 208 38.05 25.50 -16.88
CA LYS G 208 39.26 24.73 -17.15
C LYS G 208 40.27 25.49 -17.98
N LYS G 209 39.96 26.72 -18.40
CA LYS G 209 40.88 27.58 -19.13
C LYS G 209 40.93 28.93 -18.41
N PRO G 210 41.76 29.05 -17.38
CA PRO G 210 41.78 30.28 -16.57
C PRO G 210 42.24 31.48 -17.37
N GLY G 211 41.93 32.67 -16.82
CA GLY G 211 42.37 33.90 -17.45
C GLY G 211 43.85 34.14 -17.17
N ILE G 212 44.54 34.66 -18.19
CA ILE G 212 45.97 34.93 -18.12
C ILE G 212 46.18 36.43 -18.03
N TYR G 213 47.18 36.84 -17.23
CA TYR G 213 47.46 38.25 -17.00
C TYR G 213 48.97 38.44 -16.90
N THR G 214 49.50 39.37 -17.69
CA THR G 214 50.93 39.66 -17.67
C THR G 214 51.28 40.46 -16.42
N ARG G 215 52.28 39.98 -15.68
CA ARG G 215 52.69 40.63 -14.45
C ARG G 215 53.58 41.83 -14.77
N VAL G 216 53.14 43.03 -14.35
CA VAL G 216 53.86 44.25 -14.71
C VAL G 216 55.19 44.35 -13.98
N ALA G 217 55.28 43.80 -12.77
CA ALA G 217 56.51 43.91 -11.99
C ALA G 217 57.68 43.24 -12.71
N SER G 218 57.43 42.15 -13.43
CA SER G 218 58.48 41.49 -14.19
C SER G 218 58.99 42.33 -15.34
N TYR G 219 58.28 43.39 -15.71
CA TYR G 219 58.70 44.27 -16.81
C TYR G 219 58.94 45.69 -16.29
N ALA G 220 59.30 45.83 -15.02
CA ALA G 220 59.51 47.15 -14.45
C ALA G 220 60.65 47.87 -15.15
N ALA G 221 61.72 47.15 -15.50
CA ALA G 221 62.87 47.77 -16.14
C ALA G 221 62.50 48.32 -17.52
N TRP G 222 61.74 47.56 -18.31
CA TRP G 222 61.39 48.01 -19.66
C TRP G 222 60.40 49.16 -19.61
N ILE G 223 59.43 49.10 -18.70
CA ILE G 223 58.45 50.19 -18.60
C ILE G 223 59.13 51.49 -18.21
N ASP G 224 60.10 51.42 -17.28
CA ASP G 224 60.83 52.62 -16.89
C ASP G 224 61.64 53.16 -18.07
N SER G 225 62.27 52.28 -18.84
CA SER G 225 63.14 52.73 -19.92
C SER G 225 62.36 53.43 -21.04
N VAL G 226 61.09 53.08 -21.19
CA VAL G 226 60.24 53.71 -22.19
C VAL G 226 59.63 55.01 -21.67
N LEU G 227 59.23 55.04 -20.40
CA LEU G 227 58.65 56.25 -19.83
C LEU G 227 59.69 57.31 -19.49
N ALA G 228 60.97 56.96 -19.52
CA ALA G 228 62.04 57.89 -19.16
C ALA G 228 62.17 59.01 -20.18
N ASP H 1 35.06 6.31 -11.41
CA ASP H 1 36.25 5.95 -12.16
C ASP H 1 35.95 5.78 -13.64
N ILE H 2 36.82 6.34 -14.49
CA ILE H 2 36.67 6.25 -15.93
C ILE H 2 37.60 5.17 -16.44
N GLN H 3 37.06 4.27 -17.25
CA GLN H 3 37.81 3.12 -17.76
C GLN H 3 38.30 3.41 -19.16
N MET H 4 39.60 3.25 -19.38
CA MET H 4 40.23 3.43 -20.68
C MET H 4 40.54 2.05 -21.24
N THR H 5 39.76 1.61 -22.22
CA THR H 5 39.88 0.28 -22.80
C THR H 5 40.60 0.39 -24.14
N GLN H 6 41.84 -0.10 -24.17
CA GLN H 6 42.73 0.06 -25.30
C GLN H 6 42.68 -1.17 -26.20
N SER H 7 42.66 -0.93 -27.51
CA SER H 7 42.56 -2.01 -28.48
C SER H 7 43.45 -1.69 -29.68
N PRO H 8 44.14 -2.69 -30.24
CA PRO H 8 44.17 -4.06 -29.73
C PRO H 8 45.26 -4.29 -28.71
N SER H 9 45.28 -5.47 -28.09
CA SER H 9 46.31 -5.79 -27.12
C SER H 9 47.69 -5.86 -27.80
N SER H 10 47.77 -6.58 -28.91
CA SER H 10 48.97 -6.65 -29.72
C SER H 10 48.61 -6.39 -31.17
N LEU H 11 49.63 -6.10 -31.97
CA LEU H 11 49.41 -5.72 -33.35
C LEU H 11 50.70 -5.96 -34.13
N SER H 12 50.60 -6.74 -35.21
CA SER H 12 51.74 -7.07 -36.06
C SER H 12 51.64 -6.32 -37.37
N ALA H 13 52.72 -5.66 -37.77
CA ALA H 13 52.73 -4.89 -39.00
C ALA H 13 54.16 -4.78 -39.50
N SER H 14 54.29 -4.35 -40.75
CA SER H 14 55.57 -4.22 -41.42
C SER H 14 56.04 -2.78 -41.42
N VAL H 15 57.34 -2.59 -41.66
CA VAL H 15 57.90 -1.25 -41.76
C VAL H 15 57.28 -0.54 -42.95
N GLY H 16 56.81 0.69 -42.74
CA GLY H 16 56.16 1.47 -43.76
C GLY H 16 54.65 1.40 -43.74
N ASP H 17 54.07 0.44 -43.01
CA ASP H 17 52.62 0.31 -42.93
C ASP H 17 52.01 1.45 -42.12
N ARG H 18 50.73 1.69 -42.38
CA ARG H 18 49.93 2.61 -41.56
C ARG H 18 49.22 1.80 -40.49
N VAL H 19 49.28 2.27 -39.25
CA VAL H 19 48.83 1.50 -38.11
C VAL H 19 48.00 2.38 -37.18
N THR H 20 46.99 1.77 -36.56
CA THR H 20 46.02 2.48 -35.74
C THR H 20 45.89 1.79 -34.38
N ILE H 21 45.94 2.59 -33.32
CA ILE H 21 45.72 2.12 -31.96
C ILE H 21 44.55 2.89 -31.36
N THR H 22 43.62 2.17 -30.73
CA THR H 22 42.33 2.72 -30.30
C THR H 22 42.22 2.68 -28.79
N CYS H 23 41.55 3.70 -28.23
CA CYS H 23 41.35 3.82 -26.80
C CYS H 23 39.94 4.32 -26.55
N LYS H 24 39.13 3.55 -25.82
CA LYS H 24 37.72 3.86 -25.60
C LYS H 24 37.48 4.13 -24.12
N ALA H 25 37.03 5.35 -23.81
CA ALA H 25 36.71 5.74 -22.45
C ALA H 25 35.27 5.37 -22.11
N SER H 26 35.04 5.06 -20.83
CA SER H 26 33.71 4.68 -20.37
C SER H 26 32.76 5.87 -20.26
N GLN H 27 33.26 7.09 -20.37
CA GLN H 27 32.42 8.28 -20.41
C GLN H 27 33.24 9.43 -20.97
N ASN H 28 32.56 10.52 -21.29
CA ASN H 28 33.21 11.66 -21.93
C ASN H 28 34.39 12.14 -21.12
N VAL H 29 35.50 12.40 -21.82
CA VAL H 29 36.70 12.93 -21.18
C VAL H 29 37.22 14.11 -22.02
N ASP H 30 36.34 14.67 -22.84
CA ASP H 30 36.65 15.82 -23.72
C ASP H 30 37.88 15.45 -24.55
N THR H 31 38.93 16.28 -24.56
CA THR H 31 40.18 15.94 -25.25
C THR H 31 41.31 15.69 -24.27
N ASP H 32 41.00 15.45 -22.99
CA ASP H 32 42.01 15.23 -21.96
C ASP H 32 42.53 13.79 -22.05
N VAL H 33 43.19 13.51 -23.16
CA VAL H 33 43.75 12.19 -23.45
C VAL H 33 45.19 12.38 -23.90
N ALA H 34 46.08 11.54 -23.37
CA ALA H 34 47.49 11.56 -23.71
C ALA H 34 47.92 10.19 -24.19
N TRP H 35 48.94 10.16 -25.03
CA TRP H 35 49.51 8.93 -25.56
C TRP H 35 50.97 8.81 -25.16
N PHE H 36 51.38 7.60 -24.82
CA PHE H 36 52.73 7.32 -24.35
C PHE H 36 53.33 6.17 -25.14
N GLN H 37 54.65 6.23 -25.31
CA GLN H 37 55.43 5.15 -25.91
C GLN H 37 56.40 4.61 -24.87
N GLN H 38 56.59 3.30 -24.87
CA GLN H 38 57.50 2.66 -23.93
C GLN H 38 58.22 1.51 -24.63
N LYS H 39 59.55 1.56 -24.64
CA LYS H 39 60.40 0.50 -25.13
C LYS H 39 60.90 -0.36 -23.98
N PRO H 40 61.27 -1.61 -24.23
CA PRO H 40 61.64 -2.50 -23.13
C PRO H 40 62.79 -1.97 -22.30
N GLY H 41 62.62 -1.99 -20.98
CA GLY H 41 63.65 -1.58 -20.05
C GLY H 41 63.81 -0.09 -19.85
N LYS H 42 62.98 0.73 -20.50
CA LYS H 42 63.11 2.18 -20.43
C LYS H 42 61.81 2.78 -19.94
N ALA H 43 61.88 4.05 -19.53
CA ALA H 43 60.73 4.74 -18.97
C ALA H 43 59.75 5.14 -20.08
N PRO H 44 58.47 5.33 -19.75
CA PRO H 44 57.53 5.82 -20.75
C PRO H 44 57.90 7.20 -21.25
N LYS H 45 57.58 7.45 -22.51
CA LYS H 45 57.91 8.69 -23.20
C LYS H 45 56.62 9.32 -23.71
N GLY H 46 56.42 10.60 -23.39
CA GLY H 46 55.21 11.29 -23.83
C GLY H 46 55.22 11.50 -25.34
N LEU H 47 54.14 11.12 -25.99
CA LEU H 47 53.97 11.33 -27.43
C LEU H 47 52.98 12.45 -27.74
N ILE H 48 51.78 12.38 -27.16
CA ILE H 48 50.69 13.30 -27.49
C ILE H 48 49.95 13.65 -26.20
N ARG H 49 49.45 14.88 -26.16
CA ARG H 49 48.56 15.34 -25.10
C ARG H 49 47.42 16.11 -25.76
N SER H 50 46.39 16.40 -24.97
CA SER H 50 45.20 17.09 -25.47
C SER H 50 44.64 16.39 -26.70
N ALA H 51 44.73 15.06 -26.69
CA ALA H 51 44.25 14.16 -27.74
C ALA H 51 45.05 14.27 -29.04
N SER H 52 45.51 15.47 -29.41
CA SER H 52 46.10 15.66 -30.73
C SER H 52 47.36 16.51 -30.78
N SER H 53 47.84 17.04 -29.65
CA SER H 53 49.01 17.92 -29.65
C SER H 53 50.27 17.09 -29.43
N ARG H 54 51.14 17.04 -30.42
CA ARG H 54 52.42 16.35 -30.28
C ARG H 54 53.37 17.12 -29.37
N TYR H 55 54.19 16.37 -28.64
CA TYR H 55 55.28 16.98 -27.90
C TYR H 55 56.44 17.31 -28.83
N SER H 56 57.35 18.15 -28.35
CA SER H 56 58.51 18.54 -29.14
C SER H 56 59.39 17.33 -29.43
N GLY H 57 59.80 17.21 -30.69
CA GLY H 57 60.63 16.11 -31.12
C GLY H 57 59.90 14.86 -31.56
N VAL H 58 58.61 14.77 -31.33
CA VAL H 58 57.83 13.61 -31.78
C VAL H 58 57.61 13.73 -33.28
N PRO H 59 57.96 12.71 -34.07
CA PRO H 59 57.84 12.82 -35.53
C PRO H 59 56.40 13.01 -35.98
N SER H 60 56.25 13.63 -37.16
CA SER H 60 54.92 13.96 -37.68
C SER H 60 54.12 12.72 -38.04
N ARG H 61 54.77 11.56 -38.22
CA ARG H 61 54.02 10.34 -38.51
C ARG H 61 53.15 9.89 -37.34
N PHE H 62 53.37 10.44 -36.14
CA PHE H 62 52.49 10.20 -35.01
C PHE H 62 51.40 11.26 -34.98
N SER H 63 50.15 10.83 -34.92
CA SER H 63 49.03 11.75 -34.85
C SER H 63 47.96 11.19 -33.93
N GLY H 64 47.29 12.08 -33.21
CA GLY H 64 46.25 11.70 -32.28
C GLY H 64 44.93 12.33 -32.69
N SER H 65 43.85 11.57 -32.52
CA SER H 65 42.53 12.01 -32.94
C SER H 65 41.53 11.66 -31.86
N GLY H 66 40.46 12.43 -31.79
CA GLY H 66 39.38 12.07 -30.89
C GLY H 66 38.89 13.21 -30.02
N SER H 67 37.63 13.07 -29.60
CA SER H 67 37.02 13.96 -28.63
C SER H 67 35.76 13.30 -28.11
N GLY H 68 35.66 13.17 -26.78
CA GLY H 68 34.52 12.52 -26.19
C GLY H 68 34.88 11.20 -25.54
N THR H 69 34.73 10.11 -26.28
CA THR H 69 34.90 8.78 -25.70
C THR H 69 35.90 7.93 -26.48
N ASP H 70 36.03 8.16 -27.79
CA ASP H 70 36.82 7.30 -28.65
C ASP H 70 38.01 8.07 -29.20
N PHE H 71 39.22 7.55 -28.94
CA PHE H 71 40.46 8.21 -29.28
C PHE H 71 41.37 7.27 -30.05
N THR H 72 42.16 7.83 -30.97
CA THR H 72 42.89 7.05 -31.95
C THR H 72 44.30 7.60 -32.10
N LEU H 73 45.30 6.74 -31.91
CA LEU H 73 46.68 7.05 -32.25
C LEU H 73 46.98 6.43 -33.61
N THR H 74 47.50 7.23 -34.53
CA THR H 74 47.82 6.77 -35.87
C THR H 74 49.30 6.98 -36.15
N ILE H 75 49.97 5.94 -36.63
CA ILE H 75 51.33 6.03 -37.13
C ILE H 75 51.25 5.84 -38.64
N SER H 76 51.51 6.92 -39.38
CA SER H 76 51.27 6.91 -40.82
C SER H 76 52.17 5.92 -41.53
N SER H 77 53.47 5.97 -41.27
CA SER H 77 54.43 5.06 -41.88
C SER H 77 55.31 4.50 -40.76
N LEU H 78 55.13 3.22 -40.46
CA LEU H 78 55.82 2.60 -39.34
C LEU H 78 57.32 2.52 -39.61
N GLN H 79 58.11 2.99 -38.65
CA GLN H 79 59.56 2.98 -38.71
C GLN H 79 60.14 1.92 -37.79
N PRO H 80 61.40 1.51 -38.00
CA PRO H 80 61.98 0.46 -37.15
C PRO H 80 61.98 0.79 -35.67
N GLU H 81 62.25 2.04 -35.30
CA GLU H 81 62.27 2.42 -33.89
C GLU H 81 60.88 2.62 -33.30
N ASP H 82 59.81 2.41 -34.09
CA ASP H 82 58.45 2.60 -33.61
C ASP H 82 57.85 1.36 -32.98
N PHE H 83 58.47 0.19 -33.16
CA PHE H 83 57.93 -1.05 -32.61
C PHE H 83 58.18 -1.08 -31.10
N ALA H 84 57.15 -0.74 -30.35
CA ALA H 84 57.23 -0.66 -28.90
C ALA H 84 55.82 -0.88 -28.34
N THR H 85 55.63 -0.55 -27.07
CA THR H 85 54.32 -0.63 -26.43
C THR H 85 53.80 0.79 -26.20
N TYR H 86 52.52 0.98 -26.47
CA TYR H 86 51.88 2.29 -26.39
C TYR H 86 50.76 2.27 -25.38
N TYR H 87 50.60 3.38 -24.65
CA TYR H 87 49.56 3.51 -23.64
C TYR H 87 48.80 4.82 -23.85
N CYS H 88 47.49 4.77 -23.65
CA CYS H 88 46.69 5.98 -23.57
C CYS H 88 46.40 6.30 -22.11
N GLN H 89 46.17 7.58 -21.83
CA GLN H 89 45.88 8.02 -20.48
C GLN H 89 44.80 9.08 -20.50
N GLN H 90 43.84 8.94 -19.59
CA GLN H 90 42.79 9.93 -19.40
C GLN H 90 43.11 10.76 -18.16
N TYR H 91 43.21 12.08 -18.33
CA TYR H 91 43.47 12.97 -17.20
C TYR H 91 42.32 13.97 -17.00
N ASN H 92 41.12 13.60 -17.45
CA ASN H 92 39.98 14.50 -17.31
C ASN H 92 39.41 14.47 -15.90
N ASN H 93 39.38 13.30 -15.27
CA ASN H 93 38.68 13.07 -14.02
C ASN H 93 39.52 12.17 -13.13
N TYR H 94 39.51 12.47 -11.82
CA TYR H 94 40.27 11.64 -10.89
C TYR H 94 39.50 10.37 -10.57
N PRO H 95 40.19 9.22 -10.47
CA PRO H 95 41.64 9.14 -10.65
C PRO H 95 42.06 9.01 -12.10
N LEU H 96 43.24 9.53 -12.43
CA LEU H 96 43.79 9.35 -13.77
C LEU H 96 43.98 7.88 -14.06
N THR H 97 43.65 7.47 -15.27
CA THR H 97 43.65 6.06 -15.63
C THR H 97 44.35 5.84 -16.96
N PHE H 98 44.97 4.68 -17.09
CA PHE H 98 45.71 4.28 -18.28
C PHE H 98 44.97 3.16 -18.99
N GLY H 99 45.22 3.04 -20.30
CA GLY H 99 44.86 1.83 -21.01
C GLY H 99 45.82 0.71 -20.68
N GLN H 100 45.39 -0.53 -20.98
CA GLN H 100 46.21 -1.69 -20.68
C GLN H 100 47.40 -1.84 -21.63
N GLY H 101 47.46 -1.03 -22.68
CA GLY H 101 48.63 -1.01 -23.53
C GLY H 101 48.43 -1.80 -24.81
N THR H 102 49.20 -1.42 -25.82
CA THR H 102 49.23 -2.09 -27.12
C THR H 102 50.68 -2.32 -27.50
N LYS H 103 51.02 -3.58 -27.80
CA LYS H 103 52.37 -3.94 -28.22
C LYS H 103 52.39 -4.06 -29.74
N VAL H 104 53.29 -3.31 -30.38
CA VAL H 104 53.42 -3.30 -31.83
C VAL H 104 54.69 -4.06 -32.19
N GLU H 105 54.52 -5.17 -32.91
CA GLU H 105 55.64 -6.04 -33.25
C GLU H 105 55.75 -6.16 -34.77
N ILE H 106 56.90 -6.68 -35.21
CA ILE H 106 57.19 -6.79 -36.63
C ILE H 106 56.55 -8.06 -37.20
N LYS H 107 55.92 -7.92 -38.36
CA LYS H 107 55.39 -9.07 -39.07
C LYS H 107 56.53 -9.83 -39.74
N ARG H 108 56.39 -11.15 -39.82
CA ARG H 108 57.46 -12.01 -40.31
C ARG H 108 56.85 -13.28 -40.90
N THR H 109 57.69 -14.02 -41.62
CA THR H 109 57.31 -15.34 -42.10
C THR H 109 57.55 -16.39 -41.03
N VAL H 110 56.77 -17.47 -41.08
CA VAL H 110 56.86 -18.51 -40.06
C VAL H 110 58.23 -19.18 -40.11
N ALA H 111 58.82 -19.39 -38.93
CA ALA H 111 60.12 -20.03 -38.82
C ALA H 111 60.08 -21.05 -37.69
N ALA H 112 60.76 -22.19 -37.90
CA ALA H 112 60.79 -23.27 -36.92
C ALA H 112 61.92 -23.05 -35.91
N PRO H 113 61.70 -23.43 -34.66
CA PRO H 113 62.73 -23.22 -33.63
C PRO H 113 63.80 -24.30 -33.66
N SER H 114 65.04 -23.89 -33.42
CA SER H 114 66.15 -24.82 -33.26
C SER H 114 66.18 -25.28 -31.80
N VAL H 115 65.92 -26.56 -31.57
CA VAL H 115 65.76 -27.09 -30.21
C VAL H 115 67.09 -27.63 -29.71
N PHE H 116 67.43 -27.29 -28.48
CA PHE H 116 68.58 -27.84 -27.77
C PHE H 116 68.13 -28.30 -26.39
N ILE H 117 69.03 -28.98 -25.69
CA ILE H 117 68.77 -29.43 -24.33
C ILE H 117 70.10 -29.52 -23.59
N PHE H 118 70.08 -29.21 -22.30
CA PHE H 118 71.29 -29.12 -21.49
C PHE H 118 71.08 -29.89 -20.20
N PRO H 119 71.92 -30.89 -19.89
CA PRO H 119 71.83 -31.58 -18.61
C PRO H 119 72.33 -30.69 -17.48
N PRO H 120 71.95 -30.97 -16.24
CA PRO H 120 72.50 -30.21 -15.11
C PRO H 120 73.98 -30.50 -14.95
N SER H 121 74.77 -29.43 -14.87
CA SER H 121 76.22 -29.57 -14.75
C SER H 121 76.58 -30.27 -13.44
N ASP H 122 77.76 -30.89 -13.43
CA ASP H 122 78.23 -31.58 -12.23
C ASP H 122 78.50 -30.60 -11.09
N GLU H 123 78.83 -29.35 -11.41
CA GLU H 123 79.06 -28.36 -10.36
C GLU H 123 77.78 -28.05 -9.61
N GLN H 124 76.65 -27.99 -10.32
CA GLN H 124 75.37 -27.75 -9.66
C GLN H 124 74.91 -28.97 -8.87
N LEU H 125 75.16 -30.17 -9.39
CA LEU H 125 74.75 -31.40 -8.71
C LEU H 125 75.52 -31.64 -7.41
N LYS H 126 76.57 -30.86 -7.13
CA LYS H 126 77.23 -30.98 -5.83
C LYS H 126 76.31 -30.51 -4.71
N SER H 127 75.37 -29.63 -5.01
CA SER H 127 74.32 -29.24 -4.08
C SER H 127 73.09 -30.13 -4.30
N GLY H 128 72.00 -29.82 -3.60
CA GLY H 128 70.83 -30.68 -3.69
C GLY H 128 69.84 -30.35 -4.78
N THR H 129 70.22 -29.53 -5.77
CA THR H 129 69.32 -29.11 -6.82
C THR H 129 69.89 -29.46 -8.19
N ALA H 130 68.99 -29.71 -9.14
CA ALA H 130 69.36 -30.03 -10.51
C ALA H 130 68.37 -29.37 -11.46
N SER H 131 68.88 -28.62 -12.43
CA SER H 131 68.06 -27.88 -13.38
C SER H 131 68.37 -28.35 -14.80
N VAL H 132 67.32 -28.74 -15.53
CA VAL H 132 67.44 -29.16 -16.92
C VAL H 132 66.81 -28.08 -17.80
N VAL H 133 67.57 -27.61 -18.79
CA VAL H 133 67.17 -26.49 -19.63
C VAL H 133 66.85 -27.00 -21.03
N CYS H 134 65.76 -26.49 -21.61
CA CYS H 134 65.35 -26.81 -22.98
C CYS H 134 65.18 -25.49 -23.72
N LEU H 135 66.09 -25.20 -24.65
CA LEU H 135 66.14 -23.93 -25.34
C LEU H 135 65.52 -24.03 -26.72
N LEU H 136 64.62 -23.10 -27.04
CA LEU H 136 64.05 -22.95 -28.38
C LEU H 136 64.60 -21.66 -28.98
N ASN H 137 65.37 -21.77 -30.05
CA ASN H 137 66.11 -20.65 -30.59
C ASN H 137 65.52 -20.20 -31.92
N ASN H 138 65.20 -18.91 -32.01
CA ASN H 138 64.81 -18.24 -33.25
C ASN H 138 63.60 -18.89 -33.90
N PHE H 139 62.40 -18.38 -33.59
CA PHE H 139 61.17 -18.90 -34.19
C PHE H 139 60.13 -17.79 -34.26
N TYR H 140 59.04 -18.08 -34.98
CA TYR H 140 57.92 -17.17 -35.18
C TYR H 140 56.71 -17.95 -35.65
N PRO H 141 55.49 -17.69 -35.13
CA PRO H 141 55.18 -16.68 -34.11
C PRO H 141 55.55 -17.07 -32.69
N ARG H 142 55.08 -16.29 -31.72
CA ARG H 142 55.41 -16.54 -30.32
C ARG H 142 54.81 -17.85 -29.83
N GLU H 143 53.57 -18.14 -30.22
CA GLU H 143 52.82 -19.28 -29.70
C GLU H 143 53.57 -20.60 -29.85
N ALA H 144 54.17 -21.08 -28.76
CA ALA H 144 54.89 -22.34 -28.75
C ALA H 144 54.50 -23.11 -27.48
N LYS H 145 54.77 -24.41 -27.50
CA LYS H 145 54.44 -25.28 -26.38
C LYS H 145 55.61 -26.22 -26.12
N VAL H 146 56.02 -26.31 -24.86
CA VAL H 146 57.11 -27.18 -24.44
C VAL H 146 56.60 -28.07 -23.31
N GLN H 147 56.70 -29.38 -23.48
CA GLN H 147 56.29 -30.34 -22.48
C GLN H 147 57.49 -31.19 -22.09
N TRP H 148 57.66 -31.40 -20.79
CA TRP H 148 58.76 -32.23 -20.28
C TRP H 148 58.29 -33.65 -20.06
N LYS H 149 59.14 -34.61 -20.43
CA LYS H 149 58.86 -36.03 -20.25
C LYS H 149 60.04 -36.68 -19.55
N VAL H 150 59.81 -37.21 -18.37
CA VAL H 150 60.82 -37.92 -17.58
C VAL H 150 60.43 -39.39 -17.56
N ASP H 151 61.19 -40.21 -18.29
CA ASP H 151 60.88 -41.61 -18.52
C ASP H 151 59.48 -41.75 -19.14
N ASN H 152 59.21 -40.89 -20.12
CA ASN H 152 57.94 -40.86 -20.85
C ASN H 152 56.77 -40.60 -19.91
N ALA H 153 57.00 -39.76 -18.89
CA ALA H 153 55.96 -39.36 -17.94
C ALA H 153 55.82 -37.84 -18.02
N LEU H 154 54.60 -37.38 -18.32
CA LEU H 154 54.37 -35.96 -18.50
C LEU H 154 54.48 -35.23 -17.16
N GLN H 155 55.22 -34.13 -17.16
CA GLN H 155 55.44 -33.30 -15.98
C GLN H 155 54.57 -32.05 -16.05
N SER H 156 54.35 -31.44 -14.88
CA SER H 156 53.59 -30.20 -14.80
C SER H 156 53.84 -29.57 -13.44
N GLY H 157 53.81 -28.24 -13.40
CA GLY H 157 53.95 -27.49 -12.17
C GLY H 157 55.36 -27.41 -11.63
N ASN H 158 56.36 -27.94 -12.33
CA ASN H 158 57.74 -27.89 -11.87
C ASN H 158 58.67 -27.38 -12.98
N SER H 159 58.14 -26.54 -13.88
CA SER H 159 58.94 -25.98 -14.96
C SER H 159 58.47 -24.56 -15.24
N GLN H 160 59.42 -23.64 -15.41
CA GLN H 160 59.16 -22.24 -15.70
C GLN H 160 59.85 -21.86 -16.99
N GLU H 161 59.13 -21.16 -17.86
CA GLU H 161 59.67 -20.72 -19.14
C GLU H 161 59.71 -19.19 -19.22
N SER H 162 60.61 -18.70 -20.05
CA SER H 162 60.83 -17.27 -20.23
C SER H 162 61.11 -16.99 -21.69
N VAL H 163 60.38 -16.03 -22.26
CA VAL H 163 60.48 -15.69 -23.68
C VAL H 163 61.22 -14.36 -23.81
N THR H 164 62.07 -14.26 -24.82
CA THR H 164 62.80 -13.03 -25.10
C THR H 164 61.95 -12.09 -25.95
N GLU H 165 62.35 -10.82 -25.96
CA GLU H 165 61.73 -9.89 -26.88
C GLU H 165 62.15 -10.22 -28.31
N GLN H 166 61.34 -9.75 -29.26
CA GLN H 166 61.63 -9.98 -30.66
C GLN H 166 63.02 -9.46 -31.00
N ASP H 167 63.77 -10.24 -31.77
CA ASP H 167 65.16 -9.89 -32.07
C ASP H 167 65.21 -8.73 -33.05
N SER H 168 66.20 -7.86 -32.87
CA SER H 168 66.31 -6.66 -33.71
C SER H 168 66.77 -6.96 -35.13
N LYS H 169 67.25 -8.18 -35.40
CA LYS H 169 67.79 -8.51 -36.71
C LYS H 169 66.90 -9.47 -37.49
N ASP H 170 66.66 -10.67 -36.96
CA ASP H 170 65.84 -11.66 -37.66
C ASP H 170 64.40 -11.70 -37.18
N SER H 171 64.02 -10.86 -36.21
CA SER H 171 62.64 -10.67 -35.80
C SER H 171 62.00 -11.97 -35.32
N THR H 172 62.78 -12.79 -34.60
CA THR H 172 62.30 -14.06 -34.07
C THR H 172 62.33 -14.02 -32.55
N TYR H 173 61.72 -15.04 -31.96
CA TYR H 173 61.68 -15.19 -30.51
C TYR H 173 62.57 -16.34 -30.07
N SER H 174 62.84 -16.39 -28.77
CA SER H 174 63.58 -17.48 -28.16
C SER H 174 62.98 -17.78 -26.79
N LEU H 175 62.75 -19.06 -26.52
CA LEU H 175 62.12 -19.50 -25.29
C LEU H 175 63.05 -20.48 -24.57
N SER H 176 63.06 -20.40 -23.23
CA SER H 176 63.87 -21.29 -22.40
C SER H 176 63.01 -21.82 -21.26
N SER H 177 62.59 -23.07 -21.37
CA SER H 177 61.83 -23.73 -20.31
C SER H 177 62.81 -24.50 -19.42
N THR H 178 62.82 -24.16 -18.13
CA THR H 178 63.74 -24.76 -17.17
C THR H 178 62.98 -25.72 -16.26
N LEU H 179 63.47 -26.95 -16.17
CA LEU H 179 62.87 -27.98 -15.32
C LEU H 179 63.73 -28.14 -14.06
N THR H 180 63.11 -27.91 -12.90
CA THR H 180 63.81 -27.95 -11.63
C THR H 180 63.38 -29.17 -10.84
N LEU H 181 64.36 -29.96 -10.40
CA LEU H 181 64.12 -31.15 -9.60
C LEU H 181 65.24 -31.31 -8.58
N SER H 182 64.90 -31.91 -7.44
CA SER H 182 65.90 -32.19 -6.43
C SER H 182 66.85 -33.29 -6.90
N LYS H 183 68.04 -33.32 -6.29
CA LYS H 183 69.03 -34.32 -6.68
C LYS H 183 68.55 -35.73 -6.38
N ALA H 184 67.66 -35.89 -5.40
CA ALA H 184 67.11 -37.22 -5.13
C ALA H 184 66.15 -37.65 -6.24
N ASP H 185 65.22 -36.77 -6.61
CA ASP H 185 64.31 -37.09 -7.70
C ASP H 185 64.99 -37.10 -9.07
N TYR H 186 66.19 -36.53 -9.17
CA TYR H 186 66.89 -36.51 -10.44
C TYR H 186 67.54 -37.86 -10.76
N GLU H 187 68.10 -38.52 -9.75
CA GLU H 187 68.78 -39.79 -9.95
C GLU H 187 67.84 -40.99 -9.85
N LYS H 188 66.54 -40.77 -9.67
CA LYS H 188 65.58 -41.86 -9.72
C LYS H 188 65.30 -42.33 -11.13
N HIS H 189 65.45 -41.45 -12.11
CA HIS H 189 65.05 -41.71 -13.49
C HIS H 189 66.27 -41.60 -14.41
N LYS H 190 66.04 -41.85 -15.70
CA LYS H 190 67.13 -42.00 -16.66
C LYS H 190 66.96 -41.12 -17.89
N VAL H 191 65.76 -41.12 -18.47
CA VAL H 191 65.50 -40.45 -19.74
C VAL H 191 64.83 -39.11 -19.45
N TYR H 192 65.42 -38.03 -19.98
CA TYR H 192 64.86 -36.69 -19.86
C TYR H 192 64.71 -36.09 -21.24
N ALA H 193 63.51 -35.62 -21.56
CA ALA H 193 63.23 -35.09 -22.89
C ALA H 193 62.24 -33.94 -22.78
N CYS H 194 62.31 -33.03 -23.75
CA CYS H 194 61.35 -31.94 -23.89
C CYS H 194 60.75 -31.98 -25.28
N GLU H 195 59.43 -32.08 -25.36
CA GLU H 195 58.72 -32.12 -26.63
C GLU H 195 58.33 -30.71 -27.05
N VAL H 196 58.66 -30.34 -28.29
CA VAL H 196 58.48 -28.99 -28.79
C VAL H 196 57.38 -29.03 -29.84
N THR H 197 56.26 -28.37 -29.55
CA THR H 197 55.13 -28.24 -30.48
C THR H 197 55.11 -26.81 -31.02
N HIS H 198 55.15 -26.67 -32.34
CA HIS H 198 55.17 -25.37 -32.96
C HIS H 198 54.49 -25.44 -34.32
N GLN H 199 54.00 -24.29 -34.79
CA GLN H 199 53.36 -24.23 -36.10
C GLN H 199 54.35 -24.48 -37.23
N GLY H 200 55.58 -24.01 -37.08
CA GLY H 200 56.62 -24.18 -38.08
C GLY H 200 57.23 -25.57 -38.17
N LEU H 201 56.73 -26.52 -37.38
CA LEU H 201 57.22 -27.89 -37.41
C LEU H 201 56.10 -28.81 -37.87
N SER H 202 56.43 -29.72 -38.79
CA SER H 202 55.41 -30.63 -39.32
C SER H 202 54.91 -31.60 -38.26
N SER H 203 55.76 -32.01 -37.33
CA SER H 203 55.38 -32.86 -36.22
C SER H 203 56.23 -32.47 -35.02
N PRO H 204 55.74 -32.70 -33.80
CA PRO H 204 56.48 -32.26 -32.61
C PRO H 204 57.89 -32.86 -32.56
N VAL H 205 58.88 -31.97 -32.42
CA VAL H 205 60.29 -32.34 -32.35
C VAL H 205 60.66 -32.57 -30.90
N THR H 206 61.49 -33.58 -30.64
CA THR H 206 61.92 -33.94 -29.30
C THR H 206 63.44 -34.08 -29.27
N LYS H 207 64.07 -33.47 -28.27
CA LYS H 207 65.48 -33.63 -27.98
C LYS H 207 65.63 -34.20 -26.57
N SER H 208 66.48 -35.21 -26.44
CA SER H 208 66.58 -35.96 -25.18
C SER H 208 68.03 -36.28 -24.86
N PHE H 209 68.24 -36.81 -23.66
CA PHE H 209 69.55 -37.27 -23.22
C PHE H 209 69.34 -38.30 -22.11
N ASN H 210 70.29 -39.24 -22.01
CA ASN H 210 70.29 -40.23 -20.95
C ASN H 210 71.20 -39.75 -19.82
N ARG H 211 70.75 -39.96 -18.59
CA ARG H 211 71.50 -39.52 -17.42
C ARG H 211 72.80 -40.30 -17.30
N GLY H 212 73.93 -39.65 -17.62
CA GLY H 212 75.22 -40.30 -17.57
C GLY H 212 76.04 -40.05 -18.81
N GLU H 213 75.47 -40.33 -19.99
CA GLU H 213 76.16 -40.10 -21.26
C GLU H 213 76.45 -38.62 -21.47
N GLU I 1 69.14 22.36 -19.23
CA GLU I 1 68.60 21.02 -19.46
C GLU I 1 67.79 20.53 -18.27
N VAL I 2 66.52 20.24 -18.49
CA VAL I 2 65.61 19.80 -17.44
C VAL I 2 65.72 18.29 -17.27
N GLN I 3 65.74 17.84 -16.02
CA GLN I 3 65.71 16.41 -15.75
C GLN I 3 65.14 16.18 -14.35
N LEU I 4 64.57 14.99 -14.17
CA LEU I 4 64.05 14.53 -12.88
C LEU I 4 64.78 13.24 -12.53
N VAL I 5 65.59 13.28 -11.49
CA VAL I 5 66.36 12.12 -11.05
C VAL I 5 65.72 11.58 -9.78
N GLN I 6 65.60 10.27 -9.70
CA GLN I 6 64.97 9.60 -8.58
C GLN I 6 66.01 8.82 -7.78
N SER I 7 65.65 8.49 -6.55
CA SER I 7 66.55 7.77 -5.66
C SER I 7 66.81 6.36 -6.19
N GLY I 8 67.89 5.75 -5.69
CA GLY I 8 68.28 4.43 -6.12
C GLY I 8 67.25 3.38 -5.73
N ALA I 9 67.44 2.19 -6.32
CA ALA I 9 66.51 1.10 -6.08
C ALA I 9 66.53 0.68 -4.62
N GLU I 10 65.43 0.10 -4.16
CA GLU I 10 65.26 -0.26 -2.76
C GLU I 10 64.76 -1.70 -2.64
N VAL I 11 65.12 -2.33 -1.53
CA VAL I 11 64.65 -3.66 -1.18
C VAL I 11 64.05 -3.59 0.22
N LYS I 12 62.83 -4.11 0.38
CA LYS I 12 62.10 -3.99 1.63
C LYS I 12 61.33 -5.28 1.91
N LYS I 13 61.08 -5.53 3.24
CA LYS I 13 60.38 -6.66 3.84
C LYS I 13 58.88 -6.39 3.90
N PRO I 14 58.05 -7.44 3.78
CA PRO I 14 56.60 -7.25 3.63
C PRO I 14 55.90 -6.60 4.81
N GLY I 15 56.32 -5.41 5.20
CA GLY I 15 55.67 -4.69 6.27
C GLY I 15 56.27 -3.32 6.48
N ALA I 16 57.48 -3.13 5.95
CA ALA I 16 58.22 -1.90 6.14
C ALA I 16 57.62 -0.78 5.29
N SER I 17 58.28 0.37 5.29
CA SER I 17 57.91 1.51 4.47
C SER I 17 59.08 1.89 3.58
N VAL I 18 58.80 2.71 2.56
CA VAL I 18 59.80 3.13 1.59
C VAL I 18 59.56 4.58 1.24
N LYS I 19 60.63 5.30 0.93
CA LYS I 19 60.56 6.72 0.58
C LYS I 19 61.39 6.94 -0.67
N VAL I 20 60.71 7.24 -1.79
CA VAL I 20 61.36 7.53 -3.06
C VAL I 20 61.39 9.04 -3.25
N SER I 21 62.54 9.57 -3.62
CA SER I 21 62.70 11.00 -3.87
C SER I 21 62.78 11.27 -5.37
N CYS I 22 62.48 12.52 -5.73
CA CYS I 22 62.41 12.93 -7.14
C CYS I 22 62.83 14.40 -7.19
N LYS I 23 64.10 14.64 -7.50
CA LYS I 23 64.67 15.98 -7.46
C LYS I 23 64.61 16.60 -8.86
N ALA I 24 63.91 17.73 -8.97
CA ALA I 24 63.77 18.43 -10.23
C ALA I 24 64.84 19.49 -10.39
N SER I 25 65.18 19.78 -11.64
CA SER I 25 66.18 20.79 -11.95
C SER I 25 65.96 21.27 -13.38
N GLY I 26 66.29 22.54 -13.62
CA GLY I 26 66.15 23.13 -14.92
C GLY I 26 64.86 23.90 -15.15
N TYR I 27 63.93 23.85 -14.20
CA TYR I 27 62.69 24.60 -14.32
C TYR I 27 62.22 24.97 -12.92
N THR I 28 61.30 25.93 -12.88
CA THR I 28 60.72 26.37 -11.61
C THR I 28 59.87 25.24 -11.03
N PHE I 29 60.40 24.58 -10.00
CA PHE I 29 59.75 23.41 -9.45
C PHE I 29 58.33 23.71 -8.96
N THR I 30 58.10 24.92 -8.46
CA THR I 30 56.82 25.27 -7.85
C THR I 30 55.77 25.70 -8.86
N SER I 31 56.06 25.61 -10.16
CA SER I 31 55.11 26.05 -11.18
C SER I 31 54.40 24.89 -11.87
N TYR I 32 54.62 23.66 -11.41
CA TYR I 32 54.03 22.47 -12.02
C TYR I 32 53.66 21.45 -10.96
N TYR I 33 52.54 20.77 -11.16
CA TYR I 33 52.22 19.61 -10.34
C TYR I 33 53.23 18.49 -10.61
N MET I 34 53.31 17.57 -9.65
CA MET I 34 54.11 16.35 -9.78
C MET I 34 53.20 15.16 -9.54
N TYR I 35 53.19 14.21 -10.46
CA TYR I 35 52.42 13.00 -10.25
C TYR I 35 53.32 11.77 -10.34
N TRP I 36 52.83 10.68 -9.75
CA TRP I 36 53.60 9.46 -9.57
C TRP I 36 52.88 8.30 -10.23
N VAL I 37 53.66 7.46 -10.92
CA VAL I 37 53.15 6.32 -11.67
C VAL I 37 53.94 5.08 -11.24
N ARG I 38 53.24 3.95 -11.15
CA ARG I 38 53.83 2.68 -10.75
C ARG I 38 53.58 1.65 -11.84
N GLN I 39 54.57 0.78 -12.07
CA GLN I 39 54.46 -0.25 -13.10
C GLN I 39 55.05 -1.55 -12.56
N ALA I 40 54.21 -2.53 -12.27
CA ALA I 40 54.69 -3.84 -11.84
C ALA I 40 55.45 -4.50 -12.98
N PRO I 41 56.36 -5.43 -12.68
CA PRO I 41 57.18 -6.03 -13.74
C PRO I 41 56.33 -6.72 -14.79
N GLY I 42 56.51 -6.30 -16.05
CA GLY I 42 55.78 -6.90 -17.15
C GLY I 42 54.29 -6.60 -17.15
N GLN I 43 53.89 -5.47 -16.59
CA GLN I 43 52.48 -5.12 -16.50
C GLN I 43 52.31 -3.66 -16.89
N GLY I 44 51.08 -3.16 -16.78
CA GLY I 44 50.75 -1.83 -17.24
C GLY I 44 51.09 -0.75 -16.23
N LEU I 45 50.74 0.48 -16.60
CA LEU I 45 50.97 1.64 -15.77
C LEU I 45 49.80 1.85 -14.81
N GLU I 46 50.10 2.48 -13.68
CA GLU I 46 49.11 2.70 -12.64
C GLU I 46 49.35 4.07 -12.01
N TRP I 47 48.31 4.91 -11.99
CA TRP I 47 48.43 6.25 -11.45
C TRP I 47 48.28 6.22 -9.93
N ILE I 48 49.27 6.78 -9.23
CA ILE I 48 49.27 6.76 -7.77
C ILE I 48 48.62 8.03 -7.24
N GLY I 49 49.15 9.18 -7.61
CA GLY I 49 48.62 10.44 -7.14
C GLY I 49 49.46 11.59 -7.66
N GLU I 50 49.09 12.79 -7.23
CA GLU I 50 49.77 14.01 -7.64
C GLU I 50 49.80 14.97 -6.48
N ILE I 51 50.66 15.99 -6.58
CA ILE I 51 50.85 16.94 -5.49
C ILE I 51 51.15 18.32 -6.07
N ASN I 52 50.48 19.35 -5.53
CA ASN I 52 50.74 20.73 -5.88
C ASN I 52 51.87 21.24 -5.00
N PRO I 53 53.04 21.55 -5.55
CA PRO I 53 54.18 21.95 -4.70
C PRO I 53 53.96 23.27 -4.00
N THR I 54 53.10 24.16 -4.53
CA THR I 54 52.87 25.45 -3.90
C THR I 54 52.10 25.30 -2.59
N SER I 55 51.03 24.49 -2.61
CA SER I 55 50.15 24.34 -1.46
C SER I 55 50.43 23.10 -0.64
N GLY I 56 51.02 22.07 -1.22
CA GLY I 56 51.15 20.79 -0.58
C GLY I 56 49.95 19.88 -0.74
N GLY I 57 48.89 20.35 -1.40
CA GLY I 57 47.70 19.54 -1.57
C GLY I 57 47.92 18.38 -2.53
N THR I 58 47.10 17.35 -2.36
CA THR I 58 47.28 16.12 -3.12
C THR I 58 45.93 15.60 -3.61
N ASN I 59 46.00 14.80 -4.69
CA ASN I 59 44.89 14.00 -5.17
C ASN I 59 45.40 12.58 -5.35
N PHE I 60 44.73 11.62 -4.72
CA PHE I 60 45.19 10.24 -4.69
C PHE I 60 44.23 9.31 -5.42
N ASN I 61 44.79 8.26 -6.02
CA ASN I 61 44.00 7.08 -6.35
C ASN I 61 43.55 6.44 -5.04
N GLU I 62 42.23 6.23 -4.90
CA GLU I 62 41.69 5.66 -3.67
C GLU I 62 42.41 4.37 -3.28
N LYS I 63 42.96 3.65 -4.27
CA LYS I 63 43.68 2.42 -3.98
C LYS I 63 44.91 2.67 -3.10
N PHE I 64 45.45 3.89 -3.13
CA PHE I 64 46.68 4.21 -2.41
C PHE I 64 46.48 5.20 -1.28
N LYS I 65 45.26 5.67 -1.05
CA LYS I 65 45.05 6.76 -0.12
C LYS I 65 45.47 6.38 1.31
N SER I 66 45.30 5.12 1.69
CA SER I 66 45.54 4.72 3.07
C SER I 66 47.01 4.43 3.37
N ARG I 67 47.82 4.16 2.36
CA ARG I 67 49.21 3.77 2.58
C ARG I 67 50.23 4.67 1.90
N ALA I 68 49.82 5.56 1.00
CA ALA I 68 50.73 6.43 0.29
C ALA I 68 50.73 7.84 0.88
N THR I 69 51.85 8.53 0.73
CA THR I 69 52.00 9.89 1.25
C THR I 69 52.87 10.68 0.29
N LEU I 70 52.34 11.79 -0.21
CA LEU I 70 53.06 12.65 -1.15
C LEU I 70 53.44 13.94 -0.46
N THR I 71 54.73 14.25 -0.45
CA THR I 71 55.25 15.46 0.17
C THR I 71 56.20 16.16 -0.79
N VAL I 72 56.59 17.38 -0.42
CA VAL I 72 57.44 18.20 -1.27
C VAL I 72 58.36 19.05 -0.39
N ASP I 73 59.63 19.13 -0.78
CA ASP I 73 60.61 20.00 -0.14
C ASP I 73 60.97 21.09 -1.14
N THR I 74 60.31 22.25 -1.02
CA THR I 74 60.51 23.34 -1.98
C THR I 74 61.95 23.85 -1.98
N SER I 75 62.59 23.87 -0.81
CA SER I 75 63.93 24.44 -0.72
C SER I 75 64.95 23.66 -1.55
N THR I 76 64.70 22.36 -1.77
CA THR I 76 65.62 21.52 -2.56
C THR I 76 64.98 21.02 -3.85
N SER I 77 63.78 21.48 -4.19
CA SER I 77 63.09 21.10 -5.42
C SER I 77 62.98 19.58 -5.56
N THR I 78 62.46 18.95 -4.51
CA THR I 78 62.36 17.50 -4.44
C THR I 78 60.96 17.10 -4.04
N ALA I 79 60.41 16.12 -4.75
CA ALA I 79 59.13 15.50 -4.40
C ALA I 79 59.39 14.12 -3.84
N TYR I 80 58.63 13.74 -2.81
CA TYR I 80 58.82 12.48 -2.12
C TYR I 80 57.55 11.64 -2.19
N LEU I 81 57.72 10.33 -2.37
CA LEU I 81 56.64 9.36 -2.32
C LEU I 81 56.95 8.36 -1.22
N GLU I 82 56.01 8.19 -0.29
CA GLU I 82 56.16 7.27 0.84
C GLU I 82 55.05 6.24 0.79
N LEU I 83 55.43 4.96 0.80
CA LEU I 83 54.49 3.85 0.81
C LEU I 83 54.73 3.02 2.06
N SER I 84 53.70 2.83 2.87
CA SER I 84 53.79 2.08 4.12
C SER I 84 53.02 0.77 4.01
N SER I 85 53.25 -0.11 4.98
CA SER I 85 52.63 -1.43 5.02
C SER I 85 52.81 -2.17 3.70
N LEU I 86 54.06 -2.26 3.25
CA LEU I 86 54.34 -2.82 1.94
C LEU I 86 53.92 -4.28 1.85
N ARG I 87 53.45 -4.68 0.67
CA ARG I 87 53.15 -6.05 0.33
C ARG I 87 53.96 -6.47 -0.88
N SER I 88 54.01 -7.77 -1.15
CA SER I 88 54.71 -8.24 -2.33
C SER I 88 54.09 -7.68 -3.61
N GLU I 89 52.78 -7.43 -3.59
CA GLU I 89 52.12 -6.85 -4.75
C GLU I 89 52.64 -5.45 -5.09
N ASP I 90 53.26 -4.77 -4.12
CA ASP I 90 53.80 -3.43 -4.36
C ASP I 90 55.12 -3.45 -5.10
N THR I 91 55.64 -4.63 -5.45
CA THR I 91 56.89 -4.72 -6.19
C THR I 91 56.68 -4.14 -7.59
N ALA I 92 57.40 -3.06 -7.89
CA ALA I 92 57.19 -2.36 -9.16
C ALA I 92 58.30 -1.34 -9.35
N VAL I 93 58.22 -0.61 -10.46
CA VAL I 93 59.06 0.56 -10.71
C VAL I 93 58.21 1.80 -10.52
N TYR I 94 58.73 2.78 -9.78
CA TYR I 94 57.97 3.97 -9.41
C TYR I 94 58.55 5.18 -10.13
N TYR I 95 57.73 5.85 -10.92
CA TYR I 95 58.13 7.01 -11.70
C TYR I 95 57.49 8.27 -11.12
N CYS I 96 58.21 9.38 -11.22
CA CYS I 96 57.62 10.70 -11.05
C CYS I 96 57.58 11.37 -12.41
N ALA I 97 56.62 12.27 -12.58
CA ALA I 97 56.45 12.96 -13.85
C ALA I 97 55.86 14.34 -13.60
N ARG I 98 56.24 15.27 -14.46
CA ARG I 98 55.78 16.65 -14.33
C ARG I 98 54.44 16.81 -15.04
N GLU I 99 53.49 17.46 -14.36
CA GLU I 99 52.17 17.71 -14.90
C GLU I 99 52.20 19.05 -15.63
N GLY I 100 52.10 18.99 -16.96
CA GLY I 100 52.09 20.20 -17.76
C GLY I 100 53.42 20.46 -18.43
N GLY I 101 53.36 21.21 -19.53
CA GLY I 101 54.56 21.44 -20.30
C GLY I 101 55.03 20.16 -20.98
N PHE I 102 56.31 20.16 -21.33
CA PHE I 102 56.91 18.97 -21.91
C PHE I 102 56.89 17.83 -20.90
N ALA I 103 56.53 16.64 -21.37
CA ALA I 103 56.26 15.49 -20.49
C ALA I 103 57.57 14.90 -19.99
N TYR I 104 58.18 15.58 -19.03
CA TYR I 104 59.38 15.04 -18.41
C TYR I 104 59.02 13.91 -17.44
N TRP I 105 59.85 12.87 -17.42
CA TRP I 105 59.64 11.71 -16.58
C TRP I 105 60.94 11.34 -15.88
N GLY I 106 60.84 10.98 -14.61
CA GLY I 106 61.98 10.44 -13.90
C GLY I 106 62.44 9.12 -14.50
N GLN I 107 63.64 8.71 -14.12
CA GLN I 107 64.20 7.49 -14.69
C GLN I 107 63.63 6.23 -14.06
N GLY I 108 62.93 6.35 -12.94
CA GLY I 108 62.31 5.20 -12.32
C GLY I 108 63.09 4.69 -11.12
N THR I 109 62.35 4.19 -10.13
CA THR I 109 62.94 3.60 -8.94
C THR I 109 62.31 2.24 -8.72
N LEU I 110 63.14 1.20 -8.74
CA LEU I 110 62.66 -0.15 -8.51
C LEU I 110 62.56 -0.41 -7.01
N VAL I 111 61.38 -0.87 -6.57
CA VAL I 111 61.12 -1.21 -5.18
C VAL I 111 60.72 -2.68 -5.15
N THR I 112 61.56 -3.52 -4.55
CA THR I 112 61.34 -4.96 -4.50
C THR I 112 60.92 -5.33 -3.08
N VAL I 113 59.70 -5.85 -2.93
CA VAL I 113 59.15 -6.21 -1.63
C VAL I 113 59.01 -7.72 -1.59
N SER I 114 59.78 -8.36 -0.72
CA SER I 114 59.75 -9.81 -0.57
C SER I 114 60.30 -10.15 0.81
N SER I 115 60.11 -11.41 1.19
CA SER I 115 60.62 -11.90 2.46
C SER I 115 62.08 -12.32 2.38
N ALA I 116 62.60 -12.56 1.19
CA ALA I 116 63.97 -13.04 1.03
C ALA I 116 64.97 -11.94 1.35
N SER I 117 66.22 -12.34 1.54
CA SER I 117 67.33 -11.44 1.83
C SER I 117 68.29 -11.41 0.65
N THR I 118 69.00 -10.30 0.51
CA THR I 118 69.89 -10.08 -0.63
C THR I 118 70.93 -11.18 -0.75
N LYS I 119 70.73 -12.07 -1.72
CA LYS I 119 71.57 -13.24 -1.93
C LYS I 119 72.36 -13.10 -3.23
N GLY I 120 73.54 -13.72 -3.27
CA GLY I 120 74.34 -13.75 -4.47
C GLY I 120 73.92 -14.87 -5.40
N PRO I 121 74.22 -14.72 -6.69
CA PRO I 121 73.84 -15.74 -7.68
C PRO I 121 74.87 -16.86 -7.81
N SER I 122 74.34 -18.06 -8.09
CA SER I 122 75.15 -19.22 -8.39
C SER I 122 75.13 -19.46 -9.90
N VAL I 123 76.32 -19.48 -10.51
CA VAL I 123 76.46 -19.57 -11.96
C VAL I 123 76.93 -20.97 -12.32
N PHE I 124 76.13 -21.66 -13.13
CA PHE I 124 76.41 -23.02 -13.60
C PHE I 124 76.53 -23.03 -15.11
N PRO I 125 77.46 -23.83 -15.66
CA PRO I 125 77.65 -23.85 -17.12
C PRO I 125 76.67 -24.78 -17.82
N LEU I 126 76.21 -24.35 -19.00
CA LEU I 126 75.40 -25.18 -19.88
C LEU I 126 76.29 -25.64 -21.01
N ALA I 127 76.81 -26.88 -20.90
CA ALA I 127 77.84 -27.35 -21.82
C ALA I 127 77.22 -27.71 -23.17
N PRO I 128 77.92 -27.47 -24.28
CA PRO I 128 77.38 -27.84 -25.59
C PRO I 128 77.32 -29.35 -25.76
N SER I 129 76.32 -29.80 -26.50
CA SER I 129 76.04 -31.23 -26.64
C SER I 129 77.00 -31.90 -27.62
N SER I 130 76.92 -31.53 -28.90
CA SER I 130 77.73 -32.14 -29.96
C SER I 130 77.52 -33.65 -30.03
N GLY I 135 77.20 -31.11 -34.87
CA GLY I 135 76.90 -31.19 -36.28
C GLY I 135 77.35 -29.97 -37.07
N GLY I 136 76.52 -28.95 -37.12
CA GLY I 136 76.83 -27.72 -37.83
C GLY I 136 76.83 -26.50 -36.94
N THR I 137 75.79 -26.36 -36.12
CA THR I 137 75.65 -25.25 -35.18
C THR I 137 75.20 -25.80 -33.84
N ALA I 138 75.85 -25.34 -32.77
CA ALA I 138 75.53 -25.77 -31.41
C ALA I 138 75.34 -24.55 -30.52
N ALA I 139 74.69 -24.78 -29.38
CA ALA I 139 74.39 -23.72 -28.43
C ALA I 139 74.98 -24.06 -27.06
N LEU I 140 75.43 -23.03 -26.35
CA LEU I 140 75.96 -23.16 -25.01
C LEU I 140 75.60 -21.91 -24.23
N GLY I 141 75.72 -21.98 -22.91
CA GLY I 141 75.37 -20.83 -22.10
C GLY I 141 75.65 -21.04 -20.63
N CYS I 142 75.13 -20.10 -19.84
CA CYS I 142 75.26 -20.09 -18.39
C CYS I 142 73.88 -20.02 -17.75
N LEU I 143 73.73 -20.71 -16.62
CA LEU I 143 72.49 -20.67 -15.83
C LEU I 143 72.78 -19.92 -14.54
N VAL I 144 72.20 -18.73 -14.40
CA VAL I 144 72.31 -17.92 -13.21
C VAL I 144 71.09 -18.21 -12.34
N LYS I 145 71.30 -18.93 -11.24
CA LYS I 145 70.20 -19.45 -10.43
C LYS I 145 70.32 -18.95 -8.99
N ASP I 146 69.15 -18.69 -8.39
CA ASP I 146 68.99 -18.41 -6.96
C ASP I 146 69.79 -17.16 -6.55
N TYR I 147 69.23 -16.01 -6.90
CA TYR I 147 69.74 -14.72 -6.47
C TYR I 147 68.58 -13.82 -6.11
N PHE I 148 68.91 -12.68 -5.49
CA PHE I 148 67.92 -11.71 -5.04
C PHE I 148 68.65 -10.44 -4.59
N PRO I 149 68.19 -9.25 -4.99
CA PRO I 149 67.07 -9.08 -5.93
C PRO I 149 67.56 -8.88 -7.37
N GLU I 150 66.66 -8.39 -8.22
CA GLU I 150 67.05 -8.01 -9.56
C GLU I 150 67.82 -6.68 -9.52
N PRO I 151 68.62 -6.39 -10.56
CA PRO I 151 68.85 -7.15 -11.79
C PRO I 151 70.16 -7.94 -11.80
N VAL I 152 70.42 -8.58 -12.94
CA VAL I 152 71.69 -9.26 -13.21
C VAL I 152 72.06 -8.99 -14.65
N THR I 153 73.30 -8.56 -14.88
CA THR I 153 73.81 -8.30 -16.21
C THR I 153 74.77 -9.41 -16.62
N VAL I 154 74.63 -9.89 -17.86
CA VAL I 154 75.41 -11.00 -18.37
C VAL I 154 76.03 -10.61 -19.70
N SER I 155 77.34 -10.74 -19.80
CA SER I 155 78.07 -10.53 -21.04
C SER I 155 78.97 -11.73 -21.29
N TRP I 156 79.43 -11.85 -22.53
CA TRP I 156 80.26 -12.98 -22.96
C TRP I 156 81.61 -12.48 -23.46
N ASN I 157 82.68 -13.03 -22.89
CA ASN I 157 84.05 -12.66 -23.24
C ASN I 157 84.28 -11.17 -23.08
N SER I 158 83.80 -10.62 -21.95
CA SER I 158 83.96 -9.20 -21.60
C SER I 158 83.39 -8.27 -22.66
N GLY I 159 82.35 -8.71 -23.37
CA GLY I 159 81.70 -7.90 -24.38
C GLY I 159 82.16 -8.14 -25.79
N ALA I 160 83.04 -9.12 -26.02
CA ALA I 160 83.51 -9.39 -27.38
C ALA I 160 82.46 -10.12 -28.20
N LEU I 161 81.99 -11.26 -27.71
CA LEU I 161 80.97 -12.04 -28.40
C LEU I 161 79.60 -11.45 -28.10
N THR I 162 78.98 -10.81 -29.09
CA THR I 162 77.68 -10.19 -28.91
C THR I 162 76.59 -10.82 -29.77
N SER I 163 76.88 -11.14 -31.02
CA SER I 163 75.86 -11.71 -31.89
C SER I 163 75.59 -13.17 -31.53
N GLY I 164 74.32 -13.57 -31.60
CA GLY I 164 73.91 -14.90 -31.24
C GLY I 164 73.52 -15.08 -29.79
N VAL I 165 73.71 -14.05 -28.96
CA VAL I 165 73.42 -14.15 -27.53
C VAL I 165 71.94 -13.90 -27.29
N HIS I 166 71.34 -14.68 -26.38
CA HIS I 166 69.94 -14.51 -25.98
C HIS I 166 69.90 -14.63 -24.45
N THR I 167 69.98 -13.49 -23.77
CA THR I 167 69.83 -13.44 -22.32
C THR I 167 68.35 -13.31 -21.99
N PHE I 168 67.81 -14.31 -21.31
CA PHE I 168 66.37 -14.42 -21.10
C PHE I 168 65.92 -13.58 -19.91
N PRO I 169 64.65 -13.20 -19.88
CA PRO I 169 64.10 -12.53 -18.69
C PRO I 169 64.08 -13.45 -17.49
N ALA I 170 64.24 -12.85 -16.31
CA ALA I 170 64.25 -13.61 -15.07
C ALA I 170 62.86 -14.13 -14.73
N VAL I 171 62.83 -15.14 -13.86
CA VAL I 171 61.58 -15.71 -13.36
C VAL I 171 61.67 -15.80 -11.84
N LEU I 172 60.52 -15.66 -11.19
CA LEU I 172 60.43 -15.67 -9.74
C LEU I 172 60.08 -17.09 -9.29
N GLN I 173 61.07 -17.80 -8.75
CA GLN I 173 60.86 -19.17 -8.30
C GLN I 173 59.99 -19.19 -7.04
N SER I 174 59.55 -20.40 -6.67
CA SER I 174 58.76 -20.55 -5.46
C SER I 174 59.56 -20.19 -4.22
N SER I 175 60.89 -20.33 -4.28
CA SER I 175 61.79 -19.97 -3.19
C SER I 175 61.97 -18.48 -3.04
N GLY I 176 61.21 -17.66 -3.77
CA GLY I 176 61.41 -16.22 -3.72
C GLY I 176 62.72 -15.75 -4.29
N LEU I 177 63.43 -16.59 -5.05
CA LEU I 177 64.68 -16.23 -5.68
C LEU I 177 64.53 -16.23 -7.19
N TYR I 178 65.30 -15.39 -7.86
CA TYR I 178 65.23 -15.25 -9.30
C TYR I 178 66.20 -16.20 -9.99
N SER I 179 65.78 -16.66 -11.17
CA SER I 179 66.58 -17.56 -11.99
C SER I 179 66.54 -17.09 -13.43
N LEU I 180 67.69 -17.16 -14.11
CA LEU I 180 67.84 -16.57 -15.43
C LEU I 180 68.82 -17.40 -16.24
N SER I 181 68.56 -17.52 -17.54
CA SER I 181 69.43 -18.24 -18.46
C SER I 181 69.97 -17.29 -19.52
N SER I 182 71.13 -17.63 -20.07
CA SER I 182 71.74 -16.85 -21.13
C SER I 182 72.47 -17.81 -22.07
N VAL I 183 72.10 -17.81 -23.35
CA VAL I 183 72.64 -18.74 -24.32
C VAL I 183 73.28 -17.96 -25.47
N VAL I 184 74.07 -18.67 -26.27
CA VAL I 184 74.69 -18.10 -27.47
C VAL I 184 74.97 -19.25 -28.43
N THR I 185 74.77 -19.00 -29.72
CA THR I 185 74.99 -20.00 -30.76
C THR I 185 76.33 -19.75 -31.45
N VAL I 186 77.08 -20.83 -31.65
CA VAL I 186 78.41 -20.77 -32.26
C VAL I 186 78.59 -21.98 -33.16
N PRO I 187 79.50 -21.89 -34.13
CA PRO I 187 79.78 -23.04 -34.99
C PRO I 187 80.37 -24.21 -34.21
N SER I 188 80.02 -25.42 -34.64
CA SER I 188 80.54 -26.62 -34.01
C SER I 188 82.04 -26.78 -34.20
N SER I 189 82.61 -26.16 -35.24
CA SER I 189 84.03 -26.28 -35.55
C SER I 189 84.91 -25.44 -34.65
N SER I 190 84.34 -24.63 -33.76
CA SER I 190 85.12 -23.79 -32.86
C SER I 190 84.99 -24.21 -31.40
N LEU I 191 84.42 -25.39 -31.13
CA LEU I 191 84.34 -25.90 -29.76
C LEU I 191 85.67 -26.53 -29.39
N GLY I 192 86.33 -25.96 -28.38
CA GLY I 192 87.66 -26.35 -27.98
C GLY I 192 88.75 -25.41 -28.48
N THR I 193 88.53 -24.76 -29.62
CA THR I 193 89.48 -23.77 -30.11
C THR I 193 89.24 -22.41 -29.50
N GLN I 194 87.98 -22.04 -29.31
CA GLN I 194 87.59 -20.74 -28.77
C GLN I 194 87.20 -20.86 -27.31
N THR I 195 87.57 -19.85 -26.52
CA THR I 195 87.23 -19.79 -25.11
C THR I 195 85.93 -19.02 -24.94
N TYR I 196 85.01 -19.56 -24.15
CA TYR I 196 83.69 -18.98 -23.94
C TYR I 196 83.47 -18.80 -22.45
N ILE I 197 83.48 -17.55 -21.99
CA ILE I 197 83.34 -17.21 -20.58
C ILE I 197 82.21 -16.19 -20.45
N CYS I 198 81.22 -16.51 -19.62
CA CYS I 198 80.13 -15.58 -19.34
C CYS I 198 80.47 -14.75 -18.10
N ASN I 199 80.18 -13.46 -18.18
CA ASN I 199 80.51 -12.52 -17.12
C ASN I 199 79.23 -12.12 -16.40
N VAL I 200 78.97 -12.78 -15.27
CA VAL I 200 77.78 -12.50 -14.46
C VAL I 200 78.12 -11.42 -13.45
N ASN I 201 77.27 -10.39 -13.37
CA ASN I 201 77.46 -9.29 -12.44
C ASN I 201 76.17 -9.07 -11.66
N HIS I 202 76.29 -9.04 -10.33
CA HIS I 202 75.15 -8.82 -9.43
C HIS I 202 75.53 -7.68 -8.49
N LYS I 203 75.15 -6.45 -8.85
CA LYS I 203 75.54 -5.29 -8.05
C LYS I 203 74.94 -5.27 -6.66
N PRO I 204 73.68 -5.65 -6.41
CA PRO I 204 73.17 -5.60 -5.03
C PRO I 204 73.98 -6.40 -4.03
N SER I 205 74.68 -7.45 -4.46
CA SER I 205 75.52 -8.25 -3.57
C SER I 205 77.00 -8.14 -3.87
N ASN I 206 77.40 -7.28 -4.82
CA ASN I 206 78.80 -7.09 -5.20
C ASN I 206 79.45 -8.39 -5.65
N THR I 207 78.68 -9.25 -6.30
CA THR I 207 79.16 -10.55 -6.77
C THR I 207 79.51 -10.45 -8.25
N LYS I 208 80.74 -10.86 -8.59
CA LYS I 208 81.22 -10.89 -9.96
C LYS I 208 81.82 -12.26 -10.21
N VAL I 209 81.13 -13.08 -11.00
CA VAL I 209 81.55 -14.45 -11.29
C VAL I 209 81.88 -14.57 -12.77
N ASP I 210 83.00 -15.22 -13.07
CA ASP I 210 83.40 -15.53 -14.44
C ASP I 210 83.46 -17.04 -14.56
N LYS I 211 82.56 -17.62 -15.36
CA LYS I 211 82.46 -19.06 -15.54
C LYS I 211 82.87 -19.43 -16.95
N LYS I 212 83.79 -20.39 -17.07
CA LYS I 212 84.24 -20.88 -18.36
C LYS I 212 83.37 -22.06 -18.79
N VAL I 213 82.93 -22.06 -20.04
CA VAL I 213 82.01 -23.06 -20.56
C VAL I 213 82.73 -23.91 -21.58
N GLU I 214 82.91 -25.19 -21.26
CA GLU I 214 83.54 -26.19 -22.11
C GLU I 214 82.62 -27.38 -22.25
N PRO I 215 82.81 -28.21 -23.27
CA PRO I 215 82.07 -29.46 -23.35
C PRO I 215 82.59 -30.47 -22.34
N LYS I 216 81.67 -31.29 -21.83
CA LYS I 216 82.03 -32.31 -20.84
C LYS I 216 82.48 -33.59 -21.53
N SER I 217 83.35 -34.33 -20.85
CA SER I 217 83.87 -35.59 -21.36
C SER I 217 83.55 -36.75 -20.42
N ILE J 1 50.79 16.46 18.96
CA ILE J 1 50.29 16.62 17.60
C ILE J 1 48.98 15.86 17.44
N LEU J 2 47.91 16.58 17.12
CA LEU J 2 46.58 16.00 17.01
C LEU J 2 46.23 15.76 15.55
N GLY J 3 45.66 14.59 15.28
CA GLY J 3 45.27 14.25 13.92
C GLY J 3 46.41 13.89 13.00
N GLY J 4 47.58 13.56 13.55
CA GLY J 4 48.74 13.20 12.79
C GLY J 4 49.12 11.74 12.96
N ARG J 5 50.37 11.44 12.63
CA ARG J 5 50.89 10.09 12.75
C ARG J 5 52.37 10.16 13.12
N GLU J 6 52.93 9.00 13.48
CA GLU J 6 54.34 8.92 13.83
C GLU J 6 55.19 9.26 12.62
N ALA J 7 56.24 10.06 12.84
CA ALA J 7 57.10 10.50 11.77
C ALA J 7 58.11 9.41 11.40
N GLU J 8 58.67 9.54 10.20
CA GLU J 8 59.82 8.73 9.83
C GLU J 8 60.98 9.10 10.74
N ALA J 9 61.59 8.08 11.36
CA ALA J 9 62.59 8.32 12.39
C ALA J 9 63.77 9.10 11.85
N HIS J 10 64.08 10.21 12.50
CA HIS J 10 65.23 11.06 12.18
C HIS J 10 65.13 11.70 10.80
N ALA J 11 63.92 11.71 10.23
CA ALA J 11 63.71 12.44 8.98
C ALA J 11 63.69 13.95 9.19
N ARG J 12 63.57 14.41 10.43
CA ARG J 12 63.62 15.83 10.78
C ARG J 12 64.79 16.00 11.74
N PRO J 13 66.01 16.09 11.22
CA PRO J 13 67.20 16.13 12.11
C PRO J 13 67.31 17.42 12.91
N TYR J 14 66.49 18.42 12.63
CA TYR J 14 66.46 19.65 13.43
C TYR J 14 65.61 19.53 14.68
N MET J 15 64.82 18.47 14.80
CA MET J 15 63.86 18.35 15.88
C MET J 15 64.58 18.14 17.21
N ALA J 16 64.23 18.96 18.20
CA ALA J 16 64.80 18.88 19.54
C ALA J 16 63.68 18.74 20.56
N SER J 17 64.01 18.08 21.67
CA SER J 17 63.11 17.93 22.80
C SER J 17 63.70 18.67 23.99
N VAL J 18 63.11 19.81 24.35
CA VAL J 18 63.51 20.51 25.54
C VAL J 18 63.01 19.74 26.75
N GLN J 19 63.91 19.42 27.67
CA GLN J 19 63.61 18.53 28.79
C GLN J 19 63.75 19.28 30.11
N LEU J 20 62.81 19.04 31.00
CA LEU J 20 62.83 19.60 32.34
C LEU J 20 62.88 18.44 33.33
N ASN J 21 64.00 18.35 34.06
CA ASN J 21 64.22 17.28 35.03
C ASN J 21 64.11 15.90 34.38
N GLY J 22 64.63 15.78 33.17
CA GLY J 22 64.67 14.51 32.48
C GLY J 22 63.37 14.05 31.87
N ALA J 23 62.39 14.94 31.76
CA ALA J 23 61.12 14.62 31.10
C ALA J 23 60.85 15.66 30.03
N HIS J 24 60.18 15.23 28.96
CA HIS J 24 59.89 16.12 27.85
C HIS J 24 58.98 17.26 28.32
N LEU J 25 59.40 18.48 28.03
CA LEU J 25 58.64 19.68 28.38
C LEU J 25 58.09 20.38 27.16
N CYS J 26 58.93 20.63 26.16
CA CYS J 26 58.54 21.38 24.99
C CYS J 26 59.33 20.88 23.79
N GLY J 27 58.87 21.26 22.60
CA GLY J 27 59.66 21.07 21.41
C GLY J 27 60.68 22.18 21.23
N GLY J 28 61.61 21.94 20.33
CA GLY J 28 62.61 22.93 19.98
C GLY J 28 63.20 22.59 18.63
N VAL J 29 63.64 23.62 17.92
CA VAL J 29 64.23 23.44 16.60
C VAL J 29 65.68 23.93 16.66
N LEU J 30 66.60 23.07 16.23
CA LEU J 30 68.01 23.41 16.20
C LEU J 30 68.27 24.41 15.08
N VAL J 31 68.76 25.60 15.43
CA VAL J 31 68.96 26.66 14.44
C VAL J 31 70.43 26.98 14.22
N ALA J 32 71.34 26.46 15.04
CA ALA J 32 72.77 26.62 14.85
C ALA J 32 73.47 25.41 15.46
N GLU J 33 74.79 25.40 15.40
CA GLU J 33 75.53 24.25 15.94
C GLU J 33 75.36 24.14 17.45
N GLN J 34 75.09 25.25 18.13
CA GLN J 34 75.09 25.26 19.59
C GLN J 34 73.87 26.00 20.16
N TRP J 35 72.86 26.24 19.35
CA TRP J 35 71.68 26.99 19.78
C TRP J 35 70.41 26.26 19.38
N VAL J 36 69.44 26.21 20.29
CA VAL J 36 68.13 25.64 20.04
C VAL J 36 67.09 26.73 20.24
N LEU J 37 66.18 26.88 19.27
CA LEU J 37 65.11 27.86 19.33
C LEU J 37 63.83 27.19 19.83
N SER J 38 63.15 27.84 20.75
CA SER J 38 61.93 27.29 21.36
C SER J 38 61.05 28.45 21.83
N ALA J 39 60.02 28.12 22.60
CA ALA J 39 59.07 29.10 23.10
C ALA J 39 59.45 29.52 24.51
N ALA J 40 59.21 30.79 24.83
CA ALA J 40 59.65 31.33 26.12
C ALA J 40 58.81 30.80 27.28
N HIS J 41 57.49 30.72 27.10
CA HIS J 41 56.61 30.34 28.20
C HIS J 41 56.87 28.92 28.70
N CYS J 42 57.62 28.11 27.95
CA CYS J 42 57.97 26.78 28.42
C CYS J 42 58.72 26.83 29.74
N LEU J 43 59.46 27.91 29.99
CA LEU J 43 60.31 28.04 31.17
C LEU J 43 59.74 28.98 32.21
N GLU J 44 58.47 29.38 32.09
CA GLU J 44 57.87 30.29 33.06
C GLU J 44 57.74 29.62 34.43
N ASP J 45 57.19 28.41 34.46
CA ASP J 45 56.98 27.67 35.70
C ASP J 45 58.10 26.65 35.96
N ALA J 46 59.22 26.77 35.25
CA ALA J 46 60.29 25.77 35.38
C ALA J 46 60.99 25.87 36.72
N ALA J 47 61.15 27.09 37.24
CA ALA J 47 61.81 27.34 38.52
C ALA J 47 63.22 26.76 38.44
N ASP J 48 63.66 25.95 39.42
CA ASP J 48 65.02 25.44 39.47
C ASP J 48 65.16 24.07 38.81
N GLY J 49 64.22 23.70 37.94
CA GLY J 49 64.36 22.43 37.23
C GLY J 49 65.53 22.46 36.26
N LYS J 50 66.11 21.29 36.03
CA LYS J 50 67.28 21.17 35.17
C LYS J 50 66.85 21.17 33.71
N VAL J 51 67.21 22.22 32.98
CA VAL J 51 66.85 22.37 31.58
C VAL J 51 67.91 21.66 30.73
N GLN J 52 67.45 20.78 29.85
CA GLN J 52 68.33 20.04 28.95
C GLN J 52 67.66 19.90 27.59
N VAL J 53 68.49 19.64 26.58
CA VAL J 53 68.02 19.48 25.20
C VAL J 53 68.42 18.09 24.73
N LEU J 54 67.47 17.38 24.12
CA LEU J 54 67.70 16.06 23.55
C LEU J 54 67.67 16.17 22.03
N LEU J 55 68.81 15.91 21.40
CA LEU J 55 68.94 15.99 19.95
C LEU J 55 69.02 14.60 19.33
N GLY J 56 68.67 14.52 18.06
CA GLY J 56 68.76 13.27 17.33
C GLY J 56 67.88 12.16 17.85
N ALA J 57 66.76 12.50 18.45
CA ALA J 57 65.87 11.51 19.04
C ALA J 57 64.61 11.34 18.20
N HIS J 58 64.11 10.11 18.17
CA HIS J 58 62.76 9.82 17.70
C HIS J 58 61.89 9.30 18.83
N SER J 59 62.37 8.33 19.59
CA SER J 59 61.73 7.88 20.81
C SER J 59 62.39 8.53 22.01
N LEU J 60 61.57 8.95 22.97
CA LEU J 60 62.10 9.56 24.18
C LEU J 60 62.73 8.53 25.12
N SER J 61 62.31 7.27 25.03
CA SER J 61 62.72 6.25 25.99
C SER J 61 63.60 5.17 25.37
N GLN J 62 63.27 4.70 24.17
CA GLN J 62 64.03 3.64 23.54
C GLN J 62 65.45 4.13 23.24
N PRO J 63 66.44 3.23 23.30
CA PRO J 63 67.81 3.64 23.00
C PRO J 63 68.04 3.80 21.50
N GLU J 64 68.71 4.89 21.14
CA GLU J 64 69.03 5.19 19.75
C GLU J 64 70.45 5.73 19.66
N PRO J 65 71.22 5.34 18.65
CA PRO J 65 72.63 5.77 18.59
C PRO J 65 72.79 7.28 18.43
N SER J 66 71.89 7.93 17.69
CA SER J 66 72.02 9.35 17.44
C SER J 66 71.55 10.22 18.60
N LYS J 67 70.79 9.65 19.54
CA LYS J 67 70.30 10.41 20.68
C LYS J 67 71.46 10.91 21.53
N ARG J 68 71.43 12.19 21.88
CA ARG J 68 72.39 12.75 22.82
C ARG J 68 71.72 13.85 23.61
N LEU J 69 71.79 13.75 24.93
CA LEU J 69 71.21 14.76 25.82
C LEU J 69 72.29 15.79 26.16
N TYR J 70 72.00 17.06 25.86
CA TYR J 70 72.93 18.15 26.11
C TYR J 70 72.46 19.00 27.28
N ASP J 71 73.41 19.44 28.09
CA ASP J 71 73.11 20.43 29.11
C ASP J 71 73.01 21.82 28.48
N VAL J 72 72.28 22.69 29.14
CA VAL J 72 72.03 24.04 28.63
C VAL J 72 72.91 25.02 29.39
N LEU J 73 73.82 25.66 28.66
CA LEU J 73 74.75 26.60 29.26
C LEU J 73 74.14 27.97 29.52
N ARG J 74 73.09 28.32 28.79
CA ARG J 74 72.56 29.68 28.80
C ARG J 74 71.16 29.73 28.17
N ALA J 75 70.21 30.33 28.86
CA ALA J 75 68.83 30.42 28.40
C ALA J 75 68.47 31.88 28.18
N VAL J 76 68.04 32.22 26.97
CA VAL J 76 67.81 33.62 26.59
C VAL J 76 66.37 33.78 26.11
N PRO J 77 65.41 34.00 26.99
CA PRO J 77 64.06 34.34 26.54
C PRO J 77 64.05 35.72 25.91
N HIS J 78 63.07 35.95 25.05
CA HIS J 78 62.94 37.26 24.42
C HIS J 78 62.67 38.30 25.50
N PRO J 79 63.38 39.44 25.49
CA PRO J 79 63.29 40.38 26.62
C PRO J 79 61.90 40.97 26.81
N ASP J 80 61.05 40.95 25.79
CA ASP J 80 59.71 41.52 25.88
C ASP J 80 58.63 40.46 26.08
N SER J 81 59.01 39.23 26.42
CA SER J 81 58.05 38.17 26.68
C SER J 81 57.65 38.19 28.15
N GLN J 82 56.38 37.95 28.41
CA GLN J 82 55.84 37.98 29.75
C GLN J 82 54.72 36.95 29.85
N PRO J 83 54.40 36.47 31.06
CA PRO J 83 53.39 35.40 31.18
C PRO J 83 51.99 35.82 30.80
N ASP J 84 51.71 37.12 30.65
CA ASP J 84 50.36 37.59 30.37
C ASP J 84 50.02 37.59 28.89
N THR J 85 51.00 37.43 28.01
CA THR J 85 50.78 37.55 26.57
C THR J 85 51.35 36.33 25.85
N ILE J 86 50.95 36.19 24.59
CA ILE J 86 51.61 35.27 23.67
C ILE J 86 52.60 35.96 22.76
N ASP J 87 52.83 37.26 22.96
CA ASP J 87 53.73 38.02 22.11
C ASP J 87 55.18 37.70 22.45
N HIS J 88 56.02 37.64 21.41
CA HIS J 88 57.46 37.45 21.57
C HIS J 88 57.79 36.18 22.33
N ASP J 89 56.98 35.13 22.11
CA ASP J 89 57.13 33.87 22.83
C ASP J 89 58.23 33.00 22.22
N LEU J 90 59.45 33.54 22.25
CA LEU J 90 60.62 32.85 21.74
C LEU J 90 61.65 32.67 22.84
N LEU J 91 62.41 31.58 22.72
CA LEU J 91 63.46 31.23 23.67
C LEU J 91 64.64 30.65 22.92
N LEU J 92 65.85 31.08 23.28
CA LEU J 92 67.07 30.57 22.67
C LEU J 92 67.92 29.90 23.76
N LEU J 93 68.25 28.64 23.53
CA LEU J 93 68.99 27.83 24.49
C LEU J 93 70.36 27.51 23.92
N GLN J 94 71.41 27.90 24.64
CA GLN J 94 72.78 27.57 24.25
C GLN J 94 73.18 26.23 24.84
N LEU J 95 73.64 25.32 24.00
CA LEU J 95 74.05 23.99 24.45
C LEU J 95 75.42 24.06 25.13
N SER J 96 75.67 23.09 25.99
CA SER J 96 76.94 23.04 26.72
C SER J 96 78.13 23.00 25.78
N GLU J 97 77.98 22.36 24.62
CA GLU J 97 79.01 22.35 23.59
C GLU J 97 78.32 22.27 22.25
N LYS J 98 79.10 22.37 21.18
CA LYS J 98 78.53 22.25 19.84
C LYS J 98 77.96 20.85 19.65
N ALA J 99 76.81 20.78 18.98
CA ALA J 99 76.15 19.50 18.76
C ALA J 99 76.92 18.68 17.73
N THR J 100 76.99 17.38 17.98
CA THR J 100 77.65 16.44 17.06
C THR J 100 76.74 16.25 15.86
N LEU J 101 77.07 16.91 14.76
CA LEU J 101 76.23 16.86 13.58
C LEU J 101 76.33 15.49 12.90
N GLY J 102 75.30 15.17 12.11
CA GLY J 102 75.24 13.93 11.40
C GLY J 102 73.95 13.82 10.60
N PRO J 103 73.62 12.61 10.13
CA PRO J 103 72.39 12.44 9.35
C PRO J 103 71.12 12.53 10.18
N ALA J 104 71.24 12.60 11.51
CA ALA J 104 70.09 12.73 12.39
C ALA J 104 70.14 13.97 13.26
N VAL J 105 71.21 14.76 13.18
CA VAL J 105 71.36 16.01 13.94
C VAL J 105 71.90 17.06 12.98
N ARG J 106 71.06 18.03 12.63
CA ARG J 106 71.45 19.05 11.66
C ARG J 106 70.61 20.31 11.85
N PRO J 107 71.24 21.48 11.89
CA PRO J 107 70.47 22.70 12.08
C PRO J 107 69.61 23.03 10.87
N LEU J 108 68.45 23.62 11.14
CA LEU J 108 67.49 24.00 10.11
C LEU J 108 67.60 25.48 9.82
N PRO J 109 67.80 25.88 8.56
CA PRO J 109 67.75 27.30 8.23
C PRO J 109 66.35 27.86 8.44
N TRP J 110 66.28 29.04 9.03
CA TRP J 110 65.01 29.68 9.36
C TRP J 110 64.76 30.88 8.45
N GLN J 111 63.48 31.14 8.19
CA GLN J 111 63.09 32.15 7.22
C GLN J 111 63.53 33.54 7.67
N ARG J 112 64.24 34.24 6.79
CA ARG J 112 64.68 35.60 7.06
C ARG J 112 63.88 36.64 6.31
N VAL J 113 63.13 36.24 5.29
CA VAL J 113 62.28 37.16 4.52
C VAL J 113 60.95 37.30 5.25
N ASP J 114 60.60 38.54 5.61
CA ASP J 114 59.41 38.83 6.39
C ASP J 114 58.21 38.92 5.45
N ARG J 115 57.66 37.76 5.09
CA ARG J 115 56.49 37.67 4.23
C ARG J 115 55.53 36.63 4.78
N ASP J 116 54.25 36.99 4.85
CA ASP J 116 53.24 36.04 5.29
C ASP J 116 53.14 34.86 4.33
N VAL J 117 52.89 33.67 4.89
CA VAL J 117 52.66 32.49 4.08
C VAL J 117 51.23 32.51 3.55
N ALA J 118 51.08 32.22 2.27
CA ALA J 118 49.78 32.34 1.62
C ALA J 118 48.74 31.45 2.30
N PRO J 119 47.57 31.96 2.65
CA PRO J 119 46.56 31.14 3.30
C PRO J 119 46.19 29.94 2.45
N GLY J 120 46.06 28.79 3.11
CA GLY J 120 45.80 27.52 2.44
C GLY J 120 47.02 26.63 2.30
N THR J 121 48.21 27.19 2.45
CA THR J 121 49.44 26.42 2.33
C THR J 121 49.57 25.41 3.45
N LEU J 122 49.88 24.17 3.11
CA LEU J 122 50.08 23.12 4.10
C LEU J 122 51.51 23.21 4.65
N CYS J 123 51.63 23.38 5.96
CA CYS J 123 52.92 23.41 6.63
C CYS J 123 53.01 22.26 7.62
N ASP J 124 54.23 21.77 7.83
CA ASP J 124 54.48 20.61 8.66
C ASP J 124 54.84 21.05 10.07
N VAL J 125 54.25 20.40 11.06
CA VAL J 125 54.55 20.65 12.47
C VAL J 125 54.72 19.32 13.18
N ALA J 126 55.70 19.24 14.08
CA ALA J 126 56.05 18.00 14.74
C ALA J 126 56.30 18.25 16.23
N GLY J 127 56.13 17.20 17.02
CA GLY J 127 56.38 17.32 18.45
C GLY J 127 56.01 16.06 19.19
N TRP J 128 56.30 16.08 20.49
CA TRP J 128 55.95 15.02 21.43
C TRP J 128 54.80 15.43 22.34
N GLY J 129 53.88 16.25 21.85
CA GLY J 129 52.76 16.71 22.65
C GLY J 129 51.55 15.82 22.50
N ILE J 130 50.49 16.21 23.20
CA ILE J 130 49.21 15.50 23.26
C ILE J 130 48.76 15.03 21.88
N VAL J 131 48.29 13.78 21.79
CA VAL J 131 47.85 13.19 20.53
C VAL J 131 46.36 12.85 20.52
N ASN J 132 45.65 13.08 21.62
CA ASN J 132 44.22 12.78 21.63
C ASN J 132 43.55 13.64 22.68
N HIS J 133 42.22 13.73 22.57
CA HIS J 133 41.45 14.59 23.48
C HIS J 133 41.58 14.14 24.93
N ALA J 134 41.95 12.89 25.18
CA ALA J 134 42.19 12.43 26.55
C ALA J 134 43.46 13.02 27.15
N GLY J 135 44.24 13.79 26.39
CA GLY J 135 45.38 14.49 26.93
C GLY J 135 46.62 13.66 27.17
N ARG J 136 46.71 12.48 26.56
CA ARG J 136 47.86 11.60 26.77
C ARG J 136 48.93 11.84 25.71
N ARG J 137 50.22 11.61 26.12
CA ARG J 137 51.39 11.97 25.34
C ARG J 137 52.02 10.74 24.69
N PRO J 138 52.63 10.92 23.51
CA PRO J 138 53.28 9.79 22.83
C PRO J 138 54.76 9.70 23.13
N ASP J 139 55.34 8.51 22.94
CA ASP J 139 56.76 8.29 23.14
C ASP J 139 57.58 8.62 21.90
N SER J 140 57.04 8.35 20.71
CA SER J 140 57.74 8.62 19.46
C SER J 140 57.22 9.92 18.84
N LEU J 141 58.06 10.56 18.03
CA LEU J 141 57.74 11.85 17.45
C LEU J 141 56.59 11.75 16.46
N GLN J 142 55.63 12.67 16.57
CA GLN J 142 54.48 12.75 15.68
C GLN J 142 54.57 14.02 14.85
N HIS J 143 53.81 14.04 13.75
CA HIS J 143 53.77 15.21 12.89
C HIS J 143 52.45 15.26 12.15
N VAL J 144 52.14 16.43 11.59
CA VAL J 144 50.90 16.63 10.85
C VAL J 144 51.09 17.83 9.92
N LEU J 145 50.30 17.86 8.85
CA LEU J 145 50.30 18.97 7.91
C LEU J 145 49.10 19.87 8.19
N LEU J 146 49.36 21.16 8.37
CA LEU J 146 48.32 22.10 8.71
C LEU J 146 48.21 23.21 7.67
N PRO J 147 46.99 23.56 7.25
CA PRO J 147 46.83 24.67 6.31
C PRO J 147 46.86 26.02 7.02
N VAL J 148 47.67 26.93 6.51
CA VAL J 148 47.78 28.26 7.11
C VAL J 148 46.44 28.99 7.00
N LEU J 149 46.09 29.71 8.05
CA LEU J 149 44.84 30.45 8.14
C LEU J 149 45.11 31.94 8.08
N ASP J 150 44.29 32.67 7.33
CA ASP J 150 44.51 34.10 7.16
C ASP J 150 44.24 34.84 8.48
N ARG J 151 44.96 35.95 8.67
CA ARG J 151 45.00 36.60 9.97
C ARG J 151 43.63 37.18 10.34
N ALA J 152 42.90 37.72 9.37
CA ALA J 152 41.61 38.33 9.66
C ALA J 152 40.63 37.32 10.23
N THR J 153 40.58 36.12 9.65
CA THR J 153 39.73 35.06 10.20
C THR J 153 40.15 34.69 11.60
N CYS J 154 41.46 34.61 11.86
CA CYS J 154 41.94 34.20 13.16
C CYS J 154 41.60 35.22 14.24
N ASN J 155 41.43 36.49 13.86
CA ASN J 155 41.17 37.56 14.82
C ASN J 155 39.69 37.77 15.12
N ARG J 156 38.80 36.94 14.58
CA ARG J 156 37.39 37.10 14.85
C ARG J 156 37.08 36.90 16.33
N ARG J 157 35.94 37.45 16.76
CA ARG J 157 35.54 37.32 18.16
C ARG J 157 35.35 35.85 18.54
N THR J 158 34.86 35.03 17.60
CA THR J 158 34.71 33.61 17.88
C THR J 158 36.05 32.89 17.96
N HIS J 159 37.10 33.46 17.38
CA HIS J 159 38.40 32.82 17.37
C HIS J 159 39.30 33.45 18.42
N HIS J 160 40.36 34.13 18.01
CA HIS J 160 41.34 34.66 18.95
C HIS J 160 41.18 36.15 19.22
N ASP J 161 40.17 36.80 18.62
CA ASP J 161 39.67 38.09 19.06
C ASP J 161 40.76 39.16 19.08
N GLY J 162 41.37 39.36 17.91
CA GLY J 162 42.30 40.45 17.75
C GLY J 162 43.61 40.31 18.50
N ALA J 163 44.00 39.09 18.84
CA ALA J 163 45.26 38.84 19.53
C ALA J 163 46.37 38.41 18.58
N ILE J 164 46.10 38.33 17.29
CA ILE J 164 47.05 37.82 16.31
C ILE J 164 47.69 39.03 15.64
N THR J 165 48.85 39.44 16.14
CA THR J 165 49.59 40.55 15.58
C THR J 165 50.21 40.16 14.23
N GLU J 166 50.90 41.11 13.61
CA GLU J 166 51.58 40.81 12.35
C GLU J 166 52.76 39.87 12.55
N ARG J 167 53.27 39.75 13.76
CA ARG J 167 54.39 38.87 14.07
C ARG J 167 53.94 37.44 14.36
N LEU J 168 52.64 37.17 14.38
CA LEU J 168 52.09 35.85 14.60
C LEU J 168 51.38 35.36 13.35
N MET J 169 51.15 34.05 13.28
CA MET J 169 50.42 33.43 12.18
C MET J 169 49.58 32.30 12.73
N CYS J 170 48.54 31.94 11.99
CA CYS J 170 47.60 30.90 12.41
C CYS J 170 47.53 29.76 11.40
N ALA J 171 47.09 28.62 11.88
CA ALA J 171 46.76 27.47 11.03
C ALA J 171 45.46 26.87 11.55
N GLU J 172 44.77 26.14 10.66
CA GLU J 172 43.51 25.52 11.04
C GLU J 172 43.72 24.52 12.16
N SER J 173 42.63 24.19 12.85
CA SER J 173 42.69 23.29 13.99
C SER J 173 41.51 22.34 14.03
N ASN J 174 40.94 22.03 12.86
CA ASN J 174 39.79 21.13 12.77
C ASN J 174 40.30 19.71 12.71
N ARG J 175 40.33 19.03 13.87
CA ARG J 175 40.76 17.64 14.00
C ARG J 175 42.24 17.45 13.70
N ARG J 176 42.91 18.50 13.23
CA ARG J 176 44.37 18.51 13.03
C ARG J 176 44.93 19.74 13.70
N ASP J 177 45.80 19.56 14.69
CA ASP J 177 46.29 20.68 15.47
C ASP J 177 47.61 20.33 16.12
N SER J 178 48.22 21.34 16.75
CA SER J 178 49.34 21.18 17.65
C SER J 178 48.86 21.50 19.06
N CYS J 179 49.30 20.71 20.03
CA CYS J 179 48.75 20.74 21.38
C CYS J 179 49.83 21.10 22.40
N LYS J 180 49.44 21.08 23.68
CA LYS J 180 50.40 21.27 24.75
C LYS J 180 51.48 20.19 24.66
N GLY J 181 52.74 20.61 24.87
CA GLY J 181 53.87 19.74 24.66
C GLY J 181 54.48 19.84 23.28
N ASP J 182 53.77 20.44 22.33
CA ASP J 182 54.32 20.79 21.03
C ASP J 182 54.89 22.20 21.00
N SER J 183 54.72 22.98 22.06
CA SER J 183 55.21 24.34 22.09
C SER J 183 56.72 24.37 21.84
N GLY J 184 57.18 25.46 21.25
CA GLY J 184 58.58 25.57 20.86
C GLY J 184 58.98 24.73 19.67
N GLY J 185 58.10 23.87 19.17
CA GLY J 185 58.41 23.06 18.02
C GLY J 185 58.37 23.87 16.74
N PRO J 186 58.72 23.22 15.63
CA PRO J 186 58.82 23.93 14.35
C PRO J 186 57.56 23.85 13.51
N LEU J 187 57.25 24.98 12.88
CA LEU J 187 56.29 25.05 11.78
C LEU J 187 57.10 25.27 10.51
N VAL J 188 57.19 24.24 9.67
CA VAL J 188 58.02 24.25 8.48
C VAL J 188 57.13 24.37 7.25
N CYS J 189 57.43 25.34 6.40
CA CYS J 189 56.73 25.51 5.13
C CYS J 189 57.77 25.54 4.02
N GLY J 190 57.71 24.57 3.11
CA GLY J 190 58.69 24.51 2.04
C GLY J 190 60.11 24.29 2.53
N GLY J 191 60.28 23.40 3.51
CA GLY J 191 61.61 23.07 3.98
C GLY J 191 62.33 24.14 4.75
N VAL J 192 61.64 25.24 5.10
CA VAL J 192 62.24 26.33 5.86
C VAL J 192 61.37 26.62 7.07
N LEU J 193 62.01 26.83 8.22
CA LEU J 193 61.32 27.18 9.45
C LEU J 193 60.61 28.52 9.33
N GLU J 194 59.28 28.51 9.29
CA GLU J 194 58.50 29.73 9.22
C GLU J 194 58.01 30.22 10.59
N GLY J 195 57.60 29.30 11.46
CA GLY J 195 57.04 29.68 12.74
C GLY J 195 57.41 28.69 13.82
N VAL J 196 57.25 29.13 15.06
CA VAL J 196 57.52 28.33 16.25
C VAL J 196 56.23 28.22 17.05
N VAL J 197 55.81 26.98 17.31
CA VAL J 197 54.57 26.75 18.04
C VAL J 197 54.58 27.49 19.36
N THR J 198 53.45 28.11 19.72
CA THR J 198 53.29 28.67 21.05
C THR J 198 52.28 27.86 21.84
N SER J 199 50.98 27.96 21.50
CA SER J 199 49.94 27.27 22.25
C SER J 199 49.97 27.60 23.73
N GLY J 200 50.11 26.54 24.53
CA GLY J 200 50.37 26.69 25.95
C GLY J 200 49.15 26.68 26.83
N SER J 201 48.30 27.70 26.72
CA SER J 201 47.06 27.78 27.47
C SER J 201 45.84 27.41 26.65
N ARG J 202 46.04 26.97 25.42
CA ARG J 202 44.94 26.71 24.50
C ARG J 202 44.68 25.21 24.39
N VAL J 203 43.40 24.83 24.43
CA VAL J 203 43.02 23.46 24.14
C VAL J 203 42.98 23.26 22.63
N CYS J 204 43.47 22.12 22.17
CA CYS J 204 43.64 21.86 20.74
C CYS J 204 42.49 21.01 20.21
N GLY J 205 42.32 21.05 18.89
CA GLY J 205 41.31 20.26 18.22
C GLY J 205 40.00 20.96 17.98
N ASN J 206 39.84 22.19 18.49
CA ASN J 206 38.63 22.97 18.28
C ASN J 206 38.84 23.86 17.07
N ARG J 207 38.01 23.68 16.04
CA ARG J 207 38.18 24.45 14.81
C ARG J 207 37.96 25.95 15.03
N LYS J 208 37.22 26.32 16.07
CA LYS J 208 36.96 27.73 16.33
C LYS J 208 38.07 28.42 17.12
N LYS J 209 39.14 27.70 17.48
CA LYS J 209 40.29 28.27 18.17
C LYS J 209 41.55 27.78 17.48
N PRO J 210 41.97 28.46 16.41
CA PRO J 210 43.10 27.97 15.61
C PRO J 210 44.40 27.97 16.40
N GLY J 211 45.39 27.27 15.84
CA GLY J 211 46.70 27.25 16.44
C GLY J 211 47.49 28.49 16.08
N ILE J 212 48.30 28.96 17.04
CA ILE J 212 49.09 30.18 16.88
C ILE J 212 50.57 29.79 16.80
N TYR J 213 51.31 30.50 15.95
CA TYR J 213 52.72 30.19 15.69
C TYR J 213 53.48 31.49 15.50
N THR J 214 54.57 31.66 16.25
CA THR J 214 55.35 32.89 16.21
C THR J 214 56.20 32.91 14.94
N ARG J 215 56.05 33.95 14.13
CA ARG J 215 56.79 34.08 12.88
C ARG J 215 58.24 34.47 13.18
N VAL J 216 59.18 33.61 12.79
CA VAL J 216 60.58 33.85 13.12
C VAL J 216 61.14 35.04 12.35
N ALA J 217 60.68 35.26 11.12
CA ALA J 217 61.23 36.35 10.32
C ALA J 217 61.01 37.70 10.98
N SER J 218 59.98 37.82 11.82
CA SER J 218 59.75 39.06 12.56
C SER J 218 60.75 39.27 13.69
N TYR J 219 61.56 38.26 14.00
CA TYR J 219 62.53 38.34 15.09
C TYR J 219 63.94 38.02 14.59
N ALA J 220 64.19 38.27 13.30
CA ALA J 220 65.47 37.93 12.72
C ALA J 220 66.60 38.73 13.36
N ALA J 221 66.37 40.01 13.60
CA ALA J 221 67.41 40.86 14.19
C ALA J 221 67.80 40.38 15.58
N TRP J 222 66.82 39.92 16.37
CA TRP J 222 67.11 39.45 17.72
C TRP J 222 67.86 38.13 17.70
N ILE J 223 67.40 37.19 16.86
CA ILE J 223 68.07 35.89 16.76
C ILE J 223 69.53 36.07 16.38
N ASP J 224 69.80 36.94 15.39
CA ASP J 224 71.18 37.20 14.99
C ASP J 224 71.99 37.77 16.15
N SER J 225 71.40 38.68 16.93
CA SER J 225 72.14 39.31 18.02
C SER J 225 72.51 38.31 19.11
N VAL J 226 71.68 37.29 19.33
CA VAL J 226 71.99 36.29 20.35
C VAL J 226 72.99 35.27 19.81
N LEU J 227 72.80 34.81 18.57
CA LEU J 227 73.68 33.80 17.99
C LEU J 227 75.05 34.35 17.65
N ALA J 228 75.18 35.67 17.49
CA ALA J 228 76.45 36.29 17.13
C ALA J 228 77.53 36.01 18.17
N ASP K 1 18.19 30.77 10.90
CA ASP K 1 18.37 32.05 11.58
C ASP K 1 18.15 31.90 13.09
N ILE K 2 19.09 32.45 13.86
CA ILE K 2 19.03 32.38 15.32
C ILE K 2 18.40 33.67 15.82
N GLN K 3 17.37 33.54 16.67
CA GLN K 3 16.63 34.66 17.20
C GLN K 3 17.17 35.04 18.58
N MET K 4 17.41 36.33 18.78
CA MET K 4 17.83 36.87 20.07
C MET K 4 16.66 37.65 20.66
N THR K 5 16.03 37.08 21.69
CA THR K 5 14.82 37.63 22.28
C THR K 5 15.19 38.34 23.58
N GLN K 6 15.31 39.66 23.52
CA GLN K 6 15.80 40.46 24.63
C GLN K 6 14.64 40.92 25.50
N SER K 7 14.84 40.88 26.82
CA SER K 7 13.80 41.20 27.78
C SER K 7 14.41 41.93 28.97
N PRO K 8 13.73 42.95 29.50
CA PRO K 8 12.44 43.43 28.99
C PRO K 8 12.60 44.55 27.96
N SER K 9 11.49 44.96 27.34
CA SER K 9 11.56 46.04 26.35
C SER K 9 12.06 47.32 26.98
N SER K 10 11.53 47.65 28.15
CA SER K 10 11.95 48.84 28.89
C SER K 10 12.00 48.48 30.37
N LEU K 11 12.77 49.27 31.12
CA LEU K 11 13.04 48.95 32.51
C LEU K 11 13.32 50.24 33.27
N SER K 12 12.61 50.44 34.38
CA SER K 12 12.69 51.65 35.17
C SER K 12 13.34 51.34 36.52
N ALA K 13 14.37 52.09 36.87
CA ALA K 13 15.10 51.85 38.11
C ALA K 13 15.68 53.15 38.62
N SER K 14 16.18 53.11 39.85
CA SER K 14 16.78 54.27 40.51
C SER K 14 18.31 54.18 40.43
N VAL K 15 18.96 55.33 40.63
CA VAL K 15 20.41 55.36 40.71
C VAL K 15 20.86 54.57 41.93
N GLY K 16 21.74 53.61 41.71
CA GLY K 16 22.21 52.74 42.77
C GLY K 16 21.57 51.38 42.80
N ASP K 17 20.55 51.14 41.97
CA ASP K 17 19.87 49.85 41.94
C ASP K 17 20.65 48.84 41.11
N ARG K 18 20.60 47.59 41.54
CA ARG K 18 21.06 46.48 40.71
C ARG K 18 20.00 46.14 39.69
N VAL K 19 20.41 45.87 38.46
CA VAL K 19 19.47 45.72 37.35
C VAL K 19 19.95 44.61 36.41
N THR K 20 18.99 43.88 35.86
CA THR K 20 19.25 42.71 35.02
C THR K 20 18.59 42.89 33.66
N ILE K 21 19.33 42.60 32.61
CA ILE K 21 18.81 42.57 31.24
C ILE K 21 19.06 41.17 30.68
N THR K 22 18.06 40.61 30.03
CA THR K 22 18.04 39.21 29.64
C THR K 22 17.96 39.07 28.12
N CYS K 23 18.61 38.04 27.59
CA CYS K 23 18.60 37.75 26.17
C CYS K 23 18.57 36.24 26.00
N LYS K 24 17.52 35.72 25.33
CA LYS K 24 17.35 34.29 25.13
C LYS K 24 17.51 33.94 23.66
N ALA K 25 18.44 33.04 23.36
CA ALA K 25 18.70 32.60 22.00
C ALA K 25 17.80 31.42 21.65
N SER K 26 17.34 31.38 20.40
CA SER K 26 16.46 30.33 19.93
C SER K 26 17.17 28.99 19.79
N GLN K 27 18.49 28.96 19.93
CA GLN K 27 19.28 27.73 19.95
C GLN K 27 20.64 28.06 20.51
N ASN K 28 21.44 27.02 20.76
CA ASN K 28 22.73 27.19 21.41
C ASN K 28 23.63 28.10 20.59
N VAL K 29 24.30 29.04 21.26
CA VAL K 29 25.23 29.94 20.59
C VAL K 29 26.52 30.01 21.39
N ASP K 30 26.74 29.00 22.25
CA ASP K 30 27.97 28.88 23.04
C ASP K 30 28.11 30.17 23.87
N THR K 31 29.25 30.85 23.82
CA THR K 31 29.41 32.13 24.49
C THR K 31 29.53 33.28 23.49
N ASP K 32 29.23 33.03 22.22
CA ASP K 32 29.38 34.04 21.17
C ASP K 32 28.26 35.08 21.25
N VAL K 33 28.23 35.80 22.36
CA VAL K 33 27.18 36.78 22.66
C VAL K 33 27.85 38.07 23.09
N ALA K 34 27.42 39.18 22.50
CA ALA K 34 27.99 40.49 22.78
C ALA K 34 26.90 41.46 23.23
N TRP K 35 27.28 42.37 24.13
CA TRP K 35 26.37 43.38 24.65
C TRP K 35 26.84 44.76 24.24
N PHE K 36 25.89 45.63 23.90
CA PHE K 36 26.19 46.99 23.46
C PHE K 36 25.34 47.99 24.23
N GLN K 37 25.82 49.22 24.31
CA GLN K 37 25.11 50.33 24.91
C GLN K 37 25.02 51.46 23.91
N GLN K 38 23.83 52.06 23.80
CA GLN K 38 23.61 53.18 22.89
C GLN K 38 22.86 54.28 23.63
N LYS K 39 23.44 55.47 23.65
CA LYS K 39 22.83 56.68 24.16
C LYS K 39 22.24 57.48 22.99
N PRO K 40 21.18 58.26 23.25
CA PRO K 40 20.43 58.88 22.14
C PRO K 40 21.32 59.76 21.27
N GLY K 41 21.29 59.49 19.96
CA GLY K 41 22.02 60.26 18.99
C GLY K 41 23.47 59.85 18.82
N LYS K 42 23.95 58.85 19.55
CA LYS K 42 25.34 58.42 19.49
C LYS K 42 25.43 57.01 18.93
N ALA K 43 26.63 56.64 18.52
CA ALA K 43 26.86 55.32 17.96
C ALA K 43 26.83 54.26 19.06
N PRO K 44 26.46 53.02 18.72
CA PRO K 44 26.53 51.94 19.70
C PRO K 44 27.95 51.75 20.21
N LYS K 45 28.06 51.46 21.50
CA LYS K 45 29.34 51.25 22.17
C LYS K 45 29.40 49.81 22.66
N GLY K 46 30.52 49.15 22.41
CA GLY K 46 30.68 47.78 22.87
C GLY K 46 30.91 47.74 24.38
N LEU K 47 30.21 46.82 25.05
CA LEU K 47 30.40 46.60 26.47
C LEU K 47 31.09 45.27 26.75
N ILE K 48 30.49 44.17 26.27
CA ILE K 48 30.94 42.82 26.61
C ILE K 48 30.96 41.99 25.34
N ARG K 49 31.96 41.13 25.23
CA ARG K 49 32.03 40.10 24.20
C ARG K 49 32.28 38.77 24.87
N SER K 50 32.09 37.69 24.12
CA SER K 50 32.27 36.33 24.63
C SER K 50 31.46 36.12 25.91
N ALA K 51 30.24 36.67 25.91
CA ALA K 51 29.26 36.52 26.99
C ALA K 51 29.68 37.24 28.28
N SER K 52 30.96 37.26 28.60
CA SER K 52 31.39 37.78 29.90
C SER K 52 32.62 38.67 29.90
N SER K 53 33.30 38.86 28.76
CA SER K 53 34.57 39.56 28.72
C SER K 53 34.33 41.04 28.45
N ARG K 54 34.63 41.88 29.46
CA ARG K 54 34.49 43.32 29.30
C ARG K 54 35.57 43.89 28.39
N TYR K 55 35.24 45.00 27.72
CA TYR K 55 36.24 45.74 26.98
C TYR K 55 36.97 46.71 27.90
N SER K 56 38.13 47.18 27.43
CA SER K 56 38.90 48.14 28.20
C SER K 56 38.10 49.42 28.40
N GLY K 57 38.11 49.93 29.62
CA GLY K 57 37.37 51.14 29.93
C GLY K 57 35.92 50.94 30.33
N VAL K 58 35.40 49.71 30.25
CA VAL K 58 34.05 49.43 30.70
C VAL K 58 34.10 49.21 32.21
N PRO K 59 33.31 49.96 32.99
CA PRO K 59 33.34 49.81 34.45
C PRO K 59 33.01 48.40 34.90
N SER K 60 33.50 48.05 36.09
CA SER K 60 33.31 46.71 36.64
C SER K 60 31.87 46.42 37.00
N ARG K 61 31.02 47.45 37.11
CA ARG K 61 29.62 47.21 37.44
C ARG K 61 28.86 46.54 36.31
N PHE K 62 29.35 46.63 35.08
CA PHE K 62 28.80 45.87 33.97
C PHE K 62 29.39 44.47 33.97
N SER K 63 28.54 43.46 34.11
CA SER K 63 28.99 42.08 34.05
C SER K 63 28.07 41.29 33.13
N GLY K 64 28.66 40.30 32.46
CA GLY K 64 27.92 39.46 31.53
C GLY K 64 27.99 38.01 31.94
N SER K 65 26.86 37.32 31.87
CA SER K 65 26.76 35.93 32.27
C SER K 65 26.05 35.15 31.19
N GLY K 66 26.32 33.85 31.13
CA GLY K 66 25.57 32.96 30.27
C GLY K 66 26.42 32.09 29.35
N SER K 67 25.88 30.93 29.01
CA SER K 67 26.47 30.05 28.01
C SER K 67 25.40 29.09 27.53
N GLY K 68 25.20 29.04 26.21
CA GLY K 68 24.15 28.21 25.65
C GLY K 68 23.06 29.01 24.98
N THR K 69 21.95 29.21 25.69
CA THR K 69 20.78 29.90 25.14
C THR K 69 20.35 31.13 25.92
N ASP K 70 20.68 31.22 27.20
CA ASP K 70 20.18 32.27 28.07
C ASP K 70 21.34 33.11 28.58
N PHE K 71 21.30 34.41 28.30
CA PHE K 71 22.39 35.32 28.61
C PHE K 71 21.86 36.53 29.36
N THR K 72 22.69 37.04 30.28
CA THR K 72 22.26 38.10 31.19
C THR K 72 23.32 39.17 31.29
N LEU K 73 22.92 40.42 31.06
CA LEU K 73 23.75 41.58 31.37
C LEU K 73 23.29 42.15 32.70
N THR K 74 24.23 42.30 33.64
CA THR K 74 23.95 42.79 34.97
C THR K 74 24.70 44.09 35.21
N ILE K 75 24.00 45.10 35.72
CA ILE K 75 24.61 46.33 36.18
C ILE K 75 24.44 46.39 37.69
N SER K 76 25.55 46.29 38.42
CA SER K 76 25.46 46.09 39.87
C SER K 76 24.94 47.34 40.58
N SER K 77 25.51 48.50 40.27
CA SER K 77 25.10 49.77 40.88
C SER K 77 24.88 50.79 39.77
N LEU K 78 23.62 51.07 39.48
CA LEU K 78 23.27 51.91 38.34
C LEU K 78 23.72 53.35 38.57
N GLN K 79 24.49 53.88 37.63
CA GLN K 79 25.01 55.24 37.66
C GLN K 79 24.25 56.13 36.70
N PRO K 80 24.32 57.46 36.87
CA PRO K 80 23.54 58.34 35.98
C PRO K 80 23.89 58.22 34.51
N GLU K 81 25.15 57.97 34.17
CA GLU K 81 25.51 57.85 32.76
C GLU K 81 25.18 56.48 32.18
N ASP K 82 24.62 55.57 32.98
CA ASP K 82 24.28 54.24 32.51
C ASP K 82 22.88 54.15 31.92
N PHE K 83 22.04 55.16 32.11
CA PHE K 83 20.66 55.11 31.63
C PHE K 83 20.65 55.33 30.13
N ALA K 84 20.51 54.24 29.39
CA ALA K 84 20.54 54.26 27.94
C ALA K 84 19.86 52.97 27.44
N THR K 85 20.08 52.64 26.18
CA THR K 85 19.52 51.44 25.57
C THR K 85 20.63 50.41 25.37
N TYR K 86 20.33 49.15 25.69
CA TYR K 86 21.28 48.07 25.62
C TYR K 86 20.80 47.01 24.63
N TYR K 87 21.73 46.50 23.82
CA TYR K 87 21.44 45.49 22.81
C TYR K 87 22.34 44.28 23.03
N CYS K 88 21.75 43.09 22.92
CA CYS K 88 22.53 41.86 22.83
C CYS K 88 22.71 41.48 21.37
N GLN K 89 23.82 40.83 21.07
CA GLN K 89 24.11 40.35 19.73
C GLN K 89 24.62 38.92 19.81
N GLN K 90 24.20 38.11 18.84
CA GLN K 90 24.69 36.76 18.66
C GLN K 90 25.59 36.74 17.43
N TYR K 91 26.84 36.32 17.60
CA TYR K 91 27.75 36.17 16.48
C TYR K 91 28.23 34.73 16.32
N ASN K 92 27.44 33.77 16.80
CA ASN K 92 27.80 32.37 16.66
C ASN K 92 27.57 31.86 15.24
N ASN K 93 26.46 32.24 14.64
CA ASN K 93 26.01 31.65 13.38
C ASN K 93 25.43 32.71 12.47
N TYR K 94 25.75 32.62 11.17
CA TYR K 94 25.23 33.58 10.21
C TYR K 94 23.75 33.34 9.95
N PRO K 95 22.94 34.40 9.84
CA PRO K 95 23.40 35.78 9.98
C PRO K 95 23.46 36.25 11.43
N LEU K 96 24.41 37.14 11.73
CA LEU K 96 24.49 37.74 13.06
C LEU K 96 23.20 38.50 13.34
N THR K 97 22.70 38.37 14.57
CA THR K 97 21.39 38.90 14.93
C THR K 97 21.46 39.66 16.24
N PHE K 98 20.71 40.74 16.33
CA PHE K 98 20.60 41.55 17.52
C PHE K 98 19.28 41.31 18.22
N GLY K 99 19.23 41.64 19.51
CA GLY K 99 17.96 41.75 20.19
C GLY K 99 17.27 43.07 19.89
N GLN K 100 15.96 43.10 20.11
CA GLN K 100 15.22 44.32 19.79
C GLN K 100 15.48 45.46 20.77
N GLY K 101 16.29 45.25 21.80
CA GLY K 101 16.75 46.34 22.63
C GLY K 101 16.03 46.43 23.97
N THR K 102 16.70 47.08 24.92
CA THR K 102 16.14 47.36 26.24
C THR K 102 16.51 48.79 26.63
N LYS K 103 15.50 49.59 26.96
CA LYS K 103 15.71 51.00 27.30
C LYS K 103 15.59 51.17 28.81
N VAL K 104 16.67 51.64 29.44
CA VAL K 104 16.73 51.80 30.89
C VAL K 104 16.49 53.27 31.22
N GLU K 105 15.46 53.55 32.01
CA GLU K 105 15.08 54.91 32.35
C GLU K 105 14.98 55.06 33.87
N ILE K 106 15.04 56.31 34.32
CA ILE K 106 15.09 56.61 35.74
C ILE K 106 13.69 56.61 36.33
N LYS K 107 13.55 56.04 37.53
CA LYS K 107 12.30 56.10 38.26
C LYS K 107 12.19 57.44 38.98
N ARG K 108 10.99 58.01 38.99
CA ARG K 108 10.80 59.37 39.48
C ARG K 108 9.42 59.49 40.10
N THR K 109 9.26 60.49 40.96
CA THR K 109 7.95 60.79 41.53
C THR K 109 7.02 61.36 40.47
N VAL K 110 5.72 61.10 40.64
CA VAL K 110 4.75 61.54 39.65
C VAL K 110 4.69 63.06 39.62
N ALA K 111 4.65 63.62 38.40
CA ALA K 111 4.58 65.06 38.21
C ALA K 111 3.61 65.38 37.09
N ALA K 112 2.70 66.32 37.33
CA ALA K 112 1.71 66.70 36.35
C ALA K 112 2.29 67.67 35.32
N PRO K 113 1.83 67.61 34.08
CA PRO K 113 2.39 68.47 33.04
C PRO K 113 1.85 69.89 33.10
N SER K 114 2.72 70.84 32.74
CA SER K 114 2.34 72.24 32.58
C SER K 114 1.80 72.41 31.17
N VAL K 115 0.47 72.46 31.05
CA VAL K 115 -0.16 72.46 29.72
C VAL K 115 -0.21 73.87 29.18
N PHE K 116 0.11 74.00 27.89
CA PHE K 116 0.03 75.26 27.17
C PHE K 116 -0.60 75.00 25.80
N ILE K 117 -0.93 76.09 25.10
CA ILE K 117 -1.48 75.99 23.75
C ILE K 117 -1.08 77.24 22.98
N PHE K 118 -0.86 77.08 21.69
CA PHE K 118 -0.33 78.16 20.85
C PHE K 118 -1.16 78.26 19.57
N PRO K 119 -1.79 79.40 19.29
CA PRO K 119 -2.48 79.57 18.01
C PRO K 119 -1.47 79.72 16.88
N PRO K 120 -1.90 79.50 15.64
CA PRO K 120 -0.98 79.69 14.50
C PRO K 120 -0.62 81.14 14.31
N SER K 121 0.68 81.40 14.17
CA SER K 121 1.17 82.77 14.01
C SER K 121 0.66 83.37 12.71
N ASP K 122 0.61 84.71 12.68
CA ASP K 122 0.13 85.41 11.49
C ASP K 122 1.08 85.21 10.32
N GLU K 123 2.37 85.03 10.58
CA GLU K 123 3.33 84.83 9.50
C GLU K 123 3.06 83.51 8.77
N GLN K 124 2.67 82.47 9.53
CA GLN K 124 2.34 81.20 8.90
C GLN K 124 1.01 81.28 8.16
N LEU K 125 0.06 82.04 8.70
CA LEU K 125 -1.26 82.19 8.07
C LEU K 125 -1.21 82.94 6.75
N LYS K 126 -0.07 83.55 6.40
CA LYS K 126 0.05 84.17 5.10
C LYS K 126 0.10 83.13 3.99
N SER K 127 0.58 81.93 4.30
CA SER K 127 0.46 80.80 3.40
C SER K 127 -0.85 80.07 3.66
N GLY K 128 -1.05 78.95 2.97
CA GLY K 128 -2.30 78.22 3.06
C GLY K 128 -2.43 77.25 4.21
N THR K 129 -1.49 77.23 5.15
CA THR K 129 -1.48 76.26 6.22
C THR K 129 -1.53 76.95 7.58
N ALA K 130 -2.09 76.25 8.56
CA ALA K 130 -2.18 76.72 9.94
C ALA K 130 -1.90 75.56 10.88
N SER K 131 -1.00 75.76 11.83
CA SER K 131 -0.59 74.72 12.77
C SER K 131 -0.87 75.18 14.19
N VAL K 132 -1.56 74.33 14.95
CA VAL K 132 -1.87 74.58 16.36
C VAL K 132 -1.03 73.64 17.21
N VAL K 133 -0.37 74.18 18.22
CA VAL K 133 0.56 73.44 19.06
C VAL K 133 0.00 73.34 20.47
N CYS K 134 0.08 72.14 21.06
CA CYS K 134 -0.33 71.87 22.43
C CYS K 134 0.87 71.27 23.16
N LEU K 135 1.39 72.00 24.14
CA LEU K 135 2.63 71.62 24.81
C LEU K 135 2.33 71.05 26.19
N LEU K 136 2.97 69.91 26.50
CA LEU K 136 2.92 69.30 27.82
C LEU K 136 4.34 69.32 28.38
N ASN K 137 4.56 70.12 29.41
CA ASN K 137 5.91 70.44 29.86
C ASN K 137 6.20 69.77 31.20
N ASN K 138 7.31 69.04 31.26
CA ASN K 138 7.85 68.46 32.48
C ASN K 138 6.82 67.62 33.24
N PHE K 139 6.67 66.36 32.84
CA PHE K 139 5.74 65.45 33.50
C PHE K 139 6.37 64.06 33.59
N TYR K 140 5.71 63.20 34.35
CA TYR K 140 6.13 61.82 34.55
C TYR K 140 4.93 61.04 35.07
N PRO K 141 4.70 59.81 34.59
CA PRO K 141 5.47 59.09 33.57
C PRO K 141 5.18 59.56 32.15
N ARG K 142 5.69 58.83 31.15
CA ARG K 142 5.52 59.24 29.76
C ARG K 142 4.08 59.07 29.30
N GLU K 143 3.38 58.04 29.78
CA GLU K 143 2.03 57.73 29.33
C GLU K 143 1.11 58.93 29.48
N ALA K 144 0.77 59.56 28.35
CA ALA K 144 -0.12 60.70 28.31
C ALA K 144 -1.01 60.61 27.08
N LYS K 145 -2.16 61.28 27.16
CA LYS K 145 -3.17 61.23 26.12
C LYS K 145 -3.63 62.66 25.82
N VAL K 146 -3.56 63.05 24.55
CA VAL K 146 -3.93 64.39 24.11
C VAL K 146 -4.97 64.26 23.02
N GLN K 147 -6.15 64.83 23.25
CA GLN K 147 -7.24 64.85 22.29
C GLN K 147 -7.54 66.28 21.88
N TRP K 148 -7.69 66.49 20.57
CA TRP K 148 -8.04 67.81 20.04
C TRP K 148 -9.53 67.93 19.86
N LYS K 149 -10.07 69.10 20.21
CA LYS K 149 -11.49 69.40 20.09
C LYS K 149 -11.66 70.75 19.40
N VAL K 150 -12.20 70.73 18.20
CA VAL K 150 -12.50 71.94 17.43
C VAL K 150 -14.01 72.15 17.47
N ASP K 151 -14.45 73.16 18.22
CA ASP K 151 -15.87 73.38 18.49
C ASP K 151 -16.51 72.14 19.11
N ASN K 152 -15.82 71.58 20.10
CA ASN K 152 -16.26 70.38 20.81
C ASN K 152 -16.48 69.21 19.87
N ALA K 153 -15.66 69.11 18.83
CA ALA K 153 -15.70 68.00 17.88
C ALA K 153 -14.37 67.27 17.94
N LEU K 154 -14.42 65.98 18.29
CA LEU K 154 -13.20 65.20 18.44
C LEU K 154 -12.52 64.99 17.10
N GLN K 155 -11.24 65.37 17.01
CA GLN K 155 -10.46 65.23 15.80
C GLN K 155 -9.65 63.94 15.85
N SER K 156 -9.25 63.47 14.66
CA SER K 156 -8.46 62.25 14.57
C SER K 156 -7.80 62.19 13.20
N GLY K 157 -6.55 61.73 13.17
CA GLY K 157 -5.83 61.56 11.93
C GLY K 157 -5.22 62.82 11.34
N ASN K 158 -5.27 63.94 12.06
CA ASN K 158 -4.71 65.19 11.56
C ASN K 158 -3.81 65.83 12.61
N SER K 159 -3.23 65.03 13.50
CA SER K 159 -2.35 65.55 14.53
C SER K 159 -1.20 64.57 14.77
N GLN K 160 0.00 65.10 14.94
CA GLN K 160 1.18 64.32 15.28
C GLN K 160 1.78 64.85 16.57
N GLU K 161 2.22 63.95 17.44
CA GLU K 161 2.90 64.33 18.65
C GLU K 161 4.33 63.80 18.66
N SER K 162 5.15 64.42 19.50
CA SER K 162 6.57 64.08 19.62
C SER K 162 6.97 64.22 21.07
N VAL K 163 7.71 63.24 21.58
CA VAL K 163 8.12 63.18 22.97
C VAL K 163 9.63 63.31 23.05
N THR K 164 10.11 64.09 24.01
CA THR K 164 11.54 64.20 24.24
C THR K 164 12.02 63.07 25.13
N GLU K 165 13.34 62.88 25.15
CA GLU K 165 13.92 61.93 26.08
C GLU K 165 13.84 62.49 27.50
N GLN K 166 14.08 61.62 28.47
CA GLN K 166 14.06 62.03 29.87
C GLN K 166 15.10 63.13 30.09
N ASP K 167 14.70 64.17 30.83
CA ASP K 167 15.58 65.29 31.07
C ASP K 167 16.70 64.90 32.02
N SER K 168 17.90 65.42 31.76
CA SER K 168 19.08 65.06 32.55
C SER K 168 19.07 65.66 33.94
N LYS K 169 18.22 66.65 34.20
CA LYS K 169 18.19 67.33 35.50
C LYS K 169 17.04 66.85 36.38
N ASP K 170 15.80 66.96 35.89
CA ASP K 170 14.62 66.63 36.68
C ASP K 170 13.97 65.31 36.27
N SER K 171 14.52 64.62 35.26
CA SER K 171 14.06 63.28 34.87
C SER K 171 12.59 63.28 34.45
N THR K 172 12.18 64.31 33.70
CA THR K 172 10.82 64.45 33.22
C THR K 172 10.79 64.36 31.70
N TYR K 173 9.58 64.24 31.16
CA TYR K 173 9.37 64.23 29.73
C TYR K 173 8.64 65.49 29.30
N SER K 174 8.55 65.67 27.98
CA SER K 174 7.76 66.75 27.40
C SER K 174 7.20 66.27 26.07
N LEU K 175 5.93 66.58 25.84
CA LEU K 175 5.22 66.16 24.63
C LEU K 175 4.71 67.38 23.89
N SER K 176 4.69 67.29 22.56
CA SER K 176 4.22 68.39 21.71
C SER K 176 3.35 67.80 20.60
N SER K 177 2.03 67.89 20.79
CA SER K 177 1.08 67.49 19.75
C SER K 177 0.82 68.68 18.84
N THR K 178 0.92 68.45 17.53
CA THR K 178 0.75 69.50 16.53
C THR K 178 -0.45 69.18 15.65
N LEU K 179 -1.46 70.04 15.68
CA LEU K 179 -2.66 69.89 14.86
C LEU K 179 -2.54 70.75 13.62
N THR K 180 -2.53 70.12 12.46
CA THR K 180 -2.33 70.79 11.18
C THR K 180 -3.64 70.84 10.41
N LEU K 181 -3.99 72.04 9.94
CA LEU K 181 -5.20 72.24 9.16
C LEU K 181 -4.94 73.32 8.11
N SER K 182 -5.69 73.24 7.01
CA SER K 182 -5.62 74.27 6.00
C SER K 182 -6.22 75.57 6.54
N LYS K 183 -5.83 76.68 5.92
CA LYS K 183 -6.33 77.97 6.37
C LYS K 183 -7.84 78.09 6.15
N ALA K 184 -8.38 77.41 5.14
CA ALA K 184 -9.82 77.41 4.92
C ALA K 184 -10.54 76.69 6.05
N ASP K 185 -10.09 75.48 6.39
CA ASP K 185 -10.68 74.74 7.50
C ASP K 185 -10.42 75.41 8.84
N TYR K 186 -9.41 76.30 8.91
CA TYR K 186 -9.11 76.96 10.17
C TYR K 186 -10.10 78.06 10.50
N GLU K 187 -10.55 78.81 9.49
CA GLU K 187 -11.46 79.92 9.70
C GLU K 187 -12.92 79.51 9.69
N LYS K 188 -13.22 78.23 9.47
CA LYS K 188 -14.60 77.76 9.57
C LYS K 188 -15.08 77.62 11.00
N HIS K 189 -14.17 77.62 11.97
CA HIS K 189 -14.51 77.32 13.35
C HIS K 189 -13.89 78.38 14.28
N LYS K 190 -14.24 78.28 15.56
CA LYS K 190 -13.91 79.35 16.52
C LYS K 190 -13.13 78.84 17.72
N VAL K 191 -13.59 77.76 18.34
CA VAL K 191 -13.04 77.28 19.60
C VAL K 191 -12.09 76.12 19.32
N TYR K 192 -10.82 76.29 19.71
CA TYR K 192 -9.79 75.26 19.58
C TYR K 192 -9.27 74.89 20.97
N ALA K 193 -9.21 73.60 21.26
CA ALA K 193 -8.79 73.14 22.57
C ALA K 193 -8.12 71.77 22.46
N CYS K 194 -7.22 71.49 23.39
CA CYS K 194 -6.64 70.17 23.54
C CYS K 194 -6.88 69.69 24.97
N GLU K 195 -7.38 68.46 25.10
CA GLU K 195 -7.68 67.87 26.39
C GLU K 195 -6.56 66.90 26.75
N VAL K 196 -5.97 67.10 27.93
CA VAL K 196 -4.81 66.33 28.38
C VAL K 196 -5.23 65.41 29.51
N THR K 197 -5.02 64.11 29.32
CA THR K 197 -5.28 63.10 30.34
C THR K 197 -3.96 62.52 30.82
N HIS K 198 -3.72 62.59 32.12
CA HIS K 198 -2.47 62.11 32.69
C HIS K 198 -2.71 61.56 34.08
N GLN K 199 -1.78 60.72 34.54
CA GLN K 199 -1.88 60.13 35.87
C GLN K 199 -1.71 61.18 36.97
N GLY K 200 -0.88 62.18 36.75
CA GLY K 200 -0.67 63.23 37.73
C GLY K 200 -1.77 64.26 37.84
N LEU K 201 -2.85 64.10 37.08
CA LEU K 201 -3.99 65.01 37.09
C LEU K 201 -5.22 64.28 37.60
N SER K 202 -5.99 64.96 38.45
CA SER K 202 -7.21 64.35 39.00
C SER K 202 -8.28 64.19 37.93
N SER K 203 -8.48 65.19 37.10
CA SER K 203 -9.43 65.17 36.00
C SER K 203 -8.79 65.80 34.79
N PRO K 204 -9.22 65.42 33.59
CA PRO K 204 -8.58 65.92 32.36
C PRO K 204 -8.57 67.44 32.30
N VAL K 205 -7.37 68.00 32.05
CA VAL K 205 -7.15 69.43 31.98
C VAL K 205 -7.29 69.89 30.54
N THR K 206 -7.93 71.03 30.32
CA THR K 206 -8.16 71.58 28.99
C THR K 206 -7.64 73.00 28.92
N LYS K 207 -6.86 73.28 27.87
CA LYS K 207 -6.41 74.63 27.53
C LYS K 207 -6.97 74.99 26.16
N SER K 208 -7.63 76.15 26.07
CA SER K 208 -8.32 76.53 24.86
C SER K 208 -8.06 78.00 24.55
N PHE K 209 -8.43 78.40 23.33
CA PHE K 209 -8.39 79.79 22.91
C PHE K 209 -9.45 80.00 21.83
N ASN K 210 -9.93 81.23 21.73
CA ASN K 210 -10.86 81.62 20.67
C ASN K 210 -10.09 82.24 19.52
N ARG K 211 -10.50 81.92 18.29
CA ARG K 211 -9.82 82.39 17.10
C ARG K 211 -10.03 83.89 16.96
N GLY K 212 -8.99 84.66 17.28
CA GLY K 212 -9.07 86.10 17.20
C GLY K 212 -8.50 86.83 18.40
N GLU K 213 -8.85 86.37 19.60
CA GLU K 213 -8.38 86.98 20.84
C GLU K 213 -6.87 86.91 20.96
N GLU L 1 46.36 56.75 17.49
CA GLU L 1 44.97 56.61 17.88
C GLU L 1 44.16 55.93 16.78
N VAL L 2 43.43 54.89 17.16
CA VAL L 2 42.62 54.13 16.22
C VAL L 2 41.26 54.78 16.08
N GLN L 3 40.79 54.91 14.84
CA GLN L 3 39.45 55.40 14.59
C GLN L 3 38.98 54.93 13.23
N LEU L 4 37.65 54.79 13.10
CA LEU L 4 37.00 54.51 11.83
C LEU L 4 36.15 55.72 11.49
N VAL L 5 36.59 56.52 10.52
CA VAL L 5 35.81 57.69 10.08
C VAL L 5 35.09 57.31 8.80
N GLN L 6 33.83 57.70 8.71
CA GLN L 6 32.96 57.35 7.59
C GLN L 6 32.69 58.59 6.75
N SER L 7 32.15 58.36 5.56
CA SER L 7 31.78 59.47 4.69
C SER L 7 30.62 60.26 5.29
N GLY L 8 30.36 61.42 4.70
CA GLY L 8 29.30 62.28 5.18
C GLY L 8 27.92 61.76 4.81
N ALA L 9 26.91 62.40 5.40
CA ALA L 9 25.53 62.02 5.15
C ALA L 9 25.18 62.18 3.67
N GLU L 10 24.16 61.45 3.25
CA GLU L 10 23.76 61.41 1.84
C GLU L 10 22.24 61.49 1.73
N VAL L 11 21.78 62.07 0.62
CA VAL L 11 20.37 62.14 0.29
C VAL L 11 20.19 61.53 -1.10
N LYS L 12 19.25 60.59 -1.22
CA LYS L 12 19.06 59.84 -2.45
C LYS L 12 17.58 59.68 -2.75
N LYS L 13 17.26 59.55 -4.10
CA LYS L 13 15.93 59.35 -4.65
C LYS L 13 15.57 57.87 -4.66
N PRO L 14 14.28 57.54 -4.54
CA PRO L 14 13.89 56.13 -4.38
C PRO L 14 14.15 55.29 -5.62
N GLY L 15 15.43 55.07 -5.94
CA GLY L 15 15.78 54.19 -7.04
C GLY L 15 17.28 54.16 -7.26
N ALA L 16 17.97 55.19 -6.79
CA ALA L 16 19.40 55.33 -7.02
C ALA L 16 20.17 54.38 -6.12
N SER L 17 21.50 54.47 -6.20
CA SER L 17 22.41 53.72 -5.36
C SER L 17 23.16 54.69 -4.45
N VAL L 18 23.78 54.14 -3.41
CA VAL L 18 24.57 54.90 -2.47
C VAL L 18 25.82 54.11 -2.13
N LYS L 19 26.92 54.82 -1.87
CA LYS L 19 28.18 54.22 -1.51
C LYS L 19 28.72 54.92 -0.27
N VAL L 20 28.88 54.17 0.82
CA VAL L 20 29.37 54.68 2.09
C VAL L 20 30.77 54.15 2.30
N SER L 21 31.70 55.05 2.64
CA SER L 21 33.08 54.67 2.87
C SER L 21 33.38 54.62 4.37
N CYS L 22 34.40 53.84 4.72
CA CYS L 22 34.78 53.63 6.11
C CYS L 22 36.30 53.49 6.13
N LYS L 23 36.99 54.59 6.47
CA LYS L 23 38.45 54.63 6.43
C LYS L 23 38.99 54.33 7.83
N ALA L 24 39.82 53.29 7.92
CA ALA L 24 40.43 52.89 9.17
C ALA L 24 41.86 53.41 9.24
N SER L 25 42.29 53.75 10.46
CA SER L 25 43.64 54.23 10.69
C SER L 25 44.04 53.91 12.13
N GLY L 26 45.30 53.58 12.33
CA GLY L 26 45.83 53.26 13.64
C GLY L 26 46.00 51.79 13.92
N TYR L 27 45.53 50.91 13.03
CA TYR L 27 45.73 49.47 13.18
C TYR L 27 45.91 48.86 11.81
N THR L 28 46.35 47.61 11.78
CA THR L 28 46.54 46.90 10.52
C THR L 28 45.18 46.54 9.93
N PHE L 29 44.83 47.21 8.83
CA PHE L 29 43.49 47.06 8.26
C PHE L 29 43.23 45.63 7.80
N THR L 30 44.22 44.99 7.18
CA THR L 30 44.05 43.67 6.60
C THR L 30 44.02 42.55 7.65
N SER L 31 44.13 42.87 8.93
CA SER L 31 44.17 41.86 9.98
C SER L 31 42.84 41.69 10.69
N TYR L 32 41.78 42.34 10.22
CA TYR L 32 40.49 42.29 10.90
C TYR L 32 39.36 42.33 9.88
N TYR L 33 38.32 41.54 10.13
CA TYR L 33 37.09 41.69 9.37
C TYR L 33 36.46 43.05 9.65
N MET L 34 35.75 43.57 8.65
CA MET L 34 34.88 44.73 8.81
C MET L 34 33.44 44.28 8.64
N TYR L 35 32.55 44.73 9.53
CA TYR L 35 31.14 44.41 9.37
C TYR L 35 30.31 45.69 9.50
N TRP L 36 29.13 45.66 8.87
CA TRP L 36 28.29 46.84 8.69
C TRP L 36 26.95 46.64 9.37
N VAL L 37 26.45 47.71 9.99
CA VAL L 37 25.20 47.68 10.75
C VAL L 37 24.34 48.84 10.30
N ARG L 38 23.03 48.61 10.29
CA ARG L 38 22.03 49.59 9.89
C ARG L 38 21.05 49.81 11.03
N GLN L 39 20.64 51.06 11.24
CA GLN L 39 19.70 51.38 12.31
C GLN L 39 18.72 52.44 11.82
N ALA L 40 17.48 52.02 11.57
CA ALA L 40 16.42 52.95 11.19
C ALA L 40 16.16 53.93 12.32
N PRO L 41 15.57 55.10 12.03
CA PRO L 41 15.33 56.08 13.09
C PRO L 41 14.44 55.52 14.19
N GLY L 42 14.91 55.67 15.43
CA GLY L 42 14.16 55.19 16.58
C GLY L 42 13.89 53.70 16.56
N GLN L 43 14.80 52.92 15.98
CA GLN L 43 14.61 51.49 15.82
C GLN L 43 15.88 50.75 16.23
N GLY L 44 15.84 49.42 16.14
CA GLY L 44 16.92 48.58 16.58
C GLY L 44 18.05 48.50 15.56
N LEU L 45 19.02 47.66 15.88
CA LEU L 45 20.18 47.44 15.03
C LEU L 45 19.93 46.28 14.08
N GLU L 46 20.54 46.35 12.90
CA GLU L 46 20.35 45.35 11.86
C GLU L 46 21.70 45.01 11.23
N TRP L 47 22.04 43.72 11.25
CA TRP L 47 23.31 43.28 10.67
C TRP L 47 23.18 43.12 9.17
N ILE L 48 24.07 43.77 8.43
CA ILE L 48 24.06 43.73 6.97
C ILE L 48 25.01 42.68 6.43
N GLY L 49 26.27 42.74 6.83
CA GLY L 49 27.25 41.80 6.33
C GLY L 49 28.65 42.15 6.80
N GLU L 50 29.62 41.41 6.26
CA GLU L 50 31.01 41.57 6.65
C GLU L 50 31.91 41.23 5.48
N ILE L 51 33.19 41.61 5.60
CA ILE L 51 34.13 41.43 4.51
C ILE L 51 35.52 41.13 5.08
N ASN L 52 36.20 40.17 4.46
CA ASN L 52 37.57 39.85 4.82
C ASN L 52 38.50 40.68 3.93
N PRO L 53 39.25 41.63 4.49
CA PRO L 53 40.09 42.48 3.64
C PRO L 53 41.26 41.73 3.01
N THR L 54 41.67 40.60 3.59
CA THR L 54 42.74 39.81 2.98
C THR L 54 42.29 39.21 1.66
N SER L 55 41.11 38.59 1.65
CA SER L 55 40.62 37.86 0.50
C SER L 55 39.55 38.59 -0.29
N GLY L 56 38.84 39.53 0.32
CA GLY L 56 37.69 40.14 -0.31
C GLY L 56 36.40 39.36 -0.17
N GLY L 57 36.45 38.16 0.40
CA GLY L 57 35.24 37.38 0.58
C GLY L 57 34.31 37.99 1.62
N THR L 58 33.03 37.64 1.53
CA THR L 58 32.02 38.30 2.32
C THR L 58 31.02 37.29 2.87
N ASN L 59 30.22 37.77 3.83
CA ASN L 59 29.05 37.06 4.34
C ASN L 59 27.95 38.09 4.51
N PHE L 60 26.78 37.81 3.97
CA PHE L 60 25.69 38.77 3.95
C PHE L 60 24.47 38.24 4.68
N ASN L 61 23.77 39.15 5.37
CA ASN L 61 22.38 38.91 5.71
C ASN L 61 21.59 38.70 4.43
N GLU L 62 20.87 37.59 4.34
CA GLU L 62 20.12 37.27 3.13
C GLU L 62 19.17 38.39 2.73
N LYS L 63 18.78 39.25 3.67
CA LYS L 63 17.92 40.38 3.35
C LYS L 63 18.60 41.36 2.40
N PHE L 64 19.90 41.59 2.57
CA PHE L 64 20.62 42.58 1.79
C PHE L 64 21.49 41.97 0.69
N LYS L 65 21.49 40.65 0.53
CA LYS L 65 22.45 40.02 -0.37
C LYS L 65 22.28 40.52 -1.80
N SER L 66 21.04 40.74 -2.23
CA SER L 66 20.78 41.10 -3.62
C SER L 66 21.23 42.53 -3.93
N ARG L 67 20.94 43.47 -3.03
CA ARG L 67 21.12 44.89 -3.30
C ARG L 67 22.38 45.49 -2.69
N ALA L 68 23.11 44.76 -1.84
CA ALA L 68 24.27 45.29 -1.16
C ALA L 68 25.56 44.73 -1.76
N THR L 69 26.62 45.53 -1.69
CA THR L 69 27.93 45.14 -2.22
C THR L 69 28.99 45.68 -1.27
N LEU L 70 29.86 44.79 -0.79
CA LEU L 70 30.93 45.14 0.13
C LEU L 70 32.27 44.97 -0.56
N THR L 71 33.07 46.03 -0.60
CA THR L 71 34.38 46.02 -1.21
C THR L 71 35.41 46.56 -0.23
N VAL L 72 36.68 46.51 -0.62
CA VAL L 72 37.79 46.93 0.24
C VAL L 72 38.90 47.47 -0.66
N ASP L 73 39.54 48.56 -0.20
CA ASP L 73 40.69 49.14 -0.86
C ASP L 73 41.88 49.03 0.11
N THR L 74 42.67 47.97 -0.04
CA THR L 74 43.77 47.72 0.89
C THR L 74 44.78 48.86 0.89
N SER L 75 45.02 49.48 -0.27
CA SER L 75 46.04 50.52 -0.37
C SER L 75 45.68 51.75 0.45
N THR L 76 44.40 51.99 0.71
CA THR L 76 43.96 53.17 1.45
C THR L 76 43.24 52.82 2.75
N SER L 77 43.20 51.55 3.13
CA SER L 77 42.59 51.10 4.39
C SER L 77 41.14 51.58 4.52
N THR L 78 40.36 51.35 3.46
CA THR L 78 38.98 51.82 3.39
C THR L 78 38.07 50.67 3.03
N ALA L 79 36.92 50.60 3.71
CA ALA L 79 35.88 49.63 3.42
C ALA L 79 34.66 50.37 2.87
N TYR L 80 34.10 49.86 1.78
CA TYR L 80 32.97 50.48 1.12
C TYR L 80 31.74 49.58 1.22
N LEU L 81 30.60 50.20 1.48
CA LEU L 81 29.29 49.55 1.39
C LEU L 81 28.50 50.21 0.29
N GLU L 82 27.94 49.41 -0.62
CA GLU L 82 27.12 49.89 -1.71
C GLU L 82 25.73 49.29 -1.61
N LEU L 83 24.70 50.14 -1.71
CA LEU L 83 23.32 49.71 -1.64
C LEU L 83 22.59 50.26 -2.85
N SER L 84 22.08 49.38 -3.70
CA SER L 84 21.40 49.77 -4.94
C SER L 84 19.89 49.63 -4.79
N SER L 85 19.16 50.28 -5.71
CA SER L 85 17.70 50.23 -5.77
C SER L 85 17.10 50.64 -4.41
N LEU L 86 17.43 51.84 -3.99
CA LEU L 86 17.08 52.30 -2.65
C LEU L 86 15.57 52.48 -2.50
N ARG L 87 15.09 52.21 -1.28
CA ARG L 87 13.71 52.41 -0.90
C ARG L 87 13.67 53.34 0.32
N SER L 88 12.50 53.92 0.56
CA SER L 88 12.35 54.75 1.75
C SER L 88 12.58 53.95 3.03
N GLU L 89 12.37 52.62 2.98
CA GLU L 89 12.67 51.79 4.13
C GLU L 89 14.16 51.62 4.37
N ASP L 90 15.01 52.08 3.45
CA ASP L 90 16.45 52.05 3.62
C ASP L 90 16.97 53.30 4.33
N THR L 91 16.10 54.25 4.65
CA THR L 91 16.51 55.44 5.40
C THR L 91 16.93 55.02 6.80
N ALA L 92 18.20 55.24 7.12
CA ALA L 92 18.77 54.78 8.38
C ALA L 92 20.18 55.32 8.51
N VAL L 93 20.80 55.06 9.66
CA VAL L 93 22.21 55.35 9.90
C VAL L 93 23.00 54.07 9.66
N TYR L 94 24.10 54.18 8.92
CA TYR L 94 24.90 53.03 8.52
C TYR L 94 26.24 53.09 9.24
N TYR L 95 26.54 52.04 10.01
CA TYR L 95 27.76 51.95 10.79
C TYR L 95 28.69 50.89 10.21
N CYS L 96 29.99 51.12 10.35
CA CYS L 96 31.00 50.09 10.14
C CYS L 96 31.71 49.83 11.45
N ALA L 97 32.06 48.57 11.69
CA ALA L 97 32.70 48.18 12.94
C ALA L 97 33.73 47.11 12.66
N ARG L 98 34.80 47.12 13.45
CA ARG L 98 35.84 46.12 13.33
C ARG L 98 35.43 44.84 14.04
N GLU L 99 35.70 43.71 13.39
CA GLU L 99 35.42 42.40 13.95
C GLU L 99 36.68 41.89 14.66
N GLY L 100 36.67 41.94 15.98
CA GLY L 100 37.80 41.43 16.72
C GLY L 100 38.56 42.55 17.42
N GLY L 101 39.20 42.20 18.54
CA GLY L 101 39.88 43.20 19.32
C GLY L 101 38.89 44.16 19.94
N PHE L 102 39.40 45.35 20.28
CA PHE L 102 38.53 46.38 20.84
C PHE L 102 37.43 46.74 19.86
N ALA L 103 36.22 46.93 20.38
CA ALA L 103 35.03 47.10 19.56
C ALA L 103 34.96 48.53 19.03
N TYR L 104 35.79 48.79 18.02
CA TYR L 104 35.77 50.09 17.36
C TYR L 104 34.56 50.18 16.42
N TRP L 105 33.90 51.34 16.43
CA TRP L 105 32.73 51.60 15.61
C TRP L 105 32.90 52.94 14.91
N GLY L 106 32.51 52.98 13.63
CA GLY L 106 32.47 54.24 12.93
C GLY L 106 31.44 55.19 13.52
N GLN L 107 31.57 56.46 13.16
CA GLN L 107 30.65 57.47 13.70
C GLN L 107 29.26 57.36 13.08
N GLY L 108 29.14 56.73 11.93
CA GLY L 108 27.83 56.53 11.33
C GLY L 108 27.60 57.47 10.16
N THR L 109 26.82 56.98 9.20
CA THR L 109 26.47 57.76 8.02
C THR L 109 24.96 57.72 7.84
N LEU L 110 24.33 58.89 7.87
CA LEU L 110 22.89 58.96 7.65
C LEU L 110 22.60 58.92 6.16
N VAL L 111 21.71 58.02 5.75
CA VAL L 111 21.28 57.90 4.36
C VAL L 111 19.76 58.10 4.34
N THR L 112 19.32 59.21 3.79
CA THR L 112 17.90 59.55 3.71
C THR L 112 17.40 59.25 2.30
N VAL L 113 16.38 58.40 2.19
CA VAL L 113 15.82 58.01 0.90
C VAL L 113 14.36 58.46 0.89
N SER L 114 14.07 59.48 0.08
CA SER L 114 12.71 59.97 -0.06
C SER L 114 12.58 60.65 -1.41
N SER L 115 11.34 60.83 -1.85
CA SER L 115 11.06 61.47 -3.13
C SER L 115 11.24 62.98 -3.08
N ALA L 116 11.32 63.57 -1.89
CA ALA L 116 11.39 65.02 -1.77
C ALA L 116 12.78 65.53 -2.17
N SER L 117 12.84 66.83 -2.42
CA SER L 117 14.09 67.51 -2.75
C SER L 117 14.51 68.38 -1.57
N THR L 118 15.83 68.57 -1.44
CA THR L 118 16.40 69.27 -0.30
C THR L 118 15.84 70.69 -0.18
N LYS L 119 15.05 70.92 0.87
CA LYS L 119 14.34 72.17 1.08
C LYS L 119 14.78 72.81 2.40
N GLY L 120 14.59 74.13 2.49
CA GLY L 120 14.90 74.86 3.70
C GLY L 120 13.69 75.00 4.60
N PRO L 121 13.92 75.24 5.89
CA PRO L 121 12.82 75.33 6.85
C PRO L 121 12.19 76.71 6.93
N SER L 122 10.89 76.71 7.24
CA SER L 122 10.15 77.92 7.54
C SER L 122 9.96 78.00 9.05
N VAL L 123 10.46 79.07 9.66
CA VAL L 123 10.44 79.23 11.11
C VAL L 123 9.31 80.18 11.47
N PHE L 124 8.39 79.72 12.32
CA PHE L 124 7.24 80.46 12.78
C PHE L 124 7.27 80.60 14.29
N PRO L 125 6.88 81.76 14.84
CA PRO L 125 6.97 81.97 16.29
C PRO L 125 5.75 81.42 17.02
N LEU L 126 5.99 80.89 18.21
CA LEU L 126 4.94 80.46 19.13
C LEU L 126 4.87 81.48 20.24
N ALA L 127 3.91 82.41 20.15
CA ALA L 127 3.86 83.57 21.02
C ALA L 127 3.32 83.20 22.39
N PRO L 128 3.89 83.76 23.47
CA PRO L 128 3.39 83.48 24.81
C PRO L 128 1.97 84.00 25.01
N SER L 129 1.23 83.32 25.89
CA SER L 129 -0.19 83.57 26.09
C SER L 129 -0.45 84.89 26.82
N SER L 130 -0.14 84.93 28.12
CA SER L 130 -0.41 86.08 28.98
C SER L 130 -1.90 86.43 28.99
N GLY L 135 0.22 84.16 34.44
CA GLY L 135 0.23 84.12 35.90
C GLY L 135 1.61 84.22 36.50
N GLY L 136 2.32 83.09 36.52
CA GLY L 136 3.65 83.05 37.09
C GLY L 136 4.71 82.55 36.13
N THR L 137 4.39 81.50 35.38
CA THR L 137 5.32 80.92 34.42
C THR L 137 4.61 80.73 33.08
N ALA L 138 5.30 81.11 32.00
CA ALA L 138 4.74 81.05 30.66
C ALA L 138 5.73 80.37 29.72
N ALA L 139 5.21 79.90 28.58
CA ALA L 139 5.99 79.15 27.60
C ALA L 139 5.93 79.83 26.24
N LEU L 140 7.01 79.68 25.48
CA LEU L 140 7.12 80.23 24.14
C LEU L 140 8.13 79.39 23.36
N GLY L 141 8.06 79.50 22.04
CA GLY L 141 8.99 78.73 21.23
C GLY L 141 8.89 79.03 19.75
N CYS L 142 9.59 78.21 18.97
CA CYS L 142 9.64 78.33 17.52
C CYS L 142 9.17 77.04 16.88
N LEU L 143 8.40 77.16 15.80
CA LEU L 143 7.92 76.02 15.02
C LEU L 143 8.69 75.98 13.71
N VAL L 144 9.57 74.98 13.58
CA VAL L 144 10.38 74.78 12.37
C VAL L 144 9.65 73.77 11.49
N LYS L 145 9.06 74.25 10.40
CA LYS L 145 8.15 73.45 9.57
C LYS L 145 8.66 73.33 8.15
N ASP L 146 8.44 72.15 7.57
CA ASP L 146 8.62 71.87 6.15
C ASP L 146 10.09 72.09 5.71
N TYR L 147 10.91 71.12 6.07
CA TYR L 147 12.31 71.10 5.65
C TYR L 147 12.69 69.67 5.31
N PHE L 148 13.85 69.52 4.65
CA PHE L 148 14.36 68.24 4.17
C PHE L 148 15.78 68.45 3.66
N PRO L 149 16.73 67.61 4.08
CA PRO L 149 16.51 66.51 5.03
C PRO L 149 16.86 66.90 6.46
N GLU L 150 17.01 65.89 7.30
CA GLU L 150 17.53 66.11 8.65
C GLU L 150 19.05 66.30 8.59
N PRO L 151 19.65 66.92 9.62
CA PRO L 151 19.06 67.44 10.85
C PRO L 151 18.84 68.95 10.87
N VAL L 152 18.31 69.44 11.98
CA VAL L 152 18.15 70.87 12.24
C VAL L 152 18.58 71.14 13.66
N THR L 153 19.46 72.13 13.84
CA THR L 153 19.91 72.54 15.15
C THR L 153 19.26 73.85 15.53
N VAL L 154 18.79 73.93 16.78
CA VAL L 154 18.06 75.10 17.28
C VAL L 154 18.67 75.50 18.61
N SER L 155 19.10 76.76 18.71
CA SER L 155 19.58 77.33 19.97
C SER L 155 18.83 78.62 20.23
N TRP L 156 18.88 79.08 21.48
CA TRP L 156 18.16 80.27 21.91
C TRP L 156 19.16 81.31 22.40
N ASN L 157 19.06 82.53 21.84
CA ASN L 157 19.95 83.64 22.17
C ASN L 157 21.42 83.25 22.00
N SER L 158 21.70 82.61 20.86
CA SER L 158 23.07 82.24 20.48
C SER L 158 23.75 81.39 21.55
N GLY L 159 22.99 80.47 22.14
CA GLY L 159 23.52 79.58 23.15
C GLY L 159 23.55 80.14 24.56
N ALA L 160 22.95 81.29 24.80
CA ALA L 160 22.93 81.86 26.16
C ALA L 160 21.79 81.28 26.99
N LEU L 161 20.61 81.16 26.41
CA LEU L 161 19.46 80.57 27.10
C LEU L 161 19.47 79.06 26.85
N THR L 162 19.69 78.29 27.90
CA THR L 162 19.78 76.84 27.80
C THR L 162 18.82 76.10 28.72
N SER L 163 18.64 76.57 29.95
CA SER L 163 17.73 75.91 30.88
C SER L 163 16.29 76.18 30.50
N GLY L 164 15.43 75.18 30.74
CA GLY L 164 14.04 75.25 30.35
C GLY L 164 13.77 74.97 28.89
N VAL L 165 14.81 74.81 28.07
CA VAL L 165 14.65 74.62 26.63
C VAL L 165 14.38 73.14 26.35
N HIS L 166 13.37 72.88 25.50
CA HIS L 166 13.01 71.53 25.07
C HIS L 166 12.85 71.54 23.56
N THR L 167 13.87 71.09 22.84
CA THR L 167 13.79 70.92 21.39
C THR L 167 13.30 69.50 21.11
N PHE L 168 12.16 69.40 20.42
CA PHE L 168 11.51 68.12 20.25
C PHE L 168 12.08 67.35 19.05
N PRO L 169 11.97 66.02 19.07
CA PRO L 169 12.35 65.24 17.88
C PRO L 169 11.46 65.60 16.71
N ALA L 170 12.04 65.52 15.51
CA ALA L 170 11.29 65.83 14.31
C ALA L 170 10.23 64.76 14.05
N VAL L 171 9.29 65.09 13.18
CA VAL L 171 8.28 64.16 12.71
C VAL L 171 8.24 64.20 11.20
N LEU L 172 7.87 63.08 10.58
CA LEU L 172 7.81 62.97 9.13
C LEU L 172 6.37 63.19 8.69
N GLN L 173 6.12 64.33 8.05
CA GLN L 173 4.77 64.68 7.63
C GLN L 173 4.36 63.88 6.40
N SER L 174 3.07 63.99 6.05
CA SER L 174 2.57 63.29 4.87
C SER L 174 3.23 63.81 3.60
N SER L 175 3.61 65.09 3.59
CA SER L 175 4.28 65.71 2.45
C SER L 175 5.70 65.22 2.26
N GLY L 176 6.21 64.38 3.16
CA GLY L 176 7.60 63.96 3.09
C GLY L 176 8.59 64.98 3.62
N LEU L 177 8.11 66.03 4.29
CA LEU L 177 8.95 67.06 4.87
C LEU L 177 8.90 66.96 6.39
N TYR L 178 10.00 67.34 7.03
CA TYR L 178 10.12 67.22 8.48
C TYR L 178 9.57 68.47 9.17
N SER L 179 9.00 68.27 10.36
CA SER L 179 8.43 69.34 11.18
C SER L 179 8.94 69.17 12.60
N LEU L 180 9.35 70.28 13.22
CA LEU L 180 10.00 70.25 14.52
C LEU L 180 9.57 71.46 15.34
N SER L 181 9.47 71.27 16.65
CA SER L 181 9.10 72.32 17.58
C SER L 181 10.17 72.47 18.66
N SER L 182 10.34 73.70 19.14
CA SER L 182 11.33 74.00 20.18
C SER L 182 10.71 75.03 21.13
N VAL L 183 10.63 74.67 22.41
CA VAL L 183 9.94 75.50 23.40
C VAL L 183 10.90 75.83 24.54
N VAL L 184 10.51 76.80 25.36
CA VAL L 184 11.29 77.21 26.53
C VAL L 184 10.33 77.90 27.50
N THR L 185 10.54 77.65 28.79
CA THR L 185 9.74 78.25 29.85
C THR L 185 10.49 79.42 30.48
N VAL L 186 9.79 80.53 30.67
CA VAL L 186 10.36 81.74 31.25
C VAL L 186 9.33 82.38 32.18
N PRO L 187 9.79 83.19 33.13
CA PRO L 187 8.85 83.88 34.02
C PRO L 187 7.97 84.87 33.27
N SER L 188 6.74 85.03 33.74
CA SER L 188 5.79 85.93 33.10
C SER L 188 6.22 87.39 33.24
N SER L 189 6.97 87.72 34.30
CA SER L 189 7.40 89.09 34.53
C SER L 189 8.51 89.54 33.61
N SER L 190 9.06 88.65 32.79
CA SER L 190 10.14 88.98 31.86
C SER L 190 9.67 89.08 30.42
N LEU L 191 8.37 88.96 30.17
CA LEU L 191 7.83 89.14 28.84
C LEU L 191 7.77 90.63 28.51
N GLY L 192 8.44 91.03 27.44
CA GLY L 192 8.59 92.42 27.08
C GLY L 192 9.87 93.06 27.56
N THR L 193 10.52 92.47 28.57
CA THR L 193 11.80 92.94 29.07
C THR L 193 12.97 92.21 28.44
N GLN L 194 12.85 90.89 28.27
CA GLN L 194 13.92 90.07 27.74
C GLN L 194 13.68 89.75 26.27
N THR L 195 14.77 89.59 25.53
CA THR L 195 14.73 89.27 24.11
C THR L 195 14.93 87.77 23.93
N TYR L 196 14.04 87.14 23.15
CA TYR L 196 14.06 85.69 22.93
C TYR L 196 14.14 85.43 21.44
N ILE L 197 15.29 84.93 20.98
CA ILE L 197 15.53 84.68 19.56
C ILE L 197 16.02 83.25 19.42
N CYS L 198 15.31 82.46 18.59
CA CYS L 198 15.72 81.09 18.30
C CYS L 198 16.57 81.07 17.05
N ASN L 199 17.68 80.34 17.10
CA ASN L 199 18.66 80.31 16.02
C ASN L 199 18.55 78.96 15.33
N VAL L 200 17.72 78.90 14.28
CA VAL L 200 17.56 77.68 13.51
C VAL L 200 18.67 77.60 12.46
N ASN L 201 19.26 76.41 12.34
CA ASN L 201 20.34 76.18 11.39
C ASN L 201 20.07 74.89 10.64
N HIS L 202 20.07 74.97 9.31
CA HIS L 202 19.84 73.82 8.44
C HIS L 202 21.03 73.72 7.48
N LYS L 203 22.00 72.87 7.82
CA LYS L 203 23.22 72.79 7.02
C LYS L 203 23.01 72.29 5.59
N PRO L 204 22.17 71.29 5.32
CA PRO L 204 22.04 70.84 3.92
C PRO L 204 21.57 71.92 2.95
N SER L 205 20.83 72.92 3.41
CA SER L 205 20.36 74.01 2.57
C SER L 205 21.05 75.34 2.86
N ASN L 206 22.03 75.33 3.77
CA ASN L 206 22.77 76.55 4.15
C ASN L 206 21.81 77.65 4.59
N THR L 207 20.75 77.27 5.30
CA THR L 207 19.74 78.20 5.76
C THR L 207 19.98 78.52 7.23
N LYS L 208 20.10 79.80 7.56
CA LYS L 208 20.24 80.26 8.93
C LYS L 208 19.16 81.32 9.18
N VAL L 209 18.21 81.00 10.05
CA VAL L 209 17.08 81.87 10.34
C VAL L 209 17.14 82.25 11.81
N ASP L 210 17.00 83.54 12.09
CA ASP L 210 16.88 84.07 13.46
C ASP L 210 15.49 84.70 13.58
N LYS L 211 14.64 84.10 14.40
CA LYS L 211 13.26 84.54 14.56
C LYS L 211 13.07 85.06 15.99
N LYS L 212 12.62 86.31 16.10
CA LYS L 212 12.32 86.92 17.39
C LYS L 212 10.88 86.59 17.79
N VAL L 213 10.70 86.24 19.06
CA VAL L 213 9.42 85.79 19.58
C VAL L 213 8.91 86.82 20.58
N GLU L 214 7.75 87.40 20.28
CA GLU L 214 7.11 88.42 21.11
C GLU L 214 5.65 88.04 21.32
N PRO L 215 5.02 88.55 22.38
CA PRO L 215 3.58 88.36 22.53
C PRO L 215 2.80 89.23 21.57
N LYS L 216 1.66 88.72 21.10
CA LYS L 216 0.85 89.41 20.12
C LYS L 216 -0.10 90.40 20.78
N SER L 217 -0.48 91.43 20.03
CA SER L 217 -1.39 92.44 20.54
C SER L 217 -2.64 92.52 19.66
N ILE M 1 24.31 11.90 -25.66
CA ILE M 1 23.95 12.01 -24.26
C ILE M 1 25.01 12.78 -23.49
N LEU M 2 24.62 13.90 -22.90
CA LEU M 2 25.53 14.75 -22.16
C LEU M 2 25.37 14.51 -20.67
N GLY M 3 26.49 14.29 -19.97
CA GLY M 3 26.47 14.11 -18.54
C GLY M 3 26.26 12.70 -18.07
N GLY M 4 26.33 11.71 -18.95
CA GLY M 4 26.18 10.33 -18.56
C GLY M 4 27.43 9.53 -18.80
N ARG M 5 27.28 8.21 -18.95
CA ARG M 5 28.39 7.32 -19.24
C ARG M 5 27.94 6.24 -20.20
N GLU M 6 28.86 5.34 -20.54
CA GLU M 6 28.53 4.24 -21.43
C GLU M 6 27.62 3.24 -20.72
N ALA M 7 26.60 2.78 -21.43
CA ALA M 7 25.63 1.86 -20.87
C ALA M 7 26.15 0.43 -20.91
N GLU M 8 25.52 -0.43 -20.11
CA GLU M 8 25.83 -1.84 -20.17
C GLU M 8 25.41 -2.38 -21.54
N ALA M 9 26.32 -3.10 -22.19
CA ALA M 9 26.07 -3.57 -23.56
C ALA M 9 24.81 -4.43 -23.61
N HIS M 10 23.87 -4.02 -24.46
CA HIS M 10 22.64 -4.76 -24.72
C HIS M 10 21.70 -4.81 -23.52
N ALA M 11 21.95 -3.97 -22.51
CA ALA M 11 21.04 -3.91 -21.36
C ALA M 11 19.72 -3.25 -21.72
N ARG M 12 19.66 -2.51 -22.82
CA ARG M 12 18.43 -1.92 -23.34
C ARG M 12 18.17 -2.52 -24.72
N PRO M 13 17.55 -3.70 -24.77
CA PRO M 13 17.40 -4.40 -26.06
C PRO M 13 16.43 -3.75 -27.01
N TYR M 14 15.70 -2.73 -26.57
CA TYR M 14 14.79 -1.98 -27.43
C TYR M 14 15.49 -0.86 -28.19
N MET M 15 16.71 -0.52 -27.79
CA MET M 15 17.40 0.63 -28.35
C MET M 15 17.77 0.37 -29.82
N ALA M 16 17.40 1.30 -30.68
CA ALA M 16 17.65 1.20 -32.11
C ALA M 16 18.43 2.41 -32.59
N SER M 17 19.29 2.19 -33.58
CA SER M 17 20.00 3.25 -34.28
C SER M 17 19.40 3.38 -35.67
N VAL M 18 18.82 4.54 -35.96
CA VAL M 18 18.28 4.84 -37.28
C VAL M 18 19.39 5.41 -38.14
N GLN M 19 19.71 4.74 -39.23
CA GLN M 19 20.90 5.03 -40.01
C GLN M 19 20.54 5.53 -41.38
N LEU M 20 21.29 6.55 -41.84
CA LEU M 20 21.12 7.13 -43.15
C LEU M 20 22.44 6.99 -43.90
N ASN M 21 22.40 6.28 -45.03
CA ASN M 21 23.60 6.01 -45.84
C ASN M 21 24.70 5.40 -44.99
N GLY M 22 24.32 4.49 -44.10
CA GLY M 22 25.28 3.71 -43.35
C GLY M 22 25.93 4.42 -42.20
N ALA M 23 25.37 5.53 -41.73
CA ALA M 23 25.88 6.25 -40.57
C ALA M 23 24.74 6.54 -39.61
N HIS M 24 25.08 6.63 -38.33
CA HIS M 24 24.05 6.90 -37.32
C HIS M 24 23.46 8.29 -37.55
N LEU M 25 22.13 8.36 -37.54
CA LEU M 25 21.40 9.60 -37.73
C LEU M 25 20.53 9.96 -36.54
N CYS M 26 19.72 9.02 -36.07
CA CYS M 26 18.80 9.27 -34.97
C CYS M 26 18.66 8.02 -34.12
N GLY M 27 18.17 8.21 -32.90
CA GLY M 27 17.80 7.10 -32.08
C GLY M 27 16.42 6.58 -32.42
N GLY M 28 16.15 5.35 -31.97
CA GLY M 28 14.85 4.75 -32.18
C GLY M 28 14.61 3.69 -31.14
N VAL M 29 13.34 3.33 -30.98
CA VAL M 29 12.91 2.37 -29.98
C VAL M 29 12.03 1.34 -30.65
N LEU M 30 12.35 0.06 -30.46
CA LEU M 30 11.54 -1.03 -30.98
C LEU M 30 10.26 -1.13 -30.16
N VAL M 31 9.12 -0.82 -30.79
CA VAL M 31 7.82 -0.89 -30.11
C VAL M 31 7.01 -2.09 -30.54
N ALA M 32 7.39 -2.75 -31.63
CA ALA M 32 6.79 -4.02 -32.04
C ALA M 32 7.85 -4.76 -32.84
N GLU M 33 7.61 -6.05 -33.08
CA GLU M 33 8.66 -6.89 -33.63
C GLU M 33 9.04 -6.52 -35.06
N GLN M 34 8.26 -5.68 -35.73
CA GLN M 34 8.63 -5.20 -37.06
C GLN M 34 8.43 -3.69 -37.22
N TRP M 35 8.44 -2.94 -36.13
CA TRP M 35 8.21 -1.50 -36.19
C TRP M 35 9.10 -0.79 -35.19
N VAL M 36 9.80 0.23 -35.65
CA VAL M 36 10.66 1.06 -34.80
C VAL M 36 10.06 2.46 -34.78
N LEU M 37 9.93 3.03 -33.58
CA LEU M 37 9.40 4.36 -33.38
C LEU M 37 10.54 5.35 -33.23
N SER M 38 10.41 6.50 -33.90
CA SER M 38 11.47 7.51 -33.88
C SER M 38 10.83 8.88 -34.13
N ALA M 39 11.68 9.88 -34.38
CA ALA M 39 11.24 11.26 -34.55
C ALA M 39 11.06 11.58 -36.03
N ALA M 40 10.00 12.32 -36.33
CA ALA M 40 9.66 12.61 -37.73
C ALA M 40 10.70 13.53 -38.37
N HIS M 41 11.21 14.50 -37.61
CA HIS M 41 12.13 15.46 -38.20
C HIS M 41 13.46 14.84 -38.58
N CYS M 42 13.75 13.63 -38.13
CA CYS M 42 15.00 12.97 -38.47
C CYS M 42 15.14 12.74 -39.96
N LEU M 43 14.03 12.69 -40.70
CA LEU M 43 14.04 12.39 -42.12
C LEU M 43 13.66 13.58 -42.98
N GLU M 44 13.59 14.78 -42.39
CA GLU M 44 13.23 15.97 -43.17
C GLU M 44 14.27 16.25 -44.26
N ASP M 45 15.55 16.14 -43.92
CA ASP M 45 16.62 16.40 -44.86
C ASP M 45 17.25 15.12 -45.41
N ALA M 46 16.59 13.97 -45.21
CA ALA M 46 17.19 12.70 -45.62
C ALA M 46 17.24 12.54 -47.13
N ALA M 47 16.28 13.13 -47.84
CA ALA M 47 16.24 13.13 -49.31
C ALA M 47 16.22 11.67 -49.78
N ASP M 48 17.08 11.28 -50.73
CA ASP M 48 17.09 9.94 -51.29
C ASP M 48 18.01 8.98 -50.54
N GLY M 49 18.46 9.36 -49.35
CA GLY M 49 19.39 8.52 -48.63
C GLY M 49 18.76 7.22 -48.18
N LYS M 50 19.60 6.19 -48.04
CA LYS M 50 19.13 4.88 -47.64
C LYS M 50 18.86 4.87 -46.14
N VAL M 51 17.59 4.74 -45.77
CA VAL M 51 17.20 4.71 -44.36
C VAL M 51 17.23 3.25 -43.88
N GLN M 52 18.04 2.98 -42.87
CA GLN M 52 18.15 1.66 -42.28
C GLN M 52 18.03 1.77 -40.78
N VAL M 53 17.78 0.63 -40.13
CA VAL M 53 17.66 0.55 -38.68
C VAL M 53 18.61 -0.53 -38.18
N LEU M 54 19.37 -0.23 -37.13
CA LEU M 54 20.33 -1.16 -36.55
C LEU M 54 19.83 -1.60 -35.19
N LEU M 55 19.68 -2.90 -35.01
CA LEU M 55 19.14 -3.48 -33.79
C LEU M 55 20.18 -4.35 -33.09
N GLY M 56 19.95 -4.57 -31.80
CA GLY M 56 20.85 -5.39 -31.00
C GLY M 56 22.27 -4.88 -30.96
N ALA M 57 22.47 -3.58 -31.10
CA ALA M 57 23.79 -2.99 -31.17
C ALA M 57 24.15 -2.30 -29.86
N HIS M 58 25.44 -2.28 -29.57
CA HIS M 58 26.00 -1.44 -28.52
C HIS M 58 27.08 -0.52 -29.06
N SER M 59 28.02 -1.04 -29.84
CA SER M 59 28.95 -0.23 -30.60
C SER M 59 28.48 -0.14 -32.05
N LEU M 60 28.54 1.07 -32.61
CA LEU M 60 28.13 1.25 -33.99
C LEU M 60 29.10 0.61 -34.98
N SER M 61 30.36 0.40 -34.59
CA SER M 61 31.40 -0.05 -35.50
C SER M 61 31.93 -1.44 -35.17
N GLN M 62 32.06 -1.79 -33.89
CA GLN M 62 32.62 -3.08 -33.53
C GLN M 62 31.67 -4.22 -33.90
N PRO M 63 32.21 -5.40 -34.23
CA PRO M 63 31.33 -6.53 -34.55
C PRO M 63 30.74 -7.14 -33.30
N GLU M 64 29.43 -7.43 -33.37
CA GLU M 64 28.70 -7.97 -32.23
C GLU M 64 27.71 -9.00 -32.76
N PRO M 65 27.63 -10.19 -32.15
CA PRO M 65 26.78 -11.25 -32.71
C PRO M 65 25.32 -10.87 -32.85
N SER M 66 24.80 -10.04 -31.94
CA SER M 66 23.39 -9.65 -31.98
C SER M 66 23.11 -8.47 -32.89
N LYS M 67 24.15 -7.79 -33.40
CA LYS M 67 23.94 -6.69 -34.33
C LYS M 67 23.35 -7.19 -35.63
N ARG M 68 22.26 -6.56 -36.06
CA ARG M 68 21.72 -6.84 -37.38
C ARG M 68 21.15 -5.55 -37.97
N LEU M 69 21.46 -5.30 -39.24
CA LEU M 69 21.07 -4.07 -39.93
C LEU M 69 19.88 -4.37 -40.84
N TYR M 70 18.76 -3.70 -40.58
CA TYR M 70 17.52 -3.94 -41.31
C TYR M 70 17.24 -2.81 -42.29
N ASP M 71 16.78 -3.18 -43.48
CA ASP M 71 16.25 -2.18 -44.40
C ASP M 71 14.85 -1.76 -43.94
N VAL M 72 14.45 -0.56 -44.36
CA VAL M 72 13.13 -0.02 -44.04
C VAL M 72 12.22 -0.24 -45.24
N LEU M 73 11.08 -0.88 -45.01
CA LEU M 73 10.11 -1.15 -46.05
C LEU M 73 9.12 -0.03 -46.24
N ARG M 74 8.84 0.73 -45.18
CA ARG M 74 7.77 1.72 -45.19
C ARG M 74 7.99 2.69 -44.04
N ALA M 75 7.88 3.99 -44.32
CA ALA M 75 8.14 5.04 -43.34
C ALA M 75 6.87 5.87 -43.18
N VAL M 76 6.35 5.92 -41.96
CA VAL M 76 5.12 6.65 -41.70
C VAL M 76 5.36 7.78 -40.72
N PRO M 77 5.62 9.00 -41.18
CA PRO M 77 5.63 10.13 -40.26
C PRO M 77 4.22 10.52 -39.86
N HIS M 78 4.09 11.07 -38.66
CA HIS M 78 2.79 11.54 -38.21
C HIS M 78 2.28 12.59 -39.20
N PRO M 79 1.02 12.48 -39.66
CA PRO M 79 0.58 13.33 -40.77
C PRO M 79 0.57 14.82 -40.45
N ASP M 80 0.57 15.21 -39.18
CA ASP M 80 0.49 16.60 -38.78
C ASP M 80 1.85 17.20 -38.45
N SER M 81 2.94 16.51 -38.78
CA SER M 81 4.27 17.04 -38.51
C SER M 81 4.77 17.83 -39.71
N GLN M 82 5.41 18.96 -39.43
CA GLN M 82 5.96 19.82 -40.46
C GLN M 82 7.26 20.42 -39.93
N PRO M 83 8.19 20.81 -40.80
CA PRO M 83 9.52 21.23 -40.32
C PRO M 83 9.50 22.47 -39.45
N ASP M 84 8.43 23.26 -39.47
CA ASP M 84 8.43 24.51 -38.74
C ASP M 84 8.25 24.30 -37.23
N THR M 85 7.56 23.24 -36.85
CA THR M 85 7.15 23.02 -35.46
C THR M 85 7.88 21.82 -34.86
N ILE M 86 7.71 21.65 -33.55
CA ILE M 86 8.14 20.44 -32.86
C ILE M 86 6.95 19.56 -32.50
N ASP M 87 5.75 19.92 -32.94
CA ASP M 87 4.55 19.17 -32.59
C ASP M 87 4.42 17.92 -33.46
N HIS M 88 3.90 16.85 -32.85
CA HIS M 88 3.62 15.60 -33.54
C HIS M 88 4.88 15.02 -34.19
N ASP M 89 6.00 15.11 -33.47
CA ASP M 89 7.30 14.72 -34.03
C ASP M 89 7.56 13.23 -33.79
N LEU M 90 6.73 12.40 -34.42
CA LEU M 90 6.84 10.96 -34.30
C LEU M 90 6.91 10.32 -35.69
N LEU M 91 7.65 9.23 -35.77
CA LEU M 91 7.88 8.50 -37.01
C LEU M 91 7.87 7.01 -36.73
N LEU M 92 7.18 6.24 -37.57
CA LEU M 92 7.12 4.79 -37.45
C LEU M 92 7.76 4.16 -38.67
N LEU M 93 8.69 3.23 -38.44
CA LEU M 93 9.47 2.61 -39.49
C LEU M 93 9.20 1.11 -39.50
N GLN M 94 8.67 0.60 -40.61
CA GLN M 94 8.45 -0.83 -40.79
C GLN M 94 9.72 -1.47 -41.34
N LEU M 95 10.26 -2.43 -40.60
CA LEU M 95 11.47 -3.12 -41.03
C LEU M 95 11.16 -4.03 -42.22
N SER M 96 12.18 -4.22 -43.07
CA SER M 96 12.02 -5.06 -44.25
C SER M 96 11.65 -6.49 -43.89
N GLU M 97 12.02 -6.94 -42.70
CA GLU M 97 11.56 -8.22 -42.18
C GLU M 97 11.55 -8.16 -40.66
N LYS M 98 10.86 -9.13 -40.06
CA LYS M 98 10.67 -9.12 -38.61
C LYS M 98 12.00 -9.20 -37.89
N ALA M 99 12.09 -8.48 -36.77
CA ALA M 99 13.30 -8.51 -35.96
C ALA M 99 13.44 -9.87 -35.28
N THR M 100 14.68 -10.35 -35.19
CA THR M 100 14.98 -11.62 -34.54
C THR M 100 15.05 -11.40 -33.04
N LEU M 101 14.06 -11.90 -32.31
CA LEU M 101 14.02 -11.73 -30.87
C LEU M 101 15.16 -12.49 -30.21
N GLY M 102 15.75 -11.86 -29.20
CA GLY M 102 16.81 -12.45 -28.43
C GLY M 102 17.04 -11.64 -27.17
N PRO M 103 18.03 -12.04 -26.37
CA PRO M 103 18.32 -11.28 -25.14
C PRO M 103 18.79 -9.86 -25.41
N ALA M 104 19.23 -9.56 -26.62
CA ALA M 104 19.70 -8.22 -26.97
C ALA M 104 18.75 -7.48 -27.90
N VAL M 105 17.64 -8.10 -28.31
CA VAL M 105 16.64 -7.45 -29.14
C VAL M 105 15.27 -7.78 -28.59
N ARG M 106 14.55 -6.78 -28.12
CA ARG M 106 13.22 -7.01 -27.56
C ARG M 106 12.44 -5.71 -27.57
N PRO M 107 11.20 -5.71 -28.04
CA PRO M 107 10.41 -4.47 -28.04
C PRO M 107 10.15 -3.98 -26.63
N LEU M 108 10.03 -2.66 -26.49
CA LEU M 108 9.74 -2.02 -25.21
C LEU M 108 8.26 -1.66 -25.14
N PRO M 109 7.54 -2.08 -24.12
CA PRO M 109 6.15 -1.64 -23.99
C PRO M 109 6.08 -0.14 -23.74
N TRP M 110 5.17 0.52 -24.46
CA TRP M 110 5.05 1.97 -24.40
C TRP M 110 3.77 2.36 -23.68
N GLN M 111 3.83 3.50 -22.99
CA GLN M 111 2.71 3.95 -22.18
C GLN M 111 1.49 4.21 -23.04
N ARG M 112 0.36 3.63 -22.64
CA ARG M 112 -0.91 3.79 -23.33
C ARG M 112 -1.90 4.64 -22.56
N VAL M 113 -1.70 4.82 -21.26
CA VAL M 113 -2.60 5.61 -20.42
C VAL M 113 -2.11 7.06 -20.42
N ASP M 114 -2.99 7.97 -20.85
CA ASP M 114 -2.63 9.38 -21.03
C ASP M 114 -2.63 10.08 -19.67
N ARG M 115 -1.55 9.85 -18.92
CA ARG M 115 -1.32 10.52 -17.65
C ARG M 115 0.06 11.13 -17.64
N ASP M 116 0.16 12.40 -17.23
CA ASP M 116 1.45 13.06 -17.15
C ASP M 116 2.36 12.34 -16.16
N VAL M 117 3.64 12.19 -16.55
CA VAL M 117 4.64 11.73 -15.61
C VAL M 117 4.88 12.83 -14.59
N ALA M 118 4.74 12.48 -13.31
CA ALA M 118 4.84 13.47 -12.26
C ALA M 118 6.21 14.14 -12.29
N PRO M 119 6.27 15.47 -12.17
CA PRO M 119 7.56 16.15 -12.11
C PRO M 119 8.41 15.61 -10.97
N GLY M 120 9.71 15.49 -11.23
CA GLY M 120 10.64 14.92 -10.28
C GLY M 120 10.94 13.45 -10.51
N THR M 121 10.11 12.75 -11.27
CA THR M 121 10.35 11.34 -11.57
C THR M 121 11.64 11.20 -12.36
N LEU M 122 12.46 10.21 -11.98
CA LEU M 122 13.70 9.94 -12.70
C LEU M 122 13.42 9.03 -13.89
N CYS M 123 13.94 9.41 -15.05
CA CYS M 123 13.74 8.67 -16.28
C CYS M 123 15.08 8.42 -16.95
N ASP M 124 15.14 7.31 -17.69
CA ASP M 124 16.36 6.88 -18.37
C ASP M 124 16.25 7.22 -19.85
N VAL M 125 17.29 7.83 -20.39
CA VAL M 125 17.37 8.17 -21.81
C VAL M 125 18.74 7.79 -22.32
N ALA M 126 18.79 7.21 -23.52
CA ALA M 126 20.03 6.69 -24.08
C ALA M 126 20.07 7.00 -25.57
N GLY M 127 21.29 6.98 -26.11
CA GLY M 127 21.46 7.22 -27.53
C GLY M 127 22.93 7.31 -27.88
N TRP M 128 23.18 7.53 -29.17
CA TRP M 128 24.52 7.69 -29.70
C TRP M 128 24.81 9.13 -30.13
N GLY M 129 24.23 10.11 -29.42
CA GLY M 129 24.35 11.49 -29.77
C GLY M 129 25.53 12.16 -29.10
N ILE M 130 25.63 13.48 -29.33
CA ILE M 130 26.73 14.29 -28.79
C ILE M 130 26.92 14.03 -27.30
N VAL M 131 28.18 13.95 -26.87
CA VAL M 131 28.53 13.68 -25.48
C VAL M 131 29.30 14.81 -24.83
N ASN M 132 29.61 15.88 -25.57
CA ASN M 132 30.35 17.00 -24.99
C ASN M 132 30.06 18.25 -25.81
N HIS M 133 30.28 19.41 -25.17
CA HIS M 133 29.96 20.69 -25.81
C HIS M 133 30.73 20.88 -27.12
N ALA M 134 31.82 20.14 -27.34
CA ALA M 134 32.54 20.22 -28.60
C ALA M 134 31.78 19.55 -29.74
N GLY M 135 30.67 18.88 -29.46
CA GLY M 135 29.81 18.37 -30.50
C GLY M 135 30.22 17.04 -31.11
N ARG M 136 31.10 16.30 -30.46
CA ARG M 136 31.58 15.02 -30.99
C ARG M 136 30.75 13.86 -30.46
N ARG M 137 30.75 12.75 -31.22
CA ARG M 137 29.83 11.64 -31.03
C ARG M 137 30.55 10.38 -30.56
N PRO M 138 29.85 9.51 -29.81
CA PRO M 138 30.49 8.29 -29.32
C PRO M 138 30.22 7.08 -30.20
N ASP M 139 31.03 6.03 -30.05
CA ASP M 139 30.81 4.78 -30.76
C ASP M 139 29.90 3.84 -30.01
N SER M 140 29.94 3.86 -28.69
CA SER M 140 29.14 2.98 -27.85
C SER M 140 27.98 3.75 -27.22
N LEU M 141 26.89 3.03 -26.98
CA LEU M 141 25.68 3.65 -26.45
C LEU M 141 25.93 4.29 -25.08
N GLN M 142 25.51 5.54 -24.94
CA GLN M 142 25.57 6.27 -23.68
C GLN M 142 24.17 6.37 -23.10
N HIS M 143 24.09 6.71 -21.81
CA HIS M 143 22.81 6.86 -21.15
C HIS M 143 22.97 7.81 -19.98
N VAL M 144 21.83 8.31 -19.47
CA VAL M 144 21.82 9.20 -18.33
C VAL M 144 20.43 9.16 -17.71
N LEU M 145 20.33 9.53 -16.43
CA LEU M 145 19.07 9.65 -15.72
C LEU M 145 18.69 11.12 -15.61
N LEU M 146 17.46 11.45 -15.99
CA LEU M 146 16.98 12.82 -15.97
C LEU M 146 15.69 12.92 -15.16
N PRO M 147 15.57 13.90 -14.27
CA PRO M 147 14.28 14.15 -13.61
C PRO M 147 13.33 14.90 -14.53
N VAL M 148 12.05 14.59 -14.41
CA VAL M 148 11.03 15.23 -15.22
C VAL M 148 10.75 16.62 -14.67
N LEU M 149 10.67 17.60 -15.56
CA LEU M 149 10.39 18.98 -15.19
C LEU M 149 8.90 19.28 -15.34
N ASP M 150 8.39 20.14 -14.46
CA ASP M 150 6.99 20.54 -14.54
C ASP M 150 6.78 21.46 -15.73
N ARG M 151 5.57 21.42 -16.29
CA ARG M 151 5.32 22.11 -17.56
C ARG M 151 5.28 23.62 -17.39
N ALA M 152 4.91 24.12 -16.19
CA ALA M 152 4.91 25.56 -15.97
C ALA M 152 6.30 26.15 -16.08
N THR M 153 7.27 25.54 -15.38
CA THR M 153 8.66 25.99 -15.48
C THR M 153 9.16 25.89 -16.91
N CYS M 154 8.80 24.82 -17.62
CA CYS M 154 9.32 24.61 -18.96
C CYS M 154 8.76 25.61 -19.97
N ASN M 155 7.65 26.28 -19.65
CA ASN M 155 7.00 27.21 -20.57
C ASN M 155 7.39 28.66 -20.31
N ARG M 156 8.31 28.92 -19.38
CA ARG M 156 8.70 30.29 -19.09
C ARG M 156 9.33 30.94 -20.32
N ARG M 157 9.37 32.28 -20.31
CA ARG M 157 9.98 33.02 -21.41
C ARG M 157 11.47 32.73 -21.50
N THR M 158 12.14 32.55 -20.35
CA THR M 158 13.55 32.16 -20.38
C THR M 158 13.75 30.77 -20.93
N HIS M 159 12.74 29.90 -20.85
CA HIS M 159 12.88 28.53 -21.29
C HIS M 159 12.29 28.35 -22.68
N HIS M 160 11.16 27.66 -22.79
CA HIS M 160 10.59 27.34 -24.09
C HIS M 160 9.36 28.16 -24.44
N ASP M 161 8.95 29.09 -23.57
CA ASP M 161 8.03 30.16 -23.92
C ASP M 161 6.71 29.61 -24.48
N GLY M 162 6.07 28.75 -23.67
CA GLY M 162 4.75 28.26 -24.02
C GLY M 162 4.70 27.28 -25.16
N ALA M 163 5.83 26.69 -25.55
CA ALA M 163 5.85 25.74 -26.65
C ALA M 163 5.61 24.30 -26.20
N ILE M 164 5.42 24.06 -24.90
CA ILE M 164 5.28 22.71 -24.37
C ILE M 164 3.78 22.44 -24.20
N THR M 165 3.19 21.79 -25.20
CA THR M 165 1.79 21.43 -25.15
C THR M 165 1.57 20.29 -24.16
N GLU M 166 0.30 19.91 -23.98
CA GLU M 166 -0.02 18.76 -23.14
C GLU M 166 0.46 17.45 -23.75
N ARG M 167 0.87 17.45 -25.02
CA ARG M 167 1.39 16.27 -25.68
C ARG M 167 2.91 16.22 -25.65
N LEU M 168 3.54 17.13 -24.93
CA LEU M 168 4.99 17.14 -24.74
C LEU M 168 5.31 17.15 -23.25
N MET M 169 6.52 16.72 -22.92
CA MET M 169 7.02 16.76 -21.55
C MET M 169 8.47 17.22 -21.56
N CYS M 170 8.96 17.60 -20.40
CA CYS M 170 10.30 18.17 -20.27
C CYS M 170 11.09 17.44 -19.19
N ALA M 171 12.40 17.43 -19.38
CA ALA M 171 13.34 16.94 -18.39
C ALA M 171 14.43 17.98 -18.19
N GLU M 172 15.00 18.01 -16.98
CA GLU M 172 16.06 18.96 -16.68
C GLU M 172 17.23 18.78 -17.63
N SER M 173 18.01 19.85 -17.78
CA SER M 173 19.14 19.81 -18.72
C SER M 173 20.41 20.40 -18.14
N ASN M 174 20.52 20.52 -16.83
CA ASN M 174 21.70 21.13 -16.20
C ASN M 174 22.83 20.11 -16.20
N ARG M 175 23.72 20.22 -17.19
CA ARG M 175 24.88 19.35 -17.33
C ARG M 175 24.52 17.88 -17.51
N ARG M 176 23.24 17.57 -17.55
CA ARG M 176 22.73 16.23 -17.83
C ARG M 176 21.58 16.39 -18.82
N ASP M 177 21.75 15.86 -20.03
CA ASP M 177 20.78 16.16 -21.08
C ASP M 177 20.92 15.14 -22.21
N SER M 178 19.92 15.14 -23.08
CA SER M 178 20.00 14.49 -24.38
C SER M 178 20.30 15.53 -25.45
N CYS M 179 21.06 15.15 -26.45
CA CYS M 179 21.60 16.09 -27.42
C CYS M 179 21.18 15.71 -28.83
N LYS M 180 21.69 16.46 -29.81
CA LYS M 180 21.52 16.09 -31.21
C LYS M 180 22.05 14.69 -31.44
N GLY M 181 21.36 13.92 -32.27
CA GLY M 181 21.69 12.53 -32.47
C GLY M 181 21.06 11.59 -31.47
N ASP M 182 20.54 12.11 -30.37
CA ASP M 182 19.68 11.36 -29.47
C ASP M 182 18.21 11.47 -29.85
N SER M 183 17.90 12.25 -30.89
CA SER M 183 16.53 12.42 -31.33
C SER M 183 15.91 11.08 -31.73
N GLY M 184 14.61 10.95 -31.51
CA GLY M 184 13.92 9.71 -31.75
C GLY M 184 14.19 8.62 -30.74
N GLY M 185 15.07 8.87 -29.76
CA GLY M 185 15.39 7.89 -28.76
C GLY M 185 14.34 7.83 -27.67
N PRO M 186 14.51 6.87 -26.77
CA PRO M 186 13.49 6.60 -25.75
C PRO M 186 13.72 7.33 -24.44
N LEU M 187 12.65 7.87 -23.89
CA LEU M 187 12.61 8.36 -22.51
C LEU M 187 11.79 7.35 -21.72
N VAL M 188 12.48 6.58 -20.87
CA VAL M 188 11.87 5.45 -20.17
C VAL M 188 11.74 5.82 -18.70
N CYS M 189 10.52 5.72 -18.18
CA CYS M 189 10.23 5.99 -16.78
C CYS M 189 9.51 4.79 -16.20
N GLY M 190 10.09 4.17 -15.17
CA GLY M 190 9.50 2.97 -14.61
C GLY M 190 9.44 1.82 -15.60
N GLY M 191 10.47 1.66 -16.42
CA GLY M 191 10.53 0.56 -17.36
C GLY M 191 9.50 0.61 -18.47
N VAL M 192 8.86 1.76 -18.68
CA VAL M 192 7.85 1.94 -19.72
C VAL M 192 8.24 3.14 -20.56
N LEU M 193 8.15 2.99 -21.88
CA LEU M 193 8.44 4.09 -22.80
C LEU M 193 7.40 5.19 -22.61
N GLU M 194 7.86 6.34 -22.12
CA GLU M 194 6.97 7.48 -21.91
C GLU M 194 7.13 8.57 -22.95
N GLY M 195 8.37 8.86 -23.36
CA GLY M 195 8.62 9.97 -24.27
C GLY M 195 9.60 9.59 -25.35
N VAL M 196 9.48 10.25 -26.50
CA VAL M 196 10.40 10.13 -27.61
C VAL M 196 11.16 11.43 -27.73
N VAL M 197 12.50 11.35 -27.63
CA VAL M 197 13.33 12.55 -27.73
C VAL M 197 13.08 13.23 -29.07
N THR M 198 12.92 14.55 -29.04
CA THR M 198 12.82 15.34 -30.26
C THR M 198 14.09 16.15 -30.47
N SER M 199 14.35 17.16 -29.65
CA SER M 199 15.57 18.00 -29.74
C SER M 199 15.67 18.53 -31.18
N GLY M 200 16.78 18.32 -31.88
CA GLY M 200 16.86 18.69 -33.28
C GLY M 200 17.47 20.05 -33.53
N SER M 201 16.88 21.09 -32.94
CA SER M 201 17.35 22.46 -33.11
C SER M 201 17.86 23.07 -31.81
N ARG M 202 17.95 22.29 -30.74
CA ARG M 202 18.25 22.81 -29.42
C ARG M 202 19.67 22.42 -29.02
N VAL M 203 20.41 23.38 -28.46
CA VAL M 203 21.71 23.09 -27.88
C VAL M 203 21.50 22.51 -26.49
N CYS M 204 22.24 21.46 -26.16
CA CYS M 204 22.04 20.74 -24.93
C CYS M 204 23.01 21.19 -23.85
N GLY M 205 22.67 20.89 -22.60
CA GLY M 205 23.50 21.23 -21.45
C GLY M 205 23.13 22.53 -20.77
N ASN M 206 22.34 23.38 -21.40
CA ASN M 206 21.95 24.66 -20.83
C ASN M 206 20.73 24.45 -19.92
N ARG M 207 20.89 24.75 -18.63
CA ARG M 207 19.83 24.50 -17.66
C ARG M 207 18.56 25.27 -17.99
N LYS M 208 18.67 26.36 -18.73
CA LYS M 208 17.52 27.20 -19.03
C LYS M 208 16.75 26.76 -20.27
N LYS M 209 17.29 25.79 -21.03
CA LYS M 209 16.62 25.22 -22.20
C LYS M 209 16.48 23.72 -21.97
N PRO M 210 15.43 23.27 -21.29
CA PRO M 210 15.31 21.86 -20.95
C PRO M 210 15.09 21.01 -22.19
N GLY M 211 15.23 19.69 -21.98
CA GLY M 211 14.96 18.75 -23.05
C GLY M 211 13.48 18.54 -23.27
N ILE M 212 13.11 18.34 -24.53
CA ILE M 212 11.72 18.15 -24.92
C ILE M 212 11.53 16.73 -25.39
N TYR M 213 10.41 16.12 -25.01
CA TYR M 213 10.12 14.72 -25.31
C TYR M 213 8.65 14.58 -25.64
N THR M 214 8.36 13.94 -26.76
CA THR M 214 6.98 13.73 -27.19
C THR M 214 6.35 12.60 -26.38
N ARG M 215 5.19 12.88 -25.79
CA ARG M 215 4.51 11.90 -24.95
C ARG M 215 3.77 10.91 -25.86
N VAL M 216 4.23 9.66 -25.88
CA VAL M 216 3.66 8.66 -26.78
C VAL M 216 2.19 8.39 -26.46
N ALA M 217 1.81 8.46 -25.18
CA ALA M 217 0.43 8.21 -24.82
C ALA M 217 -0.52 9.19 -25.49
N SER M 218 -0.06 10.43 -25.73
CA SER M 218 -0.86 11.40 -26.46
C SER M 218 -1.15 10.95 -27.89
N TYR M 219 -0.44 9.95 -28.40
CA TYR M 219 -0.58 9.53 -29.80
C TYR M 219 -0.90 8.04 -29.90
N ALA M 220 -1.48 7.45 -28.85
CA ALA M 220 -1.71 6.01 -28.83
C ALA M 220 -2.62 5.56 -29.97
N ALA M 221 -3.63 6.38 -30.30
CA ALA M 221 -4.56 6.00 -31.36
C ALA M 221 -3.84 5.92 -32.71
N TRP M 222 -3.04 6.94 -33.04
CA TRP M 222 -2.32 6.93 -34.31
C TRP M 222 -1.32 5.79 -34.37
N ILE M 223 -0.55 5.59 -33.30
CA ILE M 223 0.41 4.49 -33.25
C ILE M 223 -0.29 3.16 -33.47
N ASP M 224 -1.44 2.96 -32.83
CA ASP M 224 -2.18 1.72 -32.99
C ASP M 224 -2.74 1.58 -34.40
N SER M 225 -3.02 2.70 -35.07
CA SER M 225 -3.55 2.62 -36.43
C SER M 225 -2.48 2.17 -37.42
N VAL M 226 -1.21 2.41 -37.11
CA VAL M 226 -0.11 2.10 -38.02
C VAL M 226 0.51 0.74 -37.72
N LEU M 227 0.71 0.43 -36.43
CA LEU M 227 1.38 -0.80 -36.05
C LEU M 227 0.61 -2.02 -36.54
N ALA M 228 1.34 -2.98 -37.07
CA ALA M 228 0.77 -4.22 -37.56
C ALA M 228 1.77 -5.36 -37.39
N ASP N 1 19.87 43.31 -7.51
CA ASP N 1 18.85 43.94 -8.35
C ASP N 1 19.45 44.48 -9.64
N ILE N 2 18.85 44.09 -10.76
CA ILE N 2 19.29 44.56 -12.08
C ILE N 2 18.47 45.79 -12.45
N GLN N 3 19.15 46.90 -12.72
CA GLN N 3 18.50 48.15 -13.07
C GLN N 3 18.34 48.24 -14.58
N MET N 4 17.13 48.58 -15.02
CA MET N 4 16.85 48.83 -16.44
C MET N 4 16.64 50.33 -16.61
N THR N 5 17.60 51.00 -17.22
CA THR N 5 17.56 52.44 -17.45
C THR N 5 17.14 52.69 -18.90
N GLN N 6 15.93 53.17 -19.09
CA GLN N 6 15.32 53.36 -20.41
C GLN N 6 15.44 54.82 -20.83
N SER N 7 15.92 55.04 -22.06
CA SER N 7 16.17 56.39 -22.57
C SER N 7 15.66 56.49 -24.00
N PRO N 8 15.10 57.63 -24.40
CA PRO N 8 14.90 58.81 -23.54
C PRO N 8 13.60 58.74 -22.76
N SER N 9 13.38 59.72 -21.88
CA SER N 9 12.15 59.76 -21.10
C SER N 9 10.95 60.02 -22.00
N SER N 10 11.05 61.02 -22.87
CA SER N 10 10.04 61.31 -23.88
C SER N 10 10.73 61.49 -25.22
N LEU N 11 9.93 61.55 -26.27
CA LEU N 11 10.45 61.59 -27.62
C LEU N 11 9.34 62.05 -28.56
N SER N 12 9.62 63.10 -29.33
CA SER N 12 8.67 63.63 -30.30
C SER N 12 9.14 63.30 -31.71
N ALA N 13 8.19 62.93 -32.57
CA ALA N 13 8.51 62.56 -33.94
C ALA N 13 7.24 62.64 -34.78
N SER N 14 7.43 62.69 -36.09
CA SER N 14 6.33 62.76 -37.04
C SER N 14 5.98 61.36 -37.56
N VAL N 15 4.78 61.25 -38.12
CA VAL N 15 4.38 59.99 -38.74
C VAL N 15 5.33 59.65 -39.86
N GLY N 16 5.71 58.37 -39.94
CA GLY N 16 6.63 57.90 -40.96
C GLY N 16 8.09 58.00 -40.58
N ASP N 17 8.40 58.51 -39.39
CA ASP N 17 9.79 58.62 -38.94
C ASP N 17 10.28 57.28 -38.38
N ARG N 18 11.58 57.06 -38.51
CA ARG N 18 12.24 55.97 -37.83
C ARG N 18 12.65 56.42 -36.43
N VAL N 19 12.25 55.66 -35.43
CA VAL N 19 12.40 56.05 -34.03
C VAL N 19 13.08 54.93 -33.25
N THR N 20 13.96 55.32 -32.33
CA THR N 20 14.77 54.39 -31.57
C THR N 20 14.56 54.61 -30.08
N ILE N 21 14.28 53.54 -29.36
CA ILE N 21 14.13 53.57 -27.91
C ILE N 21 15.17 52.62 -27.30
N THR N 22 15.85 53.08 -26.26
CA THR N 22 17.03 52.41 -25.72
C THR N 22 16.78 51.97 -24.28
N CYS N 23 17.34 50.82 -23.93
CA CYS N 23 17.21 50.27 -22.58
C CYS N 23 18.53 49.63 -22.20
N LYS N 24 19.18 50.14 -21.15
CA LYS N 24 20.47 49.65 -20.69
C LYS N 24 20.34 48.97 -19.35
N ALA N 25 20.72 47.70 -19.28
CA ALA N 25 20.71 46.94 -18.04
C ALA N 25 22.02 47.16 -17.27
N SER N 26 21.91 47.14 -15.94
CA SER N 26 23.08 47.35 -15.08
C SER N 26 24.04 46.18 -15.10
N GLN N 27 23.65 45.04 -15.66
CA GLN N 27 24.55 43.92 -15.90
C GLN N 27 23.95 43.07 -17.00
N ASN N 28 24.69 42.03 -17.41
CA ASN N 28 24.25 41.18 -18.49
C ASN N 28 22.91 40.52 -18.16
N VAL N 29 22.04 40.45 -19.16
CA VAL N 29 20.76 39.76 -19.02
C VAL N 29 20.55 38.90 -20.25
N ASP N 30 21.64 38.61 -20.97
CA ASP N 30 21.61 37.82 -22.19
C ASP N 30 20.63 38.42 -23.18
N THR N 31 19.56 37.69 -23.52
CA THR N 31 18.52 38.23 -24.40
C THR N 31 17.15 38.12 -23.74
N ASP N 32 17.11 38.11 -22.40
CA ASP N 32 15.87 37.97 -21.66
C ASP N 32 15.27 39.35 -21.40
N VAL N 33 14.89 40.01 -22.50
CA VAL N 33 14.32 41.35 -22.46
C VAL N 33 13.01 41.36 -23.23
N ALA N 34 12.01 42.06 -22.69
CA ALA N 34 10.70 42.17 -23.31
C ALA N 34 10.33 43.64 -23.46
N TRP N 35 9.51 43.93 -24.48
CA TRP N 35 9.07 45.28 -24.79
C TRP N 35 7.55 45.34 -24.77
N PHE N 36 7.01 46.34 -24.07
CA PHE N 36 5.58 46.51 -23.94
C PHE N 36 5.14 47.88 -24.45
N GLN N 37 3.93 47.93 -25.00
CA GLN N 37 3.28 49.18 -25.41
C GLN N 37 2.05 49.40 -24.55
N GLN N 38 1.89 50.64 -24.08
CA GLN N 38 0.73 50.99 -23.28
C GLN N 38 0.17 52.33 -23.75
N LYS N 39 -1.14 52.37 -23.92
CA LYS N 39 -1.89 53.57 -24.22
C LYS N 39 -2.71 53.99 -23.00
N PRO N 40 -3.03 55.28 -22.86
CA PRO N 40 -3.66 55.75 -21.61
C PRO N 40 -4.99 55.06 -21.35
N GLY N 41 -5.15 54.57 -20.12
CA GLY N 41 -6.37 53.91 -19.71
C GLY N 41 -6.50 52.46 -20.11
N LYS N 42 -5.47 51.87 -20.72
CA LYS N 42 -5.53 50.49 -21.18
C LYS N 42 -4.40 49.69 -20.57
N ALA N 43 -4.54 48.37 -20.61
CA ALA N 43 -3.53 47.49 -20.04
C ALA N 43 -2.32 47.42 -20.98
N PRO N 44 -1.14 47.18 -20.42
CA PRO N 44 0.05 47.00 -21.26
C PRO N 44 -0.14 45.87 -22.26
N LYS N 45 0.52 46.01 -23.41
CA LYS N 45 0.40 45.06 -24.51
C LYS N 45 1.79 44.53 -24.84
N GLY N 46 1.90 43.22 -24.98
CA GLY N 46 3.18 42.63 -25.33
C GLY N 46 3.53 42.89 -26.78
N LEU N 47 4.77 43.33 -27.01
CA LEU N 47 5.28 43.56 -28.36
C LEU N 47 6.38 42.58 -28.71
N ILE N 48 7.44 42.52 -27.91
CA ILE N 48 8.62 41.71 -28.20
C ILE N 48 9.05 41.00 -26.93
N ARG N 49 9.48 39.75 -27.08
CA ARG N 49 10.13 38.98 -26.04
C ARG N 49 11.43 38.43 -26.60
N SER N 50 12.26 37.88 -25.72
CA SER N 50 13.55 37.32 -26.11
C SER N 50 14.35 38.32 -26.94
N ALA N 51 14.30 39.59 -26.51
CA ALA N 51 15.00 40.71 -27.13
C ALA N 51 14.47 41.05 -28.52
N SER N 52 14.20 40.04 -29.36
CA SER N 52 13.90 40.28 -30.76
C SER N 52 12.66 39.57 -31.31
N SER N 53 12.04 38.65 -30.58
CA SER N 53 10.93 37.89 -31.13
C SER N 53 9.64 38.68 -30.99
N ARG N 54 8.99 38.98 -32.12
CA ARG N 54 7.70 39.66 -32.10
C ARG N 54 6.59 38.69 -31.72
N TYR N 55 5.60 39.20 -30.99
CA TYR N 55 4.40 38.43 -30.74
C TYR N 55 3.52 38.43 -31.99
N SER N 56 2.51 37.56 -31.98
CA SER N 56 1.58 37.51 -33.09
C SER N 56 0.75 38.79 -33.14
N GLY N 57 0.52 39.29 -34.35
CA GLY N 57 -0.24 40.51 -34.54
C GLY N 57 0.55 41.79 -34.42
N VAL N 58 1.80 41.73 -33.97
CA VAL N 58 2.63 42.93 -33.88
C VAL N 58 3.20 43.24 -35.25
N PRO N 59 2.94 44.42 -35.81
CA PRO N 59 3.39 44.73 -37.16
C PRO N 59 4.91 44.63 -37.29
N SER N 60 5.36 44.42 -38.52
CA SER N 60 6.77 44.18 -38.77
C SER N 60 7.64 45.40 -38.51
N ARG N 61 7.06 46.60 -38.48
CA ARG N 61 7.85 47.81 -38.25
C ARG N 61 8.45 47.85 -36.85
N PHE N 62 7.90 47.10 -35.91
CA PHE N 62 8.54 46.96 -34.60
C PHE N 62 9.61 45.89 -34.66
N SER N 63 10.77 46.18 -34.05
CA SER N 63 11.87 45.23 -34.06
C SER N 63 12.76 45.50 -32.87
N GLY N 64 13.27 44.43 -32.27
CA GLY N 64 14.11 44.51 -31.08
C GLY N 64 15.50 43.99 -31.37
N SER N 65 16.49 44.64 -30.77
CA SER N 65 17.88 44.26 -30.95
C SER N 65 18.58 44.28 -29.60
N GLY N 66 19.75 43.65 -29.55
CA GLY N 66 20.57 43.71 -28.36
C GLY N 66 20.77 42.38 -27.67
N SER N 67 21.95 42.20 -27.08
CA SER N 67 22.25 41.00 -26.30
C SER N 67 23.32 41.38 -25.28
N GLY N 68 23.02 41.18 -24.01
CA GLY N 68 23.96 41.56 -22.97
C GLY N 68 23.42 42.67 -22.08
N THR N 69 23.84 43.90 -22.33
CA THR N 69 23.46 45.03 -21.50
C THR N 69 22.61 46.08 -22.22
N ASP N 70 22.76 46.22 -23.53
CA ASP N 70 22.16 47.32 -24.27
C ASP N 70 21.17 46.79 -25.29
N PHE N 71 19.91 47.22 -25.19
CA PHE N 71 18.82 46.73 -26.03
C PHE N 71 18.08 47.90 -26.66
N THR N 72 17.52 47.66 -27.84
CA THR N 72 16.96 48.73 -28.66
C THR N 72 15.66 48.28 -29.29
N LEU N 73 14.59 49.03 -29.04
CA LEU N 73 13.33 48.88 -29.76
C LEU N 73 13.29 49.90 -30.89
N THR N 74 13.02 49.44 -32.10
CA THR N 74 13.02 50.28 -33.29
C THR N 74 11.65 50.24 -33.95
N ILE N 75 11.14 51.40 -34.32
CA ILE N 75 9.93 51.52 -35.14
C ILE N 75 10.35 52.17 -36.45
N SER N 76 10.33 51.38 -37.54
CA SER N 76 10.88 51.86 -38.80
C SER N 76 10.05 53.01 -39.36
N SER N 77 8.75 52.82 -39.51
CA SER N 77 7.84 53.83 -40.07
C SER N 77 6.75 54.10 -39.03
N LEU N 78 6.93 55.18 -38.27
CA LEU N 78 6.02 55.48 -37.17
C LEU N 78 4.61 55.76 -37.70
N GLN N 79 3.62 55.07 -37.13
CA GLN N 79 2.23 55.16 -37.54
C GLN N 79 1.40 55.90 -36.49
N PRO N 80 0.20 56.38 -36.86
CA PRO N 80 -0.62 57.09 -35.87
C PRO N 80 -0.90 56.30 -34.60
N GLU N 81 -1.30 55.03 -34.73
CA GLU N 81 -1.60 54.25 -33.55
C GLU N 81 -0.36 53.80 -32.78
N ASP N 82 0.83 54.22 -33.22
CA ASP N 82 2.08 53.87 -32.54
C ASP N 82 2.48 54.88 -31.47
N PHE N 83 1.79 56.01 -31.37
CA PHE N 83 2.14 57.02 -30.39
C PHE N 83 1.56 56.60 -29.04
N ALA N 84 2.46 56.23 -28.12
CA ALA N 84 2.07 55.71 -26.82
C ALA N 84 3.28 55.69 -25.91
N THR N 85 3.19 54.94 -24.81
CA THR N 85 4.29 54.78 -23.88
C THR N 85 4.80 53.35 -23.96
N TYR N 86 6.14 53.20 -23.98
CA TYR N 86 6.77 51.91 -24.16
C TYR N 86 7.67 51.59 -22.96
N TYR N 87 7.68 50.32 -22.56
CA TYR N 87 8.46 49.87 -21.43
C TYR N 87 9.32 48.68 -21.85
N CYS N 88 10.55 48.64 -21.37
CA CYS N 88 11.38 47.44 -21.45
C CYS N 88 11.32 46.71 -20.11
N GLN N 89 11.37 45.39 -20.19
CA GLN N 89 11.37 44.55 -19.00
C GLN N 89 12.52 43.56 -19.08
N GLN N 90 13.16 43.33 -17.94
CA GLN N 90 14.20 42.31 -17.80
C GLN N 90 13.61 41.15 -17.02
N TYR N 91 13.67 39.95 -17.59
CA TYR N 91 13.19 38.75 -16.91
C TYR N 91 14.30 37.72 -16.79
N ASN N 92 15.55 38.18 -16.78
CA ASN N 92 16.69 37.27 -16.70
C ASN N 92 17.00 36.87 -15.27
N ASN N 93 16.63 37.69 -14.29
CA ASN N 93 17.05 37.49 -12.90
C ASN N 93 16.03 38.13 -11.98
N TYR N 94 15.81 37.50 -10.82
CA TYR N 94 14.85 38.03 -9.87
C TYR N 94 15.47 39.13 -9.02
N PRO N 95 14.73 40.22 -8.74
CA PRO N 95 13.37 40.39 -9.22
C PRO N 95 13.31 40.94 -10.64
N LEU N 96 12.21 40.67 -11.34
CA LEU N 96 12.00 41.25 -12.65
C LEU N 96 11.84 42.76 -12.52
N THR N 97 12.44 43.50 -13.45
CA THR N 97 12.47 44.95 -13.38
C THR N 97 12.06 45.55 -14.71
N PHE N 98 11.38 46.69 -14.63
CA PHE N 98 10.96 47.43 -15.80
C PHE N 98 11.81 48.69 -15.95
N GLY N 99 11.81 49.23 -17.17
CA GLY N 99 12.29 50.57 -17.38
C GLY N 99 11.29 51.59 -16.90
N GLN N 100 11.77 52.82 -16.68
CA GLN N 100 10.87 53.87 -16.21
C GLN N 100 9.89 54.32 -17.28
N GLY N 101 10.19 54.08 -18.55
CA GLY N 101 9.24 54.36 -19.61
C GLY N 101 9.74 55.36 -20.65
N THR N 102 9.09 55.35 -21.81
CA THR N 102 9.37 56.30 -22.88
C THR N 102 8.06 56.67 -23.55
N LYS N 103 7.73 57.96 -23.57
CA LYS N 103 6.49 58.44 -24.16
C LYS N 103 6.78 59.01 -25.54
N VAL N 104 6.09 58.49 -26.54
CA VAL N 104 6.26 58.91 -27.93
C VAL N 104 5.10 59.80 -28.31
N GLU N 105 5.40 61.05 -28.67
CA GLU N 105 4.39 62.03 -29.01
C GLU N 105 4.64 62.59 -30.41
N ILE N 106 3.61 63.20 -30.97
CA ILE N 106 3.63 63.68 -32.34
C ILE N 106 4.24 65.08 -32.38
N LYS N 107 5.19 65.28 -33.29
CA LYS N 107 5.75 66.61 -33.48
C LYS N 107 4.76 67.48 -34.24
N ARG N 108 4.86 68.79 -34.04
CA ARG N 108 3.84 69.71 -34.54
C ARG N 108 4.44 71.11 -34.62
N THR N 109 3.78 71.96 -35.39
CA THR N 109 4.15 73.36 -35.44
C THR N 109 3.76 74.06 -34.14
N VAL N 110 4.57 75.04 -33.74
CA VAL N 110 4.35 75.72 -32.47
C VAL N 110 3.03 76.47 -32.51
N ALA N 111 2.25 76.36 -31.43
CA ALA N 111 0.94 76.99 -31.33
C ALA N 111 0.82 77.67 -29.98
N ALA N 112 0.39 78.93 -29.99
CA ALA N 112 0.20 79.67 -28.76
C ALA N 112 -1.13 79.29 -28.11
N PRO N 113 -1.20 79.32 -26.78
CA PRO N 113 -2.44 78.93 -26.09
C PRO N 113 -3.44 80.07 -26.00
N SER N 114 -4.72 79.69 -26.05
CA SER N 114 -5.82 80.63 -25.84
C SER N 114 -6.09 80.71 -24.34
N VAL N 115 -5.67 81.80 -23.72
CA VAL N 115 -5.71 81.94 -22.26
C VAL N 115 -7.09 82.43 -21.83
N PHE N 116 -7.63 81.80 -20.80
CA PHE N 116 -8.90 82.19 -20.19
C PHE N 116 -8.72 82.20 -18.68
N ILE N 117 -9.67 82.84 -18.00
CA ILE N 117 -9.64 82.95 -16.53
C ILE N 117 -11.07 83.00 -16.03
N PHE N 118 -11.32 82.31 -14.91
CA PHE N 118 -12.67 82.14 -14.38
C PHE N 118 -12.69 82.50 -12.90
N PRO N 119 -13.50 83.47 -12.48
CA PRO N 119 -13.65 83.75 -11.05
C PRO N 119 -14.46 82.66 -10.38
N PRO N 120 -14.32 82.50 -9.05
CA PRO N 120 -15.11 81.46 -8.36
C PRO N 120 -16.58 81.83 -8.31
N SER N 121 -17.43 80.83 -8.59
CA SER N 121 -18.87 81.05 -8.60
C SER N 121 -19.37 81.37 -7.20
N ASP N 122 -20.50 82.10 -7.15
CA ASP N 122 -21.08 82.43 -5.85
C ASP N 122 -21.58 81.19 -5.12
N GLU N 123 -22.00 80.17 -5.86
CA GLU N 123 -22.47 78.93 -5.24
C GLU N 123 -21.35 78.23 -4.48
N GLN N 124 -20.11 78.36 -4.95
CA GLN N 124 -18.97 77.79 -4.23
C GLN N 124 -18.59 78.64 -3.03
N LEU N 125 -18.70 79.96 -3.15
CA LEU N 125 -18.34 80.87 -2.06
C LEU N 125 -19.26 80.74 -0.85
N LYS N 126 -20.39 80.07 -0.97
CA LYS N 126 -21.23 79.84 0.19
C LYS N 126 -20.57 78.91 1.21
N SER N 127 -19.57 78.14 0.79
CA SER N 127 -18.73 77.37 1.69
C SER N 127 -17.46 78.17 1.96
N GLY N 128 -16.50 77.57 2.65
CA GLY N 128 -15.33 78.33 3.06
C GLY N 128 -14.17 78.37 2.10
N THR N 129 -14.34 77.89 0.87
CA THR N 129 -13.25 77.80 -0.09
C THR N 129 -13.63 78.45 -1.40
N ALA N 130 -12.63 79.00 -2.09
CA ALA N 130 -12.81 79.62 -3.39
C ALA N 130 -11.68 79.18 -4.31
N SER N 131 -12.03 78.85 -5.56
CA SER N 131 -11.08 78.34 -6.53
C SER N 131 -11.12 79.19 -7.79
N VAL N 132 -9.94 79.62 -8.25
CA VAL N 132 -9.80 80.45 -9.44
C VAL N 132 -9.08 79.62 -10.51
N VAL N 133 -9.68 79.53 -11.69
CA VAL N 133 -9.19 78.67 -12.76
C VAL N 133 -8.59 79.53 -13.87
N CYS N 134 -7.43 79.11 -14.37
CA CYS N 134 -6.76 79.76 -15.48
C CYS N 134 -6.49 78.71 -16.55
N LEU N 135 -7.19 78.81 -17.69
CA LEU N 135 -7.19 77.78 -18.71
C LEU N 135 -6.26 78.17 -19.86
N LEU N 136 -5.44 77.22 -20.31
CA LEU N 136 -4.61 77.34 -21.50
C LEU N 136 -5.11 76.31 -22.50
N ASN N 137 -5.66 76.77 -23.62
CA ASN N 137 -6.35 75.89 -24.55
C ASN N 137 -5.56 75.75 -25.85
N ASN N 138 -5.32 74.49 -26.24
CA ASN N 138 -4.74 74.13 -27.53
C ASN N 138 -3.41 74.82 -27.79
N PHE N 139 -2.31 74.21 -27.36
CA PHE N 139 -0.98 74.78 -27.57
C PHE N 139 0.02 73.65 -27.77
N TYR N 140 1.24 74.04 -28.15
CA TYR N 140 2.33 73.11 -28.38
C TYR N 140 3.62 73.91 -28.42
N PRO N 141 4.70 73.43 -27.79
CA PRO N 141 4.78 72.19 -27.00
C PRO N 141 4.15 72.29 -25.61
N ARG N 142 4.34 71.26 -24.80
CA ARG N 142 3.71 71.23 -23.48
C ARG N 142 4.37 72.20 -22.51
N GLU N 143 5.67 72.47 -22.69
CA GLU N 143 6.41 73.30 -21.76
C GLU N 143 5.80 74.70 -21.64
N ALA N 144 4.99 74.89 -20.60
CA ALA N 144 4.34 76.16 -20.32
C ALA N 144 4.57 76.55 -18.87
N LYS N 145 4.45 77.84 -18.59
CA LYS N 145 4.67 78.39 -17.25
C LYS N 145 3.49 79.28 -16.88
N VAL N 146 2.87 78.99 -15.75
CA VAL N 146 1.70 79.72 -15.27
C VAL N 146 2.00 80.24 -13.87
N GLN N 147 1.99 81.57 -13.72
CA GLN N 147 2.20 82.22 -12.43
C GLN N 147 0.95 83.01 -12.05
N TRP N 148 0.57 82.93 -10.79
CA TRP N 148 -0.57 83.67 -10.26
C TRP N 148 -0.10 84.94 -9.57
N LYS N 149 -0.85 86.03 -9.76
CA LYS N 149 -0.54 87.32 -9.16
C LYS N 149 -1.82 87.87 -8.55
N VAL N 150 -1.85 87.98 -7.22
CA VAL N 150 -2.98 88.54 -6.48
C VAL N 150 -2.57 89.94 -6.03
N ASP N 151 -3.18 90.96 -6.64
CA ASP N 151 -2.77 92.35 -6.41
C ASP N 151 -1.29 92.53 -6.68
N ASN N 152 -0.85 91.98 -7.81
CA ASN N 152 0.55 92.02 -8.24
C ASN N 152 1.49 91.40 -7.22
N ALA N 153 1.01 90.40 -6.48
CA ALA N 153 1.82 89.65 -5.52
C ALA N 153 1.95 88.22 -6.02
N LEU N 154 3.19 87.76 -6.19
CA LEU N 154 3.45 86.44 -6.74
C LEU N 154 3.07 85.36 -5.73
N GLN N 155 2.18 84.47 -6.11
CA GLN N 155 1.76 83.37 -5.26
C GLN N 155 2.65 82.15 -5.48
N SER N 156 2.58 81.22 -4.52
CA SER N 156 3.35 79.98 -4.61
C SER N 156 2.82 79.00 -3.57
N GLY N 157 2.85 77.72 -3.93
CA GLY N 157 2.47 76.66 -3.02
C GLY N 157 0.98 76.50 -2.78
N ASN N 158 0.14 77.18 -3.56
CA ASN N 158 -1.30 77.11 -3.37
C ASN N 158 -2.05 76.89 -4.68
N SER N 159 -1.37 76.45 -5.73
CA SER N 159 -2.00 76.21 -7.02
C SER N 159 -1.49 74.90 -7.61
N GLN N 160 -2.39 74.16 -8.25
CA GLN N 160 -2.07 72.92 -8.92
C GLN N 160 -2.59 72.97 -10.35
N GLU N 161 -1.81 72.43 -11.29
CA GLU N 161 -2.22 72.39 -12.68
C GLU N 161 -2.39 70.95 -13.14
N SER N 162 -3.10 70.81 -14.27
CA SER N 162 -3.43 69.51 -14.84
C SER N 162 -3.41 69.64 -16.35
N VAL N 163 -2.73 68.71 -17.02
CA VAL N 163 -2.55 68.74 -18.47
C VAL N 163 -3.26 67.55 -19.08
N THR N 164 -3.91 67.79 -20.23
CA THR N 164 -4.56 66.72 -20.98
C THR N 164 -3.57 66.03 -21.90
N GLU N 165 -3.95 64.83 -22.34
CA GLU N 165 -3.15 64.13 -23.32
C GLU N 165 -3.19 64.87 -24.66
N GLN N 166 -2.22 64.57 -25.51
CA GLN N 166 -2.17 65.17 -26.83
C GLN N 166 -3.44 64.82 -27.61
N ASP N 167 -4.09 65.84 -28.15
CA ASP N 167 -5.36 65.64 -28.82
C ASP N 167 -5.18 64.82 -30.08
N SER N 168 -6.14 63.93 -30.34
CA SER N 168 -6.02 63.01 -31.48
C SER N 168 -6.27 63.70 -32.82
N LYS N 169 -6.73 64.95 -32.83
CA LYS N 169 -7.06 65.64 -34.07
C LYS N 169 -6.06 66.72 -34.44
N ASP N 170 -5.78 67.66 -33.53
CA ASP N 170 -4.85 68.75 -33.80
C ASP N 170 -3.55 68.64 -33.02
N SER N 171 -3.38 67.59 -32.21
CA SER N 171 -2.12 67.29 -31.55
C SER N 171 -1.64 68.43 -30.65
N THR N 172 -2.56 68.97 -29.86
CA THR N 172 -2.28 70.07 -28.96
C THR N 172 -2.65 69.71 -27.53
N TYR N 173 -2.04 70.40 -26.58
CA TYR N 173 -2.27 70.18 -25.16
C TYR N 173 -3.20 71.25 -24.60
N SER N 174 -3.71 70.99 -23.41
CA SER N 174 -4.55 71.93 -22.68
C SER N 174 -4.24 71.81 -21.20
N LEU N 175 -3.96 72.95 -20.56
CA LEU N 175 -3.55 73.00 -19.16
C LEU N 175 -4.52 73.84 -18.37
N SER N 176 -4.84 73.40 -17.15
CA SER N 176 -5.74 74.11 -16.26
C SER N 176 -5.08 74.27 -14.90
N SER N 177 -4.62 75.49 -14.60
CA SER N 177 -4.07 75.81 -13.28
C SER N 177 -5.19 76.35 -12.40
N THR N 178 -5.28 75.84 -11.18
CA THR N 178 -6.35 76.19 -10.26
C THR N 178 -5.75 76.75 -8.97
N LEU N 179 -6.06 78.01 -8.68
CA LEU N 179 -5.63 78.66 -7.45
C LEU N 179 -6.70 78.47 -6.39
N THR N 180 -6.31 77.91 -5.24
CA THR N 180 -7.24 77.61 -4.16
C THR N 180 -6.92 78.51 -2.96
N LEU N 181 -7.94 79.25 -2.50
CA LEU N 181 -7.80 80.13 -1.35
C LEU N 181 -9.06 80.05 -0.51
N SER N 182 -8.93 80.44 0.76
CA SER N 182 -10.08 80.49 1.65
C SER N 182 -10.97 81.68 1.29
N LYS N 183 -12.23 81.62 1.74
CA LYS N 183 -13.17 82.70 1.46
C LYS N 183 -12.71 84.01 2.07
N ALA N 184 -12.03 83.96 3.21
CA ALA N 184 -11.57 85.19 3.86
C ALA N 184 -10.37 85.79 3.12
N ASP N 185 -9.41 84.96 2.73
CA ASP N 185 -8.27 85.46 1.97
C ASP N 185 -8.70 85.99 0.60
N TYR N 186 -9.80 85.46 0.07
CA TYR N 186 -10.24 85.86 -1.28
C TYR N 186 -10.72 87.30 -1.30
N GLU N 187 -11.58 87.67 -0.35
CA GLU N 187 -12.18 88.99 -0.31
C GLU N 187 -11.29 90.04 0.33
N LYS N 188 -10.05 89.69 0.68
CA LYS N 188 -9.08 90.69 1.14
C LYS N 188 -8.40 91.42 -0.01
N HIS N 189 -8.56 90.95 -1.24
CA HIS N 189 -7.86 91.50 -2.39
C HIS N 189 -8.85 91.69 -3.55
N LYS N 190 -8.37 92.33 -4.60
CA LYS N 190 -9.24 92.76 -5.70
C LYS N 190 -8.80 92.24 -7.06
N VAL N 191 -7.51 92.27 -7.37
CA VAL N 191 -7.00 91.93 -8.69
C VAL N 191 -6.44 90.51 -8.65
N TYR N 192 -6.98 89.64 -9.50
CA TYR N 192 -6.50 88.26 -9.65
C TYR N 192 -6.09 88.06 -11.10
N ALA N 193 -4.84 87.67 -11.32
CA ALA N 193 -4.31 87.50 -12.66
C ALA N 193 -3.43 86.27 -12.72
N CYS N 194 -3.38 85.64 -13.90
CA CYS N 194 -2.43 84.58 -14.19
C CYS N 194 -1.61 84.97 -15.41
N GLU N 195 -0.29 84.94 -15.25
CA GLU N 195 0.64 85.29 -16.32
C GLU N 195 1.10 84.00 -17.00
N VAL N 196 0.90 83.93 -18.31
CA VAL N 196 1.20 82.73 -19.09
C VAL N 196 2.45 83.00 -19.93
N THR N 197 3.49 82.21 -19.70
CA THR N 197 4.71 82.25 -20.49
C THR N 197 4.79 81.00 -21.36
N HIS N 198 4.96 81.19 -22.66
CA HIS N 198 5.00 80.06 -23.58
C HIS N 198 5.90 80.40 -24.75
N GLN N 199 6.42 79.35 -25.39
CA GLN N 199 7.29 79.54 -26.56
C GLN N 199 6.55 80.17 -27.72
N GLY N 200 5.27 79.87 -27.89
CA GLY N 200 4.48 80.41 -28.98
C GLY N 200 3.98 81.83 -28.78
N LEU N 201 4.35 82.47 -27.68
CA LEU N 201 3.96 83.84 -27.39
C LEU N 201 5.19 84.73 -27.45
N SER N 202 5.05 85.88 -28.13
CA SER N 202 6.17 86.81 -28.24
C SER N 202 6.49 87.47 -26.90
N SER N 203 5.48 87.70 -26.07
CA SER N 203 5.66 88.28 -24.75
C SER N 203 4.59 87.70 -23.83
N PRO N 204 4.89 87.54 -22.54
CA PRO N 204 3.96 86.87 -21.62
C PRO N 204 2.58 87.52 -21.61
N VAL N 205 1.57 86.71 -21.91
CA VAL N 205 0.18 87.17 -21.97
C VAL N 205 -0.45 87.03 -20.59
N THR N 206 -1.15 88.07 -20.16
CA THR N 206 -1.81 88.10 -18.85
C THR N 206 -3.30 88.31 -19.03
N LYS N 207 -4.10 87.51 -18.31
CA LYS N 207 -5.54 87.65 -18.28
C LYS N 207 -5.97 87.80 -16.82
N SER N 208 -6.78 88.82 -16.54
CA SER N 208 -7.16 89.14 -15.17
C SER N 208 -8.64 89.49 -15.08
N PHE N 209 -9.11 89.62 -13.85
CA PHE N 209 -10.46 90.08 -13.56
C PHE N 209 -10.43 90.81 -12.22
N ASN N 210 -11.35 91.74 -12.05
CA ASN N 210 -11.53 92.44 -10.79
C ASN N 210 -12.68 91.81 -10.00
N ARG N 211 -12.45 91.63 -8.70
CA ARG N 211 -13.42 90.96 -7.85
C ARG N 211 -14.72 91.75 -7.76
N GLY N 212 -15.74 91.32 -8.51
CA GLY N 212 -17.03 92.00 -8.46
C GLY N 212 -17.65 92.22 -9.83
N GLU N 213 -16.82 92.60 -10.82
CA GLU N 213 -17.30 92.85 -12.17
C GLU N 213 -17.87 91.58 -12.80
N GLU O 1 -10.86 31.29 -27.42
CA GLU O 1 -10.28 32.60 -27.14
C GLU O 1 -9.81 32.71 -25.70
N VAL O 2 -8.52 32.98 -25.54
CA VAL O 2 -7.89 33.06 -24.23
C VAL O 2 -8.08 34.46 -23.67
N GLN O 3 -8.39 34.55 -22.37
CA GLN O 3 -8.54 35.84 -21.72
C GLN O 3 -8.36 35.66 -20.22
N LEU O 4 -7.93 36.74 -19.56
CA LEU O 4 -7.78 36.78 -18.11
C LEU O 4 -8.66 37.90 -17.57
N VAL O 5 -9.65 37.52 -16.76
CA VAL O 5 -10.59 38.48 -16.17
C VAL O 5 -10.25 38.65 -14.69
N GLN O 6 -10.16 39.90 -14.25
CA GLN O 6 -9.80 40.22 -12.88
C GLN O 6 -11.01 40.77 -12.12
N SER O 7 -10.91 40.75 -10.80
CA SER O 7 -11.99 41.25 -9.96
C SER O 7 -12.14 42.76 -10.12
N GLY O 8 -13.29 43.27 -9.67
CA GLY O 8 -13.60 44.67 -9.80
C GLY O 8 -12.71 45.55 -8.94
N ALA O 9 -12.92 46.86 -9.06
CA ALA O 9 -12.14 47.82 -8.31
C ALA O 9 -12.47 47.74 -6.82
N GLU O 10 -11.49 48.13 -6.00
CA GLU O 10 -11.60 48.02 -4.55
C GLU O 10 -11.11 49.31 -3.90
N VAL O 11 -11.78 49.70 -2.82
CA VAL O 11 -11.40 50.85 -2.01
C VAL O 11 -11.19 50.37 -0.58
N LYS O 12 -10.04 50.70 -0.01
CA LYS O 12 -9.65 50.17 1.29
C LYS O 12 -9.01 51.27 2.12
N LYS O 13 -9.12 51.13 3.49
CA LYS O 13 -8.62 52.00 4.54
C LYS O 13 -7.16 51.67 4.83
N PRO O 14 -6.36 52.68 5.19
CA PRO O 14 -4.92 52.46 5.37
C PRO O 14 -4.57 51.55 6.54
N GLY O 15 -4.84 50.26 6.40
CA GLY O 15 -4.51 49.30 7.43
C GLY O 15 -5.08 47.93 7.13
N ALA O 16 -6.11 47.88 6.30
CA ALA O 16 -6.80 46.63 5.99
C ALA O 16 -6.01 45.86 4.94
N SER O 17 -6.63 44.82 4.39
CA SER O 17 -6.02 43.99 3.36
C SER O 17 -6.97 43.86 2.18
N VAL O 18 -6.41 43.51 1.02
CA VAL O 18 -7.18 43.35 -0.21
C VAL O 18 -6.71 42.08 -0.91
N LYS O 19 -7.64 41.42 -1.60
CA LYS O 19 -7.36 40.18 -2.30
C LYS O 19 -8.00 40.24 -3.68
N VAL O 20 -7.16 40.27 -4.72
CA VAL O 20 -7.61 40.38 -6.11
C VAL O 20 -7.59 39.01 -6.75
N SER O 21 -8.56 38.74 -7.62
CA SER O 21 -8.65 37.47 -8.33
C SER O 21 -8.31 37.67 -9.81
N CYS O 22 -7.90 36.58 -10.45
CA CYS O 22 -7.49 36.59 -11.85
C CYS O 22 -7.86 35.24 -12.45
N LYS O 23 -9.04 35.18 -13.06
CA LYS O 23 -9.59 33.93 -13.58
C LYS O 23 -9.18 33.73 -15.03
N ALA O 24 -8.43 32.66 -15.29
CA ALA O 24 -7.96 32.34 -16.62
C ALA O 24 -8.93 31.39 -17.33
N SER O 25 -8.92 31.45 -18.66
CA SER O 25 -9.78 30.59 -19.46
C SER O 25 -9.27 30.58 -20.89
N GLY O 26 -9.37 29.42 -21.54
CA GLY O 26 -8.90 29.24 -22.89
C GLY O 26 -7.59 28.49 -23.02
N TYR O 27 -6.92 28.21 -21.91
CA TYR O 27 -5.67 27.47 -21.94
C TYR O 27 -5.54 26.67 -20.66
N THR O 28 -4.57 25.74 -20.64
CA THR O 28 -4.33 24.91 -19.46
C THR O 28 -3.67 25.76 -18.38
N PHE O 29 -4.46 26.09 -17.35
CA PHE O 29 -4.02 27.04 -16.33
C PHE O 29 -2.74 26.59 -15.63
N THR O 30 -2.57 25.28 -15.45
CA THR O 30 -1.45 24.77 -14.68
C THR O 30 -0.15 24.69 -15.48
N SER O 31 -0.15 25.09 -16.74
CA SER O 31 1.03 24.97 -17.60
C SER O 31 1.83 26.25 -17.72
N TYR O 32 1.45 27.31 -17.02
CA TYR O 32 2.12 28.60 -17.12
C TYR O 32 2.18 29.27 -15.76
N TYR O 33 3.32 29.90 -15.48
CA TYR O 33 3.41 30.79 -14.32
C TYR O 33 2.45 31.95 -14.47
N MET O 34 2.00 32.49 -13.35
CA MET O 34 1.23 33.72 -13.30
C MET O 34 2.02 34.75 -12.50
N TYR O 35 2.28 35.90 -13.10
CA TYR O 35 2.97 36.97 -12.39
C TYR O 35 2.10 38.22 -12.35
N TRP O 36 2.35 39.05 -11.34
CA TRP O 36 1.54 40.22 -11.06
C TRP O 36 2.37 41.49 -11.16
N VAL O 37 1.77 42.54 -11.69
CA VAL O 37 2.45 43.81 -11.93
C VAL O 37 1.56 44.93 -11.39
N ARG O 38 2.21 45.94 -10.80
CA ARG O 38 1.52 47.09 -10.21
C ARG O 38 1.95 48.36 -10.95
N GLN O 39 1.01 49.31 -11.08
CA GLN O 39 1.30 50.58 -11.75
C GLN O 39 0.58 51.70 -11.02
N ALA O 40 1.34 52.53 -10.30
CA ALA O 40 0.77 53.69 -9.63
C ALA O 40 0.26 54.70 -10.65
N PRO O 41 -0.70 55.53 -10.27
CA PRO O 41 -1.27 56.51 -11.23
C PRO O 41 -0.20 57.44 -11.77
N GLY O 42 -0.09 57.46 -13.10
CA GLY O 42 0.92 58.30 -13.75
C GLY O 42 2.34 57.87 -13.46
N GLN O 43 2.56 56.59 -13.17
CA GLN O 43 3.88 56.07 -12.83
C GLN O 43 4.17 54.87 -13.69
N GLY O 44 5.36 54.30 -13.50
CA GLY O 44 5.80 53.15 -14.28
C GLY O 44 5.22 51.85 -13.74
N LEU O 45 5.72 50.76 -14.30
CA LEU O 45 5.30 49.42 -13.91
C LEU O 45 6.23 48.87 -12.84
N GLU O 46 5.68 48.04 -11.97
CA GLU O 46 6.43 47.47 -10.85
C GLU O 46 6.08 45.99 -10.73
N TRP O 47 7.09 45.15 -10.67
CA TRP O 47 6.90 43.71 -10.58
C TRP O 47 6.71 43.30 -9.13
N ILE O 48 5.68 42.49 -8.88
CA ILE O 48 5.35 42.08 -7.52
C ILE O 48 5.88 40.67 -7.26
N GLY O 49 5.42 39.71 -8.06
CA GLY O 49 5.84 38.33 -7.87
C GLY O 49 5.16 37.41 -8.87
N GLU O 50 5.45 36.13 -8.72
CA GLU O 50 4.92 35.11 -9.62
C GLU O 50 4.65 33.84 -8.83
N ILE O 51 3.89 32.93 -9.43
CA ILE O 51 3.51 31.68 -8.78
C ILE O 51 3.45 30.57 -9.81
N ASN O 52 3.92 29.38 -9.41
CA ASN O 52 3.84 28.18 -10.22
C ASN O 52 2.59 27.41 -9.83
N PRO O 53 1.56 27.36 -10.67
CA PRO O 53 0.31 26.69 -10.26
C PRO O 53 0.45 25.20 -10.07
N THR O 54 1.52 24.58 -10.56
CA THR O 54 1.72 23.16 -10.36
C THR O 54 2.34 22.89 -8.99
N SER O 55 3.41 23.59 -8.65
CA SER O 55 4.14 23.37 -7.41
C SER O 55 3.78 24.35 -6.31
N GLY O 56 3.02 25.40 -6.62
CA GLY O 56 2.74 26.43 -5.65
C GLY O 56 3.93 27.30 -5.28
N GLY O 57 5.11 27.01 -5.82
CA GLY O 57 6.27 27.84 -5.53
C GLY O 57 6.08 29.27 -6.02
N THR O 58 6.70 30.20 -5.31
CA THR O 58 6.58 31.61 -5.62
C THR O 58 7.95 32.28 -5.60
N ASN O 59 8.04 33.40 -6.30
CA ASN O 59 9.17 34.31 -6.24
C ASN O 59 8.63 35.72 -6.14
N PHE O 60 9.20 36.52 -5.23
CA PHE O 60 8.66 37.83 -4.90
C PHE O 60 9.71 38.92 -5.07
N ASN O 61 9.22 40.14 -5.32
CA ASN O 61 10.04 41.33 -5.11
C ASN O 61 10.18 41.57 -3.62
N GLU O 62 11.42 41.72 -3.15
CA GLU O 62 11.68 41.94 -1.73
C GLU O 62 10.81 43.03 -1.14
N LYS O 63 10.43 44.03 -1.96
CA LYS O 63 9.61 45.13 -1.48
C LYS O 63 8.26 44.64 -0.97
N PHE O 64 7.75 43.53 -1.49
CA PHE O 64 6.43 43.02 -1.13
C PHE O 64 6.47 41.66 -0.45
N LYS O 65 7.65 41.15 -0.09
CA LYS O 65 7.72 39.81 0.46
C LYS O 65 7.00 39.69 1.79
N SER O 66 6.96 40.78 2.58
CA SER O 66 6.38 40.74 3.90
C SER O 66 4.87 40.87 3.91
N ARG O 67 4.28 41.46 2.86
CA ARG O 67 2.86 41.80 2.89
C ARG O 67 2.04 41.13 1.78
N ALA O 68 2.67 40.54 0.77
CA ALA O 68 1.95 39.99 -0.37
C ALA O 68 1.90 38.47 -0.29
N THR O 69 0.74 37.91 -0.63
CA THR O 69 0.52 36.47 -0.60
C THR O 69 -0.11 36.04 -1.91
N LEU O 70 0.59 35.18 -2.64
CA LEU O 70 0.12 34.66 -3.92
C LEU O 70 -0.41 33.25 -3.73
N THR O 71 -1.61 33.00 -4.22
CA THR O 71 -2.25 31.69 -4.12
C THR O 71 -2.85 31.32 -5.46
N VAL O 72 -3.38 30.09 -5.54
CA VAL O 72 -3.93 29.55 -6.79
C VAL O 72 -4.99 28.52 -6.43
N ASP O 73 -6.10 28.57 -7.17
CA ASP O 73 -7.17 27.58 -7.07
C ASP O 73 -7.18 26.82 -8.39
N THR O 74 -6.51 25.67 -8.41
CA THR O 74 -6.39 24.88 -9.63
C THR O 74 -7.75 24.50 -10.21
N SER O 75 -8.73 24.23 -9.34
CA SER O 75 -10.03 23.75 -9.80
C SER O 75 -10.75 24.80 -10.63
N THR O 76 -10.67 26.08 -10.25
CA THR O 76 -11.38 27.14 -10.94
C THR O 76 -10.49 27.96 -11.86
N SER O 77 -9.22 27.60 -12.00
CA SER O 77 -8.27 28.29 -12.87
C SER O 77 -8.20 29.78 -12.52
N THR O 78 -7.90 30.04 -11.25
CA THR O 78 -7.90 31.41 -10.73
C THR O 78 -6.67 31.63 -9.88
N ALA O 79 -5.98 32.74 -10.14
CA ALA O 79 -4.83 33.17 -9.34
C ALA O 79 -5.25 34.35 -8.47
N TYR O 80 -4.74 34.38 -7.24
CA TYR O 80 -5.10 35.40 -6.27
C TYR O 80 -3.86 36.12 -5.77
N LEU O 81 -4.00 37.43 -5.56
CA LEU O 81 -2.97 38.27 -4.96
C LEU O 81 -3.56 38.94 -3.74
N GLU O 82 -2.96 38.73 -2.58
CA GLU O 82 -3.42 39.31 -1.33
C GLU O 82 -2.37 40.25 -0.78
N LEU O 83 -2.76 41.49 -0.52
CA LEU O 83 -1.88 42.52 0.02
C LEU O 83 -2.45 42.98 1.35
N SER O 84 -1.64 42.91 2.40
CA SER O 84 -2.09 43.28 3.74
C SER O 84 -1.34 44.52 4.24
N SER O 85 -1.94 45.16 5.23
CA SER O 85 -1.43 46.40 5.84
C SER O 85 -1.12 47.45 4.78
N LEU O 86 -2.17 47.80 4.02
CA LEU O 86 -2.06 48.77 2.96
C LEU O 86 -1.61 50.12 3.50
N ARG O 87 -1.01 50.94 2.63
CA ARG O 87 -0.32 52.14 3.08
C ARG O 87 -0.31 53.20 1.97
N SER O 88 -1.48 53.48 1.39
CA SER O 88 -1.69 54.58 0.46
C SER O 88 -0.78 54.54 -0.77
N GLU O 89 0.54 54.40 -0.56
CA GLU O 89 1.45 54.22 -1.68
C GLU O 89 1.11 52.99 -2.51
N ASP O 90 0.32 52.07 -1.95
CA ASP O 90 -0.15 50.90 -2.68
C ASP O 90 -1.32 51.20 -3.60
N THR O 91 -1.78 52.45 -3.66
CA THR O 91 -2.85 52.82 -4.58
C THR O 91 -2.33 52.75 -6.01
N ALA O 92 -2.91 51.87 -6.80
CA ALA O 92 -2.42 51.60 -8.16
C ALA O 92 -3.41 50.69 -8.86
N VAL O 93 -3.09 50.34 -10.10
CA VAL O 93 -3.80 49.33 -10.87
C VAL O 93 -2.97 48.06 -10.85
N TYR O 94 -3.61 46.94 -10.49
CA TYR O 94 -2.93 45.66 -10.32
C TYR O 94 -3.27 44.75 -11.49
N TYR O 95 -2.24 44.28 -12.19
CA TYR O 95 -2.40 43.43 -13.36
C TYR O 95 -1.89 42.02 -13.06
N CYS O 96 -2.56 41.03 -13.66
CA CYS O 96 -2.05 39.67 -13.73
C CYS O 96 -1.72 39.34 -15.18
N ALA O 97 -0.67 38.54 -15.37
CA ALA O 97 -0.19 38.22 -16.70
C ALA O 97 0.35 36.80 -16.72
N ARG O 98 0.30 36.18 -17.90
CA ARG O 98 0.76 34.82 -18.10
C ARG O 98 2.23 34.81 -18.49
N GLU O 99 3.00 33.93 -17.86
CA GLU O 99 4.43 33.82 -18.13
C GLU O 99 4.64 32.74 -19.18
N GLY O 100 4.91 33.16 -20.40
CA GLY O 100 5.17 32.23 -21.48
C GLY O 100 4.07 32.25 -22.52
N GLY O 101 4.44 31.90 -23.75
CA GLY O 101 3.49 31.93 -24.83
C GLY O 101 3.10 33.36 -25.18
N PHE O 102 1.96 33.49 -25.84
CA PHE O 102 1.44 34.82 -26.15
C PHE O 102 1.20 35.60 -24.85
N ALA O 103 1.55 36.89 -24.88
CA ALA O 103 1.59 37.71 -23.67
C ALA O 103 0.18 38.18 -23.33
N TYR O 104 -0.57 37.30 -22.67
CA TYR O 104 -1.92 37.65 -22.23
C TYR O 104 -1.85 38.39 -20.90
N TRP O 105 -2.54 39.53 -20.84
CA TRP O 105 -2.61 40.34 -19.64
C TRP O 105 -4.07 40.53 -19.24
N GLY O 106 -4.31 40.60 -17.94
CA GLY O 106 -5.62 40.95 -17.45
C GLY O 106 -5.96 42.40 -17.69
N GLN O 107 -7.23 42.75 -17.48
CA GLN O 107 -7.66 44.12 -17.71
C GLN O 107 -7.17 45.06 -16.61
N GLY O 108 -6.75 44.54 -15.48
CA GLY O 108 -6.28 45.38 -14.39
C GLY O 108 -7.34 45.56 -13.32
N THR O 109 -6.89 45.80 -12.10
CA THR O 109 -7.77 46.03 -10.95
C THR O 109 -7.27 47.25 -10.19
N LEU O 110 -8.12 48.27 -10.10
CA LEU O 110 -7.77 49.49 -9.39
C LEU O 110 -7.99 49.30 -7.89
N VAL O 111 -6.98 49.60 -7.10
CA VAL O 111 -7.05 49.53 -5.64
C VAL O 111 -6.65 50.90 -5.10
N THR O 112 -7.60 51.58 -4.47
CA THR O 112 -7.39 52.92 -3.93
C THR O 112 -7.30 52.83 -2.41
N VAL O 113 -6.17 53.28 -1.86
CA VAL O 113 -5.91 53.21 -0.43
C VAL O 113 -5.78 54.63 0.10
N SER O 114 -6.77 55.08 0.86
CA SER O 114 -6.76 56.41 1.44
C SER O 114 -7.66 56.43 2.66
N SER O 115 -7.44 57.41 3.53
CA SER O 115 -8.22 57.58 4.75
C SER O 115 -9.40 58.52 4.47
N ALA O 116 -10.38 57.99 3.76
CA ALA O 116 -11.56 58.75 3.39
C ALA O 116 -12.71 57.78 3.12
N SER O 117 -13.91 58.32 3.07
CA SER O 117 -15.11 57.55 2.78
C SER O 117 -15.70 58.03 1.45
N THR O 118 -16.57 57.19 0.89
CA THR O 118 -17.18 57.48 -0.41
C THR O 118 -18.02 58.74 -0.36
N LYS O 119 -17.43 59.86 -0.78
CA LYS O 119 -18.10 61.15 -0.79
C LYS O 119 -18.50 61.53 -2.21
N GLY O 120 -19.48 62.44 -2.31
CA GLY O 120 -19.96 62.89 -3.58
C GLY O 120 -19.30 64.17 -4.04
N PRO O 121 -19.33 64.44 -5.34
CA PRO O 121 -18.67 65.63 -5.88
C PRO O 121 -19.58 66.85 -5.89
N SER O 122 -18.97 68.01 -5.64
CA SER O 122 -19.66 69.29 -5.71
C SER O 122 -19.36 69.91 -7.08
N VAL O 123 -20.41 70.21 -7.83
CA VAL O 123 -20.29 70.71 -9.20
C VAL O 123 -20.55 72.22 -9.17
N PHE O 124 -19.57 73.00 -9.62
CA PHE O 124 -19.66 74.45 -9.70
C PHE O 124 -19.43 74.91 -11.14
N PRO O 125 -20.18 75.89 -11.62
CA PRO O 125 -20.04 76.32 -13.01
C PRO O 125 -18.88 77.28 -13.21
N LEU O 126 -18.29 77.20 -14.39
CA LEU O 126 -17.25 78.13 -14.85
C LEU O 126 -17.91 79.00 -15.91
N ALA O 127 -18.35 80.19 -15.52
CA ALA O 127 -19.18 81.01 -16.39
C ALA O 127 -18.33 81.68 -17.47
N PRO O 128 -18.85 81.80 -18.69
CA PRO O 128 -18.08 82.45 -19.75
C PRO O 128 -17.82 83.92 -19.44
N SER O 129 -16.65 84.40 -19.84
CA SER O 129 -16.19 85.75 -19.50
C SER O 129 -17.11 86.82 -20.06
N SER O 130 -17.14 86.94 -21.39
CA SER O 130 -17.91 87.98 -22.08
C SER O 130 -17.49 89.38 -21.63
N GLY O 135 -15.85 88.28 -27.60
CA GLY O 135 -15.24 88.66 -28.86
C GLY O 135 -15.57 87.70 -29.99
N GLY O 136 -14.76 86.67 -30.15
CA GLY O 136 -14.94 85.68 -31.20
C GLY O 136 -15.24 84.29 -30.68
N THR O 137 -14.36 83.78 -29.82
CA THR O 137 -14.54 82.47 -29.22
C THR O 137 -14.42 82.60 -27.70
N ALA O 138 -15.34 81.96 -26.98
CA ALA O 138 -15.37 82.00 -25.53
C ALA O 138 -15.36 80.59 -24.97
N ALA O 139 -14.97 80.47 -23.70
CA ALA O 139 -14.81 79.19 -23.03
C ALA O 139 -15.66 79.14 -21.77
N LEU O 140 -16.20 77.96 -21.48
CA LEU O 140 -16.96 77.73 -20.26
C LEU O 140 -16.76 76.28 -19.85
N GLY O 141 -17.14 75.97 -18.61
CA GLY O 141 -16.96 74.62 -18.14
C GLY O 141 -17.54 74.39 -16.77
N CYS O 142 -17.25 73.21 -16.23
CA CYS O 142 -17.73 72.77 -14.92
C CYS O 142 -16.55 72.34 -14.06
N LEU O 143 -16.57 72.75 -12.79
CA LEU O 143 -15.53 72.39 -11.84
C LEU O 143 -16.09 71.33 -10.90
N VAL O 144 -15.61 70.11 -11.02
CA VAL O 144 -16.02 68.99 -10.18
C VAL O 144 -14.99 68.88 -9.06
N LYS O 145 -15.38 69.31 -7.86
CA LYS O 145 -14.45 69.45 -6.75
C LYS O 145 -14.87 68.55 -5.59
N ASP O 146 -13.86 68.06 -4.86
CA ASP O 146 -14.04 67.31 -3.63
C ASP O 146 -14.90 66.06 -3.81
N TYR O 147 -14.29 64.98 -4.27
CA TYR O 147 -14.98 63.69 -4.37
C TYR O 147 -13.98 62.57 -4.07
N PHE O 148 -14.53 61.37 -3.89
CA PHE O 148 -13.73 60.19 -3.57
C PHE O 148 -14.60 58.94 -3.66
N PRO O 149 -14.12 57.88 -4.31
CA PRO O 149 -12.86 57.84 -5.04
C PRO O 149 -13.02 58.03 -6.55
N GLU O 150 -11.96 57.79 -7.30
CA GLU O 150 -12.03 57.83 -8.75
C GLU O 150 -12.85 56.64 -9.26
N PRO O 151 -13.40 56.74 -10.48
CA PRO O 151 -13.33 57.85 -11.44
C PRO O 151 -14.57 58.75 -11.46
N VAL O 152 -14.59 59.67 -12.41
CA VAL O 152 -15.72 60.56 -12.65
C VAL O 152 -15.86 60.75 -14.16
N THR O 153 -17.06 60.52 -14.68
CA THR O 153 -17.35 60.67 -16.10
C THR O 153 -18.16 61.93 -16.34
N VAL O 154 -17.76 62.72 -17.34
CA VAL O 154 -18.39 63.99 -17.65
C VAL O 154 -18.74 64.02 -19.13
N SER O 155 -19.98 64.41 -19.43
CA SER O 155 -20.42 64.66 -20.79
C SER O 155 -21.16 65.99 -20.83
N TRP O 156 -21.37 66.51 -22.03
CA TRP O 156 -22.03 67.79 -22.23
C TRP O 156 -23.28 67.60 -23.08
N ASN O 157 -24.42 68.06 -22.57
CA ASN O 157 -25.71 67.96 -23.25
C ASN O 157 -26.05 66.52 -23.59
N SER O 158 -25.83 65.62 -22.63
CA SER O 158 -26.16 64.19 -22.76
C SER O 158 -25.43 63.55 -23.93
N GLY O 159 -24.24 64.04 -24.25
CA GLY O 159 -23.44 63.48 -25.33
C GLY O 159 -23.64 64.12 -26.69
N ALA O 160 -24.33 65.26 -26.76
CA ALA O 160 -24.52 65.92 -28.04
C ALA O 160 -23.34 66.80 -28.40
N LEU O 161 -22.83 67.57 -27.43
CA LEU O 161 -21.67 68.42 -27.63
C LEU O 161 -20.42 67.63 -27.31
N THR O 162 -19.60 67.36 -28.32
CA THR O 162 -18.38 66.58 -28.15
C THR O 162 -17.12 67.29 -28.60
N SER O 163 -17.17 68.01 -29.72
CA SER O 163 -15.99 68.69 -30.22
C SER O 163 -15.68 69.91 -29.36
N GLY O 164 -14.38 70.13 -29.11
CA GLY O 164 -13.93 71.22 -28.27
C GLY O 164 -13.90 70.92 -26.79
N VAL O 165 -14.30 69.73 -26.37
CA VAL O 165 -14.37 69.37 -24.96
C VAL O 165 -13.00 68.88 -24.50
N HIS O 166 -12.57 69.34 -23.33
CA HIS O 166 -11.30 68.93 -22.71
C HIS O 166 -11.57 68.62 -21.24
N THR O 167 -11.82 67.34 -20.95
CA THR O 167 -12.00 66.88 -19.57
C THR O 167 -10.62 66.57 -19.00
N PHE O 168 -10.19 67.36 -18.03
CA PHE O 168 -8.84 67.27 -17.49
C PHE O 168 -8.68 66.05 -16.58
N PRO O 169 -7.45 65.57 -16.43
CA PRO O 169 -7.20 64.53 -15.42
C PRO O 169 -7.41 65.06 -14.02
N ALA O 170 -7.85 64.18 -13.14
CA ALA O 170 -8.07 64.55 -11.74
C ALA O 170 -6.74 64.78 -11.04
N VAL O 171 -6.80 65.56 -9.96
CA VAL O 171 -5.65 65.81 -9.11
C VAL O 171 -6.02 65.45 -7.67
N LEU O 172 -5.00 65.09 -6.89
CA LEU O 172 -5.19 64.67 -5.51
C LEU O 172 -4.86 65.85 -4.60
N GLN O 173 -5.89 66.45 -4.01
CA GLN O 173 -5.70 67.58 -3.11
C GLN O 173 -5.09 67.12 -1.79
N SER O 174 -4.66 68.11 -0.98
CA SER O 174 -4.13 67.81 0.33
C SER O 174 -5.19 67.23 1.26
N SER O 175 -6.47 67.50 0.99
CA SER O 175 -7.57 66.94 1.77
C SER O 175 -7.80 65.46 1.48
N GLY O 176 -7.03 64.84 0.58
CA GLY O 176 -7.29 63.47 0.21
C GLY O 176 -8.47 63.30 -0.71
N LEU O 177 -8.94 64.38 -1.32
CA LEU O 177 -10.08 64.37 -2.21
C LEU O 177 -9.66 64.84 -3.59
N TYR O 178 -10.28 64.25 -4.61
CA TYR O 178 -9.93 64.54 -5.99
C TYR O 178 -10.67 65.76 -6.50
N SER O 179 -10.06 66.46 -7.47
CA SER O 179 -10.66 67.63 -8.10
C SER O 179 -10.37 67.56 -9.59
N LEU O 180 -11.33 68.05 -10.39
CA LEU O 180 -11.26 67.89 -11.84
C LEU O 180 -12.04 69.03 -12.49
N SER O 181 -11.55 69.46 -13.65
CA SER O 181 -12.23 70.46 -14.47
C SER O 181 -12.59 69.88 -15.82
N SER O 182 -13.52 70.53 -16.51
CA SER O 182 -13.98 70.09 -17.82
C SER O 182 -14.50 71.30 -18.57
N VAL O 183 -13.81 71.69 -19.64
CA VAL O 183 -14.12 72.92 -20.37
C VAL O 183 -14.53 72.57 -21.79
N VAL O 184 -15.00 73.59 -22.51
CA VAL O 184 -15.40 73.47 -23.90
C VAL O 184 -15.46 74.85 -24.51
N THR O 185 -15.08 74.96 -25.77
CA THR O 185 -15.05 76.24 -26.49
C THR O 185 -16.21 76.34 -27.46
N VAL O 186 -16.83 77.52 -27.49
CA VAL O 186 -17.97 77.79 -28.37
C VAL O 186 -17.86 79.22 -28.88
N PRO O 187 -18.51 79.52 -30.00
CA PRO O 187 -18.53 80.90 -30.49
C PRO O 187 -19.24 81.84 -29.54
N SER O 188 -18.81 83.10 -29.54
CA SER O 188 -19.41 84.09 -28.65
C SER O 188 -20.83 84.45 -29.03
N SER O 189 -21.21 84.26 -30.29
CA SER O 189 -22.55 84.61 -30.75
C SER O 189 -23.62 83.62 -30.30
N SER O 190 -23.23 82.47 -29.76
CA SER O 190 -24.18 81.48 -29.29
C SER O 190 -24.45 81.55 -27.80
N LEU O 191 -23.79 82.47 -27.09
CA LEU O 191 -24.03 82.64 -25.66
C LEU O 191 -25.41 83.26 -25.43
N GLY O 192 -26.23 82.60 -24.62
CA GLY O 192 -27.59 83.00 -24.36
C GLY O 192 -28.60 82.31 -25.24
N THR O 193 -28.20 81.86 -26.44
CA THR O 193 -29.10 81.18 -27.34
C THR O 193 -29.03 79.67 -27.17
N GLN O 194 -27.85 79.13 -26.90
CA GLN O 194 -27.64 77.69 -26.73
C GLN O 194 -27.59 77.33 -25.25
N THR O 195 -28.11 76.15 -24.94
CA THR O 195 -28.10 75.62 -23.58
C THR O 195 -26.88 74.71 -23.40
N TYR O 196 -26.19 74.89 -22.27
CA TYR O 196 -24.96 74.14 -21.98
C TYR O 196 -25.09 73.51 -20.60
N ILE O 197 -25.20 72.18 -20.56
CA ILE O 197 -25.37 71.43 -19.32
C ILE O 197 -24.36 70.29 -19.30
N CYS O 198 -23.45 70.32 -18.33
CA CYS O 198 -22.49 69.24 -18.14
C CYS O 198 -23.11 68.14 -17.28
N ASN O 199 -22.89 66.90 -17.68
CA ASN O 199 -23.51 65.74 -17.04
C ASN O 199 -22.43 64.99 -16.25
N VAL O 200 -22.33 65.28 -14.97
CA VAL O 200 -21.36 64.63 -14.09
C VAL O 200 -21.99 63.36 -13.52
N ASN O 201 -21.21 62.29 -13.48
CA ASN O 201 -21.67 61.02 -12.94
C ASN O 201 -20.58 60.44 -12.04
N HIS O 202 -20.96 60.10 -10.80
CA HIS O 202 -20.05 59.49 -9.84
C HIS O 202 -20.71 58.19 -9.36
N LYS O 203 -20.33 57.08 -10.00
CA LYS O 203 -20.91 55.80 -9.65
C LYS O 203 -20.62 55.36 -8.20
N PRO O 204 -19.42 55.56 -7.64
CA PRO O 204 -19.19 55.09 -6.26
C PRO O 204 -20.14 55.70 -5.24
N SER O 205 -20.68 56.89 -5.48
CA SER O 205 -21.63 57.50 -4.57
C SER O 205 -23.04 57.62 -5.15
N ASN O 206 -23.27 57.04 -6.34
CA ASN O 206 -24.58 57.09 -7.01
C ASN O 206 -25.07 58.52 -7.19
N THR O 207 -24.14 59.44 -7.46
CA THR O 207 -24.45 60.85 -7.63
C THR O 207 -24.54 61.19 -9.11
N LYS O 208 -25.65 61.81 -9.50
CA LYS O 208 -25.83 62.30 -10.87
C LYS O 208 -26.30 63.74 -10.79
N VAL O 209 -25.44 64.66 -11.22
CA VAL O 209 -25.70 66.10 -11.12
C VAL O 209 -25.66 66.69 -12.52
N ASP O 210 -26.72 67.41 -12.90
CA ASP O 210 -26.79 68.17 -14.15
C ASP O 210 -26.75 69.64 -13.80
N LYS O 211 -25.64 70.30 -14.14
CA LYS O 211 -25.43 71.71 -13.83
C LYS O 211 -25.53 72.55 -15.09
N LYS O 212 -26.36 73.59 -15.04
CA LYS O 212 -26.55 74.49 -16.16
C LYS O 212 -25.57 75.66 -16.07
N VAL O 213 -24.89 75.94 -17.17
CA VAL O 213 -23.82 76.95 -17.21
C VAL O 213 -24.31 78.12 -18.05
N GLU O 214 -24.48 79.27 -17.42
CA GLU O 214 -24.89 80.51 -18.04
C GLU O 214 -23.90 81.61 -17.68
N PRO O 215 -23.84 82.68 -18.47
CA PRO O 215 -23.07 83.85 -18.04
C PRO O 215 -23.75 84.54 -16.87
N LYS O 216 -22.93 85.21 -16.05
CA LYS O 216 -23.44 85.84 -14.83
C LYS O 216 -23.78 87.30 -15.08
N SER O 217 -24.68 87.82 -14.25
CA SER O 217 -25.10 89.21 -14.35
C SER O 217 -24.76 89.98 -13.08
N ILE P 1 19.71 18.81 25.32
CA ILE P 1 19.65 18.45 23.91
C ILE P 1 20.77 19.13 23.14
N LEU P 2 21.66 18.34 22.56
CA LEU P 2 22.79 18.84 21.79
C LEU P 2 22.44 18.84 20.32
N GLY P 3 22.69 19.97 19.65
CA GLY P 3 22.50 20.05 18.22
C GLY P 3 21.10 20.34 17.77
N GLY P 4 20.19 20.68 18.69
CA GLY P 4 18.84 21.04 18.35
C GLY P 4 18.56 22.51 18.56
N ARG P 5 17.27 22.84 18.59
CA ARG P 5 16.84 24.21 18.82
C ARG P 5 15.64 24.21 19.76
N GLU P 6 15.24 25.41 20.16
CA GLU P 6 14.11 25.56 21.06
C GLU P 6 12.84 25.04 20.39
N ALA P 7 12.05 24.29 21.15
CA ALA P 7 10.81 23.75 20.62
C ALA P 7 9.72 24.81 20.64
N GLU P 8 8.67 24.56 19.87
CA GLU P 8 7.47 25.39 19.95
C GLU P 8 6.84 25.19 21.33
N ALA P 9 6.47 26.30 21.98
CA ALA P 9 5.98 26.24 23.34
C ALA P 9 4.71 25.40 23.41
N HIS P 10 4.74 24.40 24.29
CA HIS P 10 3.59 23.55 24.60
C HIS P 10 3.15 22.70 23.40
N ALA P 11 4.00 22.57 22.38
CA ALA P 11 3.75 21.67 21.27
C ALA P 11 3.93 20.20 21.64
N ARG P 12 4.57 19.91 22.77
CA ARG P 12 4.74 18.56 23.27
C ARG P 12 4.13 18.49 24.66
N PRO P 13 2.80 18.45 24.76
CA PRO P 13 2.15 18.55 26.08
C PRO P 13 2.46 17.39 27.01
N TYR P 14 2.98 16.28 26.50
CA TYR P 14 3.38 15.18 27.35
C TYR P 14 4.68 15.45 28.10
N MET P 15 5.40 16.50 27.73
CA MET P 15 6.71 16.75 28.29
C MET P 15 6.60 17.19 29.75
N ALA P 16 7.42 16.58 30.61
CA ALA P 16 7.44 16.89 32.03
C ALA P 16 8.86 17.19 32.47
N SER P 17 8.96 18.01 33.53
CA SER P 17 10.24 18.30 34.17
C SER P 17 10.19 17.75 35.59
N VAL P 18 10.99 16.73 35.86
CA VAL P 18 11.13 16.21 37.21
C VAL P 18 12.07 17.12 37.98
N GLN P 19 11.61 17.66 39.09
CA GLN P 19 12.35 18.65 39.85
C GLN P 19 12.75 18.11 41.21
N LEU P 20 13.94 18.49 41.67
CA LEU P 20 14.44 18.16 42.99
C LEU P 20 14.75 19.44 43.72
N ASN P 21 14.03 19.69 44.82
CA ASN P 21 14.19 20.91 45.62
C ASN P 21 13.95 22.16 44.77
N GLY P 22 12.98 22.08 43.87
CA GLY P 22 12.61 23.23 43.07
C GLY P 22 13.53 23.55 41.92
N ALA P 23 14.33 22.59 41.47
CA ALA P 23 15.23 22.77 40.34
C ALA P 23 15.09 21.60 39.39
N HIS P 24 15.24 21.87 38.09
CA HIS P 24 15.12 20.80 37.11
C HIS P 24 16.21 19.77 37.33
N LEU P 25 15.81 18.49 37.34
CA LEU P 25 16.73 17.38 37.52
C LEU P 25 16.72 16.43 36.34
N CYS P 26 15.53 16.02 35.89
CA CYS P 26 15.40 15.05 34.80
C CYS P 26 14.18 15.39 33.97
N GLY P 27 14.18 14.87 32.75
CA GLY P 27 12.99 14.91 31.94
C GLY P 27 12.02 13.81 32.31
N GLY P 28 10.76 14.00 31.92
CA GLY P 28 9.73 13.02 32.19
C GLY P 28 8.64 13.12 31.15
N VAL P 29 7.92 12.01 30.98
CA VAL P 29 6.85 11.93 30.01
C VAL P 29 5.56 11.52 30.72
N LEU P 30 4.51 12.30 30.53
CA LEU P 30 3.19 11.99 31.07
C LEU P 30 2.59 10.84 30.28
N VAL P 31 2.47 9.67 30.91
CA VAL P 31 1.92 8.50 30.24
C VAL P 31 0.49 8.18 30.68
N ALA P 32 0.03 8.73 31.81
CA ALA P 32 -1.37 8.67 32.20
C ALA P 32 -1.67 9.95 32.97
N GLU P 33 -2.97 10.20 33.18
CA GLU P 33 -3.38 11.50 33.71
C GLU P 33 -2.86 11.77 35.12
N GLN P 34 -2.34 10.76 35.82
CA GLN P 34 -1.77 10.99 37.14
C GLN P 34 -0.40 10.34 37.32
N TRP P 35 0.23 9.87 36.25
CA TRP P 35 1.50 9.17 36.33
C TRP P 35 2.48 9.73 35.32
N VAL P 36 3.72 9.91 35.76
CA VAL P 36 4.81 10.42 34.94
C VAL P 36 5.90 9.37 34.90
N LEU P 37 6.37 9.05 33.70
CA LEU P 37 7.42 8.06 33.51
C LEU P 37 8.76 8.76 33.30
N SER P 38 9.80 8.22 33.92
CA SER P 38 11.13 8.81 33.82
C SER P 38 12.16 7.71 34.09
N ALA P 39 13.40 8.12 34.40
CA ALA P 39 14.50 7.19 34.60
C ALA P 39 14.77 6.98 36.08
N ALA P 40 15.10 5.75 36.45
CA ALA P 40 15.27 5.40 37.86
C ALA P 40 16.52 6.02 38.46
N HIS P 41 17.58 6.19 37.67
CA HIS P 41 18.84 6.71 38.21
C HIS P 41 18.75 8.19 38.57
N CYS P 42 17.68 8.88 38.14
CA CYS P 42 17.51 10.28 38.50
C CYS P 42 17.41 10.48 40.01
N LEU P 43 16.90 9.48 40.73
CA LEU P 43 16.62 9.60 42.14
C LEU P 43 17.63 8.89 43.03
N GLU P 44 18.69 8.32 42.45
CA GLU P 44 19.68 7.61 43.26
C GLU P 44 20.29 8.51 44.32
N ASP P 45 20.78 9.67 43.90
CA ASP P 45 21.41 10.62 44.81
C ASP P 45 20.42 11.66 45.35
N ALA P 46 19.12 11.41 45.23
CA ALA P 46 18.13 12.41 45.65
C ALA P 46 18.10 12.57 47.17
N ALA P 47 18.34 11.48 47.90
CA ALA P 47 18.35 11.49 49.38
C ALA P 47 17.00 12.01 49.85
N ASP P 48 16.95 13.00 50.73
CA ASP P 48 15.69 13.52 51.25
C ASP P 48 15.18 14.71 50.45
N GLY P 49 15.67 14.90 49.22
CA GLY P 49 15.22 16.02 48.42
C GLY P 49 13.76 15.91 48.05
N LYS P 50 13.10 17.07 47.95
CA LYS P 50 11.68 17.12 47.61
C LYS P 50 11.52 16.87 46.11
N VAL P 51 10.88 15.75 45.76
CA VAL P 51 10.63 15.41 44.37
C VAL P 51 9.31 16.02 43.93
N GLN P 52 9.33 16.73 42.81
CA GLN P 52 8.14 17.35 42.24
C GLN P 52 8.19 17.21 40.73
N VAL P 53 7.02 17.37 40.09
CA VAL P 53 6.89 17.26 38.65
C VAL P 53 6.20 18.52 38.13
N LEU P 54 6.78 19.13 37.10
CA LEU P 54 6.25 20.35 36.50
C LEU P 54 5.67 20.02 35.14
N LEU P 55 4.40 20.32 34.94
CA LEU P 55 3.69 20.02 33.70
C LEU P 55 3.28 21.30 32.99
N GLY P 56 2.99 21.16 31.70
CA GLY P 56 2.55 22.29 30.91
C GLY P 56 3.56 23.41 30.82
N ALA P 57 4.84 23.09 30.93
CA ALA P 57 5.88 24.10 30.93
C ALA P 57 6.64 24.13 29.61
N HIS P 58 7.07 25.33 29.25
CA HIS P 58 8.07 25.53 28.21
C HIS P 58 9.31 26.20 28.77
N SER P 59 9.15 27.29 29.49
CA SER P 59 10.22 27.91 30.26
C SER P 59 10.15 27.43 31.71
N LEU P 60 11.30 27.03 32.25
CA LEU P 60 11.34 26.57 33.64
C LEU P 60 11.09 27.72 34.61
N SER P 61 11.42 28.94 34.22
CA SER P 61 11.41 30.09 35.13
C SER P 61 10.29 31.08 34.88
N GLN P 62 9.93 31.31 33.61
CA GLN P 62 8.98 32.37 33.33
C GLN P 62 7.55 31.92 33.60
N PRO P 63 6.67 32.84 33.99
CA PRO P 63 5.28 32.47 34.27
C PRO P 63 4.55 32.10 32.98
N GLU P 64 3.78 31.01 33.06
CA GLU P 64 2.99 30.52 31.95
C GLU P 64 1.68 29.99 32.52
N PRO P 65 0.54 30.32 31.90
CA PRO P 65 -0.75 29.88 32.47
C PRO P 65 -0.85 28.37 32.62
N SER P 66 -0.48 27.62 31.59
CA SER P 66 -0.60 26.16 31.62
C SER P 66 0.37 25.49 32.58
N LYS P 67 1.34 26.22 33.11
CA LYS P 67 2.30 25.62 34.05
C LYS P 67 1.59 25.25 35.35
N ARG P 68 1.95 24.10 35.90
CA ARG P 68 1.49 23.72 37.23
C ARG P 68 2.48 22.73 37.82
N LEU P 69 2.87 22.96 39.07
CA LEU P 69 3.83 22.11 39.77
C LEU P 69 3.08 21.15 40.67
N TYR P 70 3.38 19.86 40.54
CA TYR P 70 2.69 18.80 41.28
C TYR P 70 3.66 18.13 42.24
N ASP P 71 3.16 17.76 43.42
CA ASP P 71 3.93 16.93 44.32
C ASP P 71 3.84 15.46 43.88
N VAL P 72 4.78 14.66 44.36
CA VAL P 72 4.85 13.25 44.03
C VAL P 72 4.30 12.47 45.21
N LEU P 73 3.16 11.81 45.01
CA LEU P 73 2.54 11.03 46.07
C LEU P 73 3.20 9.68 46.26
N ARG P 74 3.88 9.16 45.23
CA ARG P 74 4.44 7.82 45.28
C ARG P 74 5.42 7.62 44.12
N ALA P 75 6.60 7.07 44.43
CA ALA P 75 7.65 6.87 43.43
C ALA P 75 7.98 5.40 43.37
N VAL P 76 7.89 4.82 42.19
CA VAL P 76 8.10 3.39 41.98
C VAL P 76 9.20 3.21 40.94
N PRO P 77 10.44 3.00 41.38
CA PRO P 77 11.49 2.59 40.44
C PRO P 77 11.28 1.14 40.05
N HIS P 78 11.79 0.79 38.87
CA HIS P 78 11.71 -0.60 38.46
C HIS P 78 12.49 -1.45 39.45
N PRO P 79 11.92 -2.56 39.92
CA PRO P 79 12.56 -3.30 41.03
C PRO P 79 13.92 -3.87 40.69
N ASP P 80 14.24 -4.07 39.42
CA ASP P 80 15.51 -4.64 39.01
C ASP P 80 16.54 -3.58 38.60
N SER P 81 16.35 -2.34 39.04
CA SER P 81 17.27 -1.26 38.72
C SER P 81 18.25 -1.06 39.88
N GLN P 82 19.51 -0.88 39.54
CA GLN P 82 20.57 -0.66 40.51
C GLN P 82 21.56 0.34 39.92
N PRO P 83 22.36 1.00 40.76
CA PRO P 83 23.23 2.07 40.24
C PRO P 83 24.36 1.59 39.35
N ASP P 84 24.73 0.31 39.42
CA ASP P 84 25.87 -0.18 38.66
C ASP P 84 25.59 -0.36 37.18
N THR P 85 24.32 -0.36 36.77
CA THR P 85 23.92 -0.73 35.41
C THR P 85 23.00 0.32 34.83
N ILE P 86 22.81 0.23 33.52
CA ILE P 86 21.83 1.04 32.81
C ILE P 86 20.56 0.23 32.50
N ASP P 87 20.47 -0.99 32.99
CA ASP P 87 19.34 -1.86 32.69
C ASP P 87 18.16 -1.53 33.59
N HIS P 88 16.97 -1.60 33.01
CA HIS P 88 15.71 -1.38 33.74
C HIS P 88 15.66 0.01 34.37
N ASP P 89 16.12 1.01 33.62
CA ASP P 89 16.22 2.39 34.13
C ASP P 89 14.91 3.13 33.86
N LEU P 90 13.86 2.71 34.56
CA LEU P 90 12.53 3.28 34.43
C LEU P 90 12.00 3.64 35.81
N LEU P 91 11.29 4.77 35.88
CA LEU P 91 10.74 5.26 37.13
C LEU P 91 9.34 5.81 36.87
N LEU P 92 8.38 5.39 37.68
CA LEU P 92 7.01 5.87 37.57
C LEU P 92 6.68 6.73 38.77
N LEU P 93 6.20 7.95 38.51
CA LEU P 93 5.93 8.94 39.53
C LEU P 93 4.44 9.24 39.55
N GLN P 94 3.79 8.95 40.67
CA GLN P 94 2.38 9.24 40.85
C GLN P 94 2.23 10.67 41.37
N LEU P 95 1.46 11.49 40.66
CA LEU P 95 1.27 12.86 41.07
C LEU P 95 0.35 12.97 42.27
N SER P 96 0.49 14.06 43.02
CA SER P 96 -0.33 14.26 44.21
C SER P 96 -1.80 14.37 43.87
N GLU P 97 -2.12 14.87 42.68
CA GLU P 97 -3.50 14.87 42.20
C GLU P 97 -3.47 14.81 40.68
N LYS P 98 -4.63 14.52 40.10
CA LYS P 98 -4.71 14.27 38.67
C LYS P 98 -4.35 15.53 37.89
N ALA P 99 -3.52 15.36 36.85
CA ALA P 99 -3.17 16.48 35.99
C ALA P 99 -4.43 17.04 35.31
N THR P 100 -4.40 18.34 35.04
CA THR P 100 -5.52 19.03 34.41
C THR P 100 -5.32 19.00 32.90
N LEU P 101 -6.16 18.24 32.21
CA LEU P 101 -6.06 18.11 30.76
C LEU P 101 -6.34 19.45 30.07
N GLY P 102 -5.55 19.73 29.05
CA GLY P 102 -5.70 20.95 28.29
C GLY P 102 -4.86 20.87 27.02
N PRO P 103 -4.82 21.96 26.25
CA PRO P 103 -4.00 21.95 25.04
C PRO P 103 -2.51 21.85 25.32
N ALA P 104 -2.06 22.17 26.54
CA ALA P 104 -0.65 22.11 26.88
C ALA P 104 -0.30 20.97 27.83
N VAL P 105 -1.30 20.22 28.31
CA VAL P 105 -1.06 19.06 29.15
C VAL P 105 -1.91 17.91 28.62
N ARG P 106 -1.26 16.84 28.19
CA ARG P 106 -1.95 15.68 27.64
C ARG P 106 -1.01 14.49 27.63
N PRO P 107 -1.45 13.33 28.10
CA PRO P 107 -0.59 12.15 28.08
C PRO P 107 -0.22 11.74 26.66
N LEU P 108 0.83 10.95 26.55
CA LEU P 108 1.32 10.47 25.28
C LEU P 108 1.18 8.96 25.22
N PRO P 109 0.49 8.41 24.23
CA PRO P 109 0.39 6.94 24.13
C PRO P 109 1.75 6.32 23.88
N TRP P 110 2.10 5.34 24.72
CA TRP P 110 3.40 4.68 24.63
C TRP P 110 3.26 3.33 23.93
N GLN P 111 4.35 2.90 23.30
CA GLN P 111 4.34 1.69 22.49
C GLN P 111 4.14 0.46 23.36
N ARG P 112 3.14 -0.35 23.01
CA ARG P 112 2.83 -1.55 23.75
C ARG P 112 3.20 -2.84 23.00
N VAL P 113 3.56 -2.74 21.73
CA VAL P 113 3.96 -3.89 20.92
C VAL P 113 5.47 -3.95 20.88
N ASP P 114 6.03 -5.09 21.27
CA ASP P 114 7.49 -5.24 21.46
C ASP P 114 8.16 -5.56 20.12
N ARG P 115 8.25 -4.54 19.27
CA ARG P 115 8.97 -4.62 18.01
C ARG P 115 10.00 -3.49 17.95
N ASP P 116 11.23 -3.85 17.56
CA ASP P 116 12.28 -2.85 17.47
C ASP P 116 11.93 -1.78 16.44
N VAL P 117 12.16 -0.53 16.80
CA VAL P 117 12.09 0.56 15.83
C VAL P 117 13.17 0.36 14.78
N ALA P 118 12.79 0.37 13.52
CA ALA P 118 13.73 0.10 12.45
C ALA P 118 14.87 1.12 12.47
N PRO P 119 16.11 0.69 12.30
CA PRO P 119 17.22 1.65 12.19
C PRO P 119 16.99 2.60 11.03
N GLY P 120 17.38 3.85 11.23
CA GLY P 120 17.15 4.91 10.28
C GLY P 120 15.91 5.74 10.58
N THR P 121 14.96 5.20 11.35
CA THR P 121 13.77 5.96 11.70
C THR P 121 14.15 7.22 12.47
N LEU P 122 13.62 8.36 12.02
CA LEU P 122 13.84 9.62 12.72
C LEU P 122 12.88 9.74 13.90
N CYS P 123 13.43 9.99 15.07
CA CYS P 123 12.64 10.14 16.29
C CYS P 123 12.89 11.50 16.91
N ASP P 124 11.93 11.96 17.72
CA ASP P 124 11.96 13.27 18.35
C ASP P 124 12.24 13.12 19.84
N VAL P 125 13.25 13.83 20.33
CA VAL P 125 13.60 13.81 21.75
C VAL P 125 13.74 15.24 22.24
N ALA P 126 13.22 15.50 23.44
CA ALA P 126 13.19 16.86 23.98
C ALA P 126 13.57 16.84 25.46
N GLY P 127 13.99 17.98 25.96
CA GLY P 127 14.35 18.10 27.36
C GLY P 127 14.99 19.43 27.64
N TRP P 128 15.31 19.63 28.93
CA TRP P 128 15.99 20.83 29.41
C TRP P 128 17.44 20.54 29.79
N GLY P 129 18.07 19.58 29.13
CA GLY P 129 19.44 19.21 29.43
C GLY P 129 20.45 20.06 28.68
N ILE P 130 21.72 19.74 28.93
CA ILE P 130 22.89 20.41 28.36
C ILE P 130 22.71 20.69 26.87
N VAL P 131 23.10 21.90 26.43
CA VAL P 131 22.98 22.28 25.03
C VAL P 131 24.33 22.49 24.35
N ASN P 132 25.42 22.50 25.09
CA ASN P 132 26.74 22.71 24.48
C ASN P 132 27.79 21.95 25.27
N HIS P 133 28.96 21.79 24.65
CA HIS P 133 30.04 21.05 25.29
C HIS P 133 30.53 21.72 26.56
N ALA P 134 30.18 23.00 26.78
CA ALA P 134 30.53 23.67 28.03
C ALA P 134 29.74 23.14 29.21
N GLY P 135 28.63 22.45 28.97
CA GLY P 135 27.87 21.80 30.01
C GLY P 135 26.71 22.59 30.59
N ARG P 136 26.39 23.75 30.03
CA ARG P 136 25.37 24.62 30.59
C ARG P 136 23.97 24.22 30.10
N ARG P 137 22.95 24.72 30.82
CA ARG P 137 21.58 24.27 30.65
C ARG P 137 20.69 25.40 30.14
N PRO P 138 19.60 25.07 29.42
CA PRO P 138 18.70 26.10 28.89
C PRO P 138 17.46 26.28 29.73
N ASP P 139 16.85 27.47 29.65
CA ASP P 139 15.60 27.73 30.34
C ASP P 139 14.39 27.25 29.56
N SER P 140 14.45 27.31 28.23
CA SER P 140 13.34 26.89 27.39
C SER P 140 13.61 25.51 26.81
N LEU P 141 12.52 24.75 26.63
CA LEU P 141 12.62 23.37 26.15
C LEU P 141 13.29 23.31 24.79
N GLN P 142 14.24 22.38 24.64
CA GLN P 142 14.92 22.12 23.39
C GLN P 142 14.51 20.75 22.86
N HIS P 143 14.78 20.53 21.57
CA HIS P 143 14.44 19.27 20.93
C HIS P 143 15.34 19.06 19.72
N VAL P 144 15.44 17.81 19.28
CA VAL P 144 16.23 17.45 18.11
C VAL P 144 15.65 16.18 17.51
N LEU P 145 15.97 15.96 16.23
CA LEU P 145 15.61 14.74 15.52
C LEU P 145 16.82 13.82 15.42
N LEU P 146 16.63 12.56 15.82
CA LEU P 146 17.73 11.60 15.86
C LEU P 146 17.34 10.34 15.09
N PRO P 147 18.20 9.86 14.20
CA PRO P 147 17.94 8.58 13.53
C PRO P 147 18.30 7.41 14.42
N VAL P 148 17.43 6.40 14.45
CA VAL P 148 17.70 5.19 15.22
C VAL P 148 18.90 4.47 14.62
N LEU P 149 19.76 3.94 15.49
CA LEU P 149 20.94 3.20 15.09
C LEU P 149 20.72 1.71 15.31
N ASP P 150 21.35 0.89 14.48
CA ASP P 150 21.20 -0.56 14.61
C ASP P 150 22.01 -1.08 15.79
N ARG P 151 21.53 -2.16 16.39
CA ARG P 151 22.11 -2.63 17.64
C ARG P 151 23.49 -3.24 17.44
N ALA P 152 23.77 -3.79 16.25
CA ALA P 152 25.08 -4.36 16.00
C ALA P 152 26.17 -3.29 15.99
N THR P 153 25.93 -2.20 15.27
CA THR P 153 26.85 -1.06 15.28
C THR P 153 27.01 -0.52 16.69
N CYS P 154 25.91 -0.49 17.45
CA CYS P 154 25.93 0.13 18.77
C CYS P 154 26.69 -0.73 19.79
N ASN P 155 26.77 -2.04 19.57
CA ASN P 155 27.42 -2.95 20.51
C ASN P 155 28.90 -3.16 20.21
N ARG P 156 29.47 -2.45 19.25
CA ARG P 156 30.89 -2.61 18.95
C ARG P 156 31.75 -2.23 20.15
N ARG P 157 33.00 -2.68 20.13
CA ARG P 157 33.92 -2.34 21.21
C ARG P 157 34.20 -0.85 21.28
N THR P 158 34.23 -0.17 20.14
CA THR P 158 34.42 1.28 20.15
C THR P 158 33.22 1.99 20.73
N HIS P 159 32.05 1.36 20.68
CA HIS P 159 30.82 2.02 21.11
C HIS P 159 30.45 1.61 22.53
N HIS P 160 29.39 0.83 22.68
CA HIS P 160 28.91 0.46 24.00
C HIS P 160 29.22 -0.99 24.37
N ASP P 161 29.95 -1.71 23.51
CA ASP P 161 30.63 -2.94 23.88
C ASP P 161 29.66 -3.99 24.44
N GLY P 162 28.64 -4.29 23.64
CA GLY P 162 27.70 -5.32 24.02
C GLY P 162 26.78 -4.99 25.17
N ALA P 163 26.67 -3.73 25.56
CA ALA P 163 25.82 -3.35 26.68
C ALA P 163 24.38 -3.04 26.26
N ILE P 164 24.11 -2.99 24.96
CA ILE P 164 22.77 -2.65 24.46
C ILE P 164 21.99 -3.96 24.36
N THR P 165 21.19 -4.24 25.38
CA THR P 165 20.37 -5.44 25.41
C THR P 165 19.20 -5.29 24.43
N GLU P 166 18.39 -6.34 24.34
CA GLU P 166 17.19 -6.28 23.51
C GLU P 166 16.12 -5.36 24.08
N ARG P 167 16.30 -4.88 25.32
CA ARG P 167 15.39 -3.96 25.95
C ARG P 167 15.88 -2.52 25.87
N LEU P 168 16.96 -2.28 25.12
CA LEU P 168 17.49 -0.94 24.90
C LEU P 168 17.59 -0.67 23.41
N MET P 169 17.67 0.60 23.05
CA MET P 169 17.79 1.02 21.66
C MET P 169 18.73 2.21 21.59
N CYS P 170 19.25 2.46 20.38
CA CYS P 170 20.26 3.49 20.16
C CYS P 170 19.79 4.51 19.13
N ALA P 171 20.38 5.69 19.21
CA ALA P 171 20.24 6.73 18.19
C ALA P 171 21.60 7.35 17.95
N GLU P 172 21.80 7.87 16.74
CA GLU P 172 23.08 8.50 16.41
C GLU P 172 23.35 9.67 17.37
N SER P 173 24.63 9.93 17.58
CA SER P 173 25.05 10.97 18.52
C SER P 173 26.09 11.90 17.92
N ASN P 174 26.13 12.02 16.59
CA ASN P 174 27.12 12.86 15.92
C ASN P 174 26.58 14.29 15.87
N ARG P 175 27.09 15.14 16.76
CA ARG P 175 26.73 16.55 16.85
C ARG P 175 25.27 16.76 17.27
N ARG P 176 24.41 15.76 17.10
CA ARG P 176 23.05 15.78 17.60
C ARG P 176 22.89 14.62 18.57
N ASP P 177 22.39 14.90 19.77
CA ASP P 177 22.34 13.88 20.82
C ASP P 177 21.47 14.39 21.96
N SER P 178 21.21 13.49 22.91
CA SER P 178 20.60 13.82 24.19
C SER P 178 21.66 13.76 25.28
N CYS P 179 21.62 14.72 26.20
CA CYS P 179 22.70 14.92 27.16
C CYS P 179 22.17 14.80 28.59
N LYS P 180 23.06 15.04 29.55
CA LYS P 180 22.67 15.03 30.95
C LYS P 180 21.61 16.08 31.20
N GLY P 181 20.61 15.73 32.02
CA GLY P 181 19.45 16.54 32.20
C GLY P 181 18.31 16.22 31.27
N ASP P 182 18.58 15.52 30.17
CA ASP P 182 17.57 14.96 29.30
C ASP P 182 17.18 13.55 29.70
N SER P 183 17.78 13.02 30.76
CA SER P 183 17.45 11.67 31.23
C SER P 183 15.99 11.60 31.66
N GLY P 184 15.37 10.44 31.39
CA GLY P 184 13.96 10.27 31.66
C GLY P 184 13.04 10.93 30.65
N GLY P 185 13.59 11.64 29.66
CA GLY P 185 12.79 12.29 28.64
C GLY P 185 12.33 11.32 27.58
N PRO P 186 11.42 11.78 26.74
CA PRO P 186 10.79 10.89 25.77
C PRO P 186 11.52 10.80 24.44
N LEU P 187 11.70 9.58 23.94
CA LEU P 187 12.08 9.35 22.56
C LEU P 187 10.82 8.96 21.81
N VAL P 188 10.36 9.83 20.91
CA VAL P 188 9.09 9.67 20.21
C VAL P 188 9.36 9.39 18.74
N CYS P 189 8.78 8.32 18.22
CA CYS P 189 8.86 7.98 16.81
C CYS P 189 7.44 7.76 16.29
N GLY P 190 7.06 8.50 15.25
CA GLY P 190 5.72 8.39 14.73
C GLY P 190 4.64 8.69 15.75
N GLY P 191 4.84 9.72 16.57
CA GLY P 191 3.84 10.12 17.53
C GLY P 191 3.59 9.15 18.67
N VAL P 192 4.43 8.14 18.83
CA VAL P 192 4.27 7.15 19.90
C VAL P 192 5.57 7.09 20.70
N LEU P 193 5.44 7.06 22.02
CA LEU P 193 6.60 6.96 22.91
C LEU P 193 7.24 5.58 22.75
N GLU P 194 8.47 5.56 22.24
CA GLU P 194 9.22 4.33 22.06
C GLU P 194 10.34 4.16 23.06
N GLY P 195 11.03 5.24 23.43
CA GLY P 195 12.19 5.15 24.29
C GLY P 195 12.18 6.19 25.38
N VAL P 196 12.86 5.86 26.48
CA VAL P 196 13.07 6.75 27.61
C VAL P 196 14.58 7.00 27.72
N VAL P 197 14.97 8.27 27.66
CA VAL P 197 16.39 8.61 27.73
C VAL P 197 16.98 8.15 29.06
N THR P 198 18.08 7.40 28.99
CA THR P 198 18.78 7.05 30.22
C THR P 198 19.98 7.97 30.40
N SER P 199 21.03 7.78 29.61
CA SER P 199 22.26 8.61 29.68
C SER P 199 22.79 8.54 31.11
N GLY P 200 23.09 9.66 31.76
CA GLY P 200 23.52 9.65 33.13
C GLY P 200 25.02 9.71 33.31
N SER P 201 25.73 8.68 32.84
CA SER P 201 27.18 8.61 32.97
C SER P 201 27.90 8.86 31.66
N ARG P 202 27.17 9.05 30.57
CA ARG P 202 27.76 9.22 29.24
C ARG P 202 27.81 10.70 28.87
N VAL P 203 28.93 11.10 28.26
CA VAL P 203 29.06 12.44 27.73
C VAL P 203 28.56 12.44 26.29
N CYS P 204 27.78 13.44 25.93
CA CYS P 204 27.07 13.46 24.66
C CYS P 204 27.90 14.16 23.58
N GLY P 205 27.48 13.94 22.33
CA GLY P 205 28.10 14.59 21.19
C GLY P 205 29.15 13.76 20.47
N ASN P 206 29.59 12.65 21.06
CA ASN P 206 30.61 11.79 20.45
C ASN P 206 29.91 10.76 19.57
N ARG P 207 30.23 10.77 18.27
CA ARG P 207 29.58 9.85 17.35
C ARG P 207 29.86 8.40 17.71
N LYS P 208 30.98 8.14 18.40
CA LYS P 208 31.34 6.77 18.73
C LYS P 208 30.69 6.29 20.02
N LYS P 209 30.01 7.16 20.76
CA LYS P 209 29.27 6.79 21.96
C LYS P 209 27.81 7.17 21.75
N PRO P 210 27.03 6.32 21.08
CA PRO P 210 25.64 6.68 20.78
C PRO P 210 24.79 6.83 22.02
N GLY P 211 23.64 7.47 21.85
CA GLY P 211 22.69 7.58 22.93
C GLY P 211 21.98 6.28 23.18
N ILE P 212 21.65 6.04 24.44
CA ILE P 212 20.94 4.84 24.86
C ILE P 212 19.55 5.24 25.33
N TYR P 213 18.55 4.44 24.98
CA TYR P 213 17.16 4.72 25.33
C TYR P 213 16.49 3.43 25.73
N THR P 214 15.75 3.46 26.84
CA THR P 214 15.06 2.28 27.32
C THR P 214 13.76 2.09 26.54
N ARG P 215 13.58 0.90 25.97
CA ARG P 215 12.40 0.60 25.18
C ARG P 215 11.22 0.32 26.11
N VAL P 216 10.21 1.19 26.07
CA VAL P 216 9.08 1.04 26.98
C VAL P 216 8.30 -0.23 26.69
N ALA P 217 8.25 -0.65 25.42
CA ALA P 217 7.50 -1.84 25.07
C ALA P 217 8.05 -3.08 25.76
N SER P 218 9.36 -3.11 26.03
CA SER P 218 9.96 -4.21 26.78
C SER P 218 9.56 -4.21 28.24
N TYR P 219 8.80 -3.20 28.71
CA TYR P 219 8.39 -3.12 30.09
C TYR P 219 6.89 -2.86 30.23
N ALA P 220 6.11 -3.23 29.22
CA ALA P 220 4.67 -2.96 29.26
C ALA P 220 4.00 -3.66 30.43
N ALA P 221 4.42 -4.90 30.72
CA ALA P 221 3.83 -5.64 31.84
C ALA P 221 4.02 -4.89 33.14
N TRP P 222 5.25 -4.43 33.42
CA TRP P 222 5.51 -3.70 34.65
C TRP P 222 4.77 -2.38 34.67
N ILE P 223 4.86 -1.61 33.59
CA ILE P 223 4.18 -0.31 33.53
C ILE P 223 2.69 -0.48 33.76
N ASP P 224 2.09 -1.53 33.19
CA ASP P 224 0.66 -1.76 33.40
C ASP P 224 0.36 -2.16 34.83
N SER P 225 1.29 -2.84 35.51
CA SER P 225 1.04 -3.25 36.88
C SER P 225 1.04 -2.06 37.83
N VAL P 226 1.75 -0.99 37.48
CA VAL P 226 1.89 0.16 38.37
C VAL P 226 0.84 1.23 38.06
N LEU P 227 0.58 1.48 36.78
CA LEU P 227 -0.34 2.54 36.39
C LEU P 227 -1.75 2.26 36.89
N ALA P 228 -2.40 3.31 37.37
CA ALA P 228 -3.77 3.21 37.85
C ALA P 228 -4.46 4.56 37.74
N ASP Q 1 46.68 2.76 7.04
CA ASP Q 1 46.93 1.60 7.86
C ASP Q 1 47.68 1.95 9.14
N ILE Q 2 47.20 1.44 10.26
CA ILE Q 2 47.83 1.64 11.57
C ILE Q 2 48.62 0.39 11.91
N GLN Q 3 49.93 0.53 12.11
CA GLN Q 3 50.79 -0.59 12.42
C GLN Q 3 50.93 -0.72 13.93
N MET Q 4 50.77 -1.95 14.44
CA MET Q 4 50.96 -2.25 15.85
C MET Q 4 52.30 -2.94 16.02
N THR Q 5 53.21 -2.29 16.74
CA THR Q 5 54.59 -2.77 16.92
C THR Q 5 54.74 -3.25 18.35
N GLN Q 6 54.83 -4.56 18.52
CA GLN Q 6 54.85 -5.18 19.84
C GLN Q 6 56.28 -5.49 20.25
N SER Q 7 56.58 -5.26 21.54
CA SER Q 7 57.92 -5.48 22.07
C SER Q 7 57.82 -6.00 23.50
N PRO Q 8 58.68 -6.95 23.89
CA PRO Q 8 59.67 -7.55 22.99
C PRO Q 8 59.12 -8.79 22.29
N SER Q 9 59.90 -9.37 21.37
CA SER Q 9 59.46 -10.57 20.66
C SER Q 9 59.27 -11.73 21.63
N SER Q 10 60.27 -12.00 22.45
CA SER Q 10 60.21 -13.03 23.47
C SER Q 10 60.63 -12.44 24.81
N LEU Q 11 60.37 -13.19 25.88
CA LEU Q 11 60.55 -12.68 27.23
C LEU Q 11 60.68 -13.85 28.18
N SER Q 12 61.79 -13.91 28.92
CA SER Q 12 62.04 -14.97 29.90
C SER Q 12 61.91 -14.40 31.30
N ALA Q 13 61.07 -15.04 32.12
CA ALA Q 13 60.86 -14.59 33.49
C ALA Q 13 60.45 -15.77 34.35
N SER Q 14 60.55 -15.58 35.66
CA SER Q 14 60.25 -16.62 36.63
C SER Q 14 58.84 -16.42 37.19
N VAL Q 15 58.32 -17.49 37.81
CA VAL Q 15 57.03 -17.41 38.48
C VAL Q 15 57.12 -16.39 39.60
N GLY Q 16 56.12 -15.52 39.70
CA GLY Q 16 56.08 -14.49 40.70
C GLY Q 16 56.62 -13.15 40.25
N ASP Q 17 57.29 -13.10 39.10
CA ASP Q 17 57.87 -11.85 38.63
C ASP Q 17 56.78 -10.93 38.07
N ARG Q 18 57.09 -9.64 38.04
CA ARG Q 18 56.27 -8.65 37.36
C ARG Q 18 56.80 -8.47 35.94
N VAL Q 19 55.92 -8.59 34.96
CA VAL Q 19 56.31 -8.60 33.55
C VAL Q 19 55.50 -7.54 32.81
N THR Q 20 56.17 -6.86 31.87
CA THR Q 20 55.58 -5.77 31.10
C THR Q 20 55.72 -6.09 29.61
N ILE Q 21 54.60 -5.99 28.89
CA ILE Q 21 54.58 -6.17 27.44
C ILE Q 21 54.07 -4.88 26.81
N THR Q 22 54.73 -4.45 25.74
CA THR Q 22 54.56 -3.11 25.18
C THR Q 22 54.03 -3.20 23.76
N CYS Q 23 53.18 -2.25 23.39
CA CYS Q 23 52.58 -2.18 22.07
C CYS Q 23 52.50 -0.72 21.65
N LYS Q 24 53.06 -0.39 20.49
CA LYS Q 24 53.13 0.99 20.00
C LYS Q 24 52.41 1.11 18.67
N ALA Q 25 51.43 2.02 18.62
CA ALA Q 25 50.68 2.29 17.40
C ALA Q 25 51.32 3.42 16.62
N SER Q 26 51.32 3.29 15.29
CA SER Q 26 51.97 4.29 14.43
C SER Q 26 51.20 5.61 14.39
N GLN Q 27 50.03 5.68 15.03
CA GLN Q 27 49.29 6.92 15.19
C GLN Q 27 48.28 6.71 16.31
N ASN Q 28 47.61 7.79 16.69
CA ASN Q 28 46.68 7.73 17.81
C ASN Q 28 45.54 6.75 17.53
N VAL Q 29 45.18 5.98 18.55
CA VAL Q 29 44.07 5.04 18.48
C VAL Q 29 43.23 5.15 19.74
N ASP Q 30 43.39 6.28 20.45
CA ASP Q 30 42.68 6.55 21.69
C ASP Q 30 42.89 5.42 22.69
N THR Q 31 41.81 4.70 23.05
CA THR Q 31 41.91 3.54 23.93
C THR Q 31 41.38 2.29 23.26
N ASP Q 32 41.20 2.30 21.93
CA ASP Q 32 40.62 1.18 21.21
C ASP Q 32 41.67 0.09 20.95
N VAL Q 33 42.15 -0.48 22.05
CA VAL Q 33 43.21 -1.47 22.03
C VAL Q 33 42.78 -2.67 22.86
N ALA Q 34 43.01 -3.87 22.32
CA ALA Q 34 42.68 -5.11 23.01
C ALA Q 34 43.94 -5.94 23.20
N TRP Q 35 43.91 -6.79 24.24
CA TRP Q 35 45.00 -7.72 24.52
C TRP Q 35 44.46 -9.14 24.51
N PHE Q 36 45.24 -10.06 23.93
CA PHE Q 36 44.85 -11.46 23.83
C PHE Q 36 45.96 -12.35 24.38
N GLN Q 37 45.56 -13.52 24.84
CA GLN Q 37 46.48 -14.57 25.30
C GLN Q 37 46.22 -15.83 24.49
N GLN Q 38 47.30 -16.44 24.00
CA GLN Q 38 47.16 -17.68 23.24
C GLN Q 38 48.23 -18.67 23.67
N LYS Q 39 47.81 -19.87 23.97
CA LYS Q 39 48.59 -21.04 24.29
C LYS Q 39 48.65 -21.97 23.09
N PRO Q 40 49.73 -22.75 22.93
CA PRO Q 40 49.90 -23.53 21.71
C PRO Q 40 48.75 -24.50 21.49
N GLY Q 41 48.27 -24.54 20.25
CA GLY Q 41 47.20 -25.45 19.87
C GLY Q 41 45.82 -25.05 20.30
N LYS Q 42 45.64 -23.85 20.85
CA LYS Q 42 44.34 -23.38 21.29
C LYS Q 42 44.03 -22.04 20.65
N ALA Q 43 42.76 -21.65 20.75
CA ALA Q 43 42.30 -20.40 20.16
C ALA Q 43 42.71 -19.22 21.04
N PRO Q 44 42.91 -18.04 20.45
CA PRO Q 44 43.18 -16.85 21.25
C PRO Q 44 42.05 -16.57 22.22
N LYS Q 45 42.41 -16.01 23.36
CA LYS Q 45 41.48 -15.72 24.44
C LYS Q 45 41.54 -14.23 24.76
N GLY Q 46 40.37 -13.65 25.05
CA GLY Q 46 40.31 -12.22 25.32
C GLY Q 46 40.74 -11.89 26.73
N LEU Q 47 41.66 -10.94 26.86
CA LEU Q 47 42.17 -10.51 28.16
C LEU Q 47 41.69 -9.10 28.51
N ILE Q 48 42.01 -8.12 27.66
CA ILE Q 48 41.73 -6.72 27.92
C ILE Q 48 41.09 -6.11 26.68
N ARG Q 49 40.16 -5.19 26.90
CA ARG Q 49 39.62 -4.36 25.84
C ARG Q 49 39.57 -2.92 26.35
N SER Q 50 39.40 -1.99 25.41
CA SER Q 50 39.38 -0.57 25.74
C SER Q 50 40.60 -0.18 26.58
N ALA Q 51 41.76 -0.71 26.18
CA ALA Q 51 43.06 -0.44 26.79
C ALA Q 51 43.20 -1.01 28.20
N SER Q 52 42.14 -0.99 29.01
CA SER Q 52 42.29 -1.31 30.43
C SER Q 52 41.17 -2.16 31.02
N SER Q 53 40.13 -2.50 30.28
CA SER Q 53 38.99 -3.23 30.85
C SER Q 53 39.24 -4.73 30.77
N ARG Q 54 39.31 -5.38 31.93
CA ARG Q 54 39.42 -6.84 31.97
C ARG Q 54 38.10 -7.49 31.61
N TYR Q 55 38.18 -8.62 30.91
CA TYR Q 55 37.00 -9.43 30.68
C TYR Q 55 36.66 -10.22 31.93
N SER Q 56 35.45 -10.76 31.96
CA SER Q 56 35.00 -11.53 33.11
C SER Q 56 35.84 -12.80 33.25
N GLY Q 57 36.30 -13.07 34.47
CA GLY Q 57 37.10 -14.23 34.74
C GLY Q 57 38.60 -14.04 34.55
N VAL Q 58 39.03 -12.91 34.01
CA VAL Q 58 40.47 -12.65 33.88
C VAL Q 58 41.00 -12.23 35.25
N PRO Q 59 42.08 -12.83 35.73
CA PRO Q 59 42.58 -12.52 37.07
C PRO Q 59 43.08 -11.09 37.16
N SER Q 60 43.05 -10.56 38.39
CA SER Q 60 43.41 -9.17 38.62
C SER Q 60 44.88 -8.86 38.39
N ARG Q 61 45.74 -9.88 38.28
CA ARG Q 61 47.15 -9.63 38.02
C ARG Q 61 47.38 -9.12 36.60
N PHE Q 62 46.40 -9.28 35.71
CA PHE Q 62 46.47 -8.71 34.37
C PHE Q 62 45.89 -7.29 34.40
N SER Q 63 46.68 -6.34 33.92
CA SER Q 63 46.22 -4.96 33.81
C SER Q 63 46.71 -4.37 32.51
N GLY Q 64 45.88 -3.53 31.90
CA GLY Q 64 46.24 -2.82 30.69
C GLY Q 64 46.27 -1.33 30.94
N SER Q 65 47.24 -0.65 30.33
CA SER Q 65 47.39 0.79 30.50
C SER Q 65 47.62 1.44 29.14
N GLY Q 66 47.38 2.75 29.10
CA GLY Q 66 47.74 3.52 27.92
C GLY Q 66 46.60 4.20 27.19
N SER Q 67 46.93 5.30 26.53
CA SER Q 67 45.97 6.01 25.68
C SER Q 67 46.77 6.82 24.67
N GLY Q 68 46.40 6.70 23.39
CA GLY Q 68 47.14 7.38 22.35
C GLY Q 68 47.88 6.43 21.44
N THR Q 69 49.20 6.29 21.65
CA THR Q 69 50.02 5.41 20.83
C THR Q 69 50.68 4.29 21.59
N ASP Q 70 50.96 4.45 22.88
CA ASP Q 70 51.77 3.53 23.64
C ASP Q 70 50.93 2.82 24.69
N PHE Q 71 50.85 1.50 24.57
CA PHE Q 71 50.00 0.66 25.42
C PHE Q 71 50.84 -0.43 26.06
N THR Q 72 50.42 -0.86 27.26
CA THR Q 72 51.22 -1.76 28.08
C THR Q 72 50.33 -2.78 28.76
N LEU Q 73 50.64 -4.05 28.55
CA LEU Q 73 50.03 -5.14 29.29
C LEU Q 73 50.97 -5.56 30.41
N THR Q 74 50.46 -5.59 31.63
CA THR Q 74 51.27 -5.85 32.81
C THR Q 74 50.71 -7.04 33.56
N ILE Q 75 51.57 -8.01 33.86
CA ILE Q 75 51.25 -9.13 34.73
C ILE Q 75 52.02 -8.92 36.02
N SER Q 76 51.30 -8.69 37.13
CA SER Q 76 51.94 -8.29 38.37
C SER Q 76 52.73 -9.44 38.99
N SER Q 77 52.09 -10.59 39.18
CA SER Q 77 52.72 -11.78 39.75
C SER Q 77 52.54 -12.92 38.77
N LEU Q 78 53.58 -13.20 37.99
CA LEU Q 78 53.51 -14.22 36.96
C LEU Q 78 53.21 -15.58 37.58
N GLN Q 79 52.27 -16.31 36.99
CA GLN Q 79 51.81 -17.60 37.46
C GLN Q 79 52.13 -18.68 36.44
N PRO Q 80 52.13 -19.95 36.84
CA PRO Q 80 52.50 -21.02 35.89
C PRO Q 80 51.67 -21.02 34.62
N GLU Q 81 50.34 -20.88 34.73
CA GLU Q 81 49.49 -20.91 33.54
C GLU Q 81 49.58 -19.65 32.70
N ASP Q 82 50.33 -18.64 33.12
CA ASP Q 82 50.43 -17.40 32.37
C ASP Q 82 51.51 -17.42 31.30
N PHE Q 83 52.37 -18.44 31.29
CA PHE Q 83 53.43 -18.53 30.29
C PHE Q 83 52.81 -18.94 28.96
N ALA Q 84 52.65 -17.97 28.07
CA ALA Q 84 52.05 -18.19 26.77
C ALA Q 84 52.45 -17.04 25.85
N THR Q 85 51.72 -16.85 24.76
CA THR Q 85 51.96 -15.77 23.81
C THR Q 85 50.82 -14.77 23.89
N TYR Q 86 51.16 -13.48 23.80
CA TYR Q 86 50.21 -12.40 23.96
C TYR Q 86 50.23 -11.49 22.75
N TYR Q 87 49.04 -11.03 22.34
CA TYR Q 87 48.87 -10.19 21.17
C TYR Q 87 48.10 -8.92 21.53
N CYS Q 88 48.58 -7.77 21.06
CA CYS Q 88 47.79 -6.56 21.09
C CYS Q 88 47.08 -6.36 19.77
N GLN Q 89 45.92 -5.72 19.82
CA GLN Q 89 45.12 -5.45 18.63
C GLN Q 89 44.62 -4.02 18.68
N GLN Q 90 44.62 -3.36 17.52
CA GLN Q 90 44.05 -2.03 17.36
C GLN Q 90 42.75 -2.16 16.60
N TYR Q 91 41.66 -1.66 17.18
CA TYR Q 91 40.36 -1.67 16.51
C TYR Q 91 39.80 -0.26 16.37
N ASN Q 92 40.68 0.74 16.33
CA ASN Q 92 40.25 2.13 16.21
C ASN Q 92 39.95 2.52 14.77
N ASN Q 93 40.59 1.88 13.80
CA ASN Q 93 40.52 2.32 12.41
C ASN Q 93 40.77 1.14 11.48
N TYR Q 94 40.00 1.08 10.39
CA TYR Q 94 40.15 -0.01 9.44
C TYR Q 94 41.39 0.19 8.57
N PRO Q 95 42.14 -0.88 8.27
CA PRO Q 95 41.83 -2.23 8.74
C PRO Q 95 42.34 -2.49 10.15
N LEU Q 96 41.69 -3.40 10.86
CA LEU Q 96 42.15 -3.79 12.19
C LEU Q 96 43.47 -4.52 12.05
N THR Q 97 44.38 -4.28 12.99
CA THR Q 97 45.72 -4.84 12.94
C THR Q 97 46.13 -5.38 14.30
N PHE Q 98 46.93 -6.45 14.27
CA PHE Q 98 47.49 -7.06 15.47
C PHE Q 98 48.97 -6.72 15.58
N GLY Q 99 49.52 -7.01 16.74
CA GLY Q 99 50.97 -7.03 16.90
C GLY Q 99 51.54 -8.38 16.50
N GLN Q 100 52.85 -8.40 16.25
CA GLN Q 100 53.48 -9.64 15.82
C GLN Q 100 53.58 -10.67 16.94
N GLY Q 101 53.28 -10.29 18.17
CA GLY Q 101 53.21 -11.22 19.28
C GLY Q 101 54.34 -11.04 20.26
N THR Q 102 54.14 -11.60 21.47
CA THR Q 102 55.17 -11.66 22.49
C THR Q 102 55.02 -12.99 23.22
N LYS Q 103 56.08 -13.78 23.22
CA LYS Q 103 56.06 -15.11 23.84
C LYS Q 103 56.77 -15.05 25.19
N VAL Q 104 56.04 -15.37 26.25
CA VAL Q 104 56.56 -15.33 27.62
C VAL Q 104 56.97 -16.74 28.01
N GLU Q 105 58.25 -16.93 28.31
CA GLU Q 105 58.80 -18.23 28.63
C GLU Q 105 59.39 -18.23 30.04
N ILE Q 106 59.58 -19.43 30.59
CA ILE Q 106 60.10 -19.59 31.94
C ILE Q 106 61.62 -19.49 31.92
N LYS Q 107 62.18 -18.69 32.82
CA LYS Q 107 63.62 -18.64 32.99
C LYS Q 107 64.09 -19.88 33.75
N ARG Q 108 65.35 -20.26 33.52
CA ARG Q 108 65.87 -21.52 34.04
C ARG Q 108 67.38 -21.45 34.04
N THR Q 109 68.00 -22.28 34.87
CA THR Q 109 69.45 -22.41 34.87
C THR Q 109 69.91 -23.03 33.55
N VAL Q 110 71.14 -22.70 33.16
CA VAL Q 110 71.68 -23.19 31.90
C VAL Q 110 71.89 -24.69 31.97
N ALA Q 111 71.44 -25.41 30.94
CA ALA Q 111 71.55 -26.85 30.87
C ALA Q 111 72.08 -27.24 29.51
N ALA Q 112 73.09 -28.11 29.49
CA ALA Q 112 73.69 -28.57 28.26
C ALA Q 112 72.83 -29.67 27.61
N PRO Q 113 72.88 -29.80 26.30
CA PRO Q 113 72.06 -30.81 25.62
C PRO Q 113 72.70 -32.20 25.64
N SER Q 114 71.84 -33.21 25.72
CA SER Q 114 72.26 -34.61 25.57
C SER Q 114 72.20 -34.94 24.08
N VAL Q 115 73.37 -35.00 23.45
CA VAL Q 115 73.45 -35.13 22.00
C VAL Q 115 73.41 -36.60 21.60
N PHE Q 116 72.59 -36.90 20.59
CA PHE Q 116 72.52 -38.24 20.01
C PHE Q 116 72.55 -38.13 18.49
N ILE Q 117 72.84 -39.24 17.83
CA ILE Q 117 72.88 -39.30 16.38
C ILE Q 117 72.39 -40.68 15.94
N PHE Q 118 71.68 -40.71 14.80
CA PHE Q 118 71.06 -41.93 14.31
C PHE Q 118 71.36 -42.09 12.83
N PRO Q 119 71.91 -43.24 12.42
CA PRO Q 119 72.10 -43.50 10.99
C PRO Q 119 70.79 -43.87 10.33
N PRO Q 120 70.69 -43.73 9.01
CA PRO Q 120 69.45 -44.10 8.32
C PRO Q 120 69.24 -45.60 8.36
N SER Q 121 68.03 -46.01 8.72
CA SER Q 121 67.71 -47.43 8.82
C SER Q 121 67.77 -48.10 7.45
N ASP Q 122 68.03 -49.41 7.46
CA ASP Q 122 68.11 -50.16 6.21
C ASP Q 122 66.77 -50.21 5.50
N GLU Q 123 65.67 -50.15 6.25
CA GLU Q 123 64.34 -50.18 5.64
C GLU Q 123 64.10 -48.91 4.81
N GLN Q 124 64.59 -47.77 5.28
CA GLN Q 124 64.48 -46.54 4.51
C GLN Q 124 65.42 -46.53 3.32
N LEU Q 125 66.60 -47.14 3.47
CA LEU Q 125 67.58 -47.19 2.38
C LEU Q 125 67.10 -48.03 1.20
N LYS Q 126 66.02 -48.80 1.34
CA LYS Q 126 65.48 -49.54 0.21
C LYS Q 126 64.84 -48.61 -0.81
N SER Q 127 64.46 -47.40 -0.43
CA SER Q 127 63.99 -46.39 -1.36
C SER Q 127 65.16 -45.49 -1.74
N GLY Q 128 64.85 -44.37 -2.40
CA GLY Q 128 65.90 -43.50 -2.92
C GLY Q 128 66.33 -42.37 -2.02
N THR Q 129 65.94 -42.37 -0.75
CA THR Q 129 66.26 -41.27 0.15
C THR Q 129 66.78 -41.82 1.48
N ALA Q 130 67.70 -41.06 2.08
CA ALA Q 130 68.29 -41.41 3.37
C ALA Q 130 68.33 -40.16 4.24
N SER Q 131 67.86 -40.29 5.48
CA SER Q 131 67.80 -39.18 6.42
C SER Q 131 68.62 -39.49 7.66
N VAL Q 132 69.44 -38.52 8.09
CA VAL Q 132 70.29 -38.67 9.26
C VAL Q 132 69.79 -37.69 10.31
N VAL Q 133 69.50 -38.22 11.50
CA VAL Q 133 68.89 -37.45 12.59
C VAL Q 133 69.94 -37.17 13.65
N CYS Q 134 69.93 -35.92 14.15
CA CYS Q 134 70.83 -35.47 15.21
C CYS Q 134 69.98 -34.84 16.30
N LEU Q 135 69.93 -35.48 17.47
CA LEU Q 135 69.02 -35.09 18.54
C LEU Q 135 69.75 -34.34 19.63
N LEU Q 136 69.16 -33.23 20.07
CA LEU Q 136 69.64 -32.44 21.22
C LEU Q 136 68.54 -32.47 22.27
N ASN Q 137 68.80 -33.15 23.39
CA ASN Q 137 67.76 -33.47 24.35
C ASN Q 137 67.92 -32.65 25.62
N ASN Q 138 66.82 -32.01 26.04
CA ASN Q 138 66.70 -31.30 27.31
C ASN Q 138 67.84 -30.31 27.56
N PHE Q 139 67.72 -29.11 27.00
CA PHE Q 139 68.72 -28.07 27.18
C PHE Q 139 68.03 -26.72 27.34
N TYR Q 140 68.81 -25.73 27.79
CA TYR Q 140 68.33 -24.37 27.99
C TYR Q 140 69.52 -23.44 27.93
N PRO Q 141 69.43 -22.28 27.26
CA PRO Q 141 68.25 -21.81 26.52
C PRO Q 141 68.12 -22.45 25.13
N ARG Q 142 67.18 -21.94 24.33
CA ARG Q 142 66.92 -22.54 23.02
C ARG Q 142 68.04 -22.26 22.03
N GLU Q 143 68.70 -21.10 22.14
CA GLU Q 143 69.75 -20.71 21.20
C GLU Q 143 70.81 -21.79 21.06
N ALA Q 144 70.73 -22.56 19.98
CA ALA Q 144 71.69 -23.64 19.71
C ALA Q 144 72.11 -23.58 18.25
N LYS Q 145 73.26 -24.20 17.97
CA LYS Q 145 73.85 -24.20 16.63
C LYS Q 145 74.24 -25.63 16.28
N VAL Q 146 73.68 -26.14 15.19
CA VAL Q 146 73.95 -27.51 14.74
C VAL Q 146 74.51 -27.44 13.32
N GLN Q 147 75.74 -27.92 13.16
CA GLN Q 147 76.42 -27.97 11.86
C GLN Q 147 76.69 -29.43 11.51
N TRP Q 148 76.37 -29.80 10.27
CA TRP Q 148 76.65 -31.15 9.79
C TRP Q 148 77.99 -31.16 9.06
N LYS Q 149 78.74 -32.24 9.24
CA LYS Q 149 80.03 -32.43 8.59
C LYS Q 149 80.09 -33.83 8.01
N VAL Q 150 80.21 -33.92 6.69
CA VAL Q 150 80.32 -35.19 5.99
C VAL Q 150 81.74 -35.31 5.49
N ASP Q 151 82.52 -36.21 6.09
CA ASP Q 151 83.96 -36.36 5.82
C ASP Q 151 84.67 -35.02 6.00
N ASN Q 152 84.36 -34.35 7.12
CA ASN Q 152 84.93 -33.05 7.46
C ASN Q 152 84.63 -31.99 6.39
N ALA Q 153 83.46 -32.08 5.77
CA ALA Q 153 83.00 -31.09 4.80
C ALA Q 153 81.71 -30.46 5.29
N LEU Q 154 81.69 -29.14 5.36
CA LEU Q 154 80.57 -28.41 5.96
C LEU Q 154 79.39 -28.39 4.99
N GLN Q 155 78.23 -28.84 5.46
CA GLN Q 155 77.01 -28.86 4.67
C GLN Q 155 76.20 -27.59 4.89
N SER Q 156 75.25 -27.35 3.98
CA SER Q 156 74.35 -26.21 4.10
C SER Q 156 73.22 -26.37 3.09
N GLY Q 157 72.02 -25.96 3.48
CA GLY Q 157 70.88 -25.98 2.59
C GLY Q 157 70.24 -27.34 2.40
N ASN Q 158 70.65 -28.35 3.15
CA ASN Q 158 70.08 -29.70 3.01
C ASN Q 158 69.62 -30.26 4.35
N SER Q 159 69.50 -29.42 5.37
CA SER Q 159 69.12 -29.86 6.71
C SER Q 159 68.02 -28.96 7.26
N GLN Q 160 67.08 -29.58 7.98
CA GLN Q 160 65.99 -28.87 8.64
C GLN Q 160 65.94 -29.30 10.09
N GLU Q 161 65.65 -28.35 10.98
CA GLU Q 161 65.54 -28.64 12.40
C GLU Q 161 64.13 -28.33 12.89
N SER Q 162 63.78 -28.93 14.03
CA SER Q 162 62.47 -28.77 14.65
C SER Q 162 62.65 -28.76 16.15
N VAL Q 163 62.02 -27.80 16.83
CA VAL Q 163 62.18 -27.60 18.25
C VAL Q 163 60.84 -27.83 18.95
N THR Q 164 60.89 -28.49 20.10
CA THR Q 164 59.70 -28.69 20.91
C THR Q 164 59.42 -27.43 21.74
N GLU Q 165 58.21 -27.36 22.30
CA GLU Q 165 57.91 -26.29 23.23
C GLU Q 165 58.53 -26.61 24.59
N GLN Q 166 58.62 -25.57 25.43
CA GLN Q 166 59.26 -25.72 26.73
C GLN Q 166 58.53 -26.77 27.56
N ASP Q 167 59.29 -27.73 28.08
CA ASP Q 167 58.70 -28.84 28.80
C ASP Q 167 58.03 -28.34 30.07
N SER Q 168 56.88 -28.92 30.39
CA SER Q 168 56.10 -28.46 31.53
C SER Q 168 56.74 -28.84 32.87
N LYS Q 169 57.67 -29.78 32.87
CA LYS Q 169 58.26 -30.29 34.11
C LYS Q 169 59.62 -29.68 34.41
N ASP Q 170 60.57 -29.80 33.48
CA ASP Q 170 61.91 -29.28 33.70
C ASP Q 170 62.21 -28.02 32.90
N SER Q 171 61.28 -27.55 32.07
CA SER Q 171 61.37 -26.26 31.38
C SER Q 171 62.55 -26.22 30.40
N THR Q 172 62.76 -27.32 29.69
CA THR Q 172 63.86 -27.44 28.74
C THR Q 172 63.33 -27.58 27.32
N TYR Q 173 64.23 -27.40 26.36
CA TYR Q 173 63.92 -27.54 24.95
C TYR Q 173 64.57 -28.80 24.39
N SER Q 174 64.11 -29.20 23.20
CA SER Q 174 64.69 -30.33 22.50
C SER Q 174 64.60 -30.08 21.01
N LEU Q 175 65.72 -30.28 20.32
CA LEU Q 175 65.83 -29.99 18.89
C LEU Q 175 66.22 -31.26 18.13
N SER Q 176 65.73 -31.37 16.90
CA SER Q 176 66.01 -32.53 16.06
C SER Q 176 66.35 -32.05 14.65
N SER Q 177 67.64 -31.96 14.34
CA SER Q 177 68.10 -31.59 13.01
C SER Q 177 68.18 -32.84 12.15
N THR Q 178 67.58 -32.78 10.96
CA THR Q 178 67.51 -33.92 10.06
C THR Q 178 68.20 -33.57 8.75
N LEU Q 179 69.22 -34.35 8.41
CA LEU Q 179 69.96 -34.19 7.15
C LEU Q 179 69.39 -35.16 6.12
N THR Q 180 68.96 -34.62 4.98
CA THR Q 180 68.35 -35.42 3.92
C THR Q 180 69.31 -35.53 2.74
N LEU Q 181 69.55 -36.76 2.29
CA LEU Q 181 70.45 -37.02 1.19
C LEU Q 181 69.94 -38.22 0.39
N SER Q 182 70.21 -38.21 -0.91
CA SER Q 182 69.85 -39.32 -1.76
C SER Q 182 70.74 -40.53 -1.47
N LYS Q 183 70.27 -41.71 -1.86
CA LYS Q 183 71.02 -42.93 -1.59
C LYS Q 183 72.37 -42.94 -2.30
N ALA Q 184 72.45 -42.32 -3.48
CA ALA Q 184 73.70 -42.28 -4.21
C ALA Q 184 74.72 -41.38 -3.52
N ASP Q 185 74.30 -40.19 -3.10
CA ASP Q 185 75.20 -39.28 -2.42
C ASP Q 185 75.51 -39.74 -0.99
N TYR Q 186 74.72 -40.65 -0.44
CA TYR Q 186 74.95 -41.13 0.91
C TYR Q 186 76.15 -42.07 0.96
N GLU Q 187 76.19 -43.05 0.04
CA GLU Q 187 77.23 -44.06 0.04
C GLU Q 187 78.54 -43.59 -0.60
N LYS Q 188 78.61 -42.34 -1.06
CA LYS Q 188 79.87 -41.81 -1.56
C LYS Q 188 80.83 -41.43 -0.44
N HIS Q 189 80.34 -41.30 0.79
CA HIS Q 189 81.14 -40.83 1.91
C HIS Q 189 81.04 -41.83 3.06
N LYS Q 190 81.82 -41.58 4.11
CA LYS Q 190 81.95 -42.51 5.23
C LYS Q 190 81.63 -41.89 6.57
N VAL Q 191 82.18 -40.72 6.88
CA VAL Q 191 82.04 -40.11 8.20
C VAL Q 191 80.90 -39.11 8.17
N TYR Q 192 79.95 -39.27 9.07
CA TYR Q 192 78.82 -38.35 9.23
C TYR Q 192 78.77 -37.88 10.67
N ALA Q 193 78.76 -36.55 10.86
CA ALA Q 193 78.80 -35.98 12.20
C ALA Q 193 77.95 -34.71 12.24
N CYS Q 194 77.49 -34.37 13.44
CA CYS Q 194 76.83 -33.10 13.69
C CYS Q 194 77.49 -32.43 14.87
N GLU Q 195 78.02 -31.22 14.66
CA GLU Q 195 78.69 -30.46 15.70
C GLU Q 195 77.66 -29.56 16.40
N VAL Q 196 77.62 -29.63 17.72
CA VAL Q 196 76.64 -28.92 18.52
C VAL Q 196 77.36 -27.84 19.32
N THR Q 197 77.00 -26.58 19.08
CA THR Q 197 77.51 -25.45 19.84
C THR Q 197 76.37 -24.89 20.70
N HIS Q 198 76.64 -24.74 21.99
CA HIS Q 198 75.62 -24.28 22.92
C HIS Q 198 76.27 -23.49 24.04
N GLN Q 199 75.48 -22.61 24.66
CA GLN Q 199 75.98 -21.83 25.79
C GLN Q 199 76.37 -22.74 26.95
N GLY Q 200 75.63 -23.83 27.16
CA GLY Q 200 75.89 -24.74 28.25
C GLY Q 200 77.07 -25.69 28.05
N LEU Q 201 77.82 -25.53 26.97
CA LEU Q 201 78.98 -26.36 26.69
C LEU Q 201 80.23 -25.49 26.63
N SER Q 202 81.29 -25.94 27.29
CA SER Q 202 82.54 -25.19 27.26
C SER Q 202 83.20 -25.24 25.89
N SER Q 203 83.03 -26.35 25.17
CA SER Q 203 83.56 -26.52 23.82
C SER Q 203 82.53 -27.31 23.02
N PRO Q 204 82.49 -27.12 21.70
CA PRO Q 204 81.48 -27.80 20.88
C PRO Q 204 81.62 -29.33 20.96
N VAL Q 205 80.48 -29.98 21.21
CA VAL Q 205 80.40 -31.43 21.32
C VAL Q 205 80.00 -32.02 19.98
N THR Q 206 80.65 -33.11 19.58
CA THR Q 206 80.39 -33.78 18.32
C THR Q 206 80.04 -35.24 18.56
N LYS Q 207 78.99 -35.71 17.90
CA LYS Q 207 78.62 -37.12 17.87
C LYS Q 207 78.60 -37.59 16.42
N SER Q 208 79.29 -38.69 16.13
CA SER Q 208 79.47 -39.14 14.76
C SER Q 208 79.26 -40.65 14.68
N PHE Q 209 79.32 -41.15 13.44
CA PHE Q 209 79.24 -42.58 13.17
C PHE Q 209 79.86 -42.84 11.81
N ASN Q 210 80.47 -44.02 11.67
CA ASN Q 210 80.99 -44.46 10.38
C ASN Q 210 79.95 -45.31 9.67
N ARG Q 211 79.80 -45.08 8.36
CA ARG Q 211 78.77 -45.75 7.58
C ARG Q 211 79.02 -47.25 7.54
N GLY Q 212 78.26 -48.01 8.33
CA GLY Q 212 78.40 -49.46 8.35
C GLY Q 212 78.40 -50.06 9.74
N GLU Q 213 79.13 -49.45 10.67
CA GLU Q 213 79.22 -49.93 12.04
C GLU Q 213 77.86 -49.92 12.73
N GLU R 1 24.41 -21.01 27.90
CA GLU R 1 25.83 -20.95 27.58
C GLU R 1 26.04 -20.51 26.13
N VAL R 2 26.82 -19.45 25.94
CA VAL R 2 27.11 -18.92 24.62
C VAL R 2 28.33 -19.64 24.05
N GLN R 3 28.27 -19.95 22.76
CA GLN R 3 29.40 -20.61 22.10
C GLN R 3 29.30 -20.40 20.60
N LEU R 4 30.47 -20.33 19.96
CA LEU R 4 30.59 -20.24 18.50
C LEU R 4 31.34 -21.49 18.04
N VAL R 5 30.67 -22.34 17.27
CA VAL R 5 31.26 -23.56 16.73
C VAL R 5 31.39 -23.39 15.22
N GLN R 6 32.56 -23.75 14.69
CA GLN R 6 32.88 -23.61 13.29
C GLN R 6 32.88 -24.98 12.61
N SER R 7 32.92 -24.94 11.27
CA SER R 7 32.94 -26.18 10.49
C SER R 7 34.27 -26.90 10.69
N GLY R 8 34.27 -28.19 10.33
CA GLY R 8 35.46 -29.00 10.47
C GLY R 8 36.55 -28.57 9.51
N ALA R 9 37.71 -29.22 9.67
CA ALA R 9 38.88 -28.91 8.85
C ALA R 9 38.58 -29.18 7.38
N GLU R 10 39.39 -28.55 6.52
CA GLU R 10 39.21 -28.65 5.08
C GLU R 10 40.56 -28.79 4.40
N VAL R 11 40.60 -29.57 3.32
CA VAL R 11 41.78 -29.73 2.49
C VAL R 11 41.39 -29.39 1.06
N LYS R 12 42.13 -28.44 0.46
CA LYS R 12 41.75 -27.91 -0.84
C LYS R 12 43.00 -27.76 -1.72
N LYS R 13 42.78 -27.78 -3.08
CA LYS R 13 43.76 -27.67 -4.15
C LYS R 13 44.01 -26.22 -4.51
N PRO R 14 45.23 -25.88 -4.96
CA PRO R 14 45.61 -24.45 -5.09
C PRO R 14 44.89 -23.72 -6.21
N GLY R 15 43.57 -23.68 -6.16
CA GLY R 15 42.79 -22.96 -7.16
C GLY R 15 41.32 -22.91 -6.81
N ALA R 16 40.87 -23.86 -6.00
CA ALA R 16 39.46 -23.98 -5.64
C ALA R 16 39.10 -22.92 -4.61
N SER R 17 37.91 -23.05 -4.01
CA SER R 17 37.44 -22.14 -2.98
C SER R 17 36.94 -22.94 -1.79
N VAL R 18 36.99 -22.30 -0.62
CA VAL R 18 36.55 -22.92 0.63
C VAL R 18 35.57 -21.98 1.32
N LYS R 19 34.59 -22.56 2.01
CA LYS R 19 33.54 -21.80 2.68
C LYS R 19 33.40 -22.33 4.10
N VAL R 20 33.85 -21.54 5.08
CA VAL R 20 33.83 -21.92 6.48
C VAL R 20 32.56 -21.36 7.12
N SER R 21 32.00 -22.11 8.07
CA SER R 21 30.82 -21.71 8.80
C SER R 21 31.17 -21.37 10.24
N CYS R 22 30.22 -20.75 10.94
CA CYS R 22 30.43 -20.28 12.32
C CYS R 22 29.04 -20.09 12.92
N LYS R 23 28.54 -21.15 13.57
CA LYS R 23 27.18 -21.15 14.09
C LYS R 23 27.18 -20.59 15.51
N ALA R 24 26.45 -19.50 15.71
CA ALA R 24 26.34 -18.86 17.00
C ALA R 24 25.09 -19.34 17.74
N SER R 25 25.20 -19.40 19.06
CA SER R 25 24.08 -19.78 19.92
C SER R 25 24.31 -19.22 21.31
N GLY R 26 23.22 -18.89 21.99
CA GLY R 26 23.27 -18.37 23.33
C GLY R 26 23.08 -16.87 23.43
N TYR R 27 23.20 -16.15 22.31
CA TYR R 27 22.99 -14.71 22.28
C TYR R 27 22.27 -14.34 20.99
N THR R 28 21.72 -13.13 20.97
CA THR R 28 21.03 -12.63 19.79
C THR R 28 22.04 -12.38 18.68
N PHE R 29 22.03 -13.25 17.66
CA PHE R 29 23.04 -13.21 16.61
C PHE R 29 23.06 -11.88 15.87
N THR R 30 21.92 -11.21 15.74
CA THR R 30 21.83 -10.00 14.94
C THR R 30 22.29 -8.75 15.70
N SER R 31 22.53 -8.84 17.00
CA SER R 31 22.87 -7.65 17.80
C SER R 31 24.36 -7.39 17.88
N TYR R 32 25.20 -8.18 17.20
CA TYR R 32 26.64 -8.00 17.25
C TYR R 32 27.23 -8.24 15.87
N TYR R 33 28.33 -7.53 15.58
CA TYR R 33 29.11 -7.82 14.39
C TYR R 33 29.76 -9.20 14.50
N MET R 34 30.33 -9.65 13.40
CA MET R 34 31.16 -10.86 13.37
C MET R 34 32.40 -10.56 12.53
N TYR R 35 33.58 -10.77 13.11
CA TYR R 35 34.81 -10.58 12.37
C TYR R 35 35.62 -11.87 12.34
N TRP R 36 36.53 -11.97 11.37
CA TRP R 36 37.25 -13.19 11.06
C TRP R 36 38.75 -12.93 11.13
N VAL R 37 39.47 -13.85 11.78
CA VAL R 37 40.90 -13.74 11.99
C VAL R 37 41.59 -14.99 11.44
N ARG R 38 42.71 -14.79 10.76
CA ARG R 38 43.50 -15.87 10.19
C ARG R 38 44.85 -15.97 10.88
N GLN R 39 45.31 -17.19 11.11
CA GLN R 39 46.61 -17.42 11.74
C GLN R 39 47.33 -18.54 11.00
N ALA R 40 48.38 -18.18 10.25
CA ALA R 40 49.20 -19.18 9.59
C ALA R 40 49.92 -20.02 10.63
N PRO R 41 50.32 -21.25 10.27
CA PRO R 41 51.05 -22.09 11.23
C PRO R 41 52.32 -21.41 11.71
N GLY R 42 52.46 -21.32 13.03
CA GLY R 42 53.62 -20.70 13.62
C GLY R 42 53.80 -19.25 13.24
N GLN R 43 52.71 -18.50 13.15
CA GLN R 43 52.74 -17.12 12.70
C GLN R 43 51.75 -16.31 13.53
N GLY R 44 51.71 -15.00 13.27
CA GLY R 44 50.85 -14.10 14.00
C GLY R 44 49.40 -14.17 13.53
N LEU R 45 48.62 -13.23 14.04
CA LEU R 45 47.20 -13.13 13.71
C LEU R 45 47.01 -12.10 12.61
N GLU R 46 46.06 -12.38 11.72
CA GLU R 46 45.73 -11.47 10.63
C GLU R 46 44.22 -11.25 10.61
N TRP R 47 43.81 -9.99 10.47
CA TRP R 47 42.41 -9.63 10.46
C TRP R 47 41.89 -9.67 9.03
N ILE R 48 40.86 -10.47 8.79
CA ILE R 48 40.32 -10.64 7.44
C ILE R 48 39.26 -9.58 7.18
N GLY R 49 38.16 -9.65 7.91
CA GLY R 49 37.08 -8.70 7.71
C GLY R 49 36.01 -8.88 8.76
N GLU R 50 34.92 -8.14 8.59
CA GLU R 50 33.81 -8.18 9.53
C GLU R 50 32.51 -7.97 8.78
N ILE R 51 31.40 -8.39 9.39
CA ILE R 51 30.08 -8.30 8.78
C ILE R 51 29.07 -7.87 9.83
N ASN R 52 28.13 -7.02 9.40
CA ASN R 52 27.03 -6.58 10.23
C ASN R 52 25.80 -7.41 9.88
N PRO R 53 25.33 -8.31 10.74
CA PRO R 53 24.22 -9.18 10.35
C PRO R 53 22.90 -8.45 10.16
N THR R 54 22.74 -7.24 10.72
CA THR R 54 21.49 -6.51 10.53
C THR R 54 21.45 -5.85 9.16
N SER R 55 22.49 -5.09 8.81
CA SER R 55 22.52 -4.33 7.57
C SER R 55 23.22 -5.07 6.43
N GLY R 56 23.94 -6.14 6.72
CA GLY R 56 24.72 -6.81 5.71
C GLY R 56 25.98 -6.09 5.29
N GLY R 57 26.31 -4.97 5.93
CA GLY R 57 27.51 -4.24 5.57
C GLY R 57 28.77 -4.97 6.00
N THR R 58 29.86 -4.67 5.31
CA THR R 58 31.13 -5.35 5.55
C THR R 58 32.28 -4.36 5.48
N ASN R 59 33.33 -4.65 6.25
CA ASN R 59 34.62 -4.00 6.13
C ASN R 59 35.69 -5.07 5.99
N PHE R 60 36.61 -4.89 5.06
CA PHE R 60 37.62 -5.89 4.75
C PHE R 60 39.02 -5.28 4.86
N ASN R 61 39.97 -6.13 5.20
CA ASN R 61 41.37 -5.85 4.90
C ASN R 61 41.56 -5.93 3.39
N GLU R 62 42.13 -4.87 2.81
CA GLU R 62 42.26 -4.83 1.35
C GLU R 62 43.13 -5.95 0.80
N LYS R 63 43.89 -6.64 1.66
CA LYS R 63 44.64 -7.81 1.23
C LYS R 63 43.73 -8.99 0.89
N PHE R 64 42.47 -8.98 1.35
CA PHE R 64 41.53 -10.06 1.07
C PHE R 64 40.28 -9.59 0.33
N LYS R 65 40.21 -8.32 -0.09
CA LYS R 65 38.97 -7.79 -0.61
C LYS R 65 38.55 -8.46 -1.90
N SER R 66 39.51 -8.89 -2.73
CA SER R 66 39.18 -9.44 -4.04
C SER R 66 38.75 -10.90 -3.97
N ARG R 67 39.16 -11.63 -2.94
CA ARG R 67 38.94 -13.07 -2.91
C ARG R 67 38.01 -13.55 -1.81
N ALA R 68 37.77 -12.74 -0.77
CA ALA R 68 36.97 -13.15 0.36
C ALA R 68 35.54 -12.64 0.24
N THR R 69 34.61 -13.42 0.79
CA THR R 69 33.19 -13.08 0.77
C THR R 69 32.57 -13.45 2.10
N LEU R 70 31.96 -12.47 2.78
CA LEU R 70 31.33 -12.66 4.07
C LEU R 70 29.82 -12.62 3.92
N THR R 71 29.14 -13.66 4.40
CA THR R 71 27.70 -13.78 4.32
C THR R 71 27.14 -14.20 5.67
N VAL R 72 25.82 -14.11 5.80
CA VAL R 72 25.14 -14.37 7.06
C VAL R 72 23.77 -14.96 6.77
N ASP R 73 23.43 -16.03 7.49
CA ASP R 73 22.09 -16.61 7.46
C ASP R 73 21.44 -16.31 8.81
N THR R 74 20.60 -15.27 8.84
CA THR R 74 19.99 -14.83 10.10
C THR R 74 19.09 -15.91 10.69
N SER R 75 18.40 -16.68 9.83
CA SER R 75 17.44 -17.66 10.32
C SER R 75 18.13 -18.78 11.10
N THR R 76 19.41 -19.06 10.81
CA THR R 76 20.15 -20.11 11.48
C THR R 76 21.25 -19.57 12.39
N SER R 77 21.39 -18.24 12.50
CA SER R 77 22.41 -17.62 13.35
C SER R 77 23.80 -18.14 12.99
N THR R 78 24.15 -18.05 11.71
CA THR R 78 25.41 -18.59 11.20
C THR R 78 26.07 -17.59 10.28
N ALA R 79 27.38 -17.43 10.43
CA ALA R 79 28.19 -16.60 9.56
C ALA R 79 29.10 -17.47 8.71
N TYR R 80 29.36 -17.01 7.48
CA TYR R 80 30.14 -17.78 6.52
C TYR R 80 31.27 -16.93 5.98
N LEU R 81 32.45 -17.53 5.89
CA LEU R 81 33.60 -16.93 5.22
C LEU R 81 33.93 -17.78 4.01
N GLU R 82 33.96 -17.14 2.84
CA GLU R 82 34.24 -17.83 1.58
C GLU R 82 35.48 -17.23 0.95
N LEU R 83 36.52 -18.05 0.80
CA LEU R 83 37.77 -17.64 0.18
C LEU R 83 37.94 -18.40 -1.13
N SER R 84 38.23 -17.67 -2.21
CA SER R 84 38.40 -18.26 -3.53
C SER R 84 39.82 -18.02 -4.03
N SER R 85 40.21 -18.82 -5.03
CA SER R 85 41.53 -18.72 -5.66
C SER R 85 42.65 -18.92 -4.64
N LEU R 86 42.56 -20.01 -3.88
CA LEU R 86 43.53 -20.30 -2.84
C LEU R 86 44.94 -20.41 -3.41
N ARG R 87 45.93 -20.14 -2.56
CA ARG R 87 47.32 -20.05 -3.03
C ARG R 87 48.31 -20.62 -2.01
N SER R 88 47.94 -21.65 -1.27
CA SER R 88 48.82 -22.31 -0.30
C SER R 88 49.29 -21.38 0.81
N GLU R 89 49.59 -20.11 0.47
CA GLU R 89 49.84 -19.10 1.51
C GLU R 89 48.61 -18.88 2.37
N ASP R 90 47.45 -19.32 1.92
CA ASP R 90 46.22 -19.27 2.71
C ASP R 90 46.06 -20.48 3.62
N THR R 91 47.10 -21.29 3.76
CA THR R 91 47.09 -22.41 4.70
C THR R 91 47.19 -21.86 6.11
N ALA R 92 46.13 -22.00 6.90
CA ALA R 92 46.05 -21.38 8.21
C ALA R 92 44.81 -21.88 8.93
N VAL R 93 44.69 -21.50 10.19
CA VAL R 93 43.48 -21.69 10.97
C VAL R 93 42.65 -20.42 10.90
N TYR R 94 41.35 -20.57 10.66
CA TYR R 94 40.45 -19.44 10.48
C TYR R 94 39.50 -19.36 11.67
N TYR R 95 39.53 -18.22 12.37
CA TYR R 95 38.71 -18.00 13.55
C TYR R 95 37.63 -16.98 13.24
N CYS R 96 36.43 -17.22 13.79
CA CYS R 96 35.39 -16.21 13.88
C CYS R 96 35.28 -15.76 15.32
N ALA R 97 34.90 -14.49 15.51
CA ALA R 97 34.79 -13.93 16.86
C ALA R 97 33.68 -12.89 16.87
N ARG R 98 33.03 -12.76 18.03
CA ARG R 98 31.97 -11.78 18.19
C ARG R 98 32.55 -10.42 18.53
N GLU R 99 32.02 -9.39 17.88
CA GLU R 99 32.44 -8.01 18.13
C GLU R 99 31.57 -7.42 19.23
N GLY R 100 32.19 -7.11 20.36
CA GLY R 100 31.46 -6.50 21.46
C GLY R 100 31.04 -7.52 22.50
N GLY R 101 30.90 -7.06 23.74
CA GLY R 101 30.55 -7.95 24.83
C GLY R 101 31.74 -8.81 25.23
N PHE R 102 31.43 -9.93 25.89
CA PHE R 102 32.46 -10.89 26.23
C PHE R 102 33.08 -11.45 24.96
N ALA R 103 34.41 -11.43 24.89
CA ALA R 103 35.14 -11.76 23.67
C ALA R 103 35.06 -13.27 23.40
N TYR R 104 33.92 -13.69 22.87
CA TYR R 104 33.74 -15.08 22.46
C TYR R 104 34.47 -15.32 21.14
N TRP R 105 35.15 -16.46 21.07
CA TRP R 105 35.84 -16.89 19.85
C TRP R 105 35.39 -18.28 19.48
N GLY R 106 35.55 -18.61 18.19
CA GLY R 106 35.33 -19.97 17.74
C GLY R 106 36.55 -20.84 17.99
N GLN R 107 36.35 -22.14 17.85
CA GLN R 107 37.45 -23.07 18.08
C GLN R 107 38.46 -23.05 16.95
N GLY R 108 38.10 -22.51 15.80
CA GLY R 108 39.01 -22.44 14.66
C GLY R 108 38.69 -23.50 13.62
N THR R 109 39.21 -23.27 12.42
CA THR R 109 39.03 -24.20 11.30
C THR R 109 40.31 -24.24 10.49
N LEU R 110 40.96 -25.40 10.46
CA LEU R 110 42.21 -25.55 9.73
C LEU R 110 41.92 -25.75 8.25
N VAL R 111 42.48 -24.88 7.41
CA VAL R 111 42.34 -24.97 5.96
C VAL R 111 43.73 -25.15 5.38
N THR R 112 43.98 -26.33 4.81
CA THR R 112 45.28 -26.67 4.25
C THR R 112 45.19 -26.64 2.73
N VAL R 113 46.07 -25.87 2.10
CA VAL R 113 46.07 -25.67 0.65
C VAL R 113 47.42 -26.12 0.12
N SER R 114 47.44 -27.19 -0.67
CA SER R 114 48.66 -27.69 -1.28
C SER R 114 48.31 -28.40 -2.58
N SER R 115 49.35 -28.78 -3.31
CA SER R 115 49.20 -29.47 -4.59
C SER R 115 49.21 -30.99 -4.46
N ALA R 116 49.76 -31.53 -3.37
CA ALA R 116 50.06 -32.96 -3.32
C ALA R 116 48.83 -33.81 -3.00
N SER R 117 48.09 -33.43 -1.96
CA SER R 117 46.92 -34.16 -1.45
C SER R 117 47.31 -35.47 -0.78
N THR R 118 46.32 -36.19 -0.25
CA THR R 118 46.53 -37.21 0.76
C THR R 118 47.55 -38.26 0.35
N LYS R 119 48.52 -38.49 1.24
CA LYS R 119 49.55 -39.51 1.09
C LYS R 119 49.88 -40.07 2.47
N GLY R 120 49.91 -41.39 2.59
CA GLY R 120 50.17 -42.04 3.86
C GLY R 120 51.60 -41.86 4.33
N PRO R 121 51.82 -41.98 5.64
CA PRO R 121 53.17 -41.82 6.19
C PRO R 121 53.97 -43.10 6.20
N SER R 122 55.28 -42.95 6.02
CA SER R 122 56.24 -44.04 6.11
C SER R 122 56.96 -43.96 7.44
N VAL R 123 56.95 -45.05 8.20
CA VAL R 123 57.49 -45.10 9.55
C VAL R 123 58.81 -45.87 9.51
N PHE R 124 59.88 -45.20 9.93
CA PHE R 124 61.21 -45.78 10.01
C PHE R 124 61.74 -45.67 11.44
N PRO R 125 62.51 -46.66 11.91
CA PRO R 125 63.01 -46.62 13.29
C PRO R 125 64.33 -45.87 13.41
N LEU R 126 64.52 -45.29 14.60
CA LEU R 126 65.76 -44.63 14.98
C LEU R 126 66.37 -45.49 16.08
N ALA R 127 67.29 -46.38 15.67
CA ALA R 127 67.77 -47.42 16.57
C ALA R 127 68.75 -46.84 17.59
N PRO R 128 68.70 -47.32 18.84
CA PRO R 128 69.65 -46.83 19.85
C PRO R 128 71.09 -47.20 19.48
N SER R 129 72.00 -46.29 19.79
CA SER R 129 73.40 -46.42 19.38
C SER R 129 74.09 -47.57 20.09
N SER R 130 74.29 -47.46 21.40
CA SER R 130 74.99 -48.47 22.21
C SER R 130 76.39 -48.74 21.66
N GLY R 135 75.94 -46.38 27.54
CA GLY R 135 76.57 -46.01 28.79
C GLY R 135 75.61 -45.96 29.97
N GLY R 136 74.89 -44.84 30.10
CA GLY R 136 73.93 -44.69 31.17
C GLY R 136 72.52 -44.45 30.67
N THR R 137 72.36 -43.47 29.79
CA THR R 137 71.07 -43.16 29.19
C THR R 137 71.20 -43.19 27.68
N ALA R 138 70.29 -43.88 27.01
CA ALA R 138 70.28 -43.99 25.56
C ALA R 138 68.95 -43.44 25.02
N ALA R 139 68.98 -43.06 23.75
CA ALA R 139 67.82 -42.46 23.09
C ALA R 139 67.46 -43.26 21.85
N LEU R 140 66.15 -43.43 21.65
CA LEU R 140 65.61 -44.10 20.47
C LEU R 140 64.32 -43.39 20.07
N GLY R 141 63.86 -43.66 18.86
CA GLY R 141 62.65 -43.00 18.39
C GLY R 141 62.21 -43.51 17.05
N CYS R 142 61.19 -42.83 16.51
CA CYS R 142 60.58 -43.17 15.23
C CYS R 142 60.60 -41.94 14.33
N LEU R 143 60.83 -42.16 13.04
CA LEU R 143 60.86 -41.11 12.04
C LEU R 143 59.67 -41.28 11.12
N VAL R 144 58.68 -40.39 11.26
CA VAL R 144 57.49 -40.41 10.42
C VAL R 144 57.72 -39.44 9.26
N LYS R 145 57.97 -40.00 8.07
CA LYS R 145 58.39 -39.21 6.92
C LYS R 145 57.37 -39.30 5.80
N ASP R 146 57.25 -38.20 5.05
CA ASP R 146 56.45 -38.13 3.83
C ASP R 146 55.00 -38.50 4.05
N TYR R 147 54.20 -37.53 4.47
CA TYR R 147 52.76 -37.73 4.60
C TYR R 147 52.05 -36.42 4.31
N PHE R 148 50.72 -36.50 4.24
CA PHE R 148 49.86 -35.35 4.01
C PHE R 148 48.40 -35.76 4.18
N PRO R 149 47.56 -34.93 4.82
CA PRO R 149 47.97 -33.68 5.50
C PRO R 149 48.12 -33.87 7.01
N GLU R 150 48.30 -32.76 7.72
CA GLU R 150 48.32 -32.79 9.16
C GLU R 150 46.93 -33.16 9.70
N PRO R 151 46.85 -33.72 10.91
CA PRO R 151 47.93 -34.01 11.86
C PRO R 151 48.37 -35.47 11.91
N VAL R 152 49.35 -35.77 12.75
CA VAL R 152 49.78 -37.12 13.05
C VAL R 152 49.96 -37.24 14.55
N THR R 153 49.30 -38.23 15.15
CA THR R 153 49.38 -38.47 16.58
C THR R 153 50.27 -39.68 16.84
N VAL R 154 51.16 -39.57 17.82
CA VAL R 154 52.15 -40.59 18.11
C VAL R 154 52.13 -40.88 19.61
N SER R 155 52.05 -42.16 19.97
CA SER R 155 52.19 -42.62 21.33
C SER R 155 53.18 -43.78 21.36
N TRP R 156 53.60 -44.16 22.56
CA TRP R 156 54.56 -45.23 22.76
C TRP R 156 53.97 -46.30 23.66
N ASN R 157 53.98 -47.55 23.18
CA ASN R 157 53.44 -48.69 23.92
C ASN R 157 51.98 -48.46 24.31
N SER R 158 51.20 -47.96 23.36
CA SER R 158 49.76 -47.73 23.54
C SER R 158 49.46 -46.79 24.70
N GLY R 159 50.35 -45.84 24.96
CA GLY R 159 50.16 -44.89 26.03
C GLY R 159 50.76 -45.28 27.36
N ALA R 160 51.52 -46.37 27.43
CA ALA R 160 52.15 -46.76 28.70
C ALA R 160 53.37 -45.91 28.99
N LEU R 161 54.26 -45.76 28.02
CA LEU R 161 55.47 -44.96 28.18
C LEU R 161 55.15 -43.51 27.80
N THR R 162 55.25 -42.61 28.78
CA THR R 162 54.92 -41.20 28.58
C THR R 162 56.06 -40.26 28.92
N SER R 163 56.76 -40.48 30.03
CA SER R 163 57.82 -39.57 30.42
C SER R 163 59.05 -39.76 29.53
N GLY R 164 59.76 -38.66 29.30
CA GLY R 164 60.91 -38.67 28.41
C GLY R 164 60.59 -38.61 26.93
N VAL R 165 59.30 -38.59 26.57
CA VAL R 165 58.91 -38.55 25.17
C VAL R 165 58.90 -37.11 24.69
N HIS R 166 59.45 -36.89 23.49
CA HIS R 166 59.45 -35.58 22.84
C HIS R 166 59.02 -35.77 21.40
N THR R 167 57.72 -35.59 21.13
CA THR R 167 57.19 -35.66 19.78
C THR R 167 57.36 -34.30 19.12
N PHE R 168 58.22 -34.23 18.11
CA PHE R 168 58.60 -32.97 17.51
C PHE R 168 57.51 -32.46 16.57
N PRO R 169 57.43 -31.14 16.37
CA PRO R 169 56.52 -30.61 15.36
C PRO R 169 56.93 -31.04 13.97
N ALA R 170 55.94 -31.14 13.09
CA ALA R 170 56.22 -31.50 11.70
C ALA R 170 56.82 -30.32 10.95
N VAL R 171 57.53 -30.65 9.87
CA VAL R 171 58.12 -29.66 8.98
C VAL R 171 57.61 -29.92 7.57
N LEU R 172 57.63 -28.87 6.76
CA LEU R 172 57.16 -28.93 5.38
C LEU R 172 58.37 -29.09 4.46
N GLN R 173 58.49 -30.27 3.85
CA GLN R 173 59.60 -30.57 2.96
C GLN R 173 59.39 -29.89 1.61
N SER R 174 60.43 -29.95 0.77
CA SER R 174 60.35 -29.39 -0.57
C SER R 174 59.32 -30.14 -1.41
N SER R 175 59.08 -31.41 -1.10
CA SER R 175 58.11 -32.23 -1.84
C SER R 175 56.68 -31.89 -1.49
N GLY R 176 56.43 -30.93 -0.60
CA GLY R 176 55.08 -30.64 -0.16
C GLY R 176 54.52 -31.63 0.84
N LEU R 177 55.35 -32.49 1.40
CA LEU R 177 54.93 -33.48 2.38
C LEU R 177 55.55 -33.16 3.74
N TYR R 178 54.87 -33.58 4.79
CA TYR R 178 55.31 -33.29 6.15
C TYR R 178 56.22 -34.41 6.67
N SER R 179 57.19 -34.01 7.50
CA SER R 179 58.12 -34.93 8.13
C SER R 179 58.18 -34.65 9.62
N LEU R 180 58.19 -35.72 10.41
CA LEU R 180 58.09 -35.61 11.86
C LEU R 180 58.96 -36.67 12.52
N SER R 181 59.49 -36.33 13.69
CA SER R 181 60.27 -37.24 14.50
C SER R 181 59.68 -37.31 15.91
N SER R 182 59.97 -38.41 16.60
CA SER R 182 59.48 -38.62 17.96
C SER R 182 60.47 -39.52 18.69
N VAL R 183 61.06 -39.01 19.78
CA VAL R 183 62.11 -39.72 20.48
C VAL R 183 61.66 -39.96 21.93
N VAL R 184 62.48 -40.74 22.65
CA VAL R 184 62.26 -41.02 24.06
C VAL R 184 63.57 -41.56 24.64
N THR R 185 63.85 -41.18 25.88
CA THR R 185 65.06 -41.62 26.56
C THR R 185 64.74 -42.71 27.57
N VAL R 186 65.58 -43.74 27.58
CA VAL R 186 65.44 -44.89 28.49
C VAL R 186 66.81 -45.29 28.98
N PRO R 187 66.87 -45.95 30.15
CA PRO R 187 68.16 -46.42 30.65
C PRO R 187 68.79 -47.43 29.71
N SER R 188 70.13 -47.42 29.67
CA SER R 188 70.86 -48.36 28.83
C SER R 188 70.70 -49.81 29.30
N SER R 189 70.36 -50.01 30.56
CA SER R 189 70.21 -51.36 31.11
C SER R 189 68.90 -52.02 30.70
N SER R 190 67.94 -51.27 30.15
CA SER R 190 66.67 -51.82 29.72
C SER R 190 66.60 -52.09 28.22
N LEU R 191 67.73 -51.96 27.52
CA LEU R 191 67.78 -52.24 26.09
C LEU R 191 67.83 -53.75 25.87
N GLY R 192 66.83 -54.28 25.16
CA GLY R 192 66.73 -55.70 24.94
C GLY R 192 65.69 -56.35 25.85
N THR R 193 65.60 -55.84 27.09
CA THR R 193 64.63 -56.38 28.04
C THR R 193 63.24 -55.84 27.80
N GLN R 194 63.12 -54.54 27.52
CA GLN R 194 61.84 -53.87 27.35
C GLN R 194 61.50 -53.74 25.87
N THR R 195 60.20 -53.76 25.57
CA THR R 195 59.69 -53.62 24.22
C THR R 195 59.26 -52.16 24.00
N TYR R 196 59.67 -51.59 22.88
CA TYR R 196 59.40 -50.19 22.56
C TYR R 196 58.76 -50.12 21.17
N ILE R 197 57.48 -49.76 21.14
CA ILE R 197 56.70 -49.68 19.90
C ILE R 197 55.97 -48.35 19.87
N CYS R 198 56.24 -47.55 18.84
CA CYS R 198 55.54 -46.28 18.65
C CYS R 198 54.29 -46.50 17.81
N ASN R 199 53.20 -45.84 18.19
CA ASN R 199 51.89 -46.04 17.58
C ASN R 199 51.54 -44.79 16.77
N VAL R 200 51.86 -44.83 15.47
CA VAL R 200 51.55 -43.71 14.58
C VAL R 200 50.13 -43.87 14.07
N ASN R 201 49.41 -42.74 13.97
CA ASN R 201 48.05 -42.72 13.48
C ASN R 201 47.86 -41.53 12.56
N HIS R 202 47.43 -41.78 11.33
CA HIS R 202 47.16 -40.75 10.34
C HIS R 202 45.70 -40.91 9.90
N LYS R 203 44.81 -40.17 10.54
CA LYS R 203 43.39 -40.27 10.23
C LYS R 203 43.03 -39.90 8.79
N PRO R 204 43.61 -38.86 8.18
CA PRO R 204 43.22 -38.53 6.79
C PRO R 204 43.40 -39.67 5.80
N SER R 205 44.39 -40.54 6.00
CA SER R 205 44.59 -41.69 5.13
C SER R 205 44.24 -43.01 5.81
N ASN R 206 43.68 -42.96 7.03
CA ASN R 206 43.29 -44.14 7.79
C ASN R 206 44.45 -45.12 7.96
N THR R 207 45.65 -44.58 8.15
CA THR R 207 46.85 -45.37 8.31
C THR R 207 47.14 -45.55 9.80
N LYS R 208 47.28 -46.80 10.23
CA LYS R 208 47.65 -47.12 11.61
C LYS R 208 48.81 -48.10 11.57
N VAL R 209 50.01 -47.61 11.86
CA VAL R 209 51.23 -48.39 11.78
C VAL R 209 51.84 -48.51 13.17
N ASP R 210 52.27 -49.72 13.52
CA ASP R 210 53.02 -49.99 14.74
C ASP R 210 54.41 -50.47 14.36
N LYS R 211 55.43 -49.73 14.77
CA LYS R 211 56.82 -50.03 14.44
C LYS R 211 57.59 -50.37 15.71
N LYS R 212 58.29 -51.49 15.68
CA LYS R 212 59.09 -51.93 16.81
C LYS R 212 60.53 -51.43 16.65
N VAL R 213 61.08 -50.89 17.74
CA VAL R 213 62.39 -50.25 17.73
C VAL R 213 63.34 -51.09 18.56
N GLU R 214 64.34 -51.68 17.91
CA GLU R 214 65.36 -52.49 18.52
C GLU R 214 66.73 -52.02 18.05
N PRO R 215 67.79 -52.35 18.79
CA PRO R 215 69.15 -52.11 18.27
C PRO R 215 69.47 -53.10 17.15
N LYS R 216 70.29 -52.64 16.21
CA LYS R 216 70.60 -53.43 15.03
C LYS R 216 71.72 -54.43 15.33
N SER R 217 71.80 -55.44 14.47
CA SER R 217 72.83 -56.47 14.59
C SER R 217 73.52 -56.70 13.25
N ILE S 1 56.63 13.31 54.25
CA ILE S 1 56.68 13.37 55.71
C ILE S 1 56.08 14.69 56.18
N LEU S 2 54.97 14.59 56.91
CA LEU S 2 54.25 15.76 57.40
C LEU S 2 54.56 15.99 58.87
N GLY S 3 54.84 17.23 59.24
CA GLY S 3 55.17 17.56 60.61
C GLY S 3 56.57 17.22 61.02
N GLY S 4 57.47 16.93 60.08
CA GLY S 4 58.84 16.61 60.37
C GLY S 4 59.80 17.71 59.94
N ARG S 5 61.07 17.33 59.81
CA ARG S 5 62.10 18.24 59.34
C ARG S 5 63.13 17.47 58.53
N GLU S 6 64.03 18.21 57.89
CA GLU S 6 65.04 17.59 57.05
C GLU S 6 65.92 16.68 57.90
N ALA S 7 66.27 15.53 57.33
CA ALA S 7 67.12 14.58 58.02
C ALA S 7 68.58 14.96 57.89
N GLU S 8 69.41 14.41 58.77
CA GLU S 8 70.85 14.51 58.59
C GLU S 8 71.26 13.68 57.38
N ALA S 9 72.00 14.31 56.47
CA ALA S 9 72.32 13.67 55.20
C ALA S 9 73.05 12.35 55.43
N HIS S 10 72.52 11.29 54.84
CA HIS S 10 73.10 9.94 54.86
C HIS S 10 73.12 9.33 56.26
N ALA S 11 72.40 9.92 57.22
CA ALA S 11 72.28 9.29 58.53
C ALA S 11 71.44 8.02 58.50
N ARG S 12 70.65 7.84 57.43
CA ARG S 12 69.86 6.63 57.22
C ARG S 12 70.36 5.97 55.93
N PRO S 13 71.47 5.22 56.02
CA PRO S 13 72.08 4.66 54.81
C PRO S 13 71.28 3.55 54.16
N TYR S 14 70.15 3.17 54.75
CA TYR S 14 69.25 2.18 54.17
C TYR S 14 68.16 2.80 53.31
N MET S 15 68.05 4.13 53.31
CA MET S 15 66.94 4.80 52.64
C MET S 15 67.11 4.75 51.13
N ALA S 16 66.06 4.34 50.44
CA ALA S 16 66.08 4.20 48.98
C ALA S 16 64.93 4.98 48.38
N SER S 17 65.17 5.52 47.18
CA SER S 17 64.16 6.25 46.42
C SER S 17 63.82 5.44 45.18
N VAL S 18 62.63 4.86 45.15
CA VAL S 18 62.16 4.13 43.98
C VAL S 18 61.68 5.15 42.95
N GLN S 19 62.35 5.19 41.80
CA GLN S 19 62.09 6.20 40.79
C GLN S 19 61.42 5.56 39.58
N LEU S 20 60.54 6.34 38.95
CA LEU S 20 59.81 5.92 37.76
C LEU S 20 60.05 6.96 36.68
N ASN S 21 60.79 6.58 35.63
CA ASN S 21 61.16 7.47 34.54
C ASN S 21 61.94 8.68 35.05
N GLY S 22 62.85 8.44 36.00
CA GLY S 22 63.74 9.47 36.47
C GLY S 22 63.16 10.42 37.48
N ALA S 23 62.01 10.08 38.07
CA ALA S 23 61.35 10.92 39.06
C ALA S 23 60.99 10.07 40.26
N HIS S 24 61.08 10.67 41.46
CA HIS S 24 60.75 9.95 42.67
C HIS S 24 59.30 9.49 42.65
N LEU S 25 59.08 8.21 42.93
CA LEU S 25 57.74 7.64 42.97
C LEU S 25 57.39 7.14 44.36
N CYS S 26 58.28 6.37 44.99
CA CYS S 26 58.00 5.74 46.27
C CYS S 26 59.29 5.62 47.06
N GLY S 27 59.13 5.47 48.38
CA GLY S 27 60.25 5.16 49.22
C GLY S 27 60.59 3.68 49.20
N GLY S 28 61.79 3.37 49.69
CA GLY S 28 62.24 2.00 49.75
C GLY S 28 63.26 1.83 50.85
N VAL S 29 63.47 0.57 51.23
CA VAL S 29 64.44 0.23 52.27
C VAL S 29 65.33 -0.89 51.75
N LEU S 30 66.63 -0.71 51.84
CA LEU S 30 67.60 -1.71 51.40
C LEU S 30 67.68 -2.82 52.44
N VAL S 31 67.15 -4.00 52.11
CA VAL S 31 67.16 -5.12 53.05
C VAL S 31 68.24 -6.15 52.71
N ALA S 32 68.85 -6.05 51.52
CA ALA S 32 69.98 -6.88 51.14
C ALA S 32 70.80 -6.11 50.13
N GLU S 33 72.03 -6.55 49.92
CA GLU S 33 72.95 -5.82 49.04
C GLU S 33 72.43 -5.72 47.61
N GLN S 34 71.42 -6.52 47.23
CA GLN S 34 70.89 -6.49 45.88
C GLN S 34 69.37 -6.47 45.85
N TRP S 35 68.73 -6.10 46.96
CA TRP S 35 67.27 -6.11 47.04
C TRP S 35 66.78 -4.93 47.85
N VAL S 36 65.75 -4.26 47.35
CA VAL S 36 65.10 -3.15 48.03
C VAL S 36 63.64 -3.53 48.26
N LEU S 37 63.18 -3.38 49.49
CA LEU S 37 61.80 -3.63 49.84
C LEU S 37 60.98 -2.35 49.71
N SER S 38 59.76 -2.47 49.21
CA SER S 38 58.90 -1.32 49.01
C SER S 38 57.45 -1.78 49.07
N ALA S 39 56.53 -0.91 48.68
CA ALA S 39 55.11 -1.22 48.64
C ALA S 39 54.72 -1.68 47.24
N ALA S 40 53.81 -2.65 47.17
CA ALA S 40 53.44 -3.22 45.88
C ALA S 40 52.64 -2.23 45.05
N HIS S 41 51.75 -1.46 45.69
CA HIS S 41 50.86 -0.57 44.94
C HIS S 41 51.61 0.55 44.23
N CYS S 42 52.90 0.74 44.53
CA CYS S 42 53.67 1.78 43.84
C CYS S 42 53.77 1.52 42.35
N LEU S 43 53.68 0.25 41.94
CA LEU S 43 53.89 -0.15 40.55
C LEU S 43 52.60 -0.56 39.85
N GLU S 44 51.44 -0.23 40.43
CA GLU S 44 50.17 -0.62 39.81
C GLU S 44 49.93 0.17 38.52
N ASP S 45 50.17 1.48 38.55
CA ASP S 45 50.00 2.33 37.39
C ASP S 45 51.31 2.61 36.68
N ALA S 46 52.39 1.88 37.02
CA ALA S 46 53.69 2.19 36.47
C ALA S 46 53.76 1.93 34.96
N ALA S 47 53.00 0.94 34.48
CA ALA S 47 52.93 0.59 33.05
C ALA S 47 54.33 0.28 32.56
N ASP S 48 54.73 0.79 31.39
CA ASP S 48 56.03 0.54 30.81
C ASP S 48 57.13 1.45 31.36
N GLY S 49 56.86 2.13 32.47
CA GLY S 49 57.82 3.10 32.99
C GLY S 49 59.08 2.43 33.48
N LYS S 50 60.20 3.13 33.31
CA LYS S 50 61.50 2.62 33.75
C LYS S 50 61.60 2.72 35.27
N VAL S 51 61.72 1.57 35.92
CA VAL S 51 61.83 1.50 37.37
C VAL S 51 63.30 1.43 37.74
N GLN S 52 63.73 2.35 38.61
CA GLN S 52 65.10 2.40 39.10
C GLN S 52 65.09 2.66 40.59
N VAL S 53 66.22 2.43 41.23
CA VAL S 53 66.39 2.66 42.66
C VAL S 53 67.60 3.55 42.88
N LEU S 54 67.42 4.63 43.64
CA LEU S 54 68.47 5.58 43.95
C LEU S 54 68.93 5.36 45.38
N LEU S 55 70.18 4.92 45.54
CA LEU S 55 70.74 4.62 46.85
C LEU S 55 71.73 5.70 47.27
N GLY S 56 71.93 5.80 48.58
CA GLY S 56 72.88 6.74 49.13
C GLY S 56 72.59 8.18 48.80
N ALA S 57 71.32 8.56 48.75
CA ALA S 57 70.91 9.90 48.36
C ALA S 57 70.36 10.67 49.57
N HIS S 58 70.57 11.98 49.53
CA HIS S 58 69.87 12.90 50.43
C HIS S 58 69.04 13.91 49.64
N SER S 59 69.66 14.63 48.71
CA SER S 59 68.92 15.44 47.75
C SER S 59 68.69 14.65 46.47
N LEU S 60 67.47 14.73 45.94
CA LEU S 60 67.15 14.04 44.70
C LEU S 60 67.81 14.68 43.48
N SER S 61 68.24 15.94 43.59
CA SER S 61 68.74 16.71 42.46
C SER S 61 70.22 17.07 42.58
N GLN S 62 70.65 17.53 43.75
CA GLN S 62 72.03 18.00 43.93
C GLN S 62 73.01 16.85 43.73
N PRO S 63 74.25 17.16 43.30
CA PRO S 63 75.25 16.10 43.15
C PRO S 63 75.83 15.68 44.49
N GLU S 64 75.88 14.36 44.71
CA GLU S 64 76.42 13.80 45.95
C GLU S 64 77.26 12.58 45.59
N PRO S 65 78.46 12.45 46.17
CA PRO S 65 79.34 11.33 45.78
C PRO S 65 78.73 9.96 46.02
N SER S 66 78.03 9.77 47.13
CA SER S 66 77.45 8.47 47.45
C SER S 66 76.18 8.17 46.68
N LYS S 67 75.66 9.12 45.90
CA LYS S 67 74.46 8.88 45.10
C LYS S 67 74.78 7.96 43.93
N ARG S 68 74.02 6.88 43.81
CA ARG S 68 74.15 5.99 42.67
C ARG S 68 72.79 5.45 42.30
N LEU S 69 72.47 5.47 41.01
CA LEU S 69 71.18 5.05 40.51
C LEU S 69 71.33 3.66 39.89
N TYR S 70 70.52 2.71 40.38
CA TYR S 70 70.59 1.33 39.94
C TYR S 70 69.36 0.99 39.09
N ASP S 71 69.59 0.30 37.99
CA ASP S 71 68.48 -0.30 37.25
C ASP S 71 67.91 -1.47 38.05
N VAL S 72 66.69 -1.86 37.69
CA VAL S 72 66.01 -2.96 38.37
C VAL S 72 65.98 -4.14 37.42
N LEU S 73 66.59 -5.25 37.85
CA LEU S 73 66.67 -6.45 37.05
C LEU S 73 65.43 -7.32 37.18
N ARG S 74 64.64 -7.13 38.24
CA ARG S 74 63.55 -8.03 38.57
C ARG S 74 62.67 -7.42 39.67
N ALA S 75 61.35 -7.43 39.46
CA ALA S 75 60.39 -6.88 40.41
C ALA S 75 59.44 -7.97 40.85
N VAL S 76 59.37 -8.21 42.16
CA VAL S 76 58.58 -9.31 42.70
C VAL S 76 57.54 -8.78 43.67
N PRO S 77 56.33 -8.48 43.21
CA PRO S 77 55.25 -8.13 44.14
C PRO S 77 54.81 -9.36 44.91
N HIS S 78 54.35 -9.14 46.14
CA HIS S 78 53.83 -10.24 46.94
C HIS S 78 52.65 -10.88 46.19
N PRO S 79 52.67 -12.20 46.00
CA PRO S 79 51.68 -12.82 45.09
C PRO S 79 50.24 -12.62 45.50
N ASP S 80 49.97 -12.27 46.75
CA ASP S 80 48.60 -12.08 47.23
C ASP S 80 48.18 -10.61 47.25
N SER S 81 48.98 -9.72 46.68
CA SER S 81 48.61 -8.31 46.60
C SER S 81 47.69 -8.09 45.40
N GLN S 82 46.72 -7.19 45.59
CA GLN S 82 45.80 -6.82 44.51
C GLN S 82 45.43 -5.36 44.70
N PRO S 83 45.00 -4.68 43.63
CA PRO S 83 44.72 -3.24 43.76
C PRO S 83 43.53 -2.92 44.65
N ASP S 84 42.65 -3.88 44.90
CA ASP S 84 41.46 -3.61 45.71
C ASP S 84 41.78 -3.48 47.19
N THR S 85 42.88 -4.08 47.66
CA THR S 85 43.16 -4.21 49.08
C THR S 85 44.48 -3.53 49.43
N ILE S 86 44.68 -3.34 50.74
CA ILE S 86 45.97 -2.92 51.29
C ILE S 86 46.74 -4.09 51.86
N ASP S 87 46.17 -5.30 51.85
CA ASP S 87 46.85 -6.46 52.41
C ASP S 87 48.02 -6.87 51.55
N HIS S 88 49.10 -7.32 52.21
CA HIS S 88 50.29 -7.84 51.53
C HIS S 88 50.85 -6.82 50.55
N ASP S 89 50.91 -5.56 50.98
CA ASP S 89 51.40 -4.47 50.12
C ASP S 89 52.92 -4.36 50.25
N LEU S 90 53.59 -5.41 49.77
CA LEU S 90 55.04 -5.48 49.81
C LEU S 90 55.58 -5.78 48.42
N LEU S 91 56.72 -5.16 48.09
CA LEU S 91 57.35 -5.31 46.79
C LEU S 91 58.85 -5.47 47.00
N LEU S 92 59.45 -6.39 46.24
CA LEU S 92 60.88 -6.64 46.31
C LEU S 92 61.49 -6.39 44.94
N LEU S 93 62.45 -5.46 44.89
CA LEU S 93 63.13 -5.07 43.66
C LEU S 93 64.57 -5.54 43.71
N GLN S 94 64.99 -6.30 42.71
CA GLN S 94 66.37 -6.75 42.61
C GLN S 94 67.18 -5.77 41.76
N LEU S 95 68.28 -5.27 42.32
CA LEU S 95 69.09 -4.30 41.60
C LEU S 95 69.90 -4.97 40.51
N SER S 96 70.38 -4.15 39.56
CA SER S 96 71.15 -4.68 38.44
C SER S 96 72.46 -5.31 38.90
N GLU S 97 73.02 -4.80 40.00
CA GLU S 97 74.22 -5.37 40.59
C GLU S 97 74.20 -5.10 42.09
N LYS S 98 75.19 -5.66 42.78
CA LYS S 98 75.31 -5.43 44.22
C LYS S 98 75.45 -3.94 44.51
N ALA S 99 74.83 -3.50 45.60
CA ALA S 99 74.97 -2.12 46.03
C ALA S 99 76.35 -1.91 46.65
N THR S 100 77.06 -0.89 46.18
CA THR S 100 78.38 -0.57 46.72
C THR S 100 78.22 -0.01 48.12
N LEU S 101 78.57 -0.82 49.12
CA LEU S 101 78.38 -0.44 50.51
C LEU S 101 79.39 0.64 50.91
N GLY S 102 79.05 1.36 51.97
CA GLY S 102 79.87 2.43 52.48
C GLY S 102 79.21 3.12 53.66
N PRO S 103 79.68 4.30 54.01
CA PRO S 103 79.05 5.04 55.11
C PRO S 103 77.65 5.54 54.81
N ALA S 104 77.28 5.66 53.53
CA ALA S 104 75.97 6.16 53.15
C ALA S 104 75.06 5.10 52.54
N VAL S 105 75.55 3.87 52.35
CA VAL S 105 74.75 2.79 51.78
C VAL S 105 74.99 1.56 52.65
N ARG S 106 73.98 1.15 53.41
CA ARG S 106 74.08 -0.07 54.22
C ARG S 106 72.70 -0.68 54.39
N PRO S 107 72.55 -1.99 54.16
CA PRO S 107 71.24 -2.62 54.39
C PRO S 107 70.82 -2.53 55.84
N LEU S 108 69.50 -2.52 56.04
CA LEU S 108 68.92 -2.44 57.38
C LEU S 108 68.36 -3.79 57.75
N PRO S 109 68.79 -4.39 58.86
CA PRO S 109 68.17 -5.65 59.31
C PRO S 109 66.72 -5.42 59.69
N TRP S 110 65.87 -6.35 59.28
CA TRP S 110 64.43 -6.24 59.48
C TRP S 110 63.95 -7.25 60.52
N GLN S 111 62.86 -6.89 61.19
CA GLN S 111 62.36 -7.67 62.30
C GLN S 111 61.89 -9.06 61.84
N ARG S 112 62.39 -10.09 62.51
CA ARG S 112 62.05 -11.46 62.18
C ARG S 112 61.17 -12.12 63.23
N VAL S 113 61.07 -11.54 64.43
CA VAL S 113 60.22 -12.07 65.50
C VAL S 113 58.83 -11.46 65.36
N ASP S 114 57.83 -12.31 65.12
CA ASP S 114 56.46 -11.85 64.85
C ASP S 114 55.80 -11.47 66.18
N ARG S 115 56.16 -10.30 66.68
CA ARG S 115 55.55 -9.73 67.87
C ARG S 115 55.16 -8.28 67.58
N ASP S 116 53.99 -7.89 68.06
CA ASP S 116 53.51 -6.53 67.83
C ASP S 116 54.40 -5.52 68.52
N VAL S 117 54.66 -4.41 67.83
CA VAL S 117 55.34 -3.28 68.48
C VAL S 117 54.41 -2.68 69.51
N ALA S 118 54.91 -2.51 70.73
CA ALA S 118 54.08 -2.03 71.82
C ALA S 118 53.48 -0.67 71.48
N PRO S 119 52.18 -0.46 71.72
CA PRO S 119 51.60 0.86 71.52
C PRO S 119 52.32 1.92 72.34
N GLY S 120 52.46 3.11 71.76
CA GLY S 120 53.19 4.19 72.39
C GLY S 120 54.64 4.29 71.99
N THR S 121 55.21 3.22 71.43
CA THR S 121 56.60 3.22 71.01
C THR S 121 56.83 4.28 69.93
N LEU S 122 57.89 5.06 70.10
CA LEU S 122 58.25 6.06 69.10
C LEU S 122 59.09 5.40 68.01
N CYS S 123 58.63 5.53 66.76
CA CYS S 123 59.31 4.97 65.61
C CYS S 123 59.66 6.08 64.63
N ASP S 124 60.74 5.86 63.88
CA ASP S 124 61.24 6.83 62.92
C ASP S 124 60.82 6.40 61.52
N VAL S 125 60.33 7.37 60.74
CA VAL S 125 59.93 7.16 59.36
C VAL S 125 60.46 8.31 58.52
N ALA S 126 60.90 8.02 57.29
CA ALA S 126 61.50 9.02 56.43
C ALA S 126 61.05 8.80 55.00
N GLY S 127 61.21 9.84 54.19
CA GLY S 127 60.83 9.76 52.78
C GLY S 127 60.82 11.13 52.15
N TRP S 128 60.64 11.12 50.83
CA TRP S 128 60.53 12.34 50.04
C TRP S 128 59.10 12.67 49.67
N GLY S 129 58.15 12.35 50.54
CA GLY S 129 56.75 12.56 50.25
C GLY S 129 56.27 13.95 50.62
N ILE S 130 54.96 14.14 50.45
CA ILE S 130 54.30 15.40 50.73
C ILE S 130 54.70 15.92 52.11
N VAL S 131 55.00 17.21 52.19
CA VAL S 131 55.41 17.86 53.45
C VAL S 131 54.39 18.85 53.97
N ASN S 132 53.40 19.23 53.17
CA ASN S 132 52.39 20.19 53.62
C ASN S 132 51.06 19.84 52.97
N HIS S 133 49.99 20.37 53.56
CA HIS S 133 48.66 20.05 53.05
C HIS S 133 48.44 20.53 51.63
N ALA S 134 49.29 21.44 51.13
CA ALA S 134 49.22 21.86 49.74
C ALA S 134 49.64 20.76 48.77
N GLY S 135 50.26 19.69 49.25
CA GLY S 135 50.60 18.56 48.41
C GLY S 135 51.90 18.68 47.65
N ARG S 136 52.81 19.55 48.07
CA ARG S 136 54.07 19.76 47.37
C ARG S 136 55.19 18.95 48.00
N ARG S 137 56.21 18.64 47.18
CA ARG S 137 57.21 17.65 47.53
C ARG S 137 58.58 18.27 47.79
N PRO S 138 59.38 17.66 48.70
CA PRO S 138 60.68 18.23 49.04
C PRO S 138 61.82 17.57 48.28
N ASP S 139 62.93 18.31 48.12
CA ASP S 139 64.09 17.78 47.40
C ASP S 139 64.97 16.92 48.31
N SER S 140 65.10 17.29 49.57
CA SER S 140 65.94 16.58 50.52
C SER S 140 65.09 15.70 51.43
N LEU S 141 65.71 14.66 51.96
CA LEU S 141 65.00 13.68 52.77
C LEU S 141 64.48 14.30 54.06
N GLN S 142 63.22 14.01 54.37
CA GLN S 142 62.58 14.43 55.61
C GLN S 142 62.32 13.22 56.49
N HIS S 143 62.02 13.47 57.77
CA HIS S 143 61.73 12.39 58.70
C HIS S 143 60.91 12.94 59.87
N VAL S 144 60.35 12.03 60.65
CA VAL S 144 59.54 12.38 61.81
C VAL S 144 59.43 11.16 62.72
N LEU S 145 59.15 11.39 63.99
CA LEU S 145 58.94 10.34 64.97
C LEU S 145 57.46 10.19 65.26
N LEU S 146 56.96 8.96 65.18
CA LEU S 146 55.53 8.70 65.34
C LEU S 146 55.32 7.66 66.43
N PRO S 147 54.39 7.88 67.36
CA PRO S 147 54.04 6.83 68.32
C PRO S 147 53.16 5.76 67.68
N VAL S 148 53.39 4.52 68.07
CA VAL S 148 52.62 3.40 67.54
C VAL S 148 51.25 3.37 68.20
N LEU S 149 50.21 3.30 67.38
CA LEU S 149 48.83 3.23 67.85
C LEU S 149 48.39 1.77 67.96
N ASP S 150 47.56 1.50 68.96
CA ASP S 150 47.05 0.14 69.14
C ASP S 150 46.06 -0.21 68.04
N ARG S 151 45.98 -1.50 67.73
CA ARG S 151 45.19 -1.94 66.60
C ARG S 151 43.69 -1.74 66.82
N ALA S 152 43.23 -1.84 68.08
CA ALA S 152 41.81 -1.70 68.36
C ALA S 152 41.32 -0.28 68.06
N THR S 153 42.03 0.73 68.58
CA THR S 153 41.70 2.11 68.26
C THR S 153 41.73 2.35 66.75
N CYS S 154 42.71 1.76 66.07
CA CYS S 154 42.85 1.95 64.64
C CYS S 154 41.72 1.33 63.84
N ASN S 155 41.04 0.32 64.39
CA ASN S 155 39.96 -0.36 63.70
C ASN S 155 38.58 0.24 63.97
N ARG S 156 38.50 1.33 64.72
CA ARG S 156 37.22 1.95 64.99
C ARG S 156 36.59 2.46 63.69
N ARG S 157 35.25 2.51 63.68
CA ARG S 157 34.52 2.98 62.50
C ARG S 157 34.94 4.39 62.08
N THR S 158 35.30 5.23 63.05
CA THR S 158 35.82 6.55 62.71
C THR S 158 37.17 6.47 62.04
N HIS S 159 37.92 5.40 62.30
CA HIS S 159 39.28 5.31 61.80
C HIS S 159 39.35 4.45 60.55
N HIS S 160 39.82 3.21 60.67
CA HIS S 160 39.97 2.36 59.50
C HIS S 160 39.01 1.17 59.50
N ASP S 161 38.11 1.08 60.48
CA ASP S 161 36.91 0.26 60.38
C ASP S 161 37.23 -1.21 60.12
N GLY S 162 38.11 -1.77 60.96
CA GLY S 162 38.41 -3.18 60.86
C GLY S 162 39.23 -3.60 59.67
N ALA S 163 40.00 -2.68 59.09
CA ALA S 163 40.87 -3.00 57.96
C ALA S 163 42.28 -3.35 58.39
N ILE S 164 42.62 -3.19 59.67
CA ILE S 164 43.98 -3.40 60.15
C ILE S 164 44.07 -4.84 60.63
N THR S 165 44.59 -5.71 59.77
CA THR S 165 44.80 -7.11 60.12
C THR S 165 45.97 -7.22 61.10
N GLU S 166 46.24 -8.45 61.55
CA GLU S 166 47.39 -8.67 62.41
C GLU S 166 48.71 -8.54 61.66
N ARG S 167 48.67 -8.41 60.34
CA ARG S 167 49.87 -8.20 59.54
C ARG S 167 50.09 -6.72 59.23
N LEU S 168 49.31 -5.83 59.84
CA LEU S 168 49.45 -4.39 59.70
C LEU S 168 49.61 -3.76 61.07
N MET S 169 50.11 -2.52 61.08
CA MET S 169 50.25 -1.77 62.33
C MET S 169 50.00 -0.30 62.04
N CYS S 170 49.63 0.43 63.09
CA CYS S 170 49.24 1.83 62.96
C CYS S 170 50.12 2.73 63.81
N ALA S 171 50.32 3.94 63.33
CA ALA S 171 51.00 5.00 64.07
C ALA S 171 50.14 6.26 64.02
N GLU S 172 50.24 7.08 65.06
CA GLU S 172 49.42 8.27 65.15
C GLU S 172 49.66 9.21 63.97
N SER S 173 48.67 10.04 63.66
CA SER S 173 48.73 10.91 62.51
C SER S 173 48.26 12.31 62.83
N ASN S 174 48.37 12.73 64.10
CA ASN S 174 47.94 14.07 64.51
C ASN S 174 49.06 15.05 64.19
N ARG S 175 48.93 15.74 63.05
CA ARG S 175 49.88 16.75 62.58
C ARG S 175 51.22 16.16 62.17
N ARG S 176 51.57 14.98 62.68
CA ARG S 176 52.77 14.25 62.29
C ARG S 176 52.35 12.97 61.60
N ASP S 177 52.78 12.78 60.35
CA ASP S 177 52.32 11.64 59.58
C ASP S 177 53.23 11.42 58.38
N SER S 178 53.11 10.23 57.79
CA SER S 178 53.67 9.93 56.48
C SER S 178 52.60 10.12 55.41
N CYS S 179 53.03 10.50 54.21
CA CYS S 179 52.09 10.91 53.18
C CYS S 179 52.37 10.21 51.85
N LYS S 180 51.66 10.64 50.81
CA LYS S 180 51.95 10.14 49.46
C LYS S 180 53.39 10.47 49.09
N GLY S 181 54.06 9.50 48.47
CA GLY S 181 55.48 9.61 48.20
C GLY S 181 56.35 8.97 49.26
N ASP S 182 55.86 8.88 50.49
CA ASP S 182 56.53 8.13 51.54
C ASP S 182 56.21 6.64 51.50
N SER S 183 55.30 6.23 50.62
CA SER S 183 54.89 4.83 50.56
C SER S 183 56.07 3.95 50.18
N GLY S 184 56.14 2.78 50.80
CA GLY S 184 57.25 1.88 50.62
C GLY S 184 58.46 2.19 51.48
N GLY S 185 58.44 3.29 52.22
CA GLY S 185 59.54 3.66 53.07
C GLY S 185 59.54 2.88 54.37
N PRO S 186 60.61 3.07 55.14
CA PRO S 186 60.80 2.28 56.36
C PRO S 186 60.19 2.92 57.60
N LEU S 187 59.57 2.07 58.42
CA LEU S 187 59.19 2.43 59.78
C LEU S 187 60.14 1.70 60.71
N VAL S 188 61.07 2.45 61.32
CA VAL S 188 62.14 1.88 62.11
C VAL S 188 61.86 2.18 63.59
N CYS S 189 61.78 1.12 64.39
CA CYS S 189 61.61 1.22 65.84
C CYS S 189 62.80 0.53 66.49
N GLY S 190 63.58 1.28 67.25
CA GLY S 190 64.76 0.75 67.89
C GLY S 190 65.79 0.24 66.91
N GLY S 191 66.08 1.03 65.87
CA GLY S 191 67.06 0.68 64.87
C GLY S 191 66.75 -0.57 64.08
N VAL S 192 65.53 -1.12 64.19
CA VAL S 192 65.15 -2.34 63.49
C VAL S 192 63.94 -2.04 62.61
N LEU S 193 63.98 -2.50 61.37
CA LEU S 193 62.86 -2.30 60.46
C LEU S 193 61.66 -3.10 60.95
N GLU S 194 60.59 -2.40 61.31
CA GLU S 194 59.36 -3.04 61.76
C GLU S 194 58.23 -2.98 60.74
N GLY S 195 58.09 -1.88 60.00
CA GLY S 195 56.98 -1.74 59.09
C GLY S 195 57.40 -1.07 57.79
N VAL S 196 56.54 -1.22 56.79
CA VAL S 196 56.71 -0.57 55.49
C VAL S 196 55.49 0.30 55.24
N VAL S 197 55.74 1.58 54.94
CA VAL S 197 54.64 2.52 54.73
C VAL S 197 53.81 2.07 53.54
N THR S 198 52.50 1.95 53.74
CA THR S 198 51.62 1.70 52.60
C THR S 198 50.96 2.99 52.17
N SER S 199 50.01 3.48 52.97
CA SER S 199 49.27 4.69 52.62
C SER S 199 48.60 4.60 51.27
N GLY S 200 48.96 5.55 50.40
CA GLY S 200 48.58 5.47 49.01
C GLY S 200 47.27 6.15 48.67
N SER S 201 46.17 5.63 49.21
CA SER S 201 44.85 6.22 49.00
C SER S 201 44.38 7.05 50.19
N ARG S 202 45.28 7.35 51.13
CA ARG S 202 44.90 8.03 52.36
C ARG S 202 45.50 9.44 52.39
N VAL S 203 44.69 10.39 52.85
CA VAL S 203 45.16 11.77 53.01
C VAL S 203 45.74 11.91 54.41
N CYS S 204 46.92 12.50 54.51
CA CYS S 204 47.70 12.47 55.75
C CYS S 204 47.48 13.72 56.58
N GLY S 205 47.71 13.58 57.88
CA GLY S 205 47.59 14.68 58.81
C GLY S 205 46.30 14.74 59.59
N ASN S 206 45.40 13.79 59.39
CA ASN S 206 44.11 13.75 60.08
C ASN S 206 44.20 12.73 61.20
N ARG S 207 44.01 13.20 62.45
CA ARG S 207 44.17 12.33 63.60
C ARG S 207 43.27 11.09 63.54
N LYS S 208 42.13 11.20 62.86
CA LYS S 208 41.15 10.13 62.81
C LYS S 208 41.41 9.14 61.68
N LYS S 209 42.44 9.36 60.88
CA LYS S 209 42.86 8.41 59.84
C LYS S 209 44.34 8.12 60.03
N PRO S 210 44.67 7.19 60.93
CA PRO S 210 46.08 6.93 61.24
C PRO S 210 46.84 6.36 60.06
N GLY S 211 48.16 6.43 60.16
CA GLY S 211 49.01 5.82 59.15
C GLY S 211 49.02 4.31 59.29
N ILE S 212 49.06 3.62 58.15
CA ILE S 212 49.07 2.18 58.10
C ILE S 212 50.44 1.72 57.62
N TYR S 213 50.93 0.62 58.20
CA TYR S 213 52.27 0.13 57.92
C TYR S 213 52.25 -1.39 57.91
N THR S 214 52.90 -1.98 56.92
CA THR S 214 52.91 -3.43 56.76
C THR S 214 54.01 -4.03 57.63
N ARG S 215 53.62 -4.93 58.54
CA ARG S 215 54.57 -5.55 59.45
C ARG S 215 55.44 -6.55 58.70
N VAL S 216 56.73 -6.25 58.58
CA VAL S 216 57.63 -7.14 57.84
C VAL S 216 57.82 -8.47 58.53
N ALA S 217 57.58 -8.55 59.84
CA ALA S 217 57.73 -9.81 60.54
C ALA S 217 56.74 -10.85 60.02
N SER S 218 55.54 -10.42 59.65
CA SER S 218 54.52 -11.35 59.16
C SER S 218 54.84 -11.92 57.79
N TYR S 219 55.85 -11.39 57.10
CA TYR S 219 56.20 -11.85 55.76
C TYR S 219 57.64 -12.34 55.70
N ALA S 220 58.17 -12.80 56.85
CA ALA S 220 59.58 -13.18 56.93
C ALA S 220 59.91 -14.33 55.99
N ALA S 221 59.06 -15.37 55.99
CA ALA S 221 59.31 -16.52 55.13
C ALA S 221 59.32 -16.13 53.65
N TRP S 222 58.43 -15.22 53.26
CA TRP S 222 58.37 -14.81 51.86
C TRP S 222 59.60 -13.99 51.49
N ILE S 223 60.00 -13.05 52.34
CA ILE S 223 61.18 -12.22 52.03
C ILE S 223 62.42 -13.09 51.91
N ASP S 224 62.54 -14.11 52.77
CA ASP S 224 63.69 -15.00 52.68
C ASP S 224 63.69 -15.80 51.39
N SER S 225 62.52 -16.30 50.98
CA SER S 225 62.45 -17.13 49.78
C SER S 225 62.85 -16.34 48.53
N VAL S 226 62.49 -15.06 48.48
CA VAL S 226 62.84 -14.23 47.34
C VAL S 226 64.33 -13.89 47.36
N LEU S 227 64.85 -13.54 48.54
CA LEU S 227 66.25 -13.13 48.66
C LEU S 227 67.20 -14.31 48.56
N ALA S 228 66.73 -15.53 48.82
CA ALA S 228 67.58 -16.71 48.78
C ALA S 228 68.14 -16.95 47.38
N ASP T 1 26.37 16.42 74.43
CA ASP T 1 25.57 15.34 73.83
C ASP T 1 24.96 15.78 72.51
N ILE T 2 25.29 15.05 71.45
CA ILE T 2 24.75 15.30 70.12
C ILE T 2 23.43 14.54 69.97
N GLN T 3 22.36 15.27 69.70
CA GLN T 3 21.03 14.67 69.59
C GLN T 3 20.76 14.26 68.15
N MET T 4 20.29 13.03 67.97
CA MET T 4 19.90 12.50 66.67
C MET T 4 18.38 12.44 66.62
N THR T 5 17.79 13.27 65.76
CA THR T 5 16.34 13.40 65.66
C THR T 5 15.88 12.75 64.36
N GLN T 6 15.19 11.62 64.49
CA GLN T 6 14.83 10.77 63.37
C GLN T 6 13.38 11.03 62.97
N SER T 7 13.15 11.18 61.65
CA SER T 7 11.83 11.49 61.12
C SER T 7 11.58 10.67 59.86
N PRO T 8 10.36 10.13 59.70
CA PRO T 8 9.25 10.24 60.63
C PRO T 8 9.27 9.14 61.69
N SER T 9 8.34 9.21 62.65
CA SER T 9 8.23 8.15 63.65
C SER T 9 7.74 6.85 63.03
N SER T 10 6.71 6.94 62.18
CA SER T 10 6.19 5.80 61.46
C SER T 10 5.93 6.21 60.02
N LEU T 11 5.79 5.21 59.16
CA LEU T 11 5.70 5.45 57.73
C LEU T 11 5.09 4.22 57.07
N SER T 12 4.10 4.43 56.21
CA SER T 12 3.41 3.35 55.53
C SER T 12 3.65 3.45 54.03
N ALA T 13 3.92 2.31 53.40
CA ALA T 13 4.20 2.27 51.98
C ALA T 13 3.90 0.88 51.45
N SER T 14 3.74 0.79 50.14
CA SER T 14 3.46 -0.47 49.48
C SER T 14 4.77 -1.12 49.01
N VAL T 15 4.69 -2.42 48.74
CA VAL T 15 5.84 -3.13 48.20
C VAL T 15 6.19 -2.56 46.84
N GLY T 16 7.46 -2.20 46.66
CA GLY T 16 7.94 -1.61 45.42
C GLY T 16 8.07 -0.11 45.46
N ASP T 17 7.61 0.55 46.51
CA ASP T 17 7.70 2.00 46.62
C ASP T 17 9.12 2.43 47.01
N ARG T 18 9.47 3.65 46.61
CA ARG T 18 10.70 4.28 47.08
C ARG T 18 10.40 5.02 48.38
N VAL T 19 11.27 4.86 49.37
CA VAL T 19 11.00 5.31 50.72
C VAL T 19 12.23 5.98 51.30
N THR T 20 11.99 7.02 52.12
CA THR T 20 13.05 7.86 52.64
C THR T 20 12.92 8.01 54.15
N ILE T 21 14.03 7.77 54.86
CA ILE T 21 14.11 7.96 56.30
C ILE T 21 15.18 9.01 56.58
N THR T 22 14.93 9.85 57.56
CA THR T 22 15.73 11.04 57.83
C THR T 22 16.24 11.01 59.25
N CYS T 23 17.46 11.53 59.44
CA CYS T 23 18.08 11.64 60.76
C CYS T 23 18.87 12.95 60.78
N LYS T 24 18.53 13.83 61.72
CA LYS T 24 19.15 15.15 61.81
C LYS T 24 19.98 15.24 63.09
N ALA T 25 21.26 15.55 62.94
CA ALA T 25 22.16 15.73 64.08
C ALA T 25 22.14 17.18 64.56
N SER T 26 22.34 17.36 65.87
CA SER T 26 22.32 18.69 66.47
C SER T 26 23.59 19.48 66.20
N GLN T 27 24.63 18.84 65.67
CA GLN T 27 25.85 19.51 65.25
C GLN T 27 26.58 18.61 64.28
N ASN T 28 27.59 19.16 63.62
CA ASN T 28 28.32 18.39 62.60
C ASN T 28 28.86 17.10 63.19
N VAL T 29 28.71 16.01 62.44
CA VAL T 29 29.23 14.71 62.85
C VAL T 29 29.97 14.08 61.69
N ASP T 30 30.35 14.91 60.71
CA ASP T 30 31.10 14.49 59.52
C ASP T 30 30.30 13.41 58.80
N THR T 31 30.83 12.21 58.62
CA THR T 31 30.06 11.10 58.05
C THR T 31 29.99 9.92 59.01
N ASP T 32 30.18 10.18 60.32
CA ASP T 32 30.21 9.13 61.32
C ASP T 32 28.79 8.76 61.76
N VAL T 33 28.02 8.28 60.80
CA VAL T 33 26.61 7.95 61.00
C VAL T 33 26.38 6.52 60.51
N ALA T 34 25.70 5.73 61.32
CA ALA T 34 25.39 4.35 60.99
C ALA T 34 23.88 4.15 61.02
N TRP T 35 23.41 3.22 60.18
CA TRP T 35 22.00 2.87 60.11
C TRP T 35 21.83 1.40 60.50
N PHE T 36 20.76 1.12 61.23
CA PHE T 36 20.47 -0.23 61.70
C PHE T 36 19.03 -0.60 61.37
N GLN T 37 18.80 -1.90 61.21
CA GLN T 37 17.48 -2.46 60.99
C GLN T 37 17.17 -3.42 62.13
N GLN T 38 15.92 -3.43 62.58
CA GLN T 38 15.51 -4.32 63.66
C GLN T 38 14.10 -4.80 63.41
N LYS T 39 13.94 -6.12 63.35
CA LYS T 39 12.65 -6.78 63.27
C LYS T 39 12.24 -7.28 64.65
N PRO T 40 10.94 -7.48 64.90
CA PRO T 40 10.48 -7.76 66.26
C PRO T 40 11.14 -9.00 66.85
N GLY T 41 11.56 -8.88 68.11
CA GLY T 41 12.15 -9.99 68.82
C GLY T 41 13.55 -10.37 68.41
N LYS T 42 14.18 -9.61 67.52
CA LYS T 42 15.52 -9.93 67.04
C LYS T 42 16.45 -8.76 67.32
N ALA T 43 17.76 -9.06 67.27
CA ALA T 43 18.76 -8.05 67.58
C ALA T 43 18.88 -7.07 66.41
N PRO T 44 19.31 -5.83 66.69
CA PRO T 44 19.59 -4.91 65.59
C PRO T 44 20.60 -5.48 64.62
N LYS T 45 20.46 -5.10 63.35
CA LYS T 45 21.30 -5.58 62.27
C LYS T 45 21.93 -4.39 61.57
N GLY T 46 23.23 -4.46 61.33
CA GLY T 46 23.92 -3.36 60.68
C GLY T 46 23.58 -3.28 59.21
N LEU T 47 23.31 -2.06 58.73
CA LEU T 47 23.04 -1.79 57.33
C LEU T 47 24.10 -0.90 56.71
N ILE T 48 24.32 0.28 57.28
CA ILE T 48 25.19 1.30 56.68
C ILE T 48 26.07 1.87 57.77
N ARG T 49 27.33 2.14 57.42
CA ARG T 49 28.27 2.88 58.26
C ARG T 49 28.94 3.92 57.38
N SER T 50 29.66 4.84 58.02
CA SER T 50 30.31 5.95 57.31
C SER T 50 29.30 6.68 56.42
N ALA T 51 28.08 6.83 56.94
CA ALA T 51 26.98 7.56 56.29
C ALA T 51 26.47 6.89 55.02
N SER T 52 27.33 6.16 54.29
CA SER T 52 26.91 5.62 53.00
C SER T 52 27.49 4.26 52.64
N SER T 53 28.34 3.66 53.48
CA SER T 53 28.96 2.38 53.17
C SER T 53 28.06 1.23 53.62
N ARG T 54 27.71 0.36 52.67
CA ARG T 54 26.91 -0.82 52.99
C ARG T 54 27.77 -1.95 53.52
N TYR T 55 27.19 -2.73 54.43
CA TYR T 55 27.84 -3.94 54.90
C TYR T 55 27.66 -5.07 53.89
N SER T 56 28.48 -6.11 54.03
CA SER T 56 28.42 -7.24 53.13
C SER T 56 27.10 -7.99 53.29
N GLY T 57 26.40 -8.20 52.18
CA GLY T 57 25.12 -8.86 52.21
C GLY T 57 23.92 -7.95 52.32
N VAL T 58 24.14 -6.64 52.36
CA VAL T 58 23.05 -5.67 52.40
C VAL T 58 22.66 -5.34 50.96
N PRO T 59 21.40 -5.56 50.56
CA PRO T 59 21.03 -5.36 49.16
C PRO T 59 21.24 -3.94 48.69
N SER T 60 21.47 -3.78 47.38
CA SER T 60 21.78 -2.48 46.81
C SER T 60 20.65 -1.48 46.94
N ARG T 61 19.42 -1.94 47.20
CA ARG T 61 18.31 -1.01 47.33
C ARG T 61 18.44 -0.13 48.57
N PHE T 62 19.24 -0.53 49.55
CA PHE T 62 19.55 0.32 50.69
C PHE T 62 20.72 1.24 50.32
N SER T 63 20.54 2.54 50.54
CA SER T 63 21.60 3.51 50.29
C SER T 63 21.54 4.59 51.35
N GLY T 64 22.72 5.02 51.80
CA GLY T 64 22.83 6.08 52.79
C GLY T 64 23.42 7.34 52.17
N SER T 65 22.97 8.48 52.66
CA SER T 65 23.43 9.76 52.16
C SER T 65 23.56 10.75 53.31
N GLY T 66 24.35 11.79 53.10
CA GLY T 66 24.47 12.84 54.08
C GLY T 66 25.87 13.04 54.62
N SER T 67 26.23 14.29 54.86
CA SER T 67 27.48 14.63 55.53
C SER T 67 27.25 15.95 56.27
N GLY T 68 27.69 15.99 57.52
CA GLY T 68 27.46 17.18 58.33
C GLY T 68 26.41 16.98 59.39
N THR T 69 25.16 17.35 59.09
CA THR T 69 24.09 17.30 60.08
C THR T 69 22.84 16.55 59.65
N ASP T 70 22.64 16.31 58.35
CA ASP T 70 21.38 15.79 57.85
C ASP T 70 21.63 14.56 56.98
N PHE T 71 21.18 13.41 57.47
CA PHE T 71 21.48 12.12 56.87
C PHE T 71 20.20 11.41 56.46
N THR T 72 20.28 10.62 55.39
CA THR T 72 19.12 10.01 54.77
C THR T 72 19.38 8.55 54.46
N LEU T 73 18.50 7.67 54.92
CA LEU T 73 18.44 6.28 54.48
C LEU T 73 17.36 6.17 53.43
N THR T 74 17.70 5.58 52.29
CA THR T 74 16.79 5.47 51.16
C THR T 74 16.65 4.02 50.75
N ILE T 75 15.40 3.56 50.64
CA ILE T 75 15.08 2.24 50.12
C ILE T 75 14.41 2.44 48.77
N SER T 76 15.09 2.04 47.69
CA SER T 76 14.61 2.35 46.35
C SER T 76 13.37 1.53 45.99
N SER T 77 13.37 0.23 46.32
CA SER T 77 12.24 -0.65 46.00
C SER T 77 11.91 -1.48 47.24
N LEU T 78 10.86 -1.10 47.96
CA LEU T 78 10.51 -1.74 49.21
C LEU T 78 10.07 -3.19 48.97
N GLN T 79 10.81 -4.12 49.56
CA GLN T 79 10.54 -5.55 49.51
C GLN T 79 9.84 -6.02 50.77
N PRO T 80 9.13 -7.15 50.73
CA PRO T 80 8.34 -7.55 51.90
C PRO T 80 9.16 -7.71 53.17
N GLU T 81 10.40 -8.19 53.07
CA GLU T 81 11.23 -8.37 54.27
C GLU T 81 11.83 -7.06 54.76
N ASP T 82 11.56 -5.94 54.09
CA ASP T 82 12.12 -4.65 54.48
C ASP T 82 11.24 -3.89 55.46
N PHE T 83 10.05 -4.40 55.77
CA PHE T 83 9.15 -3.73 56.71
C PHE T 83 9.63 -4.04 58.12
N ALA T 84 10.24 -3.06 58.77
CA ALA T 84 10.81 -3.24 60.10
C ALA T 84 11.01 -1.85 60.70
N THR T 85 11.76 -1.80 61.79
CA THR T 85 12.14 -0.54 62.43
C THR T 85 13.60 -0.23 62.11
N TYR T 86 13.88 1.04 61.84
CA TYR T 86 15.20 1.48 61.45
C TYR T 86 15.71 2.56 62.41
N TYR T 87 16.98 2.44 62.79
CA TYR T 87 17.61 3.34 63.74
C TYR T 87 18.87 3.94 63.12
N CYS T 88 19.05 5.24 63.33
CA CYS T 88 20.31 5.90 63.00
C CYS T 88 21.14 6.06 64.26
N GLN T 89 22.47 6.04 64.09
CA GLN T 89 23.38 6.20 65.20
C GLN T 89 24.52 7.12 64.81
N GLN T 90 24.81 8.10 65.66
CA GLN T 90 25.98 8.95 65.51
C GLN T 90 27.10 8.39 66.37
N TYR T 91 28.26 8.16 65.77
CA TYR T 91 29.42 7.66 66.49
C TYR T 91 30.61 8.60 66.34
N ASN T 92 30.34 9.88 66.13
CA ASN T 92 31.40 10.87 65.94
C ASN T 92 31.90 11.42 67.27
N ASN T 93 31.05 11.44 68.30
CA ASN T 93 31.36 12.16 69.53
C ASN T 93 30.68 11.46 70.70
N TYR T 94 31.42 11.29 71.80
CA TYR T 94 30.90 10.63 72.99
C TYR T 94 29.94 11.56 73.74
N PRO T 95 28.83 11.02 74.25
CA PRO T 95 28.45 9.61 74.13
C PRO T 95 27.79 9.30 72.79
N LEU T 96 27.97 8.08 72.30
CA LEU T 96 27.28 7.66 71.09
C LEU T 96 25.78 7.73 71.31
N THR T 97 25.06 8.26 70.33
CA THR T 97 23.63 8.50 70.46
C THR T 97 22.89 7.88 69.29
N PHE T 98 21.70 7.35 69.58
CA PHE T 98 20.81 6.81 68.57
C PHE T 98 19.65 7.77 68.32
N GLY T 99 18.98 7.58 67.19
CA GLY T 99 17.69 8.20 66.98
C GLY T 99 16.59 7.37 67.61
N GLN T 100 15.41 7.98 67.72
CA GLN T 100 14.29 7.29 68.38
C GLN T 100 13.70 6.18 67.51
N GLY T 101 13.99 6.15 66.23
CA GLY T 101 13.58 5.04 65.38
C GLY T 101 12.46 5.43 64.43
N THR T 102 12.34 4.65 63.36
CA THR T 102 11.30 4.81 62.35
C THR T 102 10.75 3.44 62.00
N LYS T 103 9.43 3.28 62.11
CA LYS T 103 8.78 1.99 61.84
C LYS T 103 8.12 2.05 60.47
N VAL T 104 8.55 1.17 59.57
CA VAL T 104 8.02 1.11 58.21
C VAL T 104 7.00 -0.01 58.15
N GLU T 105 5.77 0.33 57.84
CA GLU T 105 4.66 -0.62 57.84
C GLU T 105 4.00 -0.68 56.47
N ILE T 106 3.22 -1.75 56.27
CA ILE T 106 2.56 -1.99 54.98
C ILE T 106 1.26 -1.18 54.92
N LYS T 107 1.02 -0.56 53.76
CA LYS T 107 -0.24 0.12 53.50
C LYS T 107 -1.24 -0.87 52.90
N ARG T 108 -2.49 -0.79 53.35
CA ARG T 108 -3.54 -1.65 52.83
C ARG T 108 -4.85 -0.89 52.87
N THR T 109 -5.88 -1.49 52.28
CA THR T 109 -7.21 -0.88 52.30
C THR T 109 -7.79 -0.88 53.72
N VAL T 110 -8.63 0.11 53.99
CA VAL T 110 -9.23 0.23 55.32
C VAL T 110 -10.13 -0.96 55.60
N ALA T 111 -10.03 -1.50 56.81
CA ALA T 111 -10.82 -2.64 57.24
C ALA T 111 -11.35 -2.39 58.63
N ALA T 112 -12.64 -2.68 58.84
CA ALA T 112 -13.26 -2.49 60.14
C ALA T 112 -12.96 -3.67 61.05
N PRO T 113 -12.92 -3.45 62.37
CA PRO T 113 -12.61 -4.54 63.30
C PRO T 113 -13.82 -5.38 63.67
N SER T 114 -13.57 -6.69 63.83
CA SER T 114 -14.59 -7.62 64.31
C SER T 114 -14.53 -7.61 65.84
N VAL T 115 -15.51 -6.96 66.46
CA VAL T 115 -15.52 -6.73 67.90
C VAL T 115 -16.08 -7.94 68.63
N PHE T 116 -15.43 -8.32 69.71
CA PHE T 116 -15.90 -9.37 70.60
C PHE T 116 -15.74 -8.91 72.04
N ILE T 117 -16.44 -9.59 72.95
CA ILE T 117 -16.36 -9.28 74.37
C ILE T 117 -16.51 -10.58 75.15
N PHE T 118 -15.81 -10.66 76.28
CA PHE T 118 -15.75 -11.89 77.06
C PHE T 118 -16.01 -11.57 78.53
N PRO T 119 -17.01 -12.19 79.16
CA PRO T 119 -17.18 -12.02 80.60
C PRO T 119 -16.13 -12.80 81.36
N PRO T 120 -15.87 -12.44 82.61
CA PRO T 120 -14.90 -13.21 83.40
C PRO T 120 -15.42 -14.60 83.73
N SER T 121 -14.56 -15.60 83.59
CA SER T 121 -14.94 -16.97 83.85
C SER T 121 -15.23 -17.18 85.33
N ASP T 122 -16.04 -18.19 85.63
CA ASP T 122 -16.36 -18.51 87.02
C ASP T 122 -15.15 -19.03 87.78
N GLU T 123 -14.17 -19.60 87.08
CA GLU T 123 -12.98 -20.10 87.77
C GLU T 123 -12.13 -18.96 88.31
N GLN T 124 -12.05 -17.85 87.57
CA GLN T 124 -11.30 -16.69 88.05
C GLN T 124 -12.05 -15.99 89.18
N LEU T 125 -13.38 -15.93 89.09
CA LEU T 125 -14.19 -15.28 90.12
C LEU T 125 -14.12 -16.01 91.46
N LYS T 126 -13.58 -17.24 91.50
CA LYS T 126 -13.39 -17.90 92.78
C LYS T 126 -12.29 -17.23 93.61
N SER T 127 -11.43 -16.44 92.97
CA SER T 127 -10.52 -15.55 93.67
C SER T 127 -11.12 -14.15 93.70
N GLY T 128 -10.31 -13.16 94.10
CA GLY T 128 -10.80 -11.82 94.33
C GLY T 128 -10.82 -10.88 93.15
N THR T 129 -10.50 -11.36 91.93
CA THR T 129 -10.39 -10.48 90.77
C THR T 129 -11.26 -10.99 89.64
N ALA T 130 -11.68 -10.06 88.77
CA ALA T 130 -12.45 -10.37 87.58
C ALA T 130 -11.93 -9.51 86.44
N SER T 131 -11.66 -10.14 85.29
CA SER T 131 -11.11 -9.46 84.12
C SER T 131 -12.08 -9.58 82.96
N VAL T 132 -12.39 -8.45 82.34
CA VAL T 132 -13.28 -8.39 81.19
C VAL T 132 -12.45 -8.00 79.97
N VAL T 133 -12.59 -8.76 78.89
CA VAL T 133 -11.77 -8.58 77.69
C VAL T 133 -12.66 -8.07 76.56
N CYS T 134 -12.12 -7.11 75.80
CA CYS T 134 -12.76 -6.58 74.60
C CYS T 134 -11.78 -6.76 73.45
N LEU T 135 -12.14 -7.58 72.47
CA LEU T 135 -11.24 -7.94 71.38
C LEU T 135 -11.64 -7.22 70.11
N LEU T 136 -10.65 -6.62 69.44
CA LEU T 136 -10.81 -6.01 68.12
C LEU T 136 -9.93 -6.82 67.17
N ASN T 137 -10.55 -7.50 66.21
CA ASN T 137 -9.85 -8.49 65.39
C ASN T 137 -9.72 -8.00 63.96
N ASN T 138 -8.48 -8.03 63.44
CA ASN T 138 -8.18 -7.80 62.04
C ASN T 138 -8.74 -6.50 61.50
N PHE T 139 -8.02 -5.40 61.73
CA PHE T 139 -8.44 -4.09 61.27
C PHE T 139 -7.23 -3.29 60.78
N TYR T 140 -7.53 -2.17 60.12
CA TYR T 140 -6.50 -1.28 59.61
C TYR T 140 -7.12 0.09 59.39
N PRO T 141 -6.44 1.19 59.73
CA PRO T 141 -5.11 1.23 60.36
C PRO T 141 -5.14 0.96 61.86
N ARG T 142 -4.03 1.19 62.53
CA ARG T 142 -3.94 0.87 63.96
C ARG T 142 -4.77 1.82 64.81
N GLU T 143 -4.89 3.09 64.41
CA GLU T 143 -5.57 4.09 65.21
C GLU T 143 -6.98 3.67 65.57
N ALA T 144 -7.19 3.26 66.82
CA ALA T 144 -8.48 2.84 67.32
C ALA T 144 -8.70 3.46 68.69
N LYS T 145 -9.95 3.37 69.16
CA LYS T 145 -10.33 3.94 70.46
C LYS T 145 -11.36 3.01 71.09
N VAL T 146 -11.04 2.49 72.26
CA VAL T 146 -11.92 1.60 73.01
C VAL T 146 -12.27 2.27 74.34
N GLN T 147 -13.56 2.36 74.63
CA GLN T 147 -14.05 2.90 75.89
C GLN T 147 -14.93 1.87 76.57
N TRP T 148 -14.79 1.75 77.89
CA TRP T 148 -15.60 0.85 78.69
C TRP T 148 -16.75 1.63 79.34
N LYS T 149 -17.92 1.00 79.37
CA LYS T 149 -19.11 1.60 79.97
C LYS T 149 -19.78 0.57 80.86
N VAL T 150 -19.74 0.81 82.17
CA VAL T 150 -20.36 -0.08 83.15
C VAL T 150 -21.65 0.59 83.62
N ASP T 151 -22.79 0.02 83.21
CA ASP T 151 -24.10 0.62 83.44
C ASP T 151 -24.15 2.05 82.90
N ASN T 152 -23.67 2.20 81.67
CA ASN T 152 -23.62 3.49 80.98
C ASN T 152 -22.78 4.52 81.75
N ALA T 153 -21.75 4.06 82.45
CA ALA T 153 -20.83 4.94 83.15
C ALA T 153 -19.44 4.76 82.54
N LEU T 154 -18.88 5.85 82.03
CA LEU T 154 -17.59 5.80 81.35
C LEU T 154 -16.48 5.51 82.35
N GLN T 155 -15.70 4.46 82.08
CA GLN T 155 -14.59 4.07 82.92
C GLN T 155 -13.29 4.70 82.43
N SER T 156 -12.29 4.70 83.30
CA SER T 156 -10.97 5.21 82.96
C SER T 156 -9.99 4.80 84.03
N GLY T 157 -8.72 4.60 83.63
CA GLY T 157 -7.66 4.29 84.56
C GLY T 157 -7.67 2.87 85.10
N ASN T 158 -8.56 2.01 84.62
CA ASN T 158 -8.65 0.64 85.12
C ASN T 158 -8.67 -0.37 83.97
N SER T 159 -8.06 -0.03 82.84
CA SER T 159 -8.03 -0.92 81.70
C SER T 159 -6.72 -0.74 80.94
N GLN T 160 -6.15 -1.85 80.49
CA GLN T 160 -4.94 -1.86 79.68
C GLN T 160 -5.24 -2.53 78.35
N GLU T 161 -4.64 -2.02 77.28
CA GLU T 161 -4.78 -2.62 75.96
C GLU T 161 -3.42 -3.01 75.41
N SER T 162 -3.45 -3.94 74.46
CA SER T 162 -2.25 -4.48 73.84
C SER T 162 -2.52 -4.74 72.37
N VAL T 163 -1.58 -4.35 71.51
CA VAL T 163 -1.74 -4.44 70.07
C VAL T 163 -0.74 -5.45 69.52
N THR T 164 -1.19 -6.25 68.56
CA THR T 164 -0.32 -7.17 67.87
C THR T 164 0.41 -6.47 66.73
N GLU T 165 1.52 -7.06 66.31
CA GLU T 165 2.21 -6.56 65.14
C GLU T 165 1.40 -6.87 63.89
N GLN T 166 1.74 -6.16 62.81
CA GLN T 166 1.00 -6.32 61.55
C GLN T 166 1.11 -7.76 61.06
N ASP T 167 -0.04 -8.34 60.73
CA ASP T 167 -0.08 -9.74 60.33
C ASP T 167 0.66 -9.92 59.00
N SER T 168 1.41 -11.02 58.91
CA SER T 168 2.22 -11.28 57.72
C SER T 168 1.40 -11.76 56.53
N LYS T 169 0.11 -12.00 56.70
CA LYS T 169 -0.74 -12.48 55.61
C LYS T 169 -1.71 -11.41 55.13
N ASP T 170 -2.58 -10.89 56.00
CA ASP T 170 -3.56 -9.89 55.62
C ASP T 170 -3.21 -8.48 56.08
N SER T 171 -2.04 -8.31 56.72
CA SER T 171 -1.50 -6.99 57.04
C SER T 171 -2.43 -6.18 57.94
N THR T 172 -3.09 -6.85 58.88
CA THR T 172 -4.02 -6.20 59.78
C THR T 172 -3.53 -6.30 61.23
N TYR T 173 -4.17 -5.53 62.10
CA TYR T 173 -3.84 -5.47 63.51
C TYR T 173 -4.94 -6.12 64.34
N SER T 174 -4.61 -6.37 65.61
CA SER T 174 -5.56 -6.91 66.58
C SER T 174 -5.26 -6.28 67.93
N LEU T 175 -6.30 -5.80 68.61
CA LEU T 175 -6.17 -5.12 69.89
C LEU T 175 -7.02 -5.82 70.94
N SER T 176 -6.50 -5.90 72.16
CA SER T 176 -7.20 -6.53 73.29
C SER T 176 -7.14 -5.59 74.49
N SER T 177 -8.24 -4.91 74.75
CA SER T 177 -8.37 -4.07 75.94
C SER T 177 -8.97 -4.88 77.08
N THR T 178 -8.30 -4.92 78.21
CA THR T 178 -8.69 -5.75 79.35
C THR T 178 -9.08 -4.86 80.51
N LEU T 179 -10.33 -5.00 80.97
CA LEU T 179 -10.85 -4.24 82.09
C LEU T 179 -10.79 -5.11 83.34
N THR T 180 -10.04 -4.65 84.35
CA THR T 180 -9.84 -5.39 85.58
C THR T 180 -10.61 -4.73 86.72
N LEU T 181 -11.40 -5.52 87.44
CA LEU T 181 -12.13 -5.05 88.60
C LEU T 181 -12.15 -6.16 89.65
N SER T 182 -12.24 -5.74 90.92
CA SER T 182 -12.34 -6.70 92.01
C SER T 182 -13.69 -7.41 91.98
N LYS T 183 -13.76 -8.54 92.67
CA LYS T 183 -15.00 -9.31 92.70
C LYS T 183 -16.13 -8.54 93.37
N ALA T 184 -15.80 -7.61 94.26
CA ALA T 184 -16.82 -6.80 94.91
C ALA T 184 -17.39 -5.76 93.95
N ASP T 185 -16.52 -5.01 93.27
CA ASP T 185 -16.98 -4.01 92.32
C ASP T 185 -17.67 -4.64 91.11
N TYR T 186 -17.37 -5.90 90.79
CA TYR T 186 -17.93 -6.52 89.60
C TYR T 186 -19.41 -6.81 89.78
N GLU T 187 -19.80 -7.35 90.92
CA GLU T 187 -21.17 -7.76 91.18
C GLU T 187 -22.06 -6.62 91.68
N LYS T 188 -21.53 -5.40 91.74
CA LYS T 188 -22.36 -4.24 92.04
C LYS T 188 -23.14 -3.76 90.83
N HIS T 189 -22.77 -4.17 89.63
CA HIS T 189 -23.35 -3.67 88.40
C HIS T 189 -23.81 -4.83 87.53
N LYS T 190 -24.47 -4.49 86.42
CA LYS T 190 -25.11 -5.48 85.57
C LYS T 190 -24.64 -5.42 84.12
N VAL T 191 -24.62 -4.24 83.51
CA VAL T 191 -24.34 -4.08 82.09
C VAL T 191 -22.88 -3.71 81.91
N TYR T 192 -22.16 -4.52 81.12
CA TYR T 192 -20.77 -4.26 80.79
C TYR T 192 -20.62 -4.20 79.27
N ALA T 193 -20.01 -3.11 78.78
CA ALA T 193 -19.90 -2.89 77.35
C ALA T 193 -18.57 -2.22 77.04
N CYS T 194 -18.11 -2.41 75.80
CA CYS T 194 -16.98 -1.67 75.26
C CYS T 194 -17.37 -1.06 73.93
N GLU T 195 -17.17 0.25 73.81
CA GLU T 195 -17.53 1.00 72.61
C GLU T 195 -16.28 1.21 71.77
N VAL T 196 -16.34 0.77 70.50
CA VAL T 196 -15.19 0.79 69.61
C VAL T 196 -15.41 1.89 68.58
N THR T 197 -14.46 2.82 68.50
CA THR T 197 -14.47 3.89 67.51
C THR T 197 -13.30 3.68 66.57
N HIS T 198 -13.60 3.54 65.27
CA HIS T 198 -12.56 3.29 64.28
C HIS T 198 -12.89 4.05 63.00
N GLN T 199 -11.85 4.33 62.23
CA GLN T 199 -12.02 5.00 60.95
C GLN T 199 -12.86 4.16 59.99
N GLY T 200 -12.71 2.84 60.05
CA GLY T 200 -13.45 1.95 59.19
C GLY T 200 -14.91 1.77 59.54
N LEU T 201 -15.37 2.41 60.61
CA LEU T 201 -16.76 2.35 61.03
C LEU T 201 -17.38 3.74 60.91
N SER T 202 -18.61 3.80 60.39
CA SER T 202 -19.28 5.08 60.23
C SER T 202 -19.74 5.64 61.58
N SER T 203 -20.17 4.77 62.48
CA SER T 203 -20.59 5.14 63.83
C SER T 203 -20.09 4.09 64.80
N PRO T 204 -19.81 4.48 66.05
CA PRO T 204 -19.20 3.55 67.01
C PRO T 204 -20.05 2.32 67.24
N VAL T 205 -19.40 1.15 67.17
CA VAL T 205 -20.04 -0.14 67.40
C VAL T 205 -19.80 -0.56 68.84
N THR T 206 -20.83 -1.16 69.46
CA THR T 206 -20.76 -1.58 70.86
C THR T 206 -21.13 -3.05 70.97
N LYS T 207 -20.39 -3.77 71.82
CA LYS T 207 -20.69 -5.15 72.17
C LYS T 207 -20.77 -5.26 73.68
N SER T 208 -21.87 -5.81 74.18
CA SER T 208 -22.13 -5.83 75.62
C SER T 208 -22.67 -7.19 76.05
N PHE T 209 -22.76 -7.36 77.37
CA PHE T 209 -23.35 -8.56 77.95
C PHE T 209 -23.93 -8.20 79.32
N ASN T 210 -24.93 -8.97 79.74
CA ASN T 210 -25.53 -8.83 81.06
C ASN T 210 -24.92 -9.84 82.01
N ARG T 211 -24.58 -9.39 83.22
CA ARG T 211 -23.93 -10.25 84.20
C ARG T 211 -24.82 -11.40 84.61
N GLY T 212 -24.56 -12.60 84.08
CA GLY T 212 -25.34 -13.77 84.41
C GLY T 212 -25.67 -14.66 83.23
N GLU T 213 -26.11 -14.05 82.13
CA GLU T 213 -26.48 -14.81 80.93
C GLU T 213 -25.31 -15.61 80.38
N GLU U 1 33.58 -18.98 61.14
CA GLU U 1 32.38 -18.18 61.35
C GLU U 1 32.48 -17.38 62.65
N VAL U 2 32.22 -16.08 62.55
CA VAL U 2 32.31 -15.17 63.68
C VAL U 2 30.96 -15.09 64.39
N GLN U 3 30.98 -15.02 65.72
CA GLN U 3 29.75 -14.85 66.47
C GLN U 3 30.08 -14.35 67.88
N LEU U 4 29.19 -13.53 68.42
CA LEU U 4 29.27 -13.03 69.79
C LEU U 4 28.09 -13.61 70.55
N VAL U 5 28.34 -14.59 71.40
CA VAL U 5 27.30 -15.24 72.19
C VAL U 5 27.32 -14.67 73.61
N GLN U 6 26.14 -14.37 74.13
CA GLN U 6 25.98 -13.73 75.43
C GLN U 6 25.35 -14.69 76.43
N SER U 7 25.55 -14.39 77.71
CA SER U 7 25.02 -15.23 78.77
C SER U 7 23.49 -15.21 78.76
N GLY U 8 22.91 -16.18 79.47
CA GLY U 8 21.47 -16.33 79.49
C GLY U 8 20.77 -15.23 80.28
N ALA U 9 19.44 -15.25 80.19
CA ALA U 9 18.62 -14.23 80.83
C ALA U 9 18.83 -14.24 82.34
N GLU U 10 18.56 -13.09 82.96
CA GLU U 10 18.78 -12.91 84.38
C GLU U 10 17.60 -12.17 85.00
N VAL U 11 17.25 -12.56 86.22
CA VAL U 11 16.23 -11.88 87.01
C VAL U 11 16.87 -11.44 88.32
N LYS U 12 16.71 -10.15 88.65
CA LYS U 12 17.37 -9.57 89.82
C LYS U 12 16.42 -8.66 90.56
N LYS U 13 16.72 -8.45 91.90
CA LYS U 13 15.99 -7.64 92.86
C LYS U 13 16.44 -6.18 92.78
N PRO U 14 15.53 -5.22 93.04
CA PRO U 14 15.85 -3.81 92.80
C PRO U 14 16.94 -3.23 93.70
N GLY U 15 18.14 -3.79 93.62
CA GLY U 15 19.27 -3.29 94.39
C GLY U 15 20.50 -4.14 94.20
N ALA U 16 20.33 -5.29 93.57
CA ALA U 16 21.42 -6.23 93.36
C ALA U 16 22.32 -5.75 92.22
N SER U 17 23.24 -6.60 91.80
CA SER U 17 24.09 -6.32 90.64
C SER U 17 24.03 -7.52 89.70
N VAL U 18 24.19 -7.23 88.41
CA VAL U 18 24.15 -8.25 87.37
C VAL U 18 25.42 -8.12 86.54
N LYS U 19 25.96 -9.26 86.11
CA LYS U 19 27.16 -9.31 85.28
C LYS U 19 26.87 -10.15 84.05
N VAL U 20 26.84 -9.51 82.89
CA VAL U 20 26.54 -10.16 81.62
C VAL U 20 27.85 -10.40 80.87
N SER U 21 27.96 -11.57 80.24
CA SER U 21 29.16 -11.95 79.50
C SER U 21 28.90 -11.87 78.00
N CYS U 22 30.00 -11.75 77.25
CA CYS U 22 29.94 -11.63 75.79
C CYS U 22 31.20 -12.32 75.24
N LYS U 23 31.06 -13.61 74.93
CA LYS U 23 32.18 -14.40 74.42
C LYS U 23 32.27 -14.26 72.91
N ALA U 24 33.41 -13.78 72.43
CA ALA U 24 33.65 -13.60 71.00
C ALA U 24 34.46 -14.77 70.46
N SER U 25 34.15 -15.17 69.23
CA SER U 25 34.89 -16.23 68.56
C SER U 25 34.87 -15.97 67.06
N GLY U 26 35.97 -16.34 66.41
CA GLY U 26 36.09 -16.17 64.97
C GLY U 26 36.93 -14.99 64.53
N TYR U 27 37.40 -14.17 65.46
CA TYR U 27 38.25 -13.04 65.12
C TYR U 27 39.15 -12.71 66.30
N THR U 28 40.26 -12.03 66.00
CA THR U 28 41.19 -11.62 67.04
C THR U 28 40.51 -10.65 67.99
N PHE U 29 40.17 -11.14 69.19
CA PHE U 29 39.34 -10.39 70.13
C PHE U 29 39.97 -9.03 70.47
N THR U 30 41.29 -8.97 70.58
CA THR U 30 41.98 -7.79 71.06
C THR U 30 42.24 -6.74 69.96
N SER U 31 41.66 -6.90 68.78
CA SER U 31 41.87 -5.97 67.70
C SER U 31 40.69 -5.04 67.47
N TYR U 32 39.64 -5.15 68.28
CA TYR U 32 38.44 -4.34 68.11
C TYR U 32 37.89 -3.92 69.46
N TYR U 33 37.42 -2.67 69.54
CA TYR U 33 36.65 -2.24 70.69
C TYR U 33 35.37 -3.07 70.82
N MET U 34 34.87 -3.17 72.05
CA MET U 34 33.59 -3.80 72.33
C MET U 34 32.69 -2.76 73.00
N TYR U 35 31.53 -2.52 72.42
CA TYR U 35 30.59 -1.57 73.02
C TYR U 35 29.27 -2.26 73.35
N TRP U 36 28.53 -1.65 74.27
CA TRP U 36 27.34 -2.24 74.85
C TRP U 36 26.15 -1.32 74.64
N VAL U 37 25.00 -1.93 74.34
CA VAL U 37 23.77 -1.21 74.03
C VAL U 37 22.64 -1.82 74.85
N ARG U 38 21.75 -0.96 75.33
CA ARG U 38 20.60 -1.37 76.11
C ARG U 38 19.32 -0.96 75.40
N GLN U 39 18.30 -1.82 75.44
CA GLN U 39 17.02 -1.53 74.82
C GLN U 39 15.90 -1.97 75.75
N ALA U 40 15.19 -0.99 76.30
CA ALA U 40 14.03 -1.28 77.14
C ALA U 40 12.94 -1.96 76.31
N PRO U 41 12.05 -2.73 76.95
CA PRO U 41 10.97 -3.38 76.21
C PRO U 41 10.11 -2.38 75.46
N GLY U 42 10.04 -2.55 74.14
CA GLY U 42 9.25 -1.66 73.31
C GLY U 42 9.75 -0.23 73.29
N GLN U 43 11.07 -0.05 73.31
CA GLN U 43 11.66 1.28 73.36
C GLN U 43 12.89 1.31 72.46
N GLY U 44 13.57 2.46 72.45
CA GLY U 44 14.69 2.68 71.58
C GLY U 44 16.00 2.14 72.13
N LEU U 45 17.07 2.38 71.37
CA LEU U 45 18.39 1.89 71.73
C LEU U 45 19.14 2.95 72.54
N GLU U 46 19.93 2.47 73.50
CA GLU U 46 20.67 3.33 74.41
C GLU U 46 22.10 2.84 74.47
N TRP U 47 23.05 3.77 74.36
CA TRP U 47 24.47 3.43 74.36
C TRP U 47 25.00 3.46 75.80
N ILE U 48 25.62 2.36 76.22
CA ILE U 48 26.11 2.25 77.58
C ILE U 48 27.58 2.67 77.63
N GLY U 49 28.42 1.95 76.92
CA GLY U 49 29.84 2.27 76.92
C GLY U 49 30.59 1.32 76.01
N GLU U 50 31.92 1.49 76.01
CA GLU U 50 32.81 0.68 75.19
C GLU U 50 34.09 0.41 75.97
N ILE U 51 34.84 -0.59 75.53
CA ILE U 51 36.07 -1.00 76.20
C ILE U 51 37.11 -1.39 75.17
N ASN U 52 38.36 -0.96 75.40
CA ASN U 52 39.49 -1.31 74.56
C ASN U 52 40.14 -2.55 75.14
N PRO U 53 40.02 -3.72 74.50
CA PRO U 53 40.57 -4.95 75.10
C PRO U 53 42.08 -4.96 75.21
N THR U 54 42.79 -4.13 74.43
CA THR U 54 44.24 -4.07 74.53
C THR U 54 44.68 -3.22 75.71
N SER U 55 44.20 -1.98 75.79
CA SER U 55 44.64 -1.05 76.80
C SER U 55 43.77 -1.04 78.05
N GLY U 56 42.56 -1.60 77.99
CA GLY U 56 41.66 -1.55 79.12
C GLY U 56 40.90 -0.26 79.27
N GLY U 57 41.16 0.74 78.42
CA GLY U 57 40.47 2.00 78.53
C GLY U 57 38.99 1.87 78.21
N THR U 58 38.21 2.83 78.73
CA THR U 58 36.77 2.80 78.57
C THR U 58 36.22 4.20 78.30
N ASN U 59 35.07 4.25 77.66
CA ASN U 59 34.28 5.46 77.51
C ASN U 59 32.83 5.10 77.85
N PHE U 60 32.22 5.89 78.72
CA PHE U 60 30.89 5.59 79.21
C PHE U 60 29.90 6.71 78.88
N ASN U 61 28.63 6.34 78.85
CA ASN U 61 27.56 7.32 78.96
C ASN U 61 27.50 7.80 80.40
N GLU U 62 27.44 9.13 80.59
CA GLU U 62 27.40 9.69 81.94
C GLU U 62 26.25 9.15 82.76
N LYS U 63 25.20 8.65 82.12
CA LYS U 63 24.07 8.06 82.82
C LYS U 63 24.44 6.75 83.52
N PHE U 64 25.49 6.07 83.07
CA PHE U 64 25.86 4.77 83.63
C PHE U 64 27.25 4.75 84.25
N LYS U 65 27.95 5.89 84.29
CA LYS U 65 29.33 5.90 84.76
C LYS U 65 29.44 5.47 86.22
N SER U 66 28.42 5.75 87.02
CA SER U 66 28.49 5.46 88.45
C SER U 66 28.21 4.00 88.77
N ARG U 67 27.46 3.31 87.90
CA ARG U 67 26.96 1.97 88.22
C ARG U 67 27.44 0.88 87.28
N ALA U 68 28.03 1.23 86.13
CA ALA U 68 28.46 0.24 85.16
C ALA U 68 29.95 0.00 85.26
N THR U 69 30.36 -1.22 84.94
CA THR U 69 31.77 -1.61 84.99
C THR U 69 32.06 -2.56 83.83
N LEU U 70 32.92 -2.13 82.92
CA LEU U 70 33.30 -2.94 81.76
C LEU U 70 34.68 -3.54 82.00
N THR U 71 34.77 -4.86 81.81
CA THR U 71 36.03 -5.58 81.95
C THR U 71 36.20 -6.50 80.76
N VAL U 72 37.37 -7.16 80.70
CA VAL U 72 37.72 -8.02 79.58
C VAL U 72 38.66 -9.11 80.09
N ASP U 73 38.41 -10.34 79.65
CA ASP U 73 39.28 -11.48 79.93
C ASP U 73 39.94 -11.90 78.62
N THR U 74 41.19 -11.47 78.42
CA THR U 74 41.87 -11.69 77.15
C THR U 74 42.06 -13.18 76.86
N SER U 75 42.34 -13.97 77.90
CA SER U 75 42.64 -15.39 77.69
C SER U 75 41.43 -16.15 77.16
N THR U 76 40.22 -15.68 77.45
CA THR U 76 39.00 -16.38 77.04
C THR U 76 38.22 -15.63 75.97
N SER U 77 38.70 -14.46 75.54
CA SER U 77 38.02 -13.65 74.51
C SER U 77 36.59 -13.33 74.92
N THR U 78 36.43 -12.83 76.14
CA THR U 78 35.12 -12.55 76.70
C THR U 78 35.10 -11.14 77.26
N ALA U 79 34.03 -10.42 76.99
CA ALA U 79 33.80 -9.08 77.53
C ALA U 79 32.66 -9.15 78.54
N TYR U 80 32.77 -8.37 79.61
CA TYR U 80 31.81 -8.39 80.69
C TYR U 80 31.27 -6.99 80.96
N LEU U 81 29.98 -6.93 81.29
CA LEU U 81 29.33 -5.69 81.70
C LEU U 81 28.65 -5.95 83.03
N GLU U 82 29.01 -5.16 84.04
CA GLU U 82 28.47 -5.32 85.39
C GLU U 82 27.73 -4.05 85.77
N LEU U 83 26.45 -4.19 86.13
CA LEU U 83 25.59 -3.06 86.49
C LEU U 83 25.16 -3.21 87.93
N SER U 84 25.56 -2.26 88.78
CA SER U 84 25.24 -2.27 90.20
C SER U 84 24.10 -1.30 90.49
N SER U 85 23.50 -1.49 91.67
CA SER U 85 22.39 -0.66 92.14
C SER U 85 21.24 -0.66 91.13
N LEU U 86 20.75 -1.86 90.82
CA LEU U 86 19.74 -2.01 89.79
C LEU U 86 18.41 -1.40 90.21
N ARG U 87 17.69 -0.88 89.24
CA ARG U 87 16.35 -0.34 89.42
C ARG U 87 15.44 -0.92 88.36
N SER U 88 14.13 -0.75 88.54
CA SER U 88 13.17 -1.27 87.57
C SER U 88 13.34 -0.62 86.20
N GLU U 89 13.92 0.58 86.14
CA GLU U 89 14.18 1.22 84.85
C GLU U 89 15.28 0.50 84.08
N ASP U 90 16.09 -0.30 84.74
CA ASP U 90 17.16 -1.05 84.07
C ASP U 90 16.66 -2.32 83.40
N THR U 91 15.38 -2.64 83.52
CA THR U 91 14.81 -3.82 82.86
C THR U 91 14.88 -3.62 81.35
N ALA U 92 15.71 -4.42 80.69
CA ALA U 92 15.94 -4.25 79.26
C ALA U 92 16.78 -5.42 78.75
N VAL U 93 16.93 -5.47 77.43
CA VAL U 93 17.81 -6.43 76.77
C VAL U 93 19.15 -5.74 76.52
N TYR U 94 20.23 -6.41 76.88
CA TYR U 94 21.57 -5.84 76.81
C TYR U 94 22.34 -6.51 75.68
N TYR U 95 22.84 -5.70 74.75
CA TYR U 95 23.58 -6.19 73.59
C TYR U 95 25.04 -5.77 73.68
N CYS U 96 25.93 -6.69 73.32
CA CYS U 96 27.32 -6.36 73.03
C CYS U 96 27.52 -6.36 71.52
N ALA U 97 28.39 -5.47 71.05
CA ALA U 97 28.65 -5.35 69.63
C ALA U 97 30.11 -5.00 69.41
N ARG U 98 30.63 -5.40 68.25
CA ARG U 98 32.02 -5.13 67.89
C ARG U 98 32.13 -3.79 67.19
N GLU U 99 33.12 -3.01 67.59
CA GLU U 99 33.35 -1.69 67.01
C GLU U 99 34.30 -1.83 65.82
N GLY U 100 33.78 -1.68 64.61
CA GLY U 100 34.59 -1.73 63.43
C GLY U 100 34.43 -3.03 62.67
N GLY U 101 34.80 -2.99 61.39
CA GLY U 101 34.60 -4.13 60.53
C GLY U 101 33.13 -4.40 60.33
N PHE U 102 32.82 -5.67 60.03
CA PHE U 102 31.43 -6.08 59.93
C PHE U 102 30.74 -5.90 61.28
N ALA U 103 29.51 -5.39 61.24
CA ALA U 103 28.78 -5.04 62.46
C ALA U 103 28.21 -6.32 63.07
N TYR U 104 29.05 -7.00 63.84
CA TYR U 104 28.62 -8.18 64.59
C TYR U 104 27.97 -7.76 65.90
N TRP U 105 26.86 -8.40 66.23
CA TRP U 105 26.10 -8.09 67.43
C TRP U 105 25.77 -9.38 68.17
N GLY U 106 25.81 -9.31 69.49
CA GLY U 106 25.35 -10.43 70.30
C GLY U 106 23.86 -10.64 70.16
N GLN U 107 23.40 -11.79 70.66
CA GLN U 107 21.98 -12.11 70.59
C GLN U 107 21.17 -11.38 71.64
N GLY U 108 21.81 -10.75 72.61
CA GLY U 108 21.12 -9.99 73.63
C GLY U 108 20.90 -10.80 74.89
N THR U 109 20.90 -10.11 76.03
CA THR U 109 20.63 -10.71 77.33
C THR U 109 19.53 -9.93 78.01
N LEU U 110 18.40 -10.59 78.27
CA LEU U 110 17.28 -9.95 78.94
C LEU U 110 17.53 -9.91 80.44
N VAL U 111 17.49 -8.71 81.02
CA VAL U 111 17.69 -8.51 82.45
C VAL U 111 16.42 -7.88 83.01
N THR U 112 15.69 -8.64 83.83
CA THR U 112 14.46 -8.17 84.44
C THR U 112 14.72 -7.79 85.88
N VAL U 113 14.35 -6.55 86.25
CA VAL U 113 14.56 -6.03 87.59
C VAL U 113 13.20 -5.67 88.17
N SER U 114 12.79 -6.40 89.21
CA SER U 114 11.50 -6.17 89.83
C SER U 114 11.54 -6.73 91.25
N SER U 115 10.62 -6.26 92.09
CA SER U 115 10.52 -6.70 93.48
C SER U 115 9.62 -7.93 93.64
N ALA U 116 9.49 -8.74 92.60
CA ALA U 116 8.69 -9.95 92.65
C ALA U 116 9.60 -11.17 92.51
N SER U 117 9.03 -12.34 92.77
CA SER U 117 9.74 -13.60 92.67
C SER U 117 9.05 -14.49 91.63
N THR U 118 9.77 -15.54 91.22
CA THR U 118 9.31 -16.42 90.15
C THR U 118 7.95 -17.03 90.47
N LYS U 119 6.90 -16.50 89.84
CA LYS U 119 5.53 -16.97 90.04
C LYS U 119 5.02 -17.62 88.76
N GLY U 120 4.13 -18.60 88.93
CA GLY U 120 3.53 -19.28 87.80
C GLY U 120 2.29 -18.57 87.31
N PRO U 121 1.86 -18.88 86.10
CA PRO U 121 0.68 -18.24 85.52
C PRO U 121 -0.62 -18.98 85.82
N SER U 122 -1.68 -18.20 85.99
CA SER U 122 -3.04 -18.72 86.12
C SER U 122 -3.72 -18.62 84.76
N VAL U 123 -4.20 -19.75 84.25
CA VAL U 123 -4.79 -19.85 82.92
C VAL U 123 -6.30 -19.94 83.06
N PHE U 124 -7.00 -18.94 82.52
CA PHE U 124 -8.46 -18.88 82.52
C PHE U 124 -8.99 -18.89 81.10
N PRO U 125 -10.12 -19.56 80.85
CA PRO U 125 -10.65 -19.62 79.48
C PRO U 125 -11.50 -18.41 79.12
N LEU U 126 -11.41 -18.03 77.85
CA LEU U 126 -12.27 -16.98 77.29
C LEU U 126 -13.31 -17.69 76.43
N ALA U 127 -14.47 -17.95 77.03
CA ALA U 127 -15.47 -18.81 76.40
C ALA U 127 -16.18 -18.07 75.26
N PRO U 128 -16.49 -18.75 74.17
CA PRO U 128 -17.21 -18.10 73.07
C PRO U 128 -18.61 -17.71 73.50
N SER U 129 -19.05 -16.54 73.03
CA SER U 129 -20.32 -15.95 73.45
C SER U 129 -21.50 -16.77 72.98
N SER U 130 -21.76 -16.75 71.66
CA SER U 130 -22.92 -17.43 71.06
C SER U 130 -24.23 -16.96 71.69
N GLY U 135 -23.23 -16.95 65.15
CA GLY U 135 -23.61 -16.58 63.80
C GLY U 135 -22.80 -17.28 62.73
N GLY U 136 -21.70 -16.64 62.31
CA GLY U 136 -20.85 -17.21 61.29
C GLY U 136 -19.44 -17.51 61.79
N THR U 137 -18.80 -16.51 62.41
CA THR U 137 -17.45 -16.66 62.95
C THR U 137 -17.43 -16.20 64.39
N ALA U 138 -16.92 -17.06 65.27
CA ALA U 138 -16.85 -16.78 66.70
C ALA U 138 -15.40 -16.84 67.17
N ALA U 139 -15.14 -16.19 68.30
CA ALA U 139 -13.79 -16.08 68.86
C ALA U 139 -13.73 -16.67 70.26
N LEU U 140 -12.59 -17.26 70.58
CA LEU U 140 -12.33 -17.81 71.90
C LEU U 140 -10.84 -17.71 72.18
N GLY U 141 -10.46 -17.96 73.43
CA GLY U 141 -9.04 -17.91 73.76
C GLY U 141 -8.80 -18.18 75.23
N CYS U 142 -7.55 -17.96 75.63
CA CYS U 142 -7.09 -18.15 76.99
C CYS U 142 -6.50 -16.85 77.54
N LEU U 143 -6.76 -16.58 78.81
CA LEU U 143 -6.23 -15.40 79.49
C LEU U 143 -5.15 -15.86 80.48
N VAL U 144 -3.89 -15.63 80.12
CA VAL U 144 -2.76 -16.02 80.95
C VAL U 144 -2.45 -14.83 81.86
N LYS U 145 -2.90 -14.90 83.11
CA LYS U 145 -2.84 -13.77 84.02
C LYS U 145 -1.92 -14.04 85.20
N ASP U 146 -1.24 -12.99 85.66
CA ASP U 146 -0.43 -12.99 86.87
C ASP U 146 0.70 -14.02 86.81
N TYR U 147 1.82 -13.64 86.19
CA TYR U 147 3.01 -14.48 86.19
C TYR U 147 4.23 -13.57 86.19
N PHE U 148 5.39 -14.20 86.40
CA PHE U 148 6.67 -13.50 86.45
C PHE U 148 7.81 -14.51 86.44
N PRO U 149 8.84 -14.31 85.62
CA PRO U 149 8.94 -13.22 84.65
C PRO U 149 8.55 -13.65 83.24
N GLU U 150 8.90 -12.83 82.25
CA GLU U 150 8.74 -13.22 80.87
C GLU U 150 9.80 -14.25 80.50
N PRO U 151 9.57 -15.07 79.45
CA PRO U 151 8.42 -15.08 78.54
C PRO U 151 7.39 -16.17 78.83
N VAL U 152 6.33 -16.17 78.02
CA VAL U 152 5.31 -17.21 78.04
C VAL U 152 5.02 -17.60 76.59
N THR U 153 5.06 -18.91 76.31
CA THR U 153 4.77 -19.44 74.99
C THR U 153 3.40 -20.10 75.02
N VAL U 154 2.57 -19.77 74.03
CA VAL U 154 1.20 -20.26 73.96
C VAL U 154 0.96 -20.88 72.59
N SER U 155 0.50 -22.12 72.58
CA SER U 155 0.11 -22.82 71.36
C SER U 155 -1.27 -23.43 71.55
N TRP U 156 -1.87 -23.87 70.45
CA TRP U 156 -3.22 -24.44 70.46
C TRP U 156 -3.19 -25.84 69.87
N ASN U 157 -3.69 -26.81 70.63
CA ASN U 157 -3.77 -28.20 70.20
C ASN U 157 -2.38 -28.75 69.86
N SER U 158 -1.40 -28.42 70.69
CA SER U 158 -0.01 -28.87 70.53
C SER U 158 0.57 -28.47 69.17
N GLY U 159 0.17 -27.31 68.67
CA GLY U 159 0.70 -26.80 67.42
C GLY U 159 -0.10 -27.15 66.18
N ALA U 160 -1.24 -27.83 66.33
CA ALA U 160 -2.04 -28.18 65.17
C ALA U 160 -2.80 -26.98 64.63
N LEU U 161 -3.46 -26.22 65.51
CA LEU U 161 -4.21 -25.04 65.12
C LEU U 161 -3.30 -23.82 65.17
N THR U 162 -3.03 -23.23 64.01
CA THR U 162 -2.17 -22.05 63.92
C THR U 162 -2.85 -20.87 63.24
N SER U 163 -3.70 -21.11 62.26
CA SER U 163 -4.33 -20.01 61.54
C SER U 163 -5.42 -19.38 62.40
N GLY U 164 -5.56 -18.06 62.28
CA GLY U 164 -6.50 -17.31 63.08
C GLY U 164 -6.04 -16.96 64.48
N VAL U 165 -4.88 -17.44 64.91
CA VAL U 165 -4.41 -17.25 66.27
C VAL U 165 -3.77 -15.88 66.41
N HIS U 166 -4.06 -15.20 67.51
CA HIS U 166 -3.47 -13.90 67.84
C HIS U 166 -3.02 -13.93 69.30
N THR U 167 -1.74 -14.21 69.53
CA THR U 167 -1.16 -14.16 70.88
C THR U 167 -0.65 -12.75 71.11
N PHE U 168 -1.30 -12.03 72.03
CA PHE U 168 -0.99 -10.62 72.25
C PHE U 168 0.29 -10.44 73.07
N PRO U 169 0.95 -9.30 72.91
CA PRO U 169 2.09 -8.99 73.79
C PRO U 169 1.64 -8.81 75.22
N ALA U 170 2.55 -9.14 76.15
CA ALA U 170 2.25 -9.03 77.56
C ALA U 170 2.20 -7.57 77.99
N VAL U 171 1.51 -7.33 79.11
CA VAL U 171 1.46 -6.01 79.73
C VAL U 171 1.86 -6.17 81.19
N LEU U 172 2.49 -5.12 81.74
CA LEU U 172 2.95 -5.13 83.12
C LEU U 172 1.87 -4.51 84.00
N GLN U 173 1.22 -5.34 84.81
CA GLN U 173 0.17 -4.85 85.69
C GLN U 173 0.76 -4.06 86.85
N SER U 174 -0.13 -3.38 87.58
CA SER U 174 0.29 -2.61 88.75
C SER U 174 0.90 -3.49 89.82
N SER U 175 0.54 -4.78 89.85
CA SER U 175 1.10 -5.72 90.82
C SER U 175 2.48 -6.22 90.43
N GLY U 176 3.10 -5.63 89.40
CA GLY U 176 4.39 -6.10 88.94
C GLY U 176 4.37 -7.44 88.25
N LEU U 177 3.19 -7.96 87.94
CA LEU U 177 3.03 -9.25 87.25
C LEU U 177 2.54 -9.02 85.83
N TYR U 178 2.87 -9.97 84.95
CA TYR U 178 2.52 -9.86 83.54
C TYR U 178 1.20 -10.54 83.26
N SER U 179 0.44 -9.97 82.33
CA SER U 179 -0.86 -10.48 81.92
C SER U 179 -0.92 -10.51 80.40
N LEU U 180 -1.41 -11.62 79.84
CA LEU U 180 -1.36 -11.85 78.41
C LEU U 180 -2.66 -12.52 77.95
N SER U 181 -3.03 -12.25 76.70
CA SER U 181 -4.21 -12.85 76.10
C SER U 181 -3.84 -13.50 74.78
N SER U 182 -4.55 -14.58 74.44
CA SER U 182 -4.30 -15.33 73.21
C SER U 182 -5.62 -15.83 72.69
N VAL U 183 -6.04 -15.35 71.52
CA VAL U 183 -7.37 -15.65 70.98
C VAL U 183 -7.21 -16.39 69.65
N VAL U 184 -8.34 -16.90 69.14
CA VAL U 184 -8.39 -17.60 67.87
C VAL U 184 -9.83 -17.61 67.38
N THR U 185 -10.01 -17.40 66.08
CA THR U 185 -11.33 -17.39 65.46
C THR U 185 -11.59 -18.72 64.76
N VAL U 186 -12.81 -19.23 64.95
CA VAL U 186 -13.23 -20.51 64.37
C VAL U 186 -14.67 -20.38 63.90
N PRO U 187 -15.08 -21.25 62.98
CA PRO U 187 -16.49 -21.25 62.53
C PRO U 187 -17.44 -21.56 63.68
N SER U 188 -18.64 -20.99 63.60
CA SER U 188 -19.64 -21.20 64.64
C SER U 188 -20.16 -22.63 64.64
N SER U 189 -20.11 -23.31 63.49
CA SER U 189 -20.63 -24.66 63.36
C SER U 189 -19.71 -25.72 63.98
N SER U 190 -18.50 -25.35 64.40
CA SER U 190 -17.56 -26.28 65.01
C SER U 190 -17.45 -26.11 66.52
N LEU U 191 -18.27 -25.26 67.11
CA LEU U 191 -18.27 -25.07 68.56
C LEU U 191 -18.92 -26.26 69.24
N GLY U 192 -18.20 -26.91 70.14
CA GLY U 192 -18.64 -28.11 70.79
C GLY U 192 -18.27 -29.39 70.06
N THR U 193 -18.14 -29.33 68.73
CA THR U 193 -17.70 -30.49 67.96
C THR U 193 -16.18 -30.65 68.04
N GLN U 194 -15.45 -29.54 67.94
CA GLN U 194 -13.99 -29.56 67.97
C GLN U 194 -13.48 -29.26 69.37
N THR U 195 -12.32 -29.81 69.69
CA THR U 195 -11.67 -29.60 70.97
C THR U 195 -10.61 -28.52 70.83
N TYR U 196 -10.63 -27.54 71.73
CA TYR U 196 -9.71 -26.40 71.69
C TYR U 196 -9.00 -26.30 73.02
N ILE U 197 -7.70 -26.58 73.03
CA ILE U 197 -6.89 -26.59 74.24
C ILE U 197 -5.65 -25.74 74.00
N CYS U 198 -5.47 -24.69 74.80
CA CYS U 198 -4.29 -23.84 74.72
C CYS U 198 -3.19 -24.40 75.61
N ASN U 199 -1.98 -24.44 75.07
CA ASN U 199 -0.82 -25.04 75.75
C ASN U 199 0.08 -23.90 76.23
N VAL U 200 -0.11 -23.51 77.48
CA VAL U 200 0.70 -22.46 78.11
C VAL U 200 1.93 -23.09 78.71
N ASN U 201 3.08 -22.46 78.51
CA ASN U 201 4.36 -22.96 79.03
C ASN U 201 5.13 -21.81 79.65
N HIS U 202 5.49 -21.95 80.91
CA HIS U 202 6.27 -20.96 81.65
C HIS U 202 7.55 -21.63 82.14
N LYS U 203 8.63 -21.47 81.37
CA LYS U 203 9.88 -22.13 81.72
C LYS U 203 10.50 -21.65 83.04
N PRO U 204 10.48 -20.36 83.38
CA PRO U 204 11.09 -19.95 84.66
C PRO U 204 10.49 -20.64 85.88
N SER U 205 9.22 -21.03 85.84
CA SER U 205 8.57 -21.70 86.96
C SER U 205 8.26 -23.17 86.68
N ASN U 206 8.71 -23.69 85.53
CA ASN U 206 8.47 -25.08 85.13
C ASN U 206 6.99 -25.44 85.15
N THR U 207 6.14 -24.50 84.80
CA THR U 207 4.70 -24.70 84.79
C THR U 207 4.24 -25.01 83.37
N LYS U 208 3.50 -26.10 83.21
CA LYS U 208 2.92 -26.48 81.92
C LYS U 208 1.44 -26.76 82.13
N VAL U 209 0.59 -25.87 81.63
CA VAL U 209 -0.85 -25.92 81.85
C VAL U 209 -1.53 -26.17 80.50
N ASP U 210 -2.48 -27.11 80.48
CA ASP U 210 -3.33 -27.36 79.33
C ASP U 210 -4.76 -27.07 79.76
N LYS U 211 -5.34 -26.00 79.22
CA LYS U 211 -6.68 -25.57 79.57
C LYS U 211 -7.61 -25.80 78.37
N LYS U 212 -8.75 -26.45 78.64
CA LYS U 212 -9.75 -26.73 77.62
C LYS U 212 -10.79 -25.61 77.60
N VAL U 213 -11.13 -25.14 76.40
CA VAL U 213 -12.02 -24.00 76.23
C VAL U 213 -13.32 -24.50 75.60
N GLU U 214 -14.40 -24.41 76.33
CA GLU U 214 -15.73 -24.79 75.90
C GLU U 214 -16.69 -23.64 76.14
N PRO U 215 -17.81 -23.58 75.41
CA PRO U 215 -18.86 -22.63 75.76
C PRO U 215 -19.56 -23.05 77.04
N LYS U 216 -19.99 -22.06 77.81
CA LYS U 216 -20.63 -22.30 79.10
C LYS U 216 -22.11 -22.58 78.92
N SER U 217 -22.69 -23.27 79.90
CA SER U 217 -24.11 -23.58 79.90
C SER U 217 -24.80 -23.02 81.15
N ILE V 1 32.03 48.17 -55.28
CA ILE V 1 32.11 48.12 -56.73
C ILE V 1 33.08 47.03 -57.18
N LEU V 2 32.58 46.08 -57.96
CA LEU V 2 33.38 44.96 -58.46
C LEU V 2 33.72 45.16 -59.93
N GLY V 3 34.95 44.86 -60.29
CA GLY V 3 35.38 45.00 -61.67
C GLY V 3 35.53 46.43 -62.13
N GLY V 4 35.63 47.38 -61.21
CA GLY V 4 35.83 48.76 -61.53
C GLY V 4 37.20 49.26 -61.09
N ARG V 5 37.32 50.58 -61.05
CA ARG V 5 38.56 51.22 -60.65
C ARG V 5 38.25 52.46 -59.84
N GLU V 6 39.28 53.05 -59.24
CA GLU V 6 39.09 54.24 -58.42
C GLU V 6 38.61 55.39 -59.28
N ALA V 7 37.64 56.14 -58.77
CA ALA V 7 37.10 57.28 -59.48
C ALA V 7 38.00 58.50 -59.29
N GLU V 8 37.77 59.52 -60.12
CA GLU V 8 38.41 60.80 -59.90
C GLU V 8 37.81 61.47 -58.67
N ALA V 9 38.68 62.06 -57.84
CA ALA V 9 38.24 62.62 -56.57
C ALA V 9 37.21 63.72 -56.79
N HIS V 10 36.04 63.55 -56.16
CA HIS V 10 34.99 64.55 -56.12
C HIS V 10 34.40 64.84 -57.50
N ALA V 11 34.64 63.97 -58.48
CA ALA V 11 33.97 64.13 -59.77
C ALA V 11 32.47 63.89 -59.65
N ARG V 12 32.03 63.10 -58.67
CA ARG V 12 30.63 62.84 -58.39
C ARG V 12 30.26 63.54 -57.09
N PRO V 13 29.89 64.84 -57.13
CA PRO V 13 29.63 65.58 -55.89
C PRO V 13 28.41 65.10 -55.14
N TYR V 14 27.50 64.39 -55.78
CA TYR V 14 26.29 63.89 -55.13
C TYR V 14 26.56 62.67 -54.25
N MET V 15 27.77 62.13 -54.28
CA MET V 15 28.05 60.86 -53.61
C MET V 15 28.14 61.05 -52.10
N ALA V 16 27.41 60.22 -51.37
CA ALA V 16 27.36 60.26 -49.91
C ALA V 16 27.76 58.91 -49.34
N SER V 17 28.27 58.95 -48.10
CA SER V 17 28.62 57.74 -47.36
C SER V 17 27.79 57.71 -46.08
N VAL V 18 26.80 56.82 -46.04
CA VAL V 18 26.01 56.63 -44.83
C VAL V 18 26.85 55.86 -43.82
N GLN V 19 27.08 56.46 -42.66
CA GLN V 19 27.99 55.91 -41.66
C GLN V 19 27.22 55.49 -40.41
N LEU V 20 27.62 54.37 -39.83
CA LEU V 20 27.03 53.84 -38.61
C LEU V 20 28.14 53.69 -37.58
N ASN V 21 28.06 54.46 -36.49
CA ASN V 21 29.06 54.46 -35.43
C ASN V 21 30.46 54.77 -35.97
N GLY V 22 30.52 55.67 -36.94
CA GLY V 22 31.79 56.14 -37.46
C GLY V 22 32.45 55.26 -38.48
N ALA V 23 31.73 54.29 -39.06
CA ALA V 23 32.26 53.44 -40.11
C ALA V 23 31.30 53.44 -41.29
N HIS V 24 31.86 53.28 -42.50
CA HIS V 24 31.04 53.26 -43.69
C HIS V 24 30.08 52.07 -43.65
N LEU V 25 28.80 52.36 -43.88
CA LEU V 25 27.76 51.34 -43.88
C LEU V 25 27.12 51.17 -45.24
N CYS V 26 26.68 52.26 -45.86
CA CYS V 26 25.95 52.19 -47.12
C CYS V 26 26.28 53.43 -47.95
N GLY V 27 25.99 53.33 -49.25
CA GLY V 27 26.05 54.48 -50.10
C GLY V 27 24.83 55.37 -49.94
N GLY V 28 24.96 56.60 -50.43
CA GLY V 28 23.87 57.54 -50.42
C GLY V 28 24.05 58.55 -51.54
N VAL V 29 22.93 59.13 -51.96
CA VAL V 29 22.92 60.16 -52.99
C VAL V 29 22.29 61.41 -52.40
N LEU V 30 22.98 62.54 -52.56
CA LEU V 30 22.44 63.83 -52.15
C LEU V 30 21.39 64.26 -53.17
N VAL V 31 20.13 64.28 -52.75
CA VAL V 31 19.04 64.62 -53.65
C VAL V 31 18.44 66.00 -53.37
N ALA V 32 18.69 66.56 -52.18
CA ALA V 32 18.31 67.93 -51.86
C ALA V 32 19.44 68.55 -51.06
N GLU V 33 19.27 69.82 -50.67
CA GLU V 33 20.30 70.47 -49.87
C GLU V 33 20.40 69.89 -48.48
N GLN V 34 19.35 69.22 -47.99
CA GLN V 34 19.34 68.70 -46.63
C GLN V 34 18.78 67.28 -46.56
N TRP V 35 18.82 66.52 -47.66
CA TRP V 35 18.26 65.19 -47.70
C TRP V 35 19.14 64.27 -48.53
N VAL V 36 19.45 63.10 -47.97
CA VAL V 36 20.21 62.06 -48.66
C VAL V 36 19.30 60.86 -48.85
N LEU V 37 19.30 60.31 -50.06
CA LEU V 37 18.49 59.14 -50.40
C LEU V 37 19.36 57.89 -50.31
N SER V 38 18.78 56.82 -49.75
CA SER V 38 19.52 55.57 -49.56
C SER V 38 18.53 54.42 -49.53
N ALA V 39 19.03 53.24 -49.19
CA ALA V 39 18.21 52.03 -49.13
C ALA V 39 17.73 51.77 -47.70
N ALA V 40 16.47 51.36 -47.58
CA ALA V 40 15.88 51.22 -46.25
C ALA V 40 16.51 50.08 -45.45
N HIS V 41 16.91 49.01 -46.11
CA HIS V 41 17.44 47.85 -45.40
C HIS V 41 18.80 48.13 -44.76
N CYS V 42 19.44 49.26 -45.08
CA CYS V 42 20.70 49.60 -44.44
C CYS V 42 20.54 49.85 -42.94
N LEU V 43 19.33 50.19 -42.49
CA LEU V 43 19.08 50.58 -41.11
C LEU V 43 18.27 49.55 -40.34
N GLU V 44 18.05 48.37 -40.90
CA GLU V 44 17.30 47.34 -40.19
C GLU V 44 18.04 46.90 -38.93
N ASP V 45 19.28 46.45 -39.09
CA ASP V 45 20.11 46.01 -37.97
C ASP V 45 20.82 47.17 -37.27
N ALA V 46 20.53 48.41 -37.64
CA ALA V 46 21.28 49.55 -37.11
C ALA V 46 21.02 49.76 -35.62
N ALA V 47 19.80 49.44 -35.15
CA ALA V 47 19.43 49.52 -33.74
C ALA V 47 19.70 50.94 -33.24
N ASP V 48 20.50 51.15 -32.20
CA ASP V 48 20.73 52.46 -31.64
C ASP V 48 22.05 53.08 -32.10
N GLY V 49 22.63 52.57 -33.19
CA GLY V 49 23.86 53.13 -33.71
C GLY V 49 23.66 54.56 -34.21
N LYS V 50 24.75 55.33 -34.19
CA LYS V 50 24.70 56.73 -34.58
C LYS V 50 24.80 56.85 -36.09
N VAL V 51 23.71 57.25 -36.74
CA VAL V 51 23.68 57.38 -38.19
C VAL V 51 24.23 58.74 -38.59
N GLN V 52 25.24 58.74 -39.45
CA GLN V 52 25.84 59.97 -39.94
C GLN V 52 26.04 59.87 -41.45
N VAL V 53 26.13 61.03 -42.09
CA VAL V 53 26.32 61.13 -43.53
C VAL V 53 27.61 61.90 -43.79
N LEU V 54 28.40 61.44 -44.76
CA LEU V 54 29.68 62.05 -45.08
C LEU V 54 29.64 62.55 -46.52
N LEU V 55 29.64 63.86 -46.69
CA LEU V 55 29.57 64.50 -48.00
C LEU V 55 30.93 65.01 -48.42
N GLY V 56 31.08 65.19 -49.73
CA GLY V 56 32.32 65.71 -50.29
C GLY V 56 33.53 64.83 -50.06
N ALA V 57 33.32 63.52 -49.92
CA ALA V 57 34.40 62.61 -49.58
C ALA V 57 34.83 61.82 -50.81
N HIS V 58 36.13 61.55 -50.88
CA HIS V 58 36.69 60.55 -51.77
C HIS V 58 37.32 59.40 -51.00
N SER V 59 38.22 59.71 -50.07
CA SER V 59 38.76 58.74 -49.13
C SER V 59 38.06 58.86 -47.79
N LEU V 60 37.72 57.72 -47.20
CA LEU V 60 37.02 57.70 -45.93
C LEU V 60 37.91 58.03 -44.74
N SER V 61 39.23 57.99 -44.91
CA SER V 61 40.16 58.19 -43.80
C SER V 61 41.05 59.40 -43.97
N GLN V 62 41.58 59.63 -45.17
CA GLN V 62 42.50 60.74 -45.39
C GLN V 62 41.77 62.07 -45.21
N PRO V 63 42.50 63.12 -44.81
CA PRO V 63 41.86 64.43 -44.64
C PRO V 63 41.67 65.14 -45.98
N GLU V 64 40.51 65.76 -46.14
CA GLU V 64 40.15 66.44 -47.37
C GLU V 64 39.34 67.68 -47.02
N PRO V 65 39.59 68.79 -47.74
CA PRO V 65 38.90 70.04 -47.39
C PRO V 65 37.40 69.99 -47.60
N SER V 66 36.93 69.27 -48.61
CA SER V 66 35.51 69.20 -48.91
C SER V 66 34.77 68.22 -48.03
N LYS V 67 35.47 67.32 -47.33
CA LYS V 67 34.83 66.35 -46.46
C LYS V 67 34.17 67.05 -45.28
N ARG V 68 32.89 66.74 -45.07
CA ARG V 68 32.18 67.20 -43.88
C ARG V 68 31.23 66.10 -43.43
N LEU V 69 31.27 65.80 -42.13
CA LEU V 69 30.45 64.75 -41.54
C LEU V 69 29.24 65.36 -40.86
N TYR V 70 28.05 64.99 -41.32
CA TYR V 70 26.80 65.56 -40.84
C TYR V 70 26.07 64.54 -39.96
N ASP V 71 25.45 65.03 -38.89
CA ASP V 71 24.53 64.21 -38.12
C ASP V 71 23.19 64.09 -38.86
N VAL V 72 22.38 63.14 -38.45
CA VAL V 72 21.08 62.88 -39.07
C VAL V 72 19.99 63.35 -38.10
N LEU V 73 19.16 64.28 -38.57
CA LEU V 73 18.09 64.84 -37.76
C LEU V 73 16.82 64.00 -37.80
N ARG V 74 16.64 63.20 -38.85
CA ARG V 74 15.38 62.52 -39.09
C ARG V 74 15.57 61.47 -40.18
N ALA V 75 15.14 60.24 -39.92
CA ALA V 75 15.27 59.14 -40.86
C ALA V 75 13.90 58.67 -41.28
N VAL V 76 13.65 58.65 -42.58
CA VAL V 76 12.33 58.24 -43.07
C VAL V 76 12.48 57.06 -44.04
N PRO V 77 12.27 55.82 -43.59
CA PRO V 77 12.16 54.71 -44.55
C PRO V 77 10.81 54.75 -45.23
N HIS V 78 10.76 54.15 -46.41
CA HIS V 78 9.49 54.06 -47.11
C HIS V 78 8.52 53.25 -46.27
N PRO V 79 7.27 53.71 -46.10
CA PRO V 79 6.36 53.04 -45.15
C PRO V 79 5.96 51.64 -45.56
N ASP V 80 6.22 51.21 -46.79
CA ASP V 80 5.88 49.86 -47.24
C ASP V 80 7.10 48.95 -47.31
N SER V 81 8.24 49.39 -46.78
CA SER V 81 9.45 48.58 -46.78
C SER V 81 9.47 47.69 -45.55
N GLN V 82 9.90 46.44 -45.75
CA GLN V 82 9.94 45.46 -44.67
C GLN V 82 11.14 44.55 -44.90
N PRO V 83 11.63 43.89 -43.84
CA PRO V 83 12.85 43.05 -44.01
C PRO V 83 12.63 41.82 -44.85
N ASP V 84 11.39 41.41 -45.11
CA ASP V 84 11.15 40.20 -45.88
C ASP V 84 11.31 40.42 -47.39
N THR V 85 11.23 41.65 -47.85
CA THR V 85 11.13 41.96 -49.28
C THR V 85 12.23 42.92 -49.70
N ILE V 86 12.41 43.04 -51.02
CA ILE V 86 13.25 44.06 -51.62
C ILE V 86 12.44 45.23 -52.15
N ASP V 87 11.13 45.22 -51.97
CA ASP V 87 10.25 46.26 -52.49
C ASP V 87 10.36 47.54 -51.66
N HIS V 88 10.32 48.68 -52.35
CA HIS V 88 10.26 49.99 -51.71
C HIS V 88 11.48 50.24 -50.84
N ASP V 89 12.63 49.72 -51.26
CA ASP V 89 13.85 49.78 -50.45
C ASP V 89 14.50 51.16 -50.59
N LEU V 90 13.80 52.17 -50.08
CA LEU V 90 14.29 53.54 -50.12
C LEU V 90 14.28 54.15 -48.73
N LEU V 91 15.28 55.00 -48.48
CA LEU V 91 15.44 55.66 -47.19
C LEU V 91 15.84 57.10 -47.44
N LEU V 92 15.20 58.01 -46.71
CA LEU V 92 15.51 59.44 -46.80
C LEU V 92 16.04 59.92 -45.45
N LEU V 93 17.21 60.54 -45.48
CA LEU V 93 17.89 61.00 -44.28
C LEU V 93 18.01 62.52 -44.32
N GLN V 94 17.44 63.19 -43.33
CA GLN V 94 17.52 64.65 -43.23
C GLN V 94 18.74 65.01 -42.41
N LEU V 95 19.64 65.81 -42.99
CA LEU V 95 20.86 66.21 -42.32
C LEU V 95 20.55 67.20 -41.19
N SER V 96 21.51 67.33 -40.27
CA SER V 96 21.36 68.28 -39.17
C SER V 96 21.34 69.71 -39.64
N GLU V 97 21.89 69.99 -40.82
CA GLU V 97 21.86 71.33 -41.39
C GLU V 97 22.04 71.22 -42.89
N LYS V 98 21.76 72.32 -43.58
CA LYS V 98 21.89 72.35 -45.03
C LYS V 98 23.32 72.01 -45.45
N ALA V 99 23.46 71.24 -46.52
CA ALA V 99 24.76 70.89 -47.03
C ALA V 99 25.43 72.11 -47.64
N THR V 100 26.75 72.23 -47.44
CA THR V 100 27.51 73.35 -47.99
C THR V 100 27.79 73.07 -49.46
N LEU V 101 27.08 73.78 -50.34
CA LEU V 101 27.24 73.58 -51.77
C LEU V 101 28.61 74.04 -52.25
N GLY V 102 29.06 73.45 -53.36
CA GLY V 102 30.36 73.76 -53.92
C GLY V 102 30.71 72.81 -55.05
N PRO V 103 31.96 72.85 -55.50
CA PRO V 103 32.38 71.97 -56.59
C PRO V 103 32.41 70.50 -56.22
N ALA V 104 32.43 70.18 -54.93
CA ALA V 104 32.50 68.79 -54.46
C ALA V 104 31.23 68.33 -53.75
N VAL V 105 30.27 69.22 -53.52
CA VAL V 105 29.02 68.88 -52.85
C VAL V 105 27.86 69.53 -53.59
N ARG V 106 27.13 68.74 -54.38
CA ARG V 106 25.97 69.26 -55.10
C ARG V 106 24.94 68.14 -55.23
N PRO V 107 23.67 68.44 -55.01
CA PRO V 107 22.62 67.43 -55.23
C PRO V 107 22.57 67.00 -56.69
N LEU V 108 22.03 65.80 -56.90
CA LEU V 108 21.83 65.28 -58.23
C LEU V 108 20.35 65.28 -58.56
N PRO V 109 19.92 65.88 -59.66
CA PRO V 109 18.50 65.79 -60.05
C PRO V 109 18.15 64.36 -60.42
N TRP V 110 17.07 63.85 -59.83
CA TRP V 110 16.68 62.47 -60.01
C TRP V 110 15.53 62.36 -61.00
N GLN V 111 15.46 61.20 -61.65
CA GLN V 111 14.50 60.99 -62.73
C GLN V 111 13.07 61.04 -62.21
N ARG V 112 12.23 61.81 -62.91
CA ARG V 112 10.83 61.97 -62.55
C ARG V 112 9.87 61.34 -63.55
N VAL V 113 10.31 61.12 -64.79
CA VAL V 113 9.48 60.53 -65.84
C VAL V 113 9.51 59.01 -65.71
N ASP V 114 8.36 58.41 -65.45
CA ASP V 114 8.27 56.99 -65.11
C ASP V 114 8.30 56.14 -66.38
N ARG V 115 9.48 56.11 -66.99
CA ARG V 115 9.74 55.25 -68.15
C ARG V 115 10.94 54.36 -67.86
N ASP V 116 10.88 53.12 -68.32
CA ASP V 116 11.99 52.19 -68.13
C ASP V 116 13.21 52.66 -68.90
N VAL V 117 14.38 52.60 -68.26
CA VAL V 117 15.62 52.82 -68.97
C VAL V 117 15.78 51.71 -70.01
N ALA V 118 16.07 52.10 -71.24
CA ALA V 118 16.16 51.11 -72.32
C ALA V 118 17.28 50.13 -72.02
N PRO V 119 17.04 48.82 -72.16
CA PRO V 119 18.11 47.85 -71.95
C PRO V 119 19.32 48.13 -72.83
N GLY V 120 20.50 47.78 -72.32
CA GLY V 120 21.75 48.06 -72.98
C GLY V 120 22.39 49.38 -72.60
N THR V 121 21.60 50.33 -72.11
CA THR V 121 22.12 51.62 -71.67
C THR V 121 23.21 51.44 -70.63
N LEU V 122 24.35 52.10 -70.83
CA LEU V 122 25.45 52.06 -69.87
C LEU V 122 25.20 53.11 -68.79
N CYS V 123 25.13 52.67 -67.54
CA CYS V 123 24.90 53.54 -66.41
C CYS V 123 26.11 53.49 -65.47
N ASP V 124 26.28 54.56 -64.70
CA ASP V 124 27.40 54.69 -63.79
C ASP V 124 26.94 54.45 -62.36
N VAL V 125 27.71 53.67 -61.61
CA VAL V 125 27.42 53.38 -60.21
C VAL V 125 28.74 53.45 -59.44
N ALA V 126 28.67 53.97 -58.21
CA ALA V 126 29.87 54.15 -57.38
C ALA V 126 29.55 53.81 -55.93
N GLY V 127 30.60 53.52 -55.18
CA GLY V 127 30.43 53.22 -53.77
C GLY V 127 31.75 52.79 -53.15
N TRP V 128 31.70 52.61 -51.83
CA TRP V 128 32.84 52.13 -51.06
C TRP V 128 32.71 50.67 -50.68
N GLY V 129 31.92 49.90 -51.42
CA GLY V 129 31.68 48.51 -51.09
C GLY V 129 32.77 47.59 -51.58
N ILE V 130 32.57 46.30 -51.31
CA ILE V 130 33.48 45.22 -51.67
C ILE V 130 34.01 45.40 -53.09
N VAL V 131 35.31 45.15 -53.30
CA VAL V 131 35.90 45.25 -54.63
C VAL V 131 36.45 43.94 -55.14
N ASN V 132 36.43 42.87 -54.33
CA ASN V 132 36.92 41.57 -54.78
C ASN V 132 36.15 40.47 -54.07
N HIS V 133 36.09 39.30 -54.70
CA HIS V 133 35.37 38.17 -54.13
C HIS V 133 35.86 37.80 -52.74
N ALA V 134 37.06 38.26 -52.35
CA ALA V 134 37.54 38.03 -50.99
C ALA V 134 36.67 38.73 -49.96
N GLY V 135 35.97 39.80 -50.33
CA GLY V 135 35.06 40.46 -49.43
C GLY V 135 35.62 41.65 -48.67
N ARG V 136 36.69 42.26 -49.16
CA ARG V 136 37.34 43.38 -48.48
C ARG V 136 36.95 44.70 -49.10
N ARG V 137 37.05 45.77 -48.30
CA ARG V 137 36.48 47.07 -48.64
C ARG V 137 37.58 48.10 -48.95
N PRO V 138 37.30 49.06 -49.86
CA PRO V 138 38.32 50.05 -50.23
C PRO V 138 38.22 51.34 -49.42
N ASP V 139 39.30 52.12 -49.36
CA ASP V 139 39.29 53.39 -48.66
C ASP V 139 38.84 54.54 -49.55
N SER V 140 39.16 54.48 -50.83
CA SER V 140 38.81 55.53 -51.79
C SER V 140 37.68 55.05 -52.70
N LEU V 141 36.85 56.01 -53.14
CA LEU V 141 35.65 55.68 -53.89
C LEU V 141 35.98 54.95 -55.19
N GLN V 142 35.21 53.91 -55.49
CA GLN V 142 35.33 53.15 -56.73
C GLN V 142 34.08 53.36 -57.57
N HIS V 143 34.15 52.95 -58.83
CA HIS V 143 33.03 53.12 -59.74
C HIS V 143 33.19 52.14 -60.90
N VAL V 144 32.09 51.95 -61.64
CA VAL V 144 32.09 51.06 -62.80
C VAL V 144 30.90 51.42 -63.66
N LEU V 145 30.94 50.99 -64.93
CA LEU V 145 29.87 51.22 -65.88
C LEU V 145 29.14 49.91 -66.16
N LEU V 146 27.82 49.92 -66.01
CA LEU V 146 27.03 48.70 -66.11
C LEU V 146 25.96 48.85 -67.19
N PRO V 147 25.84 47.88 -68.11
CA PRO V 147 24.71 47.89 -69.03
C PRO V 147 23.43 47.44 -68.35
N VAL V 148 22.34 48.13 -68.64
CA VAL V 148 21.05 47.78 -68.06
C VAL V 148 20.52 46.50 -68.70
N LEU V 149 19.99 45.61 -67.87
CA LEU V 149 19.42 44.35 -68.32
C LEU V 149 17.90 44.45 -68.34
N ASP V 150 17.29 43.86 -69.36
CA ASP V 150 15.84 43.91 -69.51
C ASP V 150 15.17 43.12 -68.39
N ARG V 151 13.93 43.52 -68.07
CA ARG V 151 13.26 42.95 -66.91
C ARG V 151 12.93 41.47 -67.10
N ALA V 152 12.58 41.07 -68.32
CA ALA V 152 12.17 39.68 -68.55
C ALA V 152 13.32 38.72 -68.28
N THR V 153 14.50 39.00 -68.85
CA THR V 153 15.67 38.18 -68.56
C THR V 153 15.98 38.16 -67.07
N CYS V 154 15.84 39.31 -66.41
CA CYS V 154 16.12 39.40 -64.97
C CYS V 154 15.15 38.58 -64.15
N ASN V 155 13.97 38.24 -64.68
CA ASN V 155 12.95 37.50 -63.95
C ASN V 155 12.95 36.01 -64.25
N ARG V 156 13.96 35.51 -64.96
CA ARG V 156 14.07 34.07 -65.18
C ARG V 156 14.31 33.35 -63.86
N ARG V 157 13.86 32.10 -63.80
CA ARG V 157 14.07 31.28 -62.60
C ARG V 157 15.55 31.19 -62.24
N THR V 158 16.42 31.12 -63.26
CA THR V 158 17.86 31.14 -63.00
C THR V 158 18.30 32.46 -62.40
N HIS V 159 17.56 33.54 -62.65
CA HIS V 159 17.98 34.85 -62.19
C HIS V 159 17.27 35.25 -60.91
N HIS V 160 16.25 36.11 -60.99
CA HIS V 160 15.56 36.58 -59.80
C HIS V 160 14.12 36.13 -59.73
N ASP V 161 13.66 35.32 -60.68
CA ASP V 161 12.46 34.50 -60.51
C ASP V 161 11.22 35.34 -60.26
N GLY V 162 11.01 36.35 -61.10
CA GLY V 162 9.81 37.17 -61.01
C GLY V 162 9.76 38.12 -59.84
N ALA V 163 10.89 38.38 -59.18
CA ALA V 163 10.95 39.30 -58.07
C ALA V 163 11.18 40.74 -58.50
N ILE V 164 11.40 40.99 -59.80
CA ILE V 164 11.70 42.32 -60.30
C ILE V 164 10.39 42.94 -60.77
N THR V 165 9.78 43.74 -59.89
CA THR V 165 8.54 44.43 -60.21
C THR V 165 8.80 45.57 -61.18
N GLU V 166 7.73 46.24 -61.60
CA GLU V 166 7.85 47.39 -62.48
C GLU V 166 8.53 48.57 -61.81
N ARG V 167 8.75 48.52 -60.49
CA ARG V 167 9.42 49.58 -59.75
C ARG V 167 10.88 49.27 -59.50
N LEU V 168 11.42 48.22 -60.13
CA LEU V 168 12.81 47.84 -60.01
C LEU V 168 13.42 47.70 -61.39
N MET V 169 14.75 47.83 -61.45
CA MET V 169 15.48 47.65 -62.69
C MET V 169 16.73 46.83 -62.42
N CYS V 170 17.29 46.25 -63.48
CA CYS V 170 18.44 45.36 -63.38
C CYS V 170 19.55 45.81 -64.32
N ALA V 171 20.79 45.56 -63.89
CA ALA V 171 21.96 45.76 -64.71
C ALA V 171 22.77 44.46 -64.72
N GLU V 172 23.56 44.28 -65.78
CA GLU V 172 24.38 43.07 -65.90
C GLU V 172 25.39 43.00 -64.76
N SER V 173 25.76 41.77 -64.40
CA SER V 173 26.64 41.54 -63.26
C SER V 173 27.82 40.64 -63.62
N ASN V 174 28.14 40.50 -64.90
CA ASN V 174 29.22 39.65 -65.34
C ASN V 174 30.55 40.37 -65.07
N ARG V 175 31.22 39.97 -63.99
CA ARG V 175 32.53 40.50 -63.60
C ARG V 175 32.48 41.95 -63.13
N ARG V 176 31.53 42.74 -63.62
CA ARG V 176 31.31 44.11 -63.18
C ARG V 176 29.99 44.18 -62.45
N ASP V 177 29.99 44.70 -61.22
CA ASP V 177 28.79 44.65 -60.40
C ASP V 177 28.92 45.61 -59.23
N SER V 178 27.77 45.91 -58.63
CA SER V 178 27.72 46.55 -57.32
C SER V 178 27.59 45.48 -56.25
N CYS V 179 28.23 45.69 -55.11
CA CYS V 179 28.36 44.67 -54.07
C CYS V 179 27.81 45.19 -52.75
N LYS V 180 28.00 44.41 -51.70
CA LYS V 180 27.65 44.86 -50.35
C LYS V 180 28.47 46.08 -50.00
N GLY V 181 27.83 47.05 -49.32
CA GLY V 181 28.44 48.33 -49.07
C GLY V 181 28.16 49.38 -50.13
N ASP V 182 27.75 48.96 -51.33
CA ASP V 182 27.29 49.86 -52.36
C ASP V 182 25.78 50.10 -52.31
N SER V 183 25.08 49.45 -51.39
CA SER V 183 23.64 49.64 -51.26
C SER V 183 23.32 51.08 -50.92
N GLY V 184 22.14 51.52 -51.33
CA GLY V 184 21.75 52.90 -51.16
C GLY V 184 22.45 53.88 -52.08
N GLY V 185 23.38 53.41 -52.90
CA GLY V 185 24.13 54.29 -53.77
C GLY V 185 23.38 54.63 -55.03
N PRO V 186 23.99 55.49 -55.85
CA PRO V 186 23.33 55.96 -57.06
C PRO V 186 23.67 55.16 -58.30
N LEU V 187 22.64 54.87 -59.09
CA LEU V 187 22.78 54.38 -60.45
C LEU V 187 22.40 55.53 -61.38
N VAL V 188 23.39 56.08 -62.07
CA VAL V 188 23.22 57.30 -62.86
C VAL V 188 23.35 56.94 -64.33
N CYS V 189 22.29 57.22 -65.09
CA CYS V 189 22.27 57.01 -66.54
C CYS V 189 22.10 58.36 -67.21
N GLY V 190 23.12 58.78 -67.96
CA GLY V 190 23.05 60.08 -68.63
C GLY V 190 22.97 61.25 -67.69
N GLY V 191 23.76 61.24 -66.62
CA GLY V 191 23.79 62.33 -65.68
C GLY V 191 22.55 62.51 -64.83
N VAL V 192 21.64 61.56 -64.85
CA VAL V 192 20.40 61.62 -64.07
C VAL V 192 20.30 60.39 -63.19
N LEU V 193 19.99 60.60 -61.91
CA LEU V 193 19.79 59.49 -60.98
C LEU V 193 18.55 58.71 -61.39
N GLU V 194 18.75 57.48 -61.87
CA GLU V 194 17.64 56.62 -62.27
C GLU V 194 17.29 55.58 -61.23
N GLY V 195 18.28 55.03 -60.52
CA GLY V 195 18.02 53.96 -59.59
C GLY V 195 18.90 54.06 -58.36
N VAL V 196 18.44 53.41 -57.30
CA VAL V 196 19.18 53.29 -56.05
C VAL V 196 19.56 51.83 -55.85
N VAL V 197 20.85 51.59 -55.57
CA VAL V 197 21.31 50.24 -55.30
C VAL V 197 20.59 49.66 -54.09
N THR V 198 20.08 48.44 -54.23
CA THR V 198 19.54 47.70 -53.09
C THR V 198 20.51 46.60 -52.66
N SER V 199 20.68 45.55 -53.46
CA SER V 199 21.57 44.44 -53.12
C SER V 199 21.28 43.90 -51.72
N GLY V 200 22.27 43.97 -50.84
CA GLY V 200 22.08 43.60 -49.45
C GLY V 200 22.35 42.15 -49.14
N SER V 201 21.49 41.26 -49.64
CA SER V 201 21.60 39.83 -49.38
C SER V 201 22.09 39.05 -50.59
N ARG V 202 22.60 39.73 -51.62
CA ARG V 202 22.97 39.10 -52.89
C ARG V 202 24.48 39.16 -53.06
N VAL V 203 25.07 38.02 -53.42
CA VAL V 203 26.50 37.97 -53.71
C VAL V 203 26.73 38.49 -55.12
N CYS V 204 27.76 39.31 -55.29
CA CYS V 204 28.00 40.02 -56.54
C CYS V 204 29.03 39.29 -57.39
N GLY V 205 29.01 39.61 -58.69
CA GLY V 205 29.93 39.04 -59.65
C GLY V 205 29.40 37.86 -60.43
N ASN V 206 28.22 37.37 -60.09
CA ASN V 206 27.63 36.21 -60.75
C ASN V 206 26.74 36.70 -61.90
N ARG V 207 27.04 36.24 -63.12
CA ARG V 207 26.30 36.71 -64.28
C ARG V 207 24.83 36.35 -64.20
N LYS V 208 24.48 35.27 -63.48
CA LYS V 208 23.12 34.78 -63.43
C LYS V 208 22.30 35.42 -62.33
N LYS V 209 22.89 36.29 -61.51
CA LYS V 209 22.19 37.01 -60.45
C LYS V 209 22.47 38.50 -60.64
N PRO V 210 21.77 39.16 -61.55
CA PRO V 210 22.08 40.56 -61.87
C PRO V 210 21.83 41.49 -60.70
N GLY V 211 22.44 42.67 -60.78
CA GLY V 211 22.23 43.68 -59.77
C GLY V 211 20.83 44.26 -59.86
N ILE V 212 20.25 44.56 -58.72
CA ILE V 212 18.89 45.09 -58.62
C ILE V 212 18.98 46.53 -58.13
N TYR V 213 18.13 47.39 -58.68
CA TYR V 213 18.16 48.82 -58.40
C TYR V 213 16.75 49.36 -58.34
N THR V 214 16.44 50.11 -57.29
CA THR V 214 15.10 50.67 -57.10
C THR V 214 14.94 51.92 -57.96
N ARG V 215 13.92 51.90 -58.82
CA ARG V 215 13.66 53.01 -59.73
C ARG V 215 13.06 54.19 -58.95
N VAL V 216 13.80 55.31 -58.88
CA VAL V 216 13.31 56.46 -58.13
C VAL V 216 12.07 57.06 -58.80
N ALA V 217 11.95 56.92 -60.13
CA ALA V 217 10.81 57.50 -60.83
C ALA V 217 9.49 56.93 -60.34
N SER V 218 9.48 55.68 -59.89
CA SER V 218 8.24 55.10 -59.37
C SER V 218 7.87 55.66 -58.00
N TYR V 219 8.81 56.33 -57.32
CA TYR V 219 8.59 56.84 -55.97
C TYR V 219 8.70 58.36 -55.92
N ALA V 220 8.37 59.03 -57.03
CA ALA V 220 8.55 60.47 -57.09
C ALA V 220 7.62 61.19 -56.11
N ALA V 221 6.35 60.79 -56.07
CA ALA V 221 5.40 61.45 -55.17
C ALA V 221 5.82 61.32 -53.72
N TRP V 222 6.32 60.14 -53.33
CA TRP V 222 6.75 59.95 -51.95
C TRP V 222 7.98 60.81 -51.64
N ILE V 223 8.96 60.85 -52.55
CA ILE V 223 10.16 61.64 -52.32
C ILE V 223 9.79 63.11 -52.17
N ASP V 224 8.85 63.59 -52.99
CA ASP V 224 8.44 64.99 -52.89
C ASP V 224 7.73 65.27 -51.57
N SER V 225 6.91 64.33 -51.10
CA SER V 225 6.16 64.57 -49.86
C SER V 225 7.09 64.67 -48.67
N VAL V 226 8.10 63.80 -48.60
CA VAL V 226 9.03 63.84 -47.48
C VAL V 226 9.89 65.10 -47.53
N LEU V 227 10.35 65.48 -48.74
CA LEU V 227 11.24 66.62 -48.90
C LEU V 227 10.52 67.96 -48.77
N ALA V 228 9.20 67.98 -48.89
CA ALA V 228 8.43 69.22 -48.83
C ALA V 228 8.62 69.95 -47.50
N ASP W 1 23.12 18.27 -74.86
CA ASP W 1 21.84 18.08 -74.17
C ASP W 1 22.03 17.37 -72.83
N ILE W 2 21.53 18.01 -71.78
CA ILE W 2 21.56 17.42 -70.44
C ILE W 2 20.38 16.48 -70.29
N GLN W 3 20.66 15.23 -69.96
CA GLN W 3 19.61 14.22 -69.81
C GLN W 3 19.17 14.16 -68.35
N MET W 4 17.85 14.14 -68.14
CA MET W 4 17.26 14.01 -66.81
C MET W 4 16.68 12.61 -66.71
N THR W 5 17.35 11.74 -65.94
CA THR W 5 16.89 10.37 -65.73
C THR W 5 16.17 10.31 -64.39
N GLN W 6 14.88 9.99 -64.44
CA GLN W 6 14.00 10.02 -63.28
C GLN W 6 13.67 8.59 -62.85
N SER W 7 13.86 8.31 -61.57
CA SER W 7 13.63 6.97 -61.04
C SER W 7 12.79 7.05 -59.77
N PRO W 8 11.87 6.11 -59.55
CA PRO W 8 11.53 5.01 -60.47
C PRO W 8 10.50 5.41 -61.52
N SER W 9 10.23 4.52 -62.47
CA SER W 9 9.22 4.81 -63.48
C SER W 9 7.83 4.84 -62.87
N SER W 10 7.53 3.89 -62.00
CA SER W 10 6.27 3.87 -61.26
C SER W 10 6.57 3.49 -59.81
N LEU W 11 5.56 3.67 -58.96
CA LEU W 11 5.75 3.53 -57.52
C LEU W 11 4.38 3.42 -56.83
N SER W 12 4.20 2.41 -56.00
CA SER W 12 2.94 2.19 -55.30
C SER W 12 3.16 2.36 -53.80
N ALA W 13 2.24 3.07 -53.15
CA ALA W 13 2.36 3.34 -51.73
C ALA W 13 0.97 3.55 -51.14
N SER W 14 0.91 3.57 -49.82
CA SER W 14 -0.32 3.77 -49.08
C SER W 14 -0.43 5.22 -48.62
N VAL W 15 -1.67 5.66 -48.39
CA VAL W 15 -1.90 6.99 -47.84
C VAL W 15 -1.21 7.10 -46.49
N GLY W 16 -0.42 8.16 -46.32
CA GLY W 16 0.36 8.37 -45.13
C GLY W 16 1.81 7.94 -45.22
N ASP W 17 2.20 7.26 -46.29
CA ASP W 17 3.57 6.81 -46.47
C ASP W 17 4.48 7.95 -46.90
N ARG W 18 5.75 7.84 -46.52
CA ARG W 18 6.79 8.74 -47.02
C ARG W 18 7.32 8.19 -48.34
N VAL W 19 7.34 9.04 -49.35
CA VAL W 19 7.67 8.64 -50.72
C VAL W 19 8.79 9.51 -51.24
N THR W 20 9.70 8.91 -52.00
CA THR W 20 10.88 9.58 -52.55
C THR W 20 10.92 9.36 -54.06
N ILE W 21 11.06 10.45 -54.82
CA ILE W 21 11.24 10.40 -56.26
C ILE W 21 12.57 11.06 -56.62
N THR W 22 13.31 10.42 -57.50
CA THR W 22 14.71 10.74 -57.77
C THR W 22 14.87 11.19 -59.21
N CYS W 23 15.83 12.09 -59.44
CA CYS W 23 16.11 12.64 -60.77
C CYS W 23 17.60 12.88 -60.88
N LYS W 24 18.25 12.21 -61.84
CA LYS W 24 19.70 12.30 -62.03
C LYS W 24 19.99 13.04 -63.33
N ALA W 25 20.73 14.14 -63.23
CA ALA W 25 21.16 14.90 -64.39
C ALA W 25 22.51 14.41 -64.88
N SER W 26 22.69 14.41 -66.20
CA SER W 26 23.92 13.89 -66.80
C SER W 26 25.12 14.79 -66.57
N GLN W 27 24.92 15.98 -66.01
CA GLN W 27 26.02 16.88 -65.65
C GLN W 27 25.45 17.94 -64.70
N ASN W 28 26.35 18.69 -64.08
CA ASN W 28 25.94 19.65 -63.05
C ASN W 28 24.95 20.65 -63.61
N VAL W 29 23.87 20.86 -62.85
CA VAL W 29 22.84 21.84 -63.22
C VAL W 29 22.61 22.76 -62.02
N ASP W 30 23.59 22.81 -61.12
CA ASP W 30 23.51 23.61 -59.90
C ASP W 30 22.24 23.29 -59.13
N THR W 31 21.38 24.29 -58.92
CA THR W 31 20.10 24.06 -58.27
C THR W 31 18.93 24.41 -59.19
N ASP W 32 19.18 24.48 -60.49
CA ASP W 32 18.16 24.89 -61.46
C ASP W 32 17.32 23.69 -61.87
N VAL W 33 16.54 23.19 -60.91
CA VAL W 33 15.69 22.03 -61.09
C VAL W 33 14.29 22.36 -60.59
N ALA W 34 13.28 22.00 -61.36
CA ALA W 34 11.89 22.20 -61.00
C ALA W 34 11.17 20.86 -60.97
N TRP W 35 10.16 20.76 -60.11
CA TRP W 35 9.32 19.58 -60.01
C TRP W 35 7.88 19.95 -60.34
N PHE W 36 7.24 19.12 -61.17
CA PHE W 36 5.88 19.33 -61.61
C PHE W 36 5.01 18.14 -61.26
N GLN W 37 3.74 18.42 -60.96
CA GLN W 37 2.73 17.39 -60.77
C GLN W 37 1.73 17.46 -61.92
N GLN W 38 1.32 16.28 -62.40
CA GLN W 38 0.33 16.23 -63.46
C GLN W 38 -0.65 15.10 -63.17
N LYS W 39 -1.93 15.42 -63.18
CA LYS W 39 -3.01 14.46 -63.04
C LYS W 39 -3.64 14.20 -64.41
N PRO W 40 -4.25 13.03 -64.61
CA PRO W 40 -4.71 12.66 -65.96
C PRO W 40 -5.72 13.66 -66.50
N GLY W 41 -5.46 14.13 -67.72
CA GLY W 41 -6.36 15.03 -68.42
C GLY W 41 -6.09 16.49 -68.22
N LYS W 42 -5.24 16.87 -67.26
CA LYS W 42 -5.04 18.26 -66.91
C LYS W 42 -3.59 18.68 -67.18
N ALA W 43 -3.35 19.98 -67.08
CA ALA W 43 -2.05 20.56 -67.38
C ALA W 43 -1.08 20.34 -66.21
N PRO W 44 0.22 20.29 -66.50
CA PRO W 44 1.20 20.19 -65.42
C PRO W 44 1.09 21.36 -64.45
N LYS W 45 1.32 21.08 -63.18
CA LYS W 45 1.21 22.04 -62.10
C LYS W 45 2.57 22.17 -61.41
N GLY W 46 3.03 23.40 -61.25
CA GLY W 46 4.34 23.62 -60.65
C GLY W 46 4.30 23.38 -59.15
N LEU W 47 5.28 22.61 -58.65
CA LEU W 47 5.43 22.34 -57.23
C LEU W 47 6.63 23.04 -56.63
N ILE W 48 7.81 22.85 -57.21
CA ILE W 48 9.06 23.34 -56.64
C ILE W 48 9.93 23.86 -57.78
N ARG W 49 10.64 24.95 -57.51
CA ARG W 49 11.69 25.45 -58.39
C ARG W 49 12.93 25.69 -57.54
N SER W 50 14.04 25.98 -58.20
CA SER W 50 15.32 26.21 -57.54
C SER W 50 15.67 25.05 -56.63
N ALA W 51 15.33 23.83 -57.09
CA ALA W 51 15.57 22.57 -56.38
C ALA W 51 14.75 22.41 -55.12
N SER W 52 14.55 23.48 -54.33
CA SER W 52 13.96 23.32 -53.02
C SER W 52 12.99 24.43 -52.61
N SER W 53 12.57 25.29 -53.53
CA SER W 53 11.66 26.38 -53.20
C SER W 53 10.25 25.99 -53.63
N ARG W 54 9.35 25.84 -52.66
CA ARG W 54 7.96 25.53 -52.95
C ARG W 54 7.23 26.76 -53.49
N TYR W 55 6.34 26.53 -54.44
CA TYR W 55 5.44 27.59 -54.88
C TYR W 55 4.37 27.84 -53.82
N SER W 56 3.66 28.95 -53.98
CA SER W 56 2.57 29.28 -53.08
C SER W 56 1.47 28.23 -53.19
N GLY W 57 0.86 27.90 -52.06
CA GLY W 57 -0.22 26.95 -52.02
C GLY W 57 0.19 25.50 -52.09
N VAL W 58 1.48 25.21 -52.21
CA VAL W 58 1.97 23.83 -52.23
C VAL W 58 2.18 23.38 -50.79
N PRO W 59 1.54 22.31 -50.34
CA PRO W 59 1.63 21.91 -48.92
C PRO W 59 3.06 21.60 -48.51
N SER W 60 3.32 21.76 -47.22
CA SER W 60 4.67 21.56 -46.69
C SER W 60 5.17 20.14 -46.86
N ARG W 61 4.28 19.15 -46.99
CA ARG W 61 4.70 17.77 -47.12
C ARG W 61 5.56 17.54 -48.37
N PHE W 62 5.41 18.39 -49.39
CA PHE W 62 6.29 18.37 -50.54
C PHE W 62 7.57 19.12 -50.22
N SER W 63 8.72 18.49 -50.47
CA SER W 63 10.01 19.15 -50.29
C SER W 63 10.94 18.75 -51.41
N GLY W 64 11.90 19.62 -51.70
CA GLY W 64 12.88 19.38 -52.74
C GLY W 64 14.28 19.43 -52.16
N SER W 65 15.17 18.62 -52.73
CA SER W 65 16.55 18.55 -52.27
C SER W 65 17.45 18.29 -53.47
N GLY W 66 18.69 18.75 -53.35
CA GLY W 66 19.69 18.45 -54.36
C GLY W 66 20.46 19.65 -54.84
N SER W 67 21.69 19.41 -55.27
CA SER W 67 22.51 20.45 -55.91
C SER W 67 23.61 19.75 -56.69
N GLY W 68 23.66 19.98 -57.99
CA GLY W 68 24.63 19.32 -58.82
C GLY W 68 23.99 18.40 -59.85
N THR W 69 23.92 17.10 -59.52
CA THR W 69 23.46 16.09 -60.46
C THR W 69 22.29 15.26 -59.95
N ASP W 70 22.10 15.15 -58.64
CA ASP W 70 21.13 14.23 -58.06
C ASP W 70 20.14 15.01 -57.22
N PHE W 71 18.87 14.97 -57.61
CA PHE W 71 17.81 15.74 -56.98
C PHE W 71 16.69 14.80 -56.54
N THR W 72 15.98 15.21 -55.49
CA THR W 72 15.03 14.33 -54.82
C THR W 72 13.78 15.11 -54.45
N LEU W 73 12.63 14.63 -54.91
CA LEU W 73 11.34 15.13 -54.45
C LEU W 73 10.81 14.17 -53.39
N THR W 74 10.40 14.72 -52.25
CA THR W 74 9.94 13.94 -51.12
C THR W 74 8.52 14.37 -50.74
N ILE W 75 7.65 13.40 -50.55
CA ILE W 75 6.32 13.62 -50.00
C ILE W 75 6.29 12.92 -48.65
N SER W 76 6.27 13.70 -47.56
CA SER W 76 6.46 13.12 -46.24
C SER W 76 5.30 12.23 -45.84
N SER W 77 4.07 12.70 -46.03
CA SER W 77 2.87 11.94 -45.69
C SER W 77 1.94 11.97 -46.91
N LEU W 78 1.91 10.87 -47.64
CA LEU W 78 1.13 10.80 -48.88
C LEU W 78 -0.36 10.96 -48.57
N GLN W 79 -0.97 11.95 -49.20
CA GLN W 79 -2.40 12.24 -49.10
C GLN W 79 -3.11 11.73 -50.35
N PRO W 80 -4.42 11.47 -50.26
CA PRO W 80 -5.14 10.88 -51.41
C PRO W 80 -5.07 11.73 -52.68
N GLU W 81 -5.04 13.05 -52.55
CA GLU W 81 -4.92 13.91 -53.73
C GLU W 81 -3.51 13.98 -54.28
N ASP W 82 -2.56 13.24 -53.71
CA ASP W 82 -1.17 13.27 -54.15
C ASP W 82 -0.84 12.20 -55.17
N PHE W 83 -1.71 11.22 -55.37
CA PHE W 83 -1.43 10.16 -56.34
C PHE W 83 -1.59 10.72 -57.74
N ALA W 84 -0.47 10.83 -58.45
CA ALA W 84 -0.44 11.46 -59.77
C ALA W 84 0.90 11.12 -60.42
N THR W 85 1.22 11.81 -61.50
CA THR W 85 2.49 11.67 -62.18
C THR W 85 3.33 12.91 -61.94
N TYR W 86 4.61 12.69 -61.63
CA TYR W 86 5.52 13.77 -61.29
C TYR W 86 6.67 13.82 -62.28
N TYR W 87 7.10 15.02 -62.62
CA TYR W 87 8.18 15.24 -63.57
C TYR W 87 9.20 16.20 -62.98
N CYS W 88 10.49 15.89 -63.15
CA CYS W 88 11.54 16.85 -62.89
C CYS W 88 11.87 17.60 -64.17
N GLN W 89 12.38 18.83 -64.01
CA GLN W 89 12.80 19.63 -65.14
C GLN W 89 14.12 20.30 -64.82
N GLN W 90 14.98 20.36 -65.82
CA GLN W 90 16.26 21.05 -65.74
C GLN W 90 16.18 22.31 -66.60
N TYR W 91 16.40 23.47 -65.98
CA TYR W 91 16.39 24.74 -66.70
C TYR W 91 17.74 25.45 -66.58
N ASN W 92 18.80 24.68 -66.39
CA ASN W 92 20.13 25.26 -66.20
C ASN W 92 20.82 25.54 -67.53
N ASN W 93 20.47 24.82 -68.59
CA ASN W 93 21.21 24.86 -69.84
C ASN W 93 20.27 24.50 -70.99
N TYR W 94 20.43 25.20 -72.12
CA TYR W 94 19.55 24.92 -73.26
C TYR W 94 20.02 23.66 -73.99
N PRO W 95 19.09 22.80 -74.41
CA PRO W 95 17.65 22.99 -74.23
C PRO W 95 17.16 22.48 -72.88
N LEU W 96 16.08 23.08 -72.38
CA LEU W 96 15.47 22.57 -71.16
C LEU W 96 15.00 21.13 -71.40
N THR W 97 15.15 20.29 -70.37
CA THR W 97 14.84 18.87 -70.49
C THR W 97 14.04 18.40 -69.29
N PHE W 98 13.08 17.52 -69.55
CA PHE W 98 12.25 16.92 -68.52
C PHE W 98 12.68 15.48 -68.28
N GLY W 99 12.34 14.98 -67.08
CA GLY W 99 12.41 13.56 -66.84
C GLY W 99 11.26 12.84 -67.52
N GLN W 100 11.38 11.52 -67.61
CA GLN W 100 10.33 10.74 -68.28
C GLN W 100 9.11 10.54 -67.39
N GLY W 101 9.16 10.96 -66.13
CA GLY W 101 8.00 10.92 -65.27
C GLY W 101 8.04 9.77 -64.28
N THR W 102 7.30 9.94 -63.19
CA THR W 102 7.13 8.90 -62.17
C THR W 102 5.67 8.87 -61.76
N LYS W 103 5.04 7.70 -61.85
CA LYS W 103 3.62 7.55 -61.54
C LYS W 103 3.48 6.95 -60.15
N VAL W 104 2.87 7.69 -59.24
CA VAL W 104 2.60 7.24 -57.88
C VAL W 104 1.19 6.70 -57.83
N GLU W 105 1.05 5.42 -57.45
CA GLU W 105 -0.22 4.73 -57.41
C GLU W 105 -0.49 4.23 -56.00
N ILE W 106 -1.73 3.82 -55.76
CA ILE W 106 -2.17 3.38 -54.44
C ILE W 106 -1.94 1.89 -54.31
N LYS W 107 -1.21 1.49 -53.27
CA LYS W 107 -1.02 0.06 -53.00
C LYS W 107 -2.33 -0.55 -52.51
N ARG W 108 -2.54 -1.81 -52.86
CA ARG W 108 -3.82 -2.46 -52.62
C ARG W 108 -3.60 -3.96 -52.48
N THR W 109 -4.58 -4.62 -51.88
CA THR W 109 -4.55 -6.09 -51.83
C THR W 109 -4.78 -6.68 -53.22
N VAL W 110 -4.15 -7.83 -53.45
CA VAL W 110 -4.23 -8.46 -54.77
C VAL W 110 -5.66 -8.88 -55.04
N ALA W 111 -6.15 -8.57 -56.25
CA ALA W 111 -7.50 -8.88 -56.66
C ALA W 111 -7.49 -9.52 -58.04
N ALA W 112 -8.27 -10.57 -58.20
CA ALA W 112 -8.36 -11.25 -59.48
C ALA W 112 -9.35 -10.55 -60.40
N PRO W 113 -9.12 -10.59 -61.71
CA PRO W 113 -10.03 -9.92 -62.65
C PRO W 113 -11.26 -10.75 -62.94
N SER W 114 -12.36 -10.05 -63.17
CA SER W 114 -13.60 -10.66 -63.64
C SER W 114 -13.57 -10.65 -65.17
N VAL W 115 -13.45 -11.82 -65.77
CA VAL W 115 -13.23 -11.93 -67.22
C VAL W 115 -14.57 -12.10 -67.92
N PHE W 116 -14.76 -11.34 -69.00
CA PHE W 116 -15.92 -11.45 -69.86
C PHE W 116 -15.47 -11.43 -71.31
N ILE W 117 -16.34 -11.90 -72.20
CA ILE W 117 -16.06 -11.90 -73.64
C ILE W 117 -17.36 -11.60 -74.37
N PHE W 118 -17.25 -10.82 -75.45
CA PHE W 118 -18.41 -10.34 -76.19
C PHE W 118 -18.23 -10.67 -77.67
N PRO W 119 -19.14 -11.41 -78.29
CA PRO W 119 -19.06 -11.66 -79.73
C PRO W 119 -19.39 -10.41 -80.52
N PRO W 120 -18.96 -10.32 -81.77
CA PRO W 120 -19.31 -9.15 -82.59
C PRO W 120 -20.81 -9.10 -82.87
N SER W 121 -21.37 -7.90 -82.75
CA SER W 121 -22.79 -7.71 -82.96
C SER W 121 -23.14 -7.97 -84.43
N ASP W 122 -24.39 -8.40 -84.66
CA ASP W 122 -24.85 -8.65 -86.02
C ASP W 122 -24.87 -7.36 -86.84
N GLU W 123 -25.07 -6.21 -86.19
CA GLU W 123 -25.08 -4.95 -86.92
C GLU W 123 -23.70 -4.63 -87.49
N GLN W 124 -22.64 -4.89 -86.71
CA GLN W 124 -21.28 -4.67 -87.23
C GLN W 124 -20.96 -5.65 -88.33
N LEU W 125 -21.37 -6.91 -88.17
CA LEU W 125 -21.09 -7.94 -89.17
C LEU W 125 -21.74 -7.65 -90.51
N LYS W 126 -22.69 -6.71 -90.58
CA LYS W 126 -23.25 -6.33 -91.87
C LYS W 126 -22.23 -5.59 -92.73
N SER W 127 -21.18 -5.03 -92.13
CA SER W 127 -20.03 -4.52 -92.86
C SER W 127 -18.94 -5.59 -92.85
N GLY W 128 -17.75 -5.23 -93.31
CA GLY W 128 -16.71 -6.21 -93.48
C GLY W 128 -15.83 -6.53 -92.29
N THR W 129 -16.08 -5.91 -91.14
CA THR W 129 -15.21 -6.05 -89.98
C THR W 129 -15.96 -6.66 -88.81
N ALA W 130 -15.23 -7.39 -87.97
CA ALA W 130 -15.78 -8.01 -86.77
C ALA W 130 -14.80 -7.84 -85.63
N SER W 131 -15.29 -7.35 -84.49
CA SER W 131 -14.46 -7.06 -83.33
C SER W 131 -14.91 -7.91 -82.15
N VAL W 132 -13.98 -8.66 -81.57
CA VAL W 132 -14.21 -9.48 -80.40
C VAL W 132 -13.54 -8.81 -79.21
N VAL W 133 -14.29 -8.61 -78.13
CA VAL W 133 -13.84 -7.85 -76.97
C VAL W 133 -13.68 -8.79 -75.79
N CYS W 134 -12.53 -8.71 -75.12
CA CYS W 134 -12.25 -9.47 -73.91
C CYS W 134 -12.03 -8.47 -72.78
N LEU W 135 -12.89 -8.53 -71.75
CA LEU W 135 -12.89 -7.57 -70.66
C LEU W 135 -12.29 -8.18 -69.41
N LEU W 136 -11.37 -7.46 -68.78
CA LEU W 136 -10.83 -7.78 -67.47
C LEU W 136 -11.25 -6.66 -66.52
N ASN W 137 -12.09 -7.00 -65.55
CA ASN W 137 -12.74 -6.00 -64.71
C ASN W 137 -12.18 -6.04 -63.30
N ASN W 138 -11.83 -4.86 -62.78
CA ASN W 138 -11.44 -4.64 -61.38
C ASN W 138 -10.41 -5.65 -60.89
N PHE W 139 -9.13 -5.40 -61.18
CA PHE W 139 -8.05 -6.26 -60.72
C PHE W 139 -6.87 -5.41 -60.29
N TYR W 140 -5.96 -6.04 -59.55
CA TYR W 140 -4.75 -5.38 -59.06
C TYR W 140 -3.70 -6.44 -58.80
N PRO W 141 -2.42 -6.20 -59.19
CA PRO W 141 -1.91 -5.00 -59.85
C PRO W 141 -2.22 -4.96 -61.35
N ARG W 142 -1.62 -4.00 -62.06
CA ARG W 142 -1.94 -3.81 -63.48
C ARG W 142 -1.42 -4.95 -64.33
N GLU W 143 -0.24 -5.49 -64.00
CA GLU W 143 0.44 -6.49 -64.83
C GLU W 143 -0.45 -7.70 -65.08
N ALA W 144 -0.95 -7.81 -66.31
CA ALA W 144 -1.78 -8.93 -66.73
C ALA W 144 -1.40 -9.32 -68.14
N LYS W 145 -1.84 -10.52 -68.55
CA LYS W 145 -1.50 -11.08 -69.84
C LYS W 145 -2.75 -11.65 -70.49
N VAL W 146 -3.07 -11.18 -71.69
CA VAL W 146 -4.25 -11.63 -72.43
C VAL W 146 -3.78 -12.20 -73.77
N GLN W 147 -4.15 -13.46 -74.02
CA GLN W 147 -3.85 -14.13 -75.29
C GLN W 147 -5.15 -14.57 -75.94
N TRP W 148 -5.28 -14.33 -77.23
CA TRP W 148 -6.43 -14.80 -77.99
C TRP W 148 -6.13 -16.16 -78.60
N LYS W 149 -7.15 -17.01 -78.64
CA LYS W 149 -7.02 -18.36 -79.21
C LYS W 149 -8.26 -18.63 -80.04
N VAL W 150 -8.07 -18.72 -81.36
CA VAL W 150 -9.15 -19.02 -82.30
C VAL W 150 -8.96 -20.45 -82.77
N ASP W 151 -9.85 -21.34 -82.34
CA ASP W 151 -9.73 -22.78 -82.61
C ASP W 151 -8.40 -23.32 -82.09
N ASN W 152 -8.07 -22.93 -80.85
CA ASN W 152 -6.84 -23.32 -80.18
C ASN W 152 -5.59 -22.97 -81.00
N ALA W 153 -5.65 -21.85 -81.72
CA ALA W 153 -4.51 -21.34 -82.47
C ALA W 153 -4.17 -19.96 -81.94
N LEU W 154 -2.96 -19.81 -81.41
CA LEU W 154 -2.56 -18.57 -80.77
C LEU W 154 -2.47 -17.45 -81.80
N GLN W 155 -3.18 -16.35 -81.53
CA GLN W 155 -3.16 -15.18 -82.40
C GLN W 155 -2.03 -14.24 -82.02
N SER W 156 -1.69 -13.34 -82.94
CA SER W 156 -0.59 -12.42 -82.71
C SER W 156 -0.72 -11.23 -83.66
N GLY W 157 -0.52 -10.03 -83.11
CA GLY W 157 -0.46 -8.82 -83.90
C GLY W 157 -1.77 -8.31 -84.45
N ASN W 158 -2.90 -8.88 -84.02
CA ASN W 158 -4.21 -8.49 -84.52
C ASN W 158 -5.16 -8.10 -83.38
N SER W 159 -4.61 -7.65 -82.26
CA SER W 159 -5.41 -7.26 -81.11
C SER W 159 -4.77 -6.08 -80.41
N GLN W 160 -5.61 -5.17 -79.91
CA GLN W 160 -5.16 -4.02 -79.15
C GLN W 160 -5.88 -3.98 -77.81
N GLU W 161 -5.16 -3.59 -76.76
CA GLU W 161 -5.74 -3.48 -75.43
C GLU W 161 -5.59 -2.06 -74.91
N SER W 162 -6.43 -1.73 -73.92
CA SER W 162 -6.45 -0.41 -73.32
C SER W 162 -6.78 -0.56 -71.85
N VAL W 163 -6.06 0.19 -71.00
CA VAL W 163 -6.18 0.08 -69.54
C VAL W 163 -6.76 1.38 -69.00
N THR W 164 -7.70 1.26 -68.07
CA THR W 164 -8.21 2.43 -67.38
C THR W 164 -7.28 2.85 -66.25
N GLU W 165 -7.38 4.11 -65.85
CA GLU W 165 -6.64 4.56 -64.69
C GLU W 165 -7.18 3.89 -63.43
N GLN W 166 -6.40 3.99 -62.35
CA GLN W 166 -6.80 3.36 -61.09
C GLN W 166 -8.12 3.94 -60.61
N ASP W 167 -9.00 3.07 -60.12
CA ASP W 167 -10.33 3.51 -59.72
C ASP W 167 -10.25 4.35 -58.45
N SER W 168 -11.05 5.42 -58.41
CA SER W 168 -11.05 6.31 -57.26
C SER W 168 -11.77 5.71 -56.07
N LYS W 169 -12.43 4.56 -56.22
CA LYS W 169 -13.16 3.92 -55.14
C LYS W 169 -12.46 2.68 -54.62
N ASP W 170 -12.26 1.66 -55.47
CA ASP W 170 -11.64 0.41 -55.04
C ASP W 170 -10.20 0.26 -55.51
N SER W 171 -9.64 1.27 -56.18
CA SER W 171 -8.21 1.32 -56.51
C SER W 171 -7.78 0.16 -57.41
N THR W 172 -8.65 -0.24 -58.33
CA THR W 172 -8.38 -1.34 -59.23
C THR W 172 -8.23 -0.86 -60.67
N TYR W 173 -7.85 -1.78 -61.54
CA TYR W 173 -7.69 -1.50 -62.96
C TYR W 173 -8.69 -2.34 -63.76
N SER W 174 -8.98 -1.87 -64.97
CA SER W 174 -9.80 -2.60 -65.93
C SER W 174 -9.12 -2.53 -67.29
N LEU W 175 -9.07 -3.67 -67.97
CA LEU W 175 -8.40 -3.79 -69.26
C LEU W 175 -9.36 -4.36 -70.29
N SER W 176 -9.22 -3.90 -71.53
CA SER W 176 -10.09 -4.34 -72.63
C SER W 176 -9.22 -4.63 -73.84
N SER W 177 -8.99 -5.92 -74.11
CA SER W 177 -8.30 -6.33 -75.32
C SER W 177 -9.32 -6.61 -76.41
N THR W 178 -9.08 -6.04 -77.60
CA THR W 178 -10.02 -6.10 -78.71
C THR W 178 -9.36 -6.84 -79.88
N LEU W 179 -9.97 -7.94 -80.29
CA LEU W 179 -9.49 -8.73 -81.43
C LEU W 179 -10.27 -8.34 -82.67
N THR W 180 -9.57 -7.78 -83.66
CA THR W 180 -10.18 -7.30 -84.89
C THR W 180 -9.90 -8.27 -86.03
N LEU W 181 -10.97 -8.73 -86.69
CA LEU W 181 -10.86 -9.63 -87.82
C LEU W 181 -11.85 -9.21 -88.90
N SER W 182 -11.54 -9.59 -90.14
CA SER W 182 -12.46 -9.38 -91.24
C SER W 182 -13.61 -10.37 -91.16
N LYS W 183 -14.72 -10.02 -91.80
CA LYS W 183 -15.89 -10.90 -91.78
C LYS W 183 -15.59 -12.25 -92.42
N ALA W 184 -14.69 -12.28 -93.40
CA ALA W 184 -14.33 -13.54 -94.03
C ALA W 184 -13.55 -14.44 -93.06
N ASP W 185 -12.48 -13.92 -92.46
CA ASP W 185 -11.71 -14.69 -91.52
C ASP W 185 -12.50 -15.04 -90.26
N TYR W 186 -13.54 -14.26 -89.95
CA TYR W 186 -14.31 -14.52 -88.74
C TYR W 186 -15.14 -15.78 -88.87
N GLU W 187 -15.72 -16.01 -90.04
CA GLU W 187 -16.63 -17.14 -90.26
C GLU W 187 -15.91 -18.39 -90.74
N LYS W 188 -14.57 -18.35 -90.84
CA LYS W 188 -13.82 -19.57 -91.13
C LYS W 188 -13.62 -20.44 -89.90
N HIS W 189 -13.82 -19.90 -88.71
CA HIS W 189 -13.53 -20.61 -87.46
C HIS W 189 -14.76 -20.58 -86.57
N LYS W 190 -14.68 -21.32 -85.46
CA LYS W 190 -15.84 -21.57 -84.61
C LYS W 190 -15.64 -21.15 -83.17
N VAL W 191 -14.49 -21.44 -82.56
CA VAL W 191 -14.26 -21.22 -81.13
C VAL W 191 -13.34 -20.01 -80.97
N TYR W 192 -13.84 -18.99 -80.27
CA TYR W 192 -13.07 -17.80 -79.95
C TYR W 192 -12.90 -17.71 -78.43
N ALA W 193 -11.66 -17.57 -77.97
CA ALA W 193 -11.36 -17.53 -76.55
C ALA W 193 -10.24 -16.54 -76.29
N CYS W 194 -10.26 -15.95 -75.09
CA CYS W 194 -9.15 -15.19 -74.57
C CYS W 194 -8.70 -15.81 -73.25
N GLU W 195 -7.41 -16.09 -73.14
CA GLU W 195 -6.83 -16.66 -71.93
C GLU W 195 -6.21 -15.53 -71.11
N VAL W 196 -6.58 -15.46 -69.84
CA VAL W 196 -6.18 -14.37 -68.95
C VAL W 196 -5.21 -14.92 -67.91
N THR W 197 -3.98 -14.43 -67.93
CA THR W 197 -2.96 -14.77 -66.94
C THR W 197 -2.78 -13.59 -65.99
N HIS W 198 -2.92 -13.84 -64.69
CA HIS W 198 -2.78 -12.78 -63.71
C HIS W 198 -2.21 -13.36 -62.42
N GLN W 199 -1.56 -12.49 -61.65
CA GLN W 199 -1.02 -12.91 -60.36
C GLN W 199 -2.12 -13.34 -59.41
N GLY W 200 -3.27 -12.67 -59.46
CA GLY W 200 -4.40 -13.00 -58.59
C GLY W 200 -5.16 -14.26 -58.95
N LEU W 201 -4.71 -14.99 -59.97
CA LEU W 201 -5.32 -16.25 -60.37
C LEU W 201 -4.30 -17.37 -60.23
N SER W 202 -4.71 -18.46 -59.58
CA SER W 202 -3.81 -19.59 -59.38
C SER W 202 -3.43 -20.25 -60.71
N SER W 203 -4.35 -20.26 -61.67
CA SER W 203 -4.12 -20.79 -63.00
C SER W 203 -4.84 -19.92 -64.01
N PRO W 204 -4.31 -19.82 -65.24
CA PRO W 204 -4.94 -18.94 -66.24
C PRO W 204 -6.40 -19.28 -66.49
N VAL W 205 -7.24 -18.26 -66.44
CA VAL W 205 -8.68 -18.38 -66.65
C VAL W 205 -8.99 -18.09 -68.11
N THR W 206 -9.94 -18.83 -68.68
CA THR W 206 -10.33 -18.68 -70.08
C THR W 206 -11.84 -18.50 -70.18
N LYS W 207 -12.26 -17.54 -71.01
CA LYS W 207 -13.66 -17.31 -71.30
C LYS W 207 -13.85 -17.33 -72.81
N SER W 208 -14.78 -18.16 -73.28
CA SER W 208 -14.94 -18.41 -74.72
C SER W 208 -16.42 -18.42 -75.09
N PHE W 209 -16.66 -18.53 -76.40
CA PHE W 209 -17.99 -18.67 -76.96
C PHE W 209 -17.89 -19.37 -78.30
N ASN W 210 -19.00 -19.97 -78.73
CA ASN W 210 -19.11 -20.61 -80.03
C ASN W 210 -19.83 -19.68 -80.99
N ARG W 211 -19.29 -19.54 -82.20
CA ARG W 211 -19.85 -18.65 -83.20
C ARG W 211 -21.24 -19.12 -83.64
N GLY W 212 -22.29 -18.50 -83.11
CA GLY W 212 -23.64 -18.87 -83.47
C GLY W 212 -24.60 -18.90 -82.29
N GLU W 213 -24.18 -19.49 -81.18
CA GLU W 213 -25.03 -19.59 -79.98
C GLU W 213 -25.43 -18.21 -79.46
N GLU X 1 -6.61 38.14 -60.66
CA GLU X 1 -6.33 36.75 -60.99
C GLU X 1 -5.55 36.64 -62.30
N VAL X 2 -4.47 35.88 -62.28
CA VAL X 2 -3.63 35.65 -63.45
C VAL X 2 -4.09 34.37 -64.12
N GLN X 3 -4.12 34.37 -65.46
CA GLN X 3 -4.44 33.16 -66.19
C GLN X 3 -3.93 33.25 -67.62
N LEU X 4 -3.46 32.13 -68.14
CA LEU X 4 -3.05 31.99 -69.53
C LEU X 4 -4.06 31.07 -70.22
N VAL X 5 -4.84 31.62 -71.14
CA VAL X 5 -5.82 30.84 -71.89
C VAL X 5 -5.33 30.71 -73.32
N GLN X 6 -5.36 29.50 -73.84
CA GLN X 6 -4.86 29.17 -75.16
C GLN X 6 -6.03 28.94 -76.12
N SER X 7 -5.71 28.95 -77.42
CA SER X 7 -6.71 28.72 -78.44
C SER X 7 -7.25 27.29 -78.35
N GLY X 8 -8.32 27.04 -79.09
CA GLY X 8 -8.96 25.74 -79.09
C GLY X 8 -8.18 24.70 -79.88
N ALA X 9 -8.70 23.48 -79.85
CA ALA X 9 -8.05 22.36 -80.52
C ALA X 9 -7.98 22.59 -82.03
N GLU X 10 -7.02 21.92 -82.66
CA GLU X 10 -6.79 22.05 -84.09
C GLU X 10 -6.53 20.67 -84.67
N VAL X 11 -7.07 20.44 -85.88
CA VAL X 11 -6.81 19.22 -86.64
C VAL X 11 -6.21 19.63 -87.97
N LYS X 12 -5.02 19.11 -88.28
CA LYS X 12 -4.25 19.55 -89.44
C LYS X 12 -3.77 18.35 -90.26
N LYS X 13 -3.63 18.58 -91.57
CA LYS X 13 -3.16 17.58 -92.51
C LYS X 13 -1.64 17.48 -92.46
N PRO X 14 -1.08 16.29 -92.77
CA PRO X 14 0.36 16.07 -92.58
C PRO X 14 1.24 16.86 -93.54
N GLY X 15 1.14 18.19 -93.49
CA GLY X 15 1.97 19.03 -94.33
C GLY X 15 1.73 20.49 -94.08
N ALA X 16 0.57 20.82 -93.51
CA ALA X 16 0.21 22.20 -93.23
C ALA X 16 0.99 22.72 -92.03
N SER X 17 0.68 23.94 -91.63
CA SER X 17 1.21 24.53 -90.42
C SER X 17 0.06 24.86 -89.48
N VAL X 18 0.40 25.09 -88.21
CA VAL X 18 -0.57 25.44 -87.19
C VAL X 18 0.00 26.58 -86.36
N LYS X 19 -0.89 27.47 -85.92
CA LYS X 19 -0.51 28.62 -85.09
C LYS X 19 -1.39 28.62 -83.85
N VAL X 20 -0.77 28.41 -82.69
CA VAL X 20 -1.46 28.38 -81.40
C VAL X 20 -1.24 29.72 -80.70
N SER X 21 -2.27 30.20 -80.01
CA SER X 21 -2.21 31.46 -79.29
C SER X 21 -2.19 31.20 -77.79
N CYS X 22 -1.77 32.22 -77.04
CA CYS X 22 -1.63 32.13 -75.59
C CYS X 22 -1.81 33.55 -75.04
N LYS X 23 -3.04 33.89 -74.68
CA LYS X 23 -3.35 35.22 -74.16
C LYS X 23 -3.13 35.24 -72.65
N ALA X 24 -2.28 36.13 -72.19
CA ALA X 24 -2.00 36.30 -70.78
C ALA X 24 -2.82 37.46 -70.23
N SER X 25 -3.10 37.40 -68.94
CA SER X 25 -3.85 38.45 -68.26
C SER X 25 -3.56 38.36 -66.77
N GLY X 26 -3.48 39.52 -66.12
CA GLY X 26 -3.23 39.58 -64.69
C GLY X 26 -1.83 39.95 -64.29
N TYR X 27 -0.93 40.16 -65.26
CA TYR X 27 0.44 40.55 -64.95
C TYR X 27 1.01 41.30 -66.14
N THR X 28 2.12 42.00 -65.88
CA THR X 28 2.83 42.73 -66.92
C THR X 28 3.42 41.73 -67.90
N PHE X 29 2.78 41.60 -69.07
CA PHE X 29 3.17 40.57 -70.03
C PHE X 29 4.62 40.69 -70.46
N THR X 30 5.14 41.91 -70.54
CA THR X 30 6.50 42.14 -71.04
C THR X 30 7.58 41.91 -70.00
N SER X 31 7.22 41.52 -68.77
CA SER X 31 8.22 41.35 -67.71
C SER X 31 8.63 39.89 -67.49
N TYR X 32 8.12 38.97 -68.29
CA TYR X 32 8.44 37.55 -68.12
C TYR X 32 8.61 36.90 -69.48
N TYR X 33 9.58 35.99 -69.57
CA TYR X 33 9.68 35.12 -70.73
C TYR X 33 8.43 34.26 -70.85
N MET X 34 8.21 33.75 -72.07
CA MET X 34 7.15 32.79 -72.34
C MET X 34 7.77 31.60 -73.04
N TYR X 35 7.64 30.42 -72.45
CA TYR X 35 8.17 29.21 -73.07
C TYR X 35 7.03 28.25 -73.38
N TRP X 36 7.30 27.33 -74.30
CA TRP X 36 6.29 26.44 -74.85
C TRP X 36 6.71 24.99 -74.68
N VAL X 37 5.77 24.15 -74.28
CA VAL X 37 6.00 22.74 -74.00
C VAL X 37 4.93 21.92 -74.70
N ARG X 38 5.32 20.80 -75.30
CA ARG X 38 4.37 19.88 -75.91
C ARG X 38 4.45 18.53 -75.23
N GLN X 39 3.38 17.76 -75.36
CA GLN X 39 3.28 16.45 -74.72
C GLN X 39 2.50 15.53 -75.64
N ALA X 40 3.18 14.55 -76.21
CA ALA X 40 2.50 13.55 -77.03
C ALA X 40 1.54 12.76 -76.17
N PRO X 41 0.46 12.23 -76.77
CA PRO X 41 -0.53 11.48 -75.97
C PRO X 41 0.11 10.33 -75.21
N GLY X 42 -0.13 10.30 -73.91
CA GLY X 42 0.43 9.26 -73.05
C GLY X 42 1.94 9.28 -72.94
N GLN X 43 2.56 10.44 -73.16
CA GLN X 43 4.00 10.52 -73.18
C GLN X 43 4.50 11.64 -72.27
N GLY X 44 5.81 11.92 -72.33
CA GLY X 44 6.42 12.90 -71.45
C GLY X 44 6.40 14.30 -72.04
N LEU X 45 6.92 15.23 -71.26
CA LEU X 45 6.99 16.61 -71.67
C LEU X 45 8.25 16.87 -72.49
N GLU X 46 8.13 17.81 -73.43
CA GLU X 46 9.22 18.16 -74.34
C GLU X 46 9.26 19.66 -74.49
N TRP X 47 10.45 20.24 -74.39
CA TRP X 47 10.63 21.69 -74.41
C TRP X 47 10.85 22.15 -75.85
N ILE X 48 10.05 23.13 -76.28
CA ILE X 48 10.10 23.63 -77.65
C ILE X 48 10.99 24.86 -77.71
N GLY X 49 10.64 25.90 -76.96
CA GLY X 49 11.43 27.11 -76.98
C GLY X 49 10.81 28.18 -76.11
N GLU X 50 11.42 29.36 -76.13
CA GLU X 50 10.98 30.48 -75.31
C GLU X 50 11.16 31.77 -76.10
N ILE X 51 10.50 32.83 -75.64
CA ILE X 51 10.56 34.13 -76.29
C ILE X 51 10.59 35.23 -75.23
N ASN X 52 11.38 36.27 -75.50
CA ASN X 52 11.47 37.43 -74.64
C ASN X 52 10.56 38.52 -75.19
N PRO X 53 9.45 38.85 -74.53
CA PRO X 53 8.51 39.83 -75.11
C PRO X 53 9.05 41.25 -75.15
N THR X 54 10.10 41.55 -74.39
CA THR X 54 10.71 42.88 -74.45
C THR X 54 11.57 43.02 -75.71
N SER X 55 12.54 42.13 -75.86
CA SER X 55 13.50 42.21 -76.96
C SER X 55 13.08 41.43 -78.20
N GLY X 56 12.16 40.49 -78.07
CA GLY X 56 11.82 39.62 -79.18
C GLY X 56 12.79 38.48 -79.40
N GLY X 57 13.83 38.35 -78.58
CA GLY X 57 14.76 37.25 -78.73
C GLY X 57 14.14 35.92 -78.37
N THR X 58 14.74 34.85 -78.90
CA THR X 58 14.20 33.50 -78.72
C THR X 58 15.33 32.51 -78.53
N ASN X 59 14.99 31.40 -77.87
CA ASN X 59 15.86 30.25 -77.73
C ASN X 59 15.04 29.00 -78.02
N PHE X 60 15.55 28.15 -78.90
CA PHE X 60 14.79 26.99 -79.37
C PHE X 60 15.55 25.70 -79.09
N ASN X 61 14.81 24.65 -78.78
CA ASN X 61 15.31 23.29 -78.94
C ASN X 61 15.66 23.07 -80.41
N GLU X 62 16.90 22.68 -80.69
CA GLU X 62 17.35 22.50 -82.06
C GLU X 62 16.41 21.61 -82.87
N LYS X 63 15.72 20.69 -82.21
CA LYS X 63 14.78 19.80 -82.88
C LYS X 63 13.64 20.56 -83.55
N PHE X 64 13.32 21.78 -83.09
CA PHE X 64 12.22 22.56 -83.63
C PHE X 64 12.65 23.86 -84.29
N LYS X 65 13.96 24.16 -84.32
CA LYS X 65 14.41 25.47 -84.79
C LYS X 65 13.97 25.74 -86.22
N SER X 66 13.93 24.70 -87.05
CA SER X 66 13.67 24.87 -88.48
C SER X 66 12.19 25.03 -88.82
N ARG X 67 11.29 24.62 -87.93
CA ARG X 67 9.87 24.63 -88.23
C ARG X 67 9.04 25.50 -87.31
N ALA X 68 9.53 25.83 -86.11
CA ALA X 68 8.77 26.56 -85.11
C ALA X 68 9.07 28.05 -85.18
N THR X 69 8.03 28.86 -84.98
CA THR X 69 8.16 30.31 -84.98
C THR X 69 7.43 30.88 -83.77
N LEU X 70 8.12 31.68 -82.97
CA LEU X 70 7.56 32.28 -81.77
C LEU X 70 7.41 33.78 -81.97
N THR X 71 6.21 34.29 -81.70
CA THR X 71 5.93 35.71 -81.86
C THR X 71 5.13 36.20 -80.65
N VAL X 72 5.10 37.51 -80.49
CA VAL X 72 4.48 38.17 -79.34
C VAL X 72 3.76 39.43 -79.82
N ASP X 73 2.53 39.62 -79.34
CA ASP X 73 1.75 40.83 -79.62
C ASP X 73 1.63 41.60 -78.30
N THR X 74 2.54 42.56 -78.10
CA THR X 74 2.56 43.34 -76.87
C THR X 74 1.23 44.02 -76.60
N SER X 75 0.57 44.52 -77.65
CA SER X 75 -0.66 45.29 -77.48
C SER X 75 -1.77 44.44 -76.87
N THR X 76 -1.81 43.14 -77.17
CA THR X 76 -2.87 42.26 -76.69
C THR X 76 -2.40 41.25 -75.65
N SER X 77 -1.13 41.30 -75.26
CA SER X 77 -0.56 40.36 -74.28
C SER X 77 -0.82 38.92 -74.69
N THR X 78 -0.42 38.60 -75.93
CA THR X 78 -0.65 37.28 -76.49
C THR X 78 0.65 36.76 -77.10
N ALA X 79 0.99 35.52 -76.79
CA ALA X 79 2.13 34.82 -77.36
C ALA X 79 1.63 33.78 -78.35
N TYR X 80 2.38 33.61 -79.44
CA TYR X 80 1.99 32.69 -80.50
C TYR X 80 3.11 31.71 -80.79
N LEU X 81 2.73 30.46 -81.04
CA LEU X 81 3.64 29.42 -81.51
C LEU X 81 3.12 28.88 -82.84
N GLU X 82 3.94 28.99 -83.88
CA GLU X 82 3.59 28.49 -85.21
C GLU X 82 4.54 27.35 -85.57
N LEU X 83 3.98 26.23 -86.01
CA LEU X 83 4.74 25.02 -86.32
C LEU X 83 4.45 24.62 -87.75
N SER X 84 5.45 24.71 -88.62
CA SER X 84 5.29 24.41 -90.04
C SER X 84 5.70 22.98 -90.35
N SER X 85 5.31 22.53 -91.54
CA SER X 85 5.65 21.20 -92.05
C SER X 85 5.31 20.11 -91.03
N LEU X 86 4.05 20.12 -90.60
CA LEU X 86 3.61 19.21 -89.54
C LEU X 86 3.70 17.76 -89.99
N ARG X 87 4.13 16.91 -89.07
CA ARG X 87 4.16 15.47 -89.24
C ARG X 87 3.27 14.83 -88.19
N SER X 88 2.94 13.55 -88.40
CA SER X 88 2.08 12.84 -87.45
C SER X 88 2.70 12.79 -86.07
N GLU X 89 4.03 12.75 -85.98
CA GLU X 89 4.72 12.77 -84.70
C GLU X 89 4.55 14.09 -83.95
N ASP X 90 4.06 15.13 -84.61
CA ASP X 90 3.79 16.40 -83.95
C ASP X 90 2.44 16.41 -83.26
N THR X 91 1.67 15.32 -83.36
CA THR X 91 0.41 15.21 -82.64
C THR X 91 0.66 15.23 -81.14
N ALA X 92 0.24 16.30 -80.48
CA ALA X 92 0.52 16.47 -79.05
C ALA X 92 -0.36 17.58 -78.50
N VAL X 93 -0.28 17.76 -77.18
CA VAL X 93 -0.91 18.88 -76.50
C VAL X 93 0.17 19.93 -76.25
N TYR X 94 -0.07 21.14 -76.71
CA TYR X 94 0.92 22.21 -76.64
C TYR X 94 0.54 23.18 -75.53
N TYR X 95 1.47 23.41 -74.61
CA TYR X 95 1.25 24.31 -73.48
C TYR X 95 2.14 25.54 -73.61
N CYS X 96 1.63 26.67 -73.12
CA CYS X 96 2.44 27.85 -72.86
C CYS X 96 2.56 28.04 -71.35
N ALA X 97 3.69 28.59 -70.91
CA ALA X 97 3.94 28.76 -69.49
C ALA X 97 4.80 30.00 -69.28
N ARG X 98 4.60 30.65 -68.14
CA ARG X 98 5.36 31.85 -67.80
C ARG X 98 6.67 31.45 -67.13
N GLU X 99 7.77 32.03 -67.60
CA GLU X 99 9.09 31.78 -67.03
C GLU X 99 9.36 32.79 -65.93
N GLY X 100 9.31 32.34 -64.69
CA GLY X 100 9.59 33.22 -63.57
C GLY X 100 8.36 33.46 -62.74
N GLY X 101 8.57 33.74 -61.46
CA GLY X 101 7.44 33.91 -60.56
C GLY X 101 6.66 32.62 -60.41
N PHE X 102 5.40 32.77 -60.01
CA PHE X 102 4.52 31.61 -59.87
C PHE X 102 4.37 30.92 -61.21
N ALA X 103 4.49 29.60 -61.21
CA ALA X 103 4.52 28.80 -62.43
C ALA X 103 3.12 28.69 -63.01
N TYR X 104 2.73 29.71 -63.78
CA TYR X 104 1.46 29.68 -64.49
C TYR X 104 1.59 28.91 -65.79
N TRP X 105 0.57 28.13 -66.11
CA TRP X 105 0.54 27.30 -67.31
C TRP X 105 -0.82 27.46 -67.99
N GLY X 106 -0.80 27.49 -69.32
CA GLY X 106 -2.04 27.46 -70.07
C GLY X 106 -2.72 26.11 -69.96
N GLN X 107 -3.99 26.07 -70.38
CA GLN X 107 -4.74 24.84 -70.28
C GLN X 107 -4.31 23.81 -71.32
N GLY X 108 -3.48 24.20 -72.29
CA GLY X 108 -3.03 23.30 -73.32
C GLY X 108 -3.90 23.35 -74.56
N THR X 109 -3.30 22.98 -75.69
CA THR X 109 -4.01 22.95 -76.97
C THR X 109 -3.67 21.65 -77.66
N LEU X 110 -4.70 20.88 -78.01
CA LEU X 110 -4.50 19.62 -78.71
C LEU X 110 -4.36 19.89 -80.20
N VAL X 111 -3.25 19.43 -80.78
CA VAL X 111 -3.03 19.48 -82.22
C VAL X 111 -2.92 18.06 -82.73
N THR X 112 -3.82 17.67 -83.61
CA THR X 112 -3.87 16.32 -84.17
C THR X 112 -3.47 16.38 -85.64
N VAL X 113 -2.36 15.73 -85.97
CA VAL X 113 -1.82 15.71 -87.33
C VAL X 113 -2.09 14.33 -87.90
N SER X 114 -2.95 14.26 -88.91
CA SER X 114 -3.36 12.99 -89.48
C SER X 114 -3.95 13.25 -90.86
N SER X 115 -3.74 12.29 -91.77
CA SER X 115 -4.28 12.40 -93.12
C SER X 115 -5.78 12.11 -93.18
N ALA X 116 -6.36 11.55 -92.13
CA ALA X 116 -7.76 11.19 -92.13
C ALA X 116 -8.63 12.43 -92.05
N SER X 117 -9.91 12.24 -92.39
CA SER X 117 -10.91 13.30 -92.37
C SER X 117 -11.90 13.05 -91.24
N THR X 118 -12.46 14.14 -90.71
CA THR X 118 -13.34 14.05 -89.54
C THR X 118 -14.53 13.15 -89.81
N LYS X 119 -14.54 11.98 -89.20
CA LYS X 119 -15.55 10.95 -89.41
C LYS X 119 -16.34 10.72 -88.12
N GLY X 120 -17.59 10.28 -88.28
CA GLY X 120 -18.42 9.94 -87.16
C GLY X 120 -18.20 8.51 -86.69
N PRO X 121 -18.54 8.23 -85.43
CA PRO X 121 -18.33 6.91 -84.87
C PRO X 121 -19.47 5.93 -85.11
N SER X 122 -19.10 4.67 -85.28
CA SER X 122 -20.05 3.57 -85.36
C SER X 122 -20.16 2.93 -83.98
N VAL X 123 -21.39 2.85 -83.47
CA VAL X 123 -21.63 2.34 -82.12
C VAL X 123 -22.28 0.97 -82.24
N PHE X 124 -21.62 -0.05 -81.68
CA PHE X 124 -22.09 -1.42 -81.69
C PHE X 124 -22.28 -1.92 -80.26
N PRO X 125 -23.34 -2.66 -80.00
CA PRO X 125 -23.61 -3.10 -78.62
C PRO X 125 -22.82 -4.35 -78.24
N LEU X 126 -22.35 -4.37 -77.00
CA LEU X 126 -21.70 -5.54 -76.41
C LEU X 126 -22.75 -6.24 -75.56
N ALA X 127 -23.39 -7.27 -76.12
CA ALA X 127 -24.55 -7.86 -75.48
C ALA X 127 -24.12 -8.74 -74.31
N PRO X 128 -24.84 -8.67 -73.18
CA PRO X 128 -24.50 -9.51 -72.03
C PRO X 128 -24.69 -10.99 -72.35
N SER X 129 -23.71 -11.80 -71.96
CA SER X 129 -23.68 -13.22 -72.30
C SER X 129 -24.83 -13.99 -71.62
N SER X 130 -24.78 -14.08 -70.30
CA SER X 130 -25.76 -14.84 -69.51
C SER X 130 -25.84 -16.30 -69.96
N GLY X 135 -25.56 -15.52 -63.99
CA GLY X 135 -25.29 -16.01 -62.64
C GLY X 135 -25.59 -14.99 -61.56
N GLY X 136 -24.57 -14.22 -61.17
CA GLY X 136 -24.72 -13.22 -60.13
C GLY X 136 -24.54 -11.81 -60.63
N THR X 137 -23.45 -11.56 -61.37
CA THR X 137 -23.16 -10.25 -61.94
C THR X 137 -22.78 -10.43 -63.41
N ALA X 138 -23.39 -9.63 -64.28
CA ALA X 138 -23.13 -9.69 -65.71
C ALA X 138 -22.64 -8.33 -66.20
N ALA X 139 -21.93 -8.36 -67.33
CA ALA X 139 -21.33 -7.16 -67.89
C ALA X 139 -21.84 -6.92 -69.30
N LEU X 140 -21.96 -5.64 -69.66
CA LEU X 140 -22.39 -5.23 -70.99
C LEU X 140 -21.76 -3.88 -71.30
N GLY X 141 -21.88 -3.46 -72.55
CA GLY X 141 -21.30 -2.17 -72.92
C GLY X 141 -21.52 -1.84 -74.38
N CYS X 142 -20.84 -0.78 -74.81
CA CYS X 142 -20.91 -0.27 -76.17
C CYS X 142 -19.52 -0.20 -76.77
N LEU X 143 -19.41 -0.55 -78.05
CA LEU X 143 -18.15 -0.47 -78.80
C LEU X 143 -18.24 0.71 -79.75
N VAL X 144 -17.41 1.72 -79.52
CA VAL X 144 -17.38 2.93 -80.34
C VAL X 144 -16.18 2.80 -81.26
N LYS X 145 -16.43 2.42 -82.51
CA LYS X 145 -15.37 2.08 -83.45
C LYS X 145 -15.30 3.08 -84.60
N ASP X 146 -14.08 3.31 -85.07
CA ASP X 146 -13.81 4.07 -86.31
C ASP X 146 -14.37 5.48 -86.27
N TYR X 147 -13.66 6.40 -85.61
CA TYR X 147 -14.02 7.81 -85.61
C TYR X 147 -12.76 8.65 -85.65
N PHE X 148 -12.94 9.94 -85.92
CA PHE X 148 -11.85 10.90 -85.99
C PHE X 148 -12.40 12.32 -85.99
N PRO X 149 -11.81 13.25 -85.23
CA PRO X 149 -10.72 12.97 -84.28
C PRO X 149 -11.24 12.81 -82.86
N GLU X 150 -10.33 12.84 -81.89
CA GLU X 150 -10.72 12.84 -80.50
C GLU X 150 -11.33 14.20 -80.12
N PRO X 151 -12.13 14.26 -79.05
CA PRO X 151 -12.53 13.19 -78.13
C PRO X 151 -13.94 12.65 -78.36
N VAL X 152 -14.32 11.67 -77.54
CA VAL X 152 -15.65 11.09 -77.54
C VAL X 152 -16.10 10.94 -76.10
N THR X 153 -17.32 11.41 -75.80
CA THR X 153 -17.89 11.33 -74.46
C THR X 153 -18.97 10.27 -74.44
N VAL X 154 -18.92 9.40 -73.42
CA VAL X 154 -19.85 8.28 -73.31
C VAL X 154 -20.53 8.34 -71.94
N SER X 155 -21.85 8.26 -71.93
CA SER X 155 -22.64 8.20 -70.71
C SER X 155 -23.71 7.12 -70.86
N TRP X 156 -24.26 6.70 -69.73
CA TRP X 156 -25.24 5.63 -69.69
C TRP X 156 -26.53 6.13 -69.06
N ASN X 157 -27.65 5.94 -69.77
CA ASN X 157 -28.97 6.37 -69.31
C ASN X 157 -29.00 7.86 -69.01
N SER X 158 -28.38 8.65 -69.89
CA SER X 158 -28.36 10.11 -69.79
C SER X 158 -27.78 10.59 -68.47
N GLY X 159 -26.85 9.83 -67.90
CA GLY X 159 -26.19 10.21 -66.67
C GLY X 159 -26.82 9.63 -65.41
N ALA X 160 -27.82 8.75 -65.53
CA ALA X 160 -28.41 8.13 -64.36
C ALA X 160 -27.52 7.03 -63.81
N LEU X 161 -27.06 6.13 -64.68
CA LEU X 161 -26.21 5.02 -64.29
C LEU X 161 -24.75 5.45 -64.37
N THR X 162 -24.08 5.49 -63.23
CA THR X 162 -22.67 5.88 -63.16
C THR X 162 -21.79 4.83 -62.51
N SER X 163 -22.25 4.18 -61.46
CA SER X 163 -21.44 3.19 -60.76
C SER X 163 -21.26 1.94 -61.62
N GLY X 164 -20.05 1.41 -61.62
CA GLY X 164 -19.72 0.24 -62.41
C GLY X 164 -19.30 0.52 -63.83
N VAL X 165 -19.31 1.78 -64.25
CA VAL X 165 -19.00 2.16 -65.62
C VAL X 165 -17.49 2.31 -65.79
N HIS X 166 -16.95 1.71 -66.84
CA HIS X 166 -15.53 1.84 -67.20
C HIS X 166 -15.44 2.23 -68.66
N THR X 167 -15.19 3.52 -68.93
CA THR X 167 -14.95 4.01 -70.27
C THR X 167 -13.45 3.96 -70.53
N PHE X 168 -13.03 3.17 -71.50
CA PHE X 168 -11.62 2.93 -71.75
C PHE X 168 -11.00 4.05 -72.59
N PRO X 169 -9.70 4.25 -72.48
CA PRO X 169 -9.02 5.18 -73.38
C PRO X 169 -9.06 4.70 -74.82
N ALA X 170 -9.15 5.65 -75.74
CA ALA X 170 -9.17 5.31 -77.15
C ALA X 170 -7.81 4.79 -77.60
N VAL X 171 -7.83 4.01 -78.68
CA VAL X 171 -6.62 3.51 -79.32
C VAL X 171 -6.67 3.91 -80.79
N LEU X 172 -5.48 4.16 -81.35
CA LEU X 172 -5.38 4.57 -82.74
C LEU X 172 -5.12 3.33 -83.59
N GLN X 173 -6.10 2.99 -84.43
CA GLN X 173 -6.02 1.80 -85.27
C GLN X 173 -5.09 2.04 -86.46
N SER X 174 -4.79 0.96 -87.18
CA SER X 174 -3.95 1.07 -88.36
C SER X 174 -4.59 1.96 -89.43
N SER X 175 -5.92 2.03 -89.43
CA SER X 175 -6.67 2.84 -90.39
C SER X 175 -6.64 4.32 -90.09
N GLY X 176 -5.86 4.76 -89.09
CA GLY X 176 -5.86 6.16 -88.71
C GLY X 176 -7.10 6.61 -87.98
N LEU X 177 -7.99 5.69 -87.58
CA LEU X 177 -9.21 6.01 -86.86
C LEU X 177 -9.11 5.48 -85.43
N TYR X 178 -9.83 6.14 -84.53
CA TYR X 178 -9.81 5.79 -83.12
C TYR X 178 -10.90 4.78 -82.79
N SER X 179 -10.63 3.92 -81.81
CA SER X 179 -11.56 2.90 -81.36
C SER X 179 -11.57 2.87 -79.84
N LEU X 180 -12.77 2.79 -79.26
CA LEU X 180 -12.94 2.93 -77.82
C LEU X 180 -14.10 2.06 -77.36
N SER X 181 -13.99 1.53 -76.15
CA SER X 181 -15.04 0.72 -75.55
C SER X 181 -15.47 1.33 -74.22
N SER X 182 -16.70 1.00 -73.83
CA SER X 182 -17.24 1.42 -72.54
C SER X 182 -18.13 0.31 -72.03
N VAL X 183 -17.85 -0.17 -70.81
CA VAL X 183 -18.56 -1.31 -70.24
C VAL X 183 -19.12 -0.92 -68.88
N VAL X 184 -20.01 -1.77 -68.38
CA VAL X 184 -20.62 -1.57 -67.06
C VAL X 184 -21.14 -2.91 -66.57
N THR X 185 -21.01 -3.14 -65.27
CA THR X 185 -21.49 -4.36 -64.62
C THR X 185 -22.80 -4.08 -63.91
N VAL X 186 -23.73 -5.02 -64.05
CA VAL X 186 -25.07 -4.91 -63.47
C VAL X 186 -25.50 -6.27 -62.93
N PRO X 187 -26.43 -6.28 -61.98
CA PRO X 187 -26.95 -7.55 -61.47
C PRO X 187 -27.65 -8.34 -62.56
N SER X 188 -27.46 -9.66 -62.55
CA SER X 188 -28.09 -10.51 -63.56
C SER X 188 -29.60 -10.50 -63.44
N SER X 189 -30.14 -10.22 -62.26
CA SER X 189 -31.58 -10.19 -62.05
C SER X 189 -32.25 -8.98 -62.69
N SER X 190 -31.48 -7.98 -63.12
CA SER X 190 -32.03 -6.78 -63.73
C SER X 190 -31.98 -6.80 -65.25
N LEU X 191 -31.49 -7.87 -65.85
CA LEU X 191 -31.47 -7.98 -67.30
C LEU X 191 -32.88 -8.23 -67.82
N GLY X 192 -33.32 -7.41 -68.77
CA GLY X 192 -34.68 -7.46 -69.25
C GLY X 192 -35.66 -6.61 -68.46
N THR X 193 -35.35 -6.30 -67.21
CA THR X 193 -36.16 -5.42 -66.40
C THR X 193 -35.69 -3.97 -66.49
N GLN X 194 -34.39 -3.75 -66.57
CA GLN X 194 -33.79 -2.43 -66.70
C GLN X 194 -33.47 -2.14 -68.15
N THR X 195 -33.55 -0.86 -68.51
CA THR X 195 -33.18 -0.39 -69.84
C THR X 195 -31.77 0.18 -69.78
N TYR X 196 -30.93 -0.21 -70.73
CA TYR X 196 -29.52 0.20 -70.77
C TYR X 196 -29.21 0.81 -72.12
N ILE X 197 -28.99 2.12 -72.14
CA ILE X 197 -28.71 2.86 -73.37
C ILE X 197 -27.47 3.71 -73.13
N CYS X 198 -26.45 3.51 -73.96
CA CYS X 198 -25.25 4.32 -73.91
C CYS X 198 -25.40 5.53 -74.82
N ASN X 199 -24.91 6.68 -74.35
CA ASN X 199 -25.07 7.95 -75.06
C ASN X 199 -23.70 8.41 -75.57
N VAL X 200 -23.42 8.13 -76.83
CA VAL X 200 -22.17 8.51 -77.46
C VAL X 200 -22.34 9.87 -78.12
N ASN X 201 -21.38 10.76 -77.89
CA ASN X 201 -21.42 12.12 -78.44
C ASN X 201 -20.05 12.42 -79.05
N HIS X 202 -20.04 12.77 -80.33
CA HIS X 202 -18.83 13.13 -81.05
C HIS X 202 -19.03 14.55 -81.59
N LYS X 203 -18.56 15.54 -80.83
CA LYS X 203 -18.75 16.93 -81.22
C LYS X 203 -18.11 17.30 -82.55
N PRO X 204 -16.87 16.88 -82.88
CA PRO X 204 -16.29 17.28 -84.18
C PRO X 204 -17.12 16.89 -85.39
N SER X 205 -17.99 15.88 -85.28
CA SER X 205 -18.87 15.49 -86.38
C SER X 205 -20.34 15.70 -86.05
N ASN X 206 -20.64 16.34 -84.93
CA ASN X 206 -22.03 16.60 -84.51
C ASN X 206 -22.86 15.33 -84.52
N THR X 207 -22.23 14.21 -84.15
CA THR X 207 -22.88 12.91 -84.14
C THR X 207 -23.27 12.57 -82.70
N LYS X 208 -24.55 12.31 -82.48
CA LYS X 208 -25.06 11.86 -81.20
C LYS X 208 -25.86 10.57 -81.42
N VAL X 209 -25.38 9.48 -80.85
CA VAL X 209 -25.95 8.16 -81.07
C VAL X 209 -26.40 7.59 -79.73
N ASP X 210 -27.63 7.09 -79.67
CA ASP X 210 -28.16 6.37 -78.53
C ASP X 210 -28.37 4.92 -78.95
N LYS X 211 -27.61 4.02 -78.34
CA LYS X 211 -27.69 2.59 -78.67
C LYS X 211 -28.20 1.82 -77.47
N LYS X 212 -29.26 1.04 -77.69
CA LYS X 212 -29.86 0.22 -76.64
C LYS X 212 -29.17 -1.14 -76.62
N VAL X 213 -28.76 -1.58 -75.44
CA VAL X 213 -28.00 -2.81 -75.26
C VAL X 213 -28.92 -3.84 -74.62
N GLU X 214 -29.26 -4.87 -75.38
CA GLU X 214 -30.11 -5.97 -74.95
C GLU X 214 -29.41 -7.29 -75.21
N PRO X 215 -29.73 -8.33 -74.45
CA PRO X 215 -29.26 -9.67 -74.79
C PRO X 215 -29.92 -10.16 -76.08
N LYS X 216 -29.19 -10.97 -76.83
CA LYS X 216 -29.67 -11.45 -78.11
C LYS X 216 -30.55 -12.70 -77.94
N SER X 217 -31.37 -12.96 -78.96
CA SER X 217 -32.23 -14.13 -78.95
C SER X 217 -31.95 -15.01 -80.16
N ILE Y 1 -28.58 -48.92 -5.78
CA ILE Y 1 -28.89 -47.81 -4.90
C ILE Y 1 -27.71 -46.84 -4.83
N LEU Y 2 -27.92 -45.64 -5.35
CA LEU Y 2 -26.89 -44.62 -5.42
C LEU Y 2 -27.06 -43.62 -4.29
N GLY Y 3 -25.96 -43.31 -3.61
CA GLY Y 3 -26.00 -42.32 -2.54
C GLY Y 3 -26.52 -42.85 -1.23
N GLY Y 4 -26.56 -44.17 -1.05
CA GLY Y 4 -27.02 -44.74 0.20
C GLY Y 4 -25.92 -45.49 0.92
N ARG Y 5 -26.29 -46.55 1.64
CA ARG Y 5 -25.32 -47.32 2.42
C ARG Y 5 -25.88 -48.72 2.62
N GLU Y 6 -25.01 -49.61 3.11
CA GLU Y 6 -25.45 -50.98 3.38
C GLU Y 6 -26.53 -50.97 4.44
N ALA Y 7 -27.61 -51.71 4.18
CA ALA Y 7 -28.72 -51.78 5.12
C ALA Y 7 -28.37 -52.71 6.28
N GLU Y 8 -29.20 -52.63 7.33
CA GLU Y 8 -29.14 -53.63 8.38
C GLU Y 8 -29.64 -54.97 7.84
N ALA Y 9 -28.85 -56.02 8.08
CA ALA Y 9 -29.15 -57.32 7.49
C ALA Y 9 -30.51 -57.81 7.96
N HIS Y 10 -31.36 -58.15 6.99
CA HIS Y 10 -32.67 -58.75 7.25
C HIS Y 10 -33.62 -57.79 7.97
N ALA Y 11 -33.28 -56.50 8.04
CA ALA Y 11 -34.20 -55.51 8.59
C ALA Y 11 -35.39 -55.28 7.66
N ARG Y 12 -35.31 -55.71 6.41
CA ARG Y 12 -36.39 -55.58 5.43
C ARG Y 12 -36.75 -56.99 4.96
N PRO Y 13 -37.51 -57.74 5.78
CA PRO Y 13 -37.76 -59.14 5.46
C PRO Y 13 -38.56 -59.35 4.18
N TYR Y 14 -39.21 -58.31 3.67
CA TYR Y 14 -39.95 -58.39 2.42
C TYR Y 14 -39.05 -58.31 1.20
N MET Y 15 -37.78 -57.98 1.37
CA MET Y 15 -36.88 -57.79 0.23
C MET Y 15 -36.60 -59.12 -0.45
N ALA Y 16 -36.70 -59.14 -1.76
CA ALA Y 16 -36.39 -60.30 -2.58
C ALA Y 16 -35.44 -59.92 -3.68
N SER Y 17 -34.60 -60.88 -4.08
CA SER Y 17 -33.73 -60.75 -5.24
C SER Y 17 -34.26 -61.69 -6.33
N VAL Y 18 -34.75 -61.12 -7.42
CA VAL Y 18 -35.16 -61.91 -8.57
C VAL Y 18 -33.92 -62.28 -9.37
N GLN Y 19 -33.69 -63.58 -9.52
CA GLN Y 19 -32.46 -64.08 -10.12
C GLN Y 19 -32.73 -64.68 -11.49
N LEU Y 20 -31.73 -64.59 -12.37
CA LEU Y 20 -31.79 -65.15 -13.71
C LEU Y 20 -30.51 -65.92 -13.95
N ASN Y 21 -30.61 -67.24 -14.06
CA ASN Y 21 -29.47 -68.12 -14.28
C ASN Y 21 -28.44 -67.98 -13.15
N GLY Y 22 -28.94 -67.90 -11.92
CA GLY Y 22 -28.08 -67.89 -10.75
C GLY Y 22 -27.45 -66.56 -10.40
N ALA Y 23 -27.89 -65.47 -11.02
CA ALA Y 23 -27.32 -64.16 -10.78
C ALA Y 23 -28.44 -63.16 -10.58
N HIS Y 24 -28.18 -62.15 -9.75
CA HIS Y 24 -29.17 -61.13 -9.46
C HIS Y 24 -29.55 -60.39 -10.74
N LEU Y 25 -30.85 -60.22 -10.95
CA LEU Y 25 -31.38 -59.51 -12.11
C LEU Y 25 -32.21 -58.30 -11.71
N CYS Y 26 -33.11 -58.46 -10.75
CA CYS Y 26 -34.01 -57.39 -10.36
C CYS Y 26 -34.39 -57.54 -8.90
N GLY Y 27 -34.89 -56.45 -8.32
CA GLY Y 27 -35.46 -56.53 -7.00
C GLY Y 27 -36.89 -57.03 -7.02
N GLY Y 28 -37.36 -57.45 -5.84
CA GLY Y 28 -38.72 -57.90 -5.69
C GLY Y 28 -39.16 -57.76 -4.25
N VAL Y 29 -40.46 -57.63 -4.05
CA VAL Y 29 -41.04 -57.46 -2.72
C VAL Y 29 -42.07 -58.57 -2.49
N LEU Y 30 -41.92 -59.27 -1.37
CA LEU Y 30 -42.86 -60.33 -1.01
C LEU Y 30 -44.18 -59.72 -0.57
N VAL Y 31 -45.25 -60.06 -1.28
CA VAL Y 31 -46.57 -59.50 -0.99
C VAL Y 31 -47.57 -60.55 -0.53
N ALA Y 32 -47.24 -61.83 -0.64
CA ALA Y 32 -48.09 -62.90 -0.14
C ALA Y 32 -47.19 -64.07 0.25
N GLU Y 33 -47.80 -65.12 0.80
CA GLU Y 33 -47.01 -66.28 1.21
C GLU Y 33 -46.28 -66.90 0.02
N GLN Y 34 -46.83 -66.76 -1.18
CA GLN Y 34 -46.31 -67.46 -2.35
C GLN Y 34 -46.14 -66.54 -3.57
N TRP Y 35 -46.22 -65.22 -3.40
CA TRP Y 35 -46.16 -64.30 -4.52
C TRP Y 35 -45.16 -63.18 -4.24
N VAL Y 36 -44.36 -62.86 -5.26
CA VAL Y 36 -43.42 -61.74 -5.21
C VAL Y 36 -43.78 -60.75 -6.30
N LEU Y 37 -43.86 -59.47 -5.94
CA LEU Y 37 -44.12 -58.41 -6.89
C LEU Y 37 -42.80 -57.86 -7.40
N SER Y 38 -42.75 -57.55 -8.69
CA SER Y 38 -41.53 -57.04 -9.31
C SER Y 38 -41.93 -56.18 -10.51
N ALA Y 39 -40.98 -55.93 -11.40
CA ALA Y 39 -41.22 -55.15 -12.61
C ALA Y 39 -41.31 -56.07 -13.81
N ALA Y 40 -42.16 -55.68 -14.77
CA ALA Y 40 -42.40 -56.52 -15.93
C ALA Y 40 -41.21 -56.51 -16.89
N HIS Y 41 -40.58 -55.35 -17.08
CA HIS Y 41 -39.47 -55.25 -18.02
C HIS Y 41 -38.26 -56.08 -17.60
N CYS Y 42 -38.22 -56.56 -16.36
CA CYS Y 42 -37.10 -57.37 -15.91
C CYS Y 42 -36.98 -58.66 -16.72
N LEU Y 43 -38.09 -59.14 -17.27
CA LEU Y 43 -38.13 -60.44 -17.94
C LEU Y 43 -38.33 -60.33 -19.44
N GLU Y 44 -38.22 -59.13 -20.00
CA GLU Y 44 -38.37 -58.96 -21.45
C GLU Y 44 -37.26 -59.69 -22.20
N ASP Y 45 -36.01 -59.35 -21.89
CA ASP Y 45 -34.85 -59.99 -22.50
C ASP Y 45 -34.39 -61.23 -21.76
N ALA Y 46 -35.27 -61.83 -20.95
CA ALA Y 46 -34.86 -62.97 -20.14
C ALA Y 46 -34.76 -64.26 -20.95
N ALA Y 47 -35.53 -64.38 -22.03
CA ALA Y 47 -35.49 -65.53 -22.94
C ALA Y 47 -35.77 -66.79 -22.12
N ASP Y 48 -35.04 -67.88 -22.35
CA ASP Y 48 -35.24 -69.13 -21.64
C ASP Y 48 -34.46 -69.20 -20.33
N GLY Y 49 -34.10 -68.05 -19.75
CA GLY Y 49 -33.34 -68.07 -18.52
C GLY Y 49 -34.17 -68.61 -17.36
N LYS Y 50 -33.47 -69.21 -16.40
CA LYS Y 50 -34.11 -69.82 -15.23
C LYS Y 50 -34.42 -68.73 -14.22
N VAL Y 51 -35.70 -68.37 -14.09
CA VAL Y 51 -36.12 -67.32 -13.16
C VAL Y 51 -36.30 -67.94 -11.79
N GLN Y 52 -35.59 -67.40 -10.80
CA GLN Y 52 -35.73 -67.82 -9.41
C GLN Y 52 -35.88 -66.58 -8.53
N VAL Y 53 -36.28 -66.81 -7.28
CA VAL Y 53 -36.47 -65.74 -6.31
C VAL Y 53 -35.74 -66.10 -5.02
N LEU Y 54 -34.88 -65.20 -4.56
CA LEU Y 54 -34.05 -65.42 -3.38
C LEU Y 54 -34.61 -64.59 -2.22
N LEU Y 55 -35.08 -65.27 -1.18
CA LEU Y 55 -35.71 -64.63 -0.04
C LEU Y 55 -34.81 -64.71 1.19
N GLY Y 56 -35.07 -63.81 2.13
CA GLY Y 56 -34.32 -63.80 3.38
C GLY Y 56 -32.84 -63.53 3.22
N ALA Y 57 -32.47 -62.77 2.19
CA ALA Y 57 -31.07 -62.55 1.87
C ALA Y 57 -30.63 -61.15 2.26
N HIS Y 58 -29.34 -61.03 2.58
CA HIS Y 58 -28.65 -59.75 2.70
C HIS Y 58 -27.44 -59.72 1.79
N SER Y 59 -26.53 -60.68 1.94
CA SER Y 59 -25.45 -60.88 0.99
C SER Y 59 -25.89 -61.87 -0.08
N LEU Y 60 -25.60 -61.55 -1.34
CA LEU Y 60 -25.97 -62.43 -2.44
C LEU Y 60 -25.10 -63.69 -2.49
N SER Y 61 -23.94 -63.67 -1.84
CA SER Y 61 -22.96 -64.76 -1.96
C SER Y 61 -22.62 -65.42 -0.63
N GLN Y 62 -22.51 -64.65 0.45
CA GLN Y 62 -22.18 -65.23 1.74
C GLN Y 62 -23.28 -66.18 2.21
N PRO Y 63 -22.94 -67.23 2.95
CA PRO Y 63 -23.97 -68.12 3.49
C PRO Y 63 -24.70 -67.48 4.66
N GLU Y 64 -26.03 -67.53 4.60
CA GLU Y 64 -26.88 -67.00 5.65
C GLU Y 64 -27.98 -68.02 5.93
N PRO Y 65 -28.26 -68.34 7.20
CA PRO Y 65 -29.28 -69.36 7.50
C PRO Y 65 -30.66 -69.03 6.97
N SER Y 66 -31.01 -67.74 6.88
CA SER Y 66 -32.33 -67.36 6.42
C SER Y 66 -32.48 -67.38 4.91
N LYS Y 67 -31.37 -67.40 4.17
CA LYS Y 67 -31.43 -67.40 2.71
C LYS Y 67 -32.07 -68.69 2.20
N ARG Y 68 -32.94 -68.54 1.20
CA ARG Y 68 -33.51 -69.68 0.51
C ARG Y 68 -33.85 -69.28 -0.90
N LEU Y 69 -33.50 -70.13 -1.86
CA LEU Y 69 -33.73 -69.86 -3.28
C LEU Y 69 -34.94 -70.66 -3.76
N TYR Y 70 -35.98 -69.96 -4.20
CA TYR Y 70 -37.23 -70.57 -4.61
C TYR Y 70 -37.32 -70.59 -6.13
N ASP Y 71 -37.71 -71.74 -6.69
CA ASP Y 71 -38.06 -71.78 -8.09
C ASP Y 71 -39.37 -71.02 -8.31
N VAL Y 72 -39.59 -70.57 -9.54
CA VAL Y 72 -40.79 -69.85 -9.90
C VAL Y 72 -41.70 -70.79 -10.67
N LEU Y 73 -42.92 -70.97 -10.17
CA LEU Y 73 -43.88 -71.88 -10.80
C LEU Y 73 -44.64 -71.22 -11.94
N ARG Y 74 -44.72 -69.90 -11.96
CA ARG Y 74 -45.64 -69.19 -12.82
C ARG Y 74 -45.38 -67.69 -12.74
N ALA Y 75 -45.26 -67.01 -13.87
CA ALA Y 75 -44.94 -65.59 -13.91
C ALA Y 75 -46.03 -64.85 -14.67
N VAL Y 76 -46.60 -63.81 -14.05
CA VAL Y 76 -47.71 -63.08 -14.63
C VAL Y 76 -47.33 -61.62 -14.80
N PRO Y 77 -46.77 -61.23 -15.95
CA PRO Y 77 -46.62 -59.81 -16.25
C PRO Y 77 -47.99 -59.17 -16.45
N HIS Y 78 -48.08 -57.89 -16.11
CA HIS Y 78 -49.32 -57.17 -16.33
C HIS Y 78 -49.66 -57.22 -17.82
N PRO Y 79 -50.88 -57.57 -18.20
CA PRO Y 79 -51.18 -57.81 -19.62
C PRO Y 79 -50.95 -56.61 -20.51
N ASP Y 80 -50.97 -55.39 -19.98
CA ASP Y 80 -50.84 -54.19 -20.79
C ASP Y 80 -49.42 -53.65 -20.83
N SER Y 81 -48.45 -54.37 -20.26
CA SER Y 81 -47.06 -53.94 -20.34
C SER Y 81 -46.46 -54.32 -21.69
N GLN Y 82 -45.55 -53.48 -22.17
CA GLN Y 82 -44.85 -53.70 -23.42
C GLN Y 82 -43.53 -52.97 -23.36
N PRO Y 83 -42.54 -53.39 -24.16
CA PRO Y 83 -41.18 -52.83 -24.00
C PRO Y 83 -41.05 -51.38 -24.44
N ASP Y 84 -42.02 -50.82 -25.17
CA ASP Y 84 -41.92 -49.45 -25.66
C ASP Y 84 -42.26 -48.42 -24.60
N THR Y 85 -43.00 -48.80 -23.56
CA THR Y 85 -43.50 -47.87 -22.56
C THR Y 85 -43.06 -48.31 -21.17
N ILE Y 86 -43.14 -47.37 -20.23
CA ILE Y 86 -42.94 -47.68 -18.81
C ILE Y 86 -44.25 -47.90 -18.09
N ASP Y 87 -45.36 -47.99 -18.83
CA ASP Y 87 -46.68 -48.13 -18.23
C ASP Y 87 -46.92 -49.56 -17.78
N HIS Y 88 -47.60 -49.71 -16.64
CA HIS Y 88 -48.04 -51.01 -16.13
C HIS Y 88 -46.88 -51.97 -15.94
N ASP Y 89 -45.73 -51.45 -15.49
CA ASP Y 89 -44.51 -52.23 -15.40
C ASP Y 89 -44.47 -53.05 -14.11
N LEU Y 90 -45.48 -53.90 -13.95
CA LEU Y 90 -45.60 -54.77 -12.79
C LEU Y 90 -45.55 -56.23 -13.20
N LEU Y 91 -44.87 -57.05 -12.39
CA LEU Y 91 -44.72 -58.48 -12.63
C LEU Y 91 -45.00 -59.21 -11.33
N LEU Y 92 -45.76 -60.31 -11.43
CA LEU Y 92 -46.09 -61.13 -10.27
C LEU Y 92 -45.55 -62.54 -10.49
N LEU Y 93 -44.75 -63.01 -9.54
CA LEU Y 93 -44.10 -64.31 -9.63
C LEU Y 93 -44.66 -65.23 -8.54
N GLN Y 94 -45.15 -66.40 -8.95
CA GLN Y 94 -45.61 -67.40 -8.00
C GLN Y 94 -44.48 -68.35 -7.65
N LEU Y 95 -44.24 -68.51 -6.35
CA LEU Y 95 -43.15 -69.37 -5.90
C LEU Y 95 -43.55 -70.84 -6.01
N SER Y 96 -42.53 -71.70 -6.11
CA SER Y 96 -42.77 -73.14 -6.23
C SER Y 96 -43.57 -73.67 -5.05
N GLU Y 97 -43.37 -73.10 -3.87
CA GLU Y 97 -44.15 -73.44 -2.69
C GLU Y 97 -44.28 -72.19 -1.83
N LYS Y 98 -45.09 -72.28 -0.78
CA LYS Y 98 -45.23 -71.14 0.12
C LYS Y 98 -43.90 -70.85 0.80
N ALA Y 99 -43.61 -69.55 0.94
CA ALA Y 99 -42.34 -69.14 1.52
C ALA Y 99 -42.30 -69.46 3.01
N THR Y 100 -41.13 -69.91 3.48
CA THR Y 100 -40.92 -70.16 4.89
C THR Y 100 -40.82 -68.83 5.62
N LEU Y 101 -41.93 -68.40 6.21
CA LEU Y 101 -41.94 -67.13 6.92
C LEU Y 101 -41.12 -67.22 8.20
N GLY Y 102 -40.53 -66.10 8.58
CA GLY Y 102 -39.73 -66.03 9.78
C GLY Y 102 -39.36 -64.60 10.08
N PRO Y 103 -38.45 -64.39 11.04
CA PRO Y 103 -38.03 -63.02 11.36
C PRO Y 103 -37.27 -62.35 10.22
N ALA Y 104 -36.79 -63.10 9.23
CA ALA Y 104 -36.08 -62.54 8.09
C ALA Y 104 -36.85 -62.67 6.78
N VAL Y 105 -38.01 -63.32 6.79
CA VAL Y 105 -38.85 -63.45 5.60
C VAL Y 105 -40.29 -63.17 6.03
N ARG Y 106 -40.85 -62.07 5.52
CA ARG Y 106 -42.20 -61.70 5.89
C ARG Y 106 -42.81 -60.80 4.82
N PRO Y 107 -44.05 -61.05 4.41
CA PRO Y 107 -44.67 -60.21 3.38
C PRO Y 107 -44.91 -58.80 3.88
N LEU Y 108 -44.83 -57.85 2.96
CA LEU Y 108 -45.05 -56.43 3.25
C LEU Y 108 -46.42 -56.01 2.76
N PRO Y 109 -47.27 -55.45 3.61
CA PRO Y 109 -48.56 -54.94 3.13
C PRO Y 109 -48.36 -53.78 2.18
N TRP Y 110 -49.13 -53.75 1.11
CA TRP Y 110 -49.00 -52.74 0.08
C TRP Y 110 -50.19 -51.79 0.11
N GLN Y 111 -49.94 -50.57 -0.37
CA GLN Y 111 -50.90 -49.48 -0.25
C GLN Y 111 -52.11 -49.75 -1.15
N ARG Y 112 -53.31 -49.75 -0.54
CA ARG Y 112 -54.54 -49.98 -1.28
C ARG Y 112 -55.34 -48.71 -1.51
N VAL Y 113 -55.05 -47.64 -0.78
CA VAL Y 113 -55.75 -46.37 -0.95
C VAL Y 113 -55.03 -45.56 -2.04
N ASP Y 114 -55.78 -45.18 -3.07
CA ASP Y 114 -55.22 -44.53 -4.25
C ASP Y 114 -55.09 -43.03 -3.98
N ARG Y 115 -54.02 -42.67 -3.26
CA ARG Y 115 -53.72 -41.27 -2.96
C ARG Y 115 -52.24 -41.02 -3.15
N ASP Y 116 -51.91 -39.86 -3.72
CA ASP Y 116 -50.52 -39.49 -3.94
C ASP Y 116 -49.83 -39.19 -2.63
N VAL Y 117 -48.60 -39.69 -2.49
CA VAL Y 117 -47.77 -39.33 -1.34
C VAL Y 117 -47.41 -37.86 -1.43
N ALA Y 118 -47.50 -37.15 -0.31
CA ALA Y 118 -47.22 -35.72 -0.31
C ALA Y 118 -45.79 -35.45 -0.75
N PRO Y 119 -45.57 -34.52 -1.68
CA PRO Y 119 -44.21 -34.20 -2.12
C PRO Y 119 -43.34 -33.76 -0.96
N GLY Y 120 -42.06 -34.14 -1.02
CA GLY Y 120 -41.12 -33.88 0.05
C GLY Y 120 -40.99 -35.00 1.06
N THR Y 121 -41.90 -35.97 1.04
CA THR Y 121 -41.82 -37.09 1.97
C THR Y 121 -40.65 -38.00 1.62
N LEU Y 122 -39.91 -38.41 2.65
CA LEU Y 122 -38.79 -39.33 2.48
C LEU Y 122 -39.30 -40.77 2.53
N CYS Y 123 -39.07 -41.51 1.44
CA CYS Y 123 -39.45 -42.91 1.37
C CYS Y 123 -38.21 -43.77 1.14
N ASP Y 124 -38.23 -44.97 1.70
CA ASP Y 124 -37.09 -45.88 1.65
C ASP Y 124 -37.18 -46.73 0.40
N VAL Y 125 -36.03 -46.99 -0.21
CA VAL Y 125 -35.91 -47.84 -1.40
C VAL Y 125 -34.61 -48.61 -1.30
N ALA Y 126 -34.68 -49.92 -1.54
CA ALA Y 126 -33.53 -50.80 -1.34
C ALA Y 126 -33.38 -51.73 -2.53
N GLY Y 127 -32.14 -52.14 -2.78
CA GLY Y 127 -31.86 -53.06 -3.87
C GLY Y 127 -30.40 -53.44 -3.89
N TRP Y 128 -30.06 -54.33 -4.82
CA TRP Y 128 -28.69 -54.75 -5.08
C TRP Y 128 -28.15 -54.18 -6.39
N GLY Y 129 -28.68 -53.03 -6.82
CA GLY Y 129 -28.29 -52.43 -8.07
C GLY Y 129 -27.07 -51.53 -7.94
N ILE Y 130 -26.68 -50.95 -9.08
CA ILE Y 130 -25.54 -50.05 -9.23
C ILE Y 130 -25.44 -49.07 -8.06
N VAL Y 131 -24.23 -48.93 -7.50
CA VAL Y 131 -24.00 -48.05 -6.36
C VAL Y 131 -23.10 -46.87 -6.68
N ASN Y 132 -22.47 -46.83 -7.85
CA ASN Y 132 -21.62 -45.71 -8.21
C ASN Y 132 -21.74 -45.44 -9.70
N HIS Y 133 -21.29 -44.26 -10.11
CA HIS Y 133 -21.37 -43.88 -11.51
C HIS Y 133 -20.54 -44.79 -12.41
N ALA Y 134 -19.61 -45.56 -11.85
CA ALA Y 134 -18.87 -46.54 -12.63
C ALA Y 134 -19.73 -47.71 -13.08
N GLY Y 135 -20.95 -47.85 -12.54
CA GLY Y 135 -21.85 -48.91 -12.97
C GLY Y 135 -21.62 -50.24 -12.31
N ARG Y 136 -20.92 -50.29 -11.18
CA ARG Y 136 -20.62 -51.54 -10.50
C ARG Y 136 -21.66 -51.83 -9.42
N ARG Y 137 -21.79 -53.12 -9.10
CA ARG Y 137 -22.88 -53.62 -8.27
C ARG Y 137 -22.38 -54.09 -6.91
N PRO Y 138 -23.26 -54.10 -5.88
CA PRO Y 138 -22.84 -54.52 -4.54
C PRO Y 138 -23.27 -55.94 -4.22
N ASP Y 139 -22.60 -56.56 -3.24
CA ASP Y 139 -22.94 -57.89 -2.78
C ASP Y 139 -23.99 -57.89 -1.67
N SER Y 140 -23.98 -56.88 -0.81
CA SER Y 140 -24.95 -56.76 0.27
C SER Y 140 -26.02 -55.73 -0.09
N LEU Y 141 -27.20 -55.88 0.50
CA LEU Y 141 -28.32 -55.00 0.21
C LEU Y 141 -28.02 -53.56 0.64
N GLN Y 142 -28.30 -52.62 -0.26
CA GLN Y 142 -28.15 -51.19 0.00
C GLN Y 142 -29.52 -50.54 0.04
N HIS Y 143 -29.60 -49.38 0.69
CA HIS Y 143 -30.86 -48.65 0.79
C HIS Y 143 -30.61 -47.16 0.91
N VAL Y 144 -31.62 -46.37 0.58
CA VAL Y 144 -31.53 -44.92 0.64
C VAL Y 144 -32.93 -44.34 0.84
N LEU Y 145 -32.98 -43.13 1.38
CA LEU Y 145 -34.22 -42.37 1.54
C LEU Y 145 -34.32 -41.32 0.44
N LEU Y 146 -35.45 -41.29 -0.25
CA LEU Y 146 -35.63 -40.39 -1.38
C LEU Y 146 -36.86 -39.51 -1.15
N PRO Y 147 -36.75 -38.20 -1.33
CA PRO Y 147 -37.94 -37.36 -1.25
C PRO Y 147 -38.82 -37.53 -2.47
N VAL Y 148 -40.13 -37.64 -2.24
CA VAL Y 148 -41.07 -37.75 -3.34
C VAL Y 148 -41.14 -36.41 -4.07
N LEU Y 149 -41.23 -36.48 -5.39
CA LEU Y 149 -41.25 -35.31 -6.26
C LEU Y 149 -42.62 -35.21 -6.93
N ASP Y 150 -43.19 -34.00 -6.94
CA ASP Y 150 -44.53 -33.83 -7.49
C ASP Y 150 -44.55 -34.10 -8.99
N ARG Y 151 -45.72 -34.52 -9.48
CA ARG Y 151 -45.82 -35.03 -10.84
C ARG Y 151 -45.69 -33.92 -11.88
N ALA Y 152 -46.18 -32.72 -11.58
CA ALA Y 152 -46.06 -31.60 -12.52
C ALA Y 152 -44.59 -31.30 -12.82
N THR Y 153 -43.79 -31.14 -11.76
CA THR Y 153 -42.35 -30.95 -11.95
C THR Y 153 -41.74 -32.11 -12.74
N CYS Y 154 -42.12 -33.34 -12.38
CA CYS Y 154 -41.53 -34.50 -13.01
C CYS Y 154 -41.87 -34.61 -14.50
N ASN Y 155 -42.92 -33.93 -14.95
CA ASN Y 155 -43.35 -33.99 -16.34
C ASN Y 155 -42.80 -32.86 -17.20
N ARG Y 156 -41.95 -32.00 -16.66
CA ARG Y 156 -41.39 -30.91 -17.44
C ARG Y 156 -40.55 -31.45 -18.59
N ARG Y 157 -40.41 -30.65 -19.64
CA ARG Y 157 -39.60 -31.05 -20.79
C ARG Y 157 -38.17 -31.38 -20.38
N THR Y 158 -37.63 -30.68 -19.38
CA THR Y 158 -36.30 -30.99 -18.89
C THR Y 158 -36.25 -32.32 -18.16
N HIS Y 159 -37.39 -32.81 -17.67
CA HIS Y 159 -37.40 -34.04 -16.90
C HIS Y 159 -37.91 -35.20 -17.75
N HIS Y 160 -39.12 -35.69 -17.45
CA HIS Y 160 -39.65 -36.85 -18.16
C HIS Y 160 -40.73 -36.50 -19.17
N ASP Y 161 -41.03 -35.21 -19.35
CA ASP Y 161 -41.74 -34.72 -20.53
C ASP Y 161 -43.10 -35.40 -20.71
N GLY Y 162 -43.90 -35.37 -19.66
CA GLY Y 162 -45.26 -35.87 -19.75
C GLY Y 162 -45.41 -37.37 -19.76
N ALA Y 163 -44.39 -38.12 -19.37
CA ALA Y 163 -44.47 -39.57 -19.32
C ALA Y 163 -44.95 -40.10 -17.98
N ILE Y 164 -45.19 -39.24 -17.01
CA ILE Y 164 -45.57 -39.64 -15.67
C ILE Y 164 -47.09 -39.56 -15.58
N THR Y 165 -47.76 -40.70 -15.74
CA THR Y 165 -49.19 -40.76 -15.60
C THR Y 165 -49.59 -40.66 -14.13
N GLU Y 166 -50.89 -40.74 -13.87
CA GLU Y 166 -51.37 -40.77 -12.51
C GLU Y 166 -51.14 -42.12 -11.83
N ARG Y 167 -50.74 -43.14 -12.59
CA ARG Y 167 -50.37 -44.43 -12.04
C ARG Y 167 -48.86 -44.54 -11.78
N LEU Y 168 -48.14 -43.43 -11.88
CA LEU Y 168 -46.71 -43.38 -11.63
C LEU Y 168 -46.40 -42.26 -10.64
N MET Y 169 -45.27 -42.40 -9.96
CA MET Y 169 -44.82 -41.38 -9.03
C MET Y 169 -43.31 -41.23 -9.15
N CYS Y 170 -42.81 -40.05 -8.78
CA CYS Y 170 -41.41 -39.72 -8.93
C CYS Y 170 -40.76 -39.43 -7.58
N ALA Y 171 -39.46 -39.64 -7.52
CA ALA Y 171 -38.65 -39.21 -6.40
C ALA Y 171 -37.40 -38.52 -6.95
N GLU Y 172 -36.87 -37.58 -6.17
CA GLU Y 172 -35.68 -36.85 -6.57
C GLU Y 172 -34.52 -37.81 -6.81
N SER Y 173 -33.54 -37.35 -7.59
CA SER Y 173 -32.42 -38.18 -7.99
C SER Y 173 -31.09 -37.42 -7.92
N ASN Y 174 -31.01 -36.42 -7.05
CA ASN Y 174 -29.78 -35.63 -6.91
C ASN Y 174 -28.82 -36.37 -5.99
N ARG Y 175 -27.89 -37.11 -6.59
CA ARG Y 175 -26.87 -37.88 -5.89
C ARG Y 175 -27.45 -39.03 -5.06
N ARG Y 176 -28.76 -39.04 -4.87
CA ARG Y 176 -29.48 -40.14 -4.21
C ARG Y 176 -30.53 -40.66 -5.18
N ASP Y 177 -30.42 -41.92 -5.58
CA ASP Y 177 -31.33 -42.45 -6.58
C ASP Y 177 -31.37 -43.98 -6.50
N SER Y 178 -32.34 -44.55 -7.19
CA SER Y 178 -32.35 -45.97 -7.53
C SER Y 178 -31.82 -46.15 -8.95
N CYS Y 179 -31.12 -47.25 -9.18
CA CYS Y 179 -30.38 -47.46 -10.42
C CYS Y 179 -30.80 -48.78 -11.07
N LYS Y 180 -30.16 -49.10 -12.19
CA LYS Y 180 -30.36 -50.39 -12.84
C LYS Y 180 -30.02 -51.51 -11.89
N GLY Y 181 -30.87 -52.54 -11.87
CA GLY Y 181 -30.75 -53.61 -10.91
C GLY Y 181 -31.56 -53.41 -9.65
N ASP Y 182 -32.05 -52.21 -9.41
CA ASP Y 182 -33.02 -51.94 -8.36
C ASP Y 182 -34.46 -52.02 -8.87
N SER Y 183 -34.64 -52.27 -10.17
CA SER Y 183 -35.97 -52.40 -10.73
C SER Y 183 -36.72 -53.53 -10.05
N GLY Y 184 -38.04 -53.36 -9.93
CA GLY Y 184 -38.86 -54.32 -9.21
C GLY Y 184 -38.73 -54.26 -7.70
N GLY Y 185 -37.83 -53.45 -7.17
CA GLY Y 185 -37.68 -53.32 -5.74
C GLY Y 185 -38.72 -52.42 -5.13
N PRO Y 186 -38.71 -52.34 -3.80
CA PRO Y 186 -39.76 -51.60 -3.09
C PRO Y 186 -39.43 -50.13 -2.88
N LEU Y 187 -40.47 -49.30 -2.95
CA LEU Y 187 -40.44 -47.93 -2.45
C LEU Y 187 -41.44 -47.85 -1.31
N VAL Y 188 -40.93 -47.82 -0.08
CA VAL Y 188 -41.75 -47.91 1.12
C VAL Y 188 -41.92 -46.53 1.72
N CYS Y 189 -43.17 -46.09 1.86
CA CYS Y 189 -43.51 -44.85 2.52
C CYS Y 189 -44.39 -45.18 3.72
N GLY Y 190 -43.94 -44.81 4.92
CA GLY Y 190 -44.70 -45.10 6.11
C GLY Y 190 -44.86 -46.59 6.38
N GLY Y 191 -43.79 -47.36 6.21
CA GLY Y 191 -43.83 -48.77 6.48
C GLY Y 191 -44.71 -49.59 5.56
N VAL Y 192 -45.26 -48.98 4.51
CA VAL Y 192 -46.17 -49.64 3.58
C VAL Y 192 -45.61 -49.51 2.17
N LEU Y 193 -45.72 -50.57 1.39
CA LEU Y 193 -45.29 -50.52 0.00
C LEU Y 193 -46.15 -49.53 -0.77
N GLU Y 194 -45.52 -48.46 -1.27
CA GLU Y 194 -46.22 -47.49 -2.10
C GLU Y 194 -45.87 -47.60 -3.58
N GLY Y 195 -44.61 -47.88 -3.90
CA GLY Y 195 -44.19 -47.92 -5.28
C GLY Y 195 -43.27 -49.08 -5.56
N VAL Y 196 -43.18 -49.42 -6.85
CA VAL Y 196 -42.24 -50.41 -7.35
C VAL Y 196 -41.27 -49.69 -8.28
N VAL Y 197 -39.97 -49.91 -8.06
CA VAL Y 197 -38.97 -49.28 -8.90
C VAL Y 197 -39.09 -49.81 -10.32
N THR Y 198 -39.16 -48.88 -11.28
CA THR Y 198 -39.11 -49.30 -12.68
C THR Y 198 -37.72 -49.03 -13.24
N SER Y 199 -37.34 -47.75 -13.41
CA SER Y 199 -36.03 -47.38 -13.93
C SER Y 199 -35.78 -48.04 -15.28
N GLY Y 200 -34.75 -48.89 -15.37
CA GLY Y 200 -34.52 -49.67 -16.55
C GLY Y 200 -33.65 -49.00 -17.60
N SER Y 201 -34.23 -48.10 -18.38
CA SER Y 201 -33.53 -47.40 -19.46
C SER Y 201 -33.02 -46.04 -19.03
N ARG Y 202 -32.93 -45.78 -17.73
CA ARG Y 202 -32.60 -44.46 -17.21
C ARG Y 202 -31.30 -44.52 -16.43
N VAL Y 203 -30.39 -43.60 -16.72
CA VAL Y 203 -29.17 -43.47 -15.95
C VAL Y 203 -29.48 -42.72 -14.67
N CYS Y 204 -28.90 -43.17 -13.56
CA CYS Y 204 -29.25 -42.67 -12.24
C CYS Y 204 -28.23 -41.64 -11.75
N GLY Y 205 -28.67 -40.79 -10.84
CA GLY Y 205 -27.83 -39.77 -10.25
C GLY Y 205 -27.96 -38.39 -10.86
N ASN Y 206 -28.67 -38.27 -11.97
CA ASN Y 206 -28.86 -36.98 -12.63
C ASN Y 206 -30.12 -36.32 -12.07
N ARG Y 207 -29.94 -35.16 -11.44
CA ARG Y 207 -31.06 -34.46 -10.82
C ARG Y 207 -32.16 -34.11 -11.82
N LYS Y 208 -31.81 -34.00 -13.10
CA LYS Y 208 -32.79 -33.60 -14.11
C LYS Y 208 -33.62 -34.77 -14.63
N LYS Y 209 -33.24 -36.01 -14.30
CA LYS Y 209 -34.00 -37.20 -14.67
C LYS Y 209 -34.42 -37.92 -13.39
N PRO Y 210 -35.54 -37.55 -12.80
CA PRO Y 210 -35.95 -38.16 -11.53
C PRO Y 210 -36.22 -39.65 -11.66
N GLY Y 211 -36.16 -40.34 -10.53
CA GLY Y 211 -36.51 -41.75 -10.51
C GLY Y 211 -38.00 -41.95 -10.63
N ILE Y 212 -38.39 -43.00 -11.34
CA ILE Y 212 -39.79 -43.32 -11.60
C ILE Y 212 -40.17 -44.56 -10.82
N TYR Y 213 -41.41 -44.59 -10.34
CA TYR Y 213 -41.90 -45.71 -9.54
C TYR Y 213 -43.37 -45.94 -9.87
N THR Y 214 -43.74 -47.21 -10.03
CA THR Y 214 -45.12 -47.60 -10.31
C THR Y 214 -45.92 -47.63 -9.01
N ARG Y 215 -47.07 -46.96 -9.00
CA ARG Y 215 -47.92 -46.89 -7.81
C ARG Y 215 -48.76 -48.15 -7.71
N VAL Y 216 -48.54 -48.95 -6.66
CA VAL Y 216 -49.25 -50.22 -6.54
C VAL Y 216 -50.74 -50.00 -6.34
N ALA Y 217 -51.13 -48.89 -5.70
CA ALA Y 217 -52.55 -48.65 -5.45
C ALA Y 217 -53.35 -48.56 -6.74
N SER Y 218 -52.73 -48.09 -7.82
CA SER Y 218 -53.41 -48.02 -9.11
C SER Y 218 -53.64 -49.38 -9.74
N TYR Y 219 -53.08 -50.45 -9.16
CA TYR Y 219 -53.19 -51.79 -9.74
C TYR Y 219 -53.69 -52.79 -8.70
N ALA Y 220 -54.41 -52.30 -7.69
CA ALA Y 220 -54.90 -53.19 -6.63
C ALA Y 220 -55.81 -54.26 -7.20
N ALA Y 221 -56.74 -53.88 -8.07
CA ALA Y 221 -57.67 -54.85 -8.65
C ALA Y 221 -56.94 -55.98 -9.35
N TRP Y 222 -55.91 -55.65 -10.13
CA TRP Y 222 -55.17 -56.68 -10.85
C TRP Y 222 -54.39 -57.56 -9.89
N ILE Y 223 -53.70 -56.95 -8.92
CA ILE Y 223 -52.93 -57.73 -7.94
C ILE Y 223 -53.85 -58.67 -7.18
N ASP Y 224 -55.02 -58.17 -6.76
CA ASP Y 224 -55.98 -59.03 -6.08
C ASP Y 224 -56.40 -60.21 -6.95
N SER Y 225 -56.65 -59.96 -8.24
CA SER Y 225 -57.13 -61.03 -9.11
C SER Y 225 -56.08 -62.12 -9.28
N VAL Y 226 -54.81 -61.74 -9.40
CA VAL Y 226 -53.76 -62.73 -9.57
C VAL Y 226 -53.54 -63.52 -8.28
N LEU Y 227 -53.66 -62.85 -7.14
CA LEU Y 227 -53.37 -63.49 -5.85
C LEU Y 227 -54.56 -64.25 -5.29
N ALA Y 228 -55.74 -64.14 -5.90
CA ALA Y 228 -56.94 -64.81 -5.40
C ALA Y 228 -56.82 -66.33 -5.54
N ASP Z 1 -29.16 -14.50 -17.07
CA ASP Z 1 -30.01 -14.71 -18.24
C ASP Z 1 -29.22 -15.30 -19.40
N ILE Z 2 -29.81 -16.29 -20.08
CA ILE Z 2 -29.21 -16.91 -21.24
C ILE Z 2 -29.87 -16.34 -22.49
N GLN Z 3 -29.06 -15.87 -23.43
CA GLN Z 3 -29.54 -15.23 -24.65
C GLN Z 3 -29.55 -16.26 -25.77
N MET Z 4 -30.65 -16.31 -26.53
CA MET Z 4 -30.78 -17.17 -27.70
C MET Z 4 -30.72 -16.28 -28.93
N THR Z 5 -29.61 -16.35 -29.65
CA THR Z 5 -29.36 -15.50 -30.81
C THR Z 5 -29.65 -16.30 -32.07
N GLN Z 6 -30.77 -16.02 -32.72
CA GLN Z 6 -31.26 -16.80 -33.84
C GLN Z 6 -30.82 -16.16 -35.16
N SER Z 7 -30.34 -16.99 -36.08
CA SER Z 7 -29.86 -16.53 -37.38
C SER Z 7 -30.37 -17.47 -38.47
N PRO Z 8 -30.75 -16.92 -39.63
CA PRO Z 8 -30.79 -15.48 -39.89
C PRO Z 8 -32.16 -14.88 -39.56
N SER Z 9 -32.29 -13.56 -39.70
CA SER Z 9 -33.58 -12.93 -39.46
C SER Z 9 -34.59 -13.35 -40.53
N SER Z 10 -34.23 -13.17 -41.80
CA SER Z 10 -35.06 -13.61 -42.91
C SER Z 10 -34.24 -14.54 -43.80
N LEU Z 11 -34.95 -15.36 -44.58
CA LEU Z 11 -34.32 -16.39 -45.39
C LEU Z 11 -35.20 -16.66 -46.59
N SER Z 12 -34.62 -16.59 -47.79
CA SER Z 12 -35.35 -16.80 -49.03
C SER Z 12 -34.87 -18.10 -49.68
N ALA Z 13 -35.80 -18.98 -49.99
CA ALA Z 13 -35.47 -20.24 -50.64
C ALA Z 13 -36.62 -20.65 -51.55
N SER Z 14 -36.39 -21.73 -52.29
CA SER Z 14 -37.35 -22.28 -53.23
C SER Z 14 -37.99 -23.54 -52.66
N VAL Z 15 -39.17 -23.89 -53.18
CA VAL Z 15 -39.79 -25.14 -52.79
C VAL Z 15 -38.88 -26.30 -53.20
N GLY Z 16 -38.69 -27.24 -52.28
CA GLY Z 16 -37.79 -28.35 -52.50
C GLY Z 16 -36.37 -28.11 -52.05
N ASP Z 17 -36.03 -26.88 -51.64
CA ASP Z 17 -34.69 -26.59 -51.17
C ASP Z 17 -34.49 -27.06 -49.75
N ARG Z 18 -33.27 -27.47 -49.44
CA ARG Z 18 -32.87 -27.73 -48.07
C ARG Z 18 -32.48 -26.41 -47.40
N VAL Z 19 -32.93 -26.23 -46.16
CA VAL Z 19 -32.81 -24.94 -45.50
C VAL Z 19 -32.41 -25.16 -44.04
N THR Z 20 -31.55 -24.27 -43.53
CA THR Z 20 -31.01 -24.38 -42.19
C THR Z 20 -31.29 -23.10 -41.41
N ILE Z 21 -31.72 -23.28 -40.16
CA ILE Z 21 -31.97 -22.19 -39.22
C ILE Z 21 -31.17 -22.45 -37.96
N THR Z 22 -30.57 -21.40 -37.41
CA THR Z 22 -29.54 -21.52 -36.39
C THR Z 22 -29.92 -20.74 -35.14
N CYS Z 23 -29.55 -21.27 -33.98
CA CYS Z 23 -29.85 -20.66 -32.70
C CYS Z 23 -28.67 -20.89 -31.77
N LYS Z 24 -28.02 -19.81 -31.35
CA LYS Z 24 -26.80 -19.88 -30.55
C LYS Z 24 -27.08 -19.36 -29.14
N ALA Z 25 -26.74 -20.16 -28.15
CA ALA Z 25 -26.95 -19.80 -26.75
C ALA Z 25 -25.69 -19.18 -26.16
N SER Z 26 -25.88 -18.17 -25.30
CA SER Z 26 -24.74 -17.47 -24.70
C SER Z 26 -24.02 -18.32 -23.67
N GLN Z 27 -24.53 -19.51 -23.36
CA GLN Z 27 -23.85 -20.48 -22.52
C GLN Z 27 -24.56 -21.82 -22.68
N ASN Z 28 -23.94 -22.86 -22.13
CA ASN Z 28 -24.47 -24.21 -22.31
C ASN Z 28 -25.91 -24.30 -21.82
N VAL Z 29 -26.75 -24.96 -22.60
CA VAL Z 29 -28.15 -25.18 -22.24
C VAL Z 29 -28.49 -26.65 -22.47
N ASP Z 30 -27.45 -27.48 -22.60
CA ASP Z 30 -27.59 -28.94 -22.78
C ASP Z 30 -28.41 -29.17 -24.05
N THR Z 31 -29.49 -29.94 -23.99
CA THR Z 31 -30.39 -30.12 -25.13
C THR Z 31 -31.77 -29.55 -24.84
N ASP Z 32 -31.86 -28.64 -23.87
CA ASP Z 32 -33.15 -28.05 -23.49
C ASP Z 32 -33.50 -26.91 -24.43
N VAL Z 33 -33.70 -27.27 -25.69
CA VAL Z 33 -34.02 -26.32 -26.76
C VAL Z 33 -35.24 -26.82 -27.51
N ALA Z 34 -36.19 -25.93 -27.75
CA ALA Z 34 -37.40 -26.25 -28.48
C ALA Z 34 -37.52 -25.35 -29.70
N TRP Z 35 -38.16 -25.87 -30.75
CA TRP Z 35 -38.37 -25.15 -31.99
C TRP Z 35 -39.87 -24.99 -32.22
N PHE Z 36 -40.28 -23.78 -32.59
CA PHE Z 36 -41.67 -23.48 -32.84
C PHE Z 36 -41.83 -22.91 -34.24
N GLN Z 37 -43.00 -23.18 -34.83
CA GLN Z 37 -43.40 -22.60 -36.10
C GLN Z 37 -44.63 -21.72 -35.88
N GLN Z 38 -44.69 -20.59 -36.60
CA GLN Z 38 -45.84 -19.71 -36.51
C GLN Z 38 -46.14 -19.15 -37.90
N LYS Z 39 -47.37 -19.37 -38.35
CA LYS Z 39 -47.94 -18.85 -39.58
C LYS Z 39 -48.77 -17.60 -39.29
N PRO Z 40 -48.92 -16.69 -40.26
CA PRO Z 40 -49.55 -15.40 -39.98
C PRO Z 40 -50.95 -15.56 -39.41
N GLY Z 41 -51.20 -14.88 -38.28
CA GLY Z 41 -52.51 -14.89 -37.65
C GLY Z 41 -52.86 -16.14 -36.89
N LYS Z 42 -51.91 -17.03 -36.63
CA LYS Z 42 -52.17 -18.28 -35.93
C LYS Z 42 -51.25 -18.42 -34.73
N ALA Z 43 -51.66 -19.28 -33.81
CA ALA Z 43 -50.87 -19.50 -32.61
C ALA Z 43 -49.59 -20.26 -32.94
N PRO Z 44 -48.53 -20.04 -32.17
CA PRO Z 44 -47.31 -20.83 -32.36
C PRO Z 44 -47.59 -22.32 -32.19
N LYS Z 45 -46.84 -23.12 -32.94
CA LYS Z 45 -46.99 -24.57 -32.95
C LYS Z 45 -45.65 -25.20 -32.64
N GLY Z 46 -45.64 -26.19 -31.75
CA GLY Z 46 -44.41 -26.86 -31.39
C GLY Z 46 -43.97 -27.83 -32.47
N LEU Z 47 -42.71 -27.72 -32.90
CA LEU Z 47 -42.13 -28.63 -33.86
C LEU Z 47 -41.19 -29.63 -33.18
N ILE Z 48 -40.20 -29.13 -32.46
CA ILE Z 48 -39.17 -29.94 -31.85
C ILE Z 48 -39.07 -29.56 -30.38
N ARG Z 49 -38.73 -30.56 -29.56
CA ARG Z 49 -38.34 -30.35 -28.17
C ARG Z 49 -37.12 -31.21 -27.92
N SER Z 50 -36.45 -30.95 -26.80
CA SER Z 50 -35.28 -31.72 -26.40
C SER Z 50 -34.23 -31.73 -27.51
N ALA Z 51 -34.09 -30.59 -28.18
CA ALA Z 51 -33.15 -30.36 -29.28
C ALA Z 51 -33.51 -31.13 -30.55
N SER Z 52 -33.95 -32.39 -30.43
CA SER Z 52 -34.10 -33.24 -31.60
C SER Z 52 -35.37 -34.07 -31.65
N SER Z 53 -36.23 -34.01 -30.64
CA SER Z 53 -37.43 -34.84 -30.62
C SER Z 53 -38.59 -34.12 -31.30
N ARG Z 54 -39.08 -34.67 -32.40
CA ARG Z 54 -40.26 -34.15 -33.07
C ARG Z 54 -41.52 -34.52 -32.30
N TYR Z 55 -42.49 -33.60 -32.31
CA TYR Z 55 -43.81 -33.93 -31.80
C TYR Z 55 -44.56 -34.80 -32.80
N SER Z 56 -45.66 -35.39 -32.33
CA SER Z 56 -46.50 -36.17 -33.22
C SER Z 56 -47.08 -35.28 -34.31
N GLY Z 57 -47.18 -35.82 -35.52
CA GLY Z 57 -47.74 -35.08 -36.63
C GLY Z 57 -46.84 -34.04 -37.24
N VAL Z 58 -45.61 -33.91 -36.77
CA VAL Z 58 -44.62 -33.03 -37.39
C VAL Z 58 -43.92 -33.82 -38.48
N PRO Z 59 -43.95 -33.38 -39.74
CA PRO Z 59 -43.37 -34.17 -40.82
C PRO Z 59 -41.89 -34.44 -40.59
N SER Z 60 -41.41 -35.55 -41.17
CA SER Z 60 -40.04 -35.99 -40.94
C SER Z 60 -39.01 -35.01 -41.50
N ARG Z 61 -39.40 -34.13 -42.43
CA ARG Z 61 -38.43 -33.19 -43.00
C ARG Z 61 -37.91 -32.20 -41.98
N PHE Z 62 -38.63 -31.97 -40.88
CA PHE Z 62 -38.13 -31.13 -39.81
C PHE Z 62 -37.23 -31.95 -38.90
N SER Z 63 -36.02 -31.46 -38.63
CA SER Z 63 -35.11 -32.14 -37.73
C SER Z 63 -34.31 -31.12 -36.95
N GLY Z 64 -34.04 -31.44 -35.69
CA GLY Z 64 -33.28 -30.58 -34.80
C GLY Z 64 -31.97 -31.25 -34.43
N SER Z 65 -30.91 -30.44 -34.38
CA SER Z 65 -29.60 -30.90 -33.98
C SER Z 65 -29.01 -29.95 -32.95
N GLY Z 66 -28.00 -30.44 -32.24
CA GLY Z 66 -27.26 -29.58 -31.33
C GLY Z 66 -27.28 -30.03 -29.88
N SER Z 67 -26.17 -29.78 -29.20
CA SER Z 67 -26.09 -29.95 -27.76
C SER Z 67 -25.01 -29.02 -27.24
N GLY Z 68 -25.35 -28.22 -26.23
CA GLY Z 68 -24.42 -27.24 -25.70
C GLY Z 68 -24.87 -25.83 -25.95
N THR Z 69 -24.30 -25.18 -26.97
CA THR Z 69 -24.57 -23.79 -27.25
C THR Z 69 -25.12 -23.52 -28.64
N ASP Z 70 -24.96 -24.44 -29.59
CA ASP Z 70 -25.26 -24.18 -30.99
C ASP Z 70 -26.26 -25.20 -31.50
N PHE Z 71 -27.42 -24.70 -31.96
CA PHE Z 71 -28.55 -25.54 -32.31
C PHE Z 71 -29.05 -25.18 -33.70
N THR Z 72 -29.55 -26.20 -34.42
CA THR Z 72 -29.88 -26.05 -35.83
C THR Z 72 -31.19 -26.75 -36.14
N LEU Z 73 -32.16 -26.00 -36.65
CA LEU Z 73 -33.37 -26.57 -37.23
C LEU Z 73 -33.16 -26.72 -38.73
N THR Z 74 -33.47 -27.89 -39.26
CA THR Z 74 -33.20 -28.21 -40.66
C THR Z 74 -34.49 -28.70 -41.31
N ILE Z 75 -34.89 -28.05 -42.40
CA ILE Z 75 -36.01 -28.50 -43.23
C ILE Z 75 -35.40 -29.11 -44.48
N SER Z 76 -35.57 -30.42 -44.66
CA SER Z 76 -34.85 -31.13 -45.71
C SER Z 76 -35.36 -30.77 -47.09
N SER Z 77 -36.68 -30.79 -47.28
CA SER Z 77 -37.31 -30.43 -48.55
C SER Z 77 -38.41 -29.42 -48.25
N LEU Z 78 -38.13 -28.15 -48.52
CA LEU Z 78 -39.07 -27.08 -48.21
C LEU Z 78 -40.36 -27.26 -48.99
N GLN Z 79 -41.49 -27.31 -48.28
CA GLN Z 79 -42.83 -27.46 -48.85
C GLN Z 79 -43.56 -26.12 -48.84
N PRO Z 80 -44.57 -25.96 -49.72
CA PRO Z 80 -45.28 -24.67 -49.77
C PRO Z 80 -45.86 -24.25 -48.44
N GLU Z 81 -46.33 -25.19 -47.62
CA GLU Z 81 -46.89 -24.85 -46.32
C GLU Z 81 -45.83 -24.65 -45.25
N ASP Z 82 -44.54 -24.83 -45.59
CA ASP Z 82 -43.46 -24.65 -44.64
C ASP Z 82 -42.95 -23.23 -44.55
N PHE Z 83 -43.36 -22.36 -45.47
CA PHE Z 83 -42.91 -20.97 -45.46
C PHE Z 83 -43.66 -20.22 -44.36
N ALA Z 84 -42.95 -19.92 -43.27
CA ALA Z 84 -43.55 -19.27 -42.12
C ALA Z 84 -42.43 -18.70 -41.27
N THR Z 85 -42.72 -18.40 -40.00
CA THR Z 85 -41.74 -17.87 -39.07
C THR Z 85 -41.42 -18.93 -38.03
N TYR Z 86 -40.14 -19.05 -37.69
CA TYR Z 86 -39.66 -20.09 -36.79
C TYR Z 86 -38.96 -19.47 -35.60
N TYR Z 87 -39.18 -20.05 -34.42
CA TYR Z 87 -38.61 -19.58 -33.17
C TYR Z 87 -37.92 -20.72 -32.45
N CYS Z 88 -36.76 -20.44 -31.86
CA CYS Z 88 -36.13 -21.35 -30.91
C CYS Z 88 -36.40 -20.86 -29.51
N GLN Z 89 -36.43 -21.80 -28.57
CA GLN Z 89 -36.62 -21.50 -27.17
C GLN Z 89 -35.63 -22.28 -26.34
N GLN Z 90 -35.10 -21.64 -25.31
CA GLN Z 90 -34.26 -22.28 -24.30
C GLN Z 90 -35.07 -22.42 -23.02
N TYR Z 91 -35.24 -23.66 -22.54
CA TYR Z 91 -35.91 -23.92 -21.28
C TYR Z 91 -34.98 -24.56 -20.27
N ASN Z 92 -33.67 -24.37 -20.44
CA ASN Z 92 -32.70 -24.96 -19.53
C ASN Z 92 -32.59 -24.19 -18.22
N ASN Z 93 -32.79 -22.88 -18.26
CA ASN Z 93 -32.46 -22.00 -17.14
C ASN Z 93 -33.44 -20.84 -17.12
N TYR Z 94 -33.86 -20.44 -15.92
CA TYR Z 94 -34.80 -19.34 -15.79
C TYR Z 94 -34.07 -18.00 -15.94
N PRO Z 95 -34.67 -17.03 -16.64
CA PRO Z 95 -35.98 -17.16 -17.28
C PRO Z 95 -35.89 -17.80 -18.65
N LEU Z 96 -36.95 -18.52 -19.04
CA LEU Z 96 -37.00 -19.07 -20.38
C LEU Z 96 -36.95 -17.95 -21.41
N THR Z 97 -36.21 -18.17 -22.49
CA THR Z 97 -35.96 -17.13 -23.47
C THR Z 97 -36.18 -17.67 -24.88
N PHE Z 98 -36.68 -16.79 -25.76
CA PHE Z 98 -36.90 -17.12 -27.17
C PHE Z 98 -35.88 -16.40 -28.04
N GLY Z 99 -35.56 -17.01 -29.18
CA GLY Z 99 -34.88 -16.30 -30.23
C GLY Z 99 -35.79 -15.27 -30.88
N GLN Z 100 -35.18 -14.33 -31.60
CA GLN Z 100 -35.96 -13.26 -32.21
C GLN Z 100 -36.70 -13.70 -33.46
N GLY Z 101 -36.51 -14.93 -33.91
CA GLY Z 101 -37.31 -15.47 -34.99
C GLY Z 101 -36.57 -15.50 -36.32
N THR Z 102 -37.12 -16.29 -37.24
CA THR Z 102 -36.60 -16.41 -38.60
C THR Z 102 -37.79 -16.54 -39.54
N LYS Z 103 -37.92 -15.62 -40.50
CA LYS Z 103 -38.99 -15.65 -41.47
C LYS Z 103 -38.48 -16.29 -42.75
N VAL Z 104 -39.17 -17.33 -43.22
CA VAL Z 104 -38.79 -18.06 -44.42
C VAL Z 104 -39.76 -17.68 -45.54
N GLU Z 105 -39.23 -17.09 -46.60
CA GLU Z 105 -40.02 -16.60 -47.73
C GLU Z 105 -39.53 -17.23 -49.01
N ILE Z 106 -40.37 -17.17 -50.05
CA ILE Z 106 -40.07 -17.81 -51.33
C ILE Z 106 -39.17 -16.90 -52.16
N LYS Z 107 -38.20 -17.50 -52.85
CA LYS Z 107 -37.40 -16.77 -53.80
C LYS Z 107 -38.15 -16.61 -55.11
N ARG Z 108 -37.93 -15.49 -55.78
CA ARG Z 108 -38.68 -15.15 -56.98
C ARG Z 108 -37.82 -14.29 -57.89
N THR Z 109 -38.31 -14.12 -59.12
CA THR Z 109 -37.72 -13.18 -60.06
C THR Z 109 -38.33 -11.79 -59.89
N VAL Z 110 -37.55 -10.77 -60.22
CA VAL Z 110 -37.98 -9.39 -59.96
C VAL Z 110 -39.22 -9.06 -60.78
N ALA Z 111 -40.19 -8.40 -60.13
CA ALA Z 111 -41.43 -8.01 -60.77
C ALA Z 111 -41.76 -6.57 -60.39
N ALA Z 112 -42.17 -5.79 -61.38
CA ALA Z 112 -42.48 -4.37 -61.18
C ALA Z 112 -43.90 -4.21 -60.66
N PRO Z 113 -44.16 -3.18 -59.85
CA PRO Z 113 -45.50 -2.99 -59.28
C PRO Z 113 -46.42 -2.24 -60.24
N SER Z 114 -47.69 -2.66 -60.25
CA SER Z 114 -48.73 -1.97 -60.99
C SER Z 114 -49.29 -0.87 -60.09
N VAL Z 115 -49.07 0.38 -60.48
CA VAL Z 115 -49.40 1.53 -59.64
C VAL Z 115 -50.80 2.04 -59.99
N PHE Z 116 -51.59 2.31 -58.96
CA PHE Z 116 -52.89 2.95 -59.09
C PHE Z 116 -52.99 4.07 -58.06
N ILE Z 117 -54.02 4.91 -58.21
CA ILE Z 117 -54.25 6.00 -57.27
C ILE Z 117 -55.75 6.24 -57.19
N PHE Z 118 -56.20 6.63 -55.99
CA PHE Z 118 -57.63 6.76 -55.71
C PHE Z 118 -57.87 8.09 -55.00
N PRO Z 119 -58.74 8.95 -55.54
CA PRO Z 119 -59.06 10.20 -54.86
C PRO Z 119 -60.03 9.95 -53.72
N PRO Z 120 -60.08 10.82 -52.72
CA PRO Z 120 -61.05 10.66 -51.63
C PRO Z 120 -62.47 10.88 -52.15
N SER Z 121 -63.36 9.94 -51.79
CA SER Z 121 -64.74 10.01 -52.26
C SER Z 121 -65.46 11.21 -51.65
N ASP Z 122 -66.53 11.64 -52.33
CA ASP Z 122 -67.31 12.77 -51.84
C ASP Z 122 -68.03 12.43 -50.54
N GLU Z 123 -68.31 11.15 -50.30
CA GLU Z 123 -68.96 10.75 -49.05
C GLU Z 123 -68.05 11.01 -47.87
N GLN Z 124 -66.76 10.66 -48.00
CA GLN Z 124 -65.82 10.95 -46.92
C GLN Z 124 -65.59 12.45 -46.77
N LEU Z 125 -65.58 13.18 -47.89
CA LEU Z 125 -65.35 14.62 -47.86
C LEU Z 125 -66.46 15.41 -47.19
N LYS Z 126 -67.60 14.77 -46.89
CA LYS Z 126 -68.65 15.46 -46.15
C LYS Z 126 -68.28 15.63 -44.68
N SER Z 127 -67.31 14.87 -44.19
CA SER Z 127 -66.70 15.11 -42.89
C SER Z 127 -65.40 15.88 -43.08
N GLY Z 128 -64.63 16.05 -42.01
CA GLY Z 128 -63.47 16.91 -42.06
C GLY Z 128 -62.15 16.24 -42.41
N THR Z 129 -62.19 15.07 -43.04
CA THR Z 129 -61.00 14.31 -43.36
C THR Z 129 -61.07 13.81 -44.80
N ALA Z 130 -59.90 13.72 -45.44
CA ALA Z 130 -59.78 13.25 -46.82
C ALA Z 130 -58.57 12.35 -46.94
N SER Z 131 -58.76 11.16 -47.51
CA SER Z 131 -57.72 10.15 -47.64
C SER Z 131 -57.47 9.83 -49.09
N VAL Z 132 -56.20 9.88 -49.50
CA VAL Z 132 -55.77 9.54 -50.86
C VAL Z 132 -54.94 8.27 -50.79
N VAL Z 133 -55.32 7.27 -51.57
CA VAL Z 133 -54.73 5.94 -51.52
C VAL Z 133 -53.88 5.72 -52.76
N CYS Z 134 -52.66 5.21 -52.56
CA CYS Z 134 -51.75 4.85 -53.64
C CYS Z 134 -51.41 3.37 -53.50
N LEU Z 135 -51.75 2.57 -54.51
CA LEU Z 135 -51.64 1.12 -54.45
C LEU Z 135 -50.48 0.64 -55.32
N LEU Z 136 -49.65 -0.23 -54.76
CA LEU Z 136 -48.60 -0.93 -55.49
C LEU Z 136 -48.96 -2.41 -55.50
N ASN Z 137 -49.27 -2.95 -56.68
CA ASN Z 137 -49.84 -4.28 -56.79
C ASN Z 137 -48.83 -5.26 -57.37
N ASN Z 138 -48.60 -6.36 -56.65
CA ASN Z 138 -47.81 -7.49 -57.13
C ASN Z 138 -46.41 -7.10 -57.57
N PHE Z 139 -45.46 -7.07 -56.63
CA PHE Z 139 -44.07 -6.75 -56.94
C PHE Z 139 -43.15 -7.58 -56.06
N TYR Z 140 -41.85 -7.55 -56.42
CA TYR Z 140 -40.81 -8.30 -55.72
C TYR Z 140 -39.45 -7.72 -56.09
N PRO Z 141 -38.50 -7.61 -55.14
CA PRO Z 141 -38.69 -7.93 -53.71
C PRO Z 141 -39.50 -6.87 -52.95
N ARG Z 142 -39.48 -6.95 -51.62
CA ARG Z 142 -40.34 -6.10 -50.81
C ARG Z 142 -39.91 -4.64 -50.87
N GLU Z 143 -38.59 -4.40 -50.92
CA GLU Z 143 -38.05 -3.04 -50.82
C GLU Z 143 -38.62 -2.10 -51.87
N ALA Z 144 -39.59 -1.29 -51.48
CA ALA Z 144 -40.20 -0.28 -52.34
C ALA Z 144 -40.23 1.05 -51.61
N LYS Z 145 -40.38 2.12 -52.38
CA LYS Z 145 -40.38 3.48 -51.85
C LYS Z 145 -41.48 4.27 -52.54
N VAL Z 146 -42.37 4.86 -51.74
CA VAL Z 146 -43.48 5.67 -52.25
C VAL Z 146 -43.38 7.05 -51.65
N GLN Z 147 -43.27 8.06 -52.50
CA GLN Z 147 -43.21 9.45 -52.09
C GLN Z 147 -44.42 10.19 -52.63
N TRP Z 148 -45.09 10.95 -51.77
CA TRP Z 148 -46.22 11.76 -52.16
C TRP Z 148 -45.76 13.16 -52.56
N LYS Z 149 -46.41 13.73 -53.58
CA LYS Z 149 -46.09 15.06 -54.05
C LYS Z 149 -47.39 15.82 -54.30
N VAL Z 150 -47.60 16.88 -53.53
CA VAL Z 150 -48.78 17.73 -53.64
C VAL Z 150 -48.35 19.02 -54.31
N ASP Z 151 -48.74 19.21 -55.58
CA ASP Z 151 -48.27 20.33 -56.39
C ASP Z 151 -46.75 20.36 -56.45
N ASN Z 152 -46.16 19.18 -56.65
CA ASN Z 152 -44.70 19.01 -56.74
C ASN Z 152 -44.01 19.48 -55.46
N ALA Z 153 -44.61 19.17 -54.30
CA ALA Z 153 -44.03 19.46 -53.00
C ALA Z 153 -43.94 18.16 -52.22
N LEU Z 154 -42.73 17.81 -51.79
CA LEU Z 154 -42.51 16.53 -51.11
C LEU Z 154 -43.13 16.55 -49.72
N GLN Z 155 -43.91 15.53 -49.41
CA GLN Z 155 -44.58 15.39 -48.11
C GLN Z 155 -43.82 14.41 -47.22
N SER Z 156 -44.08 14.51 -45.92
CA SER Z 156 -43.45 13.61 -44.95
C SER Z 156 -44.20 13.72 -43.63
N GLY Z 157 -44.33 12.59 -42.93
CA GLY Z 157 -44.98 12.56 -41.64
C GLY Z 157 -46.50 12.56 -41.68
N ASN Z 158 -47.11 12.44 -42.86
CA ASN Z 158 -48.56 12.42 -42.97
C ASN Z 158 -49.02 11.30 -43.90
N SER Z 159 -48.24 10.22 -43.99
CA SER Z 159 -48.61 9.06 -44.79
C SER Z 159 -48.21 7.79 -44.06
N GLN Z 160 -49.06 6.77 -44.16
CA GLN Z 160 -48.83 5.48 -43.52
C GLN Z 160 -49.04 4.38 -44.56
N GLU Z 161 -48.05 3.50 -44.70
CA GLU Z 161 -48.13 2.39 -45.63
C GLU Z 161 -48.06 1.07 -44.89
N SER Z 162 -48.62 0.04 -45.52
CA SER Z 162 -48.66 -1.29 -44.95
C SER Z 162 -48.50 -2.31 -46.07
N VAL Z 163 -47.61 -3.28 -45.86
CA VAL Z 163 -47.29 -4.31 -46.85
C VAL Z 163 -48.08 -5.56 -46.54
N THR Z 164 -48.55 -6.24 -47.59
CA THR Z 164 -49.16 -7.55 -47.39
C THR Z 164 -48.08 -8.62 -47.34
N GLU Z 165 -48.46 -9.77 -46.80
CA GLU Z 165 -47.56 -10.92 -46.86
C GLU Z 165 -47.43 -11.41 -48.29
N GLN Z 166 -46.49 -12.31 -48.51
CA GLN Z 166 -46.25 -12.86 -49.84
C GLN Z 166 -47.49 -13.59 -50.33
N ASP Z 167 -47.85 -13.36 -51.59
CA ASP Z 167 -49.04 -14.00 -52.17
C ASP Z 167 -48.78 -15.48 -52.35
N SER Z 168 -49.78 -16.29 -52.01
CA SER Z 168 -49.64 -17.74 -52.07
C SER Z 168 -49.61 -18.28 -53.49
N LYS Z 169 -49.90 -17.46 -54.49
CA LYS Z 169 -49.94 -17.90 -55.88
C LYS Z 169 -48.75 -17.41 -56.68
N ASP Z 170 -48.55 -16.09 -56.77
CA ASP Z 170 -47.46 -15.53 -57.55
C ASP Z 170 -46.29 -15.03 -56.71
N SER Z 171 -46.35 -15.21 -55.38
CA SER Z 171 -45.24 -14.92 -54.48
C SER Z 171 -44.79 -13.46 -54.57
N THR Z 172 -45.75 -12.55 -54.65
CA THR Z 172 -45.47 -11.14 -54.75
C THR Z 172 -46.05 -10.40 -53.55
N TYR Z 173 -45.61 -9.15 -53.37
CA TYR Z 173 -46.06 -8.29 -52.30
C TYR Z 173 -46.96 -7.20 -52.84
N SER Z 174 -47.72 -6.57 -51.94
CA SER Z 174 -48.54 -5.41 -52.26
C SER Z 174 -48.45 -4.41 -51.12
N LEU Z 175 -48.25 -3.14 -51.46
CA LEU Z 175 -48.12 -2.07 -50.50
C LEU Z 175 -49.22 -1.05 -50.73
N SER Z 176 -49.70 -0.44 -49.65
CA SER Z 176 -50.75 0.59 -49.76
C SER Z 176 -50.38 1.75 -48.83
N SER Z 177 -49.91 2.84 -49.43
CA SER Z 177 -49.58 4.06 -48.70
C SER Z 177 -50.76 5.02 -48.75
N THR Z 178 -51.27 5.39 -47.58
CA THR Z 178 -52.43 6.27 -47.46
C THR Z 178 -51.98 7.64 -46.98
N LEU Z 179 -52.43 8.69 -47.68
CA LEU Z 179 -52.10 10.06 -47.36
C LEU Z 179 -53.33 10.73 -46.74
N THR Z 180 -53.22 11.11 -45.48
CA THR Z 180 -54.33 11.70 -44.73
C THR Z 180 -54.12 13.21 -44.58
N LEU Z 181 -55.12 13.99 -44.99
CA LEU Z 181 -55.08 15.44 -44.85
C LEU Z 181 -56.48 15.95 -44.55
N SER Z 182 -56.54 17.04 -43.77
CA SER Z 182 -57.81 17.66 -43.46
C SER Z 182 -58.43 18.24 -44.73
N LYS Z 183 -59.76 18.43 -44.69
CA LYS Z 183 -60.46 18.98 -45.85
C LYS Z 183 -60.04 20.41 -46.15
N ALA Z 184 -59.52 21.12 -45.16
CA ALA Z 184 -59.02 22.47 -45.41
C ALA Z 184 -57.71 22.44 -46.19
N ASP Z 185 -56.77 21.61 -45.75
CA ASP Z 185 -55.51 21.45 -46.48
C ASP Z 185 -55.69 20.74 -47.82
N TYR Z 186 -56.79 20.00 -48.00
CA TYR Z 186 -56.97 19.25 -49.24
C TYR Z 186 -57.36 20.15 -50.40
N GLU Z 187 -58.24 21.13 -50.15
CA GLU Z 187 -58.74 22.01 -51.19
C GLU Z 187 -57.83 23.19 -51.48
N LYS Z 188 -56.73 23.34 -50.74
CA LYS Z 188 -55.78 24.41 -51.04
C LYS Z 188 -54.93 24.10 -52.27
N HIS Z 189 -54.87 22.85 -52.68
CA HIS Z 189 -53.97 22.42 -53.75
C HIS Z 189 -54.74 21.64 -54.80
N LYS Z 190 -54.06 21.33 -55.91
CA LYS Z 190 -54.69 20.80 -57.10
C LYS Z 190 -54.11 19.47 -57.55
N VAL Z 191 -52.80 19.35 -57.62
CA VAL Z 191 -52.13 18.17 -58.19
C VAL Z 191 -51.70 17.25 -57.06
N TYR Z 192 -52.20 16.02 -57.07
CA TYR Z 192 -51.82 14.99 -56.11
C TYR Z 192 -51.22 13.82 -56.84
N ALA Z 193 -50.04 13.38 -56.41
CA ALA Z 193 -49.31 12.31 -57.09
C ALA Z 193 -48.50 11.52 -56.08
N CYS Z 194 -48.26 10.25 -56.41
CA CYS Z 194 -47.37 9.39 -55.65
C CYS Z 194 -46.33 8.80 -56.59
N GLU Z 195 -45.05 8.98 -56.25
CA GLU Z 195 -43.94 8.49 -57.05
C GLU Z 195 -43.49 7.14 -56.51
N VAL Z 196 -43.33 6.17 -57.41
CA VAL Z 196 -43.04 4.79 -57.04
C VAL Z 196 -41.63 4.46 -57.52
N THR Z 197 -40.70 4.31 -56.58
CA THR Z 197 -39.34 3.90 -56.87
C THR Z 197 -39.17 2.43 -56.51
N HIS Z 198 -38.80 1.61 -57.48
CA HIS Z 198 -38.62 0.17 -57.27
C HIS Z 198 -37.46 -0.33 -58.12
N GLN Z 199 -36.87 -1.44 -57.68
CA GLN Z 199 -35.80 -2.06 -58.44
C GLN Z 199 -36.29 -2.60 -59.78
N GLY Z 200 -37.54 -3.07 -59.84
CA GLY Z 200 -38.12 -3.59 -61.06
C GLY Z 200 -38.56 -2.56 -62.07
N LEU Z 201 -38.30 -1.28 -61.80
CA LEU Z 201 -38.65 -0.20 -62.71
C LEU Z 201 -37.39 0.54 -63.14
N SER Z 202 -37.28 0.82 -64.44
CA SER Z 202 -36.09 1.50 -64.95
C SER Z 202 -36.04 2.96 -64.53
N SER Z 203 -37.19 3.60 -64.36
CA SER Z 203 -37.28 4.98 -63.90
C SER Z 203 -38.53 5.12 -63.05
N PRO Z 204 -38.54 6.01 -62.06
CA PRO Z 204 -39.68 6.10 -61.14
C PRO Z 204 -40.98 6.40 -61.88
N VAL Z 205 -42.01 5.59 -61.59
CA VAL Z 205 -43.33 5.69 -62.20
C VAL Z 205 -44.24 6.51 -61.27
N THR Z 206 -45.03 7.39 -61.87
CA THR Z 206 -45.92 8.27 -61.12
C THR Z 206 -47.34 8.17 -61.66
N LYS Z 207 -48.31 8.07 -60.76
CA LYS Z 207 -49.72 8.12 -61.09
C LYS Z 207 -50.35 9.29 -60.34
N SER Z 208 -51.07 10.14 -61.06
CA SER Z 208 -51.56 11.39 -60.49
C SER Z 208 -53.00 11.64 -60.93
N PHE Z 209 -53.62 12.62 -60.28
CA PHE Z 209 -54.96 13.07 -60.62
C PHE Z 209 -55.09 14.54 -60.22
N ASN Z 210 -55.89 15.27 -60.98
CA ASN Z 210 -56.19 16.66 -60.64
C ASN Z 210 -57.47 16.72 -59.82
N ARG Z 211 -57.47 17.56 -58.79
CA ARG Z 211 -58.61 17.68 -57.88
C ARG Z 211 -59.79 18.27 -58.64
N GLY Z 212 -60.74 17.43 -59.03
CA GLY Z 212 -61.89 17.88 -59.78
C GLY Z 212 -62.30 16.93 -60.89
N GLU Z 213 -61.34 16.51 -61.71
CA GLU Z 213 -61.60 15.59 -62.80
C GLU Z 213 -62.02 14.22 -62.26
N GLU AA 1 -60.39 -35.46 -26.50
CA GLU AA 1 -59.59 -34.49 -27.23
C GLU AA 1 -59.08 -33.38 -26.32
N VAL AA 2 -57.77 -33.24 -26.25
CA VAL AA 2 -57.14 -32.24 -25.39
C VAL AA 2 -57.21 -30.88 -26.06
N GLN AA 3 -57.59 -29.86 -25.29
CA GLN AA 3 -57.53 -28.50 -25.79
C GLN AA 3 -57.45 -27.52 -24.62
N LEU AA 4 -56.81 -26.39 -24.88
CA LEU AA 4 -56.73 -25.27 -23.94
C LEU AA 4 -57.45 -24.09 -24.58
N VAL AA 5 -58.64 -23.77 -24.07
CA VAL AA 5 -59.43 -22.68 -24.60
C VAL AA 5 -59.34 -21.50 -23.66
N GLN AA 6 -59.01 -20.33 -24.20
CA GLN AA 6 -58.79 -19.12 -23.43
C GLN AA 6 -60.01 -18.20 -23.51
N SER AA 7 -60.02 -17.20 -22.63
CA SER AA 7 -61.11 -16.23 -22.60
C SER AA 7 -61.07 -15.35 -23.86
N GLY AA 8 -62.13 -14.58 -24.04
CA GLY AA 8 -62.27 -13.74 -25.22
C GLY AA 8 -61.37 -12.53 -25.18
N ALA AA 9 -61.40 -11.78 -26.29
CA ALA AA 9 -60.58 -10.59 -26.42
C ALA AA 9 -61.00 -9.54 -25.40
N GLU AA 10 -60.07 -8.65 -25.07
CA GLU AA 10 -60.28 -7.64 -24.04
C GLU AA 10 -59.74 -6.30 -24.51
N VAL AA 11 -60.47 -5.24 -24.18
CA VAL AA 11 -60.02 -3.86 -24.38
C VAL AA 11 -60.00 -3.17 -23.04
N LYS AA 12 -58.88 -2.54 -22.71
CA LYS AA 12 -58.68 -1.97 -21.38
C LYS AA 12 -58.02 -0.59 -21.50
N LYS AA 13 -58.34 0.27 -20.54
CA LYS AA 13 -57.80 1.62 -20.47
C LYS AA 13 -56.41 1.62 -19.81
N PRO AA 14 -55.56 2.60 -20.15
CA PRO AA 14 -54.16 2.54 -19.68
C PRO AA 14 -53.98 2.73 -18.19
N GLY AA 15 -54.69 1.94 -17.39
CA GLY AA 15 -54.50 1.98 -15.95
C GLY AA 15 -55.16 0.81 -15.25
N ALA AA 16 -56.14 0.22 -15.92
CA ALA AA 16 -56.90 -0.89 -15.35
C ALA AA 16 -56.06 -2.17 -15.37
N SER AA 17 -56.67 -3.26 -14.91
CA SER AA 17 -56.06 -4.57 -14.94
C SER AA 17 -56.91 -5.51 -15.79
N VAL AA 18 -56.31 -6.63 -16.18
CA VAL AA 18 -56.95 -7.62 -17.03
C VAL AA 18 -56.70 -9.00 -16.46
N LYS AA 19 -57.64 -9.92 -16.71
CA LYS AA 19 -57.55 -11.29 -16.22
C LYS AA 19 -57.90 -12.24 -17.36
N VAL AA 20 -56.91 -12.98 -17.85
CA VAL AA 20 -57.08 -13.94 -18.93
C VAL AA 20 -57.19 -15.33 -18.32
N SER AA 21 -58.17 -16.10 -18.77
CA SER AA 21 -58.38 -17.46 -18.31
C SER AA 21 -57.92 -18.46 -19.36
N CYS AA 22 -57.57 -19.65 -18.88
CA CYS AA 22 -57.07 -20.72 -19.76
C CYS AA 22 -57.60 -22.03 -19.20
N LYS AA 23 -58.69 -22.53 -19.76
CA LYS AA 23 -59.33 -23.74 -19.26
C LYS AA 23 -58.84 -24.95 -20.03
N ALA AA 24 -58.33 -25.94 -19.30
CA ALA AA 24 -57.81 -27.16 -19.87
C ALA AA 24 -58.84 -28.28 -19.80
N SER AA 25 -58.83 -29.14 -20.81
CA SER AA 25 -59.68 -30.32 -20.84
C SER AA 25 -59.00 -31.37 -21.69
N GLY AA 26 -59.22 -32.64 -21.35
CA GLY AA 26 -58.65 -33.75 -22.07
C GLY AA 26 -57.47 -34.40 -21.39
N TYR AA 27 -56.89 -33.76 -20.38
CA TYR AA 27 -55.76 -34.32 -19.66
C TYR AA 27 -55.87 -33.93 -18.19
N THR AA 28 -55.10 -34.61 -17.36
CA THR AA 28 -55.09 -34.32 -15.93
C THR AA 28 -54.40 -32.98 -15.70
N PHE AA 29 -55.20 -31.97 -15.35
CA PHE AA 29 -54.70 -30.59 -15.25
C PHE AA 29 -53.55 -30.47 -14.26
N THR AA 30 -53.57 -31.25 -13.18
CA THR AA 30 -52.58 -31.11 -12.14
C THR AA 30 -51.29 -31.86 -12.43
N SER AA 31 -51.17 -32.50 -13.59
CA SER AA 31 -49.98 -33.28 -13.91
C SER AA 31 -48.95 -32.51 -14.72
N TYR AA 32 -49.24 -31.26 -15.09
CA TYR AA 32 -48.35 -30.49 -15.94
C TYR AA 32 -48.31 -29.04 -15.49
N TYR AA 33 -47.13 -28.44 -15.55
CA TYR AA 33 -47.02 -27.00 -15.43
C TYR AA 33 -47.80 -26.30 -16.55
N MET AA 34 -48.12 -25.04 -16.32
CA MET AA 34 -48.71 -24.16 -17.31
C MET AA 34 -47.84 -22.93 -17.43
N TYR AA 35 -47.49 -22.54 -18.65
CA TYR AA 35 -46.70 -21.33 -18.85
C TYR AA 35 -47.39 -20.42 -19.85
N TRP AA 36 -47.12 -19.12 -19.70
CA TRP AA 36 -47.79 -18.07 -20.46
C TRP AA 36 -46.78 -17.31 -21.31
N VAL AA 37 -47.21 -16.92 -22.50
CA VAL AA 37 -46.37 -16.24 -23.47
C VAL AA 37 -47.12 -15.04 -24.02
N ARG AA 38 -46.38 -13.97 -24.29
CA ARG AA 38 -46.92 -12.74 -24.85
C ARG AA 38 -46.29 -12.48 -26.20
N GLN AA 39 -47.07 -11.87 -27.11
CA GLN AA 39 -46.57 -11.54 -28.44
C GLN AA 39 -47.17 -10.22 -28.91
N ALA AA 40 -46.36 -9.16 -28.88
CA ALA AA 40 -46.79 -7.88 -29.41
C ALA AA 40 -47.09 -8.01 -30.90
N PRO AA 41 -47.95 -7.14 -31.45
CA PRO AA 41 -48.33 -7.29 -32.86
C PRO AA 41 -47.14 -7.17 -33.78
N GLY AA 42 -46.97 -8.19 -34.64
CA GLY AA 42 -45.85 -8.21 -35.57
C GLY AA 42 -44.49 -8.23 -34.90
N GLN AA 43 -44.38 -8.94 -33.78
CA GLN AA 43 -43.11 -9.04 -33.06
C GLN AA 43 -42.95 -10.47 -32.54
N GLY AA 44 -41.88 -10.67 -31.77
CA GLY AA 44 -41.48 -12.01 -31.36
C GLY AA 44 -42.24 -12.51 -30.15
N LEU AA 45 -41.73 -13.63 -29.61
CA LEU AA 45 -42.33 -14.28 -28.46
C LEU AA 45 -41.62 -13.86 -27.17
N GLU AA 46 -42.39 -13.72 -26.10
CA GLU AA 46 -41.88 -13.27 -24.81
C GLU AA 46 -42.44 -14.18 -23.72
N TRP AA 47 -41.57 -14.69 -22.87
CA TRP AA 47 -41.96 -15.63 -21.82
C TRP AA 47 -42.38 -14.87 -20.58
N ILE AA 48 -43.60 -15.10 -20.11
CA ILE AA 48 -44.12 -14.38 -18.95
C ILE AA 48 -43.81 -15.13 -17.65
N GLY AA 49 -44.17 -16.40 -17.60
CA GLY AA 49 -43.97 -17.19 -16.40
C GLY AA 49 -44.70 -18.51 -16.48
N GLU AA 50 -44.58 -19.28 -15.40
CA GLU AA 50 -45.20 -20.59 -15.32
C GLU AA 50 -45.76 -20.80 -13.92
N ILE AA 51 -46.63 -21.81 -13.80
CA ILE AA 51 -47.27 -22.12 -12.52
C ILE AA 51 -47.38 -23.64 -12.37
N ASN AA 52 -47.17 -24.11 -11.14
CA ASN AA 52 -47.35 -25.51 -10.79
C ASN AA 52 -48.76 -25.67 -10.23
N PRO AA 53 -49.67 -26.37 -10.92
CA PRO AA 53 -51.05 -26.44 -10.42
C PRO AA 53 -51.18 -27.21 -9.12
N THR AA 54 -50.26 -28.14 -8.83
CA THR AA 54 -50.31 -28.86 -7.58
C THR AA 54 -50.12 -27.91 -6.39
N SER AA 55 -49.06 -27.11 -6.42
CA SER AA 55 -48.69 -26.27 -5.28
C SER AA 55 -49.08 -24.80 -5.44
N GLY AA 56 -49.39 -24.35 -6.65
CA GLY AA 56 -49.59 -22.94 -6.88
C GLY AA 56 -48.34 -22.12 -6.99
N GLY AA 57 -47.16 -22.75 -6.91
CA GLY AA 57 -45.93 -22.00 -7.03
C GLY AA 57 -45.71 -21.48 -8.44
N THR AA 58 -44.91 -20.42 -8.55
CA THR AA 58 -44.70 -19.76 -9.83
C THR AA 58 -43.22 -19.42 -10.02
N ASN AA 59 -42.82 -19.36 -11.28
CA ASN AA 59 -41.55 -18.78 -11.70
C ASN AA 59 -41.86 -17.70 -12.72
N PHE AA 60 -41.35 -16.48 -12.48
CA PHE AA 60 -41.65 -15.34 -13.34
C PHE AA 60 -40.40 -14.85 -14.06
N ASN AA 61 -40.63 -14.29 -15.24
CA ASN AA 61 -39.69 -13.36 -15.84
C ASN AA 61 -39.71 -12.07 -15.04
N GLU AA 62 -38.54 -11.64 -14.56
CA GLU AA 62 -38.46 -10.45 -13.70
C GLU AA 62 -39.22 -9.26 -14.28
N LYS AA 63 -39.30 -9.16 -15.61
CA LYS AA 63 -39.97 -8.04 -16.24
C LYS AA 63 -41.44 -7.94 -15.82
N PHE AA 64 -42.07 -9.06 -15.49
CA PHE AA 64 -43.49 -9.06 -15.15
C PHE AA 64 -43.76 -9.33 -13.68
N LYS AA 65 -42.71 -9.44 -12.85
CA LYS AA 65 -42.92 -9.87 -11.48
C LYS AA 65 -43.78 -8.89 -10.69
N SER AA 66 -43.66 -7.59 -10.99
CA SER AA 66 -44.37 -6.58 -10.21
C SER AA 66 -45.83 -6.42 -10.62
N ARG AA 67 -46.16 -6.71 -11.89
CA ARG AA 67 -47.51 -6.43 -12.38
C ARG AA 67 -48.33 -7.67 -12.72
N ALA AA 68 -47.70 -8.83 -12.88
CA ALA AA 68 -48.42 -10.03 -13.28
C ALA AA 68 -48.67 -10.94 -12.10
N THR AA 69 -49.74 -11.73 -12.20
CA THR AA 69 -50.13 -12.69 -11.17
C THR AA 69 -50.59 -13.97 -11.85
N LEU AA 70 -50.10 -15.11 -11.39
CA LEU AA 70 -50.47 -16.41 -11.94
C LEU AA 70 -51.14 -17.23 -10.85
N THR AA 71 -52.37 -17.67 -11.12
CA THR AA 71 -53.16 -18.47 -10.19
C THR AA 71 -53.73 -19.67 -10.91
N VAL AA 72 -54.33 -20.57 -10.14
CA VAL AA 72 -54.87 -21.81 -10.67
C VAL AA 72 -56.09 -22.20 -9.84
N ASP AA 73 -57.16 -22.59 -10.54
CA ASP AA 73 -58.36 -23.14 -9.90
C ASP AA 73 -58.45 -24.61 -10.30
N THR AA 74 -57.93 -25.48 -9.44
CA THR AA 74 -57.83 -26.90 -9.76
C THR AA 74 -59.20 -27.52 -10.00
N SER AA 75 -60.23 -27.06 -9.28
CA SER AA 75 -61.56 -27.65 -9.39
C SER AA 75 -62.18 -27.45 -10.77
N THR AA 76 -61.75 -26.43 -11.50
CA THR AA 76 -62.27 -26.15 -12.84
C THR AA 76 -61.20 -26.29 -13.92
N SER AA 77 -60.03 -26.82 -13.58
CA SER AA 77 -58.94 -27.04 -14.54
C SER AA 77 -58.66 -25.78 -15.34
N THR AA 78 -58.48 -24.67 -14.63
CA THR AA 78 -58.34 -23.36 -15.26
C THR AA 78 -57.13 -22.64 -14.68
N ALA AA 79 -56.32 -22.06 -15.57
CA ALA AA 79 -55.21 -21.22 -15.18
C ALA AA 79 -55.54 -19.77 -15.52
N TYR AA 80 -55.14 -18.86 -14.64
CA TYR AA 80 -55.47 -17.45 -14.78
C TYR AA 80 -54.21 -16.60 -14.84
N LEU AA 81 -54.18 -15.66 -15.77
CA LEU AA 81 -53.15 -14.64 -15.84
C LEU AA 81 -53.78 -13.30 -15.52
N GLU AA 82 -53.14 -12.53 -14.64
CA GLU AA 82 -53.67 -11.24 -14.20
C GLU AA 82 -52.56 -10.20 -14.33
N LEU AA 83 -52.75 -9.26 -15.26
CA LEU AA 83 -51.83 -8.16 -15.47
C LEU AA 83 -52.48 -6.87 -14.96
N SER AA 84 -51.74 -6.10 -14.17
CA SER AA 84 -52.24 -4.86 -13.59
C SER AA 84 -51.41 -3.68 -14.05
N SER AA 85 -51.95 -2.48 -13.84
CA SER AA 85 -51.31 -1.23 -14.24
C SER AA 85 -50.91 -1.27 -15.70
N LEU AA 86 -51.88 -1.55 -16.55
CA LEU AA 86 -51.62 -1.80 -17.97
C LEU AA 86 -51.06 -0.57 -18.66
N ARG AA 87 -50.19 -0.81 -19.62
CA ARG AA 87 -49.64 0.21 -20.51
C ARG AA 87 -49.97 -0.15 -21.95
N SER AA 88 -49.74 0.81 -22.85
CA SER AA 88 -49.93 0.53 -24.27
C SER AA 88 -48.93 -0.52 -24.76
N GLU AA 89 -47.76 -0.61 -24.11
CA GLU AA 89 -46.80 -1.63 -24.48
C GLU AA 89 -47.27 -3.04 -24.12
N ASP AA 90 -48.28 -3.16 -23.26
CA ASP AA 90 -48.86 -4.45 -22.92
C ASP AA 90 -49.85 -4.95 -23.96
N THR AA 91 -50.07 -4.20 -25.04
CA THR AA 91 -50.98 -4.63 -26.10
C THR AA 91 -50.35 -5.78 -26.87
N ALA AA 92 -50.95 -6.96 -26.79
CA ALA AA 92 -50.36 -8.16 -27.38
C ALA AA 92 -51.38 -9.30 -27.31
N VAL AA 93 -50.97 -10.45 -27.82
CA VAL AA 93 -51.74 -11.68 -27.71
C VAL AA 93 -51.09 -12.56 -26.65
N TYR AA 94 -51.91 -13.09 -25.75
CA TYR AA 94 -51.43 -13.85 -24.60
C TYR AA 94 -51.82 -15.31 -24.78
N TYR AA 95 -50.82 -16.18 -24.88
CA TYR AA 95 -51.02 -17.61 -25.04
C TYR AA 95 -50.69 -18.33 -23.73
N CYS AA 96 -51.45 -19.37 -23.43
CA CYS AA 96 -51.08 -20.35 -22.42
C CYS AA 96 -50.65 -21.64 -23.12
N ALA AA 97 -49.73 -22.35 -22.50
CA ALA AA 97 -49.20 -23.56 -23.11
C ALA AA 97 -48.84 -24.55 -22.02
N ARG AA 98 -49.04 -25.83 -22.33
CA ARG AA 98 -48.74 -26.88 -21.38
C ARG AA 98 -47.24 -27.16 -21.37
N GLU AA 99 -46.67 -27.27 -20.18
CA GLU AA 99 -45.25 -27.59 -20.01
C GLU AA 99 -45.13 -29.11 -19.88
N GLY AA 100 -44.74 -29.76 -20.96
CA GLY AA 100 -44.54 -31.20 -20.93
C GLY AA 100 -45.50 -31.96 -21.83
N GLY AA 101 -45.08 -33.15 -22.27
CA GLY AA 101 -45.90 -33.90 -23.22
C GLY AA 101 -46.03 -33.13 -24.53
N PHE AA 102 -47.11 -33.44 -25.25
CA PHE AA 102 -47.38 -32.76 -26.50
C PHE AA 102 -47.60 -31.26 -26.27
N ALA AA 103 -46.97 -30.44 -27.11
CA ALA AA 103 -46.99 -28.99 -26.94
C ALA AA 103 -48.36 -28.46 -27.32
N TYR AA 104 -49.30 -28.59 -26.39
CA TYR AA 104 -50.61 -27.96 -26.55
C TYR AA 104 -50.50 -26.47 -26.25
N TRP AA 105 -51.20 -25.67 -27.05
CA TRP AA 105 -51.18 -24.21 -26.93
C TRP AA 105 -52.61 -23.69 -26.98
N GLY AA 106 -52.91 -22.71 -26.13
CA GLY AA 106 -54.17 -22.02 -26.23
C GLY AA 106 -54.30 -21.25 -27.54
N GLN AA 107 -55.53 -20.86 -27.86
CA GLN AA 107 -55.75 -20.13 -29.10
C GLN AA 107 -55.30 -18.67 -29.01
N GLY AA 108 -54.93 -18.19 -27.84
CA GLY AA 108 -54.50 -16.82 -27.70
C GLY AA 108 -55.64 -15.89 -27.31
N THR AA 109 -55.30 -14.87 -26.53
CA THR AA 109 -56.23 -13.82 -26.14
C THR AA 109 -55.59 -12.49 -26.46
N LEU AA 110 -56.29 -11.67 -27.25
CA LEU AA 110 -55.78 -10.35 -27.60
C LEU AA 110 -56.22 -9.35 -26.54
N VAL AA 111 -55.24 -8.65 -25.96
CA VAL AA 111 -55.49 -7.59 -24.98
C VAL AA 111 -55.02 -6.29 -25.60
N THR AA 112 -55.95 -5.39 -25.87
CA THR AA 112 -55.65 -4.10 -26.46
C THR AA 112 -55.77 -3.03 -25.38
N VAL AA 113 -54.68 -2.33 -25.12
CA VAL AA 113 -54.62 -1.28 -24.11
C VAL AA 113 -54.41 0.05 -24.82
N SER AA 114 -55.44 0.89 -24.81
CA SER AA 114 -55.38 2.18 -25.47
C SER AA 114 -56.30 3.16 -24.74
N SER AA 115 -56.11 4.44 -25.02
CA SER AA 115 -56.93 5.49 -24.45
C SER AA 115 -58.23 5.72 -25.22
N ALA AA 116 -58.43 5.02 -26.34
CA ALA AA 116 -59.64 5.14 -27.12
C ALA AA 116 -60.69 4.15 -26.65
N SER AA 117 -61.90 4.31 -27.18
CA SER AA 117 -63.03 3.45 -26.84
C SER AA 117 -63.61 2.83 -28.11
N THR AA 118 -64.34 1.72 -27.93
CA THR AA 118 -64.91 0.97 -29.04
C THR AA 118 -65.78 1.87 -29.92
N LYS AA 119 -65.35 2.08 -31.17
CA LYS AA 119 -65.98 3.07 -32.03
C LYS AA 119 -66.86 2.41 -33.11
N GLY AA 120 -66.23 1.86 -34.14
CA GLY AA 120 -66.95 1.35 -35.28
C GLY AA 120 -66.48 2.00 -36.55
N PRO AA 121 -66.29 1.21 -37.60
CA PRO AA 121 -65.64 1.72 -38.81
C PRO AA 121 -66.59 2.46 -39.75
N SER AA 122 -66.02 3.47 -40.41
CA SER AA 122 -66.68 4.15 -41.53
C SER AA 122 -66.11 3.59 -42.82
N VAL AA 123 -66.98 3.17 -43.72
CA VAL AA 123 -66.57 2.51 -44.97
C VAL AA 123 -66.72 3.51 -46.11
N PHE AA 124 -65.63 3.74 -46.83
CA PHE AA 124 -65.58 4.64 -47.98
C PHE AA 124 -65.16 3.89 -49.23
N PRO AA 125 -65.73 4.21 -50.39
CA PRO AA 125 -65.36 3.51 -51.63
C PRO AA 125 -64.14 4.12 -52.30
N LEU AA 126 -63.32 3.24 -52.89
CA LEU AA 126 -62.19 3.63 -53.71
C LEU AA 126 -62.59 3.34 -55.16
N ALA AA 127 -63.05 4.39 -55.86
CA ALA AA 127 -63.66 4.19 -57.17
C ALA AA 127 -62.60 3.95 -58.23
N PRO AA 128 -62.85 3.02 -59.17
CA PRO AA 128 -61.87 2.75 -60.21
C PRO AA 128 -61.69 3.93 -61.14
N SER AA 129 -60.47 4.08 -61.65
CA SER AA 129 -60.13 5.22 -62.50
C SER AA 129 -60.63 5.03 -63.93
N SER AA 130 -60.12 4.02 -64.62
CA SER AA 130 -60.51 3.73 -66.00
C SER AA 130 -60.28 4.93 -66.93
N GLY AA 135 -57.86 0.88 -69.06
CA GLY AA 135 -57.29 0.33 -70.27
C GLY AA 135 -57.51 -1.17 -70.41
N GLY AA 136 -56.74 -1.95 -69.64
CA GLY AA 136 -56.85 -3.39 -69.66
C GLY AA 136 -57.24 -3.99 -68.33
N THR AA 137 -56.56 -3.56 -67.27
CA THR AA 137 -56.85 -4.01 -65.91
C THR AA 137 -56.95 -2.80 -65.00
N ALA AA 138 -58.00 -2.76 -64.19
CA ALA AA 138 -58.22 -1.67 -63.24
C ALA AA 138 -58.40 -2.24 -61.85
N ALA AA 139 -58.15 -1.38 -60.85
CA ALA AA 139 -58.24 -1.76 -59.45
C ALA AA 139 -59.25 -0.88 -58.73
N LEU AA 140 -59.98 -1.48 -57.79
CA LEU AA 140 -60.95 -0.79 -56.96
C LEU AA 140 -60.92 -1.41 -55.56
N GLY AA 141 -61.52 -0.72 -54.60
CA GLY AA 141 -61.51 -1.24 -53.24
C GLY AA 141 -62.32 -0.39 -52.30
N CYS AA 142 -62.20 -0.71 -51.02
CA CYS AA 142 -62.88 -0.02 -49.93
C CYS AA 142 -61.87 0.40 -48.89
N LEU AA 143 -62.08 1.59 -48.31
CA LEU AA 143 -61.24 2.10 -47.23
C LEU AA 143 -62.03 2.01 -45.93
N VAL AA 144 -61.56 1.17 -45.02
CA VAL AA 144 -62.15 1.00 -43.69
C VAL AA 144 -61.35 1.88 -42.74
N LYS AA 145 -61.91 3.01 -42.35
CA LYS AA 145 -61.17 4.02 -41.60
C LYS AA 145 -61.80 4.27 -40.23
N ASP AA 146 -60.92 4.57 -39.27
CA ASP AA 146 -61.30 5.03 -37.93
C ASP AA 146 -62.21 4.03 -37.22
N TYR AA 147 -61.63 2.94 -36.74
CA TYR AA 147 -62.35 1.99 -35.90
C TYR AA 147 -61.44 1.58 -34.75
N PHE AA 148 -62.05 0.89 -33.78
CA PHE AA 148 -61.35 0.41 -32.60
C PHE AA 148 -62.26 -0.53 -31.84
N PRO AA 149 -61.77 -1.69 -31.37
CA PRO AA 149 -60.41 -2.16 -31.64
C PRO AA 149 -60.35 -3.14 -32.82
N GLU AA 150 -59.22 -3.82 -32.95
CA GLU AA 150 -59.09 -4.89 -33.93
C GLU AA 150 -59.87 -6.11 -33.45
N PRO AA 151 -60.23 -7.02 -34.36
CA PRO AA 151 -59.96 -7.04 -35.81
C PRO AA 151 -61.10 -6.51 -36.67
N VAL AA 152 -60.88 -6.54 -37.98
CA VAL AA 152 -61.89 -6.21 -38.97
C VAL AA 152 -61.75 -7.19 -40.13
N THR AA 153 -62.87 -7.80 -40.53
CA THR AA 153 -62.90 -8.75 -41.64
C THR AA 153 -63.57 -8.10 -42.84
N VAL AA 154 -62.98 -8.33 -44.02
CA VAL AA 154 -63.45 -7.74 -45.27
C VAL AA 154 -63.56 -8.84 -46.32
N SER AA 155 -64.74 -8.99 -46.91
CA SER AA 155 -64.96 -9.90 -48.02
C SER AA 155 -65.68 -9.16 -49.14
N TRP AA 156 -65.62 -9.72 -50.34
CA TRP AA 156 -66.18 -9.10 -51.53
C TRP AA 156 -67.27 -9.99 -52.11
N ASN AA 157 -68.46 -9.41 -52.30
CA ASN AA 157 -69.61 -10.11 -52.87
C ASN AA 157 -69.97 -11.35 -52.07
N SER AA 158 -69.99 -11.21 -50.74
CA SER AA 158 -70.37 -12.28 -49.81
C SER AA 158 -69.52 -13.53 -50.00
N GLY AA 159 -68.26 -13.36 -50.37
CA GLY AA 159 -67.34 -14.47 -50.52
C GLY AA 159 -67.22 -15.04 -51.91
N ALA AA 160 -67.85 -14.42 -52.91
CA ALA AA 160 -67.78 -14.95 -54.27
C ALA AA 160 -66.48 -14.54 -54.96
N LEU AA 161 -66.15 -13.25 -54.91
CA LEU AA 161 -64.91 -12.74 -55.52
C LEU AA 161 -63.78 -12.89 -54.52
N THR AA 162 -62.84 -13.78 -54.83
CA THR AA 162 -61.71 -14.07 -53.95
C THR AA 162 -60.35 -13.78 -54.58
N SER AA 163 -60.16 -14.11 -55.85
CA SER AA 163 -58.88 -13.88 -56.50
C SER AA 163 -58.71 -12.41 -56.86
N GLY AA 164 -57.46 -11.94 -56.77
CA GLY AA 164 -57.15 -10.54 -56.98
C GLY AA 164 -57.34 -9.65 -55.77
N VAL AA 165 -57.88 -10.18 -54.67
CA VAL AA 165 -58.14 -9.39 -53.48
C VAL AA 165 -56.86 -9.24 -52.67
N HIS AA 166 -56.68 -8.06 -52.07
CA HIS AA 166 -55.53 -7.79 -51.19
C HIS AA 166 -56.04 -6.98 -50.00
N THR AA 167 -56.43 -7.67 -48.94
CA THR AA 167 -56.81 -7.01 -47.69
C THR AA 167 -55.54 -6.72 -46.90
N PHE AA 168 -55.27 -5.44 -46.66
CA PHE AA 168 -53.99 -5.02 -46.11
C PHE AA 168 -53.98 -5.08 -44.59
N PRO AA 169 -52.79 -5.19 -44.00
CA PRO AA 169 -52.69 -5.05 -42.54
C PRO AA 169 -53.04 -3.65 -42.09
N ALA AA 170 -53.70 -3.56 -40.94
CA ALA AA 170 -54.12 -2.27 -40.41
C ALA AA 170 -52.91 -1.44 -39.94
N VAL AA 171 -53.17 -0.16 -39.71
CA VAL AA 171 -52.17 0.77 -39.20
C VAL AA 171 -52.76 1.53 -38.03
N LEU AA 172 -51.90 1.95 -37.11
CA LEU AA 172 -52.32 2.64 -35.89
C LEU AA 172 -52.12 4.14 -36.08
N GLN AA 173 -53.22 4.85 -36.30
CA GLN AA 173 -53.17 6.28 -36.52
C GLN AA 173 -52.79 7.02 -35.25
N SER AA 174 -52.41 8.30 -35.40
CA SER AA 174 -52.07 9.11 -34.25
C SER AA 174 -53.23 9.25 -33.28
N SER AA 175 -54.46 9.23 -33.81
CA SER AA 175 -55.66 9.31 -32.98
C SER AA 175 -55.93 8.04 -32.18
N GLY AA 176 -55.10 7.01 -32.33
CA GLY AA 176 -55.33 5.74 -31.68
C GLY AA 176 -56.40 4.88 -32.33
N LEU AA 177 -56.82 5.22 -33.53
CA LEU AA 177 -57.80 4.44 -34.28
C LEU AA 177 -57.12 3.73 -35.45
N TYR AA 178 -57.69 2.60 -35.85
CA TYR AA 178 -57.08 1.78 -36.89
C TYR AA 178 -57.68 2.10 -38.26
N SER AA 179 -56.84 2.04 -39.28
CA SER AA 179 -57.24 2.27 -40.66
C SER AA 179 -56.74 1.12 -41.52
N LEU AA 180 -57.55 0.70 -42.50
CA LEU AA 180 -57.26 -0.49 -43.28
C LEU AA 180 -57.78 -0.29 -44.70
N SER AA 181 -57.05 -0.84 -45.66
CA SER AA 181 -57.42 -0.77 -47.07
C SER AA 181 -57.58 -2.19 -47.63
N SER AA 182 -58.50 -2.34 -48.58
CA SER AA 182 -58.78 -3.62 -49.20
C SER AA 182 -59.06 -3.38 -50.68
N VAL AA 183 -58.25 -3.98 -51.55
CA VAL AA 183 -58.34 -3.75 -52.99
C VAL AA 183 -58.57 -5.07 -53.71
N VAL AA 184 -59.02 -4.97 -54.96
CA VAL AA 184 -59.20 -6.13 -55.83
C VAL AA 184 -59.04 -5.67 -57.28
N THR AA 185 -58.43 -6.51 -58.10
CA THR AA 185 -58.21 -6.21 -59.51
C THR AA 185 -59.23 -6.93 -60.37
N VAL AA 186 -59.79 -6.21 -61.33
CA VAL AA 186 -60.81 -6.73 -62.25
C VAL AA 186 -60.55 -6.16 -63.63
N PRO AA 187 -61.03 -6.86 -64.66
CA PRO AA 187 -60.89 -6.32 -66.03
C PRO AA 187 -61.64 -5.02 -66.20
N SER AA 188 -61.10 -4.14 -67.06
CA SER AA 188 -61.72 -2.85 -67.32
C SER AA 188 -63.05 -2.99 -68.07
N SER AA 189 -63.25 -4.09 -68.79
CA SER AA 189 -64.48 -4.29 -69.55
C SER AA 189 -65.66 -4.69 -68.67
N SER AA 190 -65.44 -4.96 -67.39
CA SER AA 190 -66.50 -5.35 -66.48
C SER AA 190 -66.90 -4.23 -65.52
N LEU AA 191 -66.40 -3.01 -65.74
CA LEU AA 191 -66.78 -1.88 -64.92
C LEU AA 191 -68.15 -1.36 -65.36
N GLY AA 192 -69.09 -1.28 -64.42
CA GLY AA 192 -70.45 -0.92 -64.71
C GLY AA 192 -71.37 -2.11 -64.98
N THR AA 193 -70.81 -3.20 -65.50
CA THR AA 193 -71.59 -4.40 -65.75
C THR AA 193 -71.69 -5.26 -64.50
N GLN AA 194 -70.58 -5.42 -63.77
CA GLN AA 194 -70.55 -6.24 -62.57
C GLN AA 194 -70.78 -5.39 -61.33
N THR AA 195 -71.33 -6.03 -60.31
CA THR AA 195 -71.58 -5.39 -59.01
C THR AA 195 -70.47 -5.78 -58.05
N TYR AA 196 -69.88 -4.79 -57.39
CA TYR AA 196 -68.76 -4.99 -56.46
C TYR AA 196 -69.13 -4.38 -55.12
N ILE AA 197 -69.39 -5.24 -54.13
CA ILE AA 197 -69.80 -4.81 -52.80
C ILE AA 197 -68.85 -5.43 -51.79
N CYS AA 198 -68.18 -4.60 -51.00
CA CYS AA 198 -67.30 -5.07 -49.94
C CYS AA 198 -68.08 -5.23 -48.64
N ASN AA 199 -67.85 -6.34 -47.95
CA ASN AA 199 -68.58 -6.68 -46.73
C ASN AA 199 -67.65 -6.44 -45.53
N VAL AA 200 -67.82 -5.30 -44.87
CA VAL AA 200 -67.04 -4.95 -43.69
C VAL AA 200 -67.79 -5.41 -42.45
N ASN AA 201 -67.09 -6.13 -41.57
CA ASN AA 201 -67.69 -6.62 -40.33
C ASN AA 201 -66.76 -6.28 -39.17
N HIS AA 202 -67.31 -5.63 -38.15
CA HIS AA 202 -66.57 -5.24 -36.95
C HIS AA 202 -67.34 -5.77 -35.74
N LYS AA 203 -66.98 -6.98 -35.32
CA LYS AA 203 -67.70 -7.62 -34.22
C LYS AA 203 -67.63 -6.86 -32.90
N PRO AA 204 -66.51 -6.26 -32.48
CA PRO AA 204 -66.51 -5.54 -31.20
C PRO AA 204 -67.57 -4.45 -31.08
N SER AA 205 -68.02 -3.88 -32.21
CA SER AA 205 -69.04 -2.83 -32.18
C SER AA 205 -70.34 -3.26 -32.88
N ASN AA 206 -70.46 -4.53 -33.28
CA ASN AA 206 -71.65 -5.06 -33.93
C ASN AA 206 -72.05 -4.24 -35.15
N THR AA 207 -71.04 -3.79 -35.90
CA THR AA 207 -71.25 -2.99 -37.10
C THR AA 207 -71.07 -3.87 -38.33
N LYS AA 208 -72.07 -3.89 -39.21
CA LYS AA 208 -72.00 -4.62 -40.47
C LYS AA 208 -72.42 -3.66 -41.59
N VAL AA 209 -71.47 -3.26 -42.42
CA VAL AA 209 -71.70 -2.30 -43.49
C VAL AA 209 -71.43 -2.98 -44.83
N ASP AA 210 -72.32 -2.74 -45.78
CA ASP AA 210 -72.15 -3.19 -47.16
C ASP AA 210 -72.06 -1.94 -48.04
N LYS AA 211 -70.89 -1.70 -48.63
CA LYS AA 211 -70.64 -0.52 -49.44
C LYS AA 211 -70.50 -0.93 -50.91
N LYS AA 212 -71.18 -0.20 -51.78
CA LYS AA 212 -71.18 -0.47 -53.21
C LYS AA 212 -70.14 0.43 -53.89
N VAL AA 213 -69.30 -0.17 -54.72
CA VAL AA 213 -68.21 0.52 -55.38
C VAL AA 213 -68.52 0.61 -56.87
N GLU AA 214 -68.71 1.83 -57.35
CA GLU AA 214 -69.01 2.13 -58.74
C GLU AA 214 -68.03 3.15 -59.27
N PRO AA 215 -67.86 3.24 -60.60
CA PRO AA 215 -67.07 4.33 -61.17
C PRO AA 215 -67.81 5.65 -61.07
N LYS AA 216 -67.07 6.71 -60.77
CA LYS AA 216 -67.65 8.03 -60.55
C LYS AA 216 -68.02 8.69 -61.87
N SER AA 217 -68.85 9.73 -61.79
CA SER AA 217 -69.26 10.49 -62.96
C SER AA 217 -69.18 12.00 -62.68
N ILE BA 1 -56.08 -9.73 6.75
CA ILE BA 1 -55.16 -10.31 5.79
C ILE BA 1 -53.87 -9.49 5.73
N LEU BA 2 -52.76 -10.11 6.16
CA LEU BA 2 -51.47 -9.47 6.18
C LEU BA 2 -50.62 -9.98 5.02
N GLY BA 3 -49.89 -9.06 4.38
CA GLY BA 3 -49.05 -9.45 3.26
C GLY BA 3 -49.79 -9.75 1.98
N GLY BA 4 -51.03 -9.30 1.87
CA GLY BA 4 -51.80 -9.53 0.67
C GLY BA 4 -52.22 -8.23 0.01
N ARG BA 5 -53.19 -8.32 -0.90
CA ARG BA 5 -53.64 -7.17 -1.67
C ARG BA 5 -55.16 -7.23 -1.79
N GLU BA 6 -55.73 -6.16 -2.34
CA GLU BA 6 -57.17 -6.10 -2.54
C GLU BA 6 -57.58 -7.15 -3.55
N ALA BA 7 -58.59 -7.96 -3.20
CA ALA BA 7 -59.08 -8.97 -4.10
C ALA BA 7 -59.82 -8.33 -5.26
N GLU BA 8 -60.00 -9.12 -6.33
CA GLU BA 8 -60.90 -8.71 -7.39
C GLU BA 8 -62.33 -8.72 -6.86
N ALA BA 9 -63.04 -7.62 -7.07
CA ALA BA 9 -64.36 -7.46 -6.49
C ALA BA 9 -65.31 -8.55 -6.97
N HIS BA 10 -65.92 -9.24 -6.00
CA HIS BA 10 -66.93 -10.28 -6.23
C HIS BA 10 -66.36 -11.49 -6.96
N ALA BA 11 -65.04 -11.62 -7.06
CA ALA BA 11 -64.45 -12.84 -7.58
C ALA BA 11 -64.67 -14.03 -6.66
N ARG BA 12 -64.89 -13.78 -5.37
CA ARG BA 12 -65.18 -14.83 -4.40
C ARG BA 12 -66.62 -14.66 -3.92
N PRO BA 13 -67.59 -15.16 -4.69
CA PRO BA 13 -69.01 -14.91 -4.35
C PRO BA 13 -69.46 -15.57 -3.05
N TYR BA 14 -68.67 -16.48 -2.50
CA TYR BA 14 -68.98 -17.12 -1.22
C TYR BA 14 -68.57 -16.28 -0.01
N MET BA 15 -67.89 -15.15 -0.24
CA MET BA 15 -67.33 -14.39 0.87
C MET BA 15 -68.44 -13.63 1.60
N ALA BA 16 -68.52 -13.82 2.92
CA ALA BA 16 -69.50 -13.16 3.76
C ALA BA 16 -68.81 -12.36 4.85
N SER BA 17 -69.44 -11.26 5.23
CA SER BA 17 -69.00 -10.42 6.34
C SER BA 17 -70.02 -10.58 7.46
N VAL BA 18 -69.66 -11.33 8.50
CA VAL BA 18 -70.51 -11.43 9.69
C VAL BA 18 -70.42 -10.13 10.45
N GLN BA 19 -71.56 -9.47 10.65
CA GLN BA 19 -71.61 -8.13 11.21
C GLN BA 19 -72.30 -8.12 12.57
N LEU BA 20 -71.74 -7.35 13.50
CA LEU BA 20 -72.29 -7.18 14.85
C LEU BA 20 -72.57 -5.69 15.05
N ASN BA 21 -73.85 -5.35 15.20
CA ASN BA 21 -74.29 -3.97 15.38
C ASN BA 21 -73.83 -3.09 14.23
N GLY BA 22 -74.01 -3.59 13.00
CA GLY BA 22 -73.70 -2.80 11.82
C GLY BA 22 -72.23 -2.55 11.59
N ALA BA 23 -71.37 -3.38 12.15
CA ALA BA 23 -69.94 -3.29 11.93
C ALA BA 23 -69.39 -4.68 11.65
N HIS BA 24 -68.34 -4.73 10.83
CA HIS BA 24 -67.73 -6.01 10.51
C HIS BA 24 -67.10 -6.62 11.76
N LEU BA 25 -67.41 -7.89 12.01
CA LEU BA 25 -66.88 -8.61 13.16
C LEU BA 25 -66.02 -9.79 12.75
N CYS BA 26 -66.48 -10.60 11.79
CA CYS BA 26 -65.79 -11.82 11.42
C CYS BA 26 -66.05 -12.14 9.96
N GLY BA 27 -65.21 -13.02 9.42
CA GLY BA 27 -65.45 -13.55 8.10
C GLY BA 27 -66.45 -14.68 8.12
N GLY BA 28 -66.97 -14.99 6.94
CA GLY BA 28 -67.91 -16.08 6.80
C GLY BA 28 -67.97 -16.56 5.36
N VAL BA 29 -68.27 -17.84 5.19
CA VAL BA 29 -68.33 -18.46 3.87
C VAL BA 29 -69.72 -19.05 3.68
N LEU BA 30 -70.37 -18.69 2.57
CA LEU BA 30 -71.70 -19.20 2.27
C LEU BA 30 -71.60 -20.66 1.83
N VAL BA 31 -72.24 -21.55 2.59
CA VAL BA 31 -72.17 -22.98 2.33
C VAL BA 31 -73.50 -23.57 1.87
N ALA BA 32 -74.58 -22.81 1.92
CA ALA BA 32 -75.87 -23.23 1.40
C ALA BA 32 -76.66 -21.97 1.07
N GLU BA 33 -77.83 -22.16 0.45
CA GLU BA 33 -78.66 -21.01 0.10
C GLU BA 33 -79.01 -20.17 1.32
N GLN BA 34 -79.08 -20.77 2.51
CA GLN BA 34 -79.57 -20.08 3.70
C GLN BA 34 -78.66 -20.27 4.90
N TRP BA 35 -77.42 -20.73 4.70
CA TRP BA 35 -76.51 -20.97 5.82
C TRP BA 35 -75.15 -20.35 5.53
N VAL BA 36 -74.56 -19.77 6.58
CA VAL BA 36 -73.23 -19.19 6.52
C VAL BA 36 -72.38 -19.86 7.59
N LEU BA 37 -71.21 -20.35 7.20
CA LEU BA 37 -70.28 -20.99 8.12
C LEU BA 37 -69.25 -19.96 8.59
N SER BA 38 -68.93 -20.00 9.89
CA SER BA 38 -68.02 -19.03 10.47
C SER BA 38 -67.37 -19.65 11.71
N ALA BA 39 -66.78 -18.80 12.55
CA ALA BA 39 -66.11 -19.24 13.77
C ALA BA 39 -67.00 -19.00 14.98
N ALA BA 40 -67.00 -19.95 15.90
CA ALA BA 40 -67.85 -19.85 17.08
C ALA BA 40 -67.38 -18.75 18.03
N HIS BA 41 -66.06 -18.59 18.17
CA HIS BA 41 -65.54 -17.59 19.10
C HIS BA 41 -65.90 -16.17 18.71
N CYS BA 42 -66.38 -15.96 17.47
CA CYS BA 42 -66.80 -14.63 17.05
C CYS BA 42 -67.94 -14.10 17.90
N LEU BA 43 -68.76 -15.00 18.45
CA LEU BA 43 -69.96 -14.62 19.18
C LEU BA 43 -69.84 -14.86 20.67
N GLU BA 44 -68.64 -15.18 21.17
CA GLU BA 44 -68.47 -15.39 22.61
C GLU BA 44 -68.74 -14.11 23.39
N ASP BA 45 -68.17 -12.99 22.93
CA ASP BA 45 -68.35 -11.70 23.58
C ASP BA 45 -69.41 -10.86 22.89
N ALA BA 46 -70.22 -11.44 22.00
CA ALA BA 46 -71.17 -10.65 21.24
C ALA BA 46 -72.34 -10.18 22.11
N ALA BA 47 -72.69 -10.94 23.14
CA ALA BA 47 -73.77 -10.60 24.08
C ALA BA 47 -75.05 -10.35 23.28
N ASP BA 48 -75.77 -9.26 23.52
CA ASP BA 48 -77.06 -9.01 22.88
C ASP BA 48 -76.93 -8.27 21.55
N GLY BA 49 -75.74 -8.25 20.96
CA GLY BA 49 -75.55 -7.52 19.73
C GLY BA 49 -76.31 -8.15 18.57
N LYS BA 50 -76.74 -7.29 17.64
CA LYS BA 50 -77.49 -7.74 16.48
C LYS BA 50 -76.52 -8.38 15.49
N VAL BA 51 -76.66 -9.69 15.28
CA VAL BA 51 -75.80 -10.43 14.37
C VAL BA 51 -76.44 -10.43 12.99
N GLN BA 52 -75.72 -9.93 11.99
CA GLN BA 52 -76.19 -9.88 10.62
C GLN BA 52 -75.09 -10.41 9.70
N VAL BA 53 -75.49 -10.78 8.48
CA VAL BA 53 -74.58 -11.31 7.48
C VAL BA 53 -74.69 -10.45 6.22
N LEU BA 54 -73.55 -10.04 5.68
CA LEU BA 54 -73.48 -9.21 4.48
C LEU BA 54 -72.94 -10.04 3.33
N LEU BA 55 -73.80 -10.34 2.36
CA LEU BA 55 -73.43 -11.14 1.21
C LEU BA 55 -73.22 -10.26 -0.02
N GLY BA 56 -72.44 -10.78 -0.96
CA GLY BA 56 -72.20 -10.09 -2.22
C GLY BA 56 -71.48 -8.76 -2.07
N ALA BA 57 -70.63 -8.63 -1.06
CA ALA BA 57 -69.94 -7.39 -0.78
C ALA BA 57 -68.49 -7.47 -1.22
N HIS BA 58 -67.94 -6.32 -1.58
CA HIS BA 58 -66.50 -6.14 -1.74
C HIS BA 58 -66.00 -4.99 -0.87
N SER BA 59 -66.64 -3.83 -0.94
CA SER BA 59 -66.42 -2.77 0.02
C SER BA 59 -67.49 -2.84 1.10
N LEU BA 60 -67.08 -2.55 2.34
CA LEU BA 60 -68.02 -2.56 3.45
C LEU BA 60 -68.90 -1.31 3.50
N SER BA 61 -68.44 -0.20 2.94
CA SER BA 61 -69.10 1.09 3.09
C SER BA 61 -69.73 1.62 1.81
N GLN BA 62 -69.14 1.36 0.65
CA GLN BA 62 -69.63 1.96 -0.58
C GLN BA 62 -70.80 1.16 -1.16
N PRO BA 63 -71.73 1.83 -1.83
CA PRO BA 63 -72.91 1.13 -2.37
C PRO BA 63 -72.55 0.25 -3.56
N GLU BA 64 -73.01 -1.00 -3.52
CA GLU BA 64 -72.79 -1.98 -4.57
C GLU BA 64 -74.11 -2.71 -4.84
N PRO BA 65 -74.46 -2.92 -6.10
CA PRO BA 65 -75.77 -3.53 -6.41
C PRO BA 65 -75.94 -4.93 -5.84
N SER BA 66 -74.87 -5.72 -5.78
CA SER BA 66 -74.97 -7.08 -5.28
C SER BA 66 -74.96 -7.16 -3.76
N LYS BA 67 -74.66 -6.06 -3.06
CA LYS BA 67 -74.64 -6.09 -1.61
C LYS BA 67 -76.05 -6.25 -1.06
N ARG BA 68 -76.17 -7.12 -0.06
CA ARG BA 68 -77.41 -7.26 0.68
C ARG BA 68 -77.09 -7.73 2.09
N LEU BA 69 -77.75 -7.14 3.08
CA LEU BA 69 -77.52 -7.45 4.48
C LEU BA 69 -78.69 -8.29 4.99
N TYR BA 70 -78.40 -9.53 5.37
CA TYR BA 70 -79.42 -10.46 5.85
C TYR BA 70 -79.43 -10.50 7.37
N ASP BA 71 -80.61 -10.68 7.94
CA ASP BA 71 -80.72 -10.94 9.37
C ASP BA 71 -80.51 -12.44 9.63
N VAL BA 72 -80.10 -12.75 10.85
CA VAL BA 72 -79.81 -14.12 11.24
C VAL BA 72 -81.00 -14.66 12.03
N LEU BA 73 -81.56 -15.77 11.55
CA LEU BA 73 -82.71 -16.40 12.18
C LEU BA 73 -82.33 -17.34 13.30
N ARG BA 74 -81.10 -17.83 13.31
CA ARG BA 74 -80.71 -18.92 14.19
C ARG BA 74 -79.20 -19.14 14.13
N ALA BA 75 -78.52 -19.09 15.26
CA ALA BA 75 -77.06 -19.24 15.32
C ALA BA 75 -76.73 -20.53 16.04
N VAL BA 76 -75.98 -21.40 15.39
CA VAL BA 76 -75.68 -22.73 15.92
C VAL BA 76 -74.18 -22.88 16.11
N PRO BA 77 -73.63 -22.48 17.25
CA PRO BA 77 -72.24 -22.80 17.54
C PRO BA 77 -72.07 -24.29 17.78
N HIS BA 78 -70.91 -24.81 17.41
CA HIS BA 78 -70.63 -26.22 17.63
C HIS BA 78 -70.74 -26.51 19.12
N PRO BA 79 -71.51 -27.53 19.53
CA PRO BA 79 -71.79 -27.72 20.96
C PRO BA 79 -70.56 -27.92 21.81
N ASP BA 80 -69.46 -28.42 21.24
CA ASP BA 80 -68.26 -28.69 22.01
C ASP BA 80 -67.26 -27.54 21.98
N SER BA 81 -67.69 -26.34 21.55
CA SER BA 81 -66.82 -25.18 21.55
C SER BA 81 -66.96 -24.42 22.86
N GLN BA 82 -65.86 -23.83 23.31
CA GLN BA 82 -65.82 -23.09 24.55
C GLN BA 82 -64.72 -22.04 24.45
N PRO BA 83 -64.80 -20.96 25.24
CA PRO BA 83 -63.83 -19.87 25.09
C PRO BA 83 -62.40 -20.25 25.47
N ASP BA 84 -62.20 -21.36 26.18
CA ASP BA 84 -60.86 -21.70 26.66
C ASP BA 84 -59.99 -22.32 25.59
N THR BA 85 -60.58 -22.93 24.56
CA THR BA 85 -59.84 -23.70 23.57
C THR BA 85 -60.04 -23.13 22.17
N ILE BA 86 -59.24 -23.65 21.23
CA ILE BA 86 -59.46 -23.42 19.80
C ILE BA 86 -60.13 -24.61 19.14
N ASP BA 87 -60.66 -25.55 19.92
CA ASP BA 87 -61.24 -26.76 19.38
C ASP BA 87 -62.69 -26.52 18.96
N HIS BA 88 -63.08 -27.10 17.84
CA HIS BA 88 -64.46 -27.08 17.36
C HIS BA 88 -64.97 -25.64 17.17
N ASP BA 89 -64.11 -24.77 16.66
CA ASP BA 89 -64.42 -23.35 16.55
C ASP BA 89 -65.15 -23.06 15.24
N LEU BA 90 -66.33 -23.66 15.09
CA LEU BA 90 -67.19 -23.46 13.94
C LEU BA 90 -68.55 -22.94 14.38
N LEU BA 91 -69.14 -22.09 13.54
CA LEU BA 91 -70.44 -21.48 13.81
C LEU BA 91 -71.26 -21.48 12.53
N LEU BA 92 -72.50 -21.94 12.62
CA LEU BA 92 -73.41 -21.97 11.48
C LEU BA 92 -74.53 -20.97 11.72
N LEU BA 93 -74.70 -20.04 10.78
CA LEU BA 93 -75.72 -19.00 10.87
C LEU BA 93 -76.78 -19.24 9.80
N GLN BA 94 -78.04 -19.23 10.21
CA GLN BA 94 -79.16 -19.36 9.29
C GLN BA 94 -79.69 -17.99 8.93
N LEU BA 95 -79.75 -17.70 7.63
CA LEU BA 95 -80.22 -16.39 7.18
C LEU BA 95 -81.73 -16.27 7.32
N SER BA 96 -82.20 -15.03 7.41
CA SER BA 96 -83.63 -14.77 7.56
C SER BA 96 -84.44 -15.37 6.44
N GLU BA 97 -83.89 -15.40 5.23
CA GLU BA 97 -84.51 -16.06 4.10
C GLU BA 97 -83.41 -16.65 3.23
N LYS BA 98 -83.80 -17.27 2.13
CA LYS BA 98 -82.81 -17.79 1.19
C LYS BA 98 -82.12 -16.64 0.48
N ALA BA 99 -80.81 -16.78 0.30
CA ALA BA 99 -80.02 -15.71 -0.29
C ALA BA 99 -80.27 -15.62 -1.78
N THR BA 100 -80.39 -14.39 -2.28
CA THR BA 100 -80.57 -14.15 -3.70
C THR BA 100 -79.27 -14.47 -4.42
N LEU BA 101 -79.21 -15.66 -5.03
CA LEU BA 101 -78.00 -16.07 -5.72
C LEU BA 101 -77.82 -15.29 -7.01
N GLY BA 102 -76.56 -15.06 -7.36
CA GLY BA 102 -76.22 -14.37 -8.57
C GLY BA 102 -74.75 -14.56 -8.90
N PRO BA 103 -74.24 -13.79 -9.87
CA PRO BA 103 -72.81 -13.90 -10.19
C PRO BA 103 -71.90 -13.43 -9.06
N ALA BA 104 -72.43 -12.70 -8.08
CA ALA BA 104 -71.64 -12.21 -6.95
C ALA BA 104 -72.00 -12.87 -5.63
N VAL BA 105 -73.03 -13.71 -5.60
CA VAL BA 105 -73.43 -14.44 -4.40
C VAL BA 105 -73.62 -15.89 -4.80
N ARG BA 106 -72.73 -16.77 -4.35
CA ARG BA 106 -72.83 -18.17 -4.72
C ARG BA 106 -72.19 -19.04 -3.65
N PRO BA 107 -72.85 -20.11 -3.21
CA PRO BA 107 -72.26 -20.97 -2.18
C PRO BA 107 -71.03 -21.69 -2.69
N LEU BA 108 -70.09 -21.93 -1.77
CA LEU BA 108 -68.85 -22.63 -2.07
C LEU BA 108 -68.92 -24.04 -1.53
N PRO BA 109 -68.75 -25.06 -2.36
CA PRO BA 109 -68.68 -26.43 -1.82
C PRO BA 109 -67.48 -26.58 -0.91
N TRP BA 110 -67.67 -27.34 0.17
CA TRP BA 110 -66.64 -27.53 1.18
C TRP BA 110 -66.13 -28.96 1.16
N GLN BA 111 -64.87 -29.14 1.56
CA GLN BA 111 -64.20 -30.43 1.46
C GLN BA 111 -64.86 -31.45 2.38
N ARG BA 112 -65.23 -32.59 1.81
CA ARG BA 112 -65.85 -33.67 2.55
C ARG BA 112 -64.90 -34.84 2.79
N VAL BA 113 -63.80 -34.93 2.06
CA VAL BA 113 -62.83 -36.00 2.22
C VAL BA 113 -61.85 -35.60 3.32
N ASP BA 114 -61.81 -36.38 4.40
CA ASP BA 114 -60.97 -36.07 5.55
C ASP BA 114 -59.52 -36.49 5.25
N ARG BA 115 -58.84 -35.64 4.49
CA ARG BA 115 -57.43 -35.83 4.16
C ARG BA 115 -56.69 -34.53 4.34
N ASP BA 116 -55.46 -34.63 4.87
CA ASP BA 116 -54.63 -33.44 5.04
C ASP BA 116 -54.19 -32.90 3.69
N VAL BA 117 -54.09 -31.57 3.61
CA VAL BA 117 -53.53 -30.92 2.43
C VAL BA 117 -52.02 -31.05 2.47
N ALA BA 118 -51.43 -31.43 1.35
CA ALA BA 118 -49.98 -31.65 1.30
C ALA BA 118 -49.25 -30.37 1.71
N PRO BA 119 -48.29 -30.45 2.61
CA PRO BA 119 -47.54 -29.25 3.01
C PRO BA 119 -46.89 -28.58 1.81
N GLY BA 120 -46.80 -27.25 1.86
CA GLY BA 120 -46.29 -26.47 0.77
C GLY BA 120 -47.35 -25.98 -0.20
N THR BA 121 -48.54 -26.59 -0.19
CA THR BA 121 -49.63 -26.16 -1.06
C THR BA 121 -50.05 -24.74 -0.72
N LEU BA 122 -50.20 -23.91 -1.74
CA LEU BA 122 -50.69 -22.54 -1.55
C LEU BA 122 -52.21 -22.54 -1.55
N CYS BA 123 -52.80 -22.03 -0.47
CA CYS BA 123 -54.24 -21.92 -0.32
C CYS BA 123 -54.62 -20.47 -0.15
N ASP BA 124 -55.80 -20.11 -0.65
CA ASP BA 124 -56.26 -18.73 -0.64
C ASP BA 124 -57.10 -18.46 0.60
N VAL BA 125 -56.90 -17.29 1.20
CA VAL BA 125 -57.65 -16.85 2.36
C VAL BA 125 -57.97 -15.37 2.20
N ALA BA 126 -59.21 -15.00 2.51
CA ALA BA 126 -59.70 -13.63 2.30
C ALA BA 126 -60.44 -13.15 3.54
N GLY BA 127 -60.43 -11.84 3.74
CA GLY BA 127 -61.13 -11.27 4.88
C GLY BA 127 -60.98 -9.76 4.90
N TRP BA 128 -61.70 -9.15 5.84
CA TRP BA 128 -61.65 -7.71 6.06
C TRP BA 128 -60.89 -7.35 7.34
N GLY BA 129 -60.02 -8.24 7.83
CA GLY BA 129 -59.31 -8.01 9.05
C GLY BA 129 -58.02 -7.22 8.86
N ILE BA 130 -57.31 -7.06 9.97
CA ILE BA 130 -56.05 -6.34 10.07
C ILE BA 130 -55.14 -6.57 8.87
N VAL BA 131 -54.60 -5.50 8.30
CA VAL BA 131 -53.72 -5.58 7.13
C VAL BA 131 -52.30 -5.12 7.42
N ASN BA 132 -52.01 -4.67 8.64
CA ASN BA 132 -50.67 -4.19 8.96
C ASN BA 132 -50.41 -4.35 10.44
N HIS BA 133 -49.12 -4.30 10.81
CA HIS BA 133 -48.75 -4.46 12.20
C HIS BA 133 -49.32 -3.37 13.10
N ALA BA 134 -49.78 -2.25 12.52
CA ALA BA 134 -50.42 -1.21 13.31
C ALA BA 134 -51.78 -1.63 13.83
N GLY BA 135 -52.38 -2.66 13.23
CA GLY BA 135 -53.68 -3.15 13.67
C GLY BA 135 -54.88 -2.45 13.08
N ARG BA 136 -54.74 -1.85 11.90
CA ARG BA 136 -55.82 -1.12 11.26
C ARG BA 136 -56.49 -1.99 10.19
N ARG BA 137 -57.77 -1.71 9.97
CA ARG BA 137 -58.62 -2.55 9.14
C ARG BA 137 -58.91 -1.91 7.79
N PRO BA 138 -59.13 -2.72 6.74
CA PRO BA 138 -59.44 -2.16 5.42
C PRO BA 138 -60.93 -2.13 5.12
N ASP BA 139 -61.31 -1.39 4.08
CA ASP BA 139 -62.70 -1.29 3.65
C ASP BA 139 -63.06 -2.25 2.54
N SER BA 140 -62.12 -2.59 1.65
CA SER BA 140 -62.35 -3.55 0.59
C SER BA 140 -61.73 -4.90 0.96
N LEU BA 141 -62.30 -5.97 0.40
CA LEU BA 141 -61.83 -7.32 0.71
C LEU BA 141 -60.39 -7.51 0.26
N GLN BA 142 -59.58 -8.11 1.13
CA GLN BA 142 -58.19 -8.45 0.84
C GLN BA 142 -58.04 -9.96 0.81
N HIS BA 143 -56.92 -10.43 0.23
CA HIS BA 143 -56.66 -11.85 0.17
C HIS BA 143 -55.16 -12.10 0.01
N VAL BA 144 -54.76 -13.34 0.28
CA VAL BA 144 -53.36 -13.73 0.19
C VAL BA 144 -53.29 -15.24 0.05
N LEU BA 145 -52.20 -15.73 -0.55
CA LEU BA 145 -51.94 -17.16 -0.67
C LEU BA 145 -50.97 -17.59 0.41
N LEU BA 146 -51.33 -18.65 1.14
CA LEU BA 146 -50.54 -19.12 2.28
C LEU BA 146 -50.16 -20.57 2.08
N PRO BA 147 -48.89 -20.94 2.28
CA PRO BA 147 -48.50 -22.35 2.14
C PRO BA 147 -48.88 -23.15 3.38
N VAL BA 148 -49.48 -24.31 3.16
CA VAL BA 148 -49.86 -25.19 4.26
C VAL BA 148 -48.62 -25.68 4.99
N LEU BA 149 -48.67 -25.67 6.31
CA LEU BA 149 -47.58 -26.13 7.16
C LEU BA 149 -47.95 -27.49 7.76
N ASP BA 150 -46.96 -28.38 7.85
CA ASP BA 150 -47.23 -29.70 8.41
C ASP BA 150 -47.51 -29.60 9.91
N ARG BA 151 -48.28 -30.57 10.41
CA ARG BA 151 -48.78 -30.48 11.77
C ARG BA 151 -47.66 -30.67 12.79
N ALA BA 152 -46.69 -31.55 12.51
CA ALA BA 152 -45.59 -31.76 13.44
C ALA BA 152 -44.80 -30.49 13.68
N THR BA 153 -44.49 -29.75 12.61
CA THR BA 153 -43.79 -28.49 12.76
C THR BA 153 -44.63 -27.49 13.56
N CYS BA 154 -45.93 -27.42 13.25
CA CYS BA 154 -46.81 -26.48 13.92
C CYS BA 154 -46.95 -26.79 15.41
N ASN BA 155 -46.71 -28.03 15.81
CA ASN BA 155 -46.88 -28.45 17.20
C ASN BA 155 -45.62 -28.30 18.04
N ARG BA 156 -44.54 -27.73 17.49
CA ARG BA 156 -43.31 -27.57 18.24
C ARG BA 156 -43.50 -26.63 19.41
N ARG BA 157 -42.61 -26.74 20.40
CA ARG BA 157 -42.64 -25.86 21.57
C ARG BA 157 -42.53 -24.39 21.15
N THR BA 158 -41.72 -24.10 20.14
CA THR BA 158 -41.58 -22.72 19.67
C THR BA 158 -42.84 -22.23 18.97
N HIS BA 159 -43.71 -23.13 18.54
CA HIS BA 159 -44.88 -22.72 17.78
C HIS BA 159 -46.13 -22.84 18.64
N HIS BA 160 -46.99 -23.82 18.35
CA HIS BA 160 -48.26 -23.94 19.06
C HIS BA 160 -48.27 -25.09 20.05
N ASP BA 161 -47.13 -25.76 20.25
CA ASP BA 161 -46.90 -26.59 21.44
C ASP BA 161 -47.97 -27.67 21.60
N GLY BA 162 -48.15 -28.47 20.56
CA GLY BA 162 -49.07 -29.59 20.64
C GLY BA 162 -50.53 -29.22 20.75
N ALA BA 163 -50.91 -28.03 20.31
CA ALA BA 163 -52.30 -27.61 20.34
C ALA BA 163 -53.04 -27.87 19.03
N ILE BA 164 -52.36 -28.37 18.02
CA ILE BA 164 -52.94 -28.59 16.70
C ILE BA 164 -53.40 -30.04 16.63
N THR BA 165 -54.70 -30.24 16.76
CA THR BA 165 -55.30 -31.57 16.65
C THR BA 165 -55.39 -31.97 15.18
N GLU BA 166 -55.81 -33.21 14.95
CA GLU BA 166 -56.02 -33.67 13.58
C GLU BA 166 -57.20 -32.98 12.90
N ARG BA 167 -58.04 -32.29 13.66
CA ARG BA 167 -59.12 -31.50 13.10
C ARG BA 167 -58.70 -30.06 12.82
N LEU BA 168 -57.41 -29.76 12.93
CA LEU BA 168 -56.87 -28.44 12.66
C LEU BA 168 -55.73 -28.55 11.66
N MET BA 169 -55.44 -27.43 11.00
CA MET BA 169 -54.35 -27.36 10.05
C MET BA 169 -53.72 -25.97 10.12
N CYS BA 170 -52.44 -25.88 9.78
CA CYS BA 170 -51.70 -24.65 9.87
C CYS BA 170 -51.23 -24.19 8.50
N ALA BA 171 -51.09 -22.87 8.35
CA ALA BA 171 -50.41 -22.26 7.22
C ALA BA 171 -49.30 -21.37 7.74
N GLU BA 172 -48.27 -21.17 6.92
CA GLU BA 172 -47.17 -20.32 7.30
C GLU BA 172 -47.66 -18.91 7.63
N SER BA 173 -46.81 -18.16 8.34
CA SER BA 173 -47.21 -16.83 8.79
C SER BA 173 -46.07 -15.82 8.67
N ASN BA 174 -45.09 -16.06 7.80
CA ASN BA 174 -43.96 -15.15 7.64
C ASN BA 174 -44.36 -14.04 6.67
N ARG BA 175 -44.69 -12.86 7.22
CA ARG BA 175 -45.06 -11.67 6.46
C ARG BA 175 -46.39 -11.82 5.73
N ARG BA 176 -46.86 -13.06 5.53
CA ARG BA 176 -48.17 -13.34 4.97
C ARG BA 176 -48.95 -14.16 5.98
N ASP BA 177 -50.13 -13.67 6.38
CA ASP BA 177 -50.89 -14.35 7.41
C ASP BA 177 -52.33 -13.86 7.38
N SER BA 178 -53.20 -14.60 8.06
CA SER BA 178 -54.53 -14.12 8.43
C SER BA 178 -54.46 -13.51 9.83
N CYS BA 179 -55.30 -12.50 10.07
CA CYS BA 179 -55.25 -11.73 11.30
C CYS BA 179 -56.63 -11.69 11.95
N LYS BA 180 -56.71 -10.96 13.06
CA LYS BA 180 -58.00 -10.72 13.70
C LYS BA 180 -58.92 -9.99 12.74
N GLY BA 181 -60.19 -10.41 12.71
CA GLY BA 181 -61.13 -9.93 11.73
C GLY BA 181 -61.26 -10.81 10.51
N ASP BA 182 -60.24 -11.62 10.22
CA ASP BA 182 -60.33 -12.67 9.22
C ASP BA 182 -60.92 -13.96 9.77
N SER BA 183 -61.17 -14.01 11.08
CA SER BA 183 -61.71 -15.21 11.70
C SER BA 183 -63.05 -15.57 11.08
N GLY BA 184 -63.28 -16.87 10.89
CA GLY BA 184 -64.48 -17.34 10.24
C GLY BA 184 -64.44 -17.32 8.74
N GLY BA 185 -63.43 -16.72 8.13
CA GLY BA 185 -63.31 -16.67 6.69
C GLY BA 185 -62.75 -17.94 6.12
N PRO BA 186 -62.70 -18.00 4.79
CA PRO BA 186 -62.36 -19.25 4.11
C PRO BA 186 -60.87 -19.47 3.88
N LEU BA 187 -60.46 -20.72 4.01
CA LEU BA 187 -59.16 -21.19 3.54
C LEU BA 187 -59.44 -22.15 2.39
N VAL BA 188 -59.21 -21.71 1.17
CA VAL BA 188 -59.61 -22.45 -0.03
C VAL BA 188 -58.36 -23.03 -0.68
N CYS BA 189 -58.38 -24.34 -0.88
CA CYS BA 189 -57.36 -25.04 -1.66
C CYS BA 189 -58.05 -25.79 -2.77
N GLY BA 190 -57.55 -25.64 -4.00
CA GLY BA 190 -58.18 -26.30 -5.13
C GLY BA 190 -59.61 -25.90 -5.35
N GLY BA 191 -59.96 -24.65 -5.06
CA GLY BA 191 -61.27 -24.13 -5.37
C GLY BA 191 -62.33 -24.69 -4.45
N VAL BA 192 -61.89 -25.36 -3.39
CA VAL BA 192 -62.78 -25.97 -2.41
C VAL BA 192 -62.42 -25.43 -1.03
N LEU BA 193 -63.44 -25.16 -0.24
CA LEU BA 193 -63.23 -24.75 1.15
C LEU BA 193 -62.62 -25.91 1.94
N GLU BA 194 -61.38 -25.73 2.40
CA GLU BA 194 -60.69 -26.71 3.22
C GLU BA 194 -60.69 -26.36 4.69
N GLY BA 195 -60.57 -25.08 5.03
CA GLY BA 195 -60.49 -24.68 6.42
C GLY BA 195 -61.21 -23.37 6.68
N VAL BA 196 -61.49 -23.14 7.97
CA VAL BA 196 -62.06 -21.89 8.43
C VAL BA 196 -61.04 -21.20 9.32
N VAL BA 197 -60.79 -19.91 9.07
CA VAL BA 197 -59.85 -19.16 9.88
C VAL BA 197 -60.36 -19.08 11.31
N THR BA 198 -59.51 -19.43 12.27
CA THR BA 198 -59.87 -19.24 13.66
C THR BA 198 -59.14 -18.02 14.22
N SER BA 199 -57.84 -18.15 14.49
CA SER BA 199 -57.02 -17.03 14.98
C SER BA 199 -57.65 -16.52 16.28
N GLY BA 200 -57.93 -15.22 16.40
CA GLY BA 200 -58.59 -14.71 17.59
C GLY BA 200 -57.65 -14.18 18.65
N SER BA 201 -56.97 -15.08 19.36
CA SER BA 201 -56.03 -14.70 20.41
C SER BA 201 -54.59 -14.65 19.94
N ARG BA 202 -54.36 -14.71 18.63
CA ARG BA 202 -53.02 -14.80 18.07
C ARG BA 202 -52.71 -13.54 17.27
N VAL BA 203 -51.50 -13.01 17.47
CA VAL BA 203 -51.02 -11.86 16.72
C VAL BA 203 -50.36 -12.37 15.44
N CYS BA 204 -50.68 -11.74 14.32
CA CYS BA 204 -50.30 -12.27 13.02
C CYS BA 204 -48.99 -11.68 12.54
N GLY BA 205 -48.42 -12.32 11.52
CA GLY BA 205 -47.18 -11.87 10.91
C GLY BA 205 -45.93 -12.45 11.50
N ASN BA 206 -46.02 -13.17 12.61
CA ASN BA 206 -44.86 -13.77 13.26
C ASN BA 206 -44.68 -15.20 12.75
N ARG BA 207 -43.56 -15.46 12.08
CA ARG BA 207 -43.32 -16.77 11.50
C ARG BA 207 -43.34 -17.87 12.55
N LYS BA 208 -43.05 -17.53 13.82
CA LYS BA 208 -42.97 -18.53 14.87
C LYS BA 208 -44.34 -18.94 15.39
N LYS BA 209 -45.41 -18.23 15.02
CA LYS BA 209 -46.77 -18.57 15.43
C LYS BA 209 -47.63 -18.69 14.18
N PRO BA 210 -47.68 -19.87 13.56
CA PRO BA 210 -48.43 -20.02 12.31
C PRO BA 210 -49.92 -19.80 12.49
N GLY BA 211 -50.57 -19.47 11.37
CA GLY BA 211 -52.01 -19.37 11.39
C GLY BA 211 -52.67 -20.72 11.55
N ILE BA 212 -53.82 -20.72 12.23
CA ILE BA 212 -54.55 -21.94 12.52
C ILE BA 212 -55.88 -21.88 11.76
N TYR BA 213 -56.35 -23.04 11.31
CA TYR BA 213 -57.55 -23.13 10.49
C TYR BA 213 -58.28 -24.43 10.82
N THR BA 214 -59.60 -24.33 11.01
CA THR BA 214 -60.40 -25.49 11.38
C THR BA 214 -60.77 -26.28 10.12
N ARG BA 215 -60.43 -27.56 10.11
CA ARG BA 215 -60.68 -28.42 8.94
C ARG BA 215 -62.16 -28.78 8.88
N VAL BA 216 -62.85 -28.31 7.84
CA VAL BA 216 -64.28 -28.57 7.72
C VAL BA 216 -64.56 -30.05 7.50
N ALA BA 217 -63.64 -30.78 6.87
CA ALA BA 217 -63.85 -32.20 6.62
C ALA BA 217 -64.00 -32.97 7.92
N SER BA 218 -63.37 -32.52 9.00
CA SER BA 218 -63.48 -33.18 10.29
C SER BA 218 -64.83 -32.94 10.96
N TYR BA 219 -65.68 -32.09 10.38
CA TYR BA 219 -66.97 -31.75 10.98
C TYR BA 219 -68.10 -31.91 9.97
N ALA BA 220 -67.90 -32.75 8.95
CA ALA BA 220 -68.93 -32.95 7.93
C ALA BA 220 -70.21 -33.49 8.53
N ALA BA 221 -70.09 -34.42 9.49
CA ALA BA 221 -71.28 -34.99 10.11
C ALA BA 221 -72.11 -33.94 10.83
N TRP BA 222 -71.44 -32.99 11.48
CA TRP BA 222 -72.16 -31.94 12.19
C TRP BA 222 -72.80 -30.94 11.23
N ILE BA 223 -72.02 -30.47 10.25
CA ILE BA 223 -72.56 -29.51 9.28
C ILE BA 223 -73.76 -30.09 8.57
N ASP BA 224 -73.69 -31.36 8.19
CA ASP BA 224 -74.81 -32.01 7.53
C ASP BA 224 -76.04 -32.02 8.43
N SER BA 225 -75.87 -32.41 9.69
CA SER BA 225 -77.01 -32.51 10.61
C SER BA 225 -77.70 -31.16 10.79
N VAL BA 226 -76.93 -30.06 10.79
CA VAL BA 226 -77.52 -28.74 10.97
C VAL BA 226 -78.19 -28.26 9.70
N LEU BA 227 -77.60 -28.55 8.54
CA LEU BA 227 -78.13 -28.08 7.28
C LEU BA 227 -79.31 -28.91 6.78
N ALA BA 228 -79.50 -30.12 7.30
CA ALA BA 228 -80.58 -30.99 6.87
C ALA BA 228 -81.94 -30.40 7.19
N ASP CA 1 -23.77 -21.81 17.57
CA ASP CA 1 -24.16 -22.47 18.82
C ASP CA 1 -24.41 -21.47 19.93
N ILE CA 2 -25.55 -21.63 20.61
CA ILE CA 2 -25.91 -20.82 21.76
C ILE CA 2 -25.56 -21.59 23.03
N GLN CA 3 -24.78 -20.98 23.90
CA GLN CA 3 -24.37 -21.60 25.15
C GLN CA 3 -25.36 -21.24 26.25
N MET CA 4 -25.60 -22.20 27.14
CA MET CA 4 -26.47 -22.00 28.31
C MET CA 4 -25.62 -22.21 29.55
N THR CA 5 -25.21 -21.12 30.19
CA THR CA 5 -24.36 -21.18 31.38
C THR CA 5 -25.27 -21.18 32.60
N GLN CA 6 -25.44 -22.34 33.20
CA GLN CA 6 -26.35 -22.53 34.33
C GLN CA 6 -25.59 -22.37 35.64
N SER CA 7 -26.16 -21.59 36.56
CA SER CA 7 -25.55 -21.35 37.86
C SER CA 7 -26.58 -21.49 38.97
N PRO CA 8 -26.19 -22.00 40.13
CA PRO CA 8 -24.83 -22.50 40.42
C PRO CA 8 -24.70 -24.00 40.15
N SER CA 9 -23.49 -24.54 40.27
CA SER CA 9 -23.29 -25.98 40.07
C SER CA 9 -24.07 -26.79 41.11
N SER CA 10 -23.83 -26.51 42.40
CA SER CA 10 -24.61 -27.09 43.48
C SER CA 10 -25.17 -25.98 44.34
N LEU CA 11 -26.00 -26.36 45.31
CA LEU CA 11 -26.81 -25.42 46.05
C LEU CA 11 -27.36 -26.09 47.31
N SER CA 12 -27.08 -25.53 48.49
CA SER CA 12 -27.50 -26.12 49.75
C SER CA 12 -28.59 -25.27 50.37
N ALA CA 13 -29.72 -25.91 50.68
CA ALA CA 13 -30.86 -25.23 51.29
C ALA CA 13 -31.59 -26.20 52.19
N SER CA 14 -32.52 -25.66 52.98
CA SER CA 14 -33.33 -26.43 53.89
C SER CA 14 -34.76 -26.48 53.40
N VAL CA 15 -35.50 -27.49 53.87
CA VAL CA 15 -36.91 -27.58 53.56
C VAL CA 15 -37.60 -26.28 53.95
N GLY CA 16 -38.46 -25.79 53.06
CA GLY CA 16 -39.17 -24.55 53.29
C GLY CA 16 -38.50 -23.31 52.74
N ASP CA 17 -37.23 -23.40 52.35
CA ASP CA 17 -36.52 -22.24 51.82
C ASP CA 17 -36.99 -21.91 50.41
N ARG CA 18 -36.90 -20.62 50.06
CA ARG CA 18 -37.04 -20.18 48.68
C ARG CA 18 -35.68 -20.23 48.00
N VAL CA 19 -35.63 -20.81 46.81
CA VAL CA 19 -34.37 -21.11 46.14
C VAL CA 19 -34.46 -20.68 44.68
N THR CA 20 -33.33 -20.23 44.14
CA THR CA 20 -33.25 -19.68 42.80
C THR CA 20 -32.20 -20.43 42.00
N ILE CA 21 -32.53 -20.75 40.74
CA ILE CA 21 -31.59 -21.35 39.80
C ILE CA 21 -31.59 -20.50 38.53
N THR CA 22 -30.40 -20.29 37.97
CA THR CA 22 -30.18 -19.29 36.94
C THR CA 22 -29.57 -19.92 35.70
N CYS CA 23 -29.96 -19.41 34.53
CA CYS CA 23 -29.49 -19.92 33.25
C CYS CA 23 -29.28 -18.74 32.32
N LYS CA 24 -28.03 -18.49 31.94
CA LYS CA 24 -27.66 -17.34 31.11
C LYS CA 24 -27.32 -17.81 29.71
N ALA CA 25 -28.02 -17.26 28.71
CA ALA CA 25 -27.79 -17.61 27.32
C ALA CA 25 -26.80 -16.64 26.69
N SER CA 26 -25.95 -17.17 25.81
CA SER CA 26 -24.91 -16.35 25.18
C SER CA 26 -25.49 -15.41 24.13
N GLN CA 27 -26.77 -15.52 23.81
CA GLN CA 27 -27.46 -14.55 22.98
C GLN CA 27 -28.95 -14.75 23.14
N ASN CA 28 -29.72 -13.84 22.55
CA ASN CA 28 -31.17 -13.85 22.71
C ASN CA 28 -31.77 -15.18 22.27
N VAL CA 29 -32.64 -15.72 23.11
CA VAL CA 29 -33.36 -16.95 22.77
C VAL CA 29 -34.85 -16.73 22.98
N ASP CA 30 -35.26 -15.46 23.06
CA ASP CA 30 -36.64 -15.09 23.35
C ASP CA 30 -37.13 -15.76 24.63
N THR CA 31 -38.22 -16.52 24.54
CA THR CA 31 -38.72 -17.28 25.69
C THR CA 31 -38.70 -18.78 25.42
N ASP CA 32 -37.82 -19.23 24.53
CA ASP CA 32 -37.73 -20.64 24.16
C ASP CA 32 -36.76 -21.38 25.08
N VAL CA 33 -37.13 -21.42 26.35
CA VAL CA 33 -36.31 -22.01 27.40
C VAL CA 33 -37.15 -23.00 28.18
N ALA CA 34 -36.61 -24.20 28.41
CA ALA CA 34 -37.27 -25.24 29.17
C ALA CA 34 -36.46 -25.56 30.41
N TRP CA 35 -37.15 -26.04 31.44
CA TRP CA 35 -36.52 -26.49 32.67
C TRP CA 35 -36.88 -27.94 32.94
N PHE CA 36 -35.90 -28.73 33.37
CA PHE CA 36 -36.11 -30.13 33.66
C PHE CA 36 -35.61 -30.47 35.05
N GLN CA 37 -36.29 -31.41 35.69
CA GLN CA 37 -35.86 -32.02 36.94
C GLN CA 37 -35.41 -33.44 36.66
N GLN CA 38 -34.37 -33.89 37.37
CA GLN CA 38 -33.91 -35.27 37.26
C GLN CA 38 -33.44 -35.72 38.63
N LYS CA 39 -34.00 -36.82 39.11
CA LYS CA 39 -33.62 -37.49 40.35
C LYS CA 39 -32.72 -38.68 40.04
N PRO CA 40 -31.84 -39.06 40.98
CA PRO CA 40 -30.81 -40.06 40.67
C PRO CA 40 -31.41 -41.37 40.18
N GLY CA 41 -30.85 -41.89 39.09
CA GLY CA 41 -31.28 -43.14 38.52
C GLY CA 41 -32.58 -43.09 37.76
N LYS CA 42 -33.14 -41.92 37.51
CA LYS CA 42 -34.41 -41.77 36.83
C LYS CA 42 -34.27 -40.88 35.62
N ALA CA 43 -35.33 -40.83 34.82
CA ALA CA 43 -35.33 -40.06 33.59
C ALA CA 43 -35.64 -38.58 33.88
N PRO CA 44 -35.10 -37.66 33.08
CA PRO CA 44 -35.45 -36.26 33.25
C PRO CA 44 -36.95 -36.05 33.09
N LYS CA 45 -37.50 -35.16 33.91
CA LYS CA 45 -38.92 -34.84 33.91
C LYS CA 45 -39.08 -33.37 33.53
N GLY CA 46 -40.05 -33.09 32.67
CA GLY CA 46 -40.31 -31.71 32.26
C GLY CA 46 -41.01 -30.93 33.36
N LEU CA 47 -40.53 -29.71 33.61
CA LEU CA 47 -41.13 -28.81 34.57
C LEU CA 47 -41.76 -27.61 33.90
N ILE CA 48 -40.98 -26.87 33.11
CA ILE CA 48 -41.42 -25.60 32.53
C ILE CA 48 -40.98 -25.55 31.07
N ARG CA 49 -41.82 -24.96 30.24
CA ARG CA 49 -41.51 -24.62 28.86
C ARG CA 49 -41.94 -23.19 28.63
N SER CA 50 -41.52 -22.62 27.49
CA SER CA 50 -41.82 -21.24 27.15
C SER CA 50 -41.46 -20.29 28.29
N ALA CA 51 -40.33 -20.59 28.95
CA ALA CA 51 -39.77 -19.79 30.03
C ALA CA 51 -40.61 -19.82 31.31
N SER CA 52 -41.95 -19.86 31.17
CA SER CA 52 -42.81 -19.71 32.34
C SER CA 52 -43.99 -20.67 32.42
N SER CA 53 -44.29 -21.46 31.39
CA SER CA 53 -45.46 -22.33 31.42
C SER CA 53 -45.14 -23.64 32.13
N ARG CA 54 -45.79 -23.88 33.27
CA ARG CA 54 -45.67 -25.17 33.93
C ARG CA 54 -46.42 -26.25 33.14
N TYR CA 55 -45.89 -27.47 33.21
CA TYR CA 55 -46.61 -28.61 32.68
C TYR CA 55 -47.66 -29.08 33.69
N SER CA 56 -48.61 -29.88 33.18
CA SER CA 56 -49.62 -30.46 34.04
C SER CA 56 -48.97 -31.34 35.10
N GLY CA 57 -49.39 -31.16 36.35
CA GLY CA 57 -48.87 -31.95 37.43
C GLY CA 57 -47.60 -31.43 38.06
N VAL CA 58 -47.13 -30.27 37.65
CA VAL CA 58 -45.97 -29.62 38.28
C VAL CA 58 -46.51 -28.69 39.36
N PRO CA 59 -46.09 -28.86 40.62
CA PRO CA 59 -46.66 -28.05 41.70
C PRO CA 59 -46.42 -26.56 41.50
N SER CA 60 -47.31 -25.75 42.07
CA SER CA 60 -47.26 -24.30 41.85
C SER CA 60 -45.98 -23.67 42.37
N ARG CA 61 -45.29 -24.32 43.32
CA ARG CA 61 -44.07 -23.73 43.88
C ARG CA 61 -42.97 -23.61 42.84
N PHE CA 62 -43.03 -24.35 41.74
CA PHE CA 62 -42.10 -24.16 40.64
C PHE CA 62 -42.60 -23.03 39.75
N SER CA 63 -41.71 -22.10 39.41
CA SER CA 63 -42.05 -21.03 38.49
C SER CA 63 -40.81 -20.63 37.71
N GLY CA 64 -41.03 -20.22 36.47
CA GLY CA 64 -39.94 -19.82 35.58
C GLY CA 64 -40.14 -18.39 35.14
N SER CA 65 -39.05 -17.64 35.07
CA SER CA 65 -39.06 -16.25 34.65
C SER CA 65 -37.97 -16.03 33.62
N GLY CA 66 -38.16 -15.00 32.80
CA GLY CA 66 -37.11 -14.56 31.89
C GLY CA 66 -37.53 -14.39 30.46
N SER CA 67 -36.83 -13.51 29.75
CA SER CA 67 -36.94 -13.36 28.31
C SER CA 67 -35.69 -12.66 27.82
N GLY CA 68 -35.14 -13.17 26.71
CA GLY CA 68 -33.90 -12.63 26.19
C GLY CA 68 -32.72 -13.55 26.41
N THR CA 69 -31.97 -13.30 27.50
CA THR CA 69 -30.75 -14.03 27.77
C THR CA 69 -30.66 -14.63 29.17
N ASP CA 70 -31.45 -14.16 30.14
CA ASP CA 70 -31.29 -14.55 31.54
C ASP CA 70 -32.60 -15.14 32.05
N PHE CA 71 -32.54 -16.39 32.52
CA PHE CA 71 -33.72 -17.13 32.93
C PHE CA 71 -33.53 -17.72 34.31
N THR CA 72 -34.62 -17.78 35.07
CA THR CA 72 -34.57 -18.14 36.48
C THR CA 72 -35.67 -19.13 36.82
N LEU CA 73 -35.29 -20.28 37.37
CA LEU CA 73 -36.23 -21.22 37.95
C LEU CA 73 -36.30 -20.98 39.45
N THR CA 74 -37.50 -20.76 39.97
CA THR CA 74 -37.71 -20.43 41.37
C THR CA 74 -38.58 -21.51 42.01
N ILE CA 75 -38.14 -22.03 43.14
CA ILE CA 75 -38.94 -22.93 43.96
C ILE CA 75 -39.27 -22.16 45.24
N SER CA 76 -40.54 -21.79 45.40
CA SER CA 76 -40.92 -20.87 46.47
C SER CA 76 -40.71 -21.47 47.85
N SER CA 77 -41.12 -22.73 48.04
CA SER CA 77 -40.97 -23.42 49.32
C SER CA 77 -40.46 -24.83 49.05
N LEU CA 78 -39.18 -25.06 49.31
CA LEU CA 78 -38.54 -26.33 48.99
C LEU CA 78 -39.17 -27.47 49.77
N GLN CA 79 -39.53 -28.54 49.07
CA GLN CA 79 -40.11 -29.74 49.66
C GLN CA 79 -39.11 -30.89 49.58
N PRO CA 80 -39.23 -31.88 50.47
CA PRO CA 80 -38.24 -32.98 50.48
C PRO CA 80 -38.05 -33.65 49.13
N GLU CA 81 -39.11 -33.79 48.32
CA GLU CA 81 -38.99 -34.42 47.02
C GLU CA 81 -38.44 -33.48 45.95
N ASP CA 82 -38.18 -32.21 46.29
CA ASP CA 82 -37.64 -31.26 45.34
C ASP CA 82 -36.11 -31.28 45.28
N PHE CA 83 -35.46 -31.94 46.23
CA PHE CA 83 -34.00 -32.04 46.20
C PHE CA 83 -33.57 -32.98 45.09
N ALA CA 84 -33.00 -32.41 44.03
CA ALA CA 84 -32.66 -33.15 42.82
C ALA CA 84 -31.75 -32.27 41.98
N THR CA 85 -31.45 -32.72 40.77
CA THR CA 85 -30.67 -31.95 39.81
C THR CA 85 -31.59 -31.33 38.78
N TYR CA 86 -31.30 -30.09 38.40
CA TYR CA 86 -32.17 -29.32 37.51
C TYR CA 86 -31.37 -28.86 36.30
N TYR CA 87 -32.02 -28.86 35.13
CA TYR CA 87 -31.39 -28.54 33.86
C TYR CA 87 -32.24 -27.53 33.12
N CYS CA 88 -31.60 -26.52 32.55
CA CYS CA 88 -32.26 -25.64 31.59
C CYS CA 88 -31.90 -26.06 30.18
N GLN CA 89 -32.79 -25.74 29.25
CA GLN CA 89 -32.58 -26.07 27.85
C GLN CA 89 -33.04 -24.92 26.98
N GLN CA 90 -32.24 -24.62 25.95
CA GLN CA 90 -32.59 -23.64 24.94
C GLN CA 90 -33.05 -24.39 23.70
N TYR CA 91 -34.27 -24.09 23.24
CA TYR CA 91 -34.78 -24.69 22.01
C TYR CA 91 -35.13 -23.62 20.98
N ASN CA 92 -34.44 -22.48 21.05
CA ASN CA 92 -34.68 -21.39 20.12
C ASN CA 92 -33.92 -21.56 18.82
N ASN CA 93 -32.72 -22.15 18.87
CA ASN CA 93 -31.79 -22.13 17.75
C ASN CA 93 -31.02 -23.46 17.72
N TYR CA 94 -30.86 -24.02 16.51
CA TYR CA 94 -30.15 -25.28 16.38
C TYR CA 94 -28.64 -25.06 16.47
N PRO CA 95 -27.91 -25.94 17.17
CA PRO CA 95 -28.47 -27.11 17.85
C PRO CA 95 -29.02 -26.78 19.23
N LEU CA 96 -30.05 -27.49 19.65
CA LEU CA 96 -30.59 -27.31 20.99
C LEU CA 96 -29.52 -27.63 22.01
N THR CA 97 -29.48 -26.85 23.09
CA THR CA 97 -28.40 -26.90 24.07
C THR CA 97 -28.94 -26.92 25.49
N PHE CA 98 -28.24 -27.62 26.36
CA PHE CA 98 -28.59 -27.75 27.76
C PHE CA 98 -27.60 -26.99 28.63
N GLY CA 99 -28.08 -26.51 29.77
CA GLY CA 99 -27.18 -26.14 30.84
C GLY CA 99 -26.51 -27.34 31.45
N GLN CA 100 -25.40 -27.12 32.14
CA GLN CA 100 -24.64 -28.22 32.69
C GLN CA 100 -25.23 -28.75 34.00
N GLY CA 101 -26.30 -28.16 34.50
CA GLY CA 101 -27.04 -28.73 35.61
C GLY CA 101 -26.80 -27.99 36.92
N THR CA 102 -27.77 -28.13 37.82
CA THR CA 102 -27.69 -27.59 39.18
C THR CA 102 -28.23 -28.65 40.14
N LYS CA 103 -27.43 -29.03 41.13
CA LYS CA 103 -27.83 -30.02 42.11
C LYS CA 103 -28.24 -29.33 43.40
N VAL CA 104 -29.46 -29.62 43.87
CA VAL CA 104 -30.00 -29.03 45.08
C VAL CA 104 -29.89 -30.05 46.21
N GLU CA 105 -29.20 -29.67 47.28
CA GLU CA 105 -28.88 -30.56 48.38
C GLU CA 105 -29.45 -30.01 49.67
N ILE CA 106 -29.57 -30.88 50.67
CA ILE CA 106 -30.11 -30.50 51.98
C ILE CA 106 -29.00 -29.90 52.82
N LYS CA 107 -29.31 -28.78 53.47
CA LYS CA 107 -28.36 -28.14 54.37
C LYS CA 107 -28.44 -28.77 55.75
N ARG CA 108 -27.28 -29.03 56.34
CA ARG CA 108 -27.20 -29.55 57.70
C ARG CA 108 -25.97 -28.95 58.36
N THR CA 109 -25.86 -29.14 59.66
CA THR CA 109 -24.70 -28.65 60.39
C THR CA 109 -23.45 -29.42 59.99
N VAL CA 110 -22.30 -28.76 60.12
CA VAL CA 110 -21.04 -29.38 59.74
C VAL CA 110 -20.77 -30.59 60.61
N ALA CA 111 -20.25 -31.65 60.00
CA ALA CA 111 -19.96 -32.89 60.71
C ALA CA 111 -18.65 -33.46 60.17
N ALA CA 112 -17.69 -33.68 61.08
CA ALA CA 112 -16.42 -34.26 60.69
C ALA CA 112 -16.59 -35.74 60.37
N PRO CA 113 -15.75 -36.28 59.49
CA PRO CA 113 -15.89 -37.68 59.10
C PRO CA 113 -15.25 -38.63 60.11
N SER CA 114 -15.87 -39.80 60.25
CA SER CA 114 -15.26 -40.92 60.97
C SER CA 114 -14.34 -41.65 60.00
N VAL CA 115 -13.04 -41.56 60.23
CA VAL CA 115 -12.06 -42.10 59.31
C VAL CA 115 -11.70 -43.53 59.71
N PHE CA 116 -11.62 -44.41 58.72
CA PHE CA 116 -11.19 -45.78 58.92
C PHE CA 116 -10.23 -46.16 57.81
N ILE CA 117 -9.50 -47.26 58.02
CA ILE CA 117 -8.56 -47.76 57.03
C ILE CA 117 -8.56 -49.29 57.12
N PHE CA 118 -8.40 -49.94 55.97
CA PHE CA 118 -8.46 -51.40 55.90
C PHE CA 118 -7.29 -51.92 55.08
N PRO CA 119 -6.53 -52.88 55.61
CA PRO CA 119 -5.44 -53.49 54.83
C PRO CA 119 -6.02 -54.43 53.77
N PRO CA 120 -5.23 -54.78 52.76
CA PRO CA 120 -5.71 -55.77 51.77
C PRO CA 120 -5.77 -57.16 52.36
N SER CA 121 -6.90 -57.83 52.15
CA SER CA 121 -7.12 -59.15 52.73
C SER CA 121 -6.13 -60.16 52.15
N ASP CA 122 -5.92 -61.24 52.91
CA ASP CA 122 -5.02 -62.29 52.43
C ASP CA 122 -5.60 -63.02 51.23
N GLU CA 123 -6.93 -63.11 51.12
CA GLU CA 123 -7.54 -63.77 49.98
C GLU CA 123 -7.26 -63.03 48.68
N GLN CA 124 -7.14 -61.71 48.75
CA GLN CA 124 -6.81 -60.93 47.55
C GLN CA 124 -5.32 -61.00 47.23
N LEU CA 125 -4.47 -61.05 48.26
CA LEU CA 125 -3.03 -61.15 48.05
C LEU CA 125 -2.61 -62.46 47.40
N LYS CA 126 -3.51 -63.45 47.31
CA LYS CA 126 -3.19 -64.67 46.59
C LYS CA 126 -3.02 -64.41 45.09
N SER CA 127 -3.69 -63.39 44.57
CA SER CA 127 -3.41 -62.90 43.23
C SER CA 127 -2.42 -61.75 43.30
N GLY CA 128 -2.04 -61.21 42.14
CA GLY CA 128 -0.99 -60.23 42.10
C GLY CA 128 -1.38 -58.81 42.44
N THR CA 129 -2.55 -58.57 43.01
CA THR CA 129 -3.04 -57.22 43.28
C THR CA 129 -3.36 -57.06 44.76
N ALA CA 130 -3.33 -55.80 45.21
CA ALA CA 130 -3.67 -55.46 46.59
C ALA CA 130 -4.33 -54.10 46.62
N SER CA 131 -5.49 -54.01 47.28
CA SER CA 131 -6.27 -52.78 47.36
C SER CA 131 -6.33 -52.30 48.80
N VAL CA 132 -6.09 -51.01 49.01
CA VAL CA 132 -6.13 -50.40 50.34
C VAL CA 132 -7.25 -49.35 50.34
N VAL CA 133 -8.19 -49.51 51.26
CA VAL CA 133 -9.41 -48.69 51.30
C VAL CA 133 -9.33 -47.73 52.47
N CYS CA 134 -9.70 -46.47 52.21
CA CYS CA 134 -9.74 -45.41 53.21
C CYS CA 134 -11.17 -44.87 53.26
N LEU CA 135 -11.86 -45.12 54.38
CA LEU CA 135 -13.28 -44.81 54.50
C LEU CA 135 -13.48 -43.51 55.28
N LEU CA 136 -14.27 -42.61 54.70
CA LEU CA 136 -14.71 -41.38 55.37
C LEU CA 136 -16.22 -41.47 55.56
N ASN CA 137 -16.65 -41.70 56.79
CA ASN CA 137 -18.05 -42.04 57.06
C ASN CA 137 -18.81 -40.85 57.62
N ASN CA 138 -20.02 -40.63 57.09
CA ASN CA 138 -20.98 -39.66 57.59
C ASN CA 138 -20.36 -38.30 57.88
N PHE CA 139 -20.22 -37.47 56.86
CA PHE CA 139 -19.66 -36.13 57.03
C PHE CA 139 -20.44 -35.14 56.19
N TYR CA 140 -20.22 -33.85 56.47
CA TYR CA 140 -20.84 -32.77 55.71
C TYR CA 140 -19.98 -31.53 55.86
N PRO CA 141 -19.78 -30.74 54.78
CA PRO CA 141 -20.29 -30.96 53.43
C PRO CA 141 -19.47 -31.98 52.64
N ARG CA 142 -19.75 -32.08 51.33
CA ARG CA 142 -19.07 -33.09 50.52
C ARG CA 142 -17.58 -32.77 50.35
N GLU CA 143 -17.22 -31.50 50.28
CA GLU CA 143 -15.85 -31.09 50.01
C GLU CA 143 -14.86 -31.73 50.97
N ALA CA 144 -14.16 -32.77 50.51
CA ALA CA 144 -13.15 -33.46 51.30
C ALA CA 144 -11.94 -33.73 50.43
N LYS CA 145 -10.81 -34.00 51.09
CA LYS CA 145 -9.54 -34.23 50.42
C LYS CA 145 -8.84 -35.41 51.09
N VAL CA 146 -8.49 -36.41 50.31
CA VAL CA 146 -7.85 -37.62 50.82
C VAL CA 146 -6.52 -37.81 50.08
N GLN CA 147 -5.42 -37.82 50.84
CA GLN CA 147 -4.09 -38.07 50.30
C GLN CA 147 -3.53 -39.35 50.92
N TRP CA 148 -2.90 -40.17 50.10
CA TRP CA 148 -2.28 -41.41 50.57
C TRP CA 148 -0.81 -41.19 50.84
N LYS CA 149 -0.29 -41.86 51.86
CA LYS CA 149 1.11 -41.76 52.25
C LYS CA 149 1.65 -43.16 52.54
N VAL CA 150 2.61 -43.60 51.74
CA VAL CA 150 3.26 -44.89 51.92
C VAL CA 150 4.68 -44.62 52.40
N ASP CA 151 4.93 -44.92 53.69
CA ASP CA 151 6.19 -44.60 54.35
C ASP CA 151 6.49 -43.10 54.24
N ASN CA 152 5.46 -42.28 54.49
CA ASN CA 152 5.56 -40.82 54.43
C ASN CA 152 5.97 -40.33 53.04
N ALA CA 153 5.53 -41.04 52.00
CA ALA CA 153 5.76 -40.65 50.61
C ALA CA 153 4.41 -40.40 49.95
N LEU CA 154 4.21 -39.18 49.47
CA LEU CA 154 2.91 -38.79 48.91
C LEU CA 154 2.67 -39.50 47.58
N GLN CA 155 1.52 -40.14 47.46
CA GLN CA 155 1.13 -40.86 46.25
C GLN CA 155 0.19 -40.01 45.41
N SER CA 156 0.06 -40.40 44.14
CA SER CA 156 -0.85 -39.73 43.21
C SER CA 156 -0.99 -40.58 41.96
N GLY CA 157 -2.18 -40.54 41.36
CA GLY CA 157 -2.44 -41.22 40.11
C GLY CA 157 -2.69 -42.71 40.23
N ASN CA 158 -2.67 -43.27 41.45
CA ASN CA 158 -2.91 -44.69 41.65
C ASN CA 158 -4.05 -44.94 42.63
N SER CA 159 -4.99 -44.00 42.75
CA SER CA 159 -6.10 -44.11 43.68
C SER CA 159 -7.37 -43.60 43.04
N GLN CA 160 -8.49 -44.25 43.34
CA GLN CA 160 -9.81 -43.83 42.88
C GLN CA 160 -10.75 -43.74 44.08
N GLU CA 161 -11.53 -42.66 44.13
CA GLU CA 161 -12.47 -42.46 45.21
C GLU CA 161 -13.91 -42.42 44.68
N SER CA 162 -14.85 -42.75 45.57
CA SER CA 162 -16.26 -42.79 45.25
C SER CA 162 -17.03 -42.19 46.42
N VAL CA 163 -18.10 -41.46 46.10
CA VAL CA 163 -18.89 -40.77 47.10
C VAL CA 163 -20.34 -41.21 46.98
N THR CA 164 -20.98 -41.49 48.11
CA THR CA 164 -22.39 -41.84 48.12
C THR CA 164 -23.24 -40.58 47.97
N GLU CA 165 -24.51 -40.80 47.64
CA GLU CA 165 -25.47 -39.72 47.64
C GLU CA 165 -25.77 -39.31 49.08
N GLN CA 166 -26.41 -38.15 49.23
CA GLN CA 166 -26.73 -37.65 50.56
C GLN CA 166 -27.70 -38.61 51.25
N ASP CA 167 -27.36 -38.99 52.49
CA ASP CA 167 -28.15 -39.97 53.21
C ASP CA 167 -29.56 -39.44 53.44
N SER CA 168 -30.54 -40.35 53.39
CA SER CA 168 -31.93 -39.94 53.55
C SER CA 168 -32.30 -39.64 55.00
N LYS CA 169 -31.53 -40.14 55.97
CA LYS CA 169 -31.85 -40.00 57.38
C LYS CA 169 -31.10 -38.86 58.05
N ASP CA 170 -29.77 -38.84 57.96
CA ASP CA 170 -28.97 -37.79 58.60
C ASP CA 170 -28.35 -36.83 57.60
N SER CA 171 -28.57 -37.02 56.31
CA SER CA 171 -28.20 -36.05 55.26
C SER CA 171 -26.68 -35.83 55.19
N THR CA 172 -25.92 -36.90 55.41
CA THR CA 172 -24.46 -36.83 55.34
C THR CA 172 -23.95 -37.61 54.14
N TYR CA 173 -22.66 -37.45 53.87
CA TYR CA 173 -21.98 -38.13 52.77
C TYR CA 173 -21.00 -39.15 53.31
N SER CA 174 -20.54 -40.02 52.41
CA SER CA 174 -19.52 -41.01 52.73
C SER CA 174 -18.66 -41.21 51.50
N LEU CA 175 -17.34 -41.25 51.72
CA LEU CA 175 -16.36 -41.34 50.65
C LEU CA 175 -15.45 -42.54 50.90
N SER CA 176 -15.04 -43.21 49.81
CA SER CA 176 -14.16 -44.37 49.89
C SER CA 176 -13.07 -44.22 48.83
N SER CA 177 -11.89 -43.80 49.23
CA SER CA 177 -10.73 -43.73 48.36
C SER CA 177 -10.01 -45.08 48.39
N THR CA 178 -9.70 -45.62 47.21
CA THR CA 178 -9.14 -46.95 47.08
C THR CA 178 -7.78 -46.87 46.39
N LEU CA 179 -6.73 -47.27 47.10
CA LEU CA 179 -5.37 -47.30 46.58
C LEU CA 179 -5.05 -48.70 46.07
N THR CA 180 -4.62 -48.78 44.81
CA THR CA 180 -4.35 -50.06 44.15
C THR CA 180 -2.87 -50.19 43.86
N LEU CA 181 -2.28 -51.29 44.31
CA LEU CA 181 -0.86 -51.58 44.09
C LEU CA 181 -0.70 -53.06 43.80
N SER CA 182 0.42 -53.39 43.15
CA SER CA 182 0.76 -54.78 42.91
C SER CA 182 1.30 -55.43 44.18
N LYS CA 183 1.15 -56.75 44.27
CA LYS CA 183 1.60 -57.47 45.46
C LYS CA 183 3.10 -57.31 45.69
N ALA CA 184 3.86 -57.10 44.61
CA ALA CA 184 5.30 -56.89 44.75
C ALA CA 184 5.59 -55.52 45.36
N ASP CA 185 4.97 -54.47 44.83
CA ASP CA 185 5.17 -53.13 45.37
C ASP CA 185 4.57 -52.97 46.75
N TYR CA 186 3.60 -53.81 47.13
CA TYR CA 186 2.95 -53.68 48.43
C TYR CA 186 3.88 -54.12 49.55
N GLU CA 187 4.66 -55.18 49.33
CA GLU CA 187 5.51 -55.75 50.37
C GLU CA 187 6.91 -55.12 50.39
N LYS CA 188 7.13 -54.06 49.63
CA LYS CA 188 8.38 -53.31 49.73
C LYS CA 188 8.36 -52.28 50.85
N HIS CA 189 7.18 -51.91 51.34
CA HIS CA 189 7.03 -50.85 52.32
C HIS CA 189 6.24 -51.37 53.52
N LYS CA 190 6.12 -50.52 54.54
CA LYS CA 190 5.55 -50.95 55.82
C LYS CA 190 4.38 -50.08 56.27
N VAL CA 191 4.53 -48.77 56.20
CA VAL CA 191 3.55 -47.83 56.75
C VAL CA 191 2.65 -47.33 55.63
N TYR CA 192 1.35 -47.56 55.77
CA TYR CA 192 0.34 -47.08 54.83
C TYR CA 192 -0.65 -46.21 55.58
N ALA CA 193 -0.93 -45.02 55.03
CA ALA CA 193 -1.78 -44.06 55.71
C ALA CA 193 -2.53 -43.23 54.68
N CYS CA 194 -3.70 -42.72 55.09
CA CYS CA 194 -4.45 -41.75 54.30
C CYS CA 194 -4.74 -40.54 55.16
N GLU CA 195 -4.40 -39.35 54.65
CA GLU CA 195 -4.58 -38.09 55.36
C GLU CA 195 -5.86 -37.43 54.90
N VAL CA 196 -6.74 -37.11 55.84
CA VAL CA 196 -8.07 -36.57 55.54
C VAL CA 196 -8.10 -35.11 55.96
N THR CA 197 -8.32 -34.22 55.00
CA THR CA 197 -8.51 -32.81 55.25
C THR CA 197 -9.98 -32.47 55.02
N HIS CA 198 -10.63 -31.90 56.04
CA HIS CA 198 -12.04 -31.57 55.95
C HIS CA 198 -12.31 -30.29 56.72
N GLN CA 199 -13.39 -29.60 56.32
CA GLN CA 199 -13.76 -28.36 56.99
C GLN CA 199 -14.16 -28.61 58.45
N GLY CA 200 -14.75 -29.77 58.74
CA GLY CA 200 -15.14 -30.08 60.10
C GLY CA 200 -13.99 -30.49 61.01
N LEU CA 201 -12.78 -30.63 60.47
CA LEU CA 201 -11.61 -31.02 61.23
C LEU CA 201 -10.68 -29.82 61.39
N SER CA 202 -10.32 -29.50 62.62
CA SER CA 202 -9.42 -28.37 62.88
C SER CA 202 -8.01 -28.60 62.36
N SER CA 203 -7.61 -29.87 62.19
CA SER CA 203 -6.32 -30.23 61.62
C SER CA 203 -6.46 -31.57 60.93
N PRO CA 204 -5.68 -31.82 59.88
CA PRO CA 204 -5.84 -33.08 59.13
C PRO CA 204 -5.64 -34.30 59.99
N VAL CA 205 -6.61 -35.22 59.94
CA VAL CA 205 -6.58 -36.47 60.68
C VAL CA 205 -5.98 -37.56 59.82
N THR CA 206 -5.18 -38.43 60.42
CA THR CA 206 -4.51 -39.53 59.72
C THR CA 206 -4.80 -40.84 60.43
N LYS CA 207 -5.15 -41.86 59.66
CA LYS CA 207 -5.32 -43.22 60.16
C LYS CA 207 -4.38 -44.14 59.37
N SER CA 208 -3.56 -44.89 60.10
CA SER CA 208 -2.51 -45.69 59.46
C SER CA 208 -2.45 -47.08 60.09
N PHE CA 209 -1.72 -47.97 59.42
CA PHE CA 209 -1.49 -49.32 59.91
C PHE CA 209 -0.13 -49.78 59.41
N ASN CA 210 0.46 -50.73 60.15
CA ASN CA 210 1.71 -51.35 59.76
C ASN CA 210 1.44 -52.69 59.09
N ARG CA 211 2.21 -52.98 58.04
CA ARG CA 211 1.99 -54.20 57.26
C ARG CA 211 2.35 -55.41 58.12
N GLY CA 212 1.34 -56.14 58.57
CA GLY CA 212 1.54 -57.29 59.42
C GLY CA 212 0.57 -57.36 60.57
N GLU CA 213 0.38 -56.25 61.27
CA GLU CA 213 -0.56 -56.19 62.40
C GLU CA 213 -1.99 -56.46 61.95
N GLU DA 1 -53.73 -43.83 28.01
CA GLU DA 1 -52.48 -43.42 28.63
C GLU DA 1 -51.35 -43.34 27.61
N VAL DA 2 -50.70 -42.19 27.55
CA VAL DA 2 -49.60 -41.95 26.62
C VAL DA 2 -48.30 -42.44 27.25
N GLN DA 3 -47.51 -43.18 26.48
CA GLN DA 3 -46.18 -43.56 26.92
C GLN DA 3 -45.28 -43.80 25.72
N LEU DA 4 -43.99 -43.56 25.92
CA LEU DA 4 -42.95 -43.87 24.95
C LEU DA 4 -42.07 -44.94 25.60
N VAL DA 5 -42.23 -46.18 25.17
CA VAL DA 5 -41.45 -47.30 25.70
C VAL DA 5 -40.32 -47.56 24.72
N GLN DA 6 -39.10 -47.66 25.25
CA GLN DA 6 -37.90 -47.85 24.44
C GLN DA 6 -37.44 -49.29 24.51
N SER DA 7 -36.49 -49.63 23.64
CA SER DA 7 -35.91 -50.95 23.64
C SER DA 7 -35.10 -51.17 24.92
N GLY DA 8 -34.64 -52.41 25.11
CA GLY DA 8 -33.90 -52.76 26.29
C GLY DA 8 -32.46 -52.31 26.23
N ALA DA 9 -31.76 -52.53 27.34
CA ALA DA 9 -30.35 -52.16 27.43
C ALA DA 9 -29.51 -53.04 26.51
N GLU DA 10 -28.36 -52.50 26.09
CA GLU DA 10 -27.49 -53.20 25.17
C GLU DA 10 -26.05 -53.06 25.64
N VAL DA 11 -25.28 -54.14 25.48
CA VAL DA 11 -23.83 -54.12 25.65
C VAL DA 11 -23.21 -54.36 24.28
N LYS DA 12 -22.26 -53.51 23.90
CA LYS DA 12 -21.73 -53.52 22.55
C LYS DA 12 -20.21 -53.41 22.58
N LYS DA 13 -19.57 -54.03 21.59
CA LYS DA 13 -18.13 -54.00 21.44
C LYS DA 13 -17.68 -52.69 20.78
N PRO DA 14 -16.43 -52.27 21.02
CA PRO DA 14 -16.00 -50.92 20.58
C PRO DA 14 -15.84 -50.75 19.08
N GLY DA 15 -16.68 -51.37 18.28
CA GLY DA 15 -16.65 -51.13 16.85
C GLY DA 15 -18.01 -51.29 16.22
N ALA DA 16 -18.90 -51.99 16.92
CA ALA DA 16 -20.20 -52.34 16.37
C ALA DA 16 -21.11 -51.11 16.34
N SER DA 17 -22.38 -51.35 16.00
CA SER DA 17 -23.39 -50.32 15.98
C SER DA 17 -24.58 -50.77 16.81
N VAL DA 18 -25.38 -49.80 17.23
CA VAL DA 18 -26.54 -50.04 18.08
C VAL DA 18 -27.76 -49.39 17.45
N LYS DA 19 -28.93 -49.96 17.70
CA LYS DA 19 -30.19 -49.45 17.17
C LYS DA 19 -31.21 -49.43 18.32
N VAL DA 20 -31.47 -48.25 18.86
CA VAL DA 20 -32.44 -48.06 19.93
C VAL DA 20 -33.78 -47.68 19.30
N SER DA 21 -34.85 -48.30 19.79
CA SER DA 21 -36.20 -47.99 19.30
C SER DA 21 -36.98 -47.23 20.36
N CYS DA 22 -38.04 -46.57 19.90
CA CYS DA 22 -38.87 -45.73 20.77
C CYS DA 22 -40.29 -45.80 20.21
N LYS DA 23 -41.13 -46.63 20.83
CA LYS DA 23 -42.48 -46.87 20.35
C LYS DA 23 -43.46 -45.97 21.12
N ALA DA 24 -44.16 -45.12 20.39
CA ALA DA 24 -45.14 -44.23 20.98
C ALA DA 24 -46.52 -44.87 20.94
N SER DA 25 -47.36 -44.44 21.88
CA SER DA 25 -48.74 -44.91 21.96
C SER DA 25 -49.52 -43.94 22.83
N GLY DA 26 -50.80 -43.78 22.51
CA GLY DA 26 -51.67 -42.89 23.25
C GLY DA 26 -51.90 -41.54 22.60
N TYR DA 27 -51.16 -41.22 21.53
CA TYR DA 27 -51.34 -39.99 20.81
C TYR DA 27 -51.06 -40.25 19.34
N THR DA 28 -51.36 -39.26 18.50
CA THR DA 28 -51.09 -39.37 17.07
C THR DA 28 -49.61 -39.17 16.83
N PHE DA 29 -48.90 -40.27 16.53
CA PHE DA 29 -47.44 -40.25 16.41
C PHE DA 29 -46.98 -39.20 15.41
N THR DA 30 -47.72 -39.03 14.31
CA THR DA 30 -47.30 -38.18 13.21
C THR DA 30 -47.58 -36.71 13.45
N SER DA 31 -48.06 -36.33 14.63
CA SER DA 31 -48.41 -34.94 14.92
C SER DA 31 -47.33 -34.22 15.72
N TYR DA 32 -46.21 -34.89 16.04
CA TYR DA 32 -45.19 -34.29 16.88
C TYR DA 32 -43.80 -34.73 16.42
N TYR DA 33 -42.86 -33.80 16.44
CA TYR DA 33 -41.46 -34.16 16.31
C TYR DA 33 -41.05 -35.11 17.44
N MET DA 34 -40.01 -35.88 17.18
CA MET DA 34 -39.37 -36.73 18.18
C MET DA 34 -37.91 -36.33 18.28
N TYR DA 35 -37.45 -36.05 19.49
CA TYR DA 35 -36.04 -35.71 19.66
C TYR DA 35 -35.37 -36.66 20.65
N TRP DA 36 -34.06 -36.81 20.46
CA TRP DA 36 -33.26 -37.78 21.20
C TRP DA 36 -32.22 -37.06 22.03
N VAL DA 37 -32.02 -37.56 23.24
CA VAL DA 37 -31.05 -37.02 24.19
C VAL DA 37 -30.22 -38.18 24.72
N ARG DA 38 -28.97 -37.90 25.05
CA ARG DA 38 -28.07 -38.90 25.62
C ARG DA 38 -27.43 -38.31 26.88
N GLN DA 39 -27.13 -39.19 27.84
CA GLN DA 39 -26.58 -38.76 29.12
C GLN DA 39 -25.49 -39.75 29.54
N ALA DA 40 -24.24 -39.30 29.50
CA ALA DA 40 -23.13 -40.09 30.00
C ALA DA 40 -23.32 -40.36 31.50
N PRO DA 41 -22.74 -41.44 32.01
CA PRO DA 41 -22.90 -41.76 33.44
C PRO DA 41 -22.32 -40.68 34.32
N GLY DA 42 -23.15 -40.16 35.23
CA GLY DA 42 -22.73 -39.10 36.10
C GLY DA 42 -22.41 -37.80 35.39
N GLN DA 43 -23.07 -37.52 34.27
CA GLN DA 43 -22.83 -36.29 33.53
C GLN DA 43 -24.16 -35.69 33.09
N GLY DA 44 -24.08 -34.64 32.29
CA GLY DA 44 -25.24 -33.86 31.92
C GLY DA 44 -25.97 -34.40 30.72
N LEU DA 45 -26.88 -33.59 30.20
CA LEU DA 45 -27.71 -33.95 29.06
C LEU DA 45 -27.11 -33.41 27.78
N GLU DA 46 -27.27 -34.18 26.69
CA GLU DA 46 -26.71 -33.86 25.40
C GLU DA 46 -27.77 -34.09 24.33
N TRP DA 47 -28.00 -33.07 23.50
CA TRP DA 47 -29.01 -33.16 22.44
C TRP DA 47 -28.40 -33.83 21.22
N ILE DA 48 -29.04 -34.91 20.75
CA ILE DA 48 -28.55 -35.66 19.61
C ILE DA 48 -29.18 -35.14 18.34
N GLY DA 49 -30.51 -35.12 18.29
CA GLY DA 49 -31.19 -34.65 17.10
C GLY DA 49 -32.69 -34.83 17.22
N GLU DA 50 -33.39 -34.54 16.13
CA GLU DA 50 -34.84 -34.64 16.10
C GLU DA 50 -35.27 -35.09 14.71
N ILE DA 51 -36.50 -35.61 14.63
CA ILE DA 51 -37.03 -36.11 13.37
C ILE DA 51 -38.49 -35.71 13.24
N ASN DA 52 -38.91 -35.41 12.02
CA ASN DA 52 -40.30 -35.10 11.70
C ASN DA 52 -40.96 -36.37 11.19
N PRO DA 53 -41.92 -36.94 11.92
CA PRO DA 53 -42.45 -38.25 11.50
C PRO DA 53 -43.29 -38.18 10.24
N THR DA 54 -43.79 -37.00 9.87
CA THR DA 54 -44.56 -36.88 8.63
C THR DA 54 -43.64 -36.96 7.41
N SER DA 55 -42.52 -36.24 7.44
CA SER DA 55 -41.63 -36.13 6.30
C SER DA 55 -40.40 -37.01 6.41
N GLY DA 56 -40.00 -37.38 7.61
CA GLY DA 56 -38.73 -38.07 7.80
C GLY DA 56 -37.52 -37.17 7.85
N GLY DA 57 -37.69 -35.85 7.72
CA GLY DA 57 -36.57 -34.94 7.81
C GLY DA 57 -36.03 -34.85 9.22
N THR DA 58 -34.77 -34.45 9.32
CA THR DA 58 -34.06 -34.46 10.59
C THR DA 58 -33.28 -33.17 10.77
N ASN DA 59 -32.95 -32.88 12.03
CA ASN DA 59 -32.01 -31.83 12.41
C ASN DA 59 -31.07 -32.43 13.45
N PHE DA 60 -29.77 -32.45 13.14
CA PHE DA 60 -28.79 -33.08 13.99
C PHE DA 60 -27.88 -32.06 14.67
N ASN DA 61 -27.43 -32.42 15.86
CA ASN DA 61 -26.18 -31.86 16.39
C ASN DA 61 -25.04 -32.34 15.51
N GLU DA 62 -24.19 -31.41 15.05
CA GLU DA 62 -23.08 -31.78 14.18
C GLU DA 62 -22.23 -32.89 14.78
N LYS DA 63 -22.12 -32.93 16.11
CA LYS DA 63 -21.28 -33.92 16.77
C LYS DA 63 -21.67 -35.34 16.39
N PHE DA 64 -22.95 -35.58 16.08
CA PHE DA 64 -23.45 -36.91 15.78
C PHE DA 64 -23.83 -37.10 14.32
N LYS DA 65 -23.55 -36.11 13.46
CA LYS DA 65 -24.04 -36.18 12.09
C LYS DA 65 -23.44 -37.35 11.33
N SER DA 66 -22.16 -37.64 11.56
CA SER DA 66 -21.48 -38.68 10.78
C SER DA 66 -21.86 -40.09 11.24
N ARG DA 67 -22.15 -40.29 12.52
CA ARG DA 67 -22.35 -41.63 13.05
C ARG DA 67 -23.80 -41.98 13.38
N ALA DA 68 -24.69 -41.00 13.48
CA ALA DA 68 -26.06 -41.25 13.93
C ALA DA 68 -27.03 -41.28 12.75
N THR DA 69 -28.15 -41.96 12.96
CA THR DA 69 -29.20 -42.06 11.95
C THR DA 69 -30.55 -42.09 12.66
N LEU DA 70 -31.45 -41.20 12.25
CA LEU DA 70 -32.78 -41.10 12.83
C LEU DA 70 -33.82 -41.47 11.77
N THR DA 71 -34.54 -42.56 12.01
CA THR DA 71 -35.58 -43.00 11.11
C THR DA 71 -36.90 -43.12 11.86
N VAL DA 72 -37.96 -43.40 11.11
CA VAL DA 72 -39.32 -43.41 11.64
C VAL DA 72 -40.14 -44.43 10.88
N ASP DA 73 -40.86 -45.28 11.60
CA ASP DA 73 -41.80 -46.23 11.01
C ASP DA 73 -43.20 -45.77 11.40
N THR DA 74 -43.84 -45.02 10.51
CA THR DA 74 -45.15 -44.45 10.81
C THR DA 74 -46.21 -45.53 11.02
N SER DA 75 -46.06 -46.69 10.39
CA SER DA 75 -47.06 -47.75 10.51
C SER DA 75 -47.07 -48.38 11.90
N THR DA 76 -45.97 -48.25 12.65
CA THR DA 76 -45.92 -48.81 14.00
C THR DA 76 -45.71 -47.75 15.07
N SER DA 77 -45.73 -46.46 14.69
CA SER DA 77 -45.55 -45.36 15.63
C SER DA 77 -44.26 -45.54 16.43
N THR DA 78 -43.17 -45.82 15.73
CA THR DA 78 -41.89 -46.13 16.34
C THR DA 78 -40.80 -45.27 15.71
N ALA DA 79 -39.95 -44.71 16.57
CA ALA DA 79 -38.80 -43.94 16.14
C ALA DA 79 -37.52 -44.70 16.50
N TYR DA 80 -36.55 -44.66 15.60
CA TYR DA 80 -35.31 -45.40 15.77
C TYR DA 80 -34.13 -44.45 15.79
N LEU DA 81 -33.15 -44.75 16.65
CA LEU DA 81 -31.87 -44.07 16.69
C LEU DA 81 -30.78 -45.11 16.45
N GLU DA 82 -29.94 -44.85 15.46
CA GLU DA 82 -28.90 -45.79 15.05
C GLU DA 82 -27.55 -45.09 15.17
N LEU DA 83 -26.65 -45.67 15.96
CA LEU DA 83 -25.32 -45.12 16.20
C LEU DA 83 -24.29 -46.15 15.75
N SER DA 84 -23.42 -45.76 14.83
CA SER DA 84 -22.41 -46.65 14.28
C SER DA 84 -21.02 -46.25 14.78
N SER DA 85 -20.08 -47.18 14.64
CA SER DA 85 -18.69 -47.00 15.05
C SER DA 85 -18.60 -46.54 16.50
N LEU DA 86 -19.11 -47.40 17.38
CA LEU DA 86 -19.25 -47.04 18.79
C LEU DA 86 -17.89 -46.90 19.46
N ARG DA 87 -17.81 -45.97 20.40
CA ARG DA 87 -16.66 -45.78 21.27
C ARG DA 87 -17.09 -45.92 22.72
N SER DA 88 -16.11 -46.05 23.62
CA SER DA 88 -16.43 -46.11 25.03
C SER DA 88 -17.06 -44.80 25.51
N GLU DA 89 -16.72 -43.68 24.87
CA GLU DA 89 -17.36 -42.41 25.21
C GLU DA 89 -18.83 -42.39 24.82
N ASP DA 90 -19.27 -43.31 23.97
CA ASP DA 90 -20.68 -43.43 23.63
C ASP DA 90 -21.49 -44.18 24.68
N THR DA 91 -20.83 -44.67 25.73
CA THR DA 91 -21.55 -45.27 26.84
C THR DA 91 -22.38 -44.21 27.55
N ALA DA 92 -23.69 -44.38 27.51
CA ALA DA 92 -24.62 -43.38 28.05
C ALA DA 92 -26.02 -43.98 28.11
N VAL DA 93 -26.96 -43.18 28.60
CA VAL DA 93 -28.38 -43.51 28.54
C VAL DA 93 -29.01 -42.64 27.47
N TYR DA 94 -29.76 -43.26 26.57
CA TYR DA 94 -30.34 -42.59 25.42
C TYR DA 94 -31.84 -42.49 25.62
N TYR DA 95 -32.37 -41.26 25.59
CA TYR DA 95 -33.78 -40.99 25.78
C TYR DA 95 -34.38 -40.46 24.49
N CYS DA 96 -35.64 -40.82 24.25
CA CYS DA 96 -36.46 -40.15 23.25
C CYS DA 96 -37.48 -39.30 23.98
N ALA DA 97 -37.91 -38.22 23.33
CA ALA DA 97 -38.82 -37.27 23.96
C ALA DA 97 -39.68 -36.62 22.89
N ARG DA 98 -40.93 -36.35 23.24
CA ARG DA 98 -41.87 -35.74 22.30
C ARG DA 98 -41.66 -34.23 22.27
N GLU DA 99 -41.58 -33.68 21.06
CA GLU DA 99 -41.44 -32.24 20.88
C GLU DA 99 -42.83 -31.64 20.78
N GLY DA 100 -43.33 -31.08 21.89
CA GLY DA 100 -44.61 -30.41 21.86
C GLY DA 100 -45.64 -31.05 22.77
N GLY DA 101 -46.59 -30.25 23.23
CA GLY DA 101 -47.53 -30.83 24.15
C GLY DA 101 -46.84 -31.18 25.45
N PHE DA 102 -47.47 -32.07 26.20
CA PHE DA 102 -46.88 -32.54 27.44
C PHE DA 102 -45.55 -33.22 27.17
N ALA DA 103 -44.55 -32.90 27.98
CA ALA DA 103 -43.17 -33.35 27.75
C ALA DA 103 -43.01 -34.81 28.14
N TYR DA 104 -43.54 -35.69 27.30
CA TYR DA 104 -43.35 -37.11 27.51
C TYR DA 104 -41.91 -37.50 27.19
N TRP DA 105 -41.38 -38.42 28.01
CA TRP DA 105 -40.02 -38.91 27.85
C TRP DA 105 -40.02 -40.43 27.95
N GLY DA 106 -39.24 -41.08 27.10
CA GLY DA 106 -39.03 -42.50 27.24
C GLY DA 106 -38.30 -42.83 28.53
N GLN DA 107 -38.34 -44.11 28.90
CA GLN DA 107 -37.69 -44.53 30.13
C GLN DA 107 -36.17 -44.55 30.01
N GLY DA 108 -35.63 -44.36 28.80
CA GLY DA 108 -34.19 -44.39 28.62
C GLY DA 108 -33.69 -45.78 28.26
N THR DA 109 -32.59 -45.81 27.54
CA THR DA 109 -31.96 -47.05 27.11
C THR DA 109 -30.47 -46.96 27.40
N LEU DA 110 -29.97 -47.84 28.26
CA LEU DA 110 -28.55 -47.87 28.58
C LEU DA 110 -27.79 -48.61 27.50
N VAL DA 111 -26.84 -47.94 26.86
CA VAL DA 111 -25.95 -48.54 25.88
C VAL DA 111 -24.54 -48.48 26.44
N THR DA 112 -23.96 -49.64 26.73
CA THR DA 112 -22.63 -49.73 27.27
C THR DA 112 -21.68 -50.22 26.20
N VAL DA 113 -20.57 -49.51 26.01
CA VAL DA 113 -19.56 -49.86 25.01
C VAL DA 113 -18.25 -50.10 25.72
N SER DA 114 -17.74 -51.33 25.61
CA SER DA 114 -16.53 -51.69 26.32
C SER DA 114 -15.87 -52.87 25.62
N SER DA 115 -14.55 -52.97 25.79
CA SER DA 115 -13.78 -54.09 25.24
C SER DA 115 -13.97 -55.36 26.05
N ALA DA 116 -14.26 -55.24 27.35
CA ALA DA 116 -14.33 -56.40 28.22
C ALA DA 116 -15.58 -57.23 27.91
N SER DA 117 -15.61 -58.44 28.47
CA SER DA 117 -16.72 -59.35 28.36
C SER DA 117 -17.22 -59.73 29.75
N THR DA 118 -18.36 -60.42 29.79
CA THR DA 118 -19.04 -60.74 31.04
C THR DA 118 -18.15 -61.53 32.00
N LYS DA 119 -17.79 -60.90 33.12
CA LYS DA 119 -16.93 -61.50 34.13
C LYS DA 119 -17.58 -61.38 35.50
N GLY DA 120 -17.26 -62.33 36.38
CA GLY DA 120 -17.78 -62.34 37.72
C GLY DA 120 -16.92 -61.54 38.69
N PRO DA 121 -17.52 -61.09 39.79
CA PRO DA 121 -16.78 -60.28 40.76
C PRO DA 121 -16.02 -61.11 41.79
N SER DA 122 -14.94 -60.52 42.28
CA SER DA 122 -14.14 -61.10 43.36
C SER DA 122 -14.41 -60.34 44.65
N VAL DA 123 -15.02 -61.01 45.61
CA VAL DA 123 -15.43 -60.39 46.87
C VAL DA 123 -14.33 -60.62 47.91
N PHE DA 124 -13.85 -59.52 48.52
CA PHE DA 124 -12.82 -59.55 49.53
C PHE DA 124 -13.30 -58.86 50.80
N PRO DA 125 -12.90 -59.34 51.98
CA PRO DA 125 -13.38 -58.74 53.22
C PRO DA 125 -12.54 -57.53 53.65
N LEU DA 126 -13.23 -56.53 54.20
CA LEU DA 126 -12.58 -55.38 54.83
C LEU DA 126 -12.76 -55.57 56.34
N ALA DA 127 -11.72 -56.11 56.98
CA ALA DA 127 -11.84 -56.54 58.37
C ALA DA 127 -11.71 -55.36 59.32
N PRO DA 128 -12.48 -55.36 60.42
CA PRO DA 128 -12.35 -54.29 61.41
C PRO DA 128 -11.00 -54.29 62.10
N SER DA 129 -10.52 -53.09 62.41
CA SER DA 129 -9.19 -52.94 62.99
C SER DA 129 -9.14 -53.47 64.42
N SER DA 130 -9.94 -52.86 65.31
CA SER DA 130 -10.02 -53.26 66.71
C SER DA 130 -8.65 -53.24 67.39
N GLY DA 135 -12.59 -49.16 69.92
CA GLY DA 135 -12.98 -48.13 70.87
C GLY DA 135 -14.46 -48.15 71.21
N GLY DA 136 -15.25 -47.45 70.40
CA GLY DA 136 -16.69 -47.39 70.60
C GLY DA 136 -17.48 -47.87 69.40
N THR DA 137 -17.12 -47.37 68.21
CA THR DA 137 -17.76 -47.78 66.97
C THR DA 137 -16.69 -48.24 65.99
N ALA DA 138 -16.93 -49.37 65.34
CA ALA DA 138 -16.01 -49.93 64.36
C ALA DA 138 -16.71 -50.08 63.01
N ALA DA 139 -15.91 -50.07 61.95
CA ALA DA 139 -16.41 -50.18 60.59
C ALA DA 139 -15.83 -51.42 59.91
N LEU DA 140 -16.66 -52.11 59.14
CA LEU DA 140 -16.24 -53.25 58.35
C LEU DA 140 -17.02 -53.25 57.05
N GLY DA 141 -16.57 -54.06 56.09
CA GLY DA 141 -17.26 -54.09 54.83
C GLY DA 141 -16.69 -55.11 53.88
N CYS DA 142 -17.16 -55.05 52.63
CA CYS DA 142 -16.76 -55.95 51.56
C CYS DA 142 -16.28 -55.13 50.37
N LEU DA 143 -15.26 -55.63 49.69
CA LEU DA 143 -14.73 -55.02 48.48
C LEU DA 143 -15.08 -55.93 47.30
N VAL DA 144 -15.98 -55.45 46.44
CA VAL DA 144 -16.42 -56.19 45.26
C VAL DA 144 -15.58 -55.69 44.09
N LYS DA 145 -14.60 -56.47 43.67
CA LYS DA 145 -13.61 -56.02 42.71
C LYS DA 145 -13.67 -56.82 41.42
N ASP DA 146 -13.38 -56.13 40.32
CA ASP DA 146 -13.21 -56.72 38.99
C ASP DA 146 -14.44 -57.49 38.51
N TYR DA 147 -15.43 -56.78 37.99
CA TYR DA 147 -16.60 -57.40 37.39
C TYR DA 147 -17.06 -56.58 36.20
N PHE DA 148 -17.95 -57.18 35.40
CA PHE DA 148 -18.53 -56.55 34.23
C PHE DA 148 -19.70 -57.40 33.74
N PRO DA 149 -20.82 -56.78 33.34
CA PRO DA 149 -21.04 -55.34 33.45
C PRO DA 149 -21.84 -54.99 34.70
N GLU DA 150 -22.24 -53.73 34.82
CA GLU DA 150 -23.16 -53.34 35.86
C GLU DA 150 -24.48 -54.09 35.69
N PRO DA 151 -25.25 -54.27 36.78
CA PRO DA 151 -25.02 -53.80 38.15
C PRO DA 151 -24.54 -54.89 39.11
N VAL DA 152 -24.32 -54.49 40.36
CA VAL DA 152 -24.05 -55.40 41.46
C VAL DA 152 -24.88 -54.95 42.65
N THR DA 153 -25.68 -55.86 43.20
CA THR DA 153 -26.51 -55.59 44.38
C THR DA 153 -25.88 -56.24 45.59
N VAL DA 154 -25.79 -55.50 46.69
CA VAL DA 154 -25.15 -55.97 47.91
C VAL DA 154 -26.09 -55.71 49.08
N SER DA 155 -26.32 -56.75 49.88
CA SER DA 155 -27.05 -56.64 51.14
C SER DA 155 -26.20 -57.25 52.25
N TRP DA 156 -26.63 -57.02 53.49
CA TRP DA 156 -25.93 -57.55 54.65
C TRP DA 156 -26.89 -58.40 55.47
N ASN DA 157 -26.46 -59.62 55.79
CA ASN DA 157 -27.24 -60.56 56.59
C ASN DA 157 -28.61 -60.82 55.96
N SER DA 158 -28.62 -61.04 54.64
CA SER DA 158 -29.85 -61.32 53.89
C SER DA 158 -30.89 -60.23 54.05
N GLY DA 159 -30.45 -58.99 54.24
CA GLY DA 159 -31.33 -57.86 54.39
C GLY DA 159 -31.67 -57.49 55.82
N ALA DA 160 -31.17 -58.22 56.81
CA ALA DA 160 -31.49 -57.90 58.20
C ALA DA 160 -30.76 -56.66 58.68
N LEU DA 161 -29.47 -56.55 58.37
CA LEU DA 161 -28.65 -55.41 58.78
C LEU DA 161 -28.78 -54.33 57.72
N THR DA 162 -29.56 -53.30 58.01
CA THR DA 162 -29.82 -52.21 57.08
C THR DA 162 -29.26 -50.87 57.52
N SER DA 163 -29.38 -50.54 58.80
CA SER DA 163 -28.91 -49.23 59.27
C SER DA 163 -27.39 -49.23 59.37
N GLY DA 164 -26.79 -48.11 58.98
CA GLY DA 164 -25.35 -47.96 58.96
C GLY DA 164 -24.67 -48.47 57.70
N VAL DA 165 -25.43 -49.01 56.75
CA VAL DA 165 -24.87 -49.60 55.54
C VAL DA 165 -24.70 -48.51 54.49
N HIS DA 166 -23.53 -48.48 53.86
CA HIS DA 166 -23.21 -47.54 52.79
C HIS DA 166 -22.61 -48.31 51.62
N THR DA 167 -23.42 -48.59 50.61
CA THR DA 167 -22.95 -49.27 49.40
C THR DA 167 -22.57 -48.19 48.38
N PHE DA 168 -21.26 -48.04 48.14
CA PHE DA 168 -20.75 -46.96 47.33
C PHE DA 168 -21.10 -47.16 45.85
N PRO DA 169 -21.10 -46.08 45.07
CA PRO DA 169 -21.18 -46.22 43.62
C PRO DA 169 -19.93 -46.90 43.06
N ALA DA 170 -20.14 -47.69 42.02
CA ALA DA 170 -19.02 -48.37 41.40
C ALA DA 170 -18.16 -47.39 40.60
N VAL DA 171 -16.92 -47.78 40.37
CA VAL DA 171 -15.97 -47.00 39.58
C VAL DA 171 -15.45 -47.87 38.45
N LEU DA 172 -15.06 -47.23 37.35
CA LEU DA 172 -14.52 -47.92 36.18
C LEU DA 172 -13.01 -47.87 36.28
N GLN DA 173 -12.39 -49.04 36.42
CA GLN DA 173 -10.94 -49.14 36.56
C GLN DA 173 -10.27 -49.03 35.19
N SER DA 174 -8.95 -48.83 35.22
CA SER DA 174 -8.19 -48.77 33.98
C SER DA 174 -8.29 -50.07 33.19
N SER DA 175 -8.54 -51.18 33.88
CA SER DA 175 -8.71 -52.47 33.23
C SER DA 175 -10.06 -52.63 32.55
N GLY DA 176 -10.92 -51.62 32.62
CA GLY DA 176 -12.26 -51.73 32.07
C GLY DA 176 -13.23 -52.53 32.90
N LEU DA 177 -12.89 -52.82 34.15
CA LEU DA 177 -13.74 -53.60 35.04
C LEU DA 177 -14.19 -52.71 36.21
N TYR DA 178 -15.40 -52.97 36.69
CA TYR DA 178 -15.97 -52.16 37.75
C TYR DA 178 -15.53 -52.65 39.12
N SER DA 179 -15.39 -51.70 40.05
CA SER DA 179 -15.01 -51.98 41.42
C SER DA 179 -15.94 -51.21 42.36
N LEU DA 180 -16.29 -51.84 43.47
CA LEU DA 180 -17.31 -51.30 44.36
C LEU DA 180 -17.01 -51.69 45.80
N SER DA 181 -17.30 -50.78 46.73
CA SER DA 181 -17.15 -51.02 48.15
C SER DA 181 -18.49 -50.88 48.85
N SER DA 182 -18.67 -51.64 49.93
CA SER DA 182 -19.87 -51.58 50.75
C SER DA 182 -19.48 -51.74 52.20
N VAL DA 183 -19.70 -50.70 53.01
CA VAL DA 183 -19.28 -50.69 54.40
C VAL DA 183 -20.50 -50.62 55.31
N VAL DA 184 -20.27 -50.91 56.59
CA VAL DA 184 -21.31 -50.81 57.61
C VAL DA 184 -20.62 -50.61 58.95
N THR DA 185 -21.18 -49.74 59.78
CA THR DA 185 -20.65 -49.47 61.11
C THR DA 185 -21.46 -50.21 62.16
N VAL DA 186 -20.75 -50.76 63.15
CA VAL DA 186 -21.35 -51.53 64.23
C VAL DA 186 -20.60 -51.25 65.52
N PRO DA 187 -21.23 -51.51 66.66
CA PRO DA 187 -20.53 -51.36 67.94
C PRO DA 187 -19.33 -52.30 68.03
N SER DA 188 -18.27 -51.82 68.67
CA SER DA 188 -17.08 -52.63 68.89
C SER DA 188 -17.33 -53.77 69.87
N SER DA 189 -18.36 -53.66 70.71
CA SER DA 189 -18.70 -54.70 71.66
C SER DA 189 -19.39 -55.91 71.01
N SER DA 190 -19.87 -55.77 69.77
CA SER DA 190 -20.53 -56.86 69.07
C SER DA 190 -19.60 -57.58 68.10
N LEU DA 191 -18.32 -57.20 68.04
CA LEU DA 191 -17.36 -57.92 67.21
C LEU DA 191 -17.04 -59.26 67.86
N GLY DA 192 -17.29 -60.35 67.13
CA GLY DA 192 -17.14 -61.68 67.63
C GLY DA 192 -18.43 -62.33 68.11
N THR DA 193 -19.38 -61.51 68.56
CA THR DA 193 -20.69 -62.01 68.96
C THR DA 193 -21.66 -62.08 67.78
N GLN DA 194 -21.65 -61.05 66.92
CA GLN DA 194 -22.55 -60.97 65.78
C GLN DA 194 -21.85 -61.48 64.53
N THR DA 195 -22.60 -62.18 63.68
CA THR DA 195 -22.11 -62.66 62.41
C THR DA 195 -22.45 -61.63 61.33
N TYR DA 196 -21.46 -61.27 60.51
CA TYR DA 196 -21.61 -60.26 59.48
C TYR DA 196 -21.26 -60.87 58.13
N ILE DA 197 -22.23 -60.90 57.22
CA ILE DA 197 -22.08 -61.49 55.90
C ILE DA 197 -22.67 -60.52 54.88
N CYS DA 198 -21.90 -60.19 53.86
CA CYS DA 198 -22.38 -59.37 52.74
C CYS DA 198 -22.82 -60.29 51.62
N ASN DA 199 -23.99 -60.02 51.06
CA ASN DA 199 -24.60 -60.86 50.03
C ASN DA 199 -24.45 -60.15 48.69
N VAL DA 200 -23.44 -60.54 47.92
CA VAL DA 200 -23.16 -59.96 46.62
C VAL DA 200 -23.87 -60.78 45.56
N ASN DA 201 -24.54 -60.10 44.63
CA ASN DA 201 -25.22 -60.75 43.53
C ASN DA 201 -24.88 -60.01 42.24
N HIS DA 202 -24.47 -60.78 41.22
CA HIS DA 202 -24.14 -60.24 39.91
C HIS DA 202 -24.93 -61.03 38.87
N LYS DA 203 -26.10 -60.51 38.50
CA LYS DA 203 -27.00 -61.23 37.60
C LYS DA 203 -26.42 -61.52 36.22
N PRO DA 204 -25.66 -60.63 35.57
CA PRO DA 204 -25.17 -60.96 34.22
C PRO DA 204 -24.29 -62.21 34.18
N SER DA 205 -23.52 -62.49 35.22
CA SER DA 205 -22.66 -63.67 35.25
C SER DA 205 -23.21 -64.77 36.17
N ASN DA 206 -24.43 -64.61 36.67
CA ASN DA 206 -25.07 -65.58 37.56
C ASN DA 206 -24.14 -65.97 38.70
N THR DA 207 -23.56 -64.96 39.34
CA THR DA 207 -22.65 -65.13 40.46
C THR DA 207 -23.31 -64.61 41.73
N LYS DA 208 -23.39 -65.46 42.75
CA LYS DA 208 -23.91 -65.10 44.06
C LYS DA 208 -22.89 -65.53 45.10
N VAL DA 209 -22.28 -64.56 45.78
CA VAL DA 209 -21.20 -64.80 46.72
C VAL DA 209 -21.59 -64.26 48.09
N ASP DA 210 -21.45 -65.10 49.11
CA ASP DA 210 -21.64 -64.71 50.50
C ASP DA 210 -20.28 -64.72 51.19
N LYS DA 211 -19.87 -63.57 51.69
CA LYS DA 211 -18.57 -63.43 52.36
C LYS DA 211 -18.79 -63.03 53.81
N LYS DA 212 -18.20 -63.79 54.72
CA LYS DA 212 -18.28 -63.53 56.16
C LYS DA 212 -17.08 -62.68 56.58
N VAL DA 213 -17.35 -61.59 57.30
CA VAL DA 213 -16.33 -60.61 57.66
C VAL DA 213 -16.08 -60.71 59.16
N GLU DA 214 -14.88 -61.13 59.52
CA GLU DA 214 -14.43 -61.26 60.90
C GLU DA 214 -13.19 -60.42 61.13
N PRO DA 215 -12.87 -60.07 62.38
CA PRO DA 215 -11.57 -59.46 62.66
C PRO DA 215 -10.45 -60.49 62.50
N LYS DA 216 -9.37 -60.07 61.85
CA LYS DA 216 -8.31 -61.00 61.51
C LYS DA 216 -7.46 -61.35 62.73
N SER DA 217 -6.92 -62.56 62.72
CA SER DA 217 -6.08 -63.05 63.82
C SER DA 217 -4.68 -63.39 63.32
N ILE EA 1 -29.10 -4.09 22.52
CA ILE EA 1 -28.50 -4.57 21.29
C ILE EA 1 -29.34 -5.69 20.69
N LEU EA 2 -29.88 -5.45 19.51
CA LEU EA 2 -30.73 -6.42 18.83
C LEU EA 2 -29.92 -7.16 17.76
N GLY EA 3 -30.12 -8.47 17.69
CA GLY EA 3 -29.47 -9.28 16.68
C GLY EA 3 -28.00 -9.54 16.90
N GLY EA 4 -27.46 -9.21 18.07
CA GLY EA 4 -26.09 -9.48 18.41
C GLY EA 4 -25.97 -10.67 19.34
N ARG EA 5 -24.88 -10.69 20.10
CA ARG EA 5 -24.64 -11.76 21.07
C ARG EA 5 -23.85 -11.17 22.23
N GLU EA 6 -23.62 -12.00 23.25
CA GLU EA 6 -22.88 -11.56 24.42
C GLU EA 6 -21.45 -11.23 24.06
N ALA EA 7 -20.93 -10.14 24.61
CA ALA EA 7 -19.57 -9.73 24.33
C ALA EA 7 -18.58 -10.50 25.18
N GLU EA 8 -17.32 -10.47 24.77
CA GLU EA 8 -16.25 -11.00 25.61
C GLU EA 8 -16.07 -10.09 26.82
N ALA EA 9 -16.04 -10.68 28.01
CA ALA EA 9 -16.02 -9.88 29.23
C ALA EA 9 -14.80 -8.97 29.26
N HIS EA 10 -15.06 -7.68 29.47
CA HIS EA 10 -14.03 -6.65 29.66
C HIS EA 10 -13.15 -6.47 28.43
N ALA EA 11 -13.61 -6.92 27.26
CA ALA EA 11 -12.89 -6.68 26.02
C ALA EA 11 -13.09 -5.27 25.50
N ARG EA 12 -14.10 -4.56 26.00
CA ARG EA 12 -14.37 -3.16 25.65
C ARG EA 12 -14.21 -2.35 26.94
N PRO EA 13 -12.97 -2.09 27.38
CA PRO EA 13 -12.77 -1.48 28.70
C PRO EA 13 -13.27 -0.06 28.79
N TYR EA 14 -13.66 0.56 27.68
CA TYR EA 14 -14.25 1.88 27.68
C TYR EA 14 -15.73 1.86 28.02
N MET EA 15 -16.35 0.68 28.10
CA MET EA 15 -17.80 0.60 28.22
C MET EA 15 -18.24 0.96 29.63
N ALA EA 16 -19.21 1.87 29.72
CA ALA EA 16 -19.76 2.31 31.00
C ALA EA 16 -21.27 2.05 31.05
N SER EA 17 -21.79 1.96 32.25
CA SER EA 17 -23.22 1.86 32.50
C SER EA 17 -23.64 3.07 33.33
N VAL EA 18 -24.47 3.92 32.76
CA VAL EA 18 -25.02 5.06 33.49
C VAL EA 18 -26.22 4.57 34.29
N GLN EA 19 -26.11 4.61 35.61
CA GLN EA 19 -27.10 4.04 36.51
C GLN EA 19 -27.90 5.14 37.20
N LEU EA 20 -29.22 4.98 37.23
CA LEU EA 20 -30.11 5.91 37.92
C LEU EA 20 -30.79 5.15 39.07
N ASN EA 21 -30.49 5.57 40.30
CA ASN EA 21 -31.05 4.94 41.50
C ASN EA 21 -30.71 3.46 41.57
N GLY EA 22 -29.46 3.13 41.23
CA GLY EA 22 -28.97 1.78 41.36
C GLY EA 22 -29.39 0.81 40.27
N ALA EA 23 -29.93 1.30 39.17
CA ALA EA 23 -30.36 0.46 38.06
C ALA EA 23 -29.82 1.03 36.75
N HIS EA 24 -29.49 0.13 35.83
CA HIS EA 24 -28.95 0.56 34.55
C HIS EA 24 -29.97 1.40 33.80
N LEU EA 25 -29.53 2.56 33.31
CA LEU EA 25 -30.37 3.47 32.57
C LEU EA 25 -29.89 3.69 31.14
N CYS EA 26 -28.61 4.03 30.96
CA CYS EA 26 -28.06 4.30 29.65
C CYS EA 26 -26.65 3.75 29.57
N GLY EA 27 -26.15 3.63 28.35
CA GLY EA 27 -24.75 3.36 28.15
C GLY EA 27 -23.92 4.63 28.19
N GLY EA 28 -22.61 4.43 28.36
CA GLY EA 28 -21.68 5.53 28.34
C GLY EA 28 -20.32 5.01 27.92
N VAL EA 29 -19.48 5.94 27.46
CA VAL EA 29 -18.13 5.61 27.03
C VAL EA 29 -17.16 6.50 27.78
N LEU EA 30 -16.19 5.88 28.45
CA LEU EA 30 -15.14 6.61 29.15
C LEU EA 30 -14.21 7.26 28.13
N VAL EA 31 -14.28 8.58 28.01
CA VAL EA 31 -13.44 9.31 27.05
C VAL EA 31 -12.26 10.00 27.72
N ALA EA 32 -12.23 10.05 29.05
CA ALA EA 32 -11.10 10.54 29.82
C ALA EA 32 -11.14 9.87 31.18
N GLU EA 33 -10.02 9.92 31.90
CA GLU EA 33 -9.92 9.13 33.13
C GLU EA 33 -10.89 9.57 34.20
N GLN EA 34 -11.53 10.73 34.06
CA GLN EA 34 -12.55 11.13 35.03
C GLN EA 34 -13.83 11.63 34.36
N TRP EA 35 -14.03 11.37 33.07
CA TRP EA 35 -15.20 11.85 32.36
C TRP EA 35 -15.81 10.72 31.53
N VAL EA 36 -17.14 10.62 31.58
CA VAL EA 36 -17.88 9.64 30.80
C VAL EA 36 -18.82 10.40 29.87
N LEU EA 37 -18.81 10.02 28.59
CA LEU EA 37 -19.67 10.63 27.58
C LEU EA 37 -20.89 9.75 27.37
N SER EA 38 -22.06 10.39 27.24
CA SER EA 38 -23.30 9.65 27.06
C SER EA 38 -24.29 10.56 26.32
N ALA EA 39 -25.57 10.21 26.38
CA ALA EA 39 -26.61 10.95 25.69
C ALA EA 39 -27.32 11.88 26.67
N ALA EA 40 -27.66 13.09 26.19
CA ALA EA 40 -28.26 14.09 27.06
C ALA EA 40 -29.67 13.70 27.49
N HIS EA 41 -30.44 13.07 26.59
CA HIS EA 41 -31.83 12.76 26.89
C HIS EA 41 -32.00 11.68 27.96
N CYS EA 42 -30.92 10.99 28.33
CA CYS EA 42 -30.99 10.00 29.40
C CYS EA 42 -31.37 10.62 30.73
N LEU EA 43 -31.09 11.91 30.92
CA LEU EA 43 -31.28 12.57 32.20
C LEU EA 43 -32.47 13.51 32.20
N GLU EA 44 -33.26 13.55 31.12
CA GLU EA 44 -34.40 14.47 31.04
C GLU EA 44 -35.40 14.18 32.15
N ASP EA 45 -35.82 12.92 32.28
CA ASP EA 45 -36.77 12.50 33.30
C ASP EA 45 -36.10 12.04 34.59
N ALA EA 46 -34.76 12.13 34.67
CA ALA EA 46 -34.05 11.59 35.83
C ALA EA 46 -34.46 12.28 37.13
N ALA EA 47 -34.83 13.56 37.05
CA ALA EA 47 -35.29 14.34 38.20
C ALA EA 47 -34.22 14.26 39.29
N ASP EA 48 -34.56 14.00 40.55
CA ASP EA 48 -33.61 14.01 41.65
C ASP EA 48 -32.92 12.67 41.84
N GLY EA 49 -33.08 11.73 40.93
CA GLY EA 49 -32.50 10.41 41.11
C GLY EA 49 -30.99 10.47 41.20
N LYS EA 50 -30.42 9.47 41.87
CA LYS EA 50 -28.97 9.41 42.05
C LYS EA 50 -28.32 8.87 40.79
N VAL EA 51 -27.51 9.70 40.14
CA VAL EA 51 -26.81 9.31 38.91
C VAL EA 51 -25.43 8.77 39.28
N GLN EA 52 -25.09 7.60 38.74
CA GLN EA 52 -23.79 6.99 38.97
C GLN EA 52 -23.33 6.33 37.69
N VAL EA 53 -22.03 6.04 37.62
CA VAL EA 53 -21.43 5.36 36.47
C VAL EA 53 -20.75 4.10 36.96
N LEU EA 54 -21.01 2.99 36.28
CA LEU EA 54 -20.42 1.70 36.61
C LEU EA 54 -19.37 1.36 35.55
N LEU EA 55 -18.12 1.21 35.99
CA LEU EA 55 -17.00 0.94 35.09
C LEU EA 55 -16.47 -0.47 35.32
N GLY EA 56 -15.77 -0.98 34.30
CA GLY EA 56 -15.16 -2.29 34.39
C GLY EA 56 -16.15 -3.41 34.57
N ALA EA 57 -17.37 -3.25 34.09
CA ALA EA 57 -18.45 -4.20 34.32
C ALA EA 57 -18.73 -5.02 33.07
N HIS EA 58 -18.95 -6.31 33.27
CA HIS EA 58 -19.56 -7.16 32.25
C HIS EA 58 -20.98 -7.55 32.61
N SER EA 59 -21.17 -8.14 33.79
CA SER EA 59 -22.49 -8.37 34.34
C SER EA 59 -22.89 -7.19 35.22
N LEU EA 60 -24.10 -6.69 35.04
CA LEU EA 60 -24.60 -5.63 35.91
C LEU EA 60 -24.80 -6.11 37.34
N SER EA 61 -24.95 -7.42 37.55
CA SER EA 61 -25.32 -7.98 38.85
C SER EA 61 -24.24 -8.85 39.47
N GLN EA 62 -23.58 -9.69 38.68
CA GLN EA 62 -22.61 -10.63 39.25
C GLN EA 62 -21.37 -9.88 39.74
N PRO EA 63 -20.71 -10.40 40.76
CA PRO EA 63 -19.51 -9.73 41.28
C PRO EA 63 -18.31 -9.95 40.38
N GLU EA 64 -17.57 -8.88 40.13
CA GLU EA 64 -16.39 -8.88 39.28
C GLU EA 64 -15.33 -7.97 39.90
N PRO EA 65 -14.07 -8.41 39.93
CA PRO EA 65 -13.04 -7.60 40.60
C PRO EA 65 -12.87 -6.22 40.00
N SER EA 66 -12.97 -6.10 38.67
CA SER EA 66 -12.80 -4.82 38.00
C SER EA 66 -13.99 -3.90 38.14
N LYS EA 67 -15.11 -4.38 38.69
CA LYS EA 67 -16.32 -3.56 38.77
C LYS EA 67 -16.17 -2.51 39.86
N ARG EA 68 -16.43 -1.25 39.50
CA ARG EA 68 -16.46 -0.18 40.49
C ARG EA 68 -17.55 0.83 40.11
N LEU EA 69 -18.33 1.24 41.11
CA LEU EA 69 -19.43 2.17 40.92
C LEU EA 69 -19.01 3.56 41.39
N TYR EA 70 -19.03 4.52 40.49
CA TYR EA 70 -18.58 5.88 40.76
C TYR EA 70 -19.77 6.82 40.90
N ASP EA 71 -19.69 7.75 41.83
CA ASP EA 71 -20.66 8.82 41.91
C ASP EA 71 -20.34 9.88 40.85
N VAL EA 72 -21.34 10.68 40.51
CA VAL EA 72 -21.18 11.76 39.54
C VAL EA 72 -21.07 13.06 40.29
N LEU EA 73 -19.97 13.77 40.07
CA LEU EA 73 -19.72 15.05 40.72
C LEU EA 73 -20.32 16.22 39.97
N ARG EA 74 -20.52 16.08 38.66
CA ARG EA 74 -20.93 17.20 37.81
C ARG EA 74 -21.43 16.67 36.48
N ALA EA 75 -22.63 17.09 36.07
CA ALA EA 75 -23.27 16.61 34.84
C ALA EA 75 -23.43 17.77 33.87
N VAL EA 76 -22.83 17.65 32.69
CA VAL EA 76 -22.82 18.73 31.72
C VAL EA 76 -23.53 18.28 30.44
N PRO EA 77 -24.84 18.50 30.31
CA PRO EA 77 -25.50 18.30 29.02
C PRO EA 77 -25.09 19.39 28.04
N HIS EA 78 -25.12 19.05 26.76
CA HIS EA 78 -24.85 20.05 25.73
C HIS EA 78 -25.89 21.16 25.83
N PRO EA 79 -25.46 22.43 25.86
CA PRO EA 79 -26.41 23.52 26.16
C PRO EA 79 -27.55 23.63 25.16
N ASP EA 80 -27.40 23.12 23.94
CA ASP EA 80 -28.43 23.23 22.91
C ASP EA 80 -29.29 21.98 22.81
N SER EA 81 -29.28 21.13 23.83
CA SER EA 81 -30.11 19.93 23.84
C SER EA 81 -31.44 20.25 24.54
N GLN EA 82 -32.53 19.87 23.90
CA GLN EA 82 -33.87 20.05 24.42
C GLN EA 82 -34.66 18.77 24.18
N PRO EA 83 -35.72 18.53 24.96
CA PRO EA 83 -36.48 17.28 24.81
C PRO EA 83 -37.21 17.14 23.48
N ASP EA 84 -37.42 18.24 22.76
CA ASP EA 84 -38.20 18.19 21.53
C ASP EA 84 -37.43 17.61 20.36
N THR EA 85 -36.11 17.51 20.44
CA THR EA 85 -35.27 17.14 19.31
C THR EA 85 -34.29 16.05 19.70
N ILE EA 86 -33.66 15.47 18.68
CA ILE EA 86 -32.52 14.57 18.87
C ILE EA 86 -31.19 15.26 18.61
N ASP EA 87 -31.22 16.58 18.40
CA ASP EA 87 -30.01 17.32 18.06
C ASP EA 87 -29.19 17.62 19.30
N HIS EA 88 -27.86 17.52 19.15
CA HIS EA 88 -26.92 17.84 20.22
C HIS EA 88 -27.18 16.99 21.47
N ASP EA 89 -27.48 15.70 21.25
CA ASP EA 89 -27.86 14.80 22.32
C ASP EA 89 -26.62 14.18 22.97
N LEU EA 90 -25.83 15.04 23.61
CA LEU EA 90 -24.59 14.61 24.24
C LEU EA 90 -24.55 15.08 25.69
N LEU EA 91 -23.93 14.26 26.53
CA LEU EA 91 -23.85 14.50 27.97
C LEU EA 91 -22.47 14.09 28.46
N LEU EA 92 -21.83 14.96 29.25
CA LEU EA 92 -20.53 14.67 29.84
C LEU EA 92 -20.68 14.59 31.35
N LEU EA 93 -20.23 13.47 31.93
CA LEU EA 93 -20.40 13.18 33.35
C LEU EA 93 -19.03 13.13 34.01
N GLN EA 94 -18.80 14.02 34.97
CA GLN EA 94 -17.55 14.02 35.74
C GLN EA 94 -17.70 13.09 36.93
N LEU EA 95 -16.81 12.11 37.04
CA LEU EA 95 -16.84 11.18 38.14
C LEU EA 95 -16.37 11.85 39.43
N SER EA 96 -16.85 11.32 40.56
CA SER EA 96 -16.43 11.84 41.85
C SER EA 96 -14.95 11.63 42.11
N GLU EA 97 -14.37 10.57 41.53
CA GLU EA 97 -12.94 10.30 41.63
C GLU EA 97 -12.41 9.88 40.27
N LYS EA 98 -11.10 9.93 40.13
CA LYS EA 98 -10.48 9.43 38.91
C LYS EA 98 -10.65 7.92 38.82
N ALA EA 99 -11.05 7.43 37.65
CA ALA EA 99 -11.25 6.01 37.46
C ALA EA 99 -9.94 5.26 37.62
N THR EA 100 -10.00 4.14 38.33
CA THR EA 100 -8.83 3.28 38.50
C THR EA 100 -8.55 2.54 37.20
N LEU EA 101 -7.49 2.93 36.51
CA LEU EA 101 -7.14 2.28 35.26
C LEU EA 101 -6.74 0.83 35.51
N GLY EA 102 -6.89 0.02 34.47
CA GLY EA 102 -6.57 -1.37 34.52
C GLY EA 102 -6.91 -2.04 33.21
N PRO EA 103 -6.72 -3.35 33.12
CA PRO EA 103 -7.04 -4.06 31.87
C PRO EA 103 -8.52 -4.07 31.53
N ALA EA 104 -9.39 -3.70 32.45
CA ALA EA 104 -10.82 -3.68 32.20
C ALA EA 104 -11.43 -2.28 32.24
N VAL EA 105 -10.64 -1.25 32.53
CA VAL EA 105 -11.09 0.14 32.55
C VAL EA 105 -10.03 0.96 31.82
N ARG EA 106 -10.39 1.50 30.66
CA ARG EA 106 -9.45 2.25 29.84
C ARG EA 106 -10.20 3.17 28.90
N PRO EA 107 -9.89 4.46 28.88
CA PRO EA 107 -10.59 5.38 27.97
C PRO EA 107 -10.38 4.99 26.52
N LEU EA 108 -11.34 5.40 25.68
CA LEU EA 108 -11.30 5.14 24.25
C LEU EA 108 -11.02 6.42 23.49
N PRO EA 109 -10.03 6.45 22.62
CA PRO EA 109 -9.81 7.66 21.80
C PRO EA 109 -11.00 7.92 20.90
N TRP EA 110 -11.47 9.15 20.91
CA TRP EA 110 -12.66 9.55 20.15
C TRP EA 110 -12.26 10.40 18.96
N GLN EA 111 -13.04 10.26 17.88
CA GLN EA 111 -12.69 10.89 16.60
C GLN EA 111 -12.75 12.39 16.72
N ARG EA 112 -11.65 13.05 16.33
CA ARG EA 112 -11.55 14.49 16.38
C ARG EA 112 -11.59 15.13 14.99
N VAL EA 113 -11.39 14.35 13.94
CA VAL EA 113 -11.39 14.85 12.57
C VAL EA 113 -12.80 14.76 12.00
N ASP EA 114 -13.38 15.90 11.64
CA ASP EA 114 -14.79 15.97 11.26
C ASP EA 114 -14.96 15.50 9.81
N ARG EA 115 -14.92 14.18 9.63
CA ARG EA 115 -15.19 13.55 8.35
C ARG EA 115 -16.20 12.42 8.54
N ASP EA 116 -17.14 12.32 7.60
CA ASP EA 116 -18.16 11.28 7.67
C ASP EA 116 -17.53 9.90 7.58
N VAL EA 117 -18.10 8.94 8.31
CA VAL EA 117 -17.77 7.55 8.10
C VAL EA 117 -18.39 7.09 6.79
N ALA EA 118 -17.60 6.46 5.94
CA ALA EA 118 -18.08 6.03 4.64
C ALA EA 118 -19.25 5.07 4.80
N PRO EA 119 -20.34 5.23 4.06
CA PRO EA 119 -21.41 4.25 4.09
C PRO EA 119 -20.89 2.85 3.79
N GLY EA 120 -21.48 1.86 4.45
CA GLY EA 120 -21.06 0.48 4.33
C GLY EA 120 -20.03 0.04 5.35
N THR EA 121 -19.31 0.97 5.97
CA THR EA 121 -18.32 0.63 6.99
C THR EA 121 -18.99 -0.10 8.15
N LEU EA 122 -18.38 -1.21 8.57
CA LEU EA 122 -18.88 -1.95 9.72
C LEU EA 122 -18.39 -1.29 11.00
N CYS EA 123 -19.32 -0.98 11.90
CA CYS EA 123 -19.00 -0.34 13.17
C CYS EA 123 -19.56 -1.18 14.31
N ASP EA 124 -18.87 -1.15 15.44
CA ASP EA 124 -19.24 -1.96 16.60
C ASP EA 124 -20.00 -1.10 17.60
N VAL EA 125 -21.14 -1.61 18.06
CA VAL EA 125 -21.98 -0.93 19.05
C VAL EA 125 -22.33 -1.95 20.13
N ALA EA 126 -22.35 -1.50 21.39
CA ALA EA 126 -22.54 -2.39 22.52
C ALA EA 126 -23.40 -1.70 23.57
N GLY EA 127 -24.04 -2.51 24.42
CA GLY EA 127 -24.87 -1.95 25.46
C GLY EA 127 -25.61 -3.04 26.22
N TRP EA 128 -26.36 -2.58 27.23
CA TRP EA 128 -27.18 -3.44 28.07
C TRP EA 128 -28.67 -3.24 27.82
N GLY EA 129 -29.04 -2.87 26.59
CA GLY EA 129 -30.42 -2.59 26.27
C GLY EA 129 -31.13 -3.78 25.68
N ILE EA 130 -32.42 -3.56 25.38
CA ILE EA 130 -33.34 -4.53 24.78
C ILE EA 130 -32.64 -5.47 23.80
N VAL EA 131 -32.90 -6.77 23.94
CA VAL EA 131 -32.30 -7.79 23.07
C VAL EA 131 -33.32 -8.54 22.24
N ASN EA 132 -34.61 -8.29 22.42
CA ASN EA 132 -35.63 -8.96 21.63
C ASN EA 132 -36.83 -8.04 21.48
N HIS EA 133 -37.73 -8.40 20.58
CA HIS EA 133 -38.91 -7.59 20.34
C HIS EA 133 -39.87 -7.58 21.54
N ALA EA 134 -39.70 -8.49 22.49
CA ALA EA 134 -40.52 -8.47 23.70
C ALA EA 134 -40.13 -7.37 24.65
N GLY EA 135 -38.96 -6.75 24.47
CA GLY EA 135 -38.57 -5.57 25.22
C GLY EA 135 -37.74 -5.80 26.46
N ARG EA 136 -37.33 -7.04 26.73
CA ARG EA 136 -36.59 -7.36 27.95
C ARG EA 136 -35.09 -7.11 27.79
N ARG EA 137 -34.41 -6.97 28.93
CA ARG EA 137 -33.02 -6.50 28.95
C ARG EA 137 -32.07 -7.58 29.45
N PRO EA 138 -30.81 -7.56 28.99
CA PRO EA 138 -29.84 -8.57 29.40
C PRO EA 138 -29.03 -8.12 30.61
N ASP EA 139 -28.42 -9.10 31.27
CA ASP EA 139 -27.56 -8.85 32.42
C ASP EA 139 -26.11 -8.62 31.99
N SER EA 140 -25.63 -9.36 31.00
CA SER EA 140 -24.28 -9.23 30.49
C SER EA 140 -24.27 -8.35 29.25
N LEU EA 141 -23.11 -7.75 28.98
CA LEU EA 141 -22.97 -6.83 27.87
C LEU EA 141 -23.17 -7.53 26.54
N GLN EA 142 -23.92 -6.91 25.64
CA GLN EA 142 -24.14 -7.41 24.29
C GLN EA 142 -23.52 -6.46 23.29
N HIS EA 143 -23.28 -6.96 22.08
CA HIS EA 143 -22.74 -6.14 21.00
C HIS EA 143 -23.17 -6.70 19.65
N VAL EA 144 -23.05 -5.87 18.62
CA VAL EA 144 -23.38 -6.25 17.26
C VAL EA 144 -22.63 -5.34 16.29
N LEU EA 145 -22.45 -5.82 15.07
CA LEU EA 145 -21.80 -5.06 14.00
C LEU EA 145 -22.85 -4.49 13.05
N LEU EA 146 -22.80 -3.17 12.87
CA LEU EA 146 -23.76 -2.46 12.04
C LEU EA 146 -23.04 -1.76 10.90
N PRO EA 147 -23.52 -1.88 9.66
CA PRO EA 147 -22.95 -1.09 8.56
C PRO EA 147 -23.52 0.31 8.54
N VAL EA 148 -22.65 1.28 8.26
CA VAL EA 148 -23.09 2.67 8.23
C VAL EA 148 -23.97 2.90 7.01
N LEU EA 149 -25.11 3.57 7.22
CA LEU EA 149 -26.04 3.87 6.16
C LEU EA 149 -25.80 5.28 5.64
N ASP EA 150 -26.04 5.49 4.35
CA ASP EA 150 -25.86 6.81 3.77
C ASP EA 150 -26.98 7.75 4.21
N ARG EA 151 -26.65 9.03 4.28
CA ARG EA 151 -27.58 9.98 4.89
C ARG EA 151 -28.81 10.22 4.02
N ALA EA 152 -28.67 10.10 2.70
CA ALA EA 152 -29.80 10.33 1.82
C ALA EA 152 -30.89 9.30 2.04
N THR EA 153 -30.51 8.01 2.04
CA THR EA 153 -31.47 6.95 2.33
C THR EA 153 -32.10 7.14 3.70
N CYS EA 154 -31.31 7.60 4.67
CA CYS EA 154 -31.79 7.74 6.04
C CYS EA 154 -32.80 8.88 6.16
N ASN EA 155 -32.73 9.88 5.30
CA ASN EA 155 -33.62 11.04 5.37
C ASN EA 155 -34.90 10.87 4.57
N ARG EA 156 -35.17 9.70 3.99
CA ARG EA 156 -36.38 9.50 3.21
C ARG EA 156 -37.62 9.66 4.09
N ARG EA 157 -38.75 9.92 3.43
CA ARG EA 157 -40.01 10.05 4.16
C ARG EA 157 -40.39 8.74 4.86
N THR EA 158 -40.08 7.60 4.23
CA THR EA 158 -40.32 6.32 4.90
C THR EA 158 -39.41 6.12 6.10
N HIS EA 159 -38.27 6.79 6.13
CA HIS EA 159 -37.33 6.64 7.23
C HIS EA 159 -37.47 7.80 8.21
N HIS EA 160 -36.44 8.64 8.31
CA HIS EA 160 -36.42 9.68 9.33
C HIS EA 160 -36.74 11.07 8.78
N ASP EA 161 -37.03 11.18 7.49
CA ASP EA 161 -37.72 12.35 6.93
C ASP EA 161 -36.94 13.64 7.18
N GLY EA 162 -35.69 13.65 6.74
CA GLY EA 162 -34.89 14.86 6.78
C GLY EA 162 -34.42 15.29 8.15
N ALA EA 163 -34.46 14.40 9.14
CA ALA EA 163 -34.04 14.74 10.49
C ALA EA 163 -32.58 14.45 10.76
N ILE EA 164 -31.85 13.90 9.78
CA ILE EA 164 -30.47 13.48 9.96
C ILE EA 164 -29.58 14.61 9.46
N THR EA 165 -29.11 15.45 10.38
CA THR EA 165 -28.24 16.57 10.04
C THR EA 165 -26.82 16.07 9.75
N GLU EA 166 -25.94 17.01 9.41
CA GLU EA 166 -24.54 16.66 9.21
C GLU EA 166 -23.83 16.30 10.51
N ARG EA 167 -24.46 16.56 11.65
CA ARG EA 167 -23.91 16.21 12.95
C ARG EA 167 -24.46 14.90 13.48
N LEU EA 168 -25.13 14.12 12.64
CA LEU EA 168 -25.65 12.81 12.98
C LEU EA 168 -25.21 11.81 11.91
N MET EA 169 -25.32 10.52 12.24
CA MET EA 169 -25.05 9.46 11.27
C MET EA 169 -26.03 8.32 11.50
N CYS EA 170 -26.13 7.44 10.50
CA CYS EA 170 -27.08 6.35 10.52
C CYS EA 170 -26.39 5.01 10.30
N ALA EA 171 -26.99 3.97 10.88
CA ALA EA 171 -26.58 2.60 10.65
C ALA EA 171 -27.82 1.77 10.33
N GLU EA 172 -27.60 0.66 9.62
CA GLU EA 172 -28.71 -0.21 9.27
C GLU EA 172 -29.39 -0.76 10.52
N SER EA 173 -30.67 -1.09 10.39
CA SER EA 173 -31.45 -1.57 11.52
C SER EA 173 -32.28 -2.80 11.17
N ASN EA 174 -31.87 -3.57 10.17
CA ASN EA 174 -32.62 -4.75 9.73
C ASN EA 174 -32.16 -5.95 10.55
N ARG EA 175 -32.95 -6.31 11.55
CA ARG EA 175 -32.70 -7.46 12.43
C ARG EA 175 -31.49 -7.26 13.34
N ARG EA 176 -30.63 -6.31 13.01
CA ARG EA 176 -29.53 -5.89 13.88
C ARG EA 176 -29.67 -4.40 14.14
N ASP EA 177 -29.62 -4.00 15.40
CA ASP EA 177 -29.90 -2.60 15.73
C ASP EA 177 -29.44 -2.33 17.16
N SER EA 178 -29.42 -1.04 17.51
CA SER EA 178 -29.31 -0.58 18.89
C SER EA 178 -30.69 -0.15 19.37
N CYS EA 179 -31.03 -0.53 20.60
CA CYS EA 179 -32.38 -0.36 21.12
C CYS EA 179 -32.36 0.55 22.35
N LYS EA 180 -33.55 0.80 22.89
CA LYS EA 180 -33.65 1.56 24.13
C LYS EA 180 -32.81 0.90 25.22
N GLY EA 181 -32.08 1.71 25.98
CA GLY EA 181 -31.13 1.22 26.95
C GLY EA 181 -29.71 1.19 26.46
N ASP EA 182 -29.51 1.12 25.15
CA ASP EA 182 -28.19 1.28 24.55
C ASP EA 182 -27.84 2.75 24.32
N SER EA 183 -28.76 3.67 24.59
CA SER EA 183 -28.54 5.09 24.34
C SER EA 183 -27.32 5.58 25.12
N GLY EA 184 -26.62 6.54 24.53
CA GLY EA 184 -25.40 7.04 25.12
C GLY EA 184 -24.19 6.14 24.97
N GLY EA 185 -24.35 4.94 24.42
CA GLY EA 185 -23.25 4.03 24.24
C GLY EA 185 -22.46 4.32 22.99
N PRO EA 186 -21.35 3.61 22.85
CA PRO EA 186 -20.38 3.91 21.78
C PRO EA 186 -20.70 3.22 20.46
N LEU EA 187 -20.56 3.98 19.37
CA LEU EA 187 -20.49 3.45 18.02
C LEU EA 187 -19.04 3.58 17.57
N VAL EA 188 -18.33 2.46 17.49
CA VAL EA 188 -16.90 2.44 17.27
C VAL EA 188 -16.63 1.89 15.87
N CYS EA 189 -15.86 2.65 15.07
CA CYS EA 189 -15.44 2.23 13.75
C CYS EA 189 -13.93 2.36 13.66
N GLY EA 190 -13.26 1.27 13.33
CA GLY EA 190 -11.80 1.29 13.26
C GLY EA 190 -11.13 1.56 14.60
N GLY EA 191 -11.70 1.04 15.68
CA GLY EA 191 -11.12 1.21 16.98
C GLY EA 191 -11.22 2.60 17.57
N VAL EA 192 -11.97 3.50 16.93
CA VAL EA 192 -12.10 4.88 17.36
C VAL EA 192 -13.56 5.21 17.54
N LEU EA 193 -13.89 5.90 18.63
CA LEU EA 193 -15.26 6.34 18.89
C LEU EA 193 -15.70 7.34 17.83
N GLU EA 194 -16.68 6.97 17.02
CA GLU EA 194 -17.23 7.86 15.99
C GLU EA 194 -18.60 8.41 16.35
N GLY EA 195 -19.44 7.63 17.02
CA GLY EA 195 -20.80 8.06 17.30
C GLY EA 195 -21.24 7.63 18.69
N VAL EA 196 -22.25 8.34 19.20
CA VAL EA 196 -22.88 8.04 20.48
C VAL EA 196 -24.35 7.74 20.22
N VAL EA 197 -24.80 6.58 20.68
CA VAL EA 197 -26.17 6.14 20.42
C VAL EA 197 -27.14 7.14 21.03
N THR EA 198 -28.12 7.58 20.23
CA THR EA 198 -29.19 8.40 20.77
C THR EA 198 -30.44 7.56 20.96
N SER EA 199 -31.09 7.13 19.87
CA SER EA 199 -32.31 6.34 19.93
C SER EA 199 -33.35 7.01 20.82
N GLY EA 200 -33.71 6.36 21.92
CA GLY EA 200 -34.56 6.99 22.92
C GLY EA 200 -36.05 6.80 22.68
N SER EA 201 -36.56 7.37 21.59
CA SER EA 201 -37.97 7.31 21.27
C SER EA 201 -38.26 6.44 20.04
N ARG EA 202 -37.31 5.60 19.65
CA ARG EA 202 -37.40 4.82 18.42
C ARG EA 202 -37.44 3.34 18.76
N VAL EA 203 -38.37 2.61 18.15
CA VAL EA 203 -38.42 1.16 18.29
C VAL EA 203 -37.41 0.56 17.32
N CYS EA 204 -36.65 -0.43 17.79
CA CYS EA 204 -35.53 -0.97 17.04
C CYS EA 204 -35.95 -2.22 16.27
N GLY EA 205 -35.14 -2.55 15.27
CA GLY EA 205 -35.34 -3.73 14.47
C GLY EA 205 -36.09 -3.51 13.17
N ASN EA 206 -36.65 -2.32 12.95
CA ASN EA 206 -37.36 -2.00 11.72
C ASN EA 206 -36.39 -1.43 10.71
N ARG EA 207 -36.23 -2.12 9.57
CA ARG EA 207 -35.24 -1.68 8.58
C ARG EA 207 -35.54 -0.30 8.04
N LYS EA 208 -36.82 0.10 8.04
CA LYS EA 208 -37.21 1.41 7.52
C LYS EA 208 -37.04 2.53 8.53
N LYS EA 209 -36.56 2.22 9.74
CA LYS EA 209 -36.29 3.22 10.76
C LYS EA 209 -34.88 2.98 11.30
N PRO EA 210 -33.86 3.45 10.60
CA PRO EA 210 -32.48 3.13 10.98
C PRO EA 210 -32.11 3.74 12.31
N GLY EA 211 -31.06 3.19 12.91
CA GLY EA 211 -30.54 3.76 14.14
C GLY EA 211 -29.81 5.05 13.90
N ILE EA 212 -29.90 5.96 14.87
CA ILE EA 212 -29.29 7.28 14.79
C ILE EA 212 -28.18 7.37 15.82
N TYR EA 213 -27.08 8.03 15.44
CA TYR EA 213 -25.89 8.14 16.28
C TYR EA 213 -25.32 9.54 16.13
N THR EA 214 -25.03 10.19 17.25
CA THR EA 214 -24.48 11.54 17.22
C THR EA 214 -22.98 11.48 16.97
N ARG EA 215 -22.52 12.28 16.01
CA ARG EA 215 -21.12 12.25 15.59
C ARG EA 215 -20.28 13.09 16.55
N VAL EA 216 -19.37 12.44 17.27
CA VAL EA 216 -18.58 13.15 18.27
C VAL EA 216 -17.67 14.18 17.62
N ALA EA 217 -17.16 13.89 16.42
CA ALA EA 217 -16.25 14.83 15.76
C ALA EA 217 -16.94 16.17 15.50
N SER EA 218 -18.26 16.16 15.27
CA SER EA 218 -19.00 17.41 15.10
C SER EA 218 -19.10 18.20 16.39
N TYR EA 219 -18.63 17.66 17.52
CA TYR EA 219 -18.71 18.33 18.81
C TYR EA 219 -17.36 18.35 19.52
N ALA EA 220 -16.26 18.24 18.77
CA ALA EA 220 -14.94 18.17 19.39
C ALA EA 220 -14.63 19.43 20.18
N ALA EA 221 -15.02 20.59 19.66
CA ALA EA 221 -14.77 21.83 20.37
C ALA EA 221 -15.48 21.85 21.72
N TRP EA 222 -16.74 21.42 21.76
CA TRP EA 222 -17.47 21.44 23.02
C TRP EA 222 -16.89 20.44 24.01
N ILE EA 223 -16.57 19.24 23.54
CA ILE EA 223 -16.03 18.21 24.43
C ILE EA 223 -14.73 18.69 25.06
N ASP EA 224 -13.88 19.36 24.27
CA ASP EA 224 -12.62 19.86 24.81
C ASP EA 224 -12.85 20.94 25.85
N SER EA 225 -13.90 21.75 25.70
CA SER EA 225 -14.15 22.81 26.68
C SER EA 225 -14.60 22.26 28.02
N VAL EA 226 -15.11 21.03 28.06
CA VAL EA 226 -15.64 20.45 29.29
C VAL EA 226 -14.63 19.49 29.92
N LEU EA 227 -13.88 18.76 29.09
CA LEU EA 227 -12.95 17.77 29.61
C LEU EA 227 -11.78 18.43 30.34
N ALA EA 228 -11.39 17.83 31.45
CA ALA EA 228 -10.25 18.32 32.23
C ALA EA 228 -9.61 17.17 33.01
N ASP FA 1 -47.11 -3.30 -8.29
CA ASP FA 1 -47.64 -1.94 -8.44
C ASP FA 1 -48.81 -1.71 -7.50
N ILE FA 2 -48.80 -0.57 -6.81
CA ILE FA 2 -49.85 -0.18 -5.88
C ILE FA 2 -50.64 0.97 -6.50
N GLN FA 3 -51.92 0.75 -6.73
CA GLN FA 3 -52.78 1.80 -7.28
C GLN FA 3 -53.40 2.60 -6.15
N MET FA 4 -53.60 3.90 -6.39
CA MET FA 4 -54.26 4.81 -5.47
C MET FA 4 -55.52 5.34 -6.14
N THR FA 5 -56.69 4.93 -5.65
CA THR FA 5 -57.97 5.31 -6.24
C THR FA 5 -58.59 6.42 -5.39
N GLN FA 6 -58.47 7.65 -5.85
CA GLN FA 6 -58.93 8.82 -5.12
C GLN FA 6 -60.39 9.11 -5.43
N SER FA 7 -61.17 9.38 -4.39
CA SER FA 7 -62.60 9.65 -4.51
C SER FA 7 -62.95 10.86 -3.66
N PRO FA 8 -63.83 11.74 -4.16
CA PRO FA 8 -64.44 11.66 -5.49
C PRO FA 8 -63.66 12.43 -6.54
N SER FA 9 -64.10 12.36 -7.79
CA SER FA 9 -63.43 13.09 -8.87
C SER FA 9 -63.49 14.60 -8.63
N SER FA 10 -64.69 15.11 -8.39
CA SER FA 10 -64.89 16.51 -8.04
C SER FA 10 -65.83 16.57 -6.83
N LEU FA 11 -65.90 17.75 -6.22
CA LEU FA 11 -66.65 17.89 -4.97
C LEU FA 11 -67.09 19.34 -4.84
N SER FA 12 -68.39 19.55 -4.64
CA SER FA 12 -68.98 20.87 -4.57
C SER FA 12 -69.41 21.15 -3.13
N ALA FA 13 -68.95 22.27 -2.58
CA ALA FA 13 -69.26 22.62 -1.20
C ALA FA 13 -69.16 24.12 -1.03
N SER FA 14 -69.69 24.60 0.09
CA SER FA 14 -69.70 26.02 0.43
C SER FA 14 -68.63 26.33 1.46
N VAL FA 15 -68.27 27.62 1.53
CA VAL FA 15 -67.28 28.05 2.51
C VAL FA 15 -67.78 27.73 3.91
N GLY FA 16 -66.88 27.21 4.74
CA GLY FA 16 -67.20 26.85 6.10
C GLY FA 16 -67.65 25.42 6.30
N ASP FA 17 -67.86 24.67 5.22
CA ASP FA 17 -68.30 23.29 5.33
C ASP FA 17 -67.14 22.37 5.65
N ARG FA 18 -67.44 21.26 6.32
CA ARG FA 18 -66.49 20.18 6.51
C ARG FA 18 -66.52 19.28 5.30
N VAL FA 19 -65.34 18.93 4.78
CA VAL FA 19 -65.22 18.23 3.52
C VAL FA 19 -64.21 17.10 3.66
N THR FA 20 -64.49 15.99 2.99
CA THR FA 20 -63.70 14.77 3.11
C THR FA 20 -63.26 14.30 1.73
N ILE FA 21 -61.97 14.01 1.58
CA ILE FA 21 -61.41 13.42 0.37
C ILE FA 21 -60.78 12.08 0.75
N THR FA 22 -61.05 11.06 -0.07
CA THR FA 22 -60.69 9.69 0.26
C THR FA 22 -59.72 9.13 -0.79
N CYS FA 23 -58.80 8.29 -0.33
CA CYS FA 23 -57.79 7.67 -1.19
C CYS FA 23 -57.66 6.21 -0.77
N LYS FA 24 -57.91 5.28 -1.68
CA LYS FA 24 -57.88 3.86 -1.40
C LYS FA 24 -56.70 3.20 -2.11
N ALA FA 25 -55.83 2.56 -1.34
CA ALA FA 25 -54.68 1.85 -1.90
C ALA FA 25 -55.03 0.40 -2.19
N SER FA 26 -54.53 -0.10 -3.31
CA SER FA 26 -54.79 -1.48 -3.73
C SER FA 26 -54.22 -2.52 -2.78
N GLN FA 27 -53.35 -2.11 -1.85
CA GLN FA 27 -52.84 -3.00 -0.81
C GLN FA 27 -52.29 -2.14 0.31
N ASN FA 28 -51.88 -2.79 1.40
CA ASN FA 28 -51.38 -2.07 2.55
C ASN FA 28 -50.17 -1.22 2.19
N VAL FA 29 -50.16 0.02 2.67
CA VAL FA 29 -49.04 0.92 2.45
C VAL FA 29 -48.66 1.57 3.79
N ASP FA 30 -49.07 0.94 4.89
CA ASP FA 30 -48.82 1.45 6.23
C ASP FA 30 -49.32 2.89 6.35
N THR FA 31 -48.42 3.82 6.68
CA THR FA 31 -48.78 5.23 6.75
C THR FA 31 -48.01 6.05 5.72
N ASP FA 32 -47.37 5.39 4.75
CA ASP FA 32 -46.54 6.07 3.76
C ASP FA 32 -47.42 6.70 2.67
N VAL FA 33 -48.21 7.67 3.10
CA VAL FA 33 -49.17 8.36 2.23
C VAL FA 33 -48.97 9.86 2.40
N ALA FA 34 -48.93 10.59 1.30
CA ALA FA 34 -48.80 12.04 1.31
C ALA FA 34 -49.99 12.68 0.62
N TRP FA 35 -50.28 13.92 1.01
CA TRP FA 35 -51.34 14.71 0.39
C TRP FA 35 -50.76 16.01 -0.14
N PHE FA 36 -51.16 16.36 -1.36
CA PHE FA 36 -50.68 17.56 -2.03
C PHE FA 36 -51.86 18.45 -2.44
N GLN FA 37 -51.60 19.76 -2.47
CA GLN FA 37 -52.55 20.75 -2.97
C GLN FA 37 -51.98 21.41 -4.21
N GLN FA 38 -52.83 21.58 -5.22
CA GLN FA 38 -52.41 22.25 -6.45
C GLN FA 38 -53.51 23.21 -6.89
N LYS FA 39 -53.15 24.47 -7.04
CA LYS FA 39 -53.98 25.53 -7.58
C LYS FA 39 -53.65 25.74 -9.06
N PRO FA 40 -54.59 26.26 -9.85
CA PRO FA 40 -54.38 26.31 -11.30
C PRO FA 40 -53.14 27.14 -11.67
N GLY FA 41 -52.29 26.55 -12.50
CA GLY FA 41 -51.11 27.21 -13.03
C GLY FA 41 -49.92 27.26 -12.10
N LYS FA 42 -50.01 26.67 -10.91
CA LYS FA 42 -48.91 26.71 -9.95
C LYS FA 42 -48.43 25.29 -9.66
N ALA FA 43 -47.27 25.22 -9.01
CA ALA FA 43 -46.69 23.92 -8.68
C ALA FA 43 -47.43 23.28 -7.52
N PRO FA 44 -47.43 21.95 -7.44
CA PRO FA 44 -48.05 21.29 -6.29
C PRO FA 44 -47.36 21.69 -4.99
N LYS FA 45 -48.15 21.71 -3.91
CA LYS FA 45 -47.68 22.08 -2.59
C LYS FA 45 -47.94 20.93 -1.63
N GLY FA 46 -46.98 20.66 -0.75
CA GLY FA 46 -47.12 19.58 0.21
C GLY FA 46 -47.97 19.99 1.39
N LEU FA 47 -48.93 19.15 1.75
CA LEU FA 47 -49.79 19.37 2.91
C LEU FA 47 -49.46 18.43 4.06
N ILE FA 48 -49.45 17.13 3.80
CA ILE FA 48 -49.32 16.11 4.84
C ILE FA 48 -48.41 15.00 4.33
N ARG FA 49 -47.58 14.47 5.22
CA ARG FA 49 -46.85 13.24 4.98
C ARG FA 49 -47.13 12.29 6.13
N SER FA 50 -46.71 11.02 5.96
CA SER FA 50 -46.90 10.00 6.98
C SER FA 50 -48.36 9.91 7.40
N ALA FA 51 -49.26 10.08 6.43
CA ALA FA 51 -50.70 9.99 6.60
C ALA FA 51 -51.30 11.14 7.41
N SER FA 52 -50.61 11.60 8.45
CA SER FA 52 -51.20 12.58 9.35
C SER FA 52 -50.30 13.76 9.73
N SER FA 53 -49.03 13.78 9.35
CA SER FA 53 -48.14 14.86 9.77
C SER FA 53 -48.27 16.04 8.81
N ARG FA 54 -48.73 17.17 9.32
CA ARG FA 54 -48.78 18.39 8.53
C ARG FA 54 -47.37 18.96 8.34
N TYR FA 55 -47.14 19.57 7.19
CA TYR FA 55 -45.91 20.32 6.98
C TYR FA 55 -46.04 21.70 7.64
N SER FA 56 -44.90 22.37 7.79
CA SER FA 56 -44.90 23.69 8.38
C SER FA 56 -45.75 24.65 7.55
N GLY FA 57 -46.51 25.49 8.23
CA GLY FA 57 -47.33 26.48 7.57
C GLY FA 57 -48.62 25.96 6.97
N VAL FA 58 -48.95 24.69 7.19
CA VAL FA 58 -50.21 24.12 6.74
C VAL FA 58 -51.26 24.37 7.83
N PRO FA 59 -52.37 25.02 7.53
CA PRO FA 59 -53.35 25.34 8.57
C PRO FA 59 -53.92 24.09 9.22
N SER FA 60 -54.31 24.23 10.49
CA SER FA 60 -54.77 23.09 11.27
C SER FA 60 -56.05 22.47 10.72
N ARG FA 61 -56.82 23.21 9.93
CA ARG FA 61 -58.05 22.66 9.38
C ARG FA 61 -57.79 21.51 8.42
N PHE FA 62 -56.56 21.35 7.95
CA PHE FA 62 -56.17 20.19 7.16
C PHE FA 62 -55.68 19.09 8.09
N SER FA 63 -56.29 17.92 7.99
CA SER FA 63 -55.88 16.78 8.81
C SER FA 63 -55.94 15.52 7.96
N GLY FA 64 -55.02 14.60 8.25
CA GLY FA 64 -54.94 13.34 7.52
C GLY FA 64 -55.15 12.16 8.45
N SER FA 65 -55.87 11.17 7.96
CA SER FA 65 -56.19 9.97 8.73
C SER FA 65 -55.95 8.74 7.87
N GLY FA 66 -55.68 7.62 8.53
CA GLY FA 66 -55.63 6.34 7.85
C GLY FA 66 -54.35 5.56 8.07
N SER FA 67 -54.49 4.24 8.08
CA SER FA 67 -53.34 3.33 8.09
C SER FA 67 -53.78 2.02 7.46
N GLY FA 68 -52.99 1.53 6.50
CA GLY FA 68 -53.36 0.32 5.80
C GLY FA 68 -53.70 0.56 4.34
N THR FA 69 -54.99 0.66 4.02
CA THR FA 69 -55.43 0.83 2.64
C THR FA 69 -56.26 2.07 2.39
N ASP FA 70 -56.92 2.62 3.41
CA ASP FA 70 -57.91 3.67 3.22
C ASP FA 70 -57.48 4.93 3.99
N PHE FA 71 -57.33 6.03 3.26
CA PHE FA 71 -56.78 7.25 3.81
C PHE FA 71 -57.69 8.43 3.48
N THR FA 72 -57.77 9.39 4.40
CA THR FA 72 -58.74 10.46 4.33
C THR FA 72 -58.07 11.80 4.59
N LEU FA 73 -58.23 12.73 3.65
CA LEU FA 73 -57.92 14.14 3.88
C LEU FA 73 -59.20 14.85 4.27
N THR FA 74 -59.13 15.62 5.36
CA THR FA 74 -60.30 16.31 5.88
C THR FA 74 -59.99 17.79 6.01
N ILE FA 75 -60.89 18.63 5.48
CA ILE FA 75 -60.82 20.07 5.70
C ILE FA 75 -62.00 20.43 6.60
N SER FA 76 -61.70 20.79 7.84
CA SER FA 76 -62.75 20.97 8.84
C SER FA 76 -63.66 22.14 8.49
N SER FA 77 -63.10 23.30 8.20
CA SER FA 77 -63.87 24.49 7.83
C SER FA 77 -63.27 25.04 6.53
N LEU FA 78 -63.97 24.81 5.41
CA LEU FA 78 -63.45 25.18 4.11
C LEU FA 78 -63.32 26.70 4.00
N GLN FA 79 -62.12 27.15 3.63
CA GLN FA 79 -61.78 28.55 3.42
C GLN FA 79 -61.70 28.86 1.94
N PRO FA 80 -61.89 30.12 1.54
CA PRO FA 80 -61.94 30.43 0.09
C PRO FA 80 -60.69 30.02 -0.66
N GLU FA 81 -59.50 30.18 -0.07
CA GLU FA 81 -58.27 29.78 -0.75
C GLU FA 81 -58.06 28.28 -0.77
N ASP FA 82 -58.94 27.50 -0.13
CA ASP FA 82 -58.80 26.06 -0.10
C ASP FA 82 -59.43 25.35 -1.29
N PHE FA 83 -60.16 26.07 -2.13
CA PHE FA 83 -60.79 25.46 -3.30
C PHE FA 83 -59.73 25.24 -4.37
N ALA FA 84 -59.32 23.99 -4.56
CA ALA FA 84 -58.24 23.66 -5.49
C ALA FA 84 -58.33 22.17 -5.78
N THR FA 85 -57.24 21.62 -6.33
CA THR FA 85 -57.15 20.20 -6.63
C THR FA 85 -56.19 19.56 -5.62
N TYR FA 86 -56.55 18.36 -5.16
CA TYR FA 86 -55.77 17.64 -4.16
C TYR FA 86 -55.43 16.25 -4.68
N TYR FA 87 -54.16 15.86 -4.50
CA TYR FA 87 -53.69 14.53 -4.89
C TYR FA 87 -53.14 13.79 -3.68
N CYS FA 88 -53.40 12.49 -3.64
CA CYS FA 88 -52.75 11.61 -2.68
C CYS FA 88 -51.62 10.85 -3.36
N GLN FA 89 -50.57 10.56 -2.61
CA GLN FA 89 -49.43 9.80 -3.11
C GLN FA 89 -49.09 8.69 -2.14
N GLN FA 90 -48.76 7.52 -2.70
CA GLN FA 90 -48.26 6.39 -1.95
C GLN FA 90 -46.76 6.30 -2.18
N TYR FA 91 -45.97 6.33 -1.10
CA TYR FA 91 -44.52 6.18 -1.21
C TYR FA 91 -44.03 4.95 -0.43
N ASN FA 92 -44.88 3.95 -0.29
CA ASN FA 92 -44.52 2.74 0.45
C ASN FA 92 -43.75 1.74 -0.39
N ASN FA 93 -43.95 1.75 -1.71
CA ASN FA 93 -43.43 0.71 -2.57
C ASN FA 93 -43.23 1.25 -3.98
N TYR FA 94 -42.11 0.87 -4.61
CA TYR FA 94 -41.83 1.33 -5.97
C TYR FA 94 -42.69 0.57 -6.98
N PRO FA 95 -43.22 1.25 -8.00
CA PRO FA 95 -43.07 2.70 -8.20
C PRO FA 95 -44.02 3.52 -7.35
N LEU FA 96 -43.59 4.73 -7.00
CA LEU FA 96 -44.48 5.67 -6.32
C LEU FA 96 -45.62 6.03 -7.26
N THR FA 97 -46.83 6.12 -6.71
CA THR FA 97 -48.03 6.35 -7.50
C THR FA 97 -48.88 7.44 -6.86
N PHE FA 98 -49.61 8.16 -7.69
CA PHE FA 98 -50.51 9.23 -7.27
C PHE FA 98 -51.96 8.83 -7.50
N GLY FA 99 -52.86 9.55 -6.85
CA GLY FA 99 -54.26 9.46 -7.19
C GLY FA 99 -54.60 10.36 -8.36
N GLN FA 100 -55.73 10.07 -9.00
CA GLN FA 100 -56.12 10.86 -10.17
C GLN FA 100 -56.55 12.27 -9.80
N GLY FA 101 -56.69 12.58 -8.52
CA GLY FA 101 -56.97 13.93 -8.08
C GLY FA 101 -58.42 14.14 -7.68
N THR FA 102 -58.64 15.19 -6.91
CA THR FA 102 -59.99 15.61 -6.49
C THR FA 102 -60.07 17.12 -6.61
N LYS FA 103 -61.04 17.60 -7.40
CA LYS FA 103 -61.24 19.03 -7.62
C LYS FA 103 -62.31 19.54 -6.67
N VAL FA 104 -61.96 20.54 -5.87
CA VAL FA 104 -62.88 21.12 -4.90
C VAL FA 104 -63.40 22.45 -5.45
N GLU FA 105 -64.71 22.53 -5.64
CA GLU FA 105 -65.34 23.69 -6.25
C GLU FA 105 -66.40 24.27 -5.33
N ILE FA 106 -66.75 25.53 -5.59
CA ILE FA 106 -67.69 26.25 -4.74
C ILE FA 106 -69.12 25.94 -5.18
N LYS FA 107 -69.99 25.67 -4.21
CA LYS FA 107 -71.41 25.50 -4.51
C LYS FA 107 -72.07 26.86 -4.66
N ARG FA 108 -73.03 26.94 -5.58
CA ARG FA 108 -73.63 28.21 -5.94
C ARG FA 108 -75.08 27.97 -6.36
N THR FA 109 -75.87 29.04 -6.32
CA THR FA 109 -77.22 28.99 -6.86
C THR FA 109 -77.18 28.88 -8.38
N VAL FA 110 -78.18 28.21 -8.94
CA VAL FA 110 -78.20 27.94 -10.37
C VAL FA 110 -78.32 29.26 -11.14
N ALA FA 111 -77.54 29.37 -12.23
CA ALA FA 111 -77.53 30.57 -13.06
C ALA FA 111 -77.51 30.16 -14.53
N ALA FA 112 -78.47 30.67 -15.29
CA ALA FA 112 -78.54 30.37 -16.71
C ALA FA 112 -77.47 31.14 -17.48
N PRO FA 113 -76.98 30.58 -18.58
CA PRO FA 113 -75.92 31.25 -19.34
C PRO FA 113 -76.46 32.31 -20.29
N SER FA 114 -75.65 33.35 -20.49
CA SER FA 114 -75.93 34.37 -21.50
C SER FA 114 -75.26 33.93 -22.80
N VAL FA 115 -76.09 33.55 -23.78
CA VAL FA 115 -75.60 32.93 -25.01
C VAL FA 115 -75.36 34.00 -26.07
N PHE FA 116 -74.22 33.87 -26.76
CA PHE FA 116 -73.87 34.74 -27.89
C PHE FA 116 -73.32 33.89 -29.01
N ILE FA 117 -73.29 34.47 -30.21
CA ILE FA 117 -72.77 33.80 -31.40
C ILE FA 117 -72.08 34.84 -32.27
N PHE FA 118 -71.02 34.41 -32.96
CA PHE FA 118 -70.16 35.30 -33.73
C PHE FA 118 -69.88 34.69 -35.10
N PRO FA 119 -70.21 35.37 -36.19
CA PRO FA 119 -69.85 34.87 -37.53
C PRO FA 119 -68.37 35.03 -37.78
N PRO FA 120 -67.81 34.26 -38.72
CA PRO FA 120 -66.38 34.42 -39.03
C PRO FA 120 -66.12 35.74 -39.73
N SER FA 121 -65.08 36.44 -39.27
CA SER FA 121 -64.75 37.74 -39.84
C SER FA 121 -64.28 37.59 -41.28
N ASP FA 122 -64.45 38.67 -42.05
CA ASP FA 122 -64.02 38.65 -43.45
C ASP FA 122 -62.52 38.51 -43.58
N GLU FA 123 -61.76 39.04 -42.60
CA GLU FA 123 -60.31 38.91 -42.64
C GLU FA 123 -59.88 37.45 -42.56
N GLN FA 124 -60.60 36.65 -41.78
CA GLN FA 124 -60.30 35.23 -41.70
C GLN FA 124 -60.73 34.50 -42.97
N LEU FA 125 -61.85 34.93 -43.56
CA LEU FA 125 -62.35 34.29 -44.78
C LEU FA 125 -61.43 34.50 -45.98
N LYS FA 126 -60.46 35.41 -45.90
CA LYS FA 126 -59.49 35.54 -46.98
C LYS FA 126 -58.58 34.33 -47.09
N SER FA 127 -58.47 33.53 -46.03
CA SER FA 127 -57.79 32.25 -46.09
C SER FA 127 -58.84 31.14 -46.28
N GLY FA 128 -58.39 29.89 -46.24
CA GLY FA 128 -59.28 28.79 -46.57
C GLY FA 128 -60.01 28.17 -45.40
N THR FA 129 -60.18 28.91 -44.30
CA THR FA 129 -60.81 28.37 -43.11
C THR FA 129 -61.76 29.42 -42.52
N ALA FA 130 -62.82 28.94 -41.87
CA ALA FA 130 -63.80 29.79 -41.21
C ALA FA 130 -64.17 29.17 -39.87
N SER FA 131 -64.15 29.97 -38.81
CA SER FA 131 -64.45 29.51 -37.46
C SER FA 131 -65.64 30.28 -36.91
N VAL FA 132 -66.63 29.55 -36.41
CA VAL FA 132 -67.83 30.12 -35.80
C VAL FA 132 -67.77 29.88 -34.30
N VAL FA 133 -67.99 30.93 -33.53
CA VAL FA 133 -67.84 30.90 -32.07
C VAL FA 133 -69.21 31.04 -31.42
N CYS FA 134 -69.49 30.18 -30.43
CA CYS FA 134 -70.71 30.24 -29.64
C CYS FA 134 -70.29 30.36 -28.17
N LEU FA 135 -70.63 31.50 -27.55
CA LEU FA 135 -70.15 31.83 -26.22
C LEU FA 135 -71.27 31.69 -25.20
N LEU FA 136 -70.99 30.95 -24.13
CA LEU FA 136 -71.89 30.79 -22.99
C LEU FA 136 -71.24 31.47 -21.79
N ASN FA 137 -71.84 32.56 -21.32
CA ASN FA 137 -71.19 33.43 -20.35
C ASN FA 137 -71.86 33.33 -18.98
N ASN FA 138 -71.03 33.13 -17.95
CA ASN FA 138 -71.43 33.17 -16.55
C ASN FA 138 -72.64 32.30 -16.24
N PHE FA 139 -72.39 31.03 -15.94
CA PHE FA 139 -73.46 30.09 -15.61
C PHE FA 139 -72.98 29.11 -14.55
N TYR FA 140 -73.91 28.28 -14.08
CA TYR FA 140 -73.64 27.28 -13.06
C TYR FA 140 -74.79 26.29 -13.05
N PRO FA 141 -74.52 24.98 -12.97
CA PRO FA 141 -73.21 24.35 -12.87
C PRO FA 141 -72.50 24.22 -14.23
N ARG FA 142 -71.36 23.53 -14.24
CA ARG FA 142 -70.58 23.40 -15.48
C ARG FA 142 -71.30 22.55 -16.51
N GLU FA 143 -72.07 21.54 -16.07
CA GLU FA 143 -72.73 20.63 -16.98
C GLU FA 143 -73.59 21.36 -17.99
N ALA FA 144 -73.12 21.41 -19.24
CA ALA FA 144 -73.84 22.08 -20.32
C ALA FA 144 -73.71 21.24 -21.59
N LYS FA 145 -74.52 21.58 -22.59
CA LYS FA 145 -74.56 20.86 -23.86
C LYS FA 145 -74.75 21.86 -24.99
N VAL FA 146 -73.81 21.88 -25.93
CA VAL FA 146 -73.83 22.80 -27.06
C VAL FA 146 -73.84 21.98 -28.34
N GLN FA 147 -74.91 22.12 -29.12
CA GLN FA 147 -75.04 21.44 -30.40
C GLN FA 147 -75.11 22.47 -31.52
N TRP FA 148 -74.42 22.19 -32.62
CA TRP FA 148 -74.42 23.05 -33.80
C TRP FA 148 -75.39 22.51 -34.83
N LYS FA 149 -76.12 23.41 -35.48
CA LYS FA 149 -77.07 23.07 -36.53
C LYS FA 149 -76.84 23.98 -37.71
N VAL FA 150 -76.45 23.40 -38.85
CA VAL FA 150 -76.22 24.12 -40.09
C VAL FA 150 -77.38 23.79 -41.02
N ASP FA 151 -78.26 24.78 -41.23
CA ASP FA 151 -79.50 24.56 -41.97
C ASP FA 151 -80.32 23.42 -41.36
N ASN FA 152 -80.41 23.44 -40.02
CA ASN FA 152 -81.15 22.45 -39.26
C ASN FA 152 -80.58 21.03 -39.43
N ALA FA 153 -79.28 20.94 -39.68
CA ALA FA 153 -78.59 19.66 -39.80
C ALA FA 153 -77.58 19.55 -38.65
N LEU FA 154 -77.71 18.48 -37.86
CA LEU FA 154 -76.89 18.32 -36.67
C LEU FA 154 -75.45 17.98 -37.07
N GLN FA 155 -74.50 18.79 -36.59
CA GLN FA 155 -73.09 18.60 -36.86
C GLN FA 155 -72.44 17.74 -35.77
N SER FA 156 -71.31 17.14 -36.13
CA SER FA 156 -70.56 16.32 -35.18
C SER FA 156 -69.15 16.13 -35.70
N GLY FA 157 -68.19 16.09 -34.77
CA GLY FA 157 -66.81 15.85 -35.12
C GLY FA 157 -66.08 17.01 -35.76
N ASN FA 158 -66.62 18.22 -35.67
CA ASN FA 158 -65.98 19.38 -36.26
C ASN FA 158 -66.07 20.61 -35.36
N SER FA 159 -66.18 20.41 -34.05
CA SER FA 159 -66.26 21.51 -33.10
C SER FA 159 -65.48 21.16 -31.85
N GLN FA 160 -64.94 22.19 -31.20
CA GLN FA 160 -64.18 22.03 -29.96
C GLN FA 160 -64.59 23.12 -28.98
N GLU FA 161 -64.86 22.74 -27.74
CA GLU FA 161 -65.22 23.70 -26.70
C GLU FA 161 -64.11 23.80 -25.66
N SER FA 162 -64.14 24.90 -24.92
CA SER FA 162 -63.14 25.19 -23.90
C SER FA 162 -63.82 25.93 -22.76
N VAL FA 163 -63.55 25.50 -21.52
CA VAL FA 163 -64.21 26.03 -20.34
C VAL FA 163 -63.19 26.78 -19.49
N THR FA 164 -63.63 27.87 -18.88
CA THR FA 164 -62.81 28.61 -17.93
C THR FA 164 -62.95 28.00 -16.54
N GLU FA 165 -61.97 28.29 -15.69
CA GLU FA 165 -62.09 27.91 -14.29
C GLU FA 165 -63.17 28.75 -13.62
N GLN FA 166 -63.53 28.35 -12.40
CA GLN FA 166 -64.59 29.04 -11.67
C GLN FA 166 -64.16 30.47 -11.35
N ASP FA 167 -65.02 31.43 -11.71
CA ASP FA 167 -64.69 32.84 -11.51
C ASP FA 167 -64.55 33.14 -10.03
N SER FA 168 -63.56 33.96 -9.69
CA SER FA 168 -63.25 34.23 -8.29
C SER FA 168 -64.26 35.15 -7.62
N LYS FA 169 -65.17 35.77 -8.36
CA LYS FA 169 -66.11 36.73 -7.80
C LYS FA 169 -67.54 36.18 -7.75
N ASP FA 170 -68.09 35.74 -8.89
CA ASP FA 170 -69.45 35.23 -8.92
C ASP FA 170 -69.51 33.70 -9.01
N SER FA 171 -68.36 33.03 -9.00
CA SER FA 171 -68.29 31.56 -8.96
C SER FA 171 -69.06 30.91 -10.11
N THR FA 172 -68.89 31.45 -11.31
CA THR FA 172 -69.57 30.94 -12.49
C THR FA 172 -68.54 30.50 -13.52
N TYR FA 173 -69.00 29.71 -14.48
CA TYR FA 173 -68.19 29.21 -15.58
C TYR FA 173 -68.52 29.94 -16.87
N SER FA 174 -67.64 29.78 -17.85
CA SER FA 174 -67.85 30.30 -19.20
C SER FA 174 -67.29 29.30 -20.19
N LEU FA 175 -68.08 28.99 -21.22
CA LEU FA 175 -67.69 28.03 -22.24
C LEU FA 175 -67.70 28.71 -23.61
N SER FA 176 -66.84 28.23 -24.50
CA SER FA 176 -66.76 28.75 -25.86
C SER FA 176 -66.58 27.58 -26.81
N SER FA 177 -67.63 27.22 -27.54
CA SER FA 177 -67.57 26.18 -28.55
C SER FA 177 -67.22 26.80 -29.90
N THR FA 178 -66.24 26.22 -30.58
CA THR FA 178 -65.73 26.76 -31.84
C THR FA 178 -65.98 25.75 -32.96
N LEU FA 179 -66.81 26.13 -33.92
CA LEU FA 179 -67.08 25.29 -35.09
C LEU FA 179 -66.14 25.71 -36.21
N THR FA 180 -65.34 24.77 -36.70
CA THR FA 180 -64.35 25.03 -37.74
C THR FA 180 -64.79 24.36 -39.04
N LEU FA 181 -64.88 25.15 -40.11
CA LEU FA 181 -65.25 24.65 -41.43
C LEU FA 181 -64.44 25.39 -42.49
N SER FA 182 -64.22 24.71 -43.61
CA SER FA 182 -63.53 25.32 -44.73
C SER FA 182 -64.40 26.40 -45.38
N LYS FA 183 -63.75 27.31 -46.11
CA LYS FA 183 -64.49 28.38 -46.76
C LYS FA 183 -65.47 27.84 -47.80
N ALA FA 184 -65.15 26.69 -48.41
CA ALA FA 184 -66.04 26.12 -49.40
C ALA FA 184 -67.31 25.57 -48.75
N ASP FA 185 -67.15 24.77 -47.69
CA ASP FA 185 -68.31 24.24 -46.97
C ASP FA 185 -69.10 25.35 -46.26
N TYR FA 186 -68.46 26.48 -45.96
CA TYR FA 186 -69.14 27.54 -45.24
C TYR FA 186 -70.20 28.21 -46.11
N GLU FA 187 -69.84 28.57 -47.33
CA GLU FA 187 -70.74 29.32 -48.20
C GLU FA 187 -71.75 28.44 -48.92
N LYS FA 188 -71.73 27.11 -48.68
CA LYS FA 188 -72.75 26.24 -49.25
C LYS FA 188 -74.07 26.33 -48.50
N HIS FA 189 -74.07 26.89 -47.28
CA HIS FA 189 -75.25 26.90 -46.43
C HIS FA 189 -75.55 28.32 -46.00
N LYS FA 190 -76.65 28.49 -45.26
CA LYS FA 190 -77.17 29.82 -44.96
C LYS FA 190 -77.36 30.05 -43.47
N VAL FA 191 -78.01 29.12 -42.79
CA VAL FA 191 -78.37 29.27 -41.38
C VAL FA 191 -77.36 28.55 -40.51
N TYR FA 192 -76.79 29.26 -39.53
CA TYR FA 192 -75.86 28.69 -38.56
C TYR FA 192 -76.36 29.02 -37.17
N ALA FA 193 -76.53 27.99 -36.33
CA ALA FA 193 -77.05 28.16 -34.99
C ALA FA 193 -76.37 27.20 -34.04
N CYS FA 194 -76.33 27.58 -32.76
CA CYS FA 194 -75.89 26.70 -31.69
C CYS FA 194 -77.00 26.60 -30.65
N GLU FA 195 -77.36 25.37 -30.31
CA GLU FA 195 -78.46 25.10 -29.38
C GLU FA 195 -77.86 24.76 -28.02
N VAL FA 196 -78.25 25.52 -26.99
CA VAL FA 196 -77.68 25.39 -25.65
C VAL FA 196 -78.71 24.72 -24.76
N THR FA 197 -78.31 23.60 -24.15
CA THR FA 197 -79.12 22.89 -23.17
C THR FA 197 -78.46 23.01 -21.81
N HIS FA 198 -79.17 23.57 -20.83
CA HIS FA 198 -78.62 23.82 -19.51
C HIS FA 198 -79.70 23.61 -18.46
N GLN FA 199 -79.25 23.25 -17.25
CA GLN FA 199 -80.20 23.06 -16.14
C GLN FA 199 -80.89 24.36 -15.78
N GLY FA 200 -80.18 25.48 -15.85
CA GLY FA 200 -80.76 26.77 -15.53
C GLY FA 200 -81.74 27.32 -16.56
N LEU FA 201 -81.98 26.59 -17.64
CA LEU FA 201 -82.91 27.00 -18.68
C LEU FA 201 -84.10 26.05 -18.71
N SER FA 202 -85.30 26.62 -18.86
CA SER FA 202 -86.51 25.79 -18.92
C SER FA 202 -86.60 25.02 -20.22
N SER FA 203 -86.11 25.60 -21.32
CA SER FA 203 -86.09 24.96 -22.62
C SER FA 203 -84.83 25.40 -23.35
N PRO FA 204 -84.28 24.56 -24.23
CA PRO FA 204 -83.02 24.90 -24.89
C PRO FA 204 -83.11 26.20 -25.68
N VAL FA 205 -82.14 27.08 -25.45
CA VAL FA 205 -82.07 28.39 -26.09
C VAL FA 205 -81.19 28.28 -27.33
N THR FA 206 -81.61 28.93 -28.41
CA THR FA 206 -80.90 28.90 -29.68
C THR FA 206 -80.60 30.33 -30.14
N LYS FA 207 -79.33 30.58 -30.48
CA LYS FA 207 -78.90 31.84 -31.06
C LYS FA 207 -78.34 31.56 -32.44
N SER FA 208 -78.85 32.27 -33.44
CA SER FA 208 -78.54 31.99 -34.83
C SER FA 208 -78.24 33.28 -35.59
N PHE FA 209 -77.69 33.10 -36.79
CA PHE FA 209 -77.43 34.21 -37.70
C PHE FA 209 -77.49 33.67 -39.13
N ASN FA 210 -77.85 34.53 -40.06
CA ASN FA 210 -77.85 34.20 -41.48
C ASN FA 210 -76.56 34.69 -42.11
N ARG FA 211 -75.98 33.86 -42.99
CA ARG FA 211 -74.70 34.16 -43.60
C ARG FA 211 -74.77 35.42 -44.46
N GLY FA 212 -74.34 36.55 -43.90
CA GLY FA 212 -74.34 37.79 -44.65
C GLY FA 212 -74.82 38.99 -43.85
N GLU FA 213 -75.95 38.82 -43.15
CA GLU FA 213 -76.52 39.91 -42.36
C GLU FA 213 -75.57 40.36 -41.24
N GLU GA 1 -32.52 30.62 2.81
CA GLU GA 1 -33.78 30.18 2.21
C GLU GA 1 -33.53 29.09 1.17
N VAL GA 2 -34.25 27.98 1.31
CA VAL GA 2 -34.12 26.84 0.42
C VAL GA 2 -35.04 27.04 -0.78
N GLN GA 3 -34.55 26.69 -1.97
CA GLN GA 3 -35.35 26.75 -3.17
C GLN GA 3 -34.74 25.85 -4.23
N LEU GA 4 -35.62 25.29 -5.07
CA LEU GA 4 -35.21 24.47 -6.21
C LEU GA 4 -35.61 25.20 -7.48
N VAL GA 5 -34.63 25.62 -8.26
CA VAL GA 5 -34.87 26.29 -9.53
C VAL GA 5 -34.57 25.31 -10.65
N GLN GA 6 -35.34 25.38 -11.73
CA GLN GA 6 -35.22 24.47 -12.85
C GLN GA 6 -34.90 25.26 -14.11
N SER GA 7 -34.44 24.55 -15.13
CA SER GA 7 -34.14 25.18 -16.40
C SER GA 7 -35.43 25.67 -17.07
N GLY GA 8 -35.26 26.55 -18.05
CA GLY GA 8 -36.39 27.13 -18.75
C GLY GA 8 -37.11 26.12 -19.63
N ALA GA 9 -38.14 26.62 -20.30
CA ALA GA 9 -38.98 25.78 -21.14
C ALA GA 9 -38.18 25.25 -22.33
N GLU GA 10 -38.70 24.18 -22.93
CA GLU GA 10 -38.03 23.52 -24.05
C GLU GA 10 -39.06 23.12 -25.10
N VAL GA 11 -38.67 23.22 -26.37
CA VAL GA 11 -39.47 22.77 -27.50
C VAL GA 11 -38.63 21.76 -28.29
N LYS GA 12 -39.23 20.61 -28.60
CA LYS GA 12 -38.49 19.52 -29.23
C LYS GA 12 -39.36 18.81 -30.25
N LYS GA 13 -38.70 18.18 -31.27
CA LYS GA 13 -39.26 17.41 -32.36
C LYS GA 13 -39.43 15.96 -31.96
N PRO GA 14 -40.45 15.26 -32.50
CA PRO GA 14 -40.84 13.94 -31.96
C PRO GA 14 -39.81 12.84 -32.19
N GLY GA 15 -38.56 13.06 -31.79
CA GLY GA 15 -37.55 12.04 -31.89
C GLY GA 15 -36.31 12.37 -31.09
N ALA GA 16 -36.15 13.65 -30.78
CA ALA GA 16 -34.95 14.14 -30.12
C ALA GA 16 -34.96 13.75 -28.64
N SER GA 17 -34.10 14.41 -27.87
CA SER GA 17 -34.03 14.20 -26.43
C SER GA 17 -33.92 15.55 -25.72
N VAL GA 18 -34.31 15.56 -24.44
CA VAL GA 18 -34.32 16.77 -23.64
C VAL GA 18 -33.69 16.47 -22.29
N LYS GA 19 -32.99 17.48 -21.75
CA LYS GA 19 -32.29 17.34 -20.47
C LYS GA 19 -32.63 18.54 -19.61
N VAL GA 20 -33.41 18.30 -18.54
CA VAL GA 20 -33.87 19.34 -17.64
C VAL GA 20 -32.96 19.37 -16.41
N SER GA 21 -32.67 20.57 -15.92
CA SER GA 21 -31.82 20.75 -14.75
C SER GA 21 -32.66 21.17 -13.55
N CYS GA 22 -32.11 20.91 -12.36
CA CYS GA 22 -32.77 21.24 -11.10
C CYS GA 22 -31.67 21.56 -10.10
N LYS GA 23 -31.39 22.84 -9.91
CA LYS GA 23 -30.31 23.27 -9.03
C LYS GA 23 -30.86 23.56 -7.65
N ALA GA 24 -30.22 23.01 -6.63
CA ALA GA 24 -30.64 23.14 -5.24
C ALA GA 24 -29.74 24.11 -4.49
N SER GA 25 -30.34 24.86 -3.56
CA SER GA 25 -29.61 25.78 -2.72
C SER GA 25 -30.36 25.93 -1.40
N GLY GA 26 -29.62 25.96 -0.29
CA GLY GA 26 -30.19 26.13 1.02
C GLY GA 26 -30.09 24.91 1.93
N TYR GA 27 -29.68 23.76 1.39
CA TYR GA 27 -29.57 22.55 2.18
C TYR GA 27 -28.45 21.69 1.59
N THR GA 28 -28.03 20.69 2.37
CA THR GA 28 -26.99 19.78 1.91
C THR GA 28 -27.54 18.90 0.80
N PHE GA 29 -27.09 19.16 -0.44
CA PHE GA 29 -27.67 18.49 -1.61
C PHE GA 29 -27.51 16.98 -1.54
N THR GA 30 -26.45 16.49 -0.91
CA THR GA 30 -26.14 15.07 -0.90
C THR GA 30 -26.79 14.30 0.24
N SER GA 31 -27.65 14.94 1.03
CA SER GA 31 -28.29 14.29 2.16
C SER GA 31 -29.75 13.93 1.91
N TYR GA 32 -30.27 14.18 0.70
CA TYR GA 32 -31.66 13.91 0.38
C TYR GA 32 -31.77 13.32 -1.01
N TYR GA 33 -32.72 12.40 -1.19
CA TYR GA 33 -33.06 11.94 -2.53
C TYR GA 33 -33.69 13.07 -3.33
N MET GA 34 -33.55 12.98 -4.65
CA MET GA 34 -34.27 13.84 -5.59
C MET GA 34 -35.16 12.96 -6.45
N TYR GA 35 -36.45 13.32 -6.53
CA TYR GA 35 -37.36 12.61 -7.41
C TYR GA 35 -38.04 13.58 -8.35
N TRP GA 36 -38.54 13.04 -9.46
CA TRP GA 36 -39.08 13.82 -10.55
C TRP GA 36 -40.52 13.41 -10.85
N VAL GA 37 -41.36 14.40 -11.13
CA VAL GA 37 -42.77 14.19 -11.39
C VAL GA 37 -43.14 14.88 -12.69
N ARG GA 38 -43.98 14.24 -13.48
CA ARG GA 38 -44.45 14.75 -14.76
C ARG GA 38 -45.96 14.94 -14.71
N GLN GA 39 -46.44 16.06 -15.26
CA GLN GA 39 -47.86 16.37 -15.28
C GLN GA 39 -48.26 16.86 -16.67
N ALA GA 40 -49.04 16.05 -17.39
CA ALA GA 40 -49.56 16.45 -18.69
C ALA GA 40 -50.54 17.62 -18.51
N PRO GA 41 -50.73 18.43 -19.54
CA PRO GA 41 -51.64 19.58 -19.41
C PRO GA 41 -53.05 19.15 -19.06
N GLY GA 42 -53.59 19.72 -18.00
CA GLY GA 42 -54.94 19.37 -17.55
C GLY GA 42 -55.10 17.94 -17.13
N GLN GA 43 -54.05 17.31 -16.60
CA GLN GA 43 -54.09 15.92 -16.18
C GLN GA 43 -53.43 15.79 -14.81
N GLY GA 44 -53.35 14.55 -14.33
CA GLY GA 44 -52.85 14.27 -13.01
C GLY GA 44 -51.33 14.19 -12.96
N LEU GA 45 -50.84 13.81 -11.78
CA LEU GA 45 -49.41 13.70 -11.54
C LEU GA 45 -48.93 12.29 -11.82
N GLU GA 46 -47.70 12.18 -12.31
CA GLU GA 46 -47.11 10.90 -12.66
C GLU GA 46 -45.67 10.85 -12.17
N TRP GA 47 -45.34 9.79 -11.43
CA TRP GA 47 -44.00 9.66 -10.85
C TRP GA 47 -43.04 9.08 -11.88
N ILE GA 48 -41.91 9.75 -12.06
CA ILE GA 48 -40.90 9.31 -13.04
C ILE GA 48 -39.86 8.44 -12.36
N GLY GA 49 -39.11 9.02 -11.42
CA GLY GA 49 -38.08 8.27 -10.75
C GLY GA 49 -37.33 9.14 -9.77
N GLU GA 50 -36.35 8.54 -9.10
CA GLU GA 50 -35.59 9.21 -8.07
C GLU GA 50 -34.12 8.80 -8.16
N ILE GA 51 -33.25 9.62 -7.57
CA ILE GA 51 -31.82 9.37 -7.58
C ILE GA 51 -31.25 9.64 -6.19
N ASN GA 52 -30.32 8.79 -5.77
CA ASN GA 52 -29.56 8.99 -4.55
C ASN GA 52 -28.31 9.77 -4.88
N PRO GA 53 -28.18 11.03 -4.45
CA PRO GA 53 -27.00 11.83 -4.85
C PRO GA 53 -25.70 11.35 -4.25
N THR GA 54 -25.75 10.57 -3.17
CA THR GA 54 -24.52 10.04 -2.57
C THR GA 54 -24.00 8.83 -3.34
N SER GA 55 -24.88 7.85 -3.59
CA SER GA 55 -24.47 6.59 -4.20
C SER GA 55 -24.69 6.54 -5.71
N GLY GA 56 -25.46 7.47 -6.27
CA GLY GA 56 -25.83 7.41 -7.67
C GLY GA 56 -26.89 6.39 -8.00
N GLY GA 57 -27.36 5.61 -7.04
CA GLY GA 57 -28.41 4.65 -7.31
C GLY GA 57 -29.71 5.34 -7.67
N THR GA 58 -30.51 4.65 -8.48
CA THR GA 58 -31.77 5.20 -8.97
C THR GA 58 -32.89 4.18 -8.78
N ASN GA 59 -34.11 4.69 -8.81
CA ASN GA 59 -35.32 3.88 -8.88
C ASN GA 59 -36.26 4.54 -9.88
N PHE GA 60 -36.73 3.78 -10.86
CA PHE GA 60 -37.52 4.33 -11.95
C PHE GA 60 -38.93 3.76 -11.97
N ASN GA 61 -39.84 4.51 -12.57
CA ASN GA 61 -41.09 3.96 -13.04
C ASN GA 61 -40.83 3.12 -14.27
N GLU GA 62 -41.34 1.88 -14.29
CA GLU GA 62 -41.10 0.97 -15.41
C GLU GA 62 -41.50 1.58 -16.75
N LYS GA 63 -42.40 2.56 -16.74
CA LYS GA 63 -42.82 3.20 -17.99
C LYS GA 63 -41.69 4.03 -18.60
N PHE GA 64 -40.75 4.49 -17.79
CA PHE GA 64 -39.70 5.40 -18.25
C PHE GA 64 -38.31 4.79 -18.18
N LYS GA 65 -38.17 3.53 -17.77
CA LYS GA 65 -36.84 2.97 -17.57
C LYS GA 65 -36.02 2.94 -18.86
N SER GA 66 -36.68 2.76 -20.00
CA SER GA 66 -35.97 2.61 -21.27
C SER GA 66 -35.54 3.94 -21.87
N ARG GA 67 -36.20 5.05 -21.52
CA ARG GA 67 -35.96 6.32 -22.19
C ARG GA 67 -35.51 7.44 -21.27
N ALA GA 68 -35.45 7.22 -19.95
CA ALA GA 68 -35.11 8.27 -19.00
C ALA GA 68 -33.75 8.01 -18.38
N THR GA 69 -33.06 9.09 -18.02
CA THR GA 69 -31.73 9.01 -17.41
C THR GA 69 -31.61 10.09 -16.36
N LEU GA 70 -31.35 9.68 -15.12
CA LEU GA 70 -31.18 10.59 -13.99
C LEU GA 70 -29.71 10.64 -13.59
N THR GA 71 -29.16 11.84 -13.52
CA THR GA 71 -27.78 12.06 -13.10
C THR GA 71 -27.73 13.18 -12.07
N VAL GA 72 -26.55 13.40 -11.50
CA VAL GA 72 -26.38 14.38 -10.45
C VAL GA 72 -24.97 14.95 -10.55
N ASP GA 73 -24.86 16.26 -10.40
CA ASP GA 73 -23.57 16.96 -10.33
C ASP GA 73 -23.42 17.47 -8.90
N THR GA 74 -22.68 16.72 -8.08
CA THR GA 74 -22.48 17.09 -6.69
C THR GA 74 -21.78 18.43 -6.57
N SER GA 75 -20.82 18.71 -7.46
CA SER GA 75 -20.03 19.93 -7.36
C SER GA 75 -20.90 21.18 -7.51
N THR GA 76 -22.00 21.09 -8.25
CA THR GA 76 -22.87 22.23 -8.48
C THR GA 76 -24.24 22.09 -7.82
N SER GA 77 -24.49 21.00 -7.10
CA SER GA 77 -25.76 20.75 -6.44
C SER GA 77 -26.93 20.81 -7.42
N THR GA 78 -26.81 20.04 -8.51
CA THR GA 78 -27.79 20.05 -9.58
C THR GA 78 -28.15 18.62 -9.96
N ALA GA 79 -29.46 18.38 -10.12
CA ALA GA 79 -29.95 17.12 -10.63
C ALA GA 79 -30.44 17.31 -12.07
N TYR GA 80 -30.33 16.26 -12.87
CA TYR GA 80 -30.70 16.31 -14.28
C TYR GA 80 -31.63 15.15 -14.62
N LEU GA 81 -32.60 15.41 -15.47
CA LEU GA 81 -33.48 14.40 -16.03
C LEU GA 81 -33.36 14.46 -17.55
N GLU GA 82 -32.94 13.35 -18.16
CA GLU GA 82 -32.77 13.26 -19.60
C GLU GA 82 -33.76 12.24 -20.15
N LEU GA 83 -34.58 12.67 -21.12
CA LEU GA 83 -35.60 11.84 -21.73
C LEU GA 83 -35.33 11.76 -23.23
N SER GA 84 -35.17 10.54 -23.74
CA SER GA 84 -34.87 10.32 -25.15
C SER GA 84 -36.08 9.72 -25.86
N SER GA 85 -36.00 9.70 -27.19
CA SER GA 85 -37.07 9.17 -28.04
C SER GA 85 -38.41 9.83 -27.73
N LEU GA 86 -38.40 11.17 -27.76
CA LEU GA 86 -39.57 11.94 -27.34
C LEU GA 86 -40.77 11.66 -28.23
N ARG GA 87 -41.95 11.63 -27.61
CA ARG GA 87 -43.22 11.50 -28.30
C ARG GA 87 -44.14 12.63 -27.84
N SER GA 88 -45.22 12.83 -28.58
CA SER GA 88 -46.17 13.88 -28.23
C SER GA 88 -46.86 13.63 -26.90
N GLU GA 89 -46.90 12.36 -26.44
CA GLU GA 89 -47.44 12.07 -25.12
C GLU GA 89 -46.53 12.56 -24.01
N ASP GA 90 -45.26 12.80 -24.30
CA ASP GA 90 -44.32 13.33 -23.31
C ASP GA 90 -44.42 14.83 -23.13
N THR GA 91 -45.40 15.48 -23.77
CA THR GA 91 -45.61 16.91 -23.59
C THR GA 91 -46.24 17.16 -22.22
N ALA GA 92 -45.49 17.78 -21.32
CA ALA GA 92 -45.95 17.92 -19.94
C ALA GA 92 -45.02 18.86 -19.18
N VAL GA 93 -45.44 19.21 -17.97
CA VAL GA 93 -44.61 19.98 -17.05
C VAL GA 93 -43.84 19.02 -16.16
N TYR GA 94 -42.54 19.23 -16.04
CA TYR GA 94 -41.67 18.34 -15.28
C TYR GA 94 -41.20 19.05 -14.02
N TYR GA 95 -41.43 18.42 -12.88
CA TYR GA 95 -41.05 18.94 -11.58
C TYR GA 95 -39.98 18.08 -10.94
N CYS GA 96 -39.08 18.72 -10.20
CA CYS GA 96 -38.20 18.04 -9.28
C CYS GA 96 -38.61 18.37 -7.85
N ALA GA 97 -38.48 17.39 -6.95
CA ALA GA 97 -38.88 17.57 -5.56
C ALA GA 97 -37.88 16.85 -4.67
N ARG GA 98 -37.70 17.39 -3.47
CA ARG GA 98 -36.80 16.80 -2.49
C ARG GA 98 -37.53 15.74 -1.68
N GLU GA 99 -36.88 14.59 -1.51
CA GLU GA 99 -37.40 13.51 -0.68
C GLU GA 99 -36.96 13.74 0.76
N GLY GA 100 -37.93 13.88 1.66
CA GLY GA 100 -37.63 14.04 3.06
C GLY GA 100 -37.62 15.49 3.49
N GLY GA 101 -37.83 15.70 4.79
CA GLY GA 101 -37.89 17.03 5.33
C GLY GA 101 -39.09 17.80 4.78
N PHE GA 102 -38.98 19.12 4.82
CA PHE GA 102 -40.00 19.96 4.22
C PHE GA 102 -40.07 19.68 2.72
N ALA GA 103 -41.30 19.57 2.20
CA ALA GA 103 -41.51 19.12 0.83
C ALA GA 103 -41.28 20.27 -0.13
N TYR GA 104 -40.01 20.52 -0.44
CA TYR GA 104 -39.65 21.53 -1.42
C TYR GA 104 -39.88 21.00 -2.83
N TRP GA 105 -40.34 21.88 -3.71
CA TRP GA 105 -40.62 21.55 -5.09
C TRP GA 105 -40.04 22.61 -6.01
N GLY GA 106 -39.57 22.18 -7.18
CA GLY GA 106 -39.17 23.11 -8.20
C GLY GA 106 -40.36 23.86 -8.77
N GLN GA 107 -40.06 24.85 -9.61
CA GLN GA 107 -41.12 25.64 -10.21
C GLN GA 107 -41.73 24.99 -11.44
N GLY GA 108 -41.16 23.89 -11.92
CA GLY GA 108 -41.68 23.22 -13.09
C GLY GA 108 -40.98 23.65 -14.36
N THR GA 109 -40.93 22.72 -15.32
CA THR GA 109 -40.34 22.98 -16.63
C THR GA 109 -41.29 22.42 -17.68
N LEU GA 110 -41.73 23.30 -18.58
CA LEU GA 110 -42.65 22.89 -19.65
C LEU GA 110 -41.84 22.35 -20.84
N VAL GA 111 -42.19 21.16 -21.28
CA VAL GA 111 -41.54 20.52 -22.43
C VAL GA 111 -42.64 20.15 -23.43
N THR GA 112 -42.62 20.79 -24.59
CA THR GA 112 -43.61 20.57 -25.64
C THR GA 112 -42.98 19.75 -26.75
N VAL GA 113 -43.59 18.61 -27.06
CA VAL GA 113 -43.11 17.71 -28.10
C VAL GA 113 -44.18 17.63 -29.18
N SER GA 114 -43.92 18.28 -30.32
CA SER GA 114 -44.84 18.27 -31.44
C SER GA 114 -44.03 18.35 -32.73
N SER GA 115 -44.57 17.75 -33.79
CA SER GA 115 -43.88 17.76 -35.07
C SER GA 115 -43.93 19.11 -35.75
N ALA GA 116 -44.84 19.99 -35.32
CA ALA GA 116 -44.93 21.32 -35.90
C ALA GA 116 -43.73 22.17 -35.50
N SER GA 117 -43.58 23.30 -36.18
CA SER GA 117 -42.50 24.23 -35.90
C SER GA 117 -43.08 25.50 -35.31
N THR GA 118 -42.22 26.27 -34.63
CA THR GA 118 -42.63 27.47 -33.92
C THR GA 118 -43.24 28.50 -34.86
N LYS GA 119 -44.56 28.70 -34.77
CA LYS GA 119 -45.31 29.58 -35.64
C LYS GA 119 -45.89 30.74 -34.84
N GLY GA 120 -46.35 31.76 -35.56
CA GLY GA 120 -47.00 32.90 -34.95
C GLY GA 120 -48.51 32.82 -35.07
N PRO GA 121 -49.22 33.52 -34.21
CA PRO GA 121 -50.68 33.45 -34.20
C PRO GA 121 -51.36 34.47 -35.10
N SER GA 122 -52.52 34.07 -35.61
CA SER GA 122 -53.39 34.95 -36.39
C SER GA 122 -54.54 35.41 -35.52
N VAL GA 123 -54.77 36.73 -35.50
CA VAL GA 123 -55.76 37.35 -34.62
C VAL GA 123 -56.92 37.83 -35.48
N PHE GA 124 -58.13 37.34 -35.19
CA PHE GA 124 -59.34 37.71 -35.88
C PHE GA 124 -60.36 38.27 -34.90
N PRO GA 125 -61.13 39.29 -35.28
CA PRO GA 125 -62.09 39.89 -34.36
C PRO GA 125 -63.41 39.13 -34.32
N LEU GA 126 -64.03 39.14 -33.14
CA LEU GA 126 -65.36 38.59 -32.92
C LEU GA 126 -66.28 39.79 -32.71
N ALA GA 127 -66.93 40.23 -33.79
CA ALA GA 127 -67.64 41.50 -33.76
C ALA GA 127 -68.95 41.36 -32.98
N PRO GA 128 -69.34 42.39 -32.23
CA PRO GA 128 -70.61 42.32 -31.50
C PRO GA 128 -71.79 42.32 -32.45
N SER GA 129 -72.83 41.55 -32.09
CA SER GA 129 -74.00 41.43 -32.94
C SER GA 129 -74.86 42.69 -32.89
N SER GA 130 -75.33 43.06 -31.70
CA SER GA 130 -76.14 44.25 -31.49
C SER GA 130 -77.39 44.25 -32.37
N GLY GA 135 -79.27 45.05 -27.44
CA GLY GA 135 -80.28 45.26 -26.43
C GLY GA 135 -79.77 45.92 -25.17
N GLY GA 136 -79.37 45.11 -24.20
CA GLY GA 136 -78.87 45.62 -22.93
C GLY GA 136 -77.40 45.36 -22.70
N THR GA 137 -76.97 44.12 -22.92
CA THR GA 137 -75.58 43.73 -22.75
C THR GA 137 -75.14 42.92 -23.97
N ALA GA 138 -73.97 43.24 -24.51
CA ALA GA 138 -73.44 42.56 -25.68
C ALA GA 138 -72.02 42.08 -25.38
N ALA GA 139 -71.57 41.13 -26.19
CA ALA GA 139 -70.25 40.51 -26.02
C ALA GA 139 -69.43 40.65 -27.29
N LEU GA 140 -68.11 40.75 -27.10
CA LEU GA 140 -67.17 40.85 -28.20
C LEU GA 140 -65.85 40.24 -27.75
N GLY GA 141 -64.97 39.96 -28.70
CA GLY GA 141 -63.70 39.36 -28.35
C GLY GA 141 -62.81 39.18 -29.55
N CYS GA 142 -61.70 38.48 -29.31
CA CYS GA 142 -60.68 38.19 -30.31
C CYS GA 142 -60.44 36.69 -30.37
N LEU GA 143 -60.19 36.19 -31.58
CA LEU GA 143 -59.94 34.77 -31.81
C LEU GA 143 -58.47 34.60 -32.19
N VAL GA 144 -57.69 34.03 -31.28
CA VAL GA 144 -56.28 33.76 -31.53
C VAL GA 144 -56.16 32.32 -32.03
N LYS GA 145 -55.91 32.18 -33.34
CA LYS GA 145 -55.96 30.88 -33.99
C LYS GA 145 -54.60 30.51 -34.57
N ASP GA 146 -54.29 29.21 -34.53
CA ASP GA 146 -53.15 28.60 -35.20
C ASP GA 146 -51.83 29.22 -34.75
N TYR GA 147 -51.31 28.73 -33.62
CA TYR GA 147 -49.99 29.14 -33.14
C TYR GA 147 -49.31 27.97 -32.46
N PHE GA 148 -48.02 28.12 -32.18
CA PHE GA 148 -47.22 27.10 -31.55
C PHE GA 148 -45.86 27.68 -31.15
N PRO GA 149 -45.37 27.39 -29.94
CA PRO GA 149 -46.09 26.65 -28.90
C PRO GA 149 -46.70 27.55 -27.84
N GLU GA 150 -47.26 26.96 -26.80
CA GLU GA 150 -47.80 27.72 -25.69
C GLU GA 150 -46.66 28.45 -24.97
N PRO GA 151 -46.98 29.52 -24.21
CA PRO GA 151 -48.30 30.11 -23.93
C PRO GA 151 -48.63 31.34 -24.77
N VAL GA 152 -49.79 31.94 -24.49
CA VAL GA 152 -50.23 33.18 -25.10
C VAL GA 152 -50.85 34.05 -24.02
N THR GA 153 -50.43 35.30 -23.95
CA THR GA 153 -50.94 36.26 -22.98
C THR GA 153 -51.81 37.27 -23.70
N VAL GA 154 -52.98 37.56 -23.14
CA VAL GA 154 -53.96 38.44 -23.75
C VAL GA 154 -54.42 39.47 -22.73
N SER GA 155 -54.45 40.73 -23.14
CA SER GA 155 -55.00 41.82 -22.34
C SER GA 155 -55.88 42.69 -23.23
N TRP GA 156 -56.69 43.53 -22.59
CA TRP GA 156 -57.60 44.43 -23.29
C TRP GA 156 -57.31 45.86 -22.90
N ASN GA 157 -57.06 46.71 -23.90
CA ASN GA 157 -56.75 48.13 -23.69
C ASN GA 157 -55.53 48.31 -22.78
N SER GA 158 -54.49 47.50 -23.03
CA SER GA 158 -53.22 47.58 -22.31
C SER GA 158 -53.40 47.39 -20.81
N GLY GA 159 -54.40 46.60 -20.40
CA GLY GA 159 -54.64 46.32 -19.01
C GLY GA 159 -55.66 47.19 -18.32
N ALA GA 160 -56.32 48.10 -19.05
CA ALA GA 160 -57.32 48.96 -18.44
C ALA GA 160 -58.62 48.20 -18.16
N LEU GA 161 -59.17 47.55 -19.18
CA LEU GA 161 -60.39 46.77 -19.05
C LEU GA 161 -60.06 45.38 -18.53
N THR GA 162 -60.55 45.05 -17.35
CA THR GA 162 -60.30 43.75 -16.73
C THR GA 162 -61.57 42.98 -16.39
N SER GA 163 -62.56 43.66 -15.83
CA SER GA 163 -63.79 42.98 -15.41
C SER GA 163 -64.60 42.55 -16.62
N GLY GA 164 -65.21 41.37 -16.53
CA GLY GA 164 -65.97 40.80 -17.62
C GLY GA 164 -65.14 40.02 -18.61
N VAL GA 165 -63.82 40.02 -18.49
CA VAL GA 165 -62.95 39.34 -19.44
C VAL GA 165 -62.84 37.86 -19.05
N HIS GA 166 -62.92 36.99 -20.05
CA HIS GA 166 -62.78 35.55 -19.86
C HIS GA 166 -61.84 35.03 -20.95
N THR GA 167 -60.55 34.93 -20.63
CA THR GA 167 -59.56 34.38 -21.55
C THR GA 167 -59.59 32.86 -21.43
N PHE GA 168 -60.07 32.19 -22.48
CA PHE GA 168 -60.26 30.76 -22.44
C PHE GA 168 -58.94 30.01 -22.53
N PRO GA 169 -58.89 28.78 -22.04
CA PRO GA 169 -57.71 27.94 -22.26
C PRO GA 169 -57.58 27.56 -23.72
N ALA GA 170 -56.35 27.29 -24.13
CA ALA GA 170 -56.10 26.90 -25.51
C ALA GA 170 -56.48 25.44 -25.73
N VAL GA 171 -56.75 25.10 -26.98
CA VAL GA 171 -57.05 23.74 -27.39
C VAL GA 171 -56.09 23.33 -28.49
N LEU GA 172 -55.83 22.03 -28.59
CA LEU GA 172 -54.91 21.48 -29.58
C LEU GA 172 -55.72 21.01 -30.78
N GLN GA 173 -55.60 21.71 -31.90
CA GLN GA 173 -56.32 21.34 -33.10
C GLN GA 173 -55.69 20.11 -33.75
N SER GA 174 -56.40 19.57 -34.75
CA SER GA 174 -55.85 18.44 -35.50
C SER GA 174 -54.61 18.83 -36.29
N SER GA 175 -54.40 20.12 -36.53
CA SER GA 175 -53.22 20.61 -37.22
C SER GA 175 -52.00 20.70 -36.32
N GLY GA 176 -52.09 20.23 -35.08
CA GLY GA 176 -51.00 20.39 -34.14
C GLY GA 176 -50.77 21.81 -33.68
N LEU GA 177 -51.68 22.73 -33.98
CA LEU GA 177 -51.56 24.13 -33.61
C LEU GA 177 -52.64 24.48 -32.60
N TYR GA 178 -52.33 25.43 -31.73
CA TYR GA 178 -53.22 25.82 -30.65
C TYR GA 178 -54.18 26.92 -31.11
N SER GA 179 -55.39 26.89 -30.55
CA SER GA 179 -56.42 27.87 -30.83
C SER GA 179 -57.02 28.35 -29.52
N LEU GA 180 -57.24 29.66 -29.42
CA LEU GA 180 -57.67 30.28 -28.18
C LEU GA 180 -58.65 31.41 -28.48
N SER GA 181 -59.65 31.57 -27.60
CA SER GA 181 -60.60 32.65 -27.68
C SER GA 181 -60.53 33.48 -26.40
N SER GA 182 -60.97 34.74 -26.51
CA SER GA 182 -61.00 35.65 -25.37
C SER GA 182 -62.12 36.64 -25.59
N VAL GA 183 -63.02 36.77 -24.61
CA VAL GA 183 -64.22 37.57 -24.74
C VAL GA 183 -64.32 38.54 -23.56
N VAL GA 184 -65.31 39.43 -23.64
CA VAL GA 184 -65.59 40.40 -22.58
C VAL GA 184 -66.98 40.96 -22.83
N THR GA 185 -67.71 41.22 -21.74
CA THR GA 185 -69.07 41.75 -21.83
C THR GA 185 -69.08 43.25 -21.50
N VAL GA 186 -69.83 43.99 -22.30
CA VAL GA 186 -69.95 45.44 -22.15
C VAL GA 186 -71.39 45.85 -22.44
N PRO GA 187 -71.81 46.99 -21.92
CA PRO GA 187 -73.17 47.48 -22.22
C PRO GA 187 -73.34 47.79 -23.70
N SER GA 188 -74.58 47.67 -24.17
CA SER GA 188 -74.87 47.93 -25.58
C SER GA 188 -74.77 49.41 -25.92
N SER GA 189 -75.00 50.28 -24.94
CA SER GA 189 -74.97 51.72 -25.18
C SER GA 189 -73.56 52.26 -25.39
N SER GA 190 -72.52 51.50 -25.06
CA SER GA 190 -71.15 51.94 -25.20
C SER GA 190 -70.51 51.46 -26.50
N LEU GA 191 -71.28 50.84 -27.39
CA LEU GA 191 -70.77 50.45 -28.69
C LEU GA 191 -70.65 51.68 -29.59
N GLY GA 192 -69.46 51.92 -30.11
CA GLY GA 192 -69.15 53.09 -30.88
C GLY GA 192 -68.50 54.20 -30.08
N THR GA 193 -68.82 54.29 -28.78
CA THR GA 193 -68.22 55.33 -27.95
C THR GA 193 -66.87 54.89 -27.40
N GLN GA 194 -66.76 53.63 -26.99
CA GLN GA 194 -65.55 53.10 -26.37
C GLN GA 194 -64.72 52.32 -27.37
N THR GA 195 -63.40 52.40 -27.20
CA THR GA 195 -62.45 51.68 -28.04
C THR GA 195 -62.06 50.38 -27.36
N TYR GA 196 -62.07 49.28 -28.12
CA TYR GA 196 -61.77 47.97 -27.60
C TYR GA 196 -60.67 47.34 -28.45
N ILE GA 197 -59.50 47.15 -27.86
CA ILE GA 197 -58.34 46.60 -28.56
C ILE GA 197 -57.72 45.52 -27.69
N CYS GA 198 -57.63 44.30 -28.22
CA CYS GA 198 -57.02 43.19 -27.51
C CYS GA 198 -55.53 43.12 -27.84
N ASN GA 199 -54.71 42.93 -26.82
CA ASN GA 199 -53.25 42.95 -26.95
C ASN GA 199 -52.75 41.51 -26.86
N VAL GA 200 -52.57 40.88 -28.02
CA VAL GA 200 -52.05 39.52 -28.11
C VAL GA 200 -50.52 39.58 -28.13
N ASN GA 201 -49.89 38.66 -27.39
CA ASN GA 201 -48.44 38.61 -27.30
C ASN GA 201 -48.01 37.15 -27.30
N HIS GA 202 -47.18 36.78 -28.29
CA HIS GA 202 -46.63 35.43 -28.40
C HIS GA 202 -45.11 35.56 -28.38
N LYS GA 203 -44.52 35.31 -27.21
CA LYS GA 203 -43.08 35.45 -27.00
C LYS GA 203 -42.23 34.46 -27.81
N PRO GA 204 -42.64 33.20 -27.98
CA PRO GA 204 -41.84 32.28 -28.82
C PRO GA 204 -41.63 32.77 -30.25
N SER GA 205 -42.56 33.55 -30.80
CA SER GA 205 -42.41 34.08 -32.15
C SER GA 205 -42.17 35.58 -32.19
N ASN GA 206 -42.08 36.23 -31.01
CA ASN GA 206 -41.91 37.68 -30.91
C ASN GA 206 -43.00 38.44 -31.68
N THR GA 207 -44.20 37.87 -31.72
CA THR GA 207 -45.33 38.48 -32.41
C THR GA 207 -46.14 39.31 -31.42
N LYS GA 208 -46.33 40.59 -31.73
CA LYS GA 208 -47.16 41.47 -30.92
C LYS GA 208 -48.20 42.12 -31.83
N VAL GA 209 -49.46 41.73 -31.65
CA VAL GA 209 -50.55 42.18 -32.50
C VAL GA 209 -51.56 42.93 -31.63
N ASP GA 210 -51.95 44.11 -32.09
CA ASP GA 210 -53.03 44.90 -31.48
C ASP GA 210 -54.17 44.97 -32.48
N LYS GA 211 -55.26 44.28 -32.18
CA LYS GA 211 -56.42 44.21 -33.07
C LYS GA 211 -57.58 45.01 -32.49
N LYS GA 212 -58.20 45.81 -33.33
CA LYS GA 212 -59.35 46.64 -32.94
C LYS GA 212 -60.64 45.90 -33.29
N VAL GA 213 -61.59 45.89 -32.36
CA VAL GA 213 -62.83 45.13 -32.51
C VAL GA 213 -63.98 46.13 -32.60
N GLU GA 214 -64.62 46.19 -33.75
CA GLU GA 214 -65.77 47.04 -34.02
C GLU GA 214 -66.89 46.18 -34.59
N PRO GA 215 -68.14 46.63 -34.49
CA PRO GA 215 -69.21 45.94 -35.21
C PRO GA 215 -69.13 46.22 -36.70
N LYS GA 216 -69.62 45.27 -37.49
CA LYS GA 216 -69.58 45.38 -38.93
C LYS GA 216 -70.81 46.11 -39.45
N SER GA 217 -70.67 46.70 -40.64
CA SER GA 217 -71.77 47.42 -41.26
C SER GA 217 -71.99 46.94 -42.69
N ILE HA 1 -14.80 -25.54 -22.22
CA ILE HA 1 -14.98 -24.85 -20.95
C ILE HA 1 -16.32 -25.23 -20.32
N LEU HA 2 -16.25 -25.89 -19.16
CA LEU HA 2 -17.45 -26.33 -18.45
C LEU HA 2 -17.73 -25.40 -17.28
N GLY HA 3 -18.99 -25.01 -17.12
CA GLY HA 3 -19.40 -24.10 -16.08
C GLY HA 3 -19.28 -22.64 -16.41
N GLY HA 4 -18.82 -22.29 -17.61
CA GLY HA 4 -18.67 -20.90 -18.02
C GLY HA 4 -19.74 -20.47 -19.00
N ARG HA 5 -19.46 -19.36 -19.68
CA ARG HA 5 -20.36 -18.81 -20.68
C ARG HA 5 -19.56 -18.31 -21.87
N GLU HA 6 -20.26 -17.79 -22.87
CA GLU HA 6 -19.60 -17.25 -24.05
C GLU HA 6 -18.82 -15.99 -23.69
N ALA HA 7 -17.63 -15.86 -24.27
CA ALA HA 7 -16.78 -14.71 -23.99
C ALA HA 7 -17.16 -13.53 -24.87
N GLU HA 8 -16.67 -12.35 -24.50
CA GLU HA 8 -16.82 -11.18 -25.35
C GLU HA 8 -15.89 -11.32 -26.55
N ALA HA 9 -16.43 -11.14 -27.75
CA ALA HA 9 -15.68 -11.39 -28.97
C ALA HA 9 -14.41 -10.55 -29.01
N HIS HA 10 -13.27 -11.24 -29.18
CA HIS HA 10 -11.95 -10.63 -29.34
C HIS HA 10 -11.47 -9.89 -28.10
N ALA HA 11 -12.10 -10.15 -26.95
CA ALA HA 11 -11.63 -9.56 -25.70
C ALA HA 11 -10.35 -10.21 -25.19
N ARG HA 12 -9.96 -11.36 -25.75
CA ARG HA 12 -8.72 -12.04 -25.40
C ARG HA 12 -7.94 -12.21 -26.70
N PRO HA 13 -7.30 -11.15 -27.18
CA PRO HA 13 -6.66 -11.21 -28.51
C PRO HA 13 -5.49 -12.16 -28.60
N TYR HA 14 -5.08 -12.77 -27.49
CA TYR HA 14 -4.04 -13.79 -27.50
C TYR HA 14 -4.57 -15.18 -27.78
N MET HA 15 -5.88 -15.37 -27.73
CA MET HA 15 -6.47 -16.70 -27.84
C MET HA 15 -6.32 -17.24 -29.26
N ALA HA 16 -5.72 -18.43 -29.37
CA ALA HA 16 -5.50 -19.08 -30.65
C ALA HA 16 -6.23 -20.41 -30.72
N SER HA 17 -6.63 -20.79 -31.93
CA SER HA 17 -7.22 -22.09 -32.20
C SER HA 17 -6.23 -22.90 -33.04
N VAL HA 18 -5.67 -23.94 -32.45
CA VAL HA 18 -4.78 -24.84 -33.18
C VAL HA 18 -5.65 -25.84 -33.93
N GLN HA 19 -5.55 -25.84 -35.25
CA GLN HA 19 -6.43 -26.61 -36.11
C GLN HA 19 -5.67 -27.75 -36.78
N LEU HA 20 -6.34 -28.89 -36.90
CA LEU HA 20 -5.80 -30.05 -37.61
C LEU HA 20 -6.75 -30.41 -38.73
N ASN HA 21 -6.28 -30.29 -39.97
CA ASN HA 21 -7.07 -30.62 -41.16
C ASN HA 21 -8.36 -29.80 -41.22
N GLY HA 22 -8.27 -28.54 -40.82
CA GLY HA 22 -9.38 -27.63 -40.93
C GLY HA 22 -10.40 -27.69 -39.81
N ALA HA 23 -10.08 -28.37 -38.71
CA ALA HA 23 -10.98 -28.49 -37.58
C ALA HA 23 -10.24 -28.10 -36.31
N HIS HA 24 -10.98 -27.55 -35.34
CA HIS HA 24 -10.36 -27.16 -34.08
C HIS HA 24 -9.89 -28.39 -33.32
N LEU HA 25 -8.63 -28.36 -32.90
CA LEU HA 25 -8.02 -29.45 -32.15
C LEU HA 25 -7.66 -29.07 -30.73
N CYS HA 26 -6.93 -27.97 -30.56
CA CYS HA 26 -6.46 -27.54 -29.26
C CYS HA 26 -6.49 -26.02 -29.19
N GLY HA 27 -6.51 -25.52 -27.97
CA GLY HA 27 -6.30 -24.10 -27.75
C GLY HA 27 -4.83 -23.73 -27.88
N GLY HA 28 -4.60 -22.43 -28.00
CA GLY HA 28 -3.25 -21.93 -28.08
C GLY HA 28 -3.23 -20.48 -27.64
N VAL HA 29 -2.04 -20.02 -27.27
CA VAL HA 29 -1.86 -18.65 -26.80
C VAL HA 29 -0.72 -18.01 -27.59
N LEU HA 30 -0.99 -16.85 -28.17
CA LEU HA 30 0.02 -16.11 -28.92
C LEU HA 30 1.00 -15.46 -27.95
N VAL HA 31 2.23 -15.97 -27.90
CA VAL HA 31 3.22 -15.45 -26.96
C VAL HA 31 4.26 -14.55 -27.64
N ALA HA 32 4.45 -14.70 -28.95
CA ALA HA 32 5.20 -13.73 -29.74
C ALA HA 32 4.43 -13.49 -31.03
N GLU HA 33 4.88 -12.53 -31.82
CA GLU HA 33 4.10 -12.15 -32.98
C GLU HA 33 4.14 -13.18 -34.09
N GLN HA 34 4.96 -14.23 -33.96
CA GLN HA 34 4.98 -15.32 -34.92
C GLN HA 34 5.01 -16.68 -34.26
N TRP HA 35 4.73 -16.76 -32.95
CA TRP HA 35 4.84 -18.01 -32.21
C TRP HA 35 3.62 -18.20 -31.33
N VAL HA 36 3.03 -19.39 -31.41
CA VAL HA 36 1.90 -19.78 -30.56
C VAL HA 36 2.37 -20.91 -29.67
N LEU HA 37 2.07 -20.81 -28.38
CA LEU HA 37 2.38 -21.84 -27.40
C LEU HA 37 1.15 -22.70 -27.16
N SER HA 38 1.34 -24.01 -27.09
CA SER HA 38 0.23 -24.93 -26.89
C SER HA 38 0.73 -26.16 -26.13
N ALA HA 39 -0.05 -27.24 -26.17
CA ALA HA 39 0.28 -28.47 -25.48
C ALA HA 39 0.92 -29.46 -26.45
N ALA HA 40 1.95 -30.17 -25.96
CA ALA HA 40 2.69 -31.08 -26.83
C ALA HA 40 1.86 -32.29 -27.22
N HIS HA 41 1.00 -32.78 -26.32
CA HIS HA 41 0.22 -33.98 -26.59
C HIS HA 41 -0.87 -33.74 -27.63
N CYS HA 42 -1.10 -32.50 -28.04
CA CYS HA 42 -2.09 -32.23 -29.08
C CYS HA 42 -1.68 -32.85 -30.41
N LEU HA 43 -0.38 -33.05 -30.62
CA LEU HA 43 0.15 -33.50 -31.90
C LEU HA 43 0.70 -34.92 -31.85
N GLU HA 44 0.47 -35.65 -30.76
CA GLU HA 44 0.97 -37.03 -30.66
C GLU HA 44 0.33 -37.91 -31.72
N ASP HA 45 -0.99 -37.83 -31.86
CA ASP HA 45 -1.73 -38.62 -32.84
C ASP HA 45 -2.02 -37.83 -34.12
N ALA HA 46 -1.40 -36.67 -34.31
CA ALA HA 46 -1.74 -35.82 -35.45
C ALA HA 46 -1.25 -36.41 -36.75
N ALA HA 47 -0.17 -37.19 -36.72
CA ALA HA 47 0.39 -37.88 -37.89
C ALA HA 47 0.70 -36.85 -38.97
N ASP HA 48 0.27 -37.05 -40.22
CA ASP HA 48 0.58 -36.14 -41.31
C ASP HA 48 -0.47 -35.07 -41.53
N GLY HA 49 -1.36 -34.86 -40.55
CA GLY HA 49 -2.41 -33.88 -40.72
C GLY HA 49 -1.87 -32.47 -40.79
N LYS HA 50 -2.61 -31.60 -41.49
CA LYS HA 50 -2.19 -30.23 -41.68
C LYS HA 50 -2.46 -29.43 -40.41
N VAL HA 51 -1.40 -28.91 -39.81
CA VAL HA 51 -1.50 -28.12 -38.58
C VAL HA 51 -1.53 -26.65 -38.94
N GLN HA 52 -2.54 -25.94 -38.41
CA GLN HA 52 -2.69 -24.52 -38.66
C GLN HA 52 -3.17 -23.84 -37.38
N VAL HA 53 -2.94 -22.53 -37.31
CA VAL HA 53 -3.38 -21.72 -36.19
C VAL HA 53 -4.36 -20.67 -36.70
N LEU HA 54 -5.41 -20.42 -35.93
CA LEU HA 54 -6.42 -19.43 -36.27
C LEU HA 54 -6.39 -18.32 -35.22
N LEU HA 55 -6.07 -17.11 -35.64
CA LEU HA 55 -5.94 -15.97 -34.74
C LEU HA 55 -7.08 -14.98 -34.98
N GLY HA 56 -7.35 -14.18 -33.95
CA GLY HA 56 -8.38 -13.16 -34.04
C GLY HA 56 -9.78 -13.71 -34.22
N ALA HA 57 -10.03 -14.92 -33.72
CA ALA HA 57 -11.30 -15.60 -33.93
C ALA HA 57 -12.14 -15.61 -32.67
N HIS HA 58 -13.44 -15.39 -32.84
CA HIS HA 58 -14.43 -15.69 -31.80
C HIS HA 58 -15.27 -16.89 -32.19
N SER HA 59 -15.94 -16.82 -33.34
CA SER HA 59 -16.62 -17.98 -33.90
C SER HA 59 -15.64 -18.75 -34.78
N LEU HA 60 -15.69 -20.08 -34.66
CA LEU HA 60 -14.85 -20.92 -35.51
C LEU HA 60 -15.34 -20.96 -36.94
N SER HA 61 -16.61 -20.63 -37.19
CA SER HA 61 -17.24 -20.80 -38.49
C SER HA 61 -17.74 -19.50 -39.10
N GLN HA 62 -18.33 -18.61 -38.31
CA GLN HA 62 -18.84 -17.35 -38.83
C GLN HA 62 -17.70 -16.48 -39.35
N PRO HA 63 -17.96 -15.64 -40.35
CA PRO HA 63 -16.90 -14.78 -40.88
C PRO HA 63 -16.68 -13.57 -39.99
N GLU HA 64 -15.41 -13.25 -39.75
CA GLU HA 64 -15.04 -12.10 -38.93
C GLU HA 64 -13.85 -11.41 -39.58
N PRO HA 65 -13.83 -10.08 -39.62
CA PRO HA 65 -12.73 -9.38 -40.28
C PRO HA 65 -11.36 -9.73 -39.72
N SER HA 66 -11.26 -9.87 -38.40
CA SER HA 66 -9.96 -10.09 -37.75
C SER HA 66 -9.48 -11.53 -37.88
N LYS HA 67 -10.32 -12.47 -38.29
CA LYS HA 67 -9.91 -13.86 -38.39
C LYS HA 67 -8.89 -14.03 -39.50
N ARG HA 68 -7.85 -14.82 -39.21
CA ARG HA 68 -6.88 -15.17 -40.23
C ARG HA 68 -6.26 -16.52 -39.88
N LEU HA 69 -6.23 -17.43 -40.85
CA LEU HA 69 -5.72 -18.78 -40.64
C LEU HA 69 -4.29 -18.86 -41.15
N TYR HA 70 -3.37 -19.19 -40.24
CA TYR HA 70 -1.94 -19.21 -40.53
C TYR HA 70 -1.46 -20.66 -40.67
N ASP HA 71 -0.61 -20.90 -41.66
CA ASP HA 71 0.08 -22.18 -41.70
C ASP HA 71 1.18 -22.21 -40.65
N VAL HA 72 1.60 -23.42 -40.29
CA VAL HA 72 2.67 -23.61 -39.33
C VAL HA 72 3.94 -23.97 -40.09
N LEU HA 73 4.99 -23.19 -39.88
CA LEU HA 73 6.26 -23.39 -40.56
C LEU HA 73 7.19 -24.32 -39.81
N ARG HA 74 6.96 -24.50 -38.51
CA ARG HA 74 7.88 -25.23 -37.65
C ARG HA 74 7.19 -25.53 -36.32
N ALA HA 75 7.31 -26.77 -35.84
CA ALA HA 75 6.66 -27.20 -34.62
C ALA HA 75 7.70 -27.77 -33.67
N VAL HA 76 7.80 -27.20 -32.48
CA VAL HA 76 8.82 -27.58 -31.51
C VAL HA 76 8.16 -28.10 -30.24
N PRO HA 77 7.92 -29.40 -30.12
CA PRO HA 77 7.51 -29.95 -28.82
C PRO HA 77 8.67 -29.94 -27.86
N HIS HA 78 8.36 -29.81 -26.58
CA HIS HA 78 9.41 -29.87 -25.56
C HIS HA 78 10.13 -31.21 -25.67
N PRO HA 79 11.47 -31.21 -25.72
CA PRO HA 79 12.18 -32.45 -26.06
C PRO HA 79 11.95 -33.59 -25.08
N ASP HA 80 11.50 -33.30 -23.85
CA ASP HA 80 11.31 -34.32 -22.83
C ASP HA 80 9.85 -34.75 -22.70
N SER HA 81 8.99 -34.37 -23.63
CA SER HA 81 7.60 -34.77 -23.58
C SER HA 81 7.43 -36.11 -24.29
N GLN HA 82 6.59 -36.96 -23.73
CA GLN HA 82 6.31 -38.29 -24.24
C GLN HA 82 4.85 -38.61 -23.98
N PRO HA 83 4.29 -39.58 -24.70
CA PRO HA 83 2.85 -39.88 -24.52
C PRO HA 83 2.52 -40.48 -23.17
N ASP HA 84 3.50 -41.03 -22.45
CA ASP HA 84 3.21 -41.74 -21.21
C ASP HA 84 2.99 -40.80 -20.02
N THR HA 85 3.37 -39.53 -20.12
CA THR HA 85 3.33 -38.61 -19.00
C THR HA 85 2.65 -37.31 -19.38
N ILE HA 86 2.31 -36.52 -18.36
CA ILE HA 86 1.83 -35.15 -18.55
C ILE HA 86 2.92 -34.12 -18.31
N ASP HA 87 4.15 -34.57 -18.06
CA ASP HA 87 5.25 -33.64 -17.80
C ASP HA 87 5.72 -32.99 -19.10
N HIS HA 88 6.14 -31.74 -18.98
CA HIS HA 88 6.73 -31.00 -20.10
C HIS HA 88 5.78 -30.92 -21.29
N ASP HA 89 4.49 -30.76 -21.01
CA ASP HA 89 3.47 -30.82 -22.05
C ASP HA 89 3.29 -29.44 -22.69
N LEU HA 90 4.34 -29.01 -23.41
CA LEU HA 90 4.39 -27.71 -24.04
C LEU HA 90 4.80 -27.83 -25.49
N LEU HA 91 4.12 -27.09 -26.35
CA LEU HA 91 4.38 -27.08 -27.78
C LEU HA 91 4.52 -25.64 -28.26
N LEU HA 92 5.51 -25.38 -29.10
CA LEU HA 92 5.75 -24.06 -29.68
C LEU HA 92 5.61 -24.15 -31.18
N LEU HA 93 4.74 -23.32 -31.76
CA LEU HA 93 4.40 -23.36 -33.17
C LEU HA 93 4.81 -22.04 -33.82
N GLN HA 94 5.67 -22.13 -34.85
CA GLN HA 94 6.09 -20.96 -35.61
C GLN HA 94 5.16 -20.76 -36.80
N LEU HA 95 4.51 -19.59 -36.85
CA LEU HA 95 3.57 -19.32 -37.93
C LEU HA 95 4.30 -19.14 -39.26
N SER HA 96 3.57 -19.42 -40.35
CA SER HA 96 4.15 -19.29 -41.68
C SER HA 96 4.62 -17.87 -41.94
N GLU HA 97 3.90 -16.88 -41.43
CA GLU HA 97 4.33 -15.49 -41.50
C GLU HA 97 3.86 -14.78 -40.25
N LYS HA 98 4.46 -13.62 -40.00
CA LYS HA 98 4.20 -12.89 -38.77
C LYS HA 98 2.74 -12.47 -38.69
N ALA HA 99 2.16 -12.61 -37.50
CA ALA HA 99 0.76 -12.29 -37.29
C ALA HA 99 0.52 -10.78 -37.42
N THR HA 100 -0.63 -10.42 -37.98
CA THR HA 100 -1.00 -9.02 -38.14
C THR HA 100 -1.58 -8.50 -36.84
N LEU HA 101 -0.84 -7.65 -36.15
CA LEU HA 101 -1.32 -7.10 -34.88
C LEU HA 101 -2.56 -6.24 -35.11
N GLY HA 102 -3.40 -6.18 -34.09
CA GLY HA 102 -4.61 -5.39 -34.15
C GLY HA 102 -5.37 -5.47 -32.85
N PRO HA 103 -6.52 -4.81 -32.78
CA PRO HA 103 -7.33 -4.87 -31.56
C PRO HA 103 -7.84 -6.27 -31.24
N ALA HA 104 -7.77 -7.20 -32.18
CA ALA HA 104 -8.22 -8.57 -31.95
C ALA HA 104 -7.10 -9.59 -31.97
N VAL HA 105 -5.88 -9.20 -32.30
CA VAL HA 105 -4.72 -10.10 -32.32
C VAL HA 105 -3.60 -9.40 -31.58
N ARG HA 106 -3.20 -9.93 -30.43
CA ARG HA 106 -2.15 -9.33 -29.63
C ARG HA 106 -1.53 -10.38 -28.72
N PRO HA 107 -0.21 -10.47 -28.64
CA PRO HA 107 0.41 -11.45 -27.75
C PRO HA 107 0.16 -11.12 -26.28
N LEU HA 108 0.30 -12.15 -25.45
CA LEU HA 108 0.08 -12.04 -24.01
C LEU HA 108 1.38 -12.27 -23.28
N PRO HA 109 1.80 -11.34 -22.41
CA PRO HA 109 3.01 -11.57 -21.63
C PRO HA 109 2.85 -12.77 -20.69
N TRP HA 110 3.87 -13.62 -20.67
CA TRP HA 110 3.86 -14.86 -19.91
C TRP HA 110 4.83 -14.77 -18.74
N GLN HA 111 4.48 -15.46 -17.65
CA GLN HA 111 5.23 -15.34 -16.41
C GLN HA 111 6.65 -15.89 -16.57
N ARG HA 112 7.64 -15.06 -16.23
CA ARG HA 112 9.04 -15.42 -16.29
C ARG HA 112 9.64 -15.70 -14.92
N VAL HA 113 8.93 -15.35 -13.85
CA VAL HA 113 9.42 -15.50 -12.48
C VAL HA 113 8.82 -16.77 -11.89
N ASP HA 114 9.68 -17.72 -11.54
CA ASP HA 114 9.25 -19.05 -11.09
C ASP HA 114 8.77 -18.99 -9.65
N ARG HA 115 7.52 -18.59 -9.47
CA ARG HA 115 6.88 -18.54 -8.16
C ARG HA 115 5.46 -19.06 -8.29
N ASP HA 116 5.06 -19.95 -7.40
CA ASP HA 116 3.72 -20.53 -7.45
C ASP HA 116 2.65 -19.46 -7.31
N VAL HA 117 1.57 -19.61 -8.08
CA VAL HA 117 0.40 -18.78 -7.87
C VAL HA 117 -0.26 -19.16 -6.55
N ALA HA 118 -0.57 -18.17 -5.74
CA ALA HA 118 -1.15 -18.43 -4.43
C ALA HA 118 -2.45 -19.21 -4.57
N PRO HA 119 -2.59 -20.35 -3.87
CA PRO HA 119 -3.87 -21.07 -3.88
C PRO HA 119 -5.01 -20.14 -3.50
N GLY HA 120 -6.13 -20.29 -4.21
CA GLY HA 120 -7.28 -19.42 -4.04
C GLY HA 120 -7.35 -18.29 -5.04
N THR HA 121 -6.25 -18.00 -5.74
CA THR HA 121 -6.25 -16.97 -6.76
C THR HA 121 -7.21 -17.33 -7.88
N LEU HA 122 -8.03 -16.37 -8.30
CA LEU HA 122 -8.93 -16.60 -9.43
C LEU HA 122 -8.19 -16.37 -10.74
N CYS HA 123 -8.28 -17.34 -11.64
CA CYS HA 123 -7.63 -17.27 -12.94
C CYS HA 123 -8.65 -17.50 -14.04
N ASP HA 124 -8.35 -16.94 -15.22
CA ASP HA 124 -9.23 -16.99 -16.37
C ASP HA 124 -8.70 -18.00 -17.36
N VAL HA 125 -9.57 -18.92 -17.80
CA VAL HA 125 -9.24 -19.91 -18.80
C VAL HA 125 -10.33 -19.91 -19.86
N ALA HA 126 -9.93 -20.05 -21.13
CA ALA HA 126 -10.84 -19.97 -22.25
C ALA HA 126 -10.47 -21.02 -23.29
N GLY HA 127 -11.47 -21.46 -24.05
CA GLY HA 127 -11.23 -22.45 -25.09
C GLY HA 127 -12.51 -22.80 -25.81
N TRP HA 128 -12.35 -23.60 -26.85
CA TRP HA 128 -13.47 -24.08 -27.67
C TRP HA 128 -13.78 -25.55 -27.39
N GLY HA 129 -13.45 -26.03 -26.20
CA GLY HA 129 -13.66 -27.42 -25.85
C GLY HA 129 -15.06 -27.70 -25.31
N ILE HA 130 -15.28 -28.95 -24.96
CA ILE HA 130 -16.50 -29.48 -24.37
C ILE HA 130 -17.14 -28.49 -23.40
N VAL HA 131 -18.45 -28.27 -23.52
CA VAL HA 131 -19.18 -27.34 -22.65
C VAL HA 131 -20.20 -28.05 -21.77
N ASN HA 132 -20.46 -29.33 -21.96
CA ASN HA 132 -21.41 -30.04 -21.13
C ASN HA 132 -21.00 -31.51 -21.02
N HIS HA 133 -21.59 -32.21 -20.05
CA HIS HA 133 -21.20 -33.59 -19.79
C HIS HA 133 -21.51 -34.50 -20.96
N ALA HA 134 -22.37 -34.09 -21.89
CA ALA HA 134 -22.62 -34.88 -23.09
C ALA HA 134 -21.46 -34.82 -24.08
N GLY HA 135 -20.49 -33.93 -23.88
CA GLY HA 135 -19.26 -33.95 -24.65
C GLY HA 135 -19.27 -33.19 -25.95
N ARG HA 136 -20.24 -32.31 -26.17
CA ARG HA 136 -20.36 -31.58 -27.42
C ARG HA 136 -19.67 -30.22 -27.32
N ARG HA 137 -19.30 -29.66 -28.49
CA ARG HA 137 -18.38 -28.53 -28.51
C ARG HA 137 -19.05 -27.25 -29.02
N PRO HA 138 -18.62 -26.08 -28.55
CA PRO HA 138 -19.23 -24.82 -28.95
C PRO HA 138 -18.53 -24.20 -30.16
N ASP HA 139 -19.27 -23.32 -30.83
CA ASP HA 139 -18.75 -22.60 -31.98
C ASP HA 139 -18.03 -21.31 -31.57
N SER HA 140 -18.55 -20.63 -30.56
CA SER HA 140 -17.96 -19.40 -30.07
C SER HA 140 -17.13 -19.66 -28.82
N LEU HA 141 -16.13 -18.83 -28.60
CA LEU HA 141 -15.22 -18.99 -27.47
C LEU HA 141 -16.00 -18.94 -26.16
N GLN HA 142 -15.59 -19.79 -25.22
CA GLN HA 142 -16.15 -19.83 -23.88
C GLN HA 142 -15.04 -19.58 -22.88
N HIS HA 143 -15.41 -19.19 -21.66
CA HIS HA 143 -14.43 -18.91 -20.63
C HIS HA 143 -15.06 -19.10 -19.26
N VAL HA 144 -14.21 -19.27 -18.25
CA VAL HA 144 -14.66 -19.47 -16.88
C VAL HA 144 -13.56 -19.00 -15.94
N LEU HA 145 -13.92 -18.73 -14.68
CA LEU HA 145 -12.98 -18.33 -13.65
C LEU HA 145 -12.77 -19.48 -12.69
N LEU HA 146 -11.51 -19.87 -12.49
CA LEU HA 146 -11.16 -21.00 -11.66
C LEU HA 146 -10.24 -20.56 -10.53
N PRO HA 147 -10.52 -20.95 -9.28
CA PRO HA 147 -9.58 -20.71 -8.20
C PRO HA 147 -8.43 -21.72 -8.26
N VAL HA 148 -7.22 -21.23 -8.01
CA VAL HA 148 -6.06 -22.11 -7.99
C VAL HA 148 -6.11 -23.00 -6.76
N LEU HA 149 -5.82 -24.27 -6.94
CA LEU HA 149 -5.82 -25.26 -5.88
C LEU HA 149 -4.39 -25.51 -5.41
N ASP HA 150 -4.24 -25.75 -4.10
CA ASP HA 150 -2.92 -26.04 -3.56
C ASP HA 150 -2.46 -27.44 -3.97
N ARG HA 151 -1.14 -27.58 -4.12
CA ARG HA 151 -0.59 -28.79 -4.71
C ARG HA 151 -0.75 -30.00 -3.79
N ALA HA 152 -0.77 -29.79 -2.47
CA ALA HA 152 -0.93 -30.90 -1.55
C ALA HA 152 -2.29 -31.56 -1.70
N THR HA 153 -3.34 -30.75 -1.76
CA THR HA 153 -4.68 -31.29 -1.98
C THR HA 153 -4.77 -31.97 -3.34
N CYS HA 154 -4.09 -31.41 -4.34
CA CYS HA 154 -4.13 -31.97 -5.68
C CYS HA 154 -3.41 -33.32 -5.77
N ASN HA 155 -2.48 -33.59 -4.88
CA ASN HA 155 -1.66 -34.80 -4.93
C ASN HA 155 -2.24 -35.96 -4.11
N ARG HA 156 -3.41 -35.80 -3.50
CA ARG HA 156 -4.01 -36.87 -2.72
C ARG HA 156 -4.33 -38.07 -3.59
N ARG HA 157 -4.41 -39.25 -2.95
CA ARG HA 157 -4.70 -40.47 -3.69
C ARG HA 157 -6.06 -40.39 -4.37
N THR HA 158 -7.02 -39.72 -3.76
CA THR HA 158 -8.32 -39.52 -4.41
C THR HA 158 -8.20 -38.61 -5.63
N HIS HA 159 -7.19 -37.77 -5.68
CA HIS HA 159 -7.05 -36.82 -6.77
C HIS HA 159 -6.04 -37.33 -7.81
N HIS HA 160 -4.92 -36.63 -7.97
CA HIS HA 160 -3.95 -37.00 -8.99
C HIS HA 160 -2.76 -37.75 -8.43
N ASP HA 161 -2.77 -38.09 -7.14
CA ASP HA 161 -1.92 -39.11 -6.57
C ASP HA 161 -0.43 -38.83 -6.81
N GLY HA 162 0.01 -37.65 -6.37
CA GLY HA 162 1.41 -37.32 -6.43
C GLY HA 162 1.96 -37.06 -7.81
N ALA HA 163 1.09 -36.81 -8.80
CA ALA HA 163 1.53 -36.56 -10.16
C ALA HA 163 1.77 -35.08 -10.45
N ILE HA 164 1.46 -34.19 -9.50
CA ILE HA 164 1.55 -32.76 -9.73
C ILE HA 164 2.94 -32.31 -9.25
N THR HA 165 3.88 -32.20 -10.17
CA THR HA 165 5.22 -31.75 -9.85
C THR HA 165 5.22 -30.25 -9.58
N GLU HA 166 6.39 -29.73 -9.20
CA GLU HA 166 6.51 -28.30 -8.98
C GLU HA 166 6.43 -27.50 -10.26
N ARG HA 167 6.50 -28.16 -11.43
CA ARG HA 167 6.35 -27.49 -12.71
C ARG HA 167 4.91 -27.53 -13.21
N LEU HA 168 3.98 -28.03 -12.41
CA LEU HA 168 2.56 -28.06 -12.73
C LEU HA 168 1.78 -27.34 -11.64
N MET HA 169 0.55 -26.97 -11.98
CA MET HA 169 -0.35 -26.35 -11.03
C MET HA 169 -1.77 -26.84 -11.28
N CYS HA 170 -2.62 -26.67 -10.27
CA CYS HA 170 -3.99 -27.17 -10.30
C CYS HA 170 -4.98 -26.05 -10.09
N ALA HA 171 -6.18 -26.24 -10.64
CA ALA HA 171 -7.31 -25.37 -10.38
C ALA HA 171 -8.53 -26.24 -10.06
N GLU HA 172 -9.49 -25.65 -9.35
CA GLU HA 172 -10.67 -26.39 -8.95
C GLU HA 172 -11.45 -26.84 -10.19
N SER HA 173 -12.22 -27.91 -10.01
CA SER HA 173 -12.96 -28.50 -11.12
C SER HA 173 -14.40 -28.84 -10.75
N ASN HA 174 -14.92 -28.27 -9.67
CA ASN HA 174 -16.28 -28.57 -9.21
C ASN HA 174 -17.25 -27.75 -10.04
N ARG HA 175 -17.84 -28.39 -11.07
CA ARG HA 175 -18.84 -27.80 -11.95
C ARG HA 175 -18.26 -26.74 -12.88
N ARG HA 176 -17.07 -26.23 -12.56
CA ARG HA 176 -16.33 -25.32 -13.42
C ARG HA 176 -14.98 -25.95 -13.71
N ASP HA 177 -14.65 -26.12 -14.99
CA ASP HA 177 -13.42 -26.82 -15.34
C ASP HA 177 -13.03 -26.50 -16.78
N SER HA 178 -11.83 -26.93 -17.15
CA SER HA 178 -11.36 -26.93 -18.53
C SER HA 178 -11.34 -28.37 -19.04
N CYS HA 179 -11.86 -28.58 -20.25
CA CYS HA 179 -12.15 -29.91 -20.75
C CYS HA 179 -11.30 -30.21 -21.98
N LYS HA 180 -11.52 -31.40 -22.54
CA LYS HA 180 -10.87 -31.77 -23.79
C LYS HA 180 -11.20 -30.77 -24.88
N GLY HA 181 -10.20 -30.37 -25.65
CA GLY HA 181 -10.34 -29.32 -26.61
C GLY HA 181 -9.92 -27.95 -26.11
N ASP HA 182 -9.87 -27.78 -24.80
CA ASP HA 182 -9.27 -26.59 -24.19
C ASP HA 182 -7.79 -26.76 -23.93
N SER HA 183 -7.22 -27.93 -24.22
CA SER HA 183 -5.81 -28.16 -24.00
C SER HA 183 -4.97 -27.20 -24.81
N GLY HA 184 -3.78 -26.88 -24.30
CA GLY HA 184 -2.92 -25.90 -24.92
C GLY HA 184 -3.40 -24.47 -24.78
N GLY HA 185 -4.54 -24.23 -24.14
CA GLY HA 185 -5.05 -22.90 -23.97
C GLY HA 185 -4.50 -22.22 -22.74
N PRO HA 186 -4.86 -20.95 -22.54
CA PRO HA 186 -4.23 -20.15 -21.49
C PRO HA 186 -4.95 -20.22 -20.14
N LEU HA 187 -4.15 -20.30 -19.09
CA LEU HA 187 -4.60 -20.03 -17.73
C LEU HA 187 -3.97 -18.69 -17.33
N VAL HA 188 -4.79 -17.65 -17.25
CA VAL HA 188 -4.32 -16.29 -17.04
C VAL HA 188 -4.70 -15.87 -15.63
N CYS HA 189 -3.70 -15.47 -14.84
CA CYS HA 189 -3.90 -14.95 -13.49
C CYS HA 189 -3.29 -13.56 -13.44
N GLY HA 190 -4.12 -12.57 -13.11
CA GLY HA 190 -3.64 -11.20 -13.05
C GLY HA 190 -3.16 -10.66 -14.38
N GLY HA 191 -3.89 -10.98 -15.46
CA GLY HA 191 -3.54 -10.49 -16.77
C GLY HA 191 -2.26 -11.05 -17.35
N VAL HA 192 -1.70 -12.09 -16.74
CA VAL HA 192 -0.44 -12.68 -17.16
C VAL HA 192 -0.63 -14.17 -17.38
N LEU HA 193 -0.05 -14.70 -18.45
CA LEU HA 193 -0.11 -16.13 -18.73
C LEU HA 193 0.69 -16.88 -17.67
N GLU HA 194 0.01 -17.64 -16.81
CA GLU HA 194 0.67 -18.47 -15.82
C GLU HA 194 0.72 -19.94 -16.21
N GLY HA 195 -0.34 -20.47 -16.82
CA GLY HA 195 -0.43 -21.89 -17.09
C GLY HA 195 -0.95 -22.18 -18.48
N VAL HA 196 -0.59 -23.37 -18.97
CA VAL HA 196 -1.08 -23.89 -20.25
C VAL HA 196 -1.86 -25.17 -19.96
N VAL HA 197 -3.13 -25.18 -20.39
CA VAL HA 197 -3.99 -26.33 -20.13
C VAL HA 197 -3.37 -27.59 -20.72
N THR HA 198 -3.41 -28.68 -19.96
CA THR HA 198 -2.98 -29.99 -20.46
C THR HA 198 -4.18 -30.91 -20.61
N SER HA 199 -4.82 -31.34 -19.51
CA SER HA 199 -5.99 -32.21 -19.57
C SER HA 199 -5.72 -33.46 -20.42
N GLY HA 200 -6.38 -33.55 -21.57
CA GLY HA 200 -6.10 -34.57 -22.55
C GLY HA 200 -6.78 -35.90 -22.28
N SER HA 201 -6.42 -36.55 -21.18
CA SER HA 201 -6.96 -37.86 -20.81
C SER HA 201 -7.85 -37.80 -19.58
N ARG HA 202 -8.29 -36.62 -19.18
CA ARG HA 202 -9.01 -36.42 -17.93
C ARG HA 202 -10.43 -35.97 -18.22
N VAL HA 203 -11.40 -36.61 -17.58
CA VAL HA 203 -12.80 -36.20 -17.70
C VAL HA 203 -13.02 -35.02 -16.76
N CYS HA 204 -13.63 -33.96 -17.29
CA CYS HA 204 -13.75 -32.71 -16.55
C CYS HA 204 -15.06 -32.64 -15.79
N GLY HA 205 -15.09 -31.77 -14.79
CA GLY HA 205 -16.28 -31.52 -14.00
C GLY HA 205 -16.36 -32.27 -12.70
N ASN HA 206 -15.42 -33.18 -12.44
CA ASN HA 206 -15.38 -33.94 -11.20
C ASN HA 206 -14.47 -33.23 -10.20
N ARG HA 207 -15.02 -32.90 -9.02
CA ARG HA 207 -14.25 -32.12 -8.06
C ARG HA 207 -13.07 -32.91 -7.51
N LYS HA 208 -13.14 -34.24 -7.50
CA LYS HA 208 -12.05 -35.05 -7.01
C LYS HA 208 -10.91 -35.18 -8.01
N LYS HA 209 -11.08 -34.67 -9.24
CA LYS HA 209 -10.06 -34.74 -10.28
C LYS HA 209 -9.81 -33.33 -10.81
N PRO HA 210 -8.99 -32.54 -10.12
CA PRO HA 210 -8.78 -31.14 -10.51
C PRO HA 210 -8.16 -31.03 -11.89
N GLY HA 211 -8.26 -29.83 -12.46
CA GLY HA 211 -7.59 -29.56 -13.72
C GLY HA 211 -6.11 -29.31 -13.50
N ILE HA 212 -5.31 -29.81 -14.44
CA ILE HA 212 -3.86 -29.67 -14.40
C ILE HA 212 -3.44 -28.64 -15.43
N TYR HA 213 -2.44 -27.83 -15.09
CA TYR HA 213 -1.98 -26.76 -15.97
C TYR HA 213 -0.46 -26.68 -15.86
N THR HA 214 0.21 -26.65 -17.00
CA THR HA 214 1.67 -26.57 -17.02
C THR HA 214 2.12 -25.14 -16.74
N ARG HA 215 3.06 -25.00 -15.80
CA ARG HA 215 3.53 -23.69 -15.38
C ARG HA 215 4.59 -23.20 -16.34
N VAL HA 216 4.29 -22.11 -17.06
CA VAL HA 216 5.21 -21.61 -18.09
C VAL HA 216 6.51 -21.11 -17.46
N ALA HA 217 6.43 -20.52 -16.28
CA ALA HA 217 7.64 -20.01 -15.62
C ALA HA 217 8.68 -21.11 -15.44
N SER HA 218 8.24 -22.34 -15.16
CA SER HA 218 9.16 -23.47 -15.02
C SER HA 218 9.88 -23.80 -16.32
N TYR HA 219 9.49 -23.19 -17.44
CA TYR HA 219 10.07 -23.52 -18.75
C TYR HA 219 10.56 -22.27 -19.46
N ALA HA 220 10.81 -21.18 -18.73
CA ALA HA 220 11.22 -19.92 -19.36
C ALA HA 220 12.48 -20.08 -20.17
N ALA HA 221 13.46 -20.83 -19.65
CA ALA HA 221 14.71 -21.04 -20.36
C ALA HA 221 14.49 -21.70 -21.71
N TRP HA 222 13.63 -22.72 -21.76
CA TRP HA 222 13.36 -23.40 -23.02
C TRP HA 222 12.56 -22.51 -23.96
N ILE HA 223 11.55 -21.81 -23.44
CA ILE HA 223 10.74 -20.94 -24.28
C ILE HA 223 11.60 -19.86 -24.93
N ASP HA 224 12.52 -19.28 -24.16
CA ASP HA 224 13.39 -18.23 -24.70
C ASP HA 224 14.35 -18.78 -25.75
N SER HA 225 14.78 -20.04 -25.61
CA SER HA 225 15.72 -20.62 -26.56
C SER HA 225 15.05 -20.90 -27.90
N VAL HA 226 13.74 -21.03 -27.94
CA VAL HA 226 13.01 -21.35 -29.16
C VAL HA 226 12.45 -20.09 -29.82
N LEU HA 227 11.86 -19.20 -29.03
CA LEU HA 227 11.25 -17.99 -29.56
C LEU HA 227 12.28 -17.12 -30.26
N ALA HA 228 11.87 -16.52 -31.38
CA ALA HA 228 12.73 -15.64 -32.16
C ALA HA 228 11.91 -14.73 -33.06
N ASP IA 1 -19.31 -42.48 9.28
CA ASP IA 1 -18.21 -43.42 9.30
C ASP IA 1 -18.47 -44.57 8.32
N ILE IA 2 -17.49 -44.84 7.47
CA ILE IA 2 -17.54 -45.97 6.54
C ILE IA 2 -16.75 -47.12 7.14
N GLN IA 3 -17.39 -48.28 7.26
CA GLN IA 3 -16.77 -49.45 7.85
C GLN IA 3 -16.17 -50.33 6.77
N MET IA 4 -14.97 -50.84 7.04
CA MET IA 4 -14.30 -51.82 6.18
C MET IA 4 -14.26 -53.14 6.93
N THR IA 5 -14.96 -54.14 6.40
CA THR IA 5 -15.04 -55.46 7.02
C THR IA 5 -14.25 -56.44 6.15
N GLN IA 6 -13.05 -56.80 6.60
CA GLN IA 6 -12.13 -57.62 5.83
C GLN IA 6 -12.28 -59.09 6.21
N SER IA 7 -12.35 -59.95 5.20
CA SER IA 7 -12.57 -61.38 5.40
C SER IA 7 -11.66 -62.18 4.48
N PRO IA 8 -11.11 -63.31 4.95
CA PRO IA 8 -11.31 -63.84 6.30
C PRO IA 8 -10.27 -63.31 7.28
N SER IA 9 -10.40 -63.69 8.56
CA SER IA 9 -9.43 -63.28 9.56
C SER IA 9 -8.06 -63.91 9.30
N SER IA 10 -8.05 -65.22 9.07
CA SER IA 10 -6.83 -65.94 8.73
C SER IA 10 -7.12 -66.85 7.55
N LEU IA 11 -6.05 -67.37 6.95
CA LEU IA 11 -6.16 -68.11 5.70
C LEU IA 11 -4.91 -68.96 5.53
N SER IA 12 -5.10 -70.26 5.33
CA SER IA 12 -4.00 -71.21 5.19
C SER IA 12 -3.89 -71.67 3.75
N ALA IA 13 -2.69 -71.58 3.19
CA ALA IA 13 -2.46 -72.00 1.82
C ALA IA 13 -1.02 -72.48 1.68
N SER IA 14 -0.79 -73.25 0.63
CA SER IA 14 0.54 -73.73 0.28
C SER IA 14 1.15 -72.83 -0.78
N VAL IA 15 2.48 -72.88 -0.87
CA VAL IA 15 3.19 -72.11 -1.88
C VAL IA 15 2.69 -72.52 -3.26
N GLY IA 16 2.39 -71.53 -4.10
CA GLY IA 16 1.93 -71.77 -5.45
C GLY IA 16 0.43 -71.67 -5.63
N ASP IA 17 -0.34 -71.57 -4.54
CA ASP IA 17 -1.78 -71.50 -4.64
C ASP IA 17 -2.23 -70.10 -5.06
N ARG IA 18 -3.44 -70.03 -5.63
CA ARG IA 18 -4.12 -68.78 -5.85
C ARG IA 18 -4.99 -68.48 -4.63
N VAL IA 19 -4.79 -67.31 -4.04
CA VAL IA 19 -5.41 -66.96 -2.77
C VAL IA 19 -6.12 -65.62 -2.90
N THR IA 20 -7.25 -65.50 -2.20
CA THR IA 20 -8.13 -64.34 -2.32
C THR IA 20 -8.40 -63.75 -0.94
N ILE IA 21 -8.21 -62.43 -0.82
CA ILE IA 21 -8.57 -61.68 0.37
C ILE IA 21 -9.63 -60.67 -0.03
N THR IA 22 -10.62 -60.48 0.84
CA THR IA 22 -11.80 -59.70 0.52
C THR IA 22 -12.00 -58.60 1.56
N CYS IA 23 -12.58 -57.48 1.11
CA CYS IA 23 -12.82 -56.31 1.95
C CYS IA 23 -14.12 -55.67 1.50
N LYS IA 24 -15.07 -55.52 2.41
CA LYS IA 24 -16.41 -55.03 2.09
C LYS IA 24 -16.67 -53.71 2.82
N ALA IA 25 -16.91 -52.65 2.06
CA ALA IA 25 -17.25 -51.36 2.62
C ALA IA 25 -18.75 -51.25 2.87
N SER IA 26 -19.11 -50.50 3.91
CA SER IA 26 -20.50 -50.33 4.30
C SER IA 26 -21.26 -49.33 3.43
N GLN IA 27 -20.58 -48.70 2.47
CA GLN IA 27 -21.22 -47.88 1.45
C GLN IA 27 -20.20 -47.65 0.35
N ASN IA 28 -20.68 -47.07 -0.77
CA ASN IA 28 -19.82 -46.90 -1.93
C ASN IA 28 -18.60 -46.06 -1.58
N VAL IA 29 -17.42 -46.53 -2.02
CA VAL IA 29 -16.18 -45.78 -1.84
C VAL IA 29 -15.48 -45.68 -3.19
N ASP IA 30 -16.23 -45.91 -4.27
CA ASP IA 30 -15.73 -45.84 -5.64
C ASP IA 30 -14.56 -46.80 -5.79
N THR IA 31 -13.35 -46.33 -6.10
CA THR IA 31 -12.18 -47.18 -6.16
C THR IA 31 -11.11 -46.71 -5.18
N ASP IA 32 -11.51 -45.88 -4.22
CA ASP IA 32 -10.58 -45.26 -3.27
C ASP IA 32 -10.24 -46.26 -2.16
N VAL IA 33 -9.56 -47.33 -2.57
CA VAL IA 33 -9.22 -48.43 -1.69
C VAL IA 33 -7.75 -48.76 -1.87
N ALA IA 34 -7.04 -48.93 -0.75
CA ALA IA 34 -5.63 -49.28 -0.75
C ALA IA 34 -5.43 -50.60 -0.03
N TRP IA 35 -4.39 -51.34 -0.44
CA TRP IA 35 -4.02 -52.60 0.17
C TRP IA 35 -2.60 -52.52 0.70
N PHE IA 36 -2.40 -52.98 1.94
CA PHE IA 36 -1.11 -52.94 2.59
C PHE IA 36 -0.68 -54.34 3.00
N GLN IA 37 0.64 -54.55 3.04
CA GLN IA 37 1.25 -55.79 3.51
C GLN IA 37 2.12 -55.49 4.71
N GLN IA 38 2.06 -56.36 5.72
CA GLN IA 38 2.84 -56.17 6.93
C GLN IA 38 3.41 -57.50 7.39
N LYS IA 39 4.72 -57.54 7.58
CA LYS IA 39 5.42 -58.67 8.13
C LYS IA 39 5.73 -58.42 9.60
N PRO IA 40 5.92 -59.49 10.39
CA PRO IA 40 6.02 -59.32 11.85
C PRO IA 40 7.18 -58.40 12.23
N GLY IA 41 6.86 -57.39 13.04
CA GLY IA 41 7.85 -56.46 13.55
C GLY IA 41 8.27 -55.38 12.58
N LYS IA 42 7.77 -55.39 11.34
CA LYS IA 42 8.12 -54.40 10.34
C LYS IA 42 6.93 -53.49 10.03
N ALA IA 43 7.23 -52.37 9.40
CA ALA IA 43 6.22 -51.37 9.09
C ALA IA 43 5.34 -51.82 7.92
N PRO IA 44 4.08 -51.39 7.90
CA PRO IA 44 3.22 -51.74 6.76
C PRO IA 44 3.78 -51.20 5.46
N LYS IA 45 3.66 -52.00 4.41
CA LYS IA 45 4.15 -51.68 3.08
C LYS IA 45 2.99 -51.53 2.11
N GLY IA 46 3.04 -50.47 1.29
CA GLY IA 46 1.99 -50.27 0.32
C GLY IA 46 2.11 -51.25 -0.83
N LEU IA 47 0.97 -51.81 -1.22
CA LEU IA 47 0.89 -52.71 -2.37
C LEU IA 47 0.10 -52.13 -3.52
N ILE IA 48 -1.13 -51.69 -3.25
CA ILE IA 48 -2.07 -51.28 -4.30
C ILE IA 48 -2.83 -50.05 -3.80
N ARG IA 49 -3.09 -49.12 -4.72
CA ARG IA 49 -3.98 -47.99 -4.50
C ARG IA 49 -4.97 -47.93 -5.65
N SER IA 50 -5.99 -47.08 -5.50
CA SER IA 50 -7.03 -46.93 -6.50
C SER IA 50 -7.63 -48.28 -6.87
N ALA IA 51 -7.80 -49.13 -5.86
CA ALA IA 51 -8.36 -50.48 -5.98
C ALA IA 51 -7.48 -51.44 -6.78
N SER IA 52 -6.76 -50.94 -7.79
CA SER IA 52 -6.02 -51.85 -8.68
C SER IA 52 -4.64 -51.38 -9.10
N SER IA 53 -4.23 -50.14 -8.82
CA SER IA 53 -2.92 -49.65 -9.26
C SER IA 53 -1.83 -50.17 -8.33
N ARG IA 54 -0.97 -51.04 -8.85
CA ARG IA 54 0.19 -51.50 -8.09
C ARG IA 54 1.21 -50.38 -7.93
N TYR IA 55 1.93 -50.42 -6.81
CA TYR IA 55 3.05 -49.53 -6.61
C TYR IA 55 4.29 -50.08 -7.30
N SER IA 56 5.31 -49.24 -7.43
CA SER IA 56 6.56 -49.66 -8.04
C SER IA 56 7.23 -50.74 -7.19
N GLY IA 57 7.74 -51.77 -7.86
CA GLY IA 57 8.43 -52.84 -7.18
C GLY IA 57 7.54 -53.90 -6.57
N VAL IA 58 6.23 -53.80 -6.76
CA VAL IA 58 5.30 -54.84 -6.31
C VAL IA 58 5.18 -55.88 -7.42
N PRO IA 59 5.37 -57.16 -7.10
CA PRO IA 59 5.29 -58.20 -8.14
C PRO IA 59 3.91 -58.26 -8.77
N SER IA 60 3.87 -58.75 -10.01
CA SER IA 60 2.62 -58.81 -10.77
C SER IA 60 1.64 -59.84 -10.23
N ARG IA 61 2.07 -60.74 -9.34
CA ARG IA 61 1.14 -61.71 -8.79
C ARG IA 61 0.15 -61.09 -7.82
N PHE IA 62 0.42 -59.87 -7.34
CA PHE IA 62 -0.54 -59.11 -6.55
C PHE IA 62 -1.40 -58.29 -7.49
N SER IA 63 -2.72 -58.51 -7.45
CA SER IA 63 -3.64 -57.72 -8.25
C SER IA 63 -4.82 -57.31 -7.39
N GLY IA 64 -5.37 -56.16 -7.71
CA GLY IA 64 -6.51 -55.61 -6.97
C GLY IA 64 -7.70 -55.44 -7.88
N SER IA 65 -8.88 -55.72 -7.36
CA SER IA 65 -10.11 -55.61 -8.12
C SER IA 65 -11.19 -54.97 -7.26
N GLY IA 66 -12.12 -54.28 -7.91
CA GLY IA 66 -13.30 -53.81 -7.23
C GLY IA 66 -13.64 -52.35 -7.46
N SER IA 67 -14.94 -52.04 -7.35
CA SER IA 67 -15.44 -50.68 -7.39
C SER IA 67 -16.79 -50.67 -6.70
N GLY IA 68 -16.97 -49.75 -5.76
CA GLY IA 68 -18.20 -49.67 -5.00
C GLY IA 68 -18.04 -50.10 -3.56
N THR IA 69 -18.48 -51.31 -3.24
CA THR IA 69 -18.46 -51.79 -1.87
C THR IA 69 -17.56 -52.99 -1.64
N ASP IA 70 -17.34 -53.84 -2.65
CA ASP IA 70 -16.67 -55.12 -2.46
C ASP IA 70 -15.37 -55.15 -3.24
N PHE IA 71 -14.26 -55.32 -2.52
CA PHE IA 71 -12.92 -55.26 -3.09
C PHE IA 71 -12.15 -56.53 -2.76
N THR IA 72 -11.26 -56.92 -3.66
CA THR IA 72 -10.61 -58.22 -3.59
C THR IA 72 -9.13 -58.07 -3.93
N LEU IA 73 -8.26 -58.43 -2.99
CA LEU IA 73 -6.85 -58.62 -3.27
C LEU IA 73 -6.60 -60.07 -3.65
N THR IA 74 -5.87 -60.27 -4.75
CA THR IA 74 -5.66 -61.60 -5.31
C THR IA 74 -4.16 -61.86 -5.46
N ILE IA 75 -3.69 -62.98 -4.93
CA ILE IA 75 -2.32 -63.43 -5.12
C ILE IA 75 -2.37 -64.68 -6.00
N SER IA 76 -1.88 -64.57 -7.23
CA SER IA 76 -2.05 -65.64 -8.21
C SER IA 76 -1.25 -66.87 -7.83
N SER IA 77 0.03 -66.70 -7.50
CA SER IA 77 0.92 -67.81 -7.15
C SER IA 77 1.67 -67.44 -5.88
N LEU IA 78 1.19 -67.92 -4.74
CA LEU IA 78 1.75 -67.55 -3.45
C LEU IA 78 3.22 -67.93 -3.36
N GLN IA 79 4.05 -66.97 -2.98
CA GLN IA 79 5.48 -67.15 -2.80
C GLN IA 79 5.82 -67.19 -1.31
N PRO IA 80 6.94 -67.81 -0.94
CA PRO IA 80 7.26 -67.94 0.50
C PRO IA 80 7.32 -66.61 1.23
N GLU IA 81 7.74 -65.53 0.57
CA GLU IA 81 7.77 -64.23 1.22
C GLU IA 81 6.42 -63.52 1.21
N ASP IA 82 5.40 -64.13 0.63
CA ASP IA 82 4.07 -63.52 0.61
C ASP IA 82 3.24 -63.84 1.84
N PHE IA 83 3.68 -64.78 2.68
CA PHE IA 83 2.95 -65.11 3.90
C PHE IA 83 3.16 -63.99 4.91
N ALA IA 84 2.11 -63.24 5.18
CA ALA IA 84 2.16 -62.06 6.04
C ALA IA 84 0.73 -61.67 6.38
N THR IA 85 0.56 -60.47 6.93
CA THR IA 85 -0.75 -59.93 7.24
C THR IA 85 -1.05 -58.80 6.29
N TYR IA 86 -2.28 -58.76 5.79
CA TYR IA 86 -2.70 -57.80 4.77
C TYR IA 86 -3.86 -56.97 5.29
N TYR IA 87 -3.80 -55.66 5.01
CA TYR IA 87 -4.81 -54.71 5.46
C TYR IA 87 -5.35 -53.94 4.26
N CYS IA 88 -6.67 -53.78 4.22
CA CYS IA 88 -7.32 -52.87 3.28
C CYS IA 88 -7.59 -51.55 3.96
N GLN IA 89 -7.61 -50.48 3.18
CA GLN IA 89 -7.92 -49.15 3.69
C GLN IA 89 -8.84 -48.44 2.72
N GLN IA 90 -9.84 -47.74 3.27
CA GLN IA 90 -10.72 -46.88 2.50
C GLN IA 90 -10.29 -45.44 2.74
N TYR IA 91 -10.01 -44.71 1.64
CA TYR IA 91 -9.65 -43.30 1.74
C TYR IA 91 -10.64 -42.42 0.98
N ASN IA 92 -11.86 -42.91 0.82
CA ASN IA 92 -12.89 -42.19 0.08
C ASN IA 92 -13.54 -41.09 0.92
N ASN IA 93 -13.57 -41.25 2.24
CA ASN IA 93 -14.39 -40.40 3.09
C ASN IA 93 -13.81 -40.37 4.50
N TYR IA 94 -13.91 -39.22 5.15
CA TYR IA 94 -13.35 -39.08 6.49
C TYR IA 94 -14.33 -39.63 7.53
N PRO IA 95 -13.82 -40.33 8.56
CA PRO IA 95 -12.40 -40.62 8.71
C PRO IA 95 -11.94 -41.81 7.89
N LEU IA 96 -10.66 -41.85 7.55
CA LEU IA 96 -10.11 -43.00 6.87
C LEU IA 96 -10.14 -44.20 7.80
N THR IA 97 -10.50 -45.36 7.26
CA THR IA 97 -10.67 -46.57 8.06
C THR IA 97 -9.94 -47.73 7.42
N PHE IA 98 -9.38 -48.60 8.26
CA PHE IA 98 -8.70 -49.81 7.83
C PHE IA 98 -9.59 -51.02 8.05
N GLY IA 99 -9.26 -52.11 7.35
CA GLY IA 99 -9.83 -53.40 7.69
C GLY IA 99 -9.08 -54.03 8.85
N GLN IA 100 -9.75 -54.97 9.52
CA GLN IA 100 -9.16 -55.56 10.72
C GLN IA 100 -7.96 -56.44 10.41
N GLY IA 101 -7.78 -56.84 9.15
CA GLY IA 101 -6.59 -57.54 8.73
C GLY IA 101 -6.88 -58.99 8.36
N THR IA 102 -5.97 -59.56 7.57
CA THR IA 102 -6.03 -60.96 7.17
C THR IA 102 -4.62 -61.54 7.23
N LYS IA 103 -4.45 -62.62 8.00
CA LYS IA 103 -3.15 -63.25 8.18
C LYS IA 103 -3.08 -64.50 7.31
N VAL IA 104 -2.09 -64.54 6.42
CA VAL IA 104 -1.90 -65.66 5.49
C VAL IA 104 -0.77 -66.53 6.03
N GLU IA 105 -1.09 -67.80 6.32
CA GLU IA 105 -0.15 -68.73 6.93
C GLU IA 105 -0.01 -69.96 6.04
N ILE IA 106 1.05 -70.73 6.31
CA ILE IA 106 1.38 -71.89 5.48
C ILE IA 106 0.56 -73.10 5.93
N LYS IA 107 -0.01 -73.82 4.96
CA LYS IA 107 -0.71 -75.06 5.26
C LYS IA 107 0.31 -76.19 5.43
N ARG IA 108 -0.01 -77.10 6.35
CA ARG IA 108 0.93 -78.14 6.74
C ARG IA 108 0.15 -79.36 7.19
N THR IA 109 0.85 -80.50 7.26
CA THR IA 109 0.27 -81.69 7.85
C THR IA 109 0.21 -81.55 9.37
N VAL IA 110 -0.83 -82.14 9.96
CA VAL IA 110 -1.06 -82.00 11.40
C VAL IA 110 0.12 -82.57 12.16
N ALA IA 111 0.46 -81.93 13.28
CA ALA IA 111 1.59 -82.35 14.10
C ALA IA 111 1.27 -82.16 15.57
N ALA IA 112 1.56 -83.18 16.37
CA ALA IA 112 1.35 -83.13 17.81
C ALA IA 112 2.53 -82.46 18.50
N PRO IA 113 2.31 -81.79 19.63
CA PRO IA 113 3.40 -81.08 20.30
C PRO IA 113 4.18 -81.95 21.27
N SER IA 114 5.46 -81.60 21.42
CA SER IA 114 6.33 -82.19 22.42
C SER IA 114 6.13 -81.42 23.72
N VAL IA 115 5.35 -82.01 24.64
CA VAL IA 115 4.96 -81.30 25.86
C VAL IA 115 6.05 -81.42 26.90
N PHE IA 116 6.38 -80.30 27.55
CA PHE IA 116 7.35 -80.25 28.63
C PHE IA 116 6.74 -79.49 29.80
N ILE IA 117 7.46 -79.51 30.93
CA ILE IA 117 7.03 -78.79 32.12
C ILE IA 117 8.27 -78.51 32.96
N PHE IA 118 8.27 -77.34 33.61
CA PHE IA 118 9.43 -76.87 34.37
C PHE IA 118 8.99 -76.39 35.74
N PRO IA 119 9.54 -76.94 36.82
CA PRO IA 119 9.22 -76.42 38.16
C PRO IA 119 9.95 -75.10 38.40
N PRO IA 120 9.50 -74.31 39.37
CA PRO IA 120 10.18 -73.04 39.65
C PRO IA 120 11.54 -73.29 40.28
N SER IA 121 12.55 -72.57 39.78
CA SER IA 121 13.91 -72.73 40.30
C SER IA 121 14.01 -72.22 41.73
N ASP IA 122 15.06 -72.66 42.41
CA ASP IA 122 15.27 -72.25 43.79
C ASP IA 122 15.60 -70.76 43.90
N GLU IA 123 16.25 -70.20 42.88
CA GLU IA 123 16.64 -68.79 42.95
C GLU IA 123 15.41 -67.87 42.91
N GLN IA 124 14.37 -68.26 42.17
CA GLN IA 124 13.14 -67.49 42.16
C GLN IA 124 12.38 -67.66 43.48
N LEU IA 125 12.41 -68.86 44.05
CA LEU IA 125 11.70 -69.14 45.29
C LEU IA 125 12.27 -68.40 46.49
N LYS IA 126 13.42 -67.73 46.34
CA LYS IA 126 13.93 -66.90 47.42
C LYS IA 126 13.09 -65.63 47.60
N SER IA 127 12.36 -65.22 46.57
CA SER IA 127 11.39 -64.16 46.70
C SER IA 127 10.01 -64.79 46.94
N GLY IA 128 8.95 -63.99 46.86
CA GLY IA 128 7.63 -64.48 47.21
C GLY IA 128 6.76 -64.87 46.03
N THR IA 129 7.37 -65.35 44.94
CA THR IA 129 6.62 -65.73 43.75
C THR IA 129 7.22 -67.01 43.16
N ALA IA 130 6.36 -67.81 42.55
CA ALA IA 130 6.76 -69.07 41.93
C ALA IA 130 5.99 -69.24 40.63
N SER IA 131 6.72 -69.41 39.52
CA SER IA 131 6.13 -69.52 38.20
C SER IA 131 6.39 -70.91 37.63
N VAL IA 132 5.34 -71.55 37.12
CA VAL IA 132 5.43 -72.88 36.53
C VAL IA 132 5.17 -72.77 35.03
N VAL IA 133 6.07 -73.34 34.23
CA VAL IA 133 6.03 -73.21 32.78
C VAL IA 133 5.64 -74.55 32.17
N CYS IA 134 4.74 -74.49 31.18
CA CYS IA 134 4.31 -75.66 30.42
C CYS IA 134 4.52 -75.35 28.94
N LEU IA 135 5.41 -76.11 28.30
CA LEU IA 135 5.84 -75.83 26.93
C LEU IA 135 5.22 -76.83 25.96
N LEU IA 136 4.69 -76.32 24.85
CA LEU IA 136 4.20 -77.12 23.73
C LEU IA 136 5.06 -76.78 22.53
N ASN IA 137 5.84 -77.74 22.04
CA ASN IA 137 6.87 -77.48 21.05
C ASN IA 137 6.49 -78.07 19.70
N ASN IA 138 6.53 -77.23 18.66
CA ASN IA 138 6.43 -77.65 17.26
C ASN IA 138 5.16 -78.44 16.98
N PHE IA 139 4.05 -77.75 16.71
CA PHE IA 139 2.78 -78.40 16.43
C PHE IA 139 2.02 -77.59 15.39
N TYR IA 140 0.96 -78.21 14.85
CA TYR IA 140 0.12 -77.59 13.83
C TYR IA 140 -1.22 -78.31 13.83
N PRO IA 141 -2.34 -77.59 13.75
CA PRO IA 141 -2.46 -76.13 13.64
C PRO IA 141 -2.28 -75.40 14.97
N ARG IA 142 -2.71 -74.14 15.02
CA ARG IA 142 -2.48 -73.30 16.20
C ARG IA 142 -3.48 -73.58 17.32
N GLU IA 143 -4.73 -73.88 16.95
CA GLU IA 143 -5.80 -74.06 17.93
C GLU IA 143 -5.46 -75.10 18.98
N ALA IA 144 -5.13 -74.66 20.18
CA ALA IA 144 -4.78 -75.54 21.30
C ALA IA 144 -5.48 -75.05 22.55
N LYS IA 145 -5.44 -75.89 23.59
CA LYS IA 145 -6.05 -75.58 24.88
C LYS IA 145 -5.18 -76.18 25.97
N VAL IA 146 -4.74 -75.34 26.90
CA VAL IA 146 -3.88 -75.77 28.01
C VAL IA 146 -4.59 -75.44 29.31
N GLN IA 147 -4.83 -76.46 30.13
CA GLN IA 147 -5.46 -76.31 31.43
C GLN IA 147 -4.51 -76.80 32.52
N TRP IA 148 -4.47 -76.08 33.63
CA TRP IA 148 -3.61 -76.43 34.76
C TRP IA 148 -4.43 -77.16 35.82
N LYS IA 149 -3.79 -78.11 36.49
CA LYS IA 149 -4.44 -78.90 37.55
C LYS IA 149 -3.46 -79.01 38.72
N VAL IA 150 -3.82 -78.41 39.85
CA VAL IA 150 -3.00 -78.45 41.06
C VAL IA 150 -3.69 -79.39 42.04
N ASP IA 151 -3.09 -80.57 42.23
CA ASP IA 151 -3.70 -81.64 43.01
C ASP IA 151 -5.09 -81.96 42.48
N ASN IA 152 -5.18 -82.06 41.15
CA ASN IA 152 -6.42 -82.37 40.43
C ASN IA 152 -7.51 -81.32 40.68
N ALA IA 153 -7.10 -80.08 40.90
CA ALA IA 153 -8.02 -78.95 41.05
C ALA IA 153 -7.84 -78.01 39.88
N LEU IA 154 -8.96 -77.65 39.24
CA LEU IA 154 -8.93 -76.86 38.02
C LEU IA 154 -8.64 -75.39 38.36
N GLN IA 155 -7.57 -74.85 37.77
CA GLN IA 155 -7.19 -73.46 37.95
C GLN IA 155 -7.81 -72.59 36.85
N SER IA 156 -7.89 -71.29 37.13
CA SER IA 156 -8.39 -70.33 36.16
C SER IA 156 -8.06 -68.92 36.63
N GLY IA 157 -7.70 -68.06 35.67
CA GLY IA 157 -7.42 -66.67 35.96
C GLY IA 157 -6.04 -66.38 36.50
N ASN IA 158 -5.16 -67.38 36.60
CA ASN IA 158 -3.82 -67.19 37.14
C ASN IA 158 -2.76 -67.75 36.21
N SER IA 159 -3.04 -67.76 34.90
CA SER IA 159 -2.09 -68.27 33.92
C SER IA 159 -2.20 -67.48 32.63
N GLN IA 160 -1.07 -67.26 31.98
CA GLN IA 160 -1.00 -66.57 30.70
C GLN IA 160 -0.19 -67.40 29.72
N GLU IA 161 -0.58 -67.39 28.45
CA GLU IA 161 0.12 -68.14 27.42
C GLU IA 161 0.63 -67.20 26.33
N SER IA 162 1.56 -67.71 25.53
CA SER IA 162 2.17 -66.94 24.46
C SER IA 162 2.57 -67.88 23.34
N VAL IA 163 2.20 -67.53 22.10
CA VAL IA 163 2.44 -68.38 20.94
C VAL IA 163 3.47 -67.71 20.04
N THR IA 164 4.37 -68.51 19.47
CA THR IA 164 5.33 -67.98 18.52
C THR IA 164 4.72 -67.91 17.13
N GLU IA 165 5.34 -67.09 16.29
CA GLU IA 165 4.95 -67.07 14.89
C GLU IA 165 5.33 -68.39 14.23
N GLN IA 166 4.70 -68.66 13.09
CA GLN IA 166 4.97 -69.89 12.36
C GLN IA 166 6.45 -69.98 12.02
N ASP IA 167 7.04 -71.14 12.27
CA ASP IA 167 8.47 -71.31 12.05
C ASP IA 167 8.78 -71.28 10.56
N SER IA 168 9.94 -70.69 10.21
CA SER IA 168 10.30 -70.53 8.81
C SER IA 168 10.83 -71.80 8.17
N LYS IA 169 11.04 -72.87 8.95
CA LYS IA 169 11.59 -74.11 8.42
C LYS IA 169 10.55 -75.23 8.38
N ASP IA 170 10.03 -75.62 9.54
CA ASP IA 170 9.05 -76.70 9.61
C ASP IA 170 7.61 -76.20 9.71
N SER IA 171 7.40 -74.88 9.77
CA SER IA 171 6.07 -74.27 9.74
C SER IA 171 5.20 -74.75 10.89
N THR IA 172 5.77 -74.76 12.09
CA THR IA 172 5.07 -75.21 13.29
C THR IA 172 5.05 -74.10 14.33
N TYR IA 173 4.08 -74.20 15.24
CA TYR IA 173 3.91 -73.22 16.31
C TYR IA 173 4.47 -73.77 17.62
N SER IA 174 4.63 -72.86 18.58
CA SER IA 174 5.10 -73.21 19.91
C SER IA 174 4.38 -72.32 20.92
N LEU IA 175 3.78 -72.94 21.93
CA LEU IA 175 3.01 -72.25 22.95
C LEU IA 175 3.65 -72.48 24.31
N SER IA 176 3.70 -71.43 25.12
CA SER IA 176 4.25 -71.51 26.48
C SER IA 176 3.23 -70.92 27.45
N SER IA 177 2.59 -71.78 28.24
CA SER IA 177 1.64 -71.38 29.26
C SER IA 177 2.36 -71.33 30.61
N THR IA 178 2.25 -70.19 31.30
CA THR IA 178 2.95 -69.97 32.56
C THR IA 178 1.93 -69.76 33.67
N LEU IA 179 2.06 -70.54 34.74
CA LEU IA 179 1.19 -70.44 35.91
C LEU IA 179 1.94 -69.73 37.02
N THR IA 180 1.35 -68.66 37.55
CA THR IA 180 1.98 -67.85 38.59
C THR IA 180 1.23 -68.05 39.91
N LEU IA 181 1.97 -68.40 40.95
CA LEU IA 181 1.43 -68.60 42.28
C LEU IA 181 2.44 -68.11 43.31
N SER IA 182 1.92 -67.60 44.43
CA SER IA 182 2.78 -67.16 45.52
C SER IA 182 3.46 -68.35 46.18
N LYS IA 183 4.61 -68.06 46.81
CA LYS IA 183 5.38 -69.12 47.46
C LYS IA 183 4.57 -69.81 48.56
N ALA IA 184 3.65 -69.08 49.20
CA ALA IA 184 2.80 -69.69 50.22
C ALA IA 184 1.84 -70.71 49.61
N ASP IA 185 1.13 -70.31 48.54
CA ASP IA 185 0.24 -71.24 47.86
C ASP IA 185 1.00 -72.37 47.16
N TYR IA 186 2.28 -72.17 46.86
CA TYR IA 186 3.04 -73.18 46.14
C TYR IA 186 3.30 -74.41 47.02
N GLU IA 187 3.74 -74.19 48.26
CA GLU IA 187 4.09 -75.28 49.15
C GLU IA 187 2.89 -75.88 49.87
N LYS IA 188 1.68 -75.37 49.64
CA LYS IA 188 0.49 -76.00 50.17
C LYS IA 188 0.13 -77.28 49.42
N HIS IA 189 0.56 -77.41 48.16
CA HIS IA 189 0.18 -78.51 47.30
C HIS IA 189 1.42 -79.28 46.85
N LYS IA 190 1.17 -80.40 46.19
CA LYS IA 190 2.24 -81.34 45.83
C LYS IA 190 2.28 -81.64 44.34
N VAL IA 191 1.14 -81.89 43.71
CA VAL IA 191 1.10 -82.32 42.32
C VAL IA 191 0.71 -81.14 41.44
N TYR IA 192 1.55 -80.84 40.45
CA TYR IA 192 1.29 -79.79 39.48
C TYR IA 192 1.34 -80.37 38.09
N ALA IA 193 0.25 -80.17 37.32
CA ALA IA 193 0.12 -80.76 36.00
C ALA IA 193 -0.51 -79.76 35.04
N CYS IA 194 -0.18 -79.90 33.76
CA CYS IA 194 -0.84 -79.17 32.69
C CYS IA 194 -1.36 -80.16 31.66
N GLU IA 195 -2.65 -80.05 31.33
CA GLU IA 195 -3.31 -80.94 30.38
C GLU IA 195 -3.34 -80.28 29.01
N VAL IA 196 -2.90 -81.01 27.99
CA VAL IA 196 -2.76 -80.49 26.63
C VAL IA 196 -3.83 -81.12 25.76
N THR IA 197 -4.68 -80.28 25.17
CA THR IA 197 -5.72 -80.71 24.24
C THR IA 197 -5.45 -80.12 22.86
N HIS IA 198 -5.39 -80.99 21.85
CA HIS IA 198 -5.06 -80.53 20.51
C HIS IA 198 -5.63 -81.52 19.50
N GLN IA 199 -5.75 -81.06 18.25
CA GLN IA 199 -6.30 -81.88 17.18
C GLN IA 199 -5.36 -83.03 16.81
N GLY IA 200 -4.05 -82.78 16.83
CA GLY IA 200 -3.06 -83.78 16.50
C GLY IA 200 -2.84 -84.86 17.54
N LEU IA 201 -3.63 -84.88 18.60
CA LEU IA 201 -3.53 -85.89 19.64
C LEU IA 201 -4.87 -86.62 19.75
N SER IA 202 -4.81 -87.94 19.92
CA SER IA 202 -6.04 -88.72 20.02
C SER IA 202 -6.68 -88.56 21.40
N SER IA 203 -5.86 -88.43 22.44
CA SER IA 203 -6.33 -88.23 23.81
C SER IA 203 -5.43 -87.20 24.49
N PRO IA 204 -5.99 -86.39 25.39
CA PRO IA 204 -5.19 -85.30 26.01
C PRO IA 204 -4.00 -85.84 26.79
N VAL IA 205 -2.81 -85.40 26.39
CA VAL IA 205 -1.56 -85.76 27.05
C VAL IA 205 -1.31 -84.79 28.20
N THR IA 206 -0.77 -85.31 29.30
CA THR IA 206 -0.48 -84.51 30.48
C THR IA 206 0.96 -84.75 30.92
N LYS IA 207 1.62 -83.67 31.33
CA LYS IA 207 2.97 -83.72 31.90
C LYS IA 207 2.94 -83.07 33.27
N SER IA 208 3.48 -83.76 34.27
CA SER IA 208 3.37 -83.31 35.65
C SER IA 208 4.68 -83.56 36.39
N PHE IA 209 4.76 -82.99 37.59
CA PHE IA 209 5.90 -83.19 38.47
C PHE IA 209 5.41 -83.10 39.92
N ASN IA 210 6.16 -83.75 40.81
CA ASN IA 210 5.90 -83.65 42.24
C ASN IA 210 6.83 -82.62 42.86
N ARG IA 211 6.30 -81.83 43.79
CA ARG IA 211 7.06 -80.75 44.40
C ARG IA 211 8.24 -81.29 45.19
N GLY IA 212 9.44 -81.22 44.60
CA GLY IA 212 10.63 -81.70 45.26
C GLY IA 212 11.61 -82.38 44.32
N GLU IA 213 11.11 -83.26 43.47
CA GLU IA 213 11.94 -83.99 42.52
C GLU IA 213 12.70 -83.04 41.59
N GLU JA 1 17.14 -40.29 -2.71
CA GLU JA 1 16.37 -41.33 -2.02
C GLU JA 1 15.43 -40.71 -0.99
N VAL JA 2 14.15 -41.03 -1.10
CA VAL JA 2 13.13 -40.52 -0.21
C VAL JA 2 13.05 -41.42 1.02
N GLN JA 3 12.99 -40.81 2.20
CA GLN JA 3 12.78 -41.56 3.42
C GLN JA 3 12.15 -40.67 4.47
N LEU JA 4 11.33 -41.28 5.33
CA LEU JA 4 10.70 -40.60 6.45
C LEU JA 4 11.22 -41.26 7.73
N VAL JA 5 12.01 -40.52 8.50
CA VAL JA 5 12.56 -41.02 9.76
C VAL JA 5 11.79 -40.38 10.90
N GLN JA 6 11.58 -41.16 11.97
CA GLN JA 6 10.80 -40.72 13.11
C GLN JA 6 11.66 -40.75 14.36
N SER JA 7 11.24 -39.98 15.36
CA SER JA 7 11.97 -39.89 16.61
C SER JA 7 12.00 -41.25 17.31
N GLY JA 8 12.87 -41.36 18.31
CA GLY JA 8 13.07 -42.61 19.02
C GLY JA 8 11.89 -42.98 19.89
N ALA JA 9 12.02 -44.14 20.53
CA ALA JA 9 10.96 -44.65 21.39
C ALA JA 9 10.79 -43.78 22.62
N GLU JA 10 9.57 -43.81 23.17
CA GLU JA 10 9.19 -42.97 24.30
C GLU JA 10 8.46 -43.80 25.34
N VAL JA 11 8.66 -43.45 26.61
CA VAL JA 11 7.94 -44.04 27.73
C VAL JA 11 7.31 -42.90 28.53
N LYS JA 12 6.03 -43.04 28.87
CA LYS JA 12 5.29 -41.95 29.50
C LYS JA 12 4.31 -42.51 30.52
N LYS JA 13 3.98 -41.67 31.56
CA LYS JA 13 3.07 -41.94 32.67
C LYS JA 13 1.63 -41.66 32.26
N PRO JA 14 0.67 -42.42 32.81
CA PRO JA 14 -0.72 -42.36 32.29
C PRO JA 14 -1.42 -41.03 32.52
N GLY JA 15 -0.81 -39.94 32.09
CA GLY JA 15 -1.45 -38.64 32.21
C GLY JA 15 -0.69 -37.56 31.45
N ALA JA 16 0.56 -37.85 31.10
CA ALA JA 16 1.42 -36.88 30.43
C ALA JA 16 1.05 -36.77 28.96
N SER JA 17 1.89 -36.09 28.19
CA SER JA 17 1.69 -35.94 26.75
C SER JA 17 2.98 -36.29 26.03
N VAL JA 18 2.83 -36.74 24.78
CA VAL JA 18 3.95 -37.19 23.96
C VAL JA 18 3.91 -36.48 22.62
N LYS JA 19 5.09 -36.20 22.07
CA LYS JA 19 5.22 -35.49 20.79
C LYS JA 19 6.22 -36.25 19.92
N VAL JA 20 5.71 -36.87 18.85
CA VAL JA 20 6.51 -37.67 17.94
C VAL JA 20 6.81 -36.85 16.69
N SER JA 21 8.04 -36.96 16.19
CA SER JA 21 8.46 -36.24 15.00
C SER JA 21 8.57 -37.19 13.82
N CYS JA 22 8.53 -36.60 12.62
CA CYS JA 22 8.59 -37.35 11.38
C CYS JA 22 9.25 -36.44 10.35
N LYS JA 23 10.52 -36.71 10.04
CA LYS JA 23 11.32 -35.83 9.20
C LYS JA 23 11.37 -36.40 7.79
N ALA JA 24 10.94 -35.59 6.81
CA ALA JA 24 10.90 -35.98 5.42
C ALA JA 24 12.13 -35.44 4.68
N SER JA 25 12.57 -36.20 3.68
CA SER JA 25 13.71 -35.82 2.87
C SER JA 25 13.63 -36.56 1.53
N GLY JA 26 13.94 -35.86 0.45
CA GLY JA 26 13.93 -36.44 -0.88
C GLY JA 26 12.76 -36.03 -1.74
N TYR JA 27 11.85 -35.21 -1.24
CA TYR JA 27 10.73 -34.72 -2.03
C TYR JA 27 10.29 -33.38 -1.45
N THR JA 28 9.41 -32.70 -2.18
CA THR JA 28 8.91 -31.39 -1.75
C THR JA 28 7.87 -31.60 -0.66
N PHE JA 29 8.28 -31.38 0.59
CA PHE JA 29 7.45 -31.67 1.75
C PHE JA 29 6.07 -31.03 1.65
N THR JA 30 6.00 -29.81 1.11
CA THR JA 30 4.75 -29.06 1.09
C THR JA 30 3.82 -29.46 -0.05
N SER JA 31 4.19 -30.46 -0.85
CA SER JA 31 3.37 -30.89 -1.98
C SER JA 31 2.52 -32.11 -1.67
N TYR JA 32 2.59 -32.65 -0.45
CA TYR JA 32 1.87 -33.85 -0.09
C TYR JA 32 1.34 -33.73 1.33
N TYR JA 33 0.14 -34.28 1.56
CA TYR JA 33 -0.38 -34.46 2.90
C TYR JA 33 0.49 -35.43 3.70
N MET JA 34 0.44 -35.28 5.02
CA MET JA 34 1.02 -36.24 5.95
C MET JA 34 -0.08 -36.81 6.82
N TYR JA 35 -0.19 -38.14 6.86
CA TYR JA 35 -1.16 -38.76 7.74
C TYR JA 35 -0.47 -39.72 8.70
N TRP JA 36 -1.13 -39.97 9.83
CA TRP JA 36 -0.55 -40.72 10.93
C TRP JA 36 -1.41 -41.93 11.24
N VAL JA 37 -0.74 -43.05 11.52
CA VAL JA 37 -1.40 -44.34 11.77
C VAL JA 37 -0.87 -44.89 13.08
N ARG JA 38 -1.78 -45.49 13.86
CA ARG JA 38 -1.45 -46.10 15.15
C ARG JA 38 -1.71 -47.60 15.07
N GLN JA 39 -0.85 -48.38 15.71
CA GLN JA 39 -1.02 -49.84 15.77
C GLN JA 39 -0.67 -50.33 17.17
N ALA JA 40 -1.69 -50.74 17.92
CA ALA JA 40 -1.45 -51.33 19.23
C ALA JA 40 -0.75 -52.67 19.07
N PRO JA 41 -0.03 -53.12 20.10
CA PRO JA 41 0.68 -54.41 20.01
C PRO JA 41 -0.26 -55.55 19.69
N GLY JA 42 0.09 -56.33 18.67
CA GLY JA 42 -0.72 -57.46 18.25
C GLY JA 42 -2.09 -57.10 17.73
N GLN JA 43 -2.28 -55.87 17.26
CA GLN JA 43 -3.58 -55.41 16.81
C GLN JA 43 -3.45 -54.81 15.41
N GLY JA 44 -4.58 -54.28 14.91
CA GLY JA 44 -4.64 -53.75 13.57
C GLY JA 44 -4.25 -52.28 13.49
N LEU JA 45 -4.43 -51.72 12.30
CA LEU JA 45 -4.08 -50.34 12.04
C LEU JA 45 -5.26 -49.42 12.37
N GLU JA 46 -4.94 -48.23 12.87
CA GLU JA 46 -5.95 -47.24 13.23
C GLU JA 46 -5.53 -45.89 12.69
N TRP JA 47 -6.43 -45.24 11.96
CA TRP JA 47 -6.13 -43.94 11.37
C TRP JA 47 -6.35 -42.85 12.42
N ILE JA 48 -5.34 -42.00 12.58
CA ILE JA 48 -5.42 -40.91 13.54
C ILE JA 48 -5.89 -39.64 12.83
N GLY JA 49 -5.09 -39.15 11.90
CA GLY JA 49 -5.45 -37.94 11.18
C GLY JA 49 -4.43 -37.62 10.12
N GLU JA 50 -4.58 -36.43 9.53
CA GLU JA 50 -3.71 -35.97 8.47
C GLU JA 50 -3.58 -34.46 8.56
N ILE JA 51 -2.55 -33.92 7.89
CA ILE JA 51 -2.28 -32.49 7.90
C ILE JA 51 -1.86 -32.03 6.52
N ASN JA 52 -2.35 -30.85 6.12
CA ASN JA 52 -1.94 -30.22 4.88
C ASN JA 52 -0.81 -29.25 5.19
N PRO JA 53 0.44 -29.54 4.81
CA PRO JA 53 1.56 -28.65 5.17
C PRO JA 53 1.48 -27.28 4.53
N THR JA 54 0.73 -27.13 3.44
CA THR JA 54 0.60 -25.82 2.80
C THR JA 54 -0.34 -24.92 3.58
N SER JA 55 -1.53 -25.43 3.90
CA SER JA 55 -2.57 -24.63 4.53
C SER JA 55 -2.69 -24.84 6.03
N GLY JA 56 -1.97 -25.81 6.59
CA GLY JA 56 -2.14 -26.15 7.98
C GLY JA 56 -3.44 -26.85 8.31
N GLY JA 57 -4.34 -27.01 7.35
CA GLY JA 57 -5.60 -27.68 7.63
C GLY JA 57 -5.39 -29.13 8.00
N THR JA 58 -6.32 -29.66 8.78
CA THR JA 58 -6.22 -31.03 9.27
C THR JA 58 -7.56 -31.73 9.16
N ASN JA 59 -7.52 -33.05 9.25
CA ASN JA 59 -8.69 -33.90 9.37
C ASN JA 59 -8.36 -35.01 10.35
N PHE JA 60 -9.21 -35.21 11.35
CA PHE JA 60 -8.93 -36.17 12.41
C PHE JA 60 -9.98 -37.27 12.42
N ASN JA 61 -9.57 -38.42 12.97
CA ASN JA 61 -10.52 -39.39 13.50
C ASN JA 61 -11.11 -38.81 14.78
N GLU JA 62 -12.43 -38.65 14.82
CA GLU JA 62 -13.06 -37.98 15.96
C GLU JA 62 -12.77 -38.67 17.29
N LYS JA 63 -12.20 -39.87 17.25
CA LYS JA 63 -11.74 -40.55 18.46
C LYS JA 63 -10.52 -39.87 19.08
N PHE JA 64 -9.75 -39.12 18.28
CA PHE JA 64 -8.55 -38.45 18.76
C PHE JA 64 -8.64 -36.93 18.74
N LYS JA 65 -9.75 -36.37 18.28
CA LYS JA 65 -9.83 -34.92 18.07
C LYS JA 65 -9.60 -34.14 19.37
N SER JA 66 -10.02 -34.70 20.50
CA SER JA 66 -9.94 -33.97 21.76
C SER JA 66 -8.54 -33.97 22.37
N ARG JA 67 -7.69 -34.92 21.98
CA ARG JA 67 -6.40 -35.10 22.63
C ARG JA 67 -5.20 -35.01 21.69
N ALA JA 68 -5.40 -35.02 20.38
CA ALA JA 68 -4.30 -35.06 19.43
C ALA JA 68 -4.12 -33.70 18.75
N THR JA 69 -2.88 -33.43 18.33
CA THR JA 69 -2.52 -32.17 17.69
C THR JA 69 -1.46 -32.44 16.63
N LEU JA 70 -1.77 -32.11 15.38
CA LEU JA 70 -0.87 -32.29 14.26
C LEU JA 70 -0.32 -30.94 13.83
N THR JA 71 1.00 -30.82 13.78
CA THR JA 71 1.67 -29.59 13.39
C THR JA 71 2.71 -29.91 12.32
N VAL JA 72 3.32 -28.86 11.79
CA VAL JA 72 4.29 -28.98 10.69
C VAL JA 72 5.31 -27.86 10.82
N ASP JA 73 6.58 -28.20 10.61
CA ASP JA 73 7.67 -27.23 10.52
C ASP JA 73 8.14 -27.24 9.07
N THR JA 74 7.69 -26.25 8.29
CA THR JA 74 8.03 -26.20 6.88
C THR JA 74 9.53 -26.05 6.66
N SER JA 75 10.20 -25.27 7.52
CA SER JA 75 11.61 -24.99 7.33
C SER JA 75 12.47 -26.23 7.48
N THR JA 76 12.01 -27.22 8.25
CA THR JA 76 12.77 -28.44 8.48
C THR JA 76 12.14 -29.68 7.87
N SER JA 77 11.02 -29.52 7.15
CA SER JA 77 10.33 -30.63 6.50
C SER JA 77 10.00 -31.75 7.49
N THR JA 78 9.38 -31.35 8.60
CA THR JA 78 9.10 -32.28 9.70
C THR JA 78 7.67 -32.10 10.16
N ALA JA 79 6.97 -33.22 10.35
CA ALA JA 79 5.61 -33.23 10.89
C ALA JA 79 5.64 -33.78 12.31
N TYR JA 80 4.79 -33.24 13.16
CA TYR JA 80 4.74 -33.61 14.57
C TYR JA 80 3.34 -34.08 14.94
N LEU JA 81 3.28 -35.08 15.82
CA LEU JA 81 2.04 -35.57 16.40
C LEU JA 81 2.15 -35.47 17.91
N GLU JA 82 1.19 -34.78 18.52
CA GLU JA 82 1.17 -34.60 19.97
C GLU JA 82 -0.12 -35.16 20.54
N LEU JA 83 0.00 -36.05 21.53
CA LEU JA 83 -1.12 -36.72 22.16
C LEU JA 83 -1.09 -36.42 23.65
N SER JA 84 -2.16 -35.83 24.17
CA SER JA 84 -2.25 -35.48 25.57
C SER JA 84 -3.24 -36.41 26.29
N SER JA 85 -3.17 -36.38 27.62
CA SER JA 85 -4.00 -37.21 28.49
C SER JA 85 -3.84 -38.70 28.14
N LEU JA 86 -2.60 -39.15 28.21
CA LEU JA 86 -2.26 -40.51 27.80
C LEU JA 86 -2.95 -41.55 28.68
N ARG JA 87 -3.32 -42.66 28.06
CA ARG JA 87 -3.89 -43.81 28.74
C ARG JA 87 -3.18 -45.07 28.28
N SER JA 88 -3.37 -46.15 29.04
CA SER JA 88 -2.72 -47.41 28.69
C SER JA 88 -3.18 -47.92 27.33
N GLU JA 89 -4.39 -47.54 26.90
CA GLU JA 89 -4.85 -47.93 25.57
C GLU JA 89 -4.09 -47.23 24.46
N ASP JA 90 -3.37 -46.14 24.78
CA ASP JA 90 -2.58 -45.43 23.79
C ASP JA 90 -1.19 -46.06 23.58
N THR JA 91 -0.90 -47.17 24.25
CA THR JA 91 0.36 -47.87 24.03
C THR JA 91 0.33 -48.53 22.66
N ALA JA 92 1.19 -48.10 21.75
CA ALA JA 92 1.14 -48.55 20.37
C ALA JA 92 2.40 -48.07 19.64
N VAL JA 93 2.47 -48.42 18.35
CA VAL JA 93 3.48 -47.90 17.45
C VAL JA 93 2.82 -46.88 16.53
N TYR JA 94 3.41 -45.70 16.43
CA TYR JA 94 2.84 -44.60 15.66
C TYR JA 94 3.64 -44.41 14.38
N TYR JA 95 2.97 -44.46 13.24
CA TYR JA 95 3.59 -44.33 11.94
C TYR JA 95 3.12 -43.03 11.27
N CYS JA 96 4.04 -42.37 10.58
CA CYS JA 96 3.69 -41.31 9.65
C CYS JA 96 3.83 -41.83 8.23
N ALA JA 97 3.00 -41.30 7.33
CA ALA JA 97 3.00 -41.74 5.95
C ALA JA 97 2.65 -40.56 5.05
N ARG JA 98 3.14 -40.63 3.81
CA ARG JA 98 2.88 -39.59 2.83
C ARG JA 98 1.61 -39.93 2.04
N GLU JA 99 0.75 -38.94 1.88
CA GLU JA 99 -0.47 -39.10 1.09
C GLU JA 99 -0.17 -38.74 -0.36
N GLY JA 100 -0.30 -39.72 -1.25
CA GLY JA 100 -0.07 -39.44 -2.65
C GLY JA 100 1.29 -39.92 -3.10
N GLY JA 101 1.37 -40.31 -4.38
CA GLY JA 101 2.60 -40.83 -4.92
C GLY JA 101 2.92 -42.20 -4.34
N PHE JA 102 4.19 -42.57 -4.45
CA PHE JA 102 4.66 -43.81 -3.86
C PHE JA 102 4.41 -43.79 -2.36
N ALA JA 103 3.86 -44.88 -1.84
CA ALA JA 103 3.42 -44.96 -0.45
C ALA JA 103 4.64 -45.10 0.46
N TYR JA 104 5.26 -43.96 0.75
CA TYR JA 104 6.36 -43.92 1.70
C TYR JA 104 5.82 -43.91 3.12
N TRP JA 105 6.40 -44.73 3.98
CA TRP JA 105 6.03 -44.80 5.38
C TRP JA 105 7.25 -44.55 6.25
N GLY JA 106 7.00 -44.08 7.46
CA GLY JA 106 8.05 -44.00 8.45
C GLY JA 106 8.40 -45.37 8.98
N GLN JA 107 9.45 -45.41 9.81
CA GLN JA 107 9.82 -46.66 10.45
C GLN JA 107 8.99 -46.96 11.68
N GLY JA 108 8.25 -45.99 12.20
CA GLY JA 108 7.42 -46.17 13.37
C GLY JA 108 8.10 -45.68 14.64
N THR JA 109 7.28 -45.35 15.63
CA THR JA 109 7.75 -44.89 16.93
C THR JA 109 6.95 -45.62 18.00
N LEU JA 110 7.65 -46.27 18.92
CA LEU JA 110 7.00 -47.02 20.00
C LEU JA 110 6.76 -46.10 21.19
N VAL JA 111 5.50 -46.03 21.62
CA VAL JA 111 5.11 -45.22 22.77
C VAL JA 111 4.42 -46.12 23.77
N THR JA 112 5.01 -46.26 24.95
CA THR JA 112 4.51 -47.14 26.00
C THR JA 112 3.94 -46.28 27.12
N VAL JA 113 2.66 -46.47 27.42
CA VAL JA 113 1.96 -45.73 28.46
C VAL JA 113 1.59 -46.71 29.57
N SER JA 114 2.28 -46.61 30.69
CA SER JA 114 2.03 -47.45 31.85
C SER JA 114 2.47 -46.72 33.10
N SER JA 115 1.84 -47.07 34.23
CA SER JA 115 2.19 -46.46 35.51
C SER JA 115 3.55 -46.91 36.03
N ALA JA 116 4.12 -47.97 35.47
CA ALA JA 116 5.38 -48.51 35.97
C ALA JA 116 6.55 -47.62 35.55
N SER JA 117 7.69 -47.85 36.18
CA SER JA 117 8.94 -47.18 35.87
C SER JA 117 9.93 -48.19 35.31
N THR JA 118 10.93 -47.67 34.60
CA THR JA 118 11.90 -48.50 33.89
C THR JA 118 12.67 -49.41 34.83
N LYS JA 119 12.29 -50.68 34.89
CA LYS JA 119 12.90 -51.67 35.76
C LYS JA 119 13.73 -52.65 34.93
N GLY JA 120 14.62 -53.38 35.62
CA GLY JA 120 15.42 -54.40 35.00
C GLY JA 120 14.79 -55.77 35.11
N PRO JA 121 15.18 -56.69 34.24
CA PRO JA 121 14.61 -58.05 34.27
C PRO JA 121 15.38 -59.00 35.17
N SER JA 122 14.63 -59.94 35.74
CA SER JA 122 15.20 -61.02 36.54
C SER JA 122 15.22 -62.28 35.69
N VAL JA 123 16.39 -62.89 35.56
CA VAL JA 123 16.59 -64.06 34.72
C VAL JA 123 16.66 -65.30 35.60
N PHE JA 124 15.79 -66.27 35.31
CA PHE JA 124 15.72 -67.52 36.07
C PHE JA 124 15.91 -68.71 35.17
N PRO JA 125 16.48 -69.80 35.68
CA PRO JA 125 16.70 -70.98 34.85
C PRO JA 125 15.44 -71.82 34.69
N LEU JA 126 15.36 -72.47 33.53
CA LEU JA 126 14.36 -73.50 33.23
C LEU JA 126 15.16 -74.79 33.01
N ALA JA 127 15.45 -75.49 34.10
CA ALA JA 127 16.40 -76.60 34.05
C ALA JA 127 15.82 -77.76 33.22
N PRO JA 128 16.65 -78.48 32.47
CA PRO JA 128 16.15 -79.62 31.70
C PRO JA 128 15.69 -80.75 32.60
N SER JA 129 14.64 -81.44 32.15
CA SER JA 129 14.07 -82.54 32.91
C SER JA 129 15.01 -83.75 32.93
N SER JA 130 15.23 -84.36 31.76
CA SER JA 130 16.12 -85.52 31.63
C SER JA 130 15.69 -86.66 32.56
N GLY JA 135 16.58 -88.85 27.52
CA GLY JA 135 16.54 -89.96 26.59
C GLY JA 135 16.84 -89.56 25.16
N GLY JA 136 15.86 -88.93 24.52
CA GLY JA 136 16.01 -88.51 23.12
C GLY JA 136 16.15 -87.01 22.98
N THR JA 137 15.06 -86.27 23.20
CA THR JA 137 15.04 -84.83 23.05
C THR JA 137 14.57 -84.19 24.35
N ALA JA 138 15.36 -83.25 24.86
CA ALA JA 138 15.03 -82.51 26.07
C ALA JA 138 15.04 -81.02 25.78
N ALA JA 139 14.32 -80.26 26.61
CA ALA JA 139 14.16 -78.83 26.43
C ALA JA 139 14.62 -78.09 27.67
N LEU JA 140 15.28 -76.96 27.45
CA LEU JA 140 15.73 -76.08 28.53
C LEU JA 140 15.60 -74.64 28.08
N GLY JA 141 15.60 -73.72 29.03
CA GLY JA 141 15.43 -72.34 28.66
C GLY JA 141 15.67 -71.39 29.82
N CYS JA 142 15.33 -70.12 29.58
CA CYS JA 142 15.51 -69.05 30.55
C CYS JA 142 14.21 -68.27 30.66
N LEU JA 143 13.78 -68.00 31.88
CA LEU JA 143 12.57 -67.23 32.14
C LEU JA 143 12.97 -65.80 32.48
N VAL JA 144 12.67 -64.87 31.57
CA VAL JA 144 12.93 -63.46 31.76
C VAL JA 144 11.64 -62.84 32.32
N LYS JA 145 11.64 -62.56 33.62
CA LYS JA 145 10.43 -62.16 34.33
C LYS JA 145 10.56 -60.77 34.92
N ASP JA 146 9.45 -60.03 34.92
CA ASP JA 146 9.33 -58.74 35.59
C ASP JA 146 10.32 -57.70 35.07
N TYR JA 147 10.00 -57.07 33.94
CA TYR JA 147 10.80 -55.97 33.41
C TYR JA 147 9.88 -54.95 32.77
N PHE JA 148 10.44 -53.77 32.49
CA PHE JA 148 9.72 -52.68 31.86
C PHE JA 148 10.71 -51.60 31.42
N PRO JA 149 10.58 -51.08 30.20
CA PRO JA 149 9.60 -51.53 29.20
C PRO JA 149 10.23 -52.47 28.16
N GLU JA 150 9.46 -52.79 27.13
CA GLU JA 150 9.97 -53.56 26.01
C GLU JA 150 11.01 -52.74 25.24
N PRO JA 151 11.89 -53.40 24.46
CA PRO JA 151 11.99 -54.84 24.20
C PRO JA 151 13.03 -55.55 25.04
N VAL JA 152 13.16 -56.86 24.82
CA VAL JA 152 14.20 -57.69 25.41
C VAL JA 152 14.73 -58.62 24.34
N THR JA 153 16.05 -58.60 24.15
CA THR JA 153 16.71 -59.44 23.15
C THR JA 153 17.40 -60.60 23.85
N VAL JA 154 17.21 -61.81 23.32
CA VAL JA 154 17.75 -63.02 23.93
C VAL JA 154 18.49 -63.81 22.86
N SER JA 155 19.72 -64.22 23.16
CA SER JA 155 20.49 -65.13 22.34
C SER JA 155 21.06 -66.23 23.22
N TRP JA 156 21.59 -67.27 22.58
CA TRP JA 156 22.16 -68.41 23.30
C TRP JA 156 23.60 -68.63 22.85
N ASN JA 157 24.51 -68.68 23.82
CA ASN JA 157 25.95 -68.90 23.56
C ASN JA 157 26.51 -67.83 22.62
N SER JA 158 26.16 -66.58 22.88
CA SER JA 158 26.66 -65.43 22.13
C SER JA 158 26.38 -65.55 20.63
N GLY JA 159 25.26 -66.15 20.26
CA GLY JA 159 24.88 -66.29 18.88
C GLY JA 159 25.31 -67.57 18.21
N ALA JA 160 25.91 -68.50 18.95
CA ALA JA 160 26.34 -69.76 18.36
C ALA JA 160 25.15 -70.71 18.14
N LEU JA 161 24.41 -71.00 19.19
CA LEU JA 161 23.24 -71.88 19.10
C LEU JA 161 22.04 -71.07 18.64
N THR JA 162 21.53 -71.39 17.45
CA THR JA 162 20.39 -70.70 16.88
C THR JA 162 19.23 -71.63 16.54
N SER JA 163 19.53 -72.84 16.06
CA SER JA 163 18.47 -73.78 15.70
C SER JA 163 17.85 -74.40 16.94
N GLY JA 164 16.54 -74.61 16.89
CA GLY JA 164 15.79 -75.12 18.01
C GLY JA 164 15.31 -74.06 18.99
N VAL JA 165 15.71 -72.81 18.81
CA VAL JA 165 15.37 -71.75 19.74
C VAL JA 165 13.95 -71.27 19.49
N HIS JA 166 13.22 -71.00 20.56
CA HIS JA 166 11.85 -70.45 20.48
C HIS JA 166 11.73 -69.34 21.53
N THR JA 167 12.09 -68.12 21.15
CA THR JA 167 11.94 -66.96 22.01
C THR JA 167 10.51 -66.45 21.90
N PHE JA 168 9.72 -66.66 22.95
CA PHE JA 168 8.30 -66.36 22.92
C PHE JA 168 8.04 -64.85 23.01
N PRO JA 169 6.90 -64.39 22.49
CA PRO JA 169 6.50 -63.00 22.72
C PRO JA 169 6.23 -62.75 24.19
N ALA JA 170 6.50 -61.52 24.61
CA ALA JA 170 6.26 -61.16 26.00
C ALA JA 170 4.77 -61.03 26.27
N VAL JA 171 4.41 -61.12 27.55
CA VAL JA 171 3.04 -60.91 28.00
C VAL JA 171 3.06 -59.83 29.08
N LEU JA 172 1.92 -59.15 29.21
CA LEU JA 172 1.77 -58.06 30.17
C LEU JA 172 1.08 -58.60 31.41
N GLN JA 173 1.83 -58.73 32.50
CA GLN JA 173 1.29 -59.25 33.74
C GLN JA 173 0.38 -58.22 34.41
N SER JA 174 -0.38 -58.68 35.40
CA SER JA 174 -1.23 -57.77 36.17
C SER JA 174 -0.41 -56.75 36.94
N SER JA 175 0.86 -57.03 37.21
CA SER JA 175 1.76 -56.10 37.88
C SER JA 175 2.17 -54.94 36.99
N GLY JA 176 1.76 -54.92 35.72
CA GLY JA 176 2.24 -53.92 34.79
C GLY JA 176 3.62 -54.19 34.24
N LEU JA 177 4.19 -55.36 34.53
CA LEU JA 177 5.52 -55.73 34.07
C LEU JA 177 5.43 -56.88 33.08
N TYR JA 178 6.41 -56.94 32.18
CA TYR JA 178 6.41 -57.94 31.13
C TYR JA 178 7.16 -59.20 31.56
N SER JA 179 6.69 -60.34 31.06
CA SER JA 179 7.31 -61.64 31.32
C SER JA 179 7.52 -62.34 29.99
N LEU JA 180 8.69 -62.96 29.84
CA LEU JA 180 9.08 -63.56 28.58
C LEU JA 180 9.80 -64.88 28.84
N SER JA 181 9.54 -65.86 27.99
CA SER JA 181 10.21 -67.16 28.05
C SER JA 181 10.97 -67.40 26.75
N SER JA 182 12.05 -68.18 26.86
CA SER JA 182 12.87 -68.52 25.71
C SER JA 182 13.43 -69.92 25.93
N VAL JA 183 13.10 -70.85 25.03
CA VAL JA 183 13.48 -72.24 25.18
C VAL JA 183 14.34 -72.67 23.99
N VAL JA 184 14.86 -73.89 24.08
CA VAL JA 184 15.65 -74.49 23.01
C VAL JA 184 15.76 -75.98 23.29
N THR JA 185 15.62 -76.78 22.23
CA THR JA 185 15.69 -78.24 22.33
C THR JA 185 17.07 -78.72 21.95
N VAL JA 186 17.59 -79.67 22.73
CA VAL JA 186 18.91 -80.25 22.51
C VAL JA 186 18.86 -81.75 22.79
N PRO JA 187 19.81 -82.50 22.24
CA PRO JA 187 19.89 -83.92 22.56
C PRO JA 187 20.16 -84.15 24.04
N SER JA 188 19.61 -85.26 24.56
CA SER JA 188 19.77 -85.60 25.96
C SER JA 188 21.19 -86.05 26.29
N SER JA 189 21.94 -86.56 25.30
CA SER JA 189 23.29 -87.04 25.54
C SER JA 189 24.31 -85.92 25.68
N SER JA 190 23.92 -84.67 25.39
CA SER JA 190 24.83 -83.53 25.51
C SER JA 190 24.57 -82.70 26.76
N LEU JA 191 23.75 -83.21 27.68
CA LEU JA 191 23.53 -82.54 28.96
C LEU JA 191 24.71 -82.80 29.89
N GLY JA 192 25.35 -81.73 30.35
CA GLY JA 192 26.56 -81.83 31.14
C GLY JA 192 27.83 -81.72 30.33
N THR JA 193 27.78 -82.07 29.05
CA THR JA 193 28.93 -81.96 28.15
C THR JA 193 29.00 -80.58 27.51
N GLN JA 194 27.87 -80.02 27.12
CA GLN JA 194 27.81 -78.72 26.47
C GLN JA 194 27.37 -77.64 27.45
N THR JA 195 27.83 -76.42 27.19
CA THR JA 195 27.50 -75.26 28.01
C THR JA 195 26.37 -74.48 27.35
N TYR JA 196 25.37 -74.10 28.14
CA TYR JA 196 24.19 -73.40 27.65
C TYR JA 196 23.98 -72.14 28.48
N ILE JA 197 24.26 -70.98 27.89
CA ILE JA 197 24.15 -69.69 28.56
C ILE JA 197 23.32 -68.77 27.68
N CYS JA 198 22.19 -68.29 28.21
CA CYS JA 198 21.35 -67.33 27.51
C CYS JA 198 21.82 -65.91 27.82
N ASN JA 199 21.88 -65.08 26.79
CA ASN JA 199 22.43 -63.72 26.89
C ASN JA 199 21.26 -62.74 26.81
N VAL JA 200 20.72 -62.38 27.97
CA VAL JA 200 19.62 -61.43 28.04
C VAL JA 200 20.17 -60.02 28.03
N ASN JA 201 19.48 -59.12 27.32
CA ASN JA 201 19.90 -57.72 27.22
C ASN JA 201 18.67 -56.83 27.27
N HIS JA 202 18.69 -55.86 28.19
CA HIS JA 202 17.59 -54.90 28.35
C HIS JA 202 18.20 -53.50 28.30
N LYS JA 203 18.13 -52.88 27.12
CA LYS JA 203 18.75 -51.58 26.88
C LYS JA 203 18.12 -50.43 27.68
N PRO JA 204 16.79 -50.38 27.86
CA PRO JA 204 16.22 -49.27 28.66
C PRO JA 204 16.79 -49.17 30.07
N SER JA 205 17.21 -50.27 30.67
CA SER JA 205 17.81 -50.26 32.00
C SER JA 205 19.29 -50.65 31.99
N ASN JA 206 19.87 -50.82 30.80
CA ASN JA 206 21.30 -51.17 30.63
C ASN JA 206 21.68 -52.41 31.42
N THR JA 207 20.78 -53.38 31.52
CA THR JA 207 21.03 -54.62 32.23
C THR JA 207 21.49 -55.69 31.25
N LYS JA 208 22.65 -56.29 31.52
CA LYS JA 208 23.18 -57.38 30.71
C LYS JA 208 23.46 -58.56 31.63
N VAL JA 209 22.68 -59.64 31.46
CA VAL JA 209 22.76 -60.81 32.33
C VAL JA 209 23.11 -62.02 31.49
N ASP JA 210 24.14 -62.75 31.92
CA ASP JA 210 24.50 -64.04 31.33
C ASP JA 210 24.22 -65.11 32.38
N LYS JA 211 23.24 -65.96 32.11
CA LYS JA 211 22.80 -66.98 33.06
C LYS JA 211 23.07 -68.36 32.47
N LYS JA 212 23.65 -69.24 33.28
CA LYS JA 212 24.07 -70.56 32.85
C LYS JA 212 23.02 -71.59 33.25
N VAL JA 213 22.61 -72.42 32.28
CA VAL JA 213 21.54 -73.39 32.49
C VAL JA 213 22.17 -74.77 32.64
N GLU JA 214 21.95 -75.40 33.78
CA GLU JA 214 22.47 -76.72 34.11
C GLU JA 214 21.37 -77.58 34.69
N PRO JA 215 21.54 -78.90 34.66
CA PRO JA 215 20.63 -79.77 35.41
C PRO JA 215 20.97 -79.77 36.90
N LYS JA 216 19.93 -79.83 37.73
CA LYS JA 216 20.11 -79.79 39.16
C LYS JA 216 20.39 -81.18 39.71
N SER JA 217 21.06 -81.22 40.86
CA SER JA 217 21.40 -82.49 41.50
C SER JA 217 20.86 -82.54 42.93
N ILE KA 1 -73.40 9.85 31.08
CA ILE KA 1 -73.83 10.55 32.29
C ILE KA 1 -73.46 9.73 33.52
N LEU KA 2 -72.68 10.34 34.41
CA LEU KA 2 -72.24 9.68 35.64
C LEU KA 2 -73.07 10.19 36.80
N GLY KA 3 -73.45 9.27 37.69
CA GLY KA 3 -74.20 9.61 38.89
C GLY KA 3 -75.66 9.96 38.65
N GLY KA 4 -76.22 9.55 37.50
CA GLY KA 4 -77.61 9.81 37.21
C GLY KA 4 -78.41 8.54 37.07
N ARG KA 5 -79.54 8.61 36.37
CA ARG KA 5 -80.40 7.45 36.16
C ARG KA 5 -81.03 7.54 34.77
N GLU KA 6 -81.84 6.54 34.45
CA GLU KA 6 -82.49 6.50 33.15
C GLU KA 6 -83.56 7.58 33.07
N ALA KA 7 -83.59 8.29 31.95
CA ALA KA 7 -84.58 9.33 31.73
C ALA KA 7 -85.91 8.70 31.32
N GLU KA 8 -86.98 9.48 31.49
CA GLU KA 8 -88.27 9.07 30.95
C GLU KA 8 -88.19 9.10 29.43
N ALA KA 9 -88.69 8.04 28.79
CA ALA KA 9 -88.55 7.90 27.35
C ALA KA 9 -89.22 9.06 26.63
N HIS KA 10 -88.48 9.70 25.73
CA HIS KA 10 -88.97 10.76 24.86
C HIS KA 10 -89.45 11.98 25.65
N ALA KA 11 -89.08 12.08 26.92
CA ALA KA 11 -89.41 13.28 27.71
C ALA KA 11 -88.57 14.48 27.30
N ARG KA 12 -87.42 14.26 26.66
CA ARG KA 12 -86.57 15.31 26.12
C ARG KA 12 -86.57 15.17 24.60
N PRO KA 13 -87.56 15.73 23.92
CA PRO KA 13 -87.71 15.49 22.47
C PRO KA 13 -86.62 16.14 21.63
N TYR KA 14 -85.84 17.06 22.19
CA TYR KA 14 -84.73 17.69 21.49
C TYR KA 14 -83.50 16.81 21.44
N MET KA 15 -83.44 15.75 22.24
CA MET KA 15 -82.22 14.96 22.36
C MET KA 15 -81.92 14.22 21.07
N ALA KA 16 -80.71 14.40 20.56
CA ALA KA 16 -80.26 13.76 19.34
C ALA KA 16 -79.04 12.90 19.62
N SER KA 17 -78.89 11.84 18.83
CA SER KA 17 -77.73 10.95 18.88
C SER KA 17 -76.97 11.10 17.57
N VAL KA 18 -75.81 11.74 17.62
CA VAL KA 18 -74.96 11.88 16.44
C VAL KA 18 -74.18 10.60 16.26
N GLN KA 19 -74.38 9.93 15.13
CA GLN KA 19 -73.87 8.58 14.92
C GLN KA 19 -72.80 8.58 13.84
N LEU KA 20 -71.79 7.73 14.04
CA LEU KA 20 -70.69 7.57 13.09
C LEU KA 20 -70.62 6.09 12.72
N ASN KA 21 -70.88 5.79 11.44
CA ASN KA 21 -70.85 4.43 10.93
C ASN KA 21 -71.83 3.51 11.67
N GLY KA 22 -72.98 4.06 12.05
CA GLY KA 22 -74.04 3.29 12.64
C GLY KA 22 -73.93 3.06 14.13
N ALA KA 23 -73.05 3.77 14.81
CA ALA KA 23 -72.90 3.65 16.25
C ALA KA 23 -72.96 5.05 16.88
N HIS KA 24 -73.44 5.11 18.11
CA HIS KA 24 -73.50 6.39 18.81
C HIS KA 24 -72.11 6.94 19.02
N LEU KA 25 -71.93 8.21 18.67
CA LEU KA 25 -70.66 8.91 18.83
C LEU KA 25 -70.75 10.04 19.83
N CYS KA 26 -71.76 10.91 19.68
CA CYS KA 26 -71.87 12.10 20.50
C CYS KA 26 -73.33 12.44 20.72
N GLY KA 27 -73.59 13.25 21.74
CA GLY KA 27 -74.90 13.82 21.92
C GLY KA 27 -75.13 14.99 20.98
N GLY KA 28 -76.40 15.36 20.87
CA GLY KA 28 -76.78 16.47 20.01
C GLY KA 28 -78.15 16.97 20.41
N VAL KA 29 -78.43 18.23 20.04
CA VAL KA 29 -79.68 18.88 20.38
C VAL KA 29 -80.27 19.50 19.12
N LEU KA 30 -81.53 19.15 18.84
CA LEU KA 30 -82.23 19.71 17.68
C LEU KA 30 -82.58 21.17 17.95
N VAL KA 31 -82.03 22.06 17.14
CA VAL KA 31 -82.27 23.50 17.31
C VAL KA 31 -83.12 24.10 16.20
N ALA KA 32 -83.42 23.34 15.15
CA ALA KA 32 -84.30 23.81 14.08
C ALA KA 32 -84.94 22.59 13.43
N GLU KA 33 -85.77 22.84 12.42
CA GLU KA 33 -86.43 21.73 11.74
C GLU KA 33 -85.41 20.83 11.03
N GLN KA 34 -84.26 21.37 10.65
CA GLN KA 34 -83.31 20.62 9.84
C GLN KA 34 -81.87 20.74 10.34
N TRP KA 35 -81.66 21.26 11.55
CA TRP KA 35 -80.32 21.51 12.07
C TRP KA 35 -80.17 20.93 13.46
N VAL KA 36 -79.05 20.25 13.70
CA VAL KA 36 -78.70 19.69 15.00
C VAL KA 36 -77.41 20.33 15.48
N LEU KA 37 -77.39 20.79 16.72
CA LEU KA 37 -76.21 21.39 17.32
C LEU KA 37 -75.46 20.35 18.13
N SER KA 38 -74.13 20.35 18.01
CA SER KA 38 -73.29 19.39 18.70
C SER KA 38 -71.91 20.02 18.91
N ALA KA 39 -70.94 19.20 19.31
CA ALA KA 39 -69.59 19.64 19.56
C ALA KA 39 -68.71 19.36 18.35
N ALA KA 40 -67.76 20.26 18.10
CA ALA KA 40 -66.90 20.14 16.91
C ALA KA 40 -65.87 19.03 17.07
N HIS KA 41 -65.38 18.79 18.28
CA HIS KA 41 -64.33 17.79 18.44
C HIS KA 41 -64.82 16.37 18.18
N CYS KA 42 -66.14 16.17 18.10
CA CYS KA 42 -66.66 14.83 17.80
C CYS KA 42 -66.20 14.35 16.43
N LEU KA 43 -66.04 15.26 15.47
CA LEU KA 43 -65.75 14.92 14.09
C LEU KA 43 -64.28 15.12 13.71
N GLU KA 44 -63.42 15.39 14.70
CA GLU KA 44 -62.00 15.58 14.40
C GLU KA 44 -61.38 14.30 13.86
N ASP KA 45 -61.67 13.17 14.50
CA ASP KA 45 -61.13 11.88 14.10
C ASP KA 45 -62.07 11.09 13.20
N ALA KA 46 -63.21 11.66 12.82
CA ALA KA 46 -64.23 10.90 12.10
C ALA KA 46 -63.73 10.42 10.75
N ALA KA 47 -62.93 11.24 10.07
CA ALA KA 47 -62.38 10.95 8.74
C ALA KA 47 -63.57 10.76 7.77
N ASP KA 48 -63.55 9.73 6.93
CA ASP KA 48 -64.60 9.51 5.95
C ASP KA 48 -65.80 8.75 6.51
N GLY KA 49 -65.94 8.70 7.83
CA GLY KA 49 -67.04 7.97 8.42
C GLY KA 49 -68.39 8.58 8.10
N LYS KA 50 -69.41 7.72 8.08
CA LYS KA 50 -70.76 8.15 7.73
C LYS KA 50 -71.41 8.82 8.94
N VAL KA 51 -71.72 10.10 8.82
CA VAL KA 51 -72.30 10.88 9.90
C VAL KA 51 -73.82 10.93 9.72
N GLN KA 52 -74.54 10.45 10.72
CA GLN KA 52 -76.00 10.46 10.72
C GLN KA 52 -76.49 10.97 12.08
N VAL KA 53 -77.76 11.38 12.11
CA VAL KA 53 -78.40 11.85 13.33
C VAL KA 53 -79.61 10.97 13.61
N LEU KA 54 -79.77 10.57 14.86
CA LEU KA 54 -80.89 9.76 15.30
C LEU KA 54 -81.79 10.62 16.19
N LEU KA 55 -83.03 10.82 15.76
CA LEU KA 55 -83.96 11.67 16.47
C LEU KA 55 -85.09 10.84 17.06
N GLY KA 56 -85.76 11.43 18.06
CA GLY KA 56 -86.87 10.77 18.73
C GLY KA 56 -86.53 9.43 19.33
N ALA KA 57 -85.30 9.27 19.82
CA ALA KA 57 -84.84 7.98 20.33
C ALA KA 57 -84.72 8.01 21.85
N HIS KA 58 -85.00 6.87 22.46
CA HIS KA 58 -84.65 6.61 23.85
C HIS KA 58 -83.66 5.47 23.98
N SER KA 59 -83.96 4.32 23.39
CA SER KA 59 -83.00 3.23 23.29
C SER KA 59 -82.29 3.31 21.94
N LEU KA 60 -80.97 3.11 21.96
CA LEU KA 60 -80.19 3.13 20.74
C LEU KA 60 -80.42 1.89 19.87
N SER KA 61 -80.94 0.81 20.45
CA SER KA 61 -81.09 -0.45 19.74
C SER KA 61 -82.52 -0.92 19.59
N GLN KA 62 -83.34 -0.79 20.65
CA GLN KA 62 -84.70 -1.28 20.60
C GLN KA 62 -85.52 -0.51 19.57
N PRO KA 63 -86.56 -1.13 19.00
CA PRO KA 63 -87.41 -0.43 18.05
C PRO KA 63 -88.38 0.51 18.75
N GLU KA 64 -88.54 1.70 18.17
CA GLU KA 64 -89.43 2.73 18.70
C GLU KA 64 -90.06 3.45 17.51
N PRO KA 65 -91.37 3.69 17.56
CA PRO KA 65 -92.04 4.35 16.41
C PRO KA 65 -91.51 5.73 16.10
N SER KA 66 -91.06 6.48 17.11
CA SER KA 66 -90.60 7.84 16.88
C SER KA 66 -89.14 7.89 16.41
N LYS KA 67 -88.38 6.81 16.57
CA LYS KA 67 -87.01 6.77 16.13
C LYS KA 67 -86.92 6.91 14.61
N ARG KA 68 -86.14 7.87 14.15
CA ARG KA 68 -85.84 8.00 12.73
C ARG KA 68 -84.39 8.45 12.57
N LEU KA 69 -83.64 7.75 11.74
CA LEU KA 69 -82.23 8.05 11.49
C LEU KA 69 -82.12 8.94 10.25
N TYR KA 70 -81.50 10.10 10.41
CA TYR KA 70 -81.40 11.11 9.36
C TYR KA 70 -79.99 11.17 8.82
N ASP KA 71 -79.86 11.21 7.49
CA ASP KA 71 -78.57 11.47 6.87
C ASP KA 71 -78.21 12.94 7.02
N VAL KA 72 -76.91 13.22 7.06
CA VAL KA 72 -76.40 14.58 7.23
C VAL KA 72 -76.02 15.12 5.86
N LEU KA 73 -76.70 16.19 5.44
CA LEU KA 73 -76.45 16.79 4.14
C LEU KA 73 -75.22 17.68 4.14
N ARG KA 74 -74.93 18.32 5.28
CA ARG KA 74 -73.89 19.35 5.33
C ARG KA 74 -73.43 19.49 6.77
N ALA KA 75 -72.12 19.54 6.98
CA ALA KA 75 -71.53 19.62 8.32
C ALA KA 75 -70.72 20.91 8.44
N VAL KA 76 -71.05 21.71 9.44
CA VAL KA 76 -70.43 23.03 9.62
C VAL KA 76 -69.82 23.14 11.01
N PRO KA 77 -68.54 22.82 11.19
CA PRO KA 77 -67.87 23.13 12.45
C PRO KA 77 -67.56 24.61 12.54
N HIS KA 78 -67.49 25.11 13.77
CA HIS KA 78 -67.14 26.51 13.97
C HIS KA 78 -65.77 26.79 13.36
N PRO KA 79 -65.64 27.83 12.52
CA PRO KA 79 -64.39 28.02 11.77
C PRO KA 79 -63.15 28.24 12.62
N ASP KA 80 -63.30 28.54 13.90
CA ASP KA 80 -62.17 28.76 14.79
C ASP KA 80 -61.90 27.57 15.71
N SER KA 81 -62.58 26.45 15.49
CA SER KA 81 -62.34 25.26 16.30
C SER KA 81 -61.12 24.51 15.78
N GLN KA 82 -60.27 24.06 16.69
CA GLN KA 82 -59.06 23.32 16.37
C GLN KA 82 -58.85 22.26 17.43
N PRO KA 83 -58.07 21.21 17.12
CA PRO KA 83 -57.91 20.11 18.08
C PRO KA 83 -57.08 20.46 19.30
N ASP KA 84 -56.34 21.57 19.28
CA ASP KA 84 -55.48 21.92 20.41
C ASP KA 84 -56.23 22.63 21.53
N THR KA 85 -57.45 23.10 21.29
CA THR KA 85 -58.17 23.92 22.26
C THR KA 85 -59.57 23.36 22.48
N ILE KA 86 -60.17 23.79 23.59
CA ILE KA 86 -61.59 23.55 23.85
C ILE KA 86 -62.44 24.73 23.40
N ASP KA 87 -61.86 25.74 22.77
CA ASP KA 87 -62.58 26.94 22.40
C ASP KA 87 -63.39 26.71 21.13
N HIS KA 88 -64.55 27.35 21.07
CA HIS KA 88 -65.41 27.35 19.88
C HIS KA 88 -65.77 25.92 19.45
N ASP KA 89 -66.12 25.09 20.43
CA ASP KA 89 -66.32 23.65 20.19
C ASP KA 89 -67.77 23.36 19.81
N LEU KA 90 -68.24 24.03 18.76
CA LEU KA 90 -69.61 23.90 18.31
C LEU KA 90 -69.66 23.34 16.89
N LEU KA 91 -70.69 22.54 16.63
CA LEU KA 91 -70.89 21.89 15.34
C LEU KA 91 -72.36 21.94 14.98
N LEU KA 92 -72.64 22.24 13.71
CA LEU KA 92 -74.00 22.31 13.19
C LEU KA 92 -74.13 21.35 12.02
N LEU KA 93 -75.03 20.38 12.14
CA LEU KA 93 -75.26 19.37 11.12
C LEU KA 93 -76.63 19.61 10.48
N GLN KA 94 -76.64 19.74 9.16
CA GLN KA 94 -77.89 19.93 8.41
C GLN KA 94 -78.43 18.56 8.00
N LEU KA 95 -79.67 18.27 8.39
CA LEU KA 95 -80.27 16.99 8.07
C LEU KA 95 -80.59 16.91 6.58
N SER KA 96 -80.76 15.66 6.11
CA SER KA 96 -81.10 15.45 4.70
C SER KA 96 -82.44 16.07 4.35
N GLU KA 97 -83.38 16.08 5.30
CA GLU KA 97 -84.68 16.69 5.11
C GLU KA 97 -85.16 17.20 6.46
N LYS KA 98 -86.20 18.01 6.44
CA LYS KA 98 -86.75 18.53 7.69
C LYS KA 98 -87.27 17.39 8.55
N ALA KA 99 -87.05 17.51 9.86
CA ALA KA 99 -87.37 16.43 10.78
C ALA KA 99 -88.88 16.31 10.99
N THR KA 100 -89.38 15.07 10.97
CA THR KA 100 -90.78 14.81 11.25
C THR KA 100 -91.06 15.12 12.71
N LEU KA 101 -91.68 16.27 12.96
CA LEU KA 101 -91.93 16.72 14.32
C LEU KA 101 -93.13 15.99 14.93
N GLY KA 102 -93.09 15.87 16.25
CA GLY KA 102 -94.15 15.21 16.99
C GLY KA 102 -93.99 15.39 18.48
N PRO KA 103 -94.63 14.52 19.27
CA PRO KA 103 -94.46 14.59 20.73
C PRO KA 103 -93.10 14.13 21.19
N ALA KA 104 -92.35 13.39 20.37
CA ALA KA 104 -91.03 12.90 20.75
C ALA KA 104 -89.89 13.57 19.98
N VAL KA 105 -90.20 14.41 19.00
CA VAL KA 105 -89.19 15.12 18.22
C VAL KA 105 -89.61 16.59 18.18
N ARG KA 106 -88.84 17.44 18.85
CA ARG KA 106 -89.20 18.86 18.88
C ARG KA 106 -87.95 19.70 19.14
N PRO KA 107 -87.74 20.77 18.36
CA PRO KA 107 -86.56 21.61 18.59
C PRO KA 107 -86.66 22.35 19.91
N LEU KA 108 -85.49 22.60 20.51
CA LEU KA 108 -85.37 23.26 21.79
C LEU KA 108 -84.89 24.69 21.59
N PRO KA 109 -85.60 25.68 22.11
CA PRO KA 109 -85.13 27.07 22.00
C PRO KA 109 -83.86 27.26 22.81
N TRP KA 110 -82.87 27.91 22.20
CA TRP KA 110 -81.57 28.12 22.83
C TRP KA 110 -81.43 29.57 23.28
N GLN KA 111 -80.60 29.77 24.30
CA GLN KA 111 -80.45 31.08 24.91
C GLN KA 111 -79.81 32.05 23.93
N ARG KA 112 -80.46 33.20 23.74
CA ARG KA 112 -79.96 34.25 22.86
C ARG KA 112 -79.41 35.46 23.61
N VAL KA 113 -79.75 35.61 24.89
CA VAL KA 113 -79.22 36.70 25.72
C VAL KA 113 -77.90 36.25 26.33
N ASP KA 114 -76.86 37.06 26.15
CA ASP KA 114 -75.50 36.68 26.57
C ASP KA 114 -75.29 37.06 28.05
N ARG KA 115 -75.94 36.30 28.93
CA ARG KA 115 -75.80 36.48 30.36
C ARG KA 115 -75.40 35.16 31.00
N ASP KA 116 -74.53 35.25 32.01
CA ASP KA 116 -74.05 34.06 32.70
C ASP KA 116 -75.16 33.43 33.53
N VAL KA 117 -75.24 32.10 33.48
CA VAL KA 117 -76.11 31.37 34.39
C VAL KA 117 -75.56 31.52 35.80
N ALA KA 118 -76.43 31.93 36.73
CA ALA KA 118 -75.99 32.16 38.10
C ALA KA 118 -75.42 30.88 38.70
N PRO KA 119 -74.27 30.94 39.37
CA PRO KA 119 -73.73 29.74 40.02
C PRO KA 119 -74.71 29.19 41.05
N GLY KA 120 -74.68 27.88 41.22
CA GLY KA 120 -75.65 27.18 42.04
C GLY KA 120 -76.87 26.70 41.30
N THR KA 121 -77.16 27.28 40.14
CA THR KA 121 -78.32 26.86 39.35
C THR KA 121 -78.22 25.39 38.98
N LEU KA 122 -79.27 24.64 39.28
CA LEU KA 122 -79.34 23.24 38.85
C LEU KA 122 -79.74 23.18 37.38
N CYS KA 123 -78.96 22.45 36.59
CA CYS KA 123 -79.21 22.29 35.17
C CYS KA 123 -79.28 20.80 34.83
N ASP KA 124 -80.03 20.48 33.78
CA ASP KA 124 -80.25 19.11 33.37
C ASP KA 124 -79.41 18.81 32.13
N VAL KA 125 -78.69 17.69 32.17
CA VAL KA 125 -77.85 17.25 31.07
C VAL KA 125 -78.13 15.77 30.83
N ALA KA 126 -78.17 15.38 29.55
CA ALA KA 126 -78.50 13.99 29.19
C ALA KA 126 -77.57 13.52 28.09
N GLY KA 127 -77.47 12.20 27.95
CA GLY KA 127 -76.61 11.62 26.94
C GLY KA 127 -76.55 10.12 27.10
N TRP KA 128 -75.93 9.48 26.09
CA TRP KA 128 -75.69 8.05 26.09
C TRP KA 128 -74.23 7.71 26.40
N GLY KA 129 -73.55 8.55 27.19
CA GLY KA 129 -72.16 8.34 27.49
C GLY KA 129 -71.95 7.48 28.73
N ILE KA 130 -70.67 7.32 29.08
CA ILE KA 130 -70.21 6.54 30.22
C ILE KA 130 -71.09 6.75 31.45
N VAL KA 131 -71.41 5.68 32.17
CA VAL KA 131 -72.20 5.76 33.38
C VAL KA 131 -71.47 5.21 34.60
N ASN KA 132 -70.23 4.75 34.45
CA ASN KA 132 -69.48 4.22 35.58
C ASN KA 132 -68.00 4.28 35.25
N HIS KA 133 -67.17 4.31 36.30
CA HIS KA 133 -65.74 4.48 36.12
C HIS KA 133 -65.10 3.36 35.31
N ALA KA 134 -65.81 2.24 35.13
CA ALA KA 134 -65.29 1.18 34.26
C ALA KA 134 -65.24 1.59 32.80
N GLY KA 135 -66.04 2.58 32.41
CA GLY KA 135 -66.01 3.12 31.07
C GLY KA 135 -67.03 2.56 30.10
N ARG KA 136 -68.08 1.89 30.57
CA ARG KA 136 -69.05 1.27 29.69
C ARG KA 136 -70.24 2.20 29.46
N ARG KA 137 -70.96 1.94 28.35
CA ARG KA 137 -71.99 2.84 27.86
C ARG KA 137 -73.39 2.23 28.02
N PRO KA 138 -74.43 3.08 28.13
CA PRO KA 138 -75.79 2.56 28.29
C PRO KA 138 -76.55 2.51 26.98
N ASP KA 139 -77.62 1.72 26.94
CA ASP KA 139 -78.47 1.62 25.76
C ASP KA 139 -79.58 2.66 25.78
N SER KA 140 -80.13 2.95 26.95
CA SER KA 140 -81.19 3.95 27.08
C SER KA 140 -80.62 5.26 27.58
N LEU KA 141 -81.33 6.35 27.27
CA LEU KA 141 -80.85 7.68 27.60
C LEU KA 141 -80.80 7.89 29.12
N GLN KA 142 -79.73 8.52 29.59
CA GLN KA 142 -79.53 8.83 31.00
C GLN KA 142 -79.53 10.34 31.19
N HIS KA 143 -79.66 10.77 32.44
CA HIS KA 143 -79.70 12.20 32.74
C HIS KA 143 -79.29 12.40 34.20
N VAL KA 144 -79.06 13.67 34.55
CA VAL KA 144 -78.65 14.04 35.90
C VAL KA 144 -78.79 15.55 36.03
N LEU KA 145 -78.88 16.03 37.26
CA LEU KA 145 -78.98 17.46 37.57
C LEU KA 145 -77.66 17.95 38.14
N LEU KA 146 -77.11 19.01 37.55
CA LEU KA 146 -75.82 19.54 37.96
C LEU KA 146 -75.92 21.00 38.36
N PRO KA 147 -75.29 21.39 39.47
CA PRO KA 147 -75.23 22.81 39.82
C PRO KA 147 -74.12 23.53 39.07
N VAL KA 148 -74.41 24.76 38.65
CA VAL KA 148 -73.43 25.55 37.92
C VAL KA 148 -72.36 26.06 38.87
N LEU KA 149 -71.11 25.98 38.45
CA LEU KA 149 -69.97 26.43 39.23
C LEU KA 149 -69.47 27.76 38.69
N ASP KA 150 -69.05 28.66 39.59
CA ASP KA 150 -68.60 29.97 39.18
C ASP KA 150 -67.27 29.88 38.44
N ARG KA 151 -67.05 30.84 37.54
CA ARG KA 151 -65.91 30.78 36.63
C ARG KA 151 -64.59 30.99 37.36
N ALA KA 152 -64.58 31.75 38.45
CA ALA KA 152 -63.34 31.97 39.17
C ALA KA 152 -62.84 30.69 39.81
N THR KA 153 -63.72 29.96 40.50
CA THR KA 153 -63.34 28.67 41.05
C THR KA 153 -62.88 27.72 39.95
N CYS KA 154 -63.56 27.73 38.82
CA CYS KA 154 -63.27 26.80 37.75
C CYS KA 154 -61.92 27.09 37.08
N ASN KA 155 -61.40 28.31 37.21
CA ASN KA 155 -60.13 28.67 36.59
C ASN KA 155 -58.93 28.52 37.50
N ARG KA 156 -59.11 28.00 38.72
CA ARG KA 156 -57.99 27.81 39.63
C ARG KA 156 -57.00 26.79 39.05
N ARG KA 157 -55.76 26.87 39.53
CA ARG KA 157 -54.72 25.98 39.04
C ARG KA 157 -55.04 24.52 39.32
N THR KA 158 -55.71 24.23 40.45
CA THR KA 158 -56.14 22.86 40.73
C THR KA 158 -57.20 22.39 39.76
N HIS KA 159 -57.95 23.30 39.13
CA HIS KA 159 -59.03 22.92 38.26
C HIS KA 159 -58.61 23.05 36.79
N HIS KA 160 -59.13 24.04 36.09
CA HIS KA 160 -58.87 24.18 34.66
C HIS KA 160 -57.90 25.30 34.34
N ASP KA 161 -57.37 25.99 35.34
CA ASP KA 161 -56.15 26.80 35.20
C ASP KA 161 -56.30 27.89 34.14
N GLY KA 162 -57.36 28.69 34.28
CA GLY KA 162 -57.55 29.82 33.40
C GLY KA 162 -58.00 29.47 31.99
N ALA KA 163 -58.49 28.25 31.76
CA ALA KA 163 -58.94 27.85 30.43
C ALA KA 163 -60.41 28.16 30.18
N ILE KA 164 -61.16 28.57 31.20
CA ILE KA 164 -62.60 28.80 31.07
C ILE KA 164 -62.79 30.27 30.69
N THR KA 165 -62.99 30.52 29.40
CA THR KA 165 -63.20 31.86 28.91
C THR KA 165 -64.62 32.33 29.23
N GLU KA 166 -64.92 33.58 28.86
CA GLU KA 166 -66.27 34.10 29.03
C GLU KA 166 -67.29 33.34 28.20
N ARG KA 167 -66.85 32.58 27.20
CA ARG KA 167 -67.74 31.82 26.34
C ARG KA 167 -67.90 30.38 26.79
N LEU KA 168 -67.45 30.05 28.00
CA LEU KA 168 -67.59 28.72 28.57
C LEU KA 168 -68.20 28.84 29.97
N MET KA 169 -68.79 27.73 30.43
CA MET KA 169 -69.35 27.66 31.77
C MET KA 169 -68.99 26.32 32.39
N CYS KA 170 -69.11 26.24 33.71
CA CYS KA 170 -68.73 25.06 34.45
C CYS KA 170 -69.88 24.55 35.30
N ALA KA 171 -69.87 23.25 35.56
CA ALA KA 171 -70.80 22.60 36.47
C ALA KA 171 -70.02 21.63 37.35
N GLU KA 172 -70.54 21.40 38.56
CA GLU KA 172 -69.84 20.53 39.50
C GLU KA 172 -69.74 19.12 38.94
N SER KA 173 -68.74 18.38 39.43
CA SER KA 173 -68.45 17.05 38.91
C SER KA 173 -68.21 16.03 40.02
N ASN KA 174 -68.72 16.28 41.22
CA ASN KA 174 -68.51 15.37 42.35
C ASN KA 174 -69.53 14.25 42.26
N ARG KA 175 -69.10 13.11 41.72
CA ARG KA 175 -69.91 11.90 41.58
C ARG KA 175 -71.12 12.08 40.67
N ARG KA 176 -71.38 13.31 40.24
CA ARG KA 176 -72.38 13.62 39.22
C ARG KA 176 -71.70 14.42 38.13
N ASP KA 177 -71.75 13.94 36.90
CA ASP KA 177 -71.00 14.59 35.83
C ASP KA 177 -71.52 14.14 34.48
N SER KA 178 -71.08 14.83 33.44
CA SER KA 178 -71.16 14.37 32.07
C SER KA 178 -69.83 13.76 31.68
N CYS KA 179 -69.86 12.80 30.76
CA CYS KA 179 -68.69 11.99 30.46
C CYS KA 179 -68.48 11.90 28.95
N LYS KA 180 -67.49 11.12 28.55
CA LYS KA 180 -67.26 10.86 27.14
C LYS KA 180 -68.50 10.20 26.54
N GLY KA 181 -68.83 10.59 25.31
CA GLY KA 181 -70.06 10.17 24.70
C GLY KA 181 -71.25 11.07 24.99
N ASP KA 182 -71.13 11.93 25.99
CA ASP KA 182 -72.11 12.99 26.24
C ASP KA 182 -71.73 14.30 25.58
N SER KA 183 -70.59 14.34 24.89
CA SER KA 183 -70.17 15.55 24.20
C SER KA 183 -71.19 15.92 23.14
N GLY KA 184 -71.34 17.23 22.92
CA GLY KA 184 -72.35 17.72 22.01
C GLY KA 184 -73.76 17.70 22.55
N GLY KA 185 -73.96 17.21 23.77
CA GLY KA 185 -75.28 17.14 24.36
C GLY KA 185 -75.69 18.44 25.00
N PRO KA 186 -76.97 18.54 25.34
CA PRO KA 186 -77.52 19.79 25.86
C PRO KA 186 -77.36 19.94 27.37
N LEU KA 187 -77.03 21.17 27.78
CA LEU KA 187 -77.07 21.56 29.19
C LEU KA 187 -78.23 22.56 29.32
N VAL KA 188 -79.36 22.07 29.81
CA VAL KA 188 -80.59 22.84 29.86
C VAL KA 188 -80.78 23.39 31.27
N CYS KA 189 -80.96 24.71 31.38
CA CYS KA 189 -81.26 25.37 32.64
C CYS KA 189 -82.54 26.18 32.47
N GLY KA 190 -83.56 25.84 33.25
CA GLY KA 190 -84.83 26.52 33.13
C GLY KA 190 -85.53 26.30 31.81
N GLY KA 191 -85.46 25.08 31.27
CA GLY KA 191 -86.11 24.76 30.02
C GLY KA 191 -85.49 25.39 28.79
N VAL KA 192 -84.33 26.02 28.92
CA VAL KA 192 -83.66 26.69 27.82
C VAL KA 192 -82.27 26.08 27.66
N LEU KA 193 -81.88 25.82 26.41
CA LEU KA 193 -80.53 25.36 26.12
C LEU KA 193 -79.54 26.48 26.42
N GLU KA 194 -78.71 26.26 27.45
CA GLU KA 194 -77.71 27.25 27.83
C GLU KA 194 -76.30 26.88 27.41
N GLY KA 195 -75.98 25.58 27.39
CA GLY KA 195 -74.63 25.16 27.05
C GLY KA 195 -74.63 23.84 26.31
N VAL KA 196 -73.51 23.57 25.65
CA VAL KA 196 -73.28 22.32 24.94
C VAL KA 196 -72.08 21.63 25.57
N VAL KA 197 -72.25 20.35 25.92
CA VAL KA 197 -71.15 19.59 26.50
C VAL KA 197 -69.97 19.53 25.55
N THR KA 198 -68.77 19.81 26.07
CA THR KA 198 -67.56 19.63 25.28
C THR KA 198 -66.82 18.36 25.71
N SER KA 199 -66.35 18.29 26.96
CA SER KA 199 -65.60 17.14 27.46
C SER KA 199 -64.47 16.73 26.51
N GLY KA 200 -64.45 15.46 26.11
CA GLY KA 200 -63.54 14.97 25.09
C GLY KA 200 -62.29 14.37 25.67
N SER KA 201 -61.47 15.20 26.30
CA SER KA 201 -60.20 14.75 26.86
C SER KA 201 -60.19 14.80 28.38
N ARG KA 202 -61.36 14.90 29.01
CA ARG KA 202 -61.47 15.02 30.46
C ARG KA 202 -62.18 13.80 31.02
N VAL KA 203 -61.55 13.16 32.00
CA VAL KA 203 -62.17 12.03 32.69
C VAL KA 203 -63.14 12.56 33.73
N CYS KA 204 -64.34 11.97 33.78
CA CYS KA 204 -65.43 12.52 34.57
C CYS KA 204 -65.47 11.91 35.97
N GLY KA 205 -66.17 12.59 36.86
CA GLY KA 205 -66.35 12.16 38.23
C GLY KA 205 -65.39 12.76 39.22
N ASN KA 206 -64.38 13.49 38.76
CA ASN KA 206 -63.38 14.09 39.64
C ASN KA 206 -63.84 15.50 40.02
N ARG KA 207 -64.05 15.72 41.33
CA ARG KA 207 -64.54 17.01 41.79
C ARG KA 207 -63.56 18.14 41.48
N LYS KA 208 -62.28 17.83 41.31
CA LYS KA 208 -61.27 18.85 41.06
C LYS KA 208 -61.19 19.24 39.58
N LYS KA 209 -61.87 18.53 38.69
CA LYS KA 209 -61.92 18.86 37.27
C LYS KA 209 -63.38 18.96 36.86
N PRO KA 210 -64.00 20.13 37.01
CA PRO KA 210 -65.43 20.25 36.73
C PRO KA 210 -65.74 20.06 35.25
N GLY KA 211 -67.01 19.85 34.96
CA GLY KA 211 -67.44 19.75 33.59
C GLY KA 211 -67.43 21.11 32.90
N ILE KA 212 -67.13 21.09 31.61
CA ILE KA 212 -67.04 22.30 30.80
C ILE KA 212 -68.16 22.26 29.76
N TYR KA 213 -68.76 23.42 29.50
CA TYR KA 213 -69.89 23.53 28.59
C TYR KA 213 -69.78 24.83 27.82
N THR KA 214 -69.95 24.76 26.50
CA THR KA 214 -69.84 25.94 25.65
C THR KA 214 -71.16 26.72 25.68
N ARG KA 215 -71.08 27.99 26.07
CA ARG KA 215 -72.28 28.82 26.21
C ARG KA 215 -72.82 29.20 24.84
N VAL KA 216 -74.03 28.71 24.52
CA VAL KA 216 -74.61 28.95 23.20
C VAL KA 216 -74.87 30.43 22.97
N ALA KA 217 -75.08 31.19 24.04
CA ALA KA 217 -75.39 32.61 23.90
C ALA KA 217 -74.23 33.37 23.26
N SER KA 218 -73.00 32.99 23.59
CA SER KA 218 -71.83 33.66 23.04
C SER KA 218 -71.61 33.38 21.57
N TYR KA 219 -72.40 32.49 20.97
CA TYR KA 219 -72.26 32.16 19.56
C TYR KA 219 -73.57 32.36 18.81
N ALA KA 220 -74.42 33.26 19.32
CA ALA KA 220 -75.73 33.47 18.70
C ALA KA 220 -75.60 33.99 17.28
N ALA KA 221 -74.63 34.88 17.04
CA ALA KA 221 -74.43 35.41 15.69
C ALA KA 221 -74.04 34.31 14.72
N TRP KA 222 -73.15 33.41 15.13
CA TRP KA 222 -72.71 32.35 14.24
C TRP KA 222 -73.83 31.36 13.95
N ILE KA 223 -74.58 30.97 14.98
CA ILE KA 223 -75.67 30.01 14.79
C ILE KA 223 -76.71 30.58 13.83
N ASP KA 224 -77.05 31.86 13.99
CA ASP KA 224 -78.05 32.47 13.12
C ASP KA 224 -77.59 32.51 11.67
N SER KA 225 -76.29 32.70 11.45
CA SER KA 225 -75.78 32.80 10.08
C SER KA 225 -75.84 31.47 9.36
N VAL KA 226 -75.62 30.37 10.08
CA VAL KA 226 -75.66 29.04 9.45
C VAL KA 226 -77.10 28.59 9.25
N LEU KA 227 -77.97 28.86 10.21
CA LEU KA 227 -79.37 28.45 10.10
C LEU KA 227 -80.18 29.35 9.17
N ALA KA 228 -79.64 30.50 8.80
CA ALA KA 228 -80.34 31.44 7.92
C ALA KA 228 -80.62 30.82 6.56
N ASP LA 1 -51.70 22.24 58.20
CA ASP LA 1 -50.78 22.81 57.22
C ASP LA 1 -49.92 21.73 56.58
N ILE LA 2 -49.86 21.75 55.26
CA ILE LA 2 -48.97 20.88 54.50
C ILE LA 2 -47.61 21.56 54.41
N GLN LA 3 -46.59 20.90 54.94
CA GLN LA 3 -45.25 21.47 55.00
C GLN LA 3 -44.51 21.17 53.70
N MET LA 4 -43.88 22.20 53.13
CA MET LA 4 -43.06 22.07 51.93
C MET LA 4 -41.60 22.30 52.33
N THR LA 5 -40.84 21.23 52.41
CA THR LA 5 -39.44 21.27 52.81
C THR LA 5 -38.57 21.27 51.56
N GLN LA 6 -37.98 22.41 51.24
CA GLN LA 6 -37.16 22.57 50.05
C GLN LA 6 -35.69 22.32 50.38
N SER LA 7 -35.01 21.60 49.50
CA SER LA 7 -33.59 21.30 49.66
C SER LA 7 -32.89 21.41 48.32
N PRO LA 8 -31.64 21.89 48.30
CA PRO LA 8 -30.93 22.38 49.47
C PRO LA 8 -31.16 23.87 49.71
N SER LA 9 -30.68 24.40 50.83
CA SER LA 9 -30.83 25.83 51.09
C SER LA 9 -30.06 26.67 50.07
N SER LA 10 -28.82 26.28 49.79
CA SER LA 10 -28.00 26.94 48.80
C SER LA 10 -27.32 25.88 47.94
N LEU LA 11 -26.68 26.35 46.86
CA LEU LA 11 -26.20 25.44 45.83
C LEU LA 11 -25.24 26.16 44.89
N SER LA 12 -23.99 25.68 44.80
CA SER LA 12 -22.97 26.29 43.96
C SER LA 12 -22.72 25.42 42.74
N ALA LA 13 -22.85 26.03 41.56
CA ALA LA 13 -22.61 25.31 40.31
C ALA LA 13 -22.00 26.25 39.29
N SER LA 14 -21.46 25.66 38.23
CA SER LA 14 -20.86 26.39 37.13
C SER LA 14 -21.88 26.57 36.01
N VAL LA 15 -21.55 27.47 35.08
CA VAL LA 15 -22.41 27.67 33.91
C VAL LA 15 -22.36 26.43 33.04
N GLY LA 16 -23.52 25.98 32.58
CA GLY LA 16 -23.62 24.78 31.78
C GLY LA 16 -23.84 23.50 32.56
N ASP LA 17 -23.86 23.57 33.89
CA ASP LA 17 -24.09 22.39 34.71
C ASP LA 17 -25.57 22.04 34.76
N ARG LA 18 -25.86 20.75 34.94
CA ARG LA 18 -27.19 20.29 35.28
C ARG LA 18 -27.38 20.39 36.79
N VAL LA 19 -28.52 20.92 37.22
CA VAL LA 19 -28.73 21.27 38.61
C VAL LA 19 -30.14 20.83 39.03
N THR LA 20 -30.26 20.37 40.27
CA THR LA 20 -31.49 19.79 40.79
C THR LA 20 -31.88 20.47 42.09
N ILE LA 21 -33.12 20.97 42.14
CA ILE LA 21 -33.70 21.54 43.35
C ILE LA 21 -34.91 20.69 43.73
N THR LA 22 -35.06 20.45 45.03
CA THR LA 22 -35.96 19.42 45.53
C THR LA 22 -36.89 20.00 46.59
N CYS LA 23 -38.10 19.44 46.65
CA CYS LA 23 -39.15 19.95 47.53
C CYS LA 23 -40.01 18.77 47.99
N LYS LA 24 -40.04 18.51 49.29
CA LYS LA 24 -40.77 17.38 49.86
C LYS LA 24 -41.99 17.87 50.62
N ALA LA 25 -43.16 17.33 50.27
CA ALA LA 25 -44.40 17.68 50.96
C ALA LA 25 -44.68 16.70 52.08
N SER LA 26 -45.26 17.23 53.17
CA SER LA 26 -45.55 16.40 54.34
C SER LA 26 -46.67 15.40 54.07
N GLN LA 27 -47.39 15.55 52.97
CA GLN LA 27 -48.41 14.57 52.57
C GLN LA 27 -48.70 14.77 51.09
N ASN LA 28 -49.50 13.87 50.54
CA ASN LA 28 -49.84 13.94 49.12
C ASN LA 28 -50.43 15.30 48.76
N VAL LA 29 -50.00 15.83 47.62
CA VAL LA 29 -50.56 17.07 47.08
C VAL LA 29 -50.82 16.87 45.59
N ASP LA 30 -50.89 15.61 45.17
CA ASP LA 30 -51.11 15.23 43.76
C ASP LA 30 -50.02 15.89 42.93
N THR LA 31 -50.36 16.74 41.95
CA THR LA 31 -49.37 17.49 41.18
C THR LA 31 -49.59 18.98 41.33
N ASP LA 32 -50.26 19.41 42.40
CA ASP LA 32 -50.58 20.81 42.62
C ASP LA 32 -49.38 21.55 43.22
N VAL LA 33 -48.30 21.59 42.44
CA VAL LA 33 -47.05 22.20 42.84
C VAL LA 33 -46.62 23.18 41.76
N ALA LA 34 -46.19 24.37 42.18
CA ALA LA 34 -45.68 25.39 41.29
C ALA LA 34 -44.28 25.79 41.71
N TRP LA 35 -43.47 26.17 40.73
CA TRP LA 35 -42.10 26.61 40.97
C TRP LA 35 -41.96 28.07 40.56
N PHE LA 36 -41.27 28.84 41.40
CA PHE LA 36 -41.07 30.26 41.16
C PHE LA 36 -39.58 30.59 41.18
N GLN LA 37 -39.20 31.59 40.40
CA GLN LA 37 -37.85 32.14 40.38
C GLN LA 37 -37.89 33.59 40.85
N GLN LA 38 -36.89 33.97 41.64
CA GLN LA 38 -36.80 35.35 42.12
C GLN LA 38 -35.35 35.81 42.12
N LYS LA 39 -35.09 36.91 41.46
CA LYS LA 39 -33.81 37.60 41.42
C LYS LA 39 -33.83 38.77 42.39
N PRO LA 40 -32.66 39.25 42.83
CA PRO LA 40 -32.63 40.26 43.90
C PRO LA 40 -33.37 41.53 43.50
N GLY LA 41 -34.22 42.01 44.40
CA GLY LA 41 -34.93 43.26 44.19
C GLY LA 41 -36.08 43.22 43.22
N LYS LA 42 -36.42 42.04 42.69
CA LYS LA 42 -37.47 41.92 41.70
C LYS LA 42 -38.56 40.97 42.20
N ALA LA 43 -39.72 41.04 41.55
CA ALA LA 43 -40.85 40.23 41.95
C ALA LA 43 -40.62 38.77 41.54
N PRO LA 44 -41.19 37.82 42.28
CA PRO LA 44 -41.12 36.42 41.86
C PRO LA 44 -41.74 36.23 40.47
N LYS LA 45 -41.22 35.24 39.76
CA LYS LA 45 -41.65 34.93 38.40
C LYS LA 45 -42.07 33.47 38.34
N GLY LA 46 -43.15 33.19 37.61
CA GLY LA 46 -43.66 31.84 37.52
C GLY LA 46 -42.89 31.02 36.50
N LEU LA 47 -42.43 29.84 36.92
CA LEU LA 47 -41.74 28.91 36.04
C LEU LA 47 -42.62 27.73 35.65
N ILE LA 48 -43.06 26.97 36.65
CA ILE LA 48 -43.79 25.73 36.44
C ILE LA 48 -45.07 25.77 37.26
N ARG LA 49 -46.13 25.18 36.71
CA ARG LA 49 -47.34 24.87 37.45
C ARG LA 49 -47.73 23.43 37.12
N SER LA 50 -48.63 22.89 37.93
CA SER LA 50 -49.06 21.49 37.78
C SER LA 50 -47.87 20.54 37.81
N ALA LA 51 -46.84 20.94 38.57
CA ALA LA 51 -45.63 20.17 38.81
C ALA LA 51 -44.72 20.09 37.59
N SER LA 52 -45.29 20.09 36.39
CA SER LA 52 -44.51 19.87 35.18
C SER LA 52 -44.77 20.83 34.03
N SER LA 53 -45.86 21.60 34.06
CA SER LA 53 -46.18 22.48 32.94
C SER LA 53 -45.45 23.81 33.06
N ARG LA 54 -44.76 24.19 32.00
CA ARG LA 54 -44.08 25.48 31.94
C ARG LA 54 -45.04 26.58 31.51
N TYR LA 55 -44.77 27.79 31.99
CA TYR LA 55 -45.47 28.97 31.49
C TYR LA 55 -44.82 29.44 30.19
N SER LA 56 -45.56 30.28 29.46
CA SER LA 56 -45.04 30.83 28.21
C SER LA 56 -43.80 31.67 28.48
N GLY LA 57 -42.78 31.49 27.64
CA GLY LA 57 -41.54 32.22 27.76
C GLY LA 57 -40.51 31.58 28.67
N VAL LA 58 -40.87 30.54 29.40
CA VAL LA 58 -39.92 29.82 30.25
C VAL LA 58 -39.08 28.92 29.34
N PRO LA 59 -37.76 29.07 29.35
CA PRO LA 59 -36.92 28.24 28.46
C PRO LA 59 -37.06 26.76 28.76
N SER LA 60 -36.77 25.95 27.74
CA SER LA 60 -36.97 24.52 27.84
C SER LA 60 -36.04 23.86 28.86
N ARG LA 61 -34.95 24.54 29.25
CA ARG LA 61 -34.02 23.93 30.20
C ARG LA 61 -34.61 23.78 31.60
N PHE LA 62 -35.71 24.46 31.90
CA PHE LA 62 -36.41 24.27 33.15
C PHE LA 62 -37.44 23.15 32.99
N SER LA 63 -37.38 22.16 33.88
CA SER LA 63 -38.38 21.09 33.88
C SER LA 63 -38.79 20.79 35.31
N GLY LA 64 -40.02 20.36 35.48
CA GLY LA 64 -40.54 19.97 36.78
C GLY LA 64 -41.06 18.55 36.73
N SER LA 65 -40.71 17.77 37.77
CA SER LA 65 -41.13 16.38 37.85
C SER LA 65 -41.70 16.11 39.24
N GLY LA 66 -42.39 14.97 39.36
CA GLY LA 66 -42.90 14.53 40.64
C GLY LA 66 -44.42 14.49 40.74
N SER LA 67 -44.92 13.61 41.60
CA SER LA 67 -46.35 13.54 41.90
C SER LA 67 -46.52 12.83 43.24
N GLY LA 68 -47.30 13.44 44.13
CA GLY LA 68 -47.46 12.90 45.46
C GLY LA 68 -46.80 13.77 46.51
N THR LA 69 -45.57 13.42 46.90
CA THR LA 69 -44.89 14.11 47.99
C THR LA 69 -43.54 14.69 47.61
N ASP LA 70 -42.91 14.21 46.53
CA ASP LA 70 -41.52 14.56 46.22
C ASP LA 70 -41.44 15.14 44.82
N PHE LA 71 -40.98 16.38 44.72
CA PHE LA 71 -41.00 17.13 43.47
C PHE LA 71 -39.62 17.70 43.20
N THR LA 72 -39.29 17.84 41.91
CA THR LA 72 -37.96 18.24 41.49
C THR LA 72 -38.03 19.29 40.39
N LEU LA 73 -37.30 20.39 40.58
CA LEU LA 73 -37.05 21.37 39.53
C LEU LA 73 -35.66 21.12 38.97
N THR LA 74 -35.57 20.94 37.66
CA THR LA 74 -34.33 20.57 37.00
C THR LA 74 -33.96 21.62 35.96
N ILE LA 75 -32.74 22.15 36.07
CA ILE LA 75 -32.17 23.04 35.07
C ILE LA 75 -31.10 22.26 34.32
N SER LA 76 -31.36 21.95 33.05
CA SER LA 76 -30.50 21.02 32.32
C SER LA 76 -29.14 21.63 32.04
N SER LA 77 -29.10 22.89 31.61
CA SER LA 77 -27.84 23.59 31.34
C SER LA 77 -27.93 24.97 31.96
N LEU LA 78 -27.21 25.17 33.06
CA LEU LA 78 -27.31 26.41 33.82
C LEU LA 78 -26.74 27.57 33.00
N GLN LA 79 -27.53 28.64 32.86
CA GLN LA 79 -27.18 29.86 32.14
C GLN LA 79 -26.84 30.98 33.11
N PRO LA 80 -26.16 32.03 32.65
CA PRO LA 80 -25.82 33.14 33.57
C PRO LA 80 -27.03 33.76 34.24
N GLU LA 81 -28.12 33.98 33.50
CA GLU LA 81 -29.29 34.61 34.09
C GLU LA 81 -30.05 33.68 35.04
N ASP LA 82 -29.67 32.42 35.12
CA ASP LA 82 -30.40 31.46 35.96
C ASP LA 82 -29.95 31.45 37.40
N PHE LA 83 -28.89 32.17 37.75
CA PHE LA 83 -28.41 32.20 39.13
C PHE LA 83 -29.32 33.12 39.94
N ALA LA 84 -30.21 32.52 40.73
CA ALA LA 84 -31.20 33.26 41.49
C ALA LA 84 -31.70 32.34 42.61
N THR LA 85 -32.80 32.75 43.24
CA THR LA 85 -33.45 31.98 44.29
C THR LA 85 -34.75 31.39 43.75
N TYR LA 86 -35.01 30.12 44.08
CA TYR LA 86 -36.17 29.40 43.58
C TYR LA 86 -37.03 28.92 44.74
N TYR LA 87 -38.35 29.00 44.56
CA TYR LA 87 -39.32 28.64 45.58
C TYR LA 87 -40.32 27.64 45.01
N CYS LA 88 -40.56 26.55 45.73
CA CYS LA 88 -41.67 25.66 45.42
C CYS LA 88 -42.90 26.09 46.22
N GLN LA 89 -44.07 25.77 45.68
CA GLN LA 89 -45.33 26.13 46.33
C GLN LA 89 -46.34 25.02 46.13
N GLN LA 90 -47.01 24.65 47.21
CA GLN LA 90 -48.12 23.71 47.17
C GLN LA 90 -49.43 24.49 47.15
N TYR LA 91 -50.32 24.15 46.24
CA TYR LA 91 -51.64 24.78 46.19
C TYR LA 91 -52.76 23.74 46.22
N ASN LA 92 -52.47 22.58 46.80
CA ASN LA 92 -53.44 21.50 46.88
C ASN LA 92 -54.39 21.64 48.05
N ASN LA 93 -54.01 22.37 49.10
CA ASN LA 93 -54.77 22.39 50.33
C ASN LA 93 -54.48 23.68 51.08
N TYR LA 94 -55.53 24.29 51.63
CA TYR LA 94 -55.39 25.54 52.37
C TYR LA 94 -54.79 25.27 53.75
N PRO LA 95 -53.84 26.11 54.19
CA PRO LA 95 -53.36 27.26 53.42
C PRO LA 95 -52.29 26.90 52.41
N LEU LA 96 -52.18 27.67 51.34
CA LEU LA 96 -51.08 27.50 50.41
C LEU LA 96 -49.76 27.78 51.12
N THR LA 97 -48.76 26.93 50.86
CA THR LA 97 -47.49 27.04 51.56
C THR LA 97 -46.34 27.03 50.56
N PHE LA 98 -45.27 27.75 50.92
CA PHE LA 98 -44.06 27.80 50.12
C PHE LA 98 -42.95 27.00 50.79
N GLY LA 99 -41.90 26.74 50.02
CA GLY LA 99 -40.66 26.27 50.60
C GLY LA 99 -39.78 27.42 51.03
N GLN LA 100 -38.81 27.11 51.90
CA GLN LA 100 -37.96 28.17 52.43
C GLN LA 100 -37.01 28.76 51.39
N GLY LA 101 -36.87 28.13 50.23
CA GLY LA 101 -36.13 28.71 49.14
C GLY LA 101 -34.80 28.00 48.92
N THR LA 102 -34.24 28.21 47.72
CA THR LA 102 -32.95 27.67 47.34
C THR LA 102 -32.21 28.74 46.54
N LYS LA 103 -31.01 29.10 46.99
CA LYS LA 103 -30.19 30.10 46.30
C LYS LA 103 -29.12 29.39 45.49
N VAL LA 104 -29.08 29.67 44.18
CA VAL LA 104 -28.15 29.05 43.26
C VAL LA 104 -27.06 30.06 42.93
N GLU LA 105 -25.84 29.77 43.37
CA GLU LA 105 -24.71 30.67 43.23
C GLU LA 105 -23.70 30.11 42.23
N ILE LA 106 -22.74 30.96 41.86
CA ILE LA 106 -21.71 30.62 40.89
C ILE LA 106 -20.51 30.06 41.63
N LYS LA 107 -20.01 28.91 41.17
CA LYS LA 107 -18.82 28.29 41.76
C LYS LA 107 -17.57 28.88 41.13
N ARG LA 108 -16.63 29.31 41.98
CA ARG LA 108 -15.34 29.81 41.54
C ARG LA 108 -14.26 29.20 42.42
N THR LA 109 -13.00 29.54 42.13
CA THR LA 109 -11.90 29.11 42.98
C THR LA 109 -11.88 29.89 44.28
N VAL LA 110 -11.33 29.26 45.32
CA VAL LA 110 -11.27 29.92 46.63
C VAL LA 110 -10.40 31.16 46.54
N ALA LA 111 -10.88 32.26 47.12
CA ALA LA 111 -10.17 33.53 47.12
C ALA LA 111 -10.16 34.10 48.53
N ALA LA 112 -8.97 34.47 49.01
CA ALA LA 112 -8.84 35.04 50.34
C ALA LA 112 -9.23 36.52 50.31
N PRO LA 113 -9.84 37.02 51.39
CA PRO LA 113 -10.30 38.41 51.41
C PRO LA 113 -9.19 39.39 51.75
N SER LA 114 -9.30 40.58 51.18
CA SER LA 114 -8.42 41.70 51.51
C SER LA 114 -9.03 42.44 52.70
N VAL LA 115 -8.27 42.56 53.78
CA VAL LA 115 -8.76 43.11 55.03
C VAL LA 115 -8.39 44.59 55.11
N PHE LA 116 -9.35 45.42 55.48
CA PHE LA 116 -9.13 46.84 55.76
C PHE LA 116 -9.89 47.20 57.03
N ILE LA 117 -9.41 48.22 57.71
CA ILE LA 117 -10.05 48.71 58.93
C ILE LA 117 -10.01 50.23 58.94
N PHE LA 118 -11.10 50.84 59.37
CA PHE LA 118 -11.25 52.29 59.32
C PHE LA 118 -11.61 52.81 60.72
N PRO LA 119 -10.82 53.71 61.29
CA PRO LA 119 -11.20 54.32 62.57
C PRO LA 119 -12.34 55.30 62.39
N PRO LA 120 -13.06 55.63 63.45
CA PRO LA 120 -14.16 56.59 63.31
C PRO LA 120 -13.64 57.98 63.00
N SER LA 121 -14.37 58.69 62.14
CA SER LA 121 -13.95 60.01 61.70
C SER LA 121 -14.07 61.02 62.84
N ASP LA 122 -13.29 62.10 62.73
CA ASP LA 122 -13.36 63.18 63.72
C ASP LA 122 -14.70 63.88 63.69
N GLU LA 123 -15.31 64.01 62.51
CA GLU LA 123 -16.61 64.65 62.41
C GLU LA 123 -17.68 63.85 63.15
N GLN LA 124 -17.58 62.52 63.12
CA GLN LA 124 -18.56 61.68 63.80
C GLN LA 124 -18.37 61.72 65.32
N LEU LA 125 -17.11 61.74 65.77
CA LEU LA 125 -16.83 61.73 67.21
C LEU LA 125 -17.28 63.01 67.90
N LYS LA 126 -17.65 64.05 67.15
CA LYS LA 126 -18.17 65.26 67.77
C LYS LA 126 -19.55 65.03 68.38
N SER LA 127 -20.25 63.99 67.96
CA SER LA 127 -21.44 63.52 68.66
C SER LA 127 -21.04 62.36 69.58
N GLY LA 128 -22.03 61.73 70.20
CA GLY LA 128 -21.80 60.73 71.23
C GLY LA 128 -21.56 59.32 70.75
N THR LA 129 -21.39 59.09 69.44
CA THR LA 129 -21.28 57.75 68.90
C THR LA 129 -20.03 57.63 68.04
N ALA LA 130 -19.43 56.45 68.06
CA ALA LA 130 -18.27 56.12 67.25
C ALA LA 130 -18.49 54.77 66.57
N SER LA 131 -18.10 54.68 65.30
CA SER LA 131 -18.29 53.47 64.50
C SER LA 131 -16.96 53.05 63.89
N VAL LA 132 -16.58 51.79 64.12
CA VAL LA 132 -15.37 51.21 63.55
C VAL LA 132 -15.77 50.16 62.53
N VAL LA 133 -15.21 50.28 61.32
CA VAL LA 133 -15.59 49.43 60.20
C VAL LA 133 -14.44 48.48 59.87
N CYS LA 134 -14.78 47.22 59.65
CA CYS LA 134 -13.83 46.18 59.23
C CYS LA 134 -14.33 45.62 57.90
N LEU LA 135 -13.57 45.87 56.83
CA LEU LA 135 -13.99 45.53 55.48
C LEU LA 135 -13.30 44.25 55.02
N LEU LA 136 -14.07 43.34 54.43
CA LEU LA 136 -13.56 42.12 53.82
C LEU LA 136 -13.90 42.21 52.33
N ASN LA 137 -12.87 42.30 51.48
CA ASN LA 137 -13.05 42.62 50.07
C ASN LA 137 -12.76 41.43 49.18
N ASN LA 138 -13.69 41.13 48.27
CA ASN LA 138 -13.53 40.14 47.21
C ASN LA 138 -13.00 38.80 47.72
N PHE LA 139 -13.91 37.92 48.16
CA PHE LA 139 -13.51 36.62 48.65
C PHE LA 139 -14.57 35.59 48.26
N TYR LA 140 -14.21 34.31 48.47
CA TYR LA 140 -15.09 33.19 48.16
C TYR LA 140 -14.58 31.97 48.92
N PRO LA 141 -15.46 31.17 49.53
CA PRO LA 141 -16.93 31.35 49.57
C PRO LA 141 -17.39 32.37 50.61
N ARG LA 142 -18.71 32.47 50.82
CA ARG LA 142 -19.25 33.49 51.70
C ARG LA 142 -18.87 33.25 53.15
N GLU LA 143 -18.80 31.98 53.57
CA GLU LA 143 -18.58 31.62 54.97
C GLU LA 143 -17.34 32.30 55.53
N ALA LA 144 -17.56 33.36 56.32
CA ALA LA 144 -16.48 34.11 56.95
C ALA LA 144 -16.86 34.41 58.40
N LYS LA 145 -15.83 34.68 59.20
CA LYS LA 145 -15.99 34.93 60.63
C LYS LA 145 -15.17 36.15 61.01
N VAL LA 146 -15.85 37.15 61.60
CA VAL LA 146 -15.21 38.40 61.99
C VAL LA 146 -15.39 38.58 63.49
N GLN LA 147 -14.26 38.68 64.20
CA GLN LA 147 -14.26 38.90 65.64
C GLN LA 147 -13.55 40.21 65.95
N TRP LA 148 -14.17 41.03 66.80
CA TRP LA 148 -13.55 42.28 67.24
C TRP LA 148 -12.79 42.06 68.53
N LYS LA 149 -11.64 42.73 68.65
CA LYS LA 149 -10.80 42.66 69.85
C LYS LA 149 -10.39 44.06 70.23
N VAL LA 150 -10.79 44.50 71.43
CA VAL LA 150 -10.47 45.82 71.96
C VAL LA 150 -9.50 45.62 73.12
N ASP LA 151 -8.23 46.01 72.91
CA ASP LA 151 -7.16 45.74 73.88
C ASP LA 151 -7.09 44.25 74.22
N ASN LA 152 -7.18 43.42 73.18
CA ASN LA 152 -7.14 41.96 73.31
C ASN LA 152 -8.29 41.44 74.16
N ALA LA 153 -9.44 42.10 74.10
CA ALA LA 153 -10.65 41.65 74.79
C ALA LA 153 -11.71 41.35 73.75
N LEU LA 154 -12.24 40.12 73.78
CA LEU LA 154 -13.18 39.67 72.76
C LEU LA 154 -14.53 40.36 72.98
N GLN LA 155 -15.03 41.03 71.95
CA GLN LA 155 -16.31 41.70 71.99
C GLN LA 155 -17.43 40.78 71.51
N SER LA 156 -18.66 41.19 71.77
CA SER LA 156 -19.84 40.46 71.31
C SER LA 156 -21.07 41.32 71.54
N GLY LA 157 -22.06 41.14 70.66
CA GLY LA 157 -23.34 41.81 70.83
C GLY LA 157 -23.35 43.30 70.55
N ASN LA 158 -22.26 43.85 70.02
CA ASN LA 158 -22.18 45.28 69.72
C ASN LA 158 -21.64 45.53 68.31
N SER LA 159 -21.84 44.58 67.40
CA SER LA 159 -21.33 44.72 66.04
C SER LA 159 -22.30 44.07 65.07
N GLN LA 160 -22.47 44.71 63.91
CA GLN LA 160 -23.31 44.19 62.84
C GLN LA 160 -22.47 44.07 61.57
N GLU LA 161 -22.82 43.10 60.72
CA GLU LA 161 -22.14 42.91 59.45
C GLU LA 161 -23.16 42.85 58.33
N SER LA 162 -22.68 43.16 57.12
CA SER LA 162 -23.50 43.18 55.92
C SER LA 162 -22.70 42.60 54.78
N VAL LA 163 -23.34 41.75 53.97
CA VAL LA 163 -22.68 41.04 52.88
C VAL LA 163 -23.28 41.48 51.56
N THR LA 164 -22.43 41.77 50.59
CA THR LA 164 -22.90 42.07 49.25
C THR LA 164 -23.28 40.78 48.53
N GLU LA 165 -24.06 40.92 47.47
CA GLU LA 165 -24.35 39.77 46.63
C GLU LA 165 -23.10 39.40 45.83
N GLN LA 166 -23.15 38.21 45.24
CA GLN LA 166 -22.02 37.73 44.44
C GLN LA 166 -21.77 38.66 43.28
N ASP LA 167 -20.51 39.08 43.12
CA ASP LA 167 -20.16 40.07 42.11
C ASP LA 167 -20.41 39.53 40.71
N SER LA 168 -20.79 40.44 39.81
CA SER LA 168 -21.16 40.04 38.46
C SER LA 168 -19.95 39.76 37.57
N LYS LA 169 -18.75 40.17 37.98
CA LYS LA 169 -17.56 40.01 37.16
C LYS LA 169 -16.60 38.96 37.69
N ASP LA 170 -16.29 38.98 38.98
CA ASP LA 170 -15.38 38.02 39.57
C ASP LA 170 -16.05 37.05 40.53
N SER LA 171 -17.37 37.15 40.71
CA SER LA 171 -18.16 36.18 41.47
C SER LA 171 -17.65 36.03 42.91
N THR LA 172 -17.26 37.15 43.51
CA THR LA 172 -16.77 37.16 44.88
C THR LA 172 -17.74 37.92 45.78
N TYR LA 173 -17.53 37.78 47.08
CA TYR LA 173 -18.34 38.46 48.08
C TYR LA 173 -17.54 39.53 48.78
N SER LA 174 -18.26 40.42 49.47
CA SER LA 174 -17.66 41.45 50.29
C SER LA 174 -18.49 41.64 51.54
N LEU LA 175 -17.84 41.72 52.69
CA LEU LA 175 -18.48 41.83 53.99
C LEU LA 175 -17.95 43.05 54.72
N SER LA 176 -18.82 43.72 55.47
CA SER LA 176 -18.46 44.91 56.24
C SER LA 176 -19.04 44.79 57.64
N SER LA 177 -18.19 44.49 58.61
CA SER LA 177 -18.59 44.44 60.01
C SER LA 177 -18.38 45.82 60.64
N THR LA 178 -19.41 46.32 61.32
CA THR LA 178 -19.41 47.66 61.89
C THR LA 178 -19.56 47.58 63.39
N LEU LA 179 -18.53 48.01 64.12
CA LEU LA 179 -18.52 48.00 65.58
C LEU LA 179 -18.96 49.39 66.08
N THR LA 180 -20.08 49.43 66.80
CA THR LA 180 -20.66 50.67 67.30
C THR LA 180 -20.45 50.77 68.81
N LEU LA 181 -19.88 51.89 69.24
CA LEU LA 181 -19.67 52.17 70.65
C LEU LA 181 -19.98 53.63 70.92
N SER LA 182 -20.21 53.95 72.19
CA SER LA 182 -20.34 55.33 72.59
C SER LA 182 -18.97 55.99 72.67
N LYS LA 183 -18.95 57.32 72.60
CA LYS LA 183 -17.69 58.05 72.64
C LYS LA 183 -16.96 57.83 73.96
N ALA LA 184 -17.69 57.61 75.05
CA ALA LA 184 -17.06 57.37 76.34
C ALA LA 184 -16.32 56.04 76.35
N ASP LA 185 -17.00 54.95 75.96
CA ASP LA 185 -16.36 53.65 75.90
C ASP LA 185 -15.26 53.59 74.84
N TYR LA 186 -15.29 54.48 73.85
CA TYR LA 186 -14.29 54.43 72.79
C TYR LA 186 -12.94 54.94 73.28
N GLU LA 187 -12.93 56.04 74.03
CA GLU LA 187 -11.68 56.65 74.47
C GLU LA 187 -11.13 56.01 75.75
N LYS LA 188 -11.79 54.98 76.29
CA LYS LA 188 -11.24 54.26 77.42
C LYS LA 188 -10.13 53.29 77.02
N HIS LA 189 -10.05 52.93 75.74
CA HIS LA 189 -9.13 51.90 75.28
C HIS LA 189 -8.28 52.45 74.13
N LYS LA 190 -7.29 51.66 73.73
CA LYS LA 190 -6.28 52.10 72.77
C LYS LA 190 -6.22 51.24 71.52
N VAL LA 191 -6.14 49.92 71.67
CA VAL LA 191 -5.93 49.01 70.54
C VAL LA 191 -7.28 48.48 70.07
N TYR LA 192 -7.58 48.67 68.80
CA TYR LA 192 -8.79 48.15 68.17
C TYR LA 192 -8.40 47.27 66.99
N ALA LA 193 -8.98 46.07 66.92
CA ALA LA 193 -8.63 45.12 65.88
C ALA LA 193 -9.84 44.26 65.54
N CYS LA 194 -9.83 43.72 64.33
CA CYS LA 194 -10.81 42.72 63.90
C CYS LA 194 -10.06 41.53 63.33
N GLU LA 195 -10.39 40.34 63.83
CA GLU LA 195 -9.75 39.09 63.38
C GLU LA 195 -10.64 38.42 62.34
N VAL LA 196 -10.06 38.11 61.19
CA VAL LA 196 -10.79 37.56 60.06
C VAL LA 196 -10.37 36.10 59.88
N THR LA 197 -11.33 35.19 60.04
CA THR LA 197 -11.12 33.76 59.81
C THR LA 197 -11.81 33.38 58.50
N HIS LA 198 -11.05 32.82 57.56
CA HIS LA 198 -11.58 32.43 56.28
C HIS LA 198 -10.89 31.16 55.80
N GLN LA 199 -11.55 30.45 54.90
CA GLN LA 199 -10.99 29.23 54.32
C GLN LA 199 -9.75 29.52 53.48
N GLY LA 200 -9.77 30.60 52.71
CA GLY LA 200 -8.66 30.94 51.84
C GLY LA 200 -7.43 31.46 52.55
N LEU LA 201 -7.46 31.61 53.87
CA LEU LA 201 -6.32 32.06 54.65
C LEU LA 201 -5.79 30.90 55.47
N SER LA 202 -4.47 30.70 55.43
CA SER LA 202 -3.86 29.60 56.17
C SER LA 202 -3.97 29.81 57.68
N SER LA 203 -4.02 31.07 58.12
CA SER LA 203 -4.18 31.40 59.53
C SER LA 203 -4.94 32.72 59.61
N PRO LA 204 -5.72 32.94 60.66
CA PRO LA 204 -6.53 34.16 60.75
C PRO LA 204 -5.68 35.43 60.70
N VAL LA 205 -6.05 36.33 59.80
CA VAL LA 205 -5.35 37.59 59.60
C VAL LA 205 -6.02 38.66 60.46
N THR LA 206 -5.21 39.56 61.02
CA THR LA 206 -5.70 40.63 61.88
C THR LA 206 -5.17 41.97 61.39
N LYS LA 207 -6.06 42.97 61.35
CA LYS LA 207 -5.71 44.35 61.02
C LYS LA 207 -6.14 45.24 62.17
N SER LA 208 -5.22 46.06 62.68
CA SER LA 208 -5.47 46.84 63.88
C SER LA 208 -4.96 48.27 63.68
N PHE LA 209 -5.33 49.14 64.60
CA PHE LA 209 -4.87 50.51 64.64
C PHE LA 209 -4.86 50.99 66.09
N ASN LA 210 -3.98 51.96 66.37
CA ASN LA 210 -3.90 52.58 67.69
C ASN LA 210 -4.66 53.89 67.67
N ARG LA 211 -5.50 54.10 68.69
CA ARG LA 211 -6.31 55.31 68.76
C ARG LA 211 -5.45 56.55 68.95
N GLY LA 212 -5.21 57.28 67.86
CA GLY LA 212 -4.38 58.46 67.91
C GLY LA 212 -3.57 58.68 66.64
N GLU LA 213 -3.01 57.60 66.11
CA GLU LA 213 -2.23 57.67 64.88
C GLU LA 213 -3.11 58.02 63.68
N GLU MA 1 -52.63 43.93 26.75
CA GLU MA 1 -51.58 43.52 27.67
C GLU MA 1 -52.12 43.45 29.10
N VAL MA 2 -51.84 42.35 29.78
CA VAL MA 2 -52.28 42.15 31.16
C VAL MA 2 -51.19 42.66 32.10
N GLN MA 3 -51.61 43.34 33.17
CA GLN MA 3 -50.67 43.79 34.18
C GLN MA 3 -51.43 44.10 35.47
N LEU MA 4 -50.79 43.78 36.60
CA LEU MA 4 -51.32 44.06 37.92
C LEU MA 4 -50.46 45.14 38.55
N VAL MA 5 -51.01 46.35 38.67
CA VAL MA 5 -50.30 47.47 39.28
C VAL MA 5 -50.83 47.68 40.69
N GLN MA 6 -49.91 47.89 41.62
CA GLN MA 6 -50.25 48.04 43.03
C GLN MA 6 -49.96 49.46 43.49
N SER MA 7 -50.53 49.81 44.65
CA SER MA 7 -50.32 51.12 45.23
C SER MA 7 -48.84 51.31 45.60
N GLY MA 8 -48.49 52.56 45.87
CA GLY MA 8 -47.12 52.89 46.20
C GLY MA 8 -46.72 52.41 47.59
N ALA MA 9 -45.45 52.68 47.92
CA ALA MA 9 -44.93 52.29 49.22
C ALA MA 9 -45.60 53.08 50.34
N GLU MA 10 -45.66 52.47 51.51
CA GLU MA 10 -46.30 53.08 52.67
C GLU MA 10 -45.41 52.92 53.89
N VAL MA 11 -45.45 53.91 54.76
CA VAL MA 11 -44.76 53.88 56.05
C VAL MA 11 -45.80 54.13 57.13
N LYS MA 12 -45.88 53.23 58.11
CA LYS MA 12 -46.93 53.28 59.11
C LYS MA 12 -46.33 53.09 60.50
N LYS MA 13 -47.07 53.61 61.50
CA LYS MA 13 -46.69 53.52 62.90
C LYS MA 13 -47.13 52.18 63.50
N PRO MA 14 -46.40 51.65 64.48
CA PRO MA 14 -46.68 50.29 64.96
C PRO MA 14 -48.00 50.14 65.70
N GLY MA 15 -49.10 50.34 64.99
CA GLY MA 15 -50.42 50.18 65.59
C GLY MA 15 -51.54 50.51 64.63
N ALA MA 16 -51.24 51.27 63.60
CA ALA MA 16 -52.25 51.69 62.63
C ALA MA 16 -52.55 50.54 61.67
N SER MA 17 -53.28 50.84 60.61
CA SER MA 17 -53.60 49.87 59.57
C SER MA 17 -53.20 50.44 58.22
N VAL MA 18 -52.95 49.53 57.28
CA VAL MA 18 -52.54 49.90 55.92
C VAL MA 18 -53.45 49.17 54.94
N LYS MA 19 -53.77 49.82 53.83
CA LYS MA 19 -54.63 49.25 52.80
C LYS MA 19 -53.93 49.36 51.46
N VAL MA 20 -53.51 48.21 50.91
CA VAL MA 20 -52.79 48.14 49.63
C VAL MA 20 -53.78 47.81 48.53
N SER MA 21 -53.61 48.46 47.38
CA SER MA 21 -54.47 48.25 46.23
C SER MA 21 -53.77 47.40 45.18
N CYS MA 22 -54.57 46.83 44.27
CA CYS MA 22 -54.07 45.95 43.21
C CYS MA 22 -55.06 46.03 42.06
N LYS MA 23 -54.78 46.92 41.11
CA LYS MA 23 -55.67 47.18 39.99
C LYS MA 23 -55.31 46.27 38.82
N ALA MA 24 -56.21 45.39 38.45
CA ALA MA 24 -56.01 44.47 37.34
C ALA MA 24 -56.55 45.05 36.05
N SER MA 25 -55.85 44.79 34.95
CA SER MA 25 -56.26 45.24 33.62
C SER MA 25 -55.73 44.28 32.59
N GLY MA 26 -56.52 44.04 31.54
CA GLY MA 26 -56.13 43.16 30.45
C GLY MA 26 -56.83 41.83 30.45
N TYR MA 27 -57.64 41.53 31.46
CA TYR MA 27 -58.40 40.30 31.50
C TYR MA 27 -59.67 40.55 32.29
N THR MA 28 -60.58 39.58 32.27
CA THR MA 28 -61.82 39.71 33.01
C THR MA 28 -61.55 39.49 34.49
N PHE MA 29 -61.68 40.56 35.28
CA PHE MA 29 -61.27 40.52 36.68
C PHE MA 29 -62.04 39.47 37.49
N THR MA 30 -63.30 39.24 37.16
CA THR MA 30 -64.15 38.36 37.95
C THR MA 30 -63.98 36.89 37.61
N SER MA 31 -63.11 36.55 36.66
CA SER MA 31 -62.96 35.17 36.22
C SER MA 31 -61.80 34.44 36.90
N TYR MA 32 -61.10 35.09 37.82
CA TYR MA 32 -59.95 34.50 38.48
C TYR MA 32 -59.92 34.91 39.94
N TYR MA 33 -59.49 34.00 40.80
CA TYR MA 33 -59.17 34.37 42.17
C TYR MA 33 -57.98 35.33 42.19
N MET MA 34 -57.91 36.13 43.25
CA MET MA 34 -56.77 36.98 43.54
C MET MA 34 -56.19 36.57 44.88
N TYR MA 35 -54.88 36.33 44.92
CA TYR MA 35 -54.23 35.95 46.17
C TYR MA 35 -53.04 36.84 46.44
N TRP MA 36 -52.69 36.93 47.72
CA TRP MA 36 -51.70 37.88 48.22
C TRP MA 36 -50.55 37.14 48.88
N VAL MA 37 -49.33 37.66 48.67
CA VAL MA 37 -48.11 37.06 49.18
C VAL MA 37 -47.26 38.14 49.81
N ARG MA 38 -46.62 37.81 50.94
CA ARG MA 38 -45.78 38.74 51.69
C ARG MA 38 -44.36 38.19 51.74
N GLN MA 39 -43.38 39.09 51.73
CA GLN MA 39 -41.98 38.72 51.84
C GLN MA 39 -41.26 39.74 52.70
N ALA MA 40 -40.88 39.34 53.91
CA ALA MA 40 -40.08 40.18 54.78
C ALA MA 40 -38.67 40.35 54.20
N PRO MA 41 -37.95 41.40 54.60
CA PRO MA 41 -36.62 41.63 54.04
C PRO MA 41 -35.68 40.47 54.33
N GLY MA 42 -35.05 39.97 53.27
CA GLY MA 42 -34.12 38.86 53.41
C GLY MA 42 -34.76 37.57 53.87
N GLN MA 43 -36.02 37.35 53.54
CA GLN MA 43 -36.78 36.20 54.01
C GLN MA 43 -37.54 35.59 52.84
N GLY MA 44 -38.31 34.53 53.14
CA GLY MA 44 -39.00 33.78 52.12
C GLY MA 44 -40.42 34.29 51.87
N LEU MA 45 -41.11 33.57 50.98
CA LEU MA 45 -42.46 33.93 50.59
C LEU MA 45 -43.48 33.36 51.57
N GLU MA 46 -44.45 34.19 51.94
CA GLU MA 46 -45.54 33.80 52.83
C GLU MA 46 -46.87 34.03 52.13
N TRP MA 47 -47.75 33.05 52.18
CA TRP MA 47 -49.07 33.16 51.59
C TRP MA 47 -50.00 33.80 52.60
N ILE MA 48 -50.69 34.88 52.19
CA ILE MA 48 -51.58 35.59 53.09
C ILE MA 48 -53.00 35.07 52.94
N GLY MA 49 -53.54 35.17 51.73
CA GLY MA 49 -54.90 34.70 51.50
C GLY MA 49 -55.30 34.89 50.07
N GLU MA 50 -56.59 34.65 49.81
CA GLU MA 50 -57.14 34.79 48.47
C GLU MA 50 -58.60 35.18 48.57
N ILE MA 51 -59.11 35.78 47.49
CA ILE MA 51 -60.50 36.23 47.44
C ILE MA 51 -61.10 35.86 46.10
N ASN MA 52 -62.39 35.49 46.10
CA ASN MA 52 -63.14 35.22 44.89
C ASN MA 52 -63.89 36.49 44.51
N PRO MA 53 -63.53 37.17 43.43
CA PRO MA 53 -64.21 38.43 43.09
C PRO MA 53 -65.67 38.24 42.70
N THR MA 54 -66.11 37.02 42.39
CA THR MA 54 -67.51 36.79 42.06
C THR MA 54 -68.37 36.69 43.32
N SER MA 55 -68.00 35.80 44.24
CA SER MA 55 -68.80 35.53 45.42
C SER MA 55 -68.34 36.27 46.66
N GLY MA 56 -67.21 36.98 46.60
CA GLY MA 56 -66.66 37.62 47.78
C GLY MA 56 -66.06 36.67 48.80
N GLY MA 57 -66.08 35.36 48.55
CA GLY MA 57 -65.52 34.41 49.50
C GLY MA 57 -64.01 34.54 49.61
N THR MA 58 -63.50 34.10 50.76
CA THR MA 58 -62.09 34.25 51.06
C THR MA 58 -61.57 32.99 51.75
N ASN MA 59 -60.25 32.83 51.67
CA ASN MA 59 -59.52 31.82 52.43
C ASN MA 59 -58.21 32.44 52.89
N PHE MA 60 -57.86 32.23 54.15
CA PHE MA 60 -56.72 32.91 54.76
C PHE MA 60 -55.74 31.92 55.36
N ASN MA 61 -54.47 32.32 55.35
CA ASN MA 61 -53.51 31.74 56.26
C ASN MA 61 -53.92 32.09 57.68
N GLU MA 62 -53.98 31.07 58.55
CA GLU MA 62 -54.42 31.31 59.92
C GLU MA 62 -53.51 32.26 60.67
N LYS MA 63 -52.29 32.47 60.18
CA LYS MA 63 -51.39 33.45 60.79
C LYS MA 63 -51.86 34.88 60.61
N PHE MA 64 -52.69 35.15 59.60
CA PHE MA 64 -53.17 36.50 59.32
C PHE MA 64 -54.69 36.62 59.40
N LYS MA 65 -55.39 35.58 59.87
CA LYS MA 65 -56.85 35.61 59.81
C LYS MA 65 -57.43 36.72 60.66
N SER MA 66 -56.80 37.01 61.80
CA SER MA 66 -57.39 37.97 62.74
C SER MA 66 -57.21 39.42 62.28
N ARG MA 67 -56.14 39.72 61.55
CA ARG MA 67 -55.78 41.09 61.22
C ARG MA 67 -55.93 41.45 59.76
N ALA MA 68 -56.08 40.48 58.86
CA ALA MA 68 -56.15 40.76 57.43
C ALA MA 68 -57.60 40.79 56.95
N THR MA 69 -57.84 41.62 55.93
CA THR MA 69 -59.15 41.75 55.33
C THR MA 69 -58.99 41.92 53.82
N LEU MA 70 -59.66 41.07 53.06
CA LEU MA 70 -59.58 41.09 51.60
C LEU MA 70 -60.90 41.55 51.00
N THR MA 71 -60.84 42.57 50.16
CA THR MA 71 -62.01 43.14 49.52
C THR MA 71 -61.75 43.30 48.03
N VAL MA 72 -62.83 43.57 47.29
CA VAL MA 72 -62.78 43.65 45.83
C VAL MA 72 -63.78 44.70 45.36
N ASP MA 73 -63.35 45.56 44.44
CA ASP MA 73 -64.23 46.54 43.78
C ASP MA 73 -64.44 46.09 42.35
N THR MA 74 -65.60 45.49 42.09
CA THR MA 74 -65.88 44.92 40.76
C THR MA 74 -65.84 46.00 39.68
N SER MA 75 -66.33 47.20 40.00
CA SER MA 75 -66.47 48.24 38.98
C SER MA 75 -65.12 48.73 38.45
N THR MA 76 -64.09 48.73 39.29
CA THR MA 76 -62.78 49.23 38.90
C THR MA 76 -61.73 48.14 38.75
N SER MA 77 -62.11 46.88 38.89
CA SER MA 77 -61.18 45.74 38.72
C SER MA 77 -59.97 45.88 39.64
N THR MA 78 -60.25 46.09 40.92
CA THR MA 78 -59.21 46.34 41.91
C THR MA 78 -59.45 45.48 43.13
N ALA MA 79 -58.38 44.83 43.60
CA ALA MA 79 -58.41 44.05 44.83
C ALA MA 79 -57.63 44.78 45.91
N TYR MA 80 -58.13 44.70 47.15
CA TYR MA 80 -57.53 45.40 48.27
C TYR MA 80 -57.16 44.42 49.38
N LEU MA 81 -56.05 44.70 50.05
CA LEU MA 81 -55.61 43.95 51.22
C LEU MA 81 -55.40 44.92 52.36
N GLU MA 82 -56.07 44.68 53.49
CA GLU MA 82 -55.99 45.54 54.66
C GLU MA 82 -55.41 44.76 55.82
N LEU MA 83 -54.29 45.24 56.35
CA LEU MA 83 -53.64 44.66 57.51
C LEU MA 83 -53.72 45.66 58.66
N SER MA 84 -54.34 45.26 59.77
CA SER MA 84 -54.53 46.11 60.93
C SER MA 84 -53.62 45.67 62.06
N SER MA 85 -53.52 46.54 63.08
CA SER MA 85 -52.69 46.31 64.25
C SER MA 85 -51.26 45.94 63.85
N LEU MA 86 -50.64 46.84 63.07
CA LEU MA 86 -49.34 46.56 62.48
C LEU MA 86 -48.26 46.44 63.54
N ARG MA 87 -47.28 45.60 63.25
CA ARG MA 87 -46.09 45.44 64.07
C ARG MA 87 -44.86 45.54 63.17
N SER MA 88 -43.69 45.73 63.78
CA SER MA 88 -42.46 45.81 63.02
C SER MA 88 -42.17 44.52 62.24
N GLU MA 89 -42.71 43.38 62.70
CA GLU MA 89 -42.55 42.14 61.97
C GLU MA 89 -43.34 42.14 60.66
N ASP MA 90 -44.34 43.01 60.54
CA ASP MA 90 -45.11 43.13 59.32
C ASP MA 90 -44.41 43.94 58.24
N THR MA 91 -43.24 44.52 58.55
CA THR MA 91 -42.45 45.19 57.54
C THR MA 91 -42.02 44.20 56.47
N ALA MA 92 -42.52 44.37 55.25
CA ALA MA 92 -42.32 43.40 54.19
C ALA MA 92 -42.81 43.99 52.88
N VAL MA 93 -42.65 43.22 51.81
CA VAL MA 93 -43.16 43.56 50.49
C VAL MA 93 -44.39 42.70 50.22
N TYR MA 94 -45.49 43.33 49.81
CA TYR MA 94 -46.76 42.66 49.63
C TYR MA 94 -47.10 42.59 48.15
N TYR MA 95 -47.26 41.37 47.63
CA TYR MA 95 -47.59 41.13 46.23
C TYR MA 95 -49.02 40.64 46.09
N CYS MA 96 -49.62 40.95 44.95
CA CYS MA 96 -50.88 40.34 44.53
C CYS MA 96 -50.62 39.58 43.23
N ALA MA 97 -51.23 38.40 43.13
CA ALA MA 97 -51.05 37.56 41.95
C ALA MA 97 -52.38 36.97 41.56
N ARG MA 98 -52.48 36.56 40.30
CA ARG MA 98 -53.71 35.98 39.76
C ARG MA 98 -53.66 34.46 39.89
N GLU MA 99 -54.77 33.89 40.35
CA GLU MA 99 -54.89 32.44 40.49
C GLU MA 99 -55.42 31.87 39.19
N GLY MA 100 -54.58 31.14 38.46
CA GLY MA 100 -55.00 30.48 37.25
C GLY MA 100 -54.50 31.20 36.00
N GLY MA 101 -54.44 30.45 34.91
CA GLY MA 101 -53.89 31.00 33.69
C GLY MA 101 -52.41 31.33 33.87
N PHE MA 102 -51.93 32.24 33.03
CA PHE MA 102 -50.56 32.70 33.16
C PHE MA 102 -50.39 33.41 34.49
N ALA MA 103 -49.26 33.15 35.16
CA ALA MA 103 -49.04 33.58 36.53
C ALA MA 103 -48.59 35.05 36.54
N TYR MA 104 -49.58 35.94 36.44
CA TYR MA 104 -49.32 37.37 36.55
C TYR MA 104 -49.17 37.77 38.01
N TRP MA 105 -48.18 38.61 38.27
CA TRP MA 105 -47.92 39.13 39.61
C TRP MA 105 -47.87 40.65 39.57
N GLY MA 106 -48.21 41.26 40.69
CA GLY MA 106 -48.00 42.69 40.84
C GLY MA 106 -46.53 43.00 41.06
N GLN MA 107 -46.22 44.29 40.98
CA GLN MA 107 -44.84 44.73 41.17
C GLN MA 107 -44.43 44.79 42.63
N GLY MA 108 -45.38 44.58 43.54
CA GLY MA 108 -45.09 44.60 44.96
C GLY MA 108 -45.39 45.95 45.59
N THR MA 109 -45.61 45.93 46.91
CA THR MA 109 -45.85 47.14 47.68
C THR MA 109 -45.07 47.02 48.99
N LEU MA 110 -44.07 47.88 49.16
CA LEU MA 110 -43.32 47.89 50.41
C LEU MA 110 -44.13 48.58 51.50
N VAL MA 111 -44.23 47.93 52.65
CA VAL MA 111 -44.91 48.49 53.82
C VAL MA 111 -43.91 48.44 54.98
N THR MA 112 -43.46 49.60 55.43
CA THR MA 112 -42.49 49.70 56.51
C THR MA 112 -43.22 50.13 57.78
N VAL MA 113 -43.04 49.35 58.85
CA VAL MA 113 -43.68 49.62 60.13
C VAL MA 113 -42.59 49.92 61.15
N SER MA 114 -42.55 51.16 61.62
CA SER MA 114 -41.54 51.58 62.57
C SER MA 114 -41.97 52.90 63.20
N SER MA 115 -41.45 53.17 64.38
CA SER MA 115 -41.69 54.42 65.09
C SER MA 115 -40.45 55.30 64.90
N ALA MA 116 -40.51 56.22 63.94
CA ALA MA 116 -39.33 57.02 63.61
C ALA MA 116 -39.69 58.38 62.98
N SER MA 117 -40.26 58.33 61.77
CA SER MA 117 -40.55 59.45 60.88
C SER MA 117 -39.34 59.78 60.02
N THR MA 118 -39.57 60.38 58.86
CA THR MA 118 -38.51 60.61 57.89
C THR MA 118 -37.42 61.50 58.47
N LYS MA 119 -36.20 60.96 58.54
CA LYS MA 119 -35.09 61.67 59.17
C LYS MA 119 -34.12 62.24 58.15
N GLY MA 120 -33.06 61.50 57.82
CA GLY MA 120 -32.00 62.00 57.01
C GLY MA 120 -30.64 61.50 57.47
N PRO MA 121 -29.76 61.20 56.53
CA PRO MA 121 -28.50 60.54 56.88
C PRO MA 121 -27.36 61.51 57.22
N SER MA 122 -26.43 60.99 58.02
CA SER MA 122 -25.17 61.66 58.31
C SER MA 122 -24.04 60.89 57.65
N VAL MA 123 -23.25 61.58 56.83
CA VAL MA 123 -22.24 60.94 55.99
C VAL MA 123 -20.87 61.19 56.61
N PHE MA 124 -20.17 60.10 56.93
CA PHE MA 124 -18.85 60.17 57.55
C PHE MA 124 -17.82 59.48 56.65
N PRO MA 125 -16.60 60.01 56.57
CA PRO MA 125 -15.60 59.42 55.67
C PRO MA 125 -14.83 58.27 56.31
N LEU MA 126 -14.59 57.24 55.50
CA LEU MA 126 -13.75 56.11 55.89
C LEU MA 126 -12.40 56.37 55.23
N ALA MA 127 -11.49 56.99 55.97
CA ALA MA 127 -10.25 57.49 55.38
C ALA MA 127 -9.31 56.33 55.06
N PRO MA 128 -8.59 56.40 53.94
CA PRO MA 128 -7.62 55.33 53.62
C PRO MA 128 -6.44 55.35 54.56
N SER MA 129 -6.00 54.16 54.97
CA SER MA 129 -4.95 53.99 55.97
C SER MA 129 -3.63 54.57 55.49
N SER MA 130 -3.03 53.94 54.47
CA SER MA 130 -1.73 54.34 53.94
C SER MA 130 -0.65 54.35 55.02
N GLY MA 135 0.58 50.77 50.11
CA GLY MA 135 1.61 50.06 49.35
C GLY MA 135 1.23 49.83 47.90
N GLY MA 136 0.27 48.96 47.66
CA GLY MA 136 -0.16 48.64 46.31
C GLY MA 136 -1.59 49.05 46.03
N THR MA 137 -2.53 48.56 46.85
CA THR MA 137 -3.95 48.86 46.70
C THR MA 137 -4.51 49.26 48.06
N ALA MA 138 -5.25 50.37 48.09
CA ALA MA 138 -5.84 50.87 49.31
C ALA MA 138 -7.34 51.06 49.12
N ALA MA 139 -8.07 51.05 50.22
CA ALA MA 139 -9.52 51.18 50.22
C ALA MA 139 -9.95 52.42 50.98
N LEU MA 140 -11.13 52.92 50.62
CA LEU MA 140 -11.74 54.07 51.28
C LEU MA 140 -13.24 54.02 51.02
N GLY MA 141 -13.98 54.83 51.75
CA GLY MA 141 -15.41 54.84 51.55
C GLY MA 141 -16.10 55.85 52.45
N CYS MA 142 -17.43 55.77 52.46
CA CYS MA 142 -18.29 56.67 53.20
C CYS MA 142 -19.25 55.86 54.06
N LEU MA 143 -19.42 56.26 55.31
CA LEU MA 143 -20.35 55.62 56.23
C LEU MA 143 -21.62 56.46 56.31
N VAL MA 144 -22.70 55.94 55.74
CA VAL MA 144 -23.99 56.61 55.73
C VAL MA 144 -24.77 56.08 56.93
N LYS MA 145 -24.78 56.83 58.02
CA LYS MA 145 -25.31 56.36 59.30
C LYS MA 145 -26.58 57.11 59.68
N ASP MA 146 -27.50 56.38 60.33
CA ASP MA 146 -28.68 56.93 60.98
C ASP MA 146 -29.59 57.68 60.01
N TYR MA 147 -30.42 56.95 59.27
CA TYR MA 147 -31.43 57.56 58.42
C TYR MA 147 -32.69 56.69 58.44
N PHE MA 148 -33.76 57.25 57.89
CA PHE MA 148 -35.06 56.58 57.81
C PHE MA 148 -35.97 57.39 56.90
N PRO MA 149 -36.74 56.74 56.01
CA PRO MA 149 -36.68 55.30 55.77
C PRO MA 149 -35.79 54.97 54.56
N GLU MA 150 -35.77 53.70 54.16
CA GLU MA 150 -35.09 53.30 52.95
C GLU MA 150 -35.75 53.93 51.73
N PRO MA 151 -35.02 54.06 50.61
CA PRO MA 151 -33.64 53.68 50.36
C PRO MA 151 -32.64 54.84 50.42
N VAL MA 152 -31.37 54.53 50.18
CA VAL MA 152 -30.32 55.52 50.03
C VAL MA 152 -29.50 55.14 48.81
N THR MA 153 -29.31 56.11 47.90
CA THR MA 153 -28.53 55.90 46.70
C THR MA 153 -27.17 56.57 46.84
N VAL MA 154 -26.11 55.83 46.56
CA VAL MA 154 -24.75 56.30 46.72
C VAL MA 154 -23.99 56.09 45.42
N SER MA 155 -23.37 57.15 44.92
CA SER MA 155 -22.49 57.09 43.76
C SER MA 155 -21.20 57.81 44.08
N TRP MA 156 -20.17 57.55 43.28
CA TRP MA 156 -18.84 58.13 43.48
C TRP MA 156 -18.49 59.00 42.29
N ASN MA 157 -18.19 60.27 42.55
CA ASN MA 157 -17.78 61.24 41.53
C ASN MA 157 -18.84 61.37 40.45
N SER MA 158 -20.10 61.49 40.87
CA SER MA 158 -21.25 61.70 39.98
C SER MA 158 -21.38 60.58 38.94
N GLY MA 159 -20.89 59.39 39.27
CA GLY MA 159 -21.02 58.24 38.39
C GLY MA 159 -19.81 57.92 37.54
N ALA MA 160 -18.70 58.65 37.72
CA ALA MA 160 -17.50 58.39 36.93
C ALA MA 160 -16.74 57.18 37.46
N LEU MA 161 -16.58 57.07 38.77
CA LEU MA 161 -15.88 55.96 39.40
C LEU MA 161 -16.89 54.87 39.72
N THR MA 162 -16.82 53.75 39.01
CA THR MA 162 -17.77 52.66 39.19
C THR MA 162 -17.11 51.34 39.55
N SER MA 163 -15.94 51.04 39.01
CA SER MA 163 -15.28 49.77 39.29
C SER MA 163 -14.61 49.81 40.67
N GLY MA 164 -14.64 48.67 41.36
CA GLY MA 164 -14.12 48.57 42.70
C GLY MA 164 -15.09 49.00 43.79
N VAL MA 165 -16.22 49.57 43.42
CA VAL MA 165 -17.20 50.07 44.39
C VAL MA 165 -18.02 48.91 44.93
N HIS MA 166 -18.23 48.90 46.25
CA HIS MA 166 -19.10 47.92 46.91
C HIS MA 166 -19.99 48.68 47.88
N THR MA 167 -21.23 48.98 47.46
CA THR MA 167 -22.22 49.57 48.34
C THR MA 167 -22.98 48.45 49.04
N PHE MA 168 -22.86 48.38 50.36
CA PHE MA 168 -23.40 47.27 51.12
C PHE MA 168 -24.89 47.45 51.37
N PRO MA 169 -25.60 46.34 51.58
CA PRO MA 169 -27.01 46.45 52.00
C PRO MA 169 -27.11 47.12 53.36
N ALA MA 170 -28.18 47.88 53.54
CA ALA MA 170 -28.41 48.57 54.80
C ALA MA 170 -28.75 47.56 55.90
N VAL MA 171 -28.54 47.99 57.15
CA VAL MA 171 -28.88 47.20 58.33
C VAL MA 171 -29.75 48.05 59.24
N LEU MA 172 -30.56 47.38 60.04
CA LEU MA 172 -31.45 48.04 60.99
C LEU MA 172 -30.78 48.06 62.36
N GLN MA 173 -30.54 49.27 62.88
CA GLN MA 173 -29.85 49.43 64.16
C GLN MA 173 -30.85 49.32 65.31
N SER MA 174 -30.30 49.26 66.53
CA SER MA 174 -31.15 49.21 67.72
C SER MA 174 -32.03 50.44 67.83
N SER MA 175 -31.55 51.59 67.36
CA SER MA 175 -32.33 52.82 67.37
C SER MA 175 -33.43 52.83 66.33
N GLY MA 176 -33.57 51.78 65.53
CA GLY MA 176 -34.56 51.75 64.47
C GLY MA 176 -34.20 52.52 63.22
N LEU MA 177 -32.98 53.04 63.14
CA LEU MA 177 -32.50 53.76 61.98
C LEU MA 177 -31.56 52.89 61.16
N TYR MA 178 -31.50 53.16 59.86
CA TYR MA 178 -30.68 52.36 58.96
C TYR MA 178 -29.26 52.91 58.87
N SER MA 179 -28.31 51.99 58.71
CA SER MA 179 -26.90 52.34 58.58
C SER MA 179 -26.31 51.53 57.44
N LEU MA 180 -25.45 52.17 56.65
CA LEU MA 180 -24.97 51.59 55.41
C LEU MA 180 -23.54 52.04 55.15
N SER MA 181 -22.74 51.15 54.57
CA SER MA 181 -21.37 51.46 54.18
C SER MA 181 -21.21 51.29 52.67
N SER MA 182 -20.30 52.08 52.11
CA SER MA 182 -19.99 52.01 50.68
C SER MA 182 -18.49 52.23 50.54
N VAL MA 183 -17.79 51.26 49.95
CA VAL MA 183 -16.34 51.29 49.85
C VAL MA 183 -15.92 51.17 48.40
N VAL MA 184 -14.68 51.55 48.12
CA VAL MA 184 -14.09 51.45 46.79
C VAL MA 184 -12.59 51.26 46.95
N THR MA 185 -12.00 50.45 46.08
CA THR MA 185 -10.57 50.18 46.09
C THR MA 185 -9.89 50.94 44.96
N VAL MA 186 -8.78 51.59 45.28
CA VAL MA 186 -8.04 52.41 44.32
C VAL MA 186 -6.55 52.20 44.53
N PRO MA 187 -5.72 52.56 43.54
CA PRO MA 187 -4.28 52.48 43.72
C PRO MA 187 -3.79 53.43 44.80
N SER MA 188 -2.74 53.00 45.51
CA SER MA 188 -2.17 53.83 46.57
C SER MA 188 -1.45 55.05 46.01
N SER MA 189 -0.95 54.96 44.77
CA SER MA 189 -0.24 56.08 44.15
C SER MA 189 -1.17 57.22 43.73
N SER MA 190 -2.47 57.02 43.79
CA SER MA 190 -3.44 58.05 43.42
C SER MA 190 -4.07 58.73 44.62
N LEU MA 191 -3.56 58.47 45.83
CA LEU MA 191 -4.07 59.12 47.02
C LEU MA 191 -3.45 60.51 47.16
N GLY MA 192 -4.29 61.53 47.28
CA GLY MA 192 -3.86 62.91 47.27
C GLY MA 192 -3.89 63.55 45.91
N THR MA 193 -3.71 62.76 44.84
CA THR MA 193 -3.79 63.24 43.47
C THR MA 193 -5.23 63.21 42.96
N GLN MA 194 -5.93 62.09 43.17
CA GLN MA 194 -7.30 61.94 42.68
C GLN MA 194 -8.29 62.40 43.74
N THR MA 195 -9.39 62.99 43.25
CA THR MA 195 -10.46 63.44 44.13
C THR MA 195 -11.53 62.36 44.23
N TYR MA 196 -11.95 62.05 45.45
CA TYR MA 196 -12.92 60.99 45.72
C TYR MA 196 -14.07 61.56 46.53
N ILE MA 197 -15.24 61.67 45.91
CA ILE MA 197 -16.43 62.24 46.54
C ILE MA 197 -17.58 61.26 46.35
N CYS MA 198 -18.22 60.90 47.46
CA CYS MA 198 -19.39 60.04 47.42
C CYS MA 198 -20.66 60.89 47.42
N ASN MA 199 -21.60 60.54 46.56
CA ASN MA 199 -22.84 61.31 46.36
C ASN MA 199 -23.98 60.54 47.00
N VAL MA 200 -24.30 60.89 48.24
CA VAL MA 200 -25.41 60.27 48.96
C VAL MA 200 -26.68 61.03 48.67
N ASN MA 201 -27.76 60.31 48.41
CA ASN MA 201 -29.05 60.91 48.11
C ASN MA 201 -30.14 60.18 48.89
N HIS MA 202 -30.93 60.93 49.64
CA HIS MA 202 -32.03 60.38 50.44
C HIS MA 202 -33.30 61.11 50.01
N LYS MA 203 -34.00 60.54 49.03
CA LYS MA 203 -35.21 61.17 48.52
C LYS MA 203 -36.30 61.38 49.56
N PRO MA 204 -36.55 60.47 50.51
CA PRO MA 204 -37.61 60.74 51.51
C PRO MA 204 -37.43 62.04 52.28
N SER MA 205 -36.20 62.43 52.59
CA SER MA 205 -35.95 63.67 53.33
C SER MA 205 -35.32 64.76 52.46
N ASN MA 206 -35.23 64.53 51.14
CA ASN MA 206 -34.67 65.51 50.19
C ASN MA 206 -33.25 65.94 50.59
N THR MA 207 -32.49 65.00 51.13
CA THR MA 207 -31.12 65.26 51.55
C THR MA 207 -30.15 64.83 50.45
N LYS MA 208 -29.30 65.76 50.02
CA LYS MA 208 -28.25 65.47 49.05
C LYS MA 208 -26.93 65.93 49.65
N VAL MA 209 -26.07 64.97 49.98
CA VAL MA 209 -24.79 65.24 50.63
C VAL MA 209 -23.66 64.78 49.71
N ASP MA 210 -22.66 65.64 49.55
CA ASP MA 210 -21.43 65.31 48.84
C ASP MA 210 -20.28 65.40 49.84
N LYS MA 211 -19.67 64.27 50.17
CA LYS MA 211 -18.60 64.21 51.15
C LYS MA 211 -17.29 63.86 50.45
N LYS MA 212 -16.24 64.60 50.79
CA LYS MA 212 -14.91 64.39 50.24
C LYS MA 212 -14.13 63.47 51.16
N VAL MA 213 -13.46 62.47 50.58
CA VAL MA 213 -12.73 61.47 51.34
C VAL MA 213 -11.25 61.64 51.05
N GLU MA 214 -10.51 62.12 52.04
CA GLU MA 214 -9.07 62.30 51.99
C GLU MA 214 -8.41 61.51 53.11
N PRO MA 215 -7.12 61.19 52.97
CA PRO MA 215 -6.38 60.64 54.11
C PRO MA 215 -6.16 61.72 55.17
N LYS MA 216 -6.34 61.33 56.43
CA LYS MA 216 -6.24 62.28 57.52
C LYS MA 216 -4.77 62.54 57.88
N SER MA 217 -4.53 63.68 58.52
CA SER MA 217 -3.19 64.04 58.95
C SER MA 217 -3.18 64.37 60.44
N ILE NA 1 -16.28 -72.05 -30.18
CA ILE NA 1 -15.88 -72.81 -31.36
C ILE NA 1 -16.56 -72.23 -32.60
N LEU NA 2 -15.75 -71.74 -33.53
CA LEU NA 2 -16.24 -71.14 -34.77
C LEU NA 2 -16.06 -72.10 -35.92
N GLY NA 3 -17.08 -72.20 -36.77
CA GLY NA 3 -17.02 -73.06 -37.94
C GLY NA 3 -17.20 -74.53 -37.67
N GLY NA 4 -17.69 -74.90 -36.48
CA GLY NA 4 -17.92 -76.30 -36.17
C GLY NA 4 -19.39 -76.60 -36.00
N ARG NA 5 -19.72 -77.62 -35.21
CA ARG NA 5 -21.10 -78.01 -34.98
C ARG NA 5 -21.22 -78.63 -33.61
N GLU NA 6 -22.45 -78.98 -33.24
CA GLU NA 6 -22.71 -79.59 -31.94
C GLU NA 6 -22.08 -80.96 -31.85
N ALA NA 7 -21.39 -81.23 -30.74
CA ALA NA 7 -20.73 -82.51 -30.55
C ALA NA 7 -21.73 -83.56 -30.07
N GLU NA 8 -21.33 -84.82 -30.18
CA GLU NA 8 -22.14 -85.90 -29.63
C GLU NA 8 -22.06 -85.83 -28.10
N ALA NA 9 -23.21 -85.94 -27.45
CA ALA NA 9 -23.27 -85.72 -26.00
C ALA NA 9 -22.40 -86.74 -25.28
N HIS NA 10 -21.47 -86.23 -24.47
CA HIS NA 10 -20.60 -87.02 -23.61
C HIS NA 10 -19.63 -87.89 -24.40
N ALA NA 11 -19.45 -87.61 -25.70
CA ALA NA 11 -18.46 -88.35 -26.48
C ALA NA 11 -17.04 -87.94 -26.12
N ARG NA 12 -16.86 -86.82 -25.44
CA ARG NA 12 -15.57 -86.39 -24.91
C ARG NA 12 -15.71 -86.31 -23.39
N PRO NA 13 -15.57 -87.44 -22.70
CA PRO NA 13 -15.85 -87.45 -21.25
C PRO NA 13 -14.87 -86.65 -20.42
N TYR NA 14 -13.74 -86.24 -21.00
CA TYR NA 14 -12.76 -85.39 -20.31
C TYR NA 14 -13.15 -83.93 -20.29
N MET NA 15 -14.22 -83.56 -20.99
CA MET NA 15 -14.54 -82.14 -21.18
C MET NA 15 -15.10 -81.54 -19.90
N ALA NA 16 -14.49 -80.45 -19.46
CA ALA NA 16 -14.90 -79.74 -18.26
C ALA NA 16 -15.25 -78.30 -18.58
N SER NA 17 -16.24 -77.77 -17.86
CA SER NA 17 -16.62 -76.36 -17.95
C SER NA 17 -16.26 -75.68 -16.63
N VAL NA 18 -15.26 -74.81 -16.66
CA VAL NA 18 -14.87 -74.04 -15.48
C VAL NA 18 -15.86 -72.89 -15.33
N GLN NA 19 -16.55 -72.85 -14.20
CA GLN NA 19 -17.62 -71.90 -13.97
C GLN NA 19 -17.23 -70.88 -12.92
N LEU NA 20 -17.73 -69.66 -13.10
CA LEU NA 20 -17.47 -68.56 -12.18
C LEU NA 20 -18.80 -67.93 -11.81
N ASN NA 21 -19.17 -68.03 -10.53
CA ASN NA 21 -20.45 -67.54 -10.02
C ASN NA 21 -21.61 -68.16 -10.79
N GLY NA 22 -21.54 -69.47 -11.03
CA GLY NA 22 -22.62 -70.19 -11.65
C GLY NA 22 -22.76 -70.02 -13.15
N ALA NA 23 -21.77 -69.44 -13.81
CA ALA NA 23 -21.81 -69.22 -15.25
C ALA NA 23 -20.54 -69.79 -15.87
N HIS NA 24 -20.68 -70.31 -17.10
CA HIS NA 24 -19.51 -70.83 -17.80
C HIS NA 24 -18.52 -69.71 -18.07
N LEU NA 25 -17.25 -69.99 -17.77
CA LEU NA 25 -16.17 -69.03 -17.96
C LEU NA 25 -15.09 -69.53 -18.90
N CYS NA 26 -14.67 -70.78 -18.73
CA CYS NA 26 -13.57 -71.32 -19.52
C CYS NA 26 -13.78 -72.82 -19.71
N GLY NA 27 -13.12 -73.36 -20.73
CA GLY NA 27 -13.05 -74.80 -20.89
C GLY NA 27 -11.99 -75.40 -19.98
N GLY NA 28 -12.06 -76.72 -19.84
CA GLY NA 28 -11.10 -77.43 -19.02
C GLY NA 28 -11.09 -78.89 -19.38
N VAL NA 29 -10.01 -79.57 -19.03
CA VAL NA 29 -9.82 -80.97 -19.36
C VAL NA 29 -9.45 -81.74 -18.09
N LEU NA 30 -10.21 -82.79 -17.81
CA LEU NA 30 -9.96 -83.65 -16.65
C LEU NA 30 -8.70 -84.46 -16.89
N VAL NA 31 -7.65 -84.19 -16.12
CA VAL NA 31 -6.37 -84.87 -16.29
C VAL NA 31 -6.06 -85.84 -15.16
N ALA NA 32 -6.85 -85.87 -14.10
CA ALA NA 32 -6.68 -86.81 -13.02
C ALA NA 32 -8.03 -87.01 -12.33
N GLU NA 33 -8.05 -87.86 -11.32
CA GLU NA 33 -9.30 -88.13 -10.62
C GLU NA 33 -9.80 -86.92 -9.82
N GLN NA 34 -8.93 -85.95 -9.53
CA GLN NA 34 -9.34 -84.80 -8.75
C GLN NA 34 -8.77 -83.49 -9.29
N TRP NA 35 -8.17 -83.48 -10.48
CA TRP NA 35 -7.54 -82.28 -11.02
C TRP NA 35 -8.08 -81.98 -12.42
N VAL NA 36 -8.31 -80.71 -12.70
CA VAL NA 36 -8.71 -80.24 -14.01
C VAL NA 36 -7.66 -79.23 -14.49
N LEU NA 37 -7.21 -79.40 -15.73
CA LEU NA 37 -6.25 -78.48 -16.33
C LEU NA 37 -6.99 -77.44 -17.15
N SER NA 38 -6.54 -76.19 -17.05
CA SER NA 38 -7.20 -75.09 -17.75
C SER NA 38 -6.14 -74.03 -18.08
N ALA NA 39 -6.61 -72.83 -18.42
CA ALA NA 39 -5.73 -71.71 -18.73
C ALA NA 39 -5.69 -70.74 -17.55
N ALA NA 40 -4.50 -70.22 -17.27
CA ALA NA 40 -4.33 -69.37 -16.09
C ALA NA 40 -5.07 -68.05 -16.24
N HIS NA 41 -5.07 -67.46 -17.45
CA HIS NA 41 -5.69 -66.15 -17.63
C HIS NA 41 -7.19 -66.17 -17.36
N CYS NA 42 -7.80 -67.35 -17.25
CA CYS NA 42 -9.23 -67.42 -16.95
C CYS NA 42 -9.55 -66.82 -15.60
N LEU NA 43 -8.60 -66.81 -14.67
CA LEU NA 43 -8.83 -66.39 -13.29
C LEU NA 43 -8.14 -65.07 -12.95
N GLU NA 44 -7.66 -64.32 -13.95
CA GLU NA 44 -7.01 -63.05 -13.66
C GLU NA 44 -8.02 -62.02 -13.16
N ASP NA 45 -9.20 -61.96 -13.77
CA ASP NA 45 -10.24 -61.03 -13.38
C ASP NA 45 -11.28 -61.67 -12.46
N ALA NA 46 -11.05 -62.91 -12.02
CA ALA NA 46 -12.08 -63.64 -11.29
C ALA NA 46 -12.37 -63.01 -9.93
N ALA NA 47 -11.36 -62.41 -9.29
CA ALA NA 47 -11.51 -61.73 -8.00
C ALA NA 47 -12.04 -62.75 -6.99
N ASP NA 48 -13.04 -62.43 -6.18
CA ASP NA 48 -13.57 -63.33 -5.17
C ASP NA 48 -14.69 -64.22 -5.70
N GLY NA 49 -14.86 -64.30 -7.02
CA GLY NA 49 -15.92 -65.13 -7.57
C GLY NA 49 -15.71 -66.60 -7.28
N LYS NA 50 -16.82 -67.33 -7.22
CA LYS NA 50 -16.79 -68.75 -6.85
C LYS NA 50 -16.41 -69.59 -8.07
N VAL NA 51 -15.27 -70.26 -7.98
CA VAL NA 51 -14.78 -71.11 -9.06
C VAL NA 51 -15.29 -72.53 -8.86
N GLN NA 52 -16.01 -73.05 -9.84
CA GLN NA 52 -16.53 -74.41 -9.82
C GLN NA 52 -16.23 -75.09 -11.15
N VAL NA 53 -16.28 -76.41 -11.15
CA VAL NA 53 -16.06 -77.22 -12.34
C VAL NA 53 -17.29 -78.09 -12.57
N LEU NA 54 -17.74 -78.14 -13.82
CA LEU NA 54 -18.91 -78.92 -14.23
C LEU NA 54 -18.45 -80.05 -15.12
N LEU NA 55 -18.54 -81.28 -14.62
CA LEU NA 55 -18.10 -82.45 -15.37
C LEU NA 55 -19.29 -83.23 -15.91
N GLY NA 56 -19.02 -84.04 -16.94
CA GLY NA 56 -20.05 -84.86 -17.53
C GLY NA 56 -21.17 -84.09 -18.17
N ALA NA 57 -20.89 -82.87 -18.63
CA ALA NA 57 -21.91 -81.98 -19.16
C ALA NA 57 -21.87 -81.97 -20.68
N HIS NA 58 -23.04 -81.86 -21.29
CA HIS NA 58 -23.17 -81.48 -22.69
C HIS NA 58 -23.92 -80.16 -22.83
N SER NA 59 -25.11 -80.07 -22.25
CA SER NA 59 -25.83 -78.80 -22.15
C SER NA 59 -25.53 -78.16 -20.81
N LEU NA 60 -25.23 -76.86 -20.85
CA LEU NA 60 -24.95 -76.13 -19.61
C LEU NA 60 -26.17 -75.96 -18.74
N SER NA 61 -27.38 -76.05 -19.31
CA SER NA 61 -28.61 -75.77 -18.58
C SER NA 61 -29.53 -76.97 -18.45
N GLN NA 62 -29.67 -77.78 -19.50
CA GLN NA 62 -30.60 -78.90 -19.47
C GLN NA 62 -30.15 -79.94 -18.45
N PRO NA 63 -31.08 -80.71 -17.88
CA PRO NA 63 -30.71 -81.73 -16.90
C PRO NA 63 -30.14 -82.96 -17.58
N GLU NA 64 -29.06 -83.49 -17.01
CA GLU NA 64 -28.36 -84.65 -17.53
C GLU NA 64 -27.89 -85.46 -16.32
N PRO NA 65 -28.11 -86.77 -16.31
CA PRO NA 65 -27.73 -87.57 -15.13
C PRO NA 65 -26.24 -87.53 -14.82
N SER NA 66 -25.38 -87.45 -15.84
CA SER NA 66 -23.94 -87.46 -15.61
C SER NA 66 -23.40 -86.13 -15.12
N LYS NA 67 -24.14 -85.03 -15.29
CA LYS NA 67 -23.67 -83.72 -14.87
C LYS NA 67 -23.48 -83.67 -13.36
N ARG NA 68 -22.36 -83.07 -12.94
CA ARG NA 68 -22.12 -82.84 -11.52
C ARG NA 68 -21.24 -81.60 -11.38
N LEU NA 69 -21.66 -80.69 -10.51
CA LEU NA 69 -20.95 -79.45 -10.25
C LEU NA 69 -20.07 -79.63 -9.02
N TYR NA 70 -18.76 -79.48 -9.21
CA TYR NA 70 -17.77 -79.67 -8.15
C TYR NA 70 -17.24 -78.32 -7.68
N ASP NA 71 -17.17 -78.13 -6.36
CA ASP NA 71 -16.45 -76.99 -5.81
C ASP NA 71 -14.95 -77.21 -5.98
N VAL NA 72 -14.20 -76.10 -5.99
CA VAL NA 72 -12.77 -76.15 -6.19
C VAL NA 72 -12.09 -75.93 -4.85
N LEU NA 73 -11.22 -76.88 -4.48
CA LEU NA 73 -10.54 -76.81 -3.21
C LEU NA 73 -9.25 -76.00 -3.28
N ARG NA 74 -8.61 -75.96 -4.44
CA ARG NA 74 -7.27 -75.41 -4.56
C ARG NA 74 -7.01 -75.09 -6.03
N ALA NA 75 -6.55 -73.86 -6.30
CA ALA NA 75 -6.28 -73.40 -7.65
C ALA NA 75 -4.82 -73.03 -7.78
N VAL NA 76 -4.14 -73.62 -8.76
CA VAL NA 76 -2.69 -73.46 -8.90
C VAL NA 76 -2.37 -72.91 -10.29
N PRO NA 77 -2.31 -71.60 -10.47
CA PRO NA 77 -1.80 -71.06 -11.74
C PRO NA 77 -0.30 -71.26 -11.84
N HIS NA 78 0.18 -71.41 -13.06
CA HIS NA 78 1.61 -71.58 -13.28
C HIS NA 78 2.34 -70.36 -12.70
N PRO NA 79 3.36 -70.57 -11.86
CA PRO NA 79 3.95 -69.43 -11.13
C PRO NA 79 4.56 -68.36 -12.02
N ASP NA 80 4.82 -68.65 -13.29
CA ASP NA 80 5.39 -67.69 -14.21
C ASP NA 80 4.35 -67.07 -15.15
N SER NA 81 3.08 -67.26 -14.86
CA SER NA 81 2.02 -66.64 -15.66
C SER NA 81 1.74 -65.23 -15.16
N GLN NA 82 1.50 -64.32 -16.09
CA GLN NA 82 1.27 -62.92 -15.77
C GLN NA 82 0.32 -62.35 -16.81
N PRO NA 83 -0.39 -61.26 -16.48
CA PRO NA 83 -1.43 -60.76 -17.40
C PRO NA 83 -0.89 -60.15 -18.68
N ASP NA 84 0.40 -59.83 -18.75
CA ASP NA 84 0.96 -59.20 -19.93
C ASP NA 84 1.38 -60.19 -21.01
N THR NA 85 1.42 -61.49 -20.71
CA THR NA 85 1.95 -62.47 -21.64
C THR NA 85 0.96 -63.62 -21.83
N ILE NA 86 1.16 -64.38 -22.91
CA ILE NA 86 0.47 -65.64 -23.12
C ILE NA 86 1.31 -66.82 -22.69
N ASP NA 87 2.49 -66.58 -22.11
CA ASP NA 87 3.39 -67.66 -21.74
C ASP NA 87 2.96 -68.31 -20.44
N HIS NA 88 3.17 -69.62 -20.35
CA HIS NA 88 2.87 -70.40 -19.15
C HIS NA 88 1.40 -70.21 -18.73
N ASP NA 89 0.51 -70.25 -19.72
CA ASP NA 89 -0.90 -69.99 -19.50
C ASP NA 89 -1.64 -71.28 -19.11
N LEU NA 90 -1.19 -71.90 -18.03
CA LEU NA 90 -1.73 -73.17 -17.55
C LEU NA 90 -2.25 -73.01 -16.13
N LEU NA 91 -3.38 -73.66 -15.85
CA LEU NA 91 -4.03 -73.60 -14.56
C LEU NA 91 -4.48 -75.00 -14.15
N LEU NA 92 -4.30 -75.33 -12.88
CA LEU NA 92 -4.71 -76.62 -12.32
C LEU NA 92 -5.65 -76.39 -11.16
N LEU NA 93 -6.86 -76.94 -11.27
CA LEU NA 93 -7.88 -76.82 -10.24
C LEU NA 93 -8.09 -78.17 -9.58
N GLN NA 94 -7.98 -78.21 -8.25
CA GLN NA 94 -8.24 -79.43 -7.49
C GLN NA 94 -9.70 -79.44 -7.05
N LEU NA 95 -10.43 -80.49 -7.41
CA LEU NA 95 -11.83 -80.59 -7.06
C LEU NA 95 -12.01 -80.82 -5.56
N SER NA 96 -13.21 -80.51 -5.07
CA SER NA 96 -13.52 -80.72 -3.65
C SER NA 96 -13.52 -82.19 -3.27
N GLU NA 97 -13.68 -83.09 -4.24
CA GLU NA 97 -13.60 -84.52 -3.98
C GLU NA 97 -13.31 -85.21 -5.31
N LYS NA 98 -13.09 -86.53 -5.22
CA LYS NA 98 -12.79 -87.29 -6.44
C LYS NA 98 -13.97 -87.24 -7.41
N ALA NA 99 -13.65 -87.00 -8.67
CA ALA NA 99 -14.67 -86.97 -9.71
C ALA NA 99 -15.29 -88.35 -9.90
N THR NA 100 -16.61 -88.41 -9.87
CA THR NA 100 -17.33 -89.67 -10.07
C THR NA 100 -17.13 -90.12 -11.51
N LEU NA 101 -16.21 -91.07 -11.70
CA LEU NA 101 -15.90 -91.54 -13.05
C LEU NA 101 -17.02 -92.40 -13.60
N GLY NA 102 -17.19 -92.33 -14.92
CA GLY NA 102 -18.19 -93.11 -15.61
C GLY NA 102 -17.98 -93.07 -17.11
N PRO NA 103 -18.97 -93.52 -17.87
CA PRO NA 103 -18.86 -93.44 -19.34
C PRO NA 103 -18.91 -92.01 -19.87
N ALA NA 104 -19.36 -91.06 -19.06
CA ALA NA 104 -19.41 -89.66 -19.46
C ALA NA 104 -18.42 -88.77 -18.71
N VAL NA 105 -17.69 -89.33 -17.75
CA VAL NA 105 -16.68 -88.59 -16.99
C VAL NA 105 -15.46 -89.48 -16.88
N ARG NA 106 -14.38 -89.11 -17.57
CA ARG NA 106 -13.17 -89.91 -17.48
C ARG NA 106 -11.96 -89.05 -17.84
N PRO NA 107 -10.87 -89.12 -17.08
CA PRO NA 107 -9.70 -88.32 -17.40
C PRO NA 107 -9.11 -88.67 -18.76
N LEU NA 108 -8.38 -87.71 -19.32
CA LEU NA 108 -7.70 -87.86 -20.59
C LEU NA 108 -6.19 -87.88 -20.36
N PRO NA 109 -5.48 -88.87 -20.90
CA PRO NA 109 -4.01 -88.83 -20.79
C PRO NA 109 -3.45 -87.70 -21.63
N TRP NA 110 -2.51 -86.96 -21.05
CA TRP NA 110 -1.90 -85.83 -21.73
C TRP NA 110 -0.50 -86.19 -22.22
N GLN NA 111 -0.09 -85.55 -23.31
CA GLN NA 111 1.17 -85.88 -23.95
C GLN NA 111 2.34 -85.58 -23.02
N ARG NA 112 3.24 -86.54 -22.87
CA ARG NA 112 4.40 -86.39 -22.01
C ARG NA 112 5.71 -86.35 -22.78
N VAL NA 113 5.72 -86.72 -24.06
CA VAL NA 113 6.92 -86.65 -24.89
C VAL NA 113 6.97 -85.28 -25.54
N ASP NA 114 8.00 -84.50 -25.20
CA ASP NA 114 8.12 -83.12 -25.68
C ASP NA 114 8.57 -83.13 -27.14
N ARG NA 115 7.62 -83.44 -28.03
CA ARG NA 115 7.84 -83.38 -29.46
C ARG NA 115 6.72 -82.57 -30.11
N ASP NA 116 7.08 -81.80 -31.13
CA ASP NA 116 6.11 -80.99 -31.85
C ASP NA 116 5.14 -81.86 -32.62
N VAL NA 117 3.86 -81.48 -32.60
CA VAL NA 117 2.89 -82.07 -33.51
C VAL NA 117 3.21 -81.62 -34.92
N ALA NA 118 3.34 -82.58 -35.83
CA ALA NA 118 3.70 -82.26 -37.20
C ALA NA 118 2.67 -81.32 -37.81
N PRO NA 119 3.10 -80.24 -38.47
CA PRO NA 119 2.13 -79.34 -39.12
C PRO NA 119 1.23 -80.10 -40.10
N GLY NA 120 0.03 -79.59 -40.27
CA GLY NA 120 -0.98 -80.24 -41.07
C GLY NA 120 -1.84 -81.25 -40.32
N THR NA 121 -1.38 -81.72 -39.17
CA THR NA 121 -2.13 -82.68 -38.37
C THR NA 121 -3.50 -82.12 -38.00
N LEU NA 122 -4.55 -82.88 -38.27
CA LEU NA 122 -5.89 -82.48 -37.89
C LEU NA 122 -6.10 -82.77 -36.40
N CYS NA 123 -6.44 -81.74 -35.64
CA CYS NA 123 -6.67 -81.86 -34.21
C CYS NA 123 -8.09 -81.43 -33.87
N ASP NA 124 -8.61 -81.98 -32.78
CA ASP NA 124 -9.98 -81.75 -32.35
C ASP NA 124 -9.98 -80.84 -31.13
N VAL NA 125 -10.82 -79.80 -31.18
CA VAL NA 125 -10.95 -78.84 -30.08
C VAL NA 125 -12.43 -78.60 -29.84
N ALA NA 126 -12.81 -78.43 -28.58
CA ALA NA 126 -14.22 -78.33 -28.23
C ALA NA 126 -14.39 -77.35 -27.06
N GLY NA 127 -15.55 -76.73 -27.00
CA GLY NA 127 -15.83 -75.80 -25.92
C GLY NA 127 -17.22 -75.21 -26.05
N TRP NA 128 -17.56 -74.35 -25.09
CA TRP NA 128 -18.81 -73.63 -25.07
C TRP NA 128 -18.63 -72.14 -25.39
N GLY NA 129 -17.63 -71.81 -26.20
CA GLY NA 129 -17.31 -70.44 -26.51
C GLY NA 129 -18.08 -69.91 -27.70
N ILE NA 130 -17.68 -68.72 -28.13
CA ILE NA 130 -18.34 -68.03 -29.24
C ILE NA 130 -18.46 -68.95 -30.45
N VAL NA 131 -19.60 -68.87 -31.14
CA VAL NA 131 -19.85 -69.67 -32.34
C VAL NA 131 -20.12 -68.82 -33.56
N ASN NA 132 -20.16 -67.49 -33.43
CA ASN NA 132 -20.38 -66.63 -34.59
C ASN NA 132 -19.81 -65.25 -34.28
N HIS NA 133 -19.50 -64.51 -35.36
CA HIS NA 133 -18.88 -63.20 -35.19
C HIS NA 133 -19.74 -62.23 -34.40
N ALA NA 134 -21.03 -62.52 -34.23
CA ALA NA 134 -21.89 -61.69 -33.40
C ALA NA 134 -21.52 -61.77 -31.92
N GLY NA 135 -20.74 -62.77 -31.51
CA GLY NA 135 -20.25 -62.85 -30.15
C GLY NA 135 -21.12 -63.61 -29.17
N ARG NA 136 -22.07 -64.41 -29.65
CA ARG NA 136 -23.02 -65.09 -28.79
C ARG NA 136 -22.58 -66.53 -28.53
N ARG NA 137 -23.02 -67.08 -27.38
CA ARG NA 137 -22.56 -68.36 -26.85
C ARG NA 137 -23.60 -69.46 -27.04
N PRO NA 138 -23.17 -70.73 -27.13
CA PRO NA 138 -24.11 -71.83 -27.29
C PRO NA 138 -24.38 -72.54 -25.97
N ASP NA 139 -25.49 -73.26 -25.87
CA ASP NA 139 -25.81 -74.01 -24.66
C ASP NA 139 -25.17 -75.39 -24.66
N SER NA 140 -25.09 -76.04 -25.81
CA SER NA 140 -24.50 -77.37 -25.92
C SER NA 140 -23.08 -77.29 -26.45
N LEU NA 141 -22.29 -78.31 -26.12
CA LEU NA 141 -20.89 -78.34 -26.49
C LEU NA 141 -20.72 -78.35 -28.00
N GLN NA 142 -19.78 -77.56 -28.49
CA GLN NA 142 -19.43 -77.51 -29.90
C GLN NA 142 -18.01 -78.04 -30.09
N HIS NA 143 -17.67 -78.37 -31.33
CA HIS NA 143 -16.34 -78.87 -31.65
C HIS NA 143 -16.02 -78.57 -33.11
N VAL NA 144 -14.74 -78.70 -33.45
CA VAL NA 144 -14.28 -78.47 -34.80
C VAL NA 144 -12.92 -79.15 -34.96
N LEU NA 145 -12.54 -79.42 -36.20
CA LEU NA 145 -11.26 -80.04 -36.51
C LEU NA 145 -10.35 -78.99 -37.13
N LEU NA 146 -9.21 -78.75 -36.49
CA LEU NA 146 -8.28 -77.71 -36.91
C LEU NA 146 -6.95 -78.33 -37.32
N PRO NA 147 -6.37 -77.92 -38.43
CA PRO NA 147 -5.02 -78.39 -38.79
C PRO NA 147 -3.93 -77.56 -38.11
N VAL NA 148 -2.89 -78.26 -37.64
CA VAL NA 148 -1.79 -77.59 -36.96
C VAL NA 148 -0.98 -76.77 -37.95
N LEU NA 149 -0.65 -75.55 -37.56
CA LEU NA 149 0.15 -74.65 -38.38
C LEU NA 149 1.60 -74.65 -37.90
N ASP NA 150 2.54 -74.55 -38.83
CA ASP NA 150 3.95 -74.54 -38.46
C ASP NA 150 4.30 -73.23 -37.75
N ARG NA 151 5.29 -73.32 -36.86
CA ARG NA 151 5.59 -72.20 -35.98
C ARG NA 151 6.22 -71.03 -36.73
N ALA NA 152 6.95 -71.31 -37.82
CA ALA NA 152 7.57 -70.21 -38.57
C ALA NA 152 6.52 -69.31 -39.20
N THR NA 153 5.54 -69.90 -39.87
CA THR NA 153 4.43 -69.12 -40.42
C THR NA 153 3.73 -68.35 -39.31
N CYS NA 154 3.48 -69.00 -38.18
CA CYS NA 154 2.72 -68.38 -37.11
C CYS NA 154 3.43 -67.19 -36.49
N ASN NA 155 4.76 -67.12 -36.61
CA ASN NA 155 5.55 -66.05 -36.03
C ASN NA 155 5.77 -64.88 -36.99
N ARG NA 156 5.21 -64.93 -38.20
CA ARG NA 156 5.39 -63.83 -39.14
C ARG NA 156 4.83 -62.52 -38.57
N ARG NA 157 5.36 -61.41 -39.06
CA ARG NA 157 4.90 -60.09 -38.60
C ARG NA 157 3.41 -59.92 -38.83
N THR NA 158 2.86 -60.48 -39.92
CA THR NA 158 1.43 -60.42 -40.15
C THR NA 158 0.64 -61.26 -39.16
N HIS NA 159 1.26 -62.28 -38.58
CA HIS NA 159 0.55 -63.19 -37.70
C HIS NA 159 0.77 -62.82 -36.24
N HIS NA 160 1.58 -63.59 -35.53
CA HIS NA 160 1.81 -63.35 -34.11
C HIS NA 160 3.21 -62.82 -33.81
N ASP NA 161 4.00 -62.53 -34.84
CA ASP NA 161 5.19 -61.68 -34.72
C ASP NA 161 6.14 -62.16 -33.62
N GLY NA 162 6.56 -63.42 -33.76
CA GLY NA 162 7.57 -63.96 -32.86
C GLY NA 162 7.10 -64.32 -31.47
N ALA NA 163 5.79 -64.31 -31.21
CA ALA NA 163 5.28 -64.61 -29.88
C ALA NA 163 5.07 -66.10 -29.62
N ILE NA 164 5.24 -66.95 -30.64
CA ILE NA 164 4.99 -68.37 -30.50
C ILE NA 164 6.31 -69.04 -30.11
N THR NA 165 6.47 -69.27 -28.81
CA THR NA 165 7.68 -69.91 -28.30
C THR NA 165 7.66 -71.41 -28.59
N GLU NA 166 8.73 -72.10 -28.20
CA GLU NA 166 8.77 -73.55 -28.37
C GLU NA 166 7.77 -74.26 -27.47
N ARG NA 167 7.23 -73.56 -26.48
CA ARG NA 167 6.24 -74.12 -25.57
C ARG NA 167 4.81 -73.82 -26.01
N LEU NA 168 4.63 -73.35 -27.24
CA LEU NA 168 3.32 -73.05 -27.80
C LEU NA 168 3.21 -73.67 -29.19
N MET NA 169 1.96 -73.78 -29.67
CA MET NA 169 1.70 -74.27 -31.02
C MET NA 169 0.52 -73.50 -31.58
N CYS NA 170 0.34 -73.60 -32.90
CA CYS NA 170 -0.69 -72.86 -33.61
C CYS NA 170 -1.55 -73.80 -34.43
N ALA NA 171 -2.80 -73.37 -34.68
CA ALA NA 171 -3.71 -74.06 -35.56
C ALA NA 171 -4.34 -73.04 -36.49
N GLU NA 172 -4.72 -73.50 -37.70
CA GLU NA 172 -5.36 -72.62 -38.66
C GLU NA 172 -6.62 -71.99 -38.06
N SER NA 173 -6.94 -70.78 -38.52
CA SER NA 173 -8.07 -70.04 -37.99
C SER NA 173 -8.97 -69.48 -39.09
N ASN NA 174 -8.91 -70.04 -40.29
CA ASN NA 174 -9.70 -69.53 -41.41
C ASN NA 174 -11.12 -70.08 -41.30
N ARG NA 175 -12.04 -69.27 -40.81
CA ARG NA 175 -13.46 -69.62 -40.68
C ARG NA 175 -13.71 -70.79 -39.73
N ARG NA 176 -12.65 -71.51 -39.36
CA ARG NA 176 -12.71 -72.54 -38.33
C ARG NA 176 -11.67 -72.18 -37.27
N ASP NA 177 -12.11 -72.06 -36.01
CA ASP NA 177 -11.22 -71.53 -34.99
C ASP NA 177 -11.79 -71.83 -33.61
N SER NA 178 -10.93 -71.69 -32.60
CA SER NA 178 -11.36 -71.59 -31.22
C SER NA 178 -11.50 -70.12 -30.84
N CYS NA 179 -12.44 -69.84 -29.94
CA CYS NA 179 -12.79 -68.45 -29.64
C CYS NA 179 -12.75 -68.16 -28.15
N LYS NA 180 -13.18 -66.97 -27.75
CA LYS NA 180 -13.30 -66.63 -26.34
C LYS NA 180 -14.33 -67.55 -25.70
N GLY NA 181 -14.02 -68.01 -24.48
CA GLY NA 181 -14.83 -69.01 -23.83
C GLY NA 181 -14.43 -70.43 -24.12
N ASP NA 182 -13.61 -70.66 -25.13
CA ASP NA 182 -12.98 -71.95 -25.37
C ASP NA 182 -11.61 -72.06 -24.70
N SER NA 183 -11.14 -70.98 -24.07
CA SER NA 183 -9.85 -71.01 -23.39
C SER NA 183 -9.85 -72.06 -22.30
N GLY NA 184 -8.67 -72.63 -22.05
CA GLY NA 184 -8.54 -73.73 -21.12
C GLY NA 184 -9.07 -75.05 -21.63
N GLY NA 185 -9.74 -75.08 -22.77
CA GLY NA 185 -10.24 -76.31 -23.35
C GLY NA 185 -9.12 -77.12 -24.00
N PRO NA 186 -9.45 -78.34 -24.40
CA PRO NA 186 -8.42 -79.25 -24.91
C PRO NA 186 -8.22 -79.14 -26.41
N LEU NA 187 -6.97 -79.33 -26.82
CA LEU NA 187 -6.62 -79.53 -28.23
C LEU NA 187 -6.08 -80.96 -28.33
N VAL NA 188 -6.92 -81.87 -28.80
CA VAL NA 188 -6.61 -83.29 -28.83
C VAL NA 188 -6.19 -83.67 -30.24
N CYS NA 189 -5.01 -84.27 -30.35
CA CYS NA 189 -4.50 -84.80 -31.62
C CYS NA 189 -4.20 -86.28 -31.42
N GLY NA 190 -4.89 -87.13 -32.17
CA GLY NA 190 -4.68 -88.56 -32.03
C GLY NA 190 -5.06 -89.11 -30.67
N GLY NA 191 -6.18 -88.65 -30.12
CA GLY NA 191 -6.66 -89.15 -28.86
C GLY NA 191 -5.85 -88.76 -27.64
N VAL NA 192 -4.85 -87.90 -27.80
CA VAL NA 192 -3.99 -87.46 -26.70
C VAL NA 192 -4.06 -85.95 -26.60
N LEU NA 193 -4.17 -85.45 -25.37
CA LEU NA 193 -4.15 -84.01 -25.13
C LEU NA 193 -2.76 -83.47 -25.46
N GLU NA 194 -2.68 -82.62 -26.48
CA GLU NA 194 -1.41 -82.01 -26.86
C GLU NA 194 -1.30 -80.55 -26.44
N GLY NA 195 -2.40 -79.80 -26.52
CA GLY NA 195 -2.35 -78.39 -26.21
C GLY NA 195 -3.61 -77.94 -25.48
N VAL NA 196 -3.45 -76.83 -24.75
CA VAL NA 196 -4.55 -76.17 -24.06
C VAL NA 196 -4.80 -74.84 -24.74
N VAL NA 197 -6.06 -74.59 -25.09
CA VAL NA 197 -6.43 -73.32 -25.70
C VAL NA 197 -6.10 -72.18 -24.75
N THR NA 198 -5.46 -71.13 -25.28
CA THR NA 198 -5.21 -69.93 -24.50
C THR NA 198 -6.11 -68.78 -24.91
N SER NA 199 -6.05 -68.35 -26.18
CA SER NA 199 -6.90 -67.28 -26.70
C SER NA 199 -6.90 -66.06 -25.79
N GLY NA 200 -8.07 -65.69 -25.28
CA GLY NA 200 -8.18 -64.61 -24.31
C GLY NA 200 -8.35 -63.24 -24.93
N SER NA 201 -7.30 -62.72 -25.53
CA SER NA 201 -7.31 -61.37 -26.11
C SER NA 201 -7.43 -61.37 -27.62
N ARG NA 202 -7.57 -62.53 -28.25
CA ARG NA 202 -7.51 -62.66 -29.69
C ARG NA 202 -8.91 -62.86 -30.27
N VAL NA 203 -9.25 -62.06 -31.27
CA VAL NA 203 -10.48 -62.28 -32.02
C VAL NA 203 -10.31 -63.49 -32.92
N CYS NA 204 -11.36 -64.29 -33.05
CA CYS NA 204 -11.26 -65.55 -33.76
C CYS NA 204 -11.90 -65.46 -35.15
N GLY NA 205 -11.48 -66.37 -36.03
CA GLY NA 205 -11.99 -66.44 -37.38
C GLY NA 205 -11.15 -65.74 -38.42
N ASN NA 206 -10.10 -65.04 -38.02
CA ASN NA 206 -9.23 -64.33 -38.94
C ASN NA 206 -8.04 -65.21 -39.30
N ARG NA 207 -7.87 -65.50 -40.59
CA ARG NA 207 -6.81 -66.40 -41.01
C ARG NA 207 -5.43 -65.86 -40.67
N LYS NA 208 -5.29 -64.54 -40.59
CA LYS NA 208 -3.99 -63.93 -40.33
C LYS NA 208 -3.60 -63.98 -38.86
N LYS NA 209 -4.52 -64.38 -37.98
CA LYS NA 209 -4.25 -64.47 -36.53
C LYS NA 209 -4.61 -65.87 -36.06
N PRO NA 210 -3.71 -66.84 -36.24
CA PRO NA 210 -4.02 -68.23 -35.90
C PRO NA 210 -4.30 -68.40 -34.42
N GLY NA 211 -4.94 -69.51 -34.09
CA GLY NA 211 -5.16 -69.84 -32.70
C GLY NA 211 -3.88 -70.33 -32.05
N ILE NA 212 -3.70 -69.96 -30.80
CA ILE NA 212 -2.52 -70.35 -30.02
C ILE NA 212 -2.96 -71.39 -28.99
N TYR NA 213 -2.11 -72.38 -28.75
CA TYR NA 213 -2.42 -73.47 -27.84
C TYR NA 213 -1.16 -73.82 -27.05
N THR NA 214 -1.30 -73.93 -25.74
CA THR NA 214 -0.16 -74.16 -24.86
C THR NA 214 0.19 -75.64 -24.86
N ARG NA 215 1.43 -75.96 -25.24
CA ARG NA 215 1.85 -77.35 -25.37
C ARG NA 215 2.07 -77.95 -23.98
N VAL NA 216 1.24 -78.94 -23.63
CA VAL NA 216 1.29 -79.51 -22.28
C VAL NA 216 2.60 -80.26 -22.06
N ALA NA 217 3.21 -80.80 -23.13
CA ALA NA 217 4.42 -81.57 -22.97
C ALA NA 217 5.57 -80.71 -22.45
N SER NA 218 5.57 -79.42 -22.77
CA SER NA 218 6.61 -78.53 -22.28
C SER NA 218 6.48 -78.21 -20.79
N TYR NA 219 5.37 -78.62 -20.16
CA TYR NA 219 5.13 -78.34 -18.75
C TYR NA 219 4.90 -79.63 -17.96
N ALA NA 220 5.45 -80.75 -18.45
CA ALA NA 220 5.21 -82.04 -17.81
C ALA NA 220 5.74 -82.05 -16.39
N ALA NA 221 6.96 -81.54 -16.17
CA ALA NA 221 7.52 -81.54 -14.84
C ALA NA 221 6.64 -80.76 -13.86
N TRP NA 222 6.10 -79.62 -14.30
CA TRP NA 222 5.24 -78.82 -13.42
C TRP NA 222 3.95 -79.56 -13.11
N ILE NA 223 3.28 -80.09 -14.14
CA ILE NA 223 2.02 -80.79 -13.93
C ILE NA 223 2.21 -81.96 -12.97
N ASP NA 224 3.34 -82.66 -13.09
CA ASP NA 224 3.60 -83.79 -12.20
C ASP NA 224 3.81 -83.33 -10.77
N SER NA 225 4.48 -82.19 -10.56
CA SER NA 225 4.75 -81.74 -9.20
C SER NA 225 3.47 -81.35 -8.48
N VAL NA 226 2.53 -80.74 -9.18
CA VAL NA 226 1.26 -80.37 -8.57
C VAL NA 226 0.39 -81.60 -8.33
N LEU NA 227 0.31 -82.47 -9.34
CA LEU NA 227 -0.53 -83.66 -9.24
C LEU NA 227 0.02 -84.68 -8.25
N ALA NA 228 1.30 -84.59 -7.90
CA ALA NA 228 1.93 -85.51 -6.96
C ALA NA 228 1.23 -85.49 -5.60
N ASP OA 1 2.28 -56.21 -57.46
CA ASP OA 1 3.14 -55.41 -56.59
C ASP OA 1 2.39 -54.22 -56.00
N ILE OA 2 2.21 -54.23 -54.69
CA ILE OA 2 1.69 -53.06 -53.98
C ILE OA 2 2.77 -52.00 -53.95
N GLN OA 3 2.49 -50.85 -54.53
CA GLN OA 3 3.48 -49.77 -54.65
C GLN OA 3 3.49 -48.94 -53.38
N MET OA 4 4.68 -48.70 -52.84
CA MET OA 4 4.87 -47.89 -51.65
C MET OA 4 5.56 -46.59 -52.06
N THR OA 5 4.81 -45.50 -52.09
CA THR OA 5 5.32 -44.19 -52.51
C THR OA 5 5.59 -43.35 -51.26
N GLN OA 6 6.87 -43.12 -50.99
CA GLN OA 6 7.31 -42.43 -49.78
C GLN OA 6 7.62 -40.97 -50.11
N SER OA 7 7.09 -40.06 -49.31
CA SER OA 7 7.35 -38.64 -49.48
C SER OA 7 7.71 -38.02 -48.13
N PRO OA 8 8.63 -37.04 -48.11
CA PRO OA 8 9.37 -36.57 -49.28
C PRO OA 8 10.69 -37.31 -49.48
N SER OA 9 11.38 -37.01 -50.57
CA SER OA 9 12.66 -37.66 -50.84
C SER OA 9 13.73 -37.19 -49.86
N SER OA 10 13.80 -35.89 -49.63
CA SER OA 10 14.71 -35.31 -48.66
C SER OA 10 13.93 -34.33 -47.79
N LEU OA 11 14.56 -33.94 -46.68
CA LEU OA 11 13.86 -33.18 -45.66
C LEU OA 11 14.90 -32.51 -44.78
N SER OA 12 14.79 -31.19 -44.62
CA SER OA 12 15.74 -30.41 -43.84
C SER OA 12 15.03 -29.83 -42.62
N ALA OA 13 15.51 -30.18 -41.44
CA ALA OA 13 14.95 -29.69 -40.19
C ALA OA 13 16.08 -29.44 -39.20
N SER OA 14 15.74 -28.77 -38.10
CA SER OA 14 16.68 -28.47 -37.04
C SER OA 14 16.49 -29.44 -35.88
N VAL OA 15 17.52 -29.51 -35.03
CA VAL OA 15 17.42 -30.34 -33.83
C VAL OA 15 16.29 -29.81 -32.97
N GLY OA 16 15.43 -30.72 -32.50
CA GLY OA 16 14.30 -30.36 -31.67
C GLY OA 16 13.00 -30.16 -32.41
N ASP OA 17 13.03 -30.12 -33.75
CA ASP OA 17 11.81 -29.95 -34.53
C ASP OA 17 11.00 -31.23 -34.58
N ARG OA 18 9.69 -31.08 -34.78
CA ARG OA 18 8.81 -32.19 -35.08
C ARG OA 18 8.80 -32.41 -36.59
N VAL OA 19 8.85 -33.67 -37.01
CA VAL OA 19 9.07 -34.00 -38.41
C VAL OA 19 8.19 -35.18 -38.80
N THR OA 20 7.73 -35.17 -40.04
CA THR OA 20 6.79 -36.15 -40.56
C THR OA 20 7.32 -36.75 -41.85
N ILE OA 21 7.38 -38.08 -41.91
CA ILE OA 21 7.69 -38.81 -43.13
C ILE OA 21 6.46 -39.64 -43.49
N THR OA 22 6.08 -39.61 -44.77
CA THR OA 22 4.82 -40.14 -45.24
C THR OA 22 5.06 -41.25 -46.26
N CYS OA 23 4.13 -42.20 -46.33
CA CYS OA 23 4.25 -43.34 -47.23
C CYS OA 23 2.86 -43.80 -47.62
N LYS OA 24 2.60 -43.89 -48.93
CA LYS OA 24 1.27 -44.22 -49.45
C LYS OA 24 1.32 -45.57 -50.16
N ALA OA 25 0.44 -46.47 -49.75
CA ALA OA 25 0.30 -47.77 -50.40
C ALA OA 25 -0.73 -47.69 -51.51
N SER OA 26 -0.45 -48.36 -52.64
CA SER OA 26 -1.33 -48.32 -53.80
C SER OA 26 -2.65 -49.04 -53.56
N GLN OA 27 -2.77 -49.77 -52.47
CA GLN OA 27 -4.03 -50.37 -52.04
C GLN OA 27 -3.94 -50.66 -50.55
N ASN OA 28 -5.04 -51.13 -49.98
CA ASN OA 28 -5.07 -51.40 -48.55
C ASN OA 28 -4.02 -52.44 -48.18
N VAL OA 29 -3.29 -52.18 -47.09
CA VAL OA 29 -2.32 -53.13 -46.57
C VAL OA 29 -2.56 -53.28 -45.07
N ASP OA 30 -3.77 -52.91 -44.62
CA ASP OA 30 -4.18 -53.00 -43.21
C ASP OA 30 -3.16 -52.22 -42.39
N THR OA 31 -2.48 -52.84 -41.43
CA THR OA 31 -1.41 -52.17 -40.69
C THR OA 31 -0.07 -52.87 -40.89
N ASP OA 32 0.05 -53.67 -41.95
CA ASP OA 32 1.27 -54.44 -42.21
C ASP OA 32 2.36 -53.55 -42.82
N VAL OA 33 2.76 -52.54 -42.05
CA VAL OA 33 3.73 -51.55 -42.49
C VAL OA 33 4.82 -51.46 -41.43
N ALA OA 34 6.08 -51.50 -41.86
CA ALA OA 34 7.22 -51.35 -40.98
C ALA OA 34 8.04 -50.14 -41.41
N TRP OA 35 8.76 -49.57 -40.45
CA TRP OA 35 9.63 -48.42 -40.69
C TRP OA 35 11.06 -48.77 -40.30
N PHE OA 36 12.01 -48.43 -41.16
CA PHE OA 36 13.42 -48.71 -40.93
C PHE OA 36 14.23 -47.41 -40.95
N GLN OA 37 15.33 -47.41 -40.19
CA GLN OA 37 16.28 -46.32 -40.18
C GLN OA 37 17.63 -46.83 -40.66
N GLN OA 38 18.32 -46.02 -41.47
CA GLN OA 38 19.64 -46.39 -41.97
C GLN OA 38 20.53 -45.17 -42.00
N LYS OA 39 21.68 -45.28 -41.36
CA LYS OA 39 22.78 -44.32 -41.35
C LYS OA 39 23.86 -44.77 -42.34
N PRO OA 40 24.66 -43.84 -42.86
CA PRO OA 40 25.60 -44.19 -43.93
C PRO OA 40 26.57 -45.28 -43.52
N GLY OA 41 26.75 -46.26 -44.41
CA GLY OA 41 27.69 -47.34 -44.18
C GLY OA 41 27.29 -48.34 -43.13
N LYS OA 42 26.02 -48.37 -42.72
CA LYS OA 42 25.56 -49.27 -41.68
C LYS OA 42 24.28 -49.96 -42.14
N ALA OA 43 24.01 -51.12 -41.55
CA ALA OA 43 22.83 -51.89 -41.91
C ALA OA 43 21.56 -51.17 -41.46
N PRO OA 44 20.45 -51.38 -42.16
CA PRO OA 44 19.17 -50.84 -41.70
C PRO OA 44 18.80 -51.38 -40.33
N LYS OA 45 18.04 -50.59 -39.58
CA LYS OA 45 17.68 -50.90 -38.20
C LYS OA 45 16.17 -50.74 -38.07
N GLY OA 46 15.54 -51.72 -37.43
CA GLY OA 46 14.09 -51.70 -37.29
C GLY OA 46 13.64 -50.69 -36.25
N LEU OA 47 12.59 -49.94 -36.58
CA LEU OA 47 12.01 -48.95 -35.68
C LEU OA 47 10.59 -49.33 -35.29
N ILE OA 48 9.71 -49.50 -36.29
CA ILE OA 48 8.29 -49.69 -36.07
C ILE OA 48 7.83 -50.87 -36.91
N ARG OA 49 6.89 -51.64 -36.38
CA ARG OA 49 6.18 -52.68 -37.11
C ARG OA 49 4.71 -52.56 -36.77
N SER OA 50 3.88 -53.25 -37.56
CA SER OA 50 2.43 -53.18 -37.41
C SER OA 50 1.95 -51.74 -37.39
N ALA OA 51 2.58 -50.90 -38.21
CA ALA OA 51 2.27 -49.48 -38.39
C ALA OA 51 2.66 -48.64 -37.18
N SER OA 52 2.41 -49.13 -35.96
CA SER OA 52 2.59 -48.32 -34.77
C SER OA 52 3.43 -48.94 -33.66
N SER OA 53 3.75 -50.23 -33.73
CA SER OA 53 4.45 -50.89 -32.63
C SER OA 53 5.95 -50.64 -32.73
N ARG OA 54 6.49 -49.93 -31.73
CA ARG OA 54 7.93 -49.73 -31.65
C ARG OA 54 8.64 -51.02 -31.25
N TYR OA 55 9.87 -51.17 -31.72
CA TYR OA 55 10.73 -52.25 -31.26
C TYR OA 55 11.40 -51.88 -29.95
N SER OA 56 11.97 -52.87 -29.29
CA SER OA 56 12.69 -52.63 -28.05
C SER OA 56 13.89 -51.71 -28.31
N GLY OA 57 14.07 -50.71 -27.45
CA GLY OA 57 15.17 -49.81 -27.56
C GLY OA 57 14.99 -48.65 -28.51
N VAL OA 58 13.83 -48.55 -29.16
CA VAL OA 58 13.53 -47.41 -30.01
C VAL OA 58 12.95 -46.32 -29.12
N PRO OA 59 13.52 -45.11 -29.15
CA PRO OA 59 13.04 -44.04 -28.27
C PRO OA 59 11.57 -43.69 -28.52
N SER OA 60 10.97 -43.06 -27.51
CA SER OA 60 9.55 -42.73 -27.57
C SER OA 60 9.23 -41.69 -28.63
N ARG OA 61 10.22 -40.87 -29.03
CA ARG OA 61 9.95 -39.80 -29.99
C ARG OA 61 9.59 -40.33 -31.38
N PHE OA 62 9.90 -41.58 -31.68
CA PHE OA 62 9.47 -42.21 -32.92
C PHE OA 62 8.10 -42.83 -32.74
N SER OA 63 7.18 -42.51 -33.65
CA SER OA 63 5.83 -43.05 -33.59
C SER OA 63 5.33 -43.27 -35.01
N GLY OA 64 4.58 -44.34 -35.19
CA GLY OA 64 3.99 -44.69 -36.48
C GLY OA 64 2.47 -44.67 -36.41
N SER OA 65 1.86 -44.14 -37.46
CA SER OA 65 0.42 -44.01 -37.53
C SER OA 65 -0.08 -44.53 -38.87
N GLY OA 66 -1.38 -44.81 -38.93
CA GLY OA 66 -2.00 -45.15 -40.19
C GLY OA 66 -2.60 -46.54 -40.26
N SER OA 67 -3.58 -46.72 -41.16
CA SER OA 67 -4.20 -48.01 -41.39
C SER OA 67 -4.91 -47.94 -42.73
N GLY OA 68 -4.57 -48.84 -43.65
CA GLY OA 68 -5.18 -48.82 -44.96
C GLY OA 68 -4.18 -48.51 -46.06
N THR OA 69 -4.08 -47.25 -46.44
CA THR OA 69 -3.21 -46.84 -47.54
C THR OA 69 -2.19 -45.78 -47.16
N ASP OA 70 -2.43 -44.99 -46.13
CA ASP OA 70 -1.61 -43.81 -45.82
C ASP OA 70 -0.98 -43.97 -44.45
N PHE OA 71 0.34 -43.92 -44.38
CA PHE OA 71 1.09 -44.19 -43.16
C PHE OA 71 2.09 -43.08 -42.92
N THR OA 72 2.32 -42.78 -41.64
CA THR OA 72 3.14 -41.65 -41.24
C THR OA 72 4.10 -42.05 -40.13
N LEU OA 73 5.39 -41.78 -40.34
CA LEU OA 73 6.38 -41.86 -39.28
C LEU OA 73 6.62 -40.46 -38.74
N THR OA 74 6.51 -40.32 -37.42
CA THR OA 74 6.63 -39.02 -36.76
C THR OA 74 7.81 -39.05 -35.79
N ILE OA 75 8.65 -38.03 -35.86
CA ILE OA 75 9.71 -37.81 -34.89
C ILE OA 75 9.36 -36.51 -34.16
N SER OA 76 8.96 -36.63 -32.89
CA SER OA 76 8.41 -35.48 -32.17
C SER OA 76 9.49 -34.44 -31.87
N SER OA 77 10.68 -34.88 -31.46
CA SER OA 77 11.78 -33.97 -31.16
C SER OA 77 13.05 -34.54 -31.80
N LEU OA 78 13.46 -33.94 -32.90
CA LEU OA 78 14.60 -34.45 -33.66
C LEU OA 78 15.89 -34.31 -32.85
N GLN OA 79 16.61 -35.43 -32.71
CA GLN OA 79 17.88 -35.50 -32.00
C GLN OA 79 19.04 -35.61 -32.99
N PRO OA 80 20.25 -35.26 -32.58
CA PRO OA 80 21.38 -35.31 -33.53
C PRO OA 80 21.57 -36.67 -34.18
N GLU OA 81 21.41 -37.75 -33.42
CA GLU OA 81 21.58 -39.08 -34.00
C GLU OA 81 20.42 -39.50 -34.88
N ASP OA 82 19.35 -38.71 -34.96
CA ASP OA 82 18.19 -39.07 -35.76
C ASP OA 82 18.29 -38.65 -37.21
N PHE OA 83 19.32 -37.88 -37.58
CA PHE OA 83 19.49 -37.47 -38.97
C PHE OA 83 20.05 -38.63 -39.76
N ALA OA 84 19.22 -39.23 -40.61
CA ALA OA 84 19.55 -40.45 -41.32
C ALA OA 84 18.53 -40.61 -42.45
N THR OA 85 18.52 -41.80 -43.04
CA THR OA 85 17.58 -42.16 -44.10
C THR OA 85 16.58 -43.17 -43.56
N TYR OA 86 15.31 -42.97 -43.89
CA TYR OA 86 14.23 -43.81 -43.38
C TYR OA 86 13.46 -44.45 -44.53
N TYR OA 87 13.04 -45.70 -44.34
CA TYR OA 87 12.34 -46.47 -45.34
C TYR OA 87 11.07 -47.07 -44.75
N CYS OA 88 9.96 -46.98 -45.48
CA CYS OA 88 8.77 -47.75 -45.15
C CYS OA 88 8.81 -49.07 -45.90
N GLN OA 89 8.19 -50.08 -45.33
CA GLN OA 89 8.07 -51.37 -45.98
C GLN OA 89 6.66 -51.91 -45.77
N GLN OA 90 6.08 -52.43 -46.85
CA GLN OA 90 4.79 -53.11 -46.79
C GLN OA 90 5.05 -54.62 -46.79
N TYR OA 91 4.50 -55.31 -45.80
CA TYR OA 91 4.62 -56.76 -45.72
C TYR OA 91 3.25 -57.44 -45.72
N ASN OA 92 2.26 -56.78 -46.34
CA ASN OA 92 0.91 -57.32 -46.39
C ASN OA 92 0.74 -58.32 -47.52
N ASN OA 93 1.52 -58.19 -48.59
CA ASN OA 93 1.25 -58.92 -49.82
C ASN OA 93 2.57 -59.13 -50.59
N TYR OA 94 2.75 -60.33 -51.13
CA TYR OA 94 3.94 -60.63 -51.89
C TYR OA 94 3.89 -59.97 -53.26
N PRO OA 95 4.97 -59.32 -53.72
CA PRO OA 95 6.22 -59.26 -52.96
C PRO OA 95 6.26 -58.13 -51.95
N LEU OA 96 7.06 -58.31 -50.90
CA LEU OA 96 7.30 -57.21 -49.97
C LEU OA 96 8.01 -56.08 -50.69
N THR OA 97 7.57 -54.85 -50.44
CA THR OA 97 8.06 -53.69 -51.16
C THR OA 97 8.45 -52.60 -50.19
N PHE OA 98 9.47 -51.83 -50.56
CA PHE OA 98 9.95 -50.72 -49.77
C PHE OA 98 9.58 -49.40 -50.44
N GLY OA 99 9.53 -48.34 -49.64
CA GLY OA 99 9.52 -47.01 -50.19
C GLY OA 99 10.89 -46.61 -50.70
N GLN OA 100 10.94 -45.55 -51.50
CA GLN OA 100 12.21 -45.12 -52.08
C GLN OA 100 13.11 -44.42 -51.07
N GLY OA 101 12.62 -44.13 -49.88
CA GLY OA 101 13.46 -43.58 -48.84
C GLY OA 101 13.22 -42.09 -48.62
N THR OA 102 13.63 -41.63 -47.44
CA THR OA 102 13.61 -40.21 -47.10
C THR OA 102 14.88 -39.89 -46.32
N LYS OA 103 15.60 -38.86 -46.75
CA LYS OA 103 16.84 -38.45 -46.09
C LYS OA 103 16.57 -37.19 -45.27
N VAL OA 104 16.81 -37.29 -43.96
CA VAL OA 104 16.61 -36.18 -43.04
C VAL OA 104 17.95 -35.51 -42.77
N GLU OA 105 18.07 -34.25 -43.17
CA GLU OA 105 19.31 -33.50 -43.09
C GLU OA 105 19.15 -32.30 -42.17
N ILE OA 106 20.29 -31.74 -41.75
CA ILE OA 106 20.30 -30.61 -40.82
C ILE OA 106 20.14 -29.32 -41.60
N LYS OA 107 19.27 -28.44 -41.12
CA LYS OA 107 19.07 -27.13 -41.74
C LYS OA 107 20.08 -26.15 -41.15
N ARG OA 108 20.75 -25.40 -42.02
CA ARG OA 108 21.70 -24.39 -41.60
C ARG OA 108 21.55 -23.17 -42.52
N THR OA 109 22.26 -22.10 -42.17
CA THR OA 109 22.23 -20.89 -42.98
C THR OA 109 22.96 -21.13 -44.30
N VAL OA 110 22.60 -20.32 -45.30
CA VAL OA 110 23.21 -20.46 -46.62
C VAL OA 110 24.69 -20.14 -46.55
N ALA OA 111 25.51 -20.92 -47.26
CA ALA OA 111 26.96 -20.77 -47.21
C ALA OA 111 27.52 -21.01 -48.60
N ALA OA 112 28.32 -20.05 -49.08
CA ALA OA 112 28.91 -20.15 -50.41
C ALA OA 112 30.12 -21.08 -50.40
N PRO OA 113 30.38 -21.79 -51.50
CA PRO OA 113 31.49 -22.72 -51.53
C PRO OA 113 32.82 -22.03 -51.83
N SER OA 114 33.88 -22.51 -51.20
CA SER OA 114 35.24 -22.12 -51.56
C SER OA 114 35.69 -22.96 -52.73
N VAL OA 115 35.96 -22.32 -53.86
CA VAL OA 115 36.25 -23.02 -55.11
C VAL OA 115 37.77 -23.07 -55.31
N PHE OA 116 38.28 -24.26 -55.64
CA PHE OA 116 39.67 -24.47 -55.99
C PHE OA 116 39.74 -25.28 -57.27
N ILE OA 117 40.91 -25.24 -57.91
CA ILE OA 117 41.14 -25.97 -59.15
C ILE OA 117 42.57 -26.49 -59.13
N PHE OA 118 42.76 -27.70 -59.66
CA PHE OA 118 44.05 -28.38 -59.61
C PHE OA 118 44.41 -28.87 -61.01
N PRO OA 119 45.49 -28.41 -61.60
CA PRO OA 119 45.94 -28.96 -62.88
C PRO OA 119 46.45 -30.37 -62.69
N PRO OA 120 46.47 -31.18 -63.75
CA PRO OA 120 47.01 -32.54 -63.63
C PRO OA 120 48.49 -32.52 -63.31
N SER OA 121 48.90 -33.41 -62.42
CA SER OA 121 50.30 -33.48 -62.01
C SER OA 121 51.18 -33.93 -63.18
N ASP OA 122 52.45 -33.52 -63.12
CA ASP OA 122 53.40 -33.95 -64.14
C ASP OA 122 53.60 -35.46 -64.11
N GLU OA 123 53.45 -36.07 -62.94
CA GLU OA 123 53.64 -37.51 -62.83
C GLU OA 123 52.53 -38.28 -63.55
N GLN OA 124 51.31 -37.74 -63.53
CA GLN OA 124 50.21 -38.42 -64.23
C GLN OA 124 50.31 -38.23 -65.73
N LEU OA 125 50.73 -37.05 -66.18
CA LEU OA 125 50.87 -36.77 -67.60
C LEU OA 125 51.93 -37.63 -68.27
N LYS OA 126 52.80 -38.30 -67.52
CA LYS OA 126 53.76 -39.20 -68.12
C LYS OA 126 53.09 -40.44 -68.72
N SER OA 127 51.87 -40.76 -68.27
CA SER OA 127 51.04 -41.75 -68.95
C SER OA 127 50.09 -41.01 -69.90
N GLY OA 128 49.11 -41.73 -70.43
CA GLY OA 128 48.24 -41.16 -71.44
C GLY OA 128 47.00 -40.45 -70.93
N THR OA 129 46.92 -40.16 -69.64
CA THR OA 129 45.71 -39.59 -69.05
C THR OA 129 46.05 -38.34 -68.25
N ALA OA 130 45.09 -37.42 -68.18
CA ALA OA 130 45.20 -36.19 -67.40
C ALA OA 130 43.87 -35.90 -66.73
N SER OA 131 43.91 -35.54 -65.45
CA SER OA 131 42.71 -35.29 -64.66
C SER OA 131 42.76 -33.87 -64.09
N VAL OA 132 41.68 -33.11 -64.31
CA VAL OA 132 41.55 -31.76 -63.79
C VAL OA 132 40.44 -31.76 -62.75
N VAL OA 133 40.76 -31.32 -61.53
CA VAL OA 133 39.86 -31.39 -60.40
C VAL OA 133 39.39 -29.99 -60.04
N CYS OA 134 38.07 -29.84 -59.84
CA CYS OA 134 37.46 -28.60 -59.38
C CYS OA 134 36.77 -28.88 -58.05
N LEU OA 135 37.22 -28.19 -57.00
CA LEU OA 135 36.75 -28.44 -55.65
C LEU OA 135 35.75 -27.37 -55.21
N LEU OA 136 34.70 -27.80 -54.54
CA LEU OA 136 33.72 -26.91 -53.91
C LEU OA 136 33.68 -27.28 -52.43
N ASN OA 137 34.18 -26.39 -51.58
CA ASN OA 137 34.41 -26.71 -50.18
C ASN OA 137 33.40 -26.02 -49.29
N ASN OA 138 32.75 -26.79 -48.42
CA ASN OA 138 31.95 -26.28 -47.32
C ASN OA 138 30.87 -25.31 -47.78
N PHE OA 139 29.76 -25.84 -48.31
CA PHE OA 139 28.67 -25.01 -48.78
C PHE OA 139 27.34 -25.63 -48.36
N TYR OA 140 26.27 -24.83 -48.50
CA TYR OA 140 24.93 -25.26 -48.16
C TYR OA 140 23.95 -24.38 -48.91
N PRO OA 141 22.88 -24.92 -49.50
CA PRO OA 141 22.53 -26.35 -49.51
C PRO OA 141 23.34 -27.16 -50.52
N ARG OA 142 22.98 -28.44 -50.69
CA ARG OA 142 23.74 -29.33 -51.57
C ARG OA 142 23.61 -28.92 -53.03
N GLU OA 143 22.47 -28.34 -53.42
CA GLU OA 143 22.20 -28.00 -54.81
C GLU OA 143 23.27 -27.07 -55.37
N ALA OA 144 24.15 -27.62 -56.20
CA ALA OA 144 25.22 -26.86 -56.84
C ALA OA 144 25.33 -27.29 -58.29
N LYS OA 145 25.91 -26.40 -59.11
CA LYS OA 145 26.06 -26.62 -60.54
C LYS OA 145 27.48 -26.31 -60.95
N VAL OA 146 28.16 -27.27 -61.57
CA VAL OA 146 29.55 -27.13 -62.01
C VAL OA 146 29.62 -27.42 -63.50
N GLN OA 147 30.12 -26.45 -64.25
CA GLN OA 147 30.33 -26.58 -65.70
C GLN OA 147 31.80 -26.35 -66.02
N TRP OA 148 32.34 -27.20 -66.88
CA TRP OA 148 33.73 -27.08 -67.32
C TRP OA 148 33.81 -26.27 -68.62
N LYS OA 149 34.79 -25.37 -68.68
CA LYS OA 149 35.01 -24.52 -69.84
C LYS OA 149 36.46 -24.64 -70.28
N VAL OA 150 36.67 -25.19 -71.46
CA VAL OA 150 38.01 -25.36 -72.04
C VAL OA 150 38.12 -24.39 -73.21
N ASP OA 151 38.91 -23.34 -73.04
CA ASP OA 151 39.01 -22.25 -74.03
C ASP OA 151 37.63 -21.68 -74.35
N ASN OA 152 36.83 -21.50 -73.30
CA ASN OA 152 35.46 -20.99 -73.39
C ASN OA 152 34.57 -21.90 -74.24
N ALA OA 153 34.83 -23.21 -74.20
CA ALA OA 153 34.00 -24.21 -74.86
C ALA OA 153 33.37 -25.11 -73.81
N LEU OA 154 32.05 -25.25 -73.86
CA LEU OA 154 31.33 -25.98 -72.83
C LEU OA 154 31.52 -27.48 -73.02
N GLN OA 155 32.02 -28.14 -71.98
CA GLN OA 155 32.22 -29.58 -71.99
C GLN OA 155 30.98 -30.31 -71.46
N SER OA 156 30.89 -31.58 -71.80
CA SER OA 156 29.81 -32.44 -71.29
C SER OA 156 30.18 -33.89 -71.57
N GLY OA 157 29.67 -34.78 -70.72
CA GLY OA 157 29.89 -36.20 -70.87
C GLY OA 157 31.26 -36.69 -70.51
N ASN OA 158 32.18 -35.81 -70.14
CA ASN OA 158 33.56 -36.19 -69.82
C ASN OA 158 33.96 -35.77 -68.42
N SER OA 159 32.98 -35.64 -67.51
CA SER OA 159 33.26 -35.21 -66.15
C SER OA 159 32.36 -35.96 -65.19
N GLN OA 160 32.92 -36.31 -64.03
CA GLN OA 160 32.20 -36.95 -62.94
C GLN OA 160 32.39 -36.12 -61.68
N GLU OA 161 31.35 -36.10 -60.83
CA GLU OA 161 31.43 -35.41 -59.56
C GLU OA 161 31.06 -36.35 -58.41
N SER OA 162 31.45 -35.95 -57.21
CA SER OA 162 31.23 -36.74 -56.01
C SER OA 162 31.01 -35.78 -54.85
N VAL OA 163 29.99 -36.06 -54.03
CA VAL OA 163 29.61 -35.19 -52.94
C VAL OA 163 29.79 -35.92 -51.62
N THR OA 164 30.37 -35.23 -50.64
CA THR OA 164 30.50 -35.79 -49.30
C THR OA 164 29.17 -35.71 -48.56
N GLU OA 165 29.09 -36.44 -47.47
CA GLU OA 165 27.92 -36.30 -46.61
C GLU OA 165 28.02 -35.00 -45.82
N GLN OA 166 26.90 -34.63 -45.21
CA GLN OA 166 26.87 -33.42 -44.40
C GLN OA 166 27.89 -33.52 -43.27
N ASP OA 167 28.65 -32.46 -43.08
CA ASP OA 167 29.72 -32.48 -42.09
C ASP OA 167 29.14 -32.48 -40.68
N SER OA 168 29.84 -33.17 -39.78
CA SER OA 168 29.37 -33.31 -38.41
C SER OA 168 29.60 -32.06 -37.57
N LYS OA 169 30.42 -31.13 -38.05
CA LYS OA 169 30.75 -29.92 -37.28
C LYS OA 169 30.03 -28.68 -37.82
N ASP OA 170 30.16 -28.40 -39.11
CA ASP OA 170 29.55 -27.20 -39.70
C ASP OA 170 28.39 -27.53 -40.63
N SER OA 171 28.01 -28.79 -40.76
CA SER OA 171 26.80 -29.20 -41.47
C SER OA 171 26.81 -28.74 -42.93
N THR OA 172 27.97 -28.74 -43.55
CA THR OA 172 28.12 -28.32 -44.93
C THR OA 172 28.45 -29.51 -45.81
N TYR OA 173 28.43 -29.28 -47.12
CA TYR OA 173 28.77 -30.28 -48.12
C TYR OA 173 30.04 -29.88 -48.85
N SER OA 174 30.66 -30.85 -49.49
CA SER OA 174 31.82 -30.61 -50.35
C SER OA 174 31.69 -31.45 -51.60
N LEU OA 175 31.98 -30.83 -52.75
CA LEU OA 175 31.82 -31.46 -54.05
C LEU OA 175 33.14 -31.37 -54.80
N SER OA 176 33.47 -32.44 -55.54
CA SER OA 176 34.68 -32.48 -56.36
C SER OA 176 34.29 -32.98 -57.75
N SER OA 177 34.34 -32.09 -58.72
CA SER OA 177 34.14 -32.46 -60.11
C SER OA 177 35.48 -32.75 -60.77
N THR OA 178 35.55 -33.86 -61.49
CA THR OA 178 36.82 -34.34 -62.06
C THR OA 178 36.67 -34.47 -63.58
N LEU OA 179 37.38 -33.62 -64.32
CA LEU OA 179 37.37 -33.63 -65.78
C LEU OA 179 38.52 -34.49 -66.27
N THR OA 180 38.20 -35.58 -66.97
CA THR OA 180 39.20 -36.52 -67.47
C THR OA 180 39.37 -36.34 -68.96
N LEU OA 181 40.62 -36.22 -69.40
CA LEU OA 181 40.96 -36.06 -70.81
C LEU OA 181 42.22 -36.86 -71.12
N SER OA 182 42.38 -37.20 -72.39
CA SER OA 182 43.61 -37.84 -72.82
C SER OA 182 44.73 -36.81 -72.90
N LYS OA 183 45.97 -37.30 -72.82
CA LYS OA 183 47.13 -36.41 -72.89
C LYS OA 183 47.15 -35.61 -74.19
N ALA OA 184 46.66 -36.20 -75.28
CA ALA OA 184 46.62 -35.50 -76.55
C ALA OA 184 45.60 -34.36 -76.53
N ASP OA 185 44.36 -34.67 -76.15
CA ASP OA 185 43.33 -33.64 -76.06
C ASP OA 185 43.66 -32.58 -75.02
N TYR OA 186 44.50 -32.89 -74.04
CA TYR OA 186 44.81 -31.93 -72.99
C TYR OA 186 45.72 -30.81 -73.51
N GLU OA 187 46.74 -31.17 -74.28
CA GLU OA 187 47.72 -30.20 -74.77
C GLU OA 187 47.27 -29.49 -76.04
N LYS OA 188 46.04 -29.73 -76.50
CA LYS OA 188 45.50 -28.99 -77.64
C LYS OA 188 44.89 -27.65 -77.23
N HIS OA 189 44.70 -27.41 -75.94
CA HIS OA 189 44.05 -26.21 -75.45
C HIS OA 189 44.87 -25.60 -74.33
N LYS OA 190 44.48 -24.38 -73.93
CA LYS OA 190 45.28 -23.59 -72.99
C LYS OA 190 44.52 -23.22 -71.72
N VAL OA 191 43.30 -22.71 -71.84
CA VAL OA 191 42.55 -22.18 -70.70
C VAL OA 191 41.59 -23.24 -70.20
N TYR OA 192 41.77 -23.67 -68.95
CA TYR OA 192 40.89 -24.62 -68.29
C TYR OA 192 40.21 -23.94 -67.12
N ALA OA 193 38.89 -24.07 -67.04
CA ALA OA 193 38.11 -23.38 -66.02
C ALA OA 193 36.88 -24.19 -65.66
N CYS OA 194 36.43 -24.03 -64.42
CA CYS OA 194 35.13 -24.54 -63.99
C CYS OA 194 34.30 -23.38 -63.47
N GLU OA 195 33.05 -23.32 -63.90
CA GLU OA 195 32.13 -22.26 -63.51
C GLU OA 195 31.16 -22.82 -62.47
N VAL OA 196 31.15 -22.24 -61.27
CA VAL OA 196 30.36 -22.73 -60.15
C VAL OA 196 29.18 -21.80 -59.96
N THR OA 197 27.97 -22.35 -60.09
CA THR OA 197 26.73 -21.64 -59.82
C THR OA 197 26.13 -22.19 -58.52
N HIS OA 198 25.82 -21.28 -57.60
CA HIS OA 198 25.28 -21.70 -56.31
C HIS OA 198 24.33 -20.62 -55.80
N GLN OA 199 23.41 -21.05 -54.93
CA GLN OA 199 22.47 -20.11 -54.32
C GLN OA 199 23.20 -19.13 -53.40
N GLY OA 200 24.29 -19.55 -52.78
CA GLY OA 200 25.07 -18.69 -51.91
C GLY OA 200 25.93 -17.67 -52.60
N LEU OA 201 25.92 -17.66 -53.94
CA LEU OA 201 26.69 -16.70 -54.72
C LEU OA 201 25.74 -15.83 -55.52
N SER OA 202 26.02 -14.52 -55.53
CA SER OA 202 25.18 -13.59 -56.27
C SER OA 202 25.35 -13.77 -57.78
N SER OA 203 26.55 -14.15 -58.22
CA SER OA 203 26.84 -14.41 -59.62
C SER OA 203 27.80 -15.59 -59.70
N PRO OA 204 27.77 -16.36 -60.78
CA PRO OA 204 28.62 -17.56 -60.87
C PRO OA 204 30.11 -17.22 -60.78
N VAL OA 205 30.79 -17.93 -59.90
CA VAL OA 205 32.23 -17.76 -59.68
C VAL OA 205 32.99 -18.73 -60.58
N THR OA 206 34.11 -18.26 -61.13
CA THR OA 206 34.94 -19.08 -62.01
C THR OA 206 36.38 -19.08 -61.50
N LYS OA 207 36.98 -20.26 -61.49
CA LYS OA 207 38.40 -20.44 -61.16
C LYS OA 207 39.06 -21.16 -62.33
N SER OA 208 40.15 -20.57 -62.84
CA SER OA 208 40.79 -21.08 -64.04
C SER OA 208 42.31 -21.13 -63.86
N PHE OA 209 42.98 -21.74 -64.84
CA PHE OA 209 44.42 -21.76 -64.90
C PHE OA 209 44.83 -21.90 -66.37
N ASN OA 210 46.01 -21.37 -66.69
CA ASN OA 210 46.59 -21.51 -68.01
C ASN OA 210 47.58 -22.67 -68.01
N ARG OA 211 47.56 -23.47 -69.06
CA ARG OA 211 48.42 -24.65 -69.14
C ARG OA 211 49.88 -24.21 -69.24
N GLY OA 212 50.64 -24.45 -68.18
CA GLY OA 212 52.04 -24.08 -68.15
C GLY OA 212 52.46 -23.40 -66.87
N GLU OA 213 51.70 -22.38 -66.46
CA GLU OA 213 51.99 -21.64 -65.24
C GLU OA 213 51.89 -22.53 -64.00
N GLU PA 1 22.68 -63.73 -26.42
CA GLU PA 1 22.70 -62.71 -27.46
C GLU PA 1 22.36 -63.31 -28.82
N VAL PA 2 21.41 -62.70 -29.51
CA VAL PA 2 20.99 -63.12 -30.83
C VAL PA 2 21.75 -62.32 -31.88
N GLN PA 3 22.26 -63.01 -32.90
CA GLN PA 3 22.99 -62.32 -33.95
C GLN PA 3 22.96 -63.15 -35.23
N LEU PA 4 22.96 -62.44 -36.36
CA LEU PA 4 23.02 -63.04 -37.69
C LEU PA 4 24.31 -62.57 -38.34
N VAL PA 5 25.30 -63.45 -38.46
CA VAL PA 5 26.54 -63.12 -39.14
C VAL PA 5 26.49 -63.68 -40.55
N GLN PA 6 27.08 -62.96 -41.49
CA GLN PA 6 27.04 -63.33 -42.90
C GLN PA 6 28.46 -63.58 -43.40
N SER PA 7 28.55 -64.32 -44.51
CA SER PA 7 29.85 -64.60 -45.12
C SER PA 7 30.52 -63.31 -45.58
N GLY PA 8 31.83 -63.38 -45.74
CA GLY PA 8 32.60 -62.21 -46.12
C GLY PA 8 32.25 -61.71 -47.50
N ALA PA 9 32.83 -60.55 -47.83
CA ALA PA 9 32.57 -59.91 -49.11
C ALA PA 9 33.11 -60.78 -50.25
N GLU PA 10 32.50 -60.63 -51.42
CA GLU PA 10 32.85 -61.42 -52.59
C GLU PA 10 33.01 -60.52 -53.81
N VAL PA 11 33.84 -60.96 -54.74
CA VAL PA 11 34.02 -60.33 -56.04
C VAL PA 11 33.83 -61.41 -57.10
N LYS PA 12 33.03 -61.11 -58.12
CA LYS PA 12 32.66 -62.09 -59.11
C LYS PA 12 32.63 -61.47 -60.51
N LYS PA 13 32.88 -62.32 -61.53
CA LYS PA 13 32.88 -61.95 -62.93
C LYS PA 13 31.46 -61.97 -63.49
N PRO PA 14 31.17 -61.11 -64.49
CA PRO PA 14 29.78 -60.94 -64.95
C PRO PA 14 29.19 -62.16 -65.65
N GLY PA 15 29.21 -63.30 -64.98
CA GLY PA 15 28.59 -64.49 -65.54
C GLY PA 15 28.44 -65.59 -64.52
N ALA PA 16 29.30 -65.58 -63.50
CA ALA PA 16 29.33 -66.63 -62.49
C ALA PA 16 28.19 -66.46 -61.50
N SER PA 17 28.17 -67.30 -60.48
CA SER PA 17 27.19 -67.24 -59.41
C SER PA 17 27.90 -67.09 -58.07
N VAL PA 18 27.18 -66.53 -57.10
CA VAL PA 18 27.70 -66.30 -55.76
C VAL PA 18 26.73 -66.90 -54.76
N LYS PA 19 27.26 -67.44 -53.67
CA LYS PA 19 26.45 -68.04 -52.61
C LYS PA 19 26.81 -67.39 -51.28
N VAL PA 20 25.88 -66.60 -50.74
CA VAL PA 20 26.08 -65.89 -49.48
C VAL PA 20 25.44 -66.68 -48.35
N SER PA 21 26.10 -66.71 -47.20
CA SER PA 21 25.62 -67.44 -46.04
C SER PA 21 25.14 -66.47 -44.95
N CYS PA 22 24.32 -66.99 -44.05
CA CYS PA 22 23.71 -66.20 -42.99
C CYS PA 22 23.49 -67.13 -41.80
N LYS PA 23 24.40 -67.13 -40.84
CA LYS PA 23 24.38 -68.06 -39.73
C LYS PA 23 23.71 -67.41 -38.52
N ALA PA 24 22.57 -67.97 -38.12
CA ALA PA 24 21.83 -67.48 -36.97
C ALA PA 24 22.26 -68.18 -35.69
N SER PA 25 22.15 -67.46 -34.58
CA SER PA 25 22.43 -68.01 -33.27
C SER PA 25 21.70 -67.19 -32.23
N GLY PA 26 21.35 -67.83 -31.12
CA GLY PA 26 20.65 -67.17 -30.03
C GLY PA 26 19.15 -67.38 -30.02
N TYR PA 27 18.60 -68.00 -31.05
CA TYR PA 27 17.17 -68.30 -31.09
C TYR PA 27 16.98 -69.58 -31.90
N THR PA 28 15.79 -70.14 -31.81
CA THR PA 28 15.47 -71.35 -32.56
C THR PA 28 15.33 -71.00 -34.03
N PHE PA 29 16.29 -71.47 -34.84
CA PHE PA 29 16.38 -71.04 -36.24
C PHE PA 29 15.12 -71.41 -37.02
N THR PA 30 14.52 -72.56 -36.72
CA THR PA 30 13.39 -73.05 -37.51
C THR PA 30 12.07 -72.38 -37.17
N SER PA 31 12.04 -71.50 -36.16
CA SER PA 31 10.79 -70.89 -35.72
C SER PA 31 10.49 -69.56 -36.42
N TYR PA 32 11.32 -69.13 -37.36
CA TYR PA 32 11.12 -67.86 -38.03
C TYR PA 32 11.52 -67.96 -39.50
N TYR PA 33 10.76 -67.29 -40.36
CA TYR PA 33 11.19 -67.08 -41.73
C TYR PA 33 12.48 -66.27 -41.77
N MET PA 34 13.30 -66.55 -42.77
CA MET PA 34 14.46 -65.73 -43.11
C MET PA 34 14.18 -65.05 -44.44
N TYR PA 35 14.36 -63.73 -44.50
CA TYR PA 35 14.19 -63.02 -45.76
C TYR PA 35 15.44 -62.20 -46.08
N TRP PA 36 15.64 -61.97 -47.37
CA TRP PA 36 16.85 -61.34 -47.88
C TRP PA 36 16.52 -60.01 -48.53
N VAL PA 37 17.45 -59.06 -48.39
CA VAL PA 37 17.32 -57.72 -48.94
C VAL PA 37 18.64 -57.34 -49.59
N ARG PA 38 18.57 -56.62 -50.71
CA ARG PA 38 19.76 -56.14 -51.40
C ARG PA 38 19.70 -54.63 -51.53
N GLN PA 39 20.87 -54.00 -51.51
CA GLN PA 39 20.98 -52.54 -51.61
C GLN PA 39 22.15 -52.19 -52.52
N ALA PA 40 21.86 -51.69 -53.71
CA ALA PA 40 22.89 -51.22 -54.61
C ALA PA 40 23.53 -49.94 -54.05
N PRO PA 41 24.77 -49.65 -54.42
CA PRO PA 41 25.45 -48.46 -53.87
C PRO PA 41 24.67 -47.19 -54.15
N GLY PA 42 24.44 -46.41 -53.09
CA GLY PA 42 23.70 -45.16 -53.22
C GLY PA 42 22.29 -45.33 -53.72
N GLN PA 43 21.63 -46.42 -53.33
CA GLN PA 43 20.30 -46.76 -53.82
C GLN PA 43 19.46 -47.25 -52.66
N GLY PA 44 18.20 -47.58 -52.95
CA GLY PA 44 17.26 -48.01 -51.94
C GLY PA 44 17.34 -49.49 -51.62
N LEU PA 45 16.43 -49.92 -50.75
CA LEU PA 45 16.34 -51.31 -50.35
C LEU PA 45 15.45 -52.08 -51.31
N GLU PA 46 15.84 -53.31 -51.62
CA GLU PA 46 15.10 -54.18 -52.53
C GLU PA 46 14.86 -55.51 -51.84
N TRP PA 47 13.61 -55.97 -51.85
CA TRP PA 47 13.28 -57.26 -51.26
C TRP PA 47 13.54 -58.36 -52.28
N ILE PA 48 14.28 -59.39 -51.88
CA ILE PA 48 14.64 -60.47 -52.80
C ILE PA 48 13.66 -61.62 -52.63
N GLY PA 49 13.56 -62.14 -51.41
CA GLY PA 49 12.66 -63.24 -51.15
C GLY PA 49 12.77 -63.69 -49.72
N GLU PA 50 12.11 -64.81 -49.43
CA GLU PA 50 12.11 -65.37 -48.08
C GLU PA 50 12.02 -66.88 -48.18
N ILE PA 51 12.32 -67.54 -47.06
CA ILE PA 51 12.27 -68.99 -46.98
C ILE PA 51 11.72 -69.40 -45.62
N ASN PA 52 10.93 -70.46 -45.60
CA ASN PA 52 10.42 -71.07 -44.38
C ASN PA 52 11.35 -72.22 -44.00
N PRO PA 53 12.13 -72.10 -42.94
CA PRO PA 53 13.10 -73.17 -42.62
C PRO PA 53 12.43 -74.50 -42.25
N THR PA 54 11.18 -74.49 -41.82
CA THR PA 54 10.50 -75.75 -41.50
C THR PA 54 10.09 -76.50 -42.75
N SER PA 55 9.33 -75.85 -43.63
CA SER PA 55 8.76 -76.51 -44.80
C SER PA 55 9.62 -76.36 -46.05
N GLY PA 56 10.66 -75.52 -46.02
CA GLY PA 56 11.43 -75.24 -47.22
C GLY PA 56 10.71 -74.38 -48.24
N GLY PA 57 9.48 -73.97 -47.97
CA GLY PA 57 8.77 -73.12 -48.91
C GLY PA 57 9.40 -71.75 -49.04
N THR PA 58 9.20 -71.14 -50.21
CA THR PA 58 9.83 -69.87 -50.52
C THR PA 58 8.82 -68.95 -51.19
N ASN PA 59 9.12 -67.65 -51.12
CA ASN PA 59 8.43 -66.62 -51.88
C ASN PA 59 9.49 -65.65 -52.39
N PHE PA 60 9.35 -65.20 -53.64
CA PHE PA 60 10.37 -64.40 -54.29
C PHE PA 60 9.78 -63.14 -54.89
N ASN PA 61 10.58 -62.08 -54.90
CA ASN PA 61 10.37 -60.98 -55.81
C ASN PA 61 10.55 -61.48 -57.24
N GLU PA 62 9.56 -61.24 -58.09
CA GLU PA 62 9.63 -61.77 -59.46
C GLU PA 62 10.84 -61.24 -60.22
N LYS PA 63 11.44 -60.14 -59.77
CA LYS PA 63 12.66 -59.63 -60.39
C LYS PA 63 13.83 -60.58 -60.20
N PHE PA 64 13.78 -61.46 -59.21
CA PHE PA 64 14.88 -62.38 -58.93
C PHE PA 64 14.48 -63.85 -59.02
N LYS PA 65 13.25 -64.14 -59.43
CA LYS PA 65 12.77 -65.53 -59.39
C LYS PA 65 13.61 -66.45 -60.28
N SER PA 66 14.07 -65.93 -61.42
CA SER PA 66 14.79 -66.75 -62.38
C SER PA 66 16.23 -67.04 -61.99
N ARG PA 67 16.84 -66.19 -61.17
CA ARG PA 67 18.26 -66.30 -60.87
C ARG PA 67 18.58 -66.56 -59.41
N ALA PA 68 17.60 -66.48 -58.51
CA ALA PA 68 17.84 -66.62 -57.09
C ALA PA 68 17.42 -68.00 -56.59
N THR PA 69 18.16 -68.51 -55.60
CA THR PA 69 17.87 -69.78 -54.96
C THR PA 69 18.08 -69.62 -53.47
N LEU PA 70 17.06 -69.95 -52.69
CA LEU PA 70 17.12 -69.85 -51.24
C LEU PA 70 17.10 -71.25 -50.65
N THR PA 71 18.08 -71.54 -49.79
CA THR PA 71 18.22 -72.84 -49.15
C THR PA 71 18.46 -72.63 -47.66
N VAL PA 72 18.38 -73.74 -46.92
CA VAL PA 72 18.51 -73.71 -45.47
C VAL PA 72 19.20 -74.99 -45.02
N ASP PA 73 20.21 -74.86 -44.15
CA ASP PA 73 20.85 -76.00 -43.50
C ASP PA 73 20.40 -75.99 -42.04
N THR PA 74 19.43 -76.87 -41.73
CA THR PA 74 18.86 -76.90 -40.38
C THR PA 74 19.91 -77.27 -39.34
N SER PA 75 20.84 -78.17 -39.68
CA SER PA 75 21.78 -78.70 -38.70
C SER PA 75 22.75 -77.65 -38.19
N THR PA 76 23.02 -76.61 -38.99
CA THR PA 76 23.99 -75.58 -38.60
C THR PA 76 23.35 -74.21 -38.42
N SER PA 77 22.02 -74.10 -38.49
CA SER PA 77 21.30 -72.85 -38.30
C SER PA 77 21.82 -71.76 -39.25
N THR PA 78 21.80 -72.08 -40.54
CA THR PA 78 22.35 -71.18 -41.56
C THR PA 78 21.41 -71.13 -42.75
N ALA PA 79 21.19 -69.92 -43.25
CA ALA PA 79 20.43 -69.70 -44.47
C ALA PA 79 21.37 -69.20 -45.57
N TYR PA 80 21.13 -69.66 -46.79
CA TYR PA 80 21.99 -69.33 -47.92
C TYR PA 80 21.17 -68.67 -49.01
N LEU PA 81 21.79 -67.70 -49.69
CA LEU PA 81 21.24 -67.07 -50.88
C LEU PA 81 22.23 -67.27 -52.02
N GLU PA 82 21.73 -67.74 -53.16
CA GLU PA 82 22.56 -68.00 -54.34
C GLU PA 82 21.99 -67.22 -55.51
N LEU PA 83 22.82 -66.40 -56.14
CA LEU PA 83 22.44 -65.56 -57.27
C LEU PA 83 23.28 -65.95 -58.47
N SER PA 84 22.64 -66.48 -59.51
CA SER PA 84 23.33 -66.94 -60.71
C SER PA 84 23.21 -65.90 -61.83
N SER PA 85 24.07 -66.06 -62.84
CA SER PA 85 24.10 -65.19 -64.01
C SER PA 85 24.24 -63.72 -63.60
N LEU PA 86 25.34 -63.45 -62.90
CA LEU PA 86 25.54 -62.14 -62.30
C LEU PA 86 25.76 -61.06 -63.35
N ARG PA 87 25.24 -59.87 -63.07
CA ARG PA 87 25.44 -58.70 -63.91
C ARG PA 87 25.99 -57.57 -63.05
N SER PA 88 26.49 -56.52 -63.70
CA SER PA 88 27.00 -55.37 -62.96
C SER PA 88 25.90 -54.69 -62.14
N GLU PA 89 24.63 -54.86 -62.52
CA GLU PA 89 23.54 -54.31 -61.73
C GLU PA 89 23.35 -55.04 -60.41
N ASP PA 90 23.89 -56.25 -60.27
CA ASP PA 90 23.79 -56.99 -59.03
C ASP PA 90 24.82 -56.58 -58.01
N THR PA 91 25.71 -55.65 -58.34
CA THR PA 91 26.68 -55.15 -57.37
C THR PA 91 25.93 -54.41 -56.28
N ALA PA 92 25.93 -54.98 -55.07
CA ALA PA 92 25.11 -54.47 -53.99
C ALA PA 92 25.53 -55.14 -52.69
N VAL PA 93 24.98 -54.65 -51.58
CA VAL PA 93 25.11 -55.28 -50.28
C VAL PA 93 23.87 -56.12 -50.03
N TYR PA 94 24.07 -57.37 -49.64
CA TYR PA 94 22.99 -58.33 -49.47
C TYR PA 94 22.81 -58.62 -47.99
N TYR PA 95 21.61 -58.34 -47.47
CA TYR PA 95 21.28 -58.52 -46.07
C TYR PA 95 20.36 -59.72 -45.90
N CYS PA 96 20.50 -60.40 -44.76
CA CYS PA 96 19.52 -61.37 -44.31
C CYS PA 96 18.89 -60.86 -43.03
N ALA PA 97 17.59 -61.06 -42.90
CA ALA PA 97 16.85 -60.56 -41.74
C ALA PA 97 15.84 -61.61 -41.30
N ARG PA 98 15.46 -61.54 -40.03
CA ARG PA 98 14.52 -62.48 -39.45
C ARG PA 98 13.11 -61.92 -39.56
N GLU PA 99 12.17 -62.78 -39.96
CA GLU PA 99 10.76 -62.41 -40.05
C GLU PA 99 10.07 -62.71 -38.73
N GLY PA 100 9.72 -61.67 -38.00
CA GLY PA 100 8.99 -61.89 -36.77
C GLY PA 100 9.87 -61.66 -35.55
N GLY PA 101 9.23 -61.25 -34.45
CA GLY PA 101 9.98 -60.90 -33.27
C GLY PA 101 10.77 -59.62 -33.49
N PHE PA 102 11.79 -59.44 -32.64
CA PHE PA 102 12.69 -58.31 -32.80
C PHE PA 102 13.37 -58.38 -34.16
N ALA PA 103 13.46 -57.23 -34.82
CA ALA PA 103 13.89 -57.18 -36.22
C ALA PA 103 15.42 -57.26 -36.29
N TYR PA 104 15.93 -58.47 -36.13
CA TYR PA 104 17.36 -58.72 -36.25
C TYR PA 104 17.77 -58.73 -37.72
N TRP PA 105 18.95 -58.16 -38.00
CA TRP PA 105 19.48 -58.05 -39.35
C TRP PA 105 20.95 -58.45 -39.35
N GLY PA 106 21.37 -59.10 -40.43
CA GLY PA 106 22.77 -59.39 -40.61
C GLY PA 106 23.58 -58.13 -40.84
N GLN PA 107 24.90 -58.30 -40.83
CA GLN PA 107 25.78 -57.15 -41.05
C GLN PA 107 25.95 -56.82 -42.53
N GLY PA 108 25.41 -57.64 -43.42
CA GLY PA 108 25.48 -57.37 -44.85
C GLY PA 108 26.71 -57.99 -45.50
N THR PA 109 26.55 -58.37 -46.76
CA THR PA 109 27.62 -58.93 -47.56
C THR PA 109 27.70 -58.15 -48.87
N LEU PA 110 28.88 -57.59 -49.15
CA LEU PA 110 29.09 -56.86 -50.39
C LEU PA 110 29.46 -57.83 -51.50
N VAL PA 111 28.75 -57.74 -52.62
CA VAL PA 111 29.03 -58.54 -53.80
C VAL PA 111 29.30 -57.58 -54.95
N THR PA 112 30.54 -57.56 -55.43
CA THR PA 112 30.95 -56.69 -56.52
C THR PA 112 31.07 -57.52 -57.79
N VAL PA 113 30.33 -57.12 -58.82
CA VAL PA 113 30.28 -57.84 -60.09
C VAL PA 113 30.88 -56.94 -61.16
N SER PA 114 32.10 -57.25 -61.60
CA SER PA 114 32.78 -56.46 -62.61
C SER PA 114 33.72 -57.38 -63.37
N SER PA 115 33.90 -57.08 -64.66
CA SER PA 115 34.80 -57.87 -65.50
C SER PA 115 36.26 -57.53 -65.22
N ALA PA 116 36.66 -56.29 -65.45
CA ALA PA 116 38.00 -55.85 -65.11
C ALA PA 116 38.21 -55.96 -63.60
N SER PA 117 39.18 -56.75 -63.19
CA SER PA 117 39.38 -57.08 -61.78
C SER PA 117 40.78 -56.71 -61.32
N THR PA 118 40.84 -56.21 -60.06
CA THR PA 118 42.02 -55.89 -59.24
C THR PA 118 43.27 -55.41 -59.96
N LYS PA 119 43.75 -54.21 -59.59
CA LYS PA 119 44.98 -53.71 -60.18
C LYS PA 119 45.74 -52.78 -59.24
N GLY PA 120 45.07 -52.18 -58.26
CA GLY PA 120 45.72 -51.31 -57.31
C GLY PA 120 45.79 -49.87 -57.79
N PRO PA 121 45.87 -48.94 -56.84
CA PRO PA 121 45.71 -47.53 -57.17
C PRO PA 121 47.02 -46.80 -57.49
N SER PA 122 46.87 -45.70 -58.22
CA SER PA 122 47.94 -44.76 -58.50
C SER PA 122 47.60 -43.43 -57.83
N VAL PA 123 48.57 -42.84 -57.14
CA VAL PA 123 48.35 -41.67 -56.30
C VAL PA 123 49.07 -40.48 -56.92
N PHE PA 124 48.31 -39.45 -57.29
CA PHE PA 124 48.84 -38.24 -57.89
C PHE PA 124 48.55 -37.03 -57.00
N PRO PA 125 49.47 -36.07 -56.92
CA PRO PA 125 49.25 -34.93 -56.02
C PRO PA 125 48.38 -33.86 -56.65
N LEU PA 126 47.52 -33.27 -55.82
CA LEU PA 126 46.75 -32.07 -56.17
C LEU PA 126 47.48 -30.91 -55.52
N ALA PA 127 48.39 -30.30 -56.28
CA ALA PA 127 49.33 -29.31 -55.73
C ALA PA 127 48.62 -27.98 -55.45
N PRO PA 128 48.90 -27.36 -54.31
CA PRO PA 128 48.30 -26.05 -54.00
C PRO PA 128 48.75 -24.99 -54.99
N SER PA 129 47.80 -24.13 -55.37
CA SER PA 129 48.01 -23.15 -56.44
C SER PA 129 49.05 -22.11 -56.06
N SER PA 130 48.73 -21.25 -55.10
CA SER PA 130 49.60 -20.16 -54.68
C SER PA 130 49.98 -19.26 -55.85
N GLY PA 135 46.84 -16.53 -50.29
CA GLY PA 135 46.17 -15.47 -49.55
C GLY PA 135 46.04 -15.76 -48.07
N GLY PA 136 44.93 -16.37 -47.68
CA GLY PA 136 44.69 -16.71 -46.30
C GLY PA 136 44.62 -18.20 -46.06
N THR PA 137 43.79 -18.90 -46.83
CA THR PA 137 43.62 -20.34 -46.73
C THR PA 137 43.78 -20.97 -48.11
N ALA PA 138 44.54 -22.07 -48.17
CA ALA PA 138 44.78 -22.78 -49.41
C ALA PA 138 44.37 -24.24 -49.25
N ALA PA 139 44.20 -24.92 -50.38
CA ALA PA 139 43.72 -26.30 -50.40
C ALA PA 139 44.65 -27.17 -51.22
N LEU PA 140 44.83 -28.40 -50.76
CA LEU PA 140 45.65 -29.39 -51.46
C LEU PA 140 45.04 -30.77 -51.22
N GLY PA 141 45.57 -31.77 -51.91
CA GLY PA 141 45.06 -33.10 -51.72
C GLY PA 141 45.74 -34.11 -52.63
N CYS PA 142 45.21 -35.33 -52.60
CA CYS PA 142 45.69 -36.44 -53.40
C CYS PA 142 44.56 -36.96 -54.28
N LEU PA 143 44.95 -37.47 -55.45
CA LEU PA 143 44.02 -38.10 -56.39
C LEU PA 143 44.34 -39.58 -56.47
N VAL PA 144 43.45 -40.41 -55.92
CA VAL PA 144 43.62 -41.85 -55.94
C VAL PA 144 42.86 -42.37 -57.15
N LYS PA 145 43.59 -42.70 -58.22
CA LYS PA 145 42.98 -43.01 -59.51
C LYS PA 145 43.22 -44.46 -59.89
N ASP PA 146 42.23 -45.04 -60.56
CA ASP PA 146 42.31 -46.35 -61.20
C ASP PA 146 42.68 -47.46 -60.20
N TYR PA 147 41.69 -47.97 -59.48
CA TYR PA 147 41.91 -49.11 -58.59
C TYR PA 147 40.67 -49.98 -58.57
N PHE PA 148 40.86 -51.22 -58.13
CA PHE PA 148 39.77 -52.18 -58.00
C PHE PA 148 40.23 -53.29 -57.06
N PRO PA 149 39.35 -53.78 -56.18
CA PRO PA 149 38.03 -53.21 -55.95
C PRO PA 149 38.02 -52.26 -54.75
N GLU PA 150 36.83 -51.89 -54.29
CA GLU PA 150 36.70 -51.11 -53.07
C GLU PA 150 37.05 -51.98 -51.87
N PRO PA 151 37.46 -51.38 -50.74
CA PRO PA 151 37.61 -49.94 -50.50
C PRO PA 151 39.06 -49.44 -50.49
N VAL PA 152 39.21 -48.13 -50.31
CA VAL PA 152 40.50 -47.49 -50.14
C VAL PA 152 40.42 -46.57 -48.92
N THR PA 153 41.42 -46.65 -48.04
CA THR PA 153 41.48 -45.81 -46.85
C THR PA 153 42.57 -44.76 -47.03
N VAL PA 154 42.23 -43.50 -46.77
CA VAL PA 154 43.14 -42.39 -46.95
C VAL PA 154 43.25 -41.63 -45.64
N SER PA 155 44.48 -41.44 -45.17
CA SER PA 155 44.75 -40.63 -44.00
C SER PA 155 45.90 -39.67 -44.32
N TRP PA 156 45.98 -38.59 -43.54
CA TRP PA 156 46.98 -37.56 -43.75
C TRP PA 156 47.95 -37.54 -42.58
N ASN PA 157 49.25 -37.64 -42.88
CA ASN PA 157 50.31 -37.62 -41.88
C ASN PA 157 50.09 -38.68 -40.82
N SER PA 158 49.72 -39.89 -41.26
CA SER PA 158 49.54 -41.06 -40.39
C SER PA 158 48.47 -40.82 -39.33
N GLY PA 159 47.50 -39.95 -39.63
CA GLY PA 159 46.42 -39.67 -38.72
C GLY PA 159 46.56 -38.41 -37.90
N ALA PA 160 47.66 -37.66 -38.07
CA ALA PA 160 47.85 -36.45 -37.28
C ALA PA 160 46.93 -35.33 -37.77
N LEU PA 161 46.92 -35.09 -39.08
CA LEU PA 161 46.08 -34.05 -39.68
C LEU PA 161 44.72 -34.64 -40.01
N THR PA 162 43.69 -34.15 -39.35
CA THR PA 162 42.33 -34.63 -39.55
C THR PA 162 41.33 -33.53 -39.88
N SER PA 163 41.47 -32.36 -39.25
CA SER PA 163 40.51 -31.29 -39.48
C SER PA 163 40.73 -30.65 -40.85
N GLY PA 164 39.63 -30.34 -41.53
CA GLY PA 164 39.66 -29.81 -42.87
C GLY PA 164 39.76 -30.84 -43.96
N VAL PA 165 39.94 -32.11 -43.61
CA VAL PA 165 40.10 -33.17 -44.61
C VAL PA 165 38.74 -33.59 -45.12
N HIS PA 166 38.60 -33.66 -46.44
CA HIS PA 166 37.41 -34.16 -47.11
C HIS PA 166 37.83 -35.27 -48.06
N THR PA 167 37.60 -36.52 -47.67
CA THR PA 167 37.81 -37.66 -48.55
C THR PA 167 36.48 -38.00 -49.21
N PHE PA 168 36.43 -37.83 -50.54
CA PHE PA 168 35.20 -37.99 -51.28
C PHE PA 168 34.87 -39.45 -51.50
N PRO PA 169 33.60 -39.77 -51.77
CA PRO PA 169 33.25 -41.14 -52.17
C PRO PA 169 33.86 -41.49 -53.51
N ALA PA 170 34.06 -42.79 -53.71
CA ALA PA 170 34.58 -43.28 -54.97
C ALA PA 170 33.54 -43.18 -56.08
N VAL PA 171 34.01 -43.09 -57.31
CA VAL PA 171 33.17 -43.13 -58.50
C VAL PA 171 33.66 -44.25 -59.39
N LEU PA 172 32.74 -44.81 -60.17
CA LEU PA 172 33.05 -45.90 -61.09
C LEU PA 172 33.28 -45.32 -62.49
N GLN PA 173 34.48 -45.52 -63.02
CA GLN PA 173 34.85 -44.97 -64.31
C GLN PA 173 34.43 -45.91 -65.44
N SER PA 174 34.44 -45.38 -66.66
CA SER PA 174 34.10 -46.19 -67.83
C SER PA 174 35.00 -47.42 -67.94
N SER PA 175 36.25 -47.29 -67.51
CA SER PA 175 37.20 -48.40 -67.51
C SER PA 175 36.88 -49.46 -66.47
N GLY PA 176 35.83 -49.29 -65.68
CA GLY PA 176 35.50 -50.21 -64.62
C GLY PA 176 36.35 -50.08 -63.37
N LEU PA 177 37.24 -49.09 -63.31
CA LEU PA 177 38.09 -48.87 -62.15
C LEU PA 177 37.60 -47.67 -61.37
N TYR PA 178 37.87 -47.68 -60.06
CA TYR PA 178 37.36 -46.65 -59.17
C TYR PA 178 38.33 -45.47 -59.09
N SER PA 179 37.77 -44.29 -58.81
CA SER PA 179 38.55 -43.07 -58.67
C SER PA 179 38.04 -42.29 -57.47
N LEU PA 180 38.96 -41.67 -56.73
CA LEU PA 180 38.63 -41.02 -55.48
C LEU PA 180 39.58 -39.85 -55.25
N SER PA 181 39.07 -38.80 -54.61
CA SER PA 181 39.87 -37.63 -54.27
C SER PA 181 39.77 -37.35 -52.79
N SER PA 182 40.89 -36.90 -52.20
CA SER PA 182 40.93 -36.54 -50.79
C SER PA 182 41.66 -35.21 -50.67
N VAL PA 183 40.95 -34.18 -50.21
CA VAL PA 183 41.49 -32.83 -50.12
C VAL PA 183 41.54 -32.40 -48.66
N VAL PA 184 42.22 -31.28 -48.42
CA VAL PA 184 42.34 -30.71 -47.08
C VAL PA 184 42.69 -29.24 -47.24
N THR PA 185 42.14 -28.40 -46.36
CA THR PA 185 42.42 -26.97 -46.33
C THR PA 185 43.40 -26.67 -45.21
N VAL PA 186 44.44 -25.91 -45.53
CA VAL PA 186 45.47 -25.52 -44.58
C VAL PA 186 45.82 -24.05 -44.78
N PRO PA 187 46.37 -23.41 -43.75
CA PRO PA 187 46.78 -22.01 -43.90
C PRO PA 187 47.87 -21.86 -44.95
N SER PA 188 47.81 -20.74 -45.68
CA SER PA 188 48.82 -20.44 -46.68
C SER PA 188 50.19 -20.21 -46.04
N SER PA 189 50.21 -19.72 -44.80
CA SER PA 189 51.45 -19.41 -44.11
C SER PA 189 52.23 -20.65 -43.73
N SER PA 190 51.68 -21.84 -43.90
CA SER PA 190 52.35 -23.09 -43.54
C SER PA 190 52.79 -23.88 -44.76
N LEU PA 191 52.68 -23.33 -45.97
CA LEU PA 191 53.13 -24.00 -47.17
C LEU PA 191 54.64 -23.88 -47.29
N GLY PA 192 55.33 -25.02 -47.37
CA GLY PA 192 56.76 -25.09 -47.37
C GLY PA 192 57.37 -25.42 -46.03
N THR PA 193 56.71 -25.01 -44.94
CA THR PA 193 57.16 -25.33 -43.59
C THR PA 193 56.59 -26.66 -43.10
N GLN PA 194 55.33 -26.94 -43.41
CA GLN PA 194 54.68 -28.17 -43.02
C GLN PA 194 54.83 -29.23 -44.11
N THR PA 195 54.91 -30.48 -43.69
CA THR PA 195 54.98 -31.62 -44.59
C THR PA 195 53.62 -32.29 -44.64
N TYR PA 196 53.10 -32.48 -45.85
CA TYR PA 196 51.76 -33.03 -46.07
C TYR PA 196 51.88 -34.31 -46.88
N ILE PA 197 51.56 -35.44 -46.25
CA ILE PA 197 51.71 -36.76 -46.85
C ILE PA 197 50.41 -37.53 -46.65
N CYS PA 198 49.73 -37.86 -47.74
CA CYS PA 198 48.52 -38.66 -47.68
C CYS PA 198 48.88 -40.13 -47.70
N ASN PA 199 48.21 -40.91 -46.85
CA ASN PA 199 48.50 -42.34 -46.69
C ASN PA 199 47.35 -43.13 -47.30
N VAL PA 200 47.58 -43.65 -48.51
CA VAL PA 200 46.60 -44.44 -49.22
C VAL PA 200 46.89 -45.92 -48.96
N ASN PA 201 45.87 -46.66 -48.57
CA ASN PA 201 46.00 -48.09 -48.28
C ASN PA 201 44.93 -48.85 -49.05
N HIS PA 202 45.36 -49.82 -49.85
CA HIS PA 202 44.45 -50.67 -50.63
C HIS PA 202 44.70 -52.11 -50.19
N LYS PA 203 43.90 -52.60 -49.25
CA LYS PA 203 44.10 -53.94 -48.73
C LYS PA 203 43.94 -55.05 -49.77
N PRO PA 204 42.96 -55.01 -50.69
CA PRO PA 204 42.84 -56.11 -51.66
C PRO PA 204 44.10 -56.34 -52.49
N SER PA 205 44.91 -55.32 -52.73
CA SER PA 205 46.13 -55.48 -53.52
C SER PA 205 47.40 -55.29 -52.69
N ASN PA 206 47.28 -55.18 -51.36
CA ASN PA 206 48.42 -54.98 -50.46
C ASN PA 206 49.26 -53.78 -50.86
N THR PA 207 48.62 -52.75 -51.41
CA THR PA 207 49.32 -51.56 -51.87
C THR PA 207 49.29 -50.49 -50.78
N LYS PA 208 50.47 -50.00 -50.40
CA LYS PA 208 50.59 -48.91 -49.43
C LYS PA 208 51.47 -47.84 -50.07
N VAL PA 209 50.89 -46.68 -50.32
CA VAL PA 209 51.58 -45.59 -51.01
C VAL PA 209 51.52 -44.34 -50.14
N ASP PA 210 52.67 -43.73 -49.89
CA ASP PA 210 52.78 -42.43 -49.23
C ASP PA 210 53.25 -41.42 -50.26
N LYS PA 211 52.44 -40.40 -50.52
CA LYS PA 211 52.74 -39.39 -51.52
C LYS PA 211 52.88 -38.04 -50.86
N LYS PA 212 54.02 -37.38 -51.08
CA LYS PA 212 54.29 -36.07 -50.53
C LYS PA 212 53.74 -34.99 -51.46
N VAL PA 213 52.91 -34.11 -50.92
CA VAL PA 213 52.23 -33.08 -51.70
C VAL PA 213 52.93 -31.76 -51.45
N GLU PA 214 53.55 -31.21 -52.48
CA GLU PA 214 54.24 -29.93 -52.43
C GLU PA 214 53.76 -29.06 -53.58
N PRO PA 215 53.80 -27.73 -53.42
CA PRO PA 215 53.54 -26.86 -54.57
C PRO PA 215 54.69 -26.97 -55.57
N LYS PA 216 54.34 -26.91 -56.85
CA LYS PA 216 55.33 -27.05 -57.90
C LYS PA 216 55.88 -25.68 -58.29
N SER PA 217 57.12 -25.69 -58.78
CA SER PA 217 57.79 -24.46 -59.18
C SER PA 217 58.16 -24.49 -60.66
N ILE QA 1 34.54 16.66 -59.80
CA ILE QA 1 34.96 17.08 -61.12
C ILE QA 1 34.16 18.29 -61.60
N LEU QA 2 34.84 19.40 -61.82
CA LEU QA 2 34.20 20.65 -62.18
C LEU QA 2 34.28 20.88 -63.68
N GLY QA 3 33.17 21.31 -64.27
CA GLY QA 3 33.12 21.58 -65.70
C GLY QA 3 33.03 20.36 -66.57
N GLY QA 4 32.75 19.18 -66.01
CA GLY QA 4 32.67 17.96 -66.76
C GLY QA 4 31.26 17.44 -66.86
N ARG QA 5 31.15 16.13 -67.12
CA ARG QA 5 29.86 15.47 -67.25
C ARG QA 5 30.01 14.03 -66.80
N GLU QA 6 28.87 13.34 -66.71
CA GLU QA 6 28.87 11.96 -66.26
C GLU QA 6 29.56 11.07 -67.30
N ALA QA 7 30.47 10.23 -66.83
CA ALA QA 7 31.18 9.32 -67.71
C ALA QA 7 30.26 8.18 -68.15
N GLU QA 8 30.69 7.47 -69.20
CA GLU QA 8 30.02 6.24 -69.58
C GLU QA 8 30.29 5.17 -68.54
N ALA QA 9 29.24 4.51 -68.07
CA ALA QA 9 29.37 3.58 -66.96
C ALA QA 9 30.38 2.48 -67.29
N HIS QA 10 31.35 2.30 -66.40
CA HIS QA 10 32.37 1.26 -66.47
C HIS QA 10 33.31 1.42 -67.65
N ALA QA 11 33.39 2.61 -68.23
CA ALA QA 11 34.33 2.84 -69.33
C ALA QA 11 35.76 3.01 -68.84
N ARG QA 12 35.95 3.33 -67.56
CA ARG QA 12 37.26 3.45 -66.94
C ARG QA 12 37.34 2.39 -65.84
N PRO QA 13 37.67 1.15 -66.22
CA PRO QA 13 37.63 0.04 -65.24
C PRO QA 13 38.71 0.11 -64.18
N TYR QA 14 39.68 1.01 -64.32
CA TYR QA 14 40.69 1.22 -63.29
C TYR QA 14 40.21 2.14 -62.17
N MET QA 15 39.04 2.76 -62.32
CA MET QA 15 38.59 3.76 -61.37
C MET QA 15 38.15 3.10 -60.07
N ALA QA 16 38.67 3.61 -58.95
CA ALA QA 16 38.37 3.09 -57.63
C ALA QA 16 37.85 4.21 -56.74
N SER QA 17 36.99 3.84 -55.79
CA SER QA 17 36.47 4.76 -54.79
C SER QA 17 36.97 4.31 -53.42
N VAL QA 18 37.90 5.07 -52.85
CA VAL QA 18 38.38 4.79 -51.50
C VAL QA 18 37.31 5.24 -50.52
N GLN QA 19 36.85 4.31 -49.69
CA GLN QA 19 35.71 4.54 -48.81
C GLN QA 19 36.16 4.55 -47.35
N LEU QA 20 35.56 5.44 -46.57
CA LEU QA 20 35.81 5.55 -45.13
C LEU QA 20 34.48 5.44 -44.41
N ASN QA 21 34.30 4.35 -43.66
CA ASN QA 21 33.06 4.10 -42.93
C ASN QA 21 31.86 4.05 -43.87
N GLY QA 22 32.02 3.36 -45.00
CA GLY QA 22 30.93 3.18 -45.92
C GLY QA 22 30.53 4.40 -46.71
N ALA QA 23 31.44 5.36 -46.87
CA ALA QA 23 31.17 6.58 -47.60
C ALA QA 23 32.36 6.92 -48.46
N HIS QA 24 32.10 7.50 -49.64
CA HIS QA 24 33.20 7.88 -50.51
C HIS QA 24 34.04 8.95 -49.87
N LEU QA 25 35.36 8.74 -49.87
CA LEU QA 25 36.32 9.68 -49.31
C LEU QA 25 37.25 10.24 -50.37
N CYS QA 26 37.82 9.39 -51.22
CA CYS QA 26 38.82 9.80 -52.19
C CYS QA 26 38.73 8.91 -53.42
N GLY QA 27 39.35 9.37 -54.50
CA GLY QA 27 39.48 8.54 -55.67
C GLY QA 27 40.68 7.61 -55.59
N GLY QA 28 40.65 6.57 -56.39
CA GLY QA 28 41.75 5.63 -56.47
C GLY QA 28 41.83 5.03 -57.86
N VAL QA 29 43.00 4.53 -58.20
CA VAL QA 29 43.24 3.89 -59.48
C VAL QA 29 43.86 2.53 -59.24
N LEU QA 30 43.24 1.49 -59.80
CA LEU QA 30 43.73 0.12 -59.68
C LEU QA 30 44.99 -0.04 -60.51
N VAL QA 31 46.13 -0.26 -59.86
CA VAL QA 31 47.41 -0.41 -60.55
C VAL QA 31 47.90 -1.85 -60.56
N ALA QA 32 47.23 -2.77 -59.86
CA ALA QA 32 47.61 -4.18 -59.86
C ALA QA 32 46.41 -4.98 -59.38
N GLU QA 33 46.48 -6.31 -59.54
CA GLU QA 33 45.36 -7.18 -59.17
C GLU QA 33 44.95 -7.01 -57.72
N GLN QA 34 45.84 -6.50 -56.87
CA GLN QA 34 45.53 -6.41 -55.45
C GLN QA 34 45.99 -5.09 -54.85
N TRP QA 35 46.34 -4.09 -55.66
CA TRP QA 35 46.85 -2.83 -55.15
C TRP QA 35 46.12 -1.66 -55.82
N VAL QA 36 45.74 -0.68 -55.00
CA VAL QA 36 45.08 0.53 -55.46
C VAL QA 36 45.93 1.72 -55.05
N LEU QA 37 46.17 2.62 -56.00
CA LEU QA 37 46.97 3.82 -55.77
C LEU QA 37 46.05 5.00 -55.47
N SER QA 38 46.44 5.81 -54.48
CA SER QA 38 45.64 6.94 -54.05
C SER QA 38 46.56 7.98 -53.44
N ALA QA 39 45.97 9.01 -52.84
CA ALA QA 39 46.72 10.08 -52.22
C ALA QA 39 46.88 9.83 -50.72
N ALA QA 40 48.04 10.22 -50.19
CA ALA QA 40 48.33 9.95 -48.79
C ALA QA 40 47.48 10.81 -47.85
N HIS QA 41 47.20 12.05 -48.24
CA HIS QA 41 46.48 12.94 -47.34
C HIS QA 41 45.03 12.52 -47.13
N CYS QA 42 44.52 11.57 -47.91
CA CYS QA 42 43.16 11.07 -47.70
C CYS QA 42 43.01 10.43 -46.34
N LEU QA 43 44.08 9.83 -45.82
CA LEU QA 43 44.03 9.08 -44.56
C LEU QA 43 44.61 9.85 -43.39
N GLU QA 44 44.91 11.14 -43.57
CA GLU QA 44 45.52 11.91 -42.49
C GLU QA 44 44.60 12.01 -41.29
N ASP QA 45 43.33 12.35 -41.53
CA ASP QA 45 42.34 12.48 -40.48
C ASP QA 45 41.44 11.26 -40.36
N ALA QA 46 41.78 10.16 -41.04
CA ALA QA 46 40.88 9.01 -41.10
C ALA QA 46 40.70 8.35 -39.74
N ALA QA 47 41.71 8.45 -38.87
CA ALA QA 47 41.66 7.90 -37.50
C ALA QA 47 41.34 6.40 -37.58
N ASP QA 48 40.47 5.90 -36.71
CA ASP QA 48 40.12 4.49 -36.68
C ASP QA 48 39.05 4.10 -37.69
N GLY QA 49 38.71 5.00 -38.62
CA GLY QA 49 37.67 4.67 -39.58
C GLY QA 49 38.05 3.49 -40.45
N LYS QA 50 37.02 2.81 -40.96
CA LYS QA 50 37.22 1.62 -41.78
C LYS QA 50 37.55 2.03 -43.20
N VAL QA 51 38.72 1.64 -43.68
CA VAL QA 51 39.17 1.97 -45.03
C VAL QA 51 38.81 0.81 -45.97
N GLN QA 52 37.99 1.11 -46.97
CA GLN QA 52 37.61 0.11 -47.96
C GLN QA 52 37.73 0.71 -49.36
N VAL QA 53 37.80 -0.16 -50.36
CA VAL QA 53 37.94 0.25 -51.75
C VAL QA 53 36.78 -0.36 -52.53
N LEU QA 54 36.15 0.45 -53.39
CA LEU QA 54 35.00 0.05 -54.19
C LEU QA 54 35.44 -0.03 -55.65
N LEU QA 55 35.43 -1.23 -56.21
CA LEU QA 55 35.83 -1.45 -57.59
C LEU QA 55 34.62 -1.74 -58.48
N GLY QA 56 34.78 -1.46 -59.77
CA GLY QA 56 33.74 -1.73 -60.73
C GLY QA 56 32.48 -0.93 -60.53
N ALA QA 57 32.59 0.27 -59.99
CA ALA QA 57 31.43 1.09 -59.64
C ALA QA 57 31.28 2.24 -60.62
N HIS QA 58 30.02 2.56 -60.94
CA HIS QA 58 29.68 3.82 -61.58
C HIS QA 58 28.88 4.71 -60.64
N SER QA 59 27.75 4.22 -60.13
CA SER QA 59 26.98 4.89 -59.09
C SER QA 59 27.39 4.34 -57.73
N LEU QA 60 27.72 5.24 -56.81
CA LEU QA 60 28.10 4.82 -55.47
C LEU QA 60 26.96 4.14 -54.71
N SER QA 61 25.71 4.42 -55.09
CA SER QA 61 24.55 3.92 -54.37
C SER QA 61 23.77 2.86 -55.13
N GLN QA 62 23.56 3.04 -56.44
CA GLN QA 62 22.72 2.12 -57.19
C GLN QA 62 23.40 0.75 -57.30
N PRO QA 63 22.60 -0.33 -57.36
CA PRO QA 63 23.19 -1.67 -57.47
C PRO QA 63 23.68 -1.93 -58.88
N GLU QA 64 24.92 -2.44 -58.99
CA GLU QA 64 25.52 -2.77 -60.27
C GLU QA 64 26.21 -4.12 -60.14
N PRO QA 65 26.05 -5.02 -61.12
CA PRO QA 65 26.63 -6.36 -60.98
C PRO QA 65 28.15 -6.37 -60.83
N SER QA 66 28.85 -5.42 -61.43
CA SER QA 66 30.31 -5.41 -61.35
C SER QA 66 30.84 -4.75 -60.08
N LYS QA 67 29.98 -4.09 -59.31
CA LYS QA 67 30.41 -3.45 -58.07
C LYS QA 67 30.81 -4.49 -57.04
N ARG QA 68 31.95 -4.28 -56.40
CA ARG QA 68 32.36 -5.14 -55.29
C ARG QA 68 33.17 -4.30 -54.31
N LEU QA 69 32.84 -4.42 -53.02
CA LEU QA 69 33.49 -3.66 -51.97
C LEU QA 69 34.53 -4.55 -51.28
N TYR QA 70 35.80 -4.17 -51.40
CA TYR QA 70 36.90 -4.93 -50.82
C TYR QA 70 37.38 -4.27 -49.54
N ASP QA 71 37.80 -5.09 -48.58
CA ASP QA 71 38.48 -4.58 -47.40
C ASP QA 71 39.94 -4.28 -47.73
N VAL QA 72 40.56 -3.46 -46.88
CA VAL QA 72 41.96 -3.10 -47.05
C VAL QA 72 42.77 -3.87 -46.03
N LEU QA 73 43.68 -4.72 -46.52
CA LEU QA 73 44.50 -5.54 -45.65
C LEU QA 73 45.69 -4.77 -45.08
N ARG QA 74 46.16 -3.76 -45.80
CA ARG QA 74 47.41 -3.08 -45.46
C ARG QA 74 47.49 -1.78 -46.24
N ALA QA 75 47.86 -0.70 -45.56
CA ALA QA 75 47.90 0.63 -46.15
C ALA QA 75 49.31 1.19 -46.00
N VAL QA 76 49.89 1.61 -47.13
CA VAL QA 76 51.28 2.05 -47.17
C VAL QA 76 51.35 3.49 -47.68
N PRO QA 77 51.28 4.48 -46.80
CA PRO QA 77 51.58 5.85 -47.23
C PRO QA 77 53.04 6.00 -47.59
N HIS QA 78 53.31 6.88 -48.54
CA HIS QA 78 54.69 7.17 -48.89
C HIS QA 78 55.40 7.75 -47.67
N PRO QA 79 56.55 7.20 -47.27
CA PRO QA 79 57.11 7.54 -45.95
C PRO QA 79 57.46 9.01 -45.76
N ASP QA 80 57.67 9.75 -46.84
CA ASP QA 80 58.05 11.15 -46.74
C ASP QA 80 56.86 12.10 -46.87
N SER QA 81 55.64 11.58 -46.80
CA SER QA 81 54.44 12.40 -46.82
C SER QA 81 54.12 12.87 -45.41
N GLN QA 82 53.69 14.12 -45.30
CA GLN QA 82 53.37 14.71 -44.02
C GLN QA 82 52.26 15.73 -44.22
N PRO QA 83 51.49 16.06 -43.16
CA PRO QA 83 50.33 16.94 -43.35
C PRO QA 83 50.68 18.36 -43.76
N ASP QA 84 51.93 18.79 -43.63
CA ASP QA 84 52.30 20.17 -43.92
C ASP QA 84 52.64 20.41 -45.39
N THR QA 85 52.76 19.36 -46.20
CA THR QA 85 53.20 19.50 -47.57
C THR QA 85 52.23 18.78 -48.51
N ILE QA 86 52.37 19.07 -49.80
CA ILE QA 86 51.74 18.29 -50.85
C ILE QA 86 52.70 17.32 -51.51
N ASP QA 87 53.95 17.28 -51.06
CA ASP QA 87 54.95 16.44 -51.69
C ASP QA 87 54.74 14.97 -51.31
N HIS QA 88 55.04 14.09 -52.25
CA HIS QA 88 55.01 12.64 -52.03
C HIS QA 88 53.63 12.17 -51.57
N ASP QA 89 52.59 12.78 -52.12
CA ASP QA 89 51.21 12.53 -51.68
C ASP QA 89 50.64 11.28 -52.36
N LEU QA 90 51.29 10.14 -52.10
CA LEU QA 90 50.88 8.88 -52.68
C LEU QA 90 50.59 7.87 -51.58
N LEU QA 91 49.68 6.95 -51.88
CA LEU QA 91 49.22 5.95 -50.93
C LEU QA 91 48.88 4.68 -51.69
N LEU QA 92 49.31 3.54 -51.16
CA LEU QA 92 49.08 2.25 -51.79
C LEU QA 92 48.27 1.37 -50.85
N LEU QA 93 47.15 0.85 -51.35
CA LEU QA 93 46.21 0.06 -50.55
C LEU QA 93 46.21 -1.36 -51.08
N GLN QA 94 46.51 -2.33 -50.20
CA GLN QA 94 46.49 -3.74 -50.55
C GLN QA 94 45.12 -4.31 -50.21
N LEU QA 95 44.41 -4.81 -51.22
CA LEU QA 95 43.08 -5.36 -50.99
C LEU QA 95 43.15 -6.67 -50.22
N SER QA 96 42.02 -7.04 -49.62
CA SER QA 96 41.96 -8.28 -48.85
C SER QA 96 42.22 -9.50 -49.72
N GLU QA 97 41.83 -9.43 -51.00
CA GLU QA 97 42.15 -10.48 -51.96
C GLU QA 97 42.31 -9.81 -53.32
N LYS QA 98 42.80 -10.59 -54.28
CA LYS QA 98 42.96 -10.06 -55.64
C LYS QA 98 41.59 -9.70 -56.22
N ALA QA 99 41.57 -8.63 -57.00
CA ALA QA 99 40.31 -8.14 -57.56
C ALA QA 99 39.79 -9.08 -58.64
N THR QA 100 38.49 -9.33 -58.63
CA THR QA 100 37.83 -10.13 -59.66
C THR QA 100 37.81 -9.33 -60.95
N LEU QA 101 38.75 -9.63 -61.85
CA LEU QA 101 38.89 -8.84 -63.06
C LEU QA 101 37.77 -9.14 -64.05
N GLY QA 102 37.54 -8.18 -64.94
CA GLY QA 102 36.50 -8.28 -65.93
C GLY QA 102 36.42 -7.00 -66.74
N PRO QA 103 35.42 -6.90 -67.61
CA PRO QA 103 35.30 -5.70 -68.46
C PRO QA 103 35.09 -4.41 -67.68
N ALA QA 104 34.76 -4.48 -66.38
CA ALA QA 104 34.57 -3.30 -65.57
C ALA QA 104 35.61 -3.14 -64.47
N VAL QA 105 36.47 -4.13 -64.25
CA VAL QA 105 37.55 -4.05 -63.27
C VAL QA 105 38.82 -4.49 -63.97
N ARG QA 106 39.75 -3.56 -64.17
CA ARG QA 106 40.98 -3.87 -64.87
C ARG QA 106 42.06 -2.86 -64.51
N PRO QA 107 43.26 -3.30 -64.16
CA PRO QA 107 44.31 -2.35 -63.77
C PRO QA 107 44.77 -1.50 -64.94
N LEU QA 108 45.23 -0.29 -64.61
CA LEU QA 108 45.70 0.67 -65.58
C LEU QA 108 47.22 0.74 -65.55
N PRO QA 109 47.89 0.60 -66.70
CA PRO QA 109 49.34 0.77 -66.72
C PRO QA 109 49.72 2.21 -66.41
N TRP QA 110 50.64 2.38 -65.47
CA TRP QA 110 51.10 3.71 -65.08
C TRP QA 110 52.44 4.01 -65.74
N GLN QA 111 52.72 5.30 -65.91
CA GLN QA 111 53.91 5.73 -66.61
C GLN QA 111 55.16 5.39 -65.81
N ARG QA 112 56.10 4.69 -66.45
CA ARG QA 112 57.35 4.32 -65.81
C ARG QA 112 58.54 5.17 -66.27
N VAL QA 113 58.41 5.84 -67.42
CA VAL QA 113 59.47 6.70 -67.94
C VAL QA 113 59.28 8.10 -67.40
N ASP QA 114 60.35 8.65 -66.80
CA ASP QA 114 60.26 9.91 -66.04
C ASP QA 114 60.46 11.10 -66.98
N ARG QA 115 59.45 11.33 -67.83
CA ARG QA 115 59.42 12.48 -68.73
C ARG QA 115 58.14 13.26 -68.51
N ASP QA 116 58.26 14.58 -68.36
CA ASP QA 116 57.09 15.42 -68.15
C ASP QA 116 56.10 15.28 -69.31
N VAL QA 117 54.80 15.31 -68.98
CA VAL QA 117 53.78 15.36 -70.01
C VAL QA 117 53.83 16.73 -70.68
N ALA QA 118 53.75 16.73 -72.00
CA ALA QA 118 53.89 17.96 -72.77
C ALA QA 118 52.82 18.96 -72.37
N PRO QA 119 53.18 20.19 -72.00
CA PRO QA 119 52.16 21.21 -71.73
C PRO QA 119 51.25 21.42 -72.93
N GLY QA 120 49.95 21.44 -72.66
CA GLY QA 120 48.95 21.49 -73.70
C GLY QA 120 48.28 20.17 -74.00
N THR QA 121 48.88 19.07 -73.55
CA THR QA 121 48.26 17.75 -73.72
C THR QA 121 46.95 17.67 -72.95
N LEU QA 122 45.91 17.16 -73.61
CA LEU QA 122 44.64 16.93 -72.95
C LEU QA 122 44.69 15.61 -72.20
N CYS QA 123 44.40 15.65 -70.90
CA CYS QA 123 44.39 14.47 -70.06
C CYS QA 123 43.01 14.33 -69.40
N ASP QA 124 42.59 13.07 -69.23
CA ASP QA 124 41.28 12.74 -68.72
C ASP QA 124 41.37 12.42 -67.22
N VAL QA 125 40.55 13.10 -66.43
CA VAL QA 125 40.53 12.93 -64.97
C VAL QA 125 39.08 12.72 -64.53
N ALA QA 126 38.88 11.75 -63.65
CA ALA QA 126 37.54 11.36 -63.21
C ALA QA 126 37.50 11.26 -61.69
N GLY QA 127 36.28 11.29 -61.15
CA GLY QA 127 36.12 11.17 -59.71
C GLY QA 127 34.69 11.44 -59.31
N TRP QA 128 34.42 11.22 -58.02
CA TRP QA 128 33.13 11.49 -57.41
C TRP QA 128 33.15 12.73 -56.53
N GLY QA 129 34.05 13.67 -56.84
CA GLY QA 129 34.18 14.87 -56.04
C GLY QA 129 33.22 15.96 -56.48
N ILE QA 130 33.33 17.10 -55.80
CA ILE QA 130 32.50 18.28 -56.02
C ILE QA 130 32.31 18.59 -57.50
N VAL QA 131 31.09 18.96 -57.91
CA VAL QA 131 30.80 19.30 -59.29
C VAL QA 131 30.31 20.73 -59.47
N ASN QA 132 30.21 21.52 -58.39
CA ASN QA 132 29.77 22.90 -58.51
C ASN QA 132 30.24 23.67 -57.30
N HIS QA 133 30.29 25.01 -57.45
CA HIS QA 133 30.83 25.86 -56.40
C HIS QA 133 30.05 25.78 -55.10
N ALA QA 134 28.85 25.19 -55.10
CA ALA QA 134 28.12 25.00 -53.86
C ALA QA 134 28.75 23.94 -52.96
N GLY QA 135 29.65 23.13 -53.50
CA GLY QA 135 30.34 22.13 -52.72
C GLY QA 135 29.64 20.79 -52.58
N ARG QA 136 28.69 20.49 -53.47
CA ARG QA 136 27.92 19.26 -53.39
C ARG QA 136 28.49 18.19 -54.31
N ARG QA 137 28.18 16.93 -53.98
CA ARG QA 137 28.85 15.79 -54.58
C ARG QA 137 27.91 14.96 -55.45
N PRO QA 138 28.44 14.29 -56.49
CA PRO QA 138 27.59 13.49 -57.36
C PRO QA 138 27.58 12.02 -57.00
N ASP QA 139 26.56 11.30 -57.43
CA ASP QA 139 26.44 9.87 -57.16
C ASP QA 139 27.13 9.02 -58.22
N SER QA 140 27.06 9.44 -59.48
CA SER QA 140 27.68 8.73 -60.58
C SER QA 140 28.99 9.40 -60.98
N LEU QA 141 29.90 8.60 -61.52
CA LEU QA 141 31.26 9.06 -61.84
C LEU QA 141 31.22 10.16 -62.89
N GLN QA 142 31.92 11.26 -62.60
CA GLN QA 142 32.06 12.39 -63.52
C GLN QA 142 33.48 12.41 -64.09
N HIS QA 143 33.65 13.12 -65.19
CA HIS QA 143 34.96 13.20 -65.84
C HIS QA 143 35.05 14.47 -66.67
N VAL QA 144 36.30 14.84 -66.98
CA VAL QA 144 36.57 16.07 -67.74
C VAL QA 144 37.93 15.90 -68.39
N LEU QA 145 38.16 16.65 -69.48
CA LEU QA 145 39.46 16.69 -70.14
C LEU QA 145 40.15 18.00 -69.81
N LEU QA 146 41.39 17.91 -69.36
CA LEU QA 146 42.14 19.08 -68.93
C LEU QA 146 43.44 19.20 -69.69
N PRO QA 147 43.80 20.40 -70.14
CA PRO QA 147 45.11 20.61 -70.75
C PRO QA 147 46.20 20.74 -69.69
N VAL QA 148 47.35 20.13 -69.96
CA VAL QA 148 48.48 20.22 -69.04
C VAL QA 148 49.08 21.61 -69.10
N LEU QA 149 49.38 22.17 -67.93
CA LEU QA 149 49.93 23.52 -67.80
C LEU QA 149 51.41 23.43 -67.47
N ASP QA 150 52.20 24.30 -68.08
CA ASP QA 150 53.65 24.27 -67.88
C ASP QA 150 54.00 24.65 -66.45
N ARG QA 151 55.06 24.03 -65.93
CA ARG QA 151 55.41 24.20 -64.52
C ARG QA 151 55.82 25.63 -64.21
N ALA QA 152 56.39 26.35 -65.18
CA ALA QA 152 56.82 27.73 -64.93
C ALA QA 152 55.61 28.63 -64.67
N THR QA 153 54.58 28.52 -65.50
CA THR QA 153 53.35 29.29 -65.29
C THR QA 153 52.71 28.91 -63.95
N CYS QA 154 52.73 27.62 -63.61
CA CYS QA 154 52.09 27.16 -62.40
C CYS QA 154 52.80 27.67 -61.14
N ASN QA 155 54.08 28.02 -61.24
CA ASN QA 155 54.86 28.44 -60.08
C ASN QA 155 54.87 29.95 -59.88
N ARG QA 156 54.06 30.69 -60.64
CA ARG QA 156 54.02 32.14 -60.46
C ARG QA 156 53.47 32.51 -59.08
N ARG QA 157 53.76 33.74 -58.66
CA ARG QA 157 53.33 34.19 -57.35
C ARG QA 157 51.81 34.27 -57.25
N THR QA 158 51.12 34.56 -58.36
CA THR QA 158 49.66 34.53 -58.33
C THR QA 158 49.15 33.10 -58.26
N HIS QA 159 49.91 32.14 -58.77
CA HIS QA 159 49.45 30.76 -58.84
C HIS QA 159 49.87 29.97 -57.60
N HIS QA 160 50.81 29.04 -57.75
CA HIS QA 160 51.21 28.18 -56.64
C HIS QA 160 52.57 28.53 -56.07
N ASP QA 161 53.26 29.54 -56.62
CA ASP QA 161 54.36 30.21 -55.94
C ASP QA 161 55.51 29.25 -55.64
N GLY QA 162 55.99 28.58 -56.69
CA GLY QA 162 57.17 27.74 -56.56
C GLY QA 162 56.96 26.48 -55.76
N ALA QA 163 55.72 26.04 -55.60
CA ALA QA 163 55.44 24.81 -54.88
C ALA QA 163 55.44 23.57 -55.76
N ILE QA 164 55.43 23.76 -57.09
CA ILE QA 164 55.32 22.65 -58.03
C ILE QA 164 56.73 22.13 -58.30
N THR QA 165 57.13 21.09 -57.57
CA THR QA 165 58.41 20.46 -57.78
C THR QA 165 58.42 19.68 -59.10
N GLU QA 166 59.59 19.15 -59.46
CA GLU QA 166 59.69 18.33 -60.66
C GLU QA 166 58.91 17.03 -60.55
N ARG QA 167 58.49 16.64 -59.36
CA ARG QA 167 57.67 15.46 -59.16
C ARG QA 167 56.19 15.76 -59.22
N LEU QA 168 55.81 17.03 -59.43
CA LEU QA 168 54.43 17.45 -59.55
C LEU QA 168 54.17 18.03 -60.93
N MET QA 169 52.90 18.04 -61.34
CA MET QA 169 52.49 18.61 -62.60
C MET QA 169 51.18 19.37 -62.42
N CYS QA 170 50.84 20.19 -63.40
CA CYS QA 170 49.70 21.07 -63.31
C CYS QA 170 48.80 20.94 -64.54
N ALA QA 171 47.53 21.26 -64.35
CA ALA QA 171 46.56 21.34 -65.42
C ALA QA 171 45.72 22.60 -65.21
N GLU QA 172 45.14 23.10 -66.30
CA GLU QA 172 44.32 24.30 -66.21
C GLU QA 172 43.12 24.08 -65.32
N SER QA 173 42.65 25.16 -64.69
CA SER QA 173 41.53 25.09 -63.76
C SER QA 173 40.47 26.15 -64.05
N ASN QA 174 40.43 26.67 -65.27
CA ASN QA 174 39.47 27.70 -65.65
C ASN QA 174 38.15 27.03 -66.02
N ARG QA 175 37.22 27.00 -65.07
CA ARG QA 175 35.88 26.42 -65.24
C ARG QA 175 35.90 24.91 -65.44
N ARG QA 176 37.08 24.34 -65.68
CA ARG QA 176 37.27 22.90 -65.76
C ARG QA 176 38.37 22.51 -64.77
N ASP QA 177 38.08 21.57 -63.88
CA ASP QA 177 39.00 21.29 -62.80
C ASP QA 177 38.64 19.98 -62.11
N SER QA 178 39.54 19.52 -61.25
CA SER QA 178 39.27 18.47 -60.27
C SER QA 178 39.17 19.12 -58.90
N CYS QA 179 38.29 18.58 -58.06
CA CYS QA 179 37.93 19.25 -56.81
C CYS QA 179 38.15 18.31 -55.63
N LYS QA 180 37.78 18.78 -54.44
CA LYS QA 180 37.83 17.94 -53.26
C LYS QA 180 36.96 16.71 -53.46
N GLY QA 181 37.48 15.54 -53.10
CA GLY QA 181 36.84 14.29 -53.36
C GLY QA 181 37.31 13.60 -54.61
N ASP QA 182 38.01 14.32 -55.48
CA ASP QA 182 38.71 13.71 -56.61
C ASP QA 182 40.14 13.33 -56.26
N SER QA 183 40.57 13.62 -55.03
CA SER QA 183 41.93 13.33 -54.61
C SER QA 183 42.22 11.84 -54.72
N GLY QA 184 43.46 11.52 -55.05
CA GLY QA 184 43.84 10.14 -55.29
C GLY QA 184 43.31 9.55 -56.56
N GLY QA 185 42.57 10.32 -57.35
CA GLY QA 185 42.07 9.86 -58.63
C GLY QA 185 43.12 9.94 -59.70
N PRO QA 186 42.82 9.33 -60.85
CA PRO QA 186 43.80 9.23 -61.93
C PRO QA 186 43.79 10.42 -62.87
N LEU QA 187 44.98 10.75 -63.35
CA LEU QA 187 45.17 11.66 -64.47
C LEU QA 187 45.77 10.85 -65.61
N VAL QA 188 44.95 10.56 -66.61
CA VAL QA 188 45.31 9.62 -67.67
C VAL QA 188 45.55 10.41 -68.95
N CYS QA 189 46.75 10.27 -69.52
CA CYS QA 189 47.10 10.90 -70.78
C CYS QA 189 47.54 9.81 -71.75
N GLY QA 190 46.90 9.75 -72.91
CA GLY QA 190 47.22 8.71 -73.87
C GLY QA 190 46.94 7.31 -73.36
N GLY QA 191 45.93 7.15 -72.51
CA GLY QA 191 45.60 5.84 -71.98
C GLY QA 191 46.61 5.29 -71.00
N VAL QA 192 47.41 6.15 -70.37
CA VAL QA 192 48.43 5.75 -69.41
C VAL QA 192 48.32 6.64 -68.18
N LEU QA 193 48.37 6.03 -67.00
CA LEU QA 193 48.33 6.79 -65.76
C LEU QA 193 49.60 7.61 -65.62
N GLU QA 194 49.46 8.94 -65.65
CA GLU QA 194 50.57 9.87 -65.47
C GLU QA 194 50.53 10.59 -64.12
N GLY QA 195 49.34 10.96 -63.64
CA GLY QA 195 49.23 11.75 -62.45
C GLY QA 195 48.21 11.19 -61.48
N VAL QA 196 48.39 11.55 -60.21
CA VAL QA 196 47.44 11.25 -59.15
C VAL QA 196 46.95 12.57 -58.59
N VAL QA 197 45.63 12.77 -58.58
CA VAL QA 197 45.06 14.00 -58.07
C VAL QA 197 45.44 14.18 -56.62
N THR QA 198 46.04 15.32 -56.28
CA THR QA 198 46.27 15.61 -54.87
C THR QA 198 45.17 16.53 -54.36
N SER QA 199 45.27 17.83 -54.65
CA SER QA 199 44.27 18.83 -54.23
C SER QA 199 44.18 18.77 -52.70
N GLY QA 200 42.99 18.74 -52.11
CA GLY QA 200 42.85 18.63 -50.67
C GLY QA 200 42.48 19.93 -50.00
N SER QA 201 43.40 20.89 -49.99
CA SER QA 201 43.18 22.18 -49.34
C SER QA 201 43.06 23.32 -50.36
N ARG QA 202 42.78 22.99 -51.61
CA ARG QA 202 42.69 23.97 -52.68
C ARG QA 202 41.26 24.05 -53.19
N VAL QA 203 40.75 25.26 -53.34
CA VAL QA 203 39.44 25.46 -53.93
C VAL QA 203 39.56 25.38 -55.44
N CYS QA 204 38.63 24.68 -56.08
CA CYS QA 204 38.71 24.40 -57.50
C CYS QA 204 37.88 25.41 -58.31
N GLY QA 205 38.25 25.54 -59.58
CA GLY QA 205 37.57 26.42 -60.51
C GLY QA 205 38.25 27.73 -60.77
N ASN QA 206 39.21 28.12 -59.94
CA ASN QA 206 39.91 29.39 -60.12
C ASN QA 206 41.04 29.20 -61.12
N ARG QA 207 41.01 29.97 -62.21
CA ARG QA 207 42.03 29.85 -63.24
C ARG QA 207 43.42 30.16 -62.69
N LYS QA 208 43.50 30.99 -61.65
CA LYS QA 208 44.77 31.41 -61.09
C LYS QA 208 45.34 30.41 -60.08
N LYS QA 209 44.61 29.34 -59.75
CA LYS QA 209 45.10 28.29 -58.87
C LYS QA 209 44.91 26.95 -59.58
N PRO QA 210 45.86 26.55 -60.42
CA PRO QA 210 45.69 25.33 -61.21
C PRO QA 210 45.66 24.07 -60.35
N GLY QA 211 45.08 23.02 -60.91
CA GLY QA 211 45.06 21.74 -60.24
C GLY QA 211 46.43 21.08 -60.24
N ILE QA 212 46.82 20.56 -59.08
CA ILE QA 212 48.10 19.90 -58.89
C ILE QA 212 47.91 18.40 -58.98
N TYR QA 213 48.91 17.70 -59.52
CA TYR QA 213 48.84 16.27 -59.73
C TYR QA 213 50.22 15.66 -59.49
N THR QA 214 50.26 14.57 -58.73
CA THR QA 214 51.52 13.90 -58.43
C THR QA 214 51.91 12.99 -59.59
N ARG QA 215 53.13 13.19 -60.11
CA ARG QA 215 53.60 12.39 -61.23
C ARG QA 215 54.04 11.03 -60.73
N VAL QA 216 53.35 9.97 -61.17
CA VAL QA 216 53.64 8.63 -60.69
C VAL QA 216 55.03 8.19 -61.12
N ALA QA 217 55.52 8.69 -62.26
CA ALA QA 217 56.79 8.21 -62.78
C ALA QA 217 57.95 8.61 -61.88
N SER QA 218 57.82 9.73 -61.16
CA SER QA 218 58.87 10.13 -60.22
C SER QA 218 58.93 9.24 -59.00
N TYR QA 219 57.98 8.33 -58.82
CA TYR QA 219 57.95 7.42 -57.68
C TYR QA 219 57.90 5.96 -58.13
N ALA QA 220 58.47 5.67 -59.31
CA ALA QA 220 58.42 4.32 -59.85
C ALA QA 220 59.18 3.34 -58.96
N ALA QA 221 60.31 3.78 -58.40
CA ALA QA 221 61.10 2.90 -57.54
C ALA QA 221 60.29 2.48 -56.31
N TRP QA 222 59.55 3.43 -55.72
CA TRP QA 222 58.80 3.13 -54.51
C TRP QA 222 57.60 2.24 -54.82
N ILE QA 223 56.85 2.56 -55.87
CA ILE QA 223 55.68 1.76 -56.22
C ILE QA 223 56.09 0.31 -56.48
N ASP QA 224 57.24 0.11 -57.12
CA ASP QA 224 57.72 -1.26 -57.37
C ASP QA 224 58.08 -1.96 -56.07
N SER QA 225 58.74 -1.25 -55.15
CA SER QA 225 59.19 -1.89 -53.92
C SER QA 225 58.03 -2.34 -53.05
N VAL QA 226 56.90 -1.65 -53.14
CA VAL QA 226 55.72 -2.04 -52.37
C VAL QA 226 55.00 -3.21 -53.05
N LEU QA 227 54.80 -3.11 -54.37
CA LEU QA 227 54.06 -4.13 -55.09
C LEU QA 227 54.85 -5.40 -55.32
N ALA QA 228 56.16 -5.39 -55.10
CA ALA QA 228 56.98 -6.59 -55.27
C ALA QA 228 56.58 -7.67 -54.29
N ASP RA 1 46.96 50.37 -66.83
CA ASP RA 1 48.01 50.43 -65.82
C ASP RA 1 47.43 50.68 -64.44
N ILE RA 2 47.98 49.98 -63.45
CA ILE RA 2 47.55 50.09 -62.06
C ILE RA 2 48.62 50.84 -61.30
N GLN RA 3 48.24 51.96 -60.68
CA GLN RA 3 49.18 52.81 -59.95
C GLN RA 3 49.19 52.42 -58.48
N MET RA 4 50.40 52.23 -57.94
CA MET RA 4 50.60 51.97 -56.52
C MET RA 4 51.09 53.25 -55.86
N THR RA 5 50.25 53.86 -55.04
CA THR RA 5 50.54 55.14 -54.39
C THR RA 5 50.99 54.85 -52.96
N GLN RA 6 52.30 54.84 -52.75
CA GLN RA 6 52.89 54.50 -51.46
C GLN RA 6 52.98 55.76 -50.59
N SER RA 7 52.72 55.58 -49.29
CA SER RA 7 52.73 56.67 -48.33
C SER RA 7 53.25 56.18 -47.00
N PRO RA 8 54.08 56.97 -46.30
CA PRO RA 8 54.55 58.29 -46.76
C PRO RA 8 55.85 58.19 -47.55
N SER RA 9 56.36 59.32 -48.04
CA SER RA 9 57.63 59.31 -48.74
C SER RA 9 58.77 58.98 -47.80
N SER RA 10 58.88 59.72 -46.68
CA SER RA 10 59.86 59.44 -45.65
C SER RA 10 59.15 59.33 -44.31
N LEU RA 11 59.83 58.70 -43.35
CA LEU RA 11 59.24 58.42 -42.06
C LEU RA 11 60.36 58.28 -41.04
N SER RA 12 60.31 59.08 -39.98
CA SER RA 12 61.34 59.09 -38.95
C SER RA 12 60.77 58.54 -37.65
N ALA RA 13 61.43 57.51 -37.11
CA ALA RA 13 61.01 56.91 -35.86
C ALA RA 13 62.24 56.40 -35.11
N SER RA 14 62.04 56.04 -33.85
CA SER RA 14 63.10 55.55 -32.99
C SER RA 14 63.11 54.03 -32.97
N VAL RA 15 64.19 53.47 -32.44
CA VAL RA 15 64.31 52.02 -32.31
C VAL RA 15 63.28 51.52 -31.30
N GLY RA 16 62.58 50.45 -31.66
CA GLY RA 16 61.52 49.92 -30.83
C GLY RA 16 60.15 50.49 -31.09
N ASP RA 17 60.03 51.43 -32.02
CA ASP RA 17 58.72 52.02 -32.35
C ASP RA 17 57.99 51.15 -33.36
N ARG RA 18 56.67 51.13 -33.23
CA ARG RA 18 55.81 50.52 -34.24
C ARG RA 18 55.67 51.48 -35.41
N VAL RA 19 55.76 50.95 -36.62
CA VAL RA 19 55.84 51.76 -37.83
C VAL RA 19 54.88 51.19 -38.89
N THR RA 20 54.25 52.09 -39.63
CA THR RA 20 53.23 51.72 -40.61
C THR RA 20 53.56 52.34 -41.95
N ILE RA 21 53.64 51.51 -42.98
CA ILE RA 21 53.87 51.94 -44.36
C ILE RA 21 52.66 51.53 -45.20
N THR RA 22 52.16 52.45 -46.01
CA THR RA 22 50.88 52.31 -46.68
C THR RA 22 51.06 52.36 -48.20
N CYS RA 23 50.19 51.64 -48.90
CA CYS RA 23 50.26 51.52 -50.36
C CYS RA 23 48.85 51.36 -50.90
N LYS RA 24 48.42 52.26 -51.78
CA LYS RA 24 47.06 52.24 -52.33
C LYS RA 24 47.11 51.98 -53.83
N ALA RA 25 46.27 51.06 -54.29
CA ALA RA 25 46.17 50.70 -55.69
C ALA RA 25 44.97 51.38 -56.33
N SER RA 26 45.13 51.71 -57.63
CA SER RA 26 44.07 52.42 -58.34
C SER RA 26 42.86 51.54 -58.64
N GLN RA 27 43.03 50.22 -58.63
CA GLN RA 27 41.91 49.31 -58.74
C GLN RA 27 42.24 48.02 -58.01
N ASN RA 28 41.26 47.12 -57.92
CA ASN RA 28 41.44 45.90 -57.17
C ASN RA 28 42.61 45.09 -57.71
N VAL RA 29 43.38 44.49 -56.80
CA VAL RA 29 44.51 43.64 -57.16
C VAL RA 29 44.49 42.41 -56.28
N ASP RA 30 43.34 42.13 -55.68
CA ASP RA 30 43.14 40.97 -54.79
C ASP RA 30 44.21 41.00 -53.70
N THR RA 31 45.08 40.00 -53.59
CA THR RA 31 46.17 40.00 -52.63
C THR RA 31 47.52 39.88 -53.33
N ASP RA 32 47.60 40.25 -54.60
CA ASP RA 32 48.83 40.13 -55.38
C ASP RA 32 49.74 41.34 -55.15
N VAL RA 33 50.15 41.50 -53.90
CA VAL RA 33 51.00 42.61 -53.48
C VAL RA 33 52.23 42.04 -52.80
N ALA RA 34 53.40 42.60 -53.13
CA ALA RA 34 54.65 42.21 -52.51
C ALA RA 34 55.36 43.44 -51.96
N TRP RA 35 56.11 43.23 -50.88
CA TRP RA 35 56.91 44.28 -50.27
C TRP RA 35 58.39 43.91 -50.37
N PHE RA 36 59.22 44.92 -50.64
CA PHE RA 36 60.66 44.74 -50.73
C PHE RA 36 61.38 45.73 -49.83
N GLN RA 37 62.49 45.29 -49.26
CA GLN RA 37 63.40 46.15 -48.53
C GLN RA 37 64.65 46.39 -49.36
N GLN RA 38 65.17 47.61 -49.30
CA GLN RA 38 66.42 47.94 -49.98
C GLN RA 38 67.24 48.88 -49.11
N LYS RA 39 68.50 48.54 -48.92
CA LYS RA 39 69.51 49.30 -48.22
C LYS RA 39 70.48 49.93 -49.23
N PRO RA 40 71.13 51.05 -48.88
CA PRO RA 40 71.92 51.80 -49.86
C PRO RA 40 72.99 50.93 -50.51
N GLY RA 41 73.08 51.03 -51.84
CA GLY RA 41 74.10 50.36 -52.61
C GLY RA 41 73.94 48.86 -52.76
N LYS RA 42 72.86 48.27 -52.23
CA LYS RA 42 72.65 46.84 -52.30
C LYS RA 42 71.34 46.53 -53.03
N ALA RA 43 71.18 45.25 -53.37
CA ALA RA 43 70.03 44.79 -54.14
C ALA RA 43 68.77 44.73 -53.29
N PRO RA 44 67.60 44.90 -53.91
CA PRO RA 44 66.35 44.76 -53.16
C PRO RA 44 66.20 43.33 -52.64
N LYS RA 45 65.63 43.22 -51.45
CA LYS RA 45 65.39 41.94 -50.81
C LYS RA 45 63.88 41.71 -50.71
N GLY RA 46 63.47 40.46 -50.93
CA GLY RA 46 62.07 40.12 -50.80
C GLY RA 46 61.67 40.01 -49.34
N LEU RA 47 60.57 40.68 -48.98
CA LEU RA 47 60.03 40.63 -47.63
C LEU RA 47 58.74 39.82 -47.56
N ILE RA 48 57.71 40.24 -48.29
CA ILE RA 48 56.39 39.65 -48.19
C ILE RA 48 55.80 39.50 -49.59
N ARG RA 49 55.05 38.43 -49.79
CA ARG RA 49 54.29 38.18 -51.01
C ARG RA 49 52.87 37.79 -50.60
N SER RA 50 51.96 37.77 -51.59
CA SER RA 50 50.55 37.45 -51.34
C SER RA 50 49.98 38.34 -50.24
N ALA RA 51 50.43 39.59 -50.19
CA ALA RA 51 50.03 40.61 -49.22
C ALA RA 51 50.55 40.31 -47.80
N SER RA 52 50.51 39.06 -47.36
CA SER RA 52 50.81 38.73 -45.97
C SER RA 52 51.88 37.67 -45.76
N SER RA 53 52.16 36.81 -46.73
CA SER RA 53 53.09 35.69 -46.54
C SER RA 53 54.52 36.19 -46.50
N ARG RA 54 55.16 36.12 -45.33
CA ARG RA 54 56.57 36.45 -45.21
C ARG RA 54 57.44 35.42 -45.93
N TYR RA 55 58.61 35.85 -46.36
CA TYR RA 55 59.60 34.94 -46.90
C TYR RA 55 60.40 34.30 -45.77
N SER RA 56 61.07 33.19 -46.10
CA SER RA 56 61.94 32.54 -45.13
C SER RA 56 63.02 33.49 -44.66
N GLY RA 57 63.30 33.46 -43.36
CA GLY RA 57 64.31 34.30 -42.77
C GLY RA 57 63.87 35.74 -42.50
N VAL RA 58 62.67 36.11 -42.89
CA VAL RA 58 62.17 37.45 -42.58
C VAL RA 58 61.63 37.45 -41.16
N PRO RA 59 62.10 38.36 -40.30
CA PRO RA 59 61.68 38.32 -38.89
C PRO RA 59 60.19 38.53 -38.73
N SER RA 60 59.67 38.03 -37.60
CA SER RA 60 58.23 38.07 -37.34
C SER RA 60 57.71 39.49 -37.14
N ARG RA 61 58.59 40.46 -36.91
CA ARG RA 61 58.12 41.82 -36.69
C ARG RA 61 57.57 42.45 -37.96
N PHE RA 62 58.03 41.99 -39.13
CA PHE RA 62 57.46 42.42 -40.39
C PHE RA 62 56.17 41.67 -40.67
N SER RA 63 55.10 42.41 -40.97
CA SER RA 63 53.82 41.80 -41.28
C SER RA 63 53.15 42.60 -42.38
N GLY RA 64 52.29 41.93 -43.14
CA GLY RA 64 51.59 42.57 -44.24
C GLY RA 64 50.11 42.31 -44.18
N SER RA 65 49.33 43.36 -44.43
CA SER RA 65 47.88 43.28 -44.39
C SER RA 65 47.30 43.95 -45.63
N GLY RA 66 46.07 43.56 -45.95
CA GLY RA 66 45.36 44.20 -47.03
C GLY RA 66 44.86 43.27 -48.11
N SER RA 67 43.72 43.61 -48.71
CA SER RA 67 43.18 42.85 -49.84
C SER RA 67 42.26 43.77 -50.61
N GLY RA 68 42.52 43.93 -51.90
CA GLY RA 68 41.75 44.85 -52.71
C GLY RA 68 42.55 46.04 -53.18
N THR RA 69 42.46 47.17 -52.46
CA THR RA 69 43.09 48.40 -52.90
C THR RA 69 44.05 49.02 -51.89
N ASP RA 70 43.90 48.73 -50.59
CA ASP RA 70 44.70 49.38 -49.56
C ASP RA 70 45.50 48.33 -48.79
N PHE RA 71 46.82 48.45 -48.82
CA PHE RA 71 47.73 47.48 -48.23
C PHE RA 71 48.67 48.17 -47.27
N THR RA 72 49.16 47.40 -46.30
CA THR RA 72 49.95 47.96 -45.20
C THR RA 72 51.09 47.03 -44.85
N LEU RA 73 52.30 47.58 -44.79
CA LEU RA 73 53.45 46.90 -44.21
C LEU RA 73 53.69 47.46 -42.81
N THR RA 74 53.78 46.57 -41.83
CA THR RA 74 53.92 46.96 -40.44
C THR RA 74 55.20 46.38 -39.87
N ILE RA 75 55.98 47.21 -39.20
CA ILE RA 75 57.11 46.77 -38.39
C ILE RA 75 56.74 47.03 -36.94
N SER RA 76 56.50 45.96 -36.18
CA SER RA 76 55.98 46.10 -34.82
C SER RA 76 57.01 46.74 -33.89
N SER RA 77 58.26 46.29 -33.97
CA SER RA 77 59.35 46.83 -33.16
C SER RA 77 60.52 47.13 -34.08
N LEU RA 78 60.77 48.42 -34.32
CA LEU RA 78 61.80 48.83 -35.25
C LEU RA 78 63.18 48.49 -34.71
N GLN RA 79 64.01 47.86 -35.53
CA GLN RA 79 65.36 47.44 -35.19
C GLN RA 79 66.38 48.26 -35.97
N PRO RA 80 67.63 48.33 -35.50
CA PRO RA 80 68.64 49.10 -36.24
C PRO RA 80 68.79 48.70 -37.69
N GLU RA 81 68.86 47.40 -37.97
CA GLU RA 81 69.00 46.96 -39.36
C GLU RA 81 67.72 47.13 -40.17
N ASP RA 82 66.66 47.74 -39.63
CA ASP RA 82 65.43 47.92 -40.38
C ASP RA 82 65.33 49.28 -41.06
N PHE RA 83 66.16 50.24 -40.67
CA PHE RA 83 66.13 51.56 -41.29
C PHE RA 83 66.61 51.44 -42.72
N ALA RA 84 65.69 51.62 -43.67
CA ALA RA 84 65.99 51.47 -45.09
C ALA RA 84 64.85 52.03 -45.92
N THR RA 85 64.80 51.65 -47.19
CA THR RA 85 63.74 52.05 -48.11
C THR RA 85 62.90 50.82 -48.45
N TYR RA 86 61.57 50.99 -48.41
CA TYR RA 86 60.64 49.90 -48.63
C TYR RA 86 59.74 50.21 -49.82
N TYR RA 87 59.53 49.19 -50.66
CA TYR RA 87 58.75 49.33 -51.88
C TYR RA 87 57.62 48.30 -51.90
N CYS RA 88 56.44 48.74 -52.30
CA CYS RA 88 55.34 47.82 -52.59
C CYS RA 88 55.27 47.57 -54.10
N GLN RA 89 54.84 46.37 -54.46
CA GLN RA 89 54.73 45.96 -55.85
C GLN RA 89 53.39 45.31 -56.10
N GLN RA 90 52.82 45.57 -57.28
CA GLN RA 90 51.58 44.96 -57.72
C GLN RA 90 51.91 43.99 -58.85
N TYR RA 91 51.53 42.72 -58.69
CA TYR RA 91 51.74 41.72 -59.73
C TYR RA 91 50.43 41.07 -60.15
N ASN RA 92 49.32 41.79 -59.99
CA ASN RA 92 47.99 41.28 -60.35
C ASN RA 92 47.63 41.52 -61.80
N ASN RA 93 48.19 42.57 -62.41
CA ASN RA 93 47.81 42.96 -63.76
C ASN RA 93 49.01 43.57 -64.47
N TYR RA 94 49.18 43.24 -65.73
CA TYR RA 94 50.30 43.77 -66.51
C TYR RA 94 50.02 45.22 -66.91
N PRO RA 95 51.02 46.10 -66.85
CA PRO RA 95 52.38 45.79 -66.40
C PRO RA 95 52.53 45.82 -64.89
N LEU RA 96 53.47 45.03 -64.38
CA LEU RA 96 53.77 45.07 -62.95
C LEU RA 96 54.29 46.45 -62.58
N THR RA 97 53.81 46.98 -61.47
CA THR RA 97 54.10 48.35 -61.08
C THR RA 97 54.51 48.41 -59.61
N PHE RA 98 55.49 49.27 -59.31
CA PHE RA 98 55.96 49.48 -57.95
C PHE RA 98 55.41 50.79 -57.41
N GLY RA 99 55.70 51.04 -56.14
CA GLY RA 99 55.47 52.33 -55.53
C GLY RA 99 56.74 53.16 -55.51
N GLN RA 100 56.56 54.45 -55.28
CA GLN RA 100 57.71 55.36 -55.30
C GLN RA 100 58.66 55.15 -54.14
N GLY RA 101 58.27 54.36 -53.13
CA GLY RA 101 59.16 54.01 -52.05
C GLY RA 101 58.85 54.78 -50.77
N THR RA 102 59.36 54.23 -49.66
CA THR RA 102 59.25 54.88 -48.35
C THR RA 102 60.56 54.68 -47.61
N LYS RA 103 61.18 55.78 -47.19
CA LYS RA 103 62.48 55.75 -46.55
C LYS RA 103 62.31 55.93 -45.04
N VAL RA 104 62.72 54.93 -44.27
CA VAL RA 104 62.59 54.93 -42.82
C VAL RA 104 63.91 55.39 -42.20
N GLU RA 105 63.89 56.54 -41.54
CA GLU RA 105 65.08 57.16 -40.98
C GLU RA 105 65.01 57.19 -39.46
N ILE RA 106 66.17 57.44 -38.85
CA ILE RA 106 66.28 57.49 -37.39
C ILE RA 106 65.93 58.90 -36.91
N LYS RA 107 65.17 58.97 -35.82
CA LYS RA 107 64.83 60.24 -35.21
C LYS RA 107 65.87 60.61 -34.15
N ARG RA 108 66.10 61.92 -34.01
CA ARG RA 108 66.98 62.43 -32.98
C ARG RA 108 66.62 63.89 -32.73
N THR RA 109 67.24 64.47 -31.70
CA THR RA 109 67.00 65.87 -31.38
C THR RA 109 67.56 66.76 -32.49
N VAL RA 110 66.93 67.93 -32.64
CA VAL RA 110 67.33 68.87 -33.69
C VAL RA 110 68.73 69.37 -33.42
N ALA RA 111 69.57 69.37 -34.46
CA ALA RA 111 70.96 69.78 -34.35
C ALA RA 111 71.30 70.74 -35.50
N ALA RA 112 71.87 71.89 -35.16
CA ALA RA 112 72.22 72.90 -36.13
C ALA RA 112 73.52 72.53 -36.85
N PRO RA 113 73.63 72.87 -38.14
CA PRO RA 113 74.84 72.51 -38.89
C PRO RA 113 75.98 73.46 -38.62
N SER RA 114 77.20 72.92 -38.69
CA SER RA 114 78.41 73.71 -38.66
C SER RA 114 78.74 74.12 -40.10
N VAL RA 115 78.57 75.40 -40.41
CA VAL RA 115 78.73 75.89 -41.77
C VAL RA 115 80.18 76.28 -42.00
N PHE RA 116 80.70 75.92 -43.17
CA PHE RA 116 82.02 76.33 -43.61
C PHE RA 116 81.97 76.65 -45.09
N ILE RA 117 82.95 77.44 -45.54
CA ILE RA 117 83.04 77.86 -46.93
C ILE RA 117 84.50 77.78 -47.37
N PHE RA 118 84.71 77.40 -48.63
CA PHE RA 118 86.05 77.19 -49.16
C PHE RA 118 86.19 77.92 -50.49
N PRO RA 119 87.24 78.73 -50.66
CA PRO RA 119 87.47 79.40 -51.94
C PRO RA 119 88.09 78.43 -52.94
N PRO RA 120 87.97 78.71 -54.24
CA PRO RA 120 88.63 77.87 -55.24
C PRO RA 120 90.14 78.02 -55.16
N SER RA 121 90.84 76.88 -55.15
CA SER RA 121 92.30 76.89 -55.03
C SER RA 121 92.93 77.54 -56.26
N ASP RA 122 94.15 78.04 -56.07
CA ASP RA 122 94.86 78.67 -57.17
C ASP RA 122 95.24 77.68 -58.26
N GLU RA 123 95.46 76.42 -57.87
CA GLU RA 123 95.81 75.40 -58.87
C GLU RA 123 94.65 75.17 -59.84
N GLN RA 124 93.41 75.25 -59.34
CA GLN RA 124 92.25 75.13 -60.21
C GLN RA 124 92.06 76.37 -61.07
N LEU RA 125 92.38 77.55 -60.52
CA LEU RA 125 92.22 78.80 -61.26
C LEU RA 125 93.16 78.90 -62.46
N LYS RA 126 94.20 78.06 -62.52
CA LYS RA 126 95.07 78.07 -63.69
C LYS RA 126 94.36 77.53 -64.93
N SER RA 127 93.23 76.83 -64.75
CA SER RA 127 92.33 76.51 -65.83
C SER RA 127 91.14 77.48 -65.81
N GLY RA 128 90.22 77.31 -66.74
CA GLY RA 128 89.13 78.25 -66.90
C GLY RA 128 87.96 78.09 -65.96
N THR RA 129 88.07 77.29 -64.91
CA THR RA 129 86.95 77.01 -64.02
C THR RA 129 87.35 77.29 -62.58
N ALA RA 130 86.37 77.67 -61.78
CA ALA RA 130 86.54 77.92 -60.35
C ALA RA 130 85.29 77.46 -59.62
N SER RA 131 85.47 76.61 -58.60
CA SER RA 131 84.36 76.04 -57.85
C SER RA 131 84.43 76.49 -56.40
N VAL RA 132 83.29 76.93 -55.86
CA VAL RA 132 83.18 77.36 -54.48
C VAL RA 132 82.30 76.37 -53.74
N VAL RA 133 82.72 75.97 -52.54
CA VAL RA 133 82.07 74.91 -51.78
C VAL RA 133 81.56 75.47 -50.47
N CYS RA 134 80.31 75.14 -50.12
CA CYS RA 134 79.69 75.50 -48.86
C CYS RA 134 79.31 74.21 -48.14
N LEU RA 135 79.92 73.95 -46.99
CA LEU RA 135 79.75 72.70 -46.28
C LEU RA 135 78.82 72.89 -45.09
N LEU RA 136 77.84 72.00 -44.97
CA LEU RA 136 76.96 71.90 -43.81
C LEU RA 136 77.24 70.57 -43.15
N ASN RA 137 77.78 70.62 -41.93
CA ASN RA 137 78.31 69.43 -41.27
C ASN RA 137 77.46 69.03 -40.08
N ASN RA 138 77.01 67.78 -40.07
CA ASN RA 138 76.35 67.16 -38.92
C ASN RA 138 75.13 67.94 -38.44
N PHE RA 139 73.98 67.70 -39.07
CA PHE RA 139 72.74 68.39 -38.71
C PHE RA 139 71.58 67.42 -38.87
N TYR RA 140 70.42 67.84 -38.34
CA TYR RA 140 69.20 67.04 -38.40
C TYR RA 140 68.01 67.96 -38.13
N PRO RA 141 66.91 67.83 -38.87
CA PRO RA 141 66.70 66.89 -39.98
C PRO RA 141 67.39 67.31 -41.28
N ARG RA 142 67.09 66.62 -42.39
CA ARG RA 142 67.77 66.92 -43.64
C ARG RA 142 67.25 68.21 -44.28
N GLU RA 143 65.98 68.55 -44.04
CA GLU RA 143 65.35 69.72 -44.65
C GLU RA 143 66.17 70.99 -44.41
N ALA RA 144 66.89 71.44 -45.44
CA ALA RA 144 67.74 72.62 -45.35
C ALA RA 144 67.68 73.38 -46.66
N LYS RA 145 68.13 74.64 -46.61
CA LYS RA 145 68.07 75.54 -47.76
C LYS RA 145 69.37 76.33 -47.82
N VAL RA 146 70.05 76.27 -48.96
CA VAL RA 146 71.33 76.95 -49.17
C VAL RA 146 71.18 77.91 -50.34
N GLN RA 147 71.45 79.19 -50.11
CA GLN RA 147 71.40 80.22 -51.13
C GLN RA 147 72.78 80.85 -51.28
N TRP RA 148 73.22 81.01 -52.53
CA TRP RA 148 74.48 81.67 -52.83
C TRP RA 148 74.24 83.13 -53.18
N LYS RA 149 75.09 84.01 -52.66
CA LYS RA 149 75.01 85.44 -52.91
C LYS RA 149 76.38 85.97 -53.27
N VAL RA 150 76.51 86.49 -54.49
CA VAL RA 150 77.77 87.03 -55.01
C VAL RA 150 77.62 88.53 -55.08
N ASP RA 151 78.30 89.24 -54.18
CA ASP RA 151 78.15 90.69 -54.02
C ASP RA 151 76.68 91.06 -53.78
N ASN RA 152 76.05 90.30 -52.89
CA ASN RA 152 74.64 90.48 -52.52
C ASN RA 152 73.71 90.32 -53.73
N ALA RA 153 74.11 89.49 -54.69
CA ALA RA 153 73.28 89.17 -55.85
C ALA RA 153 72.91 87.69 -55.79
N LEU RA 154 71.61 87.42 -55.75
CA LEU RA 154 71.13 86.05 -55.57
C LEU RA 154 71.36 85.23 -56.84
N GLN RA 155 72.05 84.10 -56.69
CA GLN RA 155 72.32 83.20 -57.80
C GLN RA 155 71.26 82.12 -57.90
N SER RA 156 71.21 81.46 -59.06
CA SER RA 156 70.28 80.37 -59.28
C SER RA 156 70.69 79.62 -60.54
N GLY RA 157 70.53 78.29 -60.50
CA GLY RA 157 70.77 77.45 -61.66
C GLY RA 157 72.21 77.12 -61.95
N ASN RA 158 73.15 77.54 -61.09
CA ASN RA 158 74.57 77.30 -61.32
C ASN RA 158 75.23 76.63 -60.11
N SER RA 159 74.45 75.88 -59.32
CA SER RA 159 74.98 75.21 -58.15
C SER RA 159 74.31 73.84 -58.00
N GLN RA 160 75.08 72.88 -57.51
CA GLN RA 160 74.61 71.53 -57.27
C GLN RA 160 74.99 71.11 -55.86
N GLU RA 161 74.11 70.38 -55.20
CA GLU RA 161 74.34 69.92 -53.83
C GLU RA 161 74.34 68.40 -53.77
N SER RA 162 74.89 67.88 -52.67
CA SER RA 162 75.05 66.45 -52.47
C SER RA 162 75.03 66.16 -50.99
N VAL RA 163 74.20 65.21 -50.57
CA VAL RA 163 73.99 64.90 -49.17
C VAL RA 163 74.50 63.50 -48.89
N THR RA 164 75.05 63.32 -47.68
CA THR RA 164 75.50 62.00 -47.23
C THR RA 164 74.36 61.27 -46.53
N GLU RA 165 74.46 59.94 -46.54
CA GLU RA 165 73.50 59.12 -45.81
C GLU RA 165 73.61 59.40 -44.31
N GLN RA 166 72.52 59.09 -43.60
CA GLN RA 166 72.47 59.34 -42.16
C GLN RA 166 73.62 58.61 -41.48
N ASP RA 167 74.38 59.35 -40.67
CA ASP RA 167 75.59 58.80 -40.08
C ASP RA 167 75.28 57.64 -39.14
N SER RA 168 76.15 56.64 -39.14
CA SER RA 168 75.88 55.43 -38.37
C SER RA 168 76.07 55.65 -36.87
N LYS RA 169 76.74 56.73 -36.47
CA LYS RA 169 77.03 56.97 -35.05
C LYS RA 169 76.12 58.04 -34.45
N ASP RA 170 76.15 59.26 -35.00
CA ASP RA 170 75.34 60.35 -34.46
C ASP RA 170 74.07 60.62 -35.26
N SER RA 171 73.81 59.83 -36.31
CA SER RA 171 72.56 59.91 -37.07
C SER RA 171 72.32 61.32 -37.62
N THR RA 172 73.37 61.93 -38.16
CA THR RA 172 73.29 63.27 -38.72
C THR RA 172 73.63 63.25 -40.20
N TYR RA 173 73.25 64.32 -40.89
CA TYR RA 173 73.50 64.48 -42.31
C TYR RA 173 74.61 65.51 -42.54
N SER RA 174 75.10 65.53 -43.77
CA SER RA 174 76.07 66.53 -44.21
C SER RA 174 75.79 66.86 -45.68
N LEU RA 175 75.78 68.14 -46.00
CA LEU RA 175 75.47 68.62 -47.34
C LEU RA 175 76.63 69.47 -47.86
N SER RA 176 76.89 69.37 -49.17
CA SER RA 176 77.95 70.13 -49.82
C SER RA 176 77.40 70.73 -51.11
N SER RA 177 77.06 72.02 -51.08
CA SER RA 177 76.60 72.73 -52.26
C SER RA 177 77.80 73.36 -52.97
N THR RA 178 77.92 73.10 -54.27
CA THR RA 178 79.07 73.51 -55.05
C THR RA 178 78.64 74.52 -56.11
N LEU RA 179 79.20 75.73 -56.05
CA LEU RA 179 78.92 76.78 -57.02
C LEU RA 179 80.04 76.81 -58.05
N THR RA 180 79.67 76.67 -59.32
CA THR RA 180 80.62 76.60 -60.42
C THR RA 180 80.50 77.83 -61.30
N LEU RA 181 81.61 78.54 -61.50
CA LEU RA 181 81.67 79.70 -62.37
C LEU RA 181 82.97 79.65 -63.17
N SER RA 182 82.95 80.35 -64.30
CA SER RA 182 84.16 80.48 -65.12
C SER RA 182 85.13 81.45 -64.44
N LYS RA 183 86.41 81.33 -64.82
CA LYS RA 183 87.44 82.18 -64.23
C LYS RA 183 87.19 83.65 -64.53
N ALA RA 184 86.55 83.95 -65.67
CA ALA RA 184 86.24 85.33 -66.01
C ALA RA 184 85.15 85.89 -65.10
N ASP RA 185 84.05 85.15 -64.94
CA ASP RA 185 82.98 85.58 -64.05
C ASP RA 185 83.39 85.58 -62.58
N TYR RA 186 84.41 84.78 -62.22
CA TYR RA 186 84.82 84.71 -60.83
C TYR RA 186 85.55 85.98 -60.39
N GLU RA 187 86.45 86.49 -61.22
CA GLU RA 187 87.25 87.64 -60.86
C GLU RA 187 86.54 88.97 -61.10
N LYS RA 188 85.28 88.94 -61.53
CA LYS RA 188 84.51 90.18 -61.66
C LYS RA 188 83.95 90.67 -60.33
N HIS RA 189 83.87 89.79 -59.33
CA HIS RA 189 83.23 90.10 -58.06
C HIS RA 189 84.21 89.84 -56.92
N LYS RA 190 83.82 90.28 -55.72
CA LYS RA 190 84.70 90.22 -54.56
C LYS RA 190 84.11 89.40 -53.41
N VAL RA 191 82.86 89.63 -53.05
CA VAL RA 191 82.25 89.03 -51.87
C VAL RA 191 81.46 87.80 -52.30
N TYR RA 192 81.85 86.64 -51.78
CA TYR RA 192 81.13 85.38 -52.00
C TYR RA 192 80.64 84.86 -50.67
N ALA RA 193 79.40 84.37 -50.64
CA ALA RA 193 78.79 83.90 -49.41
C ALA RA 193 77.70 82.88 -49.71
N CYS RA 194 77.43 82.01 -48.74
CA CYS RA 194 76.31 81.09 -48.78
C CYS RA 194 75.46 81.29 -47.53
N GLU RA 195 74.17 81.50 -47.73
CA GLU RA 195 73.22 81.70 -46.64
C GLU RA 195 72.52 80.38 -46.34
N VAL RA 196 72.60 79.92 -45.09
CA VAL RA 196 72.09 78.63 -44.69
C VAL RA 196 70.85 78.84 -43.82
N THR RA 197 69.74 78.24 -44.22
CA THR RA 197 68.50 78.27 -43.47
C THR RA 197 68.15 76.87 -43.00
N HIS RA 198 67.95 76.71 -41.69
CA HIS RA 198 67.68 75.41 -41.11
C HIS RA 198 66.78 75.58 -39.90
N GLN RA 199 66.04 74.52 -39.58
CA GLN RA 199 65.16 74.56 -38.41
C GLN RA 199 65.94 74.74 -37.12
N GLY RA 200 67.14 74.17 -37.04
CA GLY RA 200 67.97 74.28 -35.86
C GLY RA 200 68.66 75.60 -35.66
N LEU RA 201 68.40 76.59 -36.51
CA LEU RA 201 68.98 77.92 -36.41
C LEU RA 201 67.87 78.94 -36.27
N SER RA 202 68.00 79.83 -35.28
CA SER RA 202 66.95 80.82 -35.04
C SER RA 202 66.84 81.81 -36.20
N SER RA 203 67.97 82.20 -36.78
CA SER RA 203 68.02 83.08 -37.93
C SER RA 203 69.09 82.58 -38.89
N PRO RA 204 68.92 82.82 -40.19
CA PRO RA 204 69.87 82.27 -41.18
C PRO RA 204 71.30 82.72 -40.90
N VAL RA 205 72.21 81.74 -40.83
CA VAL RA 205 73.63 81.97 -40.60
C VAL RA 205 74.34 82.05 -41.94
N THR RA 206 75.28 82.98 -42.06
CA THR RA 206 76.03 83.20 -43.29
C THR RA 206 77.52 83.14 -43.01
N LYS RA 207 78.26 82.48 -43.91
CA LYS RA 207 79.71 82.45 -43.90
C LYS RA 207 80.22 82.96 -45.25
N SER RA 208 81.18 83.87 -45.21
CA SER RA 208 81.64 84.55 -46.42
C SER RA 208 83.15 84.68 -46.41
N PHE RA 209 83.68 85.10 -47.56
CA PHE RA 209 85.10 85.38 -47.72
C PHE RA 209 85.27 86.42 -48.82
N ASN RA 210 86.34 87.21 -48.70
CA ASN RA 210 86.68 88.21 -49.71
C ASN RA 210 87.75 87.64 -50.64
N ARG RA 211 87.56 87.83 -51.95
CA ARG RA 211 88.45 87.27 -52.95
C ARG RA 211 89.85 87.87 -52.84
N GLY RA 212 90.78 87.14 -52.22
CA GLY RA 212 92.14 87.61 -52.07
C GLY RA 212 92.74 87.29 -50.73
N GLU RA 213 91.94 87.37 -49.68
CA GLU RA 213 92.40 87.09 -48.32
C GLU RA 213 92.79 85.62 -48.16
N GLU SA 1 73.08 25.37 -52.97
CA GLU SA 1 72.71 26.75 -52.74
C GLU SA 1 72.33 27.44 -54.04
N VAL SA 2 71.21 28.16 -54.02
CA VAL SA 2 70.69 28.84 -55.19
C VAL SA 2 71.24 30.25 -55.25
N GLN SA 3 71.58 30.70 -56.46
CA GLN SA 3 72.05 32.06 -56.65
C GLN SA 3 71.87 32.44 -58.12
N LEU SA 4 71.66 33.74 -58.35
CA LEU SA 4 71.58 34.31 -59.69
C LEU SA 4 72.73 35.29 -59.85
N VAL SA 5 73.69 34.96 -60.71
CA VAL SA 5 74.84 35.82 -60.97
C VAL SA 5 74.64 36.51 -62.31
N GLN SA 6 74.88 37.82 -62.34
CA GLN SA 6 74.71 38.62 -63.54
C GLN SA 6 76.07 39.01 -64.09
N SER SA 7 76.06 39.50 -65.33
CA SER SA 7 77.29 39.95 -65.97
C SER SA 7 77.80 41.22 -65.30
N GLY SA 8 79.07 41.52 -65.55
CA GLY SA 8 79.71 42.68 -64.95
C GLY SA 8 79.16 43.99 -65.48
N ALA SA 9 79.70 45.07 -64.93
CA ALA SA 9 79.28 46.41 -65.31
C ALA SA 9 79.62 46.69 -66.77
N GLU SA 10 78.89 47.64 -67.36
CA GLU SA 10 79.04 47.96 -68.77
C GLU SA 10 79.01 49.47 -68.95
N VAL SA 11 79.84 49.97 -69.86
CA VAL SA 11 79.86 51.37 -70.26
C VAL SA 11 79.60 51.43 -71.75
N LYS SA 12 78.57 52.17 -72.16
CA LYS SA 12 78.15 52.19 -73.55
C LYS SA 12 77.90 53.62 -74.00
N LYS SA 13 77.98 53.83 -75.32
CA LYS SA 13 77.79 55.09 -76.03
C LYS SA 13 76.31 55.32 -76.34
N PRO SA 14 75.84 56.57 -76.29
CA PRO SA 14 74.41 56.84 -76.47
C PRO SA 14 73.89 56.46 -77.86
N GLY SA 15 73.66 55.18 -78.07
CA GLY SA 15 73.13 54.71 -79.34
C GLY SA 15 73.41 53.24 -79.60
N ALA SA 16 74.30 52.65 -78.82
CA ALA SA 16 74.67 51.25 -78.99
C ALA SA 16 73.64 50.36 -78.29
N SER SA 17 73.99 49.09 -78.09
CA SER SA 17 73.12 48.14 -77.42
C SER SA 17 73.93 47.34 -76.40
N VAL SA 18 73.27 46.93 -75.33
CA VAL SA 18 73.88 46.16 -74.24
C VAL SA 18 73.07 44.89 -74.06
N LYS SA 19 73.75 43.79 -73.72
CA LYS SA 19 73.10 42.49 -73.50
C LYS SA 19 73.60 41.92 -72.17
N VAL SA 20 72.80 42.07 -71.12
CA VAL SA 20 73.12 41.59 -69.79
C VAL SA 20 72.71 40.13 -69.67
N SER SA 21 73.53 39.33 -68.98
CA SER SA 21 73.25 37.93 -68.74
C SER SA 21 72.87 37.71 -67.28
N CYS SA 22 72.26 36.57 -67.01
CA CYS SA 22 71.79 36.23 -65.67
C CYS SA 22 71.71 34.70 -65.61
N LYS SA 23 72.75 34.07 -65.07
CA LYS SA 23 72.87 32.63 -65.05
C LYS SA 23 72.36 32.08 -63.72
N ALA SA 24 71.41 31.15 -63.80
CA ALA SA 24 70.82 30.54 -62.62
C ALA SA 24 71.50 29.23 -62.28
N SER SA 25 71.56 28.93 -60.98
CA SER SA 25 72.13 27.68 -60.50
C SER SA 25 71.48 27.35 -59.16
N GLY SA 26 71.26 26.05 -58.93
CA GLY SA 26 70.68 25.59 -57.69
C GLY SA 26 69.23 25.18 -57.78
N TYR SA 27 68.53 25.53 -58.86
CA TYR SA 27 67.16 25.11 -59.06
C TYR SA 27 66.96 24.78 -60.54
N THR SA 28 65.79 24.20 -60.85
CA THR SA 28 65.45 23.86 -62.23
C THR SA 28 65.07 25.13 -62.98
N PHE SA 29 65.93 25.55 -63.90
CA PHE SA 29 65.77 26.84 -64.56
C PHE SA 29 64.45 26.95 -65.30
N THR SA 30 63.92 25.85 -65.82
CA THR SA 30 62.72 25.85 -66.62
C THR SA 30 61.43 25.75 -65.80
N SER SA 31 61.52 25.85 -64.48
CA SER SA 31 60.35 25.72 -63.63
C SER SA 31 59.82 27.05 -63.12
N TYR SA 32 60.47 28.17 -63.46
CA TYR SA 32 60.09 29.48 -62.95
C TYR SA 32 60.23 30.52 -64.05
N TYR SA 33 59.39 31.55 -63.96
CA TYR SA 33 59.58 32.72 -64.81
C TYR SA 33 60.82 33.50 -64.37
N MET SA 34 61.30 34.35 -65.28
CA MET SA 34 62.40 35.27 -65.00
C MET SA 34 61.95 36.67 -65.38
N TYR SA 35 61.98 37.59 -64.42
CA TYR SA 35 61.57 38.96 -64.69
C TYR SA 35 62.69 39.94 -64.32
N TRP SA 36 62.71 41.06 -65.03
CA TRP SA 36 63.79 42.04 -64.95
C TRP SA 36 63.27 43.36 -64.40
N VAL SA 37 64.08 43.99 -63.54
CA VAL SA 37 63.74 45.25 -62.91
C VAL SA 37 64.91 46.21 -63.10
N ARG SA 38 64.58 47.48 -63.37
CA ARG SA 38 65.55 48.53 -63.61
C ARG SA 38 65.45 49.58 -62.51
N GLN SA 39 66.58 50.17 -62.12
CA GLN SA 39 66.59 51.21 -61.10
C GLN SA 39 67.60 52.29 -61.49
N ALA SA 40 67.09 53.46 -61.86
CA ALA SA 40 67.94 54.60 -62.13
C ALA SA 40 68.60 55.08 -60.84
N PRO SA 41 69.72 55.80 -60.94
CA PRO SA 41 70.41 56.26 -59.72
C PRO SA 41 69.52 57.18 -58.90
N GLY SA 42 69.42 56.87 -57.61
CA GLY SA 42 68.61 57.68 -56.70
C GLY SA 42 67.15 57.73 -57.07
N GLN SA 43 66.61 56.62 -57.59
CA GLN SA 43 65.23 56.55 -58.03
C GLN SA 43 64.63 55.22 -57.58
N GLY SA 44 63.34 55.05 -57.84
CA GLY SA 44 62.64 53.85 -57.45
C GLY SA 44 62.88 52.70 -58.41
N LEU SA 45 62.10 51.64 -58.20
CA LEU SA 45 62.19 50.43 -59.02
C LEU SA 45 61.23 50.52 -60.19
N GLU SA 46 61.63 49.94 -61.32
CA GLU SA 46 60.86 49.98 -62.55
C GLU SA 46 60.87 48.59 -63.18
N TRP SA 47 59.69 48.12 -63.56
CA TRP SA 47 59.55 46.77 -64.09
C TRP SA 47 59.76 46.78 -65.60
N ILE SA 48 60.61 45.88 -66.08
CA ILE SA 48 60.92 45.79 -67.51
C ILE SA 48 60.02 44.75 -68.16
N GLY SA 49 60.18 43.49 -67.77
CA GLY SA 49 59.38 42.43 -68.36
C GLY SA 49 59.75 41.09 -67.78
N GLU SA 50 59.14 40.04 -68.32
CA GLU SA 50 59.38 38.68 -67.88
C GLU SA 50 59.38 37.74 -69.08
N ILE SA 51 59.91 36.54 -68.87
CA ILE SA 51 60.01 35.55 -69.94
C ILE SA 51 59.81 34.16 -69.35
N ASN SA 52 59.08 33.32 -70.09
CA ASN SA 52 58.82 31.94 -69.68
C ASN SA 52 59.85 31.03 -70.35
N PRO SA 53 60.76 30.42 -69.60
CA PRO SA 53 61.83 29.63 -70.23
C PRO SA 53 61.34 28.37 -70.92
N THR SA 54 60.10 27.96 -70.68
CA THR SA 54 59.56 26.74 -71.30
C THR SA 54 58.97 27.02 -72.68
N SER SA 55 58.38 28.19 -72.87
CA SER SA 55 57.73 28.53 -74.13
C SER SA 55 58.36 29.71 -74.84
N GLY SA 56 59.25 30.46 -74.18
CA GLY SA 56 59.78 31.68 -74.76
C GLY SA 56 58.83 32.86 -74.71
N GLY SA 57 57.63 32.68 -74.16
CA GLY SA 57 56.69 33.80 -74.09
C GLY SA 57 57.21 34.91 -73.20
N THR SA 58 56.73 36.12 -73.46
CA THR SA 58 57.18 37.29 -72.75
C THR SA 58 56.00 38.23 -72.49
N ASN SA 59 56.16 39.06 -71.47
CA ASN SA 59 55.26 40.18 -71.19
C ASN SA 59 56.11 41.38 -70.81
N PHE SA 60 55.93 42.47 -71.54
CA PHE SA 60 56.78 43.65 -71.38
C PHE SA 60 55.99 44.84 -70.83
N ASN SA 61 56.70 45.72 -70.14
CA ASN SA 61 56.22 47.08 -69.96
C ASN SA 61 56.26 47.76 -71.32
N GLU SA 62 55.14 48.38 -71.72
CA GLU SA 62 55.08 49.02 -73.03
C GLU SA 62 56.12 50.11 -73.18
N LYS SA 63 56.70 50.58 -72.08
CA LYS SA 63 57.77 51.56 -72.14
C LYS SA 63 59.06 50.98 -72.73
N PHE SA 64 59.20 49.66 -72.77
CA PHE SA 64 60.43 49.02 -73.21
C PHE SA 64 60.24 48.02 -74.35
N LYS SA 65 59.01 47.82 -74.83
CA LYS SA 65 58.79 46.72 -75.77
C LYS SA 65 59.51 46.93 -77.10
N SER SA 66 59.71 48.19 -77.50
CA SER SA 66 60.33 48.45 -78.80
C SER SA 66 61.83 48.24 -78.77
N ARG SA 67 62.47 48.39 -77.61
CA ARG SA 67 63.92 48.35 -77.52
C ARG SA 67 64.47 47.17 -76.72
N ALA SA 68 63.68 46.55 -75.87
CA ALA SA 68 64.14 45.46 -75.01
C ALA SA 68 63.83 44.12 -75.63
N THR SA 69 64.76 43.17 -75.46
CA THR SA 69 64.61 41.82 -75.97
C THR SA 69 64.99 40.82 -74.90
N LEU SA 70 64.10 39.87 -74.62
CA LEU SA 70 64.31 38.86 -73.59
C LEU SA 70 64.49 37.50 -74.25
N THR SA 71 65.61 36.85 -73.96
CA THR SA 71 65.92 35.52 -74.49
C THR SA 71 66.36 34.62 -73.35
N VAL SA 72 66.50 33.33 -73.68
CA VAL SA 72 66.76 32.30 -72.68
C VAL SA 72 67.52 31.16 -73.35
N ASP SA 73 68.56 30.67 -72.68
CA ASP SA 73 69.32 29.50 -73.13
C ASP SA 73 69.03 28.36 -72.16
N THR SA 74 68.20 27.42 -72.61
CA THR SA 74 67.80 26.30 -71.75
C THR SA 74 68.99 25.41 -71.37
N SER SA 75 69.94 25.24 -72.27
CA SER SA 75 71.04 24.32 -72.01
C SER SA 75 72.02 24.86 -70.96
N THR SA 76 72.17 26.18 -70.89
CA THR SA 76 73.12 26.80 -69.97
C THR SA 76 72.44 27.51 -68.81
N SER SA 77 71.10 27.41 -68.70
CA SER SA 77 70.34 27.98 -67.59
C SER SA 77 70.62 29.48 -67.45
N THR SA 78 70.46 30.21 -68.56
CA THR SA 78 70.79 31.63 -68.60
C THR SA 78 69.65 32.40 -69.23
N ALA SA 79 69.35 33.57 -68.65
CA ALA SA 79 68.37 34.50 -69.19
C ALA SA 79 69.09 35.80 -69.58
N TYR SA 80 68.77 36.31 -70.76
CA TYR SA 80 69.45 37.49 -71.29
C TYR SA 80 68.46 38.63 -71.48
N LEU SA 81 68.94 39.85 -71.30
CA LEU SA 81 68.19 41.07 -71.58
C LEU SA 81 69.02 41.95 -72.49
N GLU SA 82 68.45 42.33 -73.63
CA GLU SA 82 69.13 43.17 -74.62
C GLU SA 82 68.37 44.47 -74.78
N LEU SA 83 69.04 45.59 -74.44
CA LEU SA 83 68.47 46.92 -74.57
C LEU SA 83 69.22 47.67 -75.66
N SER SA 84 68.51 48.05 -76.72
CA SER SA 84 69.10 48.74 -77.86
C SER SA 84 68.71 50.20 -77.87
N SER SA 85 69.40 50.98 -78.71
CA SER SA 85 69.17 52.42 -78.85
C SER SA 85 69.33 53.14 -77.51
N LEU SA 86 70.48 52.88 -76.87
CA LEU SA 86 70.68 53.36 -75.51
C LEU SA 86 70.72 54.88 -75.44
N ARG SA 87 70.18 55.42 -74.36
CA ARG SA 87 70.19 56.85 -74.08
C ARG SA 87 70.70 57.07 -72.66
N SER SA 88 70.97 58.33 -72.33
CA SER SA 88 71.45 58.65 -71.00
C SER SA 88 70.41 58.39 -69.92
N GLU SA 89 69.12 58.39 -70.28
CA GLU SA 89 68.08 58.06 -69.31
C GLU SA 89 68.09 56.58 -68.95
N ASP SA 90 68.68 55.73 -69.79
CA ASP SA 90 68.76 54.30 -69.52
C ASP SA 90 69.90 53.94 -68.58
N THR SA 91 70.64 54.93 -68.06
CA THR SA 91 71.67 54.67 -67.07
C THR SA 91 71.01 54.21 -65.77
N ALA SA 92 71.21 52.95 -65.41
CA ALA SA 92 70.49 52.37 -64.28
C ALA SA 92 71.10 51.02 -63.94
N VAL SA 93 70.68 50.48 -62.80
CA VAL SA 93 71.06 49.14 -62.37
C VAL SA 93 69.97 48.17 -62.84
N TYR SA 94 70.39 47.07 -63.45
CA TYR SA 94 69.47 46.10 -64.04
C TYR SA 94 69.54 44.78 -63.29
N TYR SA 95 68.41 44.39 -62.69
CA TYR SA 95 68.31 43.19 -61.89
C TYR SA 95 67.49 42.13 -62.62
N CYS SA 96 67.86 40.87 -62.40
CA CYS SA 96 67.03 39.73 -62.76
C CYS SA 96 66.55 39.06 -61.49
N ALA SA 97 65.31 38.59 -61.49
CA ALA SA 97 64.71 37.97 -60.32
C ALA SA 97 63.88 36.78 -60.76
N ARG SA 98 63.71 35.84 -59.83
CA ARG SA 98 62.91 34.64 -60.09
C ARG SA 98 61.48 34.90 -59.67
N GLU SA 99 60.54 34.56 -60.55
CA GLU SA 99 59.11 34.71 -60.27
C GLU SA 99 58.62 33.42 -59.64
N GLY SA 100 58.27 33.48 -58.36
CA GLY SA 100 57.76 32.33 -57.65
C GLY SA 100 58.78 31.73 -56.71
N GLY SA 101 58.29 31.12 -55.63
CA GLY SA 101 59.18 30.58 -54.63
C GLY SA 101 59.87 31.69 -53.85
N PHE SA 102 60.98 31.32 -53.21
CA PHE SA 102 61.77 32.31 -52.49
C PHE SA 102 62.28 33.36 -53.46
N ALA SA 103 62.11 34.63 -53.10
CA ALA SA 103 62.40 35.75 -53.99
C ALA SA 103 63.90 35.93 -54.24
N TYR SA 104 64.49 35.03 -55.01
CA TYR SA 104 65.89 35.19 -55.38
C TYR SA 104 66.06 36.34 -56.36
N TRP SA 105 67.11 37.12 -56.16
CA TRP SA 105 67.44 38.23 -57.04
C TRP SA 105 68.90 38.15 -57.45
N GLY SA 106 69.22 38.74 -58.60
CA GLY SA 106 70.60 38.91 -58.98
C GLY SA 106 71.26 40.00 -58.16
N GLN SA 107 72.57 40.10 -58.29
CA GLN SA 107 73.29 41.17 -57.61
C GLN SA 107 73.14 42.50 -58.32
N GLY SA 108 72.68 42.51 -59.55
CA GLY SA 108 72.53 43.73 -60.33
C GLY SA 108 73.69 43.93 -61.29
N THR SA 109 73.41 44.67 -62.36
CA THR SA 109 74.42 45.00 -63.36
C THR SA 109 74.30 46.48 -63.70
N LEU SA 110 75.34 47.24 -63.42
CA LEU SA 110 75.33 48.68 -63.70
C LEU SA 110 75.63 48.92 -65.18
N VAL SA 111 74.75 49.67 -65.83
CA VAL SA 111 74.92 50.05 -67.24
C VAL SA 111 74.95 51.57 -67.29
N THR SA 112 76.13 52.12 -67.53
CA THR SA 112 76.33 53.57 -67.61
C THR SA 112 76.36 53.98 -69.08
N VAL SA 113 75.42 54.82 -69.48
CA VAL SA 113 75.34 55.32 -70.85
C VAL SA 113 75.72 56.79 -70.83
N SER SA 114 76.87 57.10 -71.42
CA SER SA 114 77.35 58.48 -71.52
C SER SA 114 78.24 58.59 -72.74
N SER SA 115 78.34 59.81 -73.27
CA SER SA 115 79.12 60.04 -74.47
C SER SA 115 80.61 60.16 -74.16
N ALA SA 116 80.97 60.58 -72.94
CA ALA SA 116 82.37 60.80 -72.59
C ALA SA 116 83.14 59.48 -72.54
N SER SA 117 84.45 59.60 -72.40
CA SER SA 117 85.36 58.47 -72.34
C SER SA 117 86.17 58.53 -71.06
N THR SA 118 86.95 57.46 -70.81
CA THR SA 118 87.69 57.29 -69.56
C THR SA 118 88.53 58.52 -69.23
N LYS SA 119 88.08 59.29 -68.26
CA LYS SA 119 88.72 60.54 -67.87
C LYS SA 119 89.27 60.44 -66.45
N GLY SA 120 90.44 61.04 -66.24
CA GLY SA 120 91.06 61.06 -64.93
C GLY SA 120 90.63 62.27 -64.12
N PRO SA 121 90.78 62.19 -62.80
CA PRO SA 121 90.32 63.27 -61.93
C PRO SA 121 91.41 64.27 -61.59
N SER SA 122 90.97 65.51 -61.41
CA SER SA 122 91.82 66.62 -60.97
C SER SA 122 91.51 66.90 -59.50
N VAL SA 123 92.52 66.77 -58.65
CA VAL SA 123 92.34 66.91 -57.20
C VAL SA 123 92.79 68.30 -56.79
N PHE SA 124 91.90 69.04 -56.14
CA PHE SA 124 92.17 70.39 -55.66
C PHE SA 124 91.96 70.47 -54.16
N PRO SA 125 92.80 71.20 -53.44
CA PRO SA 125 92.65 71.29 -51.98
C PRO SA 125 91.60 72.30 -51.57
N LEU SA 126 90.94 71.99 -50.46
CA LEU SA 126 90.00 72.89 -49.81
C LEU SA 126 90.66 73.34 -48.50
N ALA SA 127 91.26 74.53 -48.51
CA ALA SA 127 92.09 74.99 -47.41
C ALA SA 127 91.22 75.51 -46.26
N PRO SA 128 91.60 75.24 -45.01
CA PRO SA 128 90.85 75.77 -43.87
C PRO SA 128 90.99 77.28 -43.76
N SER SA 129 89.91 77.92 -43.31
CA SER SA 129 89.88 79.37 -43.17
C SER SA 129 90.68 79.84 -41.96
N SER SA 130 90.24 79.46 -40.76
CA SER SA 130 90.90 79.83 -39.51
C SER SA 130 91.08 81.34 -39.37
N GLY SA 135 89.43 79.16 -34.49
CA GLY SA 135 88.75 79.25 -33.21
C GLY SA 135 88.77 77.97 -32.41
N GLY SA 136 87.77 77.12 -32.61
CA GLY SA 136 87.67 75.86 -31.89
C GLY SA 136 87.75 74.64 -32.77
N THR SA 137 86.91 74.60 -33.81
CA THR SA 137 86.88 73.48 -34.75
C THR SA 137 86.90 74.02 -36.17
N ALA SA 138 87.81 73.50 -37.00
CA ALA SA 138 87.95 73.92 -38.38
C ALA SA 138 87.75 72.71 -39.30
N ALA SA 139 87.50 73.01 -40.57
CA ALA SA 139 87.20 71.99 -41.56
C ALA SA 139 88.07 72.18 -42.79
N LEU SA 140 88.48 71.06 -43.40
CA LEU SA 140 89.29 71.06 -44.61
C LEU SA 140 88.92 69.83 -45.43
N GLY SA 141 89.31 69.84 -46.70
CA GLY SA 141 88.97 68.72 -47.55
C GLY SA 141 89.64 68.78 -48.90
N CYS SA 142 89.21 67.88 -49.77
CA CYS SA 142 89.74 67.74 -51.12
C CYS SA 142 88.57 67.74 -52.11
N LEU SA 143 88.75 68.45 -53.22
CA LEU SA 143 87.75 68.53 -54.28
C LEU SA 143 88.23 67.71 -55.47
N VAL SA 144 87.59 66.56 -55.69
CA VAL SA 144 87.91 65.68 -56.81
C VAL SA 144 86.90 66.00 -57.93
N LYS SA 145 87.36 66.69 -58.96
CA LYS SA 145 86.48 67.24 -59.99
C LYS SA 145 86.80 66.65 -61.35
N ASP SA 146 85.75 66.48 -62.16
CA ASP SA 146 85.85 66.12 -63.57
C ASP SA 146 86.55 64.79 -63.78
N TYR SA 147 85.80 63.69 -63.64
CA TYR SA 147 86.31 62.36 -63.92
C TYR SA 147 85.18 61.49 -64.48
N PHE SA 148 85.57 60.35 -65.03
CA PHE SA 148 84.64 59.41 -65.64
C PHE SA 148 85.33 58.09 -65.92
N PRO SA 149 84.72 56.94 -65.61
CA PRO SA 149 83.44 56.87 -64.90
C PRO SA 149 83.63 56.68 -63.40
N GLU SA 150 82.53 56.43 -62.69
CA GLU SA 150 82.62 56.06 -61.29
C GLU SA 150 83.36 54.72 -61.16
N PRO SA 151 83.91 54.41 -59.97
CA PRO SA 151 83.90 55.16 -58.71
C PRO SA 151 85.20 55.90 -58.42
N VAL SA 152 85.23 56.61 -57.29
CA VAL SA 152 86.44 57.24 -56.77
C VAL SA 152 86.48 56.98 -55.27
N THR SA 153 87.58 56.41 -54.80
CA THR SA 153 87.77 56.10 -53.39
C THR SA 153 88.75 57.10 -52.79
N VAL SA 154 88.37 57.70 -51.68
CA VAL SA 154 89.16 58.76 -51.04
C VAL SA 154 89.38 58.39 -49.57
N SER SA 155 90.64 58.39 -49.15
CA SER SA 155 91.01 58.19 -47.76
C SER SA 155 91.97 59.30 -47.34
N TRP SA 156 92.15 59.43 -46.03
CA TRP SA 156 92.98 60.48 -45.46
C TRP SA 156 94.12 59.86 -44.66
N ASN SA 157 95.36 60.26 -44.99
CA ASN SA 157 96.55 59.76 -44.33
C ASN SA 157 96.64 58.24 -44.41
N SER SA 158 96.44 57.72 -45.62
CA SER SA 158 96.46 56.28 -45.89
C SER SA 158 95.50 55.51 -44.99
N GLY SA 159 94.35 56.13 -44.66
CA GLY SA 159 93.35 55.48 -43.85
C GLY SA 159 93.56 55.58 -42.35
N ALA SA 160 94.53 56.39 -41.90
CA ALA SA 160 94.74 56.55 -40.46
C ALA SA 160 93.69 57.46 -39.84
N LEU SA 161 93.35 58.54 -40.53
CA LEU SA 161 92.33 59.48 -40.06
C LEU SA 161 90.97 59.05 -40.62
N THR SA 162 90.08 58.64 -39.73
CA THR SA 162 88.76 58.15 -40.13
C THR SA 162 87.62 58.93 -39.52
N SER SA 163 87.69 59.25 -38.22
CA SER SA 163 86.61 59.97 -37.57
C SER SA 163 86.58 61.41 -38.06
N GLY SA 164 85.37 61.92 -38.30
CA GLY SA 164 85.18 63.25 -38.82
C GLY SA 164 85.14 63.36 -40.33
N VAL SA 165 85.52 62.31 -41.04
CA VAL SA 165 85.55 62.33 -42.51
C VAL SA 165 84.14 62.18 -43.05
N HIS SA 166 83.83 62.94 -44.10
CA HIS SA 166 82.53 62.86 -44.78
C HIS SA 166 82.79 62.91 -46.28
N THR SA 167 82.96 61.75 -46.90
CA THR SA 167 83.10 61.66 -48.34
C THR SA 167 81.72 61.68 -48.98
N PHE SA 168 81.44 62.72 -49.76
CA PHE SA 168 80.12 62.94 -50.33
C PHE SA 168 79.89 62.07 -51.55
N PRO SA 169 78.62 61.79 -51.88
CA PRO SA 169 78.33 61.09 -53.14
C PRO SA 169 78.62 61.99 -54.33
N ALA SA 170 78.94 61.35 -55.45
CA ALA SA 170 79.27 62.08 -56.66
C ALA SA 170 78.01 62.72 -57.26
N VAL SA 171 78.24 63.77 -58.05
CA VAL SA 171 77.18 64.42 -58.82
C VAL SA 171 77.60 64.43 -60.28
N LEU SA 172 76.61 64.42 -61.17
CA LEU SA 172 76.85 64.44 -62.60
C LEU SA 172 76.73 65.88 -63.09
N GLN SA 173 77.84 66.44 -63.56
CA GLN SA 173 77.87 67.82 -64.04
C GLN SA 173 77.31 67.91 -65.45
N SER SA 174 77.16 69.15 -65.93
CA SER SA 174 76.63 69.37 -67.27
C SER SA 174 77.57 68.81 -68.34
N SER SA 175 78.87 68.74 -68.04
CA SER SA 175 79.87 68.23 -68.96
C SER SA 175 79.86 66.71 -69.08
N GLY SA 176 79.01 66.01 -68.32
CA GLY SA 176 79.05 64.56 -68.33
C GLY SA 176 80.16 63.96 -67.51
N LEU SA 177 80.77 64.76 -66.63
CA LEU SA 177 81.83 64.31 -65.75
C LEU SA 177 81.37 64.43 -64.30
N TYR SA 178 81.87 63.52 -63.47
CA TYR SA 178 81.46 63.45 -62.08
C TYR SA 178 82.33 64.34 -61.20
N SER SA 179 81.70 64.91 -60.17
CA SER SA 179 82.38 65.78 -59.21
C SER SA 179 82.07 65.29 -57.80
N LEU SA 180 83.09 65.27 -56.95
CA LEU SA 180 82.96 64.70 -55.62
C LEU SA 180 83.75 65.57 -54.64
N SER SA 181 83.23 65.67 -53.42
CA SER SA 181 83.90 66.37 -52.33
C SER SA 181 84.12 65.42 -51.17
N SER SA 182 85.15 65.72 -50.37
CA SER SA 182 85.47 64.88 -49.22
C SER SA 182 86.11 65.78 -48.15
N VAL SA 183 85.43 65.93 -47.02
CA VAL SA 183 85.84 66.86 -45.98
C VAL SA 183 86.11 66.10 -44.69
N VAL SA 184 86.66 66.81 -43.71
CA VAL SA 184 86.96 66.26 -42.40
C VAL SA 184 87.15 67.42 -41.43
N THR SA 185 86.70 67.23 -40.20
CA THR SA 185 86.81 68.24 -39.16
C THR SA 185 87.89 67.86 -38.15
N VAL SA 186 88.71 68.83 -37.79
CA VAL SA 186 89.82 68.64 -36.86
C VAL SA 186 89.89 69.83 -35.91
N PRO SA 187 90.51 69.65 -34.74
CA PRO SA 187 90.69 70.77 -33.83
C PRO SA 187 91.59 71.84 -34.43
N SER SA 188 91.35 73.09 -34.03
CA SER SA 188 92.14 74.21 -34.54
C SER SA 188 93.55 74.23 -33.95
N SER SA 189 93.77 73.57 -32.81
CA SER SA 189 95.07 73.55 -32.17
C SER SA 189 96.04 72.56 -32.80
N SER SA 190 95.58 71.74 -33.76
CA SER SA 190 96.44 70.81 -34.46
C SER SA 190 96.82 71.29 -35.86
N LEU SA 191 96.36 72.47 -36.26
CA LEU SA 191 96.72 73.02 -37.57
C LEU SA 191 98.17 73.50 -37.53
N GLY SA 192 98.98 73.00 -38.46
CA GLY SA 192 100.40 73.26 -38.50
C GLY SA 192 101.25 72.14 -37.93
N THR SA 193 100.72 71.40 -36.96
CA THR SA 193 101.43 70.28 -36.36
C THR SA 193 101.17 68.97 -37.10
N GLN SA 194 99.93 68.74 -37.52
CA GLN SA 194 99.55 67.52 -38.20
C GLN SA 194 99.54 67.72 -39.71
N THR SA 195 99.85 66.64 -40.42
CA THR SA 195 99.82 66.63 -41.88
C THR SA 195 98.55 65.94 -42.34
N TYR SA 196 97.90 66.53 -43.36
CA TYR SA 196 96.63 66.03 -43.87
C TYR SA 196 96.74 65.84 -45.38
N ILE SA 197 96.78 64.59 -45.82
CA ILE SA 197 96.91 64.26 -47.24
C ILE SA 197 95.78 63.29 -47.60
N CYS SA 198 94.95 63.69 -48.56
CA CYS SA 198 93.88 62.83 -49.06
C CYS SA 198 94.43 61.96 -50.18
N ASN SA 199 94.04 60.69 -50.18
CA ASN SA 199 94.52 59.71 -51.15
C ASN SA 199 93.37 59.39 -52.11
N VAL SA 200 93.40 60.03 -53.27
CA VAL SA 200 92.38 59.82 -54.30
C VAL SA 200 92.83 58.69 -55.21
N ASN SA 201 91.90 57.79 -55.53
CA ASN SA 201 92.20 56.63 -56.37
C ASN SA 201 91.08 56.46 -57.39
N HIS SA 202 91.45 56.39 -58.67
CA HIS SA 202 90.50 56.22 -59.78
C HIS SA 202 90.98 55.02 -60.59
N LYS SA 203 90.41 53.85 -60.29
CA LYS SA 203 90.83 52.63 -60.98
C LYS SA 203 90.60 52.64 -62.49
N PRO SA 204 89.46 53.14 -63.03
CA PRO SA 204 89.27 53.07 -64.49
C PRO SA 204 90.36 53.76 -65.29
N SER SA 205 90.99 54.80 -64.76
CA SER SA 205 92.05 55.50 -65.47
C SER SA 205 93.42 55.27 -64.83
N ASN SA 206 93.51 54.41 -63.83
CA ASN SA 206 94.78 54.08 -63.16
C ASN SA 206 95.45 55.33 -62.60
N THR SA 207 94.65 56.23 -62.04
CA THR SA 207 95.13 57.49 -61.49
C THR SA 207 95.17 57.39 -59.97
N LYS SA 208 96.35 57.63 -59.39
CA LYS SA 208 96.53 57.67 -57.94
C LYS SA 208 97.22 58.97 -57.59
N VAL SA 209 96.53 59.83 -56.84
CA VAL SA 209 96.99 61.18 -56.54
C VAL SA 209 97.00 61.38 -55.03
N ASP SA 210 98.12 61.87 -54.50
CA ASP SA 210 98.24 62.28 -53.11
C ASP SA 210 98.35 63.80 -53.08
N LYS SA 211 97.35 64.47 -52.52
CA LYS SA 211 97.31 65.92 -52.45
C LYS SA 211 97.41 66.36 -50.99
N LYS SA 212 98.32 67.30 -50.73
CA LYS SA 212 98.55 67.80 -49.38
C LYS SA 212 97.71 69.04 -49.14
N VAL SA 213 97.01 69.08 -48.01
CA VAL SA 213 96.07 70.14 -47.68
C VAL SA 213 96.66 70.94 -46.53
N GLU SA 214 97.00 72.19 -46.80
CA GLU SA 214 97.58 73.12 -45.84
C GLU SA 214 96.84 74.43 -45.87
N PRO SA 215 96.88 75.21 -44.78
CA PRO SA 215 96.35 76.57 -44.84
C PRO SA 215 97.25 77.48 -45.66
N LYS SA 216 96.62 78.37 -46.43
CA LYS SA 216 97.35 79.22 -47.34
C LYS SA 216 97.96 80.42 -46.61
N SER SA 217 99.00 80.98 -47.21
CA SER SA 217 99.67 82.16 -46.65
C SER SA 217 99.78 83.26 -47.70
N ILE TA 1 28.78 27.46 59.17
CA ILE TA 1 29.27 27.69 60.52
C ILE TA 1 30.09 26.48 60.98
N LEU TA 2 31.41 26.64 61.05
CA LEU TA 2 32.29 25.57 61.45
C LEU TA 2 32.51 25.60 62.95
N GLY TA 3 32.58 24.42 63.56
CA GLY TA 3 32.82 24.31 64.98
C GLY TA 3 31.67 24.72 65.87
N GLY TA 4 30.46 24.85 65.32
CA GLY TA 4 29.31 25.26 66.08
C GLY TA 4 28.32 24.12 66.26
N ARG TA 5 27.09 24.49 66.60
CA ARG TA 5 26.00 23.54 66.80
C ARG TA 5 24.71 24.18 66.31
N GLU TA 6 23.64 23.39 66.32
CA GLU TA 6 22.33 23.89 65.90
C GLU TA 6 21.83 24.91 66.90
N ALA TA 7 21.36 26.05 66.40
CA ALA TA 7 20.83 27.10 67.25
C ALA TA 7 19.43 26.75 67.73
N GLU TA 8 18.99 27.46 68.77
CA GLU TA 8 17.60 27.34 69.20
C GLU TA 8 16.70 27.98 68.15
N ALA TA 9 15.65 27.26 67.75
CA ALA TA 9 14.80 27.71 66.66
C ALA TA 9 14.20 29.07 66.99
N HIS TA 10 14.34 30.01 66.05
CA HIS TA 10 13.74 31.34 66.12
C HIS TA 10 14.26 32.15 67.30
N ALA TA 11 15.40 31.76 67.87
CA ALA TA 11 16.00 32.56 68.93
C ALA TA 11 16.69 33.81 68.39
N ARG TA 12 17.00 33.83 67.09
CA ARG TA 12 17.60 34.98 66.42
C ARG TA 12 16.63 35.41 65.32
N PRO TA 13 15.61 36.19 65.67
CA PRO TA 13 14.55 36.54 64.70
C PRO TA 13 15.02 37.46 63.60
N TYR TA 14 16.22 38.02 63.71
CA TYR TA 14 16.78 38.87 62.66
C TYR TA 14 17.43 38.05 61.55
N MET TA 15 17.60 36.75 61.74
CA MET TA 15 18.32 35.93 60.79
C MET TA 15 17.49 35.72 59.52
N ALA TA 16 18.09 36.03 58.37
CA ALA TA 16 17.43 35.87 57.09
C ALA TA 16 18.26 34.98 56.19
N SER TA 17 17.58 34.30 55.26
CA SER TA 17 18.21 33.47 54.24
C SER TA 17 17.97 34.12 52.89
N VAL TA 18 19.02 34.60 52.25
CA VAL TA 18 18.92 35.16 50.91
C VAL TA 18 18.93 34.01 49.92
N GLN TA 19 17.85 33.86 49.16
CA GLN TA 19 17.65 32.70 48.32
C GLN TA 19 17.73 33.06 46.84
N LEU TA 20 18.35 32.19 46.06
CA LEU TA 20 18.49 32.35 44.62
C LEU TA 20 17.88 31.12 43.95
N ASN TA 21 16.81 31.35 43.20
CA ASN TA 21 16.11 30.28 42.48
C ASN TA 21 15.64 29.19 43.44
N GLY TA 22 15.19 29.59 44.62
CA GLY TA 22 14.64 28.65 45.57
C GLY TA 22 15.64 27.87 46.38
N ALA TA 23 16.90 28.29 46.39
CA ALA TA 23 17.93 27.65 47.19
C ALA TA 23 18.62 28.69 48.06
N HIS TA 24 19.02 28.29 49.26
CA HIS TA 24 19.79 29.18 50.11
C HIS TA 24 21.09 29.56 49.41
N LEU TA 25 21.36 30.85 49.34
CA LEU TA 25 22.58 31.38 48.73
C LEU TA 25 23.47 32.07 49.74
N CYS TA 26 22.91 32.92 50.59
CA CYS TA 26 23.68 33.69 51.54
C CYS TA 26 22.84 33.93 52.78
N GLY TA 27 23.50 34.39 53.83
CA GLY TA 27 22.81 34.86 55.00
C GLY TA 27 22.48 36.33 54.91
N GLY TA 28 21.56 36.76 55.76
CA GLY TA 28 21.16 38.15 55.81
C GLY TA 28 20.57 38.49 57.15
N VAL TA 29 20.62 39.76 57.50
CA VAL TA 29 20.11 40.25 58.77
C VAL TA 29 19.04 41.29 58.49
N LEU TA 30 17.87 41.10 59.09
CA LEU TA 30 16.78 42.07 58.96
C LEU TA 30 17.10 43.31 59.79
N VAL TA 31 17.33 44.44 59.13
CA VAL TA 31 17.66 45.68 59.82
C VAL TA 31 16.51 46.67 59.83
N ALA TA 32 15.41 46.39 59.13
CA ALA TA 32 14.24 47.24 59.14
C ALA TA 32 13.03 46.38 58.77
N GLU TA 33 11.85 46.98 58.82
CA GLU TA 33 10.64 46.23 58.51
C GLU TA 33 10.62 45.76 57.06
N GLN TA 34 11.35 46.42 56.17
CA GLN TA 34 11.29 46.10 54.75
C GLN TA 34 12.67 45.99 54.10
N TRP TA 35 13.74 45.95 54.90
CA TRP TA 35 15.09 45.90 54.35
C TRP TA 35 15.90 44.80 55.03
N VAL TA 36 16.69 44.09 54.23
CA VAL TA 36 17.59 43.05 54.72
C VAL TA 36 19.02 43.41 54.28
N LEU TA 37 19.95 43.33 55.22
CA LEU TA 37 21.35 43.61 54.95
C LEU TA 37 22.09 42.31 54.69
N SER TA 38 22.96 42.33 53.68
CA SER TA 38 23.72 41.14 53.30
C SER TA 38 24.99 41.60 52.58
N ALA TA 39 25.67 40.67 51.93
CA ALA TA 39 26.94 40.94 51.27
C ALA TA 39 26.73 41.12 49.77
N ALA TA 40 27.45 42.10 49.19
CA ALA TA 40 27.27 42.41 47.78
C ALA TA 40 27.75 41.28 46.89
N HIS TA 41 28.82 40.58 47.28
CA HIS TA 41 29.38 39.54 46.43
C HIS TA 41 28.46 38.34 46.28
N CYS TA 42 27.41 38.22 47.11
CA CYS TA 42 26.44 37.15 46.95
C CYS TA 42 25.70 37.25 45.62
N LEU TA 43 25.62 38.44 45.02
CA LEU TA 43 24.82 38.66 43.83
C LEU TA 43 25.67 38.93 42.59
N GLU TA 44 26.99 38.76 42.68
CA GLU TA 44 27.86 38.97 41.52
C GLU TA 44 27.50 38.01 40.40
N ASP TA 45 27.48 36.71 40.70
CA ASP TA 45 27.21 35.66 39.72
C ASP TA 45 25.74 35.27 39.67
N ALA TA 46 24.86 36.00 40.35
CA ALA TA 46 23.45 35.62 40.41
C ALA TA 46 22.78 35.73 39.04
N ALA TA 47 23.17 36.71 38.23
CA ALA TA 47 22.60 36.93 36.89
C ALA TA 47 21.08 37.04 37.04
N ASP TA 48 20.30 36.39 36.16
CA ASP TA 48 18.85 36.57 36.15
C ASP TA 48 18.13 35.66 37.14
N GLY TA 49 18.84 35.05 38.09
CA GLY TA 49 18.19 34.20 39.06
C GLY TA 49 17.25 35.00 39.96
N LYS TA 50 16.20 34.34 40.41
CA LYS TA 50 15.19 34.97 41.25
C LYS TA 50 15.72 35.10 42.67
N VAL TA 51 15.80 36.34 43.16
CA VAL TA 51 16.35 36.64 44.49
C VAL TA 51 15.20 36.83 45.46
N GLN TA 52 15.16 36.01 46.50
CA GLN TA 52 14.13 36.09 47.53
C GLN TA 52 14.79 36.05 48.90
N VAL TA 53 14.01 36.46 49.92
CA VAL TA 53 14.47 36.47 51.30
C VAL TA 53 13.50 35.64 52.13
N LEU TA 54 14.02 34.67 52.86
CA LEU TA 54 13.22 33.79 53.72
C LEU TA 54 13.40 34.22 55.18
N LEU TA 55 12.33 34.72 55.78
CA LEU TA 55 12.35 35.21 57.15
C LEU TA 55 11.65 34.23 58.09
N GLY TA 56 11.96 34.36 59.38
CA GLY TA 56 11.33 33.54 60.40
C GLY TA 56 11.59 32.06 60.25
N ALA TA 57 12.73 31.67 59.70
CA ALA TA 57 13.03 30.29 59.41
C ALA TA 57 14.09 29.74 60.36
N HIS TA 58 13.95 28.45 60.67
CA HIS TA 58 15.01 27.68 61.30
C HIS TA 58 15.49 26.56 60.40
N SER TA 59 14.58 25.70 59.96
CA SER TA 59 14.88 24.73 58.91
C SER TA 59 14.57 25.34 57.55
N LEU TA 60 15.42 25.07 56.57
CA LEU TA 60 15.19 25.60 55.23
C LEU TA 60 14.07 24.85 54.52
N SER TA 61 13.85 23.58 54.87
CA SER TA 61 12.87 22.73 54.21
C SER TA 61 11.62 22.46 55.03
N GLN TA 62 11.78 22.14 56.32
CA GLN TA 62 10.64 21.74 57.14
C GLN TA 62 9.63 22.87 57.24
N PRO TA 63 8.35 22.56 57.42
CA PRO TA 63 7.33 23.60 57.54
C PRO TA 63 7.33 24.20 58.94
N GLU TA 64 7.24 25.53 58.99
CA GLU TA 64 7.22 26.27 60.24
C GLU TA 64 6.23 27.41 60.09
N PRO TA 65 5.40 27.65 61.11
CA PRO TA 65 4.35 28.68 60.98
C PRO TA 65 4.90 30.08 60.75
N SER TA 66 6.08 30.39 61.29
CA SER TA 66 6.63 31.73 61.17
C SER TA 66 7.41 31.94 59.87
N LYS TA 67 7.76 30.86 59.16
CA LYS TA 67 8.47 31.01 57.89
C LYS TA 67 7.62 31.76 56.87
N ARG TA 68 8.26 32.64 56.11
CA ARG TA 68 7.60 33.30 55.00
C ARG TA 68 8.66 33.72 54.00
N LEU TA 69 8.37 33.47 52.73
CA LEU TA 69 9.29 33.76 51.64
C LEU TA 69 8.86 35.05 50.97
N TYR TA 70 9.70 36.09 51.08
CA TYR TA 70 9.39 37.40 50.54
C TYR TA 70 10.14 37.62 49.23
N ASP TA 71 9.45 38.22 48.26
CA ASP TA 71 10.10 38.65 47.04
C ASP TA 71 10.89 39.93 47.30
N VAL TA 72 11.82 40.23 46.39
CA VAL TA 72 12.69 41.39 46.51
C VAL TA 72 12.31 42.40 45.43
N LEU TA 73 11.85 43.57 45.86
CA LEU TA 73 11.43 44.62 44.94
C LEU TA 73 12.61 45.45 44.44
N ARG TA 74 13.72 45.46 45.16
CA ARG TA 74 14.82 46.37 44.85
C ARG TA 74 16.07 45.89 45.58
N ALA TA 75 17.20 45.84 44.86
CA ALA TA 75 18.47 45.40 45.40
C ALA TA 75 19.49 46.51 45.23
N VAL TA 76 20.12 46.90 46.32
CA VAL TA 76 21.06 48.02 46.31
C VAL TA 76 22.42 47.55 46.81
N PRO TA 77 23.31 47.08 45.93
CA PRO TA 77 24.70 46.84 46.35
C PRO TA 77 25.38 48.16 46.61
N HIS TA 78 26.40 48.13 47.47
CA HIS TA 78 27.17 49.34 47.71
C HIS TA 78 27.86 49.74 46.41
N PRO TA 79 27.80 51.02 46.02
CA PRO TA 79 28.29 51.41 44.69
C PRO TA 79 29.78 51.18 44.48
N ASP TA 80 30.57 51.21 45.53
CA ASP TA 80 32.02 51.04 45.41
C ASP TA 80 32.47 49.60 45.58
N SER TA 81 31.54 48.64 45.49
CA SER TA 81 31.88 47.24 45.58
C SER TA 81 32.16 46.67 44.20
N GLN TA 82 33.12 45.75 44.12
CA GLN TA 82 33.53 45.17 42.86
C GLN TA 82 33.99 43.75 43.12
N PRO TA 83 34.00 42.88 42.10
CA PRO TA 83 34.38 41.48 42.33
C PRO TA 83 35.84 41.27 42.64
N ASP TA 84 36.70 42.26 42.36
CA ASP TA 84 38.14 42.10 42.58
C ASP TA 84 38.54 42.28 44.04
N THR TA 85 37.74 43.00 44.83
CA THR TA 85 38.09 43.34 46.20
C THR TA 85 37.08 42.75 47.17
N ILE TA 86 37.41 42.84 48.45
CA ILE TA 86 36.47 42.54 49.53
C ILE TA 86 36.00 43.82 50.23
N ASP TA 87 36.34 44.99 49.69
CA ASP TA 87 35.93 46.24 50.29
C ASP TA 87 34.47 46.54 49.94
N HIS TA 88 33.78 47.19 50.88
CA HIS TA 88 32.41 47.67 50.68
C HIS TA 88 31.48 46.52 50.28
N ASP TA 89 31.67 45.36 50.91
CA ASP TA 89 30.89 44.17 50.58
C ASP TA 89 29.58 44.13 51.37
N LEU TA 90 28.73 45.12 51.09
CA LEU TA 90 27.42 45.22 51.72
C LEU TA 90 26.32 45.29 50.67
N LEU TA 91 25.17 44.72 51.00
CA LEU TA 91 24.03 44.64 50.08
C LEU TA 91 22.74 44.83 50.86
N LEU TA 92 21.89 45.72 50.39
CA LEU TA 92 20.58 45.97 50.99
C LEU TA 92 19.50 45.50 50.05
N LEU TA 93 18.58 44.69 50.56
CA LEU TA 93 17.49 44.13 49.77
C LEU TA 93 16.17 44.67 50.33
N GLN TA 94 15.38 45.28 49.46
CA GLN TA 94 14.06 45.77 49.85
C GLN TA 94 13.02 44.68 49.55
N LEU TA 95 12.32 44.24 50.60
CA LEU TA 95 11.30 43.21 50.43
C LEU TA 95 10.12 43.75 49.64
N SER TA 96 9.34 42.82 49.08
CA SER TA 96 8.16 43.21 48.29
C SER TA 96 7.15 43.97 49.13
N GLU TA 97 7.06 43.64 50.42
CA GLU TA 97 6.22 44.38 51.36
C GLU TA 97 6.89 44.34 52.72
N LYS TA 98 6.35 45.13 53.65
CA LYS TA 98 6.87 45.10 55.02
C LYS TA 98 6.72 43.71 55.61
N ALA TA 99 7.72 43.30 56.39
CA ALA TA 99 7.73 41.96 56.97
C ALA TA 99 6.75 41.88 58.13
N THR TA 100 6.02 40.77 58.18
CA THR TA 100 5.11 40.51 59.30
C THR TA 100 5.94 40.21 60.54
N LEU TA 101 6.00 41.17 61.46
CA LEU TA 101 6.82 41.03 62.64
C LEU TA 101 6.13 40.14 63.68
N GLY TA 102 6.95 39.46 64.46
CA GLY TA 102 6.47 38.58 65.50
C GLY TA 102 7.61 38.12 66.39
N PRO TA 103 7.36 37.10 67.22
CA PRO TA 103 8.45 36.58 68.05
C PRO TA 103 9.55 35.91 67.27
N ALA TA 104 9.32 35.54 66.00
CA ALA TA 104 10.33 34.91 65.17
C ALA TA 104 10.84 35.80 64.05
N VAL TA 105 10.27 36.99 63.88
CA VAL TA 105 10.73 37.94 62.87
C VAL TA 105 10.77 39.30 63.54
N ARG TA 106 11.98 39.83 63.73
CA ARG TA 106 12.14 41.11 64.39
C ARG TA 106 13.45 41.71 63.91
N PRO TA 107 13.47 42.97 63.52
CA PRO TA 107 14.72 43.60 63.09
C PRO TA 107 15.69 43.72 64.25
N LEU TA 108 16.98 43.70 63.91
CA LEU TA 108 18.06 43.83 64.86
C LEU TA 108 18.69 45.20 64.74
N PRO TA 109 18.85 45.94 65.84
CA PRO TA 109 19.56 47.21 65.77
C PRO TA 109 21.04 46.99 65.48
N TRP TA 110 21.58 47.83 64.62
CA TRP TA 110 22.97 47.71 64.16
C TRP TA 110 23.81 48.84 64.72
N GLN TA 111 25.11 48.57 64.86
CA GLN TA 111 26.02 49.51 65.50
C GLN TA 111 26.17 50.77 64.66
N ARG TA 112 25.80 51.91 65.24
CA ARG TA 112 25.95 53.20 64.59
C ARG TA 112 27.19 53.96 65.05
N VAL TA 113 27.73 53.62 66.22
CA VAL TA 113 28.92 54.27 66.74
C VAL TA 113 30.15 53.60 66.13
N ASP TA 114 30.96 54.38 65.41
CA ASP TA 114 32.10 53.86 64.67
C ASP TA 114 33.33 53.83 65.56
N ARG TA 115 33.49 52.73 66.31
CA ARG TA 115 34.76 52.44 66.95
C ARG TA 115 34.89 50.93 67.10
N ASP TA 116 36.13 50.44 66.94
CA ASP TA 116 36.37 49.01 66.80
C ASP TA 116 35.88 48.23 68.01
N VAL TA 117 35.46 46.99 67.77
CA VAL TA 117 35.17 46.06 68.86
C VAL TA 117 36.48 45.60 69.48
N ALA TA 118 36.53 45.61 70.81
CA ALA TA 118 37.76 45.27 71.51
C ALA TA 118 38.19 43.85 71.17
N PRO TA 119 39.43 43.64 70.76
CA PRO TA 119 39.91 42.27 70.53
C PRO TA 119 39.75 41.41 71.77
N GLY TA 120 39.36 40.16 71.56
CA GLY TA 120 39.02 39.26 72.64
C GLY TA 120 37.54 39.16 72.93
N THR TA 121 36.73 40.10 72.43
CA THR TA 121 35.29 40.06 72.62
C THR TA 121 34.68 38.85 71.93
N LEU TA 122 33.86 38.11 72.65
CA LEU TA 122 33.15 36.98 72.05
C LEU TA 122 31.91 37.47 71.32
N CYS TA 123 31.80 37.10 70.04
CA CYS TA 123 30.70 37.52 69.20
C CYS TA 123 29.98 36.30 68.63
N ASP TA 124 28.69 36.47 68.37
CA ASP TA 124 27.84 35.39 67.87
C ASP TA 124 27.62 35.55 66.38
N VAL TA 125 27.87 34.47 65.63
CA VAL TA 125 27.65 34.44 64.19
C VAL TA 125 26.83 33.20 63.85
N ALA TA 126 25.87 33.35 62.94
CA ALA TA 126 24.99 32.25 62.59
C ALA TA 126 24.77 32.22 61.08
N GLY TA 127 24.39 31.05 60.58
CA GLY TA 127 24.17 30.88 59.15
C GLY TA 127 23.90 29.45 58.81
N TRP TA 128 23.53 29.24 57.54
CA TRP TA 128 23.26 27.92 57.00
C TRP TA 128 24.40 27.41 56.12
N GLY TA 129 25.59 27.99 56.24
CA GLY TA 129 26.71 27.61 55.40
C GLY TA 129 27.41 26.36 55.88
N ILE TA 130 28.45 26.00 55.14
CA ILE TA 130 29.31 24.83 55.38
C ILE TA 130 29.55 24.60 56.86
N VAL TA 131 29.45 23.34 57.31
CA VAL TA 131 29.69 23.00 58.71
C VAL TA 131 30.86 22.05 58.91
N ASN TA 132 31.48 21.54 57.85
CA ASN TA 132 32.62 20.66 58.01
C ASN TA 132 33.56 20.83 56.83
N HIS TA 133 34.76 20.27 56.95
CA HIS TA 133 35.77 20.40 55.91
C HIS TA 133 35.39 19.70 54.62
N ALA TA 134 34.33 18.90 54.62
CA ALA TA 134 33.88 18.23 53.40
C ALA TA 134 33.09 19.16 52.49
N GLY TA 135 32.65 20.32 52.99
CA GLY TA 135 31.93 21.27 52.18
C GLY TA 135 30.44 21.09 52.11
N ARG TA 136 29.85 20.35 53.04
CA ARG TA 136 28.42 20.06 53.03
C ARG TA 136 27.66 21.00 53.95
N ARG TA 137 26.39 21.26 53.59
CA ARG TA 137 25.60 22.32 54.21
C ARG TA 137 24.49 21.75 55.09
N PRO TA 138 24.12 22.46 56.17
CA PRO TA 138 23.05 21.97 57.04
C PRO TA 138 21.68 22.51 56.68
N ASP TA 139 20.62 21.79 57.08
CA ASP TA 139 19.24 22.23 56.86
C ASP TA 139 18.76 23.19 57.94
N SER TA 140 19.19 23.01 59.18
CA SER TA 140 18.81 23.88 60.28
C SER TA 140 19.92 24.88 60.61
N LEU TA 141 19.51 26.04 61.10
CA LEU TA 141 20.45 27.13 61.35
C LEU TA 141 21.50 26.74 62.40
N GLN TA 142 22.75 27.10 62.11
CA GLN TA 142 23.87 26.84 63.02
C GLN TA 142 24.43 28.15 63.54
N HIS TA 143 25.20 28.06 64.62
CA HIS TA 143 25.83 29.25 65.19
C HIS TA 143 27.07 28.84 65.98
N VAL TA 144 27.90 29.84 66.29
CA VAL TA 144 29.13 29.62 67.05
C VAL TA 144 29.56 30.96 67.62
N LEU TA 145 30.41 30.91 68.65
CA LEU TA 145 30.97 32.10 69.27
C LEU TA 145 32.42 32.26 68.86
N LEU TA 146 32.76 33.43 68.33
CA LEU TA 146 34.10 33.69 67.83
C LEU TA 146 34.72 34.88 68.57
N PRO TA 147 35.97 34.76 69.03
CA PRO TA 147 36.65 35.92 69.61
C PRO TA 147 37.17 36.85 68.52
N VAL TA 148 37.08 38.15 68.78
CA VAL TA 148 37.54 39.14 67.81
C VAL TA 148 39.07 39.17 67.82
N LEU TA 149 39.64 39.27 66.63
CA LEU TA 149 41.09 39.34 66.45
C LEU TA 149 41.51 40.77 66.15
N ASP TA 150 42.65 41.18 66.70
CA ASP TA 150 43.13 42.53 66.45
C ASP TA 150 43.61 42.66 65.00
N ARG TA 151 43.51 43.88 64.48
CA ARG TA 151 43.72 44.10 63.05
C ARG TA 151 45.19 43.91 62.66
N ALA TA 152 46.12 44.20 63.58
CA ALA TA 152 47.53 44.04 63.26
C ALA TA 152 47.88 42.58 63.02
N THR TA 153 47.51 41.71 63.97
CA THR TA 153 47.73 40.28 63.79
C THR TA 153 47.06 39.77 62.52
N CYS TA 154 45.87 40.28 62.22
CA CYS TA 154 45.13 39.84 61.05
C CYS TA 154 45.78 40.31 59.76
N ASN TA 155 46.64 41.32 59.81
CA ASN TA 155 47.25 41.89 58.61
C ASN TA 155 48.65 41.34 58.32
N ARG TA 156 49.14 40.39 59.13
CA ARG TA 156 50.45 39.81 58.89
C ARG TA 156 50.51 39.09 57.54
N ARG TA 157 51.73 38.88 57.05
CA ARG TA 157 51.90 38.25 55.75
C ARG TA 157 51.38 36.83 55.74
N THR TA 158 51.47 36.12 56.87
CA THR TA 158 50.90 34.77 56.92
C THR TA 158 49.38 34.81 56.89
N HIS TA 159 48.78 35.91 57.34
CA HIS TA 159 47.32 35.97 57.45
C HIS TA 159 46.71 36.63 56.21
N HIS TA 160 46.22 37.86 56.33
CA HIS TA 160 45.57 38.51 55.20
C HIS TA 160 46.39 39.62 54.60
N ASP TA 161 47.62 39.85 55.07
CA ASP TA 161 48.64 40.59 54.33
C ASP TA 161 48.21 42.03 54.03
N GLY TA 162 47.82 42.74 55.07
CA GLY TA 162 47.48 44.15 54.92
C GLY TA 162 46.18 44.43 54.20
N ALA TA 163 45.29 43.43 54.09
CA ALA TA 163 44.02 43.61 53.40
C ALA TA 163 42.88 44.04 54.32
N ILE TA 164 43.11 44.10 55.63
CA ILE TA 164 42.07 44.42 56.59
C ILE TA 164 42.10 45.94 56.82
N THR TA 165 41.14 46.63 56.23
CA THR TA 165 41.04 48.07 56.35
C THR TA 165 40.42 48.44 57.70
N GLU TA 166 40.29 49.75 57.95
CA GLU TA 166 39.60 50.20 59.16
C GLU TA 166 38.10 49.96 59.11
N ARG TA 167 37.56 49.65 57.93
CA ARG TA 167 36.15 49.34 57.77
C ARG TA 167 35.87 47.84 57.86
N LEU TA 168 36.88 47.04 58.17
CA LEU TA 168 36.75 45.60 58.32
C LEU TA 168 37.23 45.18 59.70
N MET TA 169 36.80 43.98 60.12
CA MET TA 169 37.24 43.41 61.39
C MET TA 169 37.45 41.92 61.21
N CYS TA 170 38.20 41.33 62.14
CA CYS TA 170 38.58 39.92 62.07
C CYS TA 170 38.15 39.17 63.32
N ALA TA 171 37.92 37.87 63.15
CA ALA TA 171 37.68 36.95 64.25
C ALA TA 171 38.52 35.70 64.05
N GLU TA 172 38.78 35.00 65.15
CA GLU TA 172 39.60 33.79 65.08
C GLU TA 172 38.92 32.72 64.24
N SER TA 173 39.73 31.83 63.67
CA SER TA 173 39.25 30.80 62.76
C SER TA 173 39.81 29.42 63.09
N ASN TA 174 40.26 29.21 64.33
CA ASN TA 174 40.86 27.94 64.72
C ASN TA 174 39.74 26.97 65.08
N ARG TA 175 39.36 26.12 64.11
CA ARG TA 175 38.34 25.09 64.28
C ARG TA 175 36.94 25.67 64.53
N ARG TA 176 36.85 26.98 64.72
CA ARG TA 176 35.58 27.70 64.80
C ARG TA 176 35.63 28.86 63.84
N ASP TA 177 34.68 28.93 62.92
CA ASP TA 177 34.76 29.94 61.86
C ASP TA 177 33.39 30.08 61.20
N SER TA 178 33.26 31.12 60.39
CA SER TA 178 32.18 31.24 59.41
C SER TA 178 32.72 30.84 58.06
N CYS TA 179 31.88 30.18 57.26
CA CYS TA 179 32.30 29.55 56.02
C CYS TA 179 31.47 30.05 54.85
N LYS TA 180 31.72 29.48 53.67
CA LYS TA 180 30.92 29.81 52.49
C LYS TA 180 29.46 29.49 52.75
N GLY TA 181 28.58 30.40 52.34
CA GLY TA 181 27.18 30.27 52.66
C GLY TA 181 26.75 30.99 53.92
N ASP TA 182 27.70 31.42 54.74
CA ASP TA 182 27.44 32.30 55.86
C ASP TA 182 27.63 33.77 55.49
N SER TA 183 28.05 34.05 54.27
CA SER TA 183 28.25 35.42 53.82
C SER TA 183 26.95 36.21 53.97
N GLY TA 184 27.10 37.50 54.28
CA GLY TA 184 25.98 38.35 54.55
C GLY TA 184 25.29 38.10 55.88
N GLY TA 185 25.71 37.08 56.62
CA GLY TA 185 25.15 36.81 57.92
C GLY TA 185 25.67 37.76 58.97
N PRO TA 186 25.03 37.72 60.14
CA PRO TA 186 25.31 38.69 61.18
C PRO TA 186 26.40 38.25 62.14
N LEU TA 187 27.29 39.19 62.46
CA LEU TA 187 28.25 39.05 63.55
C LEU TA 187 27.76 39.96 64.67
N VAL TA 188 27.19 39.37 65.70
CA VAL TA 188 26.54 40.11 66.79
C VAL TA 188 27.47 40.12 67.99
N CYS TA 189 27.78 41.31 68.50
CA CYS TA 189 28.58 41.47 69.71
C CYS TA 189 27.81 42.38 70.66
N GLY TA 190 27.45 41.85 71.82
CA GLY TA 190 26.66 42.63 72.76
C GLY TA 190 25.24 42.89 72.29
N GLY TA 191 24.62 41.90 71.66
CA GLY TA 191 23.26 42.05 71.17
C GLY TA 191 23.06 43.08 70.10
N VAL TA 192 24.14 43.54 69.45
CA VAL TA 192 24.09 44.58 68.44
C VAL TA 192 24.84 44.10 67.21
N LEU TA 193 24.24 44.30 66.03
CA LEU TA 193 24.92 43.91 64.79
C LEU TA 193 26.18 44.74 64.58
N GLU TA 194 27.34 44.12 64.78
CA GLU TA 194 28.60 44.83 64.57
C GLU TA 194 29.18 44.57 63.19
N GLY TA 195 29.09 43.35 62.68
CA GLY TA 195 29.73 42.99 61.44
C GLY TA 195 28.83 42.13 60.58
N VAL TA 196 29.11 42.19 59.27
CA VAL TA 196 28.47 41.35 58.27
C VAL TA 196 29.51 40.40 57.71
N VAL TA 197 29.23 39.10 57.76
CA VAL TA 197 30.14 38.11 57.19
C VAL TA 197 30.37 38.39 55.72
N THR TA 198 31.62 38.40 55.29
CA THR TA 198 31.96 38.44 53.87
C THR TA 198 32.43 37.06 53.40
N SER TA 199 33.65 36.66 53.74
CA SER TA 199 34.22 35.36 53.33
C SER TA 199 34.14 35.28 51.80
N GLY TA 200 33.52 34.25 51.24
CA GLY TA 200 33.35 34.17 49.81
C GLY TA 200 34.38 33.32 49.12
N SER TA 201 35.64 33.78 49.08
CA SER TA 201 36.72 33.07 48.41
C SER TA 201 37.71 32.44 49.39
N ARG TA 202 37.43 32.50 50.69
CA ARG TA 202 38.34 32.02 51.72
C ARG TA 202 37.84 30.70 52.27
N VAL TA 203 38.74 29.71 52.35
CA VAL TA 203 38.39 28.43 52.95
C VAL TA 203 38.50 28.57 54.46
N CYS TA 204 37.51 28.04 55.17
CA CYS TA 204 37.39 28.29 56.59
C CYS TA 204 38.05 27.19 57.41
N GLY TA 205 38.23 27.47 58.70
CA GLY TA 205 38.80 26.52 59.63
C GLY TA 205 40.28 26.62 59.84
N ASN TA 206 40.99 27.39 59.02
CA ASN TA 206 42.44 27.54 59.12
C ASN TA 206 42.73 28.72 60.04
N ARG TA 207 43.50 28.46 61.10
CA ARG TA 207 43.80 29.51 62.07
C ARG TA 207 44.59 30.66 61.44
N LYS TA 208 45.42 30.36 60.44
CA LYS TA 208 46.25 31.37 59.81
C LYS TA 208 45.49 32.23 58.82
N LYS TA 209 44.21 31.93 58.58
CA LYS TA 209 43.35 32.73 57.70
C LYS TA 209 42.08 33.08 58.47
N PRO TA 210 42.11 34.15 59.25
CA PRO TA 210 40.94 34.48 60.08
C PRO TA 210 39.75 34.90 59.22
N GLY TA 211 38.59 34.92 59.87
CA GLY TA 211 37.40 35.41 59.22
C GLY TA 211 37.37 36.93 59.13
N ILE TA 212 36.79 37.42 58.04
CA ILE TA 212 36.67 38.85 57.78
C ILE TA 212 35.21 39.23 57.88
N TYR TA 213 34.95 40.42 58.42
CA TYR TA 213 33.59 40.88 58.66
C TYR TA 213 33.52 42.38 58.43
N THR TA 214 32.56 42.81 57.61
CA THR TA 214 32.40 44.23 57.30
C THR TA 214 31.79 44.94 58.48
N ARG TA 215 32.47 45.95 58.99
CA ARG TA 215 31.96 46.75 60.11
C ARG TA 215 30.85 47.67 59.60
N VAL TA 216 29.62 47.41 60.03
CA VAL TA 216 28.48 48.19 59.53
C VAL TA 216 28.59 49.64 59.97
N ALA TA 217 29.21 49.91 61.12
CA ALA TA 217 29.29 51.28 61.61
C ALA TA 217 30.07 52.17 60.66
N SER TA 218 31.01 51.61 59.90
CA SER TA 218 31.74 52.38 58.90
C SER TA 218 30.89 52.75 57.69
N TYR TA 219 29.67 52.22 57.60
CA TYR TA 219 28.80 52.44 56.45
C TYR TA 219 27.44 52.97 56.90
N ALA TA 220 27.41 53.68 58.03
CA ALA TA 220 26.14 54.15 58.59
C ALA TA 220 25.48 55.17 57.67
N ALA TA 221 26.26 56.08 57.09
CA ALA TA 221 25.69 57.10 56.21
C ALA TA 221 25.00 56.44 55.01
N TRP TA 222 25.65 55.46 54.39
CA TRP TA 222 25.07 54.82 53.22
C TRP TA 222 23.82 54.03 53.58
N ILE TA 223 23.86 53.29 54.69
CA ILE TA 223 22.70 52.51 55.12
C ILE TA 223 21.52 53.43 55.39
N ASP TA 224 21.78 54.57 56.04
CA ASP TA 224 20.70 55.52 56.30
C ASP TA 224 20.14 56.09 55.01
N SER TA 225 21.01 56.35 54.02
CA SER TA 225 20.55 56.96 52.78
C SER TA 225 19.71 56.02 51.95
N VAL TA 226 19.94 54.70 52.09
CA VAL TA 226 19.16 53.73 51.33
C VAL TA 226 17.83 53.46 52.02
N LEU TA 227 17.83 53.39 53.36
CA LEU TA 227 16.63 53.05 54.11
C LEU TA 227 15.68 54.23 54.31
N ALA TA 228 16.17 55.46 54.13
CA ALA TA 228 15.32 56.64 54.31
C ALA TA 228 14.18 56.66 53.29
N ASP UA 1 64.30 26.37 65.40
CA ASP UA 1 64.76 27.29 64.37
C ASP UA 1 64.75 26.65 62.99
N ILE UA 2 64.24 27.38 62.00
CA ILE UA 2 64.20 26.93 60.62
C ILE UA 2 65.30 27.65 59.86
N GLN UA 3 66.18 26.87 59.22
CA GLN UA 3 67.30 27.42 58.48
C GLN UA 3 66.89 27.64 57.03
N MET UA 4 67.44 28.70 56.42
CA MET UA 4 67.23 29.01 55.02
C MET UA 4 68.59 28.96 54.33
N THR UA 5 68.81 27.92 53.52
CA THR UA 5 70.09 27.72 52.84
C THR UA 5 69.94 28.19 51.40
N GLN UA 6 70.42 29.40 51.14
CA GLN UA 6 70.31 30.03 49.83
C GLN UA 6 71.49 29.63 48.95
N SER UA 7 71.21 29.41 47.67
CA SER UA 7 72.23 28.95 46.73
C SER UA 7 71.95 29.56 45.37
N PRO UA 8 72.99 29.99 44.64
CA PRO UA 8 74.39 29.97 45.05
C PRO UA 8 74.82 31.25 45.75
N SER UA 9 76.08 31.30 46.21
CA SER UA 9 76.60 32.50 46.85
C SER UA 9 76.70 33.65 45.85
N SER UA 10 77.38 33.40 44.73
CA SER UA 10 77.48 34.37 43.65
C SER UA 10 77.08 33.69 42.35
N LEU UA 11 76.90 34.49 41.31
CA LEU UA 11 76.33 34.02 40.06
C LEU UA 11 76.64 35.02 38.97
N SER UA 12 77.29 34.58 37.91
CA SER UA 12 77.70 35.45 36.81
C SER UA 12 76.88 35.14 35.57
N ALA UA 13 76.21 36.16 35.03
CA ALA UA 13 75.42 35.99 33.83
C ALA UA 13 75.49 37.27 33.01
N SER UA 14 75.01 37.19 31.78
CA SER UA 14 74.98 38.30 30.85
C SER UA 14 73.59 38.93 30.81
N VAL UA 15 73.54 40.19 30.36
CA VAL UA 15 72.25 40.85 30.21
C VAL UA 15 71.38 40.08 29.24
N GLY UA 16 70.14 39.83 29.64
CA GLY UA 16 69.22 39.03 28.85
C GLY UA 16 69.16 37.57 29.20
N ASP UA 17 69.99 37.10 30.12
CA ASP UA 17 70.01 35.69 30.50
C ASP UA 17 68.90 35.38 31.49
N ARG UA 18 68.39 34.14 31.41
CA ARG UA 18 67.52 33.62 32.45
C ARG UA 18 68.37 33.12 33.61
N VAL UA 19 67.94 33.44 34.82
CA VAL UA 19 68.75 33.19 36.01
C VAL UA 19 67.87 32.63 37.12
N THR UA 20 68.40 31.67 37.86
CA THR UA 20 67.68 30.97 38.92
C THR UA 20 68.43 31.14 40.24
N ILE UA 21 67.71 31.55 41.28
CA ILE UA 21 68.24 31.62 42.63
C ILE UA 21 67.39 30.72 43.51
N THR UA 22 68.04 29.91 44.34
CA THR UA 22 67.39 28.84 45.08
C THR UA 22 67.53 29.06 46.58
N CYS UA 23 66.53 28.59 47.33
CA CYS UA 23 66.50 28.74 48.78
C CYS UA 23 65.82 27.52 49.36
N LYS UA 24 66.54 26.77 50.20
CA LYS UA 24 66.04 25.52 50.77
C LYS UA 24 65.86 25.67 52.27
N ALA UA 25 64.67 25.34 52.76
CA ALA UA 25 64.36 25.40 54.17
C ALA UA 25 64.53 24.04 54.83
N SER UA 26 64.95 24.05 56.08
CA SER UA 26 65.18 22.81 56.82
C SER UA 26 63.88 22.17 57.30
N GLN UA 27 62.77 22.88 57.21
CA GLN UA 27 61.45 22.34 57.53
C GLN UA 27 60.47 22.83 56.48
N ASN UA 28 59.27 22.27 56.52
CA ASN UA 28 58.18 22.85 55.75
C ASN UA 28 57.87 24.25 56.30
N VAL UA 29 57.72 25.21 55.39
CA VAL UA 29 57.36 26.57 55.75
C VAL UA 29 56.18 27.01 54.89
N ASP UA 30 55.48 26.03 54.32
CA ASP UA 30 54.35 26.28 53.43
C ASP UA 30 54.76 27.25 52.33
N THR UA 31 54.04 28.37 52.20
CA THR UA 31 54.40 29.38 51.22
C THR UA 31 54.85 30.68 51.87
N ASP UA 32 55.15 30.65 53.17
CA ASP UA 32 55.53 31.85 53.91
C ASP UA 32 57.00 32.22 53.63
N VAL UA 33 57.28 32.49 52.35
CA VAL UA 33 58.61 32.81 51.90
C VAL UA 33 58.57 34.12 51.14
N ALA UA 34 59.54 34.99 51.41
CA ALA UA 34 59.64 36.28 50.75
C ALA UA 34 61.04 36.45 50.17
N TRP UA 35 61.12 37.17 49.06
CA TRP UA 35 62.37 37.48 48.39
C TRP UA 35 62.63 38.97 48.43
N PHE UA 36 63.89 39.35 48.70
CA PHE UA 36 64.29 40.73 48.77
C PHE UA 36 65.47 40.98 47.83
N GLN UA 37 65.51 42.18 47.26
CA GLN UA 37 66.62 42.65 46.46
C GLN UA 37 67.36 43.75 47.22
N GLN UA 38 68.68 43.79 47.08
CA GLN UA 38 69.48 44.85 47.69
C GLN UA 38 70.64 45.20 46.77
N LYS UA 39 70.72 46.48 46.39
CA LYS UA 39 71.80 47.09 45.64
C LYS UA 39 72.78 47.78 46.59
N PRO UA 40 74.05 47.89 46.20
CA PRO UA 40 75.07 48.39 47.14
C PRO UA 40 74.75 49.78 47.66
N GLY UA 41 74.83 49.93 48.99
CA GLY UA 41 74.59 51.19 49.64
C GLY UA 41 73.13 51.54 49.89
N LYS UA 42 72.19 50.79 49.34
CA LYS UA 42 70.77 51.07 49.48
C LYS UA 42 70.10 50.05 50.38
N ALA UA 43 68.92 50.41 50.87
CA ALA UA 43 68.15 49.54 51.73
C ALA UA 43 67.63 48.35 50.94
N PRO UA 44 67.31 47.25 51.62
CA PRO UA 44 66.63 46.14 50.94
C PRO UA 44 65.26 46.57 50.43
N LYS UA 45 64.88 46.03 49.28
CA LYS UA 45 63.61 46.32 48.64
C LYS UA 45 62.83 45.02 48.50
N GLY UA 46 61.55 45.07 48.85
CA GLY UA 46 60.73 43.87 48.77
C GLY UA 46 60.39 43.51 47.33
N LEU UA 47 60.51 42.23 47.01
CA LEU UA 47 60.20 41.72 45.68
C LEU UA 47 58.96 40.85 45.68
N ILE UA 48 58.98 39.74 46.42
CA ILE UA 48 57.95 38.73 46.37
C ILE UA 48 57.58 38.32 47.79
N ARG UA 49 56.30 38.04 48.01
CA ARG UA 49 55.81 37.49 49.26
C ARG UA 49 54.89 36.32 48.95
N SER UA 50 54.62 35.52 49.98
CA SER UA 50 53.80 34.31 49.85
C SER UA 50 54.32 33.43 48.72
N ALA UA 51 55.65 33.35 48.61
CA ALA UA 51 56.36 32.49 47.67
C ALA UA 51 56.27 32.96 46.23
N SER UA 52 55.13 33.52 45.81
CA SER UA 52 54.91 33.80 44.40
C SER UA 52 54.19 35.11 44.08
N SER UA 53 53.81 35.91 45.07
CA SER UA 53 53.06 37.14 44.81
C SER UA 53 54.00 38.32 44.70
N ARG UA 54 54.02 38.97 43.53
CA ARG UA 54 54.85 40.15 43.34
C ARG UA 54 54.24 41.37 44.04
N TYR UA 55 55.11 42.26 44.49
CA TYR UA 55 54.67 43.55 45.00
C TYR UA 55 54.40 44.50 43.83
N SER UA 56 53.77 45.63 44.15
CA SER UA 56 53.50 46.64 43.14
C SER UA 56 54.79 47.23 42.62
N GLY UA 57 54.85 47.47 41.32
CA GLY UA 57 56.03 48.04 40.71
C GLY UA 57 57.17 47.08 40.47
N VAL UA 58 57.02 45.81 40.83
CA VAL UA 58 58.03 44.79 40.58
C VAL UA 58 57.82 44.27 39.16
N PRO UA 59 58.81 44.36 38.28
CA PRO UA 59 58.63 43.91 36.89
C PRO UA 59 58.24 42.44 36.81
N SER UA 60 57.56 42.10 35.71
CA SER UA 60 57.04 40.75 35.52
C SER UA 60 58.14 39.71 35.34
N ARG UA 61 59.35 40.13 34.97
CA ARG UA 61 60.43 39.17 34.79
C ARG UA 61 60.84 38.51 36.11
N PHE UA 62 60.49 39.11 37.24
CA PHE UA 62 60.71 38.48 38.54
C PHE UA 62 59.54 37.56 38.85
N SER UA 63 59.86 36.33 39.26
CA SER UA 63 58.83 35.36 39.60
C SER UA 63 59.35 34.46 40.70
N GLY UA 64 58.43 33.97 41.51
CA GLY UA 64 58.79 33.09 42.62
C GLY UA 64 57.97 31.82 42.58
N SER UA 65 58.62 30.71 42.91
CA SER UA 65 57.96 29.41 42.92
C SER UA 65 58.37 28.64 44.16
N GLY UA 66 57.53 27.70 44.56
CA GLY UA 66 57.85 26.79 45.64
C GLY UA 66 56.79 26.72 46.72
N SER UA 67 56.71 25.56 47.37
CA SER UA 67 55.85 25.37 48.53
C SER UA 67 56.38 24.17 49.32
N GLY UA 68 56.66 24.37 50.60
CA GLY UA 68 57.24 23.32 51.41
C GLY UA 68 58.64 23.64 51.88
N THR UA 69 59.65 23.18 51.14
CA THR UA 69 61.03 23.31 51.59
C THR UA 69 61.92 24.00 50.57
N ASP UA 70 61.61 23.86 49.28
CA ASP UA 70 62.51 24.29 48.21
C ASP UA 70 61.85 25.41 47.40
N PHE UA 71 62.50 26.57 47.38
CA PHE UA 71 61.94 27.77 46.79
C PHE UA 71 62.90 28.37 45.77
N THR UA 72 62.34 29.00 44.75
CA THR UA 72 63.10 29.45 43.59
C THR UA 72 62.68 30.85 43.19
N LEU UA 73 63.63 31.76 43.12
CA LEU UA 73 63.45 33.06 42.48
C LEU UA 73 64.00 32.96 41.06
N THR UA 74 63.22 33.44 40.10
CA THR UA 74 63.60 33.37 38.69
C THR UA 74 63.52 34.76 38.08
N ILE UA 75 64.55 35.12 37.30
CA ILE UA 75 64.55 36.35 36.52
C ILE UA 75 64.60 35.94 35.05
N SER UA 76 63.49 36.14 34.34
CA SER UA 76 63.37 35.58 32.99
C SER UA 76 64.37 36.21 32.03
N SER UA 77 64.52 37.53 32.08
CA SER UA 77 65.45 38.24 31.19
C SER UA 77 66.19 39.27 32.04
N LEU UA 78 67.45 38.98 32.35
CA LEU UA 78 68.23 39.85 33.23
C LEU UA 78 68.43 41.22 32.60
N GLN UA 79 68.23 42.26 33.39
CA GLN UA 79 68.38 43.64 32.97
C GLN UA 79 69.52 44.31 33.71
N PRO UA 80 70.11 45.37 33.14
CA PRO UA 80 71.25 46.01 33.80
C PRO UA 80 70.99 46.43 35.24
N GLU UA 81 69.81 46.93 35.55
CA GLU UA 81 69.53 47.32 36.94
C GLU UA 81 69.31 46.12 37.85
N ASP UA 82 69.15 44.92 37.29
CA ASP UA 82 68.87 43.74 38.11
C ASP UA 82 70.12 43.17 38.76
N PHE UA 83 71.31 43.59 38.35
CA PHE UA 83 72.54 43.07 38.95
C PHE UA 83 72.67 43.61 40.37
N ALA UA 84 72.49 42.73 41.35
CA ALA UA 84 72.47 43.11 42.75
C ALA UA 84 72.55 41.88 43.63
N THR UA 85 72.15 42.01 44.88
CA THR UA 85 72.15 40.90 45.84
C THR UA 85 70.73 40.60 46.26
N TYR UA 86 70.39 39.31 46.34
CA TYR UA 86 69.04 38.87 46.62
C TYR UA 86 69.01 37.99 47.86
N TYR UA 87 67.99 38.17 48.69
CA TYR UA 87 67.84 37.46 49.95
C TYR UA 87 66.47 36.82 50.01
N CYS UA 88 66.41 35.56 50.44
CA CYS UA 88 65.15 34.91 50.77
C CYS UA 88 64.91 35.01 52.27
N GLN UA 89 63.64 34.94 52.67
CA GLN UA 89 63.29 35.02 54.07
C GLN UA 89 62.16 34.04 54.36
N GLN UA 90 62.21 33.46 55.55
CA GLN UA 90 61.16 32.58 56.04
C GLN UA 90 60.44 33.30 57.17
N TYR UA 91 59.13 33.51 57.03
CA TYR UA 91 58.32 34.10 58.09
C TYR UA 91 57.24 33.15 58.56
N ASN UA 92 57.45 31.84 58.39
CA ASN UA 92 56.46 30.84 58.79
C ASN UA 92 56.54 30.52 60.27
N ASN UA 93 57.73 30.63 60.86
CA ASN UA 93 57.95 30.16 62.22
C ASN UA 93 59.01 31.04 62.88
N TYR UA 94 58.80 31.36 64.15
CA TYR UA 94 59.73 32.20 64.89
C TYR UA 94 60.96 31.38 65.34
N PRO UA 95 62.17 31.94 65.23
CA PRO UA 95 62.39 33.29 64.69
C PRO UA 95 62.41 33.34 63.17
N LEU UA 96 62.03 34.49 62.62
CA LEU UA 96 62.16 34.69 61.19
C LEU UA 96 63.63 34.63 60.81
N THR UA 97 63.92 34.00 59.67
CA THR UA 97 65.28 33.76 59.25
C THR UA 97 65.47 34.14 57.79
N PHE UA 98 66.65 34.64 57.47
CA PHE UA 98 67.04 35.00 56.11
C PHE UA 98 68.00 33.97 55.55
N GLY UA 99 68.23 34.05 54.25
CA GLY UA 99 69.32 33.33 53.64
C GLY UA 99 70.58 34.17 53.63
N GLN UA 100 71.71 33.52 53.35
CA GLN UA 100 72.98 34.23 53.39
C GLN UA 100 73.15 35.19 52.22
N GLY UA 101 72.40 35.00 51.14
CA GLY UA 101 72.40 35.95 50.04
C GLY UA 101 72.95 35.40 48.75
N THR UA 102 72.58 36.01 47.62
CA THR UA 102 73.10 35.65 46.31
C THR UA 102 73.43 36.93 45.55
N LYS UA 103 74.68 37.07 45.14
CA LYS UA 103 75.14 38.25 44.40
C LYS UA 103 75.19 37.93 42.91
N VAL UA 104 74.48 38.72 42.11
CA VAL UA 104 74.43 38.52 40.67
C VAL UA 104 75.37 39.53 40.02
N GLU UA 105 76.34 39.02 39.26
CA GLU UA 105 77.39 39.84 38.69
C GLU UA 105 77.43 39.66 37.18
N ILE UA 106 77.99 40.66 36.51
CA ILE UA 106 78.10 40.66 35.05
C ILE UA 106 79.22 39.72 34.61
N LYS UA 107 78.94 38.90 33.60
CA LYS UA 107 79.95 38.01 33.04
C LYS UA 107 80.72 38.70 31.93
N ARG UA 108 82.00 38.40 31.84
CA ARG UA 108 82.89 39.05 30.88
C ARG UA 108 84.03 38.10 30.57
N THR UA 109 84.72 38.37 29.46
CA THR UA 109 85.91 37.61 29.11
C THR UA 109 86.98 37.78 30.19
N VAL UA 110 87.81 36.74 30.35
CA VAL UA 110 88.83 36.75 31.38
C VAL UA 110 89.87 37.82 31.06
N ALA UA 111 90.25 38.59 32.08
CA ALA UA 111 91.24 39.65 31.94
C ALA UA 111 92.26 39.54 33.08
N ALA UA 112 93.54 39.70 32.73
CA ALA UA 112 94.61 39.63 33.70
C ALA UA 112 94.78 40.97 34.42
N PRO UA 113 95.27 40.95 35.66
CA PRO UA 113 95.44 42.20 36.41
C PRO UA 113 96.75 42.91 36.09
N SER UA 114 96.68 44.24 36.13
CA SER UA 114 97.87 45.09 35.99
C SER UA 114 98.46 45.30 37.37
N VAL UA 115 99.50 44.55 37.69
CA VAL UA 115 100.05 44.53 39.05
C VAL UA 115 101.01 45.70 39.24
N PHE UA 116 100.87 46.38 40.36
CA PHE UA 116 101.78 47.45 40.78
C PHE UA 116 102.19 47.21 42.23
N ILE UA 117 103.14 48.02 42.70
CA ILE UA 117 103.58 47.95 44.08
C ILE UA 117 104.15 49.32 44.46
N PHE UA 118 103.94 49.70 45.71
CA PHE UA 118 104.32 51.03 46.18
C PHE UA 118 105.07 50.92 47.51
N PRO UA 119 106.25 51.51 47.63
CA PRO UA 119 106.97 51.52 48.90
C PRO UA 119 106.36 52.55 49.85
N PRO UA 120 106.59 52.41 51.16
CA PRO UA 120 106.06 53.39 52.10
C PRO UA 120 106.78 54.73 51.94
N SER UA 121 105.99 55.81 51.87
CA SER UA 121 106.55 57.13 51.69
C SER UA 121 107.39 57.53 52.89
N ASP UA 122 108.30 58.49 52.67
CA ASP UA 122 109.18 58.93 53.73
C ASP UA 122 108.42 59.67 54.83
N GLU UA 123 107.32 60.35 54.48
CA GLU UA 123 106.56 61.08 55.48
C GLU UA 123 105.91 60.14 56.51
N GLN UA 124 105.50 58.95 56.06
CA GLN UA 124 104.95 57.94 56.96
C GLN UA 124 106.04 57.28 57.82
N LEU UA 125 107.23 57.10 57.27
CA LEU UA 125 108.32 56.46 57.99
C LEU UA 125 108.86 57.32 59.13
N LYS UA 126 108.49 58.60 59.20
CA LYS UA 126 108.85 59.41 60.36
C LYS UA 126 108.11 58.95 61.62
N SER UA 127 106.99 58.27 61.46
CA SER UA 127 106.34 57.59 62.58
C SER UA 127 106.81 56.14 62.63
N GLY UA 128 106.26 55.37 63.56
CA GLY UA 128 106.75 54.02 63.79
C GLY UA 128 106.05 52.94 62.98
N THR UA 129 105.46 53.30 61.85
CA THR UA 129 104.72 52.35 61.03
C THR UA 129 105.09 52.53 59.56
N ALA UA 130 105.03 51.44 58.81
CA ALA UA 130 105.29 51.44 57.37
C ALA UA 130 104.32 50.48 56.70
N SER UA 131 103.62 50.97 55.67
CA SER UA 131 102.62 50.19 54.96
C SER UA 131 103.04 50.04 53.50
N VAL UA 132 103.03 48.80 53.01
CA VAL UA 132 103.38 48.48 51.63
C VAL UA 132 102.12 48.05 50.90
N VAL UA 133 101.87 48.67 49.75
CA VAL UA 133 100.63 48.45 48.99
C VAL UA 133 100.96 47.69 47.71
N CYS UA 134 100.10 46.73 47.37
CA CYS UA 134 100.22 45.94 46.15
C CYS UA 134 98.89 46.07 45.40
N LEU UA 135 98.92 46.70 44.23
CA LEU UA 135 97.71 47.04 43.49
C LEU UA 135 97.48 46.06 42.35
N LEU UA 136 96.26 45.52 42.27
CA LEU UA 136 95.82 44.66 41.16
C LEU UA 136 94.69 45.41 40.46
N ASN UA 137 94.91 45.83 39.22
CA ASN UA 137 94.02 46.76 38.56
C ASN UA 137 93.32 46.10 37.37
N ASN UA 138 91.98 46.22 37.35
CA ASN UA 138 91.15 45.82 36.22
C ASN UA 138 91.35 44.36 35.82
N PHE UA 139 90.66 43.43 36.48
CA PHE UA 139 90.76 42.02 36.17
C PHE UA 139 89.41 41.36 36.31
N TYR UA 140 89.34 40.08 35.91
CA TYR UA 140 88.15 39.26 36.03
C TYR UA 140 88.52 37.78 35.89
N PRO UA 141 87.95 36.87 36.70
CA PRO UA 141 86.99 37.14 37.78
C PRO UA 141 87.63 37.70 39.04
N ARG UA 142 86.86 37.74 40.14
CA ARG UA 142 87.40 38.30 41.38
C ARG UA 142 88.39 37.36 42.05
N GLU UA 143 88.19 36.05 41.92
CA GLU UA 143 89.01 35.05 42.58
C GLU UA 143 90.50 35.25 42.29
N ALA UA 144 91.21 35.83 43.24
CA ALA UA 144 92.64 36.10 43.12
C ALA UA 144 93.35 35.64 44.39
N LYS UA 145 94.68 35.61 44.32
CA LYS UA 145 95.51 35.20 45.45
C LYS UA 145 96.75 36.08 45.49
N VAL UA 146 96.96 36.77 46.61
CA VAL UA 146 98.09 37.67 46.79
C VAL UA 146 98.89 37.20 47.99
N GLN UA 147 100.17 36.90 47.78
CA GLN UA 147 101.08 36.47 48.83
C GLN UA 147 102.24 37.45 48.90
N TRP UA 148 102.61 37.85 50.10
CA TRP UA 148 103.74 38.75 50.31
C TRP UA 148 105.01 37.96 50.61
N LYS UA 149 106.13 38.44 50.08
CA LYS UA 149 107.43 37.80 50.28
C LYS UA 149 108.45 38.88 50.63
N VAL UA 150 108.94 38.83 51.87
CA VAL UA 150 109.96 39.75 52.35
C VAL UA 150 111.29 39.00 52.36
N ASP UA 151 112.19 39.36 51.44
CA ASP UA 151 113.43 38.61 51.22
C ASP UA 151 113.14 37.14 50.94
N ASN UA 152 112.12 36.90 50.10
CA ASN UA 152 111.69 35.55 49.72
C ASN UA 152 111.24 34.74 50.93
N ALA UA 153 110.67 35.41 51.94
CA ALA UA 153 110.09 34.75 53.11
C ALA UA 153 108.60 35.01 53.14
N LEU UA 154 107.81 33.94 53.22
CA LEU UA 154 106.37 34.06 53.11
C LEU UA 154 105.78 34.67 54.38
N GLN UA 155 104.99 35.73 54.20
CA GLN UA 155 104.32 36.38 55.31
C GLN UA 155 102.89 35.83 55.46
N SER UA 156 102.30 36.08 56.62
CA SER UA 156 100.93 35.65 56.89
C SER UA 156 100.44 36.34 58.16
N GLY UA 157 99.18 36.78 58.13
CA GLY UA 157 98.54 37.38 59.28
C GLY UA 157 98.83 38.86 59.48
N ASN UA 158 99.56 39.50 58.57
CA ASN UA 158 99.94 40.90 58.72
C ASN UA 158 99.53 41.75 57.53
N SER UA 159 98.53 41.31 56.77
CA SER UA 159 98.10 42.03 55.58
C SER UA 159 96.57 41.96 55.46
N GLN UA 160 96.00 43.04 54.94
CA GLN UA 160 94.57 43.13 54.66
C GLN UA 160 94.36 43.61 53.24
N GLU UA 161 93.32 43.10 52.59
CA GLU UA 161 93.00 43.49 51.23
C GLU UA 161 91.60 44.09 51.16
N SER UA 162 91.36 44.84 50.10
CA SER UA 162 90.08 45.51 49.87
C SER UA 162 89.77 45.47 48.39
N VAL UA 163 88.58 45.00 48.04
CA VAL UA 163 88.16 44.84 46.65
C VAL UA 163 87.08 45.87 46.34
N THR UA 164 87.12 46.42 45.13
CA THR UA 164 86.10 47.36 44.68
C THR UA 164 84.94 46.63 44.03
N GLU UA 165 83.81 47.32 43.95
CA GLU UA 165 82.66 46.75 43.26
C GLU UA 165 82.93 46.69 41.75
N GLN UA 166 82.15 45.86 41.08
CA GLN UA 166 82.34 45.66 39.65
C GLN UA 166 82.14 46.96 38.90
N ASP UA 167 83.11 47.32 38.06
CA ASP UA 167 83.13 48.63 37.43
C ASP UA 167 81.95 48.79 36.47
N SER UA 168 81.39 49.99 36.44
CA SER UA 168 80.20 50.25 35.64
C SER UA 168 80.50 50.38 34.15
N LYS UA 169 81.77 50.32 33.74
CA LYS UA 169 82.14 50.48 32.34
C LYS UA 169 82.76 49.21 31.76
N ASP UA 170 83.84 48.70 32.34
CA ASP UA 170 84.50 47.51 31.84
C ASP UA 170 84.23 46.26 32.68
N SER UA 171 83.43 46.40 33.75
CA SER UA 171 82.98 45.26 34.57
C SER UA 171 84.13 44.50 35.21
N THR UA 172 85.24 45.17 35.49
CA THR UA 172 86.40 44.55 36.10
C THR UA 172 86.51 44.96 37.57
N TYR UA 173 87.29 44.19 38.31
CA TYR UA 173 87.52 44.43 39.72
C TYR UA 173 88.90 45.06 39.93
N SER UA 174 89.13 45.53 41.15
CA SER UA 174 90.42 46.11 41.54
C SER UA 174 90.64 45.83 43.02
N LEU UA 175 91.79 45.24 43.33
CA LEU UA 175 92.13 44.82 44.68
C LEU UA 175 93.37 45.58 45.16
N SER UA 176 93.42 45.83 46.46
CA SER UA 176 94.57 46.51 47.07
C SER UA 176 94.90 45.82 48.39
N SER UA 177 95.93 44.98 48.38
CA SER UA 177 96.43 44.33 49.58
C SER UA 177 97.50 45.23 50.22
N THR UA 178 97.40 45.42 51.53
CA THR UA 178 98.27 46.33 52.26
C THR UA 178 98.99 45.56 53.35
N LEU UA 179 100.32 45.57 53.31
CA LEU UA 179 101.17 44.91 54.29
C LEU UA 179 101.63 45.93 55.31
N THR UA 180 101.32 45.68 56.58
CA THR UA 180 101.64 46.59 57.68
C THR UA 180 102.75 46.01 58.53
N LEU UA 181 103.82 46.78 58.73
CA LEU UA 181 104.94 46.38 59.56
C LEU UA 181 105.48 47.59 60.30
N SER UA 182 106.10 47.34 61.45
CA SER UA 182 106.68 48.41 62.24
C SER UA 182 107.92 48.98 61.56
N LYS UA 183 108.30 50.20 61.97
CA LYS UA 183 109.48 50.84 61.40
C LYS UA 183 110.74 50.04 61.68
N ALA UA 184 110.75 49.24 62.75
CA ALA UA 184 111.92 48.42 63.06
C ALA UA 184 111.98 47.18 62.18
N ASP UA 185 110.84 46.52 61.96
CA ASP UA 185 110.82 45.32 61.14
C ASP UA 185 110.95 45.63 59.65
N TYR UA 186 110.76 46.89 59.25
CA TYR UA 186 110.83 47.24 57.83
C TYR UA 186 112.27 47.41 57.37
N GLU UA 187 113.12 48.03 58.18
CA GLU UA 187 114.50 48.32 57.79
C GLU UA 187 115.45 47.17 58.11
N LYS UA 188 114.94 46.04 58.61
CA LYS UA 188 115.77 44.85 58.76
C LYS UA 188 115.95 44.11 57.44
N HIS UA 189 115.10 44.35 56.45
CA HIS UA 189 115.09 43.60 55.21
C HIS UA 189 115.17 44.56 54.03
N LYS UA 190 115.42 43.99 52.84
CA LYS UA 190 115.70 44.77 51.64
C LYS UA 190 114.72 44.52 50.50
N VAL UA 191 114.38 43.26 50.23
CA VAL UA 191 113.55 42.90 49.09
C VAL UA 191 112.12 42.69 49.57
N TYR UA 192 111.18 43.43 48.98
CA TYR UA 192 109.76 43.30 49.26
C TYR UA 192 109.03 42.99 47.96
N ALA UA 193 108.19 41.96 47.98
CA ALA UA 193 107.51 41.51 46.77
C ALA UA 193 106.14 40.96 47.13
N CYS UA 194 105.21 41.09 46.18
CA CYS UA 194 103.89 40.47 46.27
C CYS UA 194 103.69 39.59 45.04
N GLU UA 195 103.34 38.32 45.27
CA GLU UA 195 103.13 37.36 44.21
C GLU UA 195 101.63 37.25 43.91
N VAL UA 196 101.26 37.44 42.66
CA VAL UA 196 99.86 37.50 42.23
C VAL UA 196 99.54 36.24 41.43
N THR UA 197 98.61 35.43 41.94
CA THR UA 197 98.13 34.24 41.27
C THR UA 197 96.71 34.49 40.78
N HIS UA 198 96.49 34.36 39.48
CA HIS UA 198 95.19 34.64 38.90
C HIS UA 198 94.93 33.69 37.74
N GLN UA 199 93.64 33.52 37.42
CA GLN UA 199 93.26 32.68 36.29
C GLN UA 199 93.68 33.30 34.96
N GLY UA 200 93.64 34.63 34.86
CA GLY UA 200 94.05 35.31 33.64
C GLY UA 200 95.53 35.34 33.37
N LEU UA 201 96.34 34.74 34.23
CA LEU UA 201 97.78 34.67 34.06
C LEU UA 201 98.21 33.21 33.95
N SER UA 202 99.15 32.94 33.05
CA SER UA 202 99.63 31.58 32.86
C SER UA 202 100.54 31.15 34.00
N SER UA 203 101.30 32.07 34.57
CA SER UA 203 102.19 31.79 35.70
C SER UA 203 102.18 33.00 36.63
N PRO UA 204 102.38 32.78 37.93
CA PRO UA 204 102.31 33.89 38.90
C PRO UA 204 103.32 34.99 38.59
N VAL UA 205 102.81 36.21 38.42
CA VAL UA 205 103.63 37.38 38.17
C VAL UA 205 103.98 38.04 39.50
N THR UA 206 105.21 38.51 39.63
CA THR UA 206 105.70 39.15 40.84
C THR UA 206 106.24 40.54 40.52
N LYS UA 207 105.87 41.51 41.34
CA LYS UA 207 106.37 42.87 41.25
C LYS UA 207 107.03 43.24 42.58
N SER UA 208 108.26 43.72 42.52
CA SER UA 208 109.07 43.93 43.72
C SER UA 208 109.82 45.25 43.64
N PHE UA 209 110.41 45.63 44.77
CA PHE UA 209 111.27 46.81 44.86
C PHE UA 209 112.31 46.57 45.93
N ASN UA 210 113.48 47.18 45.75
CA ASN UA 210 114.53 47.14 46.76
C ASN UA 210 114.44 48.37 47.65
N ARG UA 211 114.63 48.17 48.95
CA ARG UA 211 114.47 49.24 49.93
C ARG UA 211 115.51 50.33 49.71
N GLY UA 212 115.09 51.44 49.10
CA GLY UA 212 115.98 52.55 48.83
C GLY UA 212 115.82 53.13 47.44
N GLU UA 213 115.80 52.26 46.43
CA GLU UA 213 115.64 52.70 45.05
C GLU UA 213 114.28 53.35 44.82
N GLU VA 1 51.41 59.73 50.37
CA GLU VA 1 52.60 58.92 50.21
C GLU VA 1 53.02 58.30 51.54
N VAL VA 2 53.18 56.98 51.56
CA VAL VA 2 53.57 56.25 52.75
C VAL VA 2 55.08 56.12 52.79
N GLN VA 3 55.67 56.37 53.96
CA GLN VA 3 57.10 56.22 54.12
C GLN VA 3 57.42 56.00 55.59
N LEU VA 4 58.52 55.28 55.82
CA LEU VA 4 59.09 55.10 57.15
C LEU VA 4 60.43 55.81 57.19
N VAL VA 5 60.53 56.87 58.00
CA VAL VA 5 61.78 57.60 58.16
C VAL VA 5 62.36 57.27 59.52
N GLN VA 6 63.67 57.03 59.55
CA GLN VA 6 64.36 56.61 60.76
C GLN VA 6 65.31 57.72 61.23
N SER VA 7 65.76 57.58 62.48
CA SER VA 7 66.64 58.58 63.06
C SER VA 7 67.99 58.58 62.34
N GLY VA 8 68.77 59.63 62.62
CA GLY VA 8 70.07 59.76 62.00
C GLY VA 8 71.08 58.76 62.54
N ALA VA 9 72.25 58.76 61.92
CA ALA VA 9 73.32 57.86 62.31
C ALA VA 9 73.77 58.15 63.74
N GLU VA 10 74.37 57.14 64.37
CA GLU VA 10 74.81 57.24 65.75
C GLU VA 10 76.18 56.58 65.91
N VAL VA 11 77.04 57.21 66.70
CA VAL VA 11 78.33 56.64 67.08
C VAL VA 11 78.33 56.47 68.59
N LYS VA 12 78.72 55.28 69.05
CA LYS VA 12 78.62 54.93 70.46
C LYS VA 12 79.86 54.16 70.89
N LYS VA 13 80.13 54.19 72.23
CA LYS VA 13 81.24 53.54 72.89
C LYS VA 13 80.85 52.15 73.38
N PRO VA 14 81.80 51.21 73.42
CA PRO VA 14 81.47 49.84 73.84
C PRO VA 14 80.89 49.78 75.24
N GLY VA 15 79.58 49.57 75.34
CA GLY VA 15 78.92 49.48 76.62
C GLY VA 15 77.70 50.38 76.72
N ALA VA 16 77.63 51.36 75.83
CA ALA VA 16 76.55 52.34 75.83
C ALA VA 16 75.29 51.74 75.22
N SER VA 17 74.24 52.55 75.15
CA SER VA 17 72.97 52.16 74.58
C SER VA 17 72.60 53.11 73.44
N VAL VA 18 71.77 52.60 72.53
CA VAL VA 18 71.28 53.40 71.41
C VAL VA 18 69.78 53.12 71.26
N LYS VA 19 69.03 54.15 70.86
CA LYS VA 19 67.58 54.02 70.66
C LYS VA 19 67.25 54.59 69.29
N VAL VA 20 66.92 53.72 68.35
CA VAL VA 20 66.59 54.11 66.99
C VAL VA 20 65.08 54.37 66.91
N SER VA 21 64.69 55.34 66.10
CA SER VA 21 63.28 55.68 65.90
C SER VA 21 62.86 55.32 64.48
N CYS VA 22 61.56 55.16 64.30
CA CYS VA 22 60.98 54.78 63.01
C CYS VA 22 59.57 55.39 62.94
N LYS VA 23 59.49 56.59 62.38
CA LYS VA 23 58.24 57.33 62.32
C LYS VA 23 57.49 56.96 61.04
N ALA VA 24 56.28 56.43 61.20
CA ALA VA 24 55.46 55.99 60.08
C ALA VA 24 54.44 57.08 59.74
N SER VA 25 54.16 57.23 58.44
CA SER VA 25 53.19 58.20 57.97
C SER VA 25 52.54 57.67 56.71
N GLY VA 26 51.25 57.93 56.55
CA GLY VA 26 50.51 57.56 55.36
C GLY VA 26 49.62 56.36 55.51
N TYR VA 27 49.71 55.64 56.62
CA TYR VA 27 48.87 54.48 56.87
C TYR VA 27 48.54 54.43 58.36
N THR VA 28 47.54 53.63 58.70
CA THR VA 28 47.15 53.47 60.09
C THR VA 28 48.25 52.69 60.82
N PHE VA 29 48.98 53.38 61.70
CA PHE VA 29 50.15 52.78 62.32
C PHE VA 29 49.81 51.55 63.16
N THR VA 30 48.64 51.55 63.80
CA THR VA 30 48.29 50.47 64.72
C THR VA 30 47.74 49.24 64.02
N SER VA 31 47.59 49.26 62.70
CA SER VA 31 46.98 48.15 61.98
C SER VA 31 48.00 47.17 61.42
N TYR VA 32 49.29 47.37 61.67
CA TYR VA 32 50.34 46.54 61.12
C TYR VA 32 51.42 46.31 62.16
N TYR VA 33 51.96 45.09 62.20
CA TYR VA 33 53.16 44.84 62.98
C TYR VA 33 54.33 45.65 62.42
N MET VA 34 55.32 45.88 63.28
CA MET VA 34 56.59 46.49 62.88
C MET VA 34 57.71 45.55 63.27
N TYR VA 35 58.62 45.28 62.34
CA TYR VA 35 59.76 44.44 62.65
C TYR VA 35 61.06 45.14 62.28
N TRP VA 36 62.15 44.61 62.82
CA TRP VA 36 63.45 45.24 62.74
C TRP VA 36 64.49 44.25 62.23
N VAL VA 37 65.36 44.74 61.34
CA VAL VA 37 66.38 43.92 60.70
C VAL VA 37 67.72 44.65 60.82
N ARG VA 38 68.78 43.89 61.05
CA ARG VA 38 70.13 44.41 61.22
C ARG VA 38 71.03 43.84 60.14
N GLN VA 39 71.98 44.65 59.67
CA GLN VA 39 72.93 44.21 58.65
C GLN VA 39 74.31 44.76 58.97
N ALA VA 40 75.21 43.89 59.42
CA ALA VA 40 76.59 44.28 59.63
C ALA VA 40 77.26 44.59 58.29
N PRO VA 41 78.27 45.46 58.29
CA PRO VA 41 78.88 45.87 57.01
C PRO VA 41 79.43 44.68 56.23
N GLY VA 42 79.09 44.61 54.95
CA GLY VA 42 79.52 43.52 54.11
C GLY VA 42 79.02 42.17 54.54
N GLN VA 43 77.83 42.11 55.14
CA GLN VA 43 77.26 40.86 55.64
C GLN VA 43 75.78 40.82 55.29
N GLY VA 44 75.12 39.74 55.72
CA GLY VA 44 73.74 39.50 55.37
C GLY VA 44 72.76 40.12 56.35
N LEU VA 45 71.48 39.86 56.07
CA LEU VA 45 70.39 40.39 56.88
C LEU VA 45 70.12 39.48 58.07
N GLU VA 46 69.71 40.09 59.18
CA GLU VA 46 69.52 39.39 60.44
C GLU VA 46 68.26 39.92 61.11
N TRP VA 47 67.33 39.02 61.41
CA TRP VA 47 66.05 39.41 62.00
C TRP VA 47 66.22 39.67 63.48
N ILE VA 48 65.79 40.85 63.93
CA ILE VA 48 65.88 41.22 65.34
C ILE VA 48 64.60 40.86 66.07
N GLY VA 49 63.50 41.52 65.72
CA GLY VA 49 62.24 41.23 66.39
C GLY VA 49 61.11 42.02 65.77
N GLU VA 50 59.93 41.90 66.38
CA GLU VA 50 58.73 42.57 65.92
C GLU VA 50 57.91 43.02 67.12
N ILE VA 51 56.96 43.92 66.87
CA ILE VA 51 56.10 44.44 67.93
C ILE VA 51 54.71 44.69 67.37
N ASN VA 52 53.70 44.33 68.18
CA ASN VA 52 52.31 44.57 67.83
C ASN VA 52 51.89 45.92 68.42
N PRO VA 53 51.69 46.96 67.60
CA PRO VA 53 51.41 48.28 68.17
C PRO VA 53 50.06 48.38 68.87
N THR VA 54 49.15 47.42 68.67
CA THR VA 54 47.87 47.46 69.36
C THR VA 54 47.97 46.81 70.73
N SER VA 55 48.61 45.64 70.81
CA SER VA 55 48.69 44.88 72.05
C SER VA 55 50.02 45.02 72.76
N GLY VA 56 51.02 45.63 72.14
CA GLY VA 56 52.33 45.71 72.74
C GLY VA 56 53.12 44.42 72.74
N GLY VA 57 52.53 43.32 72.28
CA GLY VA 57 53.24 42.06 72.26
C GLY VA 57 54.39 42.07 71.29
N THR VA 58 55.40 41.24 71.58
CA THR VA 58 56.62 41.21 70.79
C THR VA 58 57.06 39.78 70.58
N ASN VA 59 57.90 39.59 69.57
CA ASN VA 59 58.62 38.35 69.35
C ASN VA 59 60.05 38.72 68.97
N PHE VA 60 61.01 38.09 69.63
CA PHE VA 60 62.42 38.43 69.45
C PHE VA 60 63.19 37.22 68.94
N ASN VA 61 64.21 37.50 68.15
CA ASN VA 61 65.32 36.56 67.98
C ASN VA 61 66.00 36.39 69.33
N GLU VA 62 66.17 35.14 69.77
CA GLU VA 62 66.77 34.87 71.07
C GLU VA 62 68.12 35.55 71.23
N LYS VA 63 68.86 35.72 70.12
CA LYS VA 63 70.17 36.38 70.17
C LYS VA 63 70.08 37.80 70.73
N PHE VA 64 68.92 38.45 70.60
CA PHE VA 64 68.78 39.85 70.98
C PHE VA 64 67.86 40.05 72.18
N LYS VA 65 67.27 38.99 72.74
CA LYS VA 65 66.25 39.17 73.77
C LYS VA 65 66.81 39.85 75.01
N SER VA 66 68.09 39.63 75.32
CA SER VA 66 68.66 40.14 76.56
C SER VA 66 68.96 41.62 76.50
N ARG VA 67 69.20 42.17 75.31
CA ARG VA 67 69.70 43.53 75.16
C ARG VA 67 68.79 44.45 74.37
N ALA VA 68 67.79 43.94 73.67
CA ALA VA 68 66.95 44.74 72.78
C ALA VA 68 65.57 44.95 73.39
N THR VA 69 65.08 46.19 73.28
CA THR VA 69 63.76 46.56 73.77
C THR VA 69 63.00 47.25 72.64
N LEU VA 70 61.81 46.74 72.34
CA LEU VA 70 60.94 47.31 71.32
C LEU VA 70 59.76 48.00 71.99
N THR VA 71 59.53 49.27 71.64
CA THR VA 71 58.40 50.04 72.16
C THR VA 71 57.71 50.74 71.00
N VAL VA 72 56.60 51.39 71.33
CA VAL VA 72 55.75 52.06 70.34
C VAL VA 72 55.12 53.28 71.01
N ASP VA 73 55.07 54.40 70.28
CA ASP VA 73 54.35 55.60 70.69
C ASP VA 73 53.17 55.76 69.74
N THR VA 74 51.98 55.32 70.19
CA THR VA 74 50.80 55.35 69.34
C THR VA 74 50.43 56.77 68.94
N SER VA 75 50.61 57.74 69.83
CA SER VA 75 50.19 59.11 69.56
C SER VA 75 50.95 59.73 68.40
N THR VA 76 52.20 59.34 68.20
CA THR VA 76 53.05 59.92 67.17
C THR VA 76 53.37 58.96 66.02
N SER VA 77 52.86 57.73 66.06
CA SER VA 77 53.10 56.73 65.02
C SER VA 77 54.60 56.50 64.82
N THR VA 78 55.26 56.08 65.89
CA THR VA 78 56.70 55.87 65.87
C THR VA 78 57.03 54.59 66.62
N ALA VA 79 57.96 53.81 66.08
CA ALA VA 79 58.46 52.59 66.69
C ALA VA 79 59.91 52.79 67.10
N TYR VA 80 60.29 52.24 68.24
CA TYR VA 80 61.62 52.45 68.80
C TYR VA 80 62.30 51.11 69.06
N LEU VA 81 63.58 51.04 68.74
CA LEU VA 81 64.43 49.90 69.05
C LEU VA 81 65.58 50.39 69.91
N GLU VA 82 65.72 49.79 71.11
CA GLU VA 82 66.77 50.18 72.04
C GLU VA 82 67.68 48.99 72.30
N LEU VA 83 68.95 49.13 71.94
CA LEU VA 83 69.96 48.10 72.13
C LEU VA 83 70.93 48.56 73.21
N SER VA 84 71.09 47.75 74.25
CA SER VA 84 71.94 48.08 75.39
C SER VA 84 73.19 47.21 75.39
N SER VA 85 74.21 47.69 76.12
CA SER VA 85 75.48 46.97 76.29
C SER VA 85 76.10 46.67 74.92
N LEU VA 86 76.28 47.72 74.14
CA LEU VA 86 76.75 47.56 72.76
C LEU VA 86 78.17 47.03 72.72
N ARG VA 87 78.42 46.14 71.76
CA ARG VA 87 79.75 45.64 71.45
C ARG VA 87 80.09 46.01 70.01
N SER VA 88 81.36 45.85 69.64
CA SER VA 88 81.78 46.20 68.29
C SER VA 88 81.09 45.35 67.23
N GLU VA 89 80.61 44.14 67.61
CA GLU VA 89 79.83 43.33 66.68
C GLU VA 89 78.49 43.97 66.34
N ASP VA 90 77.98 44.84 67.21
CA ASP VA 90 76.70 45.50 66.98
C ASP VA 90 76.79 46.60 65.93
N THR VA 91 78.00 46.93 65.46
CA THR VA 91 78.13 47.92 64.40
C THR VA 91 77.43 47.40 63.15
N ALA VA 92 76.38 48.12 62.73
CA ALA VA 92 75.57 47.67 61.60
C ALA VA 92 74.60 48.78 61.22
N VAL VA 93 73.85 48.51 60.15
CA VAL VA 93 72.74 49.36 59.72
C VAL VA 93 71.45 48.70 60.18
N TYR VA 94 70.62 49.47 60.89
CA TYR VA 94 69.38 48.97 61.46
C TYR VA 94 68.20 49.49 60.65
N TYR VA 95 67.34 48.59 60.22
CA TYR VA 95 66.14 48.92 59.44
C TYR VA 95 64.89 48.58 60.23
N CYS VA 96 63.84 49.37 60.00
CA CYS VA 96 62.50 49.00 60.40
C CYS VA 96 61.69 48.69 59.15
N ALA VA 97 60.67 47.84 59.30
CA ALA VA 97 59.90 47.42 58.14
C ALA VA 97 58.48 47.06 58.58
N ARG VA 98 57.52 47.34 57.72
CA ARG VA 98 56.13 47.06 58.00
C ARG VA 98 55.79 45.61 57.67
N GLU VA 99 55.06 44.96 58.57
CA GLU VA 99 54.61 43.60 58.38
C GLU VA 99 53.22 43.62 57.76
N GLY VA 100 53.13 43.27 56.49
CA GLY VA 100 51.84 43.20 55.85
C GLY VA 100 51.65 44.33 54.84
N GLY VA 101 50.89 44.03 53.79
CA GLY VA 101 50.71 44.99 52.73
C GLY VA 101 51.99 45.17 51.93
N PHE VA 102 52.10 46.34 51.31
CA PHE VA 102 53.33 46.65 50.58
C PHE VA 102 54.51 46.69 51.56
N ALA VA 103 55.63 46.13 51.13
CA ALA VA 103 56.80 45.92 52.00
C ALA VA 103 57.58 47.22 52.15
N TYR VA 104 56.97 48.16 52.88
CA TYR VA 104 57.64 49.42 53.16
C TYR VA 104 58.82 49.20 54.10
N TRP VA 105 59.95 49.82 53.78
CA TRP VA 105 61.15 49.74 54.59
C TRP VA 105 61.66 51.13 54.89
N GLY VA 106 62.23 51.30 56.07
CA GLY VA 106 62.91 52.53 56.40
C GLY VA 106 64.17 52.70 55.56
N GLN VA 107 64.79 53.88 55.70
CA GLN VA 107 66.02 54.13 54.97
C GLN VA 107 67.25 53.55 55.66
N GLY VA 108 67.11 53.13 56.91
CA GLY VA 108 68.22 52.54 57.63
C GLY VA 108 68.91 53.55 58.55
N THR VA 109 69.43 53.04 59.65
CA THR VA 109 70.17 53.85 60.62
C THR VA 109 71.52 53.18 60.88
N LEU VA 110 72.59 53.91 60.65
CA LEU VA 110 73.94 53.39 60.87
C LEU VA 110 74.33 53.62 62.33
N VAL VA 111 74.67 52.53 63.01
CA VAL VA 111 75.14 52.60 64.40
C VAL VA 111 76.54 52.00 64.43
N THR VA 112 77.53 52.84 64.77
CA THR VA 112 78.93 52.42 64.82
C THR VA 112 79.35 52.31 66.28
N VAL VA 113 79.93 51.18 66.64
CA VAL VA 113 80.35 50.90 68.01
C VAL VA 113 81.85 50.63 67.99
N SER VA 114 82.64 51.54 68.58
CA SER VA 114 84.09 51.40 68.59
C SER VA 114 84.66 52.12 69.80
N SER VA 115 85.85 51.68 70.22
CA SER VA 115 86.52 52.33 71.34
C SER VA 115 87.14 53.65 70.93
N ALA VA 116 87.33 53.88 69.64
CA ALA VA 116 88.04 55.07 69.17
C ALA VA 116 87.18 56.32 69.33
N SER VA 117 87.81 57.47 69.10
CA SER VA 117 87.15 58.76 69.10
C SER VA 117 87.49 59.49 67.82
N THR VA 118 86.76 60.58 67.56
CA THR VA 118 86.84 61.29 66.29
C THR VA 118 88.26 61.74 65.96
N LYS VA 119 88.91 61.02 65.05
CA LYS VA 119 90.27 61.33 64.63
C LYS VA 119 90.29 61.73 63.17
N GLY VA 120 91.25 62.58 62.80
CA GLY VA 120 91.40 63.01 61.43
C GLY VA 120 92.30 62.09 60.63
N PRO VA 121 92.17 62.13 59.30
CA PRO VA 121 92.96 61.24 58.45
C PRO VA 121 94.32 61.81 58.06
N SER VA 122 95.32 60.93 58.00
CA SER VA 122 96.64 61.28 57.51
C SER VA 122 96.75 60.83 56.05
N VAL VA 123 97.16 61.75 55.19
CA VAL VA 123 97.21 61.51 53.75
C VAL VA 123 98.67 61.36 53.33
N PHE VA 124 99.00 60.20 52.77
CA PHE VA 124 100.34 59.88 52.31
C PHE VA 124 100.33 59.60 50.80
N PRO VA 125 101.45 59.87 50.12
CA PRO VA 125 101.50 59.63 48.68
C PRO VA 125 101.91 58.21 48.31
N LEU VA 126 101.33 57.73 47.22
CA LEU VA 126 101.72 56.47 46.57
C LEU VA 126 102.42 56.87 45.26
N ALA VA 127 103.70 57.18 45.36
CA ALA VA 127 104.41 57.77 44.23
C ALA VA 127 104.56 56.74 43.11
N PRO VA 128 104.46 57.18 41.85
CA PRO VA 128 104.59 56.23 40.74
C PRO VA 128 106.03 55.77 40.58
N SER VA 129 106.18 54.49 40.24
CA SER VA 129 107.52 53.91 40.07
C SER VA 129 108.17 54.44 38.79
N SER VA 130 107.49 54.26 37.65
CA SER VA 130 107.96 54.75 36.36
C SER VA 130 109.36 54.24 36.02
N GLY VA 135 107.15 53.02 31.31
CA GLY VA 135 106.93 52.23 30.12
C GLY VA 135 105.73 52.68 29.30
N GLY VA 136 104.58 52.06 29.56
CA GLY VA 136 103.37 52.39 28.85
C GLY VA 136 102.28 52.94 29.75
N THR VA 137 102.07 52.29 30.89
CA THR VA 137 101.05 52.71 31.85
C THR VA 137 101.62 52.59 33.26
N ALA VA 138 101.41 53.64 34.05
CA ALA VA 138 101.85 53.67 35.45
C ALA VA 138 100.67 54.02 36.34
N ALA VA 139 100.80 53.67 37.62
CA ALA VA 139 99.75 53.88 38.60
C ALA VA 139 100.26 54.70 39.77
N LEU VA 140 99.40 55.56 40.31
CA LEU VA 140 99.73 56.39 41.46
C LEU VA 140 98.45 56.57 42.28
N GLY VA 141 98.61 57.08 43.49
CA GLY VA 141 97.45 57.30 44.33
C GLY VA 141 97.82 57.91 45.68
N CYS VA 142 96.83 57.92 46.56
CA CYS VA 142 96.96 58.46 47.91
C CYS VA 142 96.50 57.42 48.91
N LEU VA 143 97.23 57.31 50.03
CA LEU VA 143 96.90 56.39 51.11
C LEU VA 143 96.34 57.20 52.27
N VAL VA 144 95.02 57.13 52.46
CA VAL VA 144 94.35 57.80 53.56
C VAL VA 144 94.31 56.83 54.74
N LYS VA 145 95.14 57.07 55.75
CA LYS VA 145 95.35 56.13 56.83
C LYS VA 145 94.94 56.73 58.17
N ASP VA 146 94.39 55.88 59.03
CA ASP VA 146 94.08 56.20 60.42
C ASP VA 146 93.09 57.35 60.55
N TYR VA 147 91.79 57.04 60.47
CA TYR VA 147 90.74 58.02 60.69
C TYR VA 147 89.55 57.31 61.32
N PHE VA 148 88.61 58.12 61.82
CA PHE VA 148 87.40 57.61 62.46
C PHE VA 148 86.42 58.76 62.68
N PRO VA 149 85.12 58.54 62.41
CA PRO VA 149 84.59 57.32 61.81
C PRO VA 149 84.42 57.46 60.29
N GLU VA 150 83.65 56.55 59.70
CA GLU VA 150 83.28 56.68 58.30
C GLU VA 150 82.29 57.83 58.14
N PRO VA 151 82.20 58.42 56.93
CA PRO VA 151 82.93 58.09 55.70
C PRO VA 151 84.07 59.04 55.36
N VAL VA 152 84.73 58.76 54.23
CA VAL VA 152 85.74 59.64 53.66
C VAL VA 152 85.52 59.71 52.16
N THR VA 153 85.38 60.92 51.63
CA THR VA 153 85.17 61.13 50.21
C THR VA 153 86.46 61.61 49.57
N VAL VA 154 86.82 61.02 48.43
CA VAL VA 154 88.08 61.30 47.75
C VAL VA 154 87.79 61.57 46.28
N SER VA 155 88.29 62.69 45.78
CA SER VA 155 88.26 63.02 44.37
C SER VA 155 89.64 63.50 43.93
N TRP VA 156 89.86 63.52 42.61
CA TRP VA 156 91.14 63.90 42.04
C TRP VA 156 90.97 65.16 41.20
N ASN VA 157 91.76 66.19 41.52
CA ASN VA 157 91.73 67.47 40.80
C ASN VA 157 90.34 68.10 40.82
N SER VA 158 89.69 68.06 42.00
CA SER VA 158 88.39 68.68 42.22
C SER VA 158 87.31 68.12 41.27
N GLY VA 159 87.41 66.83 40.94
CA GLY VA 159 86.41 66.17 40.12
C GLY VA 159 86.68 66.16 38.64
N ALA VA 160 87.84 66.64 38.20
CA ALA VA 160 88.15 66.64 36.76
C ALA VA 160 88.55 65.26 36.27
N LEU VA 161 89.44 64.59 37.00
CA LEU VA 161 89.92 63.26 36.63
C LEU VA 161 89.01 62.21 37.25
N THR VA 162 88.25 61.51 36.42
CA THR VA 162 87.34 60.47 36.88
C THR VA 162 87.66 59.10 36.33
N SER VA 163 88.06 59.01 35.06
CA SER VA 163 88.35 57.70 34.46
C SER VA 163 89.68 57.16 34.99
N GLY VA 164 89.71 55.85 35.22
CA GLY VA 164 90.86 55.19 35.79
C GLY VA 164 90.93 55.21 37.30
N VAL VA 165 90.07 55.97 37.96
CA VAL VA 165 90.09 56.10 39.41
C VAL VA 165 89.40 54.91 40.05
N HIS VA 166 90.00 54.38 41.12
CA HIS VA 166 89.45 53.25 41.87
C HIS VA 166 89.60 53.56 43.36
N THR VA 167 88.60 54.23 43.92
CA THR VA 167 88.58 54.53 45.36
C THR VA 167 88.13 53.27 46.10
N PHE VA 168 89.07 52.62 46.79
CA PHE VA 168 88.78 51.36 47.45
C PHE VA 168 87.91 51.58 48.69
N PRO VA 169 87.16 50.56 49.09
CA PRO VA 169 86.46 50.62 50.39
C PRO VA 169 87.45 50.64 51.54
N ALA VA 170 87.04 51.26 52.63
CA ALA VA 170 87.87 51.32 53.81
C ALA VA 170 87.94 49.95 54.49
N VAL VA 171 88.99 49.76 55.29
CA VAL VA 171 89.15 48.57 56.11
C VAL VA 171 89.29 49.01 57.55
N LEU VA 172 88.97 48.09 58.46
CA LEU VA 172 89.04 48.35 59.89
C LEU VA 172 90.29 47.68 60.45
N GLN VA 173 91.26 48.51 60.87
CA GLN VA 173 92.52 48.01 61.38
C GLN VA 173 92.36 47.51 62.81
N SER VA 174 93.43 46.90 63.32
CA SER VA 174 93.44 46.46 64.72
C SER VA 174 93.34 47.63 65.68
N SER VA 175 93.75 48.82 65.25
CA SER VA 175 93.70 50.03 66.06
C SER VA 175 92.30 50.65 66.11
N GLY VA 176 91.29 49.98 65.54
CA GLY VA 176 89.96 50.56 65.48
C GLY VA 176 89.83 51.75 64.57
N LEU VA 177 90.82 52.02 63.73
CA LEU VA 177 90.82 53.15 62.82
C LEU VA 177 90.75 52.66 61.38
N TYR VA 178 90.04 53.41 60.55
CA TYR VA 178 89.82 53.01 59.17
C TYR VA 178 90.99 53.42 58.29
N SER VA 179 91.25 52.61 57.27
CA SER VA 179 92.32 52.86 56.31
C SER VA 179 91.80 52.63 54.91
N LEU VA 180 92.11 53.55 54.01
CA LEU VA 180 91.55 53.55 52.66
C LEU VA 180 92.62 53.94 51.65
N SER VA 181 92.57 53.34 50.47
CA SER VA 181 93.45 53.69 49.37
C SER VA 181 92.62 54.21 48.21
N SER VA 182 93.29 54.93 47.30
CA SER VA 182 92.61 55.49 46.13
C SER VA 182 93.66 55.70 45.05
N VAL VA 183 93.54 54.94 43.95
CA VAL VA 183 94.56 54.92 42.91
C VAL VA 183 93.95 55.43 41.60
N VAL VA 184 94.82 55.62 40.61
CA VAL VA 184 94.41 56.03 39.27
C VAL VA 184 95.55 55.71 38.32
N THR VA 185 95.21 55.21 37.13
CA THR VA 185 96.18 54.87 36.11
C THR VA 185 96.26 55.95 35.06
N VAL VA 186 97.48 56.29 34.66
CA VAL VA 186 97.74 57.34 33.67
C VAL VA 186 98.89 56.90 32.78
N PRO VA 187 98.97 57.48 31.56
CA PRO VA 187 100.10 57.17 30.68
C PRO VA 187 101.42 57.61 31.32
N SER VA 188 102.49 56.88 30.98
CA SER VA 188 103.81 57.18 31.50
C SER VA 188 104.38 58.47 30.92
N SER VA 189 103.92 58.87 29.73
CA SER VA 189 104.43 60.08 29.09
C SER VA 189 103.87 61.35 29.70
N SER VA 190 102.90 61.26 30.61
CA SER VA 190 102.32 62.42 31.27
C SER VA 190 102.85 62.62 32.68
N LEU VA 191 103.86 61.84 33.09
CA LEU VA 191 104.46 62.00 34.41
C LEU VA 191 105.44 63.16 34.36
N GLY VA 192 105.14 64.23 35.09
CA GLY VA 192 105.91 65.45 35.08
C GLY VA 192 105.24 66.60 34.34
N THR VA 193 104.28 66.30 33.46
CA THR VA 193 103.55 67.33 32.74
C THR VA 193 102.23 67.68 33.41
N GLN VA 194 101.52 66.68 33.94
CA GLN VA 194 100.22 66.87 34.56
C GLN VA 194 100.34 66.93 36.07
N THR VA 195 99.40 67.62 36.70
CA THR VA 195 99.35 67.77 38.15
C THR VA 195 98.24 66.88 38.71
N TYR VA 196 98.58 66.12 39.76
CA TYR VA 196 97.65 65.16 40.36
C TYR VA 196 97.53 65.47 41.84
N ILE VA 197 96.34 65.90 42.26
CA ILE VA 197 96.06 66.27 43.65
C ILE VA 197 94.79 65.56 44.09
N CYS VA 198 94.92 64.68 45.10
CA CYS VA 198 93.77 63.97 45.65
C CYS VA 198 93.14 64.83 46.74
N ASN VA 199 91.82 64.98 46.68
CA ASN VA 199 91.08 65.85 47.59
C ASN VA 199 90.39 64.98 48.63
N VAL VA 200 91.04 64.81 49.79
CA VAL VA 200 90.49 64.03 50.89
C VAL VA 200 89.59 64.92 51.73
N ASN VA 201 88.43 64.39 52.12
CA ASN VA 201 87.47 65.12 52.94
C ASN VA 201 86.91 64.21 54.01
N HIS VA 202 87.00 64.64 55.27
CA HIS VA 202 86.53 63.88 56.43
C HIS VA 202 85.58 64.79 57.22
N LYS VA 203 84.30 64.71 56.91
CA LYS VA 203 83.33 65.61 57.54
C LYS VA 203 83.22 65.46 59.06
N PRO VA 204 83.26 64.26 59.66
CA PRO VA 204 83.15 64.19 61.12
C PRO VA 204 84.22 64.96 61.88
N SER VA 205 85.41 65.13 61.30
CA SER VA 205 86.48 65.88 61.94
C SER VA 205 86.80 67.21 61.24
N ASN VA 206 86.03 67.57 60.22
CA ASN VA 206 86.19 68.84 59.51
C ASN VA 206 87.60 69.02 58.96
N THR VA 207 88.19 67.92 58.47
CA THR VA 207 89.53 67.92 57.91
C THR VA 207 89.44 67.87 56.39
N LYS VA 208 90.06 68.86 55.73
CA LYS VA 208 90.15 68.89 54.27
C LYS VA 208 91.62 68.99 53.89
N VAL VA 209 92.14 67.94 53.27
CA VAL VA 209 93.56 67.83 52.94
C VAL VA 209 93.71 67.70 51.43
N ASP VA 210 94.46 68.61 50.83
CA ASP VA 210 94.84 68.53 49.42
C ASP VA 210 96.31 68.11 49.35
N LYS VA 211 96.55 66.92 48.83
CA LYS VA 211 97.89 66.34 48.74
C LYS VA 211 98.28 66.17 47.28
N LYS VA 212 99.46 66.65 46.93
CA LYS VA 212 99.96 66.60 45.56
C LYS VA 212 100.88 65.41 45.38
N VAL VA 213 100.63 64.62 44.34
CA VAL VA 213 101.33 63.36 44.10
C VAL VA 213 102.26 63.54 42.91
N GLU VA 214 103.56 63.38 43.15
CA GLU VA 214 104.60 63.49 42.15
C GLU VA 214 105.51 62.28 42.22
N PRO VA 215 106.24 61.98 41.14
CA PRO VA 215 107.27 60.94 41.22
C PRO VA 215 108.46 61.43 42.03
N LYS VA 216 109.05 60.52 42.79
CA LYS VA 216 110.17 60.88 43.65
C LYS VA 216 111.48 60.90 42.87
N SER VA 217 112.40 61.76 43.31
CA SER VA 217 113.70 61.88 42.68
C SER VA 217 114.81 61.51 43.66
C1 GOL WA . -47.29 -5.20 43.47
O1 GOL WA . -46.42 -4.23 42.97
C2 GOL WA . -46.50 -6.04 44.52
O2 GOL WA . -45.36 -6.63 43.96
C3 GOL WA . -46.15 -5.06 45.67
O3 GOL WA . -47.20 -5.09 46.58
S SO4 XA . -48.15 11.61 62.82
O1 SO4 XA . -47.22 10.51 63.07
O2 SO4 XA . -47.51 12.89 63.15
O3 SO4 XA . -48.54 11.63 61.42
O4 SO4 XA . -49.34 11.45 63.65
C1 GOL YA . -21.36 -41.38 -44.97
O1 GOL YA . -22.18 -42.38 -45.52
C2 GOL YA . -21.91 -41.03 -43.55
O2 GOL YA . -23.23 -40.59 -43.57
C3 GOL YA . -21.73 -42.32 -42.70
O3 GOL YA . -20.42 -42.29 -42.21
S SO4 ZA . -6.62 -49.33 -62.25
O1 SO4 ZA . -5.20 -48.97 -62.15
O2 SO4 ZA . -7.43 -48.12 -62.42
O3 SO4 ZA . -6.82 -50.21 -63.40
O4 SO4 ZA . -7.02 -50.03 -61.05
C1 GOL AB . 40.58 39.96 -30.43
O1 GOL AB . 40.14 41.26 -30.71
C2 GOL AB . 41.80 40.10 -29.45
O2 GOL AB . 42.65 41.13 -29.84
C3 GOL AB . 41.16 40.34 -28.06
O3 GOL AB . 41.27 41.71 -27.79
C1 GOL BB . 52.70 23.81 27.25
O1 GOL BB . 53.46 23.78 26.08
C2 GOL BB . 53.69 23.63 28.41
O2 GOL BB . 54.02 24.84 29.01
C3 GOL BB . 52.98 22.67 29.38
O3 GOL BB . 53.94 22.27 30.31
C1 GOL CB . 20.09 16.85 -35.91
O1 GOL CB . 21.25 16.24 -36.40
C2 GOL CB . 18.88 16.04 -36.45
O2 GOL CB . 19.21 15.21 -37.52
C3 GOL CB . 18.28 15.28 -35.21
O3 GOL CB . 19.34 14.79 -34.44
S SO4 DB . 25.57 1.64 -15.88
O1 SO4 DB . 26.72 0.78 -15.60
O2 SO4 DB . 26.04 2.98 -16.25
O3 SO4 DB . 24.80 1.06 -16.98
O4 SO4 DB . 24.72 1.74 -14.69
C1 GOL EB . 20.56 12.74 35.37
O1 GOL EB . 20.86 13.20 34.09
C2 GOL EB . 21.66 13.29 36.31
O2 GOL EB . 21.32 13.13 37.65
C3 GOL EB . 22.95 12.50 35.92
O3 GOL EB . 23.94 13.45 35.68
S SO4 FB . 10.31 23.32 15.67
O1 SO4 FB . 11.68 23.33 16.17
O2 SO4 FB . 9.89 24.71 15.46
O3 SO4 FB . 10.26 22.59 14.41
O4 SO4 FB . 9.44 22.68 16.66
C1 GOL GB . 51.34 5.53 44.53
O1 GOL GB . 51.63 5.84 43.20
C2 GOL GB . 51.70 6.77 45.36
O2 GOL GB . 50.78 7.81 45.19
C3 GOL GB . 51.73 6.26 46.82
O3 GOL GB . 52.73 6.97 47.48
S SO4 HB . 67.68 14.90 62.85
O1 SO4 HB . 68.86 15.76 62.85
O2 SO4 HB . 66.59 15.62 62.21
O3 SO4 HB . 67.96 13.66 62.13
O4 SO4 HB . 67.31 14.60 64.23
C1 GOL IB . 24.04 45.87 -47.32
O1 GOL IB . 24.50 47.08 -47.81
C2 GOL IB . 24.65 45.70 -45.91
O2 GOL IB . 23.85 46.27 -44.92
C3 GOL IB . 24.82 44.17 -45.73
O3 GOL IB . 26.15 43.88 -46.02
S SO4 JB . 37.54 57.57 -64.39
O1 SO4 JB . 36.64 58.32 -63.51
O2 SO4 JB . 38.70 58.39 -64.72
O3 SO4 JB . 36.84 57.20 -65.61
O4 SO4 JB . 38.00 56.36 -63.70
C1 GOL KB . -33.57 -54.10 -16.30
O1 GOL KB . -32.81 -54.91 -17.13
C2 GOL KB . -32.62 -53.50 -15.23
O2 GOL KB . -33.29 -53.12 -14.07
C3 GOL KB . -31.54 -54.60 -14.98
O3 GOL KB . -30.53 -54.41 -15.93
C1 GOL LB . -62.44 -10.09 16.37
O1 GOL LB . -61.59 -9.28 17.11
C2 GOL LB . -62.60 -11.43 17.14
O2 GOL LB . -63.79 -11.49 17.87
C3 GOL LB . -62.50 -12.53 16.06
O3 GOL LB . -61.34 -12.27 15.33
C1 GOL MB . -34.91 7.06 27.23
O1 GOL MB . -34.71 8.18 28.04
C2 GOL MB . -33.82 6.03 27.62
O2 GOL MB . -34.23 5.22 28.68
C3 GOL MB . -33.56 5.22 26.32
O3 GOL MB . -32.26 4.73 26.41
S SO4 NB . -17.32 -11.64 20.15
O1 SO4 NB . -16.72 -11.63 18.82
O2 SO4 NB . -16.85 -10.46 20.90
O3 SO4 NB . -16.93 -12.86 20.87
O4 SO4 NB . -18.77 -11.60 20.03
C1 GOL OB . -6.83 -32.88 -26.24
O1 GOL OB . -7.74 -31.89 -25.84
C2 GOL OB . -7.61 -33.91 -27.11
O2 GOL OB . -8.99 -33.80 -26.97
C3 GOL OB . -7.15 -33.63 -28.55
O3 GOL OB . -6.55 -34.79 -29.00
S SO4 PB . -17.48 -11.91 -19.99
O1 SO4 PB . -16.27 -11.87 -20.81
O2 SO4 PB . -17.12 -11.79 -18.58
O3 SO4 PB . -18.20 -13.16 -20.22
O4 SO4 PB . -18.36 -10.80 -20.36
C1 GOL QB . -66.56 11.87 22.06
O1 GOL QB . -66.82 12.43 23.31
C2 GOL QB . -65.07 12.12 21.77
O2 GOL QB . -64.30 12.07 22.93
C3 GOL QB . -64.67 11.00 20.78
O3 GOL QB . -64.35 9.89 21.55
S SO4 RB . -87.00 11.13 35.76
O1 SO4 RB . -85.65 10.74 36.19
O2 SO4 RB . -86.92 11.76 34.44
O3 SO4 RB . -87.55 12.07 36.73
O4 SO4 RB . -87.83 9.94 35.70
C1 GOL SB . -13.45 -64.76 -21.86
O1 GOL SB . -13.53 -63.38 -22.08
C2 GOL SB . -12.09 -65.03 -21.17
O2 GOL SB . -12.09 -64.60 -19.84
C3 GOL SB . -11.88 -66.55 -21.30
O3 GOL SB . -11.48 -66.80 -22.61
S SO4 TB . -20.02 -85.12 -34.68
O1 SO4 TB . -19.30 -85.50 -33.45
O2 SO4 TB . -19.73 -83.73 -35.00
O3 SO4 TB . -21.45 -85.27 -34.47
O4 SO4 TB . -19.61 -85.96 -35.78
C1 GOL UB . 39.66 16.81 -47.72
O1 GOL UB . 38.31 16.87 -48.06
C2 GOL UB . 40.29 15.63 -48.49
O2 GOL UB . 39.88 14.40 -47.98
C3 GOL UB . 39.83 15.84 -49.95
O3 GOL UB . 40.36 14.80 -50.70
S SO4 VB . 32.12 10.18 -72.40
O1 SO4 VB . 32.84 9.28 -71.48
O2 SO4 VB . 32.55 11.55 -72.18
O3 SO4 VB . 32.42 9.80 -73.77
O4 SO4 VB . 30.68 10.07 -72.18
C1 GOL WB . 28.79 31.79 46.78
O1 GOL WB . 28.52 33.09 46.32
C2 GOL WB . 29.55 31.95 48.12
O2 GOL WB . 30.64 32.81 47.99
C3 GOL WB . 28.51 32.50 49.11
O3 GOL WB . 29.19 32.83 50.26
S SO4 XB . 22.35 27.51 72.08
O1 SO4 XB . 23.68 27.32 71.51
O2 SO4 XB . 22.48 27.77 73.52
O3 SO4 XB . 21.57 26.29 71.89
O4 SO4 XB . 21.68 28.63 71.42
#